data_6YFS
#
_entry.id   6YFS
#
_cell.length_a   453.153
_cell.length_b   309.759
_cell.length_c   294.603
_cell.angle_alpha   90.000
_cell.angle_beta   130.080
_cell.angle_gamma   90.000
#
_symmetry.space_group_name_H-M   'C 1 2 1'
#
_entity_poly.entity_id   1
_entity_poly.type   'polypeptide(L)'
_entity_poly.pdbx_seq_one_letter_code
;AQHNMRLQLTSGTSLTWVDPNDFRSTFRINLNVNQKVAGAVSVYNARSEVITNRAPLVVIEGCTDACSVNRENISIRTTI
SGSVENKAAVLAALLDHLHNLGLARDDLVAGLLPTTIQPVVEYTGS
;
_entity_poly.pdbx_strand_id   AA,AB,AC,AD,AE,AF,AG,AH,AI,AJ,AK,AL,AM,AN,AO,AP,AQ,AR,AS,AT,AU,AV,AW,AX,AY,AZ,BA,BB,BC,BD,BE,BF,BG,BH,BI,BJ,BK,BL,BM,BN,BO,BP,BQ,BR,BS,BT,BU,BV,BW,BX,BY,BZ,CA,CB,CC,CD,CE,CF,CG,CH,CI,CJ,CK,CL,CM,CN,CO,CP,CQ,CR,CS,CT,CU,CV,CW,CX,CY,CZ,DA,DB,DC,DD,DE,DF,DG,DH,DI,DJ,DK,DL
#
# COMPACT_ATOMS: atom_id res chain seq x y z
N ALA A 1 -29.03 -95.24 46.49
CA ALA A 1 -28.29 -96.45 46.18
C ALA A 1 -27.54 -96.97 47.41
N GLN A 2 -27.20 -96.07 48.33
CA GLN A 2 -26.56 -96.45 49.60
C GLN A 2 -25.23 -97.18 49.34
N HIS A 3 -24.50 -96.73 48.34
CA HIS A 3 -23.18 -97.26 48.07
C HIS A 3 -22.14 -96.43 48.80
N ASN A 4 -21.29 -97.09 49.58
CA ASN A 4 -20.30 -96.41 50.39
C ASN A 4 -19.10 -95.95 49.55
N MET A 5 -18.48 -94.85 49.98
CA MET A 5 -17.40 -94.23 49.24
C MET A 5 -16.13 -95.07 49.30
N ARG A 6 -15.28 -94.91 48.29
CA ARG A 6 -14.01 -95.62 48.25
C ARG A 6 -12.86 -94.63 48.38
N LEU A 7 -11.81 -95.05 49.08
CA LEU A 7 -10.74 -94.15 49.49
C LEU A 7 -9.80 -93.84 48.34
N GLN A 8 -9.34 -92.59 48.28
CA GLN A 8 -8.47 -92.12 47.20
C GLN A 8 -7.15 -91.55 47.66
N LEU A 9 -7.11 -90.80 48.77
CA LEU A 9 -5.87 -90.15 49.19
C LEU A 9 -5.65 -90.24 50.69
N THR A 10 -4.48 -90.75 51.10
CA THR A 10 -4.08 -90.82 52.50
C THR A 10 -2.80 -90.03 52.70
N SER A 11 -2.76 -89.22 53.77
CA SER A 11 -1.61 -88.37 54.01
C SER A 11 -1.15 -88.33 55.45
N GLY A 12 -1.79 -89.05 56.37
CA GLY A 12 -1.44 -88.96 57.77
C GLY A 12 -1.93 -87.68 58.43
N THR A 13 -2.32 -86.72 57.61
CA THR A 13 -3.01 -85.51 58.06
C THR A 13 -4.33 -85.28 57.34
N SER A 14 -4.56 -85.92 56.19
CA SER A 14 -5.84 -85.84 55.50
C SER A 14 -6.25 -87.22 55.03
N LEU A 15 -7.55 -87.35 54.79
CA LEU A 15 -8.14 -88.52 54.16
C LEU A 15 -9.12 -88.03 53.10
N THR A 16 -9.11 -88.68 51.94
CA THR A 16 -9.90 -88.21 50.80
C THR A 16 -10.57 -89.42 50.15
N TRP A 17 -11.87 -89.59 50.43
CA TRP A 17 -12.71 -90.59 49.80
C TRP A 17 -13.48 -89.96 48.64
N VAL A 18 -13.91 -90.83 47.73
CA VAL A 18 -14.64 -90.40 46.53
C VAL A 18 -15.74 -91.39 46.23
N ASP A 19 -16.84 -90.89 45.68
CA ASP A 19 -17.90 -91.74 45.15
C ASP A 19 -17.43 -92.45 43.91
N PRO A 20 -17.35 -93.78 43.90
CA PRO A 20 -16.87 -94.49 42.69
C PRO A 20 -17.69 -94.19 41.45
N ASN A 21 -18.97 -93.83 41.60
CA ASN A 21 -19.79 -93.51 40.43
C ASN A 21 -19.52 -92.10 39.94
N ASP A 22 -19.64 -91.11 40.84
CA ASP A 22 -19.42 -89.71 40.52
C ASP A 22 -18.14 -89.25 41.22
N PHE A 23 -17.09 -89.02 40.43
CA PHE A 23 -15.86 -88.45 40.98
C PHE A 23 -16.02 -87.02 41.44
N ARG A 24 -17.15 -86.37 41.16
CA ARG A 24 -17.33 -84.98 41.55
C ARG A 24 -17.72 -84.82 43.02
N SER A 25 -18.08 -85.91 43.71
CA SER A 25 -18.46 -85.86 45.13
C SER A 25 -17.31 -86.42 45.96
N THR A 26 -16.58 -85.52 46.62
CA THR A 26 -15.41 -85.82 47.43
C THR A 26 -15.79 -85.71 48.90
N PHE A 27 -15.04 -86.44 49.74
CA PHE A 27 -15.19 -86.34 51.19
C PHE A 27 -13.81 -86.37 51.82
N ARG A 28 -13.38 -85.25 52.40
CA ARG A 28 -12.07 -85.14 53.03
C ARG A 28 -12.20 -84.87 54.51
N ILE A 29 -11.25 -85.42 55.28
CA ILE A 29 -11.10 -85.15 56.70
C ILE A 29 -9.66 -84.72 56.94
N ASN A 30 -9.48 -83.54 57.55
CA ASN A 30 -8.18 -82.99 57.91
C ASN A 30 -8.10 -82.90 59.42
N LEU A 31 -7.06 -83.48 60.00
CA LEU A 31 -6.84 -83.42 61.45
C LEU A 31 -5.46 -82.84 61.71
N ASN A 32 -5.41 -81.76 62.48
CA ASN A 32 -4.16 -81.13 62.85
C ASN A 32 -4.11 -81.01 64.36
N VAL A 33 -3.01 -81.47 64.96
CA VAL A 33 -2.85 -81.43 66.40
C VAL A 33 -1.59 -80.67 66.76
N ASN A 34 -1.71 -79.81 67.77
CA ASN A 34 -0.58 -79.05 68.28
C ASN A 34 -0.88 -78.59 69.70
N GLN A 35 0.17 -78.30 70.45
CA GLN A 35 -0.01 -77.89 71.84
C GLN A 35 -0.45 -76.44 71.93
N LYS A 36 -1.38 -76.15 72.83
CA LYS A 36 -1.80 -74.81 73.16
C LYS A 36 -1.65 -74.63 74.66
N VAL A 37 -1.73 -73.39 75.10
CA VAL A 37 -1.64 -73.07 76.52
C VAL A 37 -3.04 -72.71 76.99
N ALA A 38 -3.62 -73.58 77.83
CA ALA A 38 -4.91 -73.31 78.45
C ALA A 38 -4.64 -72.87 79.88
N GLY A 39 -4.83 -71.59 80.15
CA GLY A 39 -4.66 -71.06 81.48
C GLY A 39 -3.30 -71.38 82.05
N ALA A 40 -3.27 -72.28 83.04
CA ALA A 40 -2.04 -72.61 83.74
C ALA A 40 -1.24 -73.73 83.08
N VAL A 41 -1.88 -74.60 82.31
CA VAL A 41 -1.20 -75.80 81.83
C VAL A 41 -1.39 -75.90 80.31
N SER A 42 -0.46 -76.62 79.67
CA SER A 42 -0.55 -76.87 78.24
C SER A 42 -1.43 -78.08 77.98
N VAL A 43 -2.19 -78.00 76.88
CA VAL A 43 -3.06 -79.08 76.44
C VAL A 43 -2.83 -79.31 74.95
N TYR A 44 -3.41 -80.40 74.43
CA TYR A 44 -3.27 -80.77 73.02
C TYR A 44 -4.54 -80.39 72.27
N ASN A 45 -4.47 -79.34 71.47
CA ASN A 45 -5.60 -78.92 70.64
C ASN A 45 -5.58 -79.66 69.32
N ALA A 46 -6.76 -80.11 68.89
CA ALA A 46 -6.94 -80.87 67.66
C ALA A 46 -8.01 -80.17 66.83
N ARG A 47 -7.57 -79.48 65.78
CA ARG A 47 -8.49 -78.88 64.82
C ARG A 47 -8.80 -79.94 63.78
N SER A 48 -9.98 -80.52 63.87
CA SER A 48 -10.52 -81.38 62.83
C SER A 48 -11.35 -80.53 61.88
N GLU A 49 -11.36 -80.90 60.61
CA GLU A 49 -12.36 -80.36 59.69
C GLU A 49 -12.76 -81.45 58.71
N VAL A 50 -14.05 -81.43 58.37
CA VAL A 50 -14.67 -82.43 57.52
C VAL A 50 -15.35 -81.69 56.39
N ILE A 51 -14.87 -81.90 55.17
CA ILE A 51 -15.31 -81.16 53.99
C ILE A 51 -15.92 -82.15 53.01
N THR A 52 -17.18 -81.96 52.66
CA THR A 52 -17.81 -82.74 51.61
C THR A 52 -18.12 -81.81 50.43
N ASN A 53 -17.65 -82.21 49.24
CA ASN A 53 -17.74 -81.42 48.03
C ASN A 53 -18.56 -82.17 47.00
N ARG A 54 -19.42 -81.46 46.26
CA ARG A 54 -20.18 -82.09 45.21
C ARG A 54 -20.38 -81.10 44.08
N ALA A 55 -20.81 -81.63 42.94
CA ALA A 55 -21.07 -80.83 41.74
C ALA A 55 -22.35 -81.32 41.08
N PRO A 56 -23.50 -81.04 41.69
CA PRO A 56 -24.77 -81.42 41.07
C PRO A 56 -25.02 -80.60 39.82
N LEU A 57 -25.88 -81.14 38.97
CA LEU A 57 -26.20 -80.50 37.70
C LEU A 57 -27.35 -79.52 37.89
N VAL A 58 -27.24 -78.36 37.25
CA VAL A 58 -28.26 -77.33 37.29
C VAL A 58 -29.21 -77.58 36.13
N VAL A 59 -30.47 -77.88 36.44
CA VAL A 59 -31.45 -78.28 35.44
C VAL A 59 -32.64 -77.34 35.51
N ILE A 60 -32.93 -76.66 34.40
CA ILE A 60 -34.15 -75.89 34.22
C ILE A 60 -34.94 -76.56 33.10
N GLU A 61 -36.13 -77.07 33.44
CA GLU A 61 -36.79 -78.05 32.59
C GLU A 61 -36.98 -77.53 31.16
N GLY A 62 -37.37 -76.27 31.00
CA GLY A 62 -37.55 -75.73 29.67
C GLY A 62 -36.30 -75.15 29.04
N CYS A 63 -35.23 -75.00 29.82
CA CYS A 63 -34.10 -74.18 29.42
C CYS A 63 -32.78 -74.94 29.30
N THR A 64 -32.56 -75.98 30.10
CA THR A 64 -31.25 -76.62 30.22
C THR A 64 -31.10 -77.66 29.12
N ASP A 65 -30.21 -77.40 28.17
CA ASP A 65 -29.85 -78.38 27.18
C ASP A 65 -29.14 -79.56 27.85
N ALA A 66 -29.62 -80.77 27.56
CA ALA A 66 -29.05 -81.95 28.20
C ALA A 66 -27.66 -82.28 27.66
N CYS A 67 -27.38 -81.90 26.42
CA CYS A 67 -26.08 -82.22 25.82
C CYS A 67 -24.96 -81.44 26.49
N SER A 68 -25.14 -80.14 26.70
CA SER A 68 -24.16 -79.31 27.38
C SER A 68 -24.50 -79.30 28.86
N VAL A 69 -23.70 -80.03 29.65
CA VAL A 69 -23.96 -80.13 31.08
C VAL A 69 -23.73 -78.78 31.75
N ASN A 70 -24.58 -78.45 32.72
CA ASN A 70 -24.44 -77.24 33.52
C ASN A 70 -24.34 -77.69 34.97
N ARG A 71 -23.15 -77.54 35.56
CA ARG A 71 -22.91 -78.02 36.91
C ARG A 71 -22.60 -76.86 37.84
N GLU A 72 -22.84 -77.12 39.13
CA GLU A 72 -22.65 -76.16 40.21
C GLU A 72 -21.87 -76.84 41.32
N ASN A 73 -20.85 -76.15 41.84
CA ASN A 73 -20.16 -76.66 43.02
C ASN A 73 -20.98 -76.36 44.27
N ILE A 74 -21.17 -77.37 45.13
CA ILE A 74 -21.76 -77.18 46.44
C ILE A 74 -20.83 -77.81 47.47
N SER A 75 -20.79 -77.21 48.66
CA SER A 75 -19.85 -77.65 49.68
C SER A 75 -20.43 -77.52 51.07
N ILE A 76 -20.13 -78.51 51.92
CA ILE A 76 -20.49 -78.47 53.33
C ILE A 76 -19.24 -78.79 54.14
N ARG A 77 -18.81 -77.82 54.93
CA ARG A 77 -17.56 -77.87 55.69
C ARG A 77 -17.90 -77.81 57.17
N THR A 78 -17.10 -78.50 58.00
CA THR A 78 -17.32 -78.49 59.45
C THR A 78 -15.99 -78.52 60.18
N THR A 79 -15.68 -77.44 60.90
CA THR A 79 -14.47 -77.30 61.68
C THR A 79 -14.78 -77.49 63.16
N ILE A 80 -13.91 -78.23 63.85
CA ILE A 80 -14.06 -78.57 65.27
C ILE A 80 -12.69 -78.41 65.91
N SER A 81 -12.51 -77.33 66.68
CA SER A 81 -11.21 -77.05 67.30
C SER A 81 -11.38 -76.95 68.81
N GLY A 82 -10.72 -77.86 69.51
CA GLY A 82 -10.69 -77.92 70.97
C GLY A 82 -9.64 -78.94 71.38
N SER A 83 -9.34 -78.97 72.67
CA SER A 83 -8.31 -79.88 73.15
C SER A 83 -8.82 -81.32 73.21
N VAL A 84 -7.91 -82.27 73.00
CA VAL A 84 -8.22 -83.68 73.23
C VAL A 84 -8.38 -83.90 74.73
N GLU A 85 -7.72 -83.08 75.54
CA GLU A 85 -7.80 -83.21 76.99
C GLU A 85 -9.24 -83.03 77.47
N ASN A 86 -9.95 -82.06 76.88
CA ASN A 86 -11.29 -81.64 77.28
C ASN A 86 -12.34 -82.09 76.26
N LYS A 87 -12.10 -83.23 75.60
CA LYS A 87 -13.00 -83.66 74.54
C LYS A 87 -14.40 -83.92 75.06
N ALA A 88 -14.59 -84.07 76.37
CA ALA A 88 -15.93 -84.16 76.93
C ALA A 88 -16.73 -82.91 76.60
N ALA A 89 -16.19 -81.73 76.93
CA ALA A 89 -16.87 -80.48 76.61
C ALA A 89 -16.85 -80.21 75.11
N VAL A 90 -15.82 -80.69 74.39
CA VAL A 90 -15.84 -80.58 72.93
C VAL A 90 -17.09 -81.26 72.36
N LEU A 91 -17.33 -82.50 72.78
CA LEU A 91 -18.49 -83.25 72.28
C LEU A 91 -19.81 -82.67 72.79
N ALA A 92 -19.83 -82.20 74.03
CA ALA A 92 -21.04 -81.55 74.55
C ALA A 92 -21.37 -80.31 73.72
N ALA A 93 -20.36 -79.61 73.22
CA ALA A 93 -20.60 -78.51 72.30
C ALA A 93 -21.04 -79.02 70.93
N LEU A 94 -20.46 -80.14 70.48
CA LEU A 94 -20.80 -80.67 69.16
C LEU A 94 -22.27 -81.05 69.09
N LEU A 95 -22.79 -81.69 70.13
CA LEU A 95 -24.18 -82.13 70.11
C LEU A 95 -25.13 -80.95 69.99
N ASP A 96 -24.90 -79.91 70.80
CA ASP A 96 -25.72 -78.71 70.75
C ASP A 96 -25.61 -78.04 69.38
N HIS A 97 -24.39 -77.99 68.82
CA HIS A 97 -24.20 -77.40 67.50
C HIS A 97 -24.98 -78.16 66.44
N LEU A 98 -24.90 -79.49 66.45
CA LEU A 98 -25.59 -80.28 65.44
C LEU A 98 -27.10 -80.11 65.55
N HIS A 99 -27.64 -80.15 66.77
CA HIS A 99 -29.08 -79.98 66.95
C HIS A 99 -29.56 -78.61 66.50
N ASN A 100 -28.80 -77.55 66.83
CA ASN A 100 -29.21 -76.22 66.42
C ASN A 100 -29.11 -76.06 64.91
N LEU A 101 -28.05 -76.62 64.30
CA LEU A 101 -27.96 -76.64 62.85
C LEU A 101 -29.19 -77.32 62.25
N GLY A 102 -29.61 -78.44 62.84
CA GLY A 102 -30.82 -79.09 62.37
C GLY A 102 -32.04 -78.20 62.46
N LEU A 103 -32.17 -77.45 63.56
CA LEU A 103 -33.26 -76.50 63.68
C LEU A 103 -33.24 -75.48 62.54
N ALA A 104 -32.05 -75.08 62.12
CA ALA A 104 -31.94 -74.01 61.13
C ALA A 104 -31.97 -74.50 59.68
N ARG A 105 -31.68 -75.78 59.42
CA ARG A 105 -31.27 -76.17 58.07
C ARG A 105 -32.37 -75.93 57.05
N ASP A 106 -33.62 -76.16 57.43
CA ASP A 106 -34.72 -76.00 56.49
C ASP A 106 -34.81 -74.55 56.02
N ASP A 107 -34.59 -73.61 56.94
CA ASP A 107 -34.57 -72.20 56.57
C ASP A 107 -33.32 -71.85 55.77
N LEU A 108 -32.18 -72.40 56.18
CA LEU A 108 -30.91 -71.97 55.58
C LEU A 108 -30.76 -72.44 54.14
N VAL A 109 -31.12 -73.69 53.86
CA VAL A 109 -30.94 -74.20 52.49
C VAL A 109 -31.89 -73.52 51.52
N ALA A 110 -32.96 -72.90 52.01
CA ALA A 110 -33.90 -72.17 51.18
C ALA A 110 -33.57 -70.69 51.07
N GLY A 111 -32.39 -70.27 51.53
CA GLY A 111 -31.98 -68.88 51.43
C GLY A 111 -32.66 -67.93 52.38
N LEU A 112 -33.35 -68.44 53.40
CA LEU A 112 -34.07 -67.61 54.35
C LEU A 112 -33.29 -67.49 55.65
N LEU A 113 -33.31 -66.30 56.24
CA LEU A 113 -32.62 -66.08 57.50
C LEU A 113 -33.42 -66.68 58.64
N PRO A 114 -32.88 -67.64 59.39
CA PRO A 114 -33.68 -68.34 60.41
C PRO A 114 -34.02 -67.45 61.60
N THR A 115 -34.94 -66.51 61.39
CA THR A 115 -35.28 -65.53 62.41
C THR A 115 -36.19 -66.09 63.51
N THR A 116 -36.83 -67.23 63.27
CA THR A 116 -37.78 -67.77 64.24
C THR A 116 -37.14 -68.74 65.22
N ILE A 117 -36.19 -69.57 64.76
CA ILE A 117 -35.69 -70.69 65.55
C ILE A 117 -35.12 -70.22 66.88
N GLN A 118 -35.10 -71.11 67.86
CA GLN A 118 -34.47 -70.83 69.15
C GLN A 118 -33.52 -71.96 69.50
N PRO A 119 -32.22 -71.68 69.55
CA PRO A 119 -31.25 -72.72 69.91
C PRO A 119 -31.29 -73.07 71.38
N VAL A 120 -30.39 -73.95 71.82
CA VAL A 120 -30.44 -74.47 73.19
C VAL A 120 -29.05 -74.96 73.56
N VAL A 121 -28.76 -74.94 74.87
CA VAL A 121 -27.55 -75.53 75.43
C VAL A 121 -27.96 -76.81 76.14
N GLU A 122 -27.04 -77.78 76.18
CA GLU A 122 -27.22 -79.03 76.94
C GLU A 122 -28.48 -79.77 76.52
N TYR A 123 -28.59 -80.02 75.21
CA TYR A 123 -29.77 -80.66 74.65
C TYR A 123 -29.90 -82.10 75.15
N THR A 124 -31.05 -82.43 75.73
CA THR A 124 -31.32 -83.73 76.33
C THR A 124 -32.22 -84.53 75.40
N GLY A 125 -31.68 -85.61 74.83
CA GLY A 125 -32.45 -86.51 73.99
C GLY A 125 -32.91 -85.92 72.67
N ALA B 1 -29.12 -79.30 81.76
CA ALA B 1 -30.21 -78.42 82.20
C ALA B 1 -31.12 -78.06 81.04
N GLN B 2 -30.55 -78.05 79.84
CA GLN B 2 -31.24 -77.67 78.60
C GLN B 2 -32.04 -76.38 78.77
N HIS B 3 -31.34 -75.34 79.22
CA HIS B 3 -31.86 -73.98 79.19
C HIS B 3 -31.56 -73.38 77.82
N ASN B 4 -32.60 -73.12 77.04
CA ASN B 4 -32.40 -72.70 75.67
C ASN B 4 -31.83 -71.28 75.56
N MET B 5 -31.08 -71.05 74.49
CA MET B 5 -30.31 -69.82 74.34
C MET B 5 -31.20 -68.62 74.13
N ARG B 6 -30.66 -67.45 74.46
CA ARG B 6 -31.37 -66.18 74.37
C ARG B 6 -30.81 -65.39 73.20
N LEU B 7 -31.69 -64.82 72.38
CA LEU B 7 -31.24 -63.95 71.31
C LEU B 7 -30.50 -62.75 71.88
N GLN B 8 -29.44 -62.34 71.22
CA GLN B 8 -28.76 -61.17 71.75
C GLN B 8 -28.53 -60.09 70.69
N LEU B 9 -28.23 -60.47 69.45
CA LEU B 9 -27.97 -59.44 68.44
C LEU B 9 -28.40 -59.89 67.04
N THR B 10 -29.10 -59.01 66.33
CA THR B 10 -29.44 -59.20 64.93
C THR B 10 -28.97 -57.98 64.15
N SER B 11 -28.12 -58.18 63.15
CA SER B 11 -27.64 -57.08 62.33
C SER B 11 -27.12 -57.62 61.02
N GLY B 12 -27.50 -56.95 59.92
CA GLY B 12 -27.05 -57.35 58.60
C GLY B 12 -27.58 -58.71 58.18
N THR B 13 -26.69 -59.68 58.09
CA THR B 13 -27.04 -61.06 57.74
C THR B 13 -26.79 -62.04 58.87
N SER B 14 -26.52 -61.55 60.09
CA SER B 14 -26.10 -62.39 61.19
C SER B 14 -27.15 -62.43 62.29
N LEU B 15 -27.18 -63.55 63.00
CA LEU B 15 -27.97 -63.72 64.20
C LEU B 15 -27.05 -64.25 65.29
N THR B 16 -27.17 -63.72 66.50
CA THR B 16 -26.25 -64.08 67.58
C THR B 16 -27.04 -64.32 68.86
N TRP B 17 -27.07 -65.58 69.29
CA TRP B 17 -27.65 -66.04 70.54
C TRP B 17 -26.55 -66.32 71.55
N VAL B 18 -26.93 -66.34 72.83
CA VAL B 18 -25.99 -66.54 73.92
C VAL B 18 -26.63 -67.40 75.00
N ASP B 19 -25.79 -68.15 75.71
CA ASP B 19 -26.23 -68.90 76.88
C ASP B 19 -26.49 -67.94 78.03
N PRO B 20 -27.73 -67.88 78.56
CA PRO B 20 -28.00 -66.94 79.66
C PRO B 20 -27.22 -67.23 80.94
N ASN B 21 -26.55 -68.38 81.05
CA ASN B 21 -25.80 -68.64 82.27
C ASN B 21 -24.37 -68.11 82.19
N ASP B 22 -23.62 -68.48 81.16
CA ASP B 22 -22.36 -67.78 80.91
C ASP B 22 -22.35 -67.23 79.49
N PHE B 23 -21.77 -66.04 79.38
CA PHE B 23 -21.64 -65.27 78.15
C PHE B 23 -20.61 -65.85 77.21
N ARG B 24 -19.94 -66.93 77.61
CA ARG B 24 -18.82 -67.49 76.86
C ARG B 24 -19.26 -68.38 75.71
N SER B 25 -20.43 -69.00 75.83
CA SER B 25 -20.93 -69.91 74.80
C SER B 25 -22.01 -69.19 73.99
N THR B 26 -21.70 -68.92 72.73
CA THR B 26 -22.54 -68.17 71.82
C THR B 26 -22.79 -68.97 70.55
N PHE B 27 -23.75 -68.49 69.76
CA PHE B 27 -24.21 -69.21 68.58
C PHE B 27 -24.58 -68.18 67.52
N ARG B 28 -23.92 -68.23 66.38
CA ARG B 28 -24.12 -67.25 65.31
C ARG B 28 -24.51 -67.97 64.03
N ILE B 29 -25.37 -67.33 63.25
CA ILE B 29 -25.72 -67.80 61.91
C ILE B 29 -25.58 -66.63 60.94
N ASN B 30 -24.77 -66.82 59.90
CA ASN B 30 -24.61 -65.86 58.81
C ASN B 30 -25.20 -66.45 57.54
N LEU B 31 -25.87 -65.61 56.75
CA LEU B 31 -26.53 -66.04 55.52
C LEU B 31 -26.22 -65.04 54.43
N ASN B 32 -25.61 -65.51 53.34
CA ASN B 32 -25.24 -64.65 52.22
C ASN B 32 -25.83 -65.23 50.95
N VAL B 33 -26.88 -64.60 50.45
CA VAL B 33 -27.55 -65.05 49.23
C VAL B 33 -27.16 -64.10 48.11
N ASN B 34 -26.79 -64.66 46.96
CA ASN B 34 -26.40 -63.86 45.78
C ASN B 34 -26.36 -64.78 44.57
N GLN B 35 -26.34 -64.17 43.38
CA GLN B 35 -26.44 -64.95 42.15
C GLN B 35 -25.10 -65.59 41.79
N LYS B 36 -25.16 -66.87 41.44
CA LYS B 36 -24.05 -67.69 41.00
C LYS B 36 -24.25 -67.99 39.53
N VAL B 37 -23.15 -68.14 38.80
CA VAL B 37 -23.18 -68.44 37.38
C VAL B 37 -22.68 -69.86 37.19
N ALA B 38 -23.55 -70.75 36.71
CA ALA B 38 -23.21 -72.16 36.52
C ALA B 38 -23.61 -72.54 35.09
N GLY B 39 -22.62 -72.61 34.20
CA GLY B 39 -22.93 -72.85 32.80
C GLY B 39 -23.52 -71.61 32.17
N ALA B 40 -24.59 -71.81 31.39
CA ALA B 40 -25.27 -70.69 30.73
C ALA B 40 -26.29 -70.02 31.63
N VAL B 41 -26.68 -70.65 32.73
CA VAL B 41 -27.71 -70.13 33.60
C VAL B 41 -27.08 -69.54 34.86
N SER B 42 -27.88 -68.73 35.56
CA SER B 42 -27.53 -68.20 36.88
C SER B 42 -28.60 -68.62 37.87
N VAL B 43 -28.15 -68.97 39.07
CA VAL B 43 -29.03 -69.47 40.13
C VAL B 43 -28.65 -68.78 41.43
N TYR B 44 -29.63 -68.64 42.33
CA TYR B 44 -29.36 -67.98 43.61
C TYR B 44 -28.66 -68.95 44.54
N ASN B 45 -27.39 -68.66 44.85
CA ASN B 45 -26.60 -69.45 45.78
C ASN B 45 -26.69 -68.85 47.17
N ALA B 46 -26.91 -69.70 48.16
CA ALA B 46 -26.93 -69.33 49.56
C ALA B 46 -25.68 -69.90 50.23
N ARG B 47 -24.99 -69.05 50.98
CA ARG B 47 -23.86 -69.42 51.82
C ARG B 47 -24.31 -69.26 53.26
N SER B 48 -24.66 -70.37 53.90
CA SER B 48 -24.95 -70.40 55.33
C SER B 48 -23.67 -70.72 56.07
N GLU B 49 -23.45 -70.07 57.20
CA GLU B 49 -22.40 -70.54 58.13
C GLU B 49 -22.88 -70.39 59.55
N VAL B 50 -22.78 -71.50 60.29
CA VAL B 50 -23.29 -71.63 61.65
C VAL B 50 -22.10 -71.86 62.57
N ILE B 51 -21.86 -70.92 63.48
CA ILE B 51 -20.66 -70.88 64.29
C ILE B 51 -21.06 -70.94 65.76
N THR B 52 -20.74 -72.03 66.44
CA THR B 52 -20.93 -72.12 67.89
C THR B 52 -19.57 -71.99 68.56
N ASN B 53 -19.48 -71.08 69.53
CA ASN B 53 -18.24 -70.72 70.20
C ASN B 53 -18.41 -70.93 71.69
N ARG B 54 -17.41 -71.51 72.34
CA ARG B 54 -17.45 -71.66 73.78
C ARG B 54 -16.06 -71.39 74.33
N ALA B 55 -16.01 -71.18 75.65
CA ALA B 55 -14.75 -70.97 76.37
C ALA B 55 -14.81 -71.75 77.67
N PRO B 56 -14.93 -73.07 77.61
CA PRO B 56 -15.21 -73.86 78.81
C PRO B 56 -13.96 -73.99 79.67
N LEU B 57 -14.18 -74.49 80.88
CA LEU B 57 -13.08 -74.89 81.73
C LEU B 57 -12.54 -76.22 81.23
N VAL B 58 -11.21 -76.40 81.29
CA VAL B 58 -10.63 -77.68 80.92
C VAL B 58 -10.83 -78.66 82.06
N VAL B 59 -11.54 -79.75 81.79
CA VAL B 59 -11.90 -80.74 82.79
C VAL B 59 -11.13 -82.02 82.46
N ILE B 60 -10.11 -82.31 83.25
CA ILE B 60 -9.33 -83.52 83.08
C ILE B 60 -10.15 -84.68 83.63
N GLU B 61 -10.10 -85.84 82.96
CA GLU B 61 -10.92 -86.96 83.40
C GLU B 61 -10.57 -87.38 84.82
N GLY B 62 -9.31 -87.77 85.05
CA GLY B 62 -8.92 -88.23 86.37
C GLY B 62 -9.14 -87.19 87.46
N CYS B 63 -9.03 -85.91 87.12
CA CYS B 63 -9.03 -84.86 88.12
C CYS B 63 -10.44 -84.36 88.41
N THR B 64 -10.60 -83.78 89.59
CA THR B 64 -11.83 -83.13 90.00
C THR B 64 -11.47 -82.01 90.97
N ASP B 65 -11.75 -80.77 90.55
CA ASP B 65 -11.30 -79.57 91.26
C ASP B 65 -12.19 -78.40 90.88
N ALA B 66 -12.82 -77.78 91.87
CA ALA B 66 -13.64 -76.60 91.61
C ALA B 66 -12.86 -75.31 91.70
N CYS B 67 -11.54 -75.37 91.93
CA CYS B 67 -10.73 -74.18 92.14
C CYS B 67 -9.87 -73.81 90.93
N SER B 68 -9.88 -74.61 89.88
CA SER B 68 -9.14 -74.27 88.67
C SER B 68 -10.01 -73.41 87.77
N VAL B 69 -9.44 -72.29 87.31
CA VAL B 69 -10.06 -71.48 86.27
C VAL B 69 -9.31 -71.66 84.94
N ASN B 70 -8.64 -72.79 84.76
CA ASN B 70 -7.99 -73.13 83.51
C ASN B 70 -9.02 -73.19 82.40
N ARG B 71 -8.96 -72.26 81.45
CA ARG B 71 -9.93 -72.17 80.37
C ARG B 71 -9.25 -72.16 79.01
N GLU B 72 -9.86 -72.87 78.06
CA GLU B 72 -9.50 -72.80 76.66
C GLU B 72 -10.72 -72.39 75.84
N ASN B 73 -10.45 -71.92 74.63
CA ASN B 73 -11.52 -71.63 73.67
C ASN B 73 -11.75 -72.86 72.80
N ILE B 74 -13.01 -73.10 72.45
CA ILE B 74 -13.38 -74.16 71.53
C ILE B 74 -14.41 -73.60 70.56
N SER B 75 -14.39 -74.13 69.33
CA SER B 75 -15.31 -73.62 68.31
C SER B 75 -15.67 -74.72 67.32
N ILE B 76 -16.94 -74.73 66.92
CA ILE B 76 -17.44 -75.63 65.89
C ILE B 76 -18.19 -74.81 64.86
N ARG B 77 -17.73 -74.83 63.63
CA ARG B 77 -18.30 -74.07 62.53
C ARG B 77 -18.77 -75.02 61.43
N THR B 78 -19.88 -74.67 60.79
CA THR B 78 -20.41 -75.47 59.68
C THR B 78 -20.86 -74.52 58.58
N THR B 79 -20.23 -74.66 57.41
CA THR B 79 -20.51 -73.84 56.25
C THR B 79 -21.21 -74.67 55.18
N ILE B 80 -22.22 -74.08 54.55
CA ILE B 80 -23.05 -74.74 53.56
C ILE B 80 -23.29 -73.79 52.40
N SER B 81 -22.60 -74.00 51.28
CA SER B 81 -22.71 -73.12 50.11
C SER B 81 -23.30 -73.92 48.97
N GLY B 82 -24.47 -73.48 48.49
CA GLY B 82 -25.19 -74.18 47.43
C GLY B 82 -26.41 -73.39 47.01
N SER B 83 -26.85 -73.64 45.78
CA SER B 83 -27.99 -72.89 45.26
C SER B 83 -29.27 -73.29 45.97
N VAL B 84 -30.25 -72.39 45.90
CA VAL B 84 -31.58 -72.70 46.42
C VAL B 84 -32.30 -73.68 45.48
N GLU B 85 -31.95 -73.64 44.19
CA GLU B 85 -32.62 -74.50 43.22
C GLU B 85 -32.30 -75.97 43.46
N ASN B 86 -31.03 -76.30 43.69
CA ASN B 86 -30.63 -77.66 44.01
C ASN B 86 -30.66 -77.96 45.49
N LYS B 87 -31.47 -77.22 46.27
CA LYS B 87 -31.47 -77.46 47.72
C LYS B 87 -31.85 -78.90 48.05
N ALA B 88 -32.45 -79.63 47.11
CA ALA B 88 -32.65 -81.06 47.29
C ALA B 88 -31.31 -81.79 47.42
N ALA B 89 -30.42 -81.60 46.44
CA ALA B 89 -29.10 -82.23 46.50
C ALA B 89 -28.26 -81.64 47.62
N VAL B 90 -28.49 -80.37 47.96
CA VAL B 90 -27.81 -79.77 49.11
C VAL B 90 -28.18 -80.49 50.39
N LEU B 91 -29.48 -80.76 50.59
CA LEU B 91 -29.92 -81.45 51.81
C LEU B 91 -29.49 -82.90 51.82
N ALA B 92 -29.51 -83.57 50.65
CA ALA B 92 -28.99 -84.94 50.59
C ALA B 92 -27.52 -84.98 50.97
N ALA B 93 -26.74 -84.04 50.43
CA ALA B 93 -25.33 -83.91 50.80
C ALA B 93 -25.18 -83.58 52.27
N LEU B 94 -26.10 -82.81 52.84
CA LEU B 94 -26.02 -82.49 54.26
C LEU B 94 -26.25 -83.74 55.11
N LEU B 95 -27.23 -84.56 54.76
CA LEU B 95 -27.48 -85.80 55.48
C LEU B 95 -26.26 -86.71 55.42
N ASP B 96 -25.70 -86.88 54.22
CA ASP B 96 -24.52 -87.74 54.07
C ASP B 96 -23.34 -87.17 54.86
N HIS B 97 -23.17 -85.84 54.83
CA HIS B 97 -22.11 -85.18 55.58
C HIS B 97 -22.26 -85.40 57.09
N LEU B 98 -23.48 -85.22 57.61
CA LEU B 98 -23.72 -85.38 59.03
C LEU B 98 -23.47 -86.82 59.47
N HIS B 99 -23.94 -87.79 58.67
CA HIS B 99 -23.73 -89.19 59.03
C HIS B 99 -22.26 -89.56 59.02
N ASN B 100 -21.51 -89.11 58.02
CA ASN B 100 -20.09 -89.43 57.97
C ASN B 100 -19.33 -88.73 59.10
N LEU B 101 -19.70 -87.47 59.39
CA LEU B 101 -19.14 -86.77 60.54
C LEU B 101 -19.36 -87.56 61.81
N GLY B 102 -20.58 -88.09 62.00
CA GLY B 102 -20.84 -88.92 63.16
C GLY B 102 -19.98 -90.17 63.18
N LEU B 103 -19.78 -90.79 62.02
CA LEU B 103 -18.88 -91.94 61.94
C LEU B 103 -17.47 -91.57 62.41
N ALA B 104 -17.05 -90.34 62.19
CA ALA B 104 -15.67 -89.97 62.48
C ALA B 104 -15.46 -89.29 63.83
N ARG B 105 -16.51 -88.77 64.47
CA ARG B 105 -16.30 -87.80 65.55
C ARG B 105 -15.57 -88.39 66.73
N ASP B 106 -15.82 -89.66 67.05
CA ASP B 106 -15.18 -90.25 68.21
C ASP B 106 -13.66 -90.34 68.03
N ASP B 107 -13.21 -90.54 66.79
CA ASP B 107 -11.78 -90.45 66.49
C ASP B 107 -11.30 -89.00 66.46
N LEU B 108 -12.08 -88.11 65.85
CA LEU B 108 -11.59 -86.76 65.60
C LEU B 108 -11.43 -85.96 66.89
N VAL B 109 -12.37 -86.07 67.83
CA VAL B 109 -12.24 -85.31 69.06
C VAL B 109 -11.15 -85.87 69.95
N ALA B 110 -10.71 -87.11 69.71
CA ALA B 110 -9.64 -87.73 70.47
C ALA B 110 -8.27 -87.56 69.81
N GLY B 111 -8.19 -86.76 68.75
CA GLY B 111 -6.94 -86.52 68.06
C GLY B 111 -6.51 -87.62 67.11
N LEU B 112 -7.35 -88.62 66.88
CA LEU B 112 -7.02 -89.73 66.01
C LEU B 112 -7.62 -89.51 64.63
N LEU B 113 -6.82 -89.68 63.59
CA LEU B 113 -7.34 -89.58 62.23
C LEU B 113 -8.16 -90.83 61.93
N PRO B 114 -9.42 -90.69 61.51
CA PRO B 114 -10.30 -91.86 61.39
C PRO B 114 -9.90 -92.76 60.24
N THR B 115 -8.89 -93.61 60.47
CA THR B 115 -8.40 -94.50 59.43
C THR B 115 -9.40 -95.59 59.08
N THR B 116 -10.26 -95.96 60.04
CA THR B 116 -11.06 -97.16 59.96
C THR B 116 -12.52 -96.91 59.60
N ILE B 117 -12.91 -95.68 59.29
CA ILE B 117 -14.31 -95.38 59.05
C ILE B 117 -14.64 -95.66 57.58
N GLN B 118 -15.94 -95.81 57.31
CA GLN B 118 -16.44 -96.12 55.97
C GLN B 118 -17.48 -95.09 55.56
N PRO B 119 -17.08 -94.02 54.90
CA PRO B 119 -18.05 -93.01 54.46
C PRO B 119 -18.95 -93.54 53.35
N VAL B 120 -20.19 -93.06 53.35
CA VAL B 120 -21.23 -93.55 52.44
C VAL B 120 -21.82 -92.37 51.66
N VAL B 121 -22.60 -92.71 50.63
CA VAL B 121 -23.42 -91.76 49.89
C VAL B 121 -24.86 -92.24 49.98
N GLU B 122 -25.79 -91.30 50.10
CA GLU B 122 -27.22 -91.61 50.14
C GLU B 122 -27.57 -92.51 51.32
N TYR B 123 -27.32 -91.99 52.52
CA TYR B 123 -27.58 -92.76 53.73
C TYR B 123 -29.07 -93.05 53.92
N THR B 124 -29.37 -94.28 54.33
CA THR B 124 -30.74 -94.74 54.53
C THR B 124 -30.84 -95.61 55.80
N ALA C 1 6.98 -122.45 42.60
CA ALA C 1 6.82 -122.18 44.02
C ALA C 1 5.55 -121.35 44.28
N GLN C 2 5.25 -120.46 43.33
CA GLN C 2 4.12 -119.54 43.41
C GLN C 2 4.08 -118.79 44.75
N HIS C 3 5.26 -118.43 45.25
CA HIS C 3 5.34 -117.44 46.31
C HIS C 3 4.92 -116.08 45.78
N ASN C 4 3.96 -115.45 46.44
CA ASN C 4 3.38 -114.21 45.94
C ASN C 4 4.18 -113.00 46.40
N MET C 5 4.15 -111.93 45.58
CA MET C 5 4.97 -110.76 45.80
C MET C 5 4.56 -110.03 47.07
N ARG C 6 5.51 -109.26 47.63
CA ARG C 6 5.25 -108.52 48.85
C ARG C 6 5.54 -107.03 48.63
N LEU C 7 4.88 -106.19 49.43
CA LEU C 7 4.77 -104.78 49.11
C LEU C 7 6.02 -104.00 49.49
N GLN C 8 6.45 -103.10 48.61
CA GLN C 8 7.66 -102.30 48.81
C GLN C 8 7.40 -100.81 48.85
N LEU C 9 6.64 -100.26 47.88
CA LEU C 9 6.47 -98.81 47.76
C LEU C 9 5.01 -98.46 47.53
N THR C 10 4.48 -97.54 48.33
CA THR C 10 3.11 -97.03 48.17
C THR C 10 3.16 -95.53 48.02
N SER C 11 2.42 -94.99 47.05
CA SER C 11 2.48 -93.58 46.75
C SER C 11 1.13 -92.91 46.58
N GLY C 12 0.03 -93.65 46.74
CA GLY C 12 -1.30 -93.09 46.49
C GLY C 12 -1.56 -92.94 45.00
N THR C 13 -0.49 -92.97 44.22
CA THR C 13 -0.53 -93.01 42.78
C THR C 13 0.26 -94.17 42.20
N SER C 14 1.23 -94.71 42.93
CA SER C 14 2.05 -95.82 42.48
C SER C 14 2.11 -96.90 43.54
N LEU C 15 2.07 -98.15 43.11
CA LEU C 15 2.28 -99.29 43.98
C LEU C 15 3.39 -100.13 43.39
N THR C 16 4.29 -100.60 44.25
CA THR C 16 5.48 -101.33 43.82
C THR C 16 5.67 -102.52 44.75
N TRP C 17 5.46 -103.72 44.21
CA TRP C 17 5.71 -104.97 44.92
C TRP C 17 6.98 -105.60 44.38
N VAL C 18 7.60 -106.45 45.20
CA VAL C 18 8.85 -107.10 44.84
C VAL C 18 8.75 -108.57 45.21
N ASP C 19 9.46 -109.40 44.44
CA ASP C 19 9.66 -110.81 44.79
C ASP C 19 10.53 -110.91 46.02
N PRO C 20 10.04 -111.48 47.13
CA PRO C 20 10.86 -111.57 48.34
C PRO C 20 12.16 -112.36 48.17
N ASN C 21 12.24 -113.24 47.17
CA ASN C 21 13.49 -113.96 46.93
C ASN C 21 14.43 -113.15 46.04
N ASP C 22 13.94 -112.70 44.89
CA ASP C 22 14.75 -111.99 43.90
C ASP C 22 14.28 -110.54 43.83
N PHE C 23 15.13 -109.63 44.31
CA PHE C 23 14.82 -108.21 44.25
C PHE C 23 14.88 -107.63 42.84
N ARG C 24 15.35 -108.41 41.86
CA ARG C 24 15.42 -107.93 40.49
C ARG C 24 14.06 -107.90 39.81
N SER C 25 13.09 -108.71 40.28
CA SER C 25 11.77 -108.80 39.66
C SER C 25 10.78 -108.00 40.48
N THR C 26 10.28 -106.91 39.91
CA THR C 26 9.36 -106.00 40.57
C THR C 26 8.10 -105.84 39.72
N PHE C 27 7.09 -105.26 40.35
CA PHE C 27 5.78 -105.09 39.72
C PHE C 27 5.18 -103.79 40.23
N ARG C 28 5.01 -102.82 39.33
CA ARG C 28 4.45 -101.52 39.67
C ARG C 28 3.12 -101.33 38.94
N ILE C 29 2.19 -100.66 39.61
CA ILE C 29 0.96 -100.17 39.01
C ILE C 29 0.88 -98.67 39.26
N ASN C 30 0.74 -97.91 38.18
CA ASN C 30 0.59 -96.46 38.24
C ASN C 30 -0.79 -96.09 37.70
N LEU C 31 -1.43 -95.13 38.33
CA LEU C 31 -2.77 -94.69 37.94
C LEU C 31 -2.80 -93.17 37.96
N ASN C 32 -3.38 -92.59 36.90
CA ASN C 32 -3.50 -91.14 36.82
C ASN C 32 -4.88 -90.80 36.26
N VAL C 33 -5.68 -90.11 37.06
CA VAL C 33 -7.03 -89.69 36.66
C VAL C 33 -7.01 -88.18 36.48
N ASN C 34 -7.64 -87.73 35.39
CA ASN C 34 -7.78 -86.30 35.12
C ASN C 34 -8.86 -86.11 34.07
N GLN C 35 -9.39 -84.89 33.99
CA GLN C 35 -10.50 -84.67 33.07
C GLN C 35 -10.00 -84.58 31.63
N LYS C 36 -10.93 -84.81 30.71
CA LYS C 36 -10.67 -84.84 29.28
C LYS C 36 -11.90 -84.35 28.56
N VAL C 37 -11.68 -83.68 27.43
CA VAL C 37 -12.77 -83.09 26.67
C VAL C 37 -12.98 -83.96 25.43
N ALA C 38 -14.06 -84.72 25.43
CA ALA C 38 -14.49 -85.50 24.27
C ALA C 38 -15.65 -84.73 23.64
N GLY C 39 -15.40 -84.16 22.47
CA GLY C 39 -16.39 -83.31 21.83
C GLY C 39 -16.75 -82.13 22.71
N ALA C 40 -18.00 -82.09 23.17
CA ALA C 40 -18.49 -81.03 24.05
C ALA C 40 -18.75 -81.52 25.46
N VAL C 41 -18.21 -82.69 25.84
CA VAL C 41 -18.48 -83.29 27.14
C VAL C 41 -17.16 -83.62 27.81
N SER C 42 -17.03 -83.21 29.08
CA SER C 42 -15.86 -83.55 29.86
C SER C 42 -16.11 -84.84 30.62
N VAL C 43 -15.15 -85.77 30.55
CA VAL C 43 -15.22 -87.04 31.24
C VAL C 43 -13.89 -87.28 31.94
N TYR C 44 -13.93 -88.08 33.00
CA TYR C 44 -12.75 -88.41 33.77
C TYR C 44 -12.01 -89.56 33.11
N ASN C 45 -10.87 -89.25 32.47
CA ASN C 45 -10.01 -90.24 31.85
C ASN C 45 -9.03 -90.76 32.91
N ALA C 46 -8.91 -92.08 32.99
CA ALA C 46 -7.92 -92.75 33.80
C ALA C 46 -6.92 -93.43 32.87
N ARG C 47 -5.64 -93.17 33.10
CA ARG C 47 -4.56 -93.89 32.43
C ARG C 47 -3.85 -94.74 33.49
N SER C 48 -3.97 -96.05 33.34
CA SER C 48 -3.32 -97.01 34.22
C SER C 48 -2.20 -97.69 33.44
N GLU C 49 -1.00 -97.72 34.01
CA GLU C 49 0.06 -98.53 33.45
C GLU C 49 0.56 -99.55 34.47
N VAL C 50 0.83 -100.75 33.98
CA VAL C 50 1.22 -101.90 34.79
C VAL C 50 2.55 -102.39 34.24
N ILE C 51 3.61 -102.24 35.03
CA ILE C 51 4.98 -102.49 34.60
C ILE C 51 5.56 -103.61 35.45
N THR C 52 5.88 -104.74 34.82
CA THR C 52 6.63 -105.80 35.49
C THR C 52 8.04 -105.85 34.91
N ASN C 53 9.03 -105.81 35.80
CA ASN C 53 10.44 -105.71 35.44
C ASN C 53 11.19 -106.89 36.02
N ARG C 54 12.10 -107.46 35.24
CA ARG C 54 12.90 -108.59 35.72
C ARG C 54 14.30 -108.49 35.14
N ALA C 55 15.21 -109.27 35.72
CA ALA C 55 16.62 -109.29 35.33
C ALA C 55 17.10 -110.74 35.26
N PRO C 56 16.78 -111.43 34.17
CA PRO C 56 17.27 -112.81 34.01
C PRO C 56 18.76 -112.85 33.71
N LEU C 57 19.34 -114.01 33.97
CA LEU C 57 20.74 -114.24 33.63
C LEU C 57 20.84 -114.88 32.26
N VAL C 58 21.87 -114.48 31.51
CA VAL C 58 22.14 -115.09 30.21
C VAL C 58 22.86 -116.41 30.46
N VAL C 59 22.17 -117.52 30.21
CA VAL C 59 22.69 -118.85 30.46
C VAL C 59 23.46 -119.32 29.24
N ILE C 60 24.78 -119.44 29.37
CA ILE C 60 25.62 -120.08 28.36
C ILE C 60 26.13 -121.39 28.92
N GLU C 61 25.84 -122.48 28.22
CA GLU C 61 26.39 -123.78 28.57
C GLU C 61 27.90 -123.77 28.44
N GLY C 62 28.57 -124.43 29.37
CA GLY C 62 30.02 -124.44 29.40
C GLY C 62 30.64 -123.26 30.08
N CYS C 63 29.85 -122.25 30.45
CA CYS C 63 30.33 -121.05 31.12
C CYS C 63 29.69 -120.98 32.51
N THR C 64 30.44 -121.40 33.52
CA THR C 64 30.00 -121.17 34.89
C THR C 64 30.08 -119.69 35.19
N ASP C 65 28.92 -119.04 35.22
CA ASP C 65 28.84 -117.58 35.40
C ASP C 65 28.96 -117.25 36.89
N ALA C 66 30.15 -117.53 37.42
CA ALA C 66 30.50 -117.04 38.74
C ALA C 66 30.36 -115.52 38.75
N CYS C 67 29.79 -115.00 39.83
CA CYS C 67 29.51 -113.60 40.10
C CYS C 67 28.24 -113.16 39.38
N SER C 68 27.63 -114.00 38.54
CA SER C 68 26.40 -113.69 37.82
C SER C 68 26.49 -112.34 37.10
N VAL C 69 27.53 -112.21 36.27
CA VAL C 69 27.78 -110.94 35.59
C VAL C 69 26.97 -110.83 34.31
N ASN C 70 26.81 -111.94 33.58
CA ASN C 70 26.02 -111.92 32.35
C ASN C 70 24.55 -111.88 32.72
N ARG C 71 23.98 -110.67 32.74
CA ARG C 71 22.61 -110.48 33.18
C ARG C 71 21.89 -109.50 32.26
N GLU C 72 20.62 -109.78 32.03
CA GLU C 72 19.77 -109.07 31.07
C GLU C 72 18.58 -108.44 31.77
N ASN C 73 18.15 -107.29 31.28
CA ASN C 73 16.90 -106.67 31.73
C ASN C 73 15.79 -107.02 30.76
N ILE C 74 14.65 -107.47 31.30
CA ILE C 74 13.45 -107.71 30.52
C ILE C 74 12.29 -106.98 31.18
N SER C 75 11.33 -106.56 30.36
CA SER C 75 10.21 -105.77 30.89
C SER C 75 8.94 -105.98 30.07
N ILE C 76 7.82 -106.08 30.78
CA ILE C 76 6.50 -106.19 30.17
C ILE C 76 5.62 -105.11 30.78
N ARG C 77 5.10 -104.23 29.92
CA ARG C 77 4.37 -103.04 30.33
C ARG C 77 3.03 -103.00 29.62
N THR C 78 2.02 -102.46 30.30
CA THR C 78 0.67 -102.41 29.74
C THR C 78 0.00 -101.10 30.13
N THR C 79 -0.38 -100.30 29.14
CA THR C 79 -1.02 -99.01 29.36
C THR C 79 -2.47 -99.08 28.91
N ILE C 80 -3.37 -98.51 29.71
CA ILE C 80 -4.82 -98.57 29.49
C ILE C 80 -5.32 -97.18 29.80
N SER C 81 -5.64 -96.40 28.75
CA SER C 81 -6.10 -95.02 28.92
C SER C 81 -7.51 -94.90 28.35
N GLY C 82 -8.46 -94.56 29.21
CA GLY C 82 -9.85 -94.44 28.79
C GLY C 82 -10.70 -93.82 29.87
N SER C 83 -11.91 -93.42 29.48
CA SER C 83 -12.84 -92.83 30.44
C SER C 83 -13.30 -93.86 31.45
N VAL C 84 -13.46 -93.42 32.70
CA VAL C 84 -14.18 -94.23 33.68
C VAL C 84 -15.62 -94.43 33.23
N GLU C 85 -16.17 -93.43 32.53
CA GLU C 85 -17.56 -93.53 32.08
C GLU C 85 -17.73 -94.62 31.02
N ASN C 86 -16.82 -94.69 30.04
CA ASN C 86 -16.87 -95.75 29.02
C ASN C 86 -16.06 -96.97 29.42
N LYS C 87 -15.93 -97.23 30.73
CA LYS C 87 -15.17 -98.38 31.18
C LYS C 87 -15.71 -99.69 30.61
N ALA C 88 -16.97 -99.70 30.17
CA ALA C 88 -17.51 -100.88 29.50
C ALA C 88 -16.75 -101.16 28.20
N ALA C 89 -16.66 -100.16 27.33
CA ALA C 89 -15.90 -100.34 26.09
C ALA C 89 -14.41 -100.50 26.36
N VAL C 90 -13.91 -99.90 27.44
CA VAL C 90 -12.52 -100.11 27.83
C VAL C 90 -12.28 -101.59 28.13
N LEU C 91 -13.19 -102.21 28.90
CA LEU C 91 -13.02 -103.62 29.27
C LEU C 91 -13.22 -104.54 28.07
N ALA C 92 -14.17 -104.21 27.18
CA ALA C 92 -14.29 -104.96 25.93
C ALA C 92 -13.00 -104.92 25.14
N ALA C 93 -12.41 -103.72 25.03
CA ALA C 93 -11.14 -103.56 24.36
C ALA C 93 -10.04 -104.34 25.06
N LEU C 94 -10.08 -104.40 26.39
CA LEU C 94 -9.05 -105.16 27.12
C LEU C 94 -9.16 -106.64 26.83
N LEU C 95 -10.38 -107.18 26.83
CA LEU C 95 -10.56 -108.60 26.51
C LEU C 95 -10.06 -108.91 25.11
N ASP C 96 -10.47 -108.11 24.12
CA ASP C 96 -10.03 -108.35 22.76
C ASP C 96 -8.51 -108.19 22.63
N HIS C 97 -7.94 -107.24 23.35
CA HIS C 97 -6.50 -107.03 23.35
C HIS C 97 -5.77 -108.23 23.93
N LEU C 98 -6.24 -108.74 25.07
CA LEU C 98 -5.59 -109.89 25.69
C LEU C 98 -5.66 -111.12 24.80
N HIS C 99 -6.81 -111.34 24.16
CA HIS C 99 -6.95 -112.51 23.30
C HIS C 99 -6.04 -112.41 22.07
N ASN C 100 -5.95 -111.22 21.47
CA ASN C 100 -5.10 -111.09 20.30
C ASN C 100 -3.62 -111.16 20.68
N LEU C 101 -3.27 -110.59 21.84
CA LEU C 101 -1.92 -110.77 22.38
C LEU C 101 -1.61 -112.25 22.52
N GLY C 102 -2.55 -113.02 23.07
CA GLY C 102 -2.34 -114.45 23.19
C GLY C 102 -2.19 -115.14 21.84
N LEU C 103 -2.86 -114.62 20.81
CA LEU C 103 -2.65 -115.17 19.47
C LEU C 103 -1.21 -114.94 19.02
N ALA C 104 -0.65 -113.78 19.32
CA ALA C 104 0.69 -113.46 18.82
C ALA C 104 1.81 -113.85 19.79
N ARG C 105 1.49 -114.31 20.99
CA ARG C 105 2.47 -114.32 22.08
C ARG C 105 3.63 -115.26 21.80
N ASP C 106 3.39 -116.35 21.08
CA ASP C 106 4.46 -117.30 20.84
C ASP C 106 5.40 -116.80 19.76
N ASP C 107 4.86 -116.21 18.70
CA ASP C 107 5.69 -115.66 17.64
C ASP C 107 6.51 -114.47 18.15
N LEU C 108 5.86 -113.53 18.83
CA LEU C 108 6.52 -112.28 19.20
C LEU C 108 7.71 -112.52 20.12
N VAL C 109 7.59 -113.45 21.06
CA VAL C 109 8.66 -113.65 22.02
C VAL C 109 9.85 -114.35 21.38
N ALA C 110 9.63 -115.06 20.27
CA ALA C 110 10.70 -115.70 19.52
C ALA C 110 11.34 -114.78 18.48
N GLY C 111 10.95 -113.50 18.46
CA GLY C 111 11.53 -112.54 17.54
C GLY C 111 11.00 -112.59 16.13
N LEU C 112 9.80 -113.13 15.94
CA LEU C 112 9.24 -113.38 14.61
C LEU C 112 7.93 -112.61 14.46
N LEU C 113 7.79 -111.90 13.35
CA LEU C 113 6.57 -111.14 13.12
C LEU C 113 5.40 -112.10 12.91
N PRO C 114 4.31 -111.97 13.70
CA PRO C 114 3.17 -112.90 13.58
C PRO C 114 2.33 -112.64 12.33
N THR C 115 2.93 -112.92 11.17
CA THR C 115 2.25 -112.70 9.90
C THR C 115 1.04 -113.62 9.73
N THR C 116 1.00 -114.74 10.42
CA THR C 116 -0.03 -115.74 10.20
C THR C 116 -1.31 -115.50 10.99
N ILE C 117 -1.21 -114.89 12.19
CA ILE C 117 -2.38 -114.80 13.06
C ILE C 117 -3.46 -113.92 12.44
N GLN C 118 -4.67 -114.05 12.95
CA GLN C 118 -5.80 -113.22 12.54
C GLN C 118 -6.54 -112.73 13.77
N PRO C 119 -6.43 -111.46 14.13
CA PRO C 119 -7.09 -110.96 15.35
C PRO C 119 -8.60 -110.89 15.18
N VAL C 120 -9.27 -110.61 16.30
CA VAL C 120 -10.72 -110.70 16.39
C VAL C 120 -11.23 -109.49 17.19
N VAL C 121 -12.48 -109.09 16.88
CA VAL C 121 -13.24 -108.16 17.72
C VAL C 121 -14.33 -108.96 18.42
N GLU C 122 -14.61 -108.60 19.68
CA GLU C 122 -15.73 -109.19 20.44
C GLU C 122 -15.55 -110.68 20.67
N TYR C 123 -14.39 -111.07 21.19
CA TYR C 123 -14.16 -112.48 21.50
C TYR C 123 -15.20 -113.00 22.48
N THR C 124 -15.64 -114.22 22.25
CA THR C 124 -16.66 -114.86 23.07
C THR C 124 -16.29 -116.32 23.37
N ALA D 1 39.35 59.66 -122.56
CA ALA D 1 40.62 59.36 -123.21
C ALA D 1 40.53 58.04 -123.98
N GLN D 2 39.64 57.14 -123.56
CA GLN D 2 39.40 55.89 -124.27
C GLN D 2 40.68 55.05 -124.37
N HIS D 3 41.48 55.07 -123.31
CA HIS D 3 42.68 54.24 -123.24
C HIS D 3 42.33 52.92 -122.57
N ASN D 4 42.67 51.82 -123.24
CA ASN D 4 42.32 50.50 -122.74
C ASN D 4 43.27 50.06 -121.62
N MET D 5 42.73 49.23 -120.71
CA MET D 5 43.45 48.81 -119.52
C MET D 5 44.58 47.84 -119.88
N ARG D 6 45.60 47.79 -119.03
CA ARG D 6 46.70 46.86 -119.23
C ARG D 6 46.72 45.82 -118.12
N LEU D 7 47.08 44.60 -118.49
CA LEU D 7 46.91 43.45 -117.60
C LEU D 7 47.99 43.41 -116.53
N GLN D 8 47.60 43.00 -115.33
CA GLN D 8 48.51 42.97 -114.17
C GLN D 8 48.64 41.60 -113.52
N LEU D 9 47.55 40.83 -113.40
CA LEU D 9 47.61 39.57 -112.66
C LEU D 9 46.84 38.46 -113.38
N THR D 10 47.50 37.34 -113.65
CA THR D 10 46.86 36.15 -114.23
C THR D 10 47.01 34.98 -113.29
N SER D 11 45.92 34.23 -113.09
CA SER D 11 45.94 33.13 -112.15
C SER D 11 45.25 31.86 -112.63
N GLY D 12 44.71 31.85 -113.85
CA GLY D 12 43.96 30.69 -114.32
C GLY D 12 42.58 30.59 -113.71
N THR D 13 42.36 31.34 -112.63
CA THR D 13 41.05 31.53 -112.04
C THR D 13 40.65 32.99 -111.91
N SER D 14 41.59 33.92 -111.99
CA SER D 14 41.28 35.34 -111.97
C SER D 14 42.11 36.05 -113.03
N LEU D 15 41.62 37.21 -113.42
CA LEU D 15 42.33 38.15 -114.28
C LEU D 15 42.19 39.52 -113.67
N THR D 16 43.28 40.29 -113.68
CA THR D 16 43.32 41.58 -112.99
C THR D 16 44.02 42.59 -113.91
N TRP D 17 43.22 43.44 -114.56
CA TRP D 17 43.70 44.56 -115.36
C TRP D 17 43.68 45.83 -114.52
N VAL D 18 44.48 46.81 -114.95
CA VAL D 18 44.60 48.08 -114.25
C VAL D 18 44.73 49.20 -115.28
N ASP D 19 44.21 50.36 -114.93
CA ASP D 19 44.41 51.58 -115.71
C ASP D 19 45.85 52.02 -115.58
N PRO D 20 46.62 52.06 -116.68
CA PRO D 20 48.03 52.48 -116.56
C PRO D 20 48.22 53.87 -116.00
N ASN D 21 47.22 54.75 -116.13
CA ASN D 21 47.33 56.09 -115.58
C ASN D 21 47.01 56.09 -114.08
N ASP D 22 45.85 55.56 -113.71
CA ASP D 22 45.41 55.50 -112.32
C ASP D 22 45.42 54.04 -111.88
N PHE D 23 46.37 53.69 -111.02
CA PHE D 23 46.39 52.35 -110.44
C PHE D 23 45.22 52.10 -109.49
N ARG D 24 44.44 53.12 -109.16
CA ARG D 24 43.32 52.92 -108.23
C ARG D 24 42.09 52.30 -108.89
N SER D 25 42.05 52.22 -110.23
CA SER D 25 40.92 51.63 -110.95
C SER D 25 41.33 50.25 -111.46
N THR D 26 40.82 49.22 -110.80
CA THR D 26 41.11 47.83 -111.08
C THR D 26 39.92 47.19 -111.78
N PHE D 27 40.20 46.14 -112.55
CA PHE D 27 39.14 45.35 -113.18
C PHE D 27 39.52 43.88 -113.09
N ARG D 28 38.78 43.10 -112.30
CA ARG D 28 39.05 41.69 -112.09
C ARG D 28 37.88 40.85 -112.60
N ILE D 29 38.22 39.68 -113.13
CA ILE D 29 37.25 38.65 -113.51
C ILE D 29 37.65 37.35 -112.84
N ASN D 30 36.73 36.76 -112.08
CA ASN D 30 36.93 35.48 -111.40
C ASN D 30 35.96 34.47 -112.00
N LEU D 31 36.49 33.33 -112.44
CA LEU D 31 35.65 32.27 -113.00
C LEU D 31 35.93 30.98 -112.23
N ASN D 32 34.87 30.40 -111.66
CA ASN D 32 34.99 29.15 -110.92
C ASN D 32 34.01 28.16 -111.51
N VAL D 33 34.48 26.96 -111.85
CA VAL D 33 33.63 25.94 -112.44
C VAL D 33 33.68 24.68 -111.58
N ASN D 34 32.50 24.08 -111.37
CA ASN D 34 32.40 22.83 -110.64
C ASN D 34 31.08 22.17 -111.00
N GLN D 35 31.01 20.85 -110.80
CA GLN D 35 29.81 20.10 -111.14
C GLN D 35 28.73 20.29 -110.09
N LYS D 36 27.49 20.45 -110.55
CA LYS D 36 26.33 20.48 -109.71
C LYS D 36 25.36 19.42 -110.20
N VAL D 37 24.35 19.12 -109.39
CA VAL D 37 23.33 18.15 -109.75
C VAL D 37 22.07 18.92 -110.10
N ALA D 38 21.69 18.92 -111.37
CA ALA D 38 20.44 19.53 -111.81
C ALA D 38 19.45 18.39 -112.03
N GLY D 39 18.47 18.29 -111.14
CA GLY D 39 17.44 17.29 -111.27
C GLY D 39 18.00 15.90 -111.39
N ALA D 40 17.88 15.32 -112.59
CA ALA D 40 18.29 13.94 -112.82
C ALA D 40 19.75 13.81 -113.22
N VAL D 41 20.37 14.85 -113.78
CA VAL D 41 21.70 14.69 -114.36
C VAL D 41 22.61 15.79 -113.81
N SER D 42 23.91 15.51 -113.83
CA SER D 42 24.90 16.48 -113.40
C SER D 42 25.26 17.42 -114.55
N VAL D 43 25.49 18.68 -114.21
CA VAL D 43 25.88 19.71 -115.17
C VAL D 43 27.07 20.47 -114.60
N TYR D 44 27.67 21.31 -115.44
CA TYR D 44 28.84 22.11 -115.06
C TYR D 44 28.42 23.54 -114.77
N ASN D 45 28.39 23.92 -113.49
CA ASN D 45 28.06 25.27 -113.11
C ASN D 45 29.32 26.14 -113.12
N ALA D 46 29.18 27.35 -113.63
CA ALA D 46 30.27 28.30 -113.77
C ALA D 46 29.84 29.62 -113.12
N ARG D 47 30.35 29.88 -111.92
CA ARG D 47 30.13 31.15 -111.25
C ARG D 47 31.21 32.11 -111.74
N SER D 48 30.81 33.02 -112.62
CA SER D 48 31.65 34.14 -113.02
C SER D 48 31.32 35.31 -112.10
N GLU D 49 32.32 36.14 -111.84
CA GLU D 49 32.07 37.45 -111.27
C GLU D 49 33.04 38.45 -111.84
N VAL D 50 32.55 39.67 -112.05
CA VAL D 50 33.29 40.75 -112.68
C VAL D 50 33.23 41.94 -111.74
N ILE D 51 34.38 42.33 -111.21
CA ILE D 51 34.48 43.37 -110.18
C ILE D 51 35.31 44.50 -110.73
N THR D 52 34.73 45.70 -110.79
CA THR D 52 35.48 46.90 -111.14
C THR D 52 35.54 47.80 -109.91
N ASN D 53 36.77 48.22 -109.56
CA ASN D 53 37.05 48.98 -108.36
C ASN D 53 37.67 50.31 -108.77
N ARG D 54 37.27 51.38 -108.08
CA ARG D 54 37.86 52.69 -108.35
C ARG D 54 37.94 53.47 -107.06
N ALA D 55 38.71 54.56 -107.10
CA ALA D 55 38.88 55.45 -105.96
C ALA D 55 38.87 56.89 -106.44
N PRO D 56 37.70 57.39 -106.83
CA PRO D 56 37.60 58.79 -107.24
C PRO D 56 37.81 59.71 -106.06
N LEU D 57 38.16 60.96 -106.36
CA LEU D 57 38.44 61.94 -105.34
C LEU D 57 37.16 62.66 -104.95
N VAL D 58 37.00 62.89 -103.65
CA VAL D 58 35.84 63.60 -103.11
C VAL D 58 36.19 65.08 -103.07
N VAL D 59 35.46 65.89 -103.84
CA VAL D 59 35.78 67.30 -104.00
C VAL D 59 34.57 68.12 -103.59
N ILE D 60 34.74 68.99 -102.60
CA ILE D 60 33.76 70.00 -102.24
C ILE D 60 34.40 71.35 -102.52
N GLU D 61 33.81 72.11 -103.45
CA GLU D 61 34.52 73.23 -104.07
C GLU D 61 35.04 74.23 -103.04
N GLY D 62 34.24 74.54 -102.03
CA GLY D 62 34.68 75.47 -101.01
C GLY D 62 35.45 74.86 -99.87
N CYS D 63 35.47 73.52 -99.78
CA CYS D 63 35.90 72.83 -98.58
C CYS D 63 37.11 71.93 -98.77
N THR D 64 37.29 71.33 -99.94
CA THR D 64 38.28 70.27 -100.14
C THR D 64 39.62 70.91 -100.47
N ASP D 65 40.57 70.79 -99.54
CA ASP D 65 41.95 71.19 -99.80
C ASP D 65 42.55 70.30 -100.88
N ALA D 66 43.12 70.93 -101.90
CA ALA D 66 43.68 70.17 -103.01
C ALA D 66 44.96 69.44 -102.62
N CYS D 67 45.70 69.96 -101.65
CA CYS D 67 46.96 69.34 -101.26
C CYS D 67 46.73 68.00 -100.58
N SER D 68 45.80 67.93 -99.65
CA SER D 68 45.44 66.68 -98.97
C SER D 68 44.32 66.03 -99.76
N VAL D 69 44.65 64.96 -100.49
CA VAL D 69 43.66 64.28 -101.32
C VAL D 69 42.64 63.59 -100.42
N ASN D 70 41.37 63.64 -100.84
CA ASN D 70 40.28 62.96 -100.16
C ASN D 70 39.67 62.00 -101.18
N ARG D 71 39.86 60.70 -100.98
CA ARG D 71 39.41 59.70 -101.92
C ARG D 71 38.35 58.80 -101.30
N GLU D 72 37.55 58.21 -102.17
CA GLU D 72 36.45 57.32 -101.82
C GLU D 72 36.55 56.06 -102.66
N ASN D 73 36.39 54.90 -102.04
CA ASN D 73 36.30 53.66 -102.80
C ASN D 73 34.89 53.51 -103.36
N ILE D 74 34.81 53.19 -104.65
CA ILE D 74 33.55 52.82 -105.29
C ILE D 74 33.74 51.49 -106.00
N SER D 75 32.68 50.69 -106.04
CA SER D 75 32.80 49.35 -106.60
C SER D 75 31.52 48.93 -107.30
N ILE D 76 31.69 48.24 -108.44
CA ILE D 76 30.59 47.63 -109.17
C ILE D 76 30.94 46.17 -109.42
N ARG D 77 30.14 45.27 -108.85
CA ARG D 77 30.37 43.84 -108.88
C ARG D 77 29.21 43.18 -109.61
N THR D 78 29.51 42.09 -110.34
CA THR D 78 28.47 41.36 -111.05
C THR D 78 28.75 39.87 -111.02
N THR D 79 27.87 39.12 -110.37
CA THR D 79 27.97 37.67 -110.25
C THR D 79 26.97 37.00 -111.18
N ILE D 80 27.41 35.95 -111.87
CA ILE D 80 26.62 35.21 -112.84
C ILE D 80 26.88 33.73 -112.61
N SER D 81 25.91 33.03 -112.00
CA SER D 81 26.07 31.61 -111.67
C SER D 81 24.97 30.81 -112.33
N GLY D 82 25.38 29.91 -113.22
CA GLY D 82 24.51 28.99 -113.93
C GLY D 82 25.38 27.98 -114.66
N SER D 83 24.74 26.94 -115.20
CA SER D 83 25.50 25.90 -115.87
C SER D 83 25.96 26.36 -117.26
N VAL D 84 27.12 25.85 -117.68
CA VAL D 84 27.57 26.03 -119.06
C VAL D 84 26.66 25.24 -119.99
N GLU D 85 26.06 24.16 -119.48
CA GLU D 85 25.17 23.34 -120.28
C GLU D 85 23.98 24.14 -120.78
N ASN D 86 23.43 25.00 -119.91
CA ASN D 86 22.21 25.78 -120.14
C ASN D 86 22.52 27.27 -120.35
N LYS D 87 23.69 27.56 -120.93
CA LYS D 87 24.11 28.94 -121.07
C LYS D 87 23.15 29.75 -121.93
N ALA D 88 22.30 29.08 -122.72
CA ALA D 88 21.26 29.78 -123.45
C ALA D 88 20.34 30.53 -122.50
N ALA D 89 19.79 29.83 -121.50
CA ALA D 89 18.94 30.48 -120.52
C ALA D 89 19.74 31.37 -119.59
N VAL D 90 21.02 31.05 -119.35
CA VAL D 90 21.88 31.97 -118.59
C VAL D 90 21.93 33.33 -119.26
N LEU D 91 22.21 33.36 -120.57
CA LEU D 91 22.30 34.62 -121.30
C LEU D 91 20.94 35.29 -121.45
N ALA D 92 19.87 34.50 -121.64
CA ALA D 92 18.54 35.08 -121.69
C ALA D 92 18.19 35.77 -120.37
N ALA D 93 18.69 35.24 -119.25
CA ALA D 93 18.54 35.93 -117.97
C ALA D 93 19.45 37.16 -117.89
N LEU D 94 20.66 37.06 -118.46
CA LEU D 94 21.59 38.18 -118.40
C LEU D 94 21.04 39.40 -119.12
N LEU D 95 20.43 39.20 -120.29
CA LEU D 95 19.94 40.34 -121.07
C LEU D 95 18.83 41.06 -120.30
N ASP D 96 17.90 40.32 -119.74
CA ASP D 96 16.82 40.91 -118.95
C ASP D 96 17.37 41.63 -117.73
N HIS D 97 18.37 41.03 -117.07
CA HIS D 97 18.99 41.65 -115.91
C HIS D 97 19.64 42.98 -116.29
N LEU D 98 20.41 42.99 -117.37
CA LEU D 98 21.10 44.21 -117.78
C LEU D 98 20.12 45.31 -118.14
N HIS D 99 19.06 44.97 -118.88
CA HIS D 99 18.06 45.97 -119.26
C HIS D 99 17.34 46.54 -118.04
N ASN D 100 16.97 45.67 -117.10
CA ASN D 100 16.27 46.16 -115.90
C ASN D 100 17.20 47.01 -115.05
N LEU D 101 18.46 46.60 -114.92
CA LEU D 101 19.45 47.44 -114.25
C LEU D 101 19.53 48.80 -114.89
N GLY D 102 19.53 48.84 -116.23
CA GLY D 102 19.52 50.12 -116.92
C GLY D 102 18.30 50.95 -116.58
N LEU D 103 17.13 50.32 -116.50
CA LEU D 103 15.93 51.04 -116.08
C LEU D 103 16.12 51.66 -114.70
N ALA D 104 16.82 50.97 -113.81
CA ALA D 104 16.92 51.43 -112.44
C ALA D 104 18.08 52.39 -112.18
N ARG D 105 19.11 52.40 -113.04
CA ARG D 105 20.40 52.95 -112.63
C ARG D 105 20.32 54.43 -112.28
N ASP D 106 19.51 55.18 -113.02
CA ASP D 106 19.41 56.61 -112.77
C ASP D 106 18.86 56.88 -111.38
N ASP D 107 17.89 56.08 -110.94
CA ASP D 107 17.37 56.20 -109.59
C ASP D 107 18.38 55.70 -108.56
N LEU D 108 19.05 54.59 -108.86
CA LEU D 108 19.88 53.93 -107.86
C LEU D 108 21.13 54.76 -107.54
N VAL D 109 21.81 55.29 -108.57
CA VAL D 109 23.04 56.04 -108.31
C VAL D 109 22.76 57.34 -107.57
N ALA D 110 21.52 57.82 -107.60
CA ALA D 110 21.13 59.03 -106.88
C ALA D 110 20.57 58.73 -105.49
N GLY D 111 20.71 57.50 -105.00
CA GLY D 111 20.25 57.16 -103.68
C GLY D 111 18.74 57.03 -103.53
N LEU D 112 18.01 56.97 -104.62
CA LEU D 112 16.55 56.89 -104.58
C LEU D 112 16.09 55.46 -104.85
N LEU D 113 15.06 55.04 -104.14
CA LEU D 113 14.52 53.70 -104.31
C LEU D 113 13.68 53.66 -105.59
N PRO D 114 14.04 52.83 -106.58
CA PRO D 114 13.34 52.86 -107.87
C PRO D 114 11.92 52.33 -107.78
N THR D 115 11.02 53.11 -107.18
CA THR D 115 9.66 52.69 -106.92
C THR D 115 8.77 52.75 -108.16
N THR D 116 9.18 53.47 -109.20
CA THR D 116 8.34 53.64 -110.38
C THR D 116 8.60 52.60 -111.46
N ILE D 117 9.86 52.20 -111.65
CA ILE D 117 10.25 51.40 -112.80
C ILE D 117 9.47 50.09 -112.85
N GLN D 118 9.34 49.53 -114.04
CA GLN D 118 8.72 48.22 -114.23
C GLN D 118 9.64 47.32 -115.04
N PRO D 119 10.17 46.26 -114.45
CA PRO D 119 11.04 45.35 -115.19
C PRO D 119 10.27 44.49 -116.19
N VAL D 120 10.97 43.57 -116.85
CA VAL D 120 10.36 42.80 -117.93
C VAL D 120 11.16 41.51 -118.11
N VAL D 121 10.48 40.47 -118.60
CA VAL D 121 11.10 39.21 -118.99
C VAL D 121 11.13 39.17 -120.51
N GLU D 122 12.14 38.50 -121.07
CA GLU D 122 12.24 38.25 -122.51
C GLU D 122 12.21 39.55 -123.31
N TYR D 123 13.12 40.46 -122.96
CA TYR D 123 13.17 41.77 -123.59
C TYR D 123 13.57 41.65 -125.06
N THR D 124 12.75 42.22 -125.93
CA THR D 124 12.93 42.14 -127.38
C THR D 124 13.46 43.48 -127.89
N GLY D 125 14.71 43.48 -128.37
CA GLY D 125 15.30 44.66 -128.96
C GLY D 125 15.57 45.80 -128.00
N ALA E 1 8.29 36.76 -125.53
CA ALA E 1 6.93 37.26 -125.33
C ALA E 1 6.97 38.69 -124.76
N GLN E 2 8.04 38.98 -124.03
CA GLN E 2 8.24 40.27 -123.35
C GLN E 2 6.99 40.70 -122.58
N HIS E 3 6.52 39.82 -121.71
CA HIS E 3 5.51 40.14 -120.71
C HIS E 3 6.22 40.71 -119.50
N ASN E 4 5.99 42.00 -119.22
CA ASN E 4 6.75 42.67 -118.17
C ASN E 4 6.36 42.20 -116.77
N MET E 5 7.32 42.26 -115.86
CA MET E 5 7.18 41.66 -114.55
C MET E 5 6.16 42.43 -113.70
N ARG E 6 5.61 41.71 -112.72
CA ARG E 6 4.58 42.24 -111.83
C ARG E 6 5.21 42.48 -110.45
N LEU E 7 4.92 43.64 -109.87
CA LEU E 7 5.38 43.89 -108.50
C LEU E 7 4.77 42.88 -107.55
N GLN E 8 5.55 42.44 -106.58
CA GLN E 8 4.95 41.51 -105.65
C GLN E 8 5.16 41.90 -104.19
N LEU E 9 6.32 42.48 -103.84
CA LEU E 9 6.55 42.84 -102.44
C LEU E 9 7.44 44.06 -102.30
N THR E 10 7.02 44.99 -101.44
CA THR E 10 7.82 46.15 -101.06
C THR E 10 7.90 46.17 -99.54
N SER E 11 9.12 46.14 -99.00
CA SER E 11 9.30 46.21 -97.56
C SER E 11 10.71 46.66 -97.24
N GLY E 12 10.84 47.59 -96.29
CA GLY E 12 12.13 48.09 -95.89
C GLY E 12 12.84 48.85 -96.98
N THR E 13 13.93 48.27 -97.50
CA THR E 13 14.71 48.86 -98.58
C THR E 13 14.66 48.03 -99.84
N SER E 14 13.78 47.04 -99.92
CA SER E 14 13.77 46.07 -101.01
C SER E 14 12.51 46.21 -101.85
N LEU E 15 12.66 45.86 -103.13
CA LEU E 15 11.55 45.74 -104.07
C LEU E 15 11.67 44.40 -104.74
N THR E 16 10.54 43.69 -104.90
CA THR E 16 10.55 42.32 -105.41
C THR E 16 9.45 42.16 -106.44
N TRP E 17 9.84 42.00 -107.70
CA TRP E 17 8.98 41.71 -108.84
C TRP E 17 9.10 40.24 -109.21
N VAL E 18 8.09 39.75 -109.93
CA VAL E 18 8.04 38.34 -110.32
C VAL E 18 7.46 38.23 -111.73
N ASP E 19 7.88 37.19 -112.43
CA ASP E 19 7.31 36.85 -113.73
C ASP E 19 5.90 36.28 -113.53
N PRO E 20 4.87 36.90 -114.09
CA PRO E 20 3.50 36.38 -113.91
C PRO E 20 3.28 34.99 -114.49
N ASN E 21 4.21 34.47 -115.31
CA ASN E 21 4.00 33.15 -115.87
C ASN E 21 4.53 32.05 -114.97
N ASP E 22 5.80 32.12 -114.57
CA ASP E 22 6.27 31.25 -113.51
C ASP E 22 6.87 32.09 -112.39
N PHE E 23 6.61 31.64 -111.17
CA PHE E 23 7.04 32.23 -109.92
C PHE E 23 8.53 32.05 -109.66
N ARG E 24 9.23 31.35 -110.56
CA ARG E 24 10.62 30.97 -110.35
C ARG E 24 11.60 32.10 -110.69
N SER E 25 11.22 32.98 -111.61
CA SER E 25 12.09 34.08 -112.05
C SER E 25 11.61 35.37 -111.39
N THR E 26 12.43 35.90 -110.49
CA THR E 26 12.14 37.06 -109.68
C THR E 26 13.25 38.10 -109.85
N PHE E 27 12.95 39.31 -109.37
CA PHE E 27 13.84 40.45 -109.56
C PHE E 27 13.74 41.33 -108.33
N ARG E 28 14.86 41.53 -107.63
CA ARG E 28 14.88 42.28 -106.40
C ARG E 28 15.88 43.43 -106.52
N ILE E 29 15.55 44.54 -105.87
CA ILE E 29 16.46 45.68 -105.74
C ILE E 29 16.51 46.10 -104.28
N ASN E 30 17.73 46.13 -103.72
CA ASN E 30 17.99 46.62 -102.38
C ASN E 30 18.78 47.91 -102.45
N LEU E 31 18.45 48.86 -101.58
CA LEU E 31 19.11 50.16 -101.58
C LEU E 31 19.42 50.53 -100.14
N ASN E 32 20.70 50.76 -99.84
CA ASN E 32 21.15 51.11 -98.50
C ASN E 32 21.94 52.41 -98.58
N VAL E 33 21.34 53.51 -98.13
CA VAL E 33 21.98 54.82 -98.14
C VAL E 33 22.40 55.14 -96.71
N ASN E 34 23.63 55.61 -96.54
CA ASN E 34 24.14 55.98 -95.23
C ASN E 34 25.44 56.76 -95.41
N GLN E 35 25.88 57.44 -94.35
CA GLN E 35 27.02 58.33 -94.47
C GLN E 35 28.33 57.56 -94.43
N LYS E 36 29.22 57.91 -95.35
CA LYS E 36 30.56 57.37 -95.51
C LYS E 36 31.55 58.46 -95.14
N VAL E 37 32.69 58.06 -94.61
CA VAL E 37 33.73 58.99 -94.21
C VAL E 37 34.91 58.82 -95.17
N ALA E 38 35.22 59.85 -95.95
CA ALA E 38 36.29 59.80 -96.93
C ALA E 38 37.19 61.01 -96.71
N GLY E 39 38.32 60.80 -96.06
CA GLY E 39 39.17 61.93 -95.71
C GLY E 39 38.58 62.71 -94.55
N ALA E 40 38.59 64.03 -94.68
CA ALA E 40 38.02 64.89 -93.65
C ALA E 40 36.51 65.10 -93.80
N VAL E 41 35.96 64.75 -94.95
CA VAL E 41 34.55 64.98 -95.22
C VAL E 41 33.79 63.67 -95.13
N SER E 42 32.46 63.80 -95.01
CA SER E 42 31.54 62.68 -95.07
C SER E 42 30.54 62.92 -96.19
N VAL E 43 30.23 61.85 -96.92
CA VAL E 43 29.35 61.91 -98.07
C VAL E 43 28.35 60.75 -97.99
N TYR E 44 27.17 60.95 -98.58
CA TYR E 44 26.14 59.91 -98.54
C TYR E 44 26.48 58.84 -99.57
N ASN E 45 26.81 57.65 -99.09
CA ASN E 45 27.09 56.50 -99.95
C ASN E 45 25.83 55.67 -100.11
N ALA E 46 25.55 55.28 -101.34
CA ALA E 46 24.45 54.40 -101.69
C ALA E 46 25.02 53.05 -102.11
N ARG E 47 24.46 51.99 -101.54
CA ARG E 47 24.75 50.61 -101.90
C ARG E 47 23.50 50.05 -102.56
N SER E 48 23.52 50.00 -103.89
CA SER E 48 22.47 49.34 -104.65
C SER E 48 22.89 47.89 -104.89
N GLU E 49 21.93 46.98 -104.81
CA GLU E 49 22.18 45.63 -105.31
C GLU E 49 20.93 45.09 -105.99
N VAL E 50 21.11 44.64 -107.22
CA VAL E 50 20.05 44.20 -108.11
C VAL E 50 20.25 42.72 -108.37
N ILE E 51 19.30 41.91 -107.94
CA ILE E 51 19.43 40.44 -107.92
C ILE E 51 18.30 39.86 -108.76
N THR E 52 18.64 39.25 -109.90
CA THR E 52 17.67 38.52 -110.70
C THR E 52 17.92 37.02 -110.50
N ASN E 53 16.86 36.29 -110.15
CA ASN E 53 16.92 34.89 -109.80
C ASN E 53 15.99 34.10 -110.71
N ARG E 54 16.45 32.95 -111.20
CA ARG E 54 15.61 32.10 -112.01
C ARG E 54 15.87 30.66 -111.62
N ALA E 55 14.95 29.79 -112.04
CA ALA E 55 15.08 28.35 -111.83
C ALA E 55 14.63 27.63 -113.09
N PRO E 56 15.34 27.86 -114.20
CA PRO E 56 14.86 27.37 -115.50
C PRO E 56 15.06 25.87 -115.64
N LEU E 57 14.44 25.33 -116.68
CA LEU E 57 14.74 23.96 -117.07
C LEU E 57 16.08 23.93 -117.79
N VAL E 58 16.85 22.88 -117.59
CA VAL E 58 18.11 22.74 -118.31
C VAL E 58 17.81 22.25 -119.71
N VAL E 59 18.20 23.04 -120.71
CA VAL E 59 17.90 22.77 -122.11
C VAL E 59 19.22 22.46 -122.79
N ILE E 60 19.45 21.19 -123.10
CA ILE E 60 20.63 20.77 -123.81
C ILE E 60 20.47 21.14 -125.27
N GLU E 61 21.55 21.60 -125.91
CA GLU E 61 21.44 22.04 -127.30
C GLU E 61 20.96 20.91 -128.20
N GLY E 62 21.72 19.81 -128.25
CA GLY E 62 21.35 18.71 -129.13
C GLY E 62 19.98 18.14 -128.83
N CYS E 63 19.56 18.18 -127.58
CA CYS E 63 18.34 17.50 -127.16
C CYS E 63 17.11 18.38 -127.30
N THR E 64 15.96 17.72 -127.40
CA THR E 64 14.67 18.39 -127.41
C THR E 64 13.65 17.43 -126.81
N ASP E 65 13.08 17.83 -125.66
CA ASP E 65 12.22 16.95 -124.86
C ASP E 65 11.34 17.82 -123.97
N ALA E 66 10.03 17.66 -124.08
CA ALA E 66 9.10 18.38 -123.23
C ALA E 66 8.78 17.62 -121.96
N CYS E 67 9.37 16.45 -121.73
CA CYS E 67 9.05 15.61 -120.59
C CYS E 67 10.07 15.67 -119.46
N SER E 68 11.18 16.38 -119.65
CA SER E 68 12.17 16.53 -118.60
C SER E 68 11.80 17.71 -117.71
N VAL E 69 11.79 17.48 -116.40
CA VAL E 69 11.67 18.55 -115.42
C VAL E 69 13.01 18.82 -114.74
N ASN E 70 14.11 18.48 -115.40
CA ASN E 70 15.44 18.76 -114.92
C ASN E 70 15.62 20.27 -114.76
N ARG E 71 15.75 20.75 -113.53
CA ARG E 71 15.84 22.17 -113.24
C ARG E 71 17.07 22.48 -112.41
N GLU E 72 17.73 23.60 -112.73
CA GLU E 72 18.77 24.19 -111.92
C GLU E 72 18.40 25.61 -111.57
N ASN E 73 19.05 26.13 -110.53
CA ASN E 73 18.92 27.54 -110.17
C ASN E 73 20.01 28.34 -110.87
N ILE E 74 19.66 29.55 -111.28
CA ILE E 74 20.63 30.49 -111.85
C ILE E 74 20.37 31.86 -111.24
N SER E 75 21.44 32.64 -111.11
CA SER E 75 21.32 33.96 -110.48
C SER E 75 22.34 34.93 -111.05
N ILE E 76 21.89 36.16 -111.25
CA ILE E 76 22.76 37.25 -111.67
C ILE E 76 22.54 38.43 -110.74
N ARG E 77 23.60 38.84 -110.06
CA ARG E 77 23.57 39.93 -109.08
C ARG E 77 24.53 41.03 -109.50
N THR E 78 24.14 42.27 -109.25
CA THR E 78 24.97 43.43 -109.55
C THR E 78 24.91 44.40 -108.39
N THR E 79 26.07 44.65 -107.78
CA THR E 79 26.20 45.53 -106.64
C THR E 79 26.94 46.79 -107.05
N ILE E 80 26.47 47.94 -106.56
CA ILE E 80 27.00 49.24 -106.91
C ILE E 80 27.08 50.09 -105.64
N SER E 81 28.28 50.26 -105.10
CA SER E 81 28.48 51.01 -103.87
C SER E 81 29.32 52.24 -104.18
N GLY E 82 28.75 53.42 -103.94
CA GLY E 82 29.39 54.68 -104.25
C GLY E 82 28.56 55.85 -103.75
N SER E 83 29.23 56.97 -103.53
CA SER E 83 28.53 58.13 -103.00
C SER E 83 27.59 58.72 -104.04
N VAL E 84 26.61 59.47 -103.55
CA VAL E 84 25.72 60.21 -104.44
C VAL E 84 26.44 61.41 -105.03
N GLU E 85 27.43 61.95 -104.30
CA GLU E 85 28.14 63.13 -104.77
C GLU E 85 28.97 62.83 -106.02
N ASN E 86 29.71 61.71 -106.02
CA ASN E 86 30.47 61.29 -107.18
C ASN E 86 29.67 60.41 -108.13
N LYS E 87 28.34 60.50 -108.12
CA LYS E 87 27.54 59.64 -108.98
C LYS E 87 27.92 59.81 -110.45
N ALA E 88 28.57 60.92 -110.81
CA ALA E 88 29.14 61.05 -112.15
C ALA E 88 30.18 59.98 -112.41
N ALA E 89 31.19 59.88 -111.54
CA ALA E 89 32.21 58.85 -111.71
C ALA E 89 31.65 57.46 -111.48
N VAL E 90 30.62 57.33 -110.64
CA VAL E 90 29.94 56.06 -110.46
C VAL E 90 29.31 55.60 -111.78
N LEU E 91 28.61 56.50 -112.48
CA LEU E 91 27.98 56.14 -113.74
C LEU E 91 29.01 55.90 -114.84
N ALA E 92 30.09 56.67 -114.87
CA ALA E 92 31.17 56.39 -115.83
C ALA E 92 31.76 55.01 -115.59
N ALA E 93 32.02 54.69 -114.32
CA ALA E 93 32.49 53.35 -113.98
C ALA E 93 31.46 52.29 -114.33
N LEU E 94 30.17 52.61 -114.22
CA LEU E 94 29.14 51.65 -114.60
C LEU E 94 29.16 51.37 -116.09
N LEU E 95 29.29 52.42 -116.91
CA LEU E 95 29.37 52.23 -118.35
C LEU E 95 30.57 51.38 -118.72
N ASP E 96 31.75 51.71 -118.15
CA ASP E 96 32.94 50.93 -118.45
C ASP E 96 32.79 49.48 -117.99
N HIS E 97 32.17 49.28 -116.82
CA HIS E 97 31.93 47.94 -116.29
C HIS E 97 31.02 47.14 -117.22
N LEU E 98 29.92 47.76 -117.66
CA LEU E 98 28.97 47.07 -118.53
C LEU E 98 29.60 46.70 -119.86
N HIS E 99 30.39 47.63 -120.44
CA HIS E 99 31.03 47.34 -121.72
C HIS E 99 32.05 46.21 -121.59
N ASN E 100 32.86 46.23 -120.52
CA ASN E 100 33.83 45.16 -120.34
C ASN E 100 33.15 43.83 -120.06
N LEU E 101 32.09 43.85 -119.25
CA LEU E 101 31.29 42.66 -119.03
C LEU E 101 30.78 42.08 -120.34
N GLY E 102 30.29 42.95 -121.22
CA GLY E 102 29.87 42.48 -122.54
C GLY E 102 31.00 41.88 -123.34
N LEU E 103 32.19 42.50 -123.26
CA LEU E 103 33.35 41.92 -123.92
C LEU E 103 33.64 40.50 -123.41
N ALA E 104 33.34 40.23 -122.15
CA ALA E 104 33.71 38.95 -121.57
C ALA E 104 32.59 37.89 -121.55
N ARG E 105 31.33 38.28 -121.74
CA ARG E 105 30.23 37.39 -121.35
C ARG E 105 30.21 36.12 -122.19
N ASP E 106 30.57 36.20 -123.46
CA ASP E 106 30.51 35.01 -124.30
C ASP E 106 31.50 33.96 -123.84
N ASP E 107 32.64 34.38 -123.30
CA ASP E 107 33.57 33.44 -122.67
C ASP E 107 33.06 32.99 -121.30
N LEU E 108 32.54 33.92 -120.50
CA LEU E 108 32.23 33.61 -119.10
C LEU E 108 31.06 32.63 -118.99
N VAL E 109 30.01 32.79 -119.80
CA VAL E 109 28.89 31.87 -119.69
C VAL E 109 29.23 30.50 -120.25
N ALA E 110 30.30 30.40 -121.03
CA ALA E 110 30.76 29.12 -121.59
C ALA E 110 31.82 28.46 -120.73
N GLY E 111 32.11 29.00 -119.56
CA GLY E 111 33.10 28.43 -118.67
C GLY E 111 34.53 28.76 -119.01
N LEU E 112 34.77 29.62 -120.00
CA LEU E 112 36.11 29.98 -120.43
C LEU E 112 36.52 31.29 -119.79
N LEU E 113 37.72 31.32 -119.20
CA LEU E 113 38.24 32.56 -118.66
C LEU E 113 38.66 33.48 -119.81
N PRO E 114 38.15 34.71 -119.86
CA PRO E 114 38.38 35.54 -121.06
C PRO E 114 39.82 36.02 -121.16
N THR E 115 40.69 35.14 -121.67
CA THR E 115 42.11 35.47 -121.78
C THR E 115 42.36 36.53 -122.84
N THR E 116 41.48 36.63 -123.84
CA THR E 116 41.76 37.39 -125.05
C THR E 116 41.04 38.74 -125.11
N ILE E 117 40.36 39.15 -124.06
CA ILE E 117 39.58 40.38 -124.11
C ILE E 117 40.48 41.56 -123.76
N GLN E 118 40.02 42.76 -124.14
CA GLN E 118 40.77 44.00 -123.93
C GLN E 118 39.88 45.00 -123.20
N PRO E 119 39.94 45.03 -121.87
CA PRO E 119 39.13 46.00 -121.11
C PRO E 119 39.63 47.41 -121.31
N VAL E 120 38.69 48.35 -121.27
CA VAL E 120 38.95 49.76 -121.57
C VAL E 120 38.48 50.62 -120.40
N VAL E 121 38.88 51.89 -120.44
CA VAL E 121 38.39 52.94 -119.56
C VAL E 121 37.81 54.04 -120.42
N GLU E 122 36.69 54.63 -119.97
CA GLU E 122 36.06 55.74 -120.67
C GLU E 122 35.61 55.33 -122.07
N TYR E 123 34.70 54.36 -122.12
CA TYR E 123 34.21 53.86 -123.40
C TYR E 123 33.44 54.93 -124.16
N THR E 124 33.69 54.99 -125.47
CA THR E 124 33.05 55.96 -126.36
C THR E 124 32.67 55.31 -127.70
N ALA F 1 76.45 35.77 -132.83
CA ALA F 1 75.31 34.99 -133.31
C ALA F 1 74.00 35.77 -133.11
N GLN F 2 73.94 36.53 -132.02
CA GLN F 2 72.77 37.30 -131.62
C GLN F 2 71.49 36.45 -131.62
N HIS F 3 71.63 35.20 -131.19
CA HIS F 3 70.45 34.41 -130.85
C HIS F 3 69.83 34.98 -129.57
N ASN F 4 68.53 35.27 -129.64
CA ASN F 4 67.87 35.95 -128.54
C ASN F 4 67.35 34.96 -127.50
N MET F 5 67.26 35.43 -126.25
CA MET F 5 66.95 34.57 -125.12
C MET F 5 65.52 34.05 -125.22
N ARG F 6 65.27 32.91 -124.56
CA ARG F 6 63.95 32.31 -124.57
C ARG F 6 63.44 32.12 -123.14
N LEU F 7 62.12 32.09 -123.01
CA LEU F 7 61.48 32.27 -121.71
C LEU F 7 61.51 31.00 -120.87
N GLN F 8 61.81 31.18 -119.58
CA GLN F 8 61.91 30.05 -118.65
C GLN F 8 60.94 30.13 -117.49
N LEU F 9 60.83 31.28 -116.80
CA LEU F 9 60.01 31.40 -115.59
C LEU F 9 59.17 32.66 -115.62
N THR F 10 57.87 32.51 -115.39
CA THR F 10 56.94 33.65 -115.29
C THR F 10 56.24 33.60 -113.95
N SER F 11 56.16 34.75 -113.28
CA SER F 11 55.62 34.79 -111.94
C SER F 11 54.62 35.91 -111.70
N GLY F 12 54.31 36.72 -112.72
CA GLY F 12 53.44 37.87 -112.53
C GLY F 12 54.15 38.98 -111.80
N THR F 13 55.24 38.63 -111.13
CA THR F 13 56.16 39.58 -110.52
C THR F 13 57.60 39.39 -110.99
N SER F 14 57.96 38.21 -111.50
CA SER F 14 59.31 37.93 -111.97
C SER F 14 59.25 37.29 -113.35
N LEU F 15 60.19 37.68 -114.20
CA LEU F 15 60.37 37.05 -115.50
C LEU F 15 61.82 36.60 -115.61
N THR F 16 62.02 35.39 -116.12
CA THR F 16 63.34 34.79 -116.17
C THR F 16 63.51 34.14 -117.54
N TRP F 17 64.38 34.72 -118.36
CA TRP F 17 64.75 34.17 -119.65
C TRP F 17 66.15 33.56 -119.57
N VAL F 18 66.43 32.62 -120.45
CA VAL F 18 67.69 31.90 -120.47
C VAL F 18 68.21 31.83 -121.90
N ASP F 19 69.53 31.82 -122.04
CA ASP F 19 70.19 31.54 -123.31
C ASP F 19 69.94 30.11 -123.70
N PRO F 20 69.28 29.84 -124.83
CA PRO F 20 69.02 28.44 -125.22
C PRO F 20 70.27 27.60 -125.42
N ASN F 21 71.43 28.21 -125.68
CA ASN F 21 72.67 27.43 -125.79
C ASN F 21 73.30 27.20 -124.43
N ASP F 22 73.51 28.26 -123.66
CA ASP F 22 74.20 28.21 -122.38
C ASP F 22 73.19 28.51 -121.28
N PHE F 23 72.87 27.49 -120.47
CA PHE F 23 71.95 27.68 -119.36
C PHE F 23 72.56 28.47 -118.21
N ARG F 24 73.87 28.77 -118.27
CA ARG F 24 74.51 29.53 -117.21
C ARG F 24 74.18 31.01 -117.27
N SER F 25 73.79 31.53 -118.44
CA SER F 25 73.51 32.95 -118.63
C SER F 25 72.00 33.16 -118.64
N THR F 26 71.50 33.83 -117.61
CA THR F 26 70.08 34.09 -117.43
C THR F 26 69.83 35.58 -117.28
N PHE F 27 68.56 35.95 -117.38
CA PHE F 27 68.15 37.35 -117.34
C PHE F 27 66.79 37.41 -116.66
N ARG F 28 66.74 38.04 -115.49
CA ARG F 28 65.51 38.18 -114.73
C ARG F 28 65.13 39.66 -114.62
N ILE F 29 63.83 39.92 -114.64
CA ILE F 29 63.26 41.23 -114.34
C ILE F 29 62.25 41.04 -113.21
N ASN F 30 62.44 41.76 -112.12
CA ASN F 30 61.54 41.75 -110.98
C ASN F 30 60.93 43.13 -110.83
N LEU F 31 59.63 43.18 -110.50
CA LEU F 31 58.91 44.44 -110.36
C LEU F 31 58.06 44.37 -109.11
N ASN F 32 58.08 45.42 -108.31
CA ASN F 32 57.28 45.48 -107.10
C ASN F 32 56.69 46.87 -106.96
N VAL F 33 55.37 46.96 -106.99
CA VAL F 33 54.65 48.22 -106.85
C VAL F 33 53.96 48.23 -105.51
N ASN F 34 54.05 49.36 -104.81
CA ASN F 34 53.37 49.55 -103.53
C ASN F 34 53.33 51.03 -103.20
N GLN F 35 52.43 51.42 -102.31
CA GLN F 35 52.29 52.83 -102.03
C GLN F 35 53.42 53.34 -101.14
N LYS F 36 53.61 54.65 -101.18
CA LYS F 36 54.68 55.33 -100.48
C LYS F 36 54.19 56.71 -100.09
N VAL F 37 54.65 57.20 -98.95
CA VAL F 37 54.23 58.49 -98.43
C VAL F 37 55.36 59.48 -98.64
N ALA F 38 55.19 60.37 -99.61
CA ALA F 38 56.10 61.48 -99.84
C ALA F 38 55.45 62.73 -99.25
N GLY F 39 56.02 63.22 -98.16
CA GLY F 39 55.41 64.33 -97.45
C GLY F 39 54.01 63.99 -96.98
N ALA F 40 53.02 64.67 -97.53
CA ALA F 40 51.62 64.44 -97.19
C ALA F 40 50.85 63.80 -98.33
N VAL F 41 51.53 63.23 -99.32
CA VAL F 41 50.89 62.67 -100.51
C VAL F 41 51.37 61.24 -100.70
N SER F 42 50.42 60.33 -100.91
CA SER F 42 50.76 58.94 -101.20
C SER F 42 50.84 58.75 -102.71
N VAL F 43 51.91 58.10 -103.16
CA VAL F 43 52.14 57.82 -104.56
C VAL F 43 52.55 56.35 -104.70
N TYR F 44 52.29 55.79 -105.86
CA TYR F 44 52.64 54.39 -106.14
C TYR F 44 54.09 54.31 -106.58
N ASN F 45 54.95 53.81 -105.69
CA ASN F 45 56.36 53.58 -105.99
C ASN F 45 56.51 52.19 -106.61
N ALA F 46 57.24 52.14 -107.72
CA ALA F 46 57.65 50.90 -108.35
C ALA F 46 59.15 50.75 -108.20
N ARG F 47 59.57 49.59 -107.71
CA ARG F 47 60.97 49.20 -107.68
C ARG F 47 61.16 48.06 -108.66
N SER F 48 61.90 48.33 -109.73
CA SER F 48 62.23 47.34 -110.75
C SER F 48 63.69 46.99 -110.62
N GLU F 49 64.01 45.70 -110.55
CA GLU F 49 65.41 45.28 -110.66
C GLU F 49 65.58 44.32 -111.83
N VAL F 50 66.70 44.49 -112.52
CA VAL F 50 67.02 43.76 -113.75
C VAL F 50 68.37 43.09 -113.51
N ILE F 51 68.37 41.76 -113.44
CA ILE F 51 69.53 40.97 -113.04
C ILE F 51 69.93 40.07 -114.20
N THR F 52 71.12 40.28 -114.76
CA THR F 52 71.68 39.37 -115.73
C THR F 52 72.85 38.62 -115.08
N ASN F 53 72.81 37.29 -115.16
CA ASN F 53 73.76 36.42 -114.49
C ASN F 53 74.46 35.54 -115.53
N ARG F 54 75.76 35.35 -115.38
CA ARG F 54 76.50 34.50 -116.30
C ARG F 54 77.59 33.76 -115.53
N ALA F 55 78.14 32.74 -116.19
CA ALA F 55 79.18 31.89 -115.61
C ALA F 55 80.27 31.65 -116.64
N PRO F 56 81.18 32.63 -116.82
CA PRO F 56 82.29 32.44 -117.74
C PRO F 56 83.31 31.46 -117.20
N LEU F 57 84.11 30.92 -118.11
CA LEU F 57 85.21 30.05 -117.74
C LEU F 57 86.48 30.88 -117.61
N VAL F 58 87.31 30.52 -116.63
CA VAL F 58 88.61 31.15 -116.45
C VAL F 58 89.57 30.51 -117.46
N VAL F 59 89.95 31.28 -118.47
CA VAL F 59 90.80 30.81 -119.55
C VAL F 59 92.27 31.00 -119.15
N ILE F 60 92.97 29.89 -118.91
CA ILE F 60 94.43 29.91 -118.74
C ILE F 60 95.06 29.25 -119.94
N GLU F 61 95.94 29.98 -120.62
CA GLU F 61 96.73 29.42 -121.70
C GLU F 61 97.64 28.32 -121.18
N GLY F 62 97.78 27.26 -121.97
CA GLY F 62 98.56 26.12 -121.56
C GLY F 62 97.82 25.13 -120.70
N CYS F 63 96.61 25.45 -120.27
CA CYS F 63 95.79 24.58 -119.42
C CYS F 63 94.53 24.21 -120.20
N THR F 64 94.52 23.03 -120.80
CA THR F 64 93.30 22.50 -121.37
C THR F 64 92.34 22.16 -120.24
N ASP F 65 91.32 22.99 -120.06
CA ASP F 65 90.38 22.85 -118.95
C ASP F 65 89.32 21.82 -119.32
N ALA F 66 89.79 20.58 -119.45
CA ALA F 66 88.88 19.46 -119.54
C ALA F 66 87.97 19.45 -118.32
N CYS F 67 86.68 19.18 -118.55
CA CYS F 67 85.60 19.15 -117.59
C CYS F 67 85.11 20.57 -117.26
N SER F 68 85.77 21.61 -117.76
CA SER F 68 85.38 23.00 -117.53
C SER F 68 85.15 23.29 -116.04
N VAL F 69 86.18 22.98 -115.24
CA VAL F 69 86.05 23.12 -113.80
C VAL F 69 86.37 24.54 -113.35
N ASN F 70 87.34 25.20 -113.98
CA ASN F 70 87.68 26.57 -113.64
C ASN F 70 86.60 27.49 -114.21
N ARG F 71 85.61 27.85 -113.39
CA ARG F 71 84.49 28.63 -113.84
C ARG F 71 84.14 29.69 -112.81
N GLU F 72 83.73 30.85 -113.31
CA GLU F 72 83.50 32.06 -112.53
C GLU F 72 82.05 32.51 -112.68
N ASN F 73 81.50 33.08 -111.61
CA ASN F 73 80.19 33.74 -111.67
C ASN F 73 80.37 35.24 -111.85
N ILE F 74 79.65 35.81 -112.81
CA ILE F 74 79.62 37.25 -113.00
C ILE F 74 78.16 37.70 -113.05
N SER F 75 77.92 38.93 -112.60
CA SER F 75 76.55 39.42 -112.52
C SER F 75 76.49 40.93 -112.69
N ILE F 76 75.48 41.37 -113.44
CA ILE F 76 75.18 42.79 -113.63
C ILE F 76 73.73 43.03 -113.27
N ARG F 77 73.51 43.92 -112.30
CA ARG F 77 72.20 44.15 -111.71
C ARG F 77 71.89 45.63 -111.74
N THR F 78 70.62 45.97 -111.90
CA THR F 78 70.20 47.36 -112.01
C THR F 78 68.87 47.56 -111.30
N THR F 79 68.85 48.42 -110.28
CA THR F 79 67.66 48.69 -109.49
C THR F 79 67.19 50.11 -109.77
N ILE F 80 65.87 50.28 -109.94
CA ILE F 80 65.25 51.54 -110.31
C ILE F 80 64.01 51.66 -109.44
N SER F 81 64.08 52.50 -108.40
CA SER F 81 62.97 52.67 -107.46
C SER F 81 62.50 54.12 -107.52
N GLY F 82 61.23 54.30 -107.91
CA GLY F 82 60.67 55.63 -108.03
C GLY F 82 59.18 55.58 -108.26
N SER F 83 58.55 56.75 -108.11
CA SER F 83 57.10 56.84 -108.33
C SER F 83 56.78 56.64 -109.80
N VAL F 84 55.65 55.96 -110.05
CA VAL F 84 55.09 55.96 -111.39
C VAL F 84 54.68 57.38 -111.78
N GLU F 85 54.28 58.19 -110.79
CA GLU F 85 53.85 59.55 -111.08
C GLU F 85 55.03 60.41 -111.54
N ASN F 86 56.18 60.32 -110.89
CA ASN F 86 57.37 61.05 -111.31
C ASN F 86 58.23 60.26 -112.28
N LYS F 87 57.61 59.36 -113.05
CA LYS F 87 58.38 58.56 -114.00
C LYS F 87 59.15 59.42 -115.00
N ALA F 88 58.74 60.68 -115.18
CA ALA F 88 59.52 61.60 -116.02
C ALA F 88 60.91 61.83 -115.43
N ALA F 89 60.97 62.24 -114.15
CA ALA F 89 62.26 62.43 -113.51
C ALA F 89 63.00 61.11 -113.33
N VAL F 90 62.26 60.00 -113.17
CA VAL F 90 62.90 58.69 -113.12
C VAL F 90 63.64 58.42 -114.43
N LEU F 91 63.00 58.68 -115.57
CA LEU F 91 63.63 58.42 -116.86
C LEU F 91 64.77 59.38 -117.14
N ALA F 92 64.64 60.64 -116.73
CA ALA F 92 65.76 61.57 -116.83
C ALA F 92 66.96 61.06 -116.04
N ALA F 93 66.69 60.60 -114.81
CA ALA F 93 67.74 60.00 -113.99
C ALA F 93 68.33 58.75 -114.64
N LEU F 94 67.49 57.96 -115.32
CA LEU F 94 68.01 56.77 -115.98
C LEU F 94 68.94 57.12 -117.12
N LEU F 95 68.56 58.11 -117.94
CA LEU F 95 69.44 58.54 -119.03
C LEU F 95 70.78 59.04 -118.49
N ASP F 96 70.73 59.92 -117.49
CA ASP F 96 71.97 60.44 -116.93
C ASP F 96 72.80 59.33 -116.29
N HIS F 97 72.13 58.38 -115.65
CA HIS F 97 72.81 57.23 -115.05
C HIS F 97 73.51 56.38 -116.10
N LEU F 98 72.80 56.07 -117.20
CA LEU F 98 73.38 55.25 -118.26
C LEU F 98 74.59 55.95 -118.88
N HIS F 99 74.48 57.26 -119.12
CA HIS F 99 75.59 57.98 -119.74
C HIS F 99 76.80 58.02 -118.81
N ASN F 100 76.60 58.26 -117.52
CA ASN F 100 77.73 58.30 -116.61
C ASN F 100 78.33 56.92 -116.42
N LEU F 101 77.49 55.89 -116.36
CA LEU F 101 77.98 54.51 -116.37
C LEU F 101 78.87 54.27 -117.57
N GLY F 102 78.42 54.72 -118.75
CA GLY F 102 79.24 54.58 -119.95
C GLY F 102 80.56 55.34 -119.86
N LEU F 103 80.56 56.47 -119.14
CA LEU F 103 81.82 57.17 -118.93
C LEU F 103 82.78 56.32 -118.10
N ALA F 104 82.26 55.62 -117.09
CA ALA F 104 83.14 54.86 -116.20
C ALA F 104 83.36 53.41 -116.63
N ARG F 105 82.67 52.94 -117.68
CA ARG F 105 82.52 51.51 -117.90
C ARG F 105 83.85 50.83 -118.21
N ASP F 106 84.77 51.54 -118.86
CA ASP F 106 86.03 50.91 -119.22
C ASP F 106 86.95 50.81 -118.02
N ASP F 107 87.00 51.87 -117.21
CA ASP F 107 87.83 51.83 -116.00
C ASP F 107 87.32 50.80 -115.01
N LEU F 108 86.02 50.82 -114.73
CA LEU F 108 85.47 49.99 -113.66
C LEU F 108 85.67 48.52 -113.93
N VAL F 109 85.51 48.08 -115.18
CA VAL F 109 85.60 46.65 -115.47
C VAL F 109 87.05 46.19 -115.41
N ALA F 110 88.01 47.09 -115.55
CA ALA F 110 89.42 46.76 -115.43
C ALA F 110 89.93 46.85 -113.99
N GLY F 111 89.04 47.08 -113.03
CA GLY F 111 89.42 47.13 -111.63
C GLY F 111 90.03 48.43 -111.18
N LEU F 112 89.79 49.52 -111.88
CA LEU F 112 90.45 50.79 -111.65
C LEU F 112 89.42 51.86 -111.33
N LEU F 113 89.65 52.62 -110.27
CA LEU F 113 88.72 53.67 -109.88
C LEU F 113 88.72 54.77 -110.94
N PRO F 114 87.56 55.12 -111.51
CA PRO F 114 87.52 56.15 -112.58
C PRO F 114 87.71 57.56 -112.02
N THR F 115 88.93 57.83 -111.55
CA THR F 115 89.24 59.14 -110.98
C THR F 115 89.17 60.25 -112.03
N THR F 116 89.33 59.92 -113.30
CA THR F 116 89.44 60.93 -114.35
C THR F 116 88.10 61.42 -114.89
N ILE F 117 87.08 60.56 -114.91
CA ILE F 117 85.82 60.92 -115.58
C ILE F 117 85.15 62.10 -114.87
N GLN F 118 84.23 62.73 -115.58
CA GLN F 118 83.41 63.82 -115.03
C GLN F 118 81.96 63.59 -115.41
N PRO F 119 81.10 63.20 -114.48
CA PRO F 119 79.70 62.92 -114.82
C PRO F 119 78.93 64.21 -115.13
N VAL F 120 77.70 64.02 -115.61
CA VAL F 120 76.89 65.09 -116.15
C VAL F 120 75.45 64.92 -115.66
N VAL F 121 74.74 66.05 -115.56
CA VAL F 121 73.28 66.06 -115.39
C VAL F 121 72.68 66.54 -116.70
N GLU F 122 71.53 65.95 -117.08
CA GLU F 122 70.76 66.39 -118.24
C GLU F 122 71.53 66.20 -119.55
N TYR F 123 72.04 64.99 -119.77
CA TYR F 123 72.74 64.72 -121.02
C TYR F 123 71.83 64.96 -122.22
N THR F 124 72.40 65.53 -123.27
CA THR F 124 71.67 65.85 -124.48
C THR F 124 72.47 65.48 -125.74
N ALA G 1 -19.31 -77.58 -76.74
CA ALA G 1 -18.54 -77.58 -77.97
C ALA G 1 -17.62 -78.80 -78.05
N GLN G 2 -17.22 -79.33 -76.89
CA GLN G 2 -16.42 -80.56 -76.82
C GLN G 2 -15.10 -80.38 -77.57
N HIS G 3 -14.50 -79.20 -77.46
CA HIS G 3 -13.19 -78.94 -78.03
C HIS G 3 -12.13 -79.24 -76.98
N ASN G 4 -11.16 -80.07 -77.34
CA ASN G 4 -10.12 -80.47 -76.41
C ASN G 4 -9.06 -79.39 -76.23
N MET G 5 -8.47 -79.36 -75.03
CA MET G 5 -7.52 -78.33 -74.65
C MET G 5 -6.20 -78.49 -75.41
N ARG G 6 -5.48 -77.36 -75.56
CA ARG G 6 -4.19 -77.40 -76.22
C ARG G 6 -3.09 -77.06 -75.22
N LEU G 7 -1.95 -77.71 -75.37
CA LEU G 7 -0.90 -77.67 -74.37
C LEU G 7 -0.11 -76.37 -74.43
N GLN G 8 0.26 -75.85 -73.25
CA GLN G 8 0.96 -74.57 -73.15
C GLN G 8 2.30 -74.65 -72.42
N LEU G 9 2.42 -75.45 -71.36
CA LEU G 9 3.66 -75.46 -70.57
C LEU G 9 4.06 -76.89 -70.19
N THR G 10 5.29 -77.28 -70.51
CA THR G 10 5.86 -78.57 -70.12
C THR G 10 7.11 -78.33 -69.27
N SER G 11 7.22 -79.08 -68.17
CA SER G 11 8.34 -78.88 -67.26
C SER G 11 8.96 -80.16 -66.73
N GLY G 12 8.47 -81.34 -67.13
CA GLY G 12 8.98 -82.59 -66.59
C GLY G 12 8.49 -82.86 -65.18
N THR G 13 7.95 -81.83 -64.54
CA THR G 13 7.24 -81.95 -63.28
C THR G 13 5.84 -81.38 -63.32
N SER G 14 5.52 -80.53 -64.29
CA SER G 14 4.16 -80.02 -64.47
C SER G 14 3.78 -80.08 -65.93
N LEU G 15 2.48 -80.06 -66.16
CA LEU G 15 1.89 -79.92 -67.48
C LEU G 15 0.76 -78.90 -67.38
N THR G 16 0.68 -78.02 -68.36
CA THR G 16 -0.27 -76.90 -68.31
C THR G 16 -0.93 -76.77 -69.67
N TRP G 17 -2.17 -77.25 -69.77
CA TRP G 17 -3.03 -77.08 -70.94
C TRP G 17 -3.96 -75.89 -70.74
N VAL G 18 -4.45 -75.36 -71.85
CA VAL G 18 -5.32 -74.20 -71.85
C VAL G 18 -6.40 -74.38 -72.92
N ASP G 19 -7.58 -73.84 -72.64
CA ASP G 19 -8.66 -73.77 -73.63
C ASP G 19 -8.28 -72.75 -74.70
N PRO G 20 -8.13 -73.16 -75.96
CA PRO G 20 -7.75 -72.20 -77.01
C PRO G 20 -8.72 -71.03 -77.16
N ASN G 21 -9.99 -71.23 -76.79
CA ASN G 21 -10.96 -70.14 -76.87
C ASN G 21 -10.84 -69.20 -75.68
N ASP G 22 -10.91 -69.73 -74.47
CA ASP G 22 -10.81 -68.96 -73.24
C ASP G 22 -9.50 -69.30 -72.56
N PHE G 23 -8.55 -68.36 -72.57
CA PHE G 23 -7.31 -68.53 -71.84
C PHE G 23 -7.50 -68.53 -70.33
N ARG G 24 -8.70 -68.20 -69.83
CA ARG G 24 -8.92 -68.16 -68.40
C ARG G 24 -9.14 -69.53 -67.78
N SER G 25 -9.34 -70.57 -68.59
CA SER G 25 -9.56 -71.94 -68.09
C SER G 25 -8.29 -72.75 -68.32
N THR G 26 -7.54 -72.99 -67.25
CA THR G 26 -6.27 -73.69 -67.25
C THR G 26 -6.47 -75.09 -66.68
N PHE G 27 -5.60 -76.01 -67.08
CA PHE G 27 -5.59 -77.36 -66.51
C PHE G 27 -4.14 -77.79 -66.32
N ARG G 28 -3.71 -77.92 -65.06
CA ARG G 28 -2.35 -78.29 -64.73
C ARG G 28 -2.32 -79.63 -63.99
N ILE G 29 -1.26 -80.40 -64.26
CA ILE G 29 -0.95 -81.62 -63.53
C ILE G 29 0.47 -81.52 -63.01
N ASN G 30 0.64 -81.70 -61.70
CA ASN G 30 1.95 -81.68 -61.04
C ASN G 30 2.20 -83.07 -60.47
N LEU G 31 3.35 -83.67 -60.80
CA LEU G 31 3.71 -84.97 -60.27
C LEU G 31 5.08 -84.86 -59.63
N ASN G 32 5.15 -85.23 -58.34
CA ASN G 32 6.40 -85.20 -57.60
C ASN G 32 6.63 -86.58 -57.00
N VAL G 33 7.81 -87.14 -57.22
CA VAL G 33 8.14 -88.47 -56.72
C VAL G 33 9.37 -88.40 -55.85
N ASN G 34 9.33 -89.09 -54.71
CA ASN G 34 10.46 -89.18 -53.81
C ASN G 34 10.29 -90.41 -52.93
N GLN G 35 11.41 -90.89 -52.38
CA GLN G 35 11.37 -92.09 -51.55
C GLN G 35 10.87 -91.75 -50.14
N LYS G 36 10.02 -92.63 -49.62
CA LYS G 36 9.56 -92.57 -48.24
C LYS G 36 9.88 -93.91 -47.59
N VAL G 37 9.78 -93.94 -46.27
CA VAL G 37 10.01 -95.16 -45.50
C VAL G 37 8.65 -95.68 -45.05
N ALA G 38 8.22 -96.81 -45.60
CA ALA G 38 7.01 -97.47 -45.17
C ALA G 38 7.41 -98.64 -44.29
N GLY G 39 7.17 -98.51 -42.99
CA GLY G 39 7.47 -99.58 -42.06
C GLY G 39 8.92 -100.04 -42.16
N ALA G 40 9.10 -101.24 -42.68
CA ALA G 40 10.43 -101.84 -42.74
C ALA G 40 11.21 -101.48 -44.00
N VAL G 41 10.54 -101.11 -45.09
CA VAL G 41 11.23 -100.95 -46.36
C VAL G 41 10.87 -99.59 -46.96
N SER G 42 11.76 -99.09 -47.82
CA SER G 42 11.52 -97.85 -48.52
C SER G 42 10.69 -98.09 -49.78
N VAL G 43 9.80 -97.13 -50.07
CA VAL G 43 8.95 -97.18 -51.26
C VAL G 43 9.02 -95.82 -51.94
N TYR G 44 8.46 -95.76 -53.15
CA TYR G 44 8.46 -94.53 -53.95
C TYR G 44 7.08 -93.87 -53.86
N ASN G 45 7.00 -92.77 -53.12
CA ASN G 45 5.76 -92.01 -53.02
C ASN G 45 5.66 -91.01 -54.16
N ALA G 46 4.47 -90.90 -54.73
CA ALA G 46 4.19 -90.02 -55.86
C ALA G 46 2.99 -89.15 -55.49
N ARG G 47 3.26 -87.89 -55.16
CA ARG G 47 2.20 -86.91 -54.92
C ARG G 47 1.84 -86.31 -56.27
N SER G 48 0.71 -86.74 -56.82
CA SER G 48 0.12 -86.10 -57.97
C SER G 48 -0.87 -85.05 -57.48
N GLU G 49 -1.01 -83.98 -58.25
CA GLU G 49 -2.13 -83.07 -58.06
C GLU G 49 -2.60 -82.55 -59.41
N VAL G 50 -3.91 -82.39 -59.53
CA VAL G 50 -4.56 -81.99 -60.77
C VAL G 50 -5.41 -80.78 -60.44
N ILE G 51 -5.07 -79.64 -61.03
CA ILE G 51 -5.69 -78.36 -60.72
C ILE G 51 -6.34 -77.83 -61.99
N THR G 52 -7.65 -77.61 -61.94
CA THR G 52 -8.35 -76.94 -63.04
C THR G 52 -8.86 -75.59 -62.54
N ASN G 53 -8.51 -74.54 -63.29
CA ASN G 53 -8.78 -73.15 -62.93
C ASN G 53 -9.67 -72.54 -63.99
N ARG G 54 -10.64 -71.74 -63.58
CA ARG G 54 -11.49 -71.05 -64.53
C ARG G 54 -11.87 -69.69 -63.96
N ALA G 55 -12.41 -68.84 -64.84
CA ALA G 55 -12.86 -67.50 -64.47
C ALA G 55 -14.17 -67.20 -65.18
N PRO G 56 -15.25 -67.84 -64.74
CA PRO G 56 -16.56 -67.55 -65.33
C PRO G 56 -17.01 -66.14 -64.96
N LEU G 57 -17.93 -65.63 -65.76
CA LEU G 57 -18.43 -64.27 -65.58
C LEU G 57 -19.62 -64.28 -64.62
N VAL G 58 -19.64 -63.30 -63.71
CA VAL G 58 -20.72 -63.15 -62.75
C VAL G 58 -21.77 -62.26 -63.38
N VAL G 59 -22.97 -62.81 -63.58
CA VAL G 59 -24.03 -62.13 -64.31
C VAL G 59 -25.27 -62.05 -63.42
N ILE G 60 -25.72 -60.83 -63.14
CA ILE G 60 -27.01 -60.57 -62.49
C ILE G 60 -27.87 -59.84 -63.51
N GLU G 61 -28.98 -60.48 -63.90
CA GLU G 61 -29.68 -60.07 -65.12
C GLU G 61 -30.06 -58.60 -65.10
N GLY G 62 -30.54 -58.09 -63.96
CA GLY G 62 -30.90 -56.70 -63.88
C GLY G 62 -29.78 -55.75 -63.51
N CYS G 63 -28.64 -56.30 -63.09
CA CYS G 63 -27.61 -55.51 -62.43
C CYS G 63 -26.28 -55.47 -63.16
N THR G 64 -25.90 -56.53 -63.88
CA THR G 64 -24.55 -56.67 -64.43
C THR G 64 -24.47 -55.96 -65.76
N ASP G 65 -23.71 -54.87 -65.80
CA ASP G 65 -23.40 -54.19 -67.05
C ASP G 65 -22.56 -55.11 -67.93
N ALA G 66 -22.99 -55.28 -69.18
CA ALA G 66 -22.27 -56.18 -70.07
C ALA G 66 -20.95 -55.60 -70.52
N CYS G 67 -20.83 -54.26 -70.57
CA CYS G 67 -19.60 -53.64 -71.04
C CYS G 67 -18.45 -53.88 -70.07
N SER G 68 -18.70 -53.69 -68.77
CA SER G 68 -17.69 -53.93 -67.74
C SER G 68 -17.85 -55.38 -67.27
N VAL G 69 -16.93 -56.24 -67.68
CA VAL G 69 -17.00 -57.65 -67.32
C VAL G 69 -16.78 -57.81 -65.83
N ASN G 70 -17.53 -58.72 -65.21
CA ASN G 70 -17.38 -59.08 -63.82
C ASN G 70 -17.07 -60.57 -63.76
N ARG G 71 -15.85 -60.92 -63.41
CA ARG G 71 -15.41 -62.31 -63.42
C ARG G 71 -15.06 -62.78 -62.01
N GLU G 72 -15.14 -64.09 -61.85
CA GLU G 72 -14.88 -64.78 -60.60
C GLU G 72 -13.93 -65.94 -60.85
N ASN G 73 -12.90 -66.09 -60.02
CA ASN G 73 -12.05 -67.27 -60.10
C ASN G 73 -12.75 -68.44 -59.42
N ILE G 74 -12.76 -69.58 -60.11
CA ILE G 74 -13.21 -70.85 -59.53
C ILE G 74 -12.12 -71.89 -59.76
N SER G 75 -11.99 -72.81 -58.80
CA SER G 75 -10.91 -73.79 -58.87
C SER G 75 -11.33 -75.13 -58.31
N ILE G 76 -10.87 -76.19 -58.97
CA ILE G 76 -11.06 -77.56 -58.49
C ILE G 76 -9.71 -78.25 -58.51
N ARG G 77 -9.24 -78.64 -57.32
CA ARG G 77 -7.93 -79.20 -57.10
C ARG G 77 -8.08 -80.62 -56.57
N THR G 78 -7.16 -81.51 -56.94
CA THR G 78 -7.20 -82.89 -56.47
C THR G 78 -5.80 -83.41 -56.22
N THR G 79 -5.48 -83.71 -54.97
CA THR G 79 -4.19 -84.24 -54.56
C THR G 79 -4.31 -85.73 -54.26
N ILE G 80 -3.33 -86.51 -54.73
CA ILE G 80 -3.30 -87.96 -54.59
C ILE G 80 -1.87 -88.34 -54.20
N SER G 81 -1.65 -88.69 -52.94
CA SER G 81 -0.32 -89.02 -52.43
C SER G 81 -0.32 -90.42 -51.86
N GLY G 82 0.47 -91.29 -52.49
CA GLY G 82 0.68 -92.67 -52.07
C GLY G 82 1.83 -93.24 -52.88
N SER G 83 2.28 -94.43 -52.47
CA SER G 83 3.41 -95.03 -53.17
C SER G 83 3.00 -95.61 -54.52
N VAL G 84 3.94 -95.59 -55.47
CA VAL G 84 3.75 -96.31 -56.73
C VAL G 84 3.77 -97.80 -56.48
N GLU G 85 4.48 -98.22 -55.42
CA GLU G 85 4.57 -99.63 -55.08
C GLU G 85 3.20 -100.21 -54.78
N ASN G 86 2.36 -99.44 -54.07
CA ASN G 86 1.06 -99.86 -53.57
C ASN G 86 -0.08 -99.18 -54.34
N LYS G 87 0.15 -98.89 -55.62
CA LYS G 87 -0.84 -98.15 -56.40
C LYS G 87 -2.15 -98.89 -56.50
N ALA G 88 -2.17 -100.20 -56.21
CA ALA G 88 -3.43 -100.93 -56.15
C ALA G 88 -4.34 -100.33 -55.09
N ALA G 89 -3.84 -100.20 -53.85
CA ALA G 89 -4.63 -99.58 -52.80
C ALA G 89 -4.80 -98.09 -53.01
N VAL G 90 -3.84 -97.44 -53.68
CA VAL G 90 -4.03 -96.03 -54.05
C VAL G 90 -5.28 -95.87 -54.91
N LEU G 91 -5.41 -96.68 -55.95
CA LEU G 91 -6.57 -96.61 -56.84
C LEU G 91 -7.85 -97.07 -56.16
N ALA G 92 -7.75 -98.10 -55.31
CA ALA G 92 -8.93 -98.53 -54.55
C ALA G 92 -9.44 -97.41 -53.66
N ALA G 93 -8.53 -96.58 -53.14
CA ALA G 93 -8.95 -95.39 -52.40
C ALA G 93 -9.51 -94.32 -53.32
N LEU G 94 -8.92 -94.18 -54.52
CA LEU G 94 -9.38 -93.17 -55.46
C LEU G 94 -10.82 -93.40 -55.88
N LEU G 95 -11.18 -94.66 -56.15
CA LEU G 95 -12.54 -94.95 -56.61
C LEU G 95 -13.56 -94.59 -55.54
N ASP G 96 -13.30 -94.99 -54.30
CA ASP G 96 -14.20 -94.67 -53.19
C ASP G 96 -14.28 -93.15 -52.99
N HIS G 97 -13.15 -92.46 -53.10
CA HIS G 97 -13.14 -91.01 -52.97
C HIS G 97 -14.01 -90.35 -54.04
N LEU G 98 -13.83 -90.77 -55.29
CA LEU G 98 -14.59 -90.17 -56.39
C LEU G 98 -16.08 -90.41 -56.23
N HIS G 99 -16.47 -91.64 -55.87
CA HIS G 99 -17.89 -91.95 -55.69
C HIS G 99 -18.50 -91.15 -54.54
N ASN G 100 -17.77 -91.02 -53.43
CA ASN G 100 -18.32 -90.27 -52.30
C ASN G 100 -18.39 -88.78 -52.63
N LEU G 101 -17.39 -88.26 -53.34
CA LEU G 101 -17.47 -86.89 -53.82
C LEU G 101 -18.71 -86.71 -54.69
N GLY G 102 -18.99 -87.67 -55.57
CA GLY G 102 -20.21 -87.59 -56.37
C GLY G 102 -21.46 -87.55 -55.51
N LEU G 103 -21.50 -88.37 -54.46
CA LEU G 103 -22.63 -88.32 -53.54
C LEU G 103 -22.80 -86.92 -52.94
N ALA G 104 -21.70 -86.24 -52.67
CA ALA G 104 -21.78 -84.96 -51.98
C ALA G 104 -21.94 -83.76 -52.91
N ARG G 105 -21.60 -83.88 -54.19
CA ARG G 105 -21.33 -82.69 -55.00
C ARG G 105 -22.55 -81.80 -55.12
N ASP G 106 -23.73 -82.39 -55.24
CA ASP G 106 -24.95 -81.59 -55.41
C ASP G 106 -25.18 -80.71 -54.19
N ASP G 107 -24.92 -81.24 -53.00
CA ASP G 107 -25.02 -80.44 -51.79
C ASP G 107 -23.90 -79.42 -51.70
N LEU G 108 -22.68 -79.82 -52.06
CA LEU G 108 -21.52 -78.97 -51.82
C LEU G 108 -21.53 -77.74 -52.73
N VAL G 109 -21.83 -77.91 -54.01
CA VAL G 109 -21.79 -76.78 -54.93
C VAL G 109 -22.88 -75.77 -54.62
N ALA G 110 -23.91 -76.17 -53.88
CA ALA G 110 -24.99 -75.28 -53.48
C ALA G 110 -24.77 -74.67 -52.11
N GLY G 111 -23.57 -74.81 -51.55
CA GLY G 111 -23.26 -74.22 -50.26
C GLY G 111 -23.88 -74.90 -49.07
N LEU G 112 -24.41 -76.11 -49.23
CA LEU G 112 -25.07 -76.84 -48.16
C LEU G 112 -24.15 -77.91 -47.61
N LEU G 113 -24.18 -78.09 -46.29
CA LEU G 113 -23.35 -79.11 -45.65
C LEU G 113 -23.99 -80.48 -45.87
N PRO G 114 -23.30 -81.42 -46.53
CA PRO G 114 -23.93 -82.70 -46.88
C PRO G 114 -24.17 -83.58 -45.67
N THR G 115 -25.17 -83.21 -44.86
CA THR G 115 -25.44 -83.89 -43.61
C THR G 115 -26.19 -85.22 -43.80
N THR G 116 -26.79 -85.45 -44.97
CA THR G 116 -27.58 -86.65 -45.18
C THR G 116 -26.76 -87.80 -45.78
N ILE G 117 -25.84 -87.51 -46.68
CA ILE G 117 -25.18 -88.54 -47.47
C ILE G 117 -24.48 -89.56 -46.59
N GLN G 118 -24.29 -90.76 -47.11
CA GLN G 118 -23.54 -91.82 -46.43
C GLN G 118 -22.48 -92.37 -47.35
N PRO G 119 -21.19 -92.16 -47.05
CA PRO G 119 -20.13 -92.70 -47.91
C PRO G 119 -19.99 -94.20 -47.76
N VAL G 120 -18.98 -94.77 -48.43
CA VAL G 120 -18.83 -96.23 -48.48
C VAL G 120 -17.39 -96.56 -48.80
N VAL G 121 -16.95 -97.74 -48.35
CA VAL G 121 -15.65 -98.30 -48.70
C VAL G 121 -15.89 -99.42 -49.69
N GLU G 122 -14.92 -99.65 -50.59
CA GLU G 122 -14.93 -100.79 -51.51
C GLU G 122 -16.20 -100.79 -52.37
N TYR G 123 -16.43 -99.66 -53.04
CA TYR G 123 -17.64 -99.49 -53.86
C TYR G 123 -17.61 -100.43 -55.05
N THR G 124 -18.67 -101.23 -55.19
CA THR G 124 -18.79 -102.23 -56.24
C THR G 124 -19.74 -101.74 -57.32
N GLY G 125 -19.20 -101.48 -58.51
CA GLY G 125 -20.01 -101.07 -59.66
C GLY G 125 -20.65 -99.71 -59.54
N ALA H 1 -16.24 -105.65 -50.25
CA ALA H 1 -17.32 -105.92 -49.30
C ALA H 1 -18.39 -104.83 -49.35
N GLN H 2 -17.96 -103.63 -49.72
CA GLN H 2 -18.81 -102.44 -49.78
C GLN H 2 -19.67 -102.29 -48.52
N HIS H 3 -18.98 -102.29 -47.38
CA HIS H 3 -19.58 -101.90 -46.10
C HIS H 3 -19.48 -100.38 -45.98
N ASN H 4 -20.62 -99.70 -45.99
CA ASN H 4 -20.61 -98.24 -46.05
C ASN H 4 -20.15 -97.63 -44.73
N MET H 5 -19.53 -96.44 -44.84
CA MET H 5 -18.85 -95.82 -43.71
C MET H 5 -19.85 -95.36 -42.65
N ARG H 6 -19.35 -95.23 -41.43
CA ARG H 6 -20.14 -94.82 -40.28
C ARG H 6 -19.76 -93.40 -39.89
N LEU H 7 -20.77 -92.57 -39.64
CA LEU H 7 -20.50 -91.22 -39.16
C LEU H 7 -19.78 -91.28 -37.81
N GLN H 8 -18.83 -90.40 -37.63
CA GLN H 8 -18.16 -90.43 -36.33
C GLN H 8 -18.12 -89.07 -35.65
N LEU H 9 -17.95 -87.97 -36.41
CA LEU H 9 -17.87 -86.67 -35.75
C LEU H 9 -18.43 -85.55 -36.64
N THR H 10 -19.25 -84.69 -36.04
CA THR H 10 -19.75 -83.48 -36.69
C THR H 10 -19.46 -82.31 -35.77
N SER H 11 -18.71 -81.33 -36.28
CA SER H 11 -18.41 -80.14 -35.48
C SER H 11 -18.01 -79.00 -36.40
N GLY H 12 -18.55 -77.81 -36.14
CA GLY H 12 -18.23 -76.65 -36.93
C GLY H 12 -18.73 -76.75 -38.36
N THR H 13 -17.79 -76.87 -39.30
CA THR H 13 -18.11 -77.01 -40.72
C THR H 13 -17.66 -78.35 -41.27
N SER H 14 -17.29 -79.30 -40.41
CA SER H 14 -16.69 -80.56 -40.85
C SER H 14 -17.60 -81.73 -40.55
N LEU H 15 -17.47 -82.76 -41.37
CA LEU H 15 -18.11 -84.05 -41.16
C LEU H 15 -17.04 -85.11 -41.31
N THR H 16 -17.04 -86.11 -40.42
CA THR H 16 -15.99 -87.12 -40.37
C THR H 16 -16.60 -88.49 -40.20
N TRP H 17 -16.50 -89.30 -41.26
CA TRP H 17 -16.90 -90.70 -41.30
C TRP H 17 -15.67 -91.59 -41.23
N VAL H 18 -15.90 -92.85 -40.84
CA VAL H 18 -14.83 -93.82 -40.65
C VAL H 18 -15.29 -95.19 -41.13
N ASP H 19 -14.34 -95.98 -41.60
CA ASP H 19 -14.58 -97.37 -41.93
C ASP H 19 -14.77 -98.18 -40.66
N PRO H 20 -15.92 -98.82 -40.46
CA PRO H 20 -16.13 -99.59 -39.23
C PRO H 20 -15.19 -100.79 -39.06
N ASN H 21 -14.44 -101.17 -40.10
CA ASN H 21 -13.54 -102.30 -39.95
C ASN H 21 -12.16 -101.87 -39.43
N ASP H 22 -11.52 -100.92 -40.10
CA ASP H 22 -10.34 -100.29 -39.50
C ASP H 22 -10.53 -98.79 -39.43
N PHE H 23 -10.05 -98.23 -38.33
CA PHE H 23 -10.11 -96.82 -37.99
C PHE H 23 -9.16 -95.98 -38.84
N ARG H 24 -8.37 -96.62 -39.72
CA ARG H 24 -7.32 -95.95 -40.46
C ARG H 24 -7.84 -95.21 -41.69
N SER H 25 -8.95 -95.66 -42.26
CA SER H 25 -9.51 -95.05 -43.46
C SER H 25 -10.72 -94.21 -43.06
N THR H 26 -10.59 -92.90 -43.21
CA THR H 26 -11.56 -91.90 -42.80
C THR H 26 -11.91 -91.01 -43.98
N PHE H 27 -12.98 -90.24 -43.80
CA PHE H 27 -13.53 -89.41 -44.87
C PHE H 27 -14.08 -88.15 -44.25
N ARG H 28 -13.55 -87.00 -44.64
CA ARG H 28 -13.95 -85.72 -44.07
C ARG H 28 -14.43 -84.79 -45.17
N ILE H 29 -15.42 -83.96 -44.84
CA ILE H 29 -15.89 -82.90 -45.73
C ILE H 29 -15.94 -81.60 -44.93
N ASN H 30 -15.25 -80.58 -45.42
CA ASN H 30 -15.27 -79.23 -44.88
C ASN H 30 -15.97 -78.30 -45.85
N LEU H 31 -16.78 -77.39 -45.33
CA LEU H 31 -17.54 -76.45 -46.13
C LEU H 31 -17.43 -75.06 -45.54
N ASN H 32 -16.92 -74.11 -46.33
CA ASN H 32 -16.73 -72.74 -45.86
C ASN H 32 -17.44 -71.80 -46.84
N VAL H 33 -18.59 -71.27 -46.43
CA VAL H 33 -19.37 -70.35 -47.26
C VAL H 33 -19.16 -68.94 -46.71
N ASN H 34 -18.89 -68.01 -47.61
CA ASN H 34 -18.70 -66.61 -47.22
C ASN H 34 -18.74 -65.74 -48.48
N GLN H 35 -18.90 -64.43 -48.29
CA GLN H 35 -19.09 -63.54 -49.43
C GLN H 35 -17.77 -63.23 -50.12
N LYS H 36 -17.79 -63.30 -51.45
CA LYS H 36 -16.69 -63.02 -52.35
C LYS H 36 -17.05 -61.76 -53.11
N VAL H 37 -16.03 -60.97 -53.47
CA VAL H 37 -16.21 -59.74 -54.21
C VAL H 37 -15.66 -59.94 -55.61
N ALA H 38 -16.52 -59.90 -56.62
CA ALA H 38 -16.11 -60.11 -58.01
C ALA H 38 -16.65 -58.95 -58.84
N GLY H 39 -15.77 -58.00 -59.16
CA GLY H 39 -16.23 -56.81 -59.85
C GLY H 39 -16.97 -55.90 -58.90
N ALA H 40 -18.11 -55.37 -59.35
CA ALA H 40 -18.91 -54.49 -58.53
C ALA H 40 -19.87 -55.26 -57.62
N VAL H 41 -20.09 -56.54 -57.87
CA VAL H 41 -21.05 -57.32 -57.11
C VAL H 41 -20.31 -58.23 -56.14
N SER H 42 -21.06 -58.74 -55.17
CA SER H 42 -20.59 -59.76 -54.23
C SER H 42 -21.51 -60.96 -54.32
N VAL H 43 -20.91 -62.15 -54.27
CA VAL H 43 -21.62 -63.41 -54.40
C VAL H 43 -21.13 -64.37 -53.33
N TYR H 44 -22.00 -65.29 -52.92
CA TYR H 44 -21.64 -66.25 -51.88
C TYR H 44 -20.77 -67.34 -52.49
N ASN H 45 -19.50 -67.38 -52.10
CA ASN H 45 -18.55 -68.39 -52.52
C ASN H 45 -18.52 -69.52 -51.50
N ALA H 46 -18.57 -70.75 -51.98
CA ALA H 46 -18.44 -71.96 -51.19
C ALA H 46 -17.09 -72.60 -51.48
N ARG H 47 -16.38 -72.94 -50.42
CA ARG H 47 -15.14 -73.70 -50.48
C ARG H 47 -15.42 -75.07 -49.88
N SER H 48 -15.62 -76.06 -50.73
CA SER H 48 -15.74 -77.45 -50.29
C SER H 48 -14.36 -78.08 -50.33
N GLU H 49 -14.04 -78.91 -49.35
CA GLU H 49 -12.89 -79.78 -49.48
C GLU H 49 -13.19 -81.15 -48.89
N VAL H 50 -12.95 -82.17 -49.68
CA VAL H 50 -13.28 -83.56 -49.38
C VAL H 50 -11.99 -84.33 -49.29
N ILE H 51 -11.70 -84.86 -48.09
CA ILE H 51 -10.41 -85.46 -47.77
C ILE H 51 -10.64 -86.91 -47.35
N THR H 52 -10.16 -87.85 -48.15
CA THR H 52 -10.19 -89.26 -47.79
C THR H 52 -8.76 -89.68 -47.42
N ASN H 53 -8.62 -90.28 -46.24
CA ASN H 53 -7.33 -90.64 -45.65
C ASN H 53 -7.32 -92.13 -45.37
N ARG H 54 -6.20 -92.80 -45.70
CA ARG H 54 -6.07 -94.20 -45.38
C ARG H 54 -4.65 -94.45 -44.91
N ALA H 55 -4.45 -95.61 -44.28
CA ALA H 55 -3.14 -96.06 -43.83
C ALA H 55 -2.99 -97.54 -44.14
N PRO H 56 -3.04 -97.91 -45.42
CA PRO H 56 -3.13 -99.33 -45.78
C PRO H 56 -1.79 -100.01 -45.61
N LEU H 57 -1.84 -101.34 -45.69
CA LEU H 57 -0.61 -102.13 -45.77
C LEU H 57 -0.05 -102.00 -47.19
N VAL H 58 1.28 -101.95 -47.31
CA VAL H 58 1.89 -101.92 -48.63
C VAL H 58 1.88 -103.35 -49.19
N VAL H 59 1.22 -103.52 -50.32
CA VAL H 59 1.04 -104.82 -50.95
C VAL H 59 1.84 -104.82 -52.25
N ILE H 60 2.96 -105.52 -52.24
CA ILE H 60 3.79 -105.65 -53.43
C ILE H 60 3.11 -106.64 -54.36
N GLU H 61 3.16 -106.37 -55.67
CA GLU H 61 2.45 -107.25 -56.61
C GLU H 61 3.00 -108.67 -56.54
N GLY H 62 4.29 -108.85 -56.80
CA GLY H 62 4.87 -110.18 -56.81
C GLY H 62 4.72 -110.90 -55.48
N CYS H 63 4.71 -110.16 -54.37
CA CYS H 63 4.75 -110.77 -53.06
C CYS H 63 3.36 -111.06 -52.52
N THR H 64 3.31 -112.01 -51.59
CA THR H 64 2.09 -112.35 -50.87
C THR H 64 2.50 -112.84 -49.48
N ASP H 65 2.10 -112.10 -48.45
CA ASP H 65 2.56 -112.33 -47.08
C ASP H 65 1.57 -111.71 -46.12
N ALA H 66 1.01 -112.52 -45.22
CA ALA H 66 0.09 -112.01 -44.21
C ALA H 66 0.80 -111.58 -42.94
N CYS H 67 2.13 -111.66 -42.90
CA CYS H 67 2.90 -111.36 -41.69
C CYS H 67 3.58 -110.00 -41.70
N SER H 68 3.50 -109.27 -42.81
CA SER H 68 4.07 -107.93 -42.87
C SER H 68 3.06 -106.92 -42.36
N VAL H 69 3.49 -106.06 -41.44
CA VAL H 69 2.71 -104.91 -41.02
C VAL H 69 3.30 -103.62 -41.60
N ASN H 70 4.01 -103.72 -42.72
CA ASN H 70 4.54 -102.57 -43.43
C ASN H 70 3.39 -101.67 -43.87
N ARG H 71 3.28 -100.48 -43.30
CA ARG H 71 2.19 -99.57 -43.58
C ARG H 71 2.70 -98.21 -44.00
N GLU H 72 2.02 -97.61 -44.98
CA GLU H 72 2.22 -96.22 -45.36
C GLU H 72 0.88 -95.49 -45.26
N ASN H 73 0.97 -94.16 -45.20
CA ASN H 73 -0.20 -93.31 -45.26
C ASN H 73 -0.46 -92.92 -46.71
N ILE H 74 -1.74 -92.84 -47.07
CA ILE H 74 -2.15 -92.35 -48.38
C ILE H 74 -3.32 -91.39 -48.20
N SER H 75 -3.41 -90.41 -49.08
CA SER H 75 -4.46 -89.41 -48.95
C SER H 75 -4.87 -88.87 -50.32
N ILE H 76 -6.18 -88.67 -50.49
CA ILE H 76 -6.74 -88.06 -51.68
C ILE H 76 -7.66 -86.93 -51.24
N ARG H 77 -7.34 -85.71 -51.66
CA ARG H 77 -8.09 -84.51 -51.32
C ARG H 77 -8.62 -83.84 -52.57
N THR H 78 -9.82 -83.27 -52.47
CA THR H 78 -10.42 -82.56 -53.59
C THR H 78 -11.05 -81.27 -53.07
N THR H 79 -10.56 -80.14 -53.56
CA THR H 79 -11.03 -78.83 -53.16
C THR H 79 -11.80 -78.18 -54.31
N ILE H 80 -12.90 -77.53 -53.97
CA ILE H 80 -13.80 -76.92 -54.94
C ILE H 80 -14.23 -75.56 -54.41
N SER H 81 -13.66 -74.49 -54.96
CA SER H 81 -13.96 -73.13 -54.51
C SER H 81 -14.64 -72.38 -55.66
N GLY H 82 -15.88 -71.95 -55.41
CA GLY H 82 -16.67 -71.27 -56.43
C GLY H 82 -17.98 -70.78 -55.85
N SER H 83 -18.55 -69.77 -56.49
CA SER H 83 -19.78 -69.18 -55.97
C SER H 83 -20.95 -70.15 -56.14
N VAL H 84 -21.98 -69.92 -55.34
CA VAL H 84 -23.22 -70.67 -55.49
C VAL H 84 -23.98 -70.20 -56.71
N GLU H 85 -23.79 -68.94 -57.10
CA GLU H 85 -24.51 -68.38 -58.24
C GLU H 85 -24.08 -69.04 -59.55
N ASN H 86 -22.78 -69.19 -59.76
CA ASN H 86 -22.26 -69.87 -60.94
C ASN H 86 -22.09 -71.36 -60.74
N LYS H 87 -22.84 -71.97 -59.81
CA LYS H 87 -22.68 -73.40 -59.57
C LYS H 87 -22.91 -74.22 -60.83
N ALA H 88 -23.58 -73.65 -61.83
CA ALA H 88 -23.67 -74.30 -63.14
C ALA H 88 -22.27 -74.47 -63.75
N ALA H 89 -21.52 -73.38 -63.88
CA ALA H 89 -20.17 -73.47 -64.41
C ALA H 89 -19.24 -74.21 -63.48
N VAL H 90 -19.50 -74.16 -62.18
CA VAL H 90 -18.73 -74.95 -61.22
C VAL H 90 -18.90 -76.44 -61.51
N LEU H 91 -20.15 -76.88 -61.71
CA LEU H 91 -20.41 -78.30 -61.98
C LEU H 91 -19.89 -78.72 -63.36
N ALA H 92 -20.00 -77.85 -64.35
CA ALA H 92 -19.42 -78.15 -65.66
C ALA H 92 -17.91 -78.32 -65.55
N ALA H 93 -17.26 -77.41 -64.82
CA ALA H 93 -15.84 -77.54 -64.55
C ALA H 93 -15.52 -78.80 -63.76
N LEU H 94 -16.42 -79.20 -62.86
CA LEU H 94 -16.20 -80.43 -62.11
C LEU H 94 -16.24 -81.66 -63.01
N LEU H 95 -17.21 -81.71 -63.92
CA LEU H 95 -17.29 -82.82 -64.86
C LEU H 95 -16.03 -82.89 -65.72
N ASP H 96 -15.61 -81.75 -66.27
CA ASP H 96 -14.41 -81.73 -67.10
C ASP H 96 -13.17 -82.14 -66.28
N HIS H 97 -13.09 -81.66 -65.04
CA HIS H 97 -11.99 -82.02 -64.14
C HIS H 97 -11.96 -83.52 -63.87
N LEU H 98 -13.12 -84.11 -63.55
CA LEU H 98 -13.17 -85.53 -63.25
C LEU H 98 -12.79 -86.37 -64.47
N HIS H 99 -13.29 -85.99 -65.65
CA HIS H 99 -12.96 -86.74 -66.86
C HIS H 99 -11.47 -86.66 -67.18
N ASN H 100 -10.88 -85.47 -67.06
CA ASN H 100 -9.46 -85.35 -67.35
C ASN H 100 -8.62 -86.08 -66.30
N LEU H 101 -9.02 -86.01 -65.03
CA LEU H 101 -8.38 -86.79 -63.98
C LEU H 101 -8.40 -88.27 -64.32
N GLY H 102 -9.55 -88.76 -64.78
CA GLY H 102 -9.62 -90.16 -65.20
C GLY H 102 -8.69 -90.46 -66.36
N LEU H 103 -8.60 -89.54 -67.32
CA LEU H 103 -7.63 -89.72 -68.42
C LEU H 103 -6.21 -89.86 -67.89
N ALA H 104 -5.90 -89.20 -66.78
CA ALA H 104 -4.52 -89.18 -66.31
C ALA H 104 -4.18 -90.20 -65.22
N ARG H 105 -5.18 -90.78 -64.55
CA ARG H 105 -4.91 -91.45 -63.28
C ARG H 105 -4.01 -92.66 -63.44
N ASP H 106 -4.14 -93.39 -64.56
CA ASP H 106 -3.33 -94.58 -64.72
C ASP H 106 -1.85 -94.24 -64.82
N ASP H 107 -1.53 -93.08 -65.41
CA ASP H 107 -0.15 -92.59 -65.39
C ASP H 107 0.23 -92.04 -64.02
N LEU H 108 -0.67 -91.28 -63.39
CA LEU H 108 -0.30 -90.55 -62.19
C LEU H 108 -0.04 -91.49 -61.01
N VAL H 109 -0.85 -92.53 -60.84
CA VAL H 109 -0.63 -93.43 -59.70
C VAL H 109 0.60 -94.30 -59.93
N ALA H 110 1.07 -94.40 -61.17
CA ALA H 110 2.26 -95.17 -61.49
C ALA H 110 3.53 -94.33 -61.52
N GLY H 111 3.44 -93.07 -61.10
CA GLY H 111 4.59 -92.18 -61.08
C GLY H 111 4.97 -91.59 -62.41
N LEU H 112 4.17 -91.80 -63.45
CA LEU H 112 4.47 -91.29 -64.79
C LEU H 112 3.68 -90.00 -65.02
N LEU H 113 4.37 -88.97 -65.50
CA LEU H 113 3.70 -87.73 -65.86
C LEU H 113 2.92 -87.96 -67.16
N PRO H 114 1.62 -87.68 -67.17
CA PRO H 114 0.80 -88.06 -68.35
C PRO H 114 1.12 -87.21 -69.57
N THR H 115 2.20 -87.57 -70.26
CA THR H 115 2.61 -86.80 -71.44
C THR H 115 1.65 -86.96 -72.60
N THR H 116 0.93 -88.08 -72.65
CA THR H 116 0.20 -88.50 -73.84
C THR H 116 -1.30 -88.27 -73.76
N ILE H 117 -1.80 -87.64 -72.69
CA ILE H 117 -3.24 -87.49 -72.52
C ILE H 117 -3.72 -86.25 -73.26
N GLN H 118 -5.03 -86.21 -73.52
CA GLN H 118 -5.66 -85.12 -74.26
C GLN H 118 -6.81 -84.55 -73.44
N PRO H 119 -6.55 -83.53 -72.62
CA PRO H 119 -7.63 -82.92 -71.83
C PRO H 119 -8.62 -82.17 -72.71
N VAL H 120 -9.88 -82.18 -72.28
CA VAL H 120 -10.98 -81.62 -73.05
C VAL H 120 -11.73 -80.59 -72.19
N VAL H 121 -12.60 -79.84 -72.87
CA VAL H 121 -13.56 -78.93 -72.23
C VAL H 121 -14.94 -79.36 -72.68
N GLU H 122 -15.91 -79.30 -71.78
CA GLU H 122 -17.31 -79.62 -72.09
C GLU H 122 -17.46 -81.06 -72.57
N TYR H 123 -17.11 -81.99 -71.68
CA TYR H 123 -17.17 -83.41 -72.02
C TYR H 123 -18.61 -83.87 -72.27
N THR H 124 -18.78 -84.67 -73.31
CA THR H 124 -20.09 -85.20 -73.70
C THR H 124 -19.99 -86.67 -74.12
N ALA I 1 17.59 -77.88 -103.02
CA ALA I 1 17.58 -79.16 -102.31
C ALA I 1 16.31 -79.30 -101.47
N GLN I 2 15.85 -78.17 -100.94
CA GLN I 2 14.67 -78.10 -100.05
C GLN I 2 14.75 -79.12 -98.92
N HIS I 3 15.95 -79.32 -98.39
CA HIS I 3 16.09 -80.00 -97.11
C HIS I 3 15.53 -79.11 -96.01
N ASN I 4 14.61 -79.66 -95.21
CA ASN I 4 13.92 -78.87 -94.22
C ASN I 4 14.69 -78.80 -92.90
N MET I 5 14.49 -77.72 -92.16
CA MET I 5 15.26 -77.43 -90.97
C MET I 5 14.97 -78.46 -89.87
N ARG I 6 15.91 -78.61 -88.95
CA ARG I 6 15.76 -79.55 -87.85
C ARG I 6 15.93 -78.84 -86.52
N LEU I 7 15.32 -79.40 -85.47
CA LEU I 7 15.09 -78.67 -84.24
C LEU I 7 16.33 -78.62 -83.35
N GLN I 8 16.59 -77.44 -82.78
CA GLN I 8 17.76 -77.22 -81.94
C GLN I 8 17.42 -76.81 -80.51
N LEU I 9 16.52 -75.83 -80.32
CA LEU I 9 16.25 -75.28 -78.99
C LEU I 9 14.75 -75.13 -78.76
N THR I 10 14.26 -75.66 -77.64
CA THR I 10 12.86 -75.53 -77.25
C THR I 10 12.80 -74.91 -75.86
N SER I 11 11.92 -73.93 -75.69
CA SER I 11 11.86 -73.19 -74.45
C SER I 11 10.45 -73.00 -73.91
N GLY I 12 9.43 -73.51 -74.57
CA GLY I 12 8.05 -73.28 -74.16
C GLY I 12 7.61 -71.87 -74.49
N THR I 13 8.58 -71.00 -74.74
CA THR I 13 8.37 -69.67 -75.26
C THR I 13 9.16 -69.38 -76.53
N SER I 14 10.24 -70.13 -76.78
CA SER I 14 11.07 -69.94 -77.96
C SER I 14 11.32 -71.28 -78.64
N LEU I 15 11.30 -71.27 -79.96
CA LEU I 15 11.68 -72.42 -80.75
C LEU I 15 12.77 -72.01 -81.72
N THR I 16 13.79 -72.85 -81.87
CA THR I 16 14.96 -72.51 -82.67
C THR I 16 15.33 -73.73 -83.49
N TRP I 17 15.13 -73.64 -84.80
CA TRP I 17 15.53 -74.66 -85.75
C TRP I 17 16.77 -74.19 -86.50
N VAL I 18 17.53 -75.14 -87.02
CA VAL I 18 18.77 -74.87 -87.73
C VAL I 18 18.81 -75.69 -89.01
N ASP I 19 19.47 -75.14 -90.02
CA ASP I 19 19.79 -75.89 -91.24
C ASP I 19 20.81 -76.97 -90.92
N PRO I 20 20.48 -78.25 -91.12
CA PRO I 20 21.45 -79.31 -90.79
C PRO I 20 22.76 -79.23 -91.57
N ASN I 21 22.78 -78.56 -92.72
CA ASN I 21 24.03 -78.40 -93.45
C ASN I 21 24.81 -77.19 -92.96
N ASP I 22 24.16 -76.03 -92.91
CA ASP I 22 24.80 -74.76 -92.56
C ASP I 22 24.25 -74.31 -91.21
N PHE I 23 25.09 -74.34 -90.18
CA PHE I 23 24.69 -73.89 -88.85
C PHE I 23 24.55 -72.37 -88.77
N ARG I 24 24.94 -71.64 -89.81
CA ARG I 24 24.82 -70.19 -89.80
C ARG I 24 23.39 -69.71 -90.01
N SER I 25 22.54 -70.53 -90.64
CA SER I 25 21.17 -70.15 -90.96
C SER I 25 20.23 -70.81 -89.95
N THR I 26 19.60 -69.99 -89.12
CA THR I 26 18.71 -70.43 -88.07
C THR I 26 17.35 -69.76 -88.21
N PHE I 27 16.38 -70.30 -87.47
CA PHE I 27 15.01 -69.82 -87.55
C PHE I 27 14.38 -69.96 -86.16
N ARG I 28 14.05 -68.83 -85.54
CA ARG I 28 13.45 -68.81 -84.21
C ARG I 28 12.05 -68.23 -84.29
N ILE I 29 11.17 -68.78 -83.46
CA ILE I 29 9.84 -68.22 -83.22
C ILE I 29 9.70 -67.99 -81.72
N ASN I 30 9.40 -66.75 -81.34
CA ASN I 30 9.16 -66.36 -79.96
C ASN I 30 7.72 -65.91 -79.82
N LEU I 31 7.09 -66.29 -78.72
CA LEU I 31 5.69 -65.95 -78.46
C LEU I 31 5.57 -65.49 -77.02
N ASN I 32 4.84 -64.38 -76.82
CA ASN I 32 4.61 -63.87 -75.48
C ASN I 32 3.16 -63.41 -75.36
N VAL I 33 2.41 -64.05 -74.46
CA VAL I 33 1.02 -63.72 -74.22
C VAL I 33 0.91 -63.06 -72.86
N ASN I 34 0.14 -61.98 -72.78
CA ASN I 34 -0.12 -61.30 -71.53
C ASN I 34 -1.33 -60.38 -71.71
N GLN I 35 -1.94 -59.99 -70.59
CA GLN I 35 -3.15 -59.19 -70.71
C GLN I 35 -2.83 -57.75 -71.07
N LYS I 36 -3.85 -57.08 -71.61
CA LYS I 36 -3.75 -55.73 -72.10
C LYS I 36 -5.09 -55.04 -71.88
N VAL I 37 -5.05 -53.75 -71.60
CA VAL I 37 -6.26 -52.98 -71.33
C VAL I 37 -6.55 -52.12 -72.55
N ALA I 38 -7.59 -52.51 -73.30
CA ALA I 38 -8.10 -51.72 -74.41
C ALA I 38 -9.36 -51.03 -73.92
N GLY I 39 -9.28 -49.72 -73.74
CA GLY I 39 -10.39 -48.99 -73.16
C GLY I 39 -10.72 -49.48 -71.78
N ALA I 40 -11.91 -50.06 -71.61
CA ALA I 40 -12.35 -50.61 -70.33
C ALA I 40 -12.41 -52.14 -70.35
N VAL I 41 -11.78 -52.79 -71.32
CA VAL I 41 -11.85 -54.23 -71.48
C VAL I 41 -10.44 -54.80 -71.53
N SER I 42 -10.19 -55.84 -70.75
CA SER I 42 -8.90 -56.53 -70.79
C SER I 42 -8.99 -57.69 -71.76
N VAL I 43 -7.99 -57.78 -72.65
CA VAL I 43 -7.90 -58.85 -73.63
C VAL I 43 -6.49 -59.41 -73.61
N TYR I 44 -6.36 -60.67 -74.02
CA TYR I 44 -5.07 -61.35 -74.06
C TYR I 44 -4.35 -60.99 -75.35
N ASN I 45 -3.32 -60.14 -75.24
CA ASN I 45 -2.48 -59.78 -76.35
C ASN I 45 -1.35 -60.79 -76.48
N ALA I 46 -1.14 -61.28 -77.70
CA ALA I 46 -0.02 -62.12 -78.06
C ALA I 46 0.90 -61.33 -78.98
N ARG I 47 2.18 -61.30 -78.65
CA ARG I 47 3.22 -60.76 -79.51
C ARG I 47 4.09 -61.93 -79.96
N SER I 48 4.04 -62.22 -81.25
CA SER I 48 4.84 -63.27 -81.87
C SER I 48 5.91 -62.62 -82.73
N GLU I 49 7.17 -63.00 -82.55
CA GLU I 49 8.20 -62.59 -83.48
C GLU I 49 8.88 -63.80 -84.10
N VAL I 50 9.17 -63.69 -85.40
CA VAL I 50 9.71 -64.77 -86.21
C VAL I 50 10.99 -64.24 -86.83
N ILE I 51 12.14 -64.80 -86.41
CA ILE I 51 13.45 -64.29 -86.76
C ILE I 51 14.20 -65.37 -87.53
N THR I 52 14.52 -65.10 -88.80
CA THR I 52 15.39 -65.96 -89.57
C THR I 52 16.72 -65.25 -89.77
N ASN I 53 17.81 -65.94 -89.43
CA ASN I 53 19.16 -65.38 -89.43
C ASN I 53 20.05 -66.21 -90.34
N ARG I 54 20.90 -65.54 -91.12
CA ARG I 54 21.82 -66.25 -92.00
C ARG I 54 23.13 -65.49 -92.08
N ALA I 55 24.14 -66.17 -92.61
CA ALA I 55 25.49 -65.62 -92.72
C ALA I 55 26.05 -65.95 -94.10
N PRO I 56 25.65 -65.18 -95.12
CA PRO I 56 26.19 -65.41 -96.46
C PRO I 56 27.64 -64.95 -96.56
N LEU I 57 28.33 -65.48 -97.57
CA LEU I 57 29.68 -65.06 -97.87
C LEU I 57 29.66 -63.96 -98.92
N VAL I 58 30.56 -62.99 -98.77
CA VAL I 58 30.72 -61.93 -99.75
C VAL I 58 31.55 -62.49 -100.91
N VAL I 59 30.89 -62.70 -102.05
CA VAL I 59 31.53 -63.30 -103.22
C VAL I 59 32.17 -62.19 -104.05
N ILE I 60 33.50 -62.18 -104.09
CA ILE I 60 34.26 -61.32 -105.00
C ILE I 60 34.91 -62.20 -106.06
N GLU I 61 34.61 -61.92 -107.32
CA GLU I 61 35.27 -62.61 -108.42
C GLU I 61 36.75 -62.28 -108.42
N GLY I 62 37.57 -63.28 -108.73
CA GLY I 62 39.01 -63.12 -108.71
C GLY I 62 39.63 -63.30 -107.35
N CYS I 63 38.83 -63.43 -106.30
CA CYS I 63 39.31 -63.62 -104.93
C CYS I 63 38.83 -64.98 -104.44
N THR I 64 39.71 -65.96 -104.50
CA THR I 64 39.44 -67.24 -103.84
C THR I 64 39.46 -67.04 -102.34
N ASP I 65 38.26 -67.01 -101.73
CA ASP I 65 38.12 -66.72 -100.30
C ASP I 65 38.39 -68.00 -99.50
N ALA I 66 39.65 -68.44 -99.58
CA ALA I 66 40.12 -69.47 -98.68
C ALA I 66 39.90 -69.02 -97.24
N CYS I 67 39.42 -69.95 -96.42
CA CYS I 67 39.09 -69.79 -95.00
C CYS I 67 37.72 -69.13 -94.84
N SER I 68 37.08 -68.69 -95.93
CA SER I 68 35.74 -68.07 -95.89
C SER I 68 35.67 -66.95 -94.84
N VAL I 69 36.59 -66.00 -94.97
CA VAL I 69 36.69 -64.94 -93.97
C VAL I 69 35.73 -63.79 -94.30
N ASN I 70 35.56 -63.48 -95.59
CA ASN I 70 34.63 -62.42 -95.99
C ASN I 70 33.21 -62.95 -95.86
N ARG I 71 32.57 -62.67 -94.72
CA ARG I 71 31.25 -63.20 -94.43
C ARG I 71 30.37 -62.11 -93.81
N GLU I 72 29.10 -62.16 -94.18
CA GLU I 72 28.11 -61.14 -93.83
C GLU I 72 26.97 -61.75 -93.04
N ASN I 73 26.41 -60.97 -92.11
CA ASN I 73 25.19 -61.36 -91.40
C ASN I 73 23.99 -60.71 -92.07
N ILE I 74 22.96 -61.51 -92.34
CA ILE I 74 21.69 -61.01 -92.85
C ILE I 74 20.57 -61.55 -91.96
N SER I 75 19.49 -60.78 -91.85
CA SER I 75 18.40 -61.16 -90.96
C SER I 75 17.06 -60.62 -91.45
N ILE I 76 16.04 -61.47 -91.34
CA ILE I 76 14.67 -61.10 -91.66
C ILE I 76 13.79 -61.45 -90.45
N ARG I 77 13.13 -60.43 -89.91
CA ARG I 77 12.38 -60.53 -88.67
C ARG I 77 10.97 -60.02 -88.89
N THR I 78 10.01 -60.62 -88.18
CA THR I 78 8.60 -60.25 -88.34
C THR I 78 7.91 -60.30 -86.99
N THR I 79 7.37 -59.16 -86.56
CA THR I 79 6.68 -59.04 -85.28
C THR I 79 5.19 -58.83 -85.52
N ILE I 80 4.36 -59.51 -84.74
CA ILE I 80 2.92 -59.52 -84.90
C ILE I 80 2.35 -59.43 -83.48
N SER I 81 1.87 -58.25 -83.10
CA SER I 81 1.34 -58.02 -81.76
C SER I 81 -0.12 -57.63 -81.86
N GLY I 82 -0.98 -58.45 -81.26
CA GLY I 82 -2.42 -58.20 -81.32
C GLY I 82 -3.17 -59.13 -80.40
N SER I 83 -4.44 -58.81 -80.17
CA SER I 83 -5.28 -59.63 -79.33
C SER I 83 -5.56 -60.98 -79.98
N VAL I 84 -5.60 -62.01 -79.16
CA VAL I 84 -6.14 -63.29 -79.62
C VAL I 84 -7.62 -63.13 -79.98
N GLU I 85 -8.31 -62.21 -79.28
CA GLU I 85 -9.73 -62.01 -79.56
C GLU I 85 -9.96 -61.38 -80.92
N ASN I 86 -9.17 -60.37 -81.29
CA ASN I 86 -9.26 -59.76 -82.61
C ASN I 86 -8.35 -60.42 -83.64
N LYS I 87 -8.05 -61.71 -83.45
CA LYS I 87 -7.17 -62.40 -84.38
C LYS I 87 -7.69 -62.35 -85.80
N ALA I 88 -8.99 -62.10 -85.99
CA ALA I 88 -9.53 -61.93 -87.34
C ALA I 88 -8.91 -60.70 -88.01
N ALA I 89 -8.99 -59.54 -87.34
CA ALA I 89 -8.37 -58.34 -87.89
C ALA I 89 -6.86 -58.44 -87.93
N VAL I 90 -6.26 -59.20 -86.99
CA VAL I 90 -4.83 -59.46 -87.05
C VAL I 90 -4.46 -60.18 -88.34
N LEU I 91 -5.24 -61.22 -88.70
CA LEU I 91 -4.94 -61.99 -89.91
C LEU I 91 -5.22 -61.18 -91.17
N ALA I 92 -6.28 -60.36 -91.16
CA ALA I 92 -6.51 -59.45 -92.28
C ALA I 92 -5.33 -58.52 -92.47
N ALA I 93 -4.84 -57.96 -91.36
CA ALA I 93 -3.65 -57.11 -91.40
C ALA I 93 -2.43 -57.87 -91.89
N LEU I 94 -2.31 -59.15 -91.53
CA LEU I 94 -1.17 -59.93 -91.98
C LEU I 94 -1.22 -60.16 -93.48
N LEU I 95 -2.40 -60.49 -94.02
CA LEU I 95 -2.53 -60.67 -95.47
C LEU I 95 -2.16 -59.38 -96.20
N ASP I 96 -2.74 -58.25 -95.77
CA ASP I 96 -2.45 -56.99 -96.43
C ASP I 96 -0.97 -56.62 -96.30
N HIS I 97 -0.38 -56.92 -95.14
CA HIS I 97 1.03 -56.67 -94.91
C HIS I 97 1.90 -57.50 -95.86
N LEU I 98 1.61 -58.79 -95.98
CA LEU I 98 2.39 -59.66 -96.85
C LEU I 98 2.29 -59.20 -98.30
N HIS I 99 1.09 -58.84 -98.74
CA HIS I 99 0.92 -58.42 -100.13
C HIS I 99 1.67 -57.11 -100.41
N ASN I 100 1.61 -56.16 -99.48
CA ASN I 100 2.32 -54.90 -99.71
C ASN I 100 3.83 -55.10 -99.63
N LEU I 101 4.28 -55.96 -98.71
CA LEU I 101 5.68 -56.34 -98.68
C LEU I 101 6.10 -56.91 -100.03
N GLY I 102 5.28 -57.79 -100.59
CA GLY I 102 5.58 -58.33 -101.91
C GLY I 102 5.63 -57.27 -102.99
N LEU I 103 4.81 -56.23 -102.85
CA LEU I 103 4.90 -55.11 -103.80
C LEU I 103 6.26 -54.42 -103.71
N ALA I 104 6.77 -54.26 -102.49
CA ALA I 104 8.02 -53.52 -102.33
C ALA I 104 9.27 -54.39 -102.36
N ARG I 105 9.12 -55.73 -102.40
CA ARG I 105 10.22 -56.62 -102.05
C ARG I 105 11.40 -56.51 -103.01
N ASP I 106 11.14 -56.20 -104.28
CA ASP I 106 12.24 -56.15 -105.22
C ASP I 106 13.01 -54.85 -105.08
N ASP I 107 12.31 -53.73 -104.88
CA ASP I 107 12.98 -52.45 -104.68
C ASP I 107 13.78 -52.45 -103.39
N LEU I 108 13.15 -52.88 -102.28
CA LEU I 108 13.77 -52.74 -100.97
C LEU I 108 15.08 -53.52 -100.87
N VAL I 109 15.13 -54.72 -101.46
CA VAL I 109 16.32 -55.54 -101.30
C VAL I 109 17.45 -55.01 -102.16
N ALA I 110 17.15 -54.21 -103.19
CA ALA I 110 18.17 -53.58 -104.02
C ALA I 110 18.62 -52.23 -103.46
N GLY I 111 18.16 -51.85 -102.28
CA GLY I 111 18.56 -50.61 -101.65
C GLY I 111 17.87 -49.37 -102.16
N LEU I 112 16.69 -49.52 -102.75
CA LEU I 112 16.00 -48.42 -103.42
C LEU I 112 14.65 -48.21 -102.78
N LEU I 113 14.32 -46.96 -102.47
CA LEU I 113 13.04 -46.65 -101.85
C LEU I 113 11.91 -46.93 -102.85
N PRO I 114 10.92 -47.76 -102.50
CA PRO I 114 9.83 -48.09 -103.44
C PRO I 114 8.85 -46.95 -103.61
N THR I 115 9.31 -45.87 -104.24
CA THR I 115 8.48 -44.70 -104.46
C THR I 115 7.31 -44.98 -105.40
N THR I 116 7.43 -46.00 -106.25
CA THR I 116 6.44 -46.25 -107.28
C THR I 116 5.25 -47.08 -106.82
N ILE I 117 5.45 -47.99 -105.86
CA ILE I 117 4.39 -48.94 -105.51
C ILE I 117 3.19 -48.20 -104.90
N GLN I 118 2.06 -48.89 -104.89
CA GLN I 118 0.84 -48.39 -104.25
C GLN I 118 0.22 -49.49 -103.41
N PRO I 119 0.29 -49.41 -102.09
CA PRO I 119 -0.25 -50.48 -101.24
C PRO I 119 -1.77 -50.49 -101.26
N VAL I 120 -2.32 -51.54 -100.63
CA VAL I 120 -3.74 -51.85 -100.72
C VAL I 120 -4.23 -52.27 -99.33
N VAL I 121 -5.52 -52.03 -99.07
CA VAL I 121 -6.24 -52.61 -97.94
C VAL I 121 -7.18 -53.67 -98.49
N GLU I 122 -7.33 -54.78 -97.76
CA GLU I 122 -8.32 -55.81 -98.08
C GLU I 122 -8.02 -56.49 -99.43
N TYR I 123 -6.78 -56.96 -99.60
CA TYR I 123 -6.43 -57.66 -100.82
C TYR I 123 -7.33 -58.88 -101.02
N THR I 124 -7.71 -59.11 -102.27
CA THR I 124 -8.59 -60.22 -102.62
C THR I 124 -8.10 -60.91 -103.89
N ALA J 1 -49.58 69.47 59.58
CA ALA J 1 -50.42 68.33 59.90
C ALA J 1 -50.22 67.91 61.36
N GLN J 2 -49.04 68.19 61.92
CA GLN J 2 -48.75 67.91 63.33
C GLN J 2 -48.92 66.42 63.64
N HIS J 3 -48.52 65.57 62.71
CA HIS J 3 -48.52 64.13 62.93
C HIS J 3 -47.16 63.71 63.48
N ASN J 4 -47.18 63.00 64.61
CA ASN J 4 -45.96 62.60 65.27
C ASN J 4 -45.31 61.40 64.58
N MET J 5 -43.98 61.32 64.67
CA MET J 5 -43.20 60.31 63.97
C MET J 5 -43.41 58.94 64.61
N ARG J 6 -43.20 57.90 63.80
CA ARG J 6 -43.31 56.54 64.29
C ARG J 6 -41.95 55.86 64.26
N LEU J 7 -41.69 55.02 65.25
CA LEU J 7 -40.36 54.48 65.49
C LEU J 7 -40.03 53.35 64.52
N GLN J 8 -38.76 53.33 64.08
CA GLN J 8 -38.31 52.35 63.10
C GLN J 8 -37.14 51.49 63.56
N LEU J 9 -36.17 52.05 64.28
CA LEU J 9 -34.98 51.28 64.66
C LEU J 9 -34.56 51.54 66.10
N THR J 10 -34.42 50.48 66.89
CA THR J 10 -33.92 50.56 68.26
C THR J 10 -32.66 49.73 68.39
N SER J 11 -31.64 50.29 69.05
CA SER J 11 -30.37 49.61 69.18
C SER J 11 -29.73 49.69 70.56
N GLY J 12 -30.37 50.33 71.53
CA GLY J 12 -29.76 50.51 72.84
C GLY J 12 -28.67 51.56 72.84
N THR J 13 -28.21 51.94 71.66
CA THR J 13 -27.32 53.08 71.47
C THR J 13 -27.85 54.09 70.47
N SER J 14 -28.83 53.72 69.63
CA SER J 14 -29.46 54.67 68.72
C SER J 14 -30.96 54.45 68.74
N LEU J 15 -31.67 55.48 68.32
CA LEU J 15 -33.11 55.44 68.07
C LEU J 15 -33.37 56.12 66.75
N THR J 16 -34.25 55.53 65.94
CA THR J 16 -34.48 56.01 64.58
C THR J 16 -35.99 56.02 64.33
N TRP J 17 -36.58 57.21 64.38
CA TRP J 17 -37.98 57.45 64.03
C TRP J 17 -38.07 57.94 62.59
N VAL J 18 -39.25 57.77 62.00
CA VAL J 18 -39.49 58.15 60.62
C VAL J 18 -40.90 58.73 60.51
N ASP J 19 -41.07 59.69 59.60
CA ASP J 19 -42.38 60.21 59.24
C ASP J 19 -43.15 59.14 58.48
N PRO J 20 -44.29 58.67 58.99
CA PRO J 20 -45.03 57.62 58.27
C PRO J 20 -45.46 58.04 56.87
N ASN J 21 -45.62 59.33 56.62
CA ASN J 21 -46.00 59.78 55.28
C ASN J 21 -44.79 59.83 54.35
N ASP J 22 -43.74 60.53 54.76
CA ASP J 22 -42.51 60.67 53.97
C ASP J 22 -41.40 59.89 54.69
N PHE J 23 -41.00 58.77 54.10
CA PHE J 23 -39.85 58.03 54.62
C PHE J 23 -38.53 58.77 54.46
N ARG J 24 -38.51 59.90 53.73
CA ARG J 24 -37.26 60.62 53.53
C ARG J 24 -36.88 61.50 54.71
N SER J 25 -37.78 61.70 55.68
CA SER J 25 -37.49 62.51 56.86
C SER J 25 -37.28 61.59 58.05
N THR J 26 -36.02 61.44 58.46
CA THR J 26 -35.58 60.57 59.53
C THR J 26 -35.23 61.41 60.75
N PHE J 27 -35.33 60.80 61.92
CA PHE J 27 -34.89 61.44 63.17
C PHE J 27 -34.19 60.40 64.02
N ARG J 28 -32.88 60.56 64.22
CA ARG J 28 -32.07 59.63 64.99
C ARG J 28 -31.48 60.31 66.21
N ILE J 29 -31.37 59.55 67.29
CA ILE J 29 -30.66 59.97 68.50
C ILE J 29 -29.64 58.90 68.84
N ASN J 30 -28.38 59.30 68.98
CA ASN J 30 -27.27 58.43 69.35
C ASN J 30 -26.74 58.87 70.70
N LEU J 31 -26.65 57.95 71.65
CA LEU J 31 -26.11 58.26 72.97
C LEU J 31 -24.98 57.30 73.27
N ASN J 32 -23.80 57.84 73.56
CA ASN J 32 -22.63 57.04 73.89
C ASN J 32 -22.09 57.52 75.23
N VAL J 33 -21.88 56.59 76.16
CA VAL J 33 -21.38 56.94 77.48
C VAL J 33 -20.10 56.17 77.76
N ASN J 34 -19.13 56.87 78.33
CA ASN J 34 -17.86 56.26 78.72
C ASN J 34 -17.19 57.15 79.77
N GLN J 35 -16.30 56.55 80.55
CA GLN J 35 -15.63 57.30 81.61
C GLN J 35 -14.51 58.16 81.05
N LYS J 36 -14.41 59.38 81.56
CA LYS J 36 -13.31 60.28 81.27
C LYS J 36 -12.68 60.69 82.59
N VAL J 37 -11.51 61.29 82.51
CA VAL J 37 -10.79 61.77 83.68
C VAL J 37 -10.92 63.29 83.70
N ALA J 38 -11.68 63.82 84.66
CA ALA J 38 -11.80 65.25 84.86
C ALA J 38 -10.91 65.62 86.04
N GLY J 39 -9.80 66.28 85.76
CA GLY J 39 -8.90 66.72 86.79
C GLY J 39 -8.46 65.59 87.70
N ALA J 40 -8.96 65.60 88.94
CA ALA J 40 -8.55 64.64 89.94
C ALA J 40 -9.38 63.36 89.93
N VAL J 41 -10.62 63.41 89.43
CA VAL J 41 -11.52 62.27 89.59
C VAL J 41 -12.11 61.90 88.24
N SER J 42 -12.53 60.65 88.10
CA SER J 42 -13.18 60.19 86.89
C SER J 42 -14.67 60.51 86.93
N VAL J 43 -15.22 60.85 85.77
CA VAL J 43 -16.64 61.14 85.61
C VAL J 43 -17.15 60.37 84.40
N TYR J 44 -18.47 60.38 84.23
CA TYR J 44 -19.13 59.69 83.12
C TYR J 44 -19.53 60.69 82.05
N ASN J 45 -18.80 60.69 80.93
CA ASN J 45 -19.12 61.56 79.81
C ASN J 45 -20.14 60.87 78.90
N ALA J 46 -21.12 61.65 78.46
CA ALA J 46 -22.21 61.17 77.60
C ALA J 46 -22.26 62.08 76.38
N ARG J 47 -21.77 61.56 75.25
CA ARG J 47 -21.89 62.26 73.97
C ARG J 47 -23.23 61.84 73.37
N SER J 48 -24.19 62.76 73.43
CA SER J 48 -25.44 62.62 72.71
C SER J 48 -25.29 63.32 71.38
N GLU J 49 -25.98 62.80 70.36
CA GLU J 49 -26.17 63.55 69.13
C GLU J 49 -27.56 63.27 68.58
N VAL J 50 -28.16 64.30 68.01
CA VAL J 50 -29.53 64.26 67.50
C VAL J 50 -29.48 64.73 66.06
N ILE J 51 -29.80 63.83 65.13
CA ILE J 51 -29.66 64.08 63.70
C ILE J 51 -31.04 63.98 63.07
N THR J 52 -31.49 65.06 62.44
CA THR J 52 -32.71 65.04 61.65
C THR J 52 -32.36 65.21 60.18
N ASN J 53 -32.84 64.30 59.35
CA ASN J 53 -32.53 64.21 57.93
C ASN J 53 -33.80 64.37 57.13
N ARG J 54 -33.73 65.12 56.03
CA ARG J 54 -34.89 65.26 55.17
C ARG J 54 -34.42 65.37 53.72
N ALA J 55 -35.38 65.22 52.81
CA ALA J 55 -35.11 65.31 51.37
C ALA J 55 -36.24 66.08 50.71
N PRO J 56 -36.31 67.40 50.93
CA PRO J 56 -37.33 68.20 50.26
C PRO J 56 -37.07 68.28 48.77
N LEU J 57 -38.12 68.61 48.03
CA LEU J 57 -38.03 68.67 46.58
C LEU J 57 -37.61 70.06 46.15
N VAL J 58 -36.73 70.11 45.15
CA VAL J 58 -36.23 71.37 44.60
C VAL J 58 -37.16 71.75 43.46
N VAL J 59 -37.84 72.88 43.60
CA VAL J 59 -38.87 73.30 42.65
C VAL J 59 -38.52 74.68 42.13
N ILE J 60 -38.35 74.79 40.81
CA ILE J 60 -38.22 76.06 40.11
C ILE J 60 -39.44 76.18 39.20
N GLU J 61 -40.27 77.20 39.46
CA GLU J 61 -41.63 77.21 38.93
C GLU J 61 -41.66 77.07 37.41
N GLY J 62 -40.77 77.76 36.71
CA GLY J 62 -40.73 77.66 35.27
C GLY J 62 -39.89 76.52 34.73
N CYS J 63 -39.11 75.86 35.58
CA CYS J 63 -38.05 74.97 35.13
C CYS J 63 -38.21 73.53 35.58
N THR J 64 -38.80 73.26 36.74
CA THR J 64 -38.80 71.94 37.35
C THR J 64 -39.95 71.13 36.78
N ASP J 65 -39.62 70.09 36.01
CA ASP J 65 -40.61 69.14 35.56
C ASP J 65 -41.16 68.37 36.74
N ALA J 66 -42.49 68.32 36.86
CA ALA J 66 -43.10 67.65 37.99
C ALA J 66 -42.97 66.13 37.90
N CYS J 67 -42.87 65.59 36.69
CA CYS J 67 -42.79 64.14 36.53
C CYS J 67 -41.47 63.60 37.07
N SER J 68 -40.36 64.24 36.71
CA SER J 68 -39.04 63.85 37.21
C SER J 68 -38.76 64.63 38.49
N VAL J 69 -38.85 63.96 39.63
CA VAL J 69 -38.65 64.62 40.92
C VAL J 69 -37.19 65.06 41.05
N ASN J 70 -36.99 66.24 41.62
CA ASN J 70 -35.66 66.75 41.91
C ASN J 70 -35.60 66.99 43.41
N ARG J 71 -34.82 66.18 44.12
CA ARG J 71 -34.76 66.26 45.57
C ARG J 71 -33.37 66.64 46.04
N GLU J 72 -33.33 67.19 47.25
CA GLU J 72 -32.12 67.67 47.91
C GLU J 72 -32.08 67.13 49.32
N ASN J 73 -30.93 66.61 49.74
CA ASN J 73 -30.77 66.22 51.13
C ASN J 73 -30.49 67.46 51.97
N ILE J 74 -31.20 67.59 53.09
CA ILE J 74 -30.92 68.60 54.10
C ILE J 74 -30.79 67.91 55.45
N SER J 75 -29.92 68.46 56.30
CA SER J 75 -29.64 67.81 57.58
C SER J 75 -29.38 68.83 58.67
N ILE J 76 -29.89 68.52 59.86
CA ILE J 76 -29.61 69.32 61.06
C ILE J 76 -29.14 68.36 62.15
N ARG J 77 -27.91 68.54 62.59
CA ARG J 77 -27.23 67.67 63.54
C ARG J 77 -26.91 68.47 64.79
N THR J 78 -26.96 67.82 65.96
CA THR J 78 -26.63 68.49 67.21
C THR J 78 -25.92 67.53 68.15
N THR J 79 -24.65 67.83 68.45
CA THR J 79 -23.82 67.05 69.35
C THR J 79 -23.69 67.75 70.70
N ILE J 80 -23.80 66.97 71.77
CA ILE J 80 -23.76 67.47 73.15
C ILE J 80 -22.89 66.50 73.94
N SER J 81 -21.66 66.92 74.27
CA SER J 81 -20.71 66.06 74.97
C SER J 81 -20.28 66.74 76.26
N GLY J 82 -20.60 66.09 77.38
CA GLY J 82 -20.24 66.52 78.72
C GLY J 82 -20.59 65.41 79.68
N SER J 83 -20.13 65.55 80.92
CA SER J 83 -20.37 64.50 81.90
C SER J 83 -21.81 64.53 82.40
N VAL J 84 -22.33 63.35 82.76
CA VAL J 84 -23.61 63.26 83.45
C VAL J 84 -23.47 63.82 84.86
N GLU J 85 -22.26 63.75 85.40
CA GLU J 85 -22.00 64.26 86.74
C GLU J 85 -22.29 65.76 86.82
N ASN J 86 -21.90 66.50 85.78
CA ASN J 86 -21.97 67.96 85.71
C ASN J 86 -23.07 68.43 84.76
N LYS J 87 -24.14 67.64 84.65
CA LYS J 87 -25.18 67.95 83.68
C LYS J 87 -25.83 69.30 83.96
N ALA J 88 -25.67 69.84 85.17
CA ALA J 88 -26.14 71.20 85.44
C ALA J 88 -25.46 72.19 84.51
N ALA J 89 -24.12 72.19 84.46
CA ALA J 89 -23.41 73.08 83.57
C ALA J 89 -23.58 72.65 82.11
N VAL J 90 -23.78 71.36 81.85
CA VAL J 90 -24.09 70.93 80.48
C VAL J 90 -25.35 71.64 79.98
N LEU J 91 -26.43 71.61 80.78
CA LEU J 91 -27.68 72.25 80.38
C LEU J 91 -27.58 73.76 80.36
N ALA J 92 -26.83 74.34 81.31
CA ALA J 92 -26.60 75.78 81.28
C ALA J 92 -25.90 76.21 80.00
N ALA J 93 -25.01 75.35 79.48
CA ALA J 93 -24.40 75.60 78.18
C ALA J 93 -25.40 75.39 77.05
N LEU J 94 -26.27 74.38 77.19
CA LEU J 94 -27.25 74.10 76.14
C LEU J 94 -28.19 75.25 75.92
N LEU J 95 -28.67 75.87 77.00
CA LEU J 95 -29.64 76.96 76.87
C LEU J 95 -29.02 78.14 76.12
N ASP J 96 -27.79 78.51 76.51
CA ASP J 96 -27.09 79.60 75.84
C ASP J 96 -26.84 79.27 74.37
N HIS J 97 -26.46 78.02 74.09
CA HIS J 97 -26.24 77.60 72.71
C HIS J 97 -27.51 77.72 71.89
N LEU J 98 -28.63 77.23 72.42
CA LEU J 98 -29.88 77.27 71.68
C LEU J 98 -30.33 78.70 71.41
N HIS J 99 -30.23 79.57 72.42
CA HIS J 99 -30.62 80.96 72.23
C HIS J 99 -29.74 81.67 71.20
N ASN J 100 -28.43 81.44 71.25
CA ASN J 100 -27.55 82.09 70.30
C ASN J 100 -27.78 81.55 68.88
N LEU J 101 -28.01 80.24 68.77
CA LEU J 101 -28.40 79.68 67.48
C LEU J 101 -29.66 80.36 66.95
N GLY J 102 -30.64 80.58 67.82
CA GLY J 102 -31.83 81.30 67.41
C GLY J 102 -31.52 82.70 66.91
N LEU J 103 -30.62 83.40 67.60
CA LEU J 103 -30.20 84.71 67.13
C LEU J 103 -29.63 84.64 65.72
N ALA J 104 -28.90 83.56 65.41
CA ALA J 104 -28.21 83.48 64.13
C ALA J 104 -29.04 82.88 63.01
N ARG J 105 -30.11 82.13 63.32
CA ARG J 105 -30.67 81.20 62.34
C ARG J 105 -31.19 81.92 61.10
N ASP J 106 -31.78 83.09 61.29
CA ASP J 106 -32.35 83.81 60.15
C ASP J 106 -31.26 84.20 59.16
N ASP J 107 -30.09 84.59 59.68
CA ASP J 107 -28.96 84.90 58.80
C ASP J 107 -28.38 83.63 58.20
N LEU J 108 -28.27 82.57 58.99
CA LEU J 108 -27.55 81.37 58.56
C LEU J 108 -28.30 80.64 57.46
N VAL J 109 -29.62 80.46 57.61
CA VAL J 109 -30.37 79.70 56.60
C VAL J 109 -30.44 80.44 55.27
N ALA J 110 -30.19 81.75 55.27
CA ALA J 110 -30.16 82.54 54.06
C ALA J 110 -28.77 82.68 53.46
N GLY J 111 -27.80 81.90 53.95
CA GLY J 111 -26.46 81.94 53.41
C GLY J 111 -25.64 83.16 53.77
N LEU J 112 -26.08 83.94 54.75
CA LEU J 112 -25.39 85.16 55.15
C LEU J 112 -24.60 84.92 56.43
N LEU J 113 -23.41 85.50 56.50
CA LEU J 113 -22.58 85.37 57.70
C LEU J 113 -23.11 86.28 58.79
N PRO J 114 -23.53 85.73 59.94
CA PRO J 114 -24.18 86.56 60.98
C PRO J 114 -23.22 87.52 61.65
N THR J 115 -22.83 88.57 60.92
CA THR J 115 -21.83 89.52 61.40
C THR J 115 -22.38 90.51 62.42
N THR J 116 -23.69 90.66 62.52
CA THR J 116 -24.28 91.65 63.41
C THR J 116 -24.60 91.10 64.79
N ILE J 117 -25.05 89.84 64.87
CA ILE J 117 -25.61 89.31 66.11
C ILE J 117 -24.59 89.37 67.25
N GLN J 118 -25.09 89.40 68.47
CA GLN J 118 -24.24 89.36 69.67
C GLN J 118 -24.73 88.26 70.59
N PRO J 119 -23.94 87.20 70.80
CA PRO J 119 -24.36 86.13 71.71
C PRO J 119 -24.27 86.54 73.17
N VAL J 120 -24.54 85.61 74.08
CA VAL J 120 -24.63 85.94 75.49
C VAL J 120 -24.41 84.67 76.30
N VAL J 121 -23.90 84.84 77.52
CA VAL J 121 -23.75 83.76 78.50
C VAL J 121 -24.84 83.96 79.55
N GLU J 122 -25.31 82.85 80.13
CA GLU J 122 -26.25 82.87 81.27
C GLU J 122 -27.52 83.63 80.90
N TYR J 123 -28.16 83.22 79.81
CA TYR J 123 -29.36 83.88 79.31
C TYR J 123 -30.51 83.72 80.28
N THR J 124 -31.11 84.84 80.70
CA THR J 124 -32.18 84.86 81.68
C THR J 124 -33.50 85.11 80.97
N GLY J 125 -34.38 84.11 80.97
CA GLY J 125 -35.71 84.24 80.41
C GLY J 125 -35.76 84.40 78.90
N ALA K 1 -25.92 86.07 85.34
CA ALA K 1 -25.47 87.45 85.19
C ALA K 1 -25.85 88.00 83.82
N GLN K 2 -25.95 87.10 82.85
CA GLN K 2 -26.25 87.43 81.44
C GLN K 2 -25.40 88.60 80.95
N HIS K 3 -24.09 88.45 81.09
CA HIS K 3 -23.12 89.33 80.44
C HIS K 3 -22.86 88.79 79.04
N ASN K 4 -23.27 89.56 78.03
CA ASN K 4 -23.21 89.05 76.67
C ASN K 4 -21.77 88.95 76.15
N MET K 5 -21.56 88.00 75.24
CA MET K 5 -20.22 87.65 74.80
C MET K 5 -19.60 88.76 73.97
N ARG K 6 -18.27 88.75 73.93
CA ARG K 6 -17.48 89.74 73.23
C ARG K 6 -16.88 89.11 71.98
N LEU K 7 -16.98 89.81 70.85
CA LEU K 7 -16.33 89.32 69.64
C LEU K 7 -14.82 89.23 69.83
N GLN K 8 -14.23 88.19 69.29
CA GLN K 8 -12.78 88.12 69.46
C GLN K 8 -12.05 87.90 68.15
N LEU K 9 -12.60 87.11 67.22
CA LEU K 9 -11.88 86.87 65.97
C LEU K 9 -12.83 86.65 64.79
N THR K 10 -12.54 87.32 63.67
CA THR K 10 -13.25 87.11 62.41
C THR K 10 -12.20 86.83 61.35
N SER K 11 -12.31 85.67 60.68
CA SER K 11 -11.38 85.32 59.62
C SER K 11 -12.01 84.25 58.74
N GLY K 12 -11.88 84.44 57.42
CA GLY K 12 -12.43 83.48 56.47
C GLY K 12 -13.93 83.40 56.51
N THR K 13 -14.45 82.27 56.98
CA THR K 13 -15.88 82.04 57.10
C THR K 13 -16.31 81.88 58.55
N SER K 14 -15.45 82.19 59.51
CA SER K 14 -15.71 81.91 60.92
C SER K 14 -15.85 83.20 61.72
N LEU K 15 -16.64 83.11 62.78
CA LEU K 15 -16.78 84.15 63.77
C LEU K 15 -16.58 83.52 65.14
N THR K 16 -15.82 84.19 66.01
CA THR K 16 -15.44 83.61 67.30
C THR K 16 -15.62 84.66 68.39
N TRP K 17 -16.62 84.43 69.26
CA TRP K 17 -16.90 85.22 70.45
C TRP K 17 -16.42 84.48 71.69
N VAL K 18 -16.23 85.22 72.77
CA VAL K 18 -15.73 84.67 74.02
C VAL K 18 -16.44 85.34 75.19
N ASP K 19 -16.56 84.59 76.29
CA ASP K 19 -17.05 85.13 77.54
C ASP K 19 -16.01 86.04 78.16
N PRO K 20 -16.31 87.33 78.37
CA PRO K 20 -15.31 88.23 78.96
C PRO K 20 -14.88 87.86 80.37
N ASN K 21 -15.58 86.95 81.04
CA ASN K 21 -15.16 86.59 82.39
C ASN K 21 -14.14 85.46 82.40
N ASP K 22 -14.44 84.32 81.76
CA ASP K 22 -13.39 83.34 81.52
C ASP K 22 -13.30 83.04 80.03
N PHE K 23 -12.06 82.86 79.59
CA PHE K 23 -11.68 82.58 78.22
C PHE K 23 -12.03 81.17 77.78
N ARG K 24 -12.59 80.37 78.70
CA ARG K 24 -12.83 78.96 78.46
C ARG K 24 -14.11 78.69 77.67
N SER K 25 -15.09 79.58 77.77
CA SER K 25 -16.36 79.41 77.10
C SER K 25 -16.40 80.33 75.88
N THR K 26 -16.40 79.73 74.70
CA THR K 26 -16.32 80.41 73.42
C THR K 26 -17.48 79.97 72.53
N PHE K 27 -17.68 80.72 71.46
CA PHE K 27 -18.82 80.52 70.56
C PHE K 27 -18.37 80.83 69.14
N ARG K 28 -18.45 79.83 68.26
CA ARG K 28 -17.98 79.99 66.88
C ARG K 28 -19.13 79.68 65.92
N ILE K 29 -19.13 80.39 64.80
CA ILE K 29 -20.05 80.12 63.70
C ILE K 29 -19.26 80.04 62.41
N ASN K 30 -19.37 78.93 61.70
CA ASN K 30 -18.78 78.72 60.39
C ASN K 30 -19.89 78.64 59.34
N LEU K 31 -19.64 79.25 58.18
CA LEU K 31 -20.63 79.30 57.11
C LEU K 31 -19.94 78.97 55.80
N ASN K 32 -20.40 77.93 55.12
CA ASN K 32 -19.81 77.50 53.86
C ASN K 32 -20.92 77.43 52.81
N VAL K 33 -20.94 78.40 51.90
CA VAL K 33 -21.93 78.46 50.83
C VAL K 33 -21.26 78.04 49.53
N ASN K 34 -21.92 77.16 48.79
CA ASN K 34 -21.40 76.69 47.51
C ASN K 34 -22.51 75.96 46.76
N GLN K 35 -22.30 75.75 45.47
CA GLN K 35 -23.36 75.19 44.63
C GLN K 35 -23.48 73.67 44.81
N LYS K 36 -24.71 73.21 44.97
CA LYS K 36 -25.09 71.83 45.11
C LYS K 36 -25.85 71.42 43.85
N VAL K 37 -25.73 70.16 43.48
CA VAL K 37 -26.40 69.63 42.29
C VAL K 37 -27.50 68.67 42.76
N ALA K 38 -28.75 69.03 42.49
CA ALA K 38 -29.90 68.22 42.92
C ALA K 38 -30.79 67.99 41.71
N GLY K 39 -30.69 66.80 41.12
CA GLY K 39 -31.41 66.53 39.90
C GLY K 39 -30.75 67.24 38.73
N ALA K 40 -31.57 67.88 37.89
CA ALA K 40 -31.06 68.62 36.74
C ALA K 40 -30.64 70.04 37.09
N VAL K 41 -31.05 70.54 38.25
CA VAL K 41 -30.76 71.91 38.63
C VAL K 41 -29.65 71.94 39.67
N SER K 42 -29.07 73.13 39.84
CA SER K 42 -28.10 73.41 40.88
C SER K 42 -28.62 74.57 41.73
N VAL K 43 -28.42 74.45 43.04
CA VAL K 43 -28.91 75.42 44.01
C VAL K 43 -27.79 75.72 45.00
N TYR K 44 -27.82 76.94 45.56
CA TYR K 44 -26.79 77.33 46.52
C TYR K 44 -27.09 76.70 47.87
N ASN K 45 -26.24 75.77 48.30
CA ASN K 45 -26.34 75.11 49.59
C ASN K 45 -25.46 75.84 50.59
N ALA K 46 -26.02 76.08 51.77
CA ALA K 46 -25.31 76.68 52.90
C ALA K 46 -25.12 75.61 53.97
N ARG K 47 -23.89 75.51 54.46
CA ARG K 47 -23.53 74.65 55.58
C ARG K 47 -23.16 75.58 56.73
N SER K 48 -24.10 75.75 57.66
CA SER K 48 -23.83 76.46 58.91
C SER K 48 -23.39 75.46 59.95
N GLU K 49 -22.41 75.84 60.77
CA GLU K 49 -22.14 75.07 61.98
C GLU K 49 -21.81 76.00 63.13
N VAL K 50 -22.53 75.82 64.23
CA VAL K 50 -22.47 76.68 65.41
C VAL K 50 -21.94 75.85 66.56
N ILE K 51 -20.77 76.22 67.07
CA ILE K 51 -20.02 75.42 68.04
C ILE K 51 -19.82 76.25 69.29
N THR K 52 -20.45 75.84 70.39
CA THR K 52 -20.21 76.45 71.69
C THR K 52 -19.35 75.50 72.53
N ASN K 53 -18.26 76.03 73.06
CA ASN K 53 -17.25 75.25 73.79
C ASN K 53 -17.09 75.83 75.18
N ARG K 54 -17.01 74.96 76.19
CA ARG K 54 -16.76 75.42 77.54
C ARG K 54 -15.80 74.45 78.20
N ALA K 55 -15.22 74.90 79.32
CA ALA K 55 -14.34 74.08 80.14
C ALA K 55 -14.67 74.31 81.61
N PRO K 56 -15.90 73.98 82.02
CA PRO K 56 -16.36 74.37 83.35
C PRO K 56 -15.73 73.51 84.43
N LEU K 57 -15.92 73.95 85.67
CA LEU K 57 -15.59 73.11 86.81
C LEU K 57 -16.66 72.05 86.97
N VAL K 58 -16.26 70.84 87.36
CA VAL K 58 -17.24 69.80 87.61
C VAL K 58 -17.86 70.04 88.99
N VAL K 59 -19.17 70.24 89.02
CA VAL K 59 -19.90 70.58 90.23
C VAL K 59 -20.79 69.40 90.57
N ILE K 60 -20.40 68.65 91.60
CA ILE K 60 -21.19 67.53 92.06
C ILE K 60 -22.38 68.08 92.83
N GLU K 61 -23.56 67.44 92.68
CA GLU K 61 -24.74 67.98 93.34
C GLU K 61 -24.57 67.99 94.85
N GLY K 62 -24.34 66.83 95.46
CA GLY K 62 -24.21 66.77 96.90
C GLY K 62 -23.09 67.64 97.44
N CYS K 63 -22.02 67.82 96.67
CA CYS K 63 -20.83 68.49 97.18
C CYS K 63 -20.90 70.00 96.97
N THR K 64 -20.12 70.70 97.79
CA THR K 64 -19.95 72.15 97.67
C THR K 64 -18.55 72.48 98.18
N ASP K 65 -17.70 72.98 97.28
CA ASP K 65 -16.28 73.18 97.55
C ASP K 65 -15.73 74.22 96.58
N ALA K 66 -15.17 75.30 97.11
CA ALA K 66 -14.55 76.32 96.27
C ALA K 66 -13.07 76.05 96.01
N CYS K 67 -12.53 74.94 96.51
CA CYS K 67 -11.10 74.64 96.41
C CYS K 67 -10.77 73.61 95.35
N SER K 68 -11.77 73.02 94.69
CA SER K 68 -11.51 72.06 93.62
C SER K 68 -11.36 72.81 92.31
N VAL K 69 -10.29 72.51 91.58
CA VAL K 69 -10.12 72.97 90.21
C VAL K 69 -10.34 71.82 89.22
N ASN K 70 -11.11 70.81 89.63
CA ASN K 70 -11.48 69.71 88.76
C ASN K 70 -12.27 70.24 87.57
N ARG K 71 -11.70 70.16 86.37
CA ARG K 71 -12.31 70.72 85.17
C ARG K 71 -12.41 69.66 84.08
N GLU K 72 -13.54 69.68 83.37
CA GLU K 72 -13.72 68.91 82.14
C GLU K 72 -14.08 69.86 81.00
N ASN K 73 -13.90 69.39 79.78
CA ASN K 73 -14.34 70.10 78.60
C ASN K 73 -15.75 69.64 78.24
N ILE K 74 -16.57 70.58 77.77
CA ILE K 74 -17.91 70.28 77.26
C ILE K 74 -18.10 71.05 75.96
N SER K 75 -18.90 70.47 75.06
CA SER K 75 -19.11 71.10 73.77
C SER K 75 -20.49 70.76 73.22
N ILE K 76 -21.12 71.76 72.61
CA ILE K 76 -22.40 71.59 71.93
C ILE K 76 -22.27 72.19 70.54
N ARG K 77 -22.46 71.36 69.51
CA ARG K 77 -22.33 71.75 68.12
C ARG K 77 -23.65 71.51 67.40
N THR K 78 -23.98 72.40 66.47
CA THR K 78 -25.19 72.27 65.67
C THR K 78 -24.86 72.59 64.21
N THR K 79 -25.05 71.61 63.34
CA THR K 79 -24.77 71.74 61.92
C THR K 79 -26.07 71.75 61.13
N ILE K 80 -26.14 72.62 60.14
CA ILE K 80 -27.34 72.85 59.33
C ILE K 80 -26.92 72.97 57.88
N SER K 81 -27.13 71.92 57.09
CA SER K 81 -26.74 71.92 55.68
C SER K 81 -28.01 71.83 54.82
N GLY K 82 -28.22 72.84 54.00
CA GLY K 82 -29.41 72.92 53.17
C GLY K 82 -29.35 74.12 52.24
N SER K 83 -30.08 74.03 51.14
CA SER K 83 -30.03 75.11 50.16
C SER K 83 -30.71 76.36 50.70
N VAL K 84 -30.35 77.49 50.09
CA VAL K 84 -31.02 78.75 50.42
C VAL K 84 -32.41 78.79 49.80
N GLU K 85 -32.60 78.06 48.70
CA GLU K 85 -33.88 78.08 48.01
C GLU K 85 -34.98 77.41 48.85
N ASN K 86 -34.68 76.24 49.43
CA ASN K 86 -35.61 75.56 50.32
C ASN K 86 -35.47 75.98 51.77
N LYS K 87 -34.95 77.19 52.04
CA LYS K 87 -34.76 77.60 53.42
C LYS K 87 -36.06 77.59 54.20
N ALA K 88 -37.20 77.60 53.51
CA ALA K 88 -38.49 77.38 54.18
C ALA K 88 -38.54 76.01 54.84
N ALA K 89 -38.28 74.95 54.06
CA ALA K 89 -38.27 73.59 54.62
C ALA K 89 -37.11 73.39 55.57
N VAL K 90 -36.00 74.11 55.35
CA VAL K 90 -34.88 74.06 56.29
C VAL K 90 -35.31 74.59 57.65
N LEU K 91 -36.01 75.73 57.68
CA LEU K 91 -36.44 76.30 58.95
C LEU K 91 -37.54 75.47 59.60
N ALA K 92 -38.45 74.90 58.80
CA ALA K 92 -39.45 73.99 59.36
C ALA K 92 -38.77 72.78 60.01
N ALA K 93 -37.80 72.21 59.31
CA ALA K 93 -37.01 71.12 59.88
C ALA K 93 -36.25 71.56 61.12
N LEU K 94 -35.79 72.82 61.16
CA LEU K 94 -35.10 73.30 62.33
C LEU K 94 -36.04 73.40 63.53
N LEU K 95 -37.25 73.91 63.32
CA LEU K 95 -38.21 73.97 64.41
C LEU K 95 -38.54 72.58 64.94
N ASP K 96 -38.80 71.63 64.03
CA ASP K 96 -39.10 70.27 64.46
C ASP K 96 -37.91 69.66 65.19
N HIS K 97 -36.70 69.90 64.69
CA HIS K 97 -35.47 69.41 65.33
C HIS K 97 -35.32 69.97 66.73
N LEU K 98 -35.50 71.28 66.89
CA LEU K 98 -35.35 71.91 68.20
C LEU K 98 -36.38 71.39 69.19
N HIS K 99 -37.63 71.24 68.75
CA HIS K 99 -38.68 70.74 69.64
C HIS K 99 -38.39 69.30 70.07
N ASN K 100 -37.98 68.45 69.13
CA ASN K 100 -37.69 67.06 69.50
C ASN K 100 -36.46 66.98 70.40
N LEU K 101 -35.43 67.79 70.11
CA LEU K 101 -34.28 67.89 71.00
C LEU K 101 -34.70 68.26 72.40
N GLY K 102 -35.60 69.23 72.53
CA GLY K 102 -36.11 69.59 73.85
C GLY K 102 -36.84 68.44 74.52
N LEU K 103 -37.63 67.69 73.74
CA LEU K 103 -38.28 66.50 74.29
C LEU K 103 -37.26 65.51 74.85
N ALA K 104 -36.07 65.44 74.25
CA ALA K 104 -35.11 64.43 74.65
C ALA K 104 -34.06 64.89 75.65
N ARG K 105 -33.86 66.20 75.83
CA ARG K 105 -32.63 66.68 76.47
C ARG K 105 -32.51 66.21 77.92
N ASP K 106 -33.63 66.15 78.63
CA ASP K 106 -33.55 65.78 80.04
C ASP K 106 -33.07 64.34 80.20
N ASP K 107 -33.40 63.46 79.25
CA ASP K 107 -32.83 62.12 79.23
C ASP K 107 -31.39 62.14 78.75
N LEU K 108 -31.09 62.90 77.70
CA LEU K 108 -29.79 62.81 77.06
C LEU K 108 -28.66 63.34 77.95
N VAL K 109 -28.89 64.45 78.66
CA VAL K 109 -27.83 64.98 79.50
C VAL K 109 -27.63 64.12 80.74
N ALA K 110 -28.59 63.26 81.07
CA ALA K 110 -28.50 62.36 82.21
C ALA K 110 -27.97 60.98 81.82
N GLY K 111 -27.53 60.81 80.58
CA GLY K 111 -27.01 59.54 80.12
C GLY K 111 -28.05 58.50 79.76
N LEU K 112 -29.34 58.86 79.76
CA LEU K 112 -30.41 57.94 79.46
C LEU K 112 -30.85 58.09 78.01
N LEU K 113 -30.95 56.98 77.30
CA LEU K 113 -31.46 57.03 75.93
C LEU K 113 -32.96 57.28 75.98
N PRO K 114 -33.47 58.31 75.29
CA PRO K 114 -34.87 58.69 75.47
C PRO K 114 -35.82 57.68 74.85
N THR K 115 -36.08 56.59 75.57
CA THR K 115 -36.95 55.53 75.07
C THR K 115 -38.40 55.98 74.97
N THR K 116 -38.80 56.93 75.80
CA THR K 116 -40.20 57.25 76.03
C THR K 116 -40.68 58.51 75.33
N ILE K 117 -39.85 59.13 74.50
CA ILE K 117 -40.23 60.40 73.88
C ILE K 117 -41.01 60.13 72.60
N GLN K 118 -41.74 61.16 72.15
CA GLN K 118 -42.59 61.06 70.97
C GLN K 118 -42.23 62.19 70.01
N PRO K 119 -41.31 61.94 69.06
CA PRO K 119 -40.96 62.98 68.10
C PRO K 119 -42.09 63.25 67.12
N VAL K 120 -42.17 64.51 66.69
CA VAL K 120 -43.27 64.99 65.85
C VAL K 120 -42.70 65.63 64.58
N VAL K 121 -43.60 65.87 63.63
CA VAL K 121 -43.32 66.67 62.43
C VAL K 121 -44.30 67.83 62.41
N GLU K 122 -43.83 69.00 61.97
CA GLU K 122 -44.67 70.19 61.85
C GLU K 122 -45.26 70.60 63.19
N TYR K 123 -44.37 70.94 64.13
CA TYR K 123 -44.82 71.32 65.47
C TYR K 123 -45.61 72.61 65.44
N THR K 124 -46.70 72.63 66.23
CA THR K 124 -47.60 73.78 66.31
C THR K 124 -48.05 74.02 67.76
N ALA L 1 -59.71 27.59 73.56
CA ALA L 1 -59.15 28.29 74.71
C ALA L 1 -58.87 29.75 74.38
N GLN L 2 -58.48 30.00 73.13
CA GLN L 2 -58.11 31.32 72.62
C GLN L 2 -57.10 32.03 73.53
N HIS L 3 -56.17 31.25 74.08
CA HIS L 3 -54.99 31.84 74.68
C HIS L 3 -54.12 32.46 73.60
N ASN L 4 -53.77 33.73 73.76
CA ASN L 4 -53.08 34.46 72.72
C ASN L 4 -51.56 34.27 72.83
N MET L 5 -50.88 34.38 71.69
CA MET L 5 -49.46 34.07 71.60
C MET L 5 -48.64 35.08 72.39
N ARG L 6 -47.43 34.66 72.78
CA ARG L 6 -46.54 35.52 73.55
C ARG L 6 -45.20 35.66 72.85
N LEU L 7 -44.52 36.77 73.12
CA LEU L 7 -43.42 37.21 72.27
C LEU L 7 -42.13 36.45 72.57
N GLN L 8 -41.42 36.07 71.51
CA GLN L 8 -40.17 35.30 71.62
C GLN L 8 -38.97 36.00 71.04
N LEU L 9 -39.06 36.54 69.81
CA LEU L 9 -37.91 37.11 69.11
C LEU L 9 -38.26 38.44 68.47
N THR L 10 -37.45 39.47 68.75
CA THR L 10 -37.61 40.79 68.14
C THR L 10 -36.32 41.17 67.44
N SER L 11 -36.43 41.67 66.22
CA SER L 11 -35.25 41.97 65.42
C SER L 11 -35.28 43.33 64.75
N GLY L 12 -36.31 44.13 64.94
CA GLY L 12 -36.45 45.40 64.25
C GLY L 12 -36.82 45.20 62.80
N THR L 13 -36.62 43.98 62.32
CA THR L 13 -37.09 43.53 61.02
C THR L 13 -37.94 42.27 61.09
N SER L 14 -37.81 41.48 62.15
CA SER L 14 -38.57 40.24 62.33
C SER L 14 -39.19 40.21 63.71
N LEU L 15 -40.41 39.71 63.78
CA LEU L 15 -41.08 39.46 65.05
C LEU L 15 -41.53 38.01 65.06
N THR L 16 -41.32 37.35 66.20
CA THR L 16 -41.60 35.91 66.32
C THR L 16 -42.30 35.67 67.64
N TRP L 17 -43.58 35.32 67.58
CA TRP L 17 -44.36 34.94 68.74
C TRP L 17 -44.56 33.42 68.74
N VAL L 18 -44.81 32.88 69.93
CA VAL L 18 -44.97 31.45 70.11
C VAL L 18 -46.18 31.19 70.98
N ASP L 19 -46.83 30.05 70.75
CA ASP L 19 -47.88 29.55 71.63
C ASP L 19 -47.27 29.13 72.96
N PRO L 20 -47.66 29.76 74.07
CA PRO L 20 -47.07 29.39 75.37
C PRO L 20 -47.28 27.95 75.77
N ASN L 21 -48.29 27.27 75.22
CA ASN L 21 -48.47 25.84 75.53
C ASN L 21 -47.63 24.97 74.60
N ASP L 22 -47.76 25.18 73.29
CA ASP L 22 -47.10 24.35 72.29
C ASP L 22 -46.04 25.20 71.58
N PHE L 23 -44.77 24.87 71.82
CA PHE L 23 -43.67 25.58 71.19
C PHE L 23 -43.54 25.25 69.70
N ARG L 24 -44.29 24.27 69.20
CA ARG L 24 -44.23 23.90 67.79
C ARG L 24 -44.95 24.90 66.90
N SER L 25 -45.91 25.66 67.43
CA SER L 25 -46.70 26.61 66.65
C SER L 25 -46.18 28.02 66.90
N THR L 26 -45.60 28.62 65.87
CA THR L 26 -44.98 29.94 65.93
C THR L 26 -45.60 30.83 64.86
N PHE L 27 -45.33 32.12 64.99
CA PHE L 27 -45.90 33.13 64.11
C PHE L 27 -44.86 34.24 63.95
N ARG L 28 -44.34 34.41 62.74
CA ARG L 28 -43.34 35.42 62.44
C ARG L 28 -43.91 36.42 61.44
N ILE L 29 -43.52 37.68 61.61
CA ILE L 29 -43.77 38.74 60.65
C ILE L 29 -42.42 39.36 60.28
N ASN L 30 -42.11 39.36 58.98
CA ASN L 30 -40.90 39.97 58.45
C ASN L 30 -41.29 41.13 57.55
N LEU L 31 -40.53 42.21 57.63
CA LEU L 31 -40.81 43.41 56.85
C LEU L 31 -39.50 43.93 56.27
N ASN L 32 -39.51 44.28 54.99
CA ASN L 32 -38.32 44.82 54.34
C ASN L 32 -38.74 45.96 53.43
N VAL L 33 -38.25 47.16 53.73
CA VAL L 33 -38.54 48.36 52.95
C VAL L 33 -37.27 48.76 52.21
N ASN L 34 -37.43 49.11 50.93
CA ASN L 34 -36.32 49.58 50.11
C ASN L 34 -36.88 50.27 48.87
N GLN L 35 -36.06 51.10 48.23
CA GLN L 35 -36.58 51.84 47.10
C GLN L 35 -36.69 50.96 45.86
N LYS L 36 -37.53 51.42 44.93
CA LYS L 36 -37.86 50.70 43.72
C LYS L 36 -38.12 51.72 42.63
N VAL L 37 -37.76 51.37 41.40
CA VAL L 37 -37.90 52.27 40.27
C VAL L 37 -39.09 51.79 39.43
N ALA L 38 -40.20 52.51 39.52
CA ALA L 38 -41.36 52.28 38.67
C ALA L 38 -41.35 53.34 37.58
N GLY L 39 -41.07 52.92 36.36
CA GLY L 39 -40.91 53.85 35.26
C GLY L 39 -39.79 54.83 35.54
N ALA L 40 -40.14 56.11 35.69
CA ALA L 40 -39.16 57.16 35.98
C ALA L 40 -39.30 57.70 37.40
N VAL L 41 -40.00 56.99 38.28
CA VAL L 41 -40.27 57.46 39.63
C VAL L 41 -39.83 56.41 40.63
N SER L 42 -39.08 56.82 41.64
CA SER L 42 -38.67 55.93 42.71
C SER L 42 -39.69 56.00 43.84
N VAL L 43 -40.12 54.83 44.32
CA VAL L 43 -41.08 54.72 45.42
C VAL L 43 -40.54 53.68 46.40
N TYR L 44 -40.96 53.83 47.65
CA TYR L 44 -40.55 52.91 48.72
C TYR L 44 -41.44 51.68 48.69
N ASN L 45 -40.88 50.56 48.22
CA ASN L 45 -41.57 49.28 48.23
C ASN L 45 -41.32 48.58 49.56
N ALA L 46 -42.40 48.10 50.17
CA ALA L 46 -42.37 47.27 51.35
C ALA L 46 -42.81 45.86 50.96
N ARG L 47 -42.00 44.86 51.33
CA ARG L 47 -42.36 43.47 51.21
C ARG L 47 -42.53 42.92 52.63
N SER L 48 -43.76 42.56 52.97
CA SER L 48 -44.09 41.97 54.26
C SER L 48 -44.44 40.51 54.04
N GLU L 49 -43.81 39.61 54.80
CA GLU L 49 -44.24 38.23 54.81
C GLU L 49 -44.65 37.80 56.23
N VAL L 50 -45.72 37.02 56.29
CA VAL L 50 -46.33 36.59 57.54
C VAL L 50 -46.38 35.07 57.49
N ILE L 51 -45.60 34.43 58.36
CA ILE L 51 -45.38 32.98 58.34
C ILE L 51 -45.89 32.39 59.65
N THR L 52 -46.91 31.54 59.57
CA THR L 52 -47.34 30.77 60.72
C THR L 52 -46.97 29.31 60.50
N ASN L 53 -46.28 28.74 61.48
CA ASN L 53 -45.73 27.38 61.40
C ASN L 53 -46.28 26.54 62.52
N ARG L 54 -46.64 25.28 62.22
CA ARG L 54 -47.15 24.38 63.24
C ARG L 54 -46.66 22.97 62.96
N ALA L 55 -46.81 22.11 63.97
CA ALA L 55 -46.36 20.72 63.89
C ALA L 55 -47.45 19.82 64.47
N PRO L 56 -48.49 19.52 63.69
CA PRO L 56 -49.53 18.61 64.17
C PRO L 56 -49.04 17.18 64.21
N LEU L 57 -49.74 16.37 65.00
CA LEU L 57 -49.47 14.95 65.06
C LEU L 57 -50.36 14.21 64.08
N VAL L 58 -49.82 13.18 63.46
CA VAL L 58 -50.59 12.32 62.57
C VAL L 58 -51.38 11.34 63.43
N VAL L 59 -52.69 11.54 63.50
CA VAL L 59 -53.56 10.73 64.34
C VAL L 59 -54.01 9.50 63.56
N ILE L 60 -53.53 8.33 63.98
CA ILE L 60 -54.04 7.05 63.48
C ILE L 60 -54.82 6.36 64.59
N GLU L 61 -56.07 6.05 64.31
CA GLU L 61 -56.88 5.28 65.25
C GLU L 61 -56.30 3.88 65.42
N GLY L 62 -56.35 3.38 66.65
CA GLY L 62 -55.77 2.10 66.96
C GLY L 62 -54.28 2.14 67.24
N CYS L 63 -53.63 3.28 67.04
CA CYS L 63 -52.20 3.45 67.28
C CYS L 63 -52.02 4.49 68.38
N THR L 64 -51.80 4.03 69.61
CA THR L 64 -51.39 4.93 70.67
C THR L 64 -49.98 5.43 70.39
N ASP L 65 -49.88 6.67 69.94
CA ASP L 65 -48.60 7.25 69.53
C ASP L 65 -47.85 7.73 70.77
N ALA L 66 -47.47 6.76 71.60
CA ALA L 66 -46.53 7.04 72.66
C ALA L 66 -45.26 7.64 72.07
N CYS L 67 -44.74 8.66 72.74
CA CYS L 67 -43.56 9.44 72.39
C CYS L 67 -43.88 10.47 71.32
N SER L 68 -45.09 10.47 70.76
CA SER L 68 -45.53 11.43 69.75
C SER L 68 -44.52 11.54 68.60
N VAL L 69 -44.21 10.38 68.01
CA VAL L 69 -43.19 10.33 66.97
C VAL L 69 -43.79 10.67 65.60
N ASN L 70 -45.01 10.22 65.33
CA ASN L 70 -45.67 10.54 64.06
C ASN L 70 -46.12 11.98 64.08
N ARG L 71 -45.30 12.88 63.54
CA ARG L 71 -45.57 14.30 63.59
C ARG L 71 -45.27 14.95 62.24
N GLU L 72 -46.09 15.93 61.89
CA GLU L 72 -46.08 16.57 60.59
C GLU L 72 -45.82 18.07 60.74
N ASN L 73 -45.12 18.66 59.77
CA ASN L 73 -44.97 20.11 59.69
C ASN L 73 -46.00 20.67 58.73
N ILE L 74 -46.70 21.73 59.17
CA ILE L 74 -47.61 22.47 58.31
C ILE L 74 -47.26 23.95 58.41
N SER L 75 -47.52 24.67 57.31
CA SER L 75 -47.14 26.08 57.27
C SER L 75 -48.06 26.88 56.36
N ILE L 76 -48.41 28.08 56.82
CA ILE L 76 -49.20 29.03 56.05
C ILE L 76 -48.45 30.35 56.00
N ARG L 77 -48.15 30.81 54.80
CA ARG L 77 -47.29 31.96 54.57
C ARG L 77 -48.00 32.94 53.64
N THR L 78 -47.75 34.23 53.84
CA THR L 78 -48.41 35.26 53.05
C THR L 78 -47.44 36.40 52.79
N THR L 79 -47.16 36.66 51.50
CA THR L 79 -46.24 37.72 51.09
C THR L 79 -47.02 38.84 50.41
N ILE L 80 -46.67 40.07 50.74
CA ILE L 80 -47.36 41.27 50.29
C ILE L 80 -46.27 42.27 49.94
N SER L 81 -46.02 42.44 48.63
CA SER L 81 -44.96 43.34 48.16
C SER L 81 -45.59 44.45 47.33
N GLY L 82 -45.43 45.69 47.78
CA GLY L 82 -46.00 46.82 47.08
C GLY L 82 -45.51 48.13 47.66
N SER L 83 -45.76 49.21 46.92
CA SER L 83 -45.37 50.53 47.36
C SER L 83 -46.17 50.95 48.59
N VAL L 84 -45.50 51.64 49.51
CA VAL L 84 -46.22 52.34 50.56
C VAL L 84 -47.10 53.42 49.95
N GLU L 85 -46.66 54.01 48.82
CA GLU L 85 -47.44 55.06 48.18
C GLU L 85 -48.75 54.53 47.60
N ASN L 86 -48.71 53.37 46.92
CA ASN L 86 -49.93 52.75 46.41
C ASN L 86 -50.56 51.79 47.40
N LYS L 87 -50.36 52.01 48.70
CA LYS L 87 -50.94 51.12 49.69
C LYS L 87 -52.45 51.02 49.57
N ALA L 88 -53.10 51.99 48.92
CA ALA L 88 -54.53 51.88 48.67
C ALA L 88 -54.83 50.69 47.75
N ALA L 89 -54.17 50.63 46.60
CA ALA L 89 -54.36 49.50 45.70
C ALA L 89 -53.81 48.21 46.29
N VAL L 90 -52.77 48.30 47.14
CA VAL L 90 -52.29 47.13 47.85
C VAL L 90 -53.40 46.55 48.74
N LEU L 91 -54.10 47.41 49.49
CA LEU L 91 -55.15 46.94 50.38
C LEU L 91 -56.37 46.44 49.62
N ALA L 92 -56.70 47.10 48.50
CA ALA L 92 -57.76 46.57 47.64
C ALA L 92 -57.42 45.17 47.16
N ALA L 93 -56.18 44.99 46.71
CA ALA L 93 -55.70 43.67 46.30
C ALA L 93 -55.73 42.68 47.45
N LEU L 94 -55.44 43.13 48.67
CA LEU L 94 -55.48 42.22 49.81
C LEU L 94 -56.90 41.76 50.10
N LEU L 95 -57.86 42.68 50.06
CA LEU L 95 -59.25 42.29 50.28
C LEU L 95 -59.71 41.29 49.23
N ASP L 96 -59.46 41.58 47.96
CA ASP L 96 -59.87 40.67 46.90
C ASP L 96 -59.16 39.33 47.03
N HIS L 97 -57.88 39.35 47.42
CA HIS L 97 -57.11 38.14 47.64
C HIS L 97 -57.71 37.29 48.76
N LEU L 98 -58.02 37.92 49.90
CA LEU L 98 -58.59 37.20 51.02
C LEU L 98 -59.93 36.58 50.66
N HIS L 99 -60.78 37.33 49.95
CA HIS L 99 -62.09 36.80 49.58
C HIS L 99 -61.97 35.62 48.62
N ASN L 100 -61.08 35.72 47.64
CA ASN L 100 -60.92 34.61 46.70
C ASN L 100 -60.29 33.40 47.37
N LEU L 101 -59.32 33.64 48.27
CA LEU L 101 -58.79 32.57 49.09
C LEU L 101 -59.90 31.86 49.84
N GLY L 102 -60.80 32.65 50.44
CA GLY L 102 -61.93 32.06 51.13
C GLY L 102 -62.84 31.27 50.22
N LEU L 103 -62.95 31.69 48.95
CA LEU L 103 -63.72 30.89 48.00
C LEU L 103 -63.07 29.53 47.78
N ALA L 104 -61.74 29.48 47.72
CA ALA L 104 -61.06 28.23 47.42
C ALA L 104 -60.67 27.42 48.65
N ARG L 105 -60.87 27.97 49.85
CA ARG L 105 -60.17 27.44 51.04
C ARG L 105 -60.60 26.02 51.38
N ASP L 106 -61.84 25.65 51.09
CA ASP L 106 -62.30 24.33 51.45
C ASP L 106 -61.78 23.29 50.46
N ASP L 107 -61.79 23.62 49.17
CA ASP L 107 -61.26 22.70 48.17
C ASP L 107 -59.76 22.50 48.34
N LEU L 108 -59.01 23.60 48.47
CA LEU L 108 -57.56 23.52 48.46
C LEU L 108 -57.03 22.68 49.62
N VAL L 109 -57.62 22.82 50.81
CA VAL L 109 -57.08 22.10 51.96
C VAL L 109 -57.41 20.61 51.88
N ALA L 110 -58.41 20.23 51.10
CA ALA L 110 -58.75 18.83 50.88
C ALA L 110 -57.97 18.21 49.73
N GLY L 111 -57.03 18.95 49.13
CA GLY L 111 -56.21 18.42 48.06
C GLY L 111 -56.86 18.42 46.69
N LEU L 112 -57.87 19.27 46.48
CA LEU L 112 -58.67 19.24 45.28
C LEU L 112 -58.59 20.60 44.60
N LEU L 113 -58.33 20.60 43.29
CA LEU L 113 -58.24 21.84 42.55
C LEU L 113 -59.60 22.52 42.49
N PRO L 114 -59.71 23.79 42.93
CA PRO L 114 -61.02 24.48 42.96
C PRO L 114 -61.48 24.90 41.56
N THR L 115 -61.80 23.89 40.75
CA THR L 115 -62.24 24.15 39.38
C THR L 115 -63.58 24.89 39.33
N THR L 116 -64.38 24.80 40.39
CA THR L 116 -65.73 25.34 40.37
C THR L 116 -65.82 26.82 40.73
N ILE L 117 -64.92 27.30 41.60
CA ILE L 117 -65.07 28.67 42.12
C ILE L 117 -64.92 29.70 41.00
N GLN L 118 -65.38 30.91 41.28
CA GLN L 118 -65.23 32.05 40.37
C GLN L 118 -64.76 33.25 41.15
N PRO L 119 -63.51 33.68 41.01
CA PRO L 119 -63.01 34.81 41.79
C PRO L 119 -63.61 36.13 41.31
N VAL L 120 -63.32 37.18 42.08
CA VAL L 120 -63.96 38.48 41.91
C VAL L 120 -62.90 39.57 42.06
N VAL L 121 -63.13 40.71 41.40
CA VAL L 121 -62.40 41.94 41.64
C VAL L 121 -63.35 42.90 42.36
N GLU L 122 -62.81 43.67 43.31
CA GLU L 122 -63.55 44.74 43.99
C GLU L 122 -64.72 44.19 44.81
N TYR L 123 -64.44 43.20 45.66
CA TYR L 123 -65.49 42.66 46.52
C TYR L 123 -66.08 43.75 47.40
N THR L 124 -67.41 43.67 47.57
CA THR L 124 -68.14 44.65 48.35
C THR L 124 -69.18 43.97 49.25
N ALA M 1 -68.46 54.33 4.92
CA ALA M 1 -68.48 54.88 3.56
C ALA M 1 -69.05 53.88 2.57
N GLN M 2 -68.94 52.57 2.88
CA GLN M 2 -69.53 51.52 2.05
C GLN M 2 -68.99 51.58 0.62
N HIS M 3 -67.71 51.89 0.48
CA HIS M 3 -67.05 51.85 -0.82
C HIS M 3 -66.43 50.48 -1.03
N ASN M 4 -66.76 49.87 -2.17
CA ASN M 4 -66.30 48.52 -2.47
C ASN M 4 -64.85 48.52 -2.94
N MET M 5 -64.15 47.41 -2.65
CA MET M 5 -62.73 47.28 -2.93
C MET M 5 -62.48 47.18 -4.43
N ARG M 6 -61.27 47.58 -4.84
CA ARG M 6 -60.89 47.46 -6.24
C ARG M 6 -59.76 46.45 -6.39
N LEU M 7 -59.79 45.71 -7.49
CA LEU M 7 -58.93 44.55 -7.66
C LEU M 7 -57.50 44.95 -8.03
N GLN M 8 -56.53 44.22 -7.48
CA GLN M 8 -55.11 44.53 -7.69
C GLN M 8 -54.31 43.39 -8.28
N LEU M 9 -54.55 42.13 -7.88
CA LEU M 9 -53.72 41.02 -8.35
C LEU M 9 -54.57 39.79 -8.70
N THR M 10 -54.40 39.29 -9.92
CA THR M 10 -55.04 38.06 -10.38
C THR M 10 -53.98 37.03 -10.76
N SER M 11 -54.19 35.79 -10.32
CA SER M 11 -53.20 34.75 -10.57
C SER M 11 -53.77 33.41 -10.99
N GLY M 12 -55.10 33.27 -11.11
CA GLY M 12 -55.70 31.99 -11.42
C GLY M 12 -55.70 31.05 -10.23
N THR M 13 -54.92 31.38 -9.22
CA THR M 13 -54.96 30.70 -7.93
C THR M 13 -55.17 31.66 -6.76
N SER M 14 -54.95 32.96 -6.94
CA SER M 14 -55.24 33.93 -5.90
C SER M 14 -55.94 35.13 -6.53
N LEU M 15 -56.63 35.88 -5.67
CA LEU M 15 -57.21 37.16 -6.01
C LEU M 15 -56.89 38.12 -4.89
N THR M 16 -56.53 39.34 -5.24
CA THR M 16 -56.05 40.32 -4.26
C THR M 16 -56.70 41.67 -4.56
N TRP M 17 -57.72 42.02 -3.78
CA TRP M 17 -58.37 43.32 -3.81
C TRP M 17 -57.79 44.22 -2.74
N VAL M 18 -57.95 45.53 -2.94
CA VAL M 18 -57.41 46.53 -2.03
C VAL M 18 -58.41 47.67 -1.91
N ASP M 19 -58.47 48.28 -0.72
CA ASP M 19 -59.23 49.51 -0.50
C ASP M 19 -58.56 50.65 -1.24
N PRO M 20 -59.23 51.28 -2.20
CA PRO M 20 -58.59 52.40 -2.94
C PRO M 20 -58.16 53.54 -2.05
N ASN M 21 -58.81 53.73 -0.90
CA ASN M 21 -58.42 54.80 0.01
C ASN M 21 -57.21 54.39 0.84
N ASP M 22 -57.29 53.27 1.53
CA ASP M 22 -56.22 52.76 2.38
C ASP M 22 -55.64 51.50 1.72
N PHE M 23 -54.43 51.62 1.19
CA PHE M 23 -53.73 50.45 0.66
C PHE M 23 -53.33 49.45 1.73
N ARG M 24 -53.49 49.78 3.02
CA ARG M 24 -53.10 48.87 4.08
C ARG M 24 -54.13 47.78 4.35
N SER M 25 -55.34 47.89 3.79
CA SER M 25 -56.39 46.89 3.97
C SER M 25 -56.52 46.06 2.69
N THR M 26 -56.01 44.84 2.74
CA THR M 26 -55.98 43.91 1.63
C THR M 26 -57.03 42.83 1.84
N PHE M 27 -57.49 42.24 0.74
CA PHE M 27 -58.40 41.10 0.80
C PHE M 27 -57.99 40.10 -0.27
N ARG M 28 -57.49 38.94 0.14
CA ARG M 28 -57.03 37.90 -0.76
C ARG M 28 -57.88 36.64 -0.60
N ILE M 29 -58.08 35.95 -1.73
CA ILE M 29 -58.70 34.64 -1.76
C ILE M 29 -57.77 33.69 -2.52
N ASN M 30 -57.41 32.58 -1.88
CA ASN M 30 -56.56 31.55 -2.46
C ASN M 30 -57.38 30.26 -2.59
N LEU M 31 -57.43 29.69 -3.79
CA LEU M 31 -58.15 28.44 -4.02
C LEU M 31 -57.19 27.44 -4.63
N ASN M 32 -57.05 26.29 -3.97
CA ASN M 32 -56.19 25.23 -4.46
C ASN M 32 -57.01 23.95 -4.55
N VAL M 33 -56.98 23.29 -5.70
CA VAL M 33 -57.74 22.08 -5.91
C VAL M 33 -56.80 20.94 -6.31
N ASN M 34 -57.04 19.77 -5.72
CA ASN M 34 -56.27 18.57 -6.05
C ASN M 34 -57.07 17.35 -5.62
N GLN M 35 -56.76 16.21 -6.24
CA GLN M 35 -57.48 14.99 -5.94
C GLN M 35 -57.00 14.38 -4.63
N LYS M 36 -57.95 13.89 -3.84
CA LYS M 36 -57.68 13.13 -2.64
C LYS M 36 -58.41 11.80 -2.75
N VAL M 37 -58.06 10.88 -1.87
CA VAL M 37 -58.69 9.57 -1.82
C VAL M 37 -59.62 9.55 -0.62
N ALA M 38 -60.93 9.53 -0.87
CA ALA M 38 -61.92 9.39 0.19
C ALA M 38 -62.40 7.94 0.18
N GLY M 39 -61.99 7.19 1.18
CA GLY M 39 -62.41 5.81 1.31
C GLY M 39 -62.13 5.00 0.06
N ALA M 40 -63.19 4.65 -0.66
CA ALA M 40 -63.06 3.79 -1.83
C ALA M 40 -62.79 4.55 -3.11
N VAL M 41 -63.17 5.82 -3.20
CA VAL M 41 -63.13 6.53 -4.47
C VAL M 41 -62.37 7.85 -4.29
N SER M 42 -61.81 8.35 -5.40
CA SER M 42 -61.14 9.63 -5.38
C SER M 42 -62.13 10.76 -5.57
N VAL M 43 -61.88 11.89 -4.88
CA VAL M 43 -62.70 13.08 -4.98
C VAL M 43 -61.78 14.28 -5.17
N TYR M 44 -62.39 15.43 -5.47
CA TYR M 44 -61.65 16.67 -5.71
C TYR M 44 -61.74 17.56 -4.47
N ASN M 45 -60.64 17.66 -3.72
CA ASN M 45 -60.59 18.52 -2.56
C ASN M 45 -60.17 19.93 -2.98
N ALA M 46 -60.85 20.93 -2.41
CA ALA M 46 -60.61 22.33 -2.70
C ALA M 46 -60.37 23.06 -1.38
N ARG M 47 -59.11 23.38 -1.12
CA ARG M 47 -58.74 24.20 0.03
C ARG M 47 -58.85 25.66 -0.40
N SER M 48 -59.92 26.31 0.04
CA SER M 48 -60.05 27.75 -0.09
C SER M 48 -59.51 28.39 1.18
N GLU M 49 -58.96 29.59 1.04
CA GLU M 49 -58.69 30.43 2.20
C GLU M 49 -58.92 31.88 1.82
N VAL M 50 -59.46 32.62 2.77
CA VAL M 50 -59.85 34.02 2.60
C VAL M 50 -59.17 34.81 3.69
N ILE M 51 -58.25 35.70 3.31
CA ILE M 51 -57.41 36.43 4.23
C ILE M 51 -57.70 37.91 4.07
N THR M 52 -58.13 38.57 5.12
CA THR M 52 -58.28 40.02 5.13
C THR M 52 -57.25 40.61 6.09
N ASN M 53 -56.47 41.57 5.59
CA ASN M 53 -55.35 42.18 6.31
C ASN M 53 -55.62 43.67 6.45
N ARG M 54 -55.30 44.23 7.61
CA ARG M 54 -55.45 45.66 7.81
C ARG M 54 -54.35 46.14 8.73
N ALA M 55 -54.19 47.47 8.78
CA ALA M 55 -53.18 48.11 9.62
C ALA M 55 -53.80 49.35 10.25
N PRO M 56 -54.70 49.18 11.21
CA PRO M 56 -55.28 50.33 11.91
C PRO M 56 -54.24 51.01 12.76
N LEU M 57 -54.52 52.27 13.08
CA LEU M 57 -53.59 53.08 13.86
C LEU M 57 -53.86 52.90 15.34
N VAL M 58 -52.77 52.80 16.11
CA VAL M 58 -52.86 52.65 17.57
C VAL M 58 -52.85 54.05 18.16
N VAL M 59 -53.94 54.41 18.83
CA VAL M 59 -54.12 55.77 19.33
C VAL M 59 -54.36 55.70 20.84
N ILE M 60 -53.50 56.36 21.61
CA ILE M 60 -53.70 56.59 23.03
C ILE M 60 -53.84 58.09 23.21
N GLU M 61 -55.02 58.52 23.69
CA GLU M 61 -55.42 59.93 23.57
C GLU M 61 -54.39 60.87 24.17
N GLY M 62 -53.84 60.53 25.34
CA GLY M 62 -52.85 61.39 25.95
C GLY M 62 -51.43 61.14 25.52
N CYS M 63 -51.19 60.05 24.79
CA CYS M 63 -49.84 59.54 24.58
C CYS M 63 -49.40 59.51 23.12
N THR M 64 -50.31 59.29 22.17
CA THR M 64 -49.96 59.02 20.79
C THR M 64 -49.76 60.33 20.05
N ASP M 65 -48.51 60.62 19.67
CA ASP M 65 -48.22 61.75 18.81
C ASP M 65 -48.84 61.53 17.44
N ALA M 66 -49.60 62.51 16.96
CA ALA M 66 -50.28 62.37 15.68
C ALA M 66 -49.31 62.43 14.51
N CYS M 67 -48.18 63.12 14.67
CA CYS M 67 -47.23 63.27 13.57
C CYS M 67 -46.56 61.94 13.25
N SER M 68 -46.10 61.22 14.28
CA SER M 68 -45.49 59.90 14.09
C SER M 68 -46.59 58.85 14.20
N VAL M 69 -46.98 58.28 13.07
CA VAL M 69 -48.06 57.29 13.06
C VAL M 69 -47.60 56.02 13.77
N ASN M 70 -48.51 55.43 14.54
CA ASN M 70 -48.27 54.16 15.20
C ASN M 70 -49.34 53.19 14.70
N ARG M 71 -48.91 52.21 13.91
CA ARG M 71 -49.84 51.27 13.28
C ARG M 71 -49.61 49.86 13.79
N GLU M 72 -50.66 49.05 13.67
CA GLU M 72 -50.70 47.66 14.11
C GLU M 72 -51.28 46.81 12.98
N ASN M 73 -50.63 45.70 12.69
CA ASN M 73 -51.21 44.74 11.75
C ASN M 73 -52.29 43.92 12.44
N ILE M 74 -53.45 43.80 11.81
CA ILE M 74 -54.50 42.90 12.24
C ILE M 74 -54.91 42.04 11.05
N SER M 75 -55.30 40.79 11.35
CA SER M 75 -55.59 39.84 10.28
C SER M 75 -56.71 38.90 10.67
N ILE M 76 -57.58 38.60 9.70
CA ILE M 76 -58.62 37.60 9.86
C ILE M 76 -58.54 36.64 8.67
N ARG M 77 -58.25 35.39 8.97
CA ARG M 77 -58.00 34.35 7.98
C ARG M 77 -59.07 33.26 8.14
N THR M 78 -59.47 32.65 7.02
CA THR M 78 -60.47 31.58 7.07
C THR M 78 -60.14 30.52 6.03
N THR M 79 -59.83 29.31 6.51
CA THR M 79 -59.51 28.16 5.67
C THR M 79 -60.70 27.20 5.63
N ILE M 80 -61.00 26.69 4.44
CA ILE M 80 -62.13 25.80 4.20
C ILE M 80 -61.63 24.69 3.27
N SER M 81 -61.41 23.50 3.82
CA SER M 81 -60.86 22.38 3.04
C SER M 81 -61.83 21.20 3.10
N GLY M 82 -62.36 20.84 1.94
CA GLY M 82 -63.25 19.70 1.75
C GLY M 82 -63.43 19.48 0.27
N SER M 83 -64.05 18.36 -0.08
CA SER M 83 -64.22 18.03 -1.49
C SER M 83 -65.33 18.87 -2.13
N VAL M 84 -65.16 19.16 -3.43
CA VAL M 84 -66.25 19.76 -4.20
C VAL M 84 -67.37 18.76 -4.37
N GLU M 85 -67.03 17.47 -4.34
CA GLU M 85 -68.02 16.42 -4.49
C GLU M 85 -69.07 16.49 -3.38
N ASN M 86 -68.62 16.75 -2.15
CA ASN M 86 -69.42 16.74 -0.94
C ASN M 86 -69.66 18.15 -0.41
N LYS M 87 -69.73 19.14 -1.31
CA LYS M 87 -69.84 20.52 -0.88
C LYS M 87 -71.12 20.77 -0.09
N ALA M 88 -72.10 19.87 -0.18
CA ALA M 88 -73.28 19.97 0.67
C ALA M 88 -72.88 19.93 2.14
N ALA M 89 -72.14 18.90 2.54
CA ALA M 89 -71.68 18.81 3.92
C ALA M 89 -70.61 19.84 4.23
N VAL M 90 -69.82 20.27 3.22
CA VAL M 90 -68.89 21.37 3.43
C VAL M 90 -69.64 22.63 3.90
N LEU M 91 -70.71 22.99 3.17
CA LEU M 91 -71.48 24.18 3.53
C LEU M 91 -72.26 23.99 4.82
N ALA M 92 -72.78 22.78 5.06
CA ALA M 92 -73.45 22.52 6.34
C ALA M 92 -72.50 22.69 7.51
N ALA M 93 -71.21 22.37 7.31
CA ALA M 93 -70.20 22.66 8.32
C ALA M 93 -69.90 24.15 8.40
N LEU M 94 -69.89 24.84 7.25
CA LEU M 94 -69.58 26.26 7.22
C LEU M 94 -70.60 27.06 8.03
N LEU M 95 -71.89 26.74 7.86
CA LEU M 95 -72.93 27.50 8.56
C LEU M 95 -72.78 27.37 10.07
N ASP M 96 -72.58 26.14 10.55
CA ASP M 96 -72.39 25.91 11.98
C ASP M 96 -71.14 26.62 12.48
N HIS M 97 -70.06 26.59 11.69
CA HIS M 97 -68.83 27.27 12.06
C HIS M 97 -69.05 28.77 12.20
N LEU M 98 -69.71 29.38 11.21
CA LEU M 98 -69.94 30.82 11.24
C LEU M 98 -70.80 31.22 12.42
N HIS M 99 -71.87 30.46 12.68
CA HIS M 99 -72.74 30.79 13.81
C HIS M 99 -72.02 30.66 15.14
N ASN M 100 -71.22 29.60 15.31
CA ASN M 100 -70.50 29.44 16.57
C ASN M 100 -69.43 30.51 16.73
N LEU M 101 -68.74 30.87 15.64
CA LEU M 101 -67.82 31.99 15.68
C LEU M 101 -68.54 33.25 16.13
N GLY M 102 -69.74 33.49 15.61
CA GLY M 102 -70.52 34.63 16.06
C GLY M 102 -70.82 34.59 17.54
N LEU M 103 -71.16 33.40 18.06
CA LEU M 103 -71.37 33.27 19.50
C LEU M 103 -70.13 33.66 20.28
N ALA M 104 -68.94 33.35 19.74
CA ALA M 104 -67.72 33.58 20.49
C ALA M 104 -67.11 34.97 20.30
N ARG M 105 -67.47 35.69 19.23
CA ARG M 105 -66.61 36.79 18.76
C ARG M 105 -66.51 37.90 19.81
N ASP M 106 -67.61 38.17 20.51
CA ASP M 106 -67.59 39.25 21.49
C ASP M 106 -66.59 38.95 22.60
N ASP M 107 -66.51 37.69 23.03
CA ASP M 107 -65.52 37.29 24.02
C ASP M 107 -64.13 37.30 23.43
N LEU M 108 -63.98 36.80 22.19
CA LEU M 108 -62.65 36.59 21.63
C LEU M 108 -61.94 37.90 21.33
N VAL M 109 -62.65 38.87 20.74
CA VAL M 109 -61.99 40.12 20.37
C VAL M 109 -61.60 40.93 21.60
N ALA M 110 -62.18 40.63 22.76
CA ALA M 110 -61.84 41.29 24.02
C ALA M 110 -60.80 40.53 24.81
N GLY M 111 -60.16 39.53 24.21
CA GLY M 111 -59.11 38.79 24.89
C GLY M 111 -59.58 37.83 25.97
N LEU M 112 -60.87 37.53 26.02
CA LEU M 112 -61.44 36.64 27.02
C LEU M 112 -61.70 35.27 26.44
N LEU M 113 -61.43 34.24 27.23
CA LEU M 113 -61.67 32.87 26.79
C LEU M 113 -63.16 32.56 26.85
N PRO M 114 -63.80 32.23 25.73
CA PRO M 114 -65.27 32.06 25.72
C PRO M 114 -65.71 30.82 26.49
N THR M 115 -65.63 30.88 27.82
CA THR M 115 -65.92 29.73 28.66
C THR M 115 -67.41 29.47 28.82
N THR M 116 -68.26 30.45 28.52
CA THR M 116 -69.70 30.29 28.74
C THR M 116 -70.45 29.75 27.53
N ILE M 117 -70.04 30.16 26.31
CA ILE M 117 -70.83 29.89 25.12
C ILE M 117 -71.04 28.39 24.92
N GLN M 118 -72.10 28.04 24.20
CA GLN M 118 -72.37 26.65 23.84
C GLN M 118 -72.62 26.56 22.34
N PRO M 119 -71.73 25.89 21.60
CA PRO M 119 -71.93 25.75 20.16
C PRO M 119 -73.05 24.78 19.82
N VAL M 120 -73.24 24.51 18.53
CA VAL M 120 -74.38 23.70 18.09
C VAL M 120 -74.06 23.12 16.71
N VAL M 121 -74.66 21.97 16.42
CA VAL M 121 -74.61 21.36 15.10
C VAL M 121 -75.97 21.56 14.44
N GLU M 122 -75.97 21.66 13.11
CA GLU M 122 -77.19 21.72 12.31
C GLU M 122 -78.08 22.90 12.74
N TYR M 123 -77.48 24.09 12.75
CA TYR M 123 -78.19 25.29 13.19
C TYR M 123 -79.34 25.63 12.25
N THR M 124 -80.54 25.77 12.80
CA THR M 124 -81.75 26.02 12.03
C THR M 124 -82.15 27.49 12.20
N GLY M 125 -82.06 28.25 11.12
CA GLY M 125 -82.49 29.65 11.11
C GLY M 125 -81.64 30.57 11.96
N ALA N 1 -81.39 18.76 13.08
CA ALA N 1 -81.83 18.39 14.42
C ALA N 1 -81.46 19.48 15.44
N GLN N 2 -80.39 20.22 15.12
CA GLN N 2 -79.85 21.28 15.99
C GLN N 2 -79.74 20.81 17.44
N HIS N 3 -79.04 19.69 17.63
CA HIS N 3 -78.60 19.25 18.94
C HIS N 3 -77.27 19.93 19.26
N ASN N 4 -77.28 20.81 20.25
CA ASN N 4 -76.09 21.63 20.51
C ASN N 4 -74.95 20.81 21.10
N MET N 5 -73.72 21.26 20.80
CA MET N 5 -72.52 20.49 21.11
C MET N 5 -72.28 20.42 22.61
N ARG N 6 -71.54 19.38 23.01
CA ARG N 6 -71.22 19.12 24.40
C ARG N 6 -69.76 19.44 24.65
N LEU N 7 -69.48 20.14 25.74
CA LEU N 7 -68.09 20.40 26.11
C LEU N 7 -67.37 19.09 26.38
N GLN N 8 -66.13 19.02 25.95
CA GLN N 8 -65.42 17.79 26.24
C GLN N 8 -64.07 18.00 26.90
N LEU N 9 -63.34 19.06 26.54
CA LEU N 9 -62.03 19.27 27.14
C LEU N 9 -61.66 20.75 27.26
N THR N 10 -61.17 21.14 28.43
CA THR N 10 -60.64 22.48 28.65
C THR N 10 -59.24 22.32 29.24
N SER N 11 -58.23 22.89 28.57
CA SER N 11 -56.87 22.82 29.07
C SER N 11 -56.04 23.93 28.43
N GLY N 12 -55.24 24.62 29.25
CA GLY N 12 -54.41 25.69 28.76
C GLY N 12 -55.19 26.87 28.24
N THR N 13 -55.13 27.09 26.92
CA THR N 13 -55.85 28.16 26.27
C THR N 13 -56.91 27.64 25.30
N SER N 14 -57.23 26.34 25.35
CA SER N 14 -58.10 25.72 24.36
C SER N 14 -59.41 25.27 25.00
N LEU N 15 -60.45 25.26 24.19
CA LEU N 15 -61.74 24.68 24.54
C LEU N 15 -62.14 23.74 23.41
N THR N 16 -62.67 22.57 23.76
CA THR N 16 -62.97 21.53 22.78
C THR N 16 -64.34 20.94 23.06
N TRP N 17 -65.29 21.22 22.16
CA TRP N 17 -66.64 20.67 22.17
C TRP N 17 -66.75 19.60 21.10
N VAL N 18 -67.75 18.74 21.24
CA VAL N 18 -67.97 17.62 20.34
C VAL N 18 -69.46 17.43 20.11
N ASP N 19 -69.80 16.91 18.94
CA ASP N 19 -71.17 16.51 18.63
C ASP N 19 -71.50 15.23 19.39
N PRO N 20 -72.52 15.25 20.27
CA PRO N 20 -72.86 14.03 21.03
C PRO N 20 -73.32 12.87 20.16
N ASN N 21 -73.61 13.08 18.87
CA ASN N 21 -74.05 11.97 18.04
C ASN N 21 -72.88 11.23 17.41
N ASP N 22 -72.00 11.94 16.70
CA ASP N 22 -70.74 11.33 16.30
C ASP N 22 -69.58 12.18 16.80
N PHE N 23 -68.54 11.48 17.21
CA PHE N 23 -67.30 12.02 17.77
C PHE N 23 -66.43 12.66 16.69
N ARG N 24 -66.86 12.61 15.43
CA ARG N 24 -66.04 13.06 14.30
C ARG N 24 -66.08 14.56 14.10
N SER N 25 -67.17 15.22 14.50
CA SER N 25 -67.32 16.66 14.31
C SER N 25 -67.10 17.35 15.65
N THR N 26 -66.01 18.10 15.72
CA THR N 26 -65.54 18.77 16.93
C THR N 26 -65.34 20.25 16.66
N PHE N 27 -65.18 21.00 17.74
CA PHE N 27 -65.11 22.46 17.67
C PHE N 27 -64.15 22.95 18.74
N ARG N 28 -63.07 23.61 18.33
CA ARG N 28 -62.03 24.06 19.24
C ARG N 28 -61.87 25.57 19.13
N ILE N 29 -61.55 26.20 20.25
CA ILE N 29 -61.20 27.62 20.29
C ILE N 29 -59.91 27.78 21.08
N ASN N 30 -58.90 28.38 20.47
CA ASN N 30 -57.63 28.72 21.10
C ASN N 30 -57.52 30.23 21.22
N LEU N 31 -56.99 30.70 22.34
CA LEU N 31 -56.87 32.13 22.62
C LEU N 31 -55.48 32.39 23.19
N ASN N 32 -54.71 33.24 22.51
CA ASN N 32 -53.36 33.58 22.93
C ASN N 32 -53.25 35.09 23.06
N VAL N 33 -53.23 35.59 24.30
CA VAL N 33 -53.11 37.01 24.57
C VAL N 33 -51.69 37.29 25.04
N ASN N 34 -51.08 38.33 24.49
CA ASN N 34 -49.73 38.72 24.86
C ASN N 34 -49.45 40.11 24.30
N GLN N 35 -48.40 40.75 24.80
CA GLN N 35 -48.13 42.13 24.43
C GLN N 35 -47.45 42.23 23.07
N LYS N 36 -47.96 43.14 22.25
CA LYS N 36 -47.49 43.47 20.93
C LYS N 36 -46.86 44.86 20.98
N VAL N 37 -45.85 45.10 20.15
CA VAL N 37 -45.16 46.37 20.08
C VAL N 37 -45.52 47.03 18.75
N ALA N 38 -46.22 48.16 18.81
CA ALA N 38 -46.65 48.87 17.61
C ALA N 38 -46.23 50.32 17.74
N GLY N 39 -45.15 50.69 17.06
CA GLY N 39 -44.60 52.03 17.24
C GLY N 39 -43.90 52.15 18.57
N ALA N 40 -44.17 53.26 19.26
CA ALA N 40 -43.57 53.49 20.58
C ALA N 40 -44.37 52.85 21.70
N VAL N 41 -45.60 52.43 21.44
CA VAL N 41 -46.46 51.88 22.48
C VAL N 41 -46.53 50.37 22.33
N SER N 42 -46.99 49.72 23.39
CA SER N 42 -47.30 48.29 23.40
C SER N 42 -48.75 48.10 23.80
N VAL N 43 -49.41 47.17 23.13
CA VAL N 43 -50.84 46.89 23.32
C VAL N 43 -51.03 45.39 23.43
N TYR N 44 -52.07 44.98 24.14
CA TYR N 44 -52.35 43.55 24.31
C TYR N 44 -53.02 43.02 23.05
N ASN N 45 -52.31 42.17 22.32
CA ASN N 45 -52.82 41.51 21.12
C ASN N 45 -53.38 40.15 21.49
N ALA N 46 -54.57 39.86 20.97
CA ALA N 46 -55.24 38.58 21.12
C ALA N 46 -55.22 37.86 19.78
N ARG N 47 -54.82 36.60 19.81
CA ARG N 47 -54.86 35.69 18.67
C ARG N 47 -55.91 34.63 18.99
N SER N 48 -57.10 34.80 18.41
CA SER N 48 -58.14 33.79 18.48
C SER N 48 -58.02 32.88 17.27
N GLU N 49 -58.22 31.58 17.48
CA GLU N 49 -58.42 30.70 16.34
C GLU N 49 -59.49 29.66 16.65
N VAL N 50 -60.46 29.58 15.76
CA VAL N 50 -61.66 28.76 15.92
C VAL N 50 -61.64 27.71 14.83
N ILE N 51 -61.55 26.44 15.23
CA ILE N 51 -61.31 25.33 14.32
C ILE N 51 -62.47 24.34 14.45
N THR N 52 -63.27 24.21 13.40
CA THR N 52 -64.31 23.19 13.36
C THR N 52 -63.85 22.08 12.42
N ASN N 53 -63.90 20.84 12.91
CA ASN N 53 -63.39 19.67 12.22
C ASN N 53 -64.50 18.65 12.06
N ARG N 54 -64.61 18.04 10.89
CA ARG N 54 -65.59 16.99 10.69
C ARG N 54 -64.97 15.90 9.84
N ALA N 55 -65.62 14.74 9.85
CA ALA N 55 -65.21 13.61 9.03
C ALA N 55 -66.45 12.96 8.42
N PRO N 56 -67.18 13.71 7.59
CA PRO N 56 -68.50 13.25 7.14
C PRO N 56 -68.36 12.15 6.09
N LEU N 57 -69.49 11.52 5.80
CA LEU N 57 -69.57 10.63 4.65
C LEU N 57 -69.65 11.47 3.39
N VAL N 58 -69.01 11.00 2.31
CA VAL N 58 -69.12 11.70 1.05
C VAL N 58 -70.46 11.35 0.41
N VAL N 59 -71.29 12.35 0.18
CA VAL N 59 -72.64 12.18 -0.34
C VAL N 59 -72.67 12.76 -1.74
N ILE N 60 -72.70 11.90 -2.74
CA ILE N 60 -72.79 12.32 -4.13
C ILE N 60 -74.23 12.76 -4.38
N GLU N 61 -74.40 13.83 -5.17
CA GLU N 61 -75.76 14.34 -5.40
C GLU N 61 -76.63 13.27 -6.05
N GLY N 62 -76.23 12.81 -7.25
CA GLY N 62 -77.06 11.84 -7.96
C GLY N 62 -77.29 10.57 -7.17
N CYS N 63 -76.33 10.18 -6.34
CA CYS N 63 -76.38 8.88 -5.69
C CYS N 63 -77.13 8.94 -4.36
N THR N 64 -77.62 7.77 -3.95
CA THR N 64 -78.25 7.61 -2.65
C THR N 64 -78.02 6.16 -2.20
N ASP N 65 -77.27 5.99 -1.11
CA ASP N 65 -76.80 4.68 -0.67
C ASP N 65 -76.46 4.76 0.81
N ALA N 66 -77.10 3.92 1.62
CA ALA N 66 -76.80 3.86 3.04
C ALA N 66 -75.70 2.86 3.38
N CYS N 67 -75.11 2.22 2.37
CA CYS N 67 -74.11 1.17 2.59
C CYS N 67 -72.68 1.62 2.34
N SER N 68 -72.48 2.85 1.88
CA SER N 68 -71.13 3.36 1.68
C SER N 68 -70.62 3.98 2.98
N VAL N 69 -69.42 3.60 3.38
CA VAL N 69 -68.72 4.26 4.48
C VAL N 69 -67.57 5.11 3.94
N ASN N 70 -67.68 5.55 2.69
CA ASN N 70 -66.71 6.45 2.09
C ASN N 70 -66.67 7.76 2.87
N ARG N 71 -65.57 8.04 3.55
CA ARG N 71 -65.45 9.21 4.41
C ARG N 71 -64.22 10.02 4.04
N GLU N 72 -64.37 11.35 4.07
CA GLU N 72 -63.26 12.28 3.98
C GLU N 72 -63.27 13.19 5.20
N ASN N 73 -62.13 13.82 5.44
CA ASN N 73 -62.02 14.84 6.48
C ASN N 73 -62.29 16.20 5.87
N ILE N 74 -62.95 17.06 6.63
CA ILE N 74 -63.17 18.46 6.24
C ILE N 74 -62.89 19.33 7.44
N SER N 75 -62.42 20.55 7.17
CA SER N 75 -62.06 21.47 8.25
C SER N 75 -62.26 22.91 7.83
N ILE N 76 -62.78 23.71 8.77
CA ILE N 76 -62.92 25.14 8.59
C ILE N 76 -62.31 25.84 9.80
N ARG N 77 -61.29 26.66 9.55
CA ARG N 77 -60.56 27.38 10.57
C ARG N 77 -60.67 28.88 10.34
N THR N 78 -60.76 29.64 11.43
CA THR N 78 -60.82 31.09 11.36
C THR N 78 -59.91 31.68 12.42
N THR N 79 -58.90 32.44 11.98
CA THR N 79 -57.92 33.06 12.84
C THR N 79 -58.14 34.56 12.86
N ILE N 80 -58.03 35.16 14.04
CA ILE N 80 -58.28 36.58 14.26
C ILE N 80 -57.20 37.12 15.20
N SER N 81 -56.22 37.85 14.64
CA SER N 81 -55.12 38.39 15.43
C SER N 81 -55.21 39.91 15.40
N GLY N 82 -55.36 40.51 16.57
CA GLY N 82 -55.52 41.95 16.70
C GLY N 82 -55.56 42.36 18.16
N SER N 83 -55.21 43.62 18.39
CA SER N 83 -55.16 44.09 19.77
C SER N 83 -56.56 44.21 20.36
N VAL N 84 -56.61 44.21 21.69
CA VAL N 84 -57.88 44.44 22.38
C VAL N 84 -58.25 45.92 22.29
N GLU N 85 -57.25 46.79 22.18
CA GLU N 85 -57.51 48.23 22.14
C GLU N 85 -58.26 48.64 20.87
N ASN N 86 -57.82 48.13 19.72
CA ASN N 86 -58.50 48.39 18.46
C ASN N 86 -59.58 47.36 18.15
N LYS N 87 -60.14 46.70 19.17
CA LYS N 87 -61.15 45.68 18.89
C LYS N 87 -62.34 46.25 18.13
N ALA N 88 -62.52 47.58 18.14
CA ALA N 88 -63.50 48.20 17.27
C ALA N 88 -63.18 47.94 15.80
N ALA N 89 -61.96 48.30 15.37
CA ALA N 89 -61.55 48.05 13.99
C ALA N 89 -61.43 46.56 13.70
N VAL N 90 -61.08 45.76 14.72
CA VAL N 90 -61.05 44.31 14.55
C VAL N 90 -62.45 43.79 14.21
N LEU N 91 -63.47 44.24 14.93
CA LEU N 91 -64.84 43.79 14.67
C LEU N 91 -65.37 44.32 13.35
N ALA N 92 -65.03 45.56 13.00
CA ALA N 92 -65.42 46.09 11.69
C ALA N 92 -64.79 45.25 10.58
N ALA N 93 -63.51 44.94 10.71
CA ALA N 93 -62.83 44.06 9.77
C ALA N 93 -63.47 42.67 9.76
N LEU N 94 -63.94 42.19 10.91
CA LEU N 94 -64.60 40.90 10.96
C LEU N 94 -65.90 40.90 10.18
N LEU N 95 -66.70 41.95 10.35
CA LEU N 95 -67.95 42.06 9.60
C LEU N 95 -67.68 42.10 8.10
N ASP N 96 -66.71 42.92 7.68
CA ASP N 96 -66.39 43.00 6.25
C ASP N 96 -65.88 41.66 5.74
N HIS N 97 -65.05 40.98 6.53
CA HIS N 97 -64.52 39.67 6.18
C HIS N 97 -65.64 38.65 6.01
N LEU N 98 -66.58 38.60 6.97
CA LEU N 98 -67.67 37.64 6.89
C LEU N 98 -68.56 37.90 5.69
N HIS N 99 -68.87 39.17 5.41
CA HIS N 99 -69.71 39.49 4.26
C HIS N 99 -69.04 39.12 2.95
N ASN N 100 -67.74 39.42 2.82
CA ASN N 100 -67.04 39.07 1.59
C ASN N 100 -66.92 37.56 1.44
N LEU N 101 -66.63 36.87 2.55
CA LEU N 101 -66.63 35.40 2.53
C LEU N 101 -67.95 34.87 2.04
N GLY N 102 -69.06 35.42 2.53
CA GLY N 102 -70.37 35.01 2.04
C GLY N 102 -70.54 35.27 0.56
N LEU N 103 -70.05 36.42 0.08
CA LEU N 103 -70.08 36.70 -1.35
C LEU N 103 -69.36 35.62 -2.15
N ALA N 104 -68.30 35.04 -1.58
CA ALA N 104 -67.47 34.11 -2.33
C ALA N 104 -67.80 32.63 -2.12
N ARG N 105 -68.54 32.27 -1.07
CA ARG N 105 -68.54 30.88 -0.63
C ARG N 105 -69.15 29.95 -1.67
N ASP N 106 -70.16 30.41 -2.39
CA ASP N 106 -70.80 29.52 -3.36
C ASP N 106 -69.85 29.15 -4.49
N ASP N 107 -68.94 30.05 -4.84
CA ASP N 107 -67.87 29.70 -5.78
C ASP N 107 -66.80 28.85 -5.12
N LEU N 108 -66.41 29.20 -3.88
CA LEU N 108 -65.24 28.55 -3.29
C LEU N 108 -65.50 27.09 -2.95
N VAL N 109 -66.69 26.76 -2.44
CA VAL N 109 -66.96 25.36 -2.10
C VAL N 109 -67.16 24.52 -3.35
N ALA N 110 -67.41 25.16 -4.50
CA ALA N 110 -67.57 24.45 -5.77
C ALA N 110 -66.27 24.37 -6.56
N GLY N 111 -65.16 24.80 -5.98
CA GLY N 111 -63.87 24.75 -6.66
C GLY N 111 -63.63 25.87 -7.64
N LEU N 112 -64.52 26.85 -7.71
CA LEU N 112 -64.39 27.96 -8.65
C LEU N 112 -63.79 29.16 -7.95
N LEU N 113 -62.77 29.76 -8.55
CA LEU N 113 -62.20 30.99 -8.01
C LEU N 113 -63.17 32.14 -8.26
N PRO N 114 -63.59 32.87 -7.21
CA PRO N 114 -64.66 33.86 -7.40
C PRO N 114 -64.21 35.06 -8.21
N THR N 115 -64.21 34.91 -9.54
CA THR N 115 -63.75 35.98 -10.42
C THR N 115 -64.72 37.16 -10.42
N THR N 116 -66.01 36.90 -10.14
CA THR N 116 -67.07 37.85 -10.41
C THR N 116 -67.59 38.57 -9.16
N ILE N 117 -66.96 38.36 -8.01
CA ILE N 117 -67.48 38.93 -6.77
C ILE N 117 -66.94 40.35 -6.60
N GLN N 118 -67.61 41.13 -5.76
CA GLN N 118 -67.26 42.52 -5.50
C GLN N 118 -67.08 42.74 -4.00
N PRO N 119 -65.87 42.59 -3.49
CA PRO N 119 -65.63 42.82 -2.06
C PRO N 119 -65.77 44.29 -1.69
N VAL N 120 -66.25 44.53 -0.47
CA VAL N 120 -66.56 45.86 0.01
C VAL N 120 -65.81 46.13 1.32
N VAL N 121 -65.83 47.40 1.72
CA VAL N 121 -65.36 47.84 3.03
C VAL N 121 -66.51 48.55 3.72
N GLU N 122 -66.64 48.35 5.03
CA GLU N 122 -67.66 49.01 5.84
C GLU N 122 -69.07 48.63 5.36
N TYR N 123 -69.37 47.34 5.44
CA TYR N 123 -70.68 46.85 4.99
C TYR N 123 -71.82 47.41 5.84
N THR N 124 -72.89 47.79 5.16
CA THR N 124 -74.07 48.36 5.81
C THR N 124 -75.37 47.83 5.17
N ALA O 1 -59.42 57.03 -39.40
CA ALA O 1 -60.24 55.83 -39.21
C ALA O 1 -60.70 55.70 -37.76
N GLN O 2 -59.83 56.13 -36.85
CA GLN O 2 -60.04 56.04 -35.39
C GLN O 2 -60.48 54.64 -34.96
N HIS O 3 -59.89 53.63 -35.59
CA HIS O 3 -59.97 52.28 -35.06
C HIS O 3 -59.17 52.20 -33.77
N ASN O 4 -59.80 51.73 -32.69
CA ASN O 4 -59.16 51.75 -31.38
C ASN O 4 -58.32 50.50 -31.15
N MET O 5 -57.29 50.65 -30.33
CA MET O 5 -56.30 49.59 -30.12
C MET O 5 -56.92 48.38 -29.44
N ARG O 6 -56.29 47.22 -29.62
CA ARG O 6 -56.79 45.99 -29.02
C ARG O 6 -55.69 45.35 -28.18
N LEU O 7 -56.12 44.55 -27.19
CA LEU O 7 -55.24 44.15 -26.10
C LEU O 7 -54.31 43.00 -26.50
N GLN O 8 -53.05 43.12 -26.10
CA GLN O 8 -52.03 42.12 -26.43
C GLN O 8 -51.40 41.46 -25.21
N LEU O 9 -50.97 42.24 -24.20
CA LEU O 9 -50.23 41.70 -23.07
C LEU O 9 -50.76 42.26 -21.76
N THR O 10 -51.07 41.38 -20.80
CA THR O 10 -51.51 41.78 -19.47
C THR O 10 -50.58 41.15 -18.44
N SER O 11 -50.15 41.94 -17.47
CA SER O 11 -49.16 41.47 -16.50
C SER O 11 -49.51 41.80 -15.05
N GLY O 12 -50.65 42.44 -14.79
CA GLY O 12 -50.98 42.86 -13.44
C GLY O 12 -50.16 44.07 -13.01
N THR O 13 -49.06 44.29 -13.74
CA THR O 13 -48.24 45.47 -13.62
C THR O 13 -48.03 46.19 -14.94
N SER O 14 -48.19 45.50 -16.07
CA SER O 14 -48.02 46.09 -17.39
C SER O 14 -49.22 45.76 -18.26
N LEU O 15 -49.65 46.72 -19.07
CA LEU O 15 -50.66 46.50 -20.09
C LEU O 15 -50.10 46.95 -21.42
N THR O 16 -50.34 46.16 -22.46
CA THR O 16 -49.77 46.41 -23.77
C THR O 16 -50.85 46.18 -24.82
N TRP O 17 -51.29 47.25 -25.45
CA TRP O 17 -52.23 47.22 -26.56
C TRP O 17 -51.50 47.48 -27.85
N VAL O 18 -52.09 46.99 -28.95
CA VAL O 18 -51.49 47.13 -30.27
C VAL O 18 -52.55 47.58 -31.27
N ASP O 19 -52.11 48.31 -32.28
CA ASP O 19 -52.95 48.65 -33.41
C ASP O 19 -53.24 47.40 -34.22
N PRO O 20 -54.50 46.99 -34.36
CA PRO O 20 -54.80 45.76 -35.11
C PRO O 20 -54.37 45.80 -36.57
N ASN O 21 -54.18 46.97 -37.16
CA ASN O 21 -53.68 47.04 -38.53
C ASN O 21 -52.15 47.01 -38.56
N ASP O 22 -51.51 47.88 -37.80
CA ASP O 22 -50.05 48.02 -37.80
C ASP O 22 -49.52 47.54 -36.46
N PHE O 23 -48.80 46.41 -36.48
CA PHE O 23 -48.21 45.87 -35.26
C PHE O 23 -47.01 46.69 -34.79
N ARG O 24 -46.56 47.67 -35.58
CA ARG O 24 -45.42 48.50 -35.19
C ARG O 24 -45.79 49.54 -34.13
N SER O 25 -47.07 49.92 -34.04
CA SER O 25 -47.52 50.95 -33.11
C SER O 25 -48.18 50.28 -31.91
N THR O 26 -47.55 50.39 -30.76
CA THR O 26 -48.00 49.78 -29.51
C THR O 26 -48.15 50.84 -28.44
N PHE O 27 -48.82 50.45 -27.36
CA PHE O 27 -49.11 51.36 -26.25
C PHE O 27 -49.08 50.55 -24.97
N ARG O 28 -48.12 50.85 -24.09
CA ARG O 28 -47.96 50.17 -22.82
C ARG O 28 -48.19 51.15 -21.67
N ILE O 29 -48.79 50.64 -20.60
CA ILE O 29 -48.90 51.35 -19.33
C ILE O 29 -48.29 50.46 -18.25
N ASN O 30 -47.31 50.99 -17.53
CA ASN O 30 -46.66 50.30 -16.43
C ASN O 30 -46.95 51.07 -15.15
N LEU O 31 -47.20 50.35 -14.07
CA LEU O 31 -47.51 50.95 -12.78
C LEU O 31 -46.73 50.22 -11.70
N ASN O 32 -46.12 50.98 -10.80
CA ASN O 32 -45.37 50.40 -9.69
C ASN O 32 -45.65 51.19 -8.43
N VAL O 33 -46.25 50.53 -7.44
CA VAL O 33 -46.57 51.14 -6.16
C VAL O 33 -45.64 50.55 -5.10
N ASN O 34 -45.12 51.43 -4.25
CA ASN O 34 -44.27 51.00 -3.13
C ASN O 34 -44.17 52.15 -2.14
N GLN O 35 -43.78 51.83 -0.91
CA GLN O 35 -43.75 52.86 0.11
C GLN O 35 -42.54 53.77 -0.05
N LYS O 36 -42.66 54.96 0.53
CA LYS O 36 -41.65 56.01 0.43
C LYS O 36 -41.67 56.80 1.72
N VAL O 37 -40.50 57.28 2.12
CA VAL O 37 -40.37 58.01 3.38
C VAL O 37 -40.21 59.49 3.03
N ALA O 38 -41.26 60.27 3.27
CA ALA O 38 -41.22 61.72 3.14
C ALA O 38 -41.10 62.28 4.55
N GLY O 39 -39.94 62.83 4.87
CA GLY O 39 -39.68 63.30 6.22
C GLY O 39 -39.80 62.17 7.22
N ALA O 40 -40.79 62.26 8.11
CA ALA O 40 -41.05 61.24 9.11
C ALA O 40 -42.32 60.46 8.84
N VAL O 41 -42.85 60.52 7.62
CA VAL O 41 -44.13 59.89 7.28
C VAL O 41 -43.93 59.01 6.06
N SER O 42 -44.41 57.77 6.13
CA SER O 42 -44.37 56.87 4.99
C SER O 42 -45.67 56.98 4.22
N VAL O 43 -45.55 57.12 2.89
CA VAL O 43 -46.69 57.22 2.00
C VAL O 43 -46.47 56.28 0.82
N TYR O 44 -47.57 55.85 0.22
CA TYR O 44 -47.51 54.96 -0.93
C TYR O 44 -47.28 55.76 -2.20
N ASN O 45 -46.06 55.69 -2.74
CA ASN O 45 -45.72 56.32 -4.00
C ASN O 45 -46.04 55.38 -5.14
N ALA O 46 -46.73 55.91 -6.15
CA ALA O 46 -47.00 55.22 -7.40
C ALA O 46 -46.21 55.91 -8.50
N ARG O 47 -45.46 55.12 -9.26
CA ARG O 47 -44.79 55.58 -10.48
C ARG O 47 -45.47 54.90 -11.65
N SER O 48 -46.16 55.69 -12.47
CA SER O 48 -46.82 55.22 -13.67
C SER O 48 -46.06 55.73 -14.89
N GLU O 49 -45.70 54.85 -15.80
CA GLU O 49 -45.17 55.29 -17.09
C GLU O 49 -46.05 54.79 -18.23
N VAL O 50 -46.23 55.65 -19.22
CA VAL O 50 -47.10 55.42 -20.36
C VAL O 50 -46.26 55.59 -21.61
N ILE O 51 -46.03 54.50 -22.33
CA ILE O 51 -45.09 54.44 -23.45
C ILE O 51 -45.87 54.10 -24.72
N THR O 52 -45.90 55.02 -25.67
CA THR O 52 -46.43 54.73 -27.00
C THR O 52 -45.27 54.68 -27.99
N ASN O 53 -45.20 53.58 -28.74
CA ASN O 53 -44.10 53.30 -29.66
C ASN O 53 -44.64 53.11 -31.06
N ARG O 54 -43.94 53.67 -32.05
CA ARG O 54 -44.36 53.53 -33.44
C ARG O 54 -43.13 53.41 -34.33
N ALA O 55 -43.37 52.98 -35.56
CA ALA O 55 -42.31 52.78 -36.55
C ALA O 55 -42.75 53.36 -37.89
N PRO O 56 -42.66 54.67 -38.06
CA PRO O 56 -43.00 55.28 -39.35
C PRO O 56 -41.97 54.97 -40.41
N LEU O 57 -42.40 55.11 -41.67
CA LEU O 57 -41.50 54.96 -42.80
C LEU O 57 -40.95 56.33 -43.19
N VAL O 58 -39.67 56.34 -43.58
CA VAL O 58 -39.05 57.56 -44.09
C VAL O 58 -39.48 57.73 -45.54
N VAL O 59 -40.32 58.73 -45.79
CA VAL O 59 -40.88 58.97 -47.12
C VAL O 59 -39.94 59.87 -47.89
N ILE O 60 -39.30 59.33 -48.93
CA ILE O 60 -38.54 60.13 -49.89
C ILE O 60 -39.28 60.13 -51.21
N GLU O 61 -39.60 61.32 -51.70
CA GLU O 61 -40.19 61.46 -53.03
C GLU O 61 -39.22 60.99 -54.09
N GLY O 62 -39.74 60.31 -55.11
CA GLY O 62 -38.92 59.76 -56.16
C GLY O 62 -38.33 58.41 -55.83
N CYS O 63 -38.48 57.93 -54.60
CA CYS O 63 -37.96 56.64 -54.16
C CYS O 63 -39.14 55.76 -53.78
N THR O 64 -39.54 54.88 -54.69
CA THR O 64 -40.51 53.84 -54.34
C THR O 64 -39.84 52.85 -53.39
N ASP O 65 -40.20 52.95 -52.10
CA ASP O 65 -39.58 52.14 -51.05
C ASP O 65 -40.24 50.76 -51.03
N ALA O 66 -40.02 50.04 -52.13
CA ALA O 66 -40.34 48.62 -52.14
C ALA O 66 -39.62 47.93 -51.00
N CYS O 67 -40.33 47.04 -50.32
CA CYS O 67 -39.92 46.25 -49.16
C CYS O 67 -39.98 47.09 -47.88
N SER O 68 -40.29 48.38 -47.97
CA SER O 68 -40.40 49.27 -46.81
C SER O 68 -39.19 49.16 -45.88
N VAL O 69 -38.01 49.35 -46.46
CA VAL O 69 -36.78 49.18 -45.70
C VAL O 69 -36.41 50.44 -44.94
N ASN O 70 -36.65 51.62 -45.53
CA ASN O 70 -36.37 52.88 -44.85
C ASN O 70 -37.43 53.12 -43.81
N ARG O 71 -37.14 52.73 -42.56
CA ARG O 71 -38.12 52.81 -41.49
C ARG O 71 -37.45 53.33 -40.22
N GLU O 72 -38.21 54.12 -39.48
CA GLU O 72 -37.76 54.86 -38.30
C GLU O 72 -38.55 54.45 -37.08
N ASN O 73 -37.88 54.44 -35.92
CA ASN O 73 -38.56 54.26 -34.64
C ASN O 73 -38.81 55.61 -34.00
N ILE O 74 -40.05 55.82 -33.54
CA ILE O 74 -40.41 57.02 -32.78
C ILE O 74 -41.11 56.58 -31.50
N SER O 75 -40.96 57.38 -30.45
CA SER O 75 -41.51 57.00 -29.15
C SER O 75 -41.87 58.22 -28.33
N ILE O 76 -43.02 58.14 -27.66
CA ILE O 76 -43.49 59.16 -26.73
C ILE O 76 -43.79 58.49 -25.40
N ARG O 77 -43.12 58.95 -24.35
CA ARG O 77 -43.15 58.32 -23.04
C ARG O 77 -43.49 59.37 -21.98
N THR O 78 -44.21 58.95 -20.94
CA THR O 78 -44.63 59.88 -19.90
C THR O 78 -44.58 59.18 -18.55
N THR O 79 -43.76 59.72 -17.64
CA THR O 79 -43.59 59.16 -16.30
C THR O 79 -44.21 60.10 -15.26
N ILE O 80 -44.91 59.53 -14.30
CA ILE O 80 -45.66 60.28 -13.29
C ILE O 80 -45.41 59.55 -11.98
N SER O 81 -44.55 60.11 -11.14
CA SER O 81 -44.18 59.49 -9.86
C SER O 81 -44.60 60.41 -8.73
N GLY O 82 -45.49 59.93 -7.88
CA GLY O 82 -45.99 60.72 -6.76
C GLY O 82 -46.82 59.89 -5.82
N SER O 83 -47.09 60.45 -4.64
CA SER O 83 -47.90 59.77 -3.65
C SER O 83 -49.34 59.64 -4.13
N VAL O 84 -49.95 58.50 -3.80
CA VAL O 84 -51.40 58.38 -3.94
C VAL O 84 -52.08 59.37 -3.00
N GLU O 85 -51.45 59.66 -1.86
CA GLU O 85 -52.04 60.59 -0.90
C GLU O 85 -52.08 62.02 -1.44
N ASN O 86 -51.00 62.47 -2.05
CA ASN O 86 -50.97 63.80 -2.67
C ASN O 86 -51.39 63.78 -4.13
N LYS O 87 -52.24 62.82 -4.52
CA LYS O 87 -52.68 62.73 -5.89
C LYS O 87 -53.36 64.02 -6.37
N ALA O 88 -53.84 64.84 -5.44
CA ALA O 88 -54.38 66.15 -5.82
C ALA O 88 -53.30 67.03 -6.45
N ALA O 89 -52.17 67.20 -5.75
CA ALA O 89 -51.08 67.99 -6.31
C ALA O 89 -50.46 67.29 -7.50
N VAL O 90 -50.48 65.95 -7.53
CA VAL O 90 -50.02 65.23 -8.71
C VAL O 90 -50.85 65.61 -9.94
N LEU O 91 -52.18 65.64 -9.78
CA LEU O 91 -53.05 65.97 -10.91
C LEU O 91 -52.94 67.45 -11.30
N ALA O 92 -52.77 68.33 -10.32
CA ALA O 92 -52.51 69.73 -10.65
C ALA O 92 -51.23 69.85 -11.47
N ALA O 93 -50.18 69.15 -11.05
CA ALA O 93 -48.94 69.12 -11.80
C ALA O 93 -49.13 68.52 -13.19
N LEU O 94 -50.00 67.52 -13.32
CA LEU O 94 -50.23 66.92 -14.63
C LEU O 94 -50.92 67.91 -15.56
N LEU O 95 -51.93 68.63 -15.06
CA LEU O 95 -52.59 69.63 -15.89
C LEU O 95 -51.62 70.70 -16.34
N ASP O 96 -50.84 71.25 -15.41
CA ASP O 96 -49.88 72.28 -15.78
C ASP O 96 -48.83 71.75 -16.75
N HIS O 97 -48.41 70.49 -16.55
CA HIS O 97 -47.46 69.84 -17.44
C HIS O 97 -48.02 69.70 -18.85
N LEU O 98 -49.26 69.21 -18.96
CA LEU O 98 -49.87 69.03 -20.27
C LEU O 98 -50.02 70.37 -20.99
N HIS O 99 -50.43 71.41 -20.28
CA HIS O 99 -50.61 72.71 -20.92
C HIS O 99 -49.28 73.29 -21.39
N ASN O 100 -48.23 73.16 -20.58
CA ASN O 100 -46.94 73.69 -20.99
C ASN O 100 -46.34 72.87 -22.13
N LEU O 101 -46.53 71.55 -22.09
CA LEU O 101 -46.17 70.71 -23.22
C LEU O 101 -46.86 71.19 -24.49
N GLY O 102 -48.15 71.48 -24.40
CA GLY O 102 -48.88 72.01 -25.54
C GLY O 102 -48.33 73.34 -26.02
N LEU O 103 -47.83 74.15 -25.10
CA LEU O 103 -47.18 75.40 -25.51
C LEU O 103 -45.94 75.12 -26.35
N ALA O 104 -45.17 74.10 -25.97
CA ALA O 104 -43.90 73.84 -26.67
C ALA O 104 -44.03 72.84 -27.82
N ARG O 105 -45.20 72.23 -28.01
CA ARG O 105 -45.29 71.01 -28.81
C ARG O 105 -44.94 71.25 -30.26
N ASP O 106 -45.22 72.44 -30.78
CA ASP O 106 -44.96 72.67 -32.19
C ASP O 106 -43.48 72.93 -32.43
N ASP O 107 -42.84 73.70 -31.54
CA ASP O 107 -41.42 73.95 -31.66
C ASP O 107 -40.61 72.67 -31.47
N LEU O 108 -40.91 71.92 -30.41
CA LEU O 108 -40.08 70.77 -30.05
C LEU O 108 -40.05 69.72 -31.14
N VAL O 109 -41.20 69.47 -31.78
CA VAL O 109 -41.25 68.40 -32.76
C VAL O 109 -40.54 68.80 -34.05
N ALA O 110 -40.37 70.11 -34.29
CA ALA O 110 -39.63 70.61 -35.43
C ALA O 110 -38.13 70.74 -35.16
N GLY O 111 -37.67 70.29 -34.00
CA GLY O 111 -36.25 70.34 -33.67
C GLY O 111 -35.74 71.67 -33.21
N LEU O 112 -36.61 72.54 -32.70
CA LEU O 112 -36.27 73.91 -32.37
C LEU O 112 -36.54 74.15 -30.89
N LEU O 113 -35.58 74.74 -30.20
CA LEU O 113 -35.74 75.01 -28.78
C LEU O 113 -36.82 76.08 -28.59
N PRO O 114 -37.86 75.81 -27.79
CA PRO O 114 -38.97 76.78 -27.61
C PRO O 114 -38.56 77.96 -26.73
N THR O 115 -37.66 78.78 -27.25
CA THR O 115 -37.17 79.94 -26.50
C THR O 115 -38.26 80.97 -26.26
N THR O 116 -39.31 80.98 -27.07
CA THR O 116 -40.32 82.03 -27.01
C THR O 116 -41.42 81.76 -25.99
N ILE O 117 -41.77 80.49 -25.74
CA ILE O 117 -42.94 80.19 -24.91
C ILE O 117 -42.72 80.66 -23.48
N GLN O 118 -43.82 80.78 -22.74
CA GLN O 118 -43.79 81.12 -21.32
C GLN O 118 -44.71 80.19 -20.57
N PRO O 119 -44.19 79.25 -19.78
CA PRO O 119 -45.05 78.30 -19.07
C PRO O 119 -45.80 78.97 -17.93
N VAL O 120 -46.71 78.19 -17.35
CA VAL O 120 -47.68 78.70 -16.38
C VAL O 120 -47.82 77.69 -15.23
N VAL O 121 -48.15 78.20 -14.04
CA VAL O 121 -48.61 77.38 -12.92
C VAL O 121 -50.10 77.62 -12.76
N GLU O 122 -50.84 76.57 -12.42
CA GLU O 122 -52.27 76.66 -12.09
C GLU O 122 -53.11 77.13 -13.27
N TYR O 123 -52.95 76.47 -14.42
CA TYR O 123 -53.75 76.82 -15.58
C TYR O 123 -55.23 76.69 -15.28
N THR O 124 -56.01 77.64 -15.80
CA THR O 124 -57.45 77.66 -15.58
C THR O 124 -58.20 78.00 -16.88
N ALA P 1 -35.78 104.04 12.65
CA ALA P 1 -35.24 104.84 13.74
C ALA P 1 -34.39 105.98 13.20
N GLN P 2 -33.82 105.80 12.00
CA GLN P 2 -33.06 106.86 11.33
C GLN P 2 -31.88 107.32 12.19
N HIS P 3 -31.24 106.38 12.88
CA HIS P 3 -30.04 106.67 13.65
C HIS P 3 -28.82 106.43 12.77
N ASN P 4 -27.95 107.45 12.69
CA ASN P 4 -26.78 107.37 11.84
C ASN P 4 -25.67 106.54 12.46
N MET P 5 -24.88 105.90 11.60
CA MET P 5 -23.84 104.97 12.02
C MET P 5 -22.69 105.71 12.70
N ARG P 6 -21.97 104.99 13.57
CA ARG P 6 -20.82 105.56 14.23
C ARG P 6 -19.54 104.85 13.78
N LEU P 7 -18.47 105.61 13.65
CA LEU P 7 -17.26 105.14 13.00
C LEU P 7 -16.45 104.23 13.92
N GLN P 8 -15.86 103.18 13.33
CA GLN P 8 -15.12 102.18 14.09
C GLN P 8 -13.67 102.01 13.63
N LEU P 9 -13.38 102.06 12.33
CA LEU P 9 -12.03 101.78 11.85
C LEU P 9 -11.61 102.76 10.75
N THR P 10 -10.47 103.42 10.94
CA THR P 10 -9.88 104.31 9.94
C THR P 10 -8.50 103.80 9.55
N SER P 11 -8.21 103.77 8.26
CA SER P 11 -6.94 103.24 7.78
C SER P 11 -6.28 104.06 6.69
N GLY P 12 -6.87 105.18 6.25
CA GLY P 12 -6.31 105.93 5.14
C GLY P 12 -6.56 105.28 3.80
N THR P 13 -6.94 104.01 3.83
CA THR P 13 -7.41 103.30 2.65
C THR P 13 -8.78 102.66 2.84
N SER P 14 -9.25 102.51 4.08
CA SER P 14 -10.59 102.01 4.35
C SER P 14 -11.23 102.85 5.44
N LEU P 15 -12.55 102.80 5.47
CA LEU P 15 -13.36 103.36 6.54
C LEU P 15 -14.41 102.33 6.91
N THR P 16 -14.64 102.18 8.21
CA THR P 16 -15.53 101.12 8.71
C THR P 16 -16.43 101.71 9.79
N TRP P 17 -17.67 101.99 9.43
CA TRP P 17 -18.72 102.42 10.35
C TRP P 17 -19.56 101.23 10.78
N VAL P 18 -20.23 101.37 11.92
CA VAL P 18 -21.06 100.31 12.48
C VAL P 18 -22.30 100.93 13.10
N ASP P 19 -23.39 100.19 13.04
CA ASP P 19 -24.63 100.55 13.75
C ASP P 19 -24.41 100.40 15.24
N PRO P 20 -24.50 101.48 16.04
CA PRO P 20 -24.29 101.34 17.48
C PRO P 20 -25.23 100.37 18.16
N ASN P 21 -26.42 100.14 17.60
CA ASN P 21 -27.36 99.18 18.18
C ASN P 21 -26.99 97.75 17.81
N ASP P 22 -26.86 97.49 16.50
CA ASP P 22 -26.52 96.16 16.00
C ASP P 22 -25.11 96.22 15.41
N PHE P 23 -24.16 95.59 16.09
CA PHE P 23 -22.81 95.47 15.56
C PHE P 23 -22.73 94.58 14.34
N ARG P 24 -23.81 93.87 13.98
CA ARG P 24 -23.77 92.97 12.83
C ARG P 24 -23.93 93.71 11.50
N SER P 25 -24.30 94.98 11.51
CA SER P 25 -24.46 95.77 10.28
C SER P 25 -23.29 96.73 10.16
N THR P 26 -22.37 96.41 9.25
CA THR P 26 -21.14 97.13 8.99
C THR P 26 -21.28 97.91 7.69
N PHE P 27 -20.52 99.00 7.58
CA PHE P 27 -20.46 99.76 6.34
C PHE P 27 -19.01 100.19 6.11
N ARG P 28 -18.37 99.64 5.08
CA ARG P 28 -16.98 99.91 4.77
C ARG P 28 -16.87 100.58 3.39
N ILE P 29 -15.89 101.48 3.29
CA ILE P 29 -15.52 102.09 2.02
C ILE P 29 -14.01 101.91 1.85
N ASN P 30 -13.61 101.32 0.71
CA ASN P 30 -12.21 101.10 0.36
C ASN P 30 -11.91 101.92 -0.88
N LEU P 31 -10.86 102.74 -0.82
CA LEU P 31 -10.45 103.55 -1.96
C LEU P 31 -8.98 103.26 -2.26
N ASN P 32 -8.69 102.83 -3.48
CA ASN P 32 -7.34 102.55 -3.90
C ASN P 32 -7.05 103.35 -5.17
N VAL P 33 -5.94 104.07 -5.17
CA VAL P 33 -5.58 104.90 -6.31
C VAL P 33 -4.20 104.50 -6.81
N ASN P 34 -4.07 104.41 -8.14
CA ASN P 34 -2.80 104.11 -8.76
C ASN P 34 -2.85 104.57 -10.22
N GLN P 35 -1.66 104.80 -10.79
CA GLN P 35 -1.59 105.28 -12.17
C GLN P 35 -1.83 104.14 -13.15
N LYS P 36 -2.60 104.44 -14.20
CA LYS P 36 -2.80 103.54 -15.32
C LYS P 36 -2.42 104.28 -16.59
N VAL P 37 -2.28 103.53 -17.67
CA VAL P 37 -1.95 104.10 -18.97
C VAL P 37 -3.21 104.08 -19.82
N ALA P 38 -3.78 105.26 -20.09
CA ALA P 38 -4.92 105.39 -20.97
C ALA P 38 -4.41 105.88 -22.32
N GLY P 39 -4.41 105.00 -23.30
CA GLY P 39 -3.98 105.37 -24.64
C GLY P 39 -2.60 105.98 -24.65
N ALA P 40 -2.53 107.29 -24.91
CA ALA P 40 -1.26 107.98 -25.06
C ALA P 40 -0.70 108.50 -23.74
N VAL P 41 -1.56 108.74 -22.74
CA VAL P 41 -1.10 109.44 -21.55
C VAL P 41 -1.50 108.64 -20.31
N SER P 42 -0.77 108.85 -19.21
CA SER P 42 -1.09 108.21 -17.95
C SER P 42 -2.14 109.01 -17.20
N VAL P 43 -3.03 108.31 -16.51
CA VAL P 43 -4.08 108.90 -15.70
C VAL P 43 -4.09 108.21 -14.34
N TYR P 44 -4.86 108.78 -13.41
CA TYR P 44 -4.97 108.26 -12.05
C TYR P 44 -6.28 107.49 -11.91
N ASN P 45 -6.19 106.16 -11.86
CA ASN P 45 -7.37 105.33 -11.65
C ASN P 45 -7.64 105.15 -10.17
N ALA P 46 -8.91 105.24 -9.79
CA ALA P 46 -9.35 105.15 -8.40
C ALA P 46 -10.43 104.08 -8.34
N ARG P 47 -10.08 102.90 -7.83
CA ARG P 47 -11.05 101.84 -7.58
C ARG P 47 -11.62 102.08 -6.19
N SER P 48 -12.84 102.58 -6.15
CA SER P 48 -13.61 102.66 -4.92
C SER P 48 -14.46 101.40 -4.82
N GLU P 49 -14.71 100.96 -3.59
CA GLU P 49 -15.74 99.97 -3.35
C GLU P 49 -16.41 100.27 -2.02
N VAL P 50 -17.72 100.04 -1.99
CA VAL P 50 -18.57 100.34 -0.86
C VAL P 50 -19.32 99.06 -0.51
N ILE P 51 -19.04 98.52 0.68
CA ILE P 51 -19.55 97.23 1.11
C ILE P 51 -20.41 97.45 2.35
N THR P 52 -21.68 97.07 2.28
CA THR P 52 -22.55 97.06 3.44
C THR P 52 -22.90 95.62 3.79
N ASN P 53 -22.66 95.26 5.05
CA ASN P 53 -22.82 93.89 5.55
C ASN P 53 -23.87 93.89 6.65
N ARG P 54 -24.73 92.88 6.66
CA ARG P 54 -25.71 92.76 7.73
C ARG P 54 -25.94 91.28 8.02
N ALA P 55 -26.59 91.04 9.16
CA ALA P 55 -26.92 89.68 9.60
C ALA P 55 -28.33 89.67 10.17
N PRO P 56 -29.34 89.79 9.31
CA PRO P 56 -30.72 89.72 9.79
C PRO P 56 -31.05 88.32 10.27
N LEU P 57 -32.08 88.25 11.10
CA LEU P 57 -32.50 86.98 11.67
C LEU P 57 -33.49 86.27 10.76
N VAL P 58 -33.32 84.96 10.62
CA VAL P 58 -34.20 84.15 9.80
C VAL P 58 -35.34 83.66 10.69
N VAL P 59 -36.56 84.06 10.38
CA VAL P 59 -37.71 83.78 11.23
C VAL P 59 -38.76 83.05 10.41
N ILE P 60 -39.11 81.85 10.84
CA ILE P 60 -40.25 81.10 10.32
C ILE P 60 -41.27 80.98 11.46
N GLU P 61 -42.45 81.57 11.25
CA GLU P 61 -43.34 81.85 12.38
C GLU P 61 -43.67 80.59 13.18
N GLY P 62 -43.92 79.48 12.50
CA GLY P 62 -44.22 78.25 13.22
C GLY P 62 -43.02 77.43 13.62
N CYS P 63 -41.84 77.77 13.11
CA CYS P 63 -40.68 76.89 13.17
C CYS P 63 -39.50 77.46 13.94
N THR P 64 -39.29 78.77 13.95
CA THR P 64 -38.06 79.37 14.46
C THR P 64 -38.20 79.58 15.97
N ASP P 65 -37.42 78.81 16.73
CA ASP P 65 -37.33 79.03 18.17
C ASP P 65 -36.68 80.38 18.43
N ALA P 66 -37.33 81.19 19.28
CA ALA P 66 -36.82 82.53 19.55
C ALA P 66 -35.57 82.49 20.42
N CYS P 67 -35.43 81.45 21.25
CA CYS P 67 -34.28 81.37 22.15
C CYS P 67 -32.98 81.16 21.38
N SER P 68 -32.98 80.23 20.43
CA SER P 68 -31.82 79.97 19.59
C SER P 68 -31.94 80.84 18.34
N VAL P 69 -31.14 81.90 18.27
CA VAL P 69 -31.18 82.81 17.15
C VAL P 69 -30.71 82.12 15.89
N ASN P 70 -31.37 82.41 14.77
CA ASN P 70 -30.97 81.91 13.46
C ASN P 70 -30.73 83.12 12.58
N ARG P 71 -29.46 83.36 12.25
CA ARG P 71 -29.08 84.54 11.49
C ARG P 71 -28.50 84.16 10.13
N GLU P 72 -28.59 85.12 9.21
CA GLU P 72 -28.13 84.99 7.84
C GLU P 72 -27.29 86.20 7.48
N ASN P 73 -26.14 85.97 6.87
CA ASN P 73 -25.35 87.08 6.35
C ASN P 73 -25.95 87.56 5.02
N ILE P 74 -26.13 88.87 4.89
CA ILE P 74 -26.49 89.49 3.62
C ILE P 74 -25.50 90.61 3.34
N SER P 75 -25.24 90.83 2.05
CA SER P 75 -24.21 91.79 1.67
C SER P 75 -24.57 92.50 0.38
N ILE P 76 -24.27 93.80 0.33
CA ILE P 76 -24.41 94.60 -0.87
C ILE P 76 -23.11 95.34 -1.10
N ARG P 77 -22.45 95.04 -2.22
CA ARG P 77 -21.13 95.53 -2.56
C ARG P 77 -21.25 96.36 -3.84
N THR P 78 -20.43 97.41 -3.96
CA THR P 78 -20.44 98.24 -5.15
C THR P 78 -19.02 98.71 -5.47
N THR P 79 -18.50 98.27 -6.62
CA THR P 79 -17.17 98.64 -7.10
C THR P 79 -17.29 99.65 -8.22
N ILE P 80 -16.43 100.68 -8.18
CA ILE P 80 -16.42 101.78 -9.14
C ILE P 80 -14.97 102.05 -9.49
N SER P 81 -14.53 101.63 -10.69
CA SER P 81 -13.15 101.77 -11.11
C SER P 81 -13.09 102.58 -12.40
N GLY P 82 -12.45 103.75 -12.31
CA GLY P 82 -12.21 104.65 -13.42
C GLY P 82 -11.24 105.72 -12.97
N SER P 83 -10.77 106.51 -13.93
CA SER P 83 -9.80 107.55 -13.59
C SER P 83 -10.46 108.74 -12.91
N VAL P 84 -9.71 109.39 -12.02
CA VAL P 84 -10.15 110.67 -11.47
C VAL P 84 -10.12 111.73 -12.55
N GLU P 85 -9.25 111.55 -13.54
CA GLU P 85 -9.15 112.50 -14.64
C GLU P 85 -10.46 112.63 -15.39
N ASN P 86 -11.13 111.49 -15.61
CA ASN P 86 -12.35 111.37 -16.42
C ASN P 86 -13.58 111.11 -15.54
N LYS P 87 -13.58 111.65 -14.32
CA LYS P 87 -14.65 111.37 -13.39
C LYS P 87 -16.00 111.86 -13.91
N ALA P 88 -16.00 112.74 -14.91
CA ALA P 88 -17.25 113.13 -15.54
C ALA P 88 -17.94 111.91 -16.16
N ALA P 89 -17.21 111.17 -17.00
CA ALA P 89 -17.79 109.95 -17.58
C ALA P 89 -17.94 108.85 -16.55
N VAL P 90 -17.10 108.84 -15.51
CA VAL P 90 -17.31 107.88 -14.42
C VAL P 90 -18.70 108.08 -13.80
N LEU P 91 -19.03 109.34 -13.46
CA LEU P 91 -20.33 109.63 -12.84
C LEU P 91 -21.48 109.45 -13.82
N ALA P 92 -21.27 109.80 -15.09
CA ALA P 92 -22.30 109.56 -16.10
C ALA P 92 -22.61 108.07 -16.22
N ALA P 93 -21.59 107.22 -16.03
CA ALA P 93 -21.83 105.78 -15.98
C ALA P 93 -22.51 105.38 -14.67
N LEU P 94 -22.15 106.02 -13.57
CA LEU P 94 -22.73 105.69 -12.28
C LEU P 94 -24.23 105.93 -12.27
N LEU P 95 -24.67 107.05 -12.83
CA LEU P 95 -26.10 107.38 -12.81
C LEU P 95 -26.90 106.34 -13.58
N ASP P 96 -26.44 105.98 -14.77
CA ASP P 96 -27.11 104.97 -15.57
C ASP P 96 -27.11 103.62 -14.85
N HIS P 97 -26.00 103.27 -14.22
CA HIS P 97 -25.92 102.02 -13.46
C HIS P 97 -26.94 101.99 -12.33
N LEU P 98 -27.01 103.07 -11.55
CA LEU P 98 -27.93 103.12 -10.42
C LEU P 98 -29.38 103.03 -10.88
N HIS P 99 -29.73 103.76 -11.94
CA HIS P 99 -31.11 103.72 -12.44
C HIS P 99 -31.47 102.33 -12.95
N ASN P 100 -30.56 101.69 -13.69
CA ASN P 100 -30.87 100.36 -14.21
C ASN P 100 -30.96 99.34 -13.08
N LEU P 101 -30.07 99.46 -12.09
CA LEU P 101 -30.19 98.62 -10.90
C LEU P 101 -31.56 98.81 -10.25
N GLY P 102 -32.03 100.05 -10.15
CA GLY P 102 -33.36 100.29 -9.62
C GLY P 102 -34.44 99.61 -10.45
N LEU P 103 -34.32 99.65 -11.77
CA LEU P 103 -35.27 98.94 -12.62
C LEU P 103 -35.28 97.44 -12.29
N ALA P 104 -34.12 96.88 -11.97
CA ALA P 104 -34.04 95.44 -11.78
C ALA P 104 -34.32 94.97 -10.35
N ARG P 105 -34.22 95.86 -9.35
CA ARG P 105 -34.07 95.39 -7.97
C ARG P 105 -35.26 94.59 -7.50
N ASP P 106 -36.46 94.98 -7.91
CA ASP P 106 -37.65 94.27 -7.45
C ASP P 106 -37.64 92.83 -7.93
N ASP P 107 -37.18 92.61 -9.16
CA ASP P 107 -37.05 91.25 -9.68
C ASP P 107 -35.90 90.52 -9.01
N LEU P 108 -34.77 91.21 -8.80
CA LEU P 108 -33.56 90.54 -8.35
C LEU P 108 -33.69 90.07 -6.90
N VAL P 109 -34.22 90.91 -6.02
CA VAL P 109 -34.30 90.52 -4.61
C VAL P 109 -35.29 89.39 -4.40
N ALA P 110 -36.19 89.15 -5.35
CA ALA P 110 -37.15 88.06 -5.28
C ALA P 110 -36.67 86.81 -5.99
N GLY P 111 -35.40 86.76 -6.38
CA GLY P 111 -34.84 85.58 -7.01
C GLY P 111 -35.26 85.36 -8.45
N LEU P 112 -35.85 86.37 -9.09
CA LEU P 112 -36.33 86.25 -10.45
C LEU P 112 -35.37 86.92 -11.42
N LEU P 113 -35.16 86.30 -12.58
CA LEU P 113 -34.28 86.86 -13.58
C LEU P 113 -34.97 88.02 -14.30
N PRO P 114 -34.45 89.25 -14.23
CA PRO P 114 -35.16 90.40 -14.78
C PRO P 114 -35.23 90.38 -16.31
N THR P 115 -36.06 89.49 -16.85
CA THR P 115 -36.12 89.29 -18.30
C THR P 115 -36.92 90.37 -19.01
N THR P 116 -37.73 91.14 -18.29
CA THR P 116 -38.59 92.14 -18.93
C THR P 116 -37.93 93.51 -19.03
N ILE P 117 -37.17 93.92 -18.02
CA ILE P 117 -36.70 95.30 -17.91
C ILE P 117 -35.88 95.70 -19.13
N GLN P 118 -35.84 97.00 -19.39
CA GLN P 118 -35.01 97.55 -20.46
C GLN P 118 -34.14 98.67 -19.92
N PRO P 119 -32.83 98.49 -19.87
CA PRO P 119 -31.95 99.56 -19.38
C PRO P 119 -31.83 100.71 -20.36
N VAL P 120 -30.98 101.69 -20.04
CA VAL P 120 -30.89 102.91 -20.84
C VAL P 120 -29.54 103.56 -20.59
N VAL P 121 -29.06 104.29 -21.60
CA VAL P 121 -27.86 105.13 -21.47
C VAL P 121 -28.31 106.57 -21.38
N GLU P 122 -27.53 107.40 -20.68
CA GLU P 122 -27.73 108.85 -20.60
C GLU P 122 -29.13 109.18 -20.08
N TYR P 123 -29.45 108.61 -18.91
CA TYR P 123 -30.77 108.79 -18.31
C TYR P 123 -30.99 110.25 -17.91
N THR P 124 -32.08 110.83 -18.39
CA THR P 124 -32.41 112.23 -18.16
C THR P 124 -33.52 112.33 -17.12
N GLY P 125 -33.21 112.87 -15.96
CA GLY P 125 -34.19 113.10 -14.91
C GLY P 125 -34.76 111.84 -14.28
N ALA Q 1 -28.95 111.88 -24.64
CA ALA Q 1 -29.86 111.42 -25.70
C ALA Q 1 -30.88 110.42 -25.15
N GLN Q 2 -30.48 109.71 -24.09
CA GLN Q 2 -31.29 108.67 -23.45
C GLN Q 2 -31.90 107.72 -24.47
N HIS Q 3 -31.03 107.15 -25.30
CA HIS Q 3 -31.38 106.03 -26.16
C HIS Q 3 -31.21 104.75 -25.36
N ASN Q 4 -32.31 104.05 -25.09
CA ASN Q 4 -32.26 102.91 -24.18
C ASN Q 4 -31.55 101.72 -24.81
N MET Q 5 -30.93 100.90 -23.96
CA MET Q 5 -30.04 99.84 -24.41
C MET Q 5 -30.82 98.72 -25.09
N ARG Q 6 -30.10 97.99 -25.94
CA ARG Q 6 -30.66 96.90 -26.72
C ARG Q 6 -30.17 95.57 -26.15
N LEU Q 7 -31.10 94.62 -25.99
CA LEU Q 7 -30.70 93.29 -25.55
C LEU Q 7 -29.75 92.66 -26.57
N GLN Q 8 -28.76 91.96 -26.07
CA GLN Q 8 -27.87 91.33 -27.04
C GLN Q 8 -27.66 89.85 -26.78
N LEU Q 9 -27.59 89.42 -25.51
CA LEU Q 9 -27.36 88.00 -25.25
C LEU Q 9 -28.03 87.54 -23.96
N THR Q 10 -28.72 86.40 -24.03
CA THR Q 10 -29.28 85.72 -22.86
C THR Q 10 -28.78 84.28 -22.88
N SER Q 11 -28.11 83.87 -21.80
CA SER Q 11 -27.63 82.50 -21.70
C SER Q 11 -27.37 82.16 -20.24
N GLY Q 12 -27.81 80.98 -19.82
CA GLY Q 12 -27.61 80.54 -18.47
C GLY Q 12 -28.36 81.38 -17.44
N THR Q 13 -27.60 82.13 -16.64
CA THR Q 13 -28.16 83.02 -15.63
C THR Q 13 -27.86 84.49 -15.93
N SER Q 14 -27.38 84.80 -17.12
CA SER Q 14 -26.91 86.14 -17.43
C SER Q 14 -27.79 86.80 -18.49
N LEU Q 15 -27.85 88.13 -18.41
CA LEU Q 15 -28.48 88.96 -19.43
C LEU Q 15 -27.48 90.05 -19.80
N THR Q 16 -27.36 90.34 -21.10
CA THR Q 16 -26.35 91.26 -21.59
C THR Q 16 -26.97 92.20 -22.61
N TRP Q 17 -27.08 93.47 -22.23
CA TRP Q 17 -27.53 94.57 -23.07
C TRP Q 17 -26.34 95.41 -23.50
N VAL Q 18 -26.53 96.18 -24.58
CA VAL Q 18 -25.47 96.99 -25.16
C VAL Q 18 -26.06 98.31 -25.64
N ASP Q 19 -25.23 99.34 -25.62
CA ASP Q 19 -25.57 100.64 -26.20
C ASP Q 19 -25.55 100.52 -27.72
N PRO Q 20 -26.68 100.77 -28.41
CA PRO Q 20 -26.69 100.67 -29.87
C PRO Q 20 -25.77 101.65 -30.58
N ASN Q 21 -25.24 102.65 -29.89
CA ASN Q 21 -24.36 103.60 -30.56
C ASN Q 21 -22.90 103.14 -30.55
N ASP Q 22 -22.34 102.84 -29.37
CA ASP Q 22 -21.06 102.14 -29.34
C ASP Q 22 -21.20 100.87 -28.53
N PHE Q 23 -20.50 99.84 -29.02
CA PHE Q 23 -20.45 98.51 -28.46
C PHE Q 23 -19.64 98.43 -27.18
N ARG Q 24 -19.05 99.56 -26.76
CA ARG Q 24 -18.12 99.58 -25.63
C ARG Q 24 -18.83 99.61 -24.29
N SER Q 25 -20.04 100.17 -24.23
CA SER Q 25 -20.78 100.30 -22.99
C SER Q 25 -21.88 99.23 -22.96
N THR Q 26 -21.72 98.27 -22.05
CA THR Q 26 -22.58 97.11 -21.92
C THR Q 26 -23.10 97.01 -20.49
N PHE Q 27 -24.10 96.15 -20.32
CA PHE Q 27 -24.80 96.03 -19.05
C PHE Q 27 -25.20 94.58 -18.87
N ARG Q 28 -24.71 93.94 -17.80
CA ARG Q 28 -24.96 92.53 -17.56
C ARG Q 28 -25.60 92.35 -16.19
N ILE Q 29 -26.48 91.35 -16.10
CA ILE Q 29 -27.06 90.95 -14.82
C ILE Q 29 -26.94 89.43 -14.70
N ASN Q 30 -26.31 88.98 -13.61
CA ASN Q 30 -26.19 87.57 -13.26
C ASN Q 30 -27.02 87.30 -12.02
N LEU Q 31 -27.69 86.15 -12.01
CA LEU Q 31 -28.56 85.76 -10.90
C LEU Q 31 -28.29 84.31 -10.55
N ASN Q 32 -27.90 84.05 -9.30
CA ASN Q 32 -27.59 82.71 -8.84
C ASN Q 32 -28.43 82.43 -7.59
N VAL Q 33 -29.47 81.61 -7.75
CA VAL Q 33 -30.35 81.23 -6.65
C VAL Q 33 -30.01 79.81 -6.23
N ASN Q 34 -29.87 79.60 -4.92
CA ASN Q 34 -29.57 78.28 -4.38
C ASN Q 34 -29.81 78.30 -2.88
N GLN Q 35 -29.88 77.10 -2.28
CA GLN Q 35 -30.25 77.01 -0.87
C GLN Q 35 -29.07 77.33 0.04
N LYS Q 36 -29.33 78.16 1.04
CA LYS Q 36 -28.39 78.59 2.07
C LYS Q 36 -28.84 77.95 3.37
N VAL Q 37 -27.88 77.66 4.25
CA VAL Q 37 -28.15 77.07 5.55
C VAL Q 37 -27.85 78.12 6.61
N ALA Q 38 -28.88 78.55 7.34
CA ALA Q 38 -28.73 79.57 8.37
C ALA Q 38 -29.37 79.04 9.65
N GLY Q 39 -28.55 78.58 10.58
CA GLY Q 39 -29.07 77.95 11.77
C GLY Q 39 -29.59 76.57 11.46
N ALA Q 40 -30.78 76.25 11.98
CA ALA Q 40 -31.41 74.96 11.75
C ALA Q 40 -32.21 74.92 10.45
N VAL Q 41 -32.50 76.09 9.87
CA VAL Q 41 -33.33 76.16 8.68
C VAL Q 41 -32.47 76.44 7.46
N SER Q 42 -33.04 76.18 6.29
CA SER Q 42 -32.46 76.52 5.01
C SER Q 42 -33.41 77.43 4.25
N VAL Q 43 -32.85 78.44 3.59
CA VAL Q 43 -33.62 79.45 2.87
C VAL Q 43 -32.98 79.66 1.50
N TYR Q 44 -33.79 80.06 0.53
CA TYR Q 44 -33.28 80.28 -0.83
C TYR Q 44 -32.57 81.63 -0.87
N ASN Q 45 -31.25 81.60 -1.05
CA ASN Q 45 -30.43 82.79 -1.19
C ASN Q 45 -30.25 83.10 -2.66
N ALA Q 46 -30.42 84.38 -3.00
CA ALA Q 46 -30.20 84.91 -4.33
C ALA Q 46 -28.94 85.78 -4.30
N ARG Q 47 -28.06 85.54 -5.28
CA ARG Q 47 -26.87 86.35 -5.51
C ARG Q 47 -27.09 87.07 -6.84
N SER Q 48 -27.47 88.34 -6.77
CA SER Q 48 -27.56 89.19 -7.94
C SER Q 48 -26.22 89.91 -8.11
N GLU Q 49 -25.77 90.04 -9.35
CA GLU Q 49 -24.68 90.98 -9.62
C GLU Q 49 -24.92 91.70 -10.94
N VAL Q 50 -24.85 93.02 -10.87
CA VAL Q 50 -25.18 93.92 -11.97
C VAL Q 50 -23.91 94.66 -12.34
N ILE Q 51 -23.43 94.44 -13.56
CA ILE Q 51 -22.11 94.91 -14.01
C ILE Q 51 -22.32 95.80 -15.22
N THR Q 52 -22.03 97.10 -15.08
CA THR Q 52 -22.03 98.01 -16.21
C THR Q 52 -20.58 98.32 -16.57
N ASN Q 53 -20.25 98.15 -17.85
CA ASN Q 53 -18.89 98.28 -18.37
C ASN Q 53 -18.87 99.32 -19.46
N ARG Q 54 -17.86 100.19 -19.46
CA ARG Q 54 -17.71 101.16 -20.52
C ARG Q 54 -16.24 101.27 -20.86
N ALA Q 55 -15.98 101.87 -22.02
CA ALA Q 55 -14.62 102.16 -22.49
C ALA Q 55 -14.58 103.56 -23.08
N PRO Q 56 -14.86 104.58 -22.29
CA PRO Q 56 -15.06 105.91 -22.84
C PRO Q 56 -13.73 106.55 -23.22
N LEU Q 57 -13.83 107.67 -23.95
CA LEU Q 57 -12.67 108.50 -24.19
C LEU Q 57 -12.36 109.29 -22.91
N VAL Q 58 -11.08 109.48 -22.62
CA VAL Q 58 -10.72 110.30 -21.47
C VAL Q 58 -10.86 111.78 -21.87
N VAL Q 59 -11.73 112.48 -21.14
CA VAL Q 59 -12.06 113.87 -21.43
C VAL Q 59 -11.50 114.71 -20.30
N ILE Q 60 -10.42 115.43 -20.57
CA ILE Q 60 -9.82 116.32 -19.60
C ILE Q 60 -10.69 117.57 -19.52
N GLU Q 61 -10.87 118.11 -18.30
CA GLU Q 61 -11.75 119.27 -18.16
C GLU Q 61 -11.25 120.44 -18.99
N GLY Q 62 -10.04 120.91 -18.71
CA GLY Q 62 -9.51 122.06 -19.43
C GLY Q 62 -9.45 121.86 -20.93
N CYS Q 63 -9.23 120.63 -21.37
CA CYS Q 63 -8.97 120.37 -22.77
C CYS Q 63 -10.26 120.12 -23.56
N THR Q 64 -10.17 120.34 -24.86
CA THR Q 64 -11.26 120.04 -25.79
C THR Q 64 -10.62 119.70 -27.14
N ASP Q 65 -10.80 118.45 -27.57
CA ASP Q 65 -10.12 117.92 -28.75
C ASP Q 65 -10.91 116.73 -29.28
N ALA Q 66 -11.33 116.80 -30.54
CA ALA Q 66 -12.02 115.68 -31.17
C ALA Q 66 -11.08 114.69 -31.84
N CYS Q 67 -9.77 114.91 -31.75
CA CYS Q 67 -8.79 114.07 -32.45
C CYS Q 67 -8.08 113.08 -31.54
N SER Q 68 -8.34 113.10 -30.23
CA SER Q 68 -7.74 112.13 -29.33
C SER Q 68 -8.61 110.89 -29.27
N VAL Q 69 -7.99 109.73 -29.45
CA VAL Q 69 -8.65 108.45 -29.21
C VAL Q 69 -8.13 107.81 -27.91
N ASN Q 70 -7.64 108.64 -26.99
CA ASN Q 70 -7.21 108.19 -25.68
C ASN Q 70 -8.39 107.57 -24.95
N ARG Q 71 -8.35 106.26 -24.70
CA ARG Q 71 -9.45 105.54 -24.09
C ARG Q 71 -8.97 104.75 -22.88
N GLU Q 72 -9.80 104.74 -21.84
CA GLU Q 72 -9.63 103.86 -20.69
C GLU Q 72 -10.89 103.04 -20.50
N ASN Q 73 -10.75 101.95 -19.76
CA ASN Q 73 -11.89 101.15 -19.36
C ASN Q 73 -12.40 101.62 -18.00
N ILE Q 74 -13.71 101.60 -17.82
CA ILE Q 74 -14.33 101.91 -16.55
C ILE Q 74 -15.41 100.87 -16.28
N SER Q 75 -15.64 100.57 -15.00
CA SER Q 75 -16.62 99.56 -14.64
C SER Q 75 -17.24 99.85 -13.29
N ILE Q 76 -18.55 99.62 -13.20
CA ILE Q 76 -19.29 99.73 -11.95
C ILE Q 76 -20.09 98.45 -11.75
N ARG Q 77 -19.81 97.75 -10.66
CA ARG Q 77 -20.44 96.48 -10.33
C ARG Q 77 -21.17 96.59 -9.00
N THR Q 78 -22.31 95.92 -8.89
CA THR Q 78 -23.08 95.90 -7.66
C THR Q 78 -23.57 94.48 -7.40
N THR Q 79 -23.14 93.92 -6.27
CA THR Q 79 -23.47 92.56 -5.87
C THR Q 79 -24.41 92.60 -4.67
N ILE Q 80 -25.42 91.73 -4.70
CA ILE Q 80 -26.46 91.69 -3.69
C ILE Q 80 -26.74 90.22 -3.36
N SER Q 81 -26.25 89.74 -2.21
CA SER Q 81 -26.42 88.36 -1.82
C SER Q 81 -27.27 88.32 -0.55
N GLY Q 82 -28.42 87.66 -0.64
CA GLY Q 82 -29.37 87.60 0.47
C GLY Q 82 -30.53 86.70 0.13
N SER Q 83 -31.17 86.17 1.17
CA SER Q 83 -32.27 85.25 0.94
C SER Q 83 -33.48 85.97 0.37
N VAL Q 84 -34.35 85.18 -0.27
CA VAL Q 84 -35.62 85.73 -0.75
C VAL Q 84 -36.57 85.95 0.42
N GLU Q 85 -36.40 85.17 1.49
CA GLU Q 85 -37.31 85.29 2.64
C GLU Q 85 -37.14 86.62 3.35
N ASN Q 86 -35.89 87.04 3.60
CA ASN Q 86 -35.61 88.32 4.21
C ASN Q 86 -35.46 89.44 3.18
N LYS Q 87 -36.06 89.31 1.99
CA LYS Q 87 -35.89 90.34 0.98
C LYS Q 87 -36.38 91.69 1.47
N ALA Q 88 -37.20 91.72 2.53
CA ALA Q 88 -37.53 92.99 3.18
C ALA Q 88 -36.29 93.66 3.74
N ALA Q 89 -35.53 92.94 4.57
CA ALA Q 89 -34.30 93.51 5.13
C ALA Q 89 -33.24 93.70 4.05
N VAL Q 90 -33.26 92.87 3.01
CA VAL Q 90 -32.36 93.06 1.87
C VAL Q 90 -32.63 94.41 1.21
N LEU Q 91 -33.90 94.72 0.95
CA LEU Q 91 -34.25 95.99 0.31
C LEU Q 91 -34.00 97.19 1.21
N ALA Q 92 -34.26 97.04 2.52
CA ALA Q 92 -33.93 98.11 3.46
C ALA Q 92 -32.43 98.38 3.45
N ALA Q 93 -31.63 97.31 3.49
CA ALA Q 93 -30.18 97.44 3.38
C ALA Q 93 -29.78 98.05 2.05
N LEU Q 94 -30.51 97.75 0.97
CA LEU Q 94 -30.21 98.33 -0.33
C LEU Q 94 -30.46 99.83 -0.34
N LEU Q 95 -31.57 100.27 0.25
CA LEU Q 95 -31.84 101.70 0.34
C LEU Q 95 -30.77 102.42 1.14
N ASP Q 96 -30.41 101.86 2.30
CA ASP Q 96 -29.38 102.48 3.12
C ASP Q 96 -28.03 102.50 2.38
N HIS Q 97 -27.71 101.42 1.68
CA HIS Q 97 -26.49 101.33 0.89
C HIS Q 97 -26.45 102.39 -0.20
N LEU Q 98 -27.55 102.53 -0.95
CA LEU Q 98 -27.60 103.51 -2.04
C LEU Q 98 -27.47 104.92 -1.51
N HIS Q 99 -28.15 105.23 -0.40
CA HIS Q 99 -28.07 106.58 0.16
C HIS Q 99 -26.67 106.89 0.66
N ASN Q 100 -26.03 105.94 1.33
CA ASN Q 100 -24.67 106.19 1.81
C ASN Q 100 -23.68 106.30 0.65
N LEU Q 101 -23.86 105.45 -0.38
CA LEU Q 101 -23.06 105.56 -1.58
C LEU Q 101 -23.19 106.95 -2.19
N GLY Q 102 -24.41 107.47 -2.26
CA GLY Q 102 -24.61 108.83 -2.75
C GLY Q 102 -23.90 109.86 -1.89
N LEU Q 103 -23.95 109.68 -0.56
CA LEU Q 103 -23.21 110.57 0.32
C LEU Q 103 -21.72 110.58 0.00
N ALA Q 104 -21.19 109.45 -0.46
CA ALA Q 104 -19.75 109.34 -0.65
C ALA Q 104 -19.27 109.58 -2.08
N ARG Q 105 -20.15 109.53 -3.08
CA ARG Q 105 -19.68 109.37 -4.46
C ARG Q 105 -18.85 110.56 -4.92
N ASP Q 106 -19.21 111.77 -4.49
CA ASP Q 106 -18.48 112.94 -4.97
C ASP Q 106 -17.03 112.92 -4.49
N ASP Q 107 -16.78 112.36 -3.30
CA ASP Q 107 -15.41 112.14 -2.85
C ASP Q 107 -14.77 110.96 -3.57
N LEU Q 108 -15.52 109.86 -3.75
CA LEU Q 108 -14.91 108.63 -4.23
C LEU Q 108 -14.47 108.73 -5.69
N VAL Q 109 -15.29 109.37 -6.54
CA VAL Q 109 -14.89 109.48 -7.94
C VAL Q 109 -13.76 110.48 -8.13
N ALA Q 110 -13.51 111.33 -7.13
CA ALA Q 110 -12.42 112.30 -7.18
C ALA Q 110 -11.15 111.79 -6.50
N GLY Q 111 -11.12 110.52 -6.10
CA GLY Q 111 -9.96 109.95 -5.46
C GLY Q 111 -9.81 110.28 -3.99
N LEU Q 112 -10.78 110.94 -3.39
CA LEU Q 112 -10.72 111.34 -1.99
C LEU Q 112 -11.48 110.34 -1.14
N LEU Q 113 -10.85 109.86 -0.06
CA LEU Q 113 -11.55 108.98 0.87
C LEU Q 113 -12.54 109.80 1.67
N PRO Q 114 -13.83 109.43 1.69
CA PRO Q 114 -14.84 110.30 2.29
C PRO Q 114 -14.73 110.36 3.81
N THR Q 115 -13.81 111.19 4.29
CA THR Q 115 -13.57 111.30 5.73
C THR Q 115 -14.74 111.97 6.45
N THR Q 116 -15.49 112.81 5.74
CA THR Q 116 -16.44 113.73 6.36
C THR Q 116 -17.89 113.30 6.23
N ILE Q 117 -18.16 112.12 5.70
CA ILE Q 117 -19.54 111.72 5.46
C ILE Q 117 -20.11 111.08 6.72
N GLN Q 118 -21.44 111.01 6.79
CA GLN Q 118 -22.16 110.47 7.94
C GLN Q 118 -23.13 109.40 7.48
N PRO Q 119 -22.69 108.13 7.46
CA PRO Q 119 -23.59 107.05 7.05
C PRO Q 119 -24.69 106.82 8.07
N VAL Q 120 -25.86 106.41 7.57
CA VAL Q 120 -27.06 106.25 8.38
C VAL Q 120 -27.61 104.84 8.21
N VAL Q 121 -28.56 104.50 9.07
CA VAL Q 121 -29.36 103.29 8.98
C VAL Q 121 -30.83 103.70 8.91
N GLU Q 122 -31.62 103.00 8.10
CA GLU Q 122 -33.06 103.26 7.99
C GLU Q 122 -33.33 104.68 7.50
N TYR Q 123 -32.86 104.97 6.28
CA TYR Q 123 -33.03 106.31 5.72
C TYR Q 123 -34.49 106.63 5.47
N THR Q 124 -34.88 107.86 5.80
CA THR Q 124 -36.25 108.33 5.64
C THR Q 124 -36.28 109.78 5.12
N ALA R 1 -4.19 124.20 38.09
CA ALA R 1 -4.11 124.82 36.77
C ALA R 1 -5.21 124.28 35.85
N GLN R 2 -5.53 123.01 36.03
CA GLN R 2 -6.53 122.28 35.23
C GLN R 2 -6.28 122.47 33.72
N HIS R 3 -5.01 122.48 33.33
CA HIS R 3 -4.67 122.32 31.93
C HIS R 3 -5.00 120.90 31.50
N ASN R 4 -5.77 120.76 30.43
CA ASN R 4 -6.26 119.45 30.02
C ASN R 4 -5.27 118.75 29.09
N MET R 5 -5.29 117.41 29.13
CA MET R 5 -4.31 116.60 28.43
C MET R 5 -4.44 116.76 26.92
N ARG R 6 -3.35 116.47 26.21
CA ARG R 6 -3.34 116.59 24.76
C ARG R 6 -2.90 115.26 24.13
N LEU R 7 -3.34 115.05 22.89
CA LEU R 7 -3.32 113.71 22.31
C LEU R 7 -1.95 113.33 21.78
N GLN R 8 -1.55 112.08 22.05
CA GLN R 8 -0.23 111.57 21.66
C GLN R 8 -0.30 110.37 20.72
N LEU R 9 -1.12 109.35 21.02
CA LEU R 9 -1.14 108.10 20.26
C LEU R 9 -2.57 107.67 19.97
N THR R 10 -2.86 107.39 18.70
CA THR R 10 -4.16 106.87 18.29
C THR R 10 -3.96 105.57 17.54
N SER R 11 -4.77 104.57 17.87
CA SER R 11 -4.57 103.23 17.31
C SER R 11 -5.85 102.58 16.81
N GLY R 12 -7.00 103.25 16.90
CA GLY R 12 -8.27 102.64 16.54
C GLY R 12 -8.72 101.64 17.58
N THR R 13 -7.78 101.21 18.42
CA THR R 13 -8.05 100.41 19.59
C THR R 13 -7.48 101.01 20.87
N SER R 14 -6.48 101.89 20.77
CA SER R 14 -5.87 102.53 21.93
C SER R 14 -5.79 104.03 21.71
N LEU R 15 -6.05 104.78 22.77
CA LEU R 15 -5.85 106.22 22.78
C LEU R 15 -4.94 106.58 23.93
N THR R 16 -3.98 107.47 23.68
CA THR R 16 -2.97 107.82 24.66
C THR R 16 -2.79 109.33 24.64
N TRP R 17 -3.22 109.98 25.72
CA TRP R 17 -3.03 111.40 25.93
C TRP R 17 -1.93 111.62 26.96
N VAL R 18 -1.30 112.80 26.91
CA VAL R 18 -0.20 113.13 27.79
C VAL R 18 -0.41 114.53 28.34
N ASP R 19 0.07 114.76 29.55
CA ASP R 19 0.15 116.10 30.13
C ASP R 19 1.17 116.93 29.36
N PRO R 20 0.78 118.04 28.73
CA PRO R 20 1.75 118.83 27.96
C PRO R 20 2.89 119.38 28.80
N ASN R 21 2.73 119.51 30.11
CA ASN R 21 3.84 119.97 30.95
C ASN R 21 4.74 118.80 31.36
N ASP R 22 4.14 117.74 31.92
CA ASP R 22 4.88 116.61 32.46
C ASP R 22 4.59 115.40 31.58
N PHE R 23 5.60 114.93 30.85
CA PHE R 23 5.46 113.75 30.01
C PHE R 23 5.38 112.46 30.81
N ARG R 24 5.60 112.52 32.13
CA ARG R 24 5.53 111.33 32.96
C ARG R 24 4.11 110.89 33.23
N SER R 25 3.13 111.79 33.14
CA SER R 25 1.74 111.49 33.45
C SER R 25 0.97 111.32 32.14
N THR R 26 0.53 110.10 31.88
CA THR R 26 -0.17 109.73 30.66
C THR R 26 -1.51 109.10 31.00
N PHE R 27 -2.35 108.97 29.98
CA PHE R 27 -3.71 108.46 30.16
C PHE R 27 -4.07 107.69 28.88
N ARG R 28 -4.26 106.38 29.01
CA ARG R 28 -4.60 105.52 27.89
C ARG R 28 -5.98 104.92 28.12
N ILE R 29 -6.72 104.76 27.02
CA ILE R 29 -7.96 104.00 26.99
C ILE R 29 -7.83 102.93 25.91
N ASN R 30 -8.02 101.67 26.30
CA ASN R 30 -7.99 100.53 25.39
C ASN R 30 -9.37 99.91 25.37
N LEU R 31 -9.80 99.48 24.18
CA LEU R 31 -11.11 98.89 24.00
C LEU R 31 -10.97 97.67 23.11
N ASN R 32 -11.62 96.58 23.50
CA ASN R 32 -11.58 95.35 22.71
C ASN R 32 -12.97 94.73 22.70
N VAL R 33 -13.57 94.62 21.52
CA VAL R 33 -14.89 94.04 21.34
C VAL R 33 -14.73 92.70 20.63
N ASN R 34 -15.45 91.70 21.10
CA ASN R 34 -15.45 90.38 20.48
C ASN R 34 -16.64 89.60 21.01
N GLN R 35 -17.03 88.56 20.27
CA GLN R 35 -18.22 87.82 20.67
C GLN R 35 -17.92 86.90 21.86
N LYS R 36 -19.00 86.54 22.55
CA LYS R 36 -18.94 85.74 23.76
C LYS R 36 -20.20 84.89 23.82
N VAL R 37 -20.07 83.68 24.36
CA VAL R 37 -21.18 82.75 24.44
C VAL R 37 -21.67 82.72 25.88
N ALA R 38 -22.82 83.33 26.12
CA ALA R 38 -23.50 83.27 27.41
C ALA R 38 -24.64 82.26 27.26
N GLY R 39 -24.48 81.10 27.90
CA GLY R 39 -25.45 80.04 27.74
C GLY R 39 -25.54 79.59 26.30
N ALA R 40 -26.70 79.82 25.68
CA ALA R 40 -26.93 79.47 24.28
C ALA R 40 -27.04 80.70 23.38
N VAL R 41 -26.60 81.87 23.86
CA VAL R 41 -26.75 83.12 23.12
C VAL R 41 -25.39 83.80 23.01
N SER R 42 -25.04 84.21 21.80
CA SER R 42 -23.81 84.96 21.59
C SER R 42 -24.11 86.45 21.68
N VAL R 43 -23.29 87.17 22.44
CA VAL R 43 -23.40 88.60 22.62
C VAL R 43 -22.02 89.24 22.45
N TYR R 44 -22.01 90.50 22.04
CA TYR R 44 -20.77 91.23 21.85
C TYR R 44 -20.28 91.78 23.17
N ASN R 45 -19.22 91.16 23.72
CA ASN R 45 -18.57 91.62 24.93
C ASN R 45 -17.52 92.67 24.58
N ALA R 46 -17.56 93.78 25.30
CA ALA R 46 -16.54 94.83 25.23
C ALA R 46 -15.77 94.84 26.54
N ARG R 47 -14.45 94.77 26.44
CA ARG R 47 -13.56 94.97 27.59
C ARG R 47 -12.83 96.30 27.37
N SER R 48 -13.13 97.27 28.22
CA SER R 48 -12.47 98.57 28.19
C SER R 48 -11.57 98.68 29.40
N GLU R 49 -10.30 99.04 29.19
CA GLU R 49 -9.43 99.39 30.30
C GLU R 49 -8.93 100.82 30.17
N VAL R 50 -8.87 101.51 31.31
CA VAL R 50 -8.51 102.91 31.39
C VAL R 50 -7.34 103.01 32.36
N ILE R 51 -6.16 103.37 31.84
CA ILE R 51 -4.92 103.33 32.59
C ILE R 51 -4.36 104.74 32.66
N THR R 52 -4.26 105.29 33.87
CA THR R 52 -3.56 106.55 34.08
C THR R 52 -2.26 106.27 34.84
N ASN R 53 -1.15 106.76 34.28
CA ASN R 53 0.19 106.49 34.78
C ASN R 53 0.87 107.80 35.14
N ARG R 54 1.59 107.82 36.25
CA ARG R 54 2.31 109.02 36.67
C ARG R 54 3.62 108.62 37.33
N ALA R 55 4.50 109.61 37.48
CA ALA R 55 5.82 109.41 38.07
C ALA R 55 6.12 110.53 39.05
N PRO R 56 5.56 110.46 40.26
CA PRO R 56 5.85 111.48 41.27
C PRO R 56 7.27 111.36 41.80
N LEU R 57 7.74 112.45 42.37
CA LEU R 57 9.04 112.47 43.03
C LEU R 57 8.87 112.17 44.52
N VAL R 58 9.82 111.43 45.08
CA VAL R 58 9.83 111.15 46.50
C VAL R 58 10.41 112.38 47.20
N VAL R 59 9.57 113.11 47.91
CA VAL R 59 9.95 114.35 48.57
C VAL R 59 10.49 114.02 49.97
N ILE R 60 11.79 114.21 50.18
CA ILE R 60 12.40 114.14 51.51
C ILE R 60 12.82 115.54 51.91
N GLU R 61 12.30 116.00 53.04
CA GLU R 61 12.73 117.27 53.61
C GLU R 61 14.21 117.21 53.99
N GLY R 62 14.93 118.31 53.75
CA GLY R 62 16.35 118.35 54.00
C GLY R 62 17.19 117.80 52.88
N CYS R 63 16.58 117.19 51.87
CA CYS R 63 17.30 116.62 50.73
C CYS R 63 16.88 117.37 49.47
N THR R 64 17.70 118.31 49.04
CA THR R 64 17.50 118.93 47.74
C THR R 64 17.80 117.90 46.67
N ASP R 65 16.74 117.38 46.05
CA ASP R 65 16.86 116.31 45.05
C ASP R 65 17.23 116.92 43.70
N ALA R 66 18.43 117.47 43.66
CA ALA R 66 19.02 117.86 42.38
C ALA R 66 19.07 116.64 41.48
N CYS R 67 18.73 116.85 40.21
CA CYS R 67 18.66 115.86 39.15
C CYS R 67 17.35 115.06 39.22
N SER R 68 16.54 115.25 40.26
CA SER R 68 15.26 114.55 40.44
C SER R 68 15.41 113.04 40.25
N VAL R 69 16.33 112.46 41.02
CA VAL R 69 16.63 111.04 40.88
C VAL R 69 15.67 110.18 41.69
N ASN R 70 15.28 110.64 42.87
CA ASN R 70 14.33 109.90 43.70
C ASN R 70 12.94 110.05 43.11
N ARG R 71 12.52 109.10 42.29
CA ARG R 71 11.26 109.18 41.58
C ARG R 71 10.54 107.84 41.62
N GLU R 72 9.22 107.92 41.72
CA GLU R 72 8.35 106.77 41.92
C GLU R 72 7.35 106.66 40.78
N ASN R 73 6.99 105.42 40.42
CA ASN R 73 5.90 105.17 39.48
C ASN R 73 4.62 104.87 40.25
N ILE R 74 3.53 105.54 39.87
CA ILE R 74 2.21 105.26 40.41
C ILE R 74 1.25 105.04 39.24
N SER R 75 0.23 104.20 39.47
CA SER R 75 -0.70 103.86 38.39
C SER R 75 -2.07 103.54 38.94
N ILE R 76 -3.09 104.02 38.22
CA ILE R 76 -4.49 103.74 38.52
C ILE R 76 -5.14 103.20 37.24
N ARG R 77 -5.67 101.99 37.33
CA ARG R 77 -6.18 101.26 36.18
C ARG R 77 -7.60 100.79 36.48
N THR R 78 -8.43 100.74 35.44
CA THR R 78 -9.84 100.35 35.61
C THR R 78 -10.28 99.52 34.42
N THR R 79 -10.69 98.28 34.68
CA THR R 79 -11.14 97.35 33.63
C THR R 79 -12.64 97.13 33.78
N ILE R 80 -13.35 97.12 32.64
CA ILE R 80 -14.79 97.04 32.58
C ILE R 80 -15.09 96.08 31.43
N SER R 81 -15.45 94.83 31.76
CA SER R 81 -15.72 93.81 30.75
C SER R 81 -17.17 93.36 30.88
N GLY R 82 -17.94 93.58 29.81
CA GLY R 82 -19.35 93.21 29.83
C GLY R 82 -19.96 93.34 28.45
N SER R 83 -21.16 92.77 28.31
CA SER R 83 -21.87 92.84 27.03
C SER R 83 -22.30 94.28 26.74
N VAL R 84 -22.23 94.64 25.46
CA VAL R 84 -22.88 95.86 25.02
C VAL R 84 -24.39 95.74 25.22
N GLU R 85 -24.93 94.52 25.10
CA GLU R 85 -26.36 94.32 25.26
C GLU R 85 -26.80 94.57 26.69
N ASN R 86 -26.06 94.06 27.69
CA ASN R 86 -26.36 94.32 29.09
C ASN R 86 -25.67 95.56 29.63
N LYS R 87 -25.38 96.54 28.76
CA LYS R 87 -24.71 97.74 29.21
C LYS R 87 -25.48 98.45 30.31
N ALA R 88 -26.79 98.19 30.44
CA ALA R 88 -27.54 98.75 31.56
C ALA R 88 -27.02 98.22 32.89
N ALA R 89 -26.92 96.89 33.03
CA ALA R 89 -26.38 96.33 34.25
C ALA R 89 -24.91 96.63 34.41
N VAL R 90 -24.19 96.77 33.29
CA VAL R 90 -22.79 97.20 33.36
C VAL R 90 -22.69 98.58 34.02
N LEU R 91 -23.54 99.52 33.60
CA LEU R 91 -23.50 100.88 34.15
C LEU R 91 -23.97 100.92 35.60
N ALA R 92 -24.97 100.11 35.94
CA ALA R 92 -25.38 99.99 37.34
C ALA R 92 -24.21 99.50 38.19
N ALA R 93 -23.51 98.47 37.70
CA ALA R 93 -22.33 97.97 38.37
C ALA R 93 -21.24 99.02 38.46
N LEU R 94 -21.10 99.86 37.44
CA LEU R 94 -20.08 100.90 37.49
C LEU R 94 -20.41 101.94 38.54
N LEU R 95 -21.67 102.36 38.63
CA LEU R 95 -22.06 103.31 39.67
C LEU R 95 -21.80 102.75 41.06
N ASP R 96 -22.25 101.52 41.30
CA ASP R 96 -22.05 100.91 42.61
C ASP R 96 -20.55 100.74 42.90
N HIS R 97 -19.78 100.39 41.88
CA HIS R 97 -18.33 100.24 42.02
C HIS R 97 -17.68 101.56 42.40
N LEU R 98 -18.04 102.64 41.70
CA LEU R 98 -17.44 103.94 41.98
C LEU R 98 -17.79 104.40 43.38
N HIS R 99 -19.04 104.21 43.81
CA HIS R 99 -19.44 104.64 45.15
C HIS R 99 -18.70 103.85 46.23
N ASN R 100 -18.56 102.53 46.05
CA ASN R 100 -17.87 101.74 47.06
C ASN R 100 -16.37 102.05 47.06
N LEU R 101 -15.79 102.26 45.88
CA LEU R 101 -14.42 102.75 45.80
C LEU R 101 -14.27 104.03 46.60
N GLY R 102 -15.20 104.97 46.43
CA GLY R 102 -15.16 106.20 47.20
C GLY R 102 -15.28 105.97 48.70
N LEU R 103 -16.02 104.94 49.10
CA LEU R 103 -16.07 104.60 50.52
C LEU R 103 -14.69 104.16 51.02
N ALA R 104 -13.96 103.40 50.22
CA ALA R 104 -12.68 102.86 50.67
C ALA R 104 -11.48 103.76 50.34
N ARG R 105 -11.68 104.83 49.57
CA ARG R 105 -10.57 105.50 48.91
C ARG R 105 -9.58 106.11 49.88
N ASP R 106 -10.05 106.56 51.04
CA ASP R 106 -9.14 107.21 51.97
C ASP R 106 -8.30 106.18 52.71
N ASP R 107 -8.93 105.07 53.12
CA ASP R 107 -8.19 104.00 53.81
C ASP R 107 -7.18 103.36 52.87
N LEU R 108 -7.60 102.99 51.66
CA LEU R 108 -6.75 102.21 50.77
C LEU R 108 -5.47 102.96 50.39
N VAL R 109 -5.58 104.27 50.16
CA VAL R 109 -4.41 105.00 49.70
C VAL R 109 -3.41 105.21 50.84
N ALA R 110 -3.87 105.12 52.09
CA ALA R 110 -3.00 105.22 53.25
C ALA R 110 -2.42 103.87 53.67
N GLY R 111 -2.65 102.82 52.87
CA GLY R 111 -2.09 101.51 53.17
C GLY R 111 -2.83 100.71 54.22
N LEU R 112 -4.10 101.02 54.45
CA LEU R 112 -4.86 100.43 55.55
C LEU R 112 -6.08 99.71 54.99
N LEU R 113 -6.29 98.48 55.43
CA LEU R 113 -7.43 97.71 54.97
C LEU R 113 -8.73 98.35 55.46
N PRO R 114 -9.67 98.69 54.56
CA PRO R 114 -10.92 99.37 54.99
C PRO R 114 -11.88 98.40 55.67
N THR R 115 -11.50 97.96 56.87
CA THR R 115 -12.32 97.03 57.63
C THR R 115 -13.64 97.65 58.06
N THR R 116 -13.71 98.97 58.15
CA THR R 116 -14.88 99.64 58.71
C THR R 116 -16.00 99.89 57.70
N ILE R 117 -15.66 100.10 56.42
CA ILE R 117 -16.67 100.53 55.45
C ILE R 117 -17.72 99.43 55.25
N GLN R 118 -18.85 99.83 54.69
CA GLN R 118 -19.92 98.89 54.33
C GLN R 118 -20.41 99.22 52.93
N PRO R 119 -20.11 98.41 51.93
CA PRO R 119 -20.52 98.71 50.56
C PRO R 119 -22.01 98.53 50.37
N VAL R 120 -22.48 98.95 49.19
CA VAL R 120 -23.91 99.05 48.89
C VAL R 120 -24.16 98.54 47.48
N VAL R 121 -25.37 98.02 47.25
CA VAL R 121 -25.89 97.75 45.92
C VAL R 121 -26.96 98.80 45.62
N GLU R 122 -27.01 99.25 44.36
CA GLU R 122 -28.07 100.15 43.88
C GLU R 122 -28.04 101.50 44.60
N TYR R 123 -26.86 102.14 44.61
CA TYR R 123 -26.76 103.46 45.23
C TYR R 123 -27.71 104.45 44.55
N THR R 124 -28.33 105.30 45.37
CA THR R 124 -29.28 106.28 44.88
C THR R 124 -29.06 107.64 45.55
N ALA S 1 -23.28 45.86 -97.35
CA ALA S 1 -22.64 47.11 -97.73
C ALA S 1 -21.69 46.93 -98.91
N GLN S 2 -21.16 45.71 -99.07
CA GLN S 2 -20.31 45.37 -100.21
C GLN S 2 -19.08 46.29 -100.27
N HIS S 3 -18.53 46.61 -99.11
CA HIS S 3 -17.30 47.40 -99.04
C HIS S 3 -16.12 46.44 -98.99
N ASN S 4 -15.16 46.64 -99.90
CA ASN S 4 -14.01 45.76 -100.00
C ASN S 4 -12.98 46.05 -98.91
N MET S 5 -12.26 44.99 -98.52
CA MET S 5 -11.30 45.07 -97.42
C MET S 5 -10.08 45.89 -97.80
N ARG S 6 -9.43 46.46 -96.79
CA ARG S 6 -8.21 47.23 -97.02
C ARG S 6 -7.02 46.52 -96.39
N LEU S 7 -5.88 46.60 -97.06
CA LEU S 7 -4.72 45.79 -96.71
C LEU S 7 -4.00 46.33 -95.48
N GLN S 8 -3.52 45.43 -94.63
CA GLN S 8 -2.86 45.79 -93.38
C GLN S 8 -1.44 45.25 -93.24
N LEU S 9 -1.17 44.01 -93.67
CA LEU S 9 0.15 43.43 -93.45
C LEU S 9 0.65 42.67 -94.68
N THR S 10 1.84 43.01 -95.15
CA THR S 10 2.50 42.30 -96.25
C THR S 10 3.83 41.73 -95.78
N SER S 11 4.10 40.47 -96.15
CA SER S 11 5.30 39.81 -95.67
C SER S 11 6.02 38.99 -96.74
N GLY S 12 5.54 38.97 -97.98
CA GLY S 12 6.15 38.13 -99.00
C GLY S 12 5.84 36.65 -98.83
N THR S 13 5.33 36.29 -97.65
CA THR S 13 4.78 34.98 -97.39
C THR S 13 3.36 35.02 -96.85
N SER S 14 2.90 36.16 -96.35
CA SER S 14 1.51 36.32 -95.91
C SER S 14 0.97 37.64 -96.41
N LEU S 15 -0.35 37.71 -96.46
CA LEU S 15 -1.09 38.93 -96.73
C LEU S 15 -2.22 39.01 -95.74
N THR S 16 -2.47 40.20 -95.20
CA THR S 16 -3.44 40.38 -94.12
C THR S 16 -4.25 41.63 -94.41
N TRP S 17 -5.48 41.41 -94.90
CA TRP S 17 -6.47 42.47 -95.11
C TRP S 17 -7.42 42.53 -93.91
N VAL S 18 -8.05 43.69 -93.75
CA VAL S 18 -8.97 43.93 -92.64
C VAL S 18 -10.14 44.76 -93.13
N ASP S 19 -11.31 44.52 -92.54
CA ASP S 19 -12.48 45.35 -92.77
C ASP S 19 -12.27 46.72 -92.13
N PRO S 20 -12.25 47.80 -92.90
CA PRO S 20 -12.03 49.13 -92.30
C PRO S 20 -13.05 49.50 -91.25
N ASN S 21 -14.27 48.95 -91.32
CA ASN S 21 -15.28 49.24 -90.31
C ASN S 21 -15.05 48.42 -89.05
N ASP S 22 -14.97 47.10 -89.19
CA ASP S 22 -14.75 46.18 -88.07
C ASP S 22 -13.37 45.59 -88.19
N PHE S 23 -12.46 46.00 -87.30
CA PHE S 23 -11.14 45.40 -87.23
C PHE S 23 -11.15 43.95 -86.77
N ARG S 24 -12.30 43.45 -86.31
CA ARG S 24 -12.36 42.07 -85.83
C ARG S 24 -12.46 41.04 -86.95
N SER S 25 -12.71 41.48 -88.19
CA SER S 25 -12.82 40.55 -89.33
C SER S 25 -11.55 40.69 -90.18
N THR S 26 -10.68 39.69 -90.07
CA THR S 26 -9.40 39.63 -90.74
C THR S 26 -9.48 38.64 -91.89
N PHE S 27 -8.62 38.84 -92.90
CA PHE S 27 -8.50 37.91 -94.01
C PHE S 27 -7.02 37.76 -94.35
N ARG S 28 -6.45 36.59 -94.10
CA ARG S 28 -5.04 36.32 -94.34
C ARG S 28 -4.88 35.22 -95.39
N ILE S 29 -3.83 35.36 -96.20
CA ILE S 29 -3.41 34.34 -97.15
C ILE S 29 -1.93 34.05 -96.90
N ASN S 30 -1.60 32.77 -96.67
CA ASN S 30 -0.23 32.32 -96.45
C ASN S 30 0.14 31.38 -97.60
N LEU S 31 1.25 31.65 -98.26
CA LEU S 31 1.73 30.80 -99.35
C LEU S 31 3.16 30.37 -99.04
N ASN S 32 3.38 29.07 -98.99
CA ASN S 32 4.71 28.52 -98.75
C ASN S 32 5.06 27.57 -99.87
N VAL S 33 6.22 27.75 -100.48
CA VAL S 33 6.64 26.90 -101.58
C VAL S 33 7.98 26.25 -101.24
N ASN S 34 8.09 24.96 -101.57
CA ASN S 34 9.33 24.22 -101.37
C ASN S 34 9.30 22.99 -102.27
N GLN S 35 10.49 22.46 -102.56
CA GLN S 35 10.59 21.31 -103.44
C GLN S 35 10.23 20.03 -102.70
N LYS S 36 9.49 19.16 -103.37
CA LYS S 36 9.18 17.82 -102.90
C LYS S 36 9.62 16.83 -103.96
N VAL S 37 9.67 15.56 -103.59
CA VAL S 37 10.04 14.50 -104.51
C VAL S 37 8.76 13.75 -104.87
N ALA S 38 8.32 13.88 -106.12
CA ALA S 38 7.18 13.12 -106.62
C ALA S 38 7.72 11.98 -107.46
N GLY S 39 7.62 10.76 -106.94
CA GLY S 39 8.07 9.60 -107.66
C GLY S 39 9.51 9.73 -108.13
N ALA S 40 9.68 9.87 -109.44
CA ALA S 40 11.02 9.91 -110.03
C ALA S 40 11.64 11.29 -110.07
N VAL S 41 10.83 12.36 -110.05
CA VAL S 41 11.36 13.69 -110.29
C VAL S 41 10.90 14.63 -109.18
N SER S 42 11.66 15.70 -108.97
CA SER S 42 11.29 16.71 -107.99
C SER S 42 10.33 17.73 -108.61
N VAL S 43 9.38 18.19 -107.80
CA VAL S 43 8.41 19.19 -108.20
C VAL S 43 8.36 20.27 -107.12
N TYR S 44 7.65 21.35 -107.43
CA TYR S 44 7.51 22.49 -106.51
C TYR S 44 6.13 22.44 -105.85
N ASN S 45 6.09 22.07 -104.58
CA ASN S 45 4.84 22.04 -103.82
C ASN S 45 4.58 23.41 -103.21
N ALA S 46 3.32 23.85 -103.29
CA ALA S 46 2.89 25.15 -102.79
C ALA S 46 1.71 24.92 -101.86
N ARG S 47 1.96 25.02 -100.56
CA ARG S 47 0.91 24.97 -99.55
C ARG S 47 0.37 26.38 -99.39
N SER S 48 -0.79 26.63 -99.96
CA SER S 48 -1.54 27.85 -99.71
C SER S 48 -2.50 27.59 -98.56
N GLU S 49 -2.78 28.62 -97.78
CA GLU S 49 -3.90 28.58 -96.85
C GLU S 49 -4.53 29.96 -96.78
N VAL S 50 -5.85 29.97 -96.65
CA VAL S 50 -6.65 31.18 -96.66
C VAL S 50 -7.51 31.14 -95.41
N ILE S 51 -7.27 32.08 -94.50
CA ILE S 51 -7.90 32.11 -93.18
C ILE S 51 -8.71 33.38 -93.07
N THR S 52 -10.01 33.26 -92.85
CA THR S 52 -10.86 34.40 -92.55
C THR S 52 -11.35 34.29 -91.10
N ASN S 53 -11.13 35.36 -90.34
CA ASN S 53 -11.41 35.41 -88.91
C ASN S 53 -12.44 36.49 -88.65
N ARG S 54 -13.39 36.22 -87.76
CA ARG S 54 -14.37 37.24 -87.40
C ARG S 54 -14.73 37.07 -85.93
N ALA S 55 -15.40 38.09 -85.39
CA ALA S 55 -15.84 38.10 -84.00
C ALA S 55 -17.24 38.70 -83.93
N PRO S 56 -18.24 37.97 -84.40
CA PRO S 56 -19.61 38.45 -84.30
C PRO S 56 -20.07 38.48 -82.86
N LEU S 57 -21.10 39.28 -82.61
CA LEU S 57 -21.62 39.45 -81.27
C LEU S 57 -22.69 38.40 -80.98
N VAL S 58 -22.65 37.85 -79.78
CA VAL S 58 -23.61 36.85 -79.34
C VAL S 58 -24.77 37.59 -78.68
N VAL S 59 -25.95 37.48 -79.27
CA VAL S 59 -27.11 38.24 -78.84
C VAL S 59 -28.25 37.27 -78.49
N ILE S 60 -28.71 37.33 -77.25
CA ILE S 60 -29.92 36.64 -76.81
C ILE S 60 -30.92 37.72 -76.42
N GLU S 61 -32.04 37.76 -77.14
CA GLU S 61 -32.89 38.96 -77.13
C GLU S 61 -33.33 39.33 -75.72
N GLY S 62 -33.69 38.36 -74.89
CA GLY S 62 -34.10 38.66 -73.54
C GLY S 62 -32.97 38.73 -72.53
N CYS S 63 -31.77 38.31 -72.92
CA CYS S 63 -30.70 38.05 -71.97
C CYS S 63 -29.46 38.91 -72.16
N THR S 64 -29.13 39.31 -73.38
CA THR S 64 -27.85 39.94 -73.68
C THR S 64 -27.95 41.44 -73.42
N ASP S 65 -27.23 41.89 -72.38
CA ASP S 65 -27.11 43.31 -72.13
C ASP S 65 -26.33 43.97 -73.26
N ALA S 66 -26.90 45.05 -73.81
CA ALA S 66 -26.26 45.70 -74.94
C ALA S 66 -25.00 46.47 -74.52
N CYS S 67 -24.94 46.92 -73.27
CA CYS S 67 -23.80 47.71 -72.82
C CYS S 67 -22.55 46.86 -72.75
N SER S 68 -22.65 45.66 -72.17
CA SER S 68 -21.52 44.73 -72.09
C SER S 68 -21.57 43.82 -73.31
N VAL S 69 -20.66 44.06 -74.26
CA VAL S 69 -20.65 43.29 -75.49
C VAL S 69 -20.25 41.85 -75.20
N ASN S 70 -20.90 40.90 -75.87
CA ASN S 70 -20.57 39.49 -75.79
C ASN S 70 -20.21 39.03 -77.18
N ARG S 71 -18.93 38.73 -77.41
CA ARG S 71 -18.46 38.37 -78.74
C ARG S 71 -17.93 36.94 -78.75
N GLU S 72 -17.94 36.37 -79.96
CA GLU S 72 -17.51 35.01 -80.23
C GLU S 72 -16.55 35.02 -81.41
N ASN S 73 -15.44 34.31 -81.29
CA ASN S 73 -14.56 34.13 -82.44
C ASN S 73 -15.13 33.05 -83.35
N ILE S 74 -15.17 33.35 -84.65
CA ILE S 74 -15.51 32.36 -85.68
C ILE S 74 -14.42 32.40 -86.74
N SER S 75 -14.15 31.23 -87.32
CA SER S 75 -13.04 31.13 -88.27
C SER S 75 -13.35 30.14 -89.38
N ILE S 76 -12.93 30.50 -90.59
CA ILE S 76 -13.01 29.60 -91.74
C ILE S 76 -11.64 29.56 -92.41
N ARG S 77 -11.04 28.39 -92.41
CA ARG S 77 -9.67 28.16 -92.88
C ARG S 77 -9.72 27.20 -94.07
N THR S 78 -8.81 27.41 -95.03
CA THR S 78 -8.76 26.52 -96.20
C THR S 78 -7.31 26.31 -96.62
N THR S 79 -6.84 25.07 -96.52
CA THR S 79 -5.49 24.67 -96.90
C THR S 79 -5.52 23.93 -98.23
N ILE S 80 -4.58 24.25 -99.11
CA ILE S 80 -4.48 23.69 -100.45
C ILE S 80 -3.00 23.37 -100.69
N SER S 81 -2.63 22.09 -100.63
CA SER S 81 -1.24 21.68 -100.79
C SER S 81 -1.12 20.72 -101.96
N GLY S 82 -0.37 21.13 -102.97
CA GLY S 82 -0.06 20.34 -104.16
C GLY S 82 1.01 21.07 -104.95
N SER S 83 1.54 20.39 -105.95
CA SER S 83 2.61 21.00 -106.74
C SER S 83 2.07 22.05 -107.71
N VAL S 84 2.89 23.06 -107.97
CA VAL S 84 2.58 24.01 -109.05
C VAL S 84 2.70 23.31 -110.39
N GLU S 85 3.53 22.28 -110.46
CA GLU S 85 3.72 21.54 -111.70
C GLU S 85 2.40 20.92 -112.16
N ASN S 86 1.63 20.37 -111.21
CA ASN S 86 0.40 19.62 -111.46
C ASN S 86 -0.83 20.42 -111.05
N LYS S 87 -0.76 21.75 -111.17
CA LYS S 87 -1.86 22.58 -110.70
C LYS S 87 -3.16 22.30 -111.45
N ALA S 88 -3.08 21.64 -112.60
CA ALA S 88 -4.30 21.20 -113.27
C ALA S 88 -5.11 20.26 -112.38
N ALA S 89 -4.47 19.20 -111.87
CA ALA S 89 -5.16 18.30 -110.97
C ALA S 89 -5.41 18.93 -109.61
N VAL S 90 -4.55 19.88 -109.18
CA VAL S 90 -4.84 20.63 -107.96
C VAL S 90 -6.19 21.34 -108.08
N LEU S 91 -6.41 22.07 -109.17
CA LEU S 91 -7.67 22.80 -109.37
C LEU S 91 -8.84 21.85 -109.61
N ALA S 92 -8.62 20.75 -110.32
CA ALA S 92 -9.68 19.76 -110.50
C ALA S 92 -10.12 19.19 -109.16
N ALA S 93 -9.19 19.06 -108.21
CA ALA S 93 -9.56 18.67 -106.85
C ALA S 93 -10.26 19.81 -106.12
N LEU S 94 -9.82 21.05 -106.36
CA LEU S 94 -10.43 22.19 -105.67
C LEU S 94 -11.89 22.34 -106.03
N LEU S 95 -12.23 22.18 -107.31
CA LEU S 95 -13.62 22.36 -107.73
C LEU S 95 -14.53 21.34 -107.06
N ASP S 96 -14.11 20.07 -107.05
CA ASP S 96 -14.88 19.02 -106.41
C ASP S 96 -15.00 19.28 -104.91
N HIS S 97 -13.92 19.73 -104.28
CA HIS S 97 -13.95 20.05 -102.86
C HIS S 97 -14.96 21.16 -102.56
N LEU S 98 -14.91 22.24 -103.34
CA LEU S 98 -15.81 23.36 -103.11
C LEU S 98 -17.27 22.96 -103.30
N HIS S 99 -17.56 22.20 -104.35
CA HIS S 99 -18.94 21.76 -104.59
C HIS S 99 -19.45 20.85 -103.47
N ASN S 100 -18.61 19.92 -103.02
CA ASN S 100 -19.04 19.01 -101.95
C ASN S 100 -19.21 19.78 -100.64
N LEU S 101 -18.31 20.72 -100.36
CA LEU S 101 -18.49 21.59 -99.20
C LEU S 101 -19.84 22.31 -99.29
N GLY S 102 -20.18 22.82 -100.48
CA GLY S 102 -21.47 23.45 -100.65
C GLY S 102 -22.63 22.51 -100.35
N LEU S 103 -22.51 21.26 -100.80
CA LEU S 103 -23.54 20.26 -100.48
C LEU S 103 -23.68 20.10 -98.96
N ALA S 104 -22.58 20.19 -98.23
CA ALA S 104 -22.63 19.92 -96.80
C ALA S 104 -22.95 21.14 -95.93
N ARG S 105 -22.76 22.35 -96.45
CA ARG S 105 -22.62 23.51 -95.56
C ARG S 105 -23.88 23.76 -94.75
N ASP S 106 -25.05 23.55 -95.35
CA ASP S 106 -26.29 23.80 -94.65
C ASP S 106 -26.42 22.90 -93.43
N ASP S 107 -26.00 21.63 -93.57
CA ASP S 107 -26.01 20.71 -92.44
C ASP S 107 -24.91 21.08 -91.44
N LEU S 108 -23.73 21.44 -91.93
CA LEU S 108 -22.58 21.61 -91.04
C LEU S 108 -22.74 22.85 -90.16
N VAL S 109 -23.18 23.98 -90.72
CA VAL S 109 -23.27 25.19 -89.91
C VAL S 109 -24.37 25.07 -88.86
N ALA S 110 -25.30 24.13 -89.02
CA ALA S 110 -26.35 23.90 -88.05
C ALA S 110 -26.00 22.81 -87.04
N GLY S 111 -24.74 22.37 -87.01
CA GLY S 111 -24.32 21.38 -86.05
C GLY S 111 -24.77 19.97 -86.33
N LEU S 112 -25.26 19.70 -87.53
CA LEU S 112 -25.77 18.37 -87.89
C LEU S 112 -24.75 17.64 -88.75
N LEU S 113 -24.62 16.34 -88.52
CA LEU S 113 -23.69 15.52 -89.29
C LEU S 113 -24.30 15.24 -90.67
N PRO S 114 -23.66 15.66 -91.76
CA PRO S 114 -24.27 15.52 -93.09
C PRO S 114 -24.35 14.08 -93.56
N THR S 115 -25.27 13.31 -92.96
CA THR S 115 -25.36 11.88 -93.23
C THR S 115 -26.07 11.58 -94.54
N THR S 116 -26.79 12.54 -95.12
CA THR S 116 -27.56 12.28 -96.33
C THR S 116 -26.79 12.59 -97.60
N ILE S 117 -25.97 13.66 -97.60
CA ILE S 117 -25.36 14.17 -98.83
C ILE S 117 -24.53 13.10 -99.53
N GLN S 118 -24.37 13.25 -100.83
CA GLN S 118 -23.50 12.38 -101.62
C GLN S 118 -22.53 13.21 -102.44
N PRO S 119 -21.24 13.14 -102.14
CA PRO S 119 -20.25 13.91 -102.92
C PRO S 119 -20.03 13.33 -104.30
N VAL S 120 -19.10 13.91 -105.06
CA VAL S 120 -18.90 13.54 -106.46
C VAL S 120 -17.49 13.92 -106.87
N VAL S 121 -16.95 13.18 -107.85
CA VAL S 121 -15.69 13.49 -108.49
C VAL S 121 -16.00 14.07 -109.87
N GLU S 122 -15.13 14.95 -110.35
CA GLU S 122 -15.20 15.48 -111.72
C GLU S 122 -16.55 16.15 -111.99
N TYR S 123 -16.91 17.10 -111.11
CA TYR S 123 -18.20 17.76 -111.20
C TYR S 123 -18.27 18.61 -112.47
N THR S 124 -19.32 18.39 -113.27
CA THR S 124 -19.51 19.05 -114.55
C THR S 124 -20.60 20.12 -114.41
N GLY S 125 -20.21 21.38 -114.52
CA GLY S 125 -21.16 22.48 -114.49
C GLY S 125 -21.84 22.71 -113.15
N ALA T 1 -16.18 12.66 -115.96
CA ALA T 1 -17.13 11.54 -115.93
C ALA T 1 -18.24 11.79 -114.91
N GLN T 2 -17.90 12.57 -113.88
CA GLN T 2 -18.80 12.88 -112.75
C GLN T 2 -19.50 11.63 -112.23
N HIS T 3 -18.70 10.63 -111.88
CA HIS T 3 -19.16 9.48 -111.13
C HIS T 3 -19.10 9.83 -109.64
N ASN T 4 -20.26 9.92 -109.00
CA ASN T 4 -20.30 10.41 -107.63
C ASN T 4 -19.72 9.41 -106.64
N MET T 5 -19.17 9.94 -105.55
CA MET T 5 -18.39 9.15 -104.61
C MET T 5 -19.28 8.18 -103.84
N ARG T 6 -18.64 7.12 -103.34
CA ARG T 6 -19.31 6.05 -102.61
C ARG T 6 -18.94 6.17 -101.13
N LEU T 7 -19.95 6.06 -100.26
CA LEU T 7 -19.67 6.04 -98.83
C LEU T 7 -18.80 4.84 -98.48
N GLN T 8 -17.87 5.05 -97.58
CA GLN T 8 -17.07 3.90 -97.21
C GLN T 8 -17.00 3.67 -95.71
N LEU T 9 -16.95 4.73 -94.90
CA LEU T 9 -16.85 4.53 -93.46
C LEU T 9 -17.54 5.63 -92.67
N THR T 10 -18.33 5.23 -91.67
CA THR T 10 -18.95 6.15 -90.71
C THR T 10 -18.58 5.68 -89.32
N SER T 11 -17.94 6.54 -88.53
CA SER T 11 -17.58 6.19 -87.16
C SER T 11 -17.35 7.45 -86.35
N GLY T 12 -17.90 7.49 -85.15
CA GLY T 12 -17.72 8.64 -84.28
C GLY T 12 -18.36 9.91 -84.82
N THR T 13 -17.53 10.87 -85.21
CA THR T 13 -18.01 12.13 -85.78
C THR T 13 -17.57 12.29 -87.23
N SER T 14 -17.07 11.24 -87.87
CA SER T 14 -16.47 11.35 -89.19
C SER T 14 -17.31 10.59 -90.22
N LEU T 15 -17.24 11.08 -91.47
CA LEU T 15 -17.79 10.41 -92.62
C LEU T 15 -16.71 10.35 -93.68
N THR T 16 -16.58 9.20 -94.35
CA THR T 16 -15.48 8.99 -95.29
C THR T 16 -16.02 8.33 -96.56
N TRP T 17 -16.01 9.10 -97.65
CA TRP T 17 -16.37 8.66 -98.99
C TRP T 17 -15.11 8.46 -99.82
N VAL T 18 -15.24 7.69 -100.90
CA VAL T 18 -14.12 7.35 -101.76
C VAL T 18 -14.58 7.34 -103.21
N ASP T 19 -13.66 7.65 -104.11
CA ASP T 19 -13.89 7.51 -105.54
C ASP T 19 -13.90 6.04 -105.91
N PRO T 20 -15.00 5.51 -106.46
CA PRO T 20 -15.04 4.08 -106.83
C PRO T 20 -14.04 3.69 -107.91
N ASN T 21 -13.40 4.64 -108.58
CA ASN T 21 -12.45 4.25 -109.61
C ASN T 21 -11.04 4.07 -109.05
N ASP T 22 -10.50 5.06 -108.35
CA ASP T 22 -9.29 4.83 -107.57
C ASP T 22 -9.53 5.20 -106.12
N PHE T 23 -8.95 4.39 -105.25
CA PHE T 23 -9.02 4.49 -103.80
C PHE T 23 -8.20 5.66 -103.26
N ARG T 24 -7.50 6.38 -104.14
CA ARG T 24 -6.56 7.42 -103.72
C ARG T 24 -7.25 8.74 -103.39
N SER T 25 -8.40 9.02 -104.01
CA SER T 25 -9.11 10.26 -103.79
C SER T 25 -10.30 9.99 -102.87
N THR T 26 -10.23 10.55 -101.66
CA THR T 26 -11.19 10.35 -100.60
C THR T 26 -11.70 11.69 -100.10
N PHE T 27 -12.78 11.63 -99.32
CA PHE T 27 -13.48 12.83 -98.86
C PHE T 27 -14.01 12.56 -97.46
N ARG T 28 -13.56 13.34 -96.49
CA ARG T 28 -13.93 13.15 -95.10
C ARG T 28 -14.58 14.41 -94.55
N ILE T 29 -15.55 14.23 -93.66
CA ILE T 29 -16.15 15.34 -92.92
C ILE T 29 -16.17 14.97 -91.45
N ASN T 30 -15.57 15.83 -90.62
CA ASN T 30 -15.58 15.72 -89.16
C ASN T 30 -16.42 16.84 -88.58
N LEU T 31 -17.20 16.53 -87.54
CA LEU T 31 -18.08 17.49 -86.90
C LEU T 31 -17.95 17.36 -85.40
N ASN T 32 -17.57 18.45 -84.75
CA ASN T 32 -17.38 18.45 -83.29
C ASN T 32 -18.23 19.57 -82.70
N VAL T 33 -19.34 19.22 -82.07
CA VAL T 33 -20.25 20.18 -81.45
C VAL T 33 -20.03 20.12 -79.95
N ASN T 34 -19.90 21.28 -79.32
CA ASN T 34 -19.72 21.36 -77.87
C ASN T 34 -19.93 22.82 -77.43
N GLN T 35 -20.11 23.01 -76.13
CA GLN T 35 -20.47 24.34 -75.63
C GLN T 35 -19.25 25.24 -75.53
N LYS T 36 -19.42 26.47 -76.02
CA LYS T 36 -18.44 27.53 -76.02
C LYS T 36 -18.93 28.60 -75.05
N VAL T 37 -17.99 29.30 -74.42
CA VAL T 37 -18.30 30.35 -73.47
C VAL T 37 -17.89 31.68 -74.10
N ALA T 38 -18.87 32.55 -74.36
CA ALA T 38 -18.62 33.84 -74.99
C ALA T 38 -19.29 34.92 -74.14
N GLY T 39 -18.50 35.62 -73.34
CA GLY T 39 -19.06 36.58 -72.41
C GLY T 39 -19.72 35.86 -71.25
N ALA T 40 -20.92 36.32 -70.89
CA ALA T 40 -21.66 35.70 -69.80
C ALA T 40 -22.48 34.50 -70.24
N VAL T 41 -22.68 34.32 -71.54
CA VAL T 41 -23.51 33.25 -72.06
C VAL T 41 -22.64 32.14 -72.64
N SER T 42 -23.26 30.98 -72.82
CA SER T 42 -22.64 29.85 -73.50
C SER T 42 -23.52 29.45 -74.67
N VAL T 43 -22.87 29.11 -75.78
CA VAL T 43 -23.55 28.78 -77.03
C VAL T 43 -22.91 27.52 -77.61
N TYR T 44 -23.70 26.76 -78.37
CA TYR T 44 -23.18 25.53 -78.96
C TYR T 44 -22.34 25.87 -80.19
N ASN T 45 -21.04 25.64 -80.10
CA ASN T 45 -20.11 25.85 -81.20
C ASN T 45 -19.92 24.54 -81.94
N ALA T 46 -19.98 24.62 -83.27
CA ALA T 46 -19.72 23.52 -84.17
C ALA T 46 -18.39 23.76 -84.88
N ARG T 47 -17.54 22.74 -84.88
CA ARG T 47 -16.29 22.72 -85.62
C ARG T 47 -16.45 21.69 -86.73
N SER T 48 -16.71 22.17 -87.95
CA SER T 48 -16.72 21.32 -89.13
C SER T 48 -15.34 21.34 -89.75
N GLU T 49 -14.89 20.19 -90.24
CA GLU T 49 -13.72 20.18 -91.09
C GLU T 49 -13.90 19.17 -92.21
N VAL T 50 -13.71 19.64 -93.44
CA VAL T 50 -13.96 18.90 -94.66
C VAL T 50 -12.63 18.72 -95.38
N ILE T 51 -12.19 17.48 -95.51
CA ILE T 51 -10.84 17.15 -95.98
C ILE T 51 -10.97 16.29 -97.23
N THR T 52 -10.56 16.81 -98.38
CA THR T 52 -10.49 16.03 -99.61
C THR T 52 -9.02 15.73 -99.89
N ASN T 53 -8.72 14.44 -100.10
CA ASN T 53 -7.36 13.94 -100.27
C ASN T 53 -7.26 13.22 -101.60
N ARG T 54 -6.17 13.45 -102.33
CA ARG T 54 -5.95 12.74 -103.57
C ARG T 54 -4.47 12.40 -103.66
N ALA T 55 -4.17 11.48 -104.58
CA ALA T 55 -2.79 11.08 -104.86
C ALA T 55 -2.63 10.93 -106.37
N PRO T 56 -2.80 12.03 -107.11
CA PRO T 56 -2.88 11.93 -108.57
C PRO T 56 -1.50 11.71 -109.17
N LEU T 57 -1.51 11.38 -110.46
CA LEU T 57 -0.27 11.37 -111.23
C LEU T 57 0.12 12.81 -111.54
N VAL T 58 1.42 13.09 -111.53
CA VAL T 58 1.87 14.42 -111.91
C VAL T 58 1.86 14.52 -113.43
N VAL T 59 1.07 15.45 -113.95
CA VAL T 59 0.87 15.64 -115.38
C VAL T 59 1.51 16.96 -115.78
N ILE T 60 2.66 16.87 -116.44
CA ILE T 60 3.35 18.05 -116.93
C ILE T 60 2.60 18.56 -118.16
N GLU T 61 2.49 19.88 -118.30
CA GLU T 61 1.73 20.41 -119.43
C GLU T 61 2.32 19.98 -120.76
N GLY T 62 3.58 20.33 -121.00
CA GLY T 62 4.20 20.00 -122.28
C GLY T 62 4.22 18.51 -122.55
N CYS T 63 4.31 17.69 -121.51
CA CYS T 63 4.53 16.26 -121.69
C CYS T 63 3.23 15.50 -121.81
N THR T 64 3.32 14.33 -122.43
CA THR T 64 2.20 13.40 -122.52
C THR T 64 2.78 11.99 -122.57
N ASP T 65 2.48 11.20 -121.54
CA ASP T 65 3.09 9.88 -121.35
C ASP T 65 2.19 9.04 -120.46
N ALA T 66 1.77 7.88 -120.96
CA ALA T 66 0.96 6.96 -120.17
C ALA T 66 1.80 5.98 -119.37
N CYS T 67 3.12 6.08 -119.43
CA CYS T 67 4.00 5.12 -118.78
C CYS T 67 4.64 5.63 -117.49
N SER T 68 4.40 6.89 -117.12
CA SER T 68 4.91 7.41 -115.87
C SER T 68 3.92 7.12 -114.75
N VAL T 69 4.43 6.57 -113.65
CA VAL T 69 3.66 6.43 -112.42
C VAL T 69 4.13 7.44 -111.38
N ASN T 70 4.71 8.55 -111.82
CA ASN T 70 5.11 9.63 -110.94
C ASN T 70 3.89 10.18 -110.23
N ARG T 71 3.81 9.99 -108.91
CA ARG T 71 2.64 10.40 -108.13
C ARG T 71 3.06 11.28 -106.96
N GLU T 72 2.26 12.30 -106.70
CA GLU T 72 2.35 13.11 -105.48
C GLU T 72 1.02 13.08 -104.76
N ASN T 73 1.07 13.43 -103.48
CA ASN T 73 -0.15 13.61 -102.69
C ASN T 73 -0.58 15.07 -102.76
N ILE T 74 -1.89 15.27 -102.79
CA ILE T 74 -2.46 16.62 -102.73
C ILE T 74 -3.64 16.58 -101.76
N SER T 75 -3.87 17.72 -101.09
CA SER T 75 -4.94 17.78 -100.10
C SER T 75 -5.52 19.18 -100.00
N ILE T 76 -6.84 19.24 -99.87
CA ILE T 76 -7.55 20.49 -99.65
C ILE T 76 -8.47 20.31 -98.44
N ARG T 77 -8.24 21.12 -97.41
CA ARG T 77 -8.99 21.05 -96.17
C ARG T 77 -9.68 22.39 -95.91
N THR T 78 -10.88 22.33 -95.34
CA THR T 78 -11.63 23.52 -95.00
C THR T 78 -12.24 23.35 -93.62
N THR T 79 -11.86 24.22 -92.69
CA THR T 79 -12.32 24.18 -91.31
C THR T 79 -13.23 25.37 -91.05
N ILE T 80 -14.32 25.11 -90.33
CA ILE T 80 -15.36 26.11 -90.05
C ILE T 80 -15.77 25.97 -88.59
N SER T 81 -15.30 26.89 -87.74
CA SER T 81 -15.60 26.84 -86.31
C SER T 81 -16.44 28.06 -85.95
N GLY T 82 -17.65 27.82 -85.45
CA GLY T 82 -18.58 28.89 -85.13
C GLY T 82 -19.83 28.33 -84.48
N SER T 83 -20.50 29.18 -83.71
CA SER T 83 -21.69 28.72 -83.00
C SER T 83 -22.83 28.45 -83.96
N VAL T 84 -23.78 27.63 -83.51
CA VAL T 84 -24.99 27.40 -84.28
C VAL T 84 -25.91 28.61 -84.20
N GLU T 85 -25.80 29.38 -83.11
CA GLU T 85 -26.67 30.54 -82.94
C GLU T 85 -26.37 31.64 -83.96
N ASN T 86 -25.09 31.94 -84.17
CA ASN T 86 -24.69 32.91 -85.17
C ASN T 86 -24.44 32.28 -86.54
N LYS T 87 -25.06 31.14 -86.83
CA LYS T 87 -24.82 30.50 -88.11
C LYS T 87 -25.17 31.41 -89.29
N ALA T 88 -25.96 32.45 -89.04
CA ALA T 88 -26.17 33.48 -90.06
C ALA T 88 -24.86 34.17 -90.41
N ALA T 89 -24.16 34.71 -89.41
CA ALA T 89 -22.88 35.36 -89.66
C ALA T 89 -21.82 34.36 -90.09
N VAL T 90 -21.93 33.11 -89.64
CA VAL T 90 -21.03 32.06 -90.10
C VAL T 90 -21.18 31.85 -91.61
N LEU T 91 -22.43 31.76 -92.10
CA LEU T 91 -22.66 31.55 -93.52
C LEU T 91 -22.29 32.79 -94.35
N ALA T 92 -22.54 33.99 -93.82
CA ALA T 92 -22.10 35.20 -94.51
C ALA T 92 -20.58 35.22 -94.64
N ALA T 93 -19.88 34.89 -93.55
CA ALA T 93 -18.44 34.77 -93.58
C ALA T 93 -17.99 33.68 -94.54
N LEU T 94 -18.76 32.60 -94.65
CA LEU T 94 -18.41 31.53 -95.59
C LEU T 94 -18.52 32.01 -97.03
N LEU T 95 -19.59 32.74 -97.35
CA LEU T 95 -19.72 33.28 -98.71
C LEU T 95 -18.57 34.22 -99.04
N ASP T 96 -18.25 35.13 -98.11
CA ASP T 96 -17.16 36.06 -98.35
C ASP T 96 -15.83 35.31 -98.49
N HIS T 97 -15.62 34.30 -97.65
CA HIS T 97 -14.41 33.48 -97.72
C HIS T 97 -14.30 32.77 -99.07
N LEU T 98 -15.39 32.15 -99.52
CA LEU T 98 -15.36 31.42 -100.79
C LEU T 98 -15.09 32.37 -101.96
N HIS T 99 -15.73 33.54 -101.96
CA HIS T 99 -15.51 34.49 -103.05
C HIS T 99 -14.08 35.00 -103.07
N ASN T 100 -13.51 35.32 -101.90
CA ASN T 100 -12.14 35.80 -101.87
C ASN T 100 -11.16 34.68 -102.25
N LEU T 101 -11.41 33.46 -101.78
CA LEU T 101 -10.63 32.31 -102.21
C LEU T 101 -10.63 32.18 -103.72
N GLY T 102 -11.81 32.32 -104.34
CA GLY T 102 -11.88 32.29 -105.79
C GLY T 102 -11.08 33.40 -106.44
N LEU T 103 -11.13 34.60 -105.85
CA LEU T 103 -10.29 35.69 -106.36
C LEU T 103 -8.81 35.33 -106.33
N ALA T 104 -8.39 34.52 -105.36
CA ALA T 104 -6.97 34.25 -105.20
C ALA T 104 -6.48 32.95 -105.84
N ARG T 105 -7.38 32.01 -106.18
CA ARG T 105 -6.95 30.64 -106.43
C ARG T 105 -6.01 30.54 -107.63
N ASP T 106 -6.25 31.35 -108.66
CA ASP T 106 -5.42 31.24 -109.85
C ASP T 106 -3.98 31.63 -109.56
N ASP T 107 -3.76 32.56 -108.63
CA ASP T 107 -2.42 32.86 -108.16
C ASP T 107 -1.90 31.78 -107.22
N LEU T 108 -2.75 31.30 -106.31
CA LEU T 108 -2.27 30.43 -105.24
C LEU T 108 -1.84 29.06 -105.77
N VAL T 109 -2.59 28.48 -106.71
CA VAL T 109 -2.21 27.18 -107.22
C VAL T 109 -0.99 27.26 -108.12
N ALA T 110 -0.64 28.46 -108.60
CA ALA T 110 0.53 28.68 -109.43
C ALA T 110 1.75 29.10 -108.62
N GLY T 111 1.66 29.08 -107.30
CA GLY T 111 2.77 29.47 -106.45
C GLY T 111 2.97 30.96 -106.29
N LEU T 112 2.08 31.78 -106.81
CA LEU T 112 2.20 33.23 -106.74
C LEU T 112 1.34 33.76 -105.58
N LEU T 113 1.94 34.60 -104.75
CA LEU T 113 1.18 35.24 -103.68
C LEU T 113 0.27 36.30 -104.29
N PRO T 114 -1.04 36.25 -104.04
CA PRO T 114 -1.96 37.14 -104.76
C PRO T 114 -1.83 38.59 -104.32
N THR T 115 -0.83 39.27 -104.87
CA THR T 115 -0.56 40.67 -104.50
C THR T 115 -1.66 41.60 -105.01
N THR T 116 -2.33 41.22 -106.10
CA THR T 116 -3.18 42.14 -106.85
C THR T 116 -4.67 41.94 -106.61
N ILE T 117 -5.05 41.07 -105.69
CA ILE T 117 -6.47 40.77 -105.49
C ILE T 117 -7.08 41.79 -104.54
N GLN T 118 -8.41 41.90 -104.58
CA GLN T 118 -9.17 42.85 -103.76
C GLN T 118 -10.23 42.10 -102.97
N PRO T 119 -9.92 41.68 -101.75
CA PRO T 119 -10.92 40.99 -100.93
C PRO T 119 -12.03 41.93 -100.49
N VAL T 120 -13.24 41.37 -100.36
CA VAL T 120 -14.43 42.13 -100.06
C VAL T 120 -15.11 41.56 -98.82
N VAL T 121 -16.09 42.31 -98.31
CA VAL T 121 -17.01 41.87 -97.26
C VAL T 121 -18.42 42.01 -97.80
N GLU T 122 -19.28 41.05 -97.47
CA GLU T 122 -20.68 41.08 -97.86
C GLU T 122 -20.83 41.07 -99.38
N TYR T 123 -20.35 39.99 -100.01
CA TYR T 123 -20.40 39.88 -101.46
C TYR T 123 -21.84 39.80 -101.97
N THR T 124 -22.10 40.51 -103.06
CA THR T 124 -23.42 40.57 -103.67
C THR T 124 -23.32 40.54 -105.20
N ALA U 1 10.38 75.02 -105.67
CA ALA U 1 10.50 73.96 -106.67
C ALA U 1 9.34 72.97 -106.54
N GLN U 2 8.90 72.75 -105.32
CA GLN U 2 7.82 71.80 -104.97
C GLN U 2 8.06 70.42 -105.60
N HIS U 3 9.33 70.01 -105.62
CA HIS U 3 9.64 68.61 -105.89
C HIS U 3 9.18 67.77 -104.70
N ASN U 4 8.38 66.74 -104.98
CA ASN U 4 7.76 65.96 -103.92
C ASN U 4 8.68 64.83 -103.46
N MET U 5 8.53 64.44 -102.19
CA MET U 5 9.43 63.48 -101.56
C MET U 5 9.29 62.10 -102.19
N ARG U 6 10.34 61.30 -102.06
CA ARG U 6 10.36 59.95 -102.61
C ARG U 6 10.65 58.93 -101.53
N LEU U 7 10.18 57.70 -101.75
CA LEU U 7 10.06 56.73 -100.68
C LEU U 7 11.38 56.06 -100.36
N GLN U 8 11.67 55.91 -99.06
CA GLN U 8 12.92 55.32 -98.59
C GLN U 8 12.73 54.06 -97.76
N LEU U 9 11.83 54.05 -96.77
CA LEU U 9 11.68 52.93 -95.84
C LEU U 9 10.22 52.59 -95.64
N THR U 10 9.88 51.31 -95.80
CA THR U 10 8.53 50.81 -95.55
C THR U 10 8.60 49.68 -94.54
N SER U 11 7.71 49.71 -93.55
CA SER U 11 7.77 48.75 -92.45
C SER U 11 6.43 48.13 -92.10
N GLY U 12 5.35 48.47 -92.82
CA GLY U 12 4.02 47.99 -92.46
C GLY U 12 3.50 48.68 -91.22
N THR U 13 4.40 49.30 -90.47
CA THR U 13 4.08 50.17 -89.36
C THR U 13 4.71 51.55 -89.47
N SER U 14 5.78 51.70 -90.26
CA SER U 14 6.46 52.97 -90.44
C SER U 14 6.68 53.22 -91.93
N LEU U 15 6.51 54.48 -92.33
CA LEU U 15 6.85 54.93 -93.67
C LEU U 15 7.80 56.10 -93.56
N THR U 16 8.82 56.10 -94.41
CA THR U 16 9.88 57.11 -94.33
C THR U 16 10.20 57.55 -95.75
N TRP U 17 9.85 58.79 -96.07
CA TRP U 17 10.18 59.43 -97.32
C TRP U 17 11.31 60.43 -97.10
N VAL U 18 12.04 60.72 -98.18
CA VAL U 18 13.18 61.63 -98.12
C VAL U 18 13.11 62.59 -99.30
N ASP U 19 13.63 63.79 -99.09
CA ASP U 19 13.83 64.76 -100.16
C ASP U 19 14.93 64.25 -101.10
N PRO U 20 14.62 64.01 -102.38
CA PRO U 20 15.65 63.49 -103.28
C PRO U 20 16.86 64.40 -103.46
N ASN U 21 16.73 65.70 -103.17
CA ASN U 21 17.88 66.59 -103.23
C ASN U 21 18.67 66.59 -101.93
N ASP U 22 17.98 66.81 -100.81
CA ASP U 22 18.62 66.93 -99.50
C ASP U 22 18.20 65.73 -98.65
N PHE U 23 19.16 64.86 -98.37
CA PHE U 23 18.89 63.69 -97.53
C PHE U 23 18.71 64.05 -96.06
N ARG U 24 18.95 65.31 -95.69
CA ARG U 24 18.78 65.72 -94.30
C ARG U 24 17.32 65.90 -93.92
N SER U 25 16.44 66.14 -94.88
CA SER U 25 15.02 66.39 -94.62
C SER U 25 14.22 65.13 -94.94
N THR U 26 13.67 64.52 -93.91
CA THR U 26 12.92 63.28 -94.00
C THR U 26 11.54 63.46 -93.41
N PHE U 27 10.67 62.48 -93.69
CA PHE U 27 9.27 62.54 -93.26
C PHE U 27 8.83 61.11 -92.96
N ARG U 28 8.52 60.82 -91.71
CA ARG U 28 8.08 59.51 -91.28
C ARG U 28 6.65 59.59 -90.76
N ILE U 29 5.89 58.53 -91.02
CA ILE U 29 4.58 58.32 -90.41
C ILE U 29 4.61 56.95 -89.74
N ASN U 30 4.29 56.93 -88.44
CA ASN U 30 4.21 55.72 -87.65
C ASN U 30 2.77 55.55 -87.18
N LEU U 31 2.29 54.31 -87.20
CA LEU U 31 0.93 54.01 -86.80
C LEU U 31 0.93 52.77 -85.91
N ASN U 32 0.19 52.83 -84.81
CA ASN U 32 0.11 51.69 -83.90
C ASN U 32 -1.33 51.55 -83.43
N VAL U 33 -1.95 50.42 -83.77
CA VAL U 33 -3.32 50.12 -83.38
C VAL U 33 -3.29 49.02 -82.34
N ASN U 34 -4.09 49.18 -81.29
CA ASN U 34 -4.23 48.17 -80.24
C ASN U 34 -5.48 48.47 -79.43
N GLN U 35 -5.98 47.46 -78.72
CA GLN U 35 -7.22 47.67 -78.00
C GLN U 35 -7.01 48.49 -76.73
N LYS U 36 -8.10 49.07 -76.26
CA LYS U 36 -8.11 49.97 -75.12
C LYS U 36 -9.44 49.82 -74.41
N VAL U 37 -9.42 49.95 -73.09
CA VAL U 37 -10.60 49.78 -72.27
C VAL U 37 -11.07 51.15 -71.84
N ALA U 38 -12.17 51.62 -72.43
CA ALA U 38 -12.83 52.85 -72.02
C ALA U 38 -14.06 52.45 -71.21
N GLY U 39 -14.01 52.69 -69.91
CA GLY U 39 -15.07 52.23 -69.03
C GLY U 39 -15.22 50.72 -69.08
N ALA U 40 -16.36 50.26 -69.58
CA ALA U 40 -16.64 48.84 -69.72
C ALA U 40 -16.64 48.37 -71.16
N VAL U 41 -16.09 49.17 -72.09
CA VAL U 41 -16.13 48.87 -73.51
C VAL U 41 -14.72 48.92 -74.07
N SER U 42 -14.33 47.89 -74.82
CA SER U 42 -13.05 47.87 -75.48
C SER U 42 -13.21 48.44 -76.89
N VAL U 43 -12.31 49.35 -77.25
CA VAL U 43 -12.29 49.97 -78.57
C VAL U 43 -10.86 49.95 -79.10
N TYR U 44 -10.73 49.97 -80.42
CA TYR U 44 -9.43 49.96 -81.08
C TYR U 44 -8.87 51.38 -81.13
N ASN U 45 -7.87 51.65 -80.28
CA ASN U 45 -7.17 52.91 -80.28
C ASN U 45 -6.03 52.87 -81.29
N ALA U 46 -5.95 53.90 -82.12
CA ALA U 46 -4.84 54.12 -83.04
C ALA U 46 -4.06 55.34 -82.56
N ARG U 47 -2.75 55.18 -82.43
CA ARG U 47 -1.84 56.28 -82.18
C ARG U 47 -0.99 56.46 -83.43
N SER U 48 -1.17 57.59 -84.11
CA SER U 48 -0.41 57.94 -85.29
C SER U 48 0.53 59.09 -84.93
N GLU U 49 1.81 58.94 -85.24
CA GLU U 49 2.72 60.08 -85.14
C GLU U 49 3.36 60.37 -86.49
N VAL U 50 3.50 61.67 -86.77
CA VAL U 50 3.98 62.17 -88.04
C VAL U 50 5.17 63.07 -87.73
N ILE U 51 6.37 62.65 -88.14
CA ILE U 51 7.62 63.29 -87.76
C ILE U 51 8.31 63.78 -89.02
N THR U 52 8.47 65.09 -89.15
CA THR U 52 9.29 65.67 -90.21
C THR U 52 10.56 66.23 -89.59
N ASN U 53 11.70 65.83 -90.14
CA ASN U 53 13.02 66.16 -89.61
C ASN U 53 13.84 66.87 -90.68
N ARG U 54 14.56 67.91 -90.28
CA ARG U 54 15.40 68.65 -91.22
C ARG U 54 16.67 69.10 -90.52
N ALA U 55 17.64 69.52 -91.33
CA ALA U 55 18.94 69.95 -90.84
C ALA U 55 19.35 71.23 -91.58
N PRO U 56 18.81 72.37 -91.17
CA PRO U 56 19.21 73.64 -91.79
C PRO U 56 20.62 74.05 -91.39
N LEU U 57 21.20 74.92 -92.20
CA LEU U 57 22.50 75.49 -91.89
C LEU U 57 22.31 76.82 -91.16
N VAL U 58 23.19 77.07 -90.20
CA VAL U 58 23.19 78.35 -89.48
C VAL U 58 23.90 79.37 -90.37
N VAL U 59 23.14 80.30 -90.91
CA VAL U 59 23.65 81.30 -91.84
C VAL U 59 24.15 82.50 -91.04
N ILE U 60 25.48 82.70 -91.04
CA ILE U 60 26.09 83.92 -90.51
C ILE U 60 26.65 84.73 -91.67
N GLU U 61 26.19 85.96 -91.80
CA GLU U 61 26.75 86.88 -92.78
C GLU U 61 28.21 87.16 -92.47
N GLY U 62 29.03 87.25 -93.52
CA GLY U 62 30.45 87.45 -93.36
C GLY U 62 31.23 86.18 -93.12
N CYS U 63 30.56 85.05 -92.92
CA CYS U 63 31.19 83.76 -92.67
C CYS U 63 30.83 82.83 -93.81
N THR U 64 31.74 82.67 -94.77
CA THR U 64 31.58 81.64 -95.79
C THR U 64 31.76 80.28 -95.14
N ASP U 65 30.66 79.57 -94.92
CA ASP U 65 30.66 78.30 -94.21
C ASP U 65 31.07 77.19 -95.19
N ALA U 66 32.32 77.27 -95.63
CA ALA U 66 32.93 76.16 -96.33
C ALA U 66 32.85 74.92 -95.46
N CYS U 67 32.52 73.80 -96.09
CA CYS U 67 32.33 72.47 -95.50
C CYS U 67 30.97 72.35 -94.83
N SER U 68 30.19 73.43 -94.75
CA SER U 68 28.85 73.44 -94.15
C SER U 68 28.85 72.77 -92.77
N VAL U 69 29.72 73.28 -91.90
CA VAL U 69 29.89 72.69 -90.57
C VAL U 69 28.86 73.23 -89.59
N ASN U 70 28.53 74.52 -89.68
CA ASN U 70 27.52 75.11 -88.80
C ASN U 70 26.14 74.66 -89.26
N ARG U 71 25.63 73.59 -88.65
CA ARG U 71 24.38 73.00 -89.06
C ARG U 71 23.54 72.65 -87.84
N GLU U 72 22.23 72.81 -87.99
CA GLU U 72 21.26 72.68 -86.92
C GLU U 72 20.24 71.60 -87.26
N ASN U 73 19.75 70.89 -86.24
CA ASN U 73 18.64 69.97 -86.39
C ASN U 73 17.34 70.65 -85.97
N ILE U 74 16.32 70.54 -86.82
CA ILE U 74 14.99 71.02 -86.50
C ILE U 74 13.99 69.88 -86.74
N SER U 75 12.91 69.88 -85.97
CA SER U 75 11.94 68.80 -86.07
C SER U 75 10.54 69.26 -85.71
N ILE U 76 9.57 68.77 -86.48
CA ILE U 76 8.16 69.02 -86.23
C ILE U 76 7.44 67.69 -86.18
N ARG U 77 6.79 67.40 -85.05
CA ARG U 77 6.20 66.11 -84.77
C ARG U 77 4.75 66.30 -84.35
N THR U 78 3.90 65.34 -84.70
CA THR U 78 2.48 65.43 -84.40
C THR U 78 1.94 64.05 -84.03
N THR U 79 1.41 63.93 -82.82
CA THR U 79 0.87 62.67 -82.31
C THR U 79 -0.65 62.79 -82.18
N ILE U 80 -1.36 61.74 -82.59
CA ILE U 80 -2.80 61.71 -82.65
C ILE U 80 -3.20 60.34 -82.13
N SER U 81 -3.68 60.27 -80.89
CA SER U 81 -4.06 59.01 -80.26
C SER U 81 -5.55 59.04 -79.92
N GLY U 82 -6.31 58.13 -80.52
CA GLY U 82 -7.74 58.09 -80.30
C GLY U 82 -8.35 56.85 -80.91
N SER U 83 -9.59 56.58 -80.52
CA SER U 83 -10.31 55.43 -81.05
C SER U 83 -10.61 55.61 -82.53
N VAL U 84 -10.52 54.51 -83.27
CA VAL U 84 -11.06 54.50 -84.63
C VAL U 84 -12.56 54.71 -84.58
N GLU U 85 -13.22 54.25 -83.51
CA GLU U 85 -14.66 54.39 -83.39
C GLU U 85 -15.07 55.85 -83.21
N ASN U 86 -14.35 56.60 -82.36
CA ASN U 86 -14.63 58.03 -82.18
C ASN U 86 -13.81 58.90 -83.13
N LYS U 87 -13.44 58.37 -84.30
CA LYS U 87 -12.64 59.14 -85.24
C LYS U 87 -13.34 60.45 -85.63
N ALA U 88 -14.66 60.53 -85.44
CA ALA U 88 -15.35 61.80 -85.68
C ALA U 88 -14.87 62.88 -84.73
N ALA U 89 -14.90 62.59 -83.43
CA ALA U 89 -14.40 63.56 -82.44
C ALA U 89 -12.89 63.73 -82.56
N VAL U 90 -12.18 62.69 -82.99
CA VAL U 90 -10.74 62.83 -83.25
C VAL U 90 -10.50 63.89 -84.34
N LEU U 91 -11.27 63.82 -85.43
CA LEU U 91 -11.09 64.77 -86.53
C LEU U 91 -11.55 66.16 -86.16
N ALA U 92 -12.62 66.28 -85.37
CA ALA U 92 -13.02 67.59 -84.85
C ALA U 92 -11.88 68.19 -84.02
N ALA U 93 -11.30 67.37 -83.14
CA ALA U 93 -10.16 67.82 -82.35
C ALA U 93 -8.97 68.18 -83.23
N LEU U 94 -8.76 67.47 -84.33
CA LEU U 94 -7.65 67.80 -85.22
C LEU U 94 -7.86 69.14 -85.89
N LEU U 95 -9.08 69.41 -86.36
CA LEU U 95 -9.37 70.71 -86.97
C LEU U 95 -9.14 71.83 -85.97
N ASP U 96 -9.71 71.70 -84.78
CA ASP U 96 -9.54 72.75 -83.77
C ASP U 96 -8.08 72.90 -83.38
N HIS U 97 -7.34 71.79 -83.32
CA HIS U 97 -5.91 71.82 -83.00
C HIS U 97 -5.14 72.57 -84.08
N LEU U 98 -5.39 72.25 -85.35
CA LEU U 98 -4.69 72.91 -86.44
C LEU U 98 -4.96 74.40 -86.46
N HIS U 99 -6.22 74.79 -86.24
CA HIS U 99 -6.56 76.21 -86.26
C HIS U 99 -5.89 76.96 -85.12
N ASN U 100 -5.88 76.37 -83.91
CA ASN U 100 -5.25 77.05 -82.79
C ASN U 100 -3.73 77.09 -82.96
N LEU U 101 -3.16 76.02 -83.48
CA LEU U 101 -1.75 76.04 -83.84
C LEU U 101 -1.46 77.18 -84.79
N GLY U 102 -2.31 77.36 -85.81
CA GLY U 102 -2.14 78.47 -86.73
C GLY U 102 -2.26 79.82 -86.05
N LEU U 103 -3.09 79.91 -85.01
CA LEU U 103 -3.15 81.15 -84.24
C LEU U 103 -1.82 81.43 -83.55
N ALA U 104 -1.17 80.41 -83.03
CA ALA U 104 0.06 80.62 -82.27
C ALA U 104 1.33 80.53 -83.12
N ARG U 105 1.23 80.15 -84.39
CA ARG U 105 2.38 79.68 -85.14
C ARG U 105 3.45 80.76 -85.32
N ASP U 106 3.03 82.02 -85.42
CA ASP U 106 4.01 83.06 -85.66
C ASP U 106 4.75 83.42 -84.37
N ASP U 107 4.03 83.48 -83.26
CA ASP U 107 4.67 83.76 -81.98
C ASP U 107 5.62 82.64 -81.58
N LEU U 108 5.14 81.39 -81.65
CA LEU U 108 5.89 80.27 -81.11
C LEU U 108 7.23 80.09 -81.82
N VAL U 109 7.26 80.27 -83.15
CA VAL U 109 8.49 80.03 -83.89
C VAL U 109 9.50 81.14 -83.63
N ALA U 110 9.05 82.31 -83.20
CA ALA U 110 9.94 83.42 -82.85
C ALA U 110 10.40 83.36 -81.40
N GLY U 111 10.06 82.30 -80.66
CA GLY U 111 10.49 82.14 -79.29
C GLY U 111 9.70 82.91 -78.27
N LEU U 112 8.47 83.28 -78.59
CA LEU U 112 7.67 84.16 -77.76
C LEU U 112 6.39 83.46 -77.36
N LEU U 113 6.06 83.51 -76.07
CA LEU U 113 4.84 82.86 -75.59
C LEU U 113 3.62 83.59 -76.16
N PRO U 114 2.70 82.88 -76.83
CA PRO U 114 1.53 83.54 -77.45
C PRO U 114 0.49 83.93 -76.41
N THR U 115 0.84 84.91 -75.58
CA THR U 115 -0.05 85.38 -74.53
C THR U 115 -1.31 86.04 -75.09
N THR U 116 -1.25 86.54 -76.31
CA THR U 116 -2.34 87.33 -76.87
C THR U 116 -3.44 86.49 -77.52
N ILE U 117 -3.11 85.34 -78.10
CA ILE U 117 -4.08 84.59 -78.89
C ILE U 117 -5.22 84.09 -78.01
N GLN U 118 -6.33 83.74 -78.66
CA GLN U 118 -7.48 83.14 -77.98
C GLN U 118 -7.95 81.94 -78.77
N PRO U 119 -7.74 80.72 -78.29
CA PRO U 119 -8.14 79.53 -79.05
C PRO U 119 -9.66 79.36 -79.07
N VAL U 120 -10.09 78.39 -79.87
CA VAL U 120 -11.50 78.20 -80.19
C VAL U 120 -11.82 76.70 -80.17
N VAL U 121 -13.07 76.38 -79.86
CA VAL U 121 -13.63 75.04 -80.07
C VAL U 121 -14.60 75.14 -81.24
N GLU U 122 -14.63 74.09 -82.08
CA GLU U 122 -15.60 73.95 -83.16
C GLU U 122 -15.43 75.06 -84.21
N TYR U 123 -14.20 75.22 -84.72
CA TYR U 123 -13.97 76.21 -85.76
C TYR U 123 -14.83 75.92 -86.98
N THR U 124 -15.35 76.99 -87.58
CA THR U 124 -16.22 76.88 -88.74
C THR U 124 -15.86 77.92 -89.80
N ALA V 1 -46.37 -40.39 83.72
CA ALA V 1 -47.09 -41.14 82.70
C ALA V 1 -46.71 -42.62 82.74
N GLN V 2 -45.50 -42.93 83.21
CA GLN V 2 -45.05 -44.31 83.39
C GLN V 2 -45.10 -45.07 82.05
N HIS V 3 -44.74 -44.39 80.98
CA HIS V 3 -44.62 -45.03 79.67
C HIS V 3 -43.19 -45.51 79.46
N ASN V 4 -43.05 -46.79 79.13
CA ASN V 4 -41.74 -47.39 78.98
C ASN V 4 -41.10 -47.02 77.64
N MET V 5 -39.76 -46.96 77.64
CA MET V 5 -39.00 -46.51 76.49
C MET V 5 -39.05 -47.53 75.36
N ARG V 6 -38.86 -47.06 74.13
CA ARG V 6 -38.84 -47.94 72.98
C ARG V 6 -37.44 -47.94 72.36
N LEU V 7 -37.03 -49.11 71.88
CA LEU V 7 -35.65 -49.32 71.47
C LEU V 7 -35.36 -48.71 70.11
N GLN V 8 -34.15 -48.15 69.98
CA GLN V 8 -33.74 -47.44 68.76
C GLN V 8 -32.47 -48.00 68.12
N LEU V 9 -31.46 -48.40 68.90
CA LEU V 9 -30.20 -48.84 68.31
C LEU V 9 -29.65 -50.07 69.02
N THR V 10 -29.36 -51.12 68.23
CA THR V 10 -28.72 -52.34 68.73
C THR V 10 -27.40 -52.56 68.02
N SER V 11 -26.37 -52.90 68.79
CA SER V 11 -25.04 -53.06 68.20
C SER V 11 -24.27 -54.28 68.71
N GLY V 12 -24.84 -55.09 69.60
CA GLY V 12 -24.10 -56.19 70.19
C GLY V 12 -23.08 -55.75 71.22
N THR V 13 -22.78 -54.46 71.24
CA THR V 13 -21.99 -53.84 72.29
C THR V 13 -22.69 -52.66 72.94
N SER V 14 -23.72 -52.09 72.31
CA SER V 14 -24.50 -51.02 72.91
C SER V 14 -25.98 -51.28 72.67
N LEU V 15 -26.80 -50.67 73.51
CA LEU V 15 -28.24 -50.62 73.36
C LEU V 15 -28.68 -49.19 73.59
N THR V 16 -29.61 -48.71 72.78
CA THR V 16 -30.02 -47.31 72.81
C THR V 16 -31.54 -47.25 72.70
N TRP V 17 -32.19 -47.02 73.83
CA TRP V 17 -33.63 -46.78 73.92
C TRP V 17 -33.91 -45.28 73.95
N VAL V 18 -35.13 -44.91 73.58
CA VAL V 18 -35.54 -43.52 73.52
C VAL V 18 -36.99 -43.41 74.00
N ASP V 19 -37.30 -42.29 74.64
CA ASP V 19 -38.68 -41.95 74.99
C ASP V 19 -39.46 -41.64 73.72
N PRO V 20 -40.50 -42.40 73.39
CA PRO V 20 -41.25 -42.12 72.15
C PRO V 20 -41.85 -40.72 72.11
N ASN V 21 -42.13 -40.12 73.26
CA ASN V 21 -42.66 -38.76 73.29
C ASN V 21 -41.56 -37.72 73.09
N ASP V 22 -40.53 -37.77 73.91
CA ASP V 22 -39.40 -36.85 73.84
C ASP V 22 -38.17 -37.62 73.35
N PHE V 23 -37.76 -37.35 72.10
CA PHE V 23 -36.53 -37.92 71.59
C PHE V 23 -35.28 -37.39 72.28
N ARG V 24 -35.41 -36.37 73.13
CA ARG V 24 -34.24 -35.80 73.80
C ARG V 24 -33.78 -36.62 75.01
N SER V 25 -34.59 -37.59 75.47
CA SER V 25 -34.23 -38.42 76.60
C SER V 25 -33.83 -39.81 76.09
N THR V 26 -32.52 -40.08 76.10
CA THR V 26 -31.93 -41.31 75.60
C THR V 26 -31.49 -42.16 76.78
N PHE V 27 -31.44 -43.47 76.55
CA PHE V 27 -30.91 -44.41 77.55
C PHE V 27 -30.05 -45.45 76.84
N ARG V 28 -28.75 -45.42 77.09
CA ARG V 28 -27.81 -46.33 76.45
C ARG V 28 -27.13 -47.21 77.49
N ILE V 29 -26.85 -48.45 77.09
CA ILE V 29 -26.05 -49.39 77.87
C ILE V 29 -24.93 -49.91 76.98
N ASN V 30 -23.69 -49.77 77.45
CA ASN V 30 -22.50 -50.24 76.74
C ASN V 30 -21.85 -51.32 77.60
N LEU V 31 -21.61 -52.49 77.00
CA LEU V 31 -20.95 -53.59 77.71
C LEU V 31 -19.73 -54.02 76.91
N ASN V 32 -18.57 -53.99 77.55
CA ASN V 32 -17.33 -54.40 76.92
C ASN V 32 -16.67 -55.46 77.79
N VAL V 33 -16.31 -56.59 77.20
CA VAL V 33 -15.71 -57.69 77.94
C VAL V 33 -14.35 -58.02 77.32
N ASN V 34 -13.37 -58.24 78.20
CA ASN V 34 -12.03 -58.64 77.77
C ASN V 34 -11.32 -59.28 78.95
N GLN V 35 -10.31 -60.10 78.63
CA GLN V 35 -9.57 -60.80 79.68
C GLN V 35 -8.58 -59.88 80.37
N LYS V 36 -8.50 -59.99 81.69
CA LYS V 36 -7.50 -59.32 82.49
C LYS V 36 -6.75 -60.36 83.30
N VAL V 37 -5.63 -59.97 83.88
CA VAL V 37 -4.83 -60.85 84.71
C VAL V 37 -5.05 -60.44 86.15
N ALA V 38 -5.74 -61.28 86.92
CA ALA V 38 -5.92 -61.06 88.35
C ALA V 38 -4.93 -61.97 89.08
N GLY V 39 -3.91 -61.36 89.65
CA GLY V 39 -2.93 -62.11 90.42
C GLY V 39 -2.33 -63.26 89.62
N ALA V 40 -2.69 -64.48 90.00
CA ALA V 40 -2.11 -65.67 89.38
C ALA V 40 -2.86 -66.14 88.15
N VAL V 41 -4.15 -65.80 88.00
CA VAL V 41 -4.95 -66.40 86.95
C VAL V 41 -5.65 -65.29 86.17
N SER V 42 -6.01 -65.60 84.92
CA SER V 42 -6.76 -64.66 84.10
C SER V 42 -8.26 -64.78 84.37
N VAL V 43 -8.94 -63.64 84.33
CA VAL V 43 -10.39 -63.57 84.53
C VAL V 43 -10.97 -62.71 83.42
N TYR V 44 -12.31 -62.71 83.34
CA TYR V 44 -13.03 -61.95 82.32
C TYR V 44 -13.61 -60.68 82.94
N ASN V 45 -13.00 -59.53 82.63
CA ASN V 45 -13.50 -58.26 83.11
C ASN V 45 -14.56 -57.72 82.16
N ALA V 46 -15.63 -57.18 82.73
CA ALA V 46 -16.77 -56.65 81.99
C ALA V 46 -17.01 -55.22 82.48
N ARG V 47 -16.61 -54.25 81.67
CA ARG V 47 -16.91 -52.84 81.93
C ARG V 47 -18.28 -52.56 81.33
N SER V 48 -19.28 -52.46 82.19
CA SER V 48 -20.59 -51.97 81.81
C SER V 48 -20.63 -50.48 82.07
N GLU V 49 -21.39 -49.76 81.27
CA GLU V 49 -21.75 -48.39 81.60
C GLU V 49 -23.17 -48.12 81.12
N VAL V 50 -23.90 -47.34 81.92
CA VAL V 50 -25.29 -47.04 81.69
C VAL V 50 -25.43 -45.52 81.70
N ILE V 51 -25.79 -44.95 80.56
CA ILE V 51 -25.83 -43.51 80.37
C ILE V 51 -27.26 -43.10 80.05
N THR V 52 -27.83 -42.23 80.88
CA THR V 52 -29.13 -41.64 80.58
C THR V 52 -28.95 -40.16 80.32
N ASN V 53 -29.46 -39.71 79.17
CA ASN V 53 -29.29 -38.35 78.68
C ASN V 53 -30.66 -37.68 78.56
N ARG V 54 -30.75 -36.42 78.93
CA ARG V 54 -32.00 -35.70 78.78
C ARG V 54 -31.69 -34.24 78.46
N ALA V 55 -32.73 -33.53 78.02
CA ALA V 55 -32.62 -32.11 77.68
C ALA V 55 -33.87 -31.39 78.18
N PRO V 56 -33.98 -31.22 79.49
CA PRO V 56 -35.11 -30.47 80.04
C PRO V 56 -35.03 -29.00 79.68
N LEU V 57 -36.17 -28.33 79.73
CA LEU V 57 -36.24 -26.94 79.36
C LEU V 57 -35.95 -26.06 80.57
N VAL V 58 -35.18 -25.00 80.34
CA VAL V 58 -34.83 -24.04 81.38
C VAL V 58 -35.90 -22.95 81.38
N VAL V 59 -36.63 -22.83 82.48
CA VAL V 59 -37.78 -21.94 82.57
C VAL V 59 -37.57 -20.99 83.74
N ILE V 60 -37.54 -19.69 83.45
CA ILE V 60 -37.58 -18.63 84.45
C ILE V 60 -38.88 -17.88 84.26
N GLU V 61 -39.74 -17.92 85.28
CA GLU V 61 -41.16 -17.59 85.10
C GLU V 61 -41.34 -16.19 84.51
N GLY V 62 -40.56 -15.21 84.98
CA GLY V 62 -40.68 -13.88 84.44
C GLY V 62 -39.84 -13.60 83.22
N CYS V 63 -38.93 -14.50 82.87
CA CYS V 63 -37.87 -14.23 81.92
C CYS V 63 -37.89 -15.09 80.67
N THR V 64 -38.33 -16.34 80.75
CA THR V 64 -38.18 -17.31 79.68
C THR V 64 -39.34 -17.15 78.69
N ASP V 65 -39.03 -16.68 77.49
CA ASP V 65 -40.00 -16.65 76.41
C ASP V 65 -40.37 -18.07 76.02
N ALA V 66 -41.68 -18.35 75.97
CA ALA V 66 -42.12 -19.71 75.66
C ALA V 66 -41.90 -20.05 74.19
N CYS V 67 -41.90 -19.04 73.31
CA CYS V 67 -41.75 -19.32 71.88
C CYS V 67 -40.35 -19.83 71.56
N SER V 68 -39.33 -19.17 72.10
CA SER V 68 -37.94 -19.60 71.91
C SER V 68 -37.57 -20.54 73.05
N VAL V 69 -37.49 -21.84 72.75
CA VAL V 69 -37.20 -22.84 73.77
C VAL V 69 -35.77 -22.66 74.27
N ASN V 70 -35.58 -22.82 75.58
CA ASN V 70 -34.25 -22.79 76.19
C ASN V 70 -34.06 -24.13 76.87
N ARG V 71 -33.17 -24.96 76.33
CA ARG V 71 -32.95 -26.30 76.83
C ARG V 71 -31.54 -26.46 77.38
N GLU V 72 -31.41 -27.44 78.28
CA GLU V 72 -30.17 -27.77 78.97
C GLU V 72 -29.95 -29.26 78.87
N ASN V 73 -28.73 -29.68 78.53
CA ASN V 73 -28.39 -31.09 78.60
C ASN V 73 -28.10 -31.49 80.04
N ILE V 74 -28.69 -32.60 80.47
CA ILE V 74 -28.37 -33.21 81.75
C ILE V 74 -28.06 -34.69 81.51
N SER V 75 -27.15 -35.23 82.31
CA SER V 75 -26.69 -36.60 82.08
C SER V 75 -26.37 -37.30 83.39
N ILE V 76 -26.74 -38.58 83.45
CA ILE V 76 -26.38 -39.44 84.57
C ILE V 76 -25.75 -40.71 84.00
N ARG V 77 -24.49 -40.92 84.34
CA ARG V 77 -23.66 -42.00 83.80
C ARG V 77 -23.25 -42.91 84.96
N THR V 78 -23.14 -44.21 84.68
CA THR V 78 -22.72 -45.17 85.71
C THR V 78 -21.85 -46.25 85.09
N THR V 79 -20.58 -46.29 85.51
CA THR V 79 -19.61 -47.27 85.06
C THR V 79 -19.39 -48.33 86.13
N ILE V 80 -19.32 -49.59 85.73
CA ILE V 80 -19.18 -50.74 86.60
C ILE V 80 -18.16 -51.68 85.95
N SER V 81 -16.93 -51.72 86.48
CA SER V 81 -15.87 -52.52 85.90
C SER V 81 -15.34 -53.50 86.94
N GLY V 82 -15.50 -54.78 86.66
CA GLY V 82 -15.03 -55.88 87.48
C GLY V 82 -15.19 -57.17 86.69
N SER V 83 -14.62 -58.24 87.22
CA SER V 83 -14.69 -59.52 86.50
C SER V 83 -16.08 -60.16 86.65
N VAL V 84 -16.48 -60.90 85.61
CA VAL V 84 -17.67 -61.73 85.71
C VAL V 84 -17.41 -62.88 86.67
N GLU V 85 -16.14 -63.27 86.80
CA GLU V 85 -15.77 -64.37 87.69
C GLU V 85 -16.16 -64.03 89.13
N ASN V 86 -15.92 -62.78 89.54
CA ASN V 86 -16.09 -62.30 90.91
C ASN V 86 -17.31 -61.39 91.03
N LYS V 87 -18.34 -61.64 90.23
CA LYS V 87 -19.50 -60.75 90.20
C LYS V 87 -20.19 -60.70 91.55
N ALA V 88 -19.94 -61.66 92.44
CA ALA V 88 -20.46 -61.57 93.80
C ALA V 88 -19.95 -60.32 94.49
N ALA V 89 -18.63 -60.12 94.50
CA ALA V 89 -18.07 -58.91 95.10
C ALA V 89 -18.36 -57.68 94.25
N VAL V 90 -18.51 -57.84 92.93
CA VAL V 90 -18.94 -56.71 92.11
C VAL V 90 -20.28 -56.17 92.59
N LEU V 91 -21.27 -57.07 92.78
CA LEU V 91 -22.60 -56.66 93.23
C LEU V 91 -22.59 -56.18 94.68
N ALA V 92 -21.77 -56.81 95.54
CA ALA V 92 -21.65 -56.34 96.90
C ALA V 92 -21.11 -54.91 96.94
N ALA V 93 -20.23 -54.57 96.00
CA ALA V 93 -19.78 -53.18 95.86
C ALA V 93 -20.89 -52.30 95.29
N LEU V 94 -21.67 -52.82 94.34
CA LEU V 94 -22.73 -52.04 93.72
C LEU V 94 -23.76 -51.60 94.75
N LEU V 95 -24.16 -52.50 95.64
CA LEU V 95 -25.19 -52.17 96.61
C LEU V 95 -24.73 -51.04 97.53
N ASP V 96 -23.51 -51.14 98.04
CA ASP V 96 -22.96 -50.11 98.90
C ASP V 96 -22.84 -48.79 98.14
N HIS V 97 -22.41 -48.84 96.87
CA HIS V 97 -22.32 -47.64 96.06
C HIS V 97 -23.67 -46.96 95.89
N LEU V 98 -24.70 -47.75 95.55
CA LEU V 98 -26.02 -47.18 95.34
C LEU V 98 -26.58 -46.56 96.61
N HIS V 99 -26.43 -47.25 97.75
CA HIS V 99 -26.92 -46.70 99.00
C HIS V 99 -26.21 -45.42 99.39
N ASN V 100 -24.88 -45.38 99.22
CA ASN V 100 -24.15 -44.17 99.58
C ASN V 100 -24.50 -43.02 98.64
N LEU V 101 -24.66 -43.32 97.34
CA LEU V 101 -25.15 -42.31 96.41
C LEU V 101 -26.49 -41.77 96.85
N GLY V 102 -27.39 -42.65 97.30
CA GLY V 102 -28.66 -42.20 97.84
C GLY V 102 -28.49 -41.26 99.03
N LEU V 103 -27.56 -41.60 99.93
CA LEU V 103 -27.28 -40.71 101.05
C LEU V 103 -26.85 -39.33 100.58
N ALA V 104 -26.10 -39.27 99.48
CA ALA V 104 -25.55 -38.00 99.04
C ALA V 104 -26.45 -37.21 98.10
N ARG V 105 -27.44 -37.85 97.45
CA ARG V 105 -28.03 -37.27 96.25
C ARG V 105 -28.73 -35.94 96.55
N ASP V 106 -29.38 -35.84 97.71
CA ASP V 106 -30.10 -34.63 98.04
C ASP V 106 -29.15 -33.44 98.13
N ASP V 107 -27.96 -33.67 98.70
CA ASP V 107 -26.95 -32.62 98.76
C ASP V 107 -26.36 -32.35 97.39
N LEU V 108 -26.10 -33.41 96.61
CA LEU V 108 -25.35 -33.26 95.36
C LEU V 108 -26.17 -32.52 94.31
N VAL V 109 -27.46 -32.88 94.15
CA VAL V 109 -28.25 -32.24 93.10
C VAL V 109 -28.51 -30.77 93.41
N ALA V 110 -28.34 -30.35 94.66
CA ALA V 110 -28.50 -28.96 95.05
C ALA V 110 -27.19 -28.19 95.04
N GLY V 111 -26.13 -28.77 94.48
CA GLY V 111 -24.86 -28.08 94.38
C GLY V 111 -24.08 -27.97 95.67
N LEU V 112 -24.46 -28.72 96.71
CA LEU V 112 -23.81 -28.65 98.00
C LEU V 112 -22.88 -29.84 98.18
N LEU V 113 -21.73 -29.59 98.80
CA LEU V 113 -20.76 -30.67 99.05
C LEU V 113 -21.24 -31.51 100.23
N PRO V 114 -21.49 -32.80 100.05
CA PRO V 114 -22.07 -33.61 101.13
C PRO V 114 -21.10 -33.85 102.27
N THR V 115 -20.87 -32.80 103.07
CA THR V 115 -19.88 -32.85 104.14
C THR V 115 -20.38 -33.59 105.38
N THR V 116 -21.68 -33.80 105.51
CA THR V 116 -22.24 -34.42 106.71
C THR V 116 -22.36 -35.93 106.59
N ILE V 117 -22.74 -36.44 105.40
CA ILE V 117 -23.12 -37.84 105.26
C ILE V 117 -21.99 -38.78 105.69
N GLN V 118 -22.36 -39.99 106.08
CA GLN V 118 -21.38 -41.02 106.41
C GLN V 118 -21.70 -42.29 105.63
N PRO V 119 -20.83 -42.70 104.71
CA PRO V 119 -21.09 -43.94 103.94
C PRO V 119 -20.87 -45.18 104.78
N VAL V 120 -20.99 -46.35 104.16
CA VAL V 120 -20.94 -47.60 104.89
C VAL V 120 -20.55 -48.72 103.93
N VAL V 121 -19.93 -49.77 104.48
CA VAL V 121 -19.63 -50.99 103.76
C VAL V 121 -20.61 -52.06 104.22
N GLU V 122 -20.93 -53.00 103.33
CA GLU V 122 -21.74 -54.17 103.66
C GLU V 122 -23.10 -53.77 104.25
N TYR V 123 -23.81 -52.92 103.50
CA TYR V 123 -25.10 -52.40 103.96
C TYR V 123 -26.13 -53.52 104.06
N THR V 124 -26.75 -53.65 105.24
CA THR V 124 -27.71 -54.70 105.53
C THR V 124 -29.12 -54.10 105.51
N GLY V 125 -29.91 -54.52 104.54
CA GLY V 125 -31.31 -54.10 104.45
C GLY V 125 -31.53 -52.63 104.15
N ALA W 1 -21.18 -57.06 107.95
CA ALA W 1 -20.84 -56.45 109.23
C ALA W 1 -21.40 -55.03 109.33
N GLN W 2 -21.55 -54.38 108.18
CA GLN W 2 -22.00 -53.00 108.06
C GLN W 2 -21.29 -52.08 109.06
N HIS W 3 -19.96 -52.11 108.99
CA HIS W 3 -19.12 -51.12 109.65
C HIS W 3 -18.98 -49.92 108.73
N ASN W 4 -19.54 -48.78 109.15
CA ASN W 4 -19.60 -47.63 108.26
C ASN W 4 -18.22 -46.99 108.05
N MET W 5 -18.05 -46.39 106.87
CA MET W 5 -16.74 -45.91 106.43
C MET W 5 -16.29 -44.72 107.26
N ARG W 6 -14.97 -44.53 107.28
CA ARG W 6 -14.32 -43.47 108.04
C ARG W 6 -13.82 -42.40 107.06
N LEU W 7 -14.07 -41.13 107.39
CA LEU W 7 -13.53 -40.06 106.58
C LEU W 7 -12.01 -40.09 106.60
N GLN W 8 -11.42 -39.81 105.46
CA GLN W 8 -9.97 -39.82 105.49
C GLN W 8 -9.36 -38.55 104.90
N LEU W 9 -9.95 -37.97 103.86
CA LEU W 9 -9.37 -36.77 103.26
C LEU W 9 -10.41 -35.83 102.68
N THR W 10 -10.29 -34.55 102.99
CA THR W 10 -11.11 -33.50 102.38
C THR W 10 -10.17 -32.45 101.81
N SER W 11 -10.27 -32.17 100.51
CA SER W 11 -9.44 -31.15 99.89
C SER W 11 -10.10 -30.71 98.59
N GLY W 12 -10.12 -29.39 98.37
CA GLY W 12 -10.69 -28.84 97.16
C GLY W 12 -12.19 -29.08 97.05
N THR W 13 -12.58 -29.93 96.09
CA THR W 13 -13.97 -30.28 95.88
C THR W 13 -14.24 -31.76 96.15
N SER W 14 -13.29 -32.47 96.76
CA SER W 14 -13.39 -33.91 96.91
C SER W 14 -13.53 -34.30 98.37
N LEU W 15 -14.19 -35.43 98.59
CA LEU W 15 -14.28 -36.08 99.89
C LEU W 15 -13.90 -37.54 99.69
N THR W 16 -13.10 -38.07 100.61
CA THR W 16 -12.56 -39.43 100.46
C THR W 16 -12.68 -40.17 101.78
N TRP W 17 -13.55 -41.18 101.80
CA TRP W 17 -13.76 -42.11 102.90
C TRP W 17 -13.11 -43.44 102.58
N VAL W 18 -12.86 -44.23 103.63
CA VAL W 18 -12.19 -45.51 103.49
C VAL W 18 -12.80 -46.51 104.45
N ASP W 19 -12.76 -47.78 104.07
CA ASP W 19 -13.16 -48.88 104.95
C ASP W 19 -12.11 -49.06 106.03
N PRO W 20 -12.46 -48.92 107.32
CA PRO W 20 -11.45 -49.08 108.38
C PRO W 20 -10.86 -50.48 108.46
N ASN W 21 -11.42 -51.47 107.77
CA ASN W 21 -10.85 -52.81 107.85
C ASN W 21 -9.76 -53.04 106.81
N ASP W 22 -10.05 -52.80 105.52
CA ASP W 22 -8.99 -52.73 104.54
C ASP W 22 -9.04 -51.40 103.82
N PHE W 23 -7.84 -50.89 103.54
CA PHE W 23 -7.58 -49.62 102.88
C PHE W 23 -7.89 -49.68 101.39
N ARG W 24 -8.30 -50.85 100.88
CA ARG W 24 -8.47 -51.07 99.45
C ARG W 24 -9.81 -50.55 98.93
N SER W 25 -10.83 -50.50 99.79
CA SER W 25 -12.16 -50.06 99.38
C SER W 25 -12.38 -48.65 99.90
N THR W 26 -12.46 -47.70 98.96
CA THR W 26 -12.58 -46.28 99.23
C THR W 26 -13.78 -45.71 98.51
N PHE W 27 -14.14 -44.49 98.90
CA PHE W 27 -15.35 -43.84 98.40
C PHE W 27 -15.08 -42.35 98.28
N ARG W 28 -15.19 -41.81 97.07
CA ARG W 28 -14.89 -40.42 96.81
C ARG W 28 -16.10 -39.73 96.20
N ILE W 29 -16.28 -38.45 96.55
CA ILE W 29 -17.28 -37.61 95.92
C ILE W 29 -16.63 -36.30 95.48
N ASN W 30 -16.75 -35.98 94.20
CA ASN W 30 -16.29 -34.72 93.63
C ASN W 30 -17.50 -33.89 93.21
N LEU W 31 -17.42 -32.58 93.45
CA LEU W 31 -18.50 -31.67 93.13
C LEU W 31 -17.95 -30.43 92.45
N ASN W 32 -18.40 -30.16 91.24
CA ASN W 32 -17.93 -29.02 90.47
C ASN W 32 -19.14 -28.18 90.06
N VAL W 33 -19.32 -27.03 90.71
CA VAL W 33 -20.42 -26.12 90.42
C VAL W 33 -19.86 -24.94 89.64
N ASN W 34 -20.54 -24.58 88.56
CA ASN W 34 -20.13 -23.44 87.73
C ASN W 34 -21.27 -23.08 86.79
N GLN W 35 -21.18 -21.89 86.19
CA GLN W 35 -22.29 -21.40 85.39
C GLN W 35 -22.30 -22.02 84.00
N LYS W 36 -23.47 -22.45 83.57
CA LYS W 36 -23.76 -23.04 82.28
C LYS W 36 -24.61 -22.06 81.50
N VAL W 37 -24.46 -22.06 80.18
CA VAL W 37 -25.22 -21.19 79.30
C VAL W 37 -26.19 -22.04 78.50
N ALA W 38 -27.49 -21.84 78.72
CA ALA W 38 -28.52 -22.62 78.04
C ALA W 38 -29.53 -21.64 77.44
N GLY W 39 -29.42 -21.43 76.13
CA GLY W 39 -30.25 -20.43 75.49
C GLY W 39 -29.76 -19.03 75.83
N ALA W 40 -30.70 -18.15 76.16
CA ALA W 40 -30.36 -16.79 76.54
C ALA W 40 -30.00 -16.65 78.01
N VAL W 41 -30.31 -17.64 78.82
CA VAL W 41 -30.08 -17.56 80.26
C VAL W 41 -28.86 -18.41 80.63
N SER W 42 -28.34 -18.14 81.83
CA SER W 42 -27.28 -18.94 82.44
C SER W 42 -27.78 -19.46 83.78
N VAL W 43 -27.43 -20.71 84.06
CA VAL W 43 -27.88 -21.40 85.27
C VAL W 43 -26.69 -22.11 85.89
N TYR W 44 -26.72 -22.29 87.21
CA TYR W 44 -25.62 -22.96 87.91
C TYR W 44 -25.74 -24.46 87.71
N ASN W 45 -24.79 -25.04 86.97
CA ASN W 45 -24.72 -26.47 86.72
C ASN W 45 -23.78 -27.10 87.74
N ALA W 46 -24.23 -28.20 88.32
CA ALA W 46 -23.45 -29.02 89.24
C ALA W 46 -23.07 -30.32 88.56
N ARG W 47 -21.79 -30.67 88.63
CA ARG W 47 -21.25 -31.94 88.17
C ARG W 47 -20.83 -32.72 89.41
N SER W 48 -21.67 -33.66 89.83
CA SER W 48 -21.32 -34.59 90.89
C SER W 48 -20.71 -35.83 90.26
N GLU W 49 -19.67 -36.38 90.91
CA GLU W 49 -19.23 -37.72 90.54
C GLU W 49 -18.84 -38.49 91.78
N VAL W 50 -19.42 -39.68 91.91
CA VAL W 50 -19.30 -40.53 93.09
C VAL W 50 -18.59 -41.80 92.65
N ILE W 51 -17.40 -42.04 93.19
CA ILE W 51 -16.50 -43.10 92.74
C ILE W 51 -16.23 -44.02 93.92
N THR W 52 -16.70 -45.26 93.85
CA THR W 52 -16.36 -46.28 94.83
C THR W 52 -15.37 -47.25 94.20
N ASN W 53 -14.25 -47.46 94.89
CA ASN W 53 -13.13 -48.26 94.40
C ASN W 53 -12.86 -49.40 95.37
N ARG W 54 -12.61 -50.59 94.84
CA ARG W 54 -12.26 -51.71 95.70
C ARG W 54 -11.17 -52.52 95.00
N ALA W 55 -10.51 -53.37 95.78
CA ALA W 55 -9.49 -54.28 95.28
C ALA W 55 -9.68 -55.64 95.93
N PRO W 56 -10.83 -56.28 95.70
CA PRO W 56 -11.18 -57.48 96.47
C PRO W 56 -10.39 -58.69 95.99
N LEU W 57 -10.47 -59.75 96.77
CA LEU W 57 -9.96 -61.03 96.33
C LEU W 57 -10.94 -61.64 95.33
N VAL W 58 -10.42 -62.31 94.31
CA VAL W 58 -11.32 -62.98 93.36
C VAL W 58 -11.79 -64.29 94.00
N VAL W 59 -13.10 -64.41 94.16
CA VAL W 59 -13.72 -65.54 94.82
C VAL W 59 -14.49 -66.32 93.78
N ILE W 60 -13.96 -67.48 93.39
CA ILE W 60 -14.61 -68.35 92.43
C ILE W 60 -15.76 -69.05 93.16
N GLU W 61 -16.89 -69.24 92.48
CA GLU W 61 -18.04 -69.85 93.14
C GLU W 61 -17.70 -71.25 93.63
N GLY W 62 -17.33 -72.14 92.70
CA GLY W 62 -17.05 -73.52 93.08
C GLY W 62 -15.94 -73.64 94.11
N CYS W 63 -14.98 -72.73 94.09
CA CYS W 63 -13.78 -72.87 94.90
C CYS W 63 -13.96 -72.23 96.28
N THR W 64 -13.14 -72.70 97.21
CA THR W 64 -13.07 -72.14 98.55
C THR W 64 -11.65 -72.35 99.07
N ASP W 65 -10.93 -71.25 99.30
CA ASP W 65 -9.50 -71.28 99.61
C ASP W 65 -9.13 -69.99 100.32
N ALA W 66 -8.59 -70.10 101.52
CA ALA W 66 -8.13 -68.93 102.26
C ALA W 66 -6.68 -68.59 101.97
N CYS W 67 -6.01 -69.32 101.08
CA CYS W 67 -4.59 -69.14 100.80
C CYS W 67 -4.31 -68.40 99.50
N SER W 68 -5.33 -68.07 98.72
CA SER W 68 -5.13 -67.32 97.49
C SER W 68 -5.16 -65.83 97.80
N VAL W 69 -4.16 -65.10 97.33
CA VAL W 69 -4.17 -63.64 97.36
C VAL W 69 -4.42 -63.07 95.96
N ASN W 70 -5.07 -63.85 95.11
CA ASN W 70 -5.47 -63.40 93.78
C ASN W 70 -6.41 -62.20 93.91
N ARG W 71 -5.97 -61.02 93.49
CA ARG W 71 -6.74 -59.80 93.64
C ARG W 71 -6.88 -59.08 92.30
N GLU W 72 -8.08 -58.54 92.08
CA GLU W 72 -8.34 -57.63 90.98
C GLU W 72 -8.89 -56.32 91.53
N ASN W 73 -8.80 -55.28 90.71
CA ASN W 73 -9.42 -54.00 91.02
C ASN W 73 -10.82 -53.96 90.43
N ILE W 74 -11.74 -53.34 91.17
CA ILE W 74 -13.10 -53.11 90.69
C ILE W 74 -13.48 -51.67 91.03
N SER W 75 -14.33 -51.08 90.18
CA SER W 75 -14.72 -49.69 90.39
C SER W 75 -16.12 -49.44 89.85
N ILE W 76 -16.89 -48.65 90.61
CA ILE W 76 -18.21 -48.21 90.20
C ILE W 76 -18.28 -46.69 90.36
N ARG W 77 -18.50 -46.00 89.26
CA ARG W 77 -18.56 -44.55 89.21
C ARG W 77 -19.93 -44.09 88.73
N THR W 78 -20.41 -42.98 89.29
CA THR W 78 -21.68 -42.40 88.88
C THR W 78 -21.54 -40.90 88.78
N THR W 79 -21.76 -40.38 87.57
CA THR W 79 -21.63 -38.96 87.26
C THR W 79 -23.01 -38.37 87.01
N ILE W 80 -23.25 -37.17 87.54
CA ILE W 80 -24.53 -36.49 87.47
C ILE W 80 -24.27 -35.02 87.17
N SER W 81 -24.51 -34.61 85.93
CA SER W 81 -24.27 -33.23 85.50
C SER W 81 -25.61 -32.60 85.13
N GLY W 82 -25.97 -31.54 85.84
CA GLY W 82 -27.26 -30.88 85.63
C GLY W 82 -27.36 -29.63 86.49
N SER W 83 -28.20 -28.71 86.06
CA SER W 83 -28.33 -27.46 86.79
C SER W 83 -29.01 -27.67 88.13
N VAL W 84 -28.79 -26.72 89.04
CA VAL W 84 -29.50 -26.74 90.32
C VAL W 84 -30.94 -26.31 90.12
N GLU W 85 -31.21 -25.50 89.10
CA GLU W 85 -32.56 -25.00 88.87
C GLU W 85 -33.51 -26.13 88.46
N ASN W 86 -33.08 -26.99 87.53
CA ASN W 86 -33.87 -28.14 87.13
C ASN W 86 -33.59 -29.38 87.96
N LYS W 87 -33.13 -29.21 89.20
CA LYS W 87 -32.82 -30.38 90.02
C LYS W 87 -34.03 -31.28 90.21
N ALA W 88 -35.24 -30.76 89.98
CA ALA W 88 -36.42 -31.61 89.93
C ALA W 88 -36.32 -32.65 88.82
N ALA W 89 -36.09 -32.18 87.58
CA ALA W 89 -35.93 -33.11 86.46
C ALA W 89 -34.66 -33.94 86.59
N VAL W 90 -33.62 -33.39 87.23
CA VAL W 90 -32.41 -34.15 87.51
C VAL W 90 -32.72 -35.34 88.40
N LEU W 91 -33.49 -35.12 89.48
CA LEU W 91 -33.83 -36.20 90.41
C LEU W 91 -34.79 -37.20 89.77
N ALA W 92 -35.75 -36.71 88.96
CA ALA W 92 -36.62 -37.64 88.24
C ALA W 92 -35.80 -38.53 87.30
N ALA W 93 -34.88 -37.92 86.57
CA ALA W 93 -33.97 -38.68 85.72
C ALA W 93 -33.11 -39.64 86.53
N LEU W 94 -32.73 -39.25 87.76
CA LEU W 94 -31.94 -40.14 88.60
C LEU W 94 -32.74 -41.35 89.02
N LEU W 95 -34.01 -41.15 89.41
CA LEU W 95 -34.86 -42.28 89.78
C LEU W 95 -35.03 -43.23 88.60
N ASP W 96 -35.33 -42.68 87.41
CA ASP W 96 -35.50 -43.53 86.24
C ASP W 96 -34.20 -44.26 85.90
N HIS W 97 -33.06 -43.56 86.02
CA HIS W 97 -31.75 -44.17 85.78
C HIS W 97 -31.48 -45.32 86.74
N LEU W 98 -31.73 -45.10 88.04
CA LEU W 98 -31.48 -46.14 89.04
C LEU W 98 -32.36 -47.35 88.81
N HIS W 99 -33.64 -47.13 88.49
CA HIS W 99 -34.55 -48.25 88.26
C HIS W 99 -34.14 -49.05 87.02
N ASN W 100 -33.77 -48.36 85.95
CA ASN W 100 -33.36 -49.08 84.74
C ASN W 100 -32.04 -49.81 84.96
N LEU W 101 -31.10 -49.18 85.68
CA LEU W 101 -29.87 -49.85 86.06
C LEU W 101 -30.16 -51.12 86.83
N GLY W 102 -31.10 -51.06 87.78
CA GLY W 102 -31.48 -52.27 88.50
C GLY W 102 -32.06 -53.32 87.58
N LEU W 103 -32.88 -52.90 86.61
CA LEU W 103 -33.40 -53.85 85.63
C LEU W 103 -32.27 -54.56 84.88
N ALA W 104 -31.15 -53.88 84.68
CA ALA W 104 -30.08 -54.44 83.85
C ALA W 104 -28.96 -55.12 84.62
N ARG W 105 -28.83 -54.88 85.93
CA ARG W 105 -27.57 -55.19 86.61
C ARG W 105 -27.28 -56.69 86.61
N ASP W 106 -28.31 -57.52 86.73
CA ASP W 106 -28.06 -58.95 86.79
C ASP W 106 -27.47 -59.47 85.49
N ASP W 107 -27.85 -58.87 84.36
CA ASP W 107 -27.19 -59.19 83.09
C ASP W 107 -25.81 -58.54 83.00
N LEU W 108 -25.69 -57.29 83.43
CA LEU W 108 -24.45 -56.55 83.18
C LEU W 108 -23.28 -57.10 83.98
N VAL W 109 -23.50 -57.47 85.25
CA VAL W 109 -22.38 -58.00 86.03
C VAL W 109 -21.99 -59.40 85.59
N ALA W 110 -22.87 -60.08 84.85
CA ALA W 110 -22.59 -61.41 84.34
C ALA W 110 -22.02 -61.39 82.92
N GLY W 111 -21.71 -60.21 82.39
CA GLY W 111 -21.16 -60.08 81.05
C GLY W 111 -22.18 -60.17 79.93
N LEU W 112 -23.46 -60.23 80.25
CA LEU W 112 -24.51 -60.35 79.24
C LEU W 112 -25.11 -58.98 78.95
N LEU W 113 -25.21 -58.65 77.66
CA LEU W 113 -25.87 -57.40 77.28
C LEU W 113 -27.37 -57.54 77.50
N PRO W 114 -28.01 -56.66 78.26
CA PRO W 114 -29.41 -56.87 78.63
C PRO W 114 -30.36 -56.70 77.45
N THR W 115 -30.47 -57.74 76.63
CA THR W 115 -31.32 -57.68 75.44
C THR W 115 -32.79 -57.63 75.80
N THR W 116 -33.17 -58.19 76.96
CA THR W 116 -34.55 -58.48 77.28
C THR W 116 -35.17 -57.49 78.26
N ILE W 117 -34.48 -56.43 78.63
CA ILE W 117 -35.00 -55.51 79.64
C ILE W 117 -35.89 -54.47 78.98
N GLN W 118 -36.74 -53.83 79.79
CA GLN W 118 -37.69 -52.83 79.32
C GLN W 118 -37.51 -51.55 80.12
N PRO W 119 -36.69 -50.62 79.63
CA PRO W 119 -36.49 -49.35 80.33
C PRO W 119 -37.74 -48.48 80.27
N VAL W 120 -37.96 -47.72 81.34
CA VAL W 120 -39.16 -46.90 81.50
C VAL W 120 -38.77 -45.46 81.75
N VAL W 121 -39.77 -44.58 81.69
CA VAL W 121 -39.67 -43.18 82.08
C VAL W 121 -40.73 -42.93 83.15
N GLU W 122 -40.37 -42.12 84.15
CA GLU W 122 -41.30 -41.74 85.22
C GLU W 122 -41.77 -42.97 86.00
N TYR W 123 -40.81 -43.65 86.63
CA TYR W 123 -41.12 -44.86 87.38
C TYR W 123 -42.01 -44.55 88.59
N THR W 124 -43.00 -45.41 88.81
CA THR W 124 -43.94 -45.27 89.91
C THR W 124 -44.26 -46.62 90.56
N ALA X 1 -52.32 -67.25 47.74
CA ALA X 1 -51.69 -68.07 48.75
C ALA X 1 -51.53 -67.29 50.06
N GLN X 2 -51.29 -65.99 49.92
CA GLN X 2 -51.07 -65.07 51.04
C GLN X 2 -50.02 -65.60 52.02
N HIS X 3 -48.98 -66.24 51.47
CA HIS X 3 -47.78 -66.50 52.25
C HIS X 3 -47.07 -65.18 52.54
N ASN X 4 -46.79 -64.92 53.81
CA ASN X 4 -46.25 -63.64 54.21
C ASN X 4 -44.73 -63.61 54.11
N MET X 5 -44.19 -62.42 53.88
CA MET X 5 -42.76 -62.25 53.60
C MET X 5 -41.92 -62.61 54.83
N ARG X 6 -40.66 -62.95 54.57
CA ARG X 6 -39.75 -63.32 55.65
C ARG X 6 -38.50 -62.46 55.60
N LEU X 7 -37.86 -62.29 56.76
CA LEU X 7 -36.89 -61.24 56.95
C LEU X 7 -35.53 -61.59 56.36
N GLN X 8 -34.92 -60.61 55.69
CA GLN X 8 -33.63 -60.79 55.04
C GLN X 8 -32.52 -59.88 55.56
N LEU X 9 -32.79 -58.58 55.70
CA LEU X 9 -31.75 -57.60 56.06
C LEU X 9 -32.25 -56.65 57.14
N THR X 10 -31.48 -56.51 58.22
CA THR X 10 -31.78 -55.56 59.28
C THR X 10 -30.60 -54.64 59.48
N SER X 11 -30.88 -53.34 59.60
CA SER X 11 -29.81 -52.36 59.65
C SER X 11 -29.99 -51.31 60.75
N GLY X 12 -31.05 -51.39 61.54
CA GLY X 12 -31.33 -50.37 62.55
C GLY X 12 -31.86 -49.10 61.90
N THR X 13 -31.63 -48.97 60.60
CA THR X 13 -32.21 -47.93 59.77
C THR X 13 -32.95 -48.48 58.57
N SER X 14 -32.66 -49.71 58.14
CA SER X 14 -33.33 -50.33 56.99
C SER X 14 -33.80 -51.73 57.37
N LEU X 15 -34.97 -52.09 56.87
CA LEU X 15 -35.48 -53.44 56.99
C LEU X 15 -35.84 -53.94 55.61
N THR X 16 -35.46 -55.19 55.31
CA THR X 16 -35.64 -55.76 53.98
C THR X 16 -36.17 -57.17 54.14
N TRP X 17 -37.43 -57.37 53.74
CA TRP X 17 -38.07 -58.67 53.70
C TRP X 17 -38.16 -59.15 52.26
N VAL X 18 -38.25 -60.46 52.09
CA VAL X 18 -38.30 -61.07 50.77
C VAL X 18 -39.40 -62.13 50.75
N ASP X 19 -39.99 -62.32 49.59
CA ASP X 19 -40.91 -63.42 49.34
C ASP X 19 -40.14 -64.74 49.37
N PRO X 20 -40.45 -65.65 50.29
CA PRO X 20 -39.69 -66.92 50.35
C PRO X 20 -39.77 -67.75 49.07
N ASN X 21 -40.79 -67.56 48.24
CA ASN X 21 -40.85 -68.28 46.97
C ASN X 21 -40.06 -67.57 45.87
N ASP X 22 -40.34 -66.28 45.68
CA ASP X 22 -39.74 -65.49 44.61
C ASP X 22 -38.82 -64.45 45.23
N PHE X 23 -37.50 -64.62 45.02
CA PHE X 23 -36.53 -63.67 45.54
C PHE X 23 -36.54 -62.36 44.78
N ARG X 24 -37.28 -62.26 43.68
CA ARG X 24 -37.35 -61.03 42.91
C ARG X 24 -38.21 -59.96 43.57
N SER X 25 -39.16 -60.37 44.43
CA SER X 25 -40.08 -59.44 45.07
C SER X 25 -39.62 -59.20 46.50
N THR X 26 -39.20 -57.97 46.78
CA THR X 26 -38.67 -57.57 48.07
C THR X 26 -39.45 -56.36 48.59
N PHE X 27 -39.24 -56.08 49.87
CA PHE X 27 -39.96 -55.00 50.55
C PHE X 27 -39.02 -54.40 51.59
N ARG X 28 -38.65 -53.14 51.40
CA ARG X 28 -37.75 -52.43 52.30
C ARG X 28 -38.48 -51.26 52.93
N ILE X 29 -38.15 -51.00 54.19
CA ILE X 29 -38.56 -49.80 54.91
C ILE X 29 -37.32 -49.11 55.42
N ASN X 30 -37.14 -47.84 55.06
CA ASN X 30 -36.03 -47.02 55.50
C ASN X 30 -36.59 -45.87 56.32
N LEU X 31 -35.89 -45.53 57.41
CA LEU X 31 -36.32 -44.47 58.31
C LEU X 31 -35.12 -43.61 58.65
N ASN X 32 -35.30 -42.29 58.60
CA ASN X 32 -34.23 -41.37 58.95
C ASN X 32 -34.80 -40.23 59.76
N VAL X 33 -34.35 -40.09 61.00
CA VAL X 33 -34.79 -39.04 61.90
C VAL X 33 -33.64 -38.07 62.09
N ASN X 34 -33.96 -36.77 62.04
CA ASN X 34 -32.97 -35.72 62.28
C ASN X 34 -33.71 -34.41 62.53
N GLN X 35 -33.01 -33.46 63.16
CA GLN X 35 -33.69 -32.23 63.51
C GLN X 35 -33.88 -31.33 62.30
N LYS X 36 -34.84 -30.42 62.43
CA LYS X 36 -35.25 -29.51 61.37
C LYS X 36 -35.69 -28.21 62.02
N VAL X 37 -35.45 -27.10 61.32
CA VAL X 37 -35.77 -25.78 61.82
C VAL X 37 -37.00 -25.28 61.08
N ALA X 38 -38.14 -25.28 61.77
CA ALA X 38 -39.37 -24.69 61.26
C ALA X 38 -39.53 -23.34 61.94
N GLY X 39 -39.35 -22.27 61.17
CA GLY X 39 -39.37 -20.94 61.75
C GLY X 39 -38.29 -20.77 62.79
N ALA X 40 -38.70 -20.58 64.05
CA ALA X 40 -37.77 -20.43 65.16
C ALA X 40 -37.80 -21.62 66.10
N VAL X 41 -38.35 -22.76 65.66
CA VAL X 41 -38.50 -23.93 66.52
C VAL X 41 -37.89 -25.13 65.82
N SER X 42 -37.06 -25.88 66.55
CA SER X 42 -36.49 -27.11 66.03
C SER X 42 -37.38 -28.28 66.41
N VAL X 43 -37.69 -29.13 65.43
CA VAL X 43 -38.51 -30.32 65.62
C VAL X 43 -37.82 -31.50 64.95
N TYR X 44 -38.11 -32.70 65.46
CA TYR X 44 -37.53 -33.92 64.91
C TYR X 44 -38.33 -34.38 63.71
N ASN X 45 -37.77 -34.18 62.51
CA ASN X 45 -38.37 -34.65 61.27
C ASN X 45 -37.94 -36.10 61.02
N ALA X 46 -38.92 -36.93 60.71
CA ALA X 46 -38.70 -38.31 60.27
C ALA X 46 -39.09 -38.40 58.80
N ARG X 47 -38.19 -38.95 57.99
CA ARG X 47 -38.47 -39.30 56.61
C ARG X 47 -38.46 -40.82 56.51
N SER X 48 -39.61 -41.40 56.24
CA SER X 48 -39.77 -42.83 56.06
C SER X 48 -40.05 -43.10 54.59
N GLU X 49 -39.28 -44.01 53.98
CA GLU X 49 -39.63 -44.49 52.65
C GLU X 49 -39.85 -45.99 52.66
N VAL X 50 -40.86 -46.42 51.91
CA VAL X 50 -41.31 -47.81 51.85
C VAL X 50 -41.26 -48.21 50.38
N ILE X 51 -40.36 -49.14 50.06
CA ILE X 51 -40.05 -49.51 48.68
C ILE X 51 -40.38 -50.99 48.50
N THR X 52 -41.35 -51.30 47.64
CA THR X 52 -41.61 -52.67 47.24
C THR X 52 -41.18 -52.85 45.78
N ASN X 53 -40.35 -53.86 45.55
CA ASN X 53 -39.72 -54.11 44.25
C ASN X 53 -40.11 -55.50 43.77
N ARG X 54 -40.41 -55.62 42.47
CA ARG X 54 -40.76 -56.92 41.90
C ARG X 54 -40.22 -57.01 40.49
N ALA X 55 -40.19 -58.23 39.97
CA ALA X 55 -39.68 -58.53 38.63
C ALA X 55 -40.63 -59.47 37.92
N PRO X 56 -41.73 -58.94 37.38
CA PRO X 56 -42.66 -59.78 36.62
C PRO X 56 -42.07 -60.20 35.28
N LEU X 57 -42.64 -61.27 34.73
CA LEU X 57 -42.28 -61.72 33.40
C LEU X 57 -43.22 -61.11 32.38
N VAL X 58 -42.68 -60.76 31.22
CA VAL X 58 -43.48 -60.27 30.11
C VAL X 58 -44.11 -61.47 29.42
N VAL X 59 -45.42 -61.64 29.59
CA VAL X 59 -46.15 -62.77 29.06
C VAL X 59 -46.60 -62.45 27.63
N ILE X 60 -46.01 -63.14 26.66
CA ILE X 60 -46.48 -63.11 25.27
C ILE X 60 -47.09 -64.45 24.93
N GLU X 61 -48.36 -64.44 24.51
CA GLU X 61 -49.01 -65.64 24.04
C GLU X 61 -48.33 -66.14 22.77
N GLY X 62 -48.21 -67.47 22.67
CA GLY X 62 -47.52 -68.08 21.56
C GLY X 62 -46.01 -68.16 21.72
N CYS X 63 -45.47 -67.54 22.76
CA CYS X 63 -44.03 -67.56 23.03
C CYS X 63 -43.80 -68.27 24.36
N THR X 64 -43.42 -69.53 24.30
CA THR X 64 -42.96 -70.24 25.49
C THR X 64 -41.63 -69.65 25.92
N ASP X 65 -41.64 -68.84 26.97
CA ASP X 65 -40.45 -68.13 27.44
C ASP X 65 -39.61 -69.07 28.29
N ALA X 66 -39.08 -70.09 27.64
CA ALA X 66 -38.05 -70.91 28.24
C ALA X 66 -36.89 -70.02 28.66
N CYS X 67 -36.37 -70.28 29.85
CA CYS X 67 -35.28 -69.59 30.52
C CYS X 67 -35.79 -68.30 31.17
N SER X 68 -37.04 -67.92 30.97
CA SER X 68 -37.65 -66.72 31.57
C SER X 68 -36.77 -65.48 31.36
N VAL X 69 -36.46 -65.23 30.08
CA VAL X 69 -35.55 -64.14 29.76
C VAL X 69 -36.31 -62.81 29.64
N ASN X 70 -37.52 -62.83 29.11
CA ASN X 70 -38.33 -61.62 29.00
C ASN X 70 -38.87 -61.27 30.38
N ARG X 71 -38.17 -60.38 31.08
CA ARG X 71 -38.52 -60.05 32.45
C ARG X 71 -38.40 -58.54 32.66
N GLU X 72 -39.32 -58.02 33.47
CA GLU X 72 -39.49 -56.59 33.70
C GLU X 72 -39.30 -56.27 35.17
N ASN X 73 -38.75 -55.08 35.47
CA ASN X 73 -38.70 -54.56 36.82
C ASN X 73 -39.86 -53.61 37.05
N ILE X 74 -40.57 -53.80 38.16
CA ILE X 74 -41.62 -52.87 38.60
C ILE X 74 -41.35 -52.47 40.04
N SER X 75 -41.77 -51.26 40.39
CA SER X 75 -41.49 -50.76 41.73
C SER X 75 -42.55 -49.77 42.19
N ILE X 76 -42.92 -49.89 43.46
CA ILE X 76 -43.85 -48.98 44.12
C ILE X 76 -43.18 -48.46 45.39
N ARG X 77 -43.04 -47.14 45.46
CA ARG X 77 -42.28 -46.48 46.51
C ARG X 77 -43.15 -45.40 47.15
N THR X 78 -42.96 -45.17 48.45
CA THR X 78 -43.76 -44.20 49.18
C THR X 78 -42.90 -43.49 50.21
N THR X 79 -42.78 -42.17 50.08
CA THR X 79 -41.98 -41.35 50.98
C THR X 79 -42.89 -40.47 51.83
N ILE X 80 -42.58 -40.38 53.12
CA ILE X 80 -43.39 -39.67 54.10
C ILE X 80 -42.41 -38.91 54.97
N SER X 81 -42.31 -37.59 54.76
CA SER X 81 -41.37 -36.76 55.50
C SER X 81 -42.15 -35.72 56.28
N GLY X 82 -42.02 -35.76 57.61
CA GLY X 82 -42.74 -34.83 58.46
C GLY X 82 -42.26 -34.93 59.90
N SER X 83 -42.66 -33.94 60.69
CA SER X 83 -42.30 -33.93 62.11
C SER X 83 -43.00 -35.06 62.84
N VAL X 84 -42.28 -35.64 63.81
CA VAL X 84 -42.93 -36.52 64.77
C VAL X 84 -43.93 -35.72 65.59
N GLU X 85 -43.66 -34.43 65.81
CA GLU X 85 -44.56 -33.60 66.61
C GLU X 85 -45.89 -33.37 65.89
N ASN X 86 -45.85 -33.07 64.59
CA ASN X 86 -47.07 -32.91 63.80
C ASN X 86 -47.53 -34.20 63.16
N LYS X 87 -47.21 -35.34 63.77
CA LYS X 87 -47.62 -36.63 63.21
C LYS X 87 -49.13 -36.72 63.03
N ALA X 88 -49.90 -35.90 63.75
CA ALA X 88 -51.34 -35.86 63.53
C ALA X 88 -51.67 -35.39 62.11
N ALA X 89 -51.12 -34.22 61.72
CA ALA X 89 -51.34 -33.73 60.36
C ALA X 89 -50.65 -34.61 59.34
N VAL X 90 -49.54 -35.26 59.71
CA VAL X 90 -48.92 -36.23 58.81
C VAL X 90 -49.88 -37.36 58.50
N LEU X 91 -50.55 -37.90 59.53
CA LEU X 91 -51.47 -39.02 59.32
C LEU X 91 -52.73 -38.58 58.58
N ALA X 92 -53.23 -37.37 58.86
CA ALA X 92 -54.33 -36.84 58.07
C ALA X 92 -53.95 -36.76 56.60
N ALA X 93 -52.75 -36.24 56.33
CA ALA X 93 -52.25 -36.19 54.96
C ALA X 93 -52.10 -37.58 54.36
N LEU X 94 -51.70 -38.56 55.17
CA LEU X 94 -51.56 -39.91 54.64
C LEU X 94 -52.90 -40.50 54.24
N LEU X 95 -53.92 -40.31 55.09
CA LEU X 95 -55.26 -40.79 54.75
C LEU X 95 -55.77 -40.15 53.45
N ASP X 96 -55.67 -38.82 53.37
CA ASP X 96 -56.13 -38.14 52.16
C ASP X 96 -55.33 -38.57 50.94
N HIS X 97 -54.03 -38.79 51.12
CA HIS X 97 -53.16 -39.26 50.04
C HIS X 97 -53.58 -40.64 49.56
N LEU X 98 -53.81 -41.57 50.50
CA LEU X 98 -54.21 -42.92 50.12
C LEU X 98 -55.54 -42.92 49.39
N HIS X 99 -56.50 -42.13 49.86
CA HIS X 99 -57.80 -42.09 49.22
C HIS X 99 -57.72 -41.52 47.81
N ASN X 100 -56.94 -40.45 47.63
CA ASN X 100 -56.82 -39.87 46.31
C ASN X 100 -56.04 -40.79 45.37
N LEU X 101 -55.01 -41.45 45.89
CA LEU X 101 -54.32 -42.48 45.12
C LEU X 101 -55.30 -43.54 44.66
N GLY X 102 -56.18 -43.99 45.56
CA GLY X 102 -57.19 -44.96 45.17
C GLY X 102 -58.14 -44.43 44.12
N LEU X 103 -58.41 -43.12 44.14
CA LEU X 103 -59.22 -42.54 43.06
C LEU X 103 -58.51 -42.66 41.72
N ALA X 104 -57.20 -42.46 41.69
CA ALA X 104 -56.49 -42.45 40.43
C ALA X 104 -55.92 -43.82 40.04
N ARG X 105 -56.01 -44.83 40.91
CA ARG X 105 -55.17 -46.02 40.79
C ARG X 105 -55.46 -46.81 39.53
N ASP X 106 -56.71 -46.79 39.06
CA ASP X 106 -57.04 -47.58 37.89
C ASP X 106 -56.56 -46.90 36.62
N ASP X 107 -56.73 -45.58 36.54
CA ASP X 107 -56.25 -44.83 35.37
C ASP X 107 -54.74 -44.87 35.28
N LEU X 108 -54.05 -44.58 36.39
CA LEU X 108 -52.60 -44.42 36.35
C LEU X 108 -51.90 -45.70 35.91
N VAL X 109 -52.37 -46.86 36.38
CA VAL X 109 -51.68 -48.10 36.06
C VAL X 109 -51.90 -48.50 34.62
N ALA X 110 -52.97 -48.00 33.99
CA ALA X 110 -53.23 -48.25 32.58
C ALA X 110 -52.54 -47.24 31.66
N GLY X 111 -51.72 -46.35 32.21
CA GLY X 111 -50.98 -45.39 31.41
C GLY X 111 -51.78 -44.17 30.98
N LEU X 112 -52.85 -43.85 31.69
CA LEU X 112 -53.78 -42.80 31.29
C LEU X 112 -53.86 -41.74 32.38
N LEU X 113 -53.74 -40.48 31.98
CA LEU X 113 -53.80 -39.39 32.96
C LEU X 113 -55.20 -39.31 33.55
N PRO X 114 -55.34 -39.36 34.87
CA PRO X 114 -56.68 -39.35 35.51
C PRO X 114 -57.30 -37.95 35.47
N THR X 115 -57.66 -37.50 34.27
CA THR X 115 -58.26 -36.19 34.10
C THR X 115 -59.64 -36.09 34.74
N THR X 116 -60.31 -37.21 34.95
CA THR X 116 -61.69 -37.19 35.42
C THR X 116 -61.82 -37.11 36.93
N ILE X 117 -60.88 -37.68 37.69
CA ILE X 117 -61.05 -37.79 39.15
C ILE X 117 -61.08 -36.41 39.78
N GLN X 118 -61.59 -36.36 41.01
CA GLN X 118 -61.61 -35.15 41.83
C GLN X 118 -61.14 -35.47 43.23
N PRO X 119 -59.93 -35.07 43.62
CA PRO X 119 -59.43 -35.40 44.95
C PRO X 119 -60.15 -34.64 46.04
N VAL X 120 -59.84 -35.02 47.29
CA VAL X 120 -60.58 -34.55 48.46
C VAL X 120 -59.58 -34.25 49.58
N VAL X 121 -59.95 -33.31 50.45
CA VAL X 121 -59.28 -33.09 51.73
C VAL X 121 -60.21 -33.60 52.82
N GLU X 122 -59.62 -34.21 53.86
CA GLU X 122 -60.35 -34.63 55.06
C GLU X 122 -61.39 -35.70 54.74
N TYR X 123 -60.95 -36.77 54.07
CA TYR X 123 -61.87 -37.87 53.79
C TYR X 123 -62.44 -38.45 55.07
N THR X 124 -63.73 -38.79 55.02
CA THR X 124 -64.43 -39.34 56.17
C THR X 124 -65.32 -40.51 55.77
N ALA Y 1 3.67 -29.35 129.60
CA ALA Y 1 2.37 -28.72 129.41
C ALA Y 1 1.34 -29.71 128.89
N GLN Y 2 1.81 -30.74 128.18
CA GLN Y 2 0.94 -31.83 127.70
C GLN Y 2 -0.18 -31.27 126.80
N HIS Y 3 0.16 -30.27 125.98
CA HIS Y 3 -0.77 -29.74 125.00
C HIS Y 3 -0.59 -30.48 123.69
N ASN Y 4 -1.68 -31.00 123.15
CA ASN Y 4 -1.64 -31.80 121.93
C ASN Y 4 -1.52 -30.91 120.70
N MET Y 5 -0.86 -31.46 119.67
CA MET Y 5 -0.56 -30.71 118.45
C MET Y 5 -1.82 -30.44 117.64
N ARG Y 6 -1.78 -29.38 116.83
CA ARG Y 6 -2.91 -29.05 115.97
C ARG Y 6 -2.50 -29.21 114.51
N LEU Y 7 -3.43 -29.68 113.69
CA LEU Y 7 -3.13 -30.11 112.34
C LEU Y 7 -2.96 -28.93 111.39
N GLN Y 8 -2.01 -29.05 110.47
CA GLN Y 8 -1.69 -27.97 109.54
C GLN Y 8 -1.79 -28.36 108.07
N LEU Y 9 -1.39 -29.57 107.68
CA LEU Y 9 -1.38 -29.93 106.26
C LEU Y 9 -1.90 -31.36 106.05
N THR Y 10 -2.89 -31.50 105.17
CA THR Y 10 -3.43 -32.80 104.77
C THR Y 10 -3.26 -32.98 103.27
N SER Y 11 -2.80 -34.17 102.86
CA SER Y 11 -2.54 -34.41 101.45
C SER Y 11 -2.99 -35.77 100.96
N GLY Y 12 -3.59 -36.61 101.79
CA GLY Y 12 -3.97 -37.95 101.38
C GLY Y 12 -2.78 -38.90 101.28
N THR Y 13 -1.58 -38.32 101.28
CA THR Y 13 -0.34 -39.07 101.40
C THR Y 13 0.54 -38.59 102.54
N SER Y 14 0.31 -37.39 103.06
CA SER Y 14 1.05 -36.89 104.23
C SER Y 14 0.08 -36.22 105.18
N LEU Y 15 0.51 -36.13 106.43
CA LEU Y 15 -0.16 -35.38 107.47
C LEU Y 15 0.89 -34.58 108.20
N THR Y 16 0.57 -33.32 108.51
CA THR Y 16 1.55 -32.39 109.09
C THR Y 16 0.87 -31.62 110.22
N TRP Y 17 1.17 -32.03 111.46
CA TRP Y 17 0.75 -31.34 112.67
C TRP Y 17 1.85 -30.42 113.16
N VAL Y 18 1.47 -29.42 113.95
CA VAL Y 18 2.39 -28.44 114.48
C VAL Y 18 2.00 -28.09 115.91
N ASP Y 19 3.00 -27.79 116.73
CA ASP Y 19 2.78 -27.27 118.07
C ASP Y 19 2.24 -25.86 117.97
N PRO Y 20 1.01 -25.59 118.46
CA PRO Y 20 0.47 -24.22 118.35
C PRO Y 20 1.33 -23.17 119.03
N ASN Y 21 2.11 -23.54 120.04
CA ASN Y 21 2.99 -22.58 120.71
C ASN Y 21 4.26 -22.34 119.90
N ASP Y 22 4.97 -23.40 119.58
CA ASP Y 22 6.22 -23.33 118.82
C ASP Y 22 5.98 -23.93 117.43
N PHE Y 23 5.94 -23.07 116.42
CA PHE Y 23 5.84 -23.55 115.04
C PHE Y 23 7.09 -24.29 114.58
N ARG Y 24 8.18 -24.29 115.36
CA ARG Y 24 9.41 -24.96 114.95
C ARG Y 24 9.36 -26.47 115.18
N SER Y 25 8.38 -26.98 115.92
CA SER Y 25 8.26 -28.41 116.17
C SER Y 25 7.12 -28.98 115.32
N THR Y 26 7.49 -29.70 114.26
CA THR Y 26 6.59 -30.27 113.29
C THR Y 26 6.49 -31.77 113.52
N PHE Y 27 5.38 -32.36 113.10
CA PHE Y 27 5.19 -33.81 113.14
C PHE Y 27 4.48 -34.24 111.87
N ARG Y 28 5.18 -34.97 110.99
CA ARG Y 28 4.64 -35.41 109.72
C ARG Y 28 4.60 -36.94 109.67
N ILE Y 29 3.56 -37.45 109.00
CA ILE Y 29 3.43 -38.87 108.70
C ILE Y 29 3.21 -39.01 107.19
N ASN Y 30 4.05 -39.79 106.53
CA ASN Y 30 3.95 -40.07 105.09
C ASN Y 30 3.66 -41.55 104.92
N LEU Y 31 2.61 -41.87 104.17
CA LEU Y 31 2.25 -43.26 103.90
C LEU Y 31 2.18 -43.46 102.39
N ASN Y 32 2.95 -44.40 101.88
CA ASN Y 32 2.95 -44.70 100.46
C ASN Y 32 2.69 -46.20 100.29
N VAL Y 33 1.72 -46.55 99.46
CA VAL Y 33 1.36 -47.94 99.24
C VAL Y 33 1.49 -48.27 97.77
N ASN Y 34 2.07 -49.44 97.48
CA ASN Y 34 2.18 -49.93 96.11
C ASN Y 34 2.40 -51.44 96.15
N GLN Y 35 2.08 -52.10 95.03
CA GLN Y 35 2.21 -53.55 94.97
C GLN Y 35 3.66 -53.96 94.77
N LYS Y 36 4.07 -55.00 95.48
CA LYS Y 36 5.37 -55.63 95.30
C LYS Y 36 5.12 -57.11 95.02
N VAL Y 37 6.17 -57.79 94.57
CA VAL Y 37 6.10 -59.22 94.29
C VAL Y 37 6.86 -59.93 95.41
N ALA Y 38 6.13 -60.65 96.26
CA ALA Y 38 6.73 -61.47 97.30
C ALA Y 38 6.69 -62.92 96.82
N GLY Y 39 7.86 -63.45 96.47
CA GLY Y 39 7.96 -64.82 96.03
C GLY Y 39 7.01 -65.13 94.89
N ALA Y 40 5.98 -65.92 95.19
CA ALA Y 40 5.05 -66.39 94.17
C ALA Y 40 3.89 -65.43 93.93
N VAL Y 41 3.53 -64.59 94.90
CA VAL Y 41 2.30 -63.81 94.79
C VAL Y 41 2.62 -62.35 95.06
N SER Y 42 1.76 -61.47 94.54
CA SER Y 42 1.90 -60.04 94.79
C SER Y 42 1.22 -59.66 96.09
N VAL Y 43 1.83 -58.71 96.80
CA VAL Y 43 1.30 -58.19 98.05
C VAL Y 43 1.34 -56.67 97.99
N TYR Y 44 0.71 -56.03 98.98
CA TYR Y 44 0.65 -54.57 99.08
C TYR Y 44 1.64 -54.08 100.11
N ASN Y 45 2.74 -53.48 99.64
CA ASN Y 45 3.74 -52.91 100.54
C ASN Y 45 3.36 -51.48 100.88
N ALA Y 46 3.52 -51.13 102.16
CA ALA Y 46 3.17 -49.82 102.69
C ALA Y 46 4.40 -49.27 103.41
N ARG Y 47 5.09 -48.33 102.79
CA ARG Y 47 6.20 -47.62 103.42
C ARG Y 47 5.60 -46.44 104.17
N SER Y 48 5.52 -46.57 105.48
CA SER Y 48 5.20 -45.46 106.36
C SER Y 48 6.50 -44.82 106.80
N GLU Y 49 6.45 -43.51 107.03
CA GLU Y 49 7.53 -42.85 107.75
C GLU Y 49 6.93 -41.75 108.61
N VAL Y 50 7.52 -41.58 109.79
CA VAL Y 50 7.06 -40.64 110.80
C VAL Y 50 8.24 -39.76 111.18
N ILE Y 51 8.14 -38.47 110.87
CA ILE Y 51 9.23 -37.52 111.02
C ILE Y 51 8.81 -36.46 112.01
N THR Y 52 9.54 -36.32 113.11
CA THR Y 52 9.34 -35.23 114.05
C THR Y 52 10.55 -34.30 114.00
N ASN Y 53 10.28 -33.01 113.79
CA ASN Y 53 11.30 -31.99 113.59
C ASN Y 53 11.17 -30.95 114.69
N ARG Y 54 12.30 -30.48 115.22
CA ARG Y 54 12.27 -29.43 116.22
C ARG Y 54 13.49 -28.54 116.03
N ALA Y 55 13.45 -27.39 116.70
CA ALA Y 55 14.53 -26.41 116.65
C ALA Y 55 14.73 -25.83 118.05
N PRO Y 56 15.29 -26.64 118.97
CA PRO Y 56 15.58 -26.12 120.30
C PRO Y 56 16.69 -25.09 120.26
N LEU Y 57 16.74 -24.27 121.29
CA LEU Y 57 17.72 -23.20 121.37
C LEU Y 57 19.00 -23.71 122.02
N VAL Y 58 20.13 -23.29 121.46
CA VAL Y 58 21.44 -23.67 121.98
C VAL Y 58 21.85 -22.60 122.99
N VAL Y 59 22.00 -23.01 124.26
CA VAL Y 59 22.24 -22.08 125.35
C VAL Y 59 23.53 -22.49 126.06
N ILE Y 60 24.50 -21.58 126.09
CA ILE Y 60 25.71 -21.71 126.90
C ILE Y 60 25.66 -20.59 127.93
N GLU Y 61 25.60 -20.98 129.21
CA GLU Y 61 25.17 -20.05 130.26
C GLU Y 61 26.03 -18.78 130.28
N GLY Y 62 27.33 -18.92 130.12
CA GLY Y 62 28.19 -17.75 130.12
C GLY Y 62 28.37 -17.08 128.78
N CYS Y 63 27.91 -17.73 127.70
CA CYS Y 63 28.28 -17.35 126.35
C CYS Y 63 27.12 -16.92 125.46
N THR Y 64 25.93 -17.47 125.65
CA THR Y 64 24.83 -17.30 124.73
C THR Y 64 24.08 -16.02 125.06
N ASP Y 65 24.18 -15.03 124.17
CA ASP Y 65 23.39 -13.82 124.29
C ASP Y 65 21.91 -14.16 124.09
N ALA Y 66 21.08 -13.72 125.04
CA ALA Y 66 19.66 -14.04 124.96
C ALA Y 66 18.96 -13.27 123.86
N CYS Y 67 19.46 -12.10 123.49
CA CYS Y 67 18.80 -11.29 122.47
C CYS Y 67 18.91 -11.95 121.10
N SER Y 68 20.10 -12.41 120.73
CA SER Y 68 20.30 -13.10 119.47
C SER Y 68 20.10 -14.60 119.71
N VAL Y 69 18.97 -15.13 119.24
CA VAL Y 69 18.65 -16.54 119.45
C VAL Y 69 19.62 -17.41 118.66
N ASN Y 70 20.05 -18.52 119.27
CA ASN Y 70 20.88 -19.51 118.62
C ASN Y 70 20.11 -20.83 118.64
N ARG Y 71 19.65 -21.27 117.48
CA ARG Y 71 18.83 -22.47 117.39
C ARG Y 71 19.54 -23.56 116.60
N GLU Y 72 19.11 -24.78 116.86
CA GLU Y 72 19.64 -26.00 116.26
C GLU Y 72 18.49 -26.85 115.77
N ASN Y 73 18.59 -27.36 114.55
CA ASN Y 73 17.60 -28.33 114.07
C ASN Y 73 17.92 -29.70 114.65
N ILE Y 74 16.90 -30.37 115.18
CA ILE Y 74 16.99 -31.76 115.60
C ILE Y 74 15.85 -32.52 114.96
N SER Y 75 16.09 -33.80 114.64
CA SER Y 75 15.11 -34.58 113.90
C SER Y 75 15.14 -36.04 114.33
N ILE Y 76 13.95 -36.63 114.42
CA ILE Y 76 13.80 -38.06 114.68
C ILE Y 76 12.85 -38.62 113.62
N ARG Y 77 13.37 -39.53 112.80
CA ARG Y 77 12.67 -40.09 111.66
C ARG Y 77 12.52 -41.59 111.87
N THR Y 78 11.41 -42.16 111.41
CA THR Y 78 11.18 -43.59 111.53
C THR Y 78 10.48 -44.13 110.29
N THR Y 79 11.16 -45.00 109.55
CA THR Y 79 10.63 -45.64 108.35
C THR Y 79 10.26 -47.08 108.65
N ILE Y 80 9.10 -47.50 108.13
CA ILE Y 80 8.54 -48.83 108.35
C ILE Y 80 8.01 -49.32 107.01
N SER Y 81 8.72 -50.24 106.37
CA SER Y 81 8.34 -50.73 105.04
C SER Y 81 8.15 -52.24 105.09
N GLY Y 82 6.92 -52.67 104.83
CA GLY Y 82 6.53 -54.07 104.76
C GLY Y 82 5.12 -54.14 104.21
N SER Y 83 4.69 -55.36 103.88
CA SER Y 83 3.36 -55.51 103.30
C SER Y 83 2.27 -55.37 104.36
N VAL Y 84 1.11 -54.86 103.91
CA VAL Y 84 -0.08 -54.88 104.75
C VAL Y 84 -0.57 -56.30 104.94
N GLU Y 85 -0.27 -57.17 103.97
CA GLU Y 85 -0.68 -58.56 104.03
C GLU Y 85 -0.06 -59.25 105.24
N ASN Y 86 1.22 -58.94 105.53
CA ASN Y 86 2.01 -59.59 106.56
C ASN Y 86 2.26 -58.65 107.75
N LYS Y 87 1.30 -57.76 108.02
CA LYS Y 87 1.49 -56.76 109.06
C LYS Y 87 1.69 -57.40 110.43
N ALA Y 88 1.34 -58.68 110.59
CA ALA Y 88 1.66 -59.37 111.84
C ALA Y 88 3.16 -59.39 112.07
N ALA Y 89 3.92 -59.87 111.07
CA ALA Y 89 5.38 -59.88 111.21
C ALA Y 89 5.96 -58.47 111.14
N VAL Y 90 5.28 -57.55 110.42
CA VAL Y 90 5.72 -56.15 110.47
C VAL Y 90 5.72 -55.62 111.90
N LEU Y 91 4.61 -55.82 112.62
CA LEU Y 91 4.50 -55.34 113.99
C LEU Y 91 5.42 -56.12 114.94
N ALA Y 92 5.57 -57.42 114.72
CA ALA Y 92 6.50 -58.20 115.53
C ALA Y 92 7.93 -57.69 115.37
N ALA Y 93 8.27 -57.19 114.18
CA ALA Y 93 9.56 -56.53 113.99
C ALA Y 93 9.58 -55.16 114.64
N LEU Y 94 8.46 -54.44 114.60
CA LEU Y 94 8.40 -53.10 115.19
C LEU Y 94 8.65 -53.14 116.68
N LEU Y 95 8.05 -54.11 117.38
CA LEU Y 95 8.20 -54.17 118.83
C LEU Y 95 9.66 -54.41 119.21
N ASP Y 96 10.31 -55.36 118.54
CA ASP Y 96 11.72 -55.64 118.81
C ASP Y 96 12.58 -54.42 118.49
N HIS Y 97 12.28 -53.73 117.39
CA HIS Y 97 13.02 -52.54 117.02
C HIS Y 97 12.90 -51.46 118.10
N LEU Y 98 11.67 -51.21 118.56
CA LEU Y 98 11.45 -50.16 119.55
C LEU Y 98 12.16 -50.49 120.87
N HIS Y 99 12.07 -51.75 121.31
CA HIS Y 99 12.73 -52.13 122.55
C HIS Y 99 14.25 -52.02 122.44
N ASN Y 100 14.83 -52.45 121.31
CA ASN Y 100 16.27 -52.35 121.17
C ASN Y 100 16.71 -50.90 121.06
N LEU Y 101 15.94 -50.07 120.36
CA LEU Y 101 16.21 -48.64 120.35
C LEU Y 101 16.21 -48.09 121.76
N GLY Y 102 15.24 -48.50 122.58
CA GLY Y 102 15.23 -48.07 123.97
C GLY Y 102 16.49 -48.49 124.72
N LEU Y 103 16.95 -49.72 124.49
CA LEU Y 103 18.21 -50.16 125.09
C LEU Y 103 19.36 -49.24 124.70
N ALA Y 104 19.36 -48.75 123.47
CA ALA Y 104 20.49 -47.98 122.98
C ALA Y 104 20.39 -46.48 123.27
N ARG Y 105 19.19 -45.94 123.53
CA ARG Y 105 18.98 -44.50 123.37
C ARG Y 105 19.85 -43.69 124.32
N ASP Y 106 20.05 -44.19 125.53
CA ASP Y 106 20.84 -43.44 126.51
C ASP Y 106 22.27 -43.27 126.02
N ASP Y 107 22.83 -44.31 125.41
CA ASP Y 107 24.16 -44.22 124.83
C ASP Y 107 24.16 -43.34 123.58
N LEU Y 108 23.13 -43.48 122.74
CA LEU Y 108 23.15 -42.83 121.43
C LEU Y 108 23.01 -41.31 121.56
N VAL Y 109 22.08 -40.83 122.41
CA VAL Y 109 21.87 -39.40 122.50
C VAL Y 109 23.07 -38.70 123.14
N ALA Y 110 23.93 -39.43 123.83
CA ALA Y 110 25.13 -38.89 124.43
C ALA Y 110 26.36 -39.02 123.53
N GLY Y 111 26.16 -39.39 122.27
CA GLY Y 111 27.26 -39.50 121.33
C GLY Y 111 28.17 -40.69 121.53
N LEU Y 112 27.75 -41.68 122.32
CA LEU Y 112 28.55 -42.85 122.60
C LEU Y 112 28.07 -44.03 121.78
N LEU Y 113 29.01 -44.84 121.29
CA LEU Y 113 28.66 -46.02 120.52
C LEU Y 113 28.19 -47.12 121.45
N PRO Y 114 26.94 -47.60 121.32
CA PRO Y 114 26.39 -48.55 122.28
C PRO Y 114 27.05 -49.92 122.18
N THR Y 115 28.30 -50.02 122.65
CA THR Y 115 29.08 -51.24 122.51
C THR Y 115 28.69 -52.32 123.53
N THR Y 116 27.98 -51.96 124.59
CA THR Y 116 27.64 -52.92 125.63
C THR Y 116 26.30 -53.62 125.40
N ILE Y 117 25.30 -52.89 124.89
CA ILE Y 117 23.93 -53.39 124.86
C ILE Y 117 23.83 -54.69 124.08
N GLN Y 118 22.80 -55.47 124.39
CA GLN Y 118 22.52 -56.71 123.66
C GLN Y 118 21.06 -56.71 123.22
N PRO Y 119 20.79 -56.65 121.92
CA PRO Y 119 19.40 -56.67 121.45
C PRO Y 119 18.78 -58.05 121.57
N VAL Y 120 17.54 -58.20 121.09
CA VAL Y 120 16.80 -59.43 121.27
C VAL Y 120 15.72 -59.52 120.20
N VAL Y 121 15.35 -60.76 119.86
CA VAL Y 121 14.22 -61.04 118.98
C VAL Y 121 13.07 -61.54 119.85
N GLU Y 122 11.84 -61.28 119.40
CA GLU Y 122 10.63 -61.81 120.04
C GLU Y 122 10.56 -61.42 121.51
N TYR Y 123 10.66 -60.11 121.77
CA TYR Y 123 10.67 -59.60 123.13
C TYR Y 123 9.32 -59.84 123.81
N THR Y 124 9.35 -60.49 124.97
CA THR Y 124 8.16 -60.86 125.72
C THR Y 124 8.00 -59.92 126.91
N GLY Y 125 6.95 -59.09 126.88
CA GLY Y 125 6.64 -58.20 127.99
C GLY Y 125 7.64 -57.09 128.23
N ALA Z 1 10.04 -66.70 121.68
CA ALA Z 1 11.15 -67.43 122.30
C ALA Z 1 12.09 -66.49 123.04
N GLN Z 2 12.14 -65.24 122.56
CA GLN Z 2 13.03 -64.20 123.09
C GLN Z 2 14.46 -64.72 123.29
N HIS Z 3 15.02 -65.25 122.20
CA HIS Z 3 16.44 -65.56 122.12
C HIS Z 3 17.16 -64.30 121.67
N ASN Z 4 17.98 -63.72 122.54
CA ASN Z 4 18.58 -62.43 122.25
C ASN Z 4 19.65 -62.52 121.15
N MET Z 5 19.81 -61.43 120.41
CA MET Z 5 20.63 -61.42 119.21
C MET Z 5 22.10 -61.55 119.56
N ARG Z 6 22.87 -62.02 118.58
CA ARG Z 6 24.30 -62.26 118.71
C ARG Z 6 25.04 -61.20 117.92
N LEU Z 7 26.08 -60.62 118.53
CA LEU Z 7 26.93 -59.68 117.81
C LEU Z 7 27.59 -60.38 116.62
N GLN Z 8 27.69 -59.67 115.51
CA GLN Z 8 28.35 -60.32 114.39
C GLN Z 8 29.46 -59.46 113.79
N LEU Z 9 29.28 -58.14 113.72
CA LEU Z 9 30.33 -57.31 113.11
C LEU Z 9 30.40 -55.92 113.74
N THR Z 10 31.63 -55.49 114.05
CA THR Z 10 31.90 -54.14 114.50
C THR Z 10 32.98 -53.55 113.61
N SER Z 11 32.69 -52.43 112.96
CA SER Z 11 33.68 -51.78 112.11
C SER Z 11 33.30 -50.32 111.90
N GLY Z 12 34.28 -49.44 112.03
CA GLY Z 12 34.05 -48.02 111.84
C GLY Z 12 33.14 -47.42 112.89
N THR Z 13 31.93 -47.03 112.48
CA THR Z 13 30.93 -46.47 113.38
C THR Z 13 29.70 -47.36 113.50
N SER Z 14 29.76 -48.60 113.01
CA SER Z 14 28.59 -49.46 112.92
C SER Z 14 28.72 -50.66 113.84
N LEU Z 15 27.57 -51.15 114.29
CA LEU Z 15 27.46 -52.39 115.03
C LEU Z 15 26.37 -53.22 114.36
N THR Z 16 26.62 -54.52 114.21
CA THR Z 16 25.71 -55.39 113.47
C THR Z 16 25.52 -56.69 114.23
N TRP Z 17 24.30 -56.88 114.75
CA TRP Z 17 23.84 -58.08 115.42
C TRP Z 17 22.93 -58.87 114.49
N VAL Z 18 22.77 -60.16 114.79
CA VAL Z 18 21.98 -61.06 113.96
C VAL Z 18 21.22 -62.03 114.85
N ASP Z 19 20.07 -62.47 114.37
CA ASP Z 19 19.31 -63.53 115.02
C ASP Z 19 20.01 -64.86 114.82
N PRO Z 20 20.42 -65.55 115.89
CA PRO Z 20 21.11 -66.84 115.72
C PRO Z 20 20.27 -67.92 115.07
N ASN Z 21 18.96 -67.73 114.93
CA ASN Z 21 18.16 -68.77 114.29
C ASN Z 21 18.10 -68.61 112.78
N ASP Z 22 17.71 -67.44 112.28
CA ASP Z 22 17.89 -67.16 110.86
C ASP Z 22 18.71 -65.88 110.69
N PHE Z 23 19.58 -65.92 109.68
CA PHE Z 23 20.48 -64.86 109.29
C PHE Z 23 19.77 -63.70 108.63
N ARG Z 24 18.44 -63.80 108.45
CA ARG Z 24 17.69 -62.82 107.68
C ARG Z 24 17.32 -61.59 108.50
N SER Z 25 17.20 -61.73 109.82
CA SER Z 25 16.81 -60.62 110.69
C SER Z 25 18.05 -60.13 111.41
N THR Z 26 18.46 -58.90 111.08
CA THR Z 26 19.66 -58.26 111.57
C THR Z 26 19.33 -56.91 112.17
N PHE Z 27 20.30 -56.36 112.90
CA PHE Z 27 20.11 -55.13 113.65
C PHE Z 27 21.40 -54.34 113.62
N ARG Z 28 21.37 -53.13 113.07
CA ARG Z 28 22.55 -52.30 112.91
C ARG Z 28 22.35 -50.97 113.61
N ILE Z 29 23.44 -50.44 114.17
CA ILE Z 29 23.44 -49.10 114.73
C ILE Z 29 24.66 -48.35 114.17
N ASN Z 30 24.41 -47.20 113.56
CA ASN Z 30 25.44 -46.30 113.07
C ASN Z 30 25.43 -45.03 113.90
N LEU Z 31 26.62 -44.50 114.21
CA LEU Z 31 26.77 -43.31 115.03
C LEU Z 31 27.78 -42.39 114.39
N ASN Z 32 27.37 -41.17 114.06
CA ASN Z 32 28.25 -40.20 113.42
C ASN Z 32 28.24 -38.92 114.26
N VAL Z 33 29.33 -38.69 114.99
CA VAL Z 33 29.46 -37.49 115.83
C VAL Z 33 30.41 -36.54 115.13
N ASN Z 34 30.03 -35.27 115.06
CA ASN Z 34 30.84 -34.23 114.44
C ASN Z 34 30.29 -32.87 114.82
N GLN Z 35 31.09 -31.82 114.61
CA GLN Z 35 30.71 -30.49 115.07
C GLN Z 35 29.69 -29.84 114.13
N LYS Z 36 28.66 -29.26 114.71
CA LYS Z 36 27.59 -28.54 114.06
C LYS Z 36 27.73 -27.08 114.42
N VAL Z 37 27.33 -26.20 113.51
CA VAL Z 37 27.40 -24.76 113.72
C VAL Z 37 25.96 -24.24 113.86
N ALA Z 38 25.62 -23.72 115.03
CA ALA Z 38 24.28 -23.23 115.30
C ALA Z 38 24.40 -21.82 115.88
N GLY Z 39 24.17 -20.81 115.04
CA GLY Z 39 24.38 -19.45 115.47
C GLY Z 39 25.87 -19.14 115.55
N ALA Z 40 26.28 -18.49 116.63
CA ALA Z 40 27.68 -18.14 116.83
C ALA Z 40 28.48 -19.27 117.45
N VAL Z 41 27.82 -20.27 118.01
CA VAL Z 41 28.50 -21.35 118.71
C VAL Z 41 28.49 -22.61 117.84
N SER Z 42 29.37 -23.54 118.20
CA SER Z 42 29.41 -24.87 117.61
C SER Z 42 29.23 -25.91 118.71
N VAL Z 43 28.46 -26.95 118.40
CA VAL Z 43 28.13 -28.01 119.36
C VAL Z 43 28.30 -29.35 118.68
N TYR Z 44 28.61 -30.38 119.46
CA TYR Z 44 28.81 -31.72 118.91
C TYR Z 44 27.45 -32.35 118.62
N ASN Z 45 27.15 -32.54 117.35
CA ASN Z 45 25.93 -33.19 116.90
C ASN Z 45 26.21 -34.67 116.67
N ALA Z 46 25.30 -35.50 117.18
CA ALA Z 46 25.31 -36.94 116.98
C ALA Z 46 24.17 -37.33 116.06
N ARG Z 47 24.50 -38.12 115.05
CA ARG Z 47 23.54 -38.72 114.13
C ARG Z 47 23.53 -40.22 114.41
N SER Z 48 22.53 -40.68 115.16
CA SER Z 48 22.30 -42.10 115.36
C SER Z 48 21.35 -42.59 114.30
N GLU Z 49 21.59 -43.80 113.79
CA GLU Z 49 20.56 -44.47 112.99
C GLU Z 49 20.56 -45.95 113.30
N VAL Z 50 19.37 -46.44 113.63
CA VAL Z 50 19.14 -47.81 114.09
C VAL Z 50 18.26 -48.50 113.06
N ILE Z 51 18.81 -49.53 112.42
CA ILE Z 51 18.19 -50.18 111.27
C ILE Z 51 17.98 -51.65 111.60
N THR Z 52 16.72 -52.07 111.73
CA THR Z 52 16.39 -53.48 111.88
C THR Z 52 15.82 -53.99 110.55
N ASN Z 53 16.39 -55.08 110.06
CA ASN Z 53 16.08 -55.65 108.76
C ASN Z 53 15.62 -57.09 108.93
N ARG Z 54 14.56 -57.48 108.23
CA ARG Z 54 14.11 -58.86 108.27
C ARG Z 54 13.70 -59.27 106.86
N ALA Z 55 13.57 -60.58 106.68
CA ALA Z 55 13.10 -61.16 105.41
C ALA Z 55 12.14 -62.30 105.72
N PRO Z 56 11.02 -61.99 106.38
CA PRO Z 56 10.16 -63.04 106.90
C PRO Z 56 9.36 -63.71 105.79
N LEU Z 57 8.73 -64.82 106.14
CA LEU Z 57 7.74 -65.42 105.26
C LEU Z 57 6.46 -64.62 105.32
N VAL Z 58 5.78 -64.48 104.19
CA VAL Z 58 4.49 -63.78 104.20
C VAL Z 58 3.43 -64.75 104.73
N VAL Z 59 2.80 -64.37 105.82
CA VAL Z 59 1.82 -65.20 106.52
C VAL Z 59 0.46 -64.54 106.36
N ILE Z 60 -0.37 -65.13 105.51
CA ILE Z 60 -1.73 -64.64 105.30
C ILE Z 60 -2.56 -65.06 106.50
N GLU Z 61 -3.46 -64.18 106.95
CA GLU Z 61 -4.25 -64.50 108.14
C GLU Z 61 -5.07 -65.76 107.92
N GLY Z 62 -5.97 -65.75 106.93
CA GLY Z 62 -6.82 -66.90 106.70
C GLY Z 62 -6.05 -68.18 106.44
N CYS Z 63 -4.88 -68.07 105.83
CA CYS Z 63 -4.16 -69.25 105.36
C CYS Z 63 -3.23 -69.81 106.43
N THR Z 64 -2.93 -71.09 106.28
CA THR Z 64 -1.95 -71.76 107.13
C THR Z 64 -1.30 -72.86 106.29
N ASP Z 65 0.01 -72.73 106.06
CA ASP Z 65 0.73 -73.60 105.13
C ASP Z 65 2.22 -73.56 105.48
N ALA Z 66 2.80 -74.71 105.77
CA ALA Z 66 4.22 -74.79 106.05
C ALA Z 66 5.06 -75.02 104.80
N CYS Z 67 4.44 -75.07 103.62
CA CYS Z 67 5.14 -75.39 102.38
C CYS Z 67 5.41 -74.18 101.50
N SER Z 68 4.93 -73.00 101.88
CA SER Z 68 5.21 -71.79 101.12
C SER Z 68 6.52 -71.18 101.59
N VAL Z 69 7.40 -70.88 100.64
CA VAL Z 69 8.61 -70.10 100.92
C VAL Z 69 8.46 -68.67 100.36
N ASN Z 70 7.22 -68.20 100.24
CA ASN Z 70 6.94 -66.84 99.82
C ASN Z 70 7.54 -65.87 100.83
N ARG Z 71 8.56 -65.11 100.44
CA ARG Z 71 9.27 -64.21 101.33
C ARG Z 71 9.30 -62.80 100.77
N GLU Z 72 9.13 -61.82 101.66
CA GLU Z 72 9.37 -60.42 101.35
C GLU Z 72 10.39 -59.86 102.34
N ASN Z 73 10.99 -58.74 101.96
CA ASN Z 73 11.86 -57.99 102.84
C ASN Z 73 11.06 -56.94 103.59
N ILE Z 74 11.41 -56.73 104.86
CA ILE Z 74 10.81 -55.67 105.66
C ILE Z 74 11.93 -54.96 106.43
N SER Z 75 11.73 -53.67 106.67
CA SER Z 75 12.76 -52.89 107.34
C SER Z 75 12.14 -51.76 108.15
N ILE Z 76 12.72 -51.53 109.34
CA ILE Z 76 12.33 -50.43 110.20
C ILE Z 76 13.60 -49.69 110.60
N ARG Z 77 13.67 -48.41 110.23
CA ARG Z 77 14.82 -47.56 110.50
C ARG Z 77 14.40 -46.37 111.35
N THR Z 78 15.29 -45.96 112.25
CA THR Z 78 15.03 -44.80 113.11
C THR Z 78 16.29 -43.95 113.18
N THR Z 79 16.19 -42.71 112.72
CA THR Z 79 17.30 -41.78 112.69
C THR Z 79 17.06 -40.67 113.71
N ILE Z 80 18.13 -40.29 114.41
CA ILE Z 80 18.08 -39.31 115.49
C ILE Z 80 19.29 -38.39 115.36
N SER Z 81 19.08 -37.18 114.86
CA SER Z 81 20.17 -36.22 114.66
C SER Z 81 19.94 -35.03 115.58
N GLY Z 82 20.90 -34.80 116.47
CA GLY Z 82 20.79 -33.73 117.46
C GLY Z 82 22.07 -33.63 118.28
N SER Z 83 22.28 -32.45 118.83
CA SER Z 83 23.52 -32.22 119.58
C SER Z 83 23.50 -33.00 120.89
N VAL Z 84 24.70 -33.23 121.42
CA VAL Z 84 24.82 -33.84 122.73
C VAL Z 84 24.45 -32.84 123.82
N GLU Z 85 24.62 -31.55 123.55
CA GLU Z 85 24.34 -30.54 124.55
C GLU Z 85 22.84 -30.45 124.85
N ASN Z 86 22.01 -30.44 123.81
CA ASN Z 86 20.56 -30.44 123.99
C ASN Z 86 19.97 -31.84 124.07
N LYS Z 87 20.76 -32.85 124.48
CA LYS Z 87 20.24 -34.19 124.53
C LYS Z 87 19.02 -34.30 125.44
N ALA Z 88 18.81 -33.33 126.32
CA ALA Z 88 17.56 -33.26 127.08
C ALA Z 88 16.37 -33.08 126.15
N ALA Z 89 16.41 -32.04 125.31
CA ALA Z 89 15.33 -31.82 124.35
C ALA Z 89 15.27 -32.91 123.29
N VAL Z 90 16.43 -33.51 122.97
CA VAL Z 90 16.44 -34.65 122.05
C VAL Z 90 15.65 -35.81 122.64
N LEU Z 91 15.87 -36.12 123.92
CA LEU Z 91 15.16 -37.24 124.55
C LEU Z 91 13.68 -36.92 124.76
N ALA Z 92 13.35 -35.66 125.09
CA ALA Z 92 11.95 -35.27 125.19
C ALA Z 92 11.25 -35.44 123.84
N ALA Z 93 11.91 -34.99 122.76
CA ALA Z 93 11.40 -35.19 121.42
C ALA Z 93 11.30 -36.67 121.07
N LEU Z 94 12.22 -37.48 121.58
CA LEU Z 94 12.15 -38.92 121.33
C LEU Z 94 10.93 -39.55 122.00
N LEU Z 95 10.67 -39.17 123.25
CA LEU Z 95 9.49 -39.68 123.94
C LEU Z 95 8.21 -39.29 123.20
N ASP Z 96 8.10 -38.01 122.82
CA ASP Z 96 6.92 -37.56 122.10
C ASP Z 96 6.79 -38.28 120.75
N HIS Z 97 7.91 -38.48 120.06
CA HIS Z 97 7.93 -39.20 118.79
C HIS Z 97 7.46 -40.64 118.96
N LEU Z 98 7.98 -41.33 119.97
CA LEU Z 98 7.60 -42.72 120.20
C LEU Z 98 6.13 -42.85 120.55
N HIS Z 99 5.61 -41.96 121.40
CA HIS Z 99 4.20 -42.01 121.77
C HIS Z 99 3.30 -41.74 120.56
N ASN Z 100 3.65 -40.75 119.74
CA ASN Z 100 2.81 -40.46 118.58
C ASN Z 100 2.90 -41.59 117.55
N LEU Z 101 4.10 -42.16 117.36
CA LEU Z 101 4.24 -43.34 116.53
C LEU Z 101 3.34 -44.46 116.99
N GLY Z 102 3.30 -44.70 118.30
CA GLY Z 102 2.39 -45.71 118.83
C GLY Z 102 0.94 -45.39 118.56
N LEU Z 103 0.58 -44.11 118.68
CA LEU Z 103 -0.79 -43.70 118.33
C LEU Z 103 -1.12 -44.04 116.87
N ALA Z 104 -0.12 -44.00 116.00
CA ALA Z 104 -0.40 -44.17 114.57
C ALA Z 104 -0.17 -45.59 114.05
N ARG Z 105 0.55 -46.45 114.77
CA ARG Z 105 1.11 -47.66 114.14
C ARG Z 105 0.01 -48.61 113.66
N ASP Z 106 -1.09 -48.70 114.39
CA ASP Z 106 -2.13 -49.64 113.99
C ASP Z 106 -2.74 -49.25 112.66
N ASP Z 107 -2.83 -47.95 112.38
CA ASP Z 107 -3.24 -47.49 111.05
C ASP Z 107 -2.12 -47.67 110.02
N LEU Z 108 -0.89 -47.34 110.40
CA LEU Z 108 0.19 -47.30 109.41
C LEU Z 108 0.55 -48.68 108.88
N VAL Z 109 0.60 -49.69 109.75
CA VAL Z 109 0.96 -51.02 109.27
C VAL Z 109 -0.17 -51.64 108.47
N ALA Z 110 -1.39 -51.11 108.59
CA ALA Z 110 -2.54 -51.59 107.83
C ALA Z 110 -2.75 -50.81 106.53
N GLY Z 111 -1.84 -49.92 106.18
CA GLY Z 111 -1.97 -49.13 104.97
C GLY Z 111 -2.90 -47.95 105.06
N LEU Z 112 -3.41 -47.64 106.24
CA LEU Z 112 -4.34 -46.54 106.44
C LEU Z 112 -3.59 -45.32 106.96
N LEU Z 113 -3.83 -44.17 106.33
CA LEU Z 113 -3.23 -42.93 106.83
C LEU Z 113 -3.96 -42.51 108.10
N PRO Z 114 -3.26 -42.30 109.21
CA PRO Z 114 -3.93 -42.07 110.49
C PRO Z 114 -4.63 -40.73 110.55
N THR Z 115 -5.84 -40.66 109.95
CA THR Z 115 -6.59 -39.42 109.91
C THR Z 115 -7.09 -39.01 111.30
N THR Z 116 -7.30 -39.98 112.18
CA THR Z 116 -8.05 -39.78 113.41
C THR Z 116 -7.18 -39.66 114.66
N ILE Z 117 -5.86 -39.65 114.52
CA ILE Z 117 -4.99 -39.64 115.69
C ILE Z 117 -4.78 -38.20 116.16
N GLN Z 118 -4.36 -38.07 117.41
CA GLN Z 118 -4.13 -36.78 118.06
C GLN Z 118 -2.72 -36.72 118.61
N PRO Z 119 -1.77 -36.21 117.83
CA PRO Z 119 -0.39 -36.11 118.32
C PRO Z 119 -0.27 -35.04 119.41
N VAL Z 120 0.65 -35.30 120.35
CA VAL Z 120 0.82 -34.45 121.52
C VAL Z 120 2.27 -34.00 121.62
N VAL Z 121 2.50 -33.04 122.51
CA VAL Z 121 3.84 -32.59 122.91
C VAL Z 121 3.94 -32.77 124.41
N GLU Z 122 5.13 -33.18 124.89
CA GLU Z 122 5.40 -33.34 126.31
C GLU Z 122 4.46 -34.37 126.94
N TYR Z 123 4.56 -35.61 126.45
CA TYR Z 123 3.69 -36.68 126.95
C TYR Z 123 3.97 -36.99 128.42
N THR Z 124 2.90 -37.19 129.17
CA THR Z 124 2.97 -37.49 130.60
C THR Z 124 1.95 -38.56 131.00
N ALA AA 1 -33.77 -15.78 107.98
CA ALA AA 1 -33.78 -17.24 107.96
C ALA AA 1 -32.62 -17.80 108.77
N GLN AA 2 -31.48 -17.10 108.72
CA GLN AA 2 -30.24 -17.49 109.38
C GLN AA 2 -29.85 -18.94 109.04
N HIS AA 3 -30.09 -19.34 107.80
CA HIS AA 3 -29.49 -20.56 107.30
C HIS AA 3 -27.99 -20.34 107.15
N ASN AA 4 -27.20 -21.23 107.73
CA ASN AA 4 -25.75 -21.04 107.77
C ASN AA 4 -25.09 -21.62 106.53
N MET AA 5 -23.94 -21.03 106.17
CA MET AA 5 -23.26 -21.36 104.92
C MET AA 5 -22.74 -22.78 104.94
N ARG AA 6 -22.54 -23.35 103.75
CA ARG AA 6 -22.05 -24.71 103.62
C ARG AA 6 -20.79 -24.75 102.76
N LEU AA 7 -19.97 -25.76 102.99
CA LEU AA 7 -18.58 -25.73 102.53
C LEU AA 7 -18.46 -26.10 101.05
N GLN AA 8 -17.61 -25.34 100.34
CA GLN AA 8 -17.42 -25.53 98.90
C GLN AA 8 -15.99 -25.88 98.51
N LEU AA 9 -14.99 -25.15 99.02
CA LEU AA 9 -13.59 -25.33 98.61
C LEU AA 9 -12.66 -25.35 99.80
N THR AA 10 -11.82 -26.38 99.88
CA THR AA 10 -10.80 -26.50 100.92
C THR AA 10 -9.43 -26.63 100.27
N SER AA 11 -8.46 -25.87 100.78
CA SER AA 11 -7.15 -25.84 100.15
C SER AA 11 -5.99 -25.98 101.13
N GLY AA 12 -6.25 -26.13 102.43
CA GLY AA 12 -5.19 -26.17 103.41
C GLY AA 12 -4.61 -24.79 103.66
N THR AA 13 -4.88 -23.88 102.71
CA THR AA 13 -4.58 -22.46 102.84
C THR AA 13 -5.79 -21.58 102.62
N SER AA 14 -6.82 -22.07 101.92
CA SER AA 14 -8.03 -21.32 101.64
C SER AA 14 -9.25 -22.14 101.99
N LEU AA 15 -10.26 -21.48 102.54
CA LEU AA 15 -11.55 -22.09 102.78
C LEU AA 15 -12.61 -21.22 102.14
N THR AA 16 -13.57 -21.85 101.46
CA THR AA 16 -14.58 -21.14 100.70
C THR AA 16 -15.93 -21.80 100.97
N TRP AA 17 -16.80 -21.08 101.67
CA TRP AA 17 -18.16 -21.50 101.93
C TRP AA 17 -19.11 -20.68 101.05
N VAL AA 18 -20.29 -21.25 100.80
CA VAL AA 18 -21.28 -20.61 99.94
C VAL AA 18 -22.64 -20.70 100.61
N ASP AA 19 -23.49 -19.72 100.32
CA ASP AA 19 -24.89 -19.76 100.71
C ASP AA 19 -25.61 -20.83 99.90
N PRO AA 20 -26.18 -21.86 100.53
CA PRO AA 20 -26.84 -22.92 99.76
C PRO AA 20 -28.01 -22.43 98.92
N ASN AA 21 -28.61 -21.28 99.24
CA ASN AA 21 -29.68 -20.75 98.41
C ASN AA 21 -29.12 -19.92 97.26
N ASP AA 22 -28.27 -18.95 97.57
CA ASP AA 22 -27.73 -18.01 96.59
C ASP AA 22 -26.24 -18.28 96.43
N PHE AA 23 -25.86 -18.80 95.25
CA PHE AA 23 -24.46 -19.07 94.96
C PHE AA 23 -23.65 -17.79 94.73
N ARG AA 24 -24.30 -16.63 94.67
CA ARG AA 24 -23.61 -15.37 94.47
C ARG AA 24 -22.89 -14.89 95.72
N SER AA 25 -23.34 -15.32 96.90
CA SER AA 25 -22.78 -14.87 98.18
C SER AA 25 -21.86 -15.96 98.72
N THR AA 26 -20.56 -15.66 98.76
CA THR AA 26 -19.53 -16.59 99.20
C THR AA 26 -18.72 -15.97 100.31
N PHE AA 27 -17.94 -16.81 100.99
CA PHE AA 27 -17.14 -16.40 102.14
C PHE AA 27 -15.86 -17.22 102.13
N ARG AA 28 -14.73 -16.55 101.92
CA ARG AA 28 -13.42 -17.20 101.90
C ARG AA 28 -12.57 -16.70 103.05
N ILE AA 29 -11.76 -17.59 103.60
CA ILE AA 29 -10.71 -17.26 104.56
C ILE AA 29 -9.40 -17.80 104.01
N ASN AA 30 -8.41 -16.91 103.87
CA ASN AA 30 -7.08 -17.26 103.41
C ASN AA 30 -6.10 -16.98 104.53
N LEU AA 31 -5.12 -17.86 104.71
CA LEU AA 31 -4.13 -17.74 105.76
C LEU AA 31 -2.76 -18.03 105.19
N ASN AA 32 -1.78 -17.20 105.52
CA ASN AA 32 -0.41 -17.40 105.05
C ASN AA 32 0.55 -17.10 106.18
N VAL AA 33 1.29 -18.11 106.60
CA VAL AA 33 2.28 -17.99 107.67
C VAL AA 33 3.67 -18.08 107.05
N ASN AA 34 4.56 -17.20 107.49
CA ASN AA 34 5.95 -17.21 107.04
C ASN AA 34 6.78 -16.36 107.99
N GLN AA 35 8.10 -16.58 107.99
CA GLN AA 35 8.93 -15.87 108.94
C GLN AA 35 9.14 -14.42 108.51
N LYS AA 36 9.50 -13.61 109.49
CA LYS AA 36 9.68 -12.17 109.33
C LYS AA 36 10.77 -11.73 110.28
N VAL AA 37 11.54 -10.73 109.87
CA VAL AA 37 12.66 -10.23 110.65
C VAL AA 37 12.25 -8.90 111.25
N ALA AA 38 11.97 -8.88 112.54
CA ALA AA 38 11.72 -7.67 113.30
C ALA AA 38 12.99 -7.35 114.07
N GLY AA 39 13.67 -6.28 113.65
CA GLY AA 39 14.95 -5.96 114.24
C GLY AA 39 15.95 -7.08 114.06
N ALA AA 40 16.37 -7.69 115.16
CA ALA AA 40 17.30 -8.80 115.13
C ALA AA 40 16.65 -10.13 115.51
N VAL AA 41 15.32 -10.20 115.48
CA VAL AA 41 14.59 -11.39 115.91
C VAL AA 41 13.64 -11.82 114.82
N SER AA 42 13.66 -13.11 114.47
CA SER AA 42 12.73 -13.66 113.51
C SER AA 42 11.50 -14.19 114.24
N VAL AA 43 10.32 -13.82 113.74
CA VAL AA 43 9.05 -14.26 114.29
C VAL AA 43 8.17 -14.72 113.15
N TYR AA 44 7.23 -15.61 113.47
CA TYR AA 44 6.30 -16.15 112.49
C TYR AA 44 5.13 -15.18 112.30
N ASN AA 45 5.12 -14.47 111.18
CA ASN AA 45 4.03 -13.59 110.82
C ASN AA 45 2.95 -14.38 110.09
N ALA AA 46 1.71 -14.20 110.52
CA ALA AA 46 0.53 -14.73 109.85
C ALA AA 46 -0.24 -13.57 109.26
N ARG AA 47 -0.57 -13.68 107.98
CA ARG AA 47 -1.48 -12.76 107.30
C ARG AA 47 -2.74 -13.53 106.97
N SER AA 48 -3.84 -13.15 107.61
CA SER AA 48 -5.15 -13.75 107.38
C SER AA 48 -6.02 -12.72 106.67
N GLU AA 49 -6.63 -13.11 105.55
CA GLU AA 49 -7.65 -12.27 104.93
C GLU AA 49 -8.98 -13.01 104.86
N VAL AA 50 -10.05 -12.27 105.12
CA VAL AA 50 -11.41 -12.79 105.20
C VAL AA 50 -12.25 -12.00 104.21
N ILE AA 51 -12.71 -12.66 103.15
CA ILE AA 51 -13.36 -12.02 102.02
C ILE AA 51 -14.78 -12.55 101.91
N THR AA 52 -15.77 -11.69 102.10
CA THR AA 52 -17.16 -12.04 101.83
C THR AA 52 -17.62 -11.29 100.59
N ASN AA 53 -18.17 -12.03 99.62
CA ASN AA 53 -18.55 -11.51 98.31
C ASN AA 53 -20.02 -11.76 98.09
N ARG AA 54 -20.72 -10.77 97.52
CA ARG AA 54 -22.14 -10.93 97.22
C ARG AA 54 -22.46 -10.21 95.93
N ALA AA 55 -23.65 -10.51 95.41
CA ALA AA 55 -24.13 -9.94 94.14
C ALA AA 55 -25.59 -9.54 94.29
N PRO AA 56 -25.84 -8.38 94.91
CA PRO AA 56 -27.21 -7.91 95.04
C PRO AA 56 -27.77 -7.42 93.71
N LEU AA 57 -29.09 -7.38 93.63
CA LEU AA 57 -29.77 -6.83 92.47
C LEU AA 57 -30.07 -5.35 92.70
N VAL AA 58 -29.94 -4.57 91.63
CA VAL AA 58 -30.30 -3.15 91.68
C VAL AA 58 -31.81 -3.05 91.55
N VAL AA 59 -32.48 -2.69 92.65
CA VAL AA 59 -33.93 -2.61 92.70
C VAL AA 59 -34.38 -1.23 92.25
N ILE AA 60 -35.02 -1.17 91.08
CA ILE AA 60 -35.70 0.04 90.62
C ILE AA 60 -37.20 -0.19 90.66
N GLU AA 61 -37.90 0.67 91.40
CA GLU AA 61 -39.35 0.64 91.42
C GLU AA 61 -39.90 0.96 90.04
N GLY AA 62 -40.97 0.25 89.65
CA GLY AA 62 -41.55 0.42 88.34
C GLY AA 62 -40.88 -0.39 87.26
N CYS AA 63 -39.75 -1.04 87.56
CA CYS AA 63 -39.02 -1.86 86.61
C CYS AA 63 -39.02 -3.30 87.11
N THR AA 64 -39.91 -4.11 86.54
CA THR AA 64 -39.85 -5.55 86.79
C THR AA 64 -38.62 -6.11 86.10
N ASP AA 65 -37.59 -6.41 86.89
CA ASP AA 65 -36.31 -6.87 86.36
C ASP AA 65 -36.38 -8.36 86.06
N ALA AA 66 -37.22 -8.68 85.07
CA ALA AA 66 -37.21 -10.01 84.49
C ALA AA 66 -35.80 -10.32 84.00
N CYS AA 67 -35.36 -11.54 84.25
CA CYS AA 67 -34.06 -12.11 83.94
C CYS AA 67 -33.00 -11.65 84.95
N SER AA 68 -33.33 -10.75 85.87
CA SER AA 68 -32.42 -10.26 86.90
C SER AA 68 -31.08 -9.81 86.30
N VAL AA 69 -31.18 -8.90 85.34
CA VAL AA 69 -30.00 -8.45 84.61
C VAL AA 69 -29.29 -7.31 85.36
N ASN AA 70 -30.05 -6.42 85.99
CA ASN AA 70 -29.46 -5.32 86.76
C ASN AA 70 -28.93 -5.88 88.07
N ARG AA 71 -27.64 -6.21 88.10
CA ARG AA 71 -27.04 -6.85 89.26
C ARG AA 71 -25.68 -6.23 89.55
N GLU AA 72 -25.38 -6.12 90.84
CA GLU AA 72 -24.20 -5.42 91.35
C GLU AA 72 -23.33 -6.38 92.15
N ASN AA 73 -22.02 -6.17 92.10
CA ASN AA 73 -21.08 -6.89 92.97
C ASN AA 73 -20.74 -6.02 94.17
N ILE AA 74 -20.82 -6.61 95.37
CA ILE AA 74 -20.40 -5.96 96.59
C ILE AA 74 -19.44 -6.89 97.33
N SER AA 75 -18.50 -6.30 98.07
CA SER AA 75 -17.49 -7.10 98.75
C SER AA 75 -17.01 -6.43 100.02
N ILE AA 76 -16.82 -7.26 101.05
CA ILE AA 76 -16.26 -6.81 102.33
C ILE AA 76 -15.08 -7.71 102.66
N ARG AA 77 -13.91 -7.11 102.81
CA ARG AA 77 -12.66 -7.83 102.97
C ARG AA 77 -11.94 -7.31 104.22
N THR AA 78 -11.21 -8.20 104.90
CA THR AA 78 -10.51 -7.84 106.12
C THR AA 78 -9.18 -8.56 106.19
N THR AA 79 -8.10 -7.80 106.24
CA THR AA 79 -6.74 -8.34 106.29
C THR AA 79 -6.13 -8.07 107.67
N ILE AA 80 -5.45 -9.08 108.22
CA ILE AA 80 -4.91 -9.04 109.57
C ILE AA 80 -3.53 -9.67 109.46
N SER AA 81 -2.48 -8.84 109.47
CA SER AA 81 -1.10 -9.31 109.33
C SER AA 81 -0.32 -8.97 110.59
N GLY AA 82 0.17 -9.99 111.28
CA GLY AA 82 0.90 -9.79 112.51
C GLY AA 82 1.54 -11.07 112.99
N SER AA 83 2.46 -10.92 113.95
CA SER AA 83 3.13 -12.08 114.51
C SER AA 83 2.15 -12.93 115.31
N VAL AA 84 2.34 -14.25 115.23
CA VAL AA 84 1.68 -15.14 116.16
C VAL AA 84 2.16 -14.86 117.57
N GLU AA 85 3.43 -14.43 117.72
CA GLU AA 85 3.98 -14.15 119.04
C GLU AA 85 3.30 -12.93 119.68
N ASN AA 86 3.11 -11.85 118.92
CA ASN AA 86 2.41 -10.68 119.43
C ASN AA 86 0.91 -10.74 119.19
N LYS AA 87 0.34 -11.94 119.11
CA LYS AA 87 -1.09 -12.06 118.87
C LYS AA 87 -1.91 -11.33 119.92
N ALA AA 88 -1.34 -11.06 121.10
CA ALA AA 88 -2.04 -10.25 122.09
C ALA AA 88 -2.29 -8.84 121.58
N ALA AA 89 -1.24 -8.16 121.12
CA ALA AA 89 -1.42 -6.83 120.55
C ALA AA 89 -2.19 -6.87 119.25
N VAL AA 90 -2.09 -7.97 118.50
CA VAL AA 90 -2.91 -8.14 117.30
C VAL AA 90 -4.39 -8.12 117.67
N LEU AA 91 -4.78 -8.86 118.72
CA LEU AA 91 -6.17 -8.93 119.13
C LEU AA 91 -6.66 -7.62 119.74
N ALA AA 92 -5.79 -6.93 120.49
CA ALA AA 92 -6.13 -5.60 120.98
C ALA AA 92 -6.42 -4.66 119.81
N ALA AA 93 -5.54 -4.71 118.79
CA ALA AA 93 -5.76 -3.92 117.59
C ALA AA 93 -7.03 -4.31 116.88
N LEU AA 94 -7.39 -5.60 116.88
CA LEU AA 94 -8.61 -6.03 116.22
C LEU AA 94 -9.83 -5.49 116.94
N LEU AA 95 -9.84 -5.55 118.27
CA LEU AA 95 -10.96 -4.99 119.03
C LEU AA 95 -11.12 -3.51 118.75
N ASP AA 96 -10.02 -2.75 118.84
CA ASP AA 96 -10.10 -1.31 118.60
C ASP AA 96 -10.53 -1.03 117.16
N HIS AA 97 -10.06 -1.84 116.22
CA HIS AA 97 -10.43 -1.69 114.82
C HIS AA 97 -11.92 -1.93 114.62
N LEU AA 98 -12.45 -3.01 115.20
CA LEU AA 98 -13.87 -3.32 115.05
C LEU AA 98 -14.73 -2.22 115.64
N HIS AA 99 -14.34 -1.71 116.82
CA HIS AA 99 -15.14 -0.66 117.46
C HIS AA 99 -15.12 0.62 116.64
N ASN AA 100 -13.97 1.00 116.11
CA ASN AA 100 -13.91 2.23 115.31
C ASN AA 100 -14.64 2.05 113.98
N LEU AA 101 -14.53 0.87 113.38
CA LEU AA 101 -15.33 0.55 112.21
C LEU AA 101 -16.81 0.73 112.52
N GLY AA 102 -17.25 0.22 113.66
CA GLY AA 102 -18.65 0.41 114.06
C GLY AA 102 -19.02 1.86 114.25
N LEU AA 103 -18.07 2.68 114.70
CA LEU AA 103 -18.33 4.11 114.79
C LEU AA 103 -18.59 4.70 113.40
N ALA AA 104 -17.83 4.27 112.40
CA ALA AA 104 -17.96 4.86 111.07
C ALA AA 104 -18.96 4.15 110.16
N ARG AA 105 -19.51 3.00 110.60
CA ARG AA 105 -20.14 2.08 109.66
C ARG AA 105 -21.38 2.68 108.99
N ASP AA 106 -22.09 3.56 109.69
CA ASP AA 106 -23.30 4.10 109.11
C ASP AA 106 -22.98 5.18 108.08
N ASP AA 107 -22.00 6.03 108.39
CA ASP AA 107 -21.59 7.07 107.45
C ASP AA 107 -20.97 6.46 106.19
N LEU AA 108 -20.03 5.53 106.38
CA LEU AA 108 -19.26 5.02 105.26
C LEU AA 108 -20.13 4.33 104.23
N VAL AA 109 -21.13 3.57 104.68
CA VAL AA 109 -21.94 2.80 103.73
C VAL AA 109 -22.89 3.72 102.97
N ALA AA 110 -23.18 4.91 103.50
CA ALA AA 110 -24.01 5.89 102.82
C ALA AA 110 -23.20 6.82 101.91
N GLY AA 111 -21.90 6.54 101.74
CA GLY AA 111 -21.07 7.34 100.85
C GLY AA 111 -20.58 8.65 101.43
N LEU AA 112 -20.54 8.78 102.75
CA LEU AA 112 -20.25 10.04 103.40
C LEU AA 112 -19.04 9.88 104.30
N LEU AA 113 -18.09 10.81 104.19
CA LEU AA 113 -16.88 10.75 105.00
C LEU AA 113 -17.24 10.96 106.47
N PRO AA 114 -16.88 10.04 107.37
CA PRO AA 114 -17.25 10.18 108.80
C PRO AA 114 -16.41 11.24 109.51
N THR AA 115 -16.63 12.50 109.13
CA THR AA 115 -15.89 13.60 109.71
C THR AA 115 -16.18 13.80 111.20
N THR AA 116 -17.34 13.31 111.66
CA THR AA 116 -17.78 13.59 113.02
C THR AA 116 -17.24 12.60 114.05
N ILE AA 117 -17.01 11.34 113.67
CA ILE AA 117 -16.67 10.32 114.66
C ILE AA 117 -15.32 10.63 115.31
N GLN AA 118 -15.08 10.00 116.45
CA GLN AA 118 -13.81 10.09 117.16
C GLN AA 118 -13.36 8.70 117.58
N PRO AA 119 -12.35 8.13 116.96
CA PRO AA 119 -11.92 6.77 117.29
C PRO AA 119 -11.23 6.72 118.65
N VAL AA 120 -10.96 5.49 119.10
CA VAL AA 120 -10.50 5.22 120.45
C VAL AA 120 -9.40 4.17 120.41
N VAL AA 121 -8.49 4.22 121.38
CA VAL AA 121 -7.55 3.14 121.66
C VAL AA 121 -8.01 2.46 122.95
N GLU AA 122 -7.86 1.14 123.02
CA GLU AA 122 -8.11 0.36 124.24
C GLU AA 122 -9.58 0.44 124.67
N TYR AA 123 -10.50 0.15 123.75
CA TYR AA 123 -11.91 0.15 124.10
C TYR AA 123 -12.18 -0.84 125.22
N THR AA 124 -13.06 -0.44 126.14
CA THR AA 124 -13.42 -1.25 127.29
C THR AA 124 -14.93 -1.22 127.53
N ALA BA 1 -31.30 -22.38 -96.51
CA ALA BA 1 -32.22 -21.29 -96.23
C ALA BA 1 -31.91 -20.07 -97.09
N GLN BA 2 -30.65 -19.92 -97.51
CA GLN BA 2 -30.23 -18.85 -98.41
C GLN BA 2 -30.55 -17.47 -97.81
N HIS BA 3 -30.36 -17.35 -96.50
CA HIS BA 3 -30.52 -16.06 -95.83
C HIS BA 3 -29.17 -15.36 -95.79
N ASN BA 4 -29.14 -14.12 -96.25
CA ASN BA 4 -27.90 -13.36 -96.33
C ASN BA 4 -27.50 -12.80 -94.98
N MET BA 5 -26.19 -12.66 -94.79
CA MET BA 5 -25.62 -12.24 -93.51
C MET BA 5 -25.92 -10.78 -93.22
N ARG BA 6 -25.95 -10.42 -91.94
CA ARG BA 6 -26.16 -9.04 -91.55
C ARG BA 6 -24.91 -8.48 -90.89
N LEU BA 7 -24.64 -7.20 -91.14
CA LEU BA 7 -23.36 -6.60 -90.79
C LEU BA 7 -23.28 -6.28 -89.30
N GLN BA 8 -22.10 -6.47 -88.73
CA GLN BA 8 -21.89 -6.27 -87.29
C GLN BA 8 -20.79 -5.28 -86.97
N LEU BA 9 -19.67 -5.26 -87.69
CA LEU BA 9 -18.55 -4.40 -87.34
C LEU BA 9 -17.93 -3.73 -88.56
N THR BA 10 -17.83 -2.40 -88.53
CA THR BA 10 -17.18 -1.62 -89.58
C THR BA 10 -16.01 -0.84 -88.99
N SER BA 11 -14.87 -0.87 -89.67
CA SER BA 11 -13.68 -0.20 -89.15
C SER BA 11 -12.88 0.57 -90.18
N GLY BA 12 -13.31 0.63 -91.44
CA GLY BA 12 -12.54 1.29 -92.47
C GLY BA 12 -11.34 0.48 -92.91
N THR BA 13 -10.98 -0.52 -92.12
CA THR BA 13 -9.99 -1.52 -92.49
C THR BA 13 -10.50 -2.95 -92.39
N SER BA 14 -11.60 -3.18 -91.67
CA SER BA 14 -12.21 -4.50 -91.62
C SER BA 14 -13.72 -4.36 -91.76
N LEU BA 15 -14.35 -5.45 -92.16
CA LEU BA 15 -15.79 -5.61 -92.18
C LEU BA 15 -16.12 -6.95 -91.57
N THR BA 16 -17.16 -7.00 -90.74
CA THR BA 16 -17.50 -8.20 -89.99
C THR BA 16 -19.01 -8.40 -90.04
N TRP BA 17 -19.44 -9.34 -90.89
CA TRP BA 17 -20.82 -9.79 -90.99
C TRP BA 17 -21.02 -11.04 -90.15
N VAL BA 18 -22.27 -11.29 -89.78
CA VAL BA 18 -22.63 -12.44 -88.96
C VAL BA 18 -23.96 -13.00 -89.45
N ASP BA 19 -24.11 -14.32 -89.33
CA ASP BA 19 -25.38 -14.99 -89.56
C ASP BA 19 -26.37 -14.61 -88.47
N PRO BA 20 -27.48 -13.96 -88.78
CA PRO BA 20 -28.43 -13.58 -87.72
C PRO BA 20 -28.97 -14.76 -86.93
N ASN BA 21 -29.00 -15.96 -87.52
CA ASN BA 21 -29.47 -17.13 -86.80
C ASN BA 21 -28.39 -17.68 -85.89
N ASP BA 22 -27.21 -17.98 -86.45
CA ASP BA 22 -26.08 -18.52 -85.70
C ASP BA 22 -25.00 -17.45 -85.63
N PHE BA 23 -24.81 -16.89 -84.44
CA PHE BA 23 -23.71 -15.96 -84.21
C PHE BA 23 -22.34 -16.62 -84.31
N ARG BA 24 -22.26 -17.94 -84.38
CA ARG BA 24 -20.96 -18.62 -84.44
C ARG BA 24 -20.34 -18.59 -85.82
N SER BA 25 -21.09 -18.20 -86.87
CA SER BA 25 -20.57 -18.13 -88.23
C SER BA 25 -20.33 -16.66 -88.59
N THR BA 26 -19.06 -16.26 -88.61
CA THR BA 26 -18.60 -14.91 -88.87
C THR BA 26 -18.01 -14.84 -90.27
N PHE BA 27 -18.04 -13.64 -90.86
CA PHE BA 27 -17.39 -13.40 -92.14
C PHE BA 27 -16.73 -12.03 -92.09
N ARG BA 28 -15.39 -12.01 -92.11
CA ARG BA 28 -14.62 -10.78 -92.04
C ARG BA 28 -13.80 -10.57 -93.30
N ILE BA 29 -13.66 -9.31 -93.69
CA ILE BA 29 -12.78 -8.90 -94.78
C ILE BA 29 -11.86 -7.80 -94.24
N ASN BA 30 -10.55 -8.01 -94.38
CA ASN BA 30 -9.52 -7.06 -93.96
C ASN BA 30 -8.79 -6.59 -95.21
N LEU BA 31 -8.70 -5.28 -95.40
CA LEU BA 31 -7.98 -4.72 -96.54
C LEU BA 31 -6.95 -3.74 -96.01
N ASN BA 32 -5.68 -3.96 -96.36
CA ASN BA 32 -4.59 -3.09 -95.95
C ASN BA 32 -3.85 -2.66 -97.20
N VAL BA 33 -3.64 -1.35 -97.35
CA VAL BA 33 -2.95 -0.82 -98.52
C VAL BA 33 -1.76 0.00 -98.07
N ASN BA 34 -0.63 -0.19 -98.77
CA ASN BA 34 0.58 0.57 -98.52
C ASN BA 34 1.47 0.51 -99.75
N GLN BA 35 2.38 1.48 -99.86
CA GLN BA 35 3.25 1.55 -101.03
C GLN BA 35 4.39 0.54 -100.90
N LYS BA 36 4.70 -0.11 -102.01
CA LYS BA 36 5.86 -0.99 -102.13
C LYS BA 36 6.69 -0.49 -103.30
N VAL BA 37 7.91 -0.99 -103.39
CA VAL BA 37 8.82 -0.65 -104.49
C VAL BA 37 8.87 -1.86 -105.42
N ALA BA 38 8.30 -1.71 -106.62
CA ALA BA 38 8.38 -2.75 -107.64
C ALA BA 38 9.45 -2.30 -108.63
N GLY BA 39 10.59 -2.98 -108.62
CA GLY BA 39 11.65 -2.67 -109.55
C GLY BA 39 12.05 -1.21 -109.52
N ALA BA 40 11.71 -0.50 -110.60
CA ALA BA 40 12.11 0.90 -110.74
C ALA BA 40 11.14 1.88 -110.13
N VAL BA 41 9.86 1.52 -109.97
CA VAL BA 41 8.85 2.49 -109.58
C VAL BA 41 8.07 1.95 -108.38
N SER BA 42 7.49 2.86 -107.61
CA SER BA 42 6.64 2.48 -106.50
C SER BA 42 5.22 2.21 -106.96
N VAL BA 43 4.59 1.23 -106.33
CA VAL BA 43 3.21 0.85 -106.62
C VAL BA 43 2.46 0.71 -105.30
N TYR BA 44 1.13 0.57 -105.39
CA TYR BA 44 0.27 0.45 -104.22
C TYR BA 44 -0.13 -1.01 -104.04
N ASN BA 45 0.46 -1.66 -103.03
CA ASN BA 45 0.12 -3.04 -102.71
C ASN BA 45 -1.07 -3.07 -101.76
N ALA BA 46 -2.00 -3.99 -102.03
CA ALA BA 46 -3.23 -4.15 -101.25
C ALA BA 46 -3.32 -5.61 -100.82
N ARG BA 47 -3.03 -5.86 -99.55
CA ARG BA 47 -3.20 -7.18 -98.97
C ARG BA 47 -4.65 -7.26 -98.47
N SER BA 48 -5.48 -7.98 -99.23
CA SER BA 48 -6.81 -8.33 -98.79
C SER BA 48 -6.74 -9.70 -98.12
N GLU BA 49 -7.60 -9.91 -97.13
CA GLU BA 49 -7.84 -11.25 -96.63
C GLU BA 49 -9.30 -11.40 -96.26
N VAL BA 50 -9.84 -12.58 -96.52
CA VAL BA 50 -11.24 -12.89 -96.32
C VAL BA 50 -11.30 -14.14 -95.45
N ILE BA 51 -11.85 -13.99 -94.25
CA ILE BA 51 -11.85 -15.04 -93.24
C ILE BA 51 -13.30 -15.38 -92.92
N THR BA 52 -13.67 -16.63 -93.13
CA THR BA 52 -14.98 -17.12 -92.70
C THR BA 52 -14.78 -18.15 -91.58
N ASN BA 53 -15.48 -17.91 -90.46
CA ASN BA 53 -15.34 -18.70 -89.25
C ASN BA 53 -16.67 -19.34 -88.92
N ARG BA 54 -16.64 -20.60 -88.48
CA ARG BA 54 -17.87 -21.27 -88.07
C ARG BA 54 -17.56 -22.21 -86.92
N ALA BA 55 -18.63 -22.67 -86.27
CA ALA BA 55 -18.53 -23.59 -85.14
C ALA BA 55 -19.62 -24.64 -85.26
N PRO BA 56 -19.50 -25.55 -86.22
CA PRO BA 56 -20.47 -26.63 -86.34
C PRO BA 56 -20.39 -27.59 -85.16
N LEU BA 57 -21.47 -28.31 -84.95
CA LEU BA 57 -21.56 -29.24 -83.83
C LEU BA 57 -21.01 -30.60 -84.24
N VAL BA 58 -20.25 -31.21 -83.34
CA VAL BA 58 -19.67 -32.53 -83.55
C VAL BA 58 -20.68 -33.55 -83.04
N VAL BA 59 -21.20 -34.38 -83.93
CA VAL BA 59 -22.27 -35.32 -83.60
C VAL BA 59 -21.81 -36.73 -83.94
N ILE BA 60 -21.79 -37.60 -82.93
CA ILE BA 60 -21.59 -39.04 -83.11
C ILE BA 60 -22.89 -39.72 -82.67
N GLU BA 61 -23.55 -40.40 -83.61
CA GLU BA 61 -24.95 -40.76 -83.43
C GLU BA 61 -25.17 -41.57 -82.15
N GLY BA 62 -24.28 -42.51 -81.85
CA GLY BA 62 -24.44 -43.29 -80.65
C GLY BA 62 -23.82 -42.69 -79.40
N CYS BA 63 -23.02 -41.63 -79.56
CA CYS BA 63 -22.15 -41.15 -78.51
C CYS BA 63 -22.42 -39.74 -78.03
N THR BA 64 -22.90 -38.86 -78.90
CA THR BA 64 -22.99 -37.42 -78.60
C THR BA 64 -24.29 -37.14 -77.86
N ASP BA 65 -24.18 -36.79 -76.58
CA ASP BA 65 -25.33 -36.32 -75.83
C ASP BA 65 -25.83 -35.00 -76.41
N ALA BA 66 -27.13 -34.94 -76.69
CA ALA BA 66 -27.69 -33.73 -77.30
C ALA BA 66 -27.75 -32.57 -76.31
N CYS BA 67 -27.86 -32.86 -75.01
CA CYS BA 67 -27.98 -31.81 -74.02
C CYS BA 67 -26.69 -31.01 -73.90
N SER BA 68 -25.55 -31.71 -73.82
CA SER BA 68 -24.24 -31.06 -73.75
C SER BA 68 -23.72 -30.91 -75.17
N VAL BA 69 -23.76 -29.68 -75.70
CA VAL BA 69 -23.32 -29.43 -77.06
C VAL BA 69 -21.83 -29.66 -77.19
N ASN BA 70 -21.41 -30.25 -78.30
CA ASN BA 70 -19.99 -30.45 -78.61
C ASN BA 70 -19.73 -29.74 -79.93
N ARG BA 71 -18.99 -28.63 -79.88
CA ARG BA 71 -18.75 -27.82 -81.06
C ARG BA 71 -17.26 -27.81 -81.41
N GLU BA 72 -17.02 -27.53 -82.69
CA GLU BA 72 -15.70 -27.48 -83.30
C GLU BA 72 -15.56 -26.19 -84.08
N ASN BA 73 -14.44 -25.50 -83.92
CA ASN BA 73 -14.16 -24.35 -84.76
C ASN BA 73 -13.63 -24.82 -86.10
N ILE BA 74 -14.19 -24.26 -87.19
CA ILE BA 74 -13.66 -24.47 -88.53
C ILE BA 74 -13.46 -23.09 -89.17
N SER BA 75 -12.45 -23.00 -90.02
CA SER BA 75 -12.09 -21.71 -90.60
C SER BA 75 -11.58 -21.85 -92.01
N ILE BA 76 -11.98 -20.91 -92.87
CA ILE BA 76 -11.46 -20.81 -94.23
C ILE BA 76 -11.00 -19.38 -94.46
N ARG BA 77 -9.71 -19.22 -94.71
CA ARG BA 77 -9.04 -17.94 -94.82
C ARG BA 77 -8.47 -17.81 -96.22
N THR BA 78 -8.46 -16.59 -96.77
CA THR BA 78 -7.90 -16.36 -98.10
C THR BA 78 -7.20 -15.01 -98.15
N THR BA 79 -5.89 -15.04 -98.37
CA THR BA 79 -5.06 -13.85 -98.47
C THR BA 79 -4.69 -13.59 -99.92
N ILE BA 80 -4.77 -12.33 -100.33
CA ILE BA 80 -4.51 -11.89 -101.71
C ILE BA 80 -3.67 -10.62 -101.62
N SER BA 81 -2.37 -10.73 -101.90
CA SER BA 81 -1.45 -9.60 -101.80
C SER BA 81 -0.80 -9.34 -103.15
N GLY BA 82 -1.07 -8.17 -103.71
CA GLY BA 82 -0.50 -7.69 -104.95
C GLY BA 82 -0.86 -6.23 -105.12
N SER BA 83 -0.25 -5.58 -106.10
CA SER BA 83 -0.50 -4.16 -106.31
C SER BA 83 -1.86 -3.92 -106.97
N VAL BA 84 -2.47 -2.79 -106.62
CA VAL BA 84 -3.66 -2.33 -107.34
C VAL BA 84 -3.28 -1.93 -108.75
N GLU BA 85 -2.04 -1.51 -108.95
CA GLU BA 85 -1.56 -1.10 -110.26
C GLU BA 85 -1.66 -2.25 -111.25
N ASN BA 86 -1.30 -3.47 -110.80
CA ASN BA 86 -1.20 -4.67 -111.62
C ASN BA 86 -2.34 -5.65 -111.32
N LYS BA 87 -3.51 -5.12 -110.96
CA LYS BA 87 -4.60 -5.98 -110.55
C LYS BA 87 -5.05 -6.91 -111.68
N ALA BA 88 -4.68 -6.61 -112.92
CA ALA BA 88 -4.94 -7.54 -114.01
C ALA BA 88 -4.26 -8.88 -113.75
N ALA BA 89 -2.96 -8.86 -113.49
CA ALA BA 89 -2.24 -10.10 -113.18
C ALA BA 89 -2.63 -10.64 -111.81
N VAL BA 90 -3.03 -9.77 -110.88
CA VAL BA 90 -3.55 -10.25 -109.60
C VAL BA 90 -4.76 -11.15 -109.83
N LEU BA 91 -5.72 -10.68 -110.62
CA LEU BA 91 -6.93 -11.46 -110.89
C LEU BA 91 -6.64 -12.69 -111.76
N ALA BA 92 -5.72 -12.56 -112.72
CA ALA BA 92 -5.33 -13.72 -113.51
C ALA BA 92 -4.73 -14.80 -112.64
N ALA BA 93 -4.03 -14.41 -111.57
CA ALA BA 93 -3.55 -15.39 -110.59
C ALA BA 93 -4.69 -15.92 -109.73
N LEU BA 94 -5.65 -15.05 -109.39
CA LEU BA 94 -6.77 -15.48 -108.56
C LEU BA 94 -7.60 -16.56 -109.23
N LEU BA 95 -7.86 -16.41 -110.52
CA LEU BA 95 -8.68 -17.39 -111.23
C LEU BA 95 -8.02 -18.76 -111.24
N ASP BA 96 -6.72 -18.80 -111.55
CA ASP BA 96 -5.99 -20.05 -111.56
C ASP BA 96 -5.95 -20.67 -110.15
N HIS BA 97 -5.76 -19.82 -109.13
CA HIS BA 97 -5.76 -20.31 -107.75
C HIS BA 97 -7.09 -20.94 -107.38
N LEU BA 98 -8.19 -20.26 -107.71
CA LEU BA 98 -9.51 -20.78 -107.35
C LEU BA 98 -9.80 -22.09 -108.06
N HIS BA 99 -9.48 -22.17 -109.36
CA HIS BA 99 -9.72 -23.41 -110.09
C HIS BA 99 -8.89 -24.56 -109.56
N ASN BA 100 -7.62 -24.32 -109.24
CA ASN BA 100 -6.78 -25.39 -108.71
C ASN BA 100 -7.24 -25.80 -107.32
N LEU BA 101 -7.64 -24.84 -106.49
CA LEU BA 101 -8.25 -25.18 -105.21
C LEU BA 101 -9.46 -26.07 -105.40
N GLY BA 102 -10.30 -25.75 -106.38
CA GLY BA 102 -11.44 -26.61 -106.69
C GLY BA 102 -11.02 -28.02 -107.07
N LEU BA 103 -9.96 -28.13 -107.88
CA LEU BA 103 -9.44 -29.47 -108.21
C LEU BA 103 -9.05 -30.24 -106.95
N ALA BA 104 -8.51 -29.54 -105.96
CA ALA BA 104 -7.99 -30.22 -104.78
C ALA BA 104 -9.01 -30.44 -103.68
N ARG BA 105 -10.12 -29.69 -103.66
CA ARG BA 105 -10.89 -29.56 -102.42
C ARG BA 105 -11.47 -30.89 -101.96
N ASP BA 106 -11.89 -31.72 -102.90
CA ASP BA 106 -12.50 -33.00 -102.53
C ASP BA 106 -11.49 -33.87 -101.78
N ASP BA 107 -10.23 -33.86 -102.23
CA ASP BA 107 -9.18 -34.58 -101.54
C ASP BA 107 -8.83 -33.93 -100.21
N LEU BA 108 -8.77 -32.59 -100.19
CA LEU BA 108 -8.25 -31.88 -99.02
C LEU BA 108 -9.21 -31.97 -97.84
N VAL BA 109 -10.52 -31.78 -98.08
CA VAL BA 109 -11.46 -31.80 -96.97
C VAL BA 109 -11.59 -33.19 -96.36
N ALA BA 110 -11.18 -34.22 -97.09
CA ALA BA 110 -11.21 -35.59 -96.60
C ALA BA 110 -9.88 -36.02 -95.97
N GLY BA 111 -8.97 -35.08 -95.74
CA GLY BA 111 -7.71 -35.40 -95.11
C GLY BA 111 -6.72 -36.12 -95.97
N LEU BA 112 -6.93 -36.18 -97.28
CA LEU BA 112 -6.06 -36.89 -98.20
C LEU BA 112 -5.16 -35.90 -98.94
N LEU BA 113 -3.91 -36.29 -99.14
CA LEU BA 113 -2.96 -35.45 -99.86
C LEU BA 113 -3.25 -35.53 -101.35
N PRO BA 114 -3.59 -34.41 -102.01
CA PRO BA 114 -4.01 -34.47 -103.42
C PRO BA 114 -2.86 -34.81 -104.35
N THR BA 115 -2.44 -36.07 -104.34
CA THR BA 115 -1.28 -36.51 -105.11
C THR BA 115 -1.57 -36.70 -106.60
N THR BA 116 -2.84 -36.80 -106.97
CA THR BA 116 -3.19 -37.07 -108.36
C THR BA 116 -3.41 -35.81 -109.18
N ILE BA 117 -4.00 -34.77 -108.59
CA ILE BA 117 -4.47 -33.61 -109.34
C ILE BA 117 -3.32 -32.95 -110.11
N GLN BA 118 -3.67 -32.25 -111.18
CA GLN BA 118 -2.70 -31.47 -111.95
C GLN BA 118 -3.20 -30.05 -112.11
N PRO BA 119 -2.54 -29.06 -111.52
CA PRO BA 119 -2.97 -27.67 -111.67
C PRO BA 119 -2.66 -27.13 -113.05
N VAL BA 120 -2.94 -25.85 -113.27
CA VAL BA 120 -2.82 -25.25 -114.60
C VAL BA 120 -2.66 -23.74 -114.45
N VAL BA 121 -1.98 -23.13 -115.43
CA VAL BA 121 -1.87 -21.68 -115.55
C VAL BA 121 -2.80 -21.23 -116.67
N GLU BA 122 -3.32 -20.01 -116.56
CA GLU BA 122 -4.11 -19.38 -117.61
C GLU BA 122 -5.32 -20.24 -118.00
N TYR BA 123 -6.12 -20.59 -116.99
CA TYR BA 123 -7.27 -21.45 -117.20
C TYR BA 123 -8.32 -20.75 -118.06
N THR BA 124 -8.71 -21.42 -119.15
CA THR BA 124 -9.66 -20.88 -120.12
C THR BA 124 -11.02 -21.54 -119.93
N GLY BA 125 -12.00 -20.76 -119.49
CA GLY BA 125 -13.37 -21.25 -119.34
C GLY BA 125 -13.56 -22.28 -118.25
N ALA CA 1 -2.91 -19.46 -122.67
CA ALA CA 1 -2.32 -20.64 -123.30
C ALA CA 1 -2.79 -21.92 -122.60
N GLN CA 2 -3.11 -21.78 -121.31
CA GLN CA 2 -3.53 -22.90 -120.45
C GLN CA 2 -2.61 -24.11 -120.61
N HIS CA 3 -1.31 -23.87 -120.41
CA HIS CA 3 -0.32 -24.93 -120.26
C HIS CA 3 -0.30 -25.34 -118.80
N ASN CA 4 -0.73 -26.57 -118.51
CA ASN CA 4 -0.90 -26.99 -117.12
C ASN CA 4 0.44 -27.18 -116.41
N MET CA 5 0.43 -26.96 -115.10
CA MET CA 5 1.66 -26.90 -114.32
C MET CA 5 2.32 -28.27 -114.21
N ARG CA 6 3.61 -28.26 -113.95
CA ARG CA 6 4.43 -29.46 -113.85
C ARG CA 6 4.79 -29.68 -112.38
N LEU CA 7 4.65 -30.92 -111.92
CA LEU CA 7 5.09 -31.24 -110.57
C LEU CA 7 6.59 -31.01 -110.42
N GLN CA 8 6.99 -30.49 -109.28
CA GLN CA 8 8.42 -30.30 -109.13
C GLN CA 8 8.97 -30.89 -107.84
N LEU CA 9 8.21 -30.84 -106.74
CA LEU CA 9 8.73 -31.38 -105.49
C LEU CA 9 7.64 -31.93 -104.58
N THR CA 10 7.88 -33.13 -104.05
CA THR CA 10 7.01 -33.74 -103.05
C THR CA 10 7.87 -34.12 -101.86
N SER CA 11 7.54 -33.60 -100.68
CA SER CA 11 8.29 -33.94 -99.47
C SER CA 11 7.44 -33.64 -98.25
N GLY CA 12 7.43 -34.57 -97.30
CA GLY CA 12 6.67 -34.40 -96.07
C GLY CA 12 5.17 -34.36 -96.31
N THR CA 13 4.58 -33.18 -96.09
CA THR CA 13 3.16 -32.96 -96.30
C THR CA 13 2.88 -31.97 -97.43
N SER CA 14 3.89 -31.62 -98.22
CA SER CA 14 3.77 -30.56 -99.20
C SER CA 14 3.87 -31.11 -100.63
N LEU CA 15 3.21 -30.42 -101.54
CA LEU CA 15 3.33 -30.66 -102.97
C LEU CA 15 3.61 -29.33 -103.63
N THR CA 16 4.53 -29.31 -104.60
CA THR CA 16 4.98 -28.07 -105.21
C THR CA 16 5.06 -28.25 -106.72
N TRP CA 17 4.16 -27.57 -107.43
CA TRP CA 17 4.12 -27.50 -108.89
C TRP CA 17 4.64 -26.14 -109.35
N VAL CA 18 5.04 -26.09 -110.62
CA VAL CA 18 5.63 -24.88 -111.19
C VAL CA 18 5.15 -24.73 -112.63
N ASP CA 19 5.06 -23.47 -113.07
CA ASP CA 19 4.79 -23.16 -114.47
C ASP CA 19 6.00 -23.49 -115.31
N PRO CA 20 5.90 -24.40 -116.29
CA PRO CA 20 7.07 -24.74 -117.12
C PRO CA 20 7.61 -23.58 -117.94
N ASN CA 21 6.89 -22.46 -118.05
CA ASN CA 21 7.40 -21.35 -118.85
C ASN CA 21 8.28 -20.42 -118.01
N ASP CA 22 7.77 -19.91 -116.89
CA ASP CA 22 8.65 -19.24 -115.93
C ASP CA 22 8.52 -19.90 -114.57
N PHE CA 23 9.67 -19.99 -113.92
CA PHE CA 23 9.86 -20.58 -112.60
C PHE CA 23 9.28 -19.71 -111.49
N ARG CA 24 8.74 -18.54 -111.83
CA ARG CA 24 8.31 -17.56 -110.83
C ARG CA 24 6.92 -17.86 -110.28
N SER CA 25 6.07 -18.54 -111.05
CA SER CA 25 4.71 -18.84 -110.62
C SER CA 25 4.65 -20.31 -110.22
N THR CA 26 4.44 -20.54 -108.93
CA THR CA 26 4.44 -21.85 -108.30
C THR CA 26 3.15 -22.07 -107.54
N PHE CA 27 2.92 -23.33 -107.16
CA PHE CA 27 1.67 -23.73 -106.53
C PHE CA 27 1.98 -24.81 -105.51
N ARG CA 28 1.67 -24.56 -104.25
CA ARG CA 28 1.99 -25.49 -103.17
C ARG CA 28 0.72 -25.86 -102.42
N ILE CA 29 0.66 -27.11 -101.95
CA ILE CA 29 -0.41 -27.57 -101.08
C ILE CA 29 0.22 -28.27 -99.88
N ASN CA 30 -0.12 -27.81 -98.68
CA ASN CA 30 0.28 -28.41 -97.43
C ASN CA 30 -0.94 -29.02 -96.74
N LEU CA 31 -0.77 -30.19 -96.14
CA LEU CA 31 -1.86 -30.90 -95.49
C LEU CA 31 -1.36 -31.42 -94.14
N ASN CA 32 -2.03 -31.01 -93.07
CA ASN CA 32 -1.66 -31.41 -91.72
C ASN CA 32 -2.88 -32.01 -91.03
N VAL CA 33 -2.89 -33.34 -90.90
CA VAL CA 33 -3.98 -34.05 -90.26
C VAL CA 33 -3.52 -34.48 -88.87
N ASN CA 34 -4.37 -34.24 -87.87
CA ASN CA 34 -4.06 -34.62 -86.50
C ASN CA 34 -5.34 -34.52 -85.67
N GLN CA 35 -5.31 -35.12 -84.48
CA GLN CA 35 -6.52 -35.20 -83.67
C GLN CA 35 -6.80 -33.89 -82.94
N LYS CA 36 -8.05 -33.47 -82.99
CA LYS CA 36 -8.59 -32.28 -82.36
C LYS CA 36 -9.53 -32.75 -81.25
N VAL CA 37 -9.62 -31.96 -80.19
CA VAL CA 37 -10.48 -32.26 -79.05
C VAL CA 37 -11.62 -31.25 -79.04
N ALA CA 38 -12.85 -31.73 -79.26
CA ALA CA 38 -14.03 -30.85 -79.30
C ALA CA 38 -15.07 -31.43 -78.36
N GLY CA 39 -15.20 -30.83 -77.18
CA GLY CA 39 -16.07 -31.38 -76.18
C GLY CA 39 -15.48 -32.62 -75.56
N ALA CA 40 -16.31 -33.66 -75.42
CA ALA CA 40 -15.84 -34.93 -74.85
C ALA CA 40 -15.22 -35.84 -75.90
N VAL CA 41 -15.41 -35.55 -77.18
CA VAL CA 41 -14.93 -36.41 -78.25
C VAL CA 41 -13.70 -35.78 -78.89
N SER CA 42 -12.97 -36.61 -79.63
CA SER CA 42 -11.86 -36.17 -80.46
C SER CA 42 -12.12 -36.59 -81.90
N VAL CA 43 -11.79 -35.71 -82.83
CA VAL CA 43 -12.04 -35.92 -84.25
C VAL CA 43 -10.78 -35.54 -85.02
N TYR CA 44 -10.59 -36.16 -86.18
CA TYR CA 44 -9.41 -35.87 -87.00
C TYR CA 44 -9.62 -34.57 -87.75
N ASN CA 45 -8.85 -33.54 -87.38
CA ASN CA 45 -8.88 -32.25 -88.04
C ASN CA 45 -7.81 -32.19 -89.11
N ALA CA 46 -8.19 -31.70 -90.29
CA ALA CA 46 -7.29 -31.47 -91.41
C ALA CA 46 -7.11 -29.98 -91.59
N ARG CA 47 -5.85 -29.57 -91.70
CA ARG CA 47 -5.46 -28.19 -92.03
C ARG CA 47 -4.85 -28.23 -93.42
N SER CA 48 -5.64 -27.83 -94.42
CA SER CA 48 -5.15 -27.65 -95.77
C SER CA 48 -4.72 -26.20 -95.94
N GLU CA 49 -3.61 -25.99 -96.64
CA GLU CA 49 -3.29 -24.64 -97.10
C GLU CA 49 -2.71 -24.68 -98.50
N VAL CA 50 -3.32 -23.89 -99.38
CA VAL CA 50 -3.01 -23.86 -100.80
C VAL CA 50 -2.46 -22.50 -101.13
N ILE CA 51 -1.20 -22.45 -101.56
CA ILE CA 51 -0.44 -21.21 -101.73
C ILE CA 51 0.00 -21.11 -103.18
N THR CA 52 -0.54 -20.14 -103.92
CA THR CA 52 -0.08 -19.85 -105.26
C THR CA 52 0.75 -18.56 -105.21
N ASN CA 53 1.96 -18.62 -105.76
CA ASN CA 53 2.94 -17.54 -105.71
C ASN CA 53 3.33 -17.16 -107.12
N ARG CA 54 3.43 -15.86 -107.39
CA ARG CA 54 3.89 -15.41 -108.68
C ARG CA 54 4.79 -14.20 -108.48
N ALA CA 55 5.54 -13.87 -109.52
CA ALA CA 55 6.42 -12.70 -109.55
C ALA CA 55 6.29 -12.02 -110.90
N PRO CA 56 5.09 -11.54 -111.24
CA PRO CA 56 4.83 -11.06 -112.60
C PRO CA 56 5.48 -9.71 -112.84
N LEU CA 57 5.49 -9.31 -114.10
CA LEU CA 57 5.86 -7.95 -114.46
C LEU CA 57 4.68 -7.03 -114.13
N VAL CA 58 4.98 -5.83 -113.65
CA VAL CA 58 3.90 -4.86 -113.41
C VAL CA 58 3.49 -4.25 -114.75
N VAL CA 59 2.23 -4.43 -115.11
CA VAL CA 59 1.69 -4.00 -116.39
C VAL CA 59 0.71 -2.87 -116.11
N ILE CA 60 1.12 -1.65 -116.42
CA ILE CA 60 0.26 -0.48 -116.25
C ILE CA 60 -0.76 -0.49 -117.38
N GLU CA 61 -2.00 -0.12 -117.09
CA GLU CA 61 -3.04 -0.17 -118.12
C GLU CA 61 -2.68 0.72 -119.31
N GLY CA 62 -2.52 2.03 -119.05
CA GLY CA 62 -2.23 2.94 -120.14
C GLY CA 62 -0.97 2.61 -120.89
N CYS CA 63 0.02 2.03 -120.21
CA CYS CA 63 1.33 1.83 -120.80
C CYS CA 63 1.43 0.50 -121.54
N THR CA 64 2.38 0.46 -122.47
CA THR CA 64 2.72 -0.77 -123.19
C THR CA 64 4.19 -0.69 -123.56
N ASP CA 65 4.99 -1.61 -123.00
CA ASP CA 65 6.45 -1.56 -123.11
C ASP CA 65 6.99 -2.95 -122.85
N ALA CA 66 7.74 -3.49 -123.81
CA ALA CA 66 8.38 -4.79 -123.64
C ALA CA 66 9.77 -4.69 -123.03
N CYS CA 67 10.22 -3.48 -122.68
CA CYS CA 67 11.58 -3.27 -122.18
C CYS CA 67 11.66 -3.07 -120.68
N SER CA 68 10.53 -3.03 -119.99
CA SER CA 68 10.54 -2.90 -118.53
C SER CA 68 10.63 -4.29 -117.91
N VAL CA 69 11.56 -4.45 -116.98
CA VAL CA 69 11.62 -5.63 -116.13
C VAL CA 69 11.14 -5.32 -114.71
N ASN CA 70 10.31 -4.29 -114.57
CA ASN CA 70 9.70 -3.95 -113.30
C ASN CA 70 8.85 -5.11 -112.81
N ARG CA 71 9.27 -5.75 -111.71
CA ARG CA 71 8.59 -6.94 -111.20
C ARG CA 71 8.23 -6.76 -109.73
N GLU CA 72 7.05 -7.23 -109.36
CA GLU CA 72 6.63 -7.36 -107.98
C GLU CA 72 6.25 -8.81 -107.70
N ASN CA 73 6.22 -9.16 -106.42
CA ASN CA 73 5.74 -10.45 -105.98
C ASN CA 73 4.25 -10.34 -105.67
N ILE CA 74 3.50 -11.41 -105.99
CA ILE CA 74 2.09 -11.50 -105.63
C ILE CA 74 1.84 -12.90 -105.10
N SER CA 75 0.88 -13.00 -104.17
CA SER CA 75 0.59 -14.30 -103.56
C SER CA 75 -0.86 -14.40 -103.15
N ILE CA 76 -1.44 -15.58 -103.38
CA ILE CA 76 -2.80 -15.88 -102.95
C ILE CA 76 -2.77 -17.20 -102.18
N ARG CA 77 -3.16 -17.14 -100.91
CA ARG CA 77 -3.16 -18.30 -100.03
C ARG CA 77 -4.58 -18.58 -99.53
N THR CA 78 -4.90 -19.86 -99.37
CA THR CA 78 -6.20 -20.27 -98.87
C THR CA 78 -6.01 -21.39 -97.86
N THR CA 79 -6.42 -21.14 -96.62
CA THR CA 79 -6.29 -22.09 -95.53
C THR CA 79 -7.67 -22.61 -95.14
N ILE CA 80 -7.75 -23.91 -94.88
CA ILE CA 80 -9.00 -24.60 -94.57
C ILE CA 80 -8.74 -25.56 -93.42
N SER CA 81 -9.18 -25.21 -92.21
CA SER CA 81 -8.96 -26.05 -91.03
C SER CA 81 -10.31 -26.52 -90.52
N GLY CA 82 -10.50 -27.83 -90.50
CA GLY CA 82 -11.76 -28.43 -90.08
C GLY CA 82 -11.66 -29.94 -90.05
N SER CA 83 -12.52 -30.55 -89.26
CA SER CA 83 -12.46 -32.01 -89.11
C SER CA 83 -12.91 -32.70 -90.38
N VAL CA 84 -12.48 -33.96 -90.52
CA VAL CA 84 -12.94 -34.78 -91.63
C VAL CA 84 -14.39 -35.22 -91.39
N GLU CA 85 -14.79 -35.31 -90.13
CA GLU CA 85 -16.14 -35.77 -89.81
C GLU CA 85 -17.20 -34.76 -90.26
N ASN CA 86 -16.98 -33.48 -89.99
CA ASN CA 86 -17.88 -32.43 -90.44
C ASN CA 86 -17.51 -31.88 -91.81
N LYS CA 87 -16.82 -32.67 -92.64
CA LYS CA 87 -16.42 -32.15 -93.95
C LYS CA 87 -17.62 -31.71 -94.78
N ALA CA 88 -18.82 -32.17 -94.43
CA ALA CA 88 -20.03 -31.62 -95.04
C ALA CA 88 -20.17 -30.14 -94.76
N ALA CA 89 -20.14 -29.76 -93.48
CA ALA CA 89 -20.24 -28.34 -93.12
C ALA CA 89 -19.00 -27.57 -93.56
N VAL CA 90 -17.84 -28.24 -93.61
CA VAL CA 90 -16.64 -27.61 -94.14
C VAL CA 90 -16.83 -27.22 -95.60
N LEU CA 91 -17.37 -28.14 -96.42
CA LEU CA 91 -17.59 -27.85 -97.84
C LEU CA 91 -18.70 -26.82 -98.04
N ALA CA 92 -19.76 -26.86 -97.22
CA ALA CA 92 -20.78 -25.83 -97.30
C ALA CA 92 -20.19 -24.46 -96.99
N ALA CA 93 -19.38 -24.39 -95.93
CA ALA CA 93 -18.68 -23.17 -95.60
C ALA CA 93 -17.73 -22.74 -96.72
N LEU CA 94 -17.12 -23.71 -97.40
CA LEU CA 94 -16.23 -23.38 -98.52
C LEU CA 94 -17.00 -22.76 -99.67
N LEU CA 95 -18.17 -23.32 -100.01
CA LEU CA 95 -18.99 -22.74 -101.07
C LEU CA 95 -19.41 -21.33 -100.72
N ASP CA 96 -19.89 -21.13 -99.49
CA ASP CA 96 -20.30 -19.78 -99.08
C ASP CA 96 -19.12 -18.82 -99.09
N HIS CA 97 -17.95 -19.28 -98.64
CA HIS CA 97 -16.73 -18.48 -98.64
C HIS CA 97 -16.34 -18.07 -100.06
N LEU CA 98 -16.34 -19.02 -100.99
CA LEU CA 98 -15.96 -18.73 -102.37
C LEU CA 98 -16.92 -17.75 -103.01
N HIS CA 99 -18.23 -17.94 -102.79
CA HIS CA 99 -19.21 -17.02 -103.38
C HIS CA 99 -19.07 -15.61 -102.81
N ASN CA 100 -18.87 -15.49 -101.50
CA ASN CA 100 -18.71 -14.15 -100.93
C ASN CA 100 -17.40 -13.51 -101.39
N LEU CA 101 -16.33 -14.31 -101.46
CA LEU CA 101 -15.08 -13.82 -102.02
C LEU CA 101 -15.27 -13.28 -103.42
N GLY CA 102 -16.02 -14.00 -104.25
CA GLY CA 102 -16.33 -13.51 -105.59
C GLY CA 102 -17.12 -12.22 -105.56
N LEU CA 103 -18.07 -12.10 -104.63
CA LEU CA 103 -18.80 -10.84 -104.48
C LEU CA 103 -17.85 -9.69 -104.16
N ALA CA 104 -16.75 -9.96 -103.46
CA ALA CA 104 -15.89 -8.87 -103.01
C ALA CA 104 -14.67 -8.62 -103.90
N ARG CA 105 -14.29 -9.55 -104.78
CA ARG CA 105 -12.95 -9.51 -105.35
C ARG CA 105 -12.72 -8.26 -106.20
N ASP CA 106 -13.76 -7.81 -106.92
CA ASP CA 106 -13.55 -6.67 -107.79
C ASP CA 106 -13.24 -5.41 -107.00
N ASP CA 107 -13.78 -5.29 -105.78
CA ASP CA 107 -13.39 -4.21 -104.89
C ASP CA 107 -12.02 -4.48 -104.27
N LEU CA 108 -11.76 -5.72 -103.85
CA LEU CA 108 -10.56 -5.99 -103.06
C LEU CA 108 -9.29 -5.84 -103.89
N VAL CA 109 -9.28 -6.32 -105.14
CA VAL CA 109 -8.08 -6.19 -105.94
C VAL CA 109 -7.84 -4.76 -106.38
N ALA CA 110 -8.85 -3.91 -106.29
CA ALA CA 110 -8.73 -2.49 -106.64
C ALA CA 110 -8.43 -1.61 -105.44
N GLY CA 111 -8.17 -2.22 -104.28
CA GLY CA 111 -7.87 -1.46 -103.07
C GLY CA 111 -9.07 -0.89 -102.36
N LEU CA 112 -10.27 -1.21 -102.79
CA LEU CA 112 -11.49 -0.67 -102.19
C LEU CA 112 -12.07 -1.69 -101.21
N LEU CA 113 -12.40 -1.23 -100.01
CA LEU CA 113 -13.05 -2.10 -99.04
C LEU CA 113 -14.50 -2.32 -99.48
N PRO CA 114 -14.95 -3.57 -99.64
CA PRO CA 114 -16.27 -3.80 -100.23
C PRO CA 114 -17.40 -3.40 -99.30
N THR CA 115 -17.70 -2.09 -99.28
CA THR CA 115 -18.74 -1.58 -98.40
C THR CA 115 -20.13 -2.03 -98.83
N THR CA 116 -20.30 -2.31 -100.13
CA THR CA 116 -21.63 -2.46 -100.72
C THR CA 116 -22.03 -3.90 -100.99
N ILE CA 117 -21.22 -4.88 -100.57
CA ILE CA 117 -21.52 -6.27 -100.89
C ILE CA 117 -22.47 -6.85 -99.85
N GLN CA 118 -23.12 -7.95 -100.22
CA GLN CA 118 -24.10 -8.62 -99.37
C GLN CA 118 -23.73 -10.08 -99.21
N PRO CA 119 -22.97 -10.43 -98.18
CA PRO CA 119 -22.60 -11.83 -97.96
C PRO CA 119 -23.80 -12.67 -97.54
N VAL CA 120 -23.78 -13.93 -97.96
CA VAL CA 120 -24.90 -14.84 -97.76
C VAL CA 120 -24.41 -16.10 -97.04
N VAL CA 121 -25.37 -16.91 -96.59
CA VAL CA 121 -25.14 -18.24 -96.06
C VAL CA 121 -25.97 -19.21 -96.89
N GLU CA 122 -25.41 -20.39 -97.16
CA GLU CA 122 -26.10 -21.45 -97.89
C GLU CA 122 -26.49 -20.98 -99.30
N TYR CA 123 -25.46 -20.66 -100.10
CA TYR CA 123 -25.68 -20.17 -101.45
C TYR CA 123 -26.32 -21.25 -102.33
N THR CA 124 -27.29 -20.82 -103.13
CA THR CA 124 -28.02 -21.71 -104.04
C THR CA 124 -28.27 -21.04 -105.40
N ALA DA 1 -44.79 19.18 -84.55
CA ALA DA 1 -44.02 19.34 -85.78
C ALA DA 1 -43.60 17.97 -86.34
N GLN DA 2 -43.33 17.04 -85.43
CA GLN DA 2 -42.87 15.69 -85.74
C GLN DA 2 -41.68 15.70 -86.71
N HIS DA 3 -40.79 16.67 -86.53
CA HIS DA 3 -39.48 16.61 -87.16
C HIS DA 3 -38.68 15.48 -86.51
N ASN DA 4 -38.17 14.58 -87.34
CA ASN DA 4 -37.50 13.38 -86.83
C ASN DA 4 -36.02 13.64 -86.55
N MET DA 5 -35.48 12.89 -85.59
CA MET DA 5 -34.12 13.11 -85.11
C MET DA 5 -33.10 12.82 -86.19
N ARG DA 6 -31.91 13.42 -86.05
CA ARG DA 6 -30.84 13.22 -87.01
C ARG DA 6 -29.58 12.72 -86.31
N LEU DA 7 -28.74 12.02 -87.06
CA LEU DA 7 -27.70 11.19 -86.47
C LEU DA 7 -26.49 12.00 -86.04
N GLN DA 8 -25.96 11.69 -84.87
CA GLN DA 8 -24.82 12.41 -84.29
C GLN DA 8 -23.60 11.52 -84.03
N LEU DA 9 -23.78 10.36 -83.40
CA LEU DA 9 -22.66 9.51 -83.00
C LEU DA 9 -22.91 8.06 -83.33
N THR DA 10 -21.95 7.42 -84.02
CA THR DA 10 -22.03 6.00 -84.34
C THR DA 10 -20.78 5.32 -83.80
N SER DA 11 -20.98 4.17 -83.15
CA SER DA 11 -19.88 3.49 -82.49
C SER DA 11 -19.81 2.00 -82.77
N GLY DA 12 -20.71 1.44 -83.57
CA GLY DA 12 -20.76 0.01 -83.79
C GLY DA 12 -21.34 -0.71 -82.60
N THR DA 13 -21.35 -0.02 -81.45
CA THR DA 13 -22.02 -0.46 -80.25
C THR DA 13 -23.00 0.57 -79.71
N SER DA 14 -22.84 1.85 -80.05
CA SER DA 14 -23.72 2.91 -79.59
C SER DA 14 -24.18 3.75 -80.78
N LEU DA 15 -25.43 4.16 -80.74
CA LEU DA 15 -25.97 5.11 -81.70
C LEU DA 15 -26.59 6.27 -80.93
N THR DA 16 -26.34 7.49 -81.40
CA THR DA 16 -26.77 8.69 -80.70
C THR DA 16 -27.33 9.66 -81.73
N TRP DA 17 -28.64 9.87 -81.68
CA TRP DA 17 -29.34 10.84 -82.50
C TRP DA 17 -29.71 12.05 -81.65
N VAL DA 18 -29.88 13.19 -82.30
CA VAL DA 18 -30.20 14.43 -81.62
C VAL DA 18 -31.32 15.14 -82.37
N ASP DA 19 -32.13 15.89 -81.62
CA ASP DA 19 -33.12 16.79 -82.19
C ASP DA 19 -32.42 17.93 -82.90
N PRO DA 20 -32.59 18.10 -84.22
CA PRO DA 20 -31.90 19.18 -84.92
C PRO DA 20 -32.23 20.58 -84.42
N ASN DA 21 -33.38 20.76 -83.75
CA ASN DA 21 -33.70 22.06 -83.19
C ASN DA 21 -33.09 22.24 -81.80
N ASP DA 22 -33.33 21.29 -80.91
CA ASP DA 22 -32.91 21.36 -79.52
C ASP DA 22 -31.84 20.29 -79.29
N PHE DA 23 -30.61 20.72 -79.07
CA PHE DA 23 -29.51 19.80 -78.79
C PHE DA 23 -29.60 19.18 -77.40
N ARG DA 24 -30.52 19.64 -76.56
CA ARG DA 24 -30.67 19.09 -75.22
C ARG DA 24 -31.35 17.73 -75.23
N SER DA 25 -32.15 17.42 -76.26
CA SER DA 25 -32.90 16.18 -76.33
C SER DA 25 -32.18 15.21 -77.27
N THR DA 26 -31.66 14.13 -76.71
CA THR DA 26 -30.89 13.12 -77.43
C THR DA 26 -31.51 11.75 -77.22
N PHE DA 27 -31.07 10.81 -78.05
CA PHE DA 27 -31.61 9.45 -78.04
C PHE DA 27 -30.47 8.50 -78.40
N ARG DA 28 -30.08 7.66 -77.45
CA ARG DA 28 -29.00 6.69 -77.64
C ARG DA 28 -29.56 5.29 -77.53
N ILE DA 29 -28.99 4.39 -78.35
CA ILE DA 29 -29.23 2.96 -78.25
C ILE DA 29 -27.87 2.27 -78.10
N ASN DA 30 -27.72 1.50 -77.03
CA ASN DA 30 -26.50 0.73 -76.76
C ASN DA 30 -26.86 -0.74 -76.80
N LEU DA 31 -25.97 -1.55 -77.38
CA LEU DA 31 -26.18 -2.98 -77.51
C LEU DA 31 -24.90 -3.71 -77.14
N ASN DA 32 -25.03 -4.76 -76.34
CA ASN DA 32 -23.86 -5.55 -75.94
C ASN DA 32 -24.24 -7.02 -75.96
N VAL DA 33 -23.57 -7.77 -76.82
CA VAL DA 33 -23.79 -9.21 -76.96
C VAL DA 33 -22.59 -9.94 -76.39
N ASN DA 34 -22.86 -10.99 -75.63
CA ASN DA 34 -21.80 -11.83 -75.07
C ASN DA 34 -22.41 -13.13 -74.59
N GLN DA 35 -21.57 -14.16 -74.44
CA GLN DA 35 -22.13 -15.46 -74.06
C GLN DA 35 -22.49 -15.51 -72.59
N LYS DA 36 -23.37 -16.45 -72.27
CA LYS DA 36 -23.92 -16.61 -70.94
C LYS DA 36 -24.20 -18.10 -70.73
N VAL DA 37 -24.02 -18.54 -69.49
CA VAL DA 37 -24.19 -19.95 -69.14
C VAL DA 37 -25.51 -20.09 -68.41
N ALA DA 38 -26.51 -20.65 -69.08
CA ALA DA 38 -27.79 -21.01 -68.48
C ALA DA 38 -27.77 -22.52 -68.24
N GLY DA 39 -27.69 -22.90 -66.97
CA GLY DA 39 -27.54 -24.30 -66.63
C GLY DA 39 -26.28 -24.89 -67.24
N ALA DA 40 -26.44 -25.82 -68.17
CA ALA DA 40 -25.34 -26.46 -68.85
C ALA DA 40 -25.23 -26.04 -70.31
N VAL DA 41 -25.90 -24.96 -70.71
CA VAL DA 41 -25.95 -24.54 -72.11
C VAL DA 41 -25.53 -23.08 -72.20
N SER DA 42 -24.61 -22.79 -73.12
CA SER DA 42 -24.21 -21.42 -73.37
C SER DA 42 -25.06 -20.83 -74.47
N VAL DA 43 -25.58 -19.61 -74.23
CA VAL DA 43 -26.40 -18.89 -75.19
C VAL DA 43 -25.90 -17.46 -75.27
N TYR DA 44 -26.13 -16.82 -76.42
CA TYR DA 44 -25.72 -15.45 -76.65
C TYR DA 44 -26.74 -14.50 -76.05
N ASN DA 45 -26.40 -13.87 -74.92
CA ASN DA 45 -27.23 -12.87 -74.29
C ASN DA 45 -26.92 -11.50 -74.89
N ALA DA 46 -27.97 -10.78 -75.26
CA ALA DA 46 -27.90 -9.40 -75.70
C ALA DA 46 -28.54 -8.52 -74.64
N ARG DA 47 -27.83 -7.50 -74.21
CA ARG DA 47 -28.38 -6.45 -73.35
C ARG DA 47 -28.43 -5.17 -74.17
N SER DA 48 -29.65 -4.72 -74.44
CA SER DA 48 -29.90 -3.48 -75.17
C SER DA 48 -30.45 -2.45 -74.19
N GLU DA 49 -29.85 -1.26 -74.16
CA GLU DA 49 -30.45 -0.15 -73.42
C GLU DA 49 -30.73 1.02 -74.35
N VAL DA 50 -31.87 1.66 -74.13
CA VAL DA 50 -32.39 2.73 -74.95
C VAL DA 50 -32.62 3.92 -74.03
N ILE DA 51 -31.83 4.98 -74.21
CA ILE DA 51 -31.79 6.12 -73.30
C ILE DA 51 -32.20 7.36 -74.07
N THR DA 52 -33.33 7.97 -73.69
CA THR DA 52 -33.72 9.26 -74.22
C THR DA 52 -33.56 10.31 -73.11
N ASN DA 53 -32.84 11.38 -73.43
CA ASN DA 53 -32.47 12.42 -72.47
C ASN DA 53 -32.99 13.76 -72.95
N ARG DA 54 -33.52 14.56 -72.04
CA ARG DA 54 -34.02 15.89 -72.40
C ARG DA 54 -33.74 16.85 -71.26
N ALA DA 55 -33.88 18.14 -71.58
CA ALA DA 55 -33.62 19.22 -70.63
C ALA DA 55 -34.73 20.26 -70.73
N PRO DA 56 -35.88 20.00 -70.11
CA PRO DA 56 -36.97 20.98 -70.13
C PRO DA 56 -36.65 22.16 -69.23
N LEU DA 57 -37.35 23.26 -69.50
CA LEU DA 57 -37.26 24.45 -68.67
C LEU DA 57 -38.34 24.43 -67.60
N VAL DA 58 -38.00 24.89 -66.41
CA VAL DA 58 -38.97 25.02 -65.33
C VAL DA 58 -39.78 26.30 -65.57
N VAL DA 59 -41.03 26.13 -65.95
CA VAL DA 59 -41.89 27.26 -66.30
C VAL DA 59 -42.58 27.77 -65.03
N ILE DA 60 -42.20 28.97 -64.59
CA ILE DA 60 -42.91 29.68 -63.53
C ILE DA 60 -43.63 30.87 -64.13
N GLU DA 61 -44.95 30.91 -63.94
CA GLU DA 61 -45.73 32.07 -64.35
C GLU DA 61 -45.31 33.31 -63.57
N GLY DA 62 -45.27 34.44 -64.26
CA GLY DA 62 -44.81 35.67 -63.65
C GLY DA 62 -43.31 35.85 -63.64
N CYS DA 63 -42.56 34.83 -64.04
CA CYS DA 63 -41.09 34.89 -64.10
C CYS DA 63 -40.66 34.72 -65.54
N THR DA 64 -40.35 35.83 -66.21
CA THR DA 64 -39.72 35.77 -67.51
C THR DA 64 -38.30 35.24 -67.35
N ASP DA 65 -38.09 33.97 -67.71
CA ASP DA 65 -36.81 33.30 -67.52
C ASP DA 65 -35.87 33.68 -68.66
N ALA DA 66 -35.51 34.96 -68.67
CA ALA DA 66 -34.43 35.41 -69.52
C ALA DA 66 -33.18 34.62 -69.19
N CYS DA 67 -32.45 34.22 -70.23
CA CYS DA 67 -31.24 33.42 -70.21
C CYS DA 67 -31.56 31.93 -70.03
N SER DA 68 -32.82 31.57 -69.80
CA SER DA 68 -33.25 30.18 -69.64
C SER DA 68 -32.38 29.44 -68.62
N VAL DA 69 -32.29 30.01 -67.42
CA VAL DA 69 -31.41 29.45 -66.40
C VAL DA 69 -32.11 28.35 -65.61
N ASN DA 70 -33.40 28.50 -65.34
CA ASN DA 70 -34.16 27.48 -64.64
C ASN DA 70 -34.43 26.32 -65.58
N ARG DA 71 -33.57 25.29 -65.54
CA ARG DA 71 -33.66 24.19 -66.47
C ARG DA 71 -33.44 22.87 -65.73
N GLU DA 72 -34.18 21.85 -66.17
CA GLU DA 72 -34.25 20.55 -65.52
C GLU DA 72 -33.78 19.45 -66.48
N ASN DA 73 -33.14 18.43 -65.94
CA ASN DA 73 -32.82 17.22 -66.71
C ASN DA 73 -33.87 16.16 -66.46
N ILE DA 74 -34.38 15.57 -67.54
CA ILE DA 74 -35.30 14.43 -67.47
C ILE DA 74 -34.76 13.32 -68.34
N SER DA 75 -35.04 12.08 -67.95
CA SER DA 75 -34.51 10.93 -68.69
C SER DA 75 -35.43 9.73 -68.59
N ILE DA 76 -35.57 9.04 -69.72
CA ILE DA 76 -36.32 7.79 -69.80
C ILE DA 76 -35.42 6.73 -70.42
N ARG DA 77 -35.21 5.64 -69.69
CA ARG DA 77 -34.25 4.62 -70.04
C ARG DA 77 -34.94 3.26 -70.01
N THR DA 78 -34.51 2.36 -70.89
CA THR DA 78 -35.13 1.04 -70.98
C THR DA 78 -34.06 -0.01 -71.27
N THR DA 79 -33.90 -0.98 -70.37
CA THR DA 79 -32.91 -2.04 -70.51
C THR DA 79 -33.62 -3.37 -70.77
N ILE DA 80 -33.09 -4.14 -71.70
CA ILE DA 80 -33.68 -5.39 -72.16
C ILE DA 80 -32.53 -6.38 -72.28
N SER DA 81 -32.40 -7.29 -71.33
CA SER DA 81 -31.31 -8.26 -71.31
C SER DA 81 -31.89 -9.66 -71.40
N GLY DA 82 -31.52 -10.37 -72.47
CA GLY DA 82 -32.04 -11.72 -72.67
C GLY DA 82 -31.31 -12.41 -73.83
N SER DA 83 -31.53 -13.72 -73.91
CA SER DA 83 -30.92 -14.49 -74.99
C SER DA 83 -31.52 -14.11 -76.33
N VAL DA 84 -30.66 -14.09 -77.36
CA VAL DA 84 -31.16 -14.04 -78.72
C VAL DA 84 -31.96 -15.30 -79.02
N GLU DA 85 -31.60 -16.42 -78.40
CA GLU DA 85 -32.31 -17.68 -78.65
C GLU DA 85 -33.73 -17.64 -78.09
N ASN DA 86 -33.91 -17.12 -76.88
CA ASN DA 86 -35.25 -16.97 -76.30
C ASN DA 86 -35.89 -15.62 -76.62
N LYS DA 87 -35.51 -15.01 -77.75
CA LYS DA 87 -36.06 -13.72 -78.10
C LYS DA 87 -37.58 -13.75 -78.21
N ALA DA 88 -38.17 -14.92 -78.37
CA ALA DA 88 -39.63 -15.03 -78.34
C ALA DA 88 -40.18 -14.65 -76.97
N ALA DA 89 -39.66 -15.27 -75.91
CA ALA DA 89 -40.10 -14.92 -74.57
C ALA DA 89 -39.65 -13.52 -74.19
N VAL DA 90 -38.53 -13.05 -74.74
CA VAL DA 90 -38.11 -11.67 -74.52
C VAL DA 90 -39.16 -10.71 -75.07
N LEU DA 91 -39.66 -10.97 -76.29
CA LEU DA 91 -40.65 -10.08 -76.90
C LEU DA 91 -42.00 -10.18 -76.20
N ALA DA 92 -42.38 -11.38 -75.76
CA ALA DA 92 -43.59 -11.52 -74.95
C ALA DA 92 -43.48 -10.67 -73.69
N ALA DA 93 -42.33 -10.76 -73.02
CA ALA DA 93 -42.08 -9.94 -71.83
C ALA DA 93 -42.09 -8.46 -72.17
N LEU DA 94 -41.60 -8.08 -73.34
CA LEU DA 94 -41.61 -6.67 -73.71
C LEU DA 94 -43.03 -6.16 -73.91
N LEU DA 95 -43.88 -6.95 -74.59
CA LEU DA 95 -45.27 -6.54 -74.76
C LEU DA 95 -45.97 -6.39 -73.42
N ASP DA 96 -45.83 -7.38 -72.54
CA ASP DA 96 -46.47 -7.31 -71.24
C ASP DA 96 -45.93 -6.13 -70.42
N HIS DA 97 -44.62 -5.88 -70.55
CA HIS DA 97 -43.98 -4.76 -69.86
C HIS DA 97 -44.54 -3.43 -70.35
N LEU DA 98 -44.65 -3.26 -71.67
CA LEU DA 98 -45.15 -2.01 -72.23
C LEU DA 98 -46.60 -1.78 -71.81
N HIS DA 99 -47.42 -2.83 -71.82
CA HIS DA 99 -48.82 -2.67 -71.45
C HIS DA 99 -48.97 -2.30 -69.98
N ASN DA 100 -48.19 -2.94 -69.10
CA ASN DA 100 -48.29 -2.62 -67.69
C ASN DA 100 -47.72 -1.23 -67.39
N LEU DA 101 -46.64 -0.86 -68.08
CA LEU DA 101 -46.15 0.51 -68.00
C LEU DA 101 -47.25 1.49 -68.38
N GLY DA 102 -47.97 1.21 -69.46
CA GLY DA 102 -49.07 2.06 -69.85
C GLY DA 102 -50.17 2.12 -68.81
N LEU DA 103 -50.38 1.02 -68.08
CA LEU DA 103 -51.34 1.06 -66.98
C LEU DA 103 -50.90 2.03 -65.90
N ALA DA 104 -49.61 2.07 -65.60
CA ALA DA 104 -49.12 2.90 -64.51
C ALA DA 104 -48.69 4.30 -64.95
N ARG DA 105 -48.67 4.59 -66.25
CA ARG DA 105 -47.92 5.73 -66.75
C ARG DA 105 -48.48 7.06 -66.25
N ASP DA 106 -49.77 7.14 -66.03
CA ASP DA 106 -50.34 8.41 -65.60
C ASP DA 106 -50.08 8.66 -64.13
N ASP DA 107 -50.20 7.63 -63.29
CA ASP DA 107 -49.90 7.77 -61.88
C ASP DA 107 -48.43 8.08 -61.64
N LEU DA 108 -47.55 7.29 -62.27
CA LEU DA 108 -46.12 7.39 -61.97
C LEU DA 108 -45.57 8.77 -62.29
N VAL DA 109 -45.99 9.36 -63.41
CA VAL DA 109 -45.43 10.64 -63.82
C VAL DA 109 -45.93 11.77 -62.93
N ALA DA 110 -47.07 11.58 -62.26
CA ALA DA 110 -47.59 12.56 -61.31
C ALA DA 110 -47.04 12.37 -59.90
N GLY DA 111 -46.08 11.46 -59.72
CA GLY DA 111 -45.47 11.25 -58.41
C GLY DA 111 -46.27 10.41 -57.45
N LEU DA 112 -47.19 9.59 -57.95
CA LEU DA 112 -48.12 8.85 -57.12
C LEU DA 112 -47.95 7.35 -57.36
N LEU DA 113 -47.86 6.58 -56.29
CA LEU DA 113 -47.70 5.15 -56.42
C LEU DA 113 -48.96 4.54 -57.01
N PRO DA 114 -48.87 3.79 -58.11
CA PRO DA 114 -50.07 3.23 -58.76
C PRO DA 114 -50.63 2.03 -57.98
N THR DA 115 -51.17 2.33 -56.81
CA THR DA 115 -51.74 1.29 -55.95
C THR DA 115 -52.96 0.63 -56.58
N THR DA 116 -53.64 1.32 -57.49
CA THR DA 116 -54.91 0.84 -58.01
C THR DA 116 -54.77 -0.13 -59.19
N ILE DA 117 -53.72 0.03 -60.02
CA ILE DA 117 -53.64 -0.74 -61.26
C ILE DA 117 -53.49 -2.23 -60.96
N GLN DA 118 -53.77 -3.05 -61.96
CA GLN DA 118 -53.59 -4.50 -61.90
C GLN DA 118 -52.89 -4.97 -63.14
N PRO DA 119 -51.62 -5.37 -63.07
CA PRO DA 119 -50.89 -5.79 -64.27
C PRO DA 119 -51.38 -7.15 -64.77
N VAL DA 120 -50.87 -7.51 -65.95
CA VAL DA 120 -51.36 -8.67 -66.70
C VAL DA 120 -50.16 -9.42 -67.27
N VAL DA 121 -50.34 -10.74 -67.46
CA VAL DA 121 -49.44 -11.56 -68.26
C VAL DA 121 -50.16 -11.91 -69.55
N GLU DA 122 -49.42 -11.94 -70.67
CA GLU DA 122 -49.95 -12.41 -71.95
C GLU DA 122 -51.07 -11.50 -72.47
N TYR DA 123 -50.81 -10.19 -72.52
CA TYR DA 123 -51.81 -9.27 -73.05
C TYR DA 123 -52.17 -9.63 -74.49
N THR DA 124 -53.45 -9.50 -74.81
CA THR DA 124 -53.96 -9.83 -76.13
C THR DA 124 -54.96 -8.78 -76.61
N ALA EA 1 -34.71 -96.54 -12.32
CA ALA EA 1 -35.51 -95.91 -13.36
C ALA EA 1 -35.08 -96.40 -14.75
N GLN EA 2 -33.82 -96.80 -14.89
CA GLN EA 2 -33.31 -97.37 -16.14
C GLN EA 2 -33.47 -96.38 -17.30
N HIS EA 3 -33.25 -95.10 -17.02
CA HIS EA 3 -33.27 -94.08 -18.06
C HIS EA 3 -31.85 -93.89 -18.59
N ASN EA 4 -31.71 -93.99 -19.90
CA ASN EA 4 -30.39 -93.89 -20.52
C ASN EA 4 -29.92 -92.44 -20.62
N MET EA 5 -28.60 -92.27 -20.57
CA MET EA 5 -27.98 -90.95 -20.54
C MET EA 5 -28.12 -90.24 -21.89
N ARG EA 6 -28.08 -88.91 -21.84
CA ARG EA 6 -28.16 -88.12 -23.06
C ARG EA 6 -26.84 -87.38 -23.29
N LEU EA 7 -26.45 -87.27 -24.55
CA LEU EA 7 -25.11 -86.80 -24.90
C LEU EA 7 -24.99 -85.30 -24.76
N GLN EA 8 -23.82 -84.84 -24.29
CA GLN EA 8 -23.58 -83.43 -24.04
C GLN EA 8 -22.38 -82.86 -24.78
N LEU EA 9 -21.27 -83.61 -24.90
CA LEU EA 9 -20.07 -83.06 -25.52
C LEU EA 9 -19.39 -84.07 -26.46
N THR EA 10 -19.16 -83.65 -27.70
CA THR EA 10 -18.43 -84.46 -28.69
C THR EA 10 -17.19 -83.70 -29.14
N SER EA 11 -16.06 -84.41 -29.21
CA SER EA 11 -14.81 -83.77 -29.57
C SER EA 11 -13.94 -84.56 -30.54
N GLY EA 12 -14.38 -85.74 -31.00
CA GLY EA 12 -13.55 -86.56 -31.86
C GLY EA 12 -12.45 -87.27 -31.11
N THR EA 13 -12.19 -86.82 -29.88
CA THR EA 13 -11.31 -87.50 -28.95
C THR EA 13 -11.97 -87.80 -27.61
N SER EA 14 -13.07 -87.14 -27.28
CA SER EA 14 -13.83 -87.45 -26.07
C SER EA 14 -15.31 -87.48 -26.39
N LEU EA 15 -16.05 -88.14 -25.52
CA LEU EA 15 -17.50 -88.16 -25.53
C LEU EA 15 -17.96 -87.96 -24.09
N THR EA 16 -18.99 -87.13 -23.92
CA THR EA 16 -19.43 -86.74 -22.58
C THR EA 16 -20.96 -86.79 -22.55
N TRP EA 17 -21.49 -87.85 -21.95
CA TRP EA 17 -22.92 -88.02 -21.69
C TRP EA 17 -23.23 -87.58 -20.26
N VAL EA 18 -24.51 -87.25 -20.03
CA VAL EA 18 -24.97 -86.79 -18.74
C VAL EA 18 -26.36 -87.36 -18.47
N ASP EA 19 -26.64 -87.62 -17.20
CA ASP EA 19 -27.98 -88.00 -16.76
C ASP EA 19 -28.90 -86.79 -16.88
N PRO EA 20 -29.95 -86.85 -17.70
CA PRO EA 20 -30.85 -85.70 -17.84
C PRO EA 20 -31.50 -85.26 -16.54
N ASN EA 21 -31.65 -86.17 -15.58
CA ASN EA 21 -32.23 -85.80 -14.29
C ASN EA 21 -31.20 -85.14 -13.39
N ASP EA 22 -30.07 -85.81 -13.17
CA ASP EA 22 -28.99 -85.30 -12.32
C ASP EA 22 -27.80 -84.96 -13.21
N PHE EA 23 -27.54 -83.66 -13.38
CA PHE EA 23 -26.34 -83.23 -14.10
C PHE EA 23 -25.05 -83.56 -13.36
N ARG EA 24 -25.11 -84.03 -12.12
CA ARG EA 24 -23.91 -84.32 -11.37
C ARG EA 24 -23.29 -85.68 -11.75
N SER EA 25 -24.00 -86.52 -12.50
CA SER EA 25 -23.49 -87.83 -12.91
C SER EA 25 -23.11 -87.76 -14.39
N THR EA 26 -21.81 -87.71 -14.65
CA THR EA 26 -21.22 -87.59 -15.97
C THR EA 26 -20.64 -88.93 -16.39
N PHE EA 27 -20.56 -89.14 -17.70
CA PHE EA 27 -19.90 -90.32 -18.25
C PHE EA 27 -19.09 -89.90 -19.47
N ARG EA 28 -17.77 -89.97 -19.38
CA ARG EA 28 -16.87 -89.57 -20.45
C ARG EA 28 -16.05 -90.76 -20.94
N ILE EA 29 -15.79 -90.76 -22.25
CA ILE EA 29 -14.87 -91.72 -22.88
C ILE EA 29 -13.83 -90.93 -23.67
N ASN EA 30 -12.55 -91.17 -23.38
CA ASN EA 30 -11.44 -90.54 -24.07
C ASN EA 30 -10.67 -91.62 -24.81
N LEU EA 31 -10.45 -91.43 -26.10
CA LEU EA 31 -9.68 -92.38 -26.91
C LEU EA 31 -8.55 -91.64 -27.59
N ASN EA 32 -7.33 -92.09 -27.35
CA ASN EA 32 -6.14 -91.49 -27.97
C ASN EA 32 -5.36 -92.59 -28.67
N VAL EA 33 -5.03 -92.37 -29.93
CA VAL EA 33 -4.30 -93.35 -30.72
C VAL EA 33 -3.02 -92.74 -31.25
N ASN EA 34 -1.94 -93.51 -31.17
CA ASN EA 34 -0.65 -93.09 -31.70
C ASN EA 34 0.21 -94.32 -31.92
N GLN EA 35 1.21 -94.18 -32.79
CA GLN EA 35 2.07 -95.32 -33.11
C GLN EA 35 3.11 -95.53 -32.02
N LYS EA 36 3.34 -96.80 -31.69
CA LYS EA 36 4.40 -97.21 -30.78
C LYS EA 36 5.26 -98.23 -31.51
N VAL EA 37 6.42 -98.51 -30.95
CA VAL EA 37 7.34 -99.50 -31.50
C VAL EA 37 7.27 -100.74 -30.63
N ALA EA 38 6.70 -101.82 -31.17
CA ALA EA 38 6.67 -103.10 -30.48
C ALA EA 38 7.75 -103.97 -31.10
N GLY EA 39 8.83 -104.19 -30.34
CA GLY EA 39 9.91 -105.03 -30.80
C GLY EA 39 10.44 -104.60 -32.15
N ALA EA 40 10.17 -105.40 -33.17
CA ALA EA 40 10.71 -105.16 -34.50
C ALA EA 40 9.85 -104.24 -35.35
N VAL EA 41 8.55 -104.15 -35.08
CA VAL EA 41 7.65 -103.45 -35.98
C VAL EA 41 6.83 -102.44 -35.19
N SER EA 42 6.35 -101.41 -35.90
CA SER EA 42 5.49 -100.41 -35.29
C SER EA 42 4.03 -100.88 -35.30
N VAL EA 43 3.30 -100.54 -34.24
CA VAL EA 43 1.89 -100.86 -34.10
C VAL EA 43 1.16 -99.61 -33.65
N TYR EA 44 -0.17 -99.69 -33.68
CA TYR EA 44 -1.04 -98.56 -33.29
C TYR EA 44 -1.58 -98.80 -31.89
N ASN EA 45 -1.06 -98.05 -30.92
CA ASN EA 45 -1.53 -98.12 -29.54
C ASN EA 45 -2.70 -97.18 -29.35
N ALA EA 46 -3.73 -97.66 -28.65
CA ALA EA 46 -4.95 -96.92 -28.38
C ALA EA 46 -5.19 -96.93 -26.88
N ARG EA 47 -4.91 -95.80 -26.23
CA ARG EA 47 -5.23 -95.62 -24.82
C ARG EA 47 -6.66 -95.11 -24.74
N SER EA 48 -7.56 -96.00 -24.36
CA SER EA 48 -8.92 -95.64 -24.02
C SER EA 48 -8.99 -95.40 -22.52
N GLU EA 49 -9.86 -94.48 -22.11
CA GLU EA 49 -10.23 -94.39 -20.71
C GLU EA 49 -11.69 -94.00 -20.60
N VAL EA 50 -12.35 -94.58 -19.61
CA VAL EA 50 -13.77 -94.43 -19.38
C VAL EA 50 -13.96 -93.95 -17.96
N ILE EA 51 -14.47 -92.73 -17.79
CA ILE EA 51 -14.57 -92.07 -16.49
C ILE EA 51 -16.04 -91.81 -16.22
N THR EA 52 -16.55 -92.36 -15.11
CA THR EA 52 -17.89 -92.04 -14.65
C THR EA 52 -17.79 -91.27 -13.33
N ASN EA 53 -18.43 -90.11 -13.28
CA ASN EA 53 -18.36 -89.18 -12.17
C ASN EA 53 -19.76 -89.01 -11.59
N ARG EA 54 -19.85 -88.94 -10.26
CA ARG EA 54 -21.13 -88.70 -9.62
C ARG EA 54 -20.91 -87.88 -8.36
N ALA EA 55 -22.01 -87.35 -7.83
CA ALA EA 55 -21.99 -86.55 -6.61
C ALA EA 55 -23.20 -86.93 -5.76
N PRO EA 56 -23.17 -88.11 -5.15
CA PRO EA 56 -24.26 -88.51 -4.26
C PRO EA 56 -24.26 -87.65 -3.00
N LEU EA 57 -25.41 -87.62 -2.35
CA LEU EA 57 -25.57 -86.81 -1.15
C LEU EA 57 -25.18 -87.61 0.08
N VAL EA 58 -24.48 -86.96 1.00
CA VAL EA 58 -24.04 -87.59 2.25
C VAL EA 58 -25.14 -87.34 3.27
N VAL EA 59 -25.75 -88.42 3.75
CA VAL EA 59 -26.91 -88.33 4.63
C VAL EA 59 -26.60 -89.09 5.93
N ILE EA 60 -26.66 -88.38 7.06
CA ILE EA 60 -26.62 -88.97 8.38
C ILE EA 60 -27.97 -88.69 9.03
N GLU EA 61 -28.70 -89.76 9.33
CA GLU EA 61 -30.14 -89.64 9.61
C GLU EA 61 -30.42 -88.65 10.73
N GLY EA 62 -29.64 -88.67 11.79
CA GLY EA 62 -29.86 -87.73 12.88
C GLY EA 62 -29.17 -86.40 12.73
N CYS EA 63 -28.27 -86.28 11.75
CA CYS EA 63 -27.34 -85.17 11.70
C CYS EA 63 -27.46 -84.29 10.46
N THR EA 64 -27.85 -84.84 9.31
CA THR EA 64 -27.78 -84.13 8.04
C THR EA 64 -29.05 -83.29 7.86
N ASP EA 65 -28.88 -81.98 7.90
CA ASP EA 65 -29.97 -81.07 7.58
C ASP EA 65 -30.33 -81.22 6.10
N ALA EA 66 -31.62 -81.42 5.83
CA ALA EA 66 -32.06 -81.62 4.46
C ALA EA 66 -31.99 -80.33 3.64
N CYS EA 67 -32.12 -79.18 4.29
CA CYS EA 67 -32.12 -77.91 3.56
C CYS EA 67 -30.75 -77.63 2.96
N SER EA 68 -29.69 -77.80 3.76
CA SER EA 68 -28.32 -77.59 3.28
C SER EA 68 -27.81 -78.94 2.77
N VAL EA 69 -27.71 -79.07 1.45
CA VAL EA 69 -27.28 -80.33 0.86
C VAL EA 69 -25.81 -80.56 1.18
N ASN EA 70 -25.47 -81.82 1.46
CA ASN EA 70 -24.09 -82.24 1.69
C ASN EA 70 -23.77 -83.30 0.64
N ARG EA 71 -22.91 -82.96 -0.31
CA ARG EA 71 -22.60 -83.86 -1.41
C ARG EA 71 -21.14 -84.27 -1.38
N GLU EA 72 -20.88 -85.41 -2.01
CA GLU EA 72 -19.56 -86.02 -2.10
C GLU EA 72 -19.29 -86.42 -3.54
N ASN EA 73 -18.11 -86.09 -4.06
CA ASN EA 73 -17.72 -86.58 -5.36
C ASN EA 73 -17.26 -88.03 -5.26
N ILE EA 74 -17.77 -88.88 -6.16
CA ILE EA 74 -17.30 -90.24 -6.31
C ILE EA 74 -16.96 -90.46 -7.79
N SER EA 75 -15.94 -91.29 -8.03
CA SER EA 75 -15.47 -91.47 -9.40
C SER EA 75 -14.99 -92.90 -9.63
N ILE EA 76 -15.29 -93.42 -10.81
CA ILE EA 76 -14.79 -94.71 -11.26
C ILE EA 76 -14.18 -94.54 -12.65
N ARG EA 77 -12.88 -94.78 -12.74
CA ARG EA 77 -12.09 -94.55 -13.93
C ARG EA 77 -11.52 -95.88 -14.41
N THR EA 78 -11.39 -96.04 -15.73
CA THR EA 78 -10.83 -97.27 -16.28
C THR EA 78 -10.00 -96.96 -17.52
N THR EA 79 -8.69 -97.23 -17.43
CA THR EA 79 -7.75 -97.00 -18.52
C THR EA 79 -7.38 -98.34 -19.15
N ILE EA 80 -7.32 -98.36 -20.48
CA ILE EA 80 -7.04 -99.55 -21.27
C ILE EA 80 -6.07 -99.14 -22.37
N SER EA 81 -4.80 -99.50 -22.23
CA SER EA 81 -3.76 -99.10 -23.19
C SER EA 81 -3.10 -100.35 -23.76
N GLY EA 82 -3.25 -100.52 -25.07
CA GLY EA 82 -2.65 -101.61 -25.84
C GLY EA 82 -2.86 -101.31 -27.31
N SER EA 83 -2.20 -102.11 -28.15
CA SER EA 83 -2.31 -101.86 -29.59
C SER EA 83 -3.63 -102.38 -30.14
N VAL EA 84 -4.13 -101.69 -31.18
CA VAL EA 84 -5.27 -102.20 -31.92
C VAL EA 84 -4.87 -103.45 -32.70
N GLU EA 85 -3.58 -103.56 -33.04
CA GLU EA 85 -3.09 -104.71 -33.76
C GLU EA 85 -3.31 -106.00 -32.97
N ASN EA 86 -3.08 -105.93 -31.65
CA ASN EA 86 -3.11 -107.08 -30.74
C ASN EA 86 -4.34 -107.03 -29.82
N LYS EA 87 -5.44 -106.47 -30.33
CA LYS EA 87 -6.63 -106.28 -29.50
C LYS EA 87 -7.18 -107.62 -28.99
N ALA EA 88 -6.79 -108.73 -29.60
CA ALA EA 88 -7.16 -110.04 -29.06
C ALA EA 88 -6.62 -110.21 -27.64
N ALA EA 89 -5.31 -110.00 -27.47
CA ALA EA 89 -4.73 -110.10 -26.13
C ALA EA 89 -5.15 -108.93 -25.25
N VAL EA 90 -5.44 -107.76 -25.85
CA VAL EA 90 -6.00 -106.66 -25.05
C VAL EA 90 -7.30 -107.09 -24.38
N LEU EA 91 -8.23 -107.68 -25.15
CA LEU EA 91 -9.51 -108.12 -24.61
C LEU EA 91 -9.36 -109.31 -23.67
N ALA EA 92 -8.44 -110.23 -23.98
CA ALA EA 92 -8.18 -111.34 -23.08
C ALA EA 92 -7.68 -110.84 -21.73
N ALA EA 93 -6.93 -109.74 -21.72
CA ALA EA 93 -6.54 -109.10 -20.46
C ALA EA 93 -7.72 -108.39 -19.82
N LEU EA 94 -8.59 -107.78 -20.63
CA LEU EA 94 -9.74 -107.06 -20.09
C LEU EA 94 -10.67 -107.98 -19.33
N LEU EA 95 -10.93 -109.16 -19.87
CA LEU EA 95 -11.87 -110.09 -19.24
C LEU EA 95 -11.34 -110.52 -17.86
N ASP EA 96 -10.06 -110.88 -17.80
CA ASP EA 96 -9.46 -111.28 -16.53
C ASP EA 96 -9.47 -110.12 -15.54
N HIS EA 97 -9.19 -108.91 -16.02
CA HIS EA 97 -9.22 -107.73 -15.16
C HIS EA 97 -10.60 -107.51 -14.57
N LEU EA 98 -11.63 -107.57 -15.42
CA LEU EA 98 -12.99 -107.33 -14.95
C LEU EA 98 -13.43 -108.38 -13.94
N HIS EA 99 -13.12 -109.65 -14.21
CA HIS EA 99 -13.50 -110.71 -13.28
C HIS EA 99 -12.78 -110.56 -11.93
N ASN EA 100 -11.49 -110.24 -11.96
CA ASN EA 100 -10.77 -110.08 -10.70
C ASN EA 100 -11.25 -108.85 -9.94
N LEU EA 101 -11.54 -107.77 -10.65
CA LEU EA 101 -12.17 -106.62 -10.02
C LEU EA 101 -13.47 -107.01 -9.34
N GLY EA 102 -14.29 -107.83 -10.02
CA GLY EA 102 -15.50 -108.32 -9.39
C GLY EA 102 -15.24 -109.10 -8.13
N LEU EA 103 -14.20 -109.95 -8.15
CA LEU EA 103 -13.82 -110.68 -6.93
C LEU EA 103 -13.50 -109.71 -5.79
N ALA EA 104 -12.88 -108.59 -6.11
CA ALA EA 104 -12.42 -107.68 -5.06
C ALA EA 104 -13.45 -106.65 -4.62
N ARG EA 105 -14.47 -106.37 -5.44
CA ARG EA 105 -15.22 -105.12 -5.29
C ARG EA 105 -15.92 -105.04 -3.94
N ASP EA 106 -16.44 -106.17 -3.45
CA ASP EA 106 -17.16 -106.15 -2.19
C ASP EA 106 -16.25 -105.74 -1.05
N ASP EA 107 -14.99 -106.21 -1.08
CA ASP EA 107 -14.02 -105.80 -0.08
C ASP EA 107 -13.59 -104.35 -0.28
N LEU EA 108 -13.38 -103.95 -1.55
CA LEU EA 108 -12.79 -102.65 -1.82
C LEU EA 108 -13.75 -101.51 -1.48
N VAL EA 109 -15.02 -101.63 -1.86
CA VAL EA 109 -15.96 -100.53 -1.61
C VAL EA 109 -16.22 -100.35 -0.12
N ALA EA 110 -15.93 -101.36 0.70
CA ALA EA 110 -16.09 -101.29 2.15
C ALA EA 110 -14.81 -100.87 2.86
N GLY EA 111 -13.80 -100.41 2.11
CA GLY EA 111 -12.57 -99.94 2.72
C GLY EA 111 -11.67 -101.03 3.26
N LEU EA 112 -11.90 -102.29 2.91
CA LEU EA 112 -11.11 -103.41 3.40
C LEU EA 112 -10.13 -103.87 2.33
N LEU EA 113 -8.93 -104.23 2.75
CA LEU EA 113 -7.91 -104.71 1.83
C LEU EA 113 -8.22 -106.15 1.44
N PRO EA 114 -8.44 -106.43 0.15
CA PRO EA 114 -8.89 -107.78 -0.25
C PRO EA 114 -7.79 -108.83 -0.09
N THR EA 115 -7.50 -109.19 1.15
CA THR EA 115 -6.40 -110.10 1.46
C THR EA 115 -6.73 -111.56 1.18
N THR EA 116 -8.01 -111.90 1.04
CA THR EA 116 -8.40 -113.30 0.85
C THR EA 116 -8.50 -113.70 -0.62
N ILE EA 117 -8.98 -112.81 -1.49
CA ILE EA 117 -9.33 -113.17 -2.86
C ILE EA 117 -8.13 -113.76 -3.60
N GLN EA 118 -8.41 -114.57 -4.60
CA GLN EA 118 -7.37 -115.12 -5.48
C GLN EA 118 -7.73 -114.84 -6.93
N PRO EA 119 -6.96 -114.01 -7.63
CA PRO EA 119 -7.25 -113.74 -9.04
C PRO EA 119 -6.90 -114.91 -9.94
N VAL EA 120 -7.04 -114.74 -11.25
CA VAL EA 120 -6.88 -115.83 -12.19
C VAL EA 120 -6.56 -115.26 -13.56
N VAL EA 121 -5.85 -116.05 -14.37
CA VAL EA 121 -5.58 -115.74 -15.77
C VAL EA 121 -6.47 -116.65 -16.61
N GLU EA 122 -6.86 -116.16 -17.79
CA GLU EA 122 -7.59 -116.96 -18.78
C GLU EA 122 -8.89 -117.53 -18.19
N TYR EA 123 -9.71 -116.62 -17.64
CA TYR EA 123 -10.95 -117.03 -16.98
C TYR EA 123 -11.93 -117.61 -18.00
N THR EA 124 -12.41 -118.83 -17.73
CA THR EA 124 -13.29 -119.56 -18.62
C THR EA 124 -14.72 -119.52 -18.07
N GLY EA 125 -15.61 -118.83 -18.77
CA GLY EA 125 -17.02 -118.77 -18.39
C GLY EA 125 -17.31 -118.02 -17.11
N ALA FA 1 -6.47 -121.86 -20.08
CA ALA FA 1 -6.01 -122.82 -19.08
C ALA FA 1 -6.59 -122.52 -17.70
N GLN FA 2 -6.89 -121.23 -17.47
CA GLN FA 2 -7.41 -120.71 -16.21
C GLN FA 2 -6.62 -121.25 -15.01
N HIS FA 3 -5.31 -121.05 -15.07
CA HIS FA 3 -4.43 -121.25 -13.92
C HIS FA 3 -4.44 -119.97 -13.09
N ASN FA 4 -4.98 -120.04 -11.88
CA ASN FA 4 -5.18 -118.83 -11.10
C ASN FA 4 -3.86 -118.27 -10.57
N MET FA 5 -3.83 -116.95 -10.39
CA MET FA 5 -2.60 -116.23 -10.10
C MET FA 5 -2.09 -116.55 -8.70
N ARG FA 6 -0.78 -116.35 -8.52
CA ARG FA 6 -0.09 -116.63 -7.28
C ARG FA 6 0.26 -115.32 -6.60
N LEU FA 7 0.00 -115.23 -5.29
CA LEU FA 7 0.41 -114.05 -4.55
C LEU FA 7 1.92 -113.90 -4.58
N GLN FA 8 2.38 -112.68 -4.71
CA GLN FA 8 3.84 -112.54 -4.71
C GLN FA 8 4.33 -111.50 -3.71
N LEU FA 9 3.61 -110.40 -3.52
CA LEU FA 9 4.08 -109.38 -2.59
C LEU FA 9 2.95 -108.64 -1.89
N THR FA 10 3.06 -108.48 -0.57
CA THR FA 10 2.15 -107.67 0.21
C THR FA 10 2.98 -106.67 1.01
N SER FA 11 2.72 -105.38 0.83
CA SER FA 11 3.44 -104.36 1.58
C SER FA 11 2.64 -103.07 1.57
N GLY FA 12 2.55 -102.43 2.73
CA GLY FA 12 1.82 -101.19 2.86
C GLY FA 12 0.33 -101.32 2.61
N THR FA 13 -0.12 -100.75 1.50
CA THR FA 13 -1.52 -100.83 1.10
C THR FA 13 -1.71 -101.61 -0.20
N SER FA 14 -0.68 -102.31 -0.68
CA SER FA 14 -0.70 -102.94 -1.99
C SER FA 14 -0.68 -104.46 -1.87
N LEU FA 15 -1.28 -105.10 -2.87
CA LEU FA 15 -1.20 -106.54 -3.04
C LEU FA 15 -0.79 -106.80 -4.48
N THR FA 16 0.12 -107.76 -4.69
CA THR FA 16 0.70 -108.00 -6.01
C THR FA 16 0.74 -109.50 -6.27
N TRP FA 17 -0.09 -109.95 -7.21
CA TRP FA 17 -0.15 -111.31 -7.71
C TRP FA 17 0.50 -111.38 -9.08
N VAL FA 18 0.90 -112.59 -9.47
CA VAL FA 18 1.60 -112.82 -10.73
C VAL FA 18 1.12 -114.13 -11.35
N ASP FA 19 1.16 -114.18 -12.67
CA ASP FA 19 0.90 -115.41 -13.41
C ASP FA 19 2.07 -116.38 -13.23
N PRO FA 20 1.86 -117.56 -12.67
CA PRO FA 20 2.97 -118.51 -12.47
C PRO FA 20 3.62 -118.98 -13.77
N ASN FA 21 3.02 -118.72 -14.92
CA ASN FA 21 3.65 -119.18 -16.16
C ASN FA 21 4.62 -118.14 -16.72
N ASP FA 22 4.18 -116.90 -16.93
CA ASP FA 22 5.13 -115.84 -17.21
C ASP FA 22 4.96 -114.72 -16.19
N PHE FA 23 6.09 -114.16 -15.80
CA PHE FA 23 6.23 -113.08 -14.83
C PHE FA 23 5.76 -111.74 -15.39
N ARG FA 24 5.34 -111.71 -16.66
CA ARG FA 24 5.02 -110.46 -17.33
C ARG FA 24 3.62 -109.96 -17.02
N SER FA 25 2.70 -110.85 -16.68
CA SER FA 25 1.32 -110.49 -16.40
C SER FA 25 1.10 -110.51 -14.89
N THR FA 26 0.89 -109.34 -14.30
CA THR FA 26 0.77 -109.13 -12.87
C THR FA 26 -0.54 -108.40 -12.57
N PHE FA 27 -0.89 -108.40 -11.29
CA PHE FA 27 -2.16 -107.87 -10.84
C PHE FA 27 -1.97 -107.22 -9.48
N ARG FA 28 -2.22 -105.92 -9.37
CA ARG FA 28 -1.99 -105.18 -8.15
C ARG FA 28 -3.29 -104.52 -7.69
N ILE FA 29 -3.46 -104.44 -6.38
CA ILE FA 29 -4.57 -103.69 -5.78
C ILE FA 29 -4.00 -102.77 -4.70
N ASN FA 30 -4.28 -101.47 -4.83
CA ASN FA 30 -3.93 -100.46 -3.84
C ASN FA 30 -5.20 -99.94 -3.19
N LEU FA 31 -5.14 -99.72 -1.87
CA LEU FA 31 -6.28 -99.25 -1.10
C LEU FA 31 -5.84 -98.14 -0.18
N ASN FA 32 -6.45 -96.96 -0.32
CA ASN FA 32 -6.09 -95.80 0.49
C ASN FA 32 -7.37 -95.27 1.15
N VAL FA 33 -7.51 -95.53 2.45
CA VAL FA 33 -8.67 -95.09 3.22
C VAL FA 33 -8.24 -93.90 4.07
N ASN FA 34 -9.04 -92.84 4.06
CA ASN FA 34 -8.77 -91.65 4.85
C ASN FA 34 -10.01 -90.77 4.88
N GLN FA 35 -10.04 -89.81 5.80
CA GLN FA 35 -11.24 -89.02 6.01
C GLN FA 35 -11.37 -87.93 4.95
N LYS FA 36 -12.57 -87.80 4.41
CA LYS FA 36 -12.98 -86.82 3.42
C LYS FA 36 -13.95 -85.86 4.09
N VAL FA 37 -13.94 -84.61 3.65
CA VAL FA 37 -14.82 -83.58 4.19
C VAL FA 37 -15.85 -83.23 3.11
N ALA FA 38 -17.12 -83.52 3.39
CA ALA FA 38 -18.19 -83.26 2.43
C ALA FA 38 -19.29 -82.49 3.16
N GLY FA 39 -19.33 -81.18 2.92
CA GLY FA 39 -20.27 -80.34 3.65
C GLY FA 39 -19.79 -80.14 5.08
N ALA FA 40 -20.72 -80.27 6.03
CA ALA FA 40 -20.38 -80.12 7.44
C ALA FA 40 -19.86 -81.41 8.06
N VAL FA 41 -20.05 -82.55 7.40
CA VAL FA 41 -19.66 -83.83 7.94
C VAL FA 41 -18.38 -84.33 7.27
N SER FA 42 -17.75 -85.30 7.92
CA SER FA 42 -16.61 -86.00 7.37
C SER FA 42 -16.93 -87.49 7.33
N VAL FA 43 -16.52 -88.14 6.24
CA VAL FA 43 -16.80 -89.55 5.99
C VAL FA 43 -15.52 -90.23 5.53
N TYR FA 44 -15.41 -91.53 5.79
CA TYR FA 44 -14.22 -92.27 5.39
C TYR FA 44 -14.30 -92.60 3.91
N ASN FA 45 -13.43 -91.99 3.11
CA ASN FA 45 -13.33 -92.23 1.69
C ASN FA 45 -12.26 -93.29 1.43
N ALA FA 46 -12.61 -94.25 0.58
CA ALA FA 46 -11.70 -95.29 0.12
C ALA FA 46 -11.37 -95.04 -1.34
N ARG FA 47 -10.07 -95.08 -1.65
CA ARG FA 47 -9.55 -95.01 -3.01
C ARG FA 47 -8.96 -96.38 -3.33
N SER FA 48 -9.73 -97.18 -4.07
CA SER FA 48 -9.23 -98.44 -4.59
C SER FA 48 -8.65 -98.19 -5.98
N GLU FA 49 -7.54 -98.85 -6.28
CA GLU FA 49 -7.09 -98.91 -7.67
C GLU FA 49 -6.54 -100.29 -7.99
N VAL FA 50 -7.06 -100.87 -9.06
CA VAL FA 50 -6.78 -102.24 -9.47
C VAL FA 50 -6.08 -102.19 -10.82
N ILE FA 51 -4.83 -102.63 -10.86
CA ILE FA 51 -3.95 -102.45 -12.03
C ILE FA 51 -3.52 -103.83 -12.50
N THR FA 52 -3.96 -104.23 -13.69
CA THR FA 52 -3.49 -105.45 -14.33
C THR FA 52 -2.54 -105.06 -15.46
N ASN FA 53 -1.34 -105.66 -15.44
CA ASN FA 53 -0.26 -105.33 -16.35
C ASN FA 53 0.16 -106.59 -17.10
N ARG FA 54 0.38 -106.47 -18.40
CA ARG FA 54 0.88 -107.60 -19.18
C ARG FA 54 1.90 -107.09 -20.17
N ALA FA 55 2.67 -108.03 -20.72
CA ALA FA 55 3.66 -107.73 -21.76
C ALA FA 55 3.58 -108.82 -22.82
N PRO FA 56 2.43 -108.96 -23.49
CA PRO FA 56 2.22 -110.11 -24.36
C PRO FA 56 3.00 -109.98 -25.66
N LEU FA 57 3.04 -111.07 -26.41
CA LEU FA 57 3.53 -111.02 -27.77
C LEU FA 57 2.47 -110.40 -28.67
N VAL FA 58 2.89 -109.61 -29.64
CA VAL FA 58 1.92 -109.05 -30.59
C VAL FA 58 1.57 -110.13 -31.60
N VAL FA 59 0.28 -110.48 -31.66
CA VAL FA 59 -0.22 -111.55 -32.50
C VAL FA 59 -1.08 -110.91 -33.58
N ILE FA 60 -0.55 -110.86 -34.80
CA ILE FA 60 -1.29 -110.34 -35.93
C ILE FA 60 -2.30 -111.38 -36.35
N GLU FA 61 -3.50 -110.94 -36.74
CA GLU FA 61 -4.55 -111.90 -37.09
C GLU FA 61 -4.12 -112.78 -38.26
N GLY FA 62 -3.82 -112.17 -39.41
CA GLY FA 62 -3.45 -112.95 -40.58
C GLY FA 62 -2.23 -113.82 -40.36
N CYS FA 63 -1.31 -113.38 -39.50
CA CYS FA 63 -0.04 -114.05 -39.38
C CYS FA 63 -0.07 -115.15 -38.32
N THR FA 64 0.86 -116.10 -38.45
CA THR FA 64 1.06 -117.15 -37.47
C THR FA 64 2.52 -117.55 -37.51
N ASP FA 65 3.23 -117.31 -36.40
CA ASP FA 65 4.68 -117.45 -36.33
C ASP FA 65 5.09 -117.64 -34.88
N ALA FA 66 5.77 -118.74 -34.59
CA ALA FA 66 6.27 -118.99 -33.24
C ALA FA 66 7.67 -118.43 -33.02
N CYS FA 67 8.25 -117.76 -34.02
CA CYS FA 67 9.62 -117.29 -33.94
C CYS FA 67 9.74 -115.79 -33.68
N SER FA 68 8.62 -115.07 -33.63
CA SER FA 68 8.67 -113.64 -33.33
C SER FA 68 8.62 -113.45 -31.81
N VAL FA 69 9.54 -112.65 -31.30
CA VAL FA 69 9.49 -112.19 -29.91
C VAL FA 69 9.07 -110.72 -29.85
N ASN FA 70 8.35 -110.25 -30.85
CA ASN FA 70 7.79 -108.91 -30.87
C ASN FA 70 6.83 -108.74 -29.70
N ARG FA 71 7.19 -107.90 -28.73
CA ARG FA 71 6.40 -107.72 -27.52
C ARG FA 71 6.08 -106.26 -27.30
N GLU FA 72 4.85 -105.99 -26.85
CA GLU FA 72 4.43 -104.69 -26.36
C GLU FA 72 3.92 -104.83 -24.93
N ASN FA 73 3.87 -103.71 -24.23
CA ASN FA 73 3.25 -103.65 -22.92
C ASN FA 73 1.79 -103.25 -23.07
N ILE FA 74 0.94 -103.84 -22.23
CA ILE FA 74 -0.47 -103.46 -22.16
C ILE FA 74 -0.86 -103.36 -20.70
N SER FA 75 -1.82 -102.47 -20.42
CA SER FA 75 -2.23 -102.23 -19.04
C SER FA 75 -3.69 -101.81 -18.97
N ILE FA 76 -4.39 -102.35 -17.97
CA ILE FA 76 -5.76 -101.96 -17.67
C ILE FA 76 -5.86 -101.62 -16.19
N ARG FA 77 -6.23 -100.38 -15.91
CA ARG FA 77 -6.34 -99.87 -14.56
C ARG FA 77 -7.77 -99.42 -14.27
N THR FA 78 -8.22 -99.63 -13.04
CA THR FA 78 -9.56 -99.21 -12.64
C THR FA 78 -9.47 -98.58 -11.25
N THR FA 79 -9.83 -97.31 -11.16
CA THR FA 79 -9.80 -96.54 -9.92
C THR FA 79 -11.21 -96.26 -9.45
N ILE FA 80 -11.42 -96.39 -8.14
CA ILE FA 80 -12.73 -96.24 -7.51
C ILE FA 80 -12.56 -95.44 -6.23
N SER FA 81 -12.94 -94.17 -6.26
CA SER FA 81 -12.80 -93.29 -5.11
C SER FA 81 -14.19 -92.88 -4.63
N GLY FA 82 -14.51 -93.24 -3.39
CA GLY FA 82 -15.82 -92.96 -2.82
C GLY FA 82 -15.88 -93.37 -1.37
N SER FA 83 -16.79 -92.75 -0.63
CA SER FA 83 -16.87 -93.04 0.80
C SER FA 83 -17.41 -94.44 1.04
N VAL FA 84 -17.12 -94.95 2.24
CA VAL FA 84 -17.67 -96.24 2.66
C VAL FA 84 -19.15 -96.07 3.00
N GLU FA 85 -19.54 -94.87 3.43
CA GLU FA 85 -20.94 -94.65 3.82
C GLU FA 85 -21.88 -94.75 2.63
N ASN FA 86 -21.53 -94.12 1.51
CA ASN FA 86 -22.32 -94.21 0.29
C ASN FA 86 -21.91 -95.37 -0.59
N LYS FA 87 -21.32 -96.43 -0.02
CA LYS FA 87 -20.89 -97.55 -0.85
C LYS FA 87 -22.04 -98.15 -1.63
N ALA FA 88 -23.28 -97.91 -1.21
CA ALA FA 88 -24.43 -98.29 -2.02
C ALA FA 88 -24.42 -97.57 -3.37
N ALA FA 89 -24.34 -96.24 -3.36
CA ALA FA 89 -24.28 -95.49 -4.61
C ALA FA 89 -22.97 -95.73 -5.34
N VAL FA 90 -21.89 -96.03 -4.62
CA VAL FA 90 -20.63 -96.40 -5.25
C VAL FA 90 -20.80 -97.68 -6.08
N LEU FA 91 -21.45 -98.70 -5.49
CA LEU FA 91 -21.65 -99.96 -6.20
C LEU FA 91 -22.65 -99.81 -7.35
N ALA FA 92 -23.70 -99.00 -7.16
CA ALA FA 92 -24.62 -98.73 -8.27
C ALA FA 92 -23.89 -98.06 -9.42
N ALA FA 93 -23.06 -97.06 -9.11
CA ALA FA 93 -22.23 -96.42 -10.11
C ALA FA 93 -21.25 -97.40 -10.74
N LEU FA 94 -20.76 -98.36 -9.97
CA LEU FA 94 -19.85 -99.36 -10.52
C LEU FA 94 -20.56 -100.25 -11.53
N LEU FA 95 -21.77 -100.70 -11.20
CA LEU FA 95 -22.55 -101.51 -12.15
C LEU FA 95 -22.81 -100.74 -13.43
N ASP FA 96 -23.26 -99.49 -13.31
CA ASP FA 96 -23.52 -98.69 -14.50
C ASP FA 96 -22.25 -98.47 -15.31
N HIS FA 97 -21.13 -98.22 -14.62
CA HIS FA 97 -19.83 -98.04 -15.27
C HIS FA 97 -19.43 -99.29 -16.04
N LEU FA 98 -19.54 -100.46 -15.40
CA LEU FA 98 -19.14 -101.71 -16.05
C LEU FA 98 -20.00 -102.00 -17.26
N HIS FA 99 -21.32 -101.78 -17.15
CA HIS FA 99 -22.20 -102.04 -18.28
C HIS FA 99 -21.91 -101.10 -19.44
N ASN FA 100 -21.68 -99.82 -19.16
CA ASN FA 100 -21.39 -98.88 -20.24
C ASN FA 100 -20.02 -99.19 -20.86
N LEU FA 101 -19.04 -99.53 -20.04
CA LEU FA 101 -17.74 -99.98 -20.54
C LEU FA 101 -17.90 -101.16 -21.49
N GLY FA 102 -18.74 -102.13 -21.10
CA GLY FA 102 -19.01 -103.25 -22.00
C GLY FA 102 -19.65 -102.81 -23.29
N LEU FA 103 -20.58 -101.86 -23.22
CA LEU FA 103 -21.17 -101.31 -24.44
C LEU FA 103 -20.11 -100.71 -25.36
N ALA FA 104 -19.03 -100.16 -24.79
CA ALA FA 104 -18.06 -99.46 -25.61
C ALA FA 104 -16.82 -100.28 -26.00
N ARG FA 105 -16.56 -101.41 -25.34
CA ARG FA 105 -15.23 -102.00 -25.41
C ARG FA 105 -14.88 -102.46 -26.82
N ASP FA 106 -15.88 -102.97 -27.56
CA ASP FA 106 -15.57 -103.49 -28.89
C ASP FA 106 -15.11 -102.36 -29.82
N ASP FA 107 -15.62 -101.15 -29.63
CA ASP FA 107 -15.11 -99.99 -30.35
C ASP FA 107 -13.77 -99.54 -29.78
N LEU FA 108 -13.63 -99.51 -28.46
CA LEU FA 108 -12.46 -98.88 -27.86
C LEU FA 108 -11.18 -99.68 -28.12
N VAL FA 109 -11.25 -101.02 -28.04
CA VAL FA 109 -10.04 -101.80 -28.27
C VAL FA 109 -9.66 -101.81 -29.74
N ALA FA 110 -10.59 -101.45 -30.63
CA ALA FA 110 -10.32 -101.37 -32.07
C ALA FA 110 -9.92 -99.97 -32.51
N GLY FA 111 -9.71 -99.05 -31.58
CA GLY FA 111 -9.31 -97.70 -31.91
C GLY FA 111 -10.43 -96.79 -32.37
N LEU FA 112 -11.68 -97.25 -32.30
CA LEU FA 112 -12.83 -96.47 -32.75
C LEU FA 112 -13.49 -95.80 -31.55
N LEU FA 113 -13.76 -94.51 -31.66
CA LEU FA 113 -14.49 -93.81 -30.61
C LEU FA 113 -15.95 -94.23 -30.68
N PRO FA 114 -16.53 -94.72 -29.58
CA PRO FA 114 -17.87 -95.30 -29.65
C PRO FA 114 -18.95 -94.25 -29.88
N THR FA 115 -19.12 -93.84 -31.13
CA THR FA 115 -20.09 -92.81 -31.47
C THR FA 115 -21.52 -93.30 -31.29
N THR FA 116 -21.74 -94.60 -31.42
CA THR FA 116 -23.07 -95.17 -31.58
C THR FA 116 -23.62 -95.82 -30.33
N ILE FA 117 -22.92 -95.74 -29.20
CA ILE FA 117 -23.36 -96.43 -28.00
C ILE FA 117 -24.36 -95.58 -27.24
N GLN FA 118 -25.12 -96.22 -26.36
CA GLN FA 118 -26.17 -95.56 -25.56
C GLN FA 118 -25.94 -95.85 -24.09
N PRO FA 119 -25.20 -95.00 -23.39
CA PRO FA 119 -24.97 -95.21 -21.96
C PRO FA 119 -26.25 -95.01 -21.15
N VAL FA 120 -26.37 -95.77 -20.07
CA VAL FA 120 -27.57 -95.80 -19.24
C VAL FA 120 -27.21 -95.50 -17.79
N VAL FA 121 -28.25 -95.26 -16.99
CA VAL FA 121 -28.15 -95.15 -15.54
C VAL FA 121 -29.08 -96.20 -14.94
N GLU FA 122 -28.65 -96.82 -13.84
CA GLU FA 122 -29.46 -97.80 -13.12
C GLU FA 122 -29.80 -99.00 -14.01
N TYR FA 123 -28.76 -99.70 -14.45
CA TYR FA 123 -28.95 -100.85 -15.33
C TYR FA 123 -29.70 -101.97 -14.64
N THR FA 124 -30.64 -102.57 -15.37
CA THR FA 124 -31.45 -103.67 -14.86
C THR FA 124 -31.65 -104.76 -15.92
N ALA GA 1 -43.69 -72.46 -49.63
CA ALA GA 1 -42.93 -73.62 -50.06
C ALA GA 1 -42.65 -74.57 -48.89
N GLN GA 2 -42.47 -73.98 -47.71
CA GLN GA 2 -42.15 -74.69 -46.48
C GLN GA 2 -40.98 -75.66 -46.66
N HIS GA 3 -40.00 -75.24 -47.45
CA HIS GA 3 -38.71 -75.92 -47.44
C HIS GA 3 -38.02 -75.67 -46.10
N ASN GA 4 -37.61 -76.74 -45.43
CA ASN GA 4 -37.07 -76.62 -44.09
C ASN GA 4 -35.56 -76.35 -44.10
N MET GA 5 -35.09 -75.67 -43.06
CA MET GA 5 -33.71 -75.20 -43.00
C MET GA 5 -32.74 -76.36 -42.94
N ARG GA 6 -31.50 -76.10 -43.36
CA ARG GA 6 -30.47 -77.12 -43.35
C ARG GA 6 -29.26 -76.65 -42.56
N LEU GA 7 -28.50 -77.61 -42.03
CA LEU GA 7 -27.54 -77.33 -40.96
C LEU GA 7 -26.25 -76.73 -41.49
N GLN GA 8 -25.75 -75.71 -40.80
CA GLN GA 8 -24.53 -75.01 -41.20
C GLN GA 8 -23.41 -75.07 -40.17
N LEU GA 9 -23.69 -74.79 -38.89
CA LEU GA 9 -22.66 -74.69 -37.87
C LEU GA 9 -23.07 -75.44 -36.61
N THR GA 10 -22.19 -76.31 -36.11
CA THR GA 10 -22.41 -77.03 -34.86
C THR GA 10 -21.24 -76.77 -33.93
N SER GA 11 -21.54 -76.47 -32.67
CA SER GA 11 -20.51 -76.08 -31.73
C SER GA 11 -20.61 -76.78 -30.38
N GLY GA 12 -21.56 -77.67 -30.18
CA GLY GA 12 -21.77 -78.31 -28.89
C GLY GA 12 -22.40 -77.35 -27.89
N THR GA 13 -22.33 -76.05 -28.22
CA THR GA 13 -23.02 -75.00 -27.51
C THR GA 13 -23.89 -74.15 -28.43
N SER GA 14 -23.60 -74.11 -29.72
CA SER GA 14 -24.36 -73.32 -30.69
C SER GA 14 -24.74 -74.19 -31.88
N LEU GA 15 -25.95 -73.98 -32.38
CA LEU GA 15 -26.40 -74.60 -33.61
C LEU GA 15 -26.89 -73.51 -34.54
N THR GA 16 -26.52 -73.61 -35.82
CA THR GA 16 -26.82 -72.58 -36.79
C THR GA 16 -27.28 -73.25 -38.08
N TRP GA 17 -28.57 -73.09 -38.38
CA TRP GA 17 -29.16 -73.56 -39.62
C TRP GA 17 -29.39 -72.38 -40.55
N VAL GA 18 -29.45 -72.67 -41.85
CA VAL GA 18 -29.64 -71.64 -42.87
C VAL GA 18 -30.69 -72.11 -43.86
N ASP GA 19 -31.41 -71.14 -44.43
CA ASP GA 19 -32.31 -71.38 -45.55
C ASP GA 19 -31.49 -71.76 -46.78
N PRO GA 20 -31.67 -72.96 -47.34
CA PRO GA 20 -30.87 -73.35 -48.52
C PRO GA 20 -31.06 -72.44 -49.72
N ASN GA 21 -32.17 -71.71 -49.82
CA ASN GA 21 -32.35 -70.77 -50.92
C ASN GA 21 -31.71 -69.42 -50.61
N ASP GA 22 -32.05 -68.84 -49.47
CA ASP GA 22 -31.59 -67.51 -49.09
C ASP GA 22 -30.65 -67.64 -47.90
N PHE GA 23 -29.36 -67.35 -48.14
CA PHE GA 23 -28.36 -67.41 -47.08
C PHE GA 23 -28.50 -66.25 -46.09
N ARG GA 24 -29.36 -65.28 -46.37
CA ARG GA 24 -29.55 -64.15 -45.46
C ARG GA 24 -30.38 -64.52 -44.23
N SER GA 25 -31.21 -65.57 -44.31
CA SER GA 25 -32.08 -65.97 -43.22
C SER GA 25 -31.48 -67.18 -42.51
N THR GA 26 -31.07 -66.97 -41.27
CA THR GA 26 -30.42 -67.99 -40.46
C THR GA 26 -31.17 -68.16 -39.15
N PHE GA 27 -30.83 -69.25 -38.45
CA PHE GA 27 -31.51 -69.61 -37.22
C PHE GA 27 -30.48 -70.26 -36.30
N ARG GA 28 -30.17 -69.62 -35.18
CA ARG GA 28 -29.20 -70.14 -34.22
C ARG GA 28 -29.90 -70.43 -32.90
N ILE GA 29 -29.45 -71.48 -32.23
CA ILE GA 29 -29.82 -71.80 -30.86
C ILE GA 29 -28.53 -71.91 -30.05
N ASN GA 30 -28.45 -71.12 -28.98
CA ASN GA 30 -27.33 -71.14 -28.05
C ASN GA 30 -27.82 -71.58 -26.70
N LEU GA 31 -27.03 -72.41 -26.02
CA LEU GA 31 -27.39 -72.95 -24.72
C LEU GA 31 -26.19 -72.85 -23.80
N ASN GA 32 -26.42 -72.38 -22.57
CA ASN GA 32 -25.33 -72.28 -21.59
C ASN GA 32 -25.86 -72.72 -20.24
N VAL GA 33 -25.28 -73.79 -19.70
CA VAL GA 33 -25.66 -74.34 -18.40
C VAL GA 33 -24.53 -74.04 -17.42
N ASN GA 34 -24.89 -73.61 -16.22
CA ASN GA 34 -23.92 -73.38 -15.16
C ASN GA 34 -24.66 -73.26 -13.83
N GLN GA 35 -23.93 -73.44 -12.73
CA GLN GA 35 -24.61 -73.45 -11.45
C GLN GA 35 -24.96 -72.03 -11.01
N LYS GA 36 -25.93 -71.96 -10.09
CA LYS GA 36 -26.49 -70.72 -9.60
C LYS GA 36 -26.90 -70.94 -8.15
N VAL GA 37 -26.76 -69.89 -7.35
CA VAL GA 37 -27.06 -69.97 -5.93
C VAL GA 37 -28.39 -69.24 -5.70
N ALA GA 38 -29.44 -70.02 -5.45
CA ALA GA 38 -30.75 -69.49 -5.07
C ALA GA 38 -30.88 -69.69 -3.56
N GLY GA 39 -30.82 -68.60 -2.81
CA GLY GA 39 -30.82 -68.69 -1.37
C GLY GA 39 -29.64 -69.49 -0.87
N ALA GA 40 -29.92 -70.65 -0.26
CA ALA GA 40 -28.88 -71.53 0.25
C ALA GA 40 -28.75 -72.82 -0.57
N VAL GA 41 -29.31 -72.85 -1.78
CA VAL GA 41 -29.33 -74.05 -2.60
C VAL GA 41 -28.76 -73.74 -3.97
N SER GA 42 -27.83 -74.57 -4.43
CA SER GA 42 -27.28 -74.42 -5.77
C SER GA 42 -28.09 -75.28 -6.75
N VAL GA 43 -28.48 -74.67 -7.87
CA VAL GA 43 -29.22 -75.34 -8.92
C VAL GA 43 -28.57 -75.03 -10.26
N TYR GA 44 -28.77 -75.93 -11.22
CA TYR GA 44 -28.21 -75.76 -12.56
C TYR GA 44 -29.13 -74.88 -13.38
N ASN GA 45 -28.70 -73.63 -13.61
CA ASN GA 45 -29.42 -72.70 -14.46
C ASN GA 45 -28.98 -72.88 -15.90
N ALA GA 46 -29.95 -72.99 -16.80
CA ALA GA 46 -29.74 -73.01 -18.23
C ALA GA 46 -30.29 -71.71 -18.82
N ARG GA 47 -29.46 -71.03 -19.61
CA ARG GA 47 -29.88 -69.88 -20.39
C ARG GA 47 -29.83 -70.30 -21.86
N SER GA 48 -30.99 -70.38 -22.49
CA SER GA 48 -31.11 -70.70 -23.90
C SER GA 48 -31.54 -69.43 -24.64
N GLU GA 49 -30.83 -69.09 -25.72
CA GLU GA 49 -31.30 -68.04 -26.60
C GLU GA 49 -31.47 -68.58 -28.02
N VAL GA 50 -32.54 -68.13 -28.66
CA VAL GA 50 -32.94 -68.58 -29.98
C VAL GA 50 -33.05 -67.35 -30.86
N ILE GA 51 -32.16 -67.25 -31.85
CA ILE GA 51 -31.99 -66.04 -32.66
C ILE GA 51 -32.28 -66.40 -34.12
N THR GA 52 -33.33 -65.82 -34.69
CA THR GA 52 -33.60 -65.93 -36.11
C THR GA 52 -33.31 -64.57 -36.76
N ASN GA 53 -32.49 -64.59 -37.81
CA ASN GA 53 -32.00 -63.39 -38.47
C ASN GA 53 -32.38 -63.44 -39.95
N ARG GA 54 -32.82 -62.30 -40.49
CA ARG GA 54 -33.19 -62.25 -41.91
C ARG GA 54 -32.80 -60.89 -42.46
N ALA GA 55 -32.80 -60.81 -43.79
CA ALA GA 55 -32.42 -59.59 -44.51
C ALA GA 55 -33.42 -59.34 -45.64
N PRO GA 56 -34.59 -58.79 -45.31
CA PRO GA 56 -35.56 -58.47 -46.36
C PRO GA 56 -35.12 -57.29 -47.20
N LEU GA 57 -35.70 -57.19 -48.39
CA LEU GA 57 -35.48 -56.05 -49.26
C LEU GA 57 -36.54 -55.01 -49.02
N VAL GA 58 -36.14 -53.74 -49.09
CA VAL GA 58 -37.09 -52.63 -48.98
C VAL GA 58 -37.75 -52.45 -50.34
N VAL GA 59 -39.02 -52.82 -50.43
CA VAL GA 59 -39.77 -52.78 -51.69
C VAL GA 59 -40.38 -51.40 -51.86
N ILE GA 60 -39.89 -50.64 -52.83
CA ILE GA 60 -40.50 -49.39 -53.26
C ILE GA 60 -41.10 -49.59 -54.64
N GLU GA 61 -42.40 -49.34 -54.75
CA GLU GA 61 -43.07 -49.36 -56.04
C GLU GA 61 -42.51 -48.27 -56.95
N GLY GA 62 -42.35 -48.60 -58.24
CA GLY GA 62 -41.78 -47.68 -59.18
C GLY GA 62 -40.26 -47.69 -59.21
N CYS GA 63 -39.62 -48.40 -58.29
CA CYS GA 63 -38.16 -48.49 -58.21
C CYS GA 63 -37.76 -49.94 -58.44
N THR GA 64 -37.35 -50.26 -59.65
CA THR GA 64 -36.75 -51.56 -59.92
C THR GA 64 -35.39 -51.61 -59.23
N ASP GA 65 -35.31 -52.33 -58.12
CA ASP GA 65 -34.11 -52.39 -57.30
C ASP GA 65 -33.14 -53.41 -57.90
N ALA GA 66 -32.66 -53.07 -59.09
CA ALA GA 66 -31.54 -53.79 -59.67
C ALA GA 66 -30.38 -53.76 -58.69
N CYS GA 67 -29.71 -54.91 -58.55
CA CYS GA 67 -28.58 -55.17 -57.67
C CYS GA 67 -29.05 -55.42 -56.23
N SER GA 68 -30.34 -55.24 -55.94
CA SER GA 68 -30.91 -55.47 -54.61
C SER GA 68 -30.11 -54.76 -53.52
N VAL GA 69 -29.95 -53.45 -53.71
CA VAL GA 69 -29.12 -52.67 -52.79
C VAL GA 69 -29.92 -52.21 -51.58
N ASN GA 70 -31.19 -51.86 -51.77
CA ASN GA 70 -32.04 -51.45 -50.66
C ASN GA 70 -32.44 -52.68 -49.86
N ARG GA 71 -31.69 -52.97 -48.80
CA ARG GA 71 -31.90 -54.18 -48.02
C ARG GA 71 -31.81 -53.86 -46.54
N GLU GA 72 -32.65 -54.55 -45.76
CA GLU GA 72 -32.84 -54.31 -44.34
C GLU GA 72 -32.51 -55.56 -43.54
N ASN GA 73 -31.97 -55.38 -42.34
CA ASN GA 73 -31.79 -56.47 -41.39
C ASN GA 73 -32.95 -56.50 -40.40
N ILE GA 74 -33.52 -57.68 -40.21
CA ILE GA 74 -34.55 -57.89 -39.19
C ILE GA 74 -34.14 -59.09 -38.34
N SER GA 75 -34.54 -59.06 -37.07
CA SER GA 75 -34.13 -60.11 -36.15
C SER GA 75 -35.18 -60.34 -35.06
N ILE GA 76 -35.40 -61.62 -34.74
CA ILE GA 76 -36.28 -62.03 -33.66
C ILE GA 76 -35.51 -62.96 -32.74
N ARG GA 77 -35.38 -62.58 -31.48
CA ARG GA 77 -34.55 -63.26 -30.51
C ARG GA 77 -35.37 -63.59 -29.27
N THR GA 78 -35.05 -64.72 -28.64
CA THR GA 78 -35.80 -65.17 -27.46
C THR GA 78 -34.85 -65.80 -26.46
N THR GA 79 -34.78 -65.22 -25.26
CA THR GA 79 -33.92 -65.70 -24.19
C THR GA 79 -34.76 -66.30 -23.07
N ILE GA 80 -34.31 -67.45 -22.55
CA ILE GA 80 -35.04 -68.23 -21.56
C ILE GA 80 -33.99 -68.68 -20.56
N SER GA 81 -33.95 -68.03 -19.39
CA SER GA 81 -32.96 -68.34 -18.35
C SER GA 81 -33.70 -68.81 -17.10
N GLY GA 82 -33.42 -70.05 -16.70
CA GLY GA 82 -34.06 -70.63 -15.54
C GLY GA 82 -33.43 -71.94 -15.15
N SER GA 83 -33.77 -72.41 -13.95
CA SER GA 83 -33.26 -73.68 -13.47
C SER GA 83 -33.83 -74.83 -14.28
N VAL GA 84 -32.99 -75.84 -14.52
CA VAL GA 84 -33.51 -77.11 -15.02
C VAL GA 84 -34.43 -77.73 -13.99
N GLU GA 85 -34.18 -77.48 -12.70
CA GLU GA 85 -35.01 -78.05 -11.65
C GLU GA 85 -36.42 -77.45 -11.66
N ASN GA 86 -36.54 -76.13 -11.82
CA ASN GA 86 -37.85 -75.49 -11.92
C ASN GA 86 -38.34 -75.37 -13.36
N LYS GA 87 -37.91 -76.28 -14.22
CA LYS GA 87 -38.33 -76.22 -15.62
C LYS GA 87 -39.85 -76.26 -15.76
N ALA GA 88 -40.56 -76.75 -14.74
CA ALA GA 88 -42.02 -76.69 -14.78
C ALA GA 88 -42.51 -75.25 -14.79
N ALA GA 89 -42.06 -74.44 -13.83
CA ALA GA 89 -42.44 -73.03 -13.82
C ALA GA 89 -41.84 -72.27 -15.00
N VAL GA 90 -40.68 -72.72 -15.49
CA VAL GA 90 -40.12 -72.13 -16.70
C VAL GA 90 -41.07 -72.32 -17.87
N LEU GA 91 -41.61 -73.54 -18.04
CA LEU GA 91 -42.51 -73.82 -19.16
C LEU GA 91 -43.86 -73.13 -18.98
N ALA GA 92 -44.36 -73.05 -17.75
CA ALA GA 92 -45.57 -72.26 -17.50
C ALA GA 92 -45.35 -70.80 -17.92
N ALA GA 93 -44.21 -70.24 -17.53
CA ALA GA 93 -43.86 -68.89 -17.93
C ALA GA 93 -43.72 -68.77 -19.45
N LEU GA 94 -43.21 -69.80 -20.11
CA LEU GA 94 -43.08 -69.75 -21.56
C LEU GA 94 -44.44 -69.73 -22.23
N LEU GA 95 -45.37 -70.58 -21.77
CA LEU GA 95 -46.72 -70.56 -22.33
C LEU GA 95 -47.38 -69.21 -22.16
N ASP GA 96 -47.34 -68.67 -20.93
CA ASP GA 96 -47.95 -67.37 -20.69
C ASP GA 96 -47.27 -66.28 -21.51
N HIS GA 97 -45.96 -66.36 -21.66
CA HIS GA 97 -45.20 -65.42 -22.47
C HIS GA 97 -45.63 -65.47 -23.93
N LEU GA 98 -45.71 -66.68 -24.49
CA LEU GA 98 -46.10 -66.83 -25.89
C LEU GA 98 -47.51 -66.30 -26.13
N HIS GA 99 -48.44 -66.58 -25.21
CA HIS GA 99 -49.81 -66.12 -25.39
C HIS GA 99 -49.89 -64.60 -25.32
N ASN GA 100 -49.18 -63.98 -24.38
CA ASN GA 100 -49.23 -62.53 -24.27
C ASN GA 100 -48.53 -61.87 -25.45
N LEU GA 101 -47.41 -62.47 -25.91
CA LEU GA 101 -46.78 -62.01 -27.14
C LEU GA 101 -47.78 -62.04 -28.29
N GLY GA 102 -48.54 -63.13 -28.41
CA GLY GA 102 -49.56 -63.21 -29.45
C GLY GA 102 -50.63 -62.16 -29.30
N LEU GA 103 -50.94 -61.77 -28.06
CA LEU GA 103 -51.88 -60.66 -27.86
C LEU GA 103 -51.32 -59.37 -28.43
N ALA GA 104 -50.03 -59.13 -28.24
CA ALA GA 104 -49.45 -57.86 -28.68
C ALA GA 104 -48.88 -57.89 -30.09
N ARG GA 105 -48.85 -59.04 -30.75
CA ARG GA 105 -47.99 -59.23 -31.92
C ARG GA 105 -48.39 -58.35 -33.08
N ASP GA 106 -49.69 -58.05 -33.21
CA ASP GA 106 -50.11 -57.25 -34.35
C ASP GA 106 -49.80 -55.78 -34.14
N ASP GA 107 -50.03 -55.29 -32.91
CA ASP GA 107 -49.70 -53.89 -32.61
C ASP GA 107 -48.20 -53.64 -32.69
N LEU GA 108 -47.41 -54.50 -32.04
CA LEU GA 108 -45.98 -54.25 -31.91
C LEU GA 108 -45.28 -54.19 -33.26
N VAL GA 109 -45.67 -55.06 -34.20
CA VAL GA 109 -44.97 -55.10 -35.48
C VAL GA 109 -45.34 -53.90 -36.34
N ALA GA 110 -46.48 -53.26 -36.08
CA ALA GA 110 -46.90 -52.05 -36.77
C ALA GA 110 -46.35 -50.78 -36.13
N GLY GA 111 -45.49 -50.92 -35.12
CA GLY GA 111 -44.89 -49.76 -34.48
C GLY GA 111 -45.77 -49.04 -33.47
N LEU GA 112 -46.76 -49.73 -32.93
CA LEU GA 112 -47.76 -49.11 -32.07
C LEU GA 112 -47.75 -49.78 -30.70
N LEU GA 113 -47.72 -48.98 -29.65
CA LEU GA 113 -47.71 -49.53 -28.30
C LEU GA 113 -49.04 -50.22 -28.01
N PRO GA 114 -49.03 -51.50 -27.62
CA PRO GA 114 -50.30 -52.24 -27.38
C PRO GA 114 -50.96 -51.81 -26.08
N THR GA 115 -51.47 -50.58 -26.06
CA THR GA 115 -52.12 -50.04 -24.88
C THR GA 115 -53.41 -50.78 -24.55
N THR GA 116 -54.04 -51.43 -25.53
CA THR GA 116 -55.35 -52.01 -25.35
C THR GA 116 -55.32 -53.42 -24.78
N ILE GA 117 -54.27 -54.21 -25.07
CA ILE GA 117 -54.29 -55.62 -24.69
C ILE GA 117 -54.29 -55.78 -23.16
N GLN GA 118 -54.66 -56.96 -22.71
CA GLN GA 118 -54.63 -57.32 -21.29
C GLN GA 118 -53.99 -58.70 -21.14
N PRO GA 119 -52.77 -58.79 -20.63
CA PRO GA 119 -52.11 -60.08 -20.51
C PRO GA 119 -52.74 -60.94 -19.41
N VAL GA 120 -52.29 -62.19 -19.35
CA VAL GA 120 -52.90 -63.22 -18.52
C VAL GA 120 -51.79 -64.05 -17.87
N VAL GA 121 -52.10 -64.59 -16.69
CA VAL GA 121 -51.31 -65.64 -16.06
C VAL GA 121 -52.07 -66.95 -16.17
N GLU GA 122 -51.36 -68.05 -16.40
CA GLU GA 122 -51.94 -69.39 -16.38
C GLU GA 122 -52.97 -69.58 -17.50
N TYR GA 123 -52.57 -69.25 -18.74
CA TYR GA 123 -53.48 -69.46 -19.86
C TYR GA 123 -53.89 -70.92 -19.98
N THR GA 124 -55.16 -71.13 -20.31
CA THR GA 124 -55.72 -72.47 -20.43
C THR GA 124 -56.61 -72.58 -21.67
N ALA HA 1 18.63 -131.30 13.00
CA ALA HA 1 17.28 -131.06 13.52
C ALA HA 1 16.26 -130.96 12.38
N GLN HA 2 16.72 -130.58 11.19
CA GLN HA 2 15.86 -130.53 10.00
C GLN HA 2 14.65 -129.61 10.22
N HIS HA 3 14.87 -128.50 10.92
CA HIS HA 3 13.84 -127.50 11.10
C HIS HA 3 13.94 -126.46 9.99
N ASN HA 4 12.83 -126.23 9.30
CA ASN HA 4 12.82 -125.32 8.17
C ASN HA 4 12.79 -123.85 8.63
N MET HA 5 13.38 -123.00 7.79
CA MET HA 5 13.54 -121.58 8.11
C MET HA 5 12.22 -120.85 8.09
N ARG HA 6 12.14 -119.76 8.85
CA ARG HA 6 10.93 -118.94 8.87
C ARG HA 6 11.23 -117.57 8.26
N LEU HA 7 10.24 -117.03 7.55
CA LEU HA 7 10.45 -115.86 6.71
C LEU HA 7 10.48 -114.58 7.54
N GLN HA 8 11.36 -113.66 7.16
CA GLN HA 8 11.55 -112.41 7.89
C GLN HA 8 11.34 -111.15 7.06
N LEU HA 9 11.77 -111.13 5.79
CA LEU HA 9 11.67 -109.90 5.00
C LEU HA 9 11.21 -110.19 3.57
N THR HA 10 10.15 -109.50 3.14
CA THR HA 10 9.64 -109.58 1.77
C THR HA 10 9.69 -108.20 1.14
N SER HA 11 10.17 -108.15 -0.11
CA SER HA 11 10.32 -106.86 -0.78
C SER HA 11 9.88 -106.86 -2.24
N GLY HA 12 9.39 -107.97 -2.78
CA GLY HA 12 9.05 -108.03 -4.19
C GLY HA 12 10.26 -108.12 -5.10
N THR HA 13 11.43 -107.83 -4.54
CA THR HA 13 12.71 -108.06 -5.19
C THR HA 13 13.66 -108.90 -4.36
N SER HA 14 13.42 -109.04 -3.05
CA SER HA 14 14.23 -109.92 -2.21
C SER HA 14 13.32 -110.71 -1.28
N LEU HA 15 13.85 -111.82 -0.80
CA LEU HA 15 13.23 -112.63 0.23
C LEU HA 15 14.31 -112.97 1.25
N THR HA 16 13.96 -112.90 2.53
CA THR HA 16 14.94 -113.06 3.60
C THR HA 16 14.33 -113.96 4.67
N TRP HA 17 14.74 -115.23 4.69
CA TRP HA 17 14.38 -116.19 5.72
C TRP HA 17 15.50 -116.27 6.77
N VAL HA 18 15.13 -116.75 7.95
CA VAL HA 18 16.05 -116.85 9.07
C VAL HA 18 15.76 -118.13 9.84
N ASP HA 19 16.81 -118.71 10.40
CA ASP HA 19 16.68 -119.84 11.32
C ASP HA 19 16.06 -119.36 12.62
N PRO HA 20 14.89 -119.85 13.01
CA PRO HA 20 14.27 -119.37 14.26
C PRO HA 20 15.13 -119.61 15.49
N ASN HA 21 16.01 -120.60 15.46
CA ASN HA 21 16.90 -120.85 16.60
C ASN HA 21 18.08 -119.89 16.59
N ASP HA 22 18.83 -119.85 15.49
CA ASP HA 22 19.99 -118.99 15.35
C ASP HA 22 19.66 -117.90 14.34
N PHE HA 23 19.50 -116.66 14.83
CA PHE HA 23 19.31 -115.52 13.94
C PHE HA 23 20.55 -115.20 13.11
N ARG HA 24 21.70 -115.84 13.38
CA ARG HA 24 22.91 -115.55 12.63
C ARG HA 24 22.96 -116.23 11.27
N SER HA 25 22.06 -117.19 11.01
CA SER HA 25 22.02 -117.89 9.72
C SER HA 25 20.85 -117.36 8.90
N THR HA 26 21.16 -116.57 7.90
CA THR HA 26 20.21 -115.90 7.02
C THR HA 26 20.21 -116.60 5.67
N PHE HA 27 19.08 -116.50 4.97
CA PHE HA 27 18.97 -117.00 3.59
C PHE HA 27 18.17 -116.00 2.78
N ARG HA 28 18.83 -115.33 1.83
CA ARG HA 28 18.21 -114.32 0.99
C ARG HA 28 18.22 -114.75 -0.47
N ILE HA 29 17.16 -114.38 -1.19
CA ILE HA 29 17.07 -114.54 -2.64
C ILE HA 29 16.73 -113.18 -3.24
N ASN HA 30 17.54 -112.72 -4.19
CA ASN HA 30 17.34 -111.46 -4.89
C ASN HA 30 17.10 -111.79 -6.37
N LEU HA 31 16.01 -111.28 -6.92
CA LEU HA 31 15.70 -111.49 -8.34
C LEU HA 31 15.49 -110.14 -8.99
N ASN HA 32 16.27 -109.87 -10.04
CA ASN HA 32 16.16 -108.62 -10.78
C ASN HA 32 15.96 -108.96 -12.25
N VAL HA 33 14.94 -108.37 -12.87
CA VAL HA 33 14.63 -108.64 -14.26
C VAL HA 33 14.64 -107.33 -15.04
N ASN HA 34 15.24 -107.36 -16.22
CA ASN HA 34 15.28 -106.22 -17.12
C ASN HA 34 15.56 -106.70 -18.54
N GLN HA 35 15.18 -105.89 -19.51
CA GLN HA 35 15.36 -106.28 -20.90
C GLN HA 35 16.81 -106.07 -21.33
N LYS HA 36 17.32 -107.03 -22.10
CA LYS HA 36 18.62 -106.94 -22.74
C LYS HA 36 18.43 -107.17 -24.22
N VAL HA 37 19.46 -106.85 -25.00
CA VAL HA 37 19.44 -107.03 -26.44
C VAL HA 37 20.31 -108.25 -26.75
N ALA HA 38 19.69 -109.35 -27.18
CA ALA HA 38 20.41 -110.52 -27.62
C ALA HA 38 20.40 -110.52 -29.14
N GLY HA 39 21.56 -110.24 -29.74
CA GLY HA 39 21.68 -110.25 -31.17
C GLY HA 39 20.66 -109.37 -31.85
N ALA HA 40 19.69 -109.99 -32.52
CA ALA HA 40 18.70 -109.25 -33.30
C ALA HA 40 17.48 -108.83 -32.49
N VAL HA 41 17.17 -109.52 -31.39
CA VAL HA 41 15.90 -109.30 -30.70
C VAL HA 41 16.17 -109.07 -29.22
N SER HA 42 15.24 -108.37 -28.57
CA SER HA 42 15.33 -108.15 -27.13
C SER HA 42 14.74 -109.33 -26.37
N VAL HA 43 15.37 -109.65 -25.24
CA VAL HA 43 14.92 -110.72 -24.35
C VAL HA 43 14.89 -110.18 -22.93
N TYR HA 44 14.31 -110.98 -22.02
CA TYR HA 44 14.19 -110.61 -20.61
C TYR HA 44 15.25 -111.34 -19.80
N ASN HA 45 16.28 -110.62 -19.36
CA ASN HA 45 17.32 -111.19 -18.52
C ASN HA 45 16.91 -111.10 -17.06
N ALA HA 46 17.15 -112.19 -16.32
CA ALA HA 46 16.80 -112.30 -14.91
C ALA HA 46 18.06 -112.71 -14.16
N ARG HA 47 18.65 -111.75 -13.45
CA ARG HA 47 19.78 -112.03 -12.56
C ARG HA 47 19.19 -112.42 -11.21
N SER HA 48 19.22 -113.72 -10.92
CA SER HA 48 18.93 -114.24 -9.60
C SER HA 48 20.23 -114.33 -8.82
N GLU HA 49 20.15 -114.14 -7.51
CA GLU HA 49 21.24 -114.51 -6.64
C GLU HA 49 20.68 -115.03 -5.32
N VAL HA 50 21.36 -116.04 -4.79
CA VAL HA 50 20.93 -116.75 -3.59
C VAL HA 50 22.10 -116.71 -2.62
N ILE HA 51 21.92 -116.03 -1.49
CA ILE HA 51 22.98 -115.78 -0.53
C ILE HA 51 22.58 -116.42 0.79
N THR HA 52 23.41 -117.35 1.28
CA THR HA 52 23.24 -117.91 2.60
C THR HA 52 24.40 -117.46 3.49
N ASN HA 53 24.05 -116.88 4.65
CA ASN HA 53 25.00 -116.28 5.57
C ASN HA 53 24.91 -117.02 6.89
N ARG HA 54 26.06 -117.25 7.53
CA ARG HA 54 26.07 -117.87 8.84
C ARG HA 54 27.23 -117.31 9.65
N ALA HA 55 27.19 -117.58 10.95
CA ALA HA 55 28.22 -117.13 11.88
C ALA HA 55 28.52 -118.26 12.87
N PRO HA 56 29.18 -119.31 12.41
CA PRO HA 56 29.56 -120.39 13.33
C PRO HA 56 30.62 -119.92 14.31
N LEU HA 57 30.71 -120.64 15.40
CA LEU HA 57 31.65 -120.29 16.47
C LEU HA 57 33.00 -120.94 16.21
N VAL HA 58 34.06 -120.18 16.44
CA VAL HA 58 35.43 -120.66 16.28
C VAL HA 58 35.87 -121.26 17.61
N VAL HA 59 36.14 -122.56 17.62
CA VAL HA 59 36.43 -123.28 18.85
C VAL HA 59 37.80 -123.95 18.71
N ILE HA 60 38.72 -123.60 19.60
CA ILE HA 60 40.00 -124.30 19.76
C ILE HA 60 39.99 -124.94 21.13
N GLU HA 61 40.05 -126.27 21.17
CA GLU HA 61 39.67 -127.01 22.38
C GLU HA 61 40.46 -126.56 23.60
N GLY HA 62 41.76 -126.32 23.45
CA GLY HA 62 42.56 -125.88 24.57
C GLY HA 62 42.59 -124.39 24.78
N CYS HA 63 42.08 -123.61 23.82
CA CYS HA 63 42.32 -122.18 23.77
C CYS HA 63 41.08 -121.32 23.88
N THR HA 64 39.93 -121.78 23.39
CA THR HA 64 38.73 -120.94 23.23
C THR HA 64 37.96 -120.94 24.55
N ASP HA 65 37.95 -119.78 25.21
CA ASP HA 65 37.11 -119.58 26.38
C ASP HA 65 35.65 -119.65 25.96
N ALA HA 66 34.87 -120.48 26.67
CA ALA HA 66 33.46 -120.65 26.32
C ALA HA 66 32.64 -119.42 26.69
N CYS HA 67 33.05 -118.66 27.69
CA CYS HA 67 32.29 -117.51 28.13
C CYS HA 67 32.30 -116.40 27.08
N SER HA 68 33.48 -116.10 26.54
CA SER HA 68 33.61 -115.10 25.48
C SER HA 68 33.50 -115.80 24.13
N VAL HA 69 32.35 -115.64 23.47
CA VAL HA 69 32.13 -116.31 22.20
C VAL HA 69 33.06 -115.75 21.14
N ASN HA 70 33.57 -116.63 20.28
CA ASN HA 70 34.40 -116.24 19.15
C ASN HA 70 33.70 -116.75 17.90
N ARG HA 71 33.16 -115.83 17.10
CA ARG HA 71 32.39 -116.20 15.93
C ARG HA 71 33.08 -115.72 14.65
N GLU HA 72 32.73 -116.40 13.56
CA GLU HA 72 33.26 -116.15 12.22
C GLU HA 72 32.11 -116.07 11.24
N ASN HA 73 32.13 -115.06 10.38
CA ASN HA 73 31.16 -115.01 9.30
C ASN HA 73 31.58 -115.95 8.18
N ILE HA 74 30.64 -116.76 7.70
CA ILE HA 74 30.82 -117.58 6.52
C ILE HA 74 29.66 -117.32 5.57
N SER HA 75 29.95 -117.38 4.26
CA SER HA 75 28.94 -117.04 3.28
C SER HA 75 29.07 -117.89 2.02
N ILE HA 76 27.92 -118.27 1.48
CA ILE HA 76 27.86 -118.97 0.19
C ILE HA 76 26.85 -118.24 -0.69
N ARG HA 77 27.33 -117.70 -1.79
CA ARG HA 77 26.57 -116.86 -2.70
C ARG HA 77 26.51 -117.55 -4.06
N THR HA 78 25.39 -117.38 -4.78
CA THR HA 78 25.24 -117.97 -6.11
C THR HA 78 24.45 -117.04 -7.01
N THR HA 79 25.11 -116.55 -8.06
CA THR HA 79 24.52 -115.66 -9.04
C THR HA 79 24.23 -116.43 -10.33
N ILE HA 80 23.05 -116.18 -10.91
CA ILE HA 80 22.57 -116.85 -12.11
C ILE HA 80 21.95 -115.79 -13.00
N SER HA 81 22.65 -115.40 -14.07
CA SER HA 81 22.19 -114.33 -14.96
C SER HA 81 22.07 -114.88 -16.38
N GLY HA 82 20.84 -114.88 -16.90
CA GLY HA 82 20.51 -115.29 -18.24
C GLY HA 82 19.06 -114.91 -18.52
N SER HA 83 18.66 -115.04 -19.78
CA SER HA 83 17.30 -114.65 -20.13
C SER HA 83 16.29 -115.71 -19.68
N VAL HA 84 15.07 -115.23 -19.36
CA VAL HA 84 13.97 -116.15 -19.12
C VAL HA 84 13.57 -116.81 -20.43
N GLU HA 85 13.81 -116.13 -21.54
CA GLU HA 85 13.48 -116.67 -22.86
C GLU HA 85 14.22 -117.97 -23.12
N ASN HA 86 15.50 -118.03 -22.72
CA ASN HA 86 16.41 -119.13 -22.99
C ASN HA 86 16.71 -119.94 -21.72
N LYS HA 87 15.73 -120.01 -20.81
CA LYS HA 87 15.97 -120.65 -19.53
C LYS HA 87 16.32 -122.13 -19.70
N ALA HA 88 16.03 -122.71 -20.86
CA ALA HA 88 16.48 -124.08 -21.13
C ALA HA 88 18.01 -124.17 -21.05
N ALA HA 89 18.71 -123.32 -21.80
CA ALA HA 89 20.16 -123.30 -21.73
C ALA HA 89 20.66 -122.74 -20.42
N VAL HA 90 19.90 -121.84 -19.77
CA VAL HA 90 20.28 -121.40 -18.43
C VAL HA 90 20.37 -122.58 -17.48
N LEU HA 91 19.34 -123.43 -17.46
CA LEU HA 91 19.32 -124.60 -16.57
C LEU HA 91 20.34 -125.65 -17.00
N ALA HA 92 20.53 -125.84 -18.31
CA ALA HA 92 21.57 -126.76 -18.77
C ALA HA 92 22.95 -126.31 -18.30
N ALA HA 93 23.18 -125.00 -18.21
CA ALA HA 93 24.40 -124.49 -17.62
C ALA HA 93 24.42 -124.68 -16.11
N LEU HA 94 23.26 -124.52 -15.46
CA LEU HA 94 23.21 -124.66 -14.01
C LEU HA 94 23.57 -126.07 -13.57
N LEU HA 95 23.09 -127.08 -14.28
CA LEU HA 95 23.36 -128.46 -13.89
C LEU HA 95 24.85 -128.76 -13.96
N ASP HA 96 25.48 -128.36 -15.07
CA ASP HA 96 26.91 -128.56 -15.22
C ASP HA 96 27.69 -127.81 -14.16
N HIS HA 97 27.27 -126.58 -13.85
CA HIS HA 97 27.92 -125.79 -12.82
C HIS HA 97 27.84 -126.48 -11.46
N LEU HA 98 26.65 -126.95 -11.10
CA LEU HA 98 26.47 -127.59 -9.80
C LEU HA 98 27.30 -128.86 -9.69
N HIS HA 99 27.30 -129.68 -10.74
CA HIS HA 99 28.08 -130.92 -10.70
C HIS HA 99 29.58 -130.64 -10.60
N ASN HA 100 30.07 -129.65 -11.35
CA ASN HA 100 31.50 -129.34 -11.29
C ASN HA 100 31.86 -128.75 -9.93
N LEU HA 101 31.00 -127.90 -9.38
CA LEU HA 101 31.21 -127.42 -8.02
C LEU HA 101 31.29 -128.58 -7.05
N GLY HA 102 30.42 -129.58 -7.20
CA GLY HA 102 30.50 -130.76 -6.36
C GLY HA 102 31.83 -131.47 -6.50
N LEU HA 103 32.34 -131.59 -7.74
CA LEU HA 103 33.66 -132.19 -7.93
C LEU HA 103 34.73 -131.42 -7.16
N ALA HA 104 34.60 -130.11 -7.09
CA ALA HA 104 35.65 -129.29 -6.49
C ALA HA 104 35.51 -129.11 -4.98
N ARG HA 105 34.32 -129.30 -4.41
CA ARG HA 105 34.03 -128.72 -3.09
C ARG HA 105 34.93 -129.28 -2.01
N ASP HA 106 35.26 -130.57 -2.10
CA ASP HA 106 36.09 -131.18 -1.07
C ASP HA 106 37.47 -130.54 -1.04
N ASP HA 107 38.01 -130.23 -2.21
CA ASP HA 107 39.29 -129.52 -2.29
C ASP HA 107 39.15 -128.08 -1.84
N LEU HA 108 38.06 -127.42 -2.26
CA LEU HA 108 37.94 -125.98 -2.04
C LEU HA 108 37.75 -125.64 -0.57
N VAL HA 109 36.88 -126.38 0.12
CA VAL HA 109 36.60 -126.04 1.52
C VAL HA 109 37.81 -126.31 2.40
N ALA HA 110 38.77 -127.11 1.93
CA ALA HA 110 39.99 -127.39 2.66
C ALA HA 110 41.14 -126.47 2.28
N GLY HA 111 40.86 -125.41 1.52
CA GLY HA 111 41.88 -124.46 1.15
C GLY HA 111 42.85 -124.93 0.09
N LEU HA 112 42.54 -126.02 -0.60
CA LEU HA 112 43.43 -126.58 -1.61
C LEU HA 112 42.93 -126.22 -3.01
N LEU HA 113 43.86 -125.92 -3.90
CA LEU HA 113 43.50 -125.58 -5.28
C LEU HA 113 43.15 -126.86 -6.03
N PRO HA 114 41.92 -126.99 -6.55
CA PRO HA 114 41.50 -128.26 -7.17
C PRO HA 114 42.20 -128.53 -8.48
N THR HA 115 43.48 -128.89 -8.41
CA THR HA 115 44.30 -129.07 -9.60
C THR HA 115 44.05 -130.40 -10.31
N THR HA 116 43.42 -131.35 -9.65
CA THR HA 116 43.22 -132.68 -10.24
C THR HA 116 41.89 -132.81 -10.99
N ILE HA 117 40.83 -132.19 -10.47
CA ILE HA 117 39.48 -132.44 -10.97
C ILE HA 117 39.38 -132.12 -12.46
N GLN HA 118 38.41 -132.75 -13.13
CA GLN HA 118 38.12 -132.47 -14.53
C GLN HA 118 36.64 -132.19 -14.70
N PRO HA 119 36.25 -130.97 -15.05
CA PRO HA 119 34.84 -130.66 -15.24
C PRO HA 119 34.28 -131.27 -16.52
N VAL HA 120 33.02 -130.97 -16.83
CA VAL HA 120 32.35 -131.60 -17.96
C VAL HA 120 31.19 -130.72 -18.40
N VAL HA 121 30.84 -130.82 -19.69
CA VAL HA 121 29.67 -130.18 -20.25
C VAL HA 121 28.62 -131.26 -20.48
N GLU HA 122 27.35 -130.88 -20.39
CA GLU HA 122 26.22 -131.76 -20.71
C GLU HA 122 26.24 -133.04 -19.87
N TYR HA 123 26.31 -132.86 -18.55
CA TYR HA 123 26.41 -133.99 -17.64
C TYR HA 123 25.14 -134.83 -17.67
N THR HA 124 25.30 -136.13 -17.92
CA THR HA 124 24.19 -137.07 -18.05
C THR HA 124 24.09 -137.91 -16.79
N GLY HA 125 23.00 -137.72 -16.03
CA GLY HA 125 22.75 -138.52 -14.84
C GLY HA 125 23.71 -138.30 -13.69
N ALA IA 1 25.99 -134.90 -24.84
CA ALA IA 1 27.17 -135.61 -25.33
C ALA IA 1 28.13 -135.92 -24.18
N GLN IA 2 28.09 -135.08 -23.14
CA GLN IA 2 28.97 -135.17 -21.97
C GLN IA 2 30.42 -135.38 -22.37
N HIS IA 3 30.92 -134.48 -23.21
CA HIS IA 3 32.34 -134.36 -23.51
C HIS IA 3 32.96 -133.46 -22.44
N ASN IA 4 33.83 -134.04 -21.61
CA ASN IA 4 34.34 -133.29 -20.46
C ASN IA 4 35.31 -132.20 -20.88
N MET IA 5 35.36 -131.13 -20.07
CA MET IA 5 36.09 -129.92 -20.43
C MET IA 5 37.59 -130.15 -20.43
N ARG IA 6 38.28 -129.30 -21.17
CA ARG IA 6 39.72 -129.36 -21.33
C ARG IA 6 40.36 -128.22 -20.56
N LEU IA 7 41.42 -128.51 -19.81
CA LEU IA 7 42.15 -127.46 -19.13
C LEU IA 7 42.75 -126.49 -20.15
N GLN IA 8 42.72 -125.22 -19.82
CA GLN IA 8 43.32 -124.30 -20.78
C GLN IA 8 44.33 -123.36 -20.14
N LEU IA 9 44.09 -122.90 -18.91
CA LEU IA 9 45.04 -121.97 -18.30
C LEU IA 9 45.11 -122.12 -16.79
N THR IA 10 46.33 -122.16 -16.26
CA THR IA 10 46.58 -122.14 -14.82
C THR IA 10 47.56 -121.00 -14.53
N SER IA 11 47.17 -120.06 -13.68
CA SER IA 11 48.05 -118.97 -13.31
C SER IA 11 47.58 -118.36 -12.00
N GLY IA 12 48.53 -118.10 -11.10
CA GLY IA 12 48.22 -117.50 -9.82
C GLY IA 12 47.37 -118.40 -8.94
N THR IA 13 46.12 -118.00 -8.72
CA THR IA 13 45.18 -118.76 -7.92
C THR IA 13 44.00 -119.27 -8.75
N SER IA 14 44.07 -119.19 -10.08
CA SER IA 14 42.94 -119.48 -10.94
C SER IA 14 43.21 -120.73 -11.79
N LEU IA 15 42.12 -121.41 -12.12
CA LEU IA 15 42.13 -122.51 -13.07
C LEU IA 15 41.03 -122.24 -14.09
N THR IA 16 41.32 -122.48 -15.37
CA THR IA 16 40.39 -122.13 -16.44
C THR IA 16 40.32 -123.28 -17.43
N TRP IA 17 39.16 -123.94 -17.47
CA TRP IA 17 38.81 -124.99 -18.41
C TRP IA 17 37.86 -124.44 -19.47
N VAL IA 18 37.79 -125.14 -20.60
CA VAL IA 18 36.97 -124.71 -21.73
C VAL IA 18 36.33 -125.93 -22.38
N ASP IA 19 35.17 -125.72 -22.97
CA ASP IA 19 34.51 -126.74 -23.78
C ASP IA 19 35.26 -126.90 -25.10
N PRO IA 20 35.78 -128.10 -25.40
CA PRO IA 20 36.52 -128.27 -26.67
C PRO IA 20 35.67 -128.07 -27.91
N ASN IA 21 34.35 -127.99 -27.80
CA ASN IA 21 33.54 -127.81 -29.00
C ASN IA 21 33.35 -126.32 -29.33
N ASP IA 22 32.87 -125.52 -28.37
CA ASP IA 22 32.93 -124.08 -28.56
C ASP IA 22 33.65 -123.44 -27.39
N PHE IA 23 34.44 -122.42 -27.73
CA PHE IA 23 35.26 -121.64 -26.83
C PHE IA 23 34.44 -120.71 -25.94
N ARG IA 24 33.12 -120.69 -26.13
CA ARG IA 24 32.26 -119.74 -25.45
C ARG IA 24 31.90 -120.16 -24.03
N SER IA 25 31.89 -121.46 -23.75
CA SER IA 25 31.53 -121.97 -22.44
C SER IA 25 32.81 -122.38 -21.71
N THR IA 26 33.13 -121.65 -20.64
CA THR IA 26 34.34 -121.80 -19.86
C THR IA 26 33.99 -121.98 -18.39
N PHE IA 27 35.00 -122.39 -17.63
CA PHE IA 27 34.81 -122.75 -16.23
C PHE IA 27 36.07 -122.35 -15.47
N ARG IA 28 35.93 -121.46 -14.50
CA ARG IA 28 37.06 -120.94 -13.74
C ARG IA 28 36.86 -121.20 -12.26
N ILE IA 29 37.96 -121.46 -11.57
CA ILE IA 29 37.96 -121.57 -10.10
C ILE IA 29 39.08 -120.70 -9.56
N ASN IA 30 38.74 -119.78 -8.66
CA ASN IA 30 39.68 -118.93 -7.94
C ASN IA 30 39.68 -119.33 -6.47
N LEU IA 31 40.87 -119.34 -5.87
CA LEU IA 31 41.02 -119.73 -4.47
C LEU IA 31 41.96 -118.74 -3.79
N ASN IA 32 41.46 -118.09 -2.73
CA ASN IA 32 42.23 -117.09 -2.00
C ASN IA 32 42.23 -117.49 -0.52
N VAL IA 33 43.36 -118.01 -0.05
CA VAL IA 33 43.52 -118.41 1.34
C VAL IA 33 44.37 -117.37 2.05
N ASN IA 34 43.91 -116.95 3.23
CA ASN IA 34 44.63 -115.96 4.03
C ASN IA 34 44.05 -115.94 5.43
N GLN IA 35 44.78 -115.34 6.37
CA GLN IA 35 44.37 -115.40 7.77
C GLN IA 35 43.27 -114.40 8.07
N LYS IA 36 42.26 -114.86 8.78
CA LYS IA 36 41.10 -114.12 9.25
C LYS IA 36 41.20 -114.00 10.75
N VAL IA 37 40.69 -112.90 11.30
CA VAL IA 37 40.71 -112.64 12.74
C VAL IA 37 39.27 -112.74 13.24
N ALA IA 38 39.01 -113.72 14.10
CA ALA IA 38 37.67 -113.94 14.63
C ALA IA 38 37.79 -114.04 16.15
N GLY IA 39 37.43 -112.96 16.84
CA GLY IA 39 37.62 -112.93 18.28
C GLY IA 39 39.09 -112.75 18.61
N ALA IA 40 39.56 -113.53 19.58
CA ALA IA 40 40.95 -113.48 19.99
C ALA IA 40 41.86 -114.35 19.12
N VAL IA 41 41.29 -115.26 18.35
CA VAL IA 41 42.07 -116.18 17.54
C VAL IA 41 42.04 -115.76 16.08
N SER IA 42 42.99 -116.31 15.33
CA SER IA 42 43.04 -116.16 13.87
C SER IA 42 43.01 -117.54 13.24
N VAL IA 43 42.26 -117.65 12.14
CA VAL IA 43 42.06 -118.91 11.44
C VAL IA 43 42.24 -118.68 9.95
N TYR IA 44 42.65 -119.71 9.23
CA TYR IA 44 42.87 -119.59 7.79
C TYR IA 44 41.52 -119.64 7.08
N ASN IA 45 41.12 -118.52 6.49
CA ASN IA 45 39.90 -118.41 5.71
C ASN IA 45 40.22 -118.64 4.24
N ALA IA 46 39.39 -119.46 3.59
CA ALA IA 46 39.46 -119.73 2.16
C ALA IA 46 38.27 -119.08 1.49
N ARG IA 47 38.54 -118.34 0.41
CA ARG IA 47 37.53 -117.75 -0.45
C ARG IA 47 37.61 -118.49 -1.79
N SER IA 48 36.70 -119.43 -2.00
CA SER IA 48 36.56 -120.09 -3.29
C SER IA 48 35.54 -119.33 -4.11
N GLU IA 49 35.80 -119.19 -5.41
CA GLU IA 49 34.73 -118.75 -6.31
C GLU IA 49 34.82 -119.51 -7.62
N VAL IA 50 33.69 -120.08 -8.01
CA VAL IA 50 33.57 -120.97 -9.16
C VAL IA 50 32.64 -120.30 -10.15
N ILE IA 51 33.16 -119.96 -11.33
CA ILE IA 51 32.49 -119.13 -12.31
C ILE IA 51 32.36 -119.92 -13.61
N THR IA 52 31.14 -120.29 -13.98
CA THR IA 52 30.89 -120.91 -15.28
C THR IA 52 30.23 -119.86 -16.18
N ASN IA 53 30.81 -119.69 -17.38
CA ASN IA 53 30.41 -118.66 -18.33
C ASN IA 53 30.04 -119.31 -19.65
N ARG IA 54 28.94 -118.87 -20.26
CA ARG IA 54 28.57 -119.38 -21.57
C ARG IA 54 28.05 -118.22 -22.40
N ALA IA 55 27.97 -118.47 -23.71
CA ALA IA 55 27.43 -117.50 -24.65
C ALA IA 55 26.54 -118.24 -25.65
N PRO IA 56 25.47 -118.86 -25.18
CA PRO IA 56 24.69 -119.77 -26.03
C PRO IA 56 23.84 -119.00 -27.02
N LEU IA 57 23.30 -119.73 -27.97
CA LEU IA 57 22.27 -119.18 -28.84
C LEU IA 57 20.96 -119.11 -28.08
N VAL IA 58 20.18 -118.07 -28.32
CA VAL IA 58 18.87 -117.97 -27.68
C VAL IA 58 17.90 -118.88 -28.45
N VAL IA 59 17.35 -119.86 -27.74
CA VAL IA 59 16.47 -120.86 -28.32
C VAL IA 59 15.07 -120.63 -27.78
N ILE IA 60 14.20 -120.09 -28.61
CA ILE IA 60 12.81 -119.86 -28.24
C ILE IA 60 12.10 -121.20 -28.27
N GLU IA 61 11.20 -121.44 -27.31
CA GLU IA 61 10.53 -122.74 -27.26
C GLU IA 61 9.74 -123.01 -28.53
N GLY IA 62 8.78 -122.15 -28.85
CA GLY IA 62 7.96 -122.37 -30.03
C GLY IA 62 8.76 -122.45 -31.31
N CYS IA 63 9.87 -121.73 -31.38
CA CYS IA 63 10.59 -121.59 -32.63
C CYS IA 63 11.64 -122.69 -32.81
N THR IA 64 11.99 -122.92 -34.07
CA THR IA 64 13.05 -123.85 -34.43
C THR IA 64 13.69 -123.34 -35.73
N ASP IA 65 14.96 -122.95 -35.66
CA ASP IA 65 15.65 -122.28 -36.75
C ASP IA 65 17.15 -122.46 -36.58
N ALA IA 66 17.80 -123.04 -37.57
CA ALA IA 66 19.25 -123.19 -37.54
C ALA IA 66 19.99 -122.00 -38.13
N CYS IA 67 19.27 -120.96 -38.56
CA CYS IA 67 19.88 -119.83 -39.25
C CYS IA 67 20.03 -118.59 -38.37
N SER IA 68 19.53 -118.62 -37.14
CA SER IA 68 19.68 -117.50 -36.23
C SER IA 68 21.00 -117.64 -35.49
N VAL IA 69 21.79 -116.56 -35.48
CA VAL IA 69 22.98 -116.46 -34.64
C VAL IA 69 22.72 -115.51 -33.46
N ASN IA 70 21.46 -115.35 -33.07
CA ASN IA 70 21.08 -114.56 -31.91
C ASN IA 70 21.72 -115.17 -30.66
N ARG IA 71 22.66 -114.46 -30.05
CA ARG IA 71 23.40 -114.96 -28.90
C ARG IA 71 23.33 -113.98 -27.74
N GLU IA 72 23.18 -114.53 -26.54
CA GLU IA 72 23.33 -113.78 -25.30
C GLU IA 72 24.41 -114.44 -24.45
N ASN IA 73 24.92 -113.67 -23.49
CA ASN IA 73 25.83 -114.19 -22.49
C ASN IA 73 25.04 -114.65 -21.27
N ILE IA 74 25.49 -115.75 -20.66
CA ILE IA 74 24.92 -116.23 -19.41
C ILE IA 74 26.06 -116.63 -18.48
N SER IA 75 25.83 -116.47 -17.19
CA SER IA 75 26.87 -116.76 -16.20
C SER IA 75 26.27 -117.24 -14.90
N ILE IA 76 26.93 -118.24 -14.30
CA ILE IA 76 26.58 -118.74 -12.98
C ILE IA 76 27.84 -118.77 -12.13
N ARG IA 77 27.82 -118.02 -11.04
CA ARG IA 77 28.95 -117.90 -10.13
C ARG IA 77 28.55 -118.37 -8.74
N THR IA 78 29.48 -119.01 -8.04
CA THR IA 78 29.25 -119.48 -6.68
C THR IA 78 30.47 -119.17 -5.83
N THR IA 79 30.28 -118.35 -4.80
CA THR IA 79 31.34 -117.92 -3.90
C THR IA 79 31.14 -118.56 -2.54
N ILE IA 80 32.25 -119.02 -1.94
CA ILE IA 80 32.24 -119.73 -0.67
C ILE IA 80 33.39 -119.21 0.18
N SER IA 81 33.09 -118.38 1.17
CA SER IA 81 34.10 -117.79 2.03
C SER IA 81 33.90 -118.30 3.44
N GLY IA 82 34.92 -118.99 3.97
CA GLY IA 82 34.85 -119.60 5.29
C GLY IA 82 36.18 -120.22 5.67
N SER IA 83 36.40 -120.35 6.97
CA SER IA 83 37.68 -120.88 7.43
C SER IA 83 37.80 -122.36 7.11
N VAL IA 84 39.05 -122.82 7.08
CA VAL IA 84 39.31 -124.25 6.91
C VAL IA 84 38.98 -124.99 8.20
N GLU IA 85 39.08 -124.31 9.34
CA GLU IA 85 38.83 -124.97 10.61
C GLU IA 85 37.37 -125.37 10.77
N ASN IA 86 36.45 -124.47 10.43
CA ASN IA 86 35.02 -124.77 10.46
C ASN IA 86 34.51 -125.33 9.15
N LYS IA 87 35.38 -125.96 8.35
CA LYS IA 87 34.91 -126.48 7.07
C LYS IA 87 33.77 -127.48 7.24
N ALA IA 88 33.61 -128.03 8.43
CA ALA IA 88 32.43 -128.84 8.72
C ALA IA 88 31.15 -128.01 8.57
N ALA IA 89 31.07 -126.89 9.30
CA ALA IA 89 29.90 -126.03 9.19
C ALA IA 89 29.81 -125.37 7.81
N VAL IA 90 30.95 -125.14 7.17
CA VAL IA 90 30.94 -124.63 5.79
C VAL IA 90 30.25 -125.63 4.86
N LEU IA 91 30.60 -126.91 4.97
CA LEU IA 91 29.98 -127.93 4.11
C LEU IA 91 28.52 -128.16 4.45
N ALA IA 92 28.17 -128.11 5.74
CA ALA IA 92 26.76 -128.20 6.11
C ALA IA 92 25.96 -127.04 5.52
N ALA IA 93 26.51 -125.84 5.62
CA ALA IA 93 25.90 -124.67 5.00
C ALA IA 93 25.84 -124.82 3.49
N LEU IA 94 26.84 -125.47 2.89
CA LEU IA 94 26.81 -125.68 1.45
C LEU IA 94 25.69 -126.63 1.04
N LEU IA 95 25.51 -127.71 1.79
CA LEU IA 95 24.41 -128.65 1.50
C LEU IA 95 23.06 -127.93 1.62
N ASP IA 96 22.87 -127.19 2.71
CA ASP IA 96 21.61 -126.47 2.89
C ASP IA 96 21.40 -125.44 1.77
N HIS IA 97 22.47 -124.74 1.40
CA HIS IA 97 22.41 -123.77 0.31
C HIS IA 97 22.01 -124.42 -1.01
N LEU IA 98 22.64 -125.54 -1.34
CA LEU IA 98 22.35 -126.24 -2.60
C LEU IA 98 20.92 -126.73 -2.63
N HIS IA 99 20.44 -127.30 -1.52
CA HIS IA 99 19.08 -127.80 -1.48
C HIS IA 99 18.07 -126.67 -1.61
N ASN IA 100 18.29 -125.55 -0.93
CA ASN IA 100 17.36 -124.44 -1.04
C ASN IA 100 17.40 -123.83 -2.44
N LEU IA 101 18.60 -123.70 -3.01
CA LEU IA 101 18.74 -123.27 -4.39
C LEU IA 101 17.93 -124.14 -5.33
N GLY IA 102 18.00 -125.46 -5.14
CA GLY IA 102 17.19 -126.36 -5.94
C GLY IA 102 15.70 -126.14 -5.75
N LEU IA 103 15.30 -125.88 -4.50
CA LEU IA 103 13.89 -125.55 -4.25
C LEU IA 103 13.46 -124.32 -5.03
N ALA IA 104 14.37 -123.38 -5.26
CA ALA IA 104 13.99 -122.12 -5.88
C ALA IA 104 14.24 -122.04 -7.39
N ARG IA 105 15.05 -122.93 -7.96
CA ARG IA 105 15.60 -122.66 -9.29
C ARG IA 105 14.52 -122.59 -10.36
N ASP IA 106 13.49 -123.42 -10.24
CA ASP IA 106 12.46 -123.44 -11.28
C ASP IA 106 11.71 -122.11 -11.34
N ASP IA 107 11.55 -121.45 -10.19
CA ASP IA 107 11.01 -120.09 -10.18
C ASP IA 107 12.05 -119.07 -10.66
N LEU IA 108 13.29 -119.21 -10.21
CA LEU IA 108 14.28 -118.15 -10.45
C LEU IA 108 14.66 -118.05 -11.93
N VAL IA 109 14.83 -119.19 -12.61
CA VAL IA 109 15.21 -119.11 -14.03
C VAL IA 109 14.04 -118.66 -14.89
N ALA IA 110 12.81 -118.71 -14.36
CA ALA IA 110 11.63 -118.25 -15.08
C ALA IA 110 11.26 -116.81 -14.75
N GLY IA 111 12.10 -116.12 -14.00
CA GLY IA 111 11.84 -114.73 -13.64
C GLY IA 111 10.88 -114.54 -12.49
N LEU IA 112 10.44 -115.61 -11.84
CA LEU IA 112 9.48 -115.54 -10.75
C LEU IA 112 10.22 -115.57 -9.42
N LEU IA 113 9.89 -114.64 -8.53
CA LEU IA 113 10.46 -114.67 -7.18
C LEU IA 113 9.82 -115.81 -6.40
N PRO IA 114 10.61 -116.72 -5.83
CA PRO IA 114 10.03 -117.93 -5.23
C PRO IA 114 9.28 -117.63 -3.94
N THR IA 115 8.03 -117.17 -4.09
CA THR IA 115 7.22 -116.81 -2.93
C THR IA 115 6.82 -118.03 -2.12
N THR IA 116 6.73 -119.18 -2.76
CA THR IA 116 6.07 -120.35 -2.20
C THR IA 116 7.04 -121.42 -1.68
N ILE IA 117 8.33 -121.16 -1.68
CA ILE IA 117 9.31 -122.18 -1.30
C ILE IA 117 9.49 -122.16 0.22
N GLN IA 118 10.02 -123.27 0.74
CA GLN IA 118 10.22 -123.45 2.18
C GLN IA 118 11.67 -123.82 2.44
N PRO IA 119 12.54 -122.84 2.68
CA PRO IA 119 13.95 -123.14 2.96
C PRO IA 119 14.11 -123.82 4.32
N VAL IA 120 15.11 -124.70 4.39
CA VAL IA 120 15.34 -125.53 5.56
C VAL IA 120 16.78 -125.34 6.05
N VAL IA 121 17.04 -125.87 7.25
CA VAL IA 121 18.37 -125.98 7.81
C VAL IA 121 18.62 -127.45 8.12
N GLU IA 122 19.85 -127.91 7.89
CA GLU IA 122 20.25 -129.28 8.19
C GLU IA 122 19.42 -130.29 7.40
N TYR IA 123 19.52 -130.20 6.07
CA TYR IA 123 18.76 -131.08 5.20
C TYR IA 123 19.18 -132.54 5.37
N THR IA 124 18.17 -133.43 5.40
CA THR IA 124 18.39 -134.86 5.57
C THR IA 124 17.46 -135.67 4.66
N ALA JA 1 -21.06 -110.14 18.45
CA ALA JA 1 -21.01 -110.57 17.06
C ALA JA 1 -19.75 -111.41 16.79
N GLN JA 2 -18.67 -111.03 17.46
CA GLN JA 2 -17.35 -111.65 17.31
C GLN JA 2 -16.92 -111.76 15.85
N HIS JA 3 -17.26 -110.74 15.07
CA HIS JA 3 -16.65 -110.57 13.75
C HIS JA 3 -15.17 -110.23 13.94
N ASN JA 4 -14.29 -110.99 13.30
CA ASN JA 4 -12.86 -110.83 13.51
C ASN JA 4 -12.28 -109.77 12.58
N MET JA 5 -11.19 -109.14 13.05
CA MET JA 5 -10.61 -108.00 12.36
C MET JA 5 -10.02 -108.41 11.01
N ARG JA 6 -9.90 -107.44 10.11
CA ARG JA 6 -9.36 -107.70 8.78
C ARG JA 6 -8.17 -106.78 8.50
N LEU JA 7 -7.29 -107.24 7.62
CA LEU JA 7 -5.95 -106.67 7.52
C LEU JA 7 -5.93 -105.37 6.72
N GLN JA 8 -5.19 -104.39 7.22
CA GLN JA 8 -5.11 -103.07 6.59
C GLN JA 8 -3.70 -102.68 6.17
N LEU JA 9 -2.70 -102.84 7.04
CA LEU JA 9 -1.34 -102.36 6.76
C LEU JA 9 -0.31 -103.42 7.13
N THR JA 10 0.59 -103.73 6.19
CA THR JA 10 1.69 -104.66 6.43
C THR JA 10 3.00 -103.96 6.12
N SER JA 11 3.98 -104.10 7.00
CA SER JA 11 5.24 -103.38 6.87
C SER JA 11 6.48 -104.23 7.06
N GLY JA 12 6.33 -105.54 7.31
CA GLY JA 12 7.47 -106.39 7.61
C GLY JA 12 8.00 -106.13 9.01
N THR JA 13 7.62 -104.98 9.57
CA THR JA 13 7.87 -104.63 10.96
C THR JA 13 6.60 -104.25 11.71
N SER JA 14 5.55 -103.84 11.00
CA SER JA 14 4.28 -103.45 11.61
C SER JA 14 3.12 -104.16 10.91
N LEU JA 15 2.14 -104.58 11.71
CA LEU JA 15 0.90 -105.11 11.18
C LEU JA 15 -0.25 -104.33 11.78
N THR JA 16 -1.22 -103.98 10.96
CA THR JA 16 -2.33 -103.13 11.37
C THR JA 16 -3.62 -103.72 10.81
N TRP JA 17 -4.45 -104.24 11.70
CA TRP JA 17 -5.78 -104.73 11.37
C TRP JA 17 -6.83 -103.74 11.85
N VAL JA 18 -8.00 -103.78 11.21
CA VAL JA 18 -9.08 -102.87 11.53
C VAL JA 18 -10.38 -103.65 11.62
N ASP JA 19 -11.28 -103.16 12.46
CA ASP JA 19 -12.66 -103.67 12.52
C ASP JA 19 -13.38 -103.31 11.23
N PRO JA 20 -13.85 -104.28 10.45
CA PRO JA 20 -14.53 -103.95 9.19
C PRO JA 20 -15.79 -103.11 9.36
N ASN JA 21 -16.41 -103.10 10.55
CA ASN JA 21 -17.57 -102.25 10.78
C ASN JA 21 -17.15 -100.85 11.21
N ASP JA 22 -16.32 -100.76 12.23
CA ASP JA 22 -15.90 -99.50 12.82
C ASP JA 22 -14.42 -99.29 12.55
N PHE JA 23 -14.12 -98.31 11.70
CA PHE JA 23 -12.74 -97.98 11.38
C PHE JA 23 -12.01 -97.29 12.52
N ARG JA 24 -12.72 -96.93 13.59
CA ARG JA 24 -12.09 -96.28 14.73
C ARG JA 24 -11.29 -97.24 15.60
N SER JA 25 -11.62 -98.54 15.56
CA SER JA 25 -10.97 -99.55 16.40
C SER JA 25 -9.96 -100.32 15.55
N THR JA 26 -8.69 -100.14 15.86
CA THR JA 26 -7.59 -100.75 15.13
C THR JA 26 -6.71 -101.54 16.09
N PHE JA 27 -5.84 -102.36 15.51
CA PHE JA 27 -4.97 -103.25 16.28
C PHE JA 27 -3.66 -103.37 15.52
N ARG JA 28 -2.57 -102.87 16.11
CA ARG JA 28 -1.26 -102.92 15.51
C ARG JA 28 -0.32 -103.77 16.36
N ILE JA 29 0.57 -104.49 15.70
CA ILE JA 29 1.67 -105.20 16.33
C ILE JA 29 2.95 -104.72 15.67
N ASN JA 30 3.89 -104.23 16.48
CA ASN JA 30 5.19 -103.78 16.04
C ASN JA 30 6.25 -104.66 16.67
N LEU JA 31 7.27 -105.01 15.90
CA LEU JA 31 8.34 -105.87 16.37
C LEU JA 31 9.67 -105.29 15.93
N ASN JA 32 10.64 -105.25 16.84
CA ASN JA 32 11.97 -104.74 16.52
C ASN JA 32 13.00 -105.63 17.18
N VAL JA 33 13.84 -106.27 16.37
CA VAL JA 33 14.90 -107.15 16.84
C VAL JA 33 16.23 -106.47 16.58
N ASN JA 34 17.12 -106.52 17.57
CA ASN JA 34 18.46 -105.97 17.43
C ASN JA 34 19.33 -106.54 18.55
N GLN JA 35 20.65 -106.47 18.36
CA GLN JA 35 21.53 -107.07 19.36
C GLN JA 35 21.63 -106.19 20.59
N LYS JA 36 22.04 -106.83 21.69
CA LYS JA 36 22.15 -106.22 22.99
C LYS JA 36 23.29 -106.88 23.74
N VAL JA 37 23.97 -106.09 24.56
CA VAL JA 37 25.13 -106.57 25.30
C VAL JA 37 24.71 -106.75 26.75
N ALA JA 38 24.55 -108.01 27.17
CA ALA JA 38 24.30 -108.37 28.56
C ALA JA 38 25.62 -108.88 29.14
N GLY JA 39 26.21 -108.09 30.01
CA GLY JA 39 27.53 -108.41 30.53
C GLY JA 39 28.55 -108.50 29.43
N ALA JA 40 29.09 -109.70 29.19
CA ALA JA 40 30.07 -109.93 28.15
C ALA JA 40 29.51 -110.76 27.00
N VAL JA 41 28.18 -110.89 26.90
CA VAL JA 41 27.56 -111.74 25.90
C VAL JA 41 26.52 -110.92 25.13
N SER JA 42 26.58 -111.00 23.81
CA SER JA 42 25.59 -110.35 22.96
C SER JA 42 24.46 -111.32 22.67
N VAL JA 43 23.22 -110.84 22.83
CA VAL JA 43 22.02 -111.61 22.58
C VAL JA 43 21.07 -110.76 21.76
N TYR JA 44 20.21 -111.43 21.00
CA TYR JA 44 19.21 -110.75 20.17
C TYR JA 44 18.00 -110.40 21.01
N ASN JA 45 17.86 -109.11 21.32
CA ASN JA 45 16.70 -108.59 22.04
C ASN JA 45 15.61 -108.25 21.04
N ALA JA 46 14.40 -108.72 21.32
CA ALA JA 46 13.20 -108.36 20.59
C ALA JA 46 12.31 -107.51 21.49
N ARG JA 47 11.89 -106.36 20.98
CA ARG JA 47 10.89 -105.52 21.63
C ARG JA 47 9.63 -105.57 20.77
N SER JA 48 8.58 -106.16 21.31
CA SER JA 48 7.29 -106.25 20.65
C SER JA 48 6.32 -105.33 21.38
N GLU JA 49 5.63 -104.47 20.65
CA GLU JA 49 4.53 -103.71 21.24
C GLU JA 49 3.23 -104.00 20.49
N VAL JA 50 2.15 -104.11 21.26
CA VAL JA 50 0.83 -104.48 20.76
C VAL JA 50 -0.12 -103.37 21.20
N ILE JA 51 -0.64 -102.61 20.23
CA ILE JA 51 -1.41 -101.41 20.47
C ILE JA 51 -2.81 -101.61 19.90
N THR JA 52 -3.82 -101.61 20.76
CA THR JA 52 -5.21 -101.60 20.32
C THR JA 52 -5.80 -100.22 20.63
N ASN JA 53 -6.39 -99.60 19.62
CA ASN JA 53 -6.91 -98.23 19.70
C ASN JA 53 -8.39 -98.24 19.36
N ARG JA 54 -9.17 -97.45 20.11
CA ARG JA 54 -10.60 -97.36 19.84
C ARG JA 54 -11.07 -95.94 20.12
N ALA JA 55 -12.28 -95.64 19.64
CA ALA JA 55 -12.88 -94.32 19.77
C ALA JA 55 -14.34 -94.47 20.19
N PRO JA 56 -14.59 -94.72 21.47
CA PRO JA 56 -15.98 -94.82 21.94
C PRO JA 56 -16.65 -93.46 21.97
N LEU JA 57 -17.99 -93.51 21.97
CA LEU JA 57 -18.78 -92.29 22.11
C LEU JA 57 -19.12 -92.08 23.58
N VAL JA 58 -19.12 -90.81 24.00
CA VAL JA 58 -19.54 -90.45 25.35
C VAL JA 58 -21.06 -90.44 25.38
N VAL JA 59 -21.65 -91.42 26.05
CA VAL JA 59 -23.09 -91.59 26.11
C VAL JA 59 -23.64 -90.77 27.28
N ILE JA 60 -24.38 -89.70 26.96
CA ILE JA 60 -25.14 -88.95 27.95
C ILE JA 60 -26.62 -89.21 27.72
N GLU JA 61 -27.30 -89.70 28.75
CA GLU JA 61 -28.74 -89.86 28.70
C GLU JA 61 -29.42 -88.52 28.56
N GLY JA 62 -30.48 -88.47 27.75
CA GLY JA 62 -31.18 -87.24 27.50
C GLY JA 62 -30.56 -86.40 26.39
N CYS JA 63 -29.39 -86.78 25.89
CA CYS JA 63 -28.70 -86.07 24.82
C CYS JA 63 -28.60 -86.98 23.62
N THR JA 64 -29.49 -86.80 22.66
CA THR JA 64 -29.35 -87.47 21.37
C THR JA 64 -28.15 -86.88 20.64
N ASP JA 65 -27.04 -87.63 20.62
CA ASP JA 65 -25.79 -87.15 20.05
C ASP JA 65 -25.83 -87.33 18.52
N ALA JA 66 -26.73 -86.58 17.90
CA ALA JA 66 -26.70 -86.45 16.46
C ALA JA 66 -25.34 -85.94 16.03
N CYS JA 67 -24.82 -86.53 14.95
CA CYS JA 67 -23.52 -86.28 14.34
C CYS JA 67 -22.41 -87.00 15.11
N SER JA 68 -22.70 -87.62 16.25
CA SER JA 68 -21.72 -88.35 17.05
C SER JA 68 -20.47 -87.52 17.32
N VAL JA 69 -20.69 -86.33 17.88
CA VAL JA 69 -19.59 -85.40 18.10
C VAL JA 69 -18.88 -85.68 19.42
N ASN JA 70 -19.62 -86.07 20.46
CA ASN JA 70 -19.02 -86.40 21.74
C ASN JA 70 -18.35 -87.76 21.64
N ARG JA 71 -17.05 -87.77 21.35
CA ARG JA 71 -16.33 -89.01 21.12
C ARG JA 71 -14.98 -88.96 21.82
N GLU JA 72 -14.57 -90.12 22.34
CA GLU JA 72 -13.40 -90.29 23.18
C GLU JA 72 -12.42 -91.25 22.54
N ASN JA 73 -11.12 -91.02 22.74
CA ASN JA 73 -10.09 -91.97 22.35
C ASN JA 73 -9.69 -92.81 23.56
N ILE JA 74 -9.65 -94.13 23.37
CA ILE JA 74 -9.15 -95.05 24.39
C ILE JA 74 -8.09 -95.94 23.75
N SER JA 75 -7.12 -96.37 24.57
CA SER JA 75 -6.02 -97.16 24.03
C SER JA 75 -5.47 -98.12 25.08
N ILE JA 76 -5.15 -99.33 24.62
CA ILE JA 76 -4.51 -100.34 25.46
C ILE JA 76 -3.27 -100.84 24.72
N ARG JA 77 -2.12 -100.69 25.36
CA ARG JA 77 -0.82 -100.94 24.75
C ARG JA 77 -0.03 -101.88 25.64
N THR JA 78 0.79 -102.74 25.02
CA THR JA 78 1.57 -103.72 25.77
C THR JA 78 2.94 -103.89 25.12
N THR JA 79 3.99 -103.59 25.88
CA THR JA 79 5.37 -103.68 25.41
C THR JA 79 6.07 -104.85 26.11
N ILE JA 80 6.84 -105.61 25.35
CA ILE JA 80 7.50 -106.83 25.81
C ILE JA 80 8.90 -106.79 25.20
N SER JA 81 9.90 -106.45 26.00
CA SER JA 81 11.28 -106.32 25.54
C SER JA 81 12.15 -107.34 26.28
N GLY JA 82 12.73 -108.27 25.52
CA GLY JA 82 13.57 -109.29 26.12
C GLY JA 82 14.30 -110.08 25.07
N SER JA 83 15.28 -110.87 25.53
CA SER JA 83 16.05 -111.70 24.62
C SER JA 83 15.18 -112.81 24.05
N VAL JA 84 15.43 -113.12 22.77
CA VAL JA 84 14.88 -114.35 22.20
C VAL JA 84 15.47 -115.56 22.93
N GLU JA 85 16.72 -115.43 23.40
CA GLU JA 85 17.36 -116.55 24.09
C GLU JA 85 16.70 -116.84 25.43
N ASN JA 86 16.39 -115.80 26.22
CA ASN JA 86 15.68 -115.98 27.49
C ASN JA 86 14.17 -115.90 27.33
N LYS JA 87 13.65 -116.26 26.15
CA LYS JA 87 12.21 -116.20 25.94
C LYS JA 87 11.45 -117.05 26.94
N ALA JA 88 12.10 -118.02 27.58
CA ALA JA 88 11.46 -118.78 28.65
C ALA JA 88 11.10 -117.87 29.83
N ALA JA 89 12.08 -117.12 30.34
CA ALA JA 89 11.80 -116.19 31.43
C ALA JA 89 10.91 -115.04 30.97
N VAL JA 90 11.01 -114.67 29.69
CA VAL JA 90 10.09 -113.66 29.15
C VAL JA 90 8.65 -114.14 29.25
N LEU JA 91 8.40 -115.41 28.86
CA LEU JA 91 7.04 -115.94 28.90
C LEU JA 91 6.55 -116.15 30.33
N ALA JA 92 7.44 -116.57 31.24
CA ALA JA 92 7.08 -116.65 32.65
C ALA JA 92 6.66 -115.27 33.16
N ALA JA 93 7.44 -114.25 32.82
CA ALA JA 93 7.09 -112.89 33.19
C ALA JA 93 5.78 -112.45 32.56
N LEU JA 94 5.49 -112.89 31.34
CA LEU JA 94 4.24 -112.52 30.70
C LEU JA 94 3.05 -113.14 31.42
N LEU JA 95 3.16 -114.42 31.78
CA LEU JA 95 2.08 -115.07 32.53
C LEU JA 95 1.83 -114.36 33.85
N ASP JA 96 2.90 -114.11 34.62
CA ASP JA 96 2.73 -113.44 35.90
C ASP JA 96 2.18 -112.03 35.71
N HIS JA 97 2.61 -111.34 34.65
CA HIS JA 97 2.12 -110.01 34.35
C HIS JA 97 0.62 -110.03 34.03
N LEU JA 98 0.20 -110.97 33.19
CA LEU JA 98 -1.21 -111.06 32.82
C LEU JA 98 -2.08 -111.36 34.04
N HIS JA 99 -1.62 -112.27 34.90
CA HIS JA 99 -2.41 -112.63 36.08
C HIS JA 99 -2.52 -111.45 37.04
N ASN JA 100 -1.42 -110.71 37.26
CA ASN JA 100 -1.49 -109.58 38.17
C ASN JA 100 -2.31 -108.45 37.57
N LEU JA 101 -2.20 -108.23 36.26
CA LEU JA 101 -3.09 -107.29 35.57
C LEU JA 101 -4.54 -107.67 35.82
N GLY JA 102 -4.87 -108.96 35.69
CA GLY JA 102 -6.22 -109.40 35.96
C GLY JA 102 -6.65 -109.16 37.40
N LEU JA 103 -5.70 -109.25 38.33
CA LEU JA 103 -6.02 -108.90 39.71
C LEU JA 103 -6.42 -107.43 39.84
N ALA JA 104 -5.73 -106.56 39.12
CA ALA JA 104 -5.99 -105.13 39.26
C ALA JA 104 -7.03 -104.58 38.28
N ARG JA 105 -7.49 -105.40 37.32
CA ARG JA 105 -8.16 -104.86 36.14
C ARG JA 105 -9.46 -104.16 36.48
N ASP JA 106 -10.16 -104.61 37.52
CA ASP JA 106 -11.44 -104.00 37.83
C ASP JA 106 -11.25 -102.67 38.54
N ASP JA 107 -10.29 -102.60 39.46
CA ASP JA 107 -10.01 -101.35 40.16
C ASP JA 107 -9.47 -100.30 39.20
N LEU JA 108 -8.48 -100.67 38.38
CA LEU JA 108 -7.77 -99.70 37.56
C LEU JA 108 -8.70 -99.02 36.56
N VAL JA 109 -9.63 -99.78 35.96
CA VAL JA 109 -10.48 -99.20 34.93
C VAL JA 109 -11.53 -98.28 35.54
N ALA JA 110 -11.83 -98.44 36.83
CA ALA JA 110 -12.75 -97.56 37.54
C ALA JA 110 -12.06 -96.34 38.13
N GLY JA 111 -10.77 -96.15 37.86
CA GLY JA 111 -10.05 -94.98 38.33
C GLY JA 111 -9.58 -95.07 39.77
N LEU JA 112 -9.44 -96.27 40.31
CA LEU JA 112 -9.16 -96.47 41.72
C LEU JA 112 -7.85 -97.26 41.87
N LEU JA 113 -6.97 -96.77 42.73
CA LEU JA 113 -5.70 -97.45 42.94
C LEU JA 113 -5.94 -98.80 43.61
N PRO JA 114 -5.45 -99.90 43.03
CA PRO JA 114 -5.71 -101.25 43.60
C PRO JA 114 -4.86 -101.51 44.84
N THR JA 115 -5.17 -100.77 45.91
CA THR JA 115 -4.43 -100.91 47.16
C THR JA 115 -4.62 -102.28 47.80
N THR JA 116 -5.71 -102.98 47.48
CA THR JA 116 -6.05 -104.22 48.16
C THR JA 116 -5.38 -105.45 47.56
N ILE JA 117 -5.12 -105.46 46.24
CA ILE JA 117 -4.65 -106.69 45.60
C ILE JA 117 -3.27 -107.08 46.11
N GLN JA 118 -2.90 -108.33 45.87
CA GLN JA 118 -1.58 -108.85 46.21
C GLN JA 118 -1.05 -109.65 45.03
N PRO JA 119 -0.06 -109.14 44.30
CA PRO JA 119 0.46 -109.85 43.13
C PRO JA 119 1.25 -111.08 43.53
N VAL JA 120 1.61 -111.86 42.51
CA VAL JA 120 2.20 -113.18 42.68
C VAL JA 120 3.34 -113.36 41.68
N VAL JA 121 4.33 -114.18 42.06
CA VAL JA 121 5.33 -114.70 41.14
C VAL JA 121 5.02 -116.17 40.90
N GLU JA 122 5.22 -116.63 39.65
CA GLU JA 122 5.11 -118.05 39.30
C GLU JA 122 3.69 -118.58 39.50
N TYR JA 123 2.71 -117.88 38.91
CA TYR JA 123 1.34 -118.35 38.99
C TYR JA 123 1.20 -119.74 38.41
N THR JA 124 0.38 -120.56 39.06
CA THR JA 124 0.16 -121.94 38.64
C THR JA 124 -1.32 -122.30 38.72
N ALA KA 1 51.06 -78.12 121.83
CA ALA KA 1 50.90 -77.07 122.83
C ALA KA 1 49.42 -76.79 123.09
N GLN KA 2 48.57 -77.05 122.09
CA GLN KA 2 47.12 -76.89 122.23
C GLN KA 2 46.75 -75.46 122.62
N HIS KA 3 47.47 -74.49 122.06
CA HIS KA 3 47.13 -73.09 122.27
C HIS KA 3 46.20 -72.62 121.17
N ASN KA 4 45.07 -72.04 121.57
CA ASN KA 4 44.05 -71.62 120.62
C ASN KA 4 44.44 -70.31 119.93
N MET KA 5 43.97 -70.16 118.69
CA MET KA 5 44.33 -69.02 117.85
C MET KA 5 43.69 -67.75 118.36
N ARG KA 6 44.31 -66.61 118.03
CA ARG KA 6 43.76 -65.31 118.41
C ARG KA 6 43.36 -64.54 117.17
N LEU KA 7 42.26 -63.79 117.28
CA LEU KA 7 41.61 -63.19 116.13
C LEU KA 7 42.36 -61.94 115.65
N GLN KA 8 42.42 -61.78 114.33
CA GLN KA 8 43.15 -60.67 113.71
C GLN KA 8 42.30 -59.78 112.81
N LEU KA 9 41.39 -60.35 112.02
CA LEU KA 9 40.63 -59.53 111.07
C LEU KA 9 39.15 -59.91 111.04
N THR KA 10 38.28 -58.93 111.23
CA THR KA 10 36.83 -59.11 111.13
C THR KA 10 36.27 -58.21 110.04
N SER KA 11 35.40 -58.76 109.20
CA SER KA 11 34.86 -58.00 108.07
C SER KA 11 33.37 -58.18 107.85
N GLY KA 12 32.67 -58.97 108.66
CA GLY KA 12 31.26 -59.23 108.42
C GLY KA 12 31.03 -60.20 107.28
N THR KA 13 32.07 -60.42 106.48
CA THR KA 13 32.08 -61.47 105.46
C THR KA 13 33.27 -62.41 105.59
N SER KA 14 34.32 -62.02 106.32
CA SER KA 14 35.44 -62.91 106.59
C SER KA 14 35.83 -62.81 108.05
N LEU KA 15 36.52 -63.84 108.51
CA LEU KA 15 37.15 -63.88 109.82
C LEU KA 15 38.56 -64.43 109.63
N THR KA 16 39.53 -63.83 110.31
CA THR KA 16 40.93 -64.18 110.11
C THR KA 16 41.60 -64.27 111.48
N TRP KA 17 41.81 -65.51 111.94
CA TRP KA 17 42.57 -65.80 113.15
C TRP KA 17 44.00 -66.16 112.80
N VAL KA 18 44.89 -66.00 113.78
CA VAL KA 18 46.30 -66.27 113.59
C VAL KA 18 46.86 -66.93 114.85
N ASP KA 19 47.85 -67.80 114.66
CA ASP KA 19 48.61 -68.37 115.76
C ASP KA 19 49.48 -67.29 116.39
N PRO KA 20 49.27 -66.96 117.67
CA PRO KA 20 50.10 -65.90 118.28
C PRO KA 20 51.58 -66.19 118.27
N ASN KA 21 51.97 -67.47 118.22
CA ASN KA 21 53.39 -67.81 118.17
C ASN KA 21 53.93 -67.66 116.75
N ASP KA 22 53.31 -68.33 115.79
CA ASP KA 22 53.71 -68.29 114.39
C ASP KA 22 52.66 -67.53 113.60
N PHE KA 23 53.01 -66.32 113.16
CA PHE KA 23 52.13 -65.56 112.28
C PHE KA 23 51.96 -66.18 110.90
N ARG KA 24 52.74 -67.21 110.57
CA ARG KA 24 52.65 -67.83 109.26
C ARG KA 24 51.47 -68.79 109.13
N SER KA 25 50.82 -69.16 110.23
CA SER KA 25 49.67 -70.06 110.20
C SER KA 25 48.39 -69.25 110.42
N THR KA 26 47.65 -69.05 109.34
CA THR KA 26 46.43 -68.27 109.31
C THR KA 26 45.23 -69.20 109.23
N PHE KA 27 44.08 -68.72 109.71
CA PHE KA 27 42.82 -69.46 109.58
C PHE KA 27 41.72 -68.46 109.24
N ARG KA 28 41.18 -68.55 108.03
CA ARG KA 28 40.13 -67.64 107.56
C ARG KA 28 38.86 -68.40 107.26
N ILE KA 29 37.73 -67.75 107.53
CA ILE KA 29 36.41 -68.24 107.15
C ILE KA 29 35.71 -67.14 106.37
N ASN KA 30 35.24 -67.47 105.16
CA ASN KA 30 34.51 -66.54 104.30
C ASN KA 30 33.10 -67.09 104.12
N LEU KA 31 32.09 -66.27 104.38
CA LEU KA 31 30.70 -66.67 104.22
C LEU KA 31 30.03 -65.66 103.30
N ASN KA 32 29.45 -66.15 102.20
CA ASN KA 32 28.74 -65.30 101.27
C ASN KA 32 27.34 -65.88 101.06
N VAL KA 33 26.32 -65.04 101.22
CA VAL KA 33 24.95 -65.48 101.07
C VAL KA 33 24.25 -64.66 100.00
N ASN KA 34 23.49 -65.34 99.16
CA ASN KA 34 22.70 -64.68 98.12
C ASN KA 34 21.59 -65.62 97.69
N GLN KA 35 20.53 -65.04 97.10
CA GLN KA 35 19.39 -65.83 96.69
C GLN KA 35 19.68 -66.55 95.37
N LYS KA 36 19.25 -67.81 95.30
CA LYS KA 36 19.29 -68.60 94.08
C LYS KA 36 17.88 -69.10 93.80
N VAL KA 37 17.68 -69.60 92.59
CA VAL KA 37 16.39 -70.15 92.19
C VAL KA 37 16.52 -71.66 92.17
N ALA KA 38 15.86 -72.34 93.11
CA ALA KA 38 15.82 -73.79 93.13
C ALA KA 38 14.46 -74.21 92.57
N GLY KA 39 14.47 -74.76 91.37
CA GLY KA 39 13.25 -75.23 90.75
C GLY KA 39 12.18 -74.18 90.70
N ALA KA 40 11.14 -74.36 91.52
CA ALA KA 40 9.98 -73.46 91.49
C ALA KA 40 10.13 -72.27 92.41
N VAL KA 41 10.96 -72.34 93.46
CA VAL KA 41 10.98 -71.30 94.48
C VAL KA 41 12.42 -70.84 94.70
N SER KA 42 12.56 -69.61 95.19
CA SER KA 42 13.87 -69.07 95.52
C SER KA 42 14.28 -69.50 96.92
N VAL KA 43 15.58 -69.76 97.09
CA VAL KA 43 16.16 -70.14 98.37
C VAL KA 43 17.40 -69.30 98.60
N TYR KA 44 17.94 -69.38 99.82
CA TYR KA 44 19.12 -68.62 100.21
C TYR KA 44 20.35 -69.53 100.20
N ASN KA 45 21.20 -69.37 99.19
CA ASN KA 45 22.44 -70.14 99.10
C ASN KA 45 23.54 -69.45 99.89
N ALA KA 46 24.31 -70.24 100.62
CA ALA KA 46 25.39 -69.75 101.48
C ALA KA 46 26.66 -70.52 101.10
N ARG KA 47 27.55 -69.86 100.37
CA ARG KA 47 28.86 -70.43 100.07
C ARG KA 47 29.79 -70.06 101.21
N SER KA 48 30.06 -71.04 102.07
CA SER KA 48 31.10 -70.93 103.08
C SER KA 48 32.39 -71.46 102.49
N GLU KA 49 33.52 -70.91 102.92
CA GLU KA 49 34.80 -71.54 102.69
C GLU KA 49 35.71 -71.29 103.89
N VAL KA 50 36.49 -72.30 104.20
CA VAL KA 50 37.37 -72.31 105.37
C VAL KA 50 38.77 -72.62 104.87
N ILE KA 51 39.67 -71.67 105.01
CA ILE KA 51 41.02 -71.75 104.46
C ILE KA 51 42.01 -71.69 105.62
N THR KA 52 42.83 -72.73 105.76
CA THR KA 52 43.93 -72.71 106.72
C THR KA 52 45.25 -72.71 105.95
N ASN KA 53 46.11 -71.74 106.27
CA ASN KA 53 47.37 -71.50 105.59
C ASN KA 53 48.51 -71.67 106.57
N ARG KA 54 49.59 -72.29 106.13
CA ARG KA 54 50.77 -72.42 106.98
C ARG KA 54 52.02 -72.35 106.13
N ALA KA 55 53.16 -72.18 106.80
CA ALA KA 55 54.45 -72.10 106.14
C ALA KA 55 55.47 -72.88 106.96
N PRO KA 56 55.38 -74.21 106.95
CA PRO KA 56 56.37 -75.02 107.66
C PRO KA 56 57.73 -74.92 106.99
N LEU KA 57 58.75 -75.24 107.75
CA LEU KA 57 60.12 -75.15 107.27
C LEU KA 57 60.53 -76.46 106.60
N VAL KA 58 61.23 -76.34 105.48
CA VAL KA 58 61.71 -77.49 104.74
C VAL KA 58 63.10 -77.82 105.27
N VAL KA 59 63.25 -79.01 105.85
CA VAL KA 59 64.48 -79.41 106.53
C VAL KA 59 64.98 -80.70 105.90
N ILE KA 60 66.21 -80.65 105.37
CA ILE KA 60 66.94 -81.83 104.93
C ILE KA 60 68.16 -81.95 105.83
N GLU KA 61 68.23 -83.05 106.59
CA GLU KA 61 69.13 -83.10 107.75
C GLU KA 61 70.57 -82.81 107.37
N GLY KA 62 71.05 -83.35 106.25
CA GLY KA 62 72.40 -83.10 105.83
C GLY KA 62 72.60 -81.86 104.99
N CYS KA 63 71.51 -81.23 104.54
CA CYS KA 63 71.56 -80.23 103.49
C CYS KA 63 71.07 -78.85 103.92
N THR KA 64 70.11 -78.76 104.82
CA THR KA 64 69.41 -77.50 105.12
C THR KA 64 70.22 -76.72 106.15
N ASP KA 65 70.79 -75.60 105.71
CA ASP KA 65 71.44 -74.68 106.63
C ASP KA 65 70.39 -74.06 107.56
N ALA KA 66 70.66 -74.13 108.86
CA ALA KA 66 69.69 -73.63 109.84
C ALA KA 66 69.62 -72.11 109.83
N CYS KA 67 70.72 -71.43 109.46
CA CYS KA 67 70.73 -69.97 109.48
C CYS KA 67 69.80 -69.40 108.42
N SER KA 68 69.87 -69.92 107.19
CA SER KA 68 68.99 -69.47 106.12
C SER KA 68 67.76 -70.37 106.12
N VAL KA 69 66.63 -69.82 106.59
CA VAL KA 69 65.40 -70.60 106.69
C VAL KA 69 64.90 -70.94 105.29
N ASN KA 70 64.38 -72.15 105.13
CA ASN KA 70 63.76 -72.59 103.89
C ASN KA 70 62.33 -72.99 104.23
N ARG KA 71 61.37 -72.19 103.77
CA ARG KA 71 59.97 -72.41 104.10
C ARG KA 71 59.16 -72.75 102.86
N GLU KA 72 58.03 -73.41 103.10
CA GLU KA 72 57.10 -73.87 102.09
C GLU KA 72 55.69 -73.48 102.49
N ASN KA 73 54.93 -72.92 101.56
CA ASN KA 73 53.53 -72.66 101.82
C ASN KA 73 52.74 -73.96 101.67
N ILE KA 74 51.88 -74.24 102.65
CA ILE KA 74 50.92 -75.34 102.56
C ILE KA 74 49.53 -74.79 102.88
N SER KA 75 48.52 -75.35 102.23
CA SER KA 75 47.17 -74.82 102.38
C SER KA 75 46.12 -75.93 102.33
N ILE KA 76 45.10 -75.79 103.17
CA ILE KA 76 43.94 -76.67 103.16
C ILE KA 76 42.69 -75.81 103.12
N ARG KA 77 41.94 -75.94 102.04
CA ARG KA 77 40.77 -75.12 101.75
C ARG KA 77 39.54 -76.01 101.69
N THR KA 78 38.40 -75.49 102.13
CA THR KA 78 37.15 -76.26 102.10
C THR KA 78 35.99 -75.36 101.77
N THR KA 79 35.36 -75.60 100.62
CA THR KA 79 34.20 -74.85 100.14
C THR KA 79 32.93 -75.68 100.33
N ILE KA 80 31.87 -75.03 100.81
CA ILE KA 80 30.59 -75.65 101.11
C ILE KA 80 29.50 -74.72 100.59
N SER KA 81 28.88 -75.07 99.47
CA SER KA 81 27.87 -74.23 98.83
C SER KA 81 26.56 -74.99 98.71
N GLY KA 82 25.54 -74.50 99.40
CA GLY KA 82 24.18 -75.03 99.38
C GLY KA 82 23.27 -74.05 100.08
N SER KA 83 21.98 -74.28 99.97
CA SER KA 83 21.02 -73.36 100.58
C SER KA 83 20.95 -73.56 102.10
N VAL KA 84 20.69 -72.45 102.80
CA VAL KA 84 20.37 -72.53 104.22
C VAL KA 84 19.04 -73.22 104.42
N GLU KA 85 18.15 -73.12 103.42
CA GLU KA 85 16.85 -73.74 103.50
C GLU KA 85 16.97 -75.25 103.65
N ASN KA 86 17.90 -75.86 102.92
CA ASN KA 86 18.10 -77.30 102.83
C ASN KA 86 19.37 -77.74 103.56
N LYS KA 87 19.72 -77.04 104.63
CA LYS KA 87 20.97 -77.32 105.33
C LYS KA 87 20.99 -78.73 105.90
N ALA KA 88 19.83 -79.38 106.03
CA ALA KA 88 19.82 -80.78 106.41
C ALA KA 88 20.59 -81.63 105.41
N ALA KA 89 20.25 -81.52 104.13
CA ALA KA 89 20.98 -82.26 103.10
C ALA KA 89 22.38 -81.71 102.89
N VAL KA 90 22.59 -80.41 103.15
CA VAL KA 90 23.95 -79.87 103.11
C VAL KA 90 24.84 -80.60 104.11
N LEU KA 91 24.38 -80.74 105.36
CA LEU KA 91 25.17 -81.42 106.39
C LEU KA 91 25.27 -82.92 106.13
N ALA KA 92 24.20 -83.53 105.62
CA ALA KA 92 24.28 -84.94 105.26
C ALA KA 92 25.33 -85.18 104.18
N ALA KA 93 25.51 -84.22 103.28
CA ALA KA 93 26.60 -84.29 102.32
C ALA KA 93 27.95 -84.03 102.98
N LEU KA 94 27.99 -83.11 103.94
CA LEU KA 94 29.24 -82.79 104.61
C LEU KA 94 29.81 -83.99 105.34
N LEU KA 95 28.96 -84.73 106.04
CA LEU KA 95 29.45 -85.88 106.81
C LEU KA 95 30.07 -86.92 105.90
N ASP KA 96 29.39 -87.25 104.80
CA ASP KA 96 29.92 -88.21 103.84
C ASP KA 96 31.22 -87.71 103.24
N HIS KA 97 31.28 -86.41 102.91
CA HIS KA 97 32.50 -85.84 102.36
C HIS KA 97 33.67 -85.97 103.33
N LEU KA 98 33.44 -85.62 104.60
CA LEU KA 98 34.50 -85.66 105.59
C LEU KA 98 34.99 -87.10 105.79
N HIS KA 99 34.07 -88.05 105.89
CA HIS KA 99 34.47 -89.45 106.08
C HIS KA 99 35.26 -89.98 104.88
N ASN KA 100 34.81 -89.65 103.67
CA ASN KA 100 35.53 -90.14 102.50
C ASN KA 100 36.91 -89.47 102.38
N LEU KA 101 36.98 -88.18 102.70
CA LEU KA 101 38.28 -87.52 102.77
C LEU KA 101 39.19 -88.23 103.76
N GLY KA 102 38.66 -88.61 104.92
CA GLY KA 102 39.45 -89.37 105.87
C GLY KA 102 39.94 -90.68 105.30
N LEU KA 103 39.08 -91.38 104.56
CA LEU KA 103 39.52 -92.62 103.89
C LEU KA 103 40.69 -92.35 102.95
N ALA KA 104 40.69 -91.20 102.29
CA ALA KA 104 41.72 -90.94 101.28
C ALA KA 104 42.98 -90.28 101.83
N ARG KA 105 42.93 -89.66 103.01
CA ARG KA 105 43.96 -88.67 103.35
C ARG KA 105 45.34 -89.29 103.44
N ASP KA 106 45.43 -90.52 103.96
CA ASP KA 106 46.73 -91.16 104.11
C ASP KA 106 47.39 -91.36 102.75
N ASP KA 107 46.61 -91.73 101.74
CA ASP KA 107 47.13 -91.85 100.38
C ASP KA 107 47.45 -90.49 99.79
N LEU KA 108 46.57 -89.51 100.02
CA LEU KA 108 46.69 -88.23 99.32
C LEU KA 108 47.90 -87.44 99.81
N VAL KA 109 48.12 -87.38 101.12
CA VAL KA 109 49.23 -86.57 101.63
C VAL KA 109 50.58 -87.17 101.26
N ALA KA 110 50.60 -88.45 100.88
CA ALA KA 110 51.83 -89.12 100.45
C ALA KA 110 52.01 -89.08 98.94
N GLY KA 111 51.21 -88.30 98.23
CA GLY KA 111 51.35 -88.18 96.79
C GLY KA 111 50.86 -89.37 95.99
N LEU KA 112 50.11 -90.27 96.60
CA LEU KA 112 49.62 -91.47 95.93
C LEU KA 112 48.16 -91.31 95.57
N LEU KA 113 47.80 -91.81 94.39
CA LEU KA 113 46.41 -91.74 93.93
C LEU KA 113 45.59 -92.80 94.66
N PRO KA 114 44.56 -92.39 95.43
CA PRO KA 114 43.83 -93.37 96.25
C PRO KA 114 42.98 -94.33 95.42
N THR KA 115 43.65 -95.28 94.75
CA THR KA 115 42.98 -96.18 93.83
C THR KA 115 42.24 -97.31 94.54
N THR KA 116 42.54 -97.56 95.82
CA THR KA 116 41.92 -98.68 96.52
C THR KA 116 40.65 -98.30 97.26
N ILE KA 117 40.61 -97.09 97.85
CA ILE KA 117 39.53 -96.73 98.77
C ILE KA 117 38.16 -96.84 98.11
N GLN KA 118 37.14 -97.03 98.92
CA GLN KA 118 35.75 -97.04 98.44
C GLN KA 118 34.92 -96.09 99.27
N PRO KA 119 34.42 -95.01 98.69
CA PRO KA 119 33.59 -94.07 99.44
C PRO KA 119 32.20 -94.62 99.71
N VAL KA 120 31.34 -93.81 100.32
CA VAL KA 120 30.04 -94.28 100.77
C VAL KA 120 29.10 -93.08 100.90
N VAL KA 121 27.80 -93.35 100.74
CA VAL KA 121 26.74 -92.38 100.98
C VAL KA 121 26.07 -92.75 102.29
N GLU KA 122 25.55 -91.75 103.01
CA GLU KA 122 24.74 -91.95 104.21
C GLU KA 122 25.51 -92.76 105.27
N TYR KA 123 26.71 -92.28 105.60
CA TYR KA 123 27.57 -92.98 106.54
C TYR KA 123 26.96 -93.00 107.94
N THR KA 124 26.82 -94.20 108.50
CA THR KA 124 26.19 -94.40 109.81
C THR KA 124 27.27 -94.66 110.85
N GLY KA 125 27.43 -93.74 111.79
CA GLY KA 125 28.36 -93.90 112.89
C GLY KA 125 29.83 -93.91 112.50
N ALA LA 1 21.00 -95.51 104.71
CA ALA LA 1 21.13 -96.83 104.11
C ALA LA 1 22.59 -97.27 104.04
N GLN LA 2 23.48 -96.28 103.95
CA GLN LA 2 24.92 -96.48 103.81
C GLN LA 2 25.25 -97.54 102.75
N HIS LA 3 24.72 -97.31 101.56
CA HIS LA 3 25.14 -98.04 100.36
C HIS LA 3 26.36 -97.35 99.78
N ASN LA 4 27.51 -98.03 99.81
CA ASN LA 4 28.75 -97.39 99.42
C ASN LA 4 28.83 -97.13 97.93
N MET LA 5 29.56 -96.08 97.56
CA MET LA 5 29.57 -95.58 96.19
C MET LA 5 30.28 -96.56 95.26
N ARG LA 6 29.94 -96.45 93.98
CA ARG LA 6 30.46 -97.30 92.93
C ARG LA 6 31.44 -96.50 92.07
N LEU LA 7 32.59 -97.08 91.78
CA LEU LA 7 33.53 -96.42 90.88
C LEU LA 7 32.90 -96.25 89.50
N GLN LA 8 33.17 -95.12 88.88
CA GLN LA 8 32.59 -94.96 87.55
C GLN LA 8 33.62 -94.56 86.51
N LEU LA 9 34.60 -93.73 86.86
CA LEU LA 9 35.58 -93.31 85.85
C LEU LA 9 36.95 -93.03 86.46
N THR LA 10 37.99 -93.57 85.81
CA THR LA 10 39.38 -93.27 86.14
C THR LA 10 40.08 -92.80 84.88
N SER LA 11 40.65 -91.60 84.92
CA SER LA 11 41.37 -91.08 83.77
C SER LA 11 42.32 -89.98 84.23
N GLY LA 12 43.55 -90.02 83.73
CA GLY LA 12 44.54 -89.00 84.07
C GLY LA 12 44.93 -89.04 85.53
N THR LA 13 44.54 -87.99 86.27
CA THR LA 13 44.81 -87.89 87.70
C THR LA 13 43.53 -87.91 88.53
N SER LA 14 42.40 -88.26 87.93
CA SER LA 14 41.11 -88.14 88.59
C SER LA 14 40.49 -89.51 88.83
N LEU LA 15 39.69 -89.58 89.89
CA LEU LA 15 38.86 -90.74 90.19
C LEU LA 15 37.45 -90.23 90.44
N THR LA 16 36.45 -90.93 89.90
CA THR LA 16 35.06 -90.47 89.95
C THR LA 16 34.15 -91.63 90.33
N TRP LA 17 33.59 -91.56 91.53
CA TRP LA 17 32.60 -92.49 92.05
C TRP LA 17 31.22 -91.84 92.01
N VAL LA 18 30.19 -92.68 92.06
CA VAL LA 18 28.81 -92.23 91.97
C VAL LA 18 27.94 -93.06 92.91
N ASP LA 19 26.87 -92.43 93.40
CA ASP LA 19 25.85 -93.14 94.17
C ASP LA 19 25.04 -94.03 93.25
N PRO LA 20 25.02 -95.35 93.47
CA PRO LA 20 24.25 -96.24 92.58
C PRO LA 20 22.75 -95.98 92.61
N ASN LA 21 22.23 -95.19 93.54
CA ASN LA 21 20.80 -94.94 93.57
C ASN LA 21 20.41 -93.75 92.70
N ASP LA 22 21.01 -92.59 92.92
CA ASP LA 22 20.87 -91.51 91.95
C ASP LA 22 22.24 -91.05 91.48
N PHE LA 23 22.30 -90.75 90.19
CA PHE LA 23 23.48 -90.30 89.47
C PHE LA 23 23.88 -88.88 89.82
N ARG LA 24 23.10 -88.21 90.69
CA ARG LA 24 23.29 -86.80 90.99
C ARG LA 24 24.39 -86.56 92.02
N SER LA 25 24.64 -87.51 92.90
CA SER LA 25 25.64 -87.37 93.95
C SER LA 25 26.88 -88.16 93.56
N THR LA 26 27.96 -87.45 93.28
CA THR LA 26 29.22 -87.98 92.79
C THR LA 26 30.36 -87.54 93.70
N PHE LA 27 31.51 -88.19 93.51
CA PHE LA 27 32.67 -87.98 94.37
C PHE LA 27 33.92 -88.10 93.53
N ARG LA 28 34.71 -87.03 93.45
CA ARG LA 28 35.90 -87.01 92.62
C ARG LA 28 37.12 -86.69 93.46
N ILE LA 29 38.25 -87.29 93.09
CA ILE LA 29 39.54 -86.97 93.70
C ILE LA 29 40.54 -86.70 92.58
N ASN LA 30 41.17 -85.53 92.61
CA ASN LA 30 42.24 -85.14 91.70
C ASN LA 30 43.54 -85.04 92.48
N LEU LA 31 44.64 -85.51 91.87
CA LEU LA 31 45.94 -85.51 92.51
C LEU LA 31 46.98 -85.01 91.51
N ASN LA 32 47.67 -83.93 91.86
CA ASN LA 32 48.67 -83.34 90.99
C ASN LA 32 49.99 -83.24 91.77
N VAL LA 33 50.93 -84.12 91.44
CA VAL LA 33 52.24 -84.14 92.09
C VAL LA 33 53.25 -83.53 91.13
N ASN LA 34 54.09 -82.63 91.64
CA ASN LA 34 55.12 -82.00 90.84
C ASN LA 34 56.10 -81.28 91.77
N GLN LA 35 57.26 -80.92 91.23
CA GLN LA 35 58.32 -80.35 92.07
C GLN LA 35 58.06 -78.88 92.37
N LYS LA 36 58.22 -78.53 93.63
CA LYS LA 36 58.09 -77.20 94.18
C LYS LA 36 59.48 -76.73 94.59
N VAL LA 37 59.72 -75.43 94.51
CA VAL LA 37 60.99 -74.83 94.87
C VAL LA 37 60.77 -74.00 96.14
N ALA LA 38 61.41 -74.41 97.24
CA ALA LA 38 61.27 -73.73 98.52
C ALA LA 38 62.67 -73.45 99.06
N GLY LA 39 63.10 -72.19 98.93
CA GLY LA 39 64.47 -71.87 99.30
C GLY LA 39 65.44 -72.40 98.27
N ALA LA 40 66.53 -73.01 98.76
CA ALA LA 40 67.54 -73.59 97.88
C ALA LA 40 67.20 -75.00 97.45
N VAL LA 41 66.24 -75.65 98.10
CA VAL LA 41 65.90 -77.02 97.80
C VAL LA 41 64.60 -77.09 97.02
N SER LA 42 64.37 -78.24 96.39
CA SER LA 42 63.10 -78.55 95.73
C SER LA 42 62.54 -79.82 96.35
N VAL LA 43 61.22 -79.82 96.54
CA VAL LA 43 60.51 -80.93 97.17
C VAL LA 43 59.27 -81.25 96.35
N TYR LA 44 58.83 -82.51 96.41
CA TYR LA 44 57.66 -82.92 95.65
C TYR LA 44 56.40 -82.46 96.38
N ASN LA 45 55.69 -81.51 95.77
CA ASN LA 45 54.43 -81.00 96.29
C ASN LA 45 53.27 -81.77 95.65
N ALA LA 46 52.32 -82.18 96.49
CA ALA LA 46 51.09 -82.83 96.08
C ALA LA 46 49.94 -81.86 96.29
N ARG LA 47 49.11 -81.72 95.26
CA ARG LA 47 47.86 -80.97 95.30
C ARG LA 47 46.72 -81.97 95.19
N SER LA 48 46.12 -82.30 96.32
CA SER LA 48 44.92 -83.12 96.34
C SER LA 48 43.71 -82.20 96.31
N GLU LA 49 42.68 -82.59 95.56
CA GLU LA 49 41.39 -81.93 95.72
C GLU LA 49 40.27 -82.95 95.62
N VAL LA 50 39.40 -82.93 96.63
CA VAL LA 50 38.33 -83.90 96.82
C VAL LA 50 37.02 -83.15 96.71
N ILE LA 51 36.22 -83.49 95.70
CA ILE LA 51 35.03 -82.74 95.33
C ILE LA 51 33.83 -83.68 95.41
N THR LA 52 32.92 -83.43 96.35
CA THR LA 52 31.67 -84.16 96.42
C THR LA 52 30.55 -83.24 95.93
N ASN LA 53 29.76 -83.74 94.97
CA ASN LA 53 28.73 -82.96 94.30
C ASN LA 53 27.40 -83.67 94.46
N ARG LA 54 26.35 -82.91 94.75
CA ARG LA 54 25.02 -83.49 94.85
C ARG LA 54 24.03 -82.52 94.21
N ALA LA 55 22.84 -83.04 93.93
CA ALA LA 55 21.74 -82.25 93.39
C ALA LA 55 20.45 -82.66 94.09
N PRO LA 56 20.37 -82.46 95.41
CA PRO LA 56 19.27 -83.02 96.18
C PRO LA 56 17.99 -82.23 95.96
N LEU LA 57 16.89 -82.81 96.44
CA LEU LA 57 15.65 -82.06 96.51
C LEU LA 57 15.72 -81.10 97.69
N VAL LA 58 15.13 -79.91 97.54
CA VAL LA 58 15.08 -78.98 98.66
C VAL LA 58 13.97 -79.41 99.60
N VAL LA 59 14.33 -79.70 100.83
CA VAL LA 59 13.41 -80.21 101.84
C VAL LA 59 13.25 -79.14 102.90
N ILE LA 60 12.10 -78.48 102.89
CA ILE LA 60 11.78 -77.47 103.89
C ILE LA 60 11.43 -78.17 105.18
N GLU LA 61 11.87 -77.62 106.32
CA GLU LA 61 11.61 -78.30 107.59
C GLU LA 61 10.12 -78.47 107.84
N GLY LA 62 9.39 -77.36 107.89
CA GLY LA 62 7.96 -77.43 108.18
C GLY LA 62 7.19 -78.28 107.18
N CYS LA 63 7.64 -78.30 105.93
CA CYS LA 63 6.88 -78.92 104.87
C CYS LA 63 7.21 -80.41 104.72
N THR LA 64 6.25 -81.13 104.13
CA THR LA 64 6.44 -82.53 103.79
C THR LA 64 5.58 -82.83 102.56
N ASP LA 65 6.23 -83.16 101.45
CA ASP LA 65 5.58 -83.29 100.15
C ASP LA 65 6.43 -84.18 99.25
N ALA LA 66 5.86 -85.27 98.76
CA ALA LA 66 6.56 -86.14 97.84
C ALA LA 66 6.37 -85.74 96.38
N CYS LA 67 5.65 -84.65 96.11
CA CYS LA 67 5.32 -84.25 94.75
C CYS LA 67 6.16 -83.09 94.24
N SER LA 68 7.02 -82.51 95.07
CA SER LA 68 7.89 -81.42 94.62
C SER LA 68 9.17 -82.02 94.03
N VAL LA 69 9.54 -81.57 92.84
CA VAL LA 69 10.83 -81.87 92.25
C VAL LA 69 11.75 -80.64 92.30
N ASN LA 70 11.50 -79.75 93.25
CA ASN LA 70 12.35 -78.59 93.47
C ASN LA 70 13.75 -79.06 93.84
N ARG LA 71 14.73 -78.81 92.97
CA ARG LA 71 16.09 -79.28 93.17
C ARG LA 71 17.08 -78.13 93.07
N GLU LA 72 18.08 -78.15 93.94
CA GLU LA 72 19.25 -77.29 93.86
C GLU LA 72 20.51 -78.14 93.80
N ASN LA 73 21.59 -77.52 93.33
CA ASN LA 73 22.90 -78.14 93.37
C ASN LA 73 23.61 -77.75 94.65
N ILE LA 74 24.37 -78.70 95.20
CA ILE LA 74 25.20 -78.44 96.37
C ILE LA 74 26.57 -79.09 96.13
N SER LA 75 27.60 -78.48 96.69
CA SER LA 75 28.96 -78.99 96.48
C SER LA 75 29.85 -78.69 97.67
N ILE LA 76 30.69 -79.67 98.01
CA ILE LA 76 31.69 -79.52 99.06
C ILE LA 76 33.03 -79.96 98.49
N ARG LA 77 33.98 -79.04 98.47
CA ARG LA 77 35.31 -79.28 97.93
C ARG LA 77 36.36 -79.06 99.01
N THR LA 78 37.42 -79.88 98.98
CA THR LA 78 38.52 -79.75 99.92
C THR LA 78 39.84 -79.90 99.18
N THR LA 79 40.64 -78.85 99.21
CA THR LA 79 41.93 -78.81 98.54
C THR LA 79 43.05 -78.85 99.56
N ILE LA 80 44.09 -79.61 99.26
CA ILE LA 80 45.22 -79.83 100.17
C ILE LA 80 46.50 -79.78 99.36
N SER LA 81 47.24 -78.67 99.44
CA SER LA 81 48.48 -78.49 98.68
C SER LA 81 49.64 -78.40 99.66
N GLY LA 82 50.58 -79.34 99.54
CA GLY LA 82 51.71 -79.42 100.44
C GLY LA 82 52.67 -80.51 99.99
N SER LA 83 53.92 -80.37 100.41
CA SER LA 83 54.94 -81.32 99.98
C SER LA 83 54.71 -82.67 100.65
N VAL LA 84 55.27 -83.71 100.03
CA VAL LA 84 55.25 -85.04 100.63
C VAL LA 84 56.24 -85.11 101.79
N GLU LA 85 57.29 -84.29 101.73
CA GLU LA 85 58.31 -84.33 102.78
C GLU LA 85 57.77 -83.84 104.12
N ASN LA 86 57.03 -82.72 104.10
CA ASN LA 86 56.40 -82.20 105.30
C ASN LA 86 55.01 -82.76 105.53
N LYS LA 87 54.69 -83.94 104.99
CA LYS LA 87 53.35 -84.48 105.15
C LYS LA 87 52.98 -84.64 106.62
N ALA LA 88 53.96 -84.66 107.52
CA ALA LA 88 53.67 -84.60 108.95
C ALA LA 88 52.96 -83.31 109.31
N ALA LA 89 53.55 -82.17 108.96
CA ALA LA 89 52.90 -80.88 109.24
C ALA LA 89 51.64 -80.70 108.40
N VAL LA 90 51.60 -81.30 107.21
CA VAL LA 90 50.38 -81.27 106.41
C VAL LA 90 49.23 -81.96 107.15
N LEU LA 91 49.49 -83.15 107.71
CA LEU LA 91 48.45 -83.88 108.43
C LEU LA 91 48.08 -83.20 109.74
N ALA LA 92 49.06 -82.62 110.44
CA ALA LA 92 48.73 -81.84 111.64
C ALA LA 92 47.83 -80.67 111.30
N ALA LA 93 48.17 -79.95 110.22
CA ALA LA 93 47.32 -78.87 109.74
C ALA LA 93 45.95 -79.38 109.31
N LEU LA 94 45.89 -80.60 108.76
CA LEU LA 94 44.60 -81.16 108.37
C LEU LA 94 43.74 -81.44 109.59
N LEU LA 95 44.32 -82.01 110.64
CA LEU LA 95 43.56 -82.26 111.86
C LEU LA 95 43.04 -80.95 112.45
N ASP LA 96 43.91 -79.94 112.55
CA ASP LA 96 43.47 -78.66 113.08
C ASP LA 96 42.38 -78.03 112.21
N HIS LA 97 42.53 -78.13 110.89
CA HIS LA 97 41.54 -77.62 109.95
C HIS LA 97 40.20 -78.32 110.13
N LEU LA 98 40.21 -79.64 110.22
CA LEU LA 98 38.96 -80.39 110.38
C LEU LA 98 38.27 -80.05 111.69
N HIS LA 99 39.04 -79.95 112.77
CA HIS LA 99 38.43 -79.61 114.06
C HIS LA 99 37.84 -78.21 114.07
N ASN LA 100 38.54 -77.24 113.49
CA ASN LA 100 38.01 -75.89 113.44
C ASN LA 100 36.79 -75.81 112.53
N LEU LA 101 36.83 -76.51 111.39
CA LEU LA 101 35.68 -76.61 110.52
C LEU LA 101 34.48 -77.15 111.28
N GLY LA 102 34.69 -78.20 112.08
CA GLY LA 102 33.61 -78.72 112.89
C GLY LA 102 33.08 -77.71 113.89
N LEU LA 103 33.99 -76.94 114.50
CA LEU LA 103 33.56 -75.86 115.39
C LEU LA 103 32.66 -74.87 114.67
N ALA LA 104 32.88 -74.66 113.38
CA ALA LA 104 32.15 -73.61 112.67
C ALA LA 104 30.92 -74.10 111.89
N ARG LA 105 30.80 -75.40 111.62
CA ARG LA 105 29.87 -75.85 110.58
C ARG LA 105 28.43 -75.54 110.92
N ASP LA 106 28.06 -75.63 112.19
CA ASP LA 106 26.66 -75.39 112.54
C ASP LA 106 26.26 -73.95 112.27
N ASP LA 107 27.19 -73.01 112.41
CA ASP LA 107 26.94 -71.63 111.99
C ASP LA 107 26.99 -71.49 110.47
N LEU LA 108 27.97 -72.13 109.83
CA LEU LA 108 28.20 -71.86 108.41
C LEU LA 108 27.07 -72.40 107.53
N VAL LA 109 26.55 -73.59 107.83
CA VAL LA 109 25.48 -74.13 107.00
C VAL LA 109 24.18 -73.39 107.23
N ALA LA 110 24.06 -72.65 108.33
CA ALA LA 110 22.88 -71.86 108.65
C ALA LA 110 22.99 -70.42 108.17
N GLY LA 111 24.04 -70.08 107.42
CA GLY LA 111 24.24 -68.73 106.92
C GLY LA 111 24.80 -67.75 107.92
N LEU LA 112 25.18 -68.20 109.11
CA LEU LA 112 25.71 -67.33 110.15
C LEU LA 112 27.23 -67.37 110.14
N LEU LA 113 27.85 -66.20 110.16
CA LEU LA 113 29.31 -66.14 110.26
C LEU LA 113 29.71 -66.51 111.69
N PRO LA 114 30.58 -67.50 111.88
CA PRO LA 114 30.86 -67.99 113.23
C PRO LA 114 31.64 -66.99 114.07
N THR LA 115 30.93 -66.00 114.62
CA THR LA 115 31.58 -64.96 115.42
C THR LA 115 32.12 -65.50 116.74
N THR LA 116 31.51 -66.57 117.25
CA THR LA 116 31.72 -67.01 118.62
C THR LA 116 32.63 -68.21 118.76
N ILE LA 117 33.22 -68.70 117.68
CA ILE LA 117 34.03 -69.92 117.74
C ILE LA 117 35.45 -69.57 118.16
N GLN LA 118 36.17 -70.59 118.65
CA GLN LA 118 37.54 -70.44 119.13
C GLN LA 118 38.44 -71.44 118.41
N PRO LA 119 39.06 -71.03 117.30
CA PRO LA 119 39.96 -71.93 116.59
C PRO LA 119 41.23 -72.18 117.37
N VAL LA 120 41.77 -73.39 117.21
CA VAL LA 120 42.92 -73.86 117.97
C VAL LA 120 44.02 -74.32 117.02
N VAL LA 121 45.20 -74.54 117.59
CA VAL LA 121 46.33 -75.17 116.91
C VAL LA 121 46.72 -76.40 117.73
N GLU LA 122 47.09 -77.48 117.05
CA GLU LA 122 47.56 -78.70 117.69
C GLU LA 122 46.47 -79.30 118.59
N TYR LA 123 45.35 -79.67 117.97
CA TYR LA 123 44.23 -80.22 118.72
C TYR LA 123 44.58 -81.55 119.36
N THR LA 124 44.14 -81.72 120.61
CA THR LA 124 44.40 -82.94 121.37
C THR LA 124 43.16 -83.36 122.18
N ALA MA 1 37.33 -38.74 139.52
CA ALA MA 1 36.12 -39.51 139.22
C ALA MA 1 36.47 -40.91 138.72
N GLN MA 2 37.57 -41.00 137.97
CA GLN MA 2 38.06 -42.23 137.35
C GLN MA 2 36.95 -42.95 136.57
N HIS MA 3 36.11 -42.17 135.91
CA HIS MA 3 35.24 -42.73 134.89
C HIS MA 3 36.08 -43.17 133.70
N ASN MA 4 35.91 -44.43 133.29
CA ASN MA 4 36.77 -44.99 132.25
C ASN MA 4 36.21 -44.71 130.86
N MET MA 5 37.13 -44.64 129.88
CA MET MA 5 36.78 -44.23 128.53
C MET MA 5 35.87 -45.25 127.87
N ARG MA 6 35.12 -44.79 126.86
CA ARG MA 6 34.19 -45.65 126.15
C ARG MA 6 34.49 -45.62 124.65
N LEU MA 7 34.13 -46.69 123.96
CA LEU MA 7 34.66 -46.97 122.63
C LEU MA 7 33.94 -46.16 121.55
N GLN MA 8 34.73 -45.61 120.62
CA GLN MA 8 34.21 -44.78 119.54
C GLN MA 8 34.48 -45.33 118.15
N LEU MA 9 35.72 -45.74 117.85
CA LEU MA 9 36.11 -46.14 116.50
C LEU MA 9 36.91 -47.44 116.53
N THR MA 10 36.51 -48.42 115.73
CA THR MA 10 37.23 -49.68 115.59
C THR MA 10 37.56 -49.89 114.11
N SER MA 11 38.79 -50.28 113.84
CA SER MA 11 39.26 -50.39 112.46
C SER MA 11 40.01 -51.67 112.16
N GLY MA 12 40.17 -52.57 113.13
CA GLY MA 12 40.97 -53.77 112.94
C GLY MA 12 42.45 -53.45 112.91
N THR MA 13 42.77 -52.17 112.71
CA THR MA 13 44.10 -51.62 112.84
C THR MA 13 44.17 -50.44 113.79
N SER MA 14 43.06 -49.77 114.05
CA SER MA 14 43.02 -48.61 114.94
C SER MA 14 41.87 -48.77 115.93
N LEU MA 15 42.11 -48.36 117.16
CA LEU MA 15 41.07 -48.29 118.18
C LEU MA 15 41.07 -46.89 118.75
N THR MA 16 39.88 -46.33 118.93
CA THR MA 16 39.73 -44.94 119.37
C THR MA 16 38.64 -44.89 120.43
N TRP MA 17 39.04 -44.63 121.67
CA TRP MA 17 38.14 -44.42 122.78
C TRP MA 17 38.06 -42.94 123.12
N VAL MA 18 36.96 -42.54 123.73
CA VAL MA 18 36.72 -41.14 124.08
C VAL MA 18 36.21 -41.07 125.51
N ASP MA 19 36.53 -39.96 126.18
CA ASP MA 19 35.95 -39.62 127.48
C ASP MA 19 34.47 -39.31 127.30
N PRO MA 20 33.57 -40.07 127.92
CA PRO MA 20 32.14 -39.80 127.74
C PRO MA 20 31.70 -38.41 128.21
N ASN MA 21 32.46 -37.76 129.09
CA ASN MA 21 32.11 -36.40 129.48
C ASN MA 21 32.68 -35.37 128.51
N ASP MA 22 33.98 -35.45 128.24
CA ASP MA 22 34.69 -34.48 127.42
C ASP MA 22 35.12 -35.18 126.13
N PHE MA 23 34.51 -34.78 125.01
CA PHE MA 23 34.87 -35.34 123.72
C PHE MA 23 36.22 -34.85 123.21
N ARG MA 24 36.84 -33.88 123.90
CA ARG MA 24 38.13 -33.36 123.48
C ARG MA 24 39.28 -34.33 123.82
N SER MA 25 39.09 -35.20 124.81
CA SER MA 25 40.14 -36.12 125.26
C SER MA 25 39.86 -37.49 124.68
N THR MA 26 40.73 -37.94 123.79
CA THR MA 26 40.61 -39.21 123.09
C THR MA 26 41.87 -40.04 123.29
N PHE MA 27 41.76 -41.32 122.95
CA PHE MA 27 42.84 -42.27 123.14
C PHE MA 27 42.79 -43.28 122.00
N ARG MA 28 43.82 -43.28 121.14
CA ARG MA 28 43.90 -44.18 120.01
C ARG MA 28 45.08 -45.11 120.17
N ILE MA 29 44.91 -46.35 119.72
CA ILE MA 29 45.99 -47.32 119.59
C ILE MA 29 46.01 -47.80 118.15
N ASN MA 30 47.14 -47.65 117.48
CA ASN MA 30 47.36 -48.11 116.13
C ASN MA 30 48.43 -49.20 116.14
N LEU MA 31 48.21 -50.23 115.32
CA LEU MA 31 49.13 -51.35 115.25
C LEU MA 31 49.36 -51.71 113.80
N ASN MA 32 50.62 -51.93 113.42
CA ASN MA 32 50.94 -52.30 112.05
C ASN MA 32 52.01 -53.38 112.08
N VAL MA 33 51.69 -54.56 111.58
CA VAL MA 33 52.61 -55.69 111.51
C VAL MA 33 52.98 -55.92 110.06
N ASN MA 34 54.28 -56.15 109.83
CA ASN MA 34 54.77 -56.45 108.49
C ASN MA 34 56.17 -57.05 108.62
N GLN MA 35 56.61 -57.75 107.57
CA GLN MA 35 57.91 -58.41 107.68
C GLN MA 35 59.05 -57.41 107.54
N LYS MA 36 60.22 -57.83 108.03
CA LYS MA 36 61.41 -57.02 108.07
C LYS MA 36 62.61 -57.94 107.93
N VAL MA 37 63.65 -57.44 107.28
CA VAL MA 37 64.85 -58.22 107.02
C VAL MA 37 65.93 -57.75 107.97
N ALA MA 38 66.23 -58.56 108.98
CA ALA MA 38 67.35 -58.32 109.88
C ALA MA 38 68.47 -59.26 109.45
N GLY MA 39 69.52 -58.69 108.89
CA GLY MA 39 70.60 -59.49 108.34
C GLY MA 39 70.10 -60.41 107.25
N ALA MA 40 70.15 -61.72 107.49
CA ALA MA 40 69.68 -62.72 106.56
C ALA MA 40 68.41 -63.41 107.02
N VAL MA 41 67.71 -62.85 108.00
CA VAL MA 41 66.53 -63.48 108.59
C VAL MA 41 65.36 -62.51 108.55
N SER MA 42 64.21 -62.97 108.06
CA SER MA 42 63.01 -62.16 108.06
C SER MA 42 62.22 -62.42 109.34
N VAL MA 43 61.80 -61.34 110.01
CA VAL MA 43 61.02 -61.41 111.22
C VAL MA 43 59.84 -60.46 111.10
N TYR MA 44 58.77 -60.76 111.83
CA TYR MA 44 57.58 -59.92 111.82
C TYR MA 44 57.74 -58.76 112.78
N ASN MA 45 57.95 -57.56 112.23
CA ASN MA 45 58.05 -56.34 113.01
C ASN MA 45 56.65 -55.77 113.22
N ALA MA 46 56.35 -55.43 114.47
CA ALA MA 46 55.13 -54.71 114.84
C ALA MA 46 55.52 -53.31 115.29
N ARG MA 47 54.86 -52.32 114.72
CA ARG MA 47 54.97 -50.94 115.17
C ARG MA 47 53.62 -50.55 115.78
N SER MA 48 53.62 -50.32 117.09
CA SER MA 48 52.43 -49.90 117.81
C SER MA 48 52.63 -48.44 118.23
N GLU MA 49 51.65 -47.59 117.93
CA GLU MA 49 51.65 -46.25 118.49
C GLU MA 49 50.39 -46.00 119.31
N VAL MA 50 50.57 -45.31 120.42
CA VAL MA 50 49.52 -45.05 121.40
C VAL MA 50 49.46 -43.55 121.58
N ILE MA 51 48.35 -42.94 121.14
CA ILE MA 51 48.20 -41.48 121.06
C ILE MA 51 47.05 -41.07 121.97
N THR MA 52 47.34 -40.30 123.01
CA THR MA 52 46.30 -39.69 123.82
C THR MA 52 46.30 -38.19 123.55
N ASN MA 53 45.12 -37.65 123.22
CA ASN MA 53 44.94 -36.27 122.79
C ASN MA 53 43.96 -35.59 123.73
N ARG MA 54 44.25 -34.33 124.10
CA ARG MA 54 43.36 -33.58 124.96
C ARG MA 54 43.37 -32.12 124.55
N ALA MA 55 42.38 -31.39 125.06
CA ALA MA 55 42.22 -29.96 124.75
C ALA MA 55 41.91 -29.21 126.03
N PRO MA 56 42.92 -28.91 126.83
CA PRO MA 56 42.69 -28.13 128.06
C PRO MA 56 42.39 -26.68 127.74
N LEU MA 57 41.78 -26.00 128.71
CA LEU MA 57 41.53 -24.58 128.61
C LEU MA 57 42.67 -23.81 129.27
N VAL MA 58 43.03 -22.68 128.67
CA VAL MA 58 44.03 -21.79 129.25
C VAL MA 58 43.35 -20.98 130.35
N VAL MA 59 43.68 -21.26 131.60
CA VAL MA 59 43.07 -20.63 132.75
C VAL MA 59 43.84 -19.35 133.07
N ILE MA 60 43.21 -18.20 132.85
CA ILE MA 60 43.72 -16.91 133.32
C ILE MA 60 42.83 -16.40 134.44
N GLU MA 61 43.44 -16.16 135.59
CA GLU MA 61 42.72 -15.54 136.70
C GLU MA 61 42.28 -14.14 136.33
N GLY MA 62 41.07 -13.78 136.76
CA GLY MA 62 40.51 -12.49 136.42
C GLY MA 62 39.82 -12.45 135.08
N CYS MA 63 39.92 -13.51 134.28
CA CYS MA 63 39.29 -13.59 132.97
C CYS MA 63 38.28 -14.73 133.00
N THR MA 64 37.01 -14.39 133.17
CA THR MA 64 35.94 -15.36 132.99
C THR MA 64 35.84 -15.71 131.52
N ASP MA 65 36.35 -16.90 131.16
CA ASP MA 65 36.42 -17.34 129.77
C ASP MA 65 35.06 -17.90 129.36
N ALA MA 66 34.08 -16.99 129.31
CA ALA MA 66 32.81 -17.31 128.68
C ALA MA 66 33.06 -17.74 127.25
N CYS MA 67 32.36 -18.79 126.83
CA CYS MA 67 32.42 -19.44 125.53
C CYS MA 67 33.62 -20.39 125.45
N SER MA 68 34.49 -20.41 126.45
CA SER MA 68 35.66 -21.30 126.49
C SER MA 68 36.48 -21.20 125.19
N VAL MA 69 36.86 -19.97 124.85
CA VAL MA 69 37.57 -19.75 123.59
C VAL MA 69 39.06 -19.98 123.75
N ASN MA 70 39.64 -19.60 124.89
CA ASN MA 70 41.06 -19.82 125.13
C ASN MA 70 41.29 -21.30 125.43
N ARG MA 71 41.64 -22.07 124.40
CA ARG MA 71 41.78 -23.51 124.55
C ARG MA 71 43.03 -23.98 123.81
N GLU MA 72 43.68 -24.98 124.41
CA GLU MA 72 44.97 -25.49 123.97
C GLU MA 72 44.86 -26.97 123.61
N ASN MA 73 45.64 -27.41 122.62
CA ASN MA 73 45.78 -28.82 122.32
C ASN MA 73 47.04 -29.36 122.97
N ILE MA 74 46.91 -30.50 123.67
CA ILE MA 74 48.04 -31.21 124.23
C ILE MA 74 47.97 -32.67 123.78
N SER MA 75 49.14 -33.29 123.64
CA SER MA 75 49.18 -34.66 123.13
C SER MA 75 50.37 -35.42 123.69
N ILE MA 76 50.13 -36.69 124.03
CA ILE MA 76 51.17 -37.60 124.48
C ILE MA 76 51.10 -38.86 123.62
N ARG MA 77 52.20 -39.16 122.94
CA ARG MA 77 52.27 -40.22 121.94
C ARG MA 77 53.43 -41.15 122.27
N THR MA 78 53.26 -42.43 121.97
CA THR MA 78 54.30 -43.43 122.27
C THR MA 78 54.36 -44.46 121.15
N THR MA 79 55.52 -44.56 120.51
CA THR MA 79 55.74 -45.49 119.41
C THR MA 79 56.70 -46.60 119.86
N ILE MA 80 56.38 -47.84 119.49
CA ILE MA 80 57.11 -49.03 119.91
C ILE MA 80 57.21 -49.90 118.67
N SER MA 81 58.39 -49.92 118.05
CA SER MA 81 58.62 -50.68 116.83
C SER MA 81 59.67 -51.74 117.08
N GLY MA 82 59.29 -53.01 116.93
CA GLY MA 82 60.22 -54.11 117.18
C GLY MA 82 59.62 -55.43 116.74
N SER MA 83 60.49 -56.44 116.67
CA SER MA 83 60.05 -57.77 116.28
C SER MA 83 59.15 -58.37 117.35
N VAL MA 84 58.12 -59.10 116.89
CA VAL MA 84 57.38 -59.96 117.80
C VAL MA 84 58.31 -61.03 118.37
N GLU MA 85 59.30 -61.45 117.58
CA GLU MA 85 60.22 -62.50 118.05
C GLU MA 85 61.10 -62.00 119.18
N ASN MA 86 61.64 -60.79 119.08
CA ASN MA 86 62.44 -60.21 120.16
C ASN MA 86 61.61 -59.40 121.13
N LYS MA 87 60.32 -59.73 121.28
CA LYS MA 87 59.46 -59.00 122.19
C LYS MA 87 60.00 -58.98 123.62
N ALA MA 88 60.88 -59.93 123.97
CA ALA MA 88 61.52 -59.90 125.27
C ALA MA 88 62.39 -58.65 125.42
N ALA MA 89 63.29 -58.42 124.47
CA ALA MA 89 64.12 -57.22 124.51
C ALA MA 89 63.30 -55.97 124.29
N VAL MA 90 62.21 -56.08 123.52
CA VAL MA 90 61.29 -54.94 123.38
C VAL MA 90 60.72 -54.54 124.74
N LEU MA 91 60.27 -55.52 125.52
CA LEU MA 91 59.68 -55.23 126.82
C LEU MA 91 60.72 -54.74 127.83
N ALA MA 92 61.93 -55.30 127.78
CA ALA MA 92 63.01 -54.77 128.60
C ALA MA 92 63.27 -53.30 128.28
N ALA MA 93 63.32 -52.98 126.98
CA ALA MA 93 63.48 -51.61 126.54
C ALA MA 93 62.31 -50.74 126.99
N LEU MA 94 61.10 -51.29 127.01
CA LEU MA 94 59.95 -50.51 127.44
C LEU MA 94 60.03 -50.18 128.93
N LEU MA 95 60.42 -51.17 129.75
CA LEU MA 95 60.58 -50.91 131.18
C LEU MA 95 61.63 -49.83 131.42
N ASP MA 96 62.80 -49.97 130.79
CA ASP MA 96 63.86 -48.99 130.98
C ASP MA 96 63.42 -47.62 130.48
N HIS MA 97 62.69 -47.60 129.36
CA HIS MA 97 62.17 -46.35 128.80
C HIS MA 97 61.21 -45.67 129.77
N LEU MA 98 60.26 -46.44 130.32
CA LEU MA 98 59.28 -45.88 131.24
C LEU MA 98 59.96 -45.32 132.49
N HIS MA 99 60.94 -46.06 133.02
CA HIS MA 99 61.63 -45.58 134.23
C HIS MA 99 62.42 -44.31 133.96
N ASN MA 100 63.11 -44.24 132.84
CA ASN MA 100 63.88 -43.04 132.54
C ASN MA 100 62.96 -41.85 132.23
N LEU MA 101 61.85 -42.12 131.53
CA LEU MA 101 60.83 -41.09 131.35
C LEU MA 101 60.38 -40.56 132.71
N GLY MA 102 60.12 -41.46 133.65
CA GLY MA 102 59.73 -41.03 134.98
C GLY MA 102 60.80 -40.21 135.68
N LEU MA 103 62.07 -40.51 135.40
CA LEU MA 103 63.14 -39.68 135.93
C LEU MA 103 63.05 -38.26 135.38
N ALA MA 104 62.73 -38.11 134.10
CA ALA MA 104 62.74 -36.79 133.49
C ALA MA 104 61.38 -36.09 133.54
N ARG MA 105 60.32 -36.77 134.01
CA ARG MA 105 58.96 -36.32 133.73
C ARG MA 105 58.65 -34.96 134.37
N ASP MA 106 59.25 -34.68 135.51
CA ASP MA 106 58.93 -33.42 136.19
C ASP MA 106 59.63 -32.25 135.52
N ASP MA 107 60.90 -32.44 135.14
CA ASP MA 107 61.64 -31.39 134.44
C ASP MA 107 61.03 -31.10 133.07
N LEU MA 108 60.77 -32.15 132.29
CA LEU MA 108 60.37 -31.97 130.90
C LEU MA 108 59.04 -31.22 130.80
N VAL MA 109 58.10 -31.52 131.68
CA VAL MA 109 56.78 -30.89 131.56
C VAL MA 109 56.83 -29.42 131.99
N ALA MA 110 57.83 -29.03 132.77
CA ALA MA 110 58.03 -27.65 133.17
C ALA MA 110 58.87 -26.86 132.16
N GLY MA 111 59.22 -27.46 131.03
CA GLY MA 111 59.97 -26.77 130.00
C GLY MA 111 61.46 -26.68 130.25
N LEU MA 112 62.01 -27.57 131.07
CA LEU MA 112 63.40 -27.48 131.50
C LEU MA 112 64.13 -28.76 131.10
N LEU MA 113 65.30 -28.60 130.50
CA LEU MA 113 66.09 -29.75 130.08
C LEU MA 113 66.58 -30.52 131.30
N PRO MA 114 66.28 -31.81 131.40
CA PRO MA 114 66.69 -32.60 132.59
C PRO MA 114 68.18 -32.90 132.60
N THR MA 115 68.99 -31.86 132.78
CA THR MA 115 70.43 -32.00 132.80
C THR MA 115 70.92 -32.83 133.99
N THR MA 116 70.13 -32.91 135.05
CA THR MA 116 70.57 -33.54 136.29
C THR MA 116 70.37 -35.04 136.33
N ILE MA 117 69.32 -35.56 135.66
CA ILE MA 117 68.97 -36.97 135.82
C ILE MA 117 70.08 -37.86 135.26
N GLN MA 118 70.04 -39.13 135.66
CA GLN MA 118 70.95 -40.15 135.15
C GLN MA 118 70.17 -41.40 134.80
N PRO MA 119 69.97 -41.71 133.52
CA PRO MA 119 69.18 -42.88 133.14
C PRO MA 119 69.92 -44.18 133.46
N VAL MA 120 69.18 -45.28 133.29
CA VAL MA 120 69.62 -46.60 133.73
C VAL MA 120 69.26 -47.62 132.65
N VAL MA 121 70.05 -48.69 132.57
CA VAL MA 121 69.71 -49.90 131.83
C VAL MA 121 69.35 -50.98 132.84
N GLU MA 122 68.36 -51.81 132.51
CA GLU MA 122 68.01 -52.99 133.30
C GLU MA 122 67.51 -52.61 134.70
N TYR MA 123 66.54 -51.70 134.76
CA TYR MA 123 65.98 -51.32 136.06
C TYR MA 123 65.40 -52.54 136.77
N THR MA 124 65.59 -52.58 138.08
CA THR MA 124 65.13 -53.69 138.90
C THR MA 124 64.52 -53.18 140.21
N ALA NA 1 26.42 -50.92 -120.69
CA ALA NA 1 25.13 -51.51 -120.34
C ALA NA 1 24.00 -50.53 -120.63
N GLN NA 2 24.29 -49.23 -120.62
CA GLN NA 2 23.30 -48.19 -120.96
C GLN NA 2 22.08 -48.27 -120.05
N HIS NA 3 22.31 -48.56 -118.78
CA HIS NA 3 21.23 -48.55 -117.79
C HIS NA 3 21.16 -47.18 -117.15
N ASN NA 4 19.96 -46.59 -117.16
CA ASN NA 4 19.77 -45.25 -116.64
C ASN NA 4 19.71 -45.23 -115.12
N MET NA 5 20.15 -44.12 -114.54
CA MET NA 5 20.27 -43.97 -113.09
C MET NA 5 18.89 -43.89 -112.44
N ARG NA 6 18.83 -44.28 -111.17
CA ARG NA 6 17.59 -44.20 -110.41
C ARG NA 6 17.73 -43.18 -109.29
N LEU NA 7 16.64 -42.46 -109.03
CA LEU NA 7 16.69 -41.29 -108.16
C LEU NA 7 16.73 -41.69 -106.68
N GLN NA 8 17.50 -40.93 -105.91
CA GLN NA 8 17.70 -41.22 -104.49
C GLN NA 8 17.32 -40.07 -103.56
N LEU NA 9 17.61 -38.82 -103.91
CA LEU NA 9 17.36 -37.71 -103.00
C LEU NA 9 16.76 -36.50 -103.72
N THR NA 10 15.62 -36.02 -103.22
CA THR NA 10 14.98 -34.81 -103.74
C THR NA 10 14.87 -33.78 -102.62
N SER NA 11 15.21 -32.53 -102.93
CA SER NA 11 15.20 -31.48 -101.92
C SER NA 11 14.62 -30.15 -102.37
N GLY NA 12 14.14 -30.05 -103.61
CA GLY NA 12 13.65 -28.77 -104.11
C GLY NA 12 14.76 -27.80 -104.46
N THR NA 13 15.98 -28.10 -103.97
CA THR NA 13 17.18 -27.40 -104.37
C THR NA 13 18.27 -28.33 -104.89
N SER NA 14 18.18 -29.63 -104.61
CA SER NA 14 19.13 -30.60 -105.17
C SER NA 14 18.36 -31.82 -105.66
N LEU NA 15 19.01 -32.55 -106.55
CA LEU NA 15 18.57 -33.85 -107.01
C LEU NA 15 19.76 -34.79 -107.00
N THR NA 16 19.54 -36.02 -106.55
CA THR NA 16 20.63 -36.96 -106.35
C THR NA 16 20.20 -38.32 -106.88
N TRP NA 17 20.69 -38.67 -108.07
CA TRP NA 17 20.51 -39.97 -108.69
C TRP NA 17 21.73 -40.85 -108.40
N VAL NA 18 21.52 -42.16 -108.50
CA VAL NA 18 22.57 -43.13 -108.23
C VAL NA 18 22.44 -44.29 -109.22
N ASP NA 19 23.57 -44.87 -109.58
CA ASP NA 19 23.61 -46.10 -110.37
C ASP NA 19 23.11 -47.25 -109.52
N PRO NA 20 22.01 -47.91 -109.90
CA PRO NA 20 21.50 -49.02 -109.08
C PRO NA 20 22.50 -50.16 -108.90
N ASN NA 21 23.43 -50.33 -109.83
CA ASN NA 21 24.45 -51.37 -109.69
C ASN NA 21 25.57 -50.94 -108.75
N ASP NA 22 26.18 -49.79 -109.04
CA ASP NA 22 27.27 -49.26 -108.24
C ASP NA 22 26.77 -48.01 -107.51
N PHE NA 23 26.59 -48.11 -106.19
CA PHE NA 23 26.24 -46.95 -105.39
C PHE NA 23 27.36 -45.92 -105.31
N ARG NA 24 28.56 -46.23 -105.80
CA ARG NA 24 29.67 -45.29 -105.72
C ARG NA 24 29.61 -44.21 -106.80
N SER NA 25 28.76 -44.34 -107.80
CA SER NA 25 28.62 -43.36 -108.87
C SER NA 25 27.34 -42.56 -108.66
N THR NA 26 27.49 -41.33 -108.19
CA THR NA 26 26.41 -40.42 -107.86
C THR NA 26 26.31 -39.35 -108.93
N PHE NA 27 25.11 -38.79 -109.08
CA PHE NA 27 24.88 -37.66 -109.99
C PHE NA 27 23.94 -36.67 -109.31
N ARG NA 28 24.46 -35.49 -108.96
CA ARG NA 28 23.68 -34.47 -108.26
C ARG NA 28 23.57 -33.22 -109.13
N ILE NA 29 22.42 -32.56 -109.02
CA ILE NA 29 22.18 -31.25 -109.62
C ILE NA 29 21.69 -30.31 -108.52
N ASN NA 30 22.38 -29.18 -108.36
CA ASN NA 30 22.02 -28.15 -107.39
C ASN NA 30 21.64 -26.89 -108.16
N LEU NA 31 20.47 -26.34 -107.88
CA LEU NA 31 20.02 -25.10 -108.52
C LEU NA 31 19.67 -24.10 -107.44
N ASN NA 32 20.31 -22.94 -107.48
CA ASN NA 32 20.05 -21.87 -106.54
C ASN NA 32 19.71 -20.60 -107.32
N VAL NA 33 18.59 -19.97 -106.96
CA VAL NA 33 18.16 -18.77 -107.65
C VAL NA 33 18.00 -17.63 -106.65
N ASN NA 34 18.48 -16.45 -107.04
CA ASN NA 34 18.34 -15.26 -106.22
C ASN NA 34 18.50 -14.03 -107.12
N GLN NA 35 17.97 -12.90 -106.66
CA GLN NA 35 18.03 -11.68 -107.45
C GLN NA 35 19.40 -11.03 -107.35
N LYS NA 36 19.89 -10.55 -108.48
CA LYS NA 36 21.11 -9.76 -108.56
C LYS NA 36 20.77 -8.44 -109.23
N VAL NA 37 21.69 -7.49 -109.15
CA VAL NA 37 21.53 -6.19 -109.77
C VAL NA 37 22.44 -6.16 -110.99
N ALA NA 38 21.84 -6.16 -112.19
CA ALA NA 38 22.58 -6.01 -113.42
C ALA NA 38 22.41 -4.58 -113.89
N GLY NA 39 23.47 -3.80 -113.78
CA GLY NA 39 23.44 -2.42 -114.23
C GLY NA 39 22.30 -1.63 -113.63
N ALA NA 40 21.30 -1.31 -114.45
CA ALA NA 40 20.19 -0.47 -114.02
C ALA NA 40 19.05 -1.26 -113.40
N VAL NA 41 18.90 -2.55 -113.73
CA VAL NA 41 17.70 -3.26 -113.32
C VAL NA 41 18.11 -4.57 -112.64
N SER NA 42 17.21 -5.09 -111.81
CA SER NA 42 17.45 -6.36 -111.14
C SER NA 42 17.02 -7.51 -112.05
N VAL NA 43 17.77 -8.61 -111.99
CA VAL NA 43 17.49 -9.82 -112.74
C VAL NA 43 17.58 -11.01 -111.79
N TYR NA 44 17.16 -12.18 -112.29
CA TYR NA 44 17.16 -13.41 -111.50
C TYR NA 44 18.35 -14.28 -111.92
N ASN NA 45 19.37 -14.35 -111.08
CA ASN NA 45 20.52 -15.19 -111.33
C ASN NA 45 20.27 -16.59 -110.81
N ALA NA 46 20.66 -17.59 -111.61
CA ALA NA 46 20.46 -19.00 -111.29
C ALA NA 46 21.81 -19.70 -111.41
N ARG NA 47 22.42 -20.00 -110.27
CA ARG NA 47 23.65 -20.78 -110.23
C ARG NA 47 23.24 -22.25 -110.20
N SER NA 48 23.38 -22.91 -111.34
CA SER NA 48 23.26 -24.35 -111.43
C SER NA 48 24.65 -24.96 -111.25
N GLU NA 49 24.68 -26.15 -110.67
CA GLU NA 49 25.89 -26.95 -110.72
C GLU NA 49 25.50 -28.43 -110.83
N VAL NA 50 26.30 -29.16 -111.60
CA VAL NA 50 26.04 -30.55 -111.92
C VAL NA 50 27.31 -31.32 -111.55
N ILE NA 51 27.21 -32.20 -110.56
CA ILE NA 51 28.35 -32.90 -110.00
C ILE NA 51 28.14 -34.40 -110.22
N THR NA 52 29.07 -35.04 -110.92
CA THR NA 52 29.06 -36.49 -111.05
C THR NA 52 30.28 -37.05 -110.32
N ASN NA 53 30.02 -38.01 -109.43
CA ASN NA 53 31.03 -38.58 -108.54
C ASN NA 53 31.14 -40.07 -108.83
N ARG NA 54 32.35 -40.60 -108.83
CA ARG NA 54 32.54 -42.03 -109.03
C ARG NA 54 33.74 -42.47 -108.21
N ALA NA 55 33.86 -43.80 -108.06
CA ALA NA 55 34.96 -44.41 -107.32
C ALA NA 55 35.42 -45.65 -108.08
N PRO NA 56 36.09 -45.46 -109.21
CA PRO NA 56 36.63 -46.60 -109.94
C PRO NA 56 37.76 -47.26 -109.16
N LEU NA 57 38.02 -48.51 -109.52
CA LEU NA 57 39.04 -49.29 -108.83
C LEU NA 57 40.39 -49.09 -109.49
N VAL NA 58 41.43 -48.96 -108.67
CA VAL NA 58 42.79 -48.77 -109.15
C VAL NA 58 43.41 -50.15 -109.29
N VAL NA 59 43.76 -50.53 -110.51
CA VAL NA 59 44.22 -51.88 -110.82
C VAL NA 59 45.61 -51.78 -111.46
N ILE NA 60 46.60 -52.41 -110.84
CA ILE NA 60 47.92 -52.61 -111.42
C ILE NA 60 48.09 -54.11 -111.59
N GLU NA 61 48.24 -54.55 -112.85
CA GLU NA 61 48.05 -55.96 -113.19
C GLU NA 61 48.93 -56.88 -112.36
N GLY NA 62 50.19 -56.51 -112.16
CA GLY NA 62 51.07 -57.34 -111.37
C GLY NA 62 51.04 -57.08 -109.88
N CYS NA 63 50.38 -56.00 -109.45
CA CYS NA 63 50.53 -55.48 -108.10
C CYS NA 63 49.24 -55.47 -107.28
N THR NA 64 48.08 -55.29 -107.90
CA THR NA 64 46.83 -55.04 -107.19
C THR NA 64 46.21 -56.37 -106.78
N ASP NA 65 46.20 -56.64 -105.48
CA ASP NA 65 45.48 -57.79 -104.96
C ASP NA 65 43.98 -57.60 -105.18
N ALA NA 66 43.34 -58.61 -105.78
CA ALA NA 66 41.91 -58.50 -106.08
C ALA NA 66 41.06 -58.57 -104.83
N CYS NA 67 41.54 -59.25 -103.78
CA CYS NA 67 40.75 -59.39 -102.57
C CYS NA 67 40.58 -58.06 -101.84
N SER NA 68 41.67 -57.32 -101.68
CA SER NA 68 41.64 -56.00 -101.05
C SER NA 68 41.42 -54.96 -102.15
N VAL NA 69 40.20 -54.42 -102.23
CA VAL NA 69 39.88 -53.45 -103.26
C VAL NA 69 40.66 -52.16 -103.03
N ASN NA 70 41.14 -51.56 -104.12
CA ASN NA 70 41.81 -50.27 -104.09
C ASN NA 70 41.01 -49.32 -104.97
N ARG NA 71 40.34 -48.35 -104.35
CA ARG NA 71 39.47 -47.45 -105.08
C ARG NA 71 39.98 -46.02 -105.00
N GLU NA 72 39.56 -45.24 -105.99
CA GLU NA 72 39.94 -43.84 -106.16
C GLU NA 72 38.68 -43.02 -106.41
N ASN NA 73 38.54 -41.90 -105.72
CA ASN NA 73 37.46 -40.98 -106.03
C ASN NA 73 37.82 -40.15 -107.26
N ILE NA 74 36.88 -40.06 -108.20
CA ILE NA 74 36.99 -39.16 -109.35
C ILE NA 74 35.72 -38.32 -109.42
N SER NA 75 35.87 -37.08 -109.87
CA SER NA 75 34.74 -36.16 -109.87
C SER NA 75 34.80 -35.22 -111.07
N ILE NA 76 33.61 -34.96 -111.63
CA ILE NA 76 33.46 -33.97 -112.69
C ILE NA 76 32.32 -33.04 -112.30
N ARG NA 77 32.65 -31.77 -112.11
CA ARG NA 77 31.74 -30.74 -111.61
C ARG NA 77 31.57 -29.67 -112.69
N THR NA 78 30.37 -29.09 -112.78
CA THR NA 78 30.12 -28.04 -113.76
C THR NA 78 29.19 -26.99 -113.16
N THR NA 79 29.71 -25.77 -113.00
CA THR NA 79 28.96 -24.64 -112.47
C THR NA 79 28.58 -23.69 -113.60
N ILE NA 80 27.33 -23.21 -113.58
CA ILE NA 80 26.78 -22.33 -114.61
C ILE NA 80 25.99 -21.24 -113.88
N SER NA 81 26.55 -20.03 -113.82
CA SER NA 81 25.92 -18.92 -113.10
C SER NA 81 25.69 -17.76 -114.06
N GLY NA 82 24.42 -17.43 -114.25
CA GLY NA 82 23.97 -16.31 -115.06
C GLY NA 82 22.49 -16.12 -114.82
N SER NA 83 21.95 -15.01 -115.33
CA SER NA 83 20.55 -14.72 -115.11
C SER NA 83 19.65 -15.59 -116.01
N VAL NA 84 18.46 -15.90 -115.50
CA VAL NA 84 17.44 -16.53 -116.32
C VAL NA 84 16.94 -15.54 -117.36
N GLU NA 85 17.03 -14.25 -117.05
CA GLU NA 85 16.58 -13.22 -117.97
C GLU NA 85 17.37 -13.28 -119.28
N ASN NA 86 18.69 -13.51 -119.18
CA ASN NA 86 19.63 -13.49 -120.29
C ASN NA 86 20.11 -14.89 -120.65
N LYS NA 87 19.25 -15.89 -120.46
CA LYS NA 87 19.66 -17.27 -120.68
C LYS NA 87 20.07 -17.52 -122.13
N ALA NA 88 19.71 -16.63 -123.05
CA ALA NA 88 20.21 -16.74 -124.42
C ALA NA 88 21.73 -16.65 -124.43
N ALA NA 89 22.29 -15.60 -123.83
CA ALA NA 89 23.74 -15.47 -123.76
C ALA NA 89 24.35 -16.49 -122.81
N VAL NA 90 23.60 -16.93 -121.78
CA VAL NA 90 24.09 -18.02 -120.94
C VAL NA 90 24.36 -19.27 -121.77
N LEU NA 91 23.39 -19.67 -122.60
CA LEU NA 91 23.55 -20.86 -123.44
C LEU NA 91 24.57 -20.66 -124.54
N ALA NA 92 24.63 -19.44 -125.11
CA ALA NA 92 25.67 -19.17 -126.10
C ALA NA 92 27.06 -19.30 -125.50
N ALA NA 93 27.21 -18.97 -124.22
CA ALA NA 93 28.47 -19.22 -123.53
C ALA NA 93 28.65 -20.70 -123.24
N LEU NA 94 27.57 -21.41 -122.91
CA LEU NA 94 27.66 -22.83 -122.60
C LEU NA 94 28.17 -23.63 -123.79
N LEU NA 95 27.66 -23.33 -124.99
CA LEU NA 95 28.07 -24.09 -126.17
C LEU NA 95 29.56 -23.92 -126.44
N ASP NA 96 30.05 -22.69 -126.38
CA ASP NA 96 31.47 -22.42 -126.60
C ASP NA 96 32.30 -23.11 -125.52
N HIS NA 97 31.84 -23.07 -124.27
CA HIS NA 97 32.55 -23.73 -123.19
C HIS NA 97 32.66 -25.23 -123.42
N LEU NA 98 31.54 -25.87 -123.79
CA LEU NA 98 31.54 -27.31 -124.00
C LEU NA 98 32.45 -27.69 -125.15
N HIS NA 99 32.40 -26.95 -126.26
CA HIS NA 99 33.25 -27.26 -127.41
C HIS NA 99 34.73 -27.09 -127.07
N ASN NA 100 35.07 -26.03 -126.35
CA ASN NA 100 36.48 -25.83 -126.00
C ASN NA 100 36.95 -26.88 -125.01
N LEU NA 101 36.10 -27.25 -124.05
CA LEU NA 101 36.42 -28.36 -123.17
C LEU NA 101 36.68 -29.63 -123.97
N GLY NA 102 35.86 -29.89 -124.99
CA GLY NA 102 36.11 -31.04 -125.85
C GLY NA 102 37.45 -30.96 -126.54
N LEU NA 103 37.82 -29.76 -127.02
CA LEU NA 103 39.15 -29.60 -127.61
C LEU NA 103 40.25 -29.96 -126.62
N ALA NA 104 40.05 -29.65 -125.35
CA ALA NA 104 41.12 -29.85 -124.37
C ALA NA 104 41.12 -31.23 -123.73
N ARG NA 105 40.01 -31.97 -123.77
CA ARG NA 105 39.83 -33.07 -122.82
C ARG NA 105 40.88 -34.15 -123.00
N ASP NA 106 41.27 -34.43 -124.24
CA ASP NA 106 42.24 -35.49 -124.48
C ASP NA 106 43.57 -35.16 -123.83
N ASP NA 107 43.97 -33.89 -123.88
CA ASP NA 107 45.19 -33.46 -123.20
C ASP NA 107 45.00 -33.45 -121.69
N LEU NA 108 43.84 -32.99 -121.21
CA LEU NA 108 43.66 -32.76 -119.78
C LEU NA 108 43.60 -34.08 -119.02
N VAL NA 109 42.85 -35.06 -119.52
CA VAL NA 109 42.72 -36.32 -118.78
C VAL NA 109 44.02 -37.08 -118.73
N ALA NA 110 44.96 -36.77 -119.61
CA ALA NA 110 46.28 -37.40 -119.62
C ALA NA 110 47.32 -36.62 -118.84
N GLY NA 111 46.89 -35.61 -118.07
CA GLY NA 111 47.81 -34.84 -117.25
C GLY NA 111 48.69 -33.88 -118.01
N LEU NA 112 48.38 -33.59 -119.27
CA LEU NA 112 49.17 -32.69 -120.09
C LEU NA 112 48.51 -31.33 -120.19
N LEU NA 113 49.32 -30.28 -120.16
CA LEU NA 113 48.80 -28.92 -120.27
C LEU NA 113 48.44 -28.63 -121.72
N PRO NA 114 47.18 -28.34 -122.04
CA PRO NA 114 46.77 -28.19 -123.45
C PRO NA 114 47.35 -26.94 -124.10
N THR NA 115 48.66 -26.97 -124.38
CA THR NA 115 49.35 -25.80 -124.90
C THR NA 115 49.11 -25.56 -126.39
N THR NA 116 48.61 -26.56 -127.11
CA THR NA 116 48.42 -26.42 -128.55
C THR NA 116 47.04 -25.91 -128.93
N ILE NA 117 46.00 -26.34 -128.22
CA ILE NA 117 44.62 -26.10 -128.64
C ILE NA 117 44.34 -24.60 -128.81
N GLN NA 118 43.36 -24.29 -129.64
CA GLN NA 118 42.90 -22.92 -129.81
C GLN NA 118 41.39 -22.85 -129.64
N PRO NA 119 40.90 -22.20 -128.59
CA PRO NA 119 39.45 -22.09 -128.38
C PRO NA 119 38.80 -21.13 -129.38
N VAL NA 120 37.50 -20.89 -129.22
CA VAL NA 120 36.74 -20.11 -130.19
C VAL NA 120 35.50 -19.55 -129.52
N VAL NA 121 35.03 -18.42 -130.02
CA VAL NA 121 33.76 -17.82 -129.61
C VAL NA 121 32.75 -18.08 -130.74
N GLU NA 122 31.48 -18.20 -130.37
CA GLU NA 122 30.38 -18.29 -131.34
C GLU NA 122 30.57 -19.47 -132.30
N TYR NA 123 30.78 -20.65 -131.71
CA TYR NA 123 31.04 -21.85 -132.51
C TYR NA 123 29.82 -22.22 -133.35
N THR NA 124 30.04 -22.36 -134.66
CA THR NA 124 28.97 -22.66 -135.62
C THR NA 124 29.06 -24.12 -136.03
N GLY NA 125 28.05 -24.91 -135.65
CA GLY NA 125 27.97 -26.31 -136.05
C GLY NA 125 29.04 -27.21 -135.46
N ALA OA 1 29.90 -15.36 -135.61
CA ALA OA 1 31.07 -14.98 -136.40
C ALA OA 1 32.16 -16.04 -136.32
N GLN OA 2 32.18 -16.77 -135.20
CA GLN OA 2 33.18 -17.80 -134.90
C GLN OA 2 34.60 -17.31 -135.19
N HIS OA 3 34.93 -16.18 -134.58
CA HIS OA 3 36.31 -15.70 -134.52
C HIS OA 3 36.99 -16.35 -133.32
N ASN OA 4 37.98 -17.21 -133.58
CA ASN OA 4 38.56 -18.01 -132.51
C ASN OA 4 39.42 -17.16 -131.58
N MET OA 5 39.48 -17.61 -130.32
CA MET OA 5 40.09 -16.81 -129.26
C MET OA 5 41.60 -16.70 -129.43
N ARG OA 6 42.15 -15.66 -128.83
CA ARG OA 6 43.57 -15.34 -128.91
C ARG OA 6 44.21 -15.65 -127.56
N LEU OA 7 45.36 -16.33 -127.60
CA LEU OA 7 46.10 -16.56 -126.36
C LEU OA 7 46.53 -15.24 -125.74
N GLN OA 8 46.45 -15.15 -124.42
CA GLN OA 8 46.89 -13.91 -123.84
C GLN OA 8 47.90 -14.09 -122.72
N LEU OA 9 47.77 -15.15 -121.91
CA LEU OA 9 48.72 -15.33 -120.81
C LEU OA 9 48.96 -16.80 -120.48
N THR OA 10 50.23 -17.16 -120.33
CA THR OA 10 50.64 -18.49 -119.86
C THR OA 10 51.57 -18.29 -118.67
N SER OA 11 51.21 -18.87 -117.52
CA SER OA 11 52.05 -18.77 -116.34
C SER OA 11 51.69 -19.88 -115.37
N GLY OA 12 52.71 -20.54 -114.83
CA GLY OA 12 52.50 -21.61 -113.87
C GLY OA 12 51.81 -22.82 -114.47
N THR OA 13 50.57 -23.05 -114.05
CA THR OA 13 49.76 -24.15 -114.55
C THR OA 13 48.54 -23.66 -115.33
N SER OA 14 48.46 -22.38 -115.66
CA SER OA 14 47.27 -21.78 -116.23
C SER OA 14 47.52 -21.33 -117.66
N LEU OA 15 46.45 -21.34 -118.44
CA LEU OA 15 46.42 -20.78 -119.78
C LEU OA 15 45.20 -19.87 -119.87
N THR OA 16 45.37 -18.71 -120.48
CA THR OA 16 44.31 -17.70 -120.51
C THR OA 16 44.20 -17.11 -121.91
N TRP OA 17 43.09 -17.42 -122.58
CA TRP OA 17 42.71 -16.89 -123.88
C TRP OA 17 41.62 -15.84 -123.70
N VAL OA 18 41.46 -15.00 -124.72
CA VAL OA 18 40.51 -13.89 -124.68
C VAL OA 18 39.88 -13.72 -126.06
N ASP OA 19 38.65 -13.25 -126.07
CA ASP OA 19 37.97 -12.87 -127.30
C ASP OA 19 38.59 -11.58 -127.84
N PRO OA 20 39.14 -11.59 -129.06
CA PRO OA 20 39.75 -10.36 -129.59
C PRO OA 20 38.77 -9.23 -129.82
N ASN OA 21 37.46 -9.46 -129.74
CA ASN OA 21 36.52 -8.37 -129.94
C ASN OA 21 36.20 -7.64 -128.65
N ASP OA 22 35.77 -8.35 -127.61
CA ASP OA 22 35.72 -7.73 -126.29
C ASP OA 22 36.54 -8.56 -125.30
N PHE OA 23 37.21 -7.83 -124.42
CA PHE OA 23 38.08 -8.35 -123.38
C PHE OA 23 37.31 -9.00 -122.24
N ARG OA 24 35.98 -8.98 -122.31
CA ARG OA 24 35.13 -9.44 -121.22
C ARG OA 24 34.96 -10.96 -121.19
N SER OA 25 35.06 -11.61 -122.34
CA SER OA 25 34.87 -13.05 -122.43
C SER OA 25 36.23 -13.71 -122.56
N THR OA 26 36.63 -14.45 -121.53
CA THR OA 26 37.93 -15.09 -121.40
C THR OA 26 37.75 -16.58 -121.13
N PHE OA 27 38.86 -17.30 -121.27
CA PHE OA 27 38.84 -18.75 -121.17
C PHE OA 27 40.14 -19.20 -120.53
N ARG OA 28 40.05 -19.87 -119.38
CA ARG OA 28 41.23 -20.29 -118.63
C ARG OA 28 41.20 -21.79 -118.42
N ILE OA 29 42.38 -22.39 -118.43
CA ILE OA 29 42.55 -23.80 -118.08
C ILE OA 29 43.67 -23.93 -117.06
N ASN OA 30 43.36 -24.53 -115.91
CA ASN OA 30 44.33 -24.85 -114.86
C ASN OA 30 44.50 -26.35 -114.78
N LEU OA 31 45.74 -26.79 -114.58
CA LEU OA 31 46.07 -28.20 -114.52
C LEU OA 31 47.00 -28.44 -113.34
N ASN OA 32 46.59 -29.30 -112.41
CA ASN OA 32 47.37 -29.59 -111.22
C ASN OA 32 47.56 -31.11 -111.14
N VAL OA 33 48.76 -31.57 -111.45
CA VAL OA 33 49.09 -33.00 -111.42
C VAL OA 33 49.94 -33.25 -110.18
N ASN OA 34 49.59 -34.29 -109.42
CA ASN OA 34 50.33 -34.66 -108.22
C ASN OA 34 49.89 -36.06 -107.78
N GLN OA 35 50.69 -36.67 -106.90
CA GLN OA 35 50.44 -38.06 -106.54
C GLN OA 35 49.31 -38.17 -105.52
N LYS OA 36 48.41 -39.12 -105.77
CA LYS OA 36 47.28 -39.46 -104.95
C LYS OA 36 47.53 -40.84 -104.36
N VAL OA 37 47.01 -41.07 -103.16
CA VAL OA 37 47.16 -42.35 -102.48
C VAL OA 37 45.81 -43.03 -102.45
N ALA OA 38 45.69 -44.18 -103.12
CA ALA OA 38 44.43 -44.91 -103.21
C ALA OA 38 44.71 -46.36 -102.83
N GLY OA 39 44.36 -46.73 -101.60
CA GLY OA 39 44.70 -48.05 -101.11
C GLY OA 39 46.19 -48.14 -100.80
N ALA OA 40 46.81 -49.24 -101.24
CA ALA OA 40 48.23 -49.44 -101.03
C ALA OA 40 49.09 -48.77 -102.10
N VAL OA 41 48.50 -48.38 -103.21
CA VAL OA 41 49.25 -47.81 -104.33
C VAL OA 41 49.05 -46.30 -104.38
N SER OA 42 49.93 -45.64 -105.11
CA SER OA 42 49.82 -44.23 -105.41
C SER OA 42 49.80 -44.04 -106.92
N VAL OA 43 48.95 -43.13 -107.38
CA VAL OA 43 48.75 -42.87 -108.80
C VAL OA 43 48.75 -41.37 -109.03
N TYR OA 44 49.15 -40.95 -110.23
CA TYR OA 44 49.20 -39.53 -110.55
C TYR OA 44 47.79 -39.03 -110.86
N ASN OA 45 47.27 -38.18 -109.98
CA ASN OA 45 45.96 -37.57 -110.15
C ASN OA 45 46.14 -36.20 -110.81
N ALA OA 46 45.30 -35.95 -111.82
CA ALA OA 46 45.23 -34.66 -112.51
C ALA OA 46 43.93 -33.97 -112.13
N ARG OA 47 44.04 -32.70 -111.75
CA ARG OA 47 42.92 -31.82 -111.49
C ARG OA 47 42.90 -30.77 -112.60
N SER OA 48 42.03 -30.97 -113.57
CA SER OA 48 41.79 -29.97 -114.61
C SER OA 48 40.64 -29.08 -114.16
N GLU OA 49 40.75 -27.79 -114.42
CA GLU OA 49 39.57 -26.93 -114.31
C GLU OA 49 39.57 -25.90 -115.43
N VAL OA 50 38.44 -25.85 -116.13
CA VAL OA 50 38.24 -25.05 -117.33
C VAL OA 50 37.17 -24.01 -117.02
N ILE OA 51 37.56 -22.74 -117.05
CA ILE OA 51 36.72 -21.64 -116.58
C ILE OA 51 36.52 -20.67 -117.74
N THR OA 52 35.28 -20.57 -118.23
CA THR OA 52 34.93 -19.57 -119.22
C THR OA 52 34.12 -18.46 -118.53
N ASN OA 53 34.55 -17.23 -118.71
CA ASN OA 53 34.00 -16.06 -118.05
C ASN OA 53 33.52 -15.06 -119.08
N ARG OA 54 32.34 -14.48 -118.87
CA ARG OA 54 31.87 -13.44 -119.77
C ARG OA 54 31.19 -12.37 -118.95
N ALA OA 55 30.99 -11.22 -119.58
CA ALA OA 55 30.29 -10.08 -118.97
C ALA OA 55 29.35 -9.47 -120.00
N PRO OA 56 28.37 -10.25 -120.48
CA PRO OA 56 27.57 -9.81 -121.62
C PRO OA 56 26.57 -8.74 -121.21
N LEU OA 57 25.97 -8.13 -122.23
CA LEU OA 57 24.83 -7.27 -122.00
C LEU OA 57 23.59 -8.12 -121.72
N VAL OA 58 22.73 -7.68 -120.81
CA VAL OA 58 21.49 -8.41 -120.57
C VAL OA 58 20.51 -8.07 -121.69
N VAL OA 59 20.09 -9.11 -122.42
CA VAL OA 59 19.22 -8.96 -123.58
C VAL OA 59 17.88 -9.57 -123.22
N ILE OA 60 16.89 -8.72 -122.98
CA ILE OA 60 15.54 -9.18 -122.70
C ILE OA 60 14.91 -9.64 -123.99
N GLU OA 61 14.14 -10.73 -123.95
CA GLU OA 61 13.56 -11.25 -125.18
C GLU OA 61 12.66 -10.23 -125.85
N GLY OA 62 11.62 -9.78 -125.16
CA GLY OA 62 10.69 -8.84 -125.75
C GLY OA 62 11.35 -7.55 -126.20
N CYS OA 63 12.39 -7.13 -125.50
CA CYS OA 63 12.98 -5.81 -125.75
C CYS OA 63 14.06 -5.86 -126.82
N THR OA 64 14.29 -4.69 -127.42
CA THR OA 64 15.37 -4.51 -128.38
C THR OA 64 15.82 -3.05 -128.28
N ASP OA 65 17.08 -2.85 -127.86
CA ASP OA 65 17.60 -1.52 -127.54
C ASP OA 65 19.11 -1.57 -127.62
N ALA OA 66 19.70 -0.71 -128.46
CA ALA OA 66 21.15 -0.62 -128.56
C ALA OA 66 21.74 0.39 -127.60
N CYS OA 67 20.92 1.03 -126.76
CA CYS OA 67 21.38 2.09 -125.88
C CYS OA 67 21.53 1.65 -124.42
N SER OA 68 21.18 0.42 -124.09
CA SER OA 68 21.37 -0.09 -122.73
C SER OA 68 22.76 -0.67 -122.60
N VAL OA 69 23.48 -0.25 -121.55
CA VAL OA 69 24.73 -0.88 -121.17
C VAL OA 69 24.55 -1.74 -119.91
N ASN OA 70 23.33 -2.20 -119.67
CA ASN OA 70 23.03 -3.10 -118.57
C ASN OA 70 23.83 -4.38 -118.74
N ARG OA 71 24.79 -4.64 -117.86
CA ARG OA 71 25.68 -5.79 -117.97
C ARG OA 71 25.67 -6.60 -116.68
N GLU OA 72 25.70 -7.92 -116.83
CA GLU OA 72 25.93 -8.85 -115.73
C GLU OA 72 27.12 -9.72 -116.06
N ASN OA 73 27.69 -10.33 -115.03
CA ASN OA 73 28.73 -11.33 -115.20
C ASN OA 73 28.11 -12.72 -115.28
N ILE OA 74 28.68 -13.57 -116.11
CA ILE OA 74 28.27 -14.96 -116.21
C ILE OA 74 29.53 -15.83 -116.27
N SER OA 75 29.43 -17.04 -115.73
CA SER OA 75 30.59 -17.92 -115.68
C SER OA 75 30.17 -19.38 -115.74
N ILE OA 76 30.95 -20.16 -116.49
CA ILE OA 76 30.76 -21.60 -116.56
C ILE OA 76 32.11 -22.27 -116.30
N ARG OA 77 32.16 -23.08 -115.25
CA ARG OA 77 33.37 -23.76 -114.83
C ARG OA 77 33.15 -25.26 -114.86
N THR OA 78 34.20 -26.00 -115.22
CA THR OA 78 34.14 -27.46 -115.26
C THR OA 78 35.42 -28.02 -114.67
N THR OA 79 35.30 -28.76 -113.58
CA THR OA 79 36.41 -29.36 -112.87
C THR OA 79 36.40 -30.87 -113.06
N ILE OA 80 37.59 -31.44 -113.27
CA ILE OA 80 37.76 -32.85 -113.57
C ILE OA 80 38.96 -33.36 -112.78
N SER OA 81 38.72 -34.08 -111.69
CA SER OA 81 39.78 -34.60 -110.83
C SER OA 81 39.77 -36.12 -110.90
N GLY OA 82 40.87 -36.69 -111.36
CA GLY OA 82 40.98 -38.13 -111.54
C GLY OA 82 42.38 -38.52 -111.98
N SER OA 83 42.75 -39.77 -111.69
CA SER OA 83 44.09 -40.21 -112.02
C SER OA 83 44.27 -40.33 -113.53
N VAL OA 84 45.54 -40.30 -113.94
CA VAL OA 84 45.86 -40.54 -115.35
C VAL OA 84 45.72 -42.02 -115.67
N GLU OA 85 45.90 -42.88 -114.67
CA GLU OA 85 45.83 -44.32 -114.90
C GLU OA 85 44.42 -44.76 -115.26
N ASN OA 86 43.41 -44.29 -114.53
CA ASN OA 86 42.02 -44.58 -114.85
C ASN OA 86 41.40 -43.57 -115.81
N LYS OA 87 42.21 -42.89 -116.62
CA LYS OA 87 41.65 -41.89 -117.53
C LYS OA 87 40.60 -42.50 -118.46
N ALA OA 88 40.60 -43.82 -118.62
CA ALA OA 88 39.50 -44.48 -119.33
C ALA OA 88 38.18 -44.24 -118.62
N ALA OA 89 38.11 -44.59 -117.33
CA ALA OA 89 36.88 -44.37 -116.56
C ALA OA 89 36.60 -42.88 -116.38
N VAL OA 90 37.66 -42.06 -116.33
CA VAL OA 90 37.46 -40.61 -116.27
C VAL OA 90 36.74 -40.11 -117.51
N LEU OA 91 37.18 -40.57 -118.70
CA LEU OA 91 36.54 -40.13 -119.94
C LEU OA 91 35.14 -40.71 -120.09
N ALA OA 92 34.92 -41.95 -119.66
CA ALA OA 92 33.57 -42.50 -119.67
C ALA OA 92 32.65 -41.69 -118.78
N ALA OA 93 33.13 -41.35 -117.58
CA ALA OA 93 32.37 -40.48 -116.68
C ALA OA 93 32.16 -39.10 -117.29
N LEU OA 94 33.12 -38.61 -118.06
CA LEU OA 94 32.97 -37.32 -118.72
C LEU OA 94 31.86 -37.36 -119.76
N LEU OA 95 31.83 -38.42 -120.57
CA LEU OA 95 30.77 -38.56 -121.57
C LEU OA 95 29.40 -38.62 -120.90
N ASP OA 96 29.28 -39.44 -119.85
CA ASP OA 96 28.01 -39.55 -119.15
C ASP OA 96 27.62 -38.21 -118.52
N HIS OA 97 28.59 -37.50 -117.94
CA HIS OA 97 28.36 -36.19 -117.35
C HIS OA 97 27.86 -35.19 -118.39
N LEU OA 98 28.52 -35.14 -119.54
CA LEU OA 98 28.14 -34.20 -120.60
C LEU OA 98 26.74 -34.49 -121.12
N HIS OA 99 26.43 -35.77 -121.33
CA HIS OA 99 25.10 -36.13 -121.82
C HIS OA 99 24.01 -35.78 -120.81
N ASN OA 100 24.25 -36.06 -119.54
CA ASN OA 100 23.24 -35.73 -118.53
C ASN OA 100 23.09 -34.22 -118.37
N LEU OA 101 24.22 -33.49 -118.41
CA LEU OA 101 24.17 -32.04 -118.42
C LEU OA 101 23.32 -31.52 -119.56
N GLY OA 102 23.51 -32.08 -120.75
CA GLY OA 102 22.68 -31.70 -121.88
C GLY OA 102 21.20 -31.99 -121.64
N LEU OA 103 20.90 -33.15 -121.03
CA LEU OA 103 19.52 -33.45 -120.67
C LEU OA 103 18.94 -32.38 -119.76
N ALA OA 104 19.77 -31.78 -118.91
CA ALA OA 104 19.24 -30.86 -117.91
C ALA OA 104 19.31 -29.38 -118.29
N ARG OA 105 20.12 -29.00 -119.29
CA ARG OA 105 20.51 -27.60 -119.43
C ARG OA 105 19.32 -26.70 -119.73
N ASP OA 106 18.35 -27.19 -120.51
CA ASP OA 106 17.22 -26.34 -120.87
C ASP OA 106 16.40 -25.97 -119.64
N ASP OA 107 16.32 -26.87 -118.66
CA ASP OA 107 15.70 -26.53 -117.38
C ASP OA 107 16.61 -25.65 -116.53
N LEU OA 108 17.91 -25.96 -116.49
CA LEU OA 108 18.80 -25.29 -115.54
C LEU OA 108 19.01 -23.83 -115.90
N VAL OA 109 19.17 -23.50 -117.18
CA VAL OA 109 19.39 -22.10 -117.53
C VAL OA 109 18.12 -21.28 -117.39
N ALA OA 110 16.96 -21.94 -117.32
CA ALA OA 110 15.67 -21.27 -117.13
C ALA OA 110 15.26 -21.19 -115.67
N GLY OA 111 16.14 -21.58 -114.75
CA GLY OA 111 15.83 -21.54 -113.34
C GLY OA 111 14.98 -22.67 -112.82
N LEU OA 112 14.68 -23.67 -113.65
CA LEU OA 112 13.84 -24.80 -113.27
C LEU OA 112 14.72 -25.98 -112.87
N LEU OA 113 14.42 -26.58 -111.72
CA LEU OA 113 15.14 -27.79 -111.32
C LEU OA 113 14.66 -28.95 -112.18
N PRO OA 114 15.56 -29.66 -112.85
CA PRO OA 114 15.13 -30.68 -113.83
C PRO OA 114 14.50 -31.89 -113.16
N THR OA 115 13.21 -31.76 -112.79
CA THR OA 115 12.51 -32.84 -112.12
C THR OA 115 12.28 -34.03 -113.04
N THR OA 116 12.19 -33.79 -114.34
CA THR OA 116 11.67 -34.76 -115.29
C THR OA 116 12.75 -35.46 -116.12
N ILE OA 117 14.02 -35.21 -115.84
CA ILE OA 117 15.08 -35.77 -116.67
C ILE OA 117 15.42 -37.17 -116.18
N GLN OA 118 16.07 -37.95 -117.06
CA GLN OA 118 16.45 -39.33 -116.77
C GLN OA 118 17.94 -39.51 -117.02
N PRO OA 119 18.76 -39.34 -115.99
CA PRO OA 119 20.20 -39.54 -116.15
C PRO OA 119 20.55 -40.99 -116.38
N VAL OA 120 21.61 -41.21 -117.16
CA VAL OA 120 22.02 -42.54 -117.59
C VAL OA 120 23.48 -42.77 -117.22
N VAL OA 121 23.90 -44.03 -117.34
CA VAL OA 121 25.30 -44.44 -117.24
C VAL OA 121 25.66 -45.15 -118.54
N GLU OA 122 26.88 -44.93 -119.02
CA GLU OA 122 27.39 -45.58 -120.21
C GLU OA 122 26.55 -45.23 -121.44
N TYR OA 123 26.50 -43.94 -121.77
CA TYR OA 123 25.70 -43.48 -122.90
C TYR OA 123 26.23 -44.03 -124.22
N THR OA 124 25.29 -44.44 -125.07
CA THR OA 124 25.60 -45.01 -126.38
C THR OA 124 24.63 -44.51 -127.45
N ALA PA 1 -13.67 -54.44 -99.90
CA ALA PA 1 -13.75 -53.24 -100.74
C ALA PA 1 -12.48 -53.09 -101.59
N GLN PA 2 -11.35 -53.49 -100.99
CA GLN PA 2 -10.02 -53.38 -101.60
C GLN PA 2 -9.76 -51.97 -102.14
N HIS PA 3 -10.22 -50.97 -101.41
CA HIS PA 3 -9.77 -49.60 -101.66
C HIS PA 3 -8.31 -49.49 -101.22
N ASN PA 4 -7.46 -49.01 -102.13
CA ASN PA 4 -6.03 -48.99 -101.87
C ASN PA 4 -5.60 -47.72 -101.14
N MET PA 5 -4.52 -47.84 -100.36
CA MET PA 5 -4.08 -46.77 -99.48
C MET PA 5 -3.62 -45.55 -100.28
N ARG PA 6 -3.65 -44.39 -99.63
CA ARG PA 6 -3.24 -43.15 -100.27
C ARG PA 6 -2.16 -42.47 -99.45
N LEU PA 7 -1.34 -41.67 -100.13
CA LEU PA 7 -0.05 -41.23 -99.59
C LEU PA 7 -0.21 -40.09 -98.60
N GLN PA 8 0.52 -40.17 -97.49
CA GLN PA 8 0.45 -39.17 -96.43
C GLN PA 8 1.78 -38.47 -96.15
N LEU PA 9 2.89 -39.22 -96.01
CA LEU PA 9 4.17 -38.66 -95.61
C LEU PA 9 5.30 -39.20 -96.48
N THR PA 10 6.11 -38.31 -97.04
CA THR PA 10 7.29 -38.67 -97.82
C THR PA 10 8.50 -38.00 -97.22
N SER PA 11 9.59 -38.77 -97.06
CA SER PA 11 10.77 -38.27 -96.38
C SER PA 11 12.07 -38.57 -97.10
N GLY PA 12 12.04 -39.22 -98.26
CA GLY PA 12 13.25 -39.62 -98.95
C GLY PA 12 13.92 -40.80 -98.27
N THR PA 13 13.53 -41.02 -97.01
CA THR PA 13 13.90 -42.20 -96.25
C THR PA 13 12.70 -42.94 -95.68
N SER PA 14 11.54 -42.28 -95.54
CA SER PA 14 10.34 -42.89 -95.01
C SER PA 14 9.15 -42.59 -95.93
N LEU PA 15 8.29 -43.58 -96.10
CA LEU PA 15 7.04 -43.39 -96.81
C LEU PA 15 5.91 -43.86 -95.90
N THR PA 16 4.83 -43.10 -95.86
CA THR PA 16 3.72 -43.37 -94.94
C THR PA 16 2.42 -43.18 -95.70
N TRP PA 17 1.72 -44.28 -95.95
CA TRP PA 17 0.40 -44.26 -96.56
C TRP PA 17 -0.65 -44.54 -95.49
N VAL PA 18 -1.87 -44.09 -95.76
CA VAL PA 18 -2.97 -44.24 -94.82
C VAL PA 18 -4.21 -44.73 -95.57
N ASP PA 19 -5.05 -45.49 -94.87
CA ASP PA 19 -6.37 -45.86 -95.37
C ASP PA 19 -7.25 -44.62 -95.43
N PRO PA 20 -7.73 -44.23 -96.61
CA PRO PA 20 -8.57 -43.02 -96.71
C PRO PA 20 -9.85 -43.08 -95.88
N ASN PA 21 -10.33 -44.27 -95.54
CA ASN PA 21 -11.52 -44.37 -94.68
C ASN PA 21 -11.14 -44.31 -93.21
N ASP PA 22 -10.20 -45.15 -92.79
CA ASP PA 22 -9.81 -45.28 -91.38
C ASP PA 22 -8.39 -44.77 -91.24
N PHE PA 23 -8.23 -43.62 -90.56
CA PHE PA 23 -6.91 -43.06 -90.31
C PHE PA 23 -6.12 -43.85 -89.28
N ARG PA 24 -6.73 -44.83 -88.62
CA ARG PA 24 -6.02 -45.64 -87.64
C ARG PA 24 -5.08 -46.66 -88.28
N SER PA 25 -5.33 -47.05 -89.53
CA SER PA 25 -4.53 -48.06 -90.21
C SER PA 25 -3.58 -47.38 -91.18
N THR PA 26 -2.29 -47.47 -90.88
CA THR PA 26 -1.24 -46.83 -91.65
C THR PA 26 -0.22 -47.87 -92.08
N PHE PA 27 0.64 -47.47 -93.02
CA PHE PA 27 1.63 -48.36 -93.61
C PHE PA 27 2.87 -47.53 -93.93
N ARG PA 28 3.97 -47.79 -93.24
CA ARG PA 28 5.23 -47.09 -93.44
C ARG PA 28 6.29 -48.04 -93.97
N ILE PA 29 7.15 -47.52 -94.84
CA ILE PA 29 8.36 -48.20 -95.28
C ILE PA 29 9.53 -47.28 -95.00
N ASN PA 30 10.51 -47.78 -94.25
CA ASN PA 30 11.73 -47.06 -93.93
C ASN PA 30 12.90 -47.81 -94.55
N LEU PA 31 13.85 -47.06 -95.08
CA LEU PA 31 15.03 -47.64 -95.74
C LEU PA 31 16.26 -46.89 -95.29
N ASN PA 32 17.32 -47.62 -94.95
CA ASN PA 32 18.56 -47.00 -94.53
C ASN PA 32 19.72 -47.78 -95.14
N VAL PA 33 20.49 -47.09 -95.98
CA VAL PA 33 21.65 -47.68 -96.64
C VAL PA 33 22.90 -47.07 -96.04
N ASN PA 34 23.90 -47.91 -95.76
CA ASN PA 34 25.18 -47.45 -95.25
C ASN PA 34 26.19 -48.57 -95.41
N GLN PA 35 27.48 -48.22 -95.38
CA GLN PA 35 28.49 -49.23 -95.62
C GLN PA 35 28.69 -50.13 -94.41
N LYS PA 36 29.25 -51.30 -94.66
CA LYS PA 36 29.44 -52.34 -93.67
C LYS PA 36 30.70 -53.11 -94.04
N VAL PA 37 31.43 -53.56 -93.03
CA VAL PA 37 32.68 -54.28 -93.22
C VAL PA 37 32.43 -55.75 -92.96
N ALA PA 38 32.39 -56.54 -94.03
CA ALA PA 38 32.31 -57.99 -93.95
C ALA PA 38 33.71 -58.53 -94.22
N GLY PA 39 34.35 -59.05 -93.18
CA GLY PA 39 35.72 -59.49 -93.30
C GLY PA 39 36.63 -58.34 -93.69
N ALA PA 40 37.22 -58.43 -94.89
CA ALA PA 40 38.09 -57.38 -95.42
C ALA PA 40 37.45 -56.62 -96.57
N VAL PA 41 36.14 -56.72 -96.76
CA VAL PA 41 35.46 -56.12 -97.89
C VAL PA 41 34.32 -55.26 -97.38
N SER PA 42 34.22 -54.02 -97.86
CA SER PA 42 33.12 -53.14 -97.51
C SER PA 42 32.02 -53.29 -98.56
N VAL PA 43 30.79 -53.47 -98.09
CA VAL PA 43 29.61 -53.60 -98.93
C VAL PA 43 28.52 -52.68 -98.40
N TYR PA 44 27.63 -52.27 -99.30
CA TYR PA 44 26.52 -51.40 -98.94
C TYR PA 44 25.37 -52.23 -98.36
N ASN PA 45 25.20 -52.15 -97.05
CA ASN PA 45 24.08 -52.81 -96.36
C ASN PA 45 22.87 -51.89 -96.37
N ALA PA 46 21.73 -52.45 -96.76
CA ALA PA 46 20.44 -51.80 -96.68
C ALA PA 46 19.61 -52.50 -95.61
N ARG PA 47 19.07 -51.71 -94.69
CA ARG PA 47 18.09 -52.19 -93.72
C ARG PA 47 16.75 -51.54 -94.06
N SER PA 48 15.80 -52.37 -94.49
CA SER PA 48 14.45 -51.92 -94.80
C SER PA 48 13.51 -52.46 -93.73
N GLU PA 49 12.70 -51.58 -93.15
CA GLU PA 49 11.62 -52.04 -92.29
C GLU PA 49 10.27 -51.58 -92.82
N VAL PA 50 9.29 -52.47 -92.72
CA VAL PA 50 7.95 -52.27 -93.24
C VAL PA 50 6.99 -52.46 -92.09
N ILE PA 51 6.32 -51.37 -91.68
CA ILE PA 51 5.51 -51.33 -90.47
C ILE PA 51 4.07 -51.02 -90.88
N THR PA 52 3.15 -51.96 -90.64
CA THR PA 52 1.73 -51.71 -90.79
C THR PA 52 1.09 -51.66 -89.41
N ASN PA 53 0.36 -50.58 -89.15
CA ASN PA 53 -0.22 -50.30 -87.84
C ASN PA 53 -1.73 -50.16 -87.98
N ARG PA 54 -2.47 -50.72 -87.03
CA ARG PA 54 -3.93 -50.62 -87.06
C ARG PA 54 -4.45 -50.50 -85.63
N ALA PA 55 -5.72 -50.11 -85.53
CA ALA PA 55 -6.39 -49.91 -84.24
C ALA PA 55 -7.78 -50.52 -84.30
N PRO PA 56 -7.88 -51.84 -84.14
CA PRO PA 56 -9.20 -52.48 -84.14
C PRO PA 56 -9.96 -52.18 -82.85
N LEU PA 57 -11.27 -52.34 -82.92
CA LEU PA 57 -12.12 -52.22 -81.75
C LEU PA 57 -12.32 -53.57 -81.09
N VAL PA 58 -12.34 -53.58 -79.77
CA VAL PA 58 -12.64 -54.80 -79.01
C VAL PA 58 -14.15 -55.01 -79.03
N VAL PA 59 -14.59 -56.01 -79.77
CA VAL PA 59 -16.01 -56.30 -79.95
C VAL PA 59 -16.48 -57.21 -78.82
N ILE PA 60 -17.31 -56.69 -77.93
CA ILE PA 60 -18.01 -57.49 -76.93
C ILE PA 60 -19.49 -57.52 -77.28
N GLU PA 61 -20.01 -58.73 -77.45
CA GLU PA 61 -21.44 -58.90 -77.66
C GLU PA 61 -22.22 -58.44 -76.43
N GLY PA 62 -23.36 -57.80 -76.66
CA GLY PA 62 -24.15 -57.25 -75.58
C GLY PA 62 -23.71 -55.89 -75.11
N CYS PA 63 -22.58 -55.39 -75.60
CA CYS PA 63 -22.05 -54.08 -75.23
C CYS PA 63 -22.02 -53.20 -76.48
N THR PA 64 -23.02 -52.34 -76.62
CA THR PA 64 -22.98 -51.32 -77.66
C THR PA 64 -21.90 -50.31 -77.28
N ASP PA 65 -20.76 -50.38 -77.97
CA ASP PA 65 -19.61 -49.53 -77.67
C ASP PA 65 -19.80 -48.16 -78.32
N ALA PA 66 -20.80 -47.46 -77.81
CA ALA PA 66 -20.94 -46.05 -78.13
C ALA PA 66 -19.66 -45.33 -77.76
N CYS PA 67 -19.23 -44.42 -78.63
CA CYS PA 67 -18.02 -43.62 -78.55
C CYS PA 67 -16.79 -44.42 -78.96
N SER PA 68 -16.92 -45.73 -79.20
CA SER PA 68 -15.82 -46.59 -79.64
C SER PA 68 -14.59 -46.44 -78.72
N VAL PA 69 -14.83 -46.63 -77.43
CA VAL PA 69 -13.77 -46.42 -76.45
C VAL PA 69 -12.90 -47.67 -76.29
N ASN PA 70 -13.51 -48.86 -76.36
CA ASN PA 70 -12.76 -50.10 -76.26
C ASN PA 70 -12.02 -50.33 -77.57
N ARG PA 71 -10.76 -49.92 -77.63
CA ARG PA 71 -9.98 -49.99 -78.86
C ARG PA 71 -8.58 -50.47 -78.56
N GLU PA 72 -8.05 -51.26 -79.50
CA GLU PA 72 -6.78 -51.96 -79.37
C GLU PA 72 -5.82 -51.53 -80.46
N ASN PA 73 -4.52 -51.49 -80.14
CA ASN PA 73 -3.49 -51.30 -81.14
C ASN PA 73 -2.90 -52.64 -81.56
N ILE PA 74 -2.80 -52.86 -82.87
CA ILE PA 74 -2.14 -54.04 -83.42
C ILE PA 74 -1.11 -53.57 -84.44
N SER PA 75 -0.03 -54.36 -84.57
CA SER PA 75 1.05 -53.96 -85.46
C SER PA 75 1.78 -55.17 -86.03
N ILE PA 76 2.11 -55.08 -87.31
CA ILE PA 76 2.90 -56.10 -88.01
C ILE PA 76 4.08 -55.40 -88.66
N ARG PA 77 5.29 -55.82 -88.30
CA ARG PA 77 6.52 -55.17 -88.69
C ARG PA 77 7.47 -56.20 -89.30
N THR PA 78 8.26 -55.77 -90.28
CA THR PA 78 9.18 -56.68 -90.96
C THR PA 78 10.47 -55.96 -91.28
N THR PA 79 11.58 -56.46 -90.75
CA THR PA 79 12.90 -55.87 -90.95
C THR PA 79 13.75 -56.80 -91.81
N ILE PA 80 14.48 -56.23 -92.76
CA ILE PA 80 15.25 -56.95 -93.75
C ILE PA 80 16.57 -56.19 -93.88
N SER PA 81 17.63 -56.73 -93.27
CA SER PA 81 18.94 -56.08 -93.27
C SER PA 81 19.94 -56.99 -93.98
N GLY PA 82 20.50 -56.49 -95.07
CA GLY PA 82 21.46 -57.27 -95.85
C GLY PA 82 22.12 -56.41 -96.91
N SER PA 83 23.19 -56.98 -97.48
CA SER PA 83 23.91 -56.27 -98.54
C SER PA 83 23.06 -56.17 -99.80
N VAL PA 84 23.18 -55.03 -100.48
CA VAL PA 84 22.65 -54.94 -101.84
C VAL PA 84 23.38 -55.91 -102.74
N GLU PA 85 24.67 -56.17 -102.45
CA GLU PA 85 25.45 -57.08 -103.28
C GLU PA 85 24.96 -58.53 -103.15
N ASN PA 86 24.66 -58.98 -101.94
CA ASN PA 86 24.12 -60.33 -101.73
C ASN PA 86 22.59 -60.34 -101.75
N LYS PA 87 21.96 -59.40 -102.46
CA LYS PA 87 20.52 -59.35 -102.52
C LYS PA 87 19.91 -60.65 -103.03
N ALA PA 88 20.70 -61.47 -103.73
CA ALA PA 88 20.22 -62.79 -104.14
C ALA PA 88 19.93 -63.66 -102.92
N ALA PA 89 20.91 -63.81 -102.03
CA ALA PA 89 20.69 -64.59 -100.82
C ALA PA 89 19.69 -63.91 -99.89
N VAL PA 90 19.62 -62.57 -99.93
CA VAL PA 90 18.60 -61.87 -99.16
C VAL PA 90 17.20 -62.28 -99.63
N LEU PA 91 16.99 -62.34 -100.95
CA LEU PA 91 15.68 -62.70 -101.49
C LEU PA 91 15.36 -64.17 -101.26
N ALA PA 92 16.37 -65.04 -101.36
CA ALA PA 92 16.17 -66.44 -100.99
C ALA PA 92 15.71 -66.56 -99.54
N ALA PA 93 16.39 -65.84 -98.65
CA ALA PA 93 16.00 -65.81 -97.26
C ALA PA 93 14.61 -65.24 -97.07
N LEU PA 94 14.22 -64.26 -97.87
CA LEU PA 94 12.88 -63.69 -97.74
C LEU PA 94 11.83 -64.70 -98.15
N LEU PA 95 12.04 -65.43 -99.25
CA LEU PA 95 11.09 -66.45 -99.66
C LEU PA 95 10.95 -67.52 -98.57
N ASP PA 96 12.07 -68.04 -98.08
CA ASP PA 96 12.01 -69.07 -97.05
C ASP PA 96 11.34 -68.53 -95.78
N HIS PA 97 11.62 -67.27 -95.44
CA HIS PA 97 11.01 -66.63 -94.28
C HIS PA 97 9.50 -66.53 -94.45
N LEU PA 98 9.04 -66.06 -95.61
CA LEU PA 98 7.61 -65.91 -95.84
C LEU PA 98 6.90 -67.26 -95.77
N HIS PA 99 7.51 -68.29 -96.36
CA HIS PA 99 6.87 -69.62 -96.35
C HIS PA 99 6.80 -70.18 -94.94
N ASN PA 100 7.85 -70.03 -94.15
CA ASN PA 100 7.82 -70.55 -92.78
C ASN PA 100 6.86 -69.74 -91.91
N LEU PA 101 6.82 -68.42 -92.11
CA LEU PA 101 5.81 -67.60 -91.46
C LEU PA 101 4.43 -68.11 -91.77
N GLY PA 102 4.17 -68.42 -93.05
CA GLY PA 102 2.87 -68.98 -93.42
C GLY PA 102 2.60 -70.32 -92.77
N LEU PA 103 3.64 -71.11 -92.52
CA LEU PA 103 3.45 -72.35 -91.78
C LEU PA 103 2.97 -72.07 -90.35
N ALA PA 104 3.53 -71.04 -89.73
CA ALA PA 104 3.20 -70.78 -88.33
C ALA PA 104 2.03 -69.81 -88.14
N ARG PA 105 1.52 -69.21 -89.22
CA ARG PA 105 0.69 -68.01 -89.10
C ARG PA 105 -0.61 -68.27 -88.36
N ASP PA 106 -1.16 -69.48 -88.49
CA ASP PA 106 -2.44 -69.73 -87.84
C ASP PA 106 -2.25 -69.98 -86.35
N ASP PA 107 -1.20 -70.72 -85.98
CA ASP PA 107 -0.93 -70.96 -84.56
C ASP PA 107 -0.56 -69.67 -83.85
N LEU PA 108 0.37 -68.89 -84.43
CA LEU PA 108 0.91 -67.74 -83.74
C LEU PA 108 -0.16 -66.70 -83.43
N VAL PA 109 -1.09 -66.48 -84.36
CA VAL PA 109 -2.08 -65.43 -84.15
C VAL PA 109 -3.11 -65.85 -83.10
N ALA PA 110 -3.26 -67.16 -82.88
CA ALA PA 110 -4.16 -67.67 -81.84
C ALA PA 110 -3.49 -67.78 -80.48
N GLY PA 111 -2.25 -67.30 -80.35
CA GLY PA 111 -1.55 -67.31 -79.07
C GLY PA 111 -0.92 -68.64 -78.70
N LEU PA 112 -0.65 -69.49 -79.68
CA LEU PA 112 -0.21 -70.86 -79.42
C LEU PA 112 1.15 -71.08 -80.09
N LEU PA 113 2.09 -71.64 -79.34
CA LEU PA 113 3.41 -71.89 -79.89
C LEU PA 113 3.33 -72.96 -80.97
N PRO PA 114 3.81 -72.69 -82.19
CA PRO PA 114 3.70 -73.67 -83.29
C PRO PA 114 4.69 -74.82 -83.14
N THR PA 115 4.45 -75.64 -82.12
CA THR PA 115 5.33 -76.78 -81.85
C THR PA 115 5.29 -77.81 -82.96
N THR PA 116 4.23 -77.85 -83.75
CA THR PA 116 4.04 -78.91 -84.72
C THR PA 116 4.71 -78.64 -86.07
N ILE PA 117 4.83 -77.37 -86.48
CA ILE PA 117 5.30 -77.07 -87.83
C ILE PA 117 6.75 -77.51 -88.01
N GLN PA 118 7.16 -77.63 -89.26
CA GLN PA 118 8.54 -77.94 -89.63
C GLN PA 118 9.00 -77.00 -90.73
N PRO PA 119 9.86 -76.05 -90.44
CA PRO PA 119 10.29 -75.08 -91.47
C PRO PA 119 11.21 -75.74 -92.50
N VAL PA 120 11.50 -74.97 -93.54
CA VAL PA 120 12.19 -75.47 -94.72
C VAL PA 120 13.22 -74.44 -95.17
N VAL PA 121 14.28 -74.91 -95.81
CA VAL PA 121 15.22 -74.09 -96.57
C VAL PA 121 14.97 -74.35 -98.05
N GLU PA 122 15.07 -73.29 -98.87
CA GLU PA 122 15.01 -73.40 -100.33
C GLU PA 122 13.65 -73.91 -100.80
N TYR PA 123 12.58 -73.27 -100.35
CA TYR PA 123 11.25 -73.65 -100.80
C TYR PA 123 11.14 -73.53 -102.31
N THR PA 124 10.44 -74.50 -102.91
CA THR PA 124 10.26 -74.55 -104.35
C THR PA 124 8.82 -74.92 -104.71
N ALA QA 1 -70.71 4.44 52.20
CA ALA QA 1 -70.92 5.88 52.30
C ALA QA 1 -71.55 6.43 51.03
N GLN QA 2 -71.32 5.76 49.89
CA GLN QA 2 -71.94 6.13 48.62
C GLN QA 2 -71.58 7.57 48.23
N HIS QA 3 -70.34 7.96 48.51
CA HIS QA 3 -69.84 9.26 48.09
C HIS QA 3 -69.18 9.13 46.72
N ASN QA 4 -69.62 9.96 45.78
CA ASN QA 4 -69.11 9.89 44.42
C ASN QA 4 -67.72 10.53 44.30
N MET QA 5 -66.94 10.01 43.35
CA MET QA 5 -65.56 10.43 43.17
C MET QA 5 -65.48 11.83 42.59
N ARG QA 6 -64.36 12.51 42.87
CA ARG QA 6 -64.14 13.85 42.34
C ARG QA 6 -62.97 13.83 41.35
N LEU QA 7 -63.09 14.62 40.30
CA LEU QA 7 -62.19 14.55 39.16
C LEU QA 7 -60.85 15.21 39.45
N GLN QA 8 -59.78 14.60 38.95
CA GLN QA 8 -58.42 15.07 39.21
C GLN QA 8 -57.62 15.38 37.95
N LEU QA 9 -57.74 14.59 36.88
CA LEU QA 9 -56.90 14.80 35.70
C LEU QA 9 -57.71 14.65 34.41
N THR QA 10 -57.66 15.66 33.55
CA THR QA 10 -58.29 15.63 32.22
C THR QA 10 -57.22 15.81 31.15
N SER QA 11 -57.29 14.98 30.10
CA SER QA 11 -56.28 15.04 29.06
C SER QA 11 -56.82 14.94 27.64
N GLY QA 12 -58.13 14.83 27.45
CA GLY QA 12 -58.69 14.65 26.12
C GLY QA 12 -58.50 13.24 25.59
N THR QA 13 -57.62 12.49 26.24
CA THR QA 13 -57.46 11.06 26.00
C THR QA 13 -57.59 10.23 27.27
N SER QA 14 -57.47 10.83 28.45
CA SER QA 14 -57.69 10.12 29.70
C SER QA 14 -58.53 10.99 30.63
N LEU QA 15 -59.15 10.32 31.59
CA LEU QA 15 -59.85 10.95 32.69
C LEU QA 15 -59.45 10.22 33.97
N THR QA 16 -59.21 10.98 35.03
CA THR QA 16 -58.67 10.43 36.27
C THR QA 16 -59.44 11.04 37.44
N TRP QA 17 -60.37 10.27 38.00
CA TRP QA 17 -61.10 10.61 39.21
C TRP QA 17 -60.44 9.96 40.42
N VAL QA 18 -60.70 10.53 41.59
CA VAL QA 18 -60.13 10.05 42.83
C VAL QA 18 -61.18 10.15 43.95
N ASP QA 19 -61.12 9.22 44.89
CA ASP QA 19 -61.92 9.28 46.10
C ASP QA 19 -61.42 10.42 46.97
N PRO QA 20 -62.24 11.45 47.25
CA PRO QA 20 -61.76 12.56 48.08
C PRO QA 20 -61.29 12.13 49.47
N ASN QA 21 -61.80 11.02 49.99
CA ASN QA 21 -61.37 10.54 51.31
C ASN QA 21 -60.04 9.80 51.20
N ASP QA 22 -59.98 8.79 50.35
CA ASP QA 22 -58.79 7.98 50.15
C ASP QA 22 -58.22 8.29 48.77
N PHE QA 23 -57.08 8.98 48.72
CA PHE QA 23 -56.39 9.21 47.46
C PHE QA 23 -55.81 7.95 46.86
N ARG QA 24 -55.83 6.82 47.58
CA ARG QA 24 -55.25 5.59 47.06
C ARG QA 24 -56.18 4.87 46.08
N SER QA 25 -57.45 5.27 45.99
CA SER QA 25 -58.41 4.64 45.07
C SER QA 25 -58.64 5.58 43.90
N THR QA 26 -58.07 5.22 42.75
CA THR QA 26 -58.10 5.99 41.52
C THR QA 26 -59.06 5.31 40.54
N PHE QA 27 -59.61 6.12 39.63
CA PHE QA 27 -60.44 5.59 38.55
C PHE QA 27 -60.11 6.34 37.27
N ARG QA 28 -59.49 5.65 36.30
CA ARG QA 28 -59.09 6.25 35.04
C ARG QA 28 -59.83 5.60 33.87
N ILE QA 29 -60.12 6.43 32.87
CA ILE QA 29 -60.67 5.97 31.60
C ILE QA 29 -59.78 6.51 30.48
N ASN QA 30 -59.27 5.61 29.63
CA ASN QA 30 -58.44 5.96 28.48
C ASN QA 30 -59.20 5.58 27.22
N LEU QA 31 -59.35 6.52 26.30
CA LEU QA 31 -60.02 6.26 25.02
C LEU QA 31 -59.08 6.65 23.90
N ASN QA 32 -58.79 5.70 23.01
CA ASN QA 32 -57.93 5.94 21.86
C ASN QA 32 -58.69 5.53 20.61
N VAL QA 33 -58.75 6.42 19.63
CA VAL QA 33 -59.46 6.14 18.38
C VAL QA 33 -58.51 6.28 17.21
N ASN QA 34 -58.60 5.34 16.27
CA ASN QA 34 -57.81 5.38 15.05
C ASN QA 34 -58.48 4.50 14.00
N GLN QA 35 -58.17 4.78 12.74
CA GLN QA 35 -58.78 4.01 11.65
C GLN QA 35 -58.12 2.66 11.49
N LYS QA 36 -58.93 1.64 11.26
CA LYS QA 36 -58.48 0.30 10.92
C LYS QA 36 -59.13 -0.09 9.61
N VAL QA 37 -58.62 -1.17 9.02
CA VAL QA 37 -59.17 -1.69 7.77
C VAL QA 37 -59.94 -2.96 8.12
N ALA QA 38 -61.27 -2.90 7.99
CA ALA QA 38 -62.11 -4.07 8.17
C ALA QA 38 -62.50 -4.57 6.79
N GLY QA 39 -61.93 -5.70 6.39
CA GLY QA 39 -62.25 -6.30 5.12
C GLY QA 39 -62.07 -5.33 3.97
N ALA QA 40 -63.19 -4.91 3.38
CA ALA QA 40 -63.15 -4.05 2.20
C ALA QA 40 -63.09 -2.57 2.52
N VAL QA 41 -63.54 -2.14 3.71
CA VAL QA 41 -63.70 -0.72 3.98
C VAL QA 41 -63.00 -0.39 5.30
N SER QA 42 -62.61 0.88 5.44
CA SER QA 42 -62.02 1.35 6.68
C SER QA 42 -63.10 1.75 7.67
N VAL QA 43 -62.83 1.48 8.95
CA VAL QA 43 -63.73 1.82 10.05
C VAL QA 43 -62.91 2.50 11.14
N TYR QA 44 -63.61 3.06 12.13
CA TYR QA 44 -62.99 3.76 13.25
C TYR QA 44 -62.98 2.86 14.47
N ASN QA 45 -61.81 2.33 14.83
CA ASN QA 45 -61.66 1.51 16.02
C ASN QA 45 -61.39 2.38 17.23
N ALA QA 46 -62.05 2.07 18.34
CA ALA QA 46 -61.94 2.81 19.59
C ALA QA 46 -61.58 1.82 20.69
N ARG QA 47 -60.31 1.84 21.10
CA ARG QA 47 -59.87 1.06 22.25
C ARG QA 47 -60.11 1.90 23.50
N SER QA 48 -61.16 1.55 24.23
CA SER QA 48 -61.39 2.09 25.55
C SER QA 48 -60.74 1.16 26.57
N GLU QA 49 -60.28 1.75 27.67
CA GLU QA 49 -59.93 0.94 28.84
C GLU QA 49 -60.28 1.71 30.10
N VAL QA 50 -60.74 0.97 31.09
CA VAL QA 50 -61.24 1.52 32.35
C VAL QA 50 -60.47 0.82 33.46
N ILE QA 51 -59.67 1.58 34.20
CA ILE QA 51 -58.77 1.04 35.20
C ILE QA 51 -59.16 1.62 36.55
N THR QA 52 -59.50 0.76 37.51
CA THR QA 52 -59.74 1.19 38.88
C THR QA 52 -58.63 0.60 39.77
N ASN QA 53 -57.98 1.47 40.53
CA ASN QA 53 -56.82 1.14 41.35
C ASN QA 53 -57.16 1.42 42.81
N ARG QA 54 -56.73 0.54 43.70
CA ARG QA 54 -56.94 0.77 45.12
C ARG QA 54 -55.76 0.20 45.90
N ALA QA 55 -55.68 0.59 47.17
CA ALA QA 55 -54.63 0.13 48.06
C ALA QA 55 -55.24 -0.16 49.43
N PRO QA 56 -56.00 -1.24 49.54
CA PRO QA 56 -56.56 -1.62 50.84
C PRO QA 56 -55.47 -2.08 51.78
N LEU QA 57 -55.77 -2.03 53.06
CA LEU QA 57 -54.82 -2.39 54.10
C LEU QA 57 -54.89 -3.88 54.39
N VAL QA 58 -53.72 -4.49 54.55
CA VAL QA 58 -53.62 -5.91 54.86
C VAL QA 58 -53.62 -6.05 56.38
N VAL QA 59 -54.64 -6.71 56.92
CA VAL QA 59 -54.84 -6.79 58.36
C VAL QA 59 -54.90 -8.27 58.76
N ILE QA 60 -53.99 -8.67 59.64
CA ILE QA 60 -54.02 -9.97 60.30
C ILE QA 60 -54.23 -9.70 61.78
N GLU QA 61 -55.36 -10.17 62.31
CA GLU QA 61 -55.86 -9.67 63.60
C GLU QA 61 -54.83 -9.81 64.71
N GLY QA 62 -54.12 -10.94 64.76
CA GLY QA 62 -53.12 -11.13 65.79
C GLY QA 62 -51.75 -10.61 65.44
N CYS QA 63 -51.53 -10.22 64.18
CA CYS QA 63 -50.19 -10.00 63.67
C CYS QA 63 -49.93 -8.58 63.19
N THR QA 64 -50.93 -7.87 62.67
CA THR QA 64 -50.73 -6.60 61.98
C THR QA 64 -50.71 -5.47 63.00
N ASP QA 65 -49.53 -4.87 63.17
CA ASP QA 65 -49.42 -3.67 63.99
C ASP QA 65 -50.18 -2.53 63.33
N ALA QA 66 -51.05 -1.88 64.11
CA ALA QA 66 -51.87 -0.81 63.55
C ALA QA 66 -51.05 0.44 63.26
N CYS QA 67 -49.95 0.66 63.99
CA CYS QA 67 -49.15 1.86 63.80
C CYS QA 67 -48.45 1.85 62.45
N SER QA 68 -47.83 0.73 62.10
CA SER QA 68 -47.17 0.57 60.80
C SER QA 68 -48.18 -0.01 59.82
N VAL QA 69 -48.68 0.83 58.91
CA VAL QA 69 -49.68 0.40 57.95
C VAL QA 69 -49.07 -0.61 56.98
N ASN QA 70 -49.85 -1.63 56.64
CA ASN QA 70 -49.45 -2.62 55.64
C ASN QA 70 -50.50 -2.58 54.54
N ARG QA 71 -50.13 -2.08 53.37
CA ARG QA 71 -51.07 -1.91 52.28
C ARG QA 71 -50.68 -2.79 51.09
N GLU QA 72 -51.69 -3.06 50.28
CA GLU QA 72 -51.60 -3.91 49.09
C GLU QA 72 -52.26 -3.18 47.92
N ASN QA 73 -51.59 -3.17 46.78
CA ASN QA 73 -52.22 -2.65 45.56
C ASN QA 73 -53.15 -3.70 44.99
N ILE QA 74 -54.37 -3.29 44.65
CA ILE QA 74 -55.31 -4.12 43.91
C ILE QA 74 -55.80 -3.32 42.71
N SER QA 75 -56.07 -4.04 41.61
CA SER QA 75 -56.44 -3.36 40.37
C SER QA 75 -57.44 -4.17 39.57
N ILE QA 76 -58.40 -3.46 38.97
CA ILE QA 76 -59.36 -4.06 38.05
C ILE QA 76 -59.37 -3.23 36.77
N ARG QA 77 -58.97 -3.85 35.67
CA ARG QA 77 -58.78 -3.22 34.38
C ARG QA 77 -59.75 -3.84 33.38
N THR QA 78 -60.25 -3.02 32.44
CA THR QA 78 -61.16 -3.53 31.43
C THR QA 78 -60.90 -2.84 30.10
N THR QA 79 -60.46 -3.61 29.10
CA THR QA 79 -60.18 -3.13 27.76
C THR QA 79 -61.30 -3.55 26.82
N ILE QA 80 -61.72 -2.63 25.95
CA ILE QA 80 -62.82 -2.83 25.00
C ILE QA 80 -62.36 -2.23 23.67
N SER QA 81 -62.01 -3.09 22.71
CA SER QA 81 -61.50 -2.62 21.42
C SER QA 81 -62.38 -3.17 20.30
N GLY QA 82 -63.01 -2.25 19.58
CA GLY QA 82 -63.85 -2.55 18.43
C GLY QA 82 -64.20 -1.24 17.75
N SER QA 83 -64.79 -1.34 16.57
CA SER QA 83 -65.11 -0.14 15.81
C SER QA 83 -66.33 0.57 16.39
N VAL QA 84 -66.35 1.90 16.25
CA VAL QA 84 -67.55 2.67 16.57
C VAL QA 84 -68.62 2.37 15.53
N GLU QA 85 -68.20 2.00 14.33
CA GLU QA 85 -69.15 1.69 13.26
C GLU QA 85 -70.05 0.52 13.66
N ASN QA 86 -69.46 -0.49 14.30
CA ASN QA 86 -70.12 -1.75 14.66
C ASN QA 86 -70.37 -1.85 16.17
N LYS QA 87 -70.62 -0.70 16.81
CA LYS QA 87 -70.75 -0.69 18.26
C LYS QA 87 -71.94 -1.53 18.72
N ALA QA 88 -72.86 -1.85 17.81
CA ALA QA 88 -73.94 -2.79 18.16
C ALA QA 88 -73.37 -4.14 18.58
N ALA QA 89 -72.52 -4.72 17.74
CA ALA QA 89 -71.89 -5.98 18.10
C ALA QA 89 -70.86 -5.81 19.20
N VAL QA 90 -70.23 -4.64 19.30
CA VAL QA 90 -69.34 -4.37 20.43
C VAL QA 90 -70.10 -4.52 21.75
N LEU QA 91 -71.27 -3.87 21.86
CA LEU QA 91 -72.06 -3.94 23.08
C LEU QA 91 -72.67 -5.32 23.30
N ALA QA 92 -73.08 -5.99 22.21
CA ALA QA 92 -73.58 -7.35 22.35
C ALA QA 92 -72.50 -8.28 22.90
N ALA QA 93 -71.23 -8.02 22.55
CA ALA QA 93 -70.13 -8.75 23.16
C ALA QA 93 -69.91 -8.32 24.61
N LEU QA 94 -70.08 -7.03 24.89
CA LEU QA 94 -69.87 -6.53 26.25
C LEU QA 94 -70.82 -7.17 27.23
N LEU QA 95 -72.09 -7.29 26.86
CA LEU QA 95 -73.09 -7.84 27.78
C LEU QA 95 -72.75 -9.30 28.13
N ASP QA 96 -72.42 -10.09 27.12
CA ASP QA 96 -72.04 -11.48 27.35
C ASP QA 96 -70.79 -11.57 28.21
N HIS QA 97 -69.81 -10.70 27.94
CA HIS QA 97 -68.59 -10.67 28.74
C HIS QA 97 -68.88 -10.37 30.20
N LEU QA 98 -69.70 -9.34 30.46
CA LEU QA 98 -70.00 -8.96 31.82
C LEU QA 98 -70.74 -10.06 32.56
N HIS QA 99 -71.73 -10.68 31.91
CA HIS QA 99 -72.47 -11.76 32.56
C HIS QA 99 -71.58 -12.96 32.86
N ASN QA 100 -70.71 -13.33 31.93
CA ASN QA 100 -69.82 -14.47 32.18
C ASN QA 100 -68.81 -14.15 33.27
N LEU QA 101 -68.28 -12.92 33.27
CA LEU QA 101 -67.44 -12.49 34.38
C LEU QA 101 -68.17 -12.63 35.70
N GLY QA 102 -69.44 -12.22 35.74
CA GLY QA 102 -70.23 -12.40 36.95
C GLY QA 102 -70.33 -13.85 37.36
N LEU QA 103 -70.54 -14.74 36.40
CA LEU QA 103 -70.57 -16.17 36.70
C LEU QA 103 -69.26 -16.62 37.35
N ALA QA 104 -68.14 -16.06 36.91
CA ALA QA 104 -66.85 -16.53 37.40
C ALA QA 104 -66.36 -15.84 38.66
N ARG QA 105 -66.88 -14.65 38.99
CA ARG QA 105 -66.16 -13.77 39.92
C ARG QA 105 -66.00 -14.39 41.29
N ASP QA 106 -67.02 -15.12 41.76
CA ASP QA 106 -66.95 -15.71 43.08
C ASP QA 106 -65.80 -16.70 43.17
N ASP QA 107 -65.59 -17.48 42.11
CA ASP QA 107 -64.47 -18.41 42.06
C ASP QA 107 -63.15 -17.67 41.90
N LEU QA 108 -63.13 -16.64 41.05
CA LEU QA 108 -61.87 -16.00 40.70
C LEU QA 108 -61.28 -15.22 41.87
N VAL QA 109 -62.11 -14.44 42.59
CA VAL QA 109 -61.57 -13.63 43.68
C VAL QA 109 -61.09 -14.49 44.83
N ALA QA 110 -61.51 -15.76 44.89
CA ALA QA 110 -61.06 -16.68 45.92
C ALA QA 110 -59.88 -17.54 45.47
N GLY QA 111 -59.27 -17.20 44.34
CA GLY QA 111 -58.10 -17.93 43.88
C GLY QA 111 -58.38 -19.29 43.29
N LEU QA 112 -59.64 -19.60 42.99
CA LEU QA 112 -60.02 -20.90 42.47
C LEU QA 112 -60.27 -20.81 40.96
N LEU QA 113 -59.85 -21.83 40.24
CA LEU QA 113 -60.05 -21.87 38.80
C LEU QA 113 -61.50 -22.22 38.50
N PRO QA 114 -62.26 -21.36 37.82
CA PRO QA 114 -63.70 -21.60 37.63
C PRO QA 114 -63.98 -22.75 36.68
N THR QA 115 -63.74 -23.98 37.16
CA THR QA 115 -63.86 -25.16 36.32
C THR QA 115 -65.31 -25.60 36.10
N THR QA 116 -66.24 -25.13 36.92
CA THR QA 116 -67.62 -25.57 36.81
C THR QA 116 -68.48 -24.69 35.90
N ILE QA 117 -68.25 -23.37 35.93
CA ILE QA 117 -69.15 -22.43 35.27
C ILE QA 117 -69.30 -22.73 33.78
N GLN QA 118 -70.42 -22.31 33.21
CA GLN QA 118 -70.65 -22.43 31.76
C GLN QA 118 -71.06 -21.08 31.21
N PRO QA 119 -70.24 -20.47 30.36
CA PRO QA 119 -70.61 -19.17 29.77
C PRO QA 119 -71.69 -19.31 28.71
N VAL QA 120 -72.02 -18.20 28.05
CA VAL QA 120 -73.15 -18.19 27.13
C VAL QA 120 -72.97 -17.03 26.15
N VAL QA 121 -73.53 -17.19 24.95
CA VAL QA 121 -73.59 -16.13 23.95
C VAL QA 121 -75.03 -15.62 23.93
N GLU QA 122 -75.21 -14.34 23.60
CA GLU QA 122 -76.52 -13.73 23.38
C GLU QA 122 -77.41 -13.89 24.62
N TYR QA 123 -76.89 -13.45 25.77
CA TYR QA 123 -77.61 -13.59 27.04
C TYR QA 123 -78.88 -12.75 27.03
N THR QA 124 -80.02 -13.39 27.32
CA THR QA 124 -81.32 -12.75 27.30
C THR QA 124 -81.78 -12.50 28.74
N GLY QA 125 -81.88 -11.24 29.12
CA GLY QA 125 -82.38 -10.87 30.44
C GLY QA 125 -81.50 -11.26 31.60
N ALA RA 1 -80.41 -15.92 20.73
CA ALA RA 1 -80.66 -17.37 20.80
C ALA RA 1 -80.24 -17.93 22.16
N GLN RA 2 -79.26 -17.27 22.78
CA GLN RA 2 -78.68 -17.68 24.06
C GLN RA 2 -78.37 -19.18 24.09
N HIS RA 3 -77.59 -19.61 23.09
CA HIS RA 3 -76.97 -20.92 23.09
C HIS RA 3 -75.66 -20.84 23.86
N ASN RA 4 -75.59 -21.50 25.01
CA ASN RA 4 -74.44 -21.33 25.89
C ASN RA 4 -73.18 -21.99 25.31
N MET RA 5 -72.02 -21.41 25.67
CA MET RA 5 -70.76 -21.78 25.07
C MET RA 5 -70.33 -23.19 25.46
N ARG RA 6 -69.49 -23.77 24.63
CA ARG RA 6 -68.99 -25.13 24.81
C ARG RA 6 -67.53 -25.06 25.23
N LEU RA 7 -67.17 -25.85 26.24
CA LEU RA 7 -65.76 -25.93 26.63
C LEU RA 7 -64.93 -26.49 25.48
N GLN RA 8 -63.75 -25.95 25.30
CA GLN RA 8 -62.93 -26.50 24.23
C GLN RA 8 -61.53 -26.87 24.68
N LEU RA 9 -60.91 -26.10 25.58
CA LEU RA 9 -59.56 -26.44 26.00
C LEU RA 9 -59.27 -26.04 27.44
N THR RA 10 -58.67 -26.95 28.19
CA THR RA 10 -58.19 -26.70 29.54
C THR RA 10 -56.71 -27.10 29.60
N SER RA 11 -55.84 -26.16 29.94
CA SER RA 11 -54.43 -26.46 30.06
C SER RA 11 -53.75 -25.41 30.94
N GLY RA 12 -52.91 -25.87 31.85
CA GLY RA 12 -52.19 -24.97 32.74
C GLY RA 12 -53.09 -24.21 33.68
N THR RA 13 -53.20 -22.90 33.47
CA THR RA 13 -54.07 -22.05 34.28
C THR RA 13 -55.20 -21.45 33.46
N SER RA 14 -55.44 -21.93 32.24
CA SER RA 14 -56.38 -21.32 31.32
C SER RA 14 -57.57 -22.22 31.07
N LEU RA 15 -58.71 -21.60 30.78
CA LEU RA 15 -59.91 -22.28 30.32
C LEU RA 15 -60.39 -21.56 29.07
N THR RA 16 -60.79 -22.33 28.05
CA THR RA 16 -61.15 -21.75 26.76
C THR RA 16 -62.43 -22.39 26.26
N TRP RA 17 -63.50 -21.59 26.22
CA TRP RA 17 -64.81 -21.93 25.67
C TRP RA 17 -64.99 -21.26 24.31
N VAL RA 18 -65.91 -21.80 23.53
CA VAL RA 18 -66.16 -21.32 22.18
C VAL RA 18 -67.66 -21.37 21.89
N ASP RA 19 -68.11 -20.47 21.04
CA ASP RA 19 -69.47 -20.49 20.53
C ASP RA 19 -69.65 -21.64 19.55
N PRO RA 20 -70.55 -22.59 19.82
CA PRO RA 20 -70.71 -23.73 18.90
C PRO RA 20 -71.20 -23.33 17.51
N ASN RA 21 -71.66 -22.09 17.31
CA ASN RA 21 -72.13 -21.73 15.98
C ASN RA 21 -71.00 -21.19 15.10
N ASP RA 22 -70.26 -20.18 15.57
CA ASP RA 22 -69.02 -19.83 14.89
C ASP RA 22 -67.86 -19.88 15.88
N PHE RA 23 -66.74 -20.35 15.36
CA PHE RA 23 -65.48 -20.54 16.07
C PHE RA 23 -64.78 -19.21 16.37
N ARG RA 24 -65.36 -18.09 15.92
CA ARG RA 24 -64.71 -16.79 16.00
C ARG RA 24 -64.86 -16.14 17.37
N SER RA 25 -65.93 -16.46 18.09
CA SER RA 25 -66.20 -15.87 19.40
C SER RA 25 -65.84 -16.88 20.47
N THR RA 26 -64.80 -16.57 21.24
CA THR RA 26 -64.23 -17.44 22.25
C THR RA 26 -64.16 -16.69 23.58
N PHE RA 27 -63.92 -17.46 24.63
CA PHE RA 27 -63.95 -16.94 26.00
C PHE RA 27 -62.89 -17.67 26.81
N ARG RA 28 -61.92 -16.93 27.33
CA ARG RA 28 -60.80 -17.52 28.08
C ARG RA 28 -60.74 -16.92 29.47
N ILE RA 29 -60.34 -17.74 30.43
CA ILE RA 29 -60.06 -17.29 31.78
C ILE RA 29 -58.69 -17.83 32.21
N ASN RA 30 -57.80 -16.92 32.61
CA ASN RA 30 -56.50 -17.24 33.16
C ASN RA 30 -56.46 -16.88 34.63
N LEU RA 31 -55.83 -17.73 35.44
CA LEU RA 31 -55.75 -17.53 36.88
C LEU RA 31 -54.32 -17.80 37.34
N ASN RA 32 -53.70 -16.79 37.95
CA ASN RA 32 -52.32 -16.92 38.42
C ASN RA 32 -52.29 -16.55 39.90
N VAL RA 33 -52.16 -17.56 40.76
CA VAL RA 33 -52.09 -17.37 42.20
C VAL RA 33 -50.65 -17.54 42.64
N ASN RA 34 -50.17 -16.60 43.47
CA ASN RA 34 -48.81 -16.66 43.98
C ASN RA 34 -48.67 -15.66 45.13
N GLN RA 35 -47.61 -15.81 45.91
CA GLN RA 35 -47.47 -15.00 47.12
C GLN RA 35 -46.97 -13.59 46.79
N LYS RA 36 -47.62 -12.60 47.40
CA LYS RA 36 -47.34 -11.19 47.30
C LYS RA 36 -46.80 -10.73 48.65
N VAL RA 37 -45.91 -9.74 48.63
CA VAL RA 37 -45.32 -9.20 49.84
C VAL RA 37 -45.87 -7.80 50.04
N ALA RA 38 -46.62 -7.59 51.12
CA ALA RA 38 -47.23 -6.29 51.40
C ALA RA 38 -46.88 -5.91 52.84
N GLY RA 39 -45.92 -5.02 53.00
CA GLY RA 39 -45.44 -4.69 54.33
C GLY RA 39 -44.59 -5.82 54.88
N ALA RA 40 -44.84 -6.17 56.14
CA ALA RA 40 -44.10 -7.25 56.78
C ALA RA 40 -44.72 -8.62 56.50
N VAL RA 41 -45.94 -8.67 56.00
CA VAL RA 41 -46.64 -9.93 55.78
C VAL RA 41 -46.64 -10.27 54.30
N SER RA 42 -46.92 -11.53 54.01
CA SER RA 42 -47.14 -12.01 52.65
C SER RA 42 -48.53 -12.64 52.57
N VAL RA 43 -49.20 -12.39 51.46
CA VAL RA 43 -50.57 -12.84 51.24
C VAL RA 43 -50.67 -13.42 49.83
N TYR RA 44 -51.58 -14.37 49.65
CA TYR RA 44 -51.75 -15.00 48.34
C TYR RA 44 -52.54 -14.06 47.43
N ASN RA 45 -51.88 -13.55 46.40
CA ASN RA 45 -52.49 -12.69 45.40
C ASN RA 45 -52.92 -13.54 44.22
N ALA RA 46 -54.14 -13.29 43.76
CA ALA RA 46 -54.71 -13.92 42.57
C ALA RA 46 -54.81 -12.87 41.46
N ARG RA 47 -54.33 -13.24 40.28
CA ARG RA 47 -54.45 -12.46 39.06
C ARG RA 47 -55.39 -13.21 38.14
N SER RA 48 -56.65 -12.78 38.10
CA SER RA 48 -57.61 -13.29 37.15
C SER RA 48 -57.58 -12.41 35.90
N GLU RA 49 -57.69 -13.03 34.72
CA GLU RA 49 -57.96 -12.26 33.52
C GLU RA 49 -58.92 -13.02 32.63
N VAL RA 50 -60.00 -12.33 32.25
CA VAL RA 50 -61.11 -12.89 31.50
C VAL RA 50 -61.16 -12.18 30.16
N ILE RA 51 -60.95 -12.94 29.09
CA ILE RA 51 -60.75 -12.40 27.75
C ILE RA 51 -61.83 -12.98 26.83
N THR RA 52 -62.74 -12.13 26.36
CA THR RA 52 -63.72 -12.56 25.35
C THR RA 52 -63.31 -11.94 24.01
N ASN RA 53 -63.22 -12.80 23.00
CA ASN RA 53 -62.72 -12.43 21.67
C ASN RA 53 -63.79 -12.75 20.64
N ARG RA 54 -64.01 -11.85 19.69
CA ARG RA 54 -64.94 -12.11 18.61
C ARG RA 54 -64.35 -11.57 17.32
N ALA RA 55 -64.93 -12.01 16.21
CA ALA RA 55 -64.56 -11.53 14.88
C ALA RA 55 -65.82 -11.33 14.06
N PRO RA 56 -66.69 -10.42 14.49
CA PRO RA 56 -68.02 -10.31 13.88
C PRO RA 56 -67.95 -9.63 12.52
N LEU RA 57 -69.07 -9.71 11.82
CA LEU RA 57 -69.23 -8.91 10.60
C LEU RA 57 -69.51 -7.47 11.00
N VAL RA 58 -68.97 -6.52 10.24
CA VAL RA 58 -69.28 -5.12 10.50
C VAL RA 58 -70.67 -4.81 9.93
N VAL RA 59 -71.57 -4.40 10.81
CA VAL RA 59 -72.96 -4.15 10.46
C VAL RA 59 -73.20 -2.65 10.58
N ILE RA 60 -73.29 -1.98 9.43
CA ILE RA 60 -73.58 -0.56 9.40
C ILE RA 60 -75.06 -0.37 9.71
N GLU RA 61 -75.39 0.68 10.47
CA GLU RA 61 -76.79 0.87 10.86
C GLU RA 61 -77.68 1.05 9.62
N GLY RA 62 -77.40 2.07 8.82
CA GLY RA 62 -78.24 2.34 7.66
C GLY RA 62 -78.30 1.17 6.70
N CYS RA 63 -77.23 0.40 6.60
CA CYS RA 63 -77.12 -0.62 5.57
C CYS RA 63 -77.70 -1.95 6.03
N THR RA 64 -78.07 -2.77 5.05
CA THR RA 64 -78.53 -4.13 5.28
C THR RA 64 -78.16 -4.96 4.05
N ASP RA 65 -77.27 -5.94 4.25
CA ASP RA 65 -76.68 -6.71 3.15
C ASP RA 65 -76.17 -8.03 3.69
N ALA RA 66 -76.66 -9.13 3.14
CA ALA RA 66 -76.19 -10.45 3.53
C ALA RA 66 -74.99 -10.92 2.71
N CYS RA 67 -74.49 -10.10 1.79
CA CYS RA 67 -73.41 -10.49 0.89
C CYS RA 67 -72.05 -9.92 1.27
N SER RA 68 -71.97 -9.09 2.30
CA SER RA 68 -70.70 -8.56 2.74
C SER RA 68 -70.08 -9.53 3.75
N VAL RA 69 -68.81 -9.86 3.53
CA VAL RA 69 -68.02 -10.60 4.51
C VAL RA 69 -67.00 -9.68 5.18
N ASN RA 70 -67.28 -8.37 5.20
CA ASN RA 70 -66.45 -7.41 5.89
C ASN RA 70 -66.40 -7.74 7.38
N ARG RA 71 -65.23 -8.15 7.87
CA ARG RA 71 -65.08 -8.58 9.25
C ARG RA 71 -63.96 -7.81 9.94
N GLU RA 72 -64.19 -7.45 11.20
CA GLU RA 72 -63.16 -6.93 12.09
C GLU RA 72 -63.08 -7.81 13.33
N ASN RA 73 -61.94 -7.69 14.02
CA ASN RA 73 -61.77 -8.33 15.31
C ASN RA 73 -62.19 -7.36 16.42
N ILE RA 74 -62.81 -7.92 17.46
CA ILE RA 74 -63.15 -7.15 18.65
C ILE RA 74 -62.79 -7.97 19.87
N SER RA 75 -62.43 -7.28 20.95
CA SER RA 75 -62.00 -7.98 22.17
C SER RA 75 -62.33 -7.16 23.40
N ILE RA 76 -62.77 -7.86 24.44
CA ILE RA 76 -63.03 -7.27 25.74
C ILE RA 76 -62.31 -8.11 26.80
N ARG RA 77 -61.40 -7.48 27.51
CA ARG RA 77 -60.58 -8.14 28.53
C ARG RA 77 -60.81 -7.47 29.88
N THR RA 78 -60.80 -8.27 30.94
CA THR RA 78 -60.97 -7.77 32.29
C THR RA 78 -59.97 -8.46 33.21
N THR RA 79 -59.08 -7.69 33.81
CA THR RA 79 -58.03 -8.18 34.69
C THR RA 79 -58.33 -7.75 36.11
N ILE RA 80 -58.12 -8.67 37.05
CA ILE RA 80 -58.43 -8.47 38.47
C ILE RA 80 -57.28 -9.04 39.30
N SER RA 81 -56.42 -8.17 39.82
CA SER RA 81 -55.27 -8.60 40.61
C SER RA 81 -55.44 -8.11 42.04
N GLY RA 82 -55.49 -9.06 42.98
CA GLY RA 82 -55.71 -8.75 44.38
C GLY RA 82 -55.61 -10.00 45.23
N SER RA 83 -55.31 -9.79 46.51
CA SER RA 83 -55.11 -10.94 47.39
C SER RA 83 -56.44 -11.63 47.66
N VAL RA 84 -56.33 -12.90 48.06
CA VAL RA 84 -57.52 -13.65 48.49
C VAL RA 84 -57.99 -13.17 49.85
N GLU RA 85 -57.06 -12.65 50.66
CA GLU RA 85 -57.41 -12.21 52.01
C GLU RA 85 -58.33 -10.99 51.99
N ASN RA 86 -58.00 -10.00 51.15
CA ASN RA 86 -58.84 -8.83 50.99
C ASN RA 86 -59.89 -8.99 49.90
N LYS RA 87 -60.28 -10.23 49.58
CA LYS RA 87 -61.26 -10.42 48.50
C LYS RA 87 -62.56 -9.68 48.78
N ALA RA 88 -62.81 -9.31 50.04
CA ALA RA 88 -63.93 -8.43 50.34
C ALA RA 88 -63.78 -7.07 49.64
N ALA RA 89 -62.64 -6.41 49.87
CA ALA RA 89 -62.39 -5.12 49.21
C ALA RA 89 -62.20 -5.29 47.71
N VAL RA 90 -61.70 -6.45 47.28
CA VAL RA 90 -61.60 -6.73 45.85
C VAL RA 90 -62.99 -6.76 45.21
N LEU RA 91 -63.95 -7.44 45.85
CA LEU RA 91 -65.30 -7.52 45.31
C LEU RA 91 -66.03 -6.18 45.39
N ALA RA 92 -65.80 -5.42 46.47
CA ALA RA 92 -66.38 -4.07 46.55
C ALA RA 92 -65.85 -3.20 45.43
N ALA RA 93 -64.53 -3.26 45.19
CA ALA RA 93 -63.93 -2.55 44.07
C ALA RA 93 -64.47 -3.05 42.74
N LEU RA 94 -64.78 -4.34 42.64
CA LEU RA 94 -65.34 -4.87 41.41
C LEU RA 94 -66.73 -4.32 41.15
N LEU RA 95 -67.57 -4.26 42.18
CA LEU RA 95 -68.91 -3.68 42.03
C LEU RA 95 -68.82 -2.22 41.59
N ASP RA 96 -67.96 -1.44 42.27
CA ASP RA 96 -67.81 -0.04 41.91
C ASP RA 96 -67.29 0.11 40.48
N HIS RA 97 -66.33 -0.75 40.10
CA HIS RA 97 -65.78 -0.74 38.75
C HIS RA 97 -66.85 -1.05 37.71
N LEU RA 98 -67.65 -2.08 37.94
CA LEU RA 98 -68.69 -2.46 37.00
C LEU RA 98 -69.73 -1.36 36.85
N HIS RA 99 -70.14 -0.75 37.96
CA HIS RA 99 -71.14 0.31 37.89
C HIS RA 99 -70.60 1.53 37.14
N ASN RA 100 -69.35 1.92 37.40
CA ASN RA 100 -68.79 3.07 36.70
C ASN RA 100 -68.59 2.76 35.22
N LEU RA 101 -68.14 1.54 34.91
CA LEU RA 101 -68.05 1.10 33.52
C LEU RA 101 -69.39 1.22 32.83
N GLY RA 102 -70.46 0.79 33.49
CA GLY RA 102 -71.78 0.95 32.91
C GLY RA 102 -72.15 2.40 32.70
N LEU RA 103 -71.79 3.27 33.65
CA LEU RA 103 -72.02 4.70 33.46
C LEU RA 103 -71.32 5.21 32.21
N ALA RA 104 -70.17 4.63 31.86
CA ALA RA 104 -69.39 5.17 30.76
C ALA RA 104 -69.60 4.47 29.41
N ARG RA 105 -70.18 3.27 29.38
CA ARG RA 105 -70.05 2.43 28.19
C ARG RA 105 -70.72 3.05 26.97
N ASP RA 106 -71.84 3.74 27.17
CA ASP RA 106 -72.55 4.29 26.02
C ASP RA 106 -71.71 5.36 25.32
N ASP RA 107 -70.90 6.10 26.08
CA ASP RA 107 -69.94 7.01 25.48
C ASP RA 107 -68.74 6.28 24.90
N LEU RA 108 -68.23 5.27 25.62
CA LEU RA 108 -66.96 4.66 25.23
C LEU RA 108 -67.10 3.86 23.93
N VAL RA 109 -68.19 3.11 23.75
CA VAL RA 109 -68.33 2.33 22.53
C VAL RA 109 -68.63 3.22 21.33
N ALA RA 110 -69.05 4.46 21.57
CA ALA RA 110 -69.32 5.42 20.50
C ALA RA 110 -68.13 6.32 20.21
N GLY RA 111 -66.98 6.05 20.81
CA GLY RA 111 -65.79 6.84 20.58
C GLY RA 111 -65.73 8.15 21.34
N LEU RA 112 -66.68 8.41 22.23
CA LEU RA 112 -66.74 9.64 22.99
C LEU RA 112 -66.12 9.43 24.37
N LEU RA 113 -65.23 10.32 24.77
CA LEU RA 113 -64.67 10.26 26.11
C LEU RA 113 -65.73 10.72 27.11
N PRO RA 114 -66.06 9.91 28.12
CA PRO RA 114 -67.20 10.25 28.98
C PRO RA 114 -66.92 11.44 29.88
N THR RA 115 -67.07 12.64 29.32
CA THR RA 115 -66.79 13.86 30.07
C THR RA 115 -67.83 14.10 31.17
N THR RA 116 -69.05 13.59 30.99
CA THR RA 116 -70.19 13.99 31.79
C THR RA 116 -70.59 12.96 32.84
N ILE RA 117 -69.83 11.89 33.02
CA ILE RA 117 -70.22 10.83 33.94
C ILE RA 117 -69.74 11.19 35.35
N GLN RA 118 -70.36 10.54 36.34
CA GLN RA 118 -70.06 10.78 37.76
C GLN RA 118 -69.72 9.45 38.43
N PRO RA 119 -68.45 9.09 38.48
CA PRO RA 119 -68.06 7.84 39.14
C PRO RA 119 -68.24 7.93 40.65
N VAL RA 120 -68.57 6.79 41.25
CA VAL RA 120 -68.91 6.70 42.66
C VAL RA 120 -68.03 5.67 43.33
N VAL RA 121 -68.08 5.66 44.67
CA VAL RA 121 -67.47 4.63 45.51
C VAL RA 121 -68.58 4.05 46.37
N GLU RA 122 -68.53 2.73 46.59
CA GLU RA 122 -69.49 2.04 47.45
C GLU RA 122 -70.91 2.19 46.91
N TYR RA 123 -71.13 1.67 45.71
CA TYR RA 123 -72.44 1.77 45.08
C TYR RA 123 -73.50 1.00 45.86
N THR RA 124 -74.68 1.61 45.98
CA THR RA 124 -75.80 1.01 46.70
C THR RA 124 -77.12 1.27 45.98
N ALA SA 1 -67.26 48.21 41.06
CA ALA SA 1 -67.96 47.57 39.97
C ALA SA 1 -68.24 46.10 40.29
N GLN SA 2 -67.29 45.47 41.00
CA GLN SA 2 -67.33 44.06 41.38
C GLN SA 2 -67.62 43.16 40.17
N HIS SA 3 -67.06 43.53 39.02
CA HIS SA 3 -67.00 42.59 37.90
C HIS SA 3 -66.03 41.46 38.25
N ASN SA 4 -66.50 40.23 38.12
CA ASN SA 4 -65.71 39.08 38.57
C ASN SA 4 -64.78 38.59 37.46
N MET SA 5 -63.66 37.99 37.88
CA MET SA 5 -62.60 37.61 36.96
C MET SA 5 -63.07 36.50 36.03
N ARG SA 6 -62.39 36.40 34.88
CA ARG SA 6 -62.73 35.40 33.88
C ARG SA 6 -61.51 34.55 33.55
N LEU SA 7 -61.76 33.32 33.10
CA LEU SA 7 -60.74 32.29 33.08
C LEU SA 7 -59.80 32.43 31.88
N GLN SA 8 -58.50 32.25 32.14
CA GLN SA 8 -57.48 32.39 31.11
C GLN SA 8 -56.67 31.13 30.88
N LEU SA 9 -56.16 30.48 31.95
CA LEU SA 9 -55.26 29.34 31.80
C LEU SA 9 -55.66 28.21 32.74
N THR SA 10 -55.80 27.00 32.19
CA THR SA 10 -56.10 25.80 32.98
C THR SA 10 -55.02 24.76 32.71
N SER SA 11 -54.52 24.15 33.78
CA SER SA 11 -53.40 23.22 33.66
C SER SA 11 -53.58 21.91 34.41
N GLY SA 12 -54.72 21.71 35.09
CA GLY SA 12 -54.91 20.53 35.90
C GLY SA 12 -54.11 20.60 37.19
N THR SA 13 -53.12 21.50 37.19
CA THR SA 13 -52.37 21.86 38.37
C THR SA 13 -52.37 23.36 38.66
N SER SA 14 -52.63 24.19 37.64
CA SER SA 14 -52.65 25.64 37.79
C SER SA 14 -53.92 26.20 37.17
N LEU SA 15 -54.50 27.20 37.83
CA LEU SA 15 -55.61 27.95 37.29
C LEU SA 15 -55.24 29.43 37.30
N THR SA 16 -55.56 30.12 36.23
CA THR SA 16 -55.16 31.51 36.06
C THR SA 16 -56.35 32.28 35.50
N TRP SA 17 -56.94 33.15 36.31
CA TRP SA 17 -58.00 34.06 35.91
C TRP SA 17 -57.44 35.46 35.76
N VAL SA 18 -58.13 36.27 34.95
CA VAL SA 18 -57.70 37.63 34.68
C VAL SA 18 -58.90 38.55 34.77
N ASP SA 19 -58.63 39.80 35.16
CA ASP SA 19 -59.62 40.87 35.11
C ASP SA 19 -59.93 41.21 33.66
N PRO SA 20 -61.18 41.04 33.20
CA PRO SA 20 -61.49 41.33 31.79
C PRO SA 20 -61.23 42.77 31.38
N ASN SA 21 -61.18 43.71 32.32
CA ASN SA 21 -60.85 45.09 31.97
C ASN SA 21 -59.35 45.31 31.95
N ASP SA 22 -58.67 44.95 33.03
CA ASP SA 22 -57.24 45.19 33.19
C ASP SA 22 -56.52 43.85 33.17
N PHE SA 23 -55.75 43.61 32.11
CA PHE SA 23 -54.97 42.39 31.99
C PHE SA 23 -53.77 42.35 32.93
N ARG SA 24 -53.49 43.46 33.62
CA ARG SA 24 -52.36 43.49 34.55
C ARG SA 24 -52.67 42.76 35.86
N SER SA 25 -53.94 42.63 36.22
CA SER SA 25 -54.34 42.01 37.49
C SER SA 25 -54.81 40.59 37.21
N THR SA 26 -54.05 39.61 37.70
CA THR SA 26 -54.31 38.20 37.50
C THR SA 26 -54.39 37.49 38.84
N PHE SA 27 -54.90 36.26 38.79
CA PHE SA 27 -55.11 35.46 39.99
C PHE SA 27 -54.87 34.01 39.63
N ARG SA 28 -53.83 33.41 40.21
CA ARG SA 28 -53.49 32.01 39.96
C ARG SA 28 -53.63 31.20 41.25
N ILE SA 29 -54.06 29.96 41.09
CA ILE SA 29 -54.07 28.97 42.15
C ILE SA 29 -53.28 27.76 41.65
N ASN SA 30 -52.26 27.38 42.41
CA ASN SA 30 -51.44 26.21 42.12
C ASN SA 30 -51.61 25.20 43.24
N LEU SA 31 -51.68 23.93 42.88
CA LEU SA 31 -51.87 22.86 43.85
C LEU SA 31 -50.93 21.72 43.51
N ASN SA 32 -50.26 21.18 44.53
CA ASN SA 32 -49.35 20.06 44.34
C ASN SA 32 -49.53 19.07 45.48
N VAL SA 33 -49.96 17.86 45.15
CA VAL SA 33 -50.16 16.80 46.12
C VAL SA 33 -49.08 15.75 45.92
N ASN SA 34 -48.51 15.28 47.02
CA ASN SA 34 -47.50 14.22 46.98
C ASN SA 34 -47.35 13.64 48.39
N GLN SA 35 -46.80 12.44 48.47
CA GLN SA 35 -46.72 11.81 49.77
C GLN SA 35 -45.59 12.40 50.61
N LYS SA 36 -45.70 12.20 51.91
CA LYS SA 36 -44.78 12.75 52.90
C LYS SA 36 -44.70 11.77 54.06
N VAL SA 37 -43.52 11.70 54.67
CA VAL SA 37 -43.27 10.77 55.76
C VAL SA 37 -43.24 11.56 57.05
N ALA SA 38 -44.30 11.43 57.84
CA ALA SA 38 -44.36 12.01 59.18
C ALA SA 38 -44.11 10.88 60.16
N GLY SA 39 -42.95 10.89 60.81
CA GLY SA 39 -42.56 9.81 61.68
C GLY SA 39 -42.49 8.50 60.91
N ALA SA 40 -43.38 7.56 61.25
CA ALA SA 40 -43.44 6.26 60.60
C ALA SA 40 -44.69 6.11 59.74
N VAL SA 41 -45.37 7.21 59.42
CA VAL SA 41 -46.64 7.16 58.68
C VAL SA 41 -46.54 8.07 57.47
N SER SA 42 -46.93 7.55 56.31
CA SER SA 42 -46.97 8.36 55.10
C SER SA 42 -48.36 8.95 54.94
N VAL SA 43 -48.42 10.25 54.66
CA VAL SA 43 -49.66 10.97 54.45
C VAL SA 43 -49.52 11.83 53.20
N TYR SA 44 -50.66 12.12 52.57
CA TYR SA 44 -50.68 12.93 51.36
C TYR SA 44 -50.66 14.40 51.73
N ASN SA 45 -49.51 15.05 51.52
CA ASN SA 45 -49.35 16.48 51.74
C ASN SA 45 -49.76 17.22 50.47
N ALA SA 46 -50.60 18.24 50.65
CA ALA SA 46 -50.97 19.17 49.60
C ALA SA 46 -50.37 20.53 49.93
N ARG SA 47 -49.66 21.10 48.96
CA ARG SA 47 -49.18 22.48 49.02
C ARG SA 47 -49.96 23.29 48.00
N SER SA 48 -50.78 24.21 48.49
CA SER SA 48 -51.55 25.11 47.64
C SER SA 48 -50.98 26.51 47.77
N GLU SA 49 -50.69 27.15 46.65
CA GLU SA 49 -50.34 28.56 46.67
C GLU SA 49 -51.31 29.38 45.82
N VAL SA 50 -51.66 30.55 46.33
CA VAL SA 50 -52.65 31.44 45.74
C VAL SA 50 -51.97 32.78 45.53
N ILE SA 51 -51.77 33.15 44.26
CA ILE SA 51 -50.97 34.31 43.88
C ILE SA 51 -51.87 35.29 43.14
N THR SA 52 -52.07 36.47 43.71
CA THR SA 52 -52.75 37.56 43.01
C THR SA 52 -51.72 38.64 42.68
N ASN SA 53 -51.67 39.02 41.40
CA ASN SA 53 -50.67 39.94 40.86
C ASN SA 53 -51.37 41.13 40.25
N ARG SA 54 -50.82 42.33 40.47
CA ARG SA 54 -51.40 43.54 39.89
C ARG SA 54 -50.28 44.50 39.53
N ALA SA 55 -50.65 45.50 38.74
CA ALA SA 55 -49.70 46.51 38.25
C ALA SA 55 -50.33 47.89 38.37
N PRO SA 56 -50.33 48.47 39.57
CA PRO SA 56 -50.88 49.82 39.74
C PRO SA 56 -49.96 50.86 39.13
N LEU SA 57 -50.54 52.03 38.86
CA LEU SA 57 -49.78 53.17 38.39
C LEU SA 57 -49.36 54.04 39.57
N VAL SA 58 -48.15 54.58 39.49
CA VAL SA 58 -47.66 55.52 40.49
C VAL SA 58 -48.27 56.88 40.19
N VAL SA 59 -49.21 57.31 41.03
CA VAL SA 59 -49.94 58.55 40.84
C VAL SA 59 -49.14 59.70 41.49
N ILE SA 60 -48.61 60.59 40.65
CA ILE SA 60 -48.01 61.84 41.13
C ILE SA 60 -48.90 62.99 40.69
N GLU SA 61 -49.36 63.76 41.67
CA GLU SA 61 -50.10 64.98 41.38
C GLU SA 61 -49.24 65.97 40.62
N GLY SA 62 -49.85 66.65 39.65
CA GLY SA 62 -49.12 67.58 38.81
C GLY SA 62 -48.41 66.94 37.63
N CYS SA 63 -48.39 65.61 37.57
CA CYS SA 63 -47.74 64.87 36.48
C CYS SA 63 -48.81 64.08 35.74
N THR SA 64 -49.27 64.60 34.62
CA THR SA 64 -50.13 63.84 33.72
C THR SA 64 -49.29 62.72 33.10
N ASP SA 65 -49.50 61.49 33.58
CA ASP SA 65 -48.71 60.34 33.16
C ASP SA 65 -49.27 59.81 31.85
N ALA SA 66 -49.14 60.64 30.81
CA ALA SA 66 -49.38 60.17 29.46
C ALA SA 66 -48.48 58.98 29.18
N CYS SA 67 -49.07 57.98 28.52
CA CYS SA 67 -48.45 56.70 28.15
C CYS SA 67 -48.43 55.74 29.34
N SER SA 68 -48.81 56.18 30.54
CA SER SA 68 -48.84 55.34 31.74
C SER SA 68 -47.53 54.60 31.95
N VAL SA 69 -46.44 55.36 31.97
CA VAL SA 69 -45.11 54.76 32.07
C VAL SA 69 -44.73 54.48 33.52
N ASN SA 70 -45.11 55.36 34.44
CA ASN SA 70 -44.82 55.16 35.86
C ASN SA 70 -45.76 54.09 36.40
N ARG SA 71 -45.30 52.84 36.42
CA ARG SA 71 -46.14 51.72 36.81
C ARG SA 71 -45.37 50.78 37.72
N GLU SA 72 -46.08 50.23 38.69
CA GLU SA 72 -45.52 49.41 39.76
C GLU SA 72 -46.13 48.02 39.74
N ASN SA 73 -45.34 47.02 40.11
CA ASN SA 73 -45.84 45.67 40.32
C ASN SA 73 -46.09 45.44 41.81
N ILE SA 74 -47.29 44.91 42.13
CA ILE SA 74 -47.62 44.51 43.49
C ILE SA 74 -48.12 43.07 43.46
N SER SA 75 -47.89 42.35 44.55
CA SER SA 75 -48.27 40.95 44.59
C SER SA 75 -48.60 40.49 46.00
N ILE SA 76 -49.65 39.68 46.11
CA ILE SA 76 -50.06 39.06 47.36
C ILE SA 76 -50.17 37.56 47.14
N ARG SA 77 -49.39 36.81 47.91
CA ARG SA 77 -49.24 35.37 47.72
C ARG SA 77 -49.50 34.66 49.04
N THR SA 78 -50.06 33.45 48.96
CA THR SA 78 -50.41 32.70 50.16
C THR SA 78 -50.15 31.22 49.92
N THR SA 79 -49.27 30.64 50.73
CA THR SA 79 -48.90 29.23 50.63
C THR SA 79 -49.44 28.47 51.83
N ILE SA 80 -50.00 27.28 51.58
CA ILE SA 80 -50.66 26.46 52.58
C ILE SA 80 -50.21 25.04 52.31
N SER SA 81 -49.29 24.52 53.12
CA SER SA 81 -48.73 23.19 52.95
C SER SA 81 -49.07 22.34 54.16
N GLY SA 82 -49.83 21.27 53.95
CA GLY SA 82 -50.24 20.40 55.05
C GLY SA 82 -50.89 19.13 54.52
N SER SA 83 -51.05 18.18 55.43
CA SER SA 83 -51.69 16.92 55.07
C SER SA 83 -53.16 17.13 54.77
N VAL SA 84 -53.66 16.40 53.78
CA VAL SA 84 -55.10 16.30 53.61
C VAL SA 84 -55.73 15.63 54.82
N GLU SA 85 -54.99 14.73 55.46
CA GLU SA 85 -55.51 14.02 56.63
C GLU SA 85 -55.70 14.97 57.82
N ASN SA 86 -54.73 15.84 58.09
CA ASN SA 86 -54.86 16.83 59.16
C ASN SA 86 -55.46 18.14 58.67
N LYS SA 87 -56.28 18.09 57.62
CA LYS SA 87 -56.88 19.31 57.09
C LYS SA 87 -57.68 20.05 58.16
N ALA SA 88 -58.09 19.37 59.23
CA ALA SA 88 -58.75 20.06 60.34
C ALA SA 88 -57.81 21.07 61.00
N ALA SA 89 -56.62 20.61 61.40
CA ALA SA 89 -55.64 21.52 61.99
C ALA SA 89 -55.12 22.52 60.96
N VAL SA 90 -55.09 22.14 59.69
CA VAL SA 90 -54.72 23.08 58.64
C VAL SA 90 -55.72 24.25 58.60
N LEU SA 91 -57.02 23.93 58.66
CA LEU SA 91 -58.04 24.98 58.60
C LEU SA 91 -58.06 25.82 59.87
N ALA SA 92 -57.83 25.19 61.04
CA ALA SA 92 -57.70 25.97 62.27
C ALA SA 92 -56.54 26.95 62.14
N ALA SA 93 -55.40 26.48 61.63
CA ALA SA 93 -54.26 27.34 61.39
C ALA SA 93 -54.58 28.44 60.39
N LEU SA 94 -55.40 28.14 59.37
CA LEU SA 94 -55.75 29.16 58.40
C LEU SA 94 -56.60 30.25 59.02
N LEU SA 95 -57.59 29.86 59.84
CA LEU SA 95 -58.41 30.86 60.52
C LEU SA 95 -57.55 31.76 61.42
N ASP SA 96 -56.70 31.15 62.25
CA ASP SA 96 -55.85 31.93 63.14
C ASP SA 96 -54.90 32.82 62.33
N HIS SA 97 -54.39 32.30 61.22
CA HIS SA 97 -53.51 33.07 60.34
C HIS SA 97 -54.23 34.27 59.75
N LEU SA 98 -55.44 34.08 59.23
CA LEU SA 98 -56.19 35.17 58.63
C LEU SA 98 -56.51 36.24 59.66
N HIS SA 99 -56.90 35.83 60.87
CA HIS SA 99 -57.23 36.80 61.91
C HIS SA 99 -56.00 37.61 62.33
N ASN SA 100 -54.85 36.95 62.49
CA ASN SA 100 -53.65 37.68 62.90
C ASN SA 100 -53.16 38.58 61.76
N LEU SA 101 -53.26 38.10 60.51
CA LEU SA 101 -52.99 38.96 59.37
C LEU SA 101 -53.85 40.20 59.42
N GLY SA 102 -55.14 40.04 59.70
CA GLY SA 102 -56.02 41.18 59.82
C GLY SA 102 -55.63 42.11 60.95
N LEU SA 103 -55.06 41.57 62.03
CA LEU SA 103 -54.54 42.43 63.09
C LEU SA 103 -53.40 43.29 62.58
N ALA SA 104 -52.53 42.72 61.75
CA ALA SA 104 -51.35 43.46 61.31
C ALA SA 104 -51.55 44.22 60.00
N ARG SA 105 -52.70 44.05 59.34
CA ARG SA 105 -52.81 44.42 57.93
C ARG SA 105 -52.65 45.92 57.70
N ASP SA 106 -53.07 46.74 58.66
CA ASP SA 106 -52.98 48.18 58.45
C ASP SA 106 -51.56 48.67 58.65
N ASP SA 107 -50.87 48.16 59.67
CA ASP SA 107 -49.48 48.54 59.90
C ASP SA 107 -48.59 48.08 58.76
N LEU SA 108 -48.71 46.80 58.38
CA LEU SA 108 -47.78 46.22 57.42
C LEU SA 108 -47.82 46.93 56.08
N VAL SA 109 -49.02 47.30 55.61
CA VAL SA 109 -49.12 47.90 54.29
C VAL SA 109 -48.60 49.33 54.29
N ALA SA 110 -48.54 49.97 55.44
CA ALA SA 110 -47.98 51.31 55.58
C ALA SA 110 -46.47 51.29 55.81
N GLY SA 111 -45.83 50.12 55.76
CA GLY SA 111 -44.40 50.01 55.93
C GLY SA 111 -43.91 50.04 57.36
N LEU SA 112 -44.77 49.72 58.32
CA LEU SA 112 -44.47 49.88 59.73
C LEU SA 112 -44.57 48.52 60.42
N LEU SA 113 -43.57 48.19 61.22
CA LEU SA 113 -43.59 46.90 61.93
C LEU SA 113 -44.69 46.91 62.98
N PRO SA 114 -45.61 45.94 62.95
CA PRO SA 114 -46.74 45.92 63.90
C PRO SA 114 -46.30 45.50 65.30
N THR SA 115 -45.51 46.38 65.94
CA THR SA 115 -45.02 46.09 67.28
C THR SA 115 -46.13 46.03 68.32
N THR SA 116 -47.27 46.65 68.04
CA THR SA 116 -48.33 46.79 69.04
C THR SA 116 -49.28 45.60 69.09
N ILE SA 117 -49.51 44.92 67.96
CA ILE SA 117 -50.55 43.90 67.90
C ILE SA 117 -50.19 42.72 68.81
N GLN SA 118 -51.20 41.92 69.13
CA GLN SA 118 -51.02 40.69 69.90
C GLN SA 118 -51.79 39.56 69.24
N PRO SA 119 -51.12 38.61 68.60
CA PRO SA 119 -51.83 37.53 67.90
C PRO SA 119 -52.48 36.57 68.88
N VAL SA 120 -53.27 35.65 68.31
CA VAL SA 120 -54.13 34.77 69.08
C VAL SA 120 -54.07 33.36 68.47
N VAL SA 121 -54.29 32.35 69.31
CA VAL SA 121 -54.56 30.99 68.88
C VAL SA 121 -56.03 30.70 69.14
N GLU SA 122 -56.67 29.96 68.23
CA GLU SA 122 -58.04 29.49 68.40
C GLU SA 122 -59.03 30.65 68.46
N TYR SA 123 -58.98 31.54 67.46
CA TYR SA 123 -59.94 32.63 67.43
C TYR SA 123 -61.37 32.11 67.37
N THR SA 124 -62.26 32.79 68.09
CA THR SA 124 -63.65 32.40 68.17
C THR SA 124 -64.57 33.62 68.05
N ALA TA 1 -39.74 80.04 -51.72
CA ALA TA 1 -40.70 80.03 -50.63
C ALA TA 1 -40.55 81.27 -49.76
N GLN TA 2 -39.36 81.86 -49.72
CA GLN TA 2 -39.12 83.11 -49.00
C GLN TA 2 -39.46 82.96 -47.51
N HIS TA 3 -39.14 81.80 -46.95
CA HIS TA 3 -39.30 81.57 -45.52
C HIS TA 3 -38.01 81.93 -44.80
N ASN TA 4 -38.12 82.77 -43.79
CA ASN TA 4 -36.94 83.25 -43.07
C ASN TA 4 -36.44 82.20 -42.08
N MET TA 5 -35.12 82.23 -41.85
CA MET TA 5 -34.45 81.24 -41.02
C MET TA 5 -34.81 81.42 -39.55
N ARG TA 6 -34.72 80.33 -38.78
CA ARG TA 6 -34.99 80.39 -37.35
C ARG TA 6 -33.71 80.10 -36.58
N LEU TA 7 -33.56 80.79 -35.45
CA LEU TA 7 -32.29 80.81 -34.72
C LEU TA 7 -32.08 79.54 -33.93
N GLN TA 8 -30.83 79.07 -33.89
CA GLN TA 8 -30.49 77.82 -33.22
C GLN TA 8 -29.42 77.97 -32.14
N LEU TA 9 -28.39 78.79 -32.34
CA LEU TA 9 -27.30 78.88 -31.37
C LEU TA 9 -26.86 80.32 -31.13
N THR TA 10 -26.85 80.74 -29.86
CA THR TA 10 -26.36 82.06 -29.46
C THR TA 10 -25.19 81.89 -28.50
N SER TA 11 -24.13 82.66 -28.72
CA SER TA 11 -22.93 82.53 -27.90
C SER TA 11 -22.31 83.85 -27.47
N GLY TA 12 -22.86 85.00 -27.86
CA GLY TA 12 -22.25 86.28 -27.56
C GLY TA 12 -21.05 86.58 -28.43
N THR TA 13 -20.55 85.55 -29.12
CA THR TA 13 -19.53 85.69 -30.15
C THR TA 13 -19.95 85.06 -31.47
N SER TA 14 -20.95 84.18 -31.48
CA SER TA 14 -21.46 83.62 -32.72
C SER TA 14 -22.98 83.62 -32.67
N LEU TA 15 -23.57 83.56 -33.86
CA LEU TA 15 -25.00 83.35 -34.05
C LEU TA 15 -25.17 82.30 -35.13
N THR TA 16 -26.12 81.39 -34.92
CA THR TA 16 -26.28 80.24 -35.81
C THR TA 16 -27.77 80.05 -36.06
N TRP TA 17 -28.23 80.49 -37.23
CA TRP TA 17 -29.58 80.26 -37.72
C TRP TA 17 -29.61 79.04 -38.64
N VAL TA 18 -30.80 78.46 -38.79
CA VAL TA 18 -31.00 77.27 -39.60
C VAL TA 18 -32.33 77.38 -40.33
N ASP TA 19 -32.37 76.81 -41.53
CA ASP TA 19 -33.62 76.67 -42.28
C ASP TA 19 -34.51 75.64 -41.59
N PRO TA 20 -35.69 76.03 -41.11
CA PRO TA 20 -36.54 75.04 -40.42
C PRO TA 20 -36.92 73.84 -41.29
N ASN TA 21 -36.93 74.00 -42.61
CA ASN TA 21 -37.24 72.88 -43.50
C ASN TA 21 -36.03 71.98 -43.68
N ASP TA 22 -34.91 72.56 -44.11
CA ASP TA 22 -33.67 71.81 -44.34
C ASP TA 22 -32.66 72.23 -43.28
N PHE TA 23 -32.38 71.32 -42.35
CA PHE TA 23 -31.33 71.54 -41.37
C PHE TA 23 -29.93 71.58 -41.98
N ARG TA 24 -29.78 71.23 -43.26
CA ARG TA 24 -28.47 71.22 -43.88
C ARG TA 24 -27.98 72.60 -44.29
N SER TA 25 -28.86 73.61 -44.29
CA SER TA 25 -28.50 74.98 -44.66
C SER TA 25 -28.39 75.83 -43.39
N THR TA 26 -27.17 76.12 -43.00
CA THR TA 26 -26.83 76.87 -41.80
C THR TA 26 -26.39 78.27 -42.18
N PHE TA 27 -26.56 79.21 -41.25
CA PHE TA 27 -26.08 80.57 -41.43
C PHE TA 27 -25.49 81.06 -40.10
N ARG TA 28 -24.17 81.24 -40.06
CA ARG TA 28 -23.48 81.67 -38.85
C ARG TA 28 -22.82 83.02 -39.05
N ILE TA 29 -22.80 83.81 -37.98
CA ILE TA 29 -22.07 85.08 -37.93
C ILE TA 29 -21.16 85.04 -36.70
N ASN TA 30 -19.86 85.26 -36.91
CA ASN TA 30 -18.87 85.30 -35.84
C ASN TA 30 -18.30 86.72 -35.80
N LEU TA 31 -18.32 87.33 -34.62
CA LEU TA 31 -17.75 88.67 -34.45
C LEU TA 31 -16.74 88.63 -33.32
N ASN TA 32 -15.51 89.03 -33.62
CA ASN TA 32 -14.44 89.07 -32.63
C ASN TA 32 -13.86 90.48 -32.61
N VAL TA 33 -13.76 91.07 -31.43
CA VAL TA 33 -13.24 92.42 -31.29
C VAL TA 33 -12.05 92.41 -30.35
N ASN TA 34 -11.00 93.14 -30.73
CA ASN TA 34 -9.82 93.30 -29.89
C ASN TA 34 -9.06 94.54 -30.34
N GLN TA 35 -8.24 95.07 -29.43
CA GLN TA 35 -7.50 96.29 -29.74
C GLN TA 35 -6.29 95.98 -30.61
N LYS TA 36 -6.05 96.85 -31.58
CA LYS TA 36 -4.87 96.81 -32.41
C LYS TA 36 -4.20 98.17 -32.33
N VAL TA 37 -2.95 98.24 -32.79
CA VAL TA 37 -2.20 99.48 -32.81
C VAL TA 37 -2.16 99.97 -34.26
N ALA TA 38 -2.86 101.07 -34.54
CA ALA TA 38 -2.81 101.70 -35.85
C ALA TA 38 -1.90 102.92 -35.73
N GLY TA 39 -0.72 102.81 -36.33
CA GLY TA 39 0.22 103.91 -36.32
C GLY TA 39 0.52 104.42 -34.93
N ALA TA 40 0.02 105.62 -34.61
CA ALA TA 40 0.31 106.26 -33.35
C ALA TA 40 -0.65 105.89 -32.23
N VAL TA 41 -1.87 105.46 -32.56
CA VAL TA 41 -2.90 105.30 -31.54
C VAL TA 41 -3.52 103.90 -31.68
N SER TA 42 -4.08 103.41 -30.57
CA SER TA 42 -4.77 102.13 -30.58
C SER TA 42 -6.21 102.31 -31.03
N VAL TA 43 -6.72 101.33 -31.77
CA VAL TA 43 -8.09 101.30 -32.25
C VAL TA 43 -8.68 99.93 -31.96
N TYR TA 44 -9.99 99.81 -32.16
CA TYR TA 44 -10.72 98.57 -31.91
C TYR TA 44 -11.00 97.86 -33.24
N ASN TA 45 -10.27 96.78 -33.50
CA ASN TA 45 -10.49 95.98 -34.70
C ASN TA 45 -11.57 94.94 -34.45
N ALA TA 46 -12.45 94.78 -35.43
CA ALA TA 46 -13.57 93.85 -35.35
C ALA TA 46 -13.53 92.97 -36.59
N ARG TA 47 -13.09 91.72 -36.40
CA ARG TA 47 -13.12 90.72 -37.46
C ARG TA 47 -14.49 90.06 -37.40
N SER TA 48 -15.34 90.43 -38.34
CA SER TA 48 -16.60 89.74 -38.58
C SER TA 48 -16.37 88.68 -39.63
N GLU TA 49 -17.11 87.58 -39.53
CA GLU TA 49 -17.20 86.64 -40.63
C GLU TA 49 -18.60 86.07 -40.68
N VAL TA 50 -19.09 85.86 -41.91
CA VAL TA 50 -20.44 85.41 -42.17
C VAL TA 50 -20.33 84.17 -43.06
N ILE TA 51 -20.74 83.03 -42.53
CA ILE TA 51 -20.58 81.74 -43.18
C ILE TA 51 -21.96 81.15 -43.44
N THR TA 52 -22.27 80.88 -44.70
CA THR TA 52 -23.49 80.17 -45.06
C THR TA 52 -23.11 78.81 -45.64
N ASN TA 53 -23.69 77.75 -45.07
CA ASN TA 53 -23.37 76.37 -45.40
C ASN TA 53 -24.62 75.70 -45.94
N ARG TA 54 -24.47 74.88 -46.97
CA ARG TA 54 -25.59 74.12 -47.50
C ARG TA 54 -25.11 72.78 -47.99
N ALA TA 55 -26.07 71.88 -48.24
CA ALA TA 55 -25.78 70.54 -48.74
C ALA TA 55 -26.82 70.18 -49.79
N PRO TA 56 -26.73 70.79 -50.97
CA PRO TA 56 -27.65 70.44 -52.05
C PRO TA 56 -27.37 69.03 -52.56
N LEU TA 57 -28.37 68.47 -53.20
CA LEU TA 57 -28.28 67.10 -53.70
C LEU TA 57 -27.69 67.10 -55.10
N VAL TA 58 -26.80 66.14 -55.36
CA VAL TA 58 -26.18 65.99 -56.66
C VAL TA 58 -27.05 65.04 -57.48
N VAL TA 59 -27.60 65.54 -58.58
CA VAL TA 59 -28.57 64.80 -59.37
C VAL TA 59 -28.06 64.71 -60.81
N ILE TA 60 -27.87 63.49 -61.29
CA ILE TA 60 -27.60 63.21 -62.70
C ILE TA 60 -28.80 62.42 -63.22
N GLU TA 61 -29.51 63.00 -64.19
CA GLU TA 61 -30.85 62.54 -64.52
C GLU TA 61 -30.89 61.05 -64.86
N GLY TA 62 -29.91 60.57 -65.62
CA GLY TA 62 -29.89 59.16 -65.96
C GLY TA 62 -29.18 58.27 -64.97
N CYS TA 63 -28.48 58.86 -64.00
CA CYS TA 63 -27.52 58.14 -63.18
C CYS TA 63 -27.84 58.12 -61.69
N THR TA 64 -28.47 59.16 -61.16
CA THR TA 64 -28.62 59.33 -59.71
C THR TA 64 -29.85 58.59 -59.24
N ASP TA 65 -29.63 57.52 -58.47
CA ASP TA 65 -30.72 56.82 -57.82
C ASP TA 65 -31.37 57.74 -56.78
N ALA TA 66 -32.69 57.86 -56.84
CA ALA TA 66 -33.38 58.76 -55.93
C ALA TA 66 -33.42 58.21 -54.51
N CYS TA 67 -33.38 56.88 -54.36
CA CYS TA 67 -33.46 56.28 -53.03
C CYS TA 67 -32.22 56.59 -52.21
N SER TA 68 -31.03 56.42 -52.80
CA SER TA 68 -29.78 56.73 -52.13
C SER TA 68 -29.42 58.17 -52.45
N VAL TA 69 -29.59 59.06 -51.47
CA VAL TA 69 -29.32 60.48 -51.68
C VAL TA 69 -27.82 60.70 -51.89
N ASN TA 70 -27.49 61.60 -52.81
CA ASN TA 70 -26.11 61.99 -53.06
C ASN TA 70 -26.03 63.50 -52.82
N ARG TA 71 -25.36 63.90 -51.74
CA ARG TA 71 -25.30 65.30 -51.36
C ARG TA 71 -23.87 65.82 -51.44
N GLU TA 72 -23.78 67.14 -51.58
CA GLU TA 72 -22.53 67.88 -51.71
C GLU TA 72 -22.56 69.05 -50.75
N ASN TA 73 -21.48 69.25 -50.01
CA ASN TA 73 -21.36 70.46 -49.20
C ASN TA 73 -20.94 71.64 -50.08
N ILE TA 74 -21.65 72.76 -49.93
CA ILE TA 74 -21.26 74.02 -50.55
C ILE TA 74 -21.22 75.09 -49.47
N SER TA 75 -20.30 76.04 -49.63
CA SER TA 75 -20.11 77.05 -48.60
C SER TA 75 -19.73 78.39 -49.20
N ILE TA 76 -20.27 79.45 -48.60
CA ILE TA 76 -19.92 80.82 -48.94
C ILE TA 76 -19.58 81.56 -47.65
N ARG TA 77 -18.33 82.00 -47.55
CA ARG TA 77 -17.76 82.61 -46.36
C ARG TA 77 -17.35 84.04 -46.70
N THR TA 78 -17.49 84.94 -45.73
CA THR TA 78 -17.09 86.34 -45.94
C THR TA 78 -16.49 86.91 -44.67
N THR TA 79 -15.20 87.25 -44.73
CA THR TA 79 -14.47 87.84 -43.62
C THR TA 79 -14.28 89.34 -43.85
N ILE TA 80 -14.47 90.13 -42.80
CA ILE TA 80 -14.39 91.58 -42.84
C ILE TA 80 -13.63 92.02 -41.59
N SER TA 81 -12.37 92.42 -41.75
CA SER TA 81 -11.52 92.80 -40.62
C SER TA 81 -11.03 94.22 -40.81
N GLY TA 82 -11.43 95.10 -39.90
CA GLY TA 82 -11.03 96.50 -39.85
C GLY TA 82 -11.50 97.08 -38.53
N SER TA 83 -11.04 98.30 -38.24
CA SER TA 83 -11.40 98.91 -36.98
C SER TA 83 -12.84 99.44 -37.00
N VAL TA 84 -13.48 99.42 -35.84
CA VAL TA 84 -14.77 100.09 -35.69
C VAL TA 84 -14.57 101.60 -35.77
N GLU TA 85 -13.38 102.07 -35.40
CA GLU TA 85 -13.07 103.49 -35.43
C GLU TA 85 -13.19 104.03 -36.86
N ASN TA 86 -12.71 103.26 -37.83
CA ASN TA 86 -12.63 103.65 -39.25
C ASN TA 86 -13.65 102.91 -40.10
N LYS TA 87 -14.81 102.59 -39.51
CA LYS TA 87 -15.80 101.79 -40.22
C LYS TA 87 -16.30 102.50 -41.48
N ALA TA 88 -16.08 103.81 -41.60
CA ALA TA 88 -16.40 104.49 -42.84
C ALA TA 88 -15.61 103.89 -44.01
N ALA TA 89 -14.29 103.81 -43.86
CA ALA TA 89 -13.47 103.20 -44.91
C ALA TA 89 -13.67 101.70 -44.97
N VAL TA 90 -14.02 101.06 -43.85
CA VAL TA 90 -14.37 99.63 -43.89
C VAL TA 90 -15.54 99.41 -44.86
N LEU TA 91 -16.62 100.19 -44.70
CA LEU TA 91 -17.79 100.05 -45.56
C LEU TA 91 -17.51 100.50 -46.99
N ALA TA 92 -16.70 101.55 -47.16
CA ALA TA 92 -16.32 101.96 -48.51
C ALA TA 92 -15.56 100.85 -49.23
N ALA TA 93 -14.77 100.06 -48.48
CA ALA TA 93 -14.14 98.89 -49.06
C ALA TA 93 -15.15 97.77 -49.31
N LEU TA 94 -16.12 97.62 -48.40
CA LEU TA 94 -17.12 96.56 -48.56
C LEU TA 94 -17.93 96.74 -49.84
N LEU TA 95 -18.34 97.98 -50.12
CA LEU TA 95 -19.17 98.20 -51.31
C LEU TA 95 -18.43 97.84 -52.59
N ASP TA 96 -17.16 98.28 -52.69
CA ASP TA 96 -16.35 97.96 -53.85
C ASP TA 96 -16.13 96.46 -53.96
N HIS TA 97 -15.89 95.80 -52.82
CA HIS TA 97 -15.71 94.35 -52.81
C HIS TA 97 -16.95 93.63 -53.33
N LEU TA 98 -18.12 94.02 -52.82
CA LEU TA 98 -19.36 93.36 -53.23
C LEU TA 98 -19.64 93.56 -54.71
N HIS TA 99 -19.44 94.79 -55.21
CA HIS TA 99 -19.69 95.05 -56.63
C HIS TA 99 -18.72 94.26 -57.51
N ASN TA 100 -17.44 94.20 -57.14
CA ASN TA 100 -16.49 93.46 -57.96
C ASN TA 100 -16.78 91.96 -57.90
N LEU TA 101 -17.15 91.45 -56.72
CA LEU TA 101 -17.60 90.07 -56.63
C LEU TA 101 -18.76 89.81 -57.56
N GLY TA 102 -19.71 90.74 -57.62
CA GLY TA 102 -20.82 90.60 -58.56
C GLY TA 102 -20.35 90.54 -60.00
N LEU TA 103 -19.37 91.39 -60.35
CA LEU TA 103 -18.81 91.33 -61.70
C LEU TA 103 -18.24 89.95 -61.99
N ALA TA 104 -17.64 89.31 -60.99
CA ALA TA 104 -16.96 88.05 -61.23
C ALA TA 104 -17.85 86.81 -61.10
N ARG TA 105 -18.99 86.91 -60.42
CA ARG TA 105 -19.64 85.71 -59.90
C ARG TA 105 -20.07 84.76 -61.02
N ASP TA 106 -20.54 85.32 -62.13
CA ASP TA 106 -21.01 84.48 -63.23
C ASP TA 106 -19.87 83.62 -63.76
N ASP TA 107 -18.68 84.20 -63.87
CA ASP TA 107 -17.51 83.43 -64.29
C ASP TA 107 -17.07 82.45 -63.22
N LEU TA 108 -17.10 82.88 -61.96
CA LEU TA 108 -16.51 82.07 -60.89
C LEU TA 108 -17.33 80.82 -60.61
N VAL TA 109 -18.66 80.95 -60.53
CA VAL TA 109 -19.49 79.79 -60.21
C VAL TA 109 -19.45 78.75 -61.32
N ALA TA 110 -19.06 79.15 -62.53
CA ALA TA 110 -18.94 78.22 -63.66
C ALA TA 110 -17.54 77.66 -63.82
N GLY TA 111 -16.67 77.86 -62.84
CA GLY TA 111 -15.33 77.32 -62.89
C GLY TA 111 -14.38 78.01 -63.83
N LEU TA 112 -14.73 79.19 -64.32
CA LEU TA 112 -13.91 79.93 -65.28
C LEU TA 112 -13.16 81.05 -64.57
N LEU TA 113 -11.91 81.26 -64.97
CA LEU TA 113 -11.11 82.33 -64.39
C LEU TA 113 -11.55 83.68 -64.96
N PRO TA 114 -12.03 84.61 -64.14
CA PRO TA 114 -12.58 85.87 -64.68
C PRO TA 114 -11.53 86.77 -65.28
N THR TA 115 -11.02 86.39 -66.45
CA THR TA 115 -9.92 87.10 -67.09
C THR TA 115 -10.35 88.39 -67.77
N THR TA 116 -11.65 88.57 -68.03
CA THR TA 116 -12.13 89.74 -68.75
C THR TA 116 -12.52 90.90 -67.84
N ILE TA 117 -13.11 90.61 -66.67
CA ILE TA 117 -13.73 91.64 -65.85
C ILE TA 117 -12.71 92.71 -65.45
N GLN TA 118 -13.21 93.90 -65.16
CA GLN TA 118 -12.38 94.99 -64.65
C GLN TA 118 -13.00 95.56 -63.39
N PRO TA 119 -12.33 95.41 -62.24
CA PRO TA 119 -12.88 95.95 -60.99
C PRO TA 119 -12.75 97.46 -60.92
N VAL TA 120 -13.13 98.05 -59.79
CA VAL TA 120 -13.19 99.50 -59.67
C VAL TA 120 -13.12 99.87 -58.20
N VAL TA 121 -12.59 101.08 -57.94
CA VAL TA 121 -12.58 101.67 -56.60
C VAL TA 121 -13.65 102.76 -56.58
N GLU TA 122 -14.24 102.99 -55.41
CA GLU TA 122 -15.17 104.09 -55.18
C GLU TA 122 -16.36 104.03 -56.15
N TYR TA 123 -17.02 102.87 -56.16
CA TYR TA 123 -18.13 102.64 -57.08
C TYR TA 123 -19.30 103.56 -56.74
N THR TA 124 -19.77 104.31 -57.74
CA THR TA 124 -20.85 105.28 -57.57
C THR TA 124 -22.13 104.72 -58.18
N GLY TA 125 -23.11 104.44 -57.32
CA GLY TA 125 -24.42 103.98 -57.77
C GLY TA 125 -24.43 102.59 -58.38
N ALA UA 1 -14.51 108.95 -56.91
CA ALA UA 1 -13.91 109.22 -58.21
C ALA UA 1 -14.22 108.09 -59.19
N GLN UA 2 -14.41 106.89 -58.65
CA GLN UA 2 -14.66 105.66 -59.43
C GLN UA 2 -13.69 105.53 -60.60
N HIS UA 3 -12.40 105.58 -60.27
CA HIS UA 3 -11.34 105.21 -61.19
C HIS UA 3 -11.12 103.71 -61.10
N ASN UA 4 -11.43 102.99 -62.17
CA ASN UA 4 -11.43 101.53 -62.10
C ASN UA 4 -10.01 100.96 -62.01
N MET UA 5 -9.91 99.81 -61.37
CA MET UA 5 -8.61 99.23 -61.02
C MET UA 5 -7.86 98.76 -62.26
N ARG UA 6 -6.54 98.69 -62.12
CA ARG UA 6 -5.63 98.30 -63.19
C ARG UA 6 -5.11 96.89 -62.91
N LEU UA 7 -5.12 96.04 -63.93
CA LEU UA 7 -4.53 94.72 -63.77
C LEU UA 7 -3.04 94.84 -63.46
N GLN UA 8 -2.56 93.99 -62.58
CA GLN UA 8 -1.14 94.08 -62.31
C GLN UA 8 -0.42 92.74 -62.43
N LEU UA 9 -1.06 91.64 -62.03
CA LEU UA 9 -0.37 90.35 -62.10
C LEU UA 9 -1.32 89.20 -62.35
N THR UA 10 -0.96 88.33 -63.30
CA THR UA 10 -1.67 87.08 -63.57
C THR UA 10 -0.66 85.95 -63.50
N SER UA 11 -0.90 84.98 -62.63
CA SER UA 11 0.00 83.82 -62.54
C SER UA 11 -0.74 82.67 -61.86
N GLY UA 12 -0.59 81.47 -62.43
CA GLY UA 12 -1.23 80.30 -61.88
C GLY UA 12 -2.74 80.34 -61.95
N THR UA 13 -3.38 80.46 -60.79
CA THR UA 13 -4.83 80.55 -60.69
C THR UA 13 -5.28 81.89 -60.14
N SER UA 14 -4.40 82.88 -60.06
CA SER UA 14 -4.68 84.14 -59.38
C SER UA 14 -4.70 85.30 -60.36
N LEU UA 15 -5.50 86.30 -60.04
CA LEU UA 15 -5.52 87.58 -60.74
C LEU UA 15 -5.39 88.66 -59.70
N THR UA 16 -4.57 89.69 -59.98
CA THR UA 16 -4.27 90.73 -59.00
C THR UA 16 -4.35 92.09 -59.67
N TRP UA 17 -5.36 92.87 -59.30
CA TRP UA 17 -5.56 94.26 -59.71
C TRP UA 17 -5.18 95.20 -58.57
N VAL UA 18 -4.91 96.45 -58.92
CA VAL UA 18 -4.47 97.45 -57.97
C VAL UA 18 -5.11 98.79 -58.31
N ASP UA 19 -5.32 99.61 -57.28
CA ASP UA 19 -5.76 100.98 -57.45
C ASP UA 19 -4.62 101.82 -58.01
N PRO UA 20 -4.78 102.43 -59.19
CA PRO UA 20 -3.68 103.23 -59.76
C PRO UA 20 -3.30 104.45 -58.93
N ASN UA 21 -4.10 104.82 -57.94
CA ASN UA 21 -3.74 105.99 -57.14
C ASN UA 21 -2.86 105.63 -55.96
N ASP UA 22 -3.27 104.68 -55.12
CA ASP UA 22 -2.35 104.12 -54.15
C ASP UA 22 -2.28 102.60 -54.31
N PHE UA 23 -1.07 102.09 -54.15
CA PHE UA 23 -0.71 100.69 -54.26
C PHE UA 23 -1.22 99.86 -53.09
N ARG UA 24 -1.87 100.49 -52.12
CA ARG UA 24 -2.26 99.84 -50.87
C ARG UA 24 -3.56 99.05 -51.01
N SER UA 25 -4.43 99.45 -51.93
CA SER UA 25 -5.71 98.79 -52.11
C SER UA 25 -5.64 97.92 -53.36
N THR UA 26 -5.69 96.60 -53.16
CA THR UA 26 -5.54 95.60 -54.19
C THR UA 26 -6.73 94.65 -54.16
N PHE UA 27 -6.84 93.86 -55.23
CA PHE UA 27 -7.99 92.98 -55.44
C PHE UA 27 -7.51 91.71 -56.11
N ARG UA 28 -7.69 90.56 -55.46
CA ARG UA 28 -7.20 89.29 -55.97
C ARG UA 28 -8.36 88.32 -56.11
N ILE UA 29 -8.28 87.47 -57.12
CA ILE UA 29 -9.22 86.37 -57.30
C ILE UA 29 -8.43 85.09 -57.55
N ASN UA 30 -8.68 84.07 -56.71
CA ASN UA 30 -8.10 82.74 -56.86
C ASN UA 30 -9.20 81.77 -57.23
N LEU UA 31 -8.89 80.83 -58.14
CA LEU UA 31 -9.85 79.86 -58.62
C LEU UA 31 -9.19 78.49 -58.64
N ASN UA 32 -9.76 77.54 -57.91
CA ASN UA 32 -9.22 76.19 -57.83
C ASN UA 32 -10.32 75.21 -58.20
N VAL UA 33 -10.23 74.63 -59.41
CA VAL UA 33 -11.21 73.67 -59.89
C VAL UA 33 -10.58 72.28 -59.83
N ASN UA 34 -11.32 71.33 -59.29
CA ASN UA 34 -10.85 69.95 -59.18
C ASN UA 34 -12.04 69.05 -58.85
N GLN UA 35 -11.85 67.74 -59.02
CA GLN UA 35 -12.96 66.81 -58.87
C GLN UA 35 -13.24 66.52 -57.40
N LYS UA 36 -14.52 66.57 -57.05
CA LYS UA 36 -15.07 66.29 -55.73
C LYS UA 36 -15.85 64.99 -55.82
N VAL UA 37 -15.88 64.24 -54.73
CA VAL UA 37 -16.60 62.97 -54.66
C VAL UA 37 -17.79 63.16 -53.74
N ALA UA 38 -19.00 63.05 -54.28
CA ALA UA 38 -20.22 63.23 -53.51
C ALA UA 38 -21.13 62.04 -53.76
N GLY UA 39 -21.17 61.11 -52.81
CA GLY UA 39 -21.91 59.88 -53.02
C GLY UA 39 -21.16 58.97 -53.98
N ALA UA 40 -21.90 58.40 -54.93
CA ALA UA 40 -21.30 57.51 -55.91
C ALA UA 40 -20.73 58.27 -57.11
N VAL UA 41 -21.08 59.54 -57.27
CA VAL UA 41 -20.65 60.31 -58.42
C VAL UA 41 -19.55 61.28 -58.02
N SER UA 42 -18.84 61.79 -59.02
CA SER UA 42 -17.85 62.84 -58.85
C SER UA 42 -18.24 64.01 -59.74
N VAL UA 43 -18.06 65.22 -59.21
CA VAL UA 43 -18.44 66.45 -59.88
C VAL UA 43 -17.30 67.46 -59.75
N TYR UA 44 -17.19 68.36 -60.71
CA TYR UA 44 -16.12 69.36 -60.68
C TYR UA 44 -16.51 70.46 -59.70
N ASN UA 45 -15.77 70.56 -58.59
CA ASN UA 45 -15.95 71.59 -57.59
C ASN UA 45 -15.00 72.74 -57.88
N ALA UA 46 -15.53 73.96 -57.81
CA ALA UA 46 -14.78 75.19 -57.94
C ALA UA 46 -14.71 75.87 -56.59
N ARG UA 47 -13.50 76.26 -56.20
CA ARG UA 47 -13.24 77.06 -55.01
C ARG UA 47 -12.79 78.44 -55.49
N SER UA 48 -13.69 79.40 -55.47
CA SER UA 48 -13.36 80.79 -55.74
C SER UA 48 -13.04 81.47 -54.41
N GLU UA 49 -12.03 82.34 -54.42
CA GLU UA 49 -11.87 83.24 -53.29
C GLU UA 49 -11.43 84.61 -53.78
N VAL UA 50 -12.16 85.62 -53.34
CA VAL UA 50 -12.03 87.00 -53.79
C VAL UA 50 -11.60 87.83 -52.59
N ILE UA 51 -10.40 88.39 -52.66
CA ILE UA 51 -9.75 89.04 -51.52
C ILE UA 51 -9.47 90.49 -51.89
N THR UA 52 -10.14 91.44 -51.24
CA THR UA 52 -9.84 92.85 -51.40
C THR UA 52 -9.11 93.33 -50.14
N ASN UA 53 -7.96 93.96 -50.36
CA ASN UA 53 -7.05 94.38 -49.30
C ASN UA 53 -6.83 95.89 -49.39
N ARG UA 54 -6.85 96.58 -48.26
CA ARG UA 54 -6.56 98.00 -48.25
C ARG UA 54 -5.72 98.30 -47.02
N ALA UA 55 -5.10 99.49 -47.04
CA ALA UA 55 -4.32 99.99 -45.91
C ALA UA 55 -4.64 101.47 -45.73
N PRO UA 56 -5.89 101.80 -45.41
CA PRO UA 56 -6.31 103.20 -45.43
C PRO UA 56 -5.80 103.94 -44.21
N LEU UA 57 -5.93 105.27 -44.27
CA LEU UA 57 -5.70 106.08 -43.09
C LEU UA 57 -6.89 105.94 -42.15
N VAL UA 58 -6.63 105.92 -40.84
CA VAL UA 58 -7.73 105.88 -39.89
C VAL UA 58 -8.32 107.28 -39.77
N VAL UA 59 -9.60 107.40 -40.09
CA VAL UA 59 -10.30 108.68 -40.12
C VAL UA 59 -11.32 108.67 -38.98
N ILE UA 60 -11.03 109.41 -37.92
CA ILE UA 60 -11.94 109.53 -36.81
C ILE UA 60 -13.07 110.47 -37.21
N GLU UA 61 -14.30 110.16 -36.79
CA GLU UA 61 -15.42 110.99 -37.22
C GLU UA 61 -15.25 112.42 -36.76
N GLY UA 62 -15.16 112.64 -35.44
CA GLY UA 62 -15.04 113.99 -34.92
C GLY UA 62 -13.84 114.75 -35.47
N CYS UA 63 -12.76 114.03 -35.76
CA CYS UA 63 -11.51 114.68 -36.10
C CYS UA 63 -11.40 114.95 -37.60
N THR UA 64 -10.55 115.93 -37.93
CA THR UA 64 -10.21 116.24 -39.31
C THR UA 64 -8.79 116.79 -39.32
N ASP UA 65 -7.88 116.06 -39.97
CA ASP UA 65 -6.45 116.35 -39.93
C ASP UA 65 -5.78 115.72 -41.14
N ALA UA 66 -5.10 116.54 -41.95
CA ALA UA 66 -4.37 116.03 -43.10
C ALA UA 66 -2.93 115.66 -42.76
N CYS UA 67 -2.53 115.78 -41.50
CA CYS UA 67 -1.15 115.55 -41.10
C CYS UA 67 -0.92 114.21 -40.40
N SER UA 68 -1.97 113.43 -40.16
CA SER UA 68 -1.81 112.12 -39.55
C SER UA 68 -1.57 111.09 -40.65
N VAL UA 69 -0.54 110.27 -40.47
CA VAL UA 69 -0.31 109.11 -41.31
C VAL UA 69 -0.65 107.82 -40.55
N ASN UA 70 -1.53 107.93 -39.56
CA ASN UA 70 -2.03 106.77 -38.82
C ASN UA 70 -2.74 105.82 -39.78
N ARG UA 71 -2.17 104.64 -40.01
CA ARG UA 71 -2.72 103.68 -40.97
C ARG UA 71 -2.93 102.33 -40.32
N GLU UA 72 -4.04 101.69 -40.68
CA GLU UA 72 -4.30 100.29 -40.35
C GLU UA 72 -4.54 99.52 -41.64
N ASN UA 73 -4.41 98.20 -41.54
CA ASN UA 73 -4.77 97.31 -42.63
C ASN UA 73 -6.22 96.86 -42.46
N ILE UA 74 -6.92 96.73 -43.59
CA ILE UA 74 -8.27 96.19 -43.59
C ILE UA 74 -8.38 95.20 -44.75
N SER UA 75 -9.22 94.19 -44.57
CA SER UA 75 -9.37 93.15 -45.58
C SER UA 75 -10.76 92.57 -45.58
N ILE UA 76 -11.28 92.32 -46.78
CA ILE UA 76 -12.56 91.65 -46.96
C ILE UA 76 -12.36 90.50 -47.95
N ARG UA 77 -12.63 89.29 -47.49
CA ARG UA 77 -12.46 88.08 -48.28
C ARG UA 77 -13.79 87.35 -48.41
N THR UA 78 -14.01 86.74 -49.58
CA THR UA 78 -15.22 85.98 -49.83
C THR UA 78 -14.86 84.69 -50.55
N THR UA 79 -15.14 83.56 -49.92
CA THR UA 79 -14.84 82.24 -50.44
C THR UA 79 -16.13 81.54 -50.84
N ILE UA 80 -16.10 80.86 -51.97
CA ILE UA 80 -17.26 80.20 -52.56
C ILE UA 80 -16.82 78.84 -53.09
N SER UA 81 -17.15 77.77 -52.36
CA SER UA 81 -16.75 76.41 -52.75
C SER UA 81 -18.01 75.61 -53.05
N GLY UA 82 -18.11 75.14 -54.30
CA GLY UA 82 -19.28 74.41 -54.75
C GLY UA 82 -19.07 73.90 -56.16
N SER UA 83 -19.80 72.84 -56.51
CA SER UA 83 -19.63 72.24 -57.82
C SER UA 83 -20.16 73.15 -58.91
N VAL UA 84 -19.67 72.92 -60.13
CA VAL UA 84 -20.19 73.63 -61.29
C VAL UA 84 -21.57 73.09 -61.66
N GLU UA 85 -21.84 71.82 -61.34
CA GLU UA 85 -23.11 71.22 -61.71
C GLU UA 85 -24.27 71.84 -60.93
N ASN UA 86 -24.11 72.03 -59.63
CA ASN UA 86 -25.12 72.69 -58.80
C ASN UA 86 -24.93 74.20 -58.74
N LYS UA 87 -24.29 74.80 -59.74
CA LYS UA 87 -24.06 76.25 -59.68
C LYS UA 87 -25.37 77.02 -59.57
N ALA UA 88 -26.50 76.39 -59.91
CA ALA UA 88 -27.80 77.00 -59.64
C ALA UA 88 -28.00 77.21 -58.14
N ALA UA 89 -27.87 76.14 -57.36
CA ALA UA 89 -28.01 76.26 -55.92
C ALA UA 89 -26.88 77.06 -55.30
N VAL UA 90 -25.69 77.04 -55.92
CA VAL UA 90 -24.59 77.89 -55.46
C VAL UA 90 -24.97 79.36 -55.59
N LEU UA 91 -25.53 79.76 -56.73
CA LEU UA 91 -25.91 81.15 -56.94
C LEU UA 91 -27.10 81.55 -56.07
N ALA UA 92 -28.06 80.64 -55.88
CA ALA UA 92 -29.17 80.93 -54.95
C ALA UA 92 -28.63 81.15 -53.54
N ALA UA 93 -27.72 80.29 -53.09
CA ALA UA 93 -27.07 80.47 -51.81
C ALA UA 93 -26.27 81.76 -51.76
N LEU UA 94 -25.68 82.17 -52.89
CA LEU UA 94 -24.94 83.42 -52.92
C LEU UA 94 -25.86 84.61 -52.74
N LEU UA 95 -27.01 84.61 -53.41
CA LEU UA 95 -27.97 85.70 -53.24
C LEU UA 95 -28.45 85.78 -51.80
N ASP UA 96 -28.81 84.63 -51.22
CA ASP UA 96 -29.26 84.63 -49.82
C ASP UA 96 -28.16 85.11 -48.89
N HIS UA 97 -26.92 84.67 -49.15
CA HIS UA 97 -25.76 85.09 -48.36
C HIS UA 97 -25.56 86.59 -48.43
N LEU UA 98 -25.59 87.15 -49.65
CA LEU UA 98 -25.37 88.58 -49.82
C LEU UA 98 -26.46 89.39 -49.13
N HIS UA 99 -27.73 88.96 -49.27
CA HIS UA 99 -28.81 89.69 -48.63
C HIS UA 99 -28.71 89.65 -47.12
N ASN UA 100 -28.38 88.49 -46.55
CA ASN UA 100 -28.24 88.41 -45.10
C ASN UA 100 -27.04 89.19 -44.61
N LEU UA 101 -25.93 89.14 -45.34
CA LEU UA 101 -24.78 89.97 -45.04
C LEU UA 101 -25.16 91.44 -45.01
N GLY UA 102 -25.95 91.89 -45.99
CA GLY UA 102 -26.42 93.26 -45.97
C GLY UA 102 -27.28 93.57 -44.77
N LEU UA 103 -28.15 92.62 -44.38
CA LEU UA 103 -28.92 92.80 -43.15
C LEU UA 103 -28.03 93.01 -41.94
N ALA UA 104 -26.86 92.38 -41.93
CA ALA UA 104 -26.02 92.42 -40.73
C ALA UA 104 -24.91 93.49 -40.75
N ARG UA 105 -24.57 94.06 -41.92
CA ARG UA 105 -23.30 94.77 -42.04
C ARG UA 105 -23.26 96.00 -41.14
N ASP UA 106 -24.38 96.70 -40.98
CA ASP UA 106 -24.35 97.91 -40.18
C ASP UA 106 -24.03 97.62 -38.73
N ASP UA 107 -24.46 96.45 -38.23
CA ASP UA 107 -24.03 96.00 -36.90
C ASP UA 107 -22.59 95.51 -36.90
N LEU UA 108 -22.21 94.74 -37.93
CA LEU UA 108 -20.92 94.06 -37.89
C LEU UA 108 -19.75 95.03 -37.99
N VAL UA 109 -19.86 96.05 -38.85
CA VAL UA 109 -18.75 96.99 -38.98
C VAL UA 109 -18.65 97.91 -37.76
N ALA UA 110 -19.70 97.98 -36.95
CA ALA UA 110 -19.71 98.78 -35.74
C ALA UA 110 -19.35 97.97 -34.50
N GLY UA 111 -18.92 96.73 -34.67
CA GLY UA 111 -18.55 95.89 -33.55
C GLY UA 111 -19.70 95.26 -32.80
N LEU UA 112 -20.93 95.41 -33.28
CA LEU UA 112 -22.11 94.88 -32.61
C LEU UA 112 -22.51 93.55 -33.26
N LEU UA 113 -22.73 92.54 -32.43
CA LEU UA 113 -23.23 91.27 -32.96
C LEU UA 113 -24.69 91.43 -33.34
N PRO UA 114 -25.06 91.11 -34.58
CA PRO UA 114 -26.42 91.43 -35.04
C PRO UA 114 -27.49 90.56 -34.37
N THR UA 115 -27.87 90.92 -33.15
CA THR UA 115 -28.84 90.14 -32.39
C THR UA 115 -30.23 90.24 -33.01
N THR UA 116 -30.52 91.33 -33.71
CA THR UA 116 -31.89 91.68 -34.08
C THR UA 116 -32.21 91.41 -35.55
N ILE UA 117 -31.31 90.79 -36.30
CA ILE UA 117 -31.54 90.60 -37.73
C ILE UA 117 -32.35 89.33 -37.95
N GLN UA 118 -32.96 89.23 -39.14
CA GLN UA 118 -33.81 88.09 -39.51
C GLN UA 118 -33.31 87.52 -40.82
N PRO UA 119 -32.42 86.53 -40.79
CA PRO UA 119 -31.95 85.91 -42.02
C PRO UA 119 -33.04 85.11 -42.71
N VAL UA 120 -32.98 85.07 -44.04
CA VAL UA 120 -34.01 84.45 -44.86
C VAL UA 120 -33.36 83.43 -45.79
N VAL UA 121 -34.22 82.64 -46.42
CA VAL UA 121 -33.85 81.72 -47.50
C VAL UA 121 -34.69 82.08 -48.71
N GLU UA 122 -34.09 82.01 -49.90
CA GLU UA 122 -34.79 82.28 -51.16
C GLU UA 122 -35.34 83.71 -51.21
N TYR UA 123 -34.42 84.67 -51.14
CA TYR UA 123 -34.82 86.07 -51.13
C TYR UA 123 -35.49 86.48 -52.45
N THR UA 124 -36.56 87.25 -52.35
CA THR UA 124 -37.31 87.72 -53.50
C THR UA 124 -37.76 89.17 -53.33
N ALA VA 1 -54.60 80.82 -8.93
CA ALA VA 1 -53.96 82.11 -9.17
C ALA VA 1 -53.52 82.24 -10.63
N GLN VA 2 -53.09 81.11 -11.20
CA GLN VA 2 -52.58 81.01 -12.57
C GLN VA 2 -51.50 82.08 -12.84
N HIS VA 3 -50.67 82.33 -11.84
CA HIS VA 3 -49.43 83.06 -12.08
C HIS VA 3 -48.50 82.19 -12.91
N ASN VA 4 -48.01 82.72 -14.02
CA ASN VA 4 -47.22 81.93 -14.96
C ASN VA 4 -45.74 81.94 -14.59
N MET VA 5 -45.04 80.85 -14.96
CA MET VA 5 -43.67 80.65 -14.54
C MET VA 5 -42.75 81.68 -15.16
N ARG VA 6 -41.60 81.89 -14.51
CA ARG VA 6 -40.62 82.87 -14.99
C ARG VA 6 -39.27 82.19 -15.18
N LEU VA 7 -38.47 82.77 -16.08
CA LEU VA 7 -37.31 82.07 -16.64
C LEU VA 7 -36.12 82.08 -15.70
N GLN VA 8 -35.45 80.93 -15.58
CA GLN VA 8 -34.31 80.77 -14.68
C GLN VA 8 -33.02 80.39 -15.41
N LEU VA 9 -33.04 79.39 -16.29
CA LEU VA 9 -31.83 78.86 -16.92
C LEU VA 9 -32.02 78.68 -18.42
N THR VA 10 -31.11 79.22 -19.21
CA THR VA 10 -31.11 79.07 -20.66
C THR VA 10 -29.78 78.48 -21.10
N SER VA 11 -29.83 77.47 -21.97
CA SER VA 11 -28.62 76.76 -22.35
C SER VA 11 -28.49 76.53 -23.85
N GLY VA 12 -29.43 77.01 -24.67
CA GLY VA 12 -29.41 76.74 -26.10
C GLY VA 12 -29.81 75.31 -26.40
N THR VA 13 -29.75 74.46 -25.36
CA THR VA 13 -30.25 73.11 -25.40
C THR VA 13 -31.24 72.81 -24.27
N SER VA 14 -31.21 73.58 -23.18
CA SER VA 14 -32.09 73.40 -22.05
C SER VA 14 -32.73 74.72 -21.66
N LEU VA 15 -34.00 74.67 -21.29
CA LEU VA 15 -34.70 75.81 -20.74
C LEU VA 15 -35.31 75.40 -19.41
N THR VA 16 -35.18 76.26 -18.41
CA THR VA 16 -35.62 75.95 -17.05
C THR VA 16 -36.35 77.16 -16.50
N TRP VA 17 -37.65 77.03 -16.32
CA TRP VA 17 -38.49 78.03 -15.69
C TRP VA 17 -38.85 77.58 -14.28
N VAL VA 18 -39.17 78.55 -13.43
CA VAL VA 18 -39.49 78.28 -12.03
C VAL VA 18 -40.74 79.08 -11.65
N ASP VA 19 -41.50 78.52 -10.72
CA ASP VA 19 -42.61 79.23 -10.08
C ASP VA 19 -42.06 80.36 -9.22
N PRO VA 20 -42.38 81.62 -9.51
CA PRO VA 20 -41.84 82.73 -8.70
C PRO VA 20 -42.21 82.67 -7.22
N ASN VA 21 -43.29 81.97 -6.86
CA ASN VA 21 -43.63 81.83 -5.46
C ASN VA 21 -42.89 80.65 -4.81
N ASP VA 22 -42.99 79.48 -5.42
CA ASP VA 22 -42.42 78.25 -4.89
C ASP VA 22 -41.26 77.81 -5.78
N PHE VA 23 -40.03 77.90 -5.27
CA PHE VA 23 -38.86 77.48 -6.02
C PHE VA 23 -38.76 75.95 -6.14
N ARG VA 24 -39.63 75.21 -5.45
CA ARG VA 24 -39.59 73.76 -5.53
C ARG VA 24 -40.19 73.23 -6.83
N SER VA 25 -41.06 74.00 -7.49
CA SER VA 25 -41.73 73.57 -8.71
C SER VA 25 -41.06 74.21 -9.90
N THR VA 26 -40.41 73.40 -10.72
CA THR VA 26 -39.65 73.85 -11.89
C THR VA 26 -40.16 73.12 -13.13
N PHE VA 27 -39.75 73.64 -14.28
CA PHE VA 27 -40.19 73.12 -15.58
C PHE VA 27 -39.04 73.29 -16.55
N ARG VA 28 -38.49 72.16 -17.02
CA ARG VA 28 -37.39 72.16 -17.97
C ARG VA 28 -37.83 71.53 -19.28
N ILE VA 29 -37.29 72.07 -20.38
CA ILE VA 29 -37.42 71.47 -21.71
C ILE VA 29 -36.02 71.28 -22.26
N ASN VA 30 -35.70 70.04 -22.63
CA ASN VA 30 -34.42 69.69 -23.23
C ASN VA 30 -34.67 69.20 -24.64
N LEU VA 31 -33.80 69.59 -25.57
CA LEU VA 31 -33.93 69.22 -26.97
C LEU VA 31 -32.58 68.78 -27.49
N ASN VA 32 -32.55 67.67 -28.22
CA ASN VA 32 -31.30 67.18 -28.80
C ASN VA 32 -31.58 66.68 -30.21
N VAL VA 33 -30.96 67.32 -31.19
CA VAL VA 33 -31.10 66.94 -32.60
C VAL VA 33 -29.79 66.33 -33.06
N ASN VA 34 -29.91 65.23 -33.80
CA ASN VA 34 -28.74 64.56 -34.38
C ASN VA 34 -29.23 63.61 -35.47
N GLN VA 35 -28.31 63.23 -36.36
CA GLN VA 35 -28.73 62.39 -37.48
C GLN VA 35 -28.94 60.95 -37.03
N LYS VA 36 -29.70 60.23 -37.84
CA LYS VA 36 -30.11 58.86 -37.58
C LYS VA 36 -30.25 58.14 -38.91
N VAL VA 37 -29.92 56.86 -38.91
CA VAL VA 37 -29.96 56.05 -40.13
C VAL VA 37 -31.19 55.16 -40.05
N ALA VA 38 -32.21 55.48 -40.84
CA ALA VA 38 -33.39 54.65 -41.00
C ALA VA 38 -33.25 53.94 -42.33
N GLY VA 39 -33.01 52.62 -42.28
CA GLY VA 39 -32.74 51.87 -43.49
C GLY VA 39 -31.51 52.40 -44.20
N ALA VA 40 -31.72 52.94 -45.40
CA ALA VA 40 -30.64 53.51 -46.19
C ALA VA 40 -30.73 55.03 -46.29
N VAL VA 41 -31.49 55.67 -45.42
CA VAL VA 41 -31.72 57.11 -45.48
C VAL VA 41 -31.41 57.73 -44.13
N SER VA 42 -30.62 58.80 -44.13
CA SER VA 42 -30.33 59.53 -42.91
C SER VA 42 -31.33 60.65 -42.74
N VAL VA 43 -31.90 60.76 -41.54
CA VAL VA 43 -32.86 61.80 -41.20
C VAL VA 43 -32.46 62.41 -39.86
N TYR VA 44 -32.86 63.66 -39.67
CA TYR VA 44 -32.56 64.38 -38.42
C TYR VA 44 -33.59 64.01 -37.36
N ASN VA 45 -33.16 63.19 -36.38
CA ASN VA 45 -33.98 62.83 -35.25
C ASN VA 45 -33.83 63.88 -34.15
N ALA VA 46 -34.96 64.32 -33.63
CA ALA VA 46 -35.01 65.20 -32.47
C ALA VA 46 -35.61 64.42 -31.30
N ARG VA 47 -34.92 64.44 -30.17
CA ARG VA 47 -35.44 63.91 -28.92
C ARG VA 47 -35.68 65.09 -27.98
N SER VA 48 -36.94 65.35 -27.68
CA SER VA 48 -37.34 66.40 -26.76
C SER VA 48 -37.85 65.76 -25.49
N GLU VA 49 -37.34 66.19 -24.34
CA GLU VA 49 -37.92 65.79 -23.07
C GLU VA 49 -38.38 67.01 -22.28
N VAL VA 50 -39.53 66.87 -21.63
CA VAL VA 50 -40.20 67.94 -20.91
C VAL VA 50 -40.41 67.44 -19.48
N ILE VA 51 -39.72 68.04 -18.53
CA ILE VA 51 -39.65 67.57 -17.15
C ILE VA 51 -40.23 68.65 -16.24
N THR VA 52 -41.35 68.36 -15.58
CA THR VA 52 -41.87 69.23 -14.54
C THR VA 52 -41.67 68.55 -13.18
N ASN VA 53 -41.06 69.29 -12.26
CA ASN VA 53 -40.66 68.78 -10.95
C ASN VA 53 -41.31 69.60 -9.86
N ARG VA 54 -41.79 68.94 -8.81
CA ARG VA 54 -42.41 69.65 -7.70
C ARG VA 54 -42.08 68.94 -6.40
N ALA VA 55 -42.33 69.64 -5.30
CA ALA VA 55 -42.05 69.13 -3.95
C ALA VA 55 -43.23 69.43 -3.04
N PRO VA 56 -44.29 68.63 -3.11
CA PRO VA 56 -45.43 68.83 -2.22
C PRO VA 56 -45.10 68.43 -0.80
N LEU VA 57 -45.90 68.95 0.13
CA LEU VA 57 -45.79 68.56 1.52
C LEU VA 57 -46.75 67.43 1.82
N VAL VA 58 -46.33 66.50 2.67
CA VAL VA 58 -47.18 65.42 3.12
C VAL VA 58 -48.09 65.97 4.23
N VAL VA 59 -49.37 66.12 3.92
CA VAL VA 59 -50.33 66.70 4.85
C VAL VA 59 -50.91 65.60 5.73
N ILE VA 60 -50.57 65.63 7.01
CA ILE VA 60 -51.21 64.78 8.01
C ILE VA 60 -52.06 65.65 8.91
N GLU VA 61 -53.35 65.32 8.98
CA GLU VA 61 -54.25 65.99 9.92
C GLU VA 61 -53.82 65.71 11.35
N GLY VA 62 -53.93 66.73 12.20
CA GLY VA 62 -53.50 66.62 13.58
C GLY VA 62 -52.02 66.86 13.78
N CYS VA 63 -51.24 66.99 12.71
CA CYS VA 63 -49.81 67.24 12.78
C CYS VA 63 -49.52 68.59 12.15
N THR VA 64 -49.35 69.62 12.99
CA THR VA 64 -48.86 70.90 12.51
C THR VA 64 -47.40 70.74 12.12
N ASP VA 65 -47.15 70.68 10.80
CA ASP VA 65 -45.81 70.43 10.27
C ASP VA 65 -45.03 71.74 10.28
N ALA VA 66 -44.76 72.22 11.49
CA ALA VA 66 -43.79 73.30 11.66
C ALA VA 66 -42.46 72.88 11.05
N CYS VA 67 -41.84 73.81 10.35
CA CYS VA 67 -40.57 73.68 9.63
C CYS VA 67 -40.78 72.98 8.28
N SER VA 68 -41.98 72.49 7.99
CA SER VA 68 -42.30 71.83 6.71
C SER VA 68 -41.27 70.74 6.38
N VAL VA 69 -41.10 69.82 7.32
CA VAL VA 69 -40.08 68.78 7.16
C VAL VA 69 -40.62 67.60 6.35
N ASN VA 70 -41.89 67.25 6.56
CA ASN VA 70 -42.50 66.15 5.80
C ASN VA 70 -42.79 66.63 4.39
N ARG VA 71 -41.87 66.36 3.47
CA ARG VA 71 -41.98 66.85 2.11
C ARG VA 71 -41.60 65.76 1.12
N GLU VA 72 -42.31 65.74 0.00
CA GLU VA 72 -42.22 64.71 -1.02
C GLU VA 72 -41.79 65.31 -2.35
N ASN VA 73 -41.02 64.54 -3.13
CA ASN VA 73 -40.71 64.90 -4.51
C ASN VA 73 -41.66 64.20 -5.46
N ILE VA 74 -42.24 64.95 -6.40
CA ILE VA 74 -43.07 64.39 -7.46
C ILE VA 74 -42.55 64.93 -8.79
N SER VA 75 -42.71 64.11 -9.84
CA SER VA 75 -42.18 64.49 -11.15
C SER VA 75 -43.01 63.90 -12.27
N ILE VA 76 -43.21 64.71 -13.31
CA ILE VA 76 -43.89 64.29 -14.53
C ILE VA 76 -43.00 64.63 -15.71
N ARG VA 77 -42.63 63.61 -16.48
CA ARG VA 77 -41.65 63.72 -17.54
C ARG VA 77 -42.24 63.16 -18.83
N THR VA 78 -41.85 63.75 -19.96
CA THR VA 78 -42.38 63.33 -21.26
C THR VA 78 -41.28 63.40 -22.31
N THR VA 79 -40.98 62.24 -22.92
CA THR VA 79 -39.94 62.14 -23.93
C THR VA 79 -40.59 61.87 -25.30
N ILE VA 80 -40.09 62.56 -26.33
CA ILE VA 80 -40.65 62.51 -27.67
C ILE VA 80 -39.45 62.44 -28.60
N SER VA 81 -39.17 61.25 -29.14
CA SER VA 81 -38.02 61.05 -30.02
C SER VA 81 -38.51 60.61 -31.39
N GLY VA 82 -38.22 61.42 -32.41
CA GLY VA 82 -38.66 61.11 -33.75
C GLY VA 82 -38.03 62.05 -34.77
N SER VA 83 -38.15 61.68 -36.04
CA SER VA 83 -37.61 62.50 -37.10
C SER VA 83 -38.37 63.82 -37.22
N VAL VA 84 -37.63 64.89 -37.51
CA VAL VA 84 -38.27 66.12 -37.93
C VAL VA 84 -39.03 65.90 -39.24
N GLU VA 85 -38.52 64.99 -40.08
CA GLU VA 85 -39.17 64.72 -41.37
C GLU VA 85 -40.53 64.05 -41.18
N ASN VA 86 -40.62 63.05 -40.30
CA ASN VA 86 -41.89 62.40 -40.00
C ASN VA 86 -42.63 63.07 -38.86
N LYS VA 87 -42.42 64.36 -38.64
CA LYS VA 87 -43.09 65.05 -37.55
C LYS VA 87 -44.61 64.95 -37.66
N ALA VA 88 -45.14 64.66 -38.85
CA ALA VA 88 -46.57 64.42 -38.97
C ALA VA 88 -47.00 63.20 -38.17
N ALA VA 89 -46.34 62.06 -38.39
CA ALA VA 89 -46.65 60.86 -37.62
C ALA VA 89 -46.26 61.02 -36.16
N VAL VA 90 -45.23 61.82 -35.88
CA VAL VA 90 -44.88 62.13 -34.49
C VAL VA 90 -46.05 62.82 -33.80
N LEU VA 91 -46.65 63.82 -34.45
CA LEU VA 91 -47.76 64.56 -33.85
C LEU VA 91 -49.02 63.71 -33.75
N ALA VA 92 -49.27 62.86 -34.75
CA ALA VA 92 -50.38 61.91 -34.64
C ALA VA 92 -50.19 61.01 -33.42
N ALA VA 93 -48.97 60.50 -33.24
CA ALA VA 93 -48.65 59.69 -32.07
C ALA VA 93 -48.80 60.48 -30.79
N LEU VA 94 -48.47 61.77 -30.81
CA LEU VA 94 -48.61 62.58 -29.60
C LEU VA 94 -50.07 62.75 -29.23
N LEU VA 95 -50.93 63.04 -30.22
CA LEU VA 95 -52.35 63.16 -29.94
C LEU VA 95 -52.91 61.87 -29.35
N ASP VA 96 -52.61 60.73 -30.00
CA ASP VA 96 -53.13 59.46 -29.51
C ASP VA 96 -52.57 59.15 -28.12
N HIS VA 97 -51.31 59.50 -27.89
CA HIS VA 97 -50.68 59.30 -26.58
C HIS VA 97 -51.37 60.13 -25.51
N LEU VA 98 -51.62 61.42 -25.79
CA LEU VA 98 -52.27 62.29 -24.81
C LEU VA 98 -53.67 61.78 -24.49
N HIS VA 99 -54.42 61.37 -25.51
CA HIS VA 99 -55.78 60.89 -25.27
C HIS VA 99 -55.79 59.62 -24.44
N ASN VA 100 -54.89 58.69 -24.73
CA ASN VA 100 -54.86 57.45 -23.96
C ASN VA 100 -54.36 57.70 -22.54
N LEU VA 101 -53.38 58.59 -22.39
CA LEU VA 101 -52.97 59.03 -21.05
C LEU VA 101 -54.17 59.56 -20.29
N GLY VA 102 -54.98 60.40 -20.93
CA GLY VA 102 -56.17 60.91 -20.29
C GLY VA 102 -57.16 59.83 -19.92
N LEU VA 103 -57.22 58.76 -20.72
CA LEU VA 103 -58.05 57.62 -20.34
C LEU VA 103 -57.56 56.99 -19.05
N ALA VA 104 -56.25 56.87 -18.88
CA ALA VA 104 -55.71 56.18 -17.72
C ALA VA 104 -55.42 57.09 -16.53
N ARG VA 105 -55.56 58.42 -16.70
CA ARG VA 105 -54.95 59.36 -15.76
C ARG VA 105 -55.53 59.26 -14.36
N ASP VA 106 -56.80 58.91 -14.24
CA ASP VA 106 -57.40 58.86 -12.93
C ASP VA 106 -57.00 57.59 -12.18
N ASP VA 107 -56.96 56.46 -12.89
CA ASP VA 107 -56.54 55.21 -12.27
C ASP VA 107 -55.07 55.26 -11.87
N LEU VA 108 -54.21 55.71 -12.79
CA LEU VA 108 -52.77 55.63 -12.56
C LEU VA 108 -52.34 56.46 -11.35
N VAL VA 109 -52.93 57.64 -11.18
CA VAL VA 109 -52.48 58.51 -10.09
C VAL VA 109 -52.97 57.99 -8.75
N ALA VA 110 -54.01 57.16 -8.73
CA ALA VA 110 -54.49 56.53 -7.51
C ALA VA 110 -53.78 55.22 -7.20
N GLY VA 111 -52.76 54.86 -7.97
CA GLY VA 111 -52.00 53.65 -7.72
C GLY VA 111 -52.64 52.37 -8.22
N LEU VA 112 -53.54 52.46 -9.18
CA LEU VA 112 -54.34 51.33 -9.63
C LEU VA 112 -54.09 51.08 -11.11
N LEU VA 113 -53.84 49.83 -11.47
CA LEU VA 113 -53.60 49.51 -12.87
C LEU VA 113 -54.88 49.71 -13.67
N PRO VA 114 -54.85 50.51 -14.75
CA PRO VA 114 -56.07 50.78 -15.54
C PRO VA 114 -56.46 49.60 -16.40
N THR VA 115 -56.90 48.52 -15.75
CA THR VA 115 -57.30 47.31 -16.47
C THR VA 115 -58.54 47.53 -17.32
N THR VA 116 -59.35 48.53 -17.01
CA THR VA 116 -60.64 48.71 -17.66
C THR VA 116 -60.56 49.52 -18.95
N ILE VA 117 -59.62 50.47 -19.06
CA ILE VA 117 -59.61 51.39 -20.20
C ILE VA 117 -59.34 50.63 -21.50
N GLN VA 118 -59.67 51.29 -22.60
CA GLN VA 118 -59.38 50.75 -23.95
C GLN VA 118 -58.79 51.87 -24.80
N PRO VA 119 -57.50 51.82 -25.10
CA PRO VA 119 -56.88 52.89 -25.88
C PRO VA 119 -57.32 52.86 -27.34
N VAL VA 120 -56.92 53.91 -28.07
CA VAL VA 120 -57.40 54.16 -29.42
C VAL VA 120 -56.23 54.62 -30.28
N VAL VA 121 -56.33 54.33 -31.59
CA VAL VA 121 -55.48 54.92 -32.60
C VAL VA 121 -56.31 55.93 -33.38
N GLU VA 122 -55.69 57.05 -33.77
CA GLU VA 122 -56.31 58.05 -34.64
C GLU VA 122 -57.54 58.69 -34.00
N TYR VA 123 -57.38 59.19 -32.77
CA TYR VA 123 -58.48 59.88 -32.11
C TYR VA 123 -58.97 61.06 -32.93
N THR VA 124 -60.28 61.24 -32.96
CA THR VA 124 -60.90 62.31 -33.73
C THR VA 124 -62.02 62.98 -32.92
N ALA WA 1 2.38 113.74 68.66
CA ALA WA 1 1.16 113.84 67.89
C ALA WA 1 0.02 113.08 68.56
N GLN WA 2 0.35 112.06 69.35
CA GLN WA 2 -0.64 111.32 70.13
C GLN WA 2 -1.70 110.69 69.21
N HIS WA 3 -1.26 110.21 68.05
CA HIS WA 3 -2.15 109.50 67.14
C HIS WA 3 -2.09 108.00 67.45
N ASN WA 4 -3.24 107.40 67.66
CA ASN WA 4 -3.31 105.99 68.03
C ASN WA 4 -3.11 105.09 66.80
N MET WA 5 -2.54 103.90 67.07
CA MET WA 5 -2.17 102.96 66.02
C MET WA 5 -3.42 102.35 65.38
N ARG WA 6 -3.27 101.91 64.13
CA ARG WA 6 -4.37 101.25 63.43
C ARG WA 6 -4.01 99.80 63.16
N LEU WA 7 -5.01 98.93 63.26
CA LEU WA 7 -4.78 97.48 63.26
C LEU WA 7 -4.50 96.95 61.87
N GLN WA 8 -3.58 95.99 61.79
CA GLN WA 8 -3.15 95.42 60.51
C GLN WA 8 -3.33 93.92 60.40
N LEU WA 9 -3.08 93.14 61.47
CA LEU WA 9 -3.14 91.69 61.36
C LEU WA 9 -3.80 91.06 62.59
N THR WA 10 -4.83 90.25 62.35
CA THR WA 10 -5.52 89.49 63.39
C THR WA 10 -5.40 88.00 63.10
N SER WA 11 -5.09 87.22 64.14
CA SER WA 11 -4.88 85.79 63.95
C SER WA 11 -5.50 84.91 65.03
N GLY WA 12 -6.18 85.48 66.02
CA GLY WA 12 -6.71 84.70 67.13
C GLY WA 12 -5.64 84.25 68.10
N THR WA 13 -4.38 84.36 67.68
CA THR WA 13 -3.23 84.17 68.56
C THR WA 13 -2.27 85.37 68.56
N SER WA 14 -2.35 86.24 67.56
CA SER WA 14 -1.55 87.46 67.53
C SER WA 14 -2.42 88.62 67.10
N LEU WA 15 -1.95 89.82 67.46
CA LEU WA 15 -2.52 91.07 67.00
C LEU WA 15 -1.36 91.97 66.58
N THR WA 16 -1.53 92.66 65.46
CA THR WA 16 -0.45 93.45 64.87
C THR WA 16 -1.02 94.80 64.44
N TRP WA 17 -0.75 95.83 65.24
CA TRP WA 17 -1.06 97.21 64.92
C TRP WA 17 0.16 97.91 64.32
N VAL WA 18 -0.11 98.99 63.59
CA VAL WA 18 0.94 99.75 62.92
C VAL WA 18 0.61 101.23 63.02
N ASP WA 19 1.65 102.04 63.09
CA ASP WA 19 1.52 103.50 62.99
C ASP WA 19 1.13 103.88 61.57
N PRO WA 20 -0.03 104.48 61.34
CA PRO WA 20 -0.42 104.83 59.97
C PRO WA 20 0.56 105.77 59.28
N ASN WA 21 1.32 106.56 60.03
CA ASN WA 21 2.30 107.44 59.42
C ASN WA 21 3.57 106.70 59.06
N ASP WA 22 4.17 106.02 60.04
CA ASP WA 22 5.40 105.25 59.86
C ASP WA 22 5.06 103.76 59.97
N PHE WA 23 5.10 103.06 58.84
CA PHE WA 23 4.93 101.61 58.84
C PHE WA 23 6.08 100.88 59.53
N ARG WA 24 7.16 101.57 59.87
CA ARG WA 24 8.31 100.90 60.50
C ARG WA 24 8.10 100.65 61.99
N SER WA 25 7.07 101.24 62.61
CA SER WA 25 6.79 101.06 64.03
C SER WA 25 5.58 100.13 64.18
N THR WA 26 5.85 98.89 64.56
CA THR WA 26 4.87 97.83 64.70
C THR WA 26 4.62 97.58 66.19
N PHE WA 27 3.43 97.07 66.49
CA PHE WA 27 3.09 96.66 67.85
C PHE WA 27 2.31 95.35 67.78
N ARG WA 28 2.90 94.26 68.27
CA ARG WA 28 2.29 92.95 68.24
C ARG WA 28 2.07 92.43 69.65
N ILE WA 29 0.98 91.69 69.82
CA ILE WA 29 0.68 90.95 71.05
C ILE WA 29 0.42 89.50 70.68
N ASN WA 30 1.15 88.58 71.30
CA ASN WA 30 0.99 87.15 71.10
C ASN WA 30 0.53 86.53 72.41
N LEU WA 31 -0.56 85.78 72.38
CA LEU WA 31 -1.08 85.11 73.56
C LEU WA 31 -1.21 83.62 73.26
N ASN WA 32 -0.55 82.79 74.07
CA ASN WA 32 -0.61 81.35 73.91
C ASN WA 32 -1.04 80.75 75.24
N VAL WA 33 -2.06 79.89 75.21
CA VAL WA 33 -2.57 79.27 76.42
C VAL WA 33 -2.52 77.76 76.28
N ASN WA 34 -2.08 77.10 77.35
CA ASN WA 34 -2.05 75.64 77.40
C ASN WA 34 -2.00 75.21 78.85
N GLN WA 35 -2.40 73.96 79.09
CA GLN WA 35 -2.45 73.44 80.46
C GLN WA 35 -1.06 73.04 80.92
N LYS WA 36 -0.75 73.37 82.17
CA LYS WA 36 0.45 72.93 82.85
C LYS WA 36 0.05 72.23 84.13
N VAL WA 37 0.99 71.53 84.73
CA VAL WA 37 0.76 70.82 85.99
C VAL WA 37 1.45 71.62 87.09
N ALA WA 38 0.66 72.24 87.96
CA ALA WA 38 1.19 72.94 89.12
C ALA WA 38 0.98 72.03 90.32
N GLY WA 39 2.07 71.47 90.84
CA GLY WA 39 2.00 70.62 92.01
C GLY WA 39 1.00 69.49 91.85
N ALA WA 40 -0.11 69.60 92.58
CA ALA WA 40 -1.10 68.53 92.59
C ALA WA 40 -2.15 68.65 91.50
N VAL WA 41 -2.38 69.86 90.99
CA VAL WA 41 -3.53 70.06 90.09
C VAL WA 41 -3.04 70.76 88.83
N SER WA 42 -3.79 70.59 87.75
CA SER WA 42 -3.50 71.26 86.49
C SER WA 42 -4.10 72.65 86.47
N VAL WA 43 -3.38 73.58 85.86
CA VAL WA 43 -3.82 74.97 85.71
C VAL WA 43 -3.61 75.38 84.26
N TYR WA 44 -4.15 76.55 83.90
CA TYR WA 44 -4.05 77.09 82.56
C TYR WA 44 -2.98 78.17 82.51
N ASN WA 45 -1.83 77.86 81.92
CA ASN WA 45 -0.76 78.84 81.75
C ASN WA 45 -0.97 79.63 80.48
N ALA WA 46 -0.75 80.94 80.57
CA ALA WA 46 -0.93 81.87 79.46
C ALA WA 46 0.37 82.66 79.30
N ARG WA 47 1.15 82.31 78.28
CA ARG WA 47 2.34 83.08 77.92
C ARG WA 47 1.89 84.20 76.99
N SER WA 48 1.83 85.40 77.52
CA SER WA 48 1.65 86.60 76.71
C SER WA 48 3.02 87.15 76.38
N GLU WA 49 3.13 87.78 75.21
CA GLU WA 49 4.28 88.62 74.92
C GLU WA 49 3.83 89.80 74.09
N VAL WA 50 4.45 90.94 74.37
CA VAL WA 50 4.13 92.21 73.75
C VAL WA 50 5.40 92.78 73.16
N ILE WA 51 5.44 92.90 71.83
CA ILE WA 51 6.64 93.28 71.10
C ILE WA 51 6.36 94.57 70.37
N THR WA 52 7.12 95.61 70.66
CA THR WA 52 7.07 96.86 69.90
C THR WA 52 8.37 97.03 69.12
N ASN WA 53 8.24 97.25 67.82
CA ASN WA 53 9.36 97.33 66.90
C ASN WA 53 9.38 98.70 66.26
N ARG WA 54 10.56 99.28 66.08
CA ARG WA 54 10.67 100.56 65.41
C ARG WA 54 11.98 100.60 64.63
N ALA WA 55 12.08 101.59 63.75
CA ALA WA 55 13.27 101.80 62.92
C ALA WA 55 13.56 103.29 62.85
N PRO WA 56 14.03 103.88 63.94
CA PRO WA 56 14.41 105.29 63.91
C PRO WA 56 15.63 105.51 63.03
N LEU WA 57 15.79 106.75 62.60
CA LEU WA 57 16.88 107.10 61.70
C LEU WA 57 18.11 107.49 62.52
N VAL WA 58 19.27 107.04 62.06
CA VAL WA 58 20.54 107.34 62.71
C VAL WA 58 21.08 108.62 62.08
N VAL WA 59 21.21 109.67 62.87
CA VAL WA 59 21.58 110.99 62.37
C VAL WA 59 22.82 111.45 63.11
N ILE WA 60 23.90 111.71 62.35
CA ILE WA 60 25.09 112.39 62.85
C ILE WA 60 25.19 113.71 62.12
N GLU WA 61 25.11 114.82 62.88
CA GLU WA 61 24.81 116.12 62.29
C GLU WA 61 25.80 116.49 61.18
N GLY WA 62 27.09 116.23 61.40
CA GLY WA 62 28.06 116.55 60.38
C GLY WA 62 28.29 115.47 59.34
N CYS WA 63 27.74 114.27 59.57
CA CYS WA 63 28.14 113.09 58.82
C CYS WA 63 27.02 112.45 58.03
N THR WA 64 25.77 112.51 58.49
CA THR WA 64 24.67 111.74 57.91
C THR WA 64 24.09 112.49 56.74
N ASP WA 65 24.28 111.96 55.53
CA ASP WA 65 23.63 112.49 54.36
C ASP WA 65 22.12 112.27 54.46
N ALA WA 66 21.36 113.35 54.25
CA ALA WA 66 19.92 113.26 54.39
C ALA WA 66 19.28 112.48 53.25
N CYS WA 67 19.91 112.48 52.07
CA CYS WA 67 19.33 111.79 50.92
C CYS WA 67 19.33 110.27 51.12
N SER WA 68 20.45 109.72 51.57
CA SER WA 68 20.56 108.29 51.85
C SER WA 68 20.19 108.07 53.31
N VAL WA 69 19.00 107.53 53.55
CA VAL WA 69 18.53 107.31 54.91
C VAL WA 69 19.38 106.24 55.58
N ASN WA 70 19.68 106.45 56.87
CA ASN WA 70 20.39 105.47 57.68
C ASN WA 70 19.48 105.13 58.85
N ARG WA 71 18.96 103.91 58.86
CA ARG WA 71 18.00 103.49 59.87
C ARG WA 71 18.56 102.37 60.73
N GLU WA 72 18.00 102.25 61.93
CA GLU WA 72 18.38 101.28 62.94
C GLU WA 72 17.13 100.61 63.47
N ASN WA 73 17.15 99.29 63.57
CA ASN WA 73 16.06 98.60 64.24
C ASN WA 73 16.23 98.69 65.75
N ILE WA 74 15.15 99.05 66.44
CA ILE WA 74 15.08 99.01 67.89
C ILE WA 74 13.85 98.22 68.30
N SER WA 75 13.95 97.50 69.41
CA SER WA 75 12.87 96.63 69.83
C SER WA 75 12.74 96.57 71.34
N ILE WA 76 11.49 96.54 71.81
CA ILE WA 76 11.18 96.34 73.22
C ILE WA 76 10.16 95.22 73.32
N ARG WA 77 10.56 94.12 73.97
CA ARG WA 77 9.78 92.91 74.07
C ARG WA 77 9.46 92.65 75.54
N THR WA 78 8.29 92.08 75.82
CA THR WA 78 7.90 91.77 77.19
C THR WA 78 7.12 90.47 77.23
N THR WA 79 7.68 89.46 77.89
CA THR WA 79 7.07 88.15 78.05
C THR WA 79 6.53 87.99 79.47
N ILE WA 80 5.33 87.44 79.60
CA ILE WA 80 4.62 87.27 80.86
C ILE WA 80 4.02 85.86 80.84
N SER WA 81 4.60 84.93 81.58
CA SER WA 81 4.15 83.55 81.59
C SER WA 81 3.79 83.13 83.01
N GLY WA 82 2.51 82.82 83.21
CA GLY WA 82 1.97 82.34 84.47
C GLY WA 82 0.55 81.86 84.22
N SER WA 83 -0.02 81.21 85.23
CA SER WA 83 -1.37 80.67 85.04
C SER WA 83 -2.43 81.77 85.14
N VAL WA 84 -3.53 81.57 84.39
CA VAL WA 84 -4.69 82.43 84.56
C VAL WA 84 -5.32 82.18 85.91
N GLU WA 85 -5.15 80.97 86.44
CA GLU WA 85 -5.71 80.62 87.75
C GLU WA 85 -5.16 81.53 88.83
N ASN WA 86 -3.85 81.82 88.77
CA ASN WA 86 -3.10 82.56 89.79
C ASN WA 86 -2.74 83.97 89.30
N LYS WA 87 -3.59 84.56 88.45
CA LYS WA 87 -3.27 85.84 87.85
C LYS WA 87 -3.10 86.93 88.90
N ALA WA 88 -3.61 86.71 90.12
CA ALA WA 88 -3.34 87.65 91.21
C ALA WA 88 -1.84 87.79 91.45
N ALA WA 89 -1.16 86.66 91.66
CA ALA WA 89 0.29 86.71 91.86
C ALA WA 89 1.01 87.05 90.56
N VAL WA 90 0.44 86.70 89.41
CA VAL WA 90 1.03 87.14 88.14
C VAL WA 90 1.12 88.66 88.10
N LEU WA 91 0.01 89.35 88.40
CA LEU WA 91 -0.01 90.81 88.37
C LEU WA 91 0.82 91.42 89.49
N ALA WA 92 0.81 90.79 90.67
CA ALA WA 92 1.67 91.27 91.75
C ALA WA 92 3.14 91.20 91.36
N ALA WA 93 3.52 90.21 90.55
CA ALA WA 93 4.86 90.16 90.01
C ALA WA 93 5.06 91.21 88.92
N LEU WA 94 4.02 91.45 88.11
CA LEU WA 94 4.13 92.43 87.03
C LEU WA 94 4.40 93.83 87.57
N LEU WA 95 3.71 94.22 88.63
CA LEU WA 95 3.88 95.56 89.17
C LEU WA 95 5.30 95.78 89.66
N ASP WA 96 5.83 94.81 90.41
CA ASP WA 96 7.21 94.90 90.90
C ASP WA 96 8.19 94.93 89.74
N HIS WA 97 7.95 94.11 88.71
CA HIS WA 97 8.81 94.10 87.54
C HIS WA 97 8.83 95.45 86.85
N LEU WA 98 7.65 96.04 86.63
CA LEU WA 98 7.57 97.32 85.95
C LEU WA 98 8.26 98.42 86.74
N HIS WA 99 8.04 98.46 88.06
CA HIS WA 99 8.68 99.49 88.88
C HIS WA 99 10.19 99.34 88.89
N ASN WA 100 10.69 98.10 89.00
CA ASN WA 100 12.14 97.91 89.00
C ASN WA 100 12.75 98.25 87.64
N LEU WA 101 12.06 97.88 86.57
CA LEU WA 101 12.49 98.30 85.24
C LEU WA 101 12.58 99.82 85.15
N GLY WA 102 11.58 100.51 85.71
CA GLY WA 102 11.65 101.96 85.74
C GLY WA 102 12.86 102.48 86.50
N LEU WA 103 13.18 101.84 87.64
CA LEU WA 103 14.38 102.21 88.36
C LEU WA 103 15.62 102.08 87.49
N ALA WA 104 15.65 101.05 86.64
CA ALA WA 104 16.87 100.78 85.87
C ALA WA 104 16.94 101.51 84.54
N ARG WA 105 15.82 102.00 84.00
CA ARG WA 105 15.76 102.31 82.57
C ARG WA 105 16.73 103.41 82.18
N ASP WA 106 16.91 104.40 83.06
CA ASP WA 106 17.79 105.52 82.74
C ASP WA 106 19.21 105.03 82.57
N ASP WA 107 19.64 104.09 83.41
CA ASP WA 107 20.96 103.50 83.28
C ASP WA 107 21.04 102.60 82.06
N LEU WA 108 19.99 101.80 81.83
CA LEU WA 108 20.06 100.77 80.80
C LEU WA 108 20.10 101.37 79.39
N VAL WA 109 19.24 102.36 79.12
CA VAL WA 109 19.19 102.92 77.77
C VAL WA 109 20.48 103.67 77.43
N ALA WA 110 21.26 104.06 78.44
CA ALA WA 110 22.53 104.73 78.22
C ALA WA 110 23.72 103.77 78.19
N GLY WA 111 23.46 102.47 78.13
CA GLY WA 111 24.53 101.49 78.04
C GLY WA 111 25.29 101.25 79.32
N LEU WA 112 24.78 101.72 80.46
CA LEU WA 112 25.46 101.58 81.74
C LEU WA 112 24.82 100.46 82.55
N LEU WA 113 25.65 99.70 83.24
CA LEU WA 113 25.16 98.61 84.08
C LEU WA 113 24.57 99.18 85.36
N PRO WA 114 23.28 98.97 85.64
CA PRO WA 114 22.65 99.61 86.81
C PRO WA 114 23.14 99.06 88.13
N THR WA 115 24.38 99.41 88.50
CA THR WA 115 25.01 98.85 89.69
C THR WA 115 24.52 99.50 90.97
N THR WA 116 23.88 100.66 90.91
CA THR WA 116 23.46 101.37 92.11
C THR WA 116 22.04 101.01 92.55
N ILE WA 117 21.12 100.80 91.59
CA ILE WA 117 19.70 100.70 91.92
C ILE WA 117 19.44 99.55 92.90
N GLN WA 118 18.34 99.66 93.64
CA GLN WA 118 17.89 98.60 94.53
C GLN WA 118 16.45 98.26 94.25
N PRO WA 119 16.16 97.05 93.75
CA PRO WA 119 14.77 96.67 93.49
C PRO WA 119 14.00 96.39 94.75
N VAL WA 120 12.74 95.95 94.62
CA VAL WA 120 11.87 95.79 95.77
C VAL WA 120 10.76 94.80 95.41
N VAL WA 121 10.24 94.12 96.43
CA VAL WA 121 9.08 93.25 96.31
C VAL WA 121 7.90 93.98 96.93
N GLU WA 122 6.69 93.71 96.43
CA GLU WA 122 5.44 94.20 97.00
C GLU WA 122 5.45 95.73 97.09
N TYR WA 123 5.70 96.37 95.95
CA TYR WA 123 5.79 97.82 95.90
C TYR WA 123 4.44 98.46 96.20
N THR WA 124 4.42 99.37 97.18
CA THR WA 124 3.21 100.02 97.64
C THR WA 124 3.18 101.46 97.11
N GLY WA 125 2.22 101.74 96.22
CA GLY WA 125 2.04 103.08 95.69
C GLY WA 125 3.16 103.60 94.82
N ALA XA 1 4.34 94.27 102.08
CA ALA XA 1 5.37 94.57 103.08
C ALA XA 1 6.43 95.51 102.51
N GLN XA 2 6.61 95.45 101.19
CA GLN XA 2 7.62 96.23 100.46
C GLN XA 2 8.98 96.18 101.15
N HIS XA 3 9.46 94.96 101.38
CA HIS XA 3 10.83 94.71 101.78
C HIS XA 3 11.68 94.63 100.52
N ASN XA 4 12.58 95.59 100.34
CA ASN XA 4 13.31 95.68 99.08
C ASN XA 4 14.35 94.56 98.94
N MET XA 5 14.61 94.19 97.69
CA MET XA 5 15.42 93.02 97.38
C MET XA 5 16.87 93.22 97.77
N ARG XA 6 17.55 92.10 97.98
CA ARG XA 6 18.95 92.07 98.40
C ARG XA 6 19.80 91.62 97.22
N LEU XA 7 20.90 92.32 96.98
CA LEU XA 7 21.84 91.88 95.95
C LEU XA 7 22.40 90.51 96.29
N GLN XA 8 22.55 89.67 95.29
CA GLN XA 8 23.12 88.37 95.61
C GLN XA 8 24.30 88.00 94.73
N LEU XA 9 24.27 88.36 93.45
CA LEU XA 9 25.40 87.98 92.57
C LEU XA 9 25.64 89.01 91.47
N THR XA 10 26.91 89.37 91.28
CA THR XA 10 27.34 90.21 90.18
C THR XA 10 28.48 89.48 89.45
N SER XA 11 28.30 89.23 88.15
CA SER XA 11 29.34 88.57 87.38
C SER XA 11 29.11 88.85 85.90
N GLY XA 12 30.20 89.19 85.20
CA GLY XA 12 30.12 89.46 83.78
C GLY XA 12 29.30 90.69 83.46
N THR XA 13 28.13 90.49 82.84
CA THR XA 13 27.23 91.57 82.49
C THR XA 13 25.90 91.47 83.24
N SER XA 14 25.82 90.62 84.26
CA SER XA 14 24.55 90.33 84.93
C SER XA 14 24.57 90.83 86.36
N LEU XA 15 23.37 91.17 86.84
CA LEU XA 15 23.14 91.49 88.24
C LEU XA 15 21.95 90.65 88.71
N THR XA 16 22.05 90.09 89.91
CA THR XA 16 21.04 89.16 90.40
C THR XA 16 20.71 89.49 91.86
N TRP XA 17 19.49 89.99 92.07
CA TRP XA 17 18.91 90.27 93.37
C TRP XA 17 17.89 89.20 93.72
N VAL XA 18 17.60 89.09 95.02
CA VAL XA 18 16.70 88.06 95.53
C VAL XA 18 15.85 88.66 96.65
N ASP XA 19 14.64 88.11 96.79
CA ASP XA 19 13.78 88.44 97.92
C ASP XA 19 14.33 87.81 99.19
N PRO XA 20 14.67 88.59 100.21
CA PRO XA 20 15.22 87.99 101.44
C PRO XA 20 14.25 87.08 102.17
N ASN XA 21 12.97 87.07 101.82
CA ASN XA 21 12.03 86.19 102.52
C ASN XA 21 11.96 84.80 101.89
N ASP XA 22 11.70 84.72 100.58
CA ASP XA 22 11.89 83.44 99.90
C ASP XA 22 12.84 83.63 98.72
N PHE XA 23 13.67 82.63 98.53
CA PHE XA 23 14.70 82.54 97.50
C PHE XA 23 14.10 82.31 96.12
N ARG XA 24 12.77 82.17 96.02
CA ARG XA 24 12.11 81.79 94.78
C ARG XA 24 11.90 82.97 93.84
N SER XA 25 11.79 84.18 94.37
CA SER XA 25 11.55 85.37 93.56
C SER XA 25 12.85 86.15 93.44
N THR XA 26 13.39 86.19 92.22
CA THR XA 26 14.67 86.79 91.90
C THR XA 26 14.50 87.80 90.78
N PHE XA 27 15.54 88.60 90.59
CA PHE XA 27 15.50 89.72 89.65
C PHE XA 27 16.88 89.87 89.02
N ARG XA 28 16.96 89.73 87.71
CA ARG XA 28 18.23 89.77 87.00
C ARG XA 28 18.19 90.86 85.94
N ILE XA 29 19.35 91.49 85.72
CA ILE XA 29 19.52 92.44 84.64
C ILE XA 29 20.79 92.08 83.88
N ASN XA 30 20.67 91.87 82.57
CA ASN XA 30 21.79 91.63 81.66
C ASN XA 30 21.94 92.82 80.73
N LEU XA 31 23.18 93.20 80.45
CA LEU XA 31 23.48 94.34 79.61
C LEU XA 31 24.59 93.96 78.64
N ASN XA 32 24.30 94.06 77.34
CA ASN XA 32 25.27 93.71 76.31
C ASN XA 32 25.43 94.90 75.37
N VAL XA 33 26.54 95.61 75.48
CA VAL XA 33 26.84 96.77 74.64
C VAL XA 33 27.87 96.35 73.62
N ASN XA 34 27.62 96.71 72.35
CA ASN XA 34 28.55 96.40 71.27
C ASN XA 34 28.16 97.22 70.04
N GLN XA 35 29.06 97.29 69.07
CA GLN XA 35 28.84 98.17 67.92
C GLN XA 35 27.90 97.52 66.91
N LYS XA 36 26.94 98.31 66.44
CA LYS XA 36 25.94 97.97 65.45
C LYS XA 36 26.26 98.77 64.19
N VAL XA 37 25.94 98.20 63.04
CA VAL XA 37 26.17 98.84 61.75
C VAL XA 37 24.82 99.21 61.16
N ALA XA 38 24.56 100.51 61.01
CA ALA XA 38 23.28 100.98 60.48
C ALA XA 38 23.58 101.97 59.35
N GLY XA 39 23.44 101.50 58.12
CA GLY XA 39 23.81 102.32 56.99
C GLY XA 39 25.33 102.39 56.86
N ALA XA 40 25.83 103.61 56.64
CA ALA XA 40 27.26 103.83 56.51
C ALA XA 40 27.94 104.02 57.86
N VAL XA 41 27.18 104.29 58.92
CA VAL XA 41 27.74 104.57 60.22
C VAL XA 41 27.59 103.36 61.13
N SER XA 42 28.35 103.36 62.22
CA SER XA 42 28.24 102.39 63.29
C SER XA 42 27.96 103.12 64.59
N VAL XA 43 27.08 102.55 65.40
CA VAL XA 43 26.65 103.14 66.66
C VAL XA 43 26.65 102.07 67.74
N TYR XA 44 26.85 102.49 68.99
CA TYR XA 44 26.89 101.53 70.09
C TYR XA 44 25.47 101.13 70.46
N ASN XA 45 25.12 99.87 70.21
CA ASN XA 45 23.83 99.31 70.56
C ASN XA 45 23.93 98.62 71.91
N ALA XA 46 22.94 98.89 72.77
CA ALA XA 46 22.79 98.26 74.07
C ALA XA 46 21.59 97.32 74.02
N ARG XA 47 21.81 96.10 74.49
CA ARG XA 47 20.77 95.09 74.67
C ARG XA 47 20.60 94.89 76.17
N SER XA 48 19.57 95.51 76.73
CA SER XA 48 19.19 95.28 78.11
C SER XA 48 18.16 94.17 78.15
N GLU XA 49 18.25 93.29 79.14
CA GLU XA 49 17.15 92.38 79.42
C GLU XA 49 16.98 92.21 80.92
N VAL XA 50 15.75 92.44 81.37
CA VAL XA 50 15.38 92.46 82.78
C VAL XA 50 14.41 91.32 83.02
N ILE XA 51 14.82 90.36 83.85
CA ILE XA 51 14.11 89.10 84.04
C ILE XA 51 13.74 88.97 85.50
N THR XA 52 12.44 89.02 85.81
CA THR XA 52 11.96 88.75 87.16
C THR XA 52 11.31 87.36 87.16
N ASN XA 53 11.74 86.52 88.10
CA ASN XA 53 11.35 85.13 88.18
C ASN XA 53 10.73 84.87 89.55
N ARG XA 54 9.62 84.13 89.60
CA ARG XA 54 9.03 83.76 90.86
C ARG XA 54 8.54 82.33 90.76
N ALA XA 55 8.27 81.75 91.93
CA ALA XA 55 7.71 80.40 92.03
C ALA XA 55 6.63 80.39 93.10
N PRO XA 56 5.56 81.17 92.90
CA PRO XA 56 4.59 81.38 93.98
C PRO XA 56 3.71 80.16 94.17
N LEU XA 57 2.96 80.18 95.27
CA LEU XA 57 1.90 79.20 95.46
C LEU XA 57 0.71 79.59 94.59
N VAL XA 58 0.03 78.60 94.03
CA VAL XA 58 -1.17 78.88 93.26
C VAL XA 58 -2.32 79.14 94.22
N VAL XA 59 -2.89 80.34 94.14
CA VAL XA 59 -3.93 80.79 95.05
C VAL XA 59 -5.22 80.91 94.23
N ILE XA 60 -6.13 79.97 94.43
CA ILE XA 60 -7.42 79.99 93.77
C ILE XA 60 -8.27 81.04 94.45
N GLU XA 61 -9.06 81.79 93.68
CA GLU XA 61 -9.86 82.87 94.28
C GLU XA 61 -10.83 82.31 95.32
N GLY XA 62 -11.73 81.42 94.90
CA GLY XA 62 -12.72 80.90 95.83
C GLY XA 62 -12.10 80.20 97.03
N CYS XA 63 -10.93 79.59 96.86
CA CYS XA 63 -10.36 78.75 97.90
C CYS XA 63 -9.48 79.54 98.86
N THR XA 64 -9.33 78.98 100.05
CA THR XA 64 -8.42 79.53 101.05
C THR XA 64 -7.91 78.36 101.89
N ASP XA 65 -6.60 78.11 101.82
CA ASP XA 65 -5.99 76.92 102.42
C ASP XA 65 -4.52 77.19 102.64
N ALA XA 66 -4.05 77.07 103.89
CA ALA XA 66 -2.64 77.23 104.20
C ALA XA 66 -1.86 75.93 104.10
N CYS XA 67 -2.51 74.82 103.71
CA CYS XA 67 -1.87 73.52 103.69
C CYS XA 67 -1.49 73.05 102.30
N SER XA 68 -1.82 73.80 101.26
CA SER XA 68 -1.42 73.43 99.90
C SER XA 68 -0.03 74.00 99.61
N VAL XA 69 0.86 73.15 99.12
CA VAL XA 69 2.15 73.59 98.59
C VAL XA 69 2.15 73.52 97.06
N ASN XA 70 0.97 73.60 96.45
CA ASN XA 70 0.84 73.65 95.00
C ASN XA 70 1.56 74.88 94.47
N ARG XA 71 2.65 74.69 93.73
CA ARG XA 71 3.47 75.78 93.24
C ARG XA 71 3.66 75.68 91.73
N GLU XA 72 3.62 76.84 91.07
CA GLU XA 72 4.00 76.97 89.67
C GLU XA 72 5.10 78.02 89.56
N ASN XA 73 5.81 77.98 88.44
CA ASN XA 73 6.78 79.01 88.11
C ASN XA 73 6.11 80.09 87.27
N ILE XA 74 6.51 81.34 87.50
CA ILE XA 74 6.05 82.46 86.69
C ILE XA 74 7.26 83.34 86.38
N SER XA 75 7.21 83.99 85.22
CA SER XA 75 8.34 84.82 84.79
C SER XA 75 7.86 85.98 83.93
N ILE XA 76 8.48 87.13 84.15
CA ILE XA 76 8.25 88.32 83.33
C ILE XA 76 9.59 88.86 82.88
N ARG XA 77 9.80 88.92 81.58
CA ARG XA 77 11.04 89.36 80.97
C ARG XA 77 10.78 90.57 80.08
N THR XA 78 11.72 91.50 80.06
CA THR XA 78 11.62 92.68 79.22
C THR XA 78 12.96 92.95 78.57
N THR XA 79 13.00 92.90 77.24
CA THR XA 79 14.21 93.10 76.45
C THR XA 79 14.12 94.43 75.71
N ILE XA 80 15.22 95.16 75.68
CA ILE XA 80 15.31 96.49 75.10
C ILE XA 80 16.61 96.59 74.31
N SER XA 81 16.54 96.50 72.99
CA SER XA 81 17.72 96.55 72.13
C SER XA 81 17.65 97.81 71.27
N GLY XA 82 18.64 98.68 71.43
CA GLY XA 82 18.68 99.95 70.73
C GLY XA 82 19.96 100.68 71.01
N SER XA 83 20.32 101.57 70.09
CA SER XA 83 21.59 102.29 70.24
C SER XA 83 21.50 103.29 71.39
N VAL XA 84 22.68 103.65 71.89
CA VAL XA 84 22.75 104.71 72.91
C VAL XA 84 22.52 106.07 72.26
N GLU XA 85 22.84 106.20 70.98
CA GLU XA 85 22.69 107.49 70.30
C GLU XA 85 21.22 107.88 70.16
N ASN XA 86 20.37 106.94 69.74
CA ASN XA 86 18.93 107.18 69.65
C ASN XA 86 18.20 106.85 70.94
N LYS XA 87 18.87 106.89 72.09
CA LYS XA 87 18.20 106.54 73.34
C LYS XA 87 16.99 107.44 73.60
N ALA XA 88 16.91 108.59 72.93
CA ALA XA 88 15.70 109.40 72.98
C ALA XA 88 14.52 108.63 72.39
N ALA XA 89 14.66 108.15 71.15
CA ALA XA 89 13.58 107.38 70.53
C ALA XA 89 13.39 106.03 71.23
N VAL XA 90 14.46 105.48 71.81
CA VAL XA 90 14.33 104.25 72.60
C VAL XA 90 13.42 104.50 73.80
N LEU XA 91 13.63 105.60 74.52
CA LEU XA 91 12.81 105.89 75.69
C LEU XA 91 11.38 106.26 75.31
N ALA XA 92 11.20 106.99 74.19
CA ALA XA 92 9.85 107.27 73.71
C ALA XA 92 9.12 105.97 73.38
N ALA XA 93 9.80 105.07 72.68
CA ALA XA 93 9.24 103.75 72.39
C ALA XA 93 8.97 102.98 73.67
N LEU XA 94 9.80 103.15 74.70
CA LEU XA 94 9.57 102.47 75.96
C LEU XA 94 8.31 102.97 76.64
N LEU XA 95 8.11 104.30 76.65
CA LEU XA 95 6.89 104.85 77.23
C LEU XA 95 5.66 104.34 76.50
N ASP XA 96 5.68 104.38 75.17
CA ASP XA 96 4.55 103.89 74.39
C ASP XA 96 4.31 102.41 74.64
N HIS XA 97 5.39 101.63 74.72
CA HIS XA 97 5.30 100.20 75.00
C HIS XA 97 4.67 99.94 76.36
N LEU XA 98 5.13 100.65 77.39
CA LEU XA 98 4.60 100.46 78.74
C LEU XA 98 3.12 100.82 78.81
N HIS XA 99 2.73 101.94 78.18
CA HIS XA 99 1.33 102.34 78.20
C HIS XA 99 0.44 101.34 77.48
N ASN XA 100 0.89 100.84 76.32
CA ASN XA 100 0.07 99.88 75.60
C ASN XA 100 0.00 98.55 76.36
N LEU XA 101 1.13 98.13 76.96
CA LEU XA 101 1.13 96.95 77.81
C LEU XA 101 0.11 97.10 78.93
N GLY XA 102 0.08 98.27 79.56
CA GLY XA 102 -0.93 98.51 80.59
C GLY XA 102 -2.35 98.42 80.05
N LEU XA 103 -2.57 98.96 78.84
CA LEU XA 103 -3.88 98.83 78.21
C LEU XA 103 -4.28 97.36 78.04
N ALA XA 104 -3.30 96.48 77.83
CA ALA XA 104 -3.61 95.09 77.53
C ALA XA 104 -3.56 94.14 78.71
N ARG XA 105 -2.92 94.52 79.83
CA ARG XA 105 -2.52 93.52 80.82
C ARG XA 105 -3.72 92.82 81.46
N ASP XA 106 -4.82 93.55 81.66
CA ASP XA 106 -5.96 92.93 82.32
C ASP XA 106 -6.56 91.83 81.46
N ASP XA 107 -6.49 91.97 80.14
CA ASP XA 107 -6.87 90.87 79.25
C ASP XA 107 -5.81 89.78 79.21
N LEU XA 108 -4.53 90.17 79.15
CA LEU XA 108 -3.48 89.19 78.90
C LEU XA 108 -3.28 88.24 80.07
N VAL XA 109 -3.33 88.75 81.31
CA VAL XA 109 -3.14 87.86 82.45
C VAL XA 109 -4.34 86.97 82.67
N ALA XA 110 -5.49 87.30 82.08
CA ALA XA 110 -6.70 86.49 82.18
C ALA XA 110 -6.86 85.53 81.01
N GLY XA 111 -5.86 85.42 80.14
CA GLY XA 111 -5.92 84.52 79.01
C GLY XA 111 -6.70 85.03 77.82
N LEU XA 112 -7.15 86.27 77.86
CA LEU XA 112 -7.95 86.85 76.79
C LEU XA 112 -7.06 87.68 75.87
N LEU XA 113 -7.17 87.46 74.57
CA LEU XA 113 -6.44 88.28 73.61
C LEU XA 113 -7.09 89.65 73.54
N PRO XA 114 -6.34 90.74 73.77
CA PRO XA 114 -6.97 92.05 73.89
C PRO XA 114 -7.51 92.57 72.57
N THR XA 115 -8.70 92.09 72.20
CA THR XA 115 -9.31 92.48 70.92
C THR XA 115 -9.74 93.94 70.93
N THR XA 116 -10.05 94.50 72.10
CA THR XA 116 -10.74 95.76 72.22
C THR XA 116 -9.85 96.94 72.59
N ILE XA 117 -8.53 96.74 72.67
CA ILE XA 117 -7.65 97.80 73.12
C ILE XA 117 -7.27 98.69 71.94
N GLN XA 118 -6.80 99.90 72.25
CA GLN XA 118 -6.43 100.90 71.25
C GLN XA 118 -5.00 101.37 71.51
N PRO XA 119 -4.01 100.73 70.90
CA PRO XA 119 -2.62 101.17 71.09
C PRO XA 119 -2.36 102.52 70.44
N VAL XA 120 -1.46 103.28 71.06
CA VAL XA 120 -1.18 104.64 70.65
C VAL XA 120 0.32 104.80 70.40
N VAL XA 121 0.68 105.94 69.80
CA VAL XA 121 2.06 106.38 69.63
C VAL XA 121 2.17 107.75 70.29
N GLU XA 122 3.31 107.99 70.96
CA GLU XA 122 3.58 109.29 71.58
C GLU XA 122 2.54 109.62 72.66
N TYR XA 123 2.50 108.76 73.68
CA TYR XA 123 1.53 108.95 74.76
C TYR XA 123 1.80 110.22 75.55
N THR XA 124 0.72 110.94 75.86
CA THR XA 124 0.80 112.20 76.60
C THR XA 124 -0.33 112.30 77.64
N ALA YA 1 -33.67 99.45 45.26
CA ALA YA 1 -33.86 98.98 46.62
C ALA YA 1 -32.75 99.51 47.54
N GLN YA 2 -31.55 99.62 46.97
CA GLN YA 2 -30.33 100.05 47.68
C GLN YA 2 -30.12 99.26 48.97
N HIS YA 3 -30.43 97.97 48.93
CA HIS YA 3 -29.98 97.08 49.98
C HIS YA 3 -28.46 96.92 49.89
N ASN YA 4 -27.77 97.16 50.99
CA ASN YA 4 -26.31 97.17 50.97
C ASN YA 4 -25.73 95.78 51.19
N MET YA 5 -24.54 95.57 50.64
CA MET YA 5 -23.93 94.25 50.62
C MET YA 5 -23.57 93.79 52.04
N ARG YA 6 -23.45 92.47 52.21
CA ARG YA 6 -23.13 91.91 53.50
C ARG YA 6 -21.89 91.02 53.39
N LEU YA 7 -21.18 90.87 54.50
CA LEU YA 7 -19.82 90.36 54.48
C LEU YA 7 -19.76 88.85 54.36
N GLN YA 8 -18.86 88.36 53.52
CA GLN YA 8 -18.71 86.93 53.26
C GLN YA 8 -17.33 86.38 53.62
N LEU YA 9 -16.24 87.04 53.19
CA LEU YA 9 -14.89 86.50 53.36
C LEU YA 9 -13.95 87.58 53.86
N THR YA 10 -13.21 87.29 54.93
CA THR YA 10 -12.20 88.19 55.47
C THR YA 10 -10.87 87.45 55.54
N SER YA 11 -9.82 88.12 55.09
CA SER YA 11 -8.52 87.47 54.99
C SER YA 11 -7.37 88.29 55.54
N GLY YA 12 -7.62 89.49 56.06
CA GLY YA 12 -6.54 90.36 56.52
C GLY YA 12 -5.81 90.99 55.36
N THR YA 13 -5.99 90.39 54.18
CA THR YA 13 -5.53 90.93 52.91
C THR YA 13 -6.64 91.06 51.88
N SER YA 14 -7.73 90.30 52.02
CA SER YA 14 -8.85 90.33 51.09
C SER YA 14 -10.15 90.47 51.86
N LEU YA 15 -11.07 91.26 51.32
CA LEU YA 15 -12.42 91.37 51.83
C LEU YA 15 -13.38 91.08 50.70
N THR YA 16 -14.42 90.30 50.99
CA THR YA 16 -15.36 89.85 49.97
C THR YA 16 -16.76 89.97 50.54
N TRP YA 17 -17.53 90.91 49.99
CA TRP YA 17 -18.93 91.10 50.33
C TRP YA 17 -19.79 90.56 49.19
N VAL YA 18 -21.03 90.21 49.52
CA VAL YA 18 -21.96 89.64 48.55
C VAL YA 18 -23.32 90.32 48.72
N ASP YA 19 -24.04 90.41 47.61
CA ASP YA 19 -25.44 90.83 47.62
C ASP YA 19 -26.29 89.78 48.31
N PRO YA 20 -26.95 90.08 49.42
CA PRO YA 20 -27.76 89.06 50.11
C PRO YA 20 -28.88 88.47 49.27
N ASN YA 21 -29.33 89.16 48.22
CA ASN YA 21 -30.36 88.59 47.34
C ASN YA 21 -29.73 87.73 46.26
N ASP YA 22 -28.76 88.29 45.53
CA ASP YA 22 -28.14 87.62 44.39
C ASP YA 22 -26.70 87.30 44.74
N PHE YA 23 -26.40 86.01 44.91
CA PHE YA 23 -25.04 85.57 45.20
C PHE YA 23 -24.10 85.71 44.01
N ARG YA 24 -24.62 86.05 42.83
CA ARG YA 24 -23.78 86.21 41.65
C ARG YA 24 -23.00 87.51 41.66
N SER YA 25 -23.47 88.52 42.39
CA SER YA 25 -22.83 89.84 42.42
C SER YA 25 -22.03 89.97 43.71
N THR YA 26 -20.71 90.04 43.59
CA THR YA 26 -19.79 90.10 44.70
C THR YA 26 -18.89 91.32 44.55
N PHE YA 27 -18.20 91.64 45.64
CA PHE YA 27 -17.34 92.82 45.69
C PHE YA 27 -16.15 92.49 46.59
N ARG YA 28 -14.95 92.45 46.01
CA ARG YA 28 -13.74 92.15 46.74
C ARG YA 28 -12.81 93.35 46.72
N ILE YA 29 -12.10 93.55 47.83
CA ILE YA 29 -11.01 94.51 47.92
C ILE YA 29 -9.77 93.75 48.38
N ASN YA 30 -8.69 93.84 47.60
CA ASN YA 30 -7.41 93.22 47.92
C ASN YA 30 -6.39 94.34 48.10
N LEU YA 31 -5.52 94.17 49.10
CA LEU YA 31 -4.50 95.16 49.41
C LEU YA 31 -3.18 94.44 49.65
N ASN YA 32 -2.10 94.96 49.07
CA ASN YA 32 -0.78 94.38 49.25
C ASN YA 32 0.23 95.50 49.42
N VAL YA 33 0.87 95.55 50.58
CA VAL YA 33 1.88 96.54 50.89
C VAL YA 33 3.24 95.85 50.94
N ASN YA 34 4.23 96.50 50.33
CA ASN YA 34 5.61 95.99 50.35
C ASN YA 34 6.54 97.11 49.93
N GLN YA 35 7.82 96.96 50.27
CA GLN YA 35 8.74 98.06 49.98
C GLN YA 35 9.11 98.09 48.51
N LYS YA 36 9.59 99.25 48.08
CA LYS YA 36 9.92 99.53 46.69
C LYS YA 36 11.08 100.52 46.68
N VAL YA 37 11.94 100.38 45.69
CA VAL YA 37 13.12 101.23 45.57
C VAL YA 37 12.87 102.23 44.46
N ALA YA 38 12.63 103.49 44.84
CA ALA YA 38 12.53 104.60 43.90
C ALA YA 38 13.84 105.35 43.97
N GLY YA 39 14.63 105.25 42.91
CA GLY YA 39 15.95 105.85 42.90
C GLY YA 39 16.81 105.26 44.00
N ALA YA 40 17.18 106.10 44.98
CA ALA YA 40 17.99 105.68 46.12
C ALA YA 40 17.20 105.66 47.42
N VAL YA 41 15.86 105.69 47.34
CA VAL YA 41 15.02 105.77 48.52
C VAL YA 41 14.00 104.64 48.49
N SER YA 42 13.87 103.91 49.60
CA SER YA 42 12.86 102.88 49.71
C SER YA 42 11.60 103.46 50.32
N VAL YA 43 10.45 103.18 49.70
CA VAL YA 43 9.15 103.63 50.16
C VAL YA 43 8.19 102.44 50.15
N TYR YA 44 7.18 102.53 51.00
CA TYR YA 44 6.17 101.47 51.09
C TYR YA 44 5.12 101.66 50.01
N ASN YA 45 5.17 100.82 48.99
CA ASN YA 45 4.17 100.81 47.92
C ASN YA 45 3.00 99.93 48.32
N ALA YA 46 1.79 100.46 48.16
CA ALA YA 46 0.55 99.72 48.34
C ALA YA 46 -0.10 99.56 46.98
N ARG YA 47 -0.46 98.33 46.64
CA ARG YA 47 -1.27 98.02 45.46
C ARG YA 47 -2.62 97.54 45.96
N SER YA 48 -3.66 98.32 45.70
CA SER YA 48 -5.02 97.99 46.05
C SER YA 48 -5.79 97.66 44.78
N GLU YA 49 -6.46 96.53 44.73
CA GLU YA 49 -7.39 96.26 43.64
C GLU YA 49 -8.80 96.03 44.18
N VAL YA 50 -9.77 96.56 43.46
CA VAL YA 50 -11.18 96.55 43.84
C VAL YA 50 -11.94 95.90 42.69
N ILE YA 51 -12.49 94.71 42.93
CA ILE YA 51 -13.08 93.88 41.90
C ILE YA 51 -14.56 93.68 42.23
N THR YA 52 -15.44 94.18 41.38
CA THR YA 52 -16.87 93.89 41.48
C THR YA 52 -17.26 92.97 40.33
N ASN YA 53 -17.90 91.85 40.68
CA ASN YA 53 -18.25 90.79 39.72
C ASN YA 53 -19.75 90.57 39.74
N ARG YA 54 -20.34 90.38 38.56
CA ARG YA 54 -21.77 90.13 38.47
C ARG YA 54 -22.04 89.15 37.35
N ALA YA 55 -23.27 88.61 37.35
CA ALA YA 55 -23.69 87.61 36.37
C ALA YA 55 -25.09 87.97 35.88
N PRO YA 56 -25.21 88.92 34.96
CA PRO YA 56 -26.53 89.27 34.41
C PRO YA 56 -27.03 88.18 33.48
N LEU YA 57 -28.35 88.19 33.28
CA LEU YA 57 -28.98 87.30 32.33
C LEU YA 57 -29.10 87.99 30.98
N VAL YA 58 -28.91 87.22 29.91
CA VAL YA 58 -29.10 87.72 28.56
C VAL YA 58 -30.60 87.71 28.26
N VAL YA 59 -31.20 88.90 28.20
CA VAL YA 59 -32.64 89.05 28.01
C VAL YA 59 -32.92 89.07 26.51
N ILE YA 60 -33.59 88.02 26.02
CA ILE YA 60 -34.13 87.99 24.65
C ILE YA 60 -35.64 88.04 24.74
N GLU YA 61 -36.22 89.05 24.09
CA GLU YA 61 -37.68 89.13 23.99
C GLU YA 61 -38.22 87.95 23.19
N GLY YA 62 -39.36 87.42 23.63
CA GLY YA 62 -39.94 86.26 22.99
C GLY YA 62 -39.38 84.94 23.49
N CYS YA 63 -38.33 84.97 24.30
CA CYS YA 63 -37.71 83.76 24.85
C CYS YA 63 -37.86 83.80 26.36
N THR YA 64 -38.85 83.06 26.87
CA THR YA 64 -38.95 82.84 28.31
C THR YA 64 -37.80 81.95 28.75
N ASP YA 65 -36.80 82.54 29.38
CA ASP YA 65 -35.58 81.83 29.78
C ASP YA 65 -35.84 81.09 31.08
N ALA YA 66 -36.72 80.11 30.99
CA ALA YA 66 -36.87 79.13 32.06
C ALA YA 66 -35.53 78.49 32.35
N CYS YA 67 -35.22 78.33 33.63
CA CYS YA 67 -33.99 77.79 34.18
C CYS YA 67 -32.87 78.83 34.18
N SER YA 68 -33.09 80.01 33.59
CA SER YA 68 -32.10 81.09 33.55
C SER YA 68 -30.74 80.59 33.07
N VAL YA 69 -30.76 79.96 31.89
CA VAL YA 69 -29.53 79.36 31.36
C VAL YA 69 -28.69 80.38 30.60
N ASN YA 70 -29.33 81.29 29.87
CA ASN YA 70 -28.61 82.33 29.14
C ASN YA 70 -28.11 83.37 30.14
N ARG YA 71 -26.88 83.23 30.58
CA ARG YA 71 -26.33 84.10 31.62
C ARG YA 71 -24.90 84.50 31.26
N GLU YA 72 -24.56 85.74 31.59
CA GLU YA 72 -23.32 86.38 31.22
C GLU YA 72 -22.53 86.79 32.46
N ASN YA 73 -21.21 86.74 32.39
CA ASN YA 73 -20.34 87.29 33.42
C ASN YA 73 -19.89 88.68 33.02
N ILE YA 74 -20.01 89.63 33.95
CA ILE YA 74 -19.49 90.99 33.77
C ILE YA 74 -18.64 91.34 34.97
N SER YA 75 -17.62 92.18 34.74
CA SER YA 75 -16.70 92.51 35.82
C SER YA 75 -16.11 93.91 35.64
N ILE YA 76 -16.00 94.62 36.75
CA ILE YA 76 -15.38 95.93 36.79
C ILE YA 76 -14.30 95.91 37.87
N ARG YA 77 -13.06 96.18 37.47
CA ARG YA 77 -11.90 96.05 38.33
C ARG YA 77 -11.10 97.35 38.29
N THR YA 78 -10.47 97.67 39.42
CA THR YA 78 -9.72 98.91 39.55
C THR YA 78 -8.47 98.68 40.38
N THR YA 79 -7.30 98.92 39.79
CA THR YA 79 -6.01 98.73 40.45
C THR YA 79 -5.35 100.07 40.70
N ILE YA 80 -4.79 100.26 41.88
CA ILE YA 80 -4.21 101.51 42.33
C ILE YA 80 -2.91 101.14 43.03
N SER YA 81 -1.77 101.35 42.36
CA SER YA 81 -0.46 101.00 42.90
C SER YA 81 0.36 102.26 43.05
N GLY YA 82 0.75 102.57 44.28
CA GLY YA 82 1.54 103.76 44.55
C GLY YA 82 2.03 103.78 45.98
N SER YA 83 2.98 104.69 46.23
CA SER YA 83 3.53 104.83 47.57
C SER YA 83 2.47 105.38 48.52
N VAL YA 84 2.51 104.87 49.77
CA VAL YA 84 1.76 105.52 50.83
C VAL YA 84 2.30 106.93 51.06
N GLU YA 85 3.60 107.12 50.83
CA GLU YA 85 4.20 108.43 51.04
C GLU YA 85 3.70 109.46 50.03
N ASN YA 86 3.60 109.08 48.75
CA ASN YA 86 3.05 109.97 47.73
C ASN YA 86 1.56 109.81 47.55
N LYS YA 87 0.85 109.39 48.61
CA LYS YA 87 -0.58 109.20 48.50
C LYS YA 87 -1.31 110.47 48.05
N ALA YA 88 -0.68 111.64 48.23
CA ALA YA 88 -1.27 112.87 47.71
C ALA YA 88 -1.37 112.83 46.19
N ALA YA 89 -0.26 112.55 45.51
CA ALA YA 89 -0.29 112.44 44.06
C ALA YA 89 -1.09 111.23 43.60
N VAL YA 90 -1.13 110.16 44.42
CA VAL YA 90 -1.98 109.02 44.11
C VAL YA 90 -3.44 109.46 44.06
N LEU YA 91 -3.88 110.24 45.05
CA LEU YA 91 -5.28 110.68 45.10
C LEU YA 91 -5.59 111.69 44.01
N ALA YA 92 -4.65 112.58 43.70
CA ALA YA 92 -4.82 113.47 42.55
C ALA YA 92 -5.03 112.67 41.27
N ALA YA 93 -4.18 111.64 41.08
CA ALA YA 93 -4.33 110.75 39.94
C ALA YA 93 -5.66 110.03 39.96
N LEU YA 94 -6.14 109.64 41.14
CA LEU YA 94 -7.43 108.96 41.21
C LEU YA 94 -8.57 109.87 40.81
N LEU YA 95 -8.55 111.12 41.28
CA LEU YA 95 -9.59 112.07 40.88
C LEU YA 95 -9.59 112.27 39.37
N ASP YA 96 -8.41 112.55 38.80
CA ASP YA 96 -8.33 112.76 37.35
C ASP YA 96 -8.75 111.51 36.58
N HIS YA 97 -8.38 110.33 37.10
CA HIS YA 97 -8.77 109.06 36.49
C HIS YA 97 -10.28 108.89 36.49
N LEU YA 98 -10.92 109.14 37.65
CA LEU YA 98 -12.36 108.97 37.75
C LEU YA 98 -13.09 109.93 36.81
N HIS YA 99 -12.62 111.18 36.74
CA HIS YA 99 -13.29 112.15 35.87
C HIS YA 99 -13.14 111.77 34.39
N ASN YA 100 -11.96 111.32 33.99
CA ASN YA 100 -11.77 110.94 32.59
C ASN YA 100 -12.54 109.67 32.26
N LEU YA 101 -12.57 108.72 33.20
CA LEU YA 101 -13.43 107.56 33.05
C LEU YA 101 -14.88 107.98 32.82
N GLY YA 102 -15.35 108.93 33.62
CA GLY YA 102 -16.70 109.44 33.43
C GLY YA 102 -16.90 110.09 32.09
N LEU YA 103 -15.86 110.72 31.55
CA LEU YA 103 -15.96 111.26 30.19
C LEU YA 103 -16.17 110.15 29.18
N ALA YA 104 -15.49 109.02 29.35
CA ALA YA 104 -15.57 107.96 28.36
C ALA YA 104 -16.66 106.92 28.64
N ARG YA 105 -17.33 107.01 29.81
CA ARG YA 105 -18.09 105.87 30.32
C ARG YA 105 -19.25 105.49 29.42
N ASP YA 106 -19.85 106.46 28.74
CA ASP YA 106 -21.01 106.13 27.92
C ASP YA 106 -20.58 105.49 26.61
N ASP YA 107 -19.51 105.99 26.00
CA ASP YA 107 -19.00 105.40 24.76
C ASP YA 107 -18.48 103.99 25.01
N LEU YA 108 -17.64 103.83 26.04
CA LEU YA 108 -16.96 102.56 26.24
C LEU YA 108 -17.93 101.41 26.48
N VAL YA 109 -18.99 101.66 27.24
CA VAL YA 109 -19.91 100.57 27.58
C VAL YA 109 -20.75 100.18 26.38
N ALA YA 110 -20.90 101.07 25.40
CA ALA YA 110 -21.62 100.78 24.17
C ALA YA 110 -20.73 100.14 23.10
N GLY YA 111 -19.48 99.84 23.42
CA GLY YA 111 -18.57 99.20 22.49
C GLY YA 111 -17.93 100.12 21.48
N LEU YA 112 -17.85 101.42 21.77
CA LEU YA 112 -17.42 102.42 20.82
C LEU YA 112 -16.20 103.15 21.38
N LEU YA 113 -15.16 103.28 20.56
CA LEU YA 113 -13.96 103.97 21.00
C LEU YA 113 -14.26 105.46 21.22
N PRO YA 114 -13.98 106.00 22.42
CA PRO YA 114 -14.31 107.42 22.70
C PRO YA 114 -13.34 108.37 22.00
N THR YA 115 -13.42 108.42 20.67
CA THR YA 115 -12.55 109.28 19.90
C THR YA 115 -12.80 110.76 20.15
N THR YA 116 -13.99 111.11 20.63
CA THR YA 116 -14.37 112.51 20.76
C THR YA 116 -13.94 113.15 22.07
N ILE YA 117 -13.86 112.39 23.16
CA ILE YA 117 -13.61 112.99 24.47
C ILE YA 117 -12.22 113.63 24.51
N GLN YA 118 -12.03 114.50 25.50
CA GLN YA 118 -10.74 115.14 25.76
C GLN YA 118 -10.46 115.08 27.26
N PRO YA 119 -9.52 114.25 27.70
CA PRO YA 119 -9.25 114.13 29.13
C PRO YA 119 -8.54 115.38 29.68
N VAL YA 120 -8.41 115.40 31.00
CA VAL YA 120 -7.96 116.58 31.73
C VAL YA 120 -6.98 116.13 32.82
N VAL YA 121 -6.05 117.03 33.17
CA VAL YA 121 -5.24 116.92 34.38
C VAL YA 121 -5.73 117.95 35.37
N GLU YA 122 -5.74 117.59 36.65
CA GLU YA 122 -6.06 118.52 37.75
C GLU YA 122 -7.50 119.04 37.66
N TYR YA 123 -8.46 118.12 37.55
CA TYR YA 123 -9.85 118.53 37.52
C TYR YA 123 -10.22 119.30 38.79
N THR YA 124 -11.03 120.34 38.61
CA THR YA 124 -11.46 121.19 39.69
C THR YA 124 -12.95 121.52 39.59
N ALA ZA 1 16.12 100.93 -85.67
CA ALA ZA 1 14.91 100.25 -86.11
C ALA ZA 1 13.71 100.69 -85.28
N GLN ZA 2 13.94 101.12 -84.05
CA GLN ZA 2 12.88 101.66 -83.19
C GLN ZA 2 11.76 100.62 -82.98
N HIS ZA 3 12.15 99.36 -82.85
CA HIS ZA 3 11.20 98.30 -82.54
C HIS ZA 3 11.13 98.12 -81.03
N ASN ZA 4 9.92 98.17 -80.49
CA ASN ZA 4 9.71 98.08 -79.05
C ASN ZA 4 9.83 96.64 -78.55
N MET ZA 5 10.28 96.51 -77.30
CA MET ZA 5 10.56 95.20 -76.70
C MET ZA 5 9.26 94.44 -76.44
N ARG ZA 6 9.36 93.11 -76.40
CA ARG ZA 6 8.21 92.27 -76.10
C ARG ZA 6 8.43 91.56 -74.77
N LEU ZA 7 7.35 91.41 -74.01
CA LEU ZA 7 7.44 90.96 -72.63
C LEU ZA 7 7.66 89.45 -72.54
N GLN ZA 8 8.49 89.06 -71.56
CA GLN ZA 8 8.86 87.65 -71.39
C GLN ZA 8 8.54 87.08 -70.01
N LEU ZA 9 8.72 87.85 -68.93
CA LEU ZA 9 8.53 87.30 -67.59
C LEU ZA 9 7.79 88.29 -66.68
N THR ZA 10 6.69 87.84 -66.08
CA THR ZA 10 5.93 88.62 -65.09
C THR ZA 10 5.92 87.88 -63.77
N SER ZA 11 6.15 88.62 -62.67
CA SER ZA 11 6.22 87.99 -61.36
C SER ZA 11 5.52 88.76 -60.26
N GLY ZA 12 4.90 89.90 -60.54
CA GLY ZA 12 4.30 90.72 -59.50
C GLY ZA 12 5.33 91.48 -58.68
N THR ZA 13 6.58 91.08 -58.80
CA THR ZA 13 7.71 91.81 -58.25
C THR ZA 13 8.77 92.14 -59.29
N SER ZA 14 8.78 91.47 -60.44
CA SER ZA 14 9.70 91.80 -61.52
C SER ZA 14 8.94 91.79 -62.84
N LEU ZA 15 9.52 92.47 -63.81
CA LEU ZA 15 9.08 92.45 -65.19
C LEU ZA 15 10.31 92.29 -66.06
N THR ZA 16 10.21 91.46 -67.09
CA THR ZA 16 11.36 91.10 -67.91
C THR ZA 16 10.93 91.12 -69.38
N TRP ZA 17 11.30 92.19 -70.08
CA TRP ZA 17 11.11 92.33 -71.52
C TRP ZA 17 12.39 91.95 -72.25
N VAL ZA 18 12.23 91.60 -73.52
CA VAL ZA 18 13.34 91.17 -74.35
C VAL ZA 18 13.16 91.72 -75.76
N ASP ZA 19 14.28 92.02 -76.42
CA ASP ZA 19 14.28 92.38 -77.83
C ASP ZA 19 13.93 91.16 -78.66
N PRO ZA 20 12.83 91.17 -79.41
CA PRO ZA 20 12.48 89.98 -80.21
C PRO ZA 20 13.54 89.58 -81.22
N ASN ZA 21 14.37 90.52 -81.67
CA ASN ZA 21 15.44 90.18 -82.60
C ASN ZA 21 16.63 89.58 -81.89
N ASP ZA 22 17.16 90.28 -80.89
CA ASP ZA 22 18.31 89.83 -80.11
C ASP ZA 22 17.83 89.48 -78.70
N PHE ZA 23 17.81 88.18 -78.39
CA PHE ZA 23 17.50 87.74 -77.03
C PHE ZA 23 18.57 88.13 -76.02
N ARG ZA 24 19.72 88.65 -76.46
CA ARG ZA 24 20.79 89.00 -75.54
C ARG ZA 24 20.56 90.34 -74.85
N SER ZA 25 19.60 91.15 -75.31
CA SER ZA 25 19.30 92.45 -74.72
C SER ZA 25 18.01 92.33 -73.90
N THR ZA 26 18.15 92.30 -72.58
CA THR ZA 26 17.08 92.14 -71.63
C THR ZA 26 16.80 93.48 -70.95
N PHE ZA 27 15.57 93.65 -70.48
CA PHE ZA 27 15.19 94.83 -69.70
C PHE ZA 27 14.29 94.38 -68.55
N ARG ZA 28 14.78 94.48 -67.32
CA ARG ZA 28 14.04 94.05 -66.14
C ARG ZA 28 13.78 95.25 -65.23
N ILE ZA 29 12.62 95.22 -64.58
CA ILE ZA 29 12.25 96.17 -63.53
C ILE ZA 29 11.84 95.37 -62.29
N ASN ZA 30 12.49 95.65 -61.16
CA ASN ZA 30 12.20 95.01 -59.88
C ASN ZA 30 11.68 96.09 -58.93
N LEU ZA 31 10.52 95.86 -58.33
CA LEU ZA 31 9.95 96.79 -57.37
C LEU ZA 31 9.68 96.05 -56.08
N ASN ZA 32 10.25 96.54 -54.98
CA ASN ZA 32 10.05 95.94 -53.67
C ASN ZA 32 9.56 97.03 -52.72
N VAL ZA 33 8.48 96.77 -52.02
CA VAL ZA 33 7.90 97.74 -51.10
C VAL ZA 33 7.81 97.14 -49.71
N ASN ZA 34 8.18 97.93 -48.71
CA ASN ZA 34 8.08 97.52 -47.32
C ASN ZA 34 8.08 98.76 -46.44
N GLN ZA 35 7.55 98.62 -45.22
CA GLN ZA 35 7.46 99.75 -44.31
C GLN ZA 35 8.81 100.03 -43.66
N LYS ZA 36 9.14 101.31 -43.56
CA LYS ZA 36 10.31 101.78 -42.82
C LYS ZA 36 9.83 102.79 -41.79
N VAL ZA 37 10.72 103.12 -40.85
CA VAL ZA 37 10.42 104.10 -39.83
C VAL ZA 37 11.18 105.37 -40.17
N ALA ZA 38 10.45 106.42 -40.55
CA ALA ZA 38 11.04 107.72 -40.81
C ALA ZA 38 10.75 108.60 -39.59
N GLY ZA 39 11.78 108.86 -38.80
CA GLY ZA 39 11.63 109.72 -37.64
C GLY ZA 39 10.54 109.26 -36.71
N ALA ZA 40 9.44 110.01 -36.68
CA ALA ZA 40 8.35 109.72 -35.75
C ALA ZA 40 7.32 108.76 -36.31
N VAL ZA 41 7.19 108.64 -37.64
CA VAL ZA 41 6.08 107.90 -38.21
C VAL ZA 41 6.63 106.89 -39.22
N SER ZA 42 5.86 105.83 -39.46
CA SER ZA 42 6.21 104.84 -40.46
C SER ZA 42 5.74 105.27 -41.83
N VAL ZA 43 6.56 104.96 -42.85
CA VAL ZA 43 6.24 105.26 -44.24
C VAL ZA 43 6.50 104.01 -45.07
N TYR ZA 44 6.07 104.06 -46.33
CA TYR ZA 44 6.23 102.93 -47.25
C TYR ZA 44 7.39 103.20 -48.20
N ASN ZA 45 8.50 102.49 -47.98
CA ASN ZA 45 9.67 102.61 -48.86
C ASN ZA 45 9.53 101.65 -50.03
N ALA ZA 46 9.88 102.14 -51.22
CA ALA ZA 46 9.79 101.38 -52.46
C ALA ZA 46 11.15 101.43 -53.14
N ARG ZA 47 11.90 100.34 -53.05
CA ARG ZA 47 13.15 100.20 -53.78
C ARG ZA 47 12.82 99.67 -55.17
N SER ZA 48 12.86 100.55 -56.15
CA SER ZA 48 12.80 100.17 -57.55
C SER ZA 48 14.22 99.98 -58.06
N GLU ZA 49 14.38 99.06 -59.01
CA GLU ZA 49 15.61 99.01 -59.78
C GLU ZA 49 15.28 98.60 -61.21
N VAL ZA 50 16.02 99.19 -62.13
CA VAL ZA 50 15.81 99.02 -63.56
C VAL ZA 50 17.13 98.59 -64.17
N ILE ZA 51 17.18 97.37 -64.68
CA ILE ZA 51 18.41 96.76 -65.17
C ILE ZA 51 18.24 96.46 -66.65
N THR ZA 52 19.11 97.04 -67.47
CA THR ZA 52 19.16 96.71 -68.89
C THR ZA 52 20.49 96.00 -69.18
N ASN ZA 53 20.38 94.82 -69.80
CA ASN ZA 53 21.50 93.93 -70.06
C ASN ZA 53 21.65 93.75 -71.57
N ARG ZA 54 22.88 93.73 -72.05
CA ARG ZA 54 23.11 93.49 -73.47
C ARG ZA 54 24.42 92.72 -73.63
N ALA ZA 55 24.61 92.19 -74.83
CA ALA ZA 55 25.81 91.43 -75.18
C ALA ZA 55 26.24 91.81 -76.58
N PRO ZA 56 26.78 93.02 -76.75
CA PRO ZA 56 27.28 93.42 -78.07
C PRO ZA 56 28.51 92.62 -78.44
N LEU ZA 57 28.80 92.58 -79.73
CA LEU ZA 57 29.92 91.81 -80.24
C LEU ZA 57 31.18 92.67 -80.25
N VAL ZA 58 32.29 92.06 -79.85
CA VAL ZA 58 33.58 92.74 -79.82
C VAL ZA 58 34.24 92.51 -81.18
N VAL ZA 59 34.47 93.59 -81.91
CA VAL ZA 59 34.96 93.51 -83.28
C VAL ZA 59 36.25 94.32 -83.39
N ILE ZA 60 37.34 93.64 -83.77
CA ILE ZA 60 38.60 94.29 -84.13
C ILE ZA 60 38.82 94.01 -85.62
N GLU ZA 61 38.85 95.07 -86.43
CA GLU ZA 61 38.68 94.93 -87.87
C GLU ZA 61 39.69 93.97 -88.48
N GLY ZA 62 40.95 94.05 -88.04
CA GLY ZA 62 41.95 93.14 -88.57
C GLY ZA 62 42.07 91.83 -87.86
N CYS ZA 63 41.42 91.68 -86.70
CA CYS ZA 63 41.70 90.59 -85.79
C CYS ZA 63 40.52 89.67 -85.52
N THR ZA 64 39.28 90.17 -85.56
CA THR ZA 64 38.11 89.41 -85.10
C THR ZA 64 37.60 88.54 -86.24
N ASP ZA 65 37.75 87.24 -86.09
CA ASP ZA 65 37.14 86.29 -87.01
C ASP ZA 65 35.63 86.38 -86.92
N ALA ZA 66 34.97 86.54 -88.07
CA ALA ZA 66 33.52 86.69 -88.07
C ALA ZA 66 32.81 85.38 -87.75
N CYS ZA 67 33.43 84.24 -88.05
CA CYS ZA 67 32.80 82.95 -87.82
C CYS ZA 67 32.66 82.67 -86.33
N SER ZA 68 33.72 82.89 -85.56
CA SER ZA 68 33.69 82.71 -84.12
C SER ZA 68 33.30 84.04 -83.48
N VAL ZA 69 32.06 84.13 -82.99
CA VAL ZA 69 31.58 85.37 -82.41
C VAL ZA 69 32.32 85.65 -81.11
N ASN ZA 70 32.63 86.92 -80.88
CA ASN ZA 70 33.26 87.37 -79.64
C ASN ZA 70 32.32 88.41 -79.04
N ARG ZA 71 31.68 88.05 -77.93
CA ARG ZA 71 30.69 88.92 -77.31
C ARG ZA 71 31.14 89.35 -75.92
N GLU ZA 72 30.57 90.49 -75.49
CA GLU ZA 72 30.86 91.12 -74.22
C GLU ZA 72 29.55 91.46 -73.53
N ASN ZA 73 29.44 91.16 -72.25
CA ASN ZA 73 28.28 91.60 -71.48
C ASN ZA 73 28.46 93.06 -71.09
N ILE ZA 74 27.41 93.86 -71.31
CA ILE ZA 74 27.36 95.23 -70.83
C ILE ZA 74 26.05 95.41 -70.06
N SER ZA 75 26.09 96.25 -69.03
CA SER ZA 75 24.93 96.39 -68.16
C SER ZA 75 24.80 97.82 -67.66
N ILE ZA 76 23.54 98.29 -67.59
CA ILE ZA 76 23.22 99.57 -66.99
C ILE ZA 76 22.09 99.36 -65.99
N ARG ZA 77 22.38 99.63 -64.72
CA ARG ZA 77 21.49 99.36 -63.60
C ARG ZA 77 21.15 100.69 -62.93
N THR ZA 78 19.94 100.81 -62.41
CA THR ZA 78 19.52 102.04 -61.72
C THR ZA 78 18.62 101.70 -60.55
N THR ZA 79 19.08 101.98 -59.34
CA THR ZA 79 18.35 101.75 -58.11
C THR ZA 79 17.80 103.08 -57.57
N ILE ZA 80 16.54 103.05 -57.12
CA ILE ZA 80 15.83 104.22 -56.62
C ILE ZA 80 15.09 103.78 -55.36
N SER ZA 81 15.59 104.18 -54.18
CA SER ZA 81 15.00 103.77 -52.91
C SER ZA 81 14.60 105.00 -52.12
N GLY ZA 82 13.30 105.13 -51.87
CA GLY ZA 82 12.71 106.20 -51.08
C GLY ZA 82 11.26 105.85 -50.83
N SER ZA 83 10.63 106.62 -49.95
CA SER ZA 83 9.24 106.33 -49.61
C SER ZA 83 8.28 106.79 -50.72
N VAL ZA 84 7.18 106.06 -50.87
CA VAL ZA 84 6.09 106.51 -51.74
C VAL ZA 84 5.44 107.75 -51.14
N GLU ZA 85 5.50 107.87 -49.81
CA GLU ZA 85 4.91 109.01 -49.13
C GLU ZA 85 5.55 110.32 -49.59
N ASN ZA 86 6.87 110.30 -49.78
CA ASN ZA 86 7.68 111.48 -50.09
C ASN ZA 86 8.18 111.44 -51.54
N LYS ZA 87 7.40 110.84 -52.43
CA LYS ZA 87 7.84 110.65 -53.80
C LYS ZA 87 8.11 111.99 -54.50
N ALA ZA 88 7.59 113.09 -53.95
CA ALA ZA 88 7.94 114.40 -54.48
C ALA ZA 88 9.44 114.64 -54.40
N ALA ZA 89 10.01 114.47 -53.21
CA ALA ZA 89 11.46 114.63 -53.05
C ALA ZA 89 12.22 113.48 -53.71
N VAL ZA 90 11.61 112.29 -53.80
CA VAL ZA 90 12.25 111.21 -54.56
C VAL ZA 90 12.48 111.63 -56.00
N LEU ZA 91 11.44 112.17 -56.66
CA LEU ZA 91 11.55 112.60 -58.05
C LEU ZA 91 12.44 113.84 -58.20
N ALA ZA 92 12.38 114.75 -57.23
CA ALA ZA 92 13.28 115.91 -57.28
C ALA ZA 92 14.74 115.46 -57.20
N ALA ZA 93 15.02 114.38 -56.48
CA ALA ZA 93 16.35 113.80 -56.49
C ALA ZA 93 16.64 113.09 -57.80
N LEU ZA 94 15.63 112.43 -58.37
CA LEU ZA 94 15.83 111.70 -59.62
C LEU ZA 94 16.24 112.64 -60.75
N LEU ZA 95 15.59 113.78 -60.85
CA LEU ZA 95 15.88 114.71 -61.94
C LEU ZA 95 17.32 115.20 -61.87
N ASP ZA 96 17.75 115.60 -60.66
CA ASP ZA 96 19.13 116.06 -60.47
C ASP ZA 96 20.12 114.93 -60.77
N HIS ZA 97 19.80 113.70 -60.34
CA HIS ZA 97 20.65 112.56 -60.62
C HIS ZA 97 20.80 112.34 -62.11
N LEU ZA 98 19.68 112.34 -62.84
CA LEU ZA 98 19.72 112.08 -64.28
C LEU ZA 98 20.52 113.16 -65.01
N HIS ZA 99 20.31 114.43 -64.65
CA HIS ZA 99 21.03 115.52 -65.31
C HIS ZA 99 22.53 115.43 -65.03
N ASN ZA 100 22.91 115.13 -63.78
CA ASN ZA 100 24.33 115.04 -63.47
C ASN ZA 100 24.96 113.83 -64.15
N LEU ZA 101 24.25 112.71 -64.20
CA LEU ZA 101 24.71 111.56 -64.98
C LEU ZA 101 24.94 111.96 -66.42
N GLY ZA 102 24.02 112.74 -67.00
CA GLY ZA 102 24.22 113.22 -68.36
C GLY ZA 102 25.48 114.05 -68.49
N LEU ZA 103 25.74 114.92 -67.52
CA LEU ZA 103 26.98 115.70 -67.54
C LEU ZA 103 28.20 114.78 -67.55
N ALA ZA 104 28.13 113.66 -66.85
CA ALA ZA 104 29.30 112.81 -66.72
C ALA ZA 104 29.45 111.77 -67.83
N ARG ZA 105 28.38 111.44 -68.56
CA ARG ZA 105 28.35 110.18 -69.31
C ARG ZA 105 29.43 110.13 -70.37
N ASP ZA 106 29.69 111.26 -71.03
CA ASP ZA 106 30.67 111.28 -72.10
C ASP ZA 106 32.05 110.92 -71.57
N ASP ZA 107 32.39 111.43 -70.37
CA ASP ZA 107 33.65 111.07 -69.74
C ASP ZA 107 33.63 109.63 -69.25
N LEU ZA 108 32.52 109.19 -68.67
CA LEU ZA 108 32.49 107.89 -68.01
C LEU ZA 108 32.57 106.73 -69.01
N VAL ZA 109 31.82 106.81 -70.12
CA VAL ZA 109 31.83 105.71 -71.07
C VAL ZA 109 33.17 105.58 -71.77
N ALA ZA 110 34.00 106.62 -71.75
CA ALA ZA 110 35.33 106.60 -72.34
C ALA ZA 110 36.41 106.24 -71.33
N GLY ZA 111 36.03 105.77 -70.14
CA GLY ZA 111 37.00 105.36 -69.15
C GLY ZA 111 37.74 106.48 -68.45
N LEU ZA 112 37.27 107.72 -68.59
CA LEU ZA 112 37.93 108.87 -68.00
C LEU ZA 112 37.19 109.31 -66.74
N LEU ZA 113 37.95 109.71 -65.72
CA LEU ZA 113 37.36 110.18 -64.48
C LEU ZA 113 36.83 111.60 -64.67
N PRO ZA 114 35.52 111.84 -64.50
CA PRO ZA 114 34.95 113.15 -64.81
C PRO ZA 114 35.39 114.23 -63.83
N THR ZA 115 36.66 114.64 -63.93
CA THR ZA 115 37.24 115.59 -62.98
C THR ZA 115 36.81 117.03 -63.23
N THR ZA 116 36.27 117.34 -64.41
CA THR ZA 116 35.93 118.72 -64.74
C THR ZA 116 34.49 119.06 -64.39
N ILE ZA 117 33.55 118.13 -64.58
CA ILE ZA 117 32.13 118.44 -64.50
C ILE ZA 117 31.75 119.02 -63.14
N GLN ZA 118 30.67 119.79 -63.11
CA GLN ZA 118 30.13 120.32 -61.86
C GLN ZA 118 28.65 120.00 -61.76
N PRO ZA 119 28.25 119.16 -60.80
CA PRO ZA 119 26.83 118.83 -60.65
C PRO ZA 119 26.03 119.97 -60.06
N VAL ZA 120 24.75 119.75 -59.80
CA VAL ZA 120 23.85 120.81 -59.38
C VAL ZA 120 22.66 120.20 -58.65
N VAL ZA 121 22.09 120.97 -57.73
CA VAL ZA 121 20.85 120.62 -57.05
C VAL ZA 121 19.73 121.47 -57.65
N GLU ZA 122 18.51 120.94 -57.66
CA GLU ZA 122 17.31 121.69 -58.07
C GLU ZA 122 17.47 122.25 -59.49
N TYR ZA 123 17.77 121.35 -60.43
CA TYR ZA 123 18.01 121.75 -61.81
C TYR ZA 123 16.72 122.28 -62.44
N THR ZA 124 16.79 123.49 -62.99
CA THR ZA 124 15.64 124.17 -63.58
C THR ZA 124 15.75 124.11 -65.10
N GLY ZA 125 14.84 123.38 -65.73
CA GLY ZA 125 14.77 123.31 -67.18
C GLY ZA 125 15.94 122.60 -67.85
N ALA AB 1 16.23 126.56 -56.66
CA ALA AB 1 17.28 127.58 -56.53
C ALA AB 1 18.42 127.29 -57.50
N GLN AB 2 18.59 126.02 -57.84
CA GLN AB 2 19.67 125.54 -58.71
C GLN AB 2 21.03 126.13 -58.32
N HIS AB 3 21.38 125.96 -57.05
CA HIS AB 3 22.73 126.22 -56.57
C HIS AB 3 23.56 124.97 -56.81
N ASN AB 4 24.55 125.07 -57.70
CA ASN AB 4 25.29 123.88 -58.11
C ASN AB 4 26.21 123.36 -57.00
N MET AB 5 26.44 122.05 -57.01
CA MET AB 5 27.12 121.37 -55.92
C MET AB 5 28.59 121.76 -55.87
N ARG AB 6 29.16 121.60 -54.68
CA ARG AB 6 30.55 121.94 -54.40
C ARG AB 6 31.35 120.65 -54.25
N LEU AB 7 32.52 120.61 -54.89
CA LEU AB 7 33.41 119.46 -54.71
C LEU AB 7 33.83 119.35 -53.26
N GLN AB 8 33.91 118.13 -52.77
CA GLN AB 8 34.34 118.03 -51.39
C GLN AB 8 35.50 117.03 -51.21
N LEU AB 9 35.51 115.92 -51.94
CA LEU AB 9 36.58 114.95 -51.76
C LEU AB 9 36.92 114.21 -53.05
N THR AB 10 38.21 114.11 -53.34
CA THR AB 10 38.73 113.30 -54.44
C THR AB 10 39.78 112.36 -53.87
N SER AB 11 39.58 111.05 -54.06
CA SER AB 11 40.55 110.07 -53.58
C SER AB 11 40.36 108.76 -54.33
N GLY AB 12 41.47 108.17 -54.76
CA GLY AB 12 41.42 106.91 -55.48
C GLY AB 12 40.72 107.01 -56.82
N THR AB 13 39.54 106.39 -56.92
CA THR AB 13 38.74 106.43 -58.13
C THR AB 13 37.42 107.14 -57.93
N SER AB 14 37.25 107.85 -56.81
CA SER AB 14 35.96 108.43 -56.44
C SER AB 14 36.02 109.95 -56.46
N LEU AB 15 34.87 110.56 -56.74
CA LEU AB 15 34.67 111.99 -56.63
C LEU AB 15 33.41 112.21 -55.81
N THR AB 16 33.45 113.17 -54.88
CA THR AB 16 32.35 113.38 -53.95
C THR AB 16 32.05 114.87 -53.84
N TRP AB 17 30.89 115.27 -54.35
CA TRP AB 17 30.34 116.61 -54.26
C TRP AB 17 29.23 116.64 -53.22
N VAL AB 18 28.92 117.84 -52.74
CA VAL AB 18 27.92 118.04 -51.70
C VAL AB 18 27.14 119.31 -51.98
N ASP AB 19 25.89 119.32 -51.54
CA ASP AB 19 25.05 120.52 -51.58
C ASP AB 19 25.54 121.51 -50.53
N PRO AB 20 25.97 122.71 -50.91
CA PRO AB 20 26.46 123.68 -49.92
C PRO AB 20 25.40 124.13 -48.92
N ASN AB 21 24.12 123.82 -49.13
CA ASN AB 21 23.11 124.24 -48.17
C ASN AB 21 22.91 123.21 -47.07
N ASP AB 22 22.63 121.95 -47.41
CA ASP AB 22 22.70 120.90 -46.41
C ASP AB 22 23.67 119.81 -46.87
N PHE AB 23 24.40 119.29 -45.90
CA PHE AB 23 25.41 118.25 -46.05
C PHE AB 23 24.80 116.89 -46.31
N ARG AB 24 23.46 116.80 -46.33
CA ARG AB 24 22.76 115.52 -46.42
C ARG AB 24 22.67 114.99 -47.84
N SER AB 25 22.67 115.89 -48.83
CA SER AB 25 22.54 115.49 -50.23
C SER AB 25 23.91 115.58 -50.89
N THR AB 26 24.45 114.42 -51.26
CA THR AB 26 25.78 114.25 -51.81
C THR AB 26 25.71 113.52 -53.14
N PHE AB 27 26.83 113.55 -53.86
CA PHE AB 27 26.89 113.00 -55.21
C PHE AB 27 28.28 112.42 -55.41
N ARG AB 28 28.35 111.11 -55.69
CA ARG AB 28 29.61 110.42 -55.83
C ARG AB 28 29.69 109.75 -57.20
N ILE AB 29 30.89 109.70 -57.76
CA ILE AB 29 31.15 108.96 -58.99
C ILE AB 29 32.38 108.10 -58.77
N ASN AB 30 32.24 106.79 -58.99
CA ASN AB 30 33.33 105.82 -58.94
C ASN AB 30 33.59 105.30 -60.34
N LEU AB 31 34.87 105.12 -60.67
CA LEU AB 31 35.27 104.66 -62.00
C LEU AB 31 36.34 103.58 -61.83
N ASN AB 32 36.07 102.39 -62.36
CA ASN AB 32 36.99 101.27 -62.26
C ASN AB 32 37.26 100.75 -63.67
N VAL AB 33 38.44 101.04 -64.20
CA VAL AB 33 38.84 100.59 -65.52
C VAL AB 33 39.84 99.45 -65.37
N ASN AB 34 39.62 98.38 -66.11
CA ASN AB 34 40.51 97.22 -66.08
C ASN AB 34 40.19 96.31 -67.27
N GLN AB 35 41.11 95.39 -67.57
CA GLN AB 35 40.97 94.58 -68.76
C GLN AB 35 39.97 93.44 -68.56
N LYS AB 36 39.10 93.28 -69.54
CA LYS AB 36 38.08 92.26 -69.62
C LYS AB 36 38.45 91.30 -70.73
N VAL AB 37 38.09 90.03 -70.58
CA VAL AB 37 38.38 89.01 -71.58
C VAL AB 37 37.07 88.60 -72.23
N ALA AB 38 36.93 88.87 -73.52
CA ALA AB 38 35.70 88.55 -74.26
C ALA AB 38 36.10 87.78 -75.51
N GLY AB 39 35.91 86.46 -75.47
CA GLY AB 39 36.36 85.63 -76.58
C GLY AB 39 37.88 85.50 -76.54
N ALA AB 40 38.49 85.64 -77.72
CA ALA AB 40 39.94 85.54 -77.83
C ALA AB 40 40.63 86.87 -77.54
N VAL AB 41 39.90 87.98 -77.52
CA VAL AB 41 40.49 89.29 -77.33
C VAL AB 41 40.21 89.79 -75.91
N SER AB 42 40.98 90.79 -75.51
CA SER AB 42 40.77 91.51 -74.26
C SER AB 42 40.57 92.98 -74.57
N VAL AB 43 39.63 93.60 -73.86
CA VAL AB 43 39.25 95.00 -74.07
C VAL AB 43 39.17 95.69 -72.71
N TYR AB 44 39.41 97.00 -72.70
CA TYR AB 44 39.35 97.75 -71.45
C TYR AB 44 37.90 98.02 -71.08
N ASN AB 45 37.43 97.40 -70.01
CA ASN AB 45 36.09 97.60 -69.48
C ASN AB 45 36.13 98.66 -68.40
N ALA AB 46 35.17 99.59 -68.47
CA ALA AB 46 34.96 100.64 -67.49
C ALA AB 46 33.68 100.33 -66.72
N ARG AB 47 33.78 100.39 -65.40
CA ARG AB 47 32.65 100.28 -64.48
C ARG AB 47 32.46 101.65 -63.85
N SER AB 48 31.49 102.40 -64.35
CA SER AB 48 31.09 103.66 -63.73
C SER AB 48 29.95 103.37 -62.76
N GLU AB 49 29.98 104.05 -61.62
CA GLU AB 49 28.78 104.06 -60.77
C GLU AB 49 28.60 105.44 -60.16
N VAL AB 50 27.40 105.98 -60.34
CA VAL AB 50 27.04 107.34 -59.97
C VAL AB 50 25.96 107.24 -58.89
N ILE AB 51 26.28 107.71 -57.70
CA ILE AB 51 25.45 107.52 -56.50
C ILE AB 51 25.07 108.88 -55.96
N THR AB 52 23.78 109.23 -56.02
CA THR AB 52 23.27 110.44 -55.39
C THR AB 52 22.49 110.03 -54.14
N ASN AB 53 22.85 110.65 -53.01
CA ASN AB 53 22.32 110.31 -51.70
C ASN AB 53 21.68 111.55 -51.08
N ARG AB 54 20.51 111.39 -50.48
CA ARG AB 54 19.88 112.50 -49.79
C ARG AB 54 19.26 111.98 -48.51
N ALA AB 55 18.93 112.91 -47.61
CA ALA AB 55 18.25 112.60 -46.36
C ALA AB 55 17.17 113.66 -46.12
N PRO AB 56 16.18 113.74 -47.00
CA PRO AB 56 15.24 114.86 -46.96
C PRO AB 56 14.24 114.68 -45.83
N LEU AB 57 13.51 115.76 -45.58
CA LEU AB 57 12.35 115.67 -44.69
C LEU AB 57 11.21 114.99 -45.43
N VAL AB 58 10.43 114.18 -44.72
CA VAL AB 58 9.27 113.56 -45.35
C VAL AB 58 8.15 114.60 -45.40
N VAL AB 59 7.70 114.91 -46.61
CA VAL AB 59 6.70 115.94 -46.85
C VAL AB 59 5.43 115.25 -47.33
N ILE AB 60 4.43 115.17 -46.46
CA ILE AB 60 3.14 114.59 -46.81
C ILE AB 60 2.40 115.59 -47.66
N GLU AB 61 1.68 115.11 -48.68
CA GLU AB 61 1.00 116.04 -49.58
C GLU AB 61 -0.02 116.88 -48.83
N GLY AB 62 -0.99 116.23 -48.19
CA GLY AB 62 -2.03 116.99 -47.49
C GLY AB 62 -1.49 117.89 -46.41
N CYS AB 63 -0.39 117.50 -45.78
CA CYS AB 63 0.10 118.20 -44.60
C CYS AB 63 1.06 119.34 -44.99
N THR AB 64 1.17 120.30 -44.07
CA THR AB 64 2.11 121.40 -44.18
C THR AB 64 2.50 121.81 -42.77
N ASP AB 65 3.79 121.64 -42.43
CA ASP AB 65 4.28 121.82 -41.07
C ASP AB 65 5.79 122.06 -41.12
N ALA AB 66 6.23 123.20 -40.58
CA ALA AB 66 7.64 123.49 -40.51
C ALA AB 66 8.29 122.98 -39.23
N CYS AB 67 7.55 122.29 -38.38
CA CYS AB 67 8.05 121.84 -37.08
C CYS AB 67 8.40 120.36 -37.03
N SER AB 68 8.14 119.61 -38.10
CA SER AB 68 8.50 118.20 -38.14
C SER AB 68 9.94 118.07 -38.64
N VAL AB 69 10.74 117.30 -37.91
CA VAL AB 69 12.06 116.88 -38.38
C VAL AB 69 12.06 115.41 -38.79
N ASN AB 70 10.89 114.89 -39.16
CA ASN AB 70 10.77 113.53 -39.67
C ASN AB 70 11.60 113.39 -40.94
N ARG AB 71 12.67 112.59 -40.89
CA ARG AB 71 13.59 112.44 -42.00
C ARG AB 71 13.77 110.98 -42.36
N GLU AB 72 13.83 110.71 -43.66
CA GLU AB 72 14.23 109.42 -44.19
C GLU AB 72 15.42 109.60 -45.12
N ASN AB 73 16.12 108.49 -45.37
CA ASN AB 73 17.20 108.47 -46.36
C ASN AB 73 16.63 108.04 -47.70
N ILE AB 74 17.15 108.63 -48.77
CA ILE AB 74 16.79 108.23 -50.13
C ILE AB 74 18.07 108.17 -50.94
N SER AB 75 18.09 107.27 -51.93
CA SER AB 75 19.29 107.08 -52.74
C SER AB 75 18.93 106.63 -54.15
N ILE AB 76 19.66 107.19 -55.12
CA ILE AB 76 19.54 106.78 -56.51
C ILE AB 76 20.93 106.49 -57.04
N ARG AB 77 21.14 105.26 -57.49
CA ARG AB 77 22.42 104.79 -57.99
C ARG AB 77 22.28 104.32 -59.43
N THR AB 78 23.30 104.56 -60.23
CA THR AB 78 23.31 104.13 -61.62
C THR AB 78 24.68 103.56 -61.95
N THR AB 79 24.70 102.28 -62.32
CA THR AB 79 25.93 101.55 -62.64
C THR AB 79 25.96 101.26 -64.13
N ILE AB 80 27.14 101.43 -64.74
CA ILE AB 80 27.35 101.28 -66.17
C ILE AB 80 28.65 100.53 -66.40
N SER AB 81 28.56 99.25 -66.73
CA SER AB 81 29.74 98.42 -66.94
C SER AB 81 29.79 97.99 -68.40
N GLY AB 82 30.87 98.38 -69.09
CA GLY AB 82 31.01 98.11 -70.50
C GLY AB 82 32.37 98.57 -70.99
N SER AB 83 32.82 97.96 -72.09
CA SER AB 83 34.15 98.29 -72.60
C SER AB 83 34.16 99.69 -73.20
N VAL AB 84 35.37 100.25 -73.28
CA VAL AB 84 35.54 101.53 -73.95
C VAL AB 84 35.43 101.36 -75.46
N GLU AB 85 35.77 100.16 -75.96
CA GLU AB 85 35.73 99.93 -77.40
C GLU AB 85 34.31 99.95 -77.95
N ASN AB 86 33.38 99.30 -77.26
CA ASN AB 86 31.97 99.33 -77.66
C ASN AB 86 31.21 100.47 -77.01
N LYS AB 87 31.89 101.55 -76.62
CA LYS AB 87 31.18 102.65 -75.96
C LYS AB 87 30.07 103.21 -76.84
N ALA AB 88 30.10 102.94 -78.15
CA ALA AB 88 28.96 103.27 -79.01
C ALA AB 88 27.72 102.51 -78.57
N ALA AB 89 27.80 101.18 -78.49
CA ALA AB 89 26.67 100.39 -78.05
C ALA AB 89 26.35 100.63 -76.59
N VAL AB 90 27.35 100.98 -75.78
CA VAL AB 90 27.11 101.35 -74.39
C VAL AB 90 26.22 102.59 -74.32
N LEU AB 91 26.55 103.61 -75.11
CA LEU AB 91 25.75 104.85 -75.10
C LEU AB 91 24.37 104.63 -75.71
N ALA AB 92 24.26 103.81 -76.76
CA ALA AB 92 22.94 103.48 -77.29
C ALA AB 92 22.09 102.78 -76.24
N ALA AB 93 22.68 101.82 -75.54
CA ALA AB 93 22.00 101.16 -74.44
C ALA AB 93 21.65 102.14 -73.33
N LEU AB 94 22.50 103.14 -73.09
CA LEU AB 94 22.21 104.14 -72.08
C LEU AB 94 21.00 104.98 -72.46
N LEU AB 95 20.93 105.40 -73.72
CA LEU AB 95 19.76 106.17 -74.17
C LEU AB 95 18.48 105.35 -74.04
N ASP AB 96 18.52 104.09 -74.48
CA ASP AB 96 17.34 103.24 -74.37
C ASP AB 96 16.96 103.02 -72.91
N HIS AB 97 17.97 102.82 -72.04
CA HIS AB 97 17.74 102.64 -70.62
C HIS AB 97 17.08 103.88 -70.00
N LEU AB 98 17.61 105.06 -70.31
CA LEU AB 98 17.06 106.29 -69.75
C LEU AB 98 15.63 106.53 -70.22
N HIS AB 99 15.35 106.28 -71.50
CA HIS AB 99 14.00 106.48 -72.00
C HIS AB 99 13.02 105.51 -71.36
N ASN AB 100 13.40 104.24 -71.22
CA ASN AB 100 12.50 103.28 -70.60
C ASN AB 100 12.31 103.58 -69.11
N LEU AB 101 13.39 103.98 -68.43
CA LEU AB 101 13.28 104.44 -67.05
C LEU AB 101 12.28 105.57 -66.93
N GLY AB 102 12.35 106.54 -67.84
CA GLY AB 102 11.37 107.62 -67.84
C GLY AB 102 9.96 107.12 -68.06
N LEU AB 103 9.78 106.15 -68.96
CA LEU AB 103 8.47 105.55 -69.15
C LEU AB 103 7.93 104.95 -67.85
N ALA AB 104 8.82 104.44 -67.00
CA ALA AB 104 8.38 103.73 -65.81
C ALA AB 104 8.34 104.56 -64.53
N ARG AB 105 9.01 105.72 -64.49
CA ARG AB 105 9.31 106.34 -63.19
C ARG AB 105 8.05 106.76 -62.45
N ASP AB 106 7.02 107.22 -63.17
CA ASP AB 106 5.83 107.69 -62.49
C ASP AB 106 5.14 106.55 -61.76
N ASP AB 107 5.21 105.33 -62.30
CA ASP AB 107 4.72 104.15 -61.57
C ASP AB 107 5.68 103.75 -60.46
N LEU AB 108 6.99 103.77 -60.73
CA LEU AB 108 7.95 103.20 -59.79
C LEU AB 108 8.05 104.02 -58.50
N VAL AB 109 8.05 105.35 -58.61
CA VAL AB 109 8.16 106.14 -57.39
C VAL AB 109 6.87 106.12 -56.58
N ALA AB 110 5.76 105.70 -57.19
CA ALA AB 110 4.49 105.57 -56.50
C ALA AB 110 4.23 104.17 -55.97
N GLY AB 111 5.22 103.29 -56.05
CA GLY AB 111 5.08 101.93 -55.56
C GLY AB 111 4.34 100.98 -56.47
N LEU AB 112 4.00 101.42 -57.68
CA LEU AB 112 3.26 100.60 -58.63
C LEU AB 112 4.23 99.96 -59.62
N LEU AB 113 4.11 98.66 -59.83
CA LEU AB 113 4.91 97.99 -60.85
C LEU AB 113 4.40 98.37 -62.23
N PRO AB 114 5.25 98.89 -63.11
CA PRO AB 114 4.75 99.43 -64.38
C PRO AB 114 4.25 98.36 -65.32
N THR AB 115 3.02 97.90 -65.10
CA THR AB 115 2.45 96.82 -65.91
C THR AB 115 2.17 97.29 -67.34
N THR AB 116 1.92 98.59 -67.51
CA THR AB 116 1.34 99.12 -68.74
C THR AB 116 2.35 99.80 -69.65
N ILE AB 117 3.64 99.78 -69.32
CA ILE AB 117 4.62 100.51 -70.11
C ILE AB 117 5.08 99.66 -71.28
N GLN AB 118 5.66 100.31 -72.29
CA GLN AB 118 6.13 99.66 -73.51
C GLN AB 118 7.58 100.01 -73.74
N PRO AB 119 8.52 99.19 -73.24
CA PRO AB 119 9.94 99.48 -73.47
C PRO AB 119 10.33 99.26 -74.92
N VAL AB 120 11.30 100.07 -75.37
CA VAL AB 120 11.71 100.10 -76.77
C VAL AB 120 13.22 99.85 -76.85
N VAL AB 121 13.68 99.63 -78.08
CA VAL AB 121 15.10 99.57 -78.43
C VAL AB 121 15.34 100.62 -79.51
N GLU AB 122 16.50 101.29 -79.43
CA GLU AB 122 16.90 102.28 -80.44
C GLU AB 122 15.90 103.43 -80.50
N TYR AB 123 15.76 104.14 -79.38
CA TYR AB 123 14.82 105.25 -79.31
C TYR AB 123 15.21 106.38 -80.25
N THR AB 124 14.20 106.94 -80.92
CA THR AB 124 14.40 108.04 -81.87
C THR AB 124 13.29 109.08 -81.75
N ALA BB 1 -21.14 75.34 -82.73
CA ALA BB 1 -21.37 76.49 -81.86
C ALA BB 1 -20.20 77.49 -81.98
N GLN BB 2 -19.01 76.95 -82.15
CA GLN BB 2 -17.76 77.71 -82.23
C GLN BB 2 -17.62 78.71 -81.07
N HIS BB 3 -18.06 78.27 -79.89
CA HIS BB 3 -17.69 78.98 -78.67
C HIS BB 3 -16.20 78.79 -78.42
N ASN BB 4 -15.48 79.89 -78.23
CA ASN BB 4 -14.03 79.84 -78.12
C ASN BB 4 -13.58 79.59 -76.68
N MET BB 5 -12.42 78.97 -76.54
CA MET BB 5 -11.93 78.52 -75.24
C MET BB 5 -11.62 79.72 -74.34
N ARG BB 6 -11.64 79.46 -73.03
CA ARG BB 6 -11.36 80.51 -72.06
C ARG BB 6 -10.22 80.08 -71.14
N LEU BB 7 -9.52 81.08 -70.59
CA LEU BB 7 -8.21 80.86 -69.99
C LEU BB 7 -8.31 80.28 -68.59
N GLN BB 8 -7.45 79.28 -68.31
CA GLN BB 8 -7.44 78.60 -67.02
C GLN BB 8 -6.12 78.72 -66.28
N LEU BB 9 -4.98 78.48 -66.93
CA LEU BB 9 -3.68 78.44 -66.25
C LEU BB 9 -2.64 79.23 -67.03
N THR BB 10 -1.94 80.13 -66.35
CA THR BB 10 -0.84 80.90 -66.95
C THR BB 10 0.41 80.69 -66.11
N SER BB 11 1.53 80.44 -66.78
CA SER BB 11 2.76 80.09 -66.08
C SER BB 11 3.99 80.84 -66.57
N GLY BB 12 3.84 81.73 -67.56
CA GLY BB 12 4.99 82.40 -68.15
C GLY BB 12 5.78 81.46 -69.05
N THR BB 13 5.55 80.16 -68.86
CA THR BB 13 6.06 79.11 -69.73
C THR BB 13 4.97 78.21 -70.27
N SER BB 14 3.81 78.13 -69.60
CA SER BB 14 2.70 77.30 -70.03
C SER BB 14 1.41 78.11 -70.04
N LEU BB 15 0.58 77.86 -71.04
CA LEU BB 15 -0.76 78.42 -71.11
C LEU BB 15 -1.74 77.29 -71.27
N THR BB 16 -2.84 77.36 -70.54
CA THR BB 16 -3.83 76.28 -70.51
C THR BB 16 -5.21 76.90 -70.58
N TRP BB 17 -5.89 76.70 -71.70
CA TRP BB 17 -7.27 77.11 -71.90
C TRP BB 17 -8.17 75.89 -71.84
N VAL BB 18 -9.44 76.13 -71.51
CA VAL BB 18 -10.43 75.07 -71.36
C VAL BB 18 -11.71 75.47 -72.07
N ASP BB 19 -12.42 74.47 -72.56
CA ASP BB 19 -13.77 74.65 -73.09
C ASP BB 19 -14.71 75.00 -71.95
N PRO BB 20 -15.34 76.17 -71.95
CA PRO BB 20 -16.24 76.54 -70.85
C PRO BB 20 -17.41 75.60 -70.65
N ASN BB 21 -17.81 74.83 -71.68
CA ASN BB 21 -18.87 73.85 -71.51
C ASN BB 21 -18.33 72.52 -70.97
N ASP BB 22 -17.33 71.97 -71.63
CA ASP BB 22 -16.76 70.67 -71.30
C ASP BB 22 -15.36 70.87 -70.76
N PHE BB 23 -15.18 70.60 -69.46
CA PHE BB 23 -13.87 70.71 -68.83
C PHE BB 23 -12.93 69.59 -69.25
N ARG BB 24 -13.41 68.58 -69.98
CA ARG BB 24 -12.56 67.48 -70.43
C ARG BB 24 -11.66 67.89 -71.59
N SER BB 25 -12.03 68.91 -72.36
CA SER BB 25 -11.27 69.33 -73.53
C SER BB 25 -10.46 70.58 -73.18
N THR BB 26 -9.14 70.43 -73.16
CA THR BB 26 -8.21 71.49 -72.79
C THR BB 26 -7.21 71.69 -73.91
N PHE BB 27 -6.49 72.80 -73.81
CA PHE BB 27 -5.52 73.20 -74.84
C PHE BB 27 -4.37 73.90 -74.14
N ARG BB 28 -3.18 73.32 -74.16
CA ARG BB 28 -1.99 73.88 -73.55
C ARG BB 28 -0.96 74.20 -74.61
N ILE BB 29 -0.23 75.29 -74.38
CA ILE BB 29 0.95 75.65 -75.16
C ILE BB 29 2.11 75.81 -74.19
N ASN BB 30 3.19 75.07 -74.42
CA ASN BB 30 4.40 75.14 -73.63
C ASN BB 30 5.53 75.63 -74.53
N LEU BB 31 6.38 76.50 -73.98
CA LEU BB 31 7.49 77.06 -74.72
C LEU BB 31 8.73 77.03 -73.85
N ASN BB 32 9.85 76.61 -74.43
CA ASN BB 32 11.12 76.56 -73.69
C ASN BB 32 12.23 77.04 -74.61
N VAL BB 33 12.87 78.14 -74.24
CA VAL BB 33 13.97 78.71 -74.99
C VAL BB 33 15.26 78.50 -74.20
N ASN BB 34 16.31 78.09 -74.91
CA ASN BB 34 17.62 77.91 -74.30
C ASN BB 34 18.67 77.83 -75.41
N GLN BB 35 19.92 78.08 -75.05
CA GLN BB 35 20.95 78.11 -76.09
C GLN BB 35 21.32 76.70 -76.54
N LYS BB 36 21.90 76.64 -77.73
CA LYS BB 36 22.25 75.41 -78.40
C LYS BB 36 23.51 75.67 -79.23
N VAL BB 37 24.35 74.66 -79.34
CA VAL BB 37 25.61 74.78 -80.07
C VAL BB 37 25.46 74.04 -81.39
N ALA BB 38 25.33 74.79 -82.47
CA ALA BB 38 25.34 74.25 -83.82
C ALA BB 38 26.72 74.51 -84.40
N GLY BB 39 27.50 73.44 -84.57
CA GLY BB 39 28.86 73.58 -85.00
C GLY BB 39 29.67 74.42 -84.04
N ALA BB 40 30.12 75.60 -84.49
CA ALA BB 40 30.87 76.53 -83.66
C ALA BB 40 30.08 77.78 -83.31
N VAL BB 41 28.76 77.76 -83.47
CA VAL BB 41 27.92 78.94 -83.26
C VAL BB 41 26.80 78.57 -82.31
N SER BB 42 26.61 79.41 -81.28
CA SER BB 42 25.51 79.22 -80.35
C SER BB 42 24.31 80.03 -80.84
N VAL BB 43 23.14 79.38 -80.85
CA VAL BB 43 21.89 79.99 -81.26
C VAL BB 43 20.82 79.65 -80.23
N TYR BB 44 19.81 80.51 -80.13
CA TYR BB 44 18.71 80.30 -79.20
C TYR BB 44 17.68 79.37 -79.81
N ASN BB 45 17.65 78.13 -79.33
CA ASN BB 45 16.66 77.15 -79.75
C ASN BB 45 15.41 77.29 -78.89
N ALA BB 46 14.26 77.35 -79.56
CA ALA BB 46 12.95 77.31 -78.92
C ALA BB 46 12.28 75.99 -79.25
N ARG BB 47 11.81 75.29 -78.21
CA ARG BB 47 10.98 74.11 -78.37
C ARG BB 47 9.59 74.47 -77.87
N SER BB 48 8.63 74.50 -78.80
CA SER BB 48 7.23 74.77 -78.49
C SER BB 48 6.44 73.48 -78.66
N GLU BB 49 5.66 73.10 -77.66
CA GLU BB 49 4.71 72.01 -77.82
C GLU BB 49 3.29 72.49 -77.57
N VAL BB 50 2.37 72.00 -78.39
CA VAL BB 50 0.97 72.40 -78.38
C VAL BB 50 0.16 71.13 -78.19
N ILE BB 51 -0.51 71.01 -77.05
CA ILE BB 51 -1.18 69.79 -76.63
C ILE BB 51 -2.67 70.09 -76.47
N THR BB 52 -3.51 69.46 -77.30
CA THR BB 52 -4.95 69.51 -77.11
C THR BB 52 -5.43 68.14 -76.64
N ASN BB 53 -6.17 68.14 -75.54
CA ASN BB 53 -6.62 66.93 -74.85
C ASN BB 53 -8.14 66.92 -74.78
N ARG BB 54 -8.74 65.75 -75.03
CA ARG BB 54 -10.19 65.64 -74.95
C ARG BB 54 -10.55 64.26 -74.39
N ALA BB 55 -11.82 64.14 -73.99
CA ALA BB 55 -12.34 62.91 -73.39
C ALA BB 55 -13.70 62.59 -74.01
N PRO BB 56 -13.73 62.03 -75.21
CA PRO BB 56 -15.00 61.65 -75.83
C PRO BB 56 -15.61 60.45 -75.13
N LEU BB 57 -16.92 60.30 -75.33
CA LEU BB 57 -17.64 59.13 -74.83
C LEU BB 57 -17.69 58.07 -75.92
N VAL BB 58 -17.57 56.82 -75.51
CA VAL BB 58 -17.72 55.69 -76.42
C VAL BB 58 -19.21 55.45 -76.65
N VAL BB 59 -19.69 55.78 -77.85
CA VAL BB 59 -21.11 55.68 -78.17
C VAL BB 59 -21.40 54.28 -78.68
N ILE BB 60 -22.16 53.50 -77.91
CA ILE BB 60 -22.70 52.22 -78.35
C ILE BB 60 -24.20 52.36 -78.51
N GLU BB 61 -24.68 52.08 -79.72
CA GLU BB 61 -26.12 52.04 -79.96
C GLU BB 61 -26.77 50.93 -79.15
N GLY BB 62 -27.96 51.22 -78.62
CA GLY BB 62 -28.65 50.27 -77.76
C GLY BB 62 -28.22 50.32 -76.32
N CYS BB 63 -27.17 51.07 -75.99
CA CYS BB 63 -26.67 51.20 -74.62
C CYS BB 63 -26.82 52.65 -74.20
N THR BB 64 -27.87 52.94 -73.43
CA THR BB 64 -27.99 54.23 -72.79
C THR BB 64 -26.93 54.33 -71.70
N ASP BB 65 -25.88 55.10 -71.97
CA ASP BB 65 -24.74 55.22 -71.07
C ASP BB 65 -25.07 56.23 -69.98
N ALA BB 66 -26.03 55.86 -69.15
CA ALA BB 66 -26.28 56.58 -67.92
C ALA BB 66 -25.00 56.62 -67.10
N CYS BB 67 -24.70 57.78 -66.53
CA CYS BB 67 -23.53 58.10 -65.72
C CYS BB 67 -22.32 58.38 -66.60
N SER BB 68 -22.42 58.20 -67.92
CA SER BB 68 -21.33 58.46 -68.86
C SER BB 68 -20.02 57.81 -68.42
N VAL BB 69 -20.11 56.49 -68.19
CA VAL BB 69 -18.95 55.76 -67.68
C VAL BB 69 -18.02 55.33 -68.81
N ASN BB 70 -18.57 54.95 -69.95
CA ASN BB 70 -17.75 54.55 -71.10
C ASN BB 70 -17.16 55.80 -71.73
N ARG BB 71 -15.93 56.15 -71.35
CA ARG BB 71 -15.30 57.38 -71.79
C ARG BB 71 -13.85 57.12 -72.16
N GLU BB 72 -13.39 57.82 -73.18
CA GLU BB 72 -12.09 57.63 -73.80
C GLU BB 72 -11.27 58.91 -73.73
N ASN BB 73 -9.96 58.78 -73.59
CA ASN BB 73 -9.05 59.91 -73.71
C ASN BB 73 -8.46 59.95 -75.11
N ILE BB 74 -8.49 61.12 -75.73
CA ILE BB 74 -7.84 61.35 -77.02
C ILE BB 74 -6.96 62.58 -76.89
N SER BB 75 -5.87 62.59 -77.67
CA SER BB 75 -4.91 63.70 -77.57
C SER BB 75 -4.20 63.93 -78.89
N ILE BB 76 -4.01 65.22 -79.20
CA ILE BB 76 -3.27 65.65 -80.38
C ILE BB 76 -2.20 66.64 -79.92
N ARG BB 77 -0.94 66.30 -80.20
CA ARG BB 77 0.20 67.03 -79.69
C ARG BB 77 1.12 67.39 -80.85
N THR BB 78 1.78 68.54 -80.76
CA THR BB 78 2.65 69.02 -81.83
C THR BB 78 3.88 69.70 -81.23
N THR BB 79 5.06 69.17 -81.53
CA THR BB 79 6.32 69.71 -81.02
C THR BB 79 7.10 70.33 -82.18
N ILE BB 80 7.68 71.50 -81.92
CA ILE BB 80 8.38 72.30 -82.92
C ILE BB 80 9.64 72.81 -82.22
N SER BB 81 10.79 72.21 -82.54
CA SER BB 81 12.05 72.57 -81.91
C SER BB 81 13.01 73.08 -82.98
N GLY BB 82 13.43 74.33 -82.85
CA GLY BB 82 14.32 74.94 -83.83
C GLY BB 82 14.82 76.28 -83.36
N SER BB 83 15.84 76.78 -84.05
CA SER BB 83 16.40 78.08 -83.73
C SER BB 83 15.41 79.19 -84.03
N VAL BB 84 15.39 80.21 -83.17
CA VAL BB 84 14.71 81.44 -83.52
C VAL BB 84 15.39 82.09 -84.72
N GLU BB 85 16.70 81.89 -84.86
CA GLU BB 85 17.43 82.47 -85.98
C GLU BB 85 17.02 81.85 -87.31
N ASN BB 86 16.89 80.52 -87.37
CA ASN BB 86 16.42 79.84 -88.57
C ASN BB 86 14.91 79.66 -88.61
N LYS BB 87 14.18 80.55 -87.95
CA LYS BB 87 12.72 80.44 -87.92
C LYS BB 87 12.13 80.44 -89.33
N ALA BB 88 12.86 80.95 -90.32
CA ALA BB 88 12.39 80.86 -91.70
C ALA BB 88 12.29 79.40 -92.16
N ALA BB 89 13.37 78.64 -92.00
CA ALA BB 89 13.33 77.22 -92.35
C ALA BB 89 12.42 76.44 -91.43
N VAL BB 90 12.28 76.88 -90.17
CA VAL BB 90 11.32 76.26 -89.26
C VAL BB 90 9.90 76.39 -89.82
N LEU BB 91 9.54 77.59 -90.29
CA LEU BB 91 8.19 77.82 -90.81
C LEU BB 91 7.98 77.10 -92.15
N ALA BB 92 9.00 77.05 -92.99
CA ALA BB 92 8.91 76.25 -94.21
C ALA BB 92 8.64 74.79 -93.86
N ALA BB 93 9.37 74.26 -92.89
CA ALA BB 93 9.15 72.90 -92.41
C ALA BB 93 7.75 72.73 -91.84
N LEU BB 94 7.23 73.76 -91.15
CA LEU BB 94 5.90 73.65 -90.60
C LEU BB 94 4.84 73.58 -91.70
N LEU BB 95 4.97 74.41 -92.72
CA LEU BB 95 4.03 74.36 -93.84
C LEU BB 95 4.05 73.00 -94.51
N ASP BB 96 5.25 72.50 -94.83
CA ASP BB 96 5.36 71.20 -95.49
C ASP BB 96 4.82 70.09 -94.58
N HIS BB 97 5.07 70.20 -93.27
CA HIS BB 97 4.56 69.24 -92.30
C HIS BB 97 3.04 69.24 -92.26
N LEU BB 98 2.43 70.43 -92.19
CA LEU BB 98 0.98 70.51 -92.14
C LEU BB 98 0.35 69.94 -93.41
N HIS BB 99 0.93 70.24 -94.57
CA HIS BB 99 0.37 69.74 -95.82
C HIS BB 99 0.47 68.23 -95.91
N ASN BB 100 1.60 67.66 -95.50
CA ASN BB 100 1.76 66.21 -95.56
C ASN BB 100 0.86 65.53 -94.53
N LEU BB 101 0.75 66.12 -93.34
CA LEU BB 101 -0.22 65.64 -92.36
C LEU BB 101 -1.62 65.60 -92.97
N GLY BB 102 -2.01 66.68 -93.67
CA GLY BB 102 -3.30 66.69 -94.32
C GLY BB 102 -3.44 65.62 -95.38
N LEU BB 103 -2.34 65.27 -96.05
CA LEU BB 103 -2.39 64.16 -96.99
C LEU BB 103 -2.71 62.85 -96.27
N ALA BB 104 -2.14 62.64 -95.10
CA ALA BB 104 -2.32 61.37 -94.40
C ALA BB 104 -3.50 61.36 -93.43
N ARG BB 105 -4.16 62.51 -93.21
CA ARG BB 105 -5.02 62.66 -92.04
C ARG BB 105 -6.22 61.72 -92.06
N ASP BB 106 -6.73 61.39 -93.25
CA ASP BB 106 -7.90 60.55 -93.31
C ASP BB 106 -7.54 59.09 -93.06
N ASP BB 107 -6.43 58.64 -93.64
CA ASP BB 107 -5.98 57.27 -93.42
C ASP BB 107 -5.59 57.05 -91.96
N LEU BB 108 -4.78 57.95 -91.40
CA LEU BB 108 -4.21 57.73 -90.08
C LEU BB 108 -5.28 57.63 -89.01
N VAL BB 109 -6.33 58.46 -89.10
CA VAL BB 109 -7.33 58.47 -88.05
C VAL BB 109 -8.23 57.23 -88.13
N ALA BB 110 -8.28 56.59 -89.30
CA ALA BB 110 -9.02 55.35 -89.46
C ALA BB 110 -8.20 54.11 -89.12
N GLY BB 111 -6.98 54.29 -88.61
CA GLY BB 111 -6.14 53.17 -88.21
C GLY BB 111 -5.41 52.48 -89.35
N LEU BB 112 -5.22 53.15 -90.47
CA LEU BB 112 -4.69 52.55 -91.68
C LEU BB 112 -3.41 53.27 -92.08
N LEU BB 113 -2.36 52.50 -92.38
CA LEU BB 113 -1.10 53.11 -92.78
C LEU BB 113 -1.25 53.78 -94.14
N PRO BB 114 -0.92 55.07 -94.26
CA PRO BB 114 -1.11 55.79 -95.54
C PRO BB 114 -0.06 55.40 -96.57
N THR BB 115 -0.14 54.15 -97.04
CA THR BB 115 0.82 53.64 -98.02
C THR BB 115 0.71 54.36 -99.36
N THR BB 116 -0.45 54.97 -99.66
CA THR BB 116 -0.69 55.53 -100.97
C THR BB 116 -0.20 56.96 -101.13
N ILE BB 117 -0.19 57.76 -100.05
CA ILE BB 117 0.11 59.18 -100.19
C ILE BB 117 1.56 59.39 -100.66
N GLN BB 118 1.82 60.59 -101.16
CA GLN BB 118 3.18 60.99 -101.56
C GLN BB 118 3.46 62.38 -101.02
N PRO BB 119 4.30 62.52 -100.02
CA PRO BB 119 4.57 63.84 -99.43
C PRO BB 119 5.38 64.71 -100.37
N VAL BB 120 5.53 65.98 -99.96
CA VAL BB 120 6.09 67.02 -100.81
C VAL BB 120 7.02 67.89 -99.97
N VAL BB 121 8.02 68.48 -100.61
CA VAL BB 121 8.83 69.56 -100.06
C VAL BB 121 8.43 70.85 -100.78
N GLU BB 122 8.39 71.96 -100.03
CA GLU BB 122 8.17 73.29 -100.60
C GLU BB 122 6.78 73.41 -101.25
N TYR BB 123 5.74 73.05 -100.50
CA TYR BB 123 4.39 73.20 -101.02
C TYR BB 123 4.10 74.64 -101.39
N THR BB 124 3.39 74.82 -102.51
CA THR BB 124 3.05 76.13 -103.01
C THR BB 124 1.60 76.18 -103.48
N ALA CB 1 43.78 88.59 117.19
CA ALA CB 1 43.76 89.87 116.51
C ALA CB 1 42.32 90.29 116.16
N GLN CB 2 41.43 89.31 116.01
CA GLN CB 2 40.01 89.57 115.76
C GLN CB 2 39.82 90.41 114.49
N HIS CB 3 40.63 90.14 113.47
CA HIS CB 3 40.47 90.80 112.19
C HIS CB 3 39.56 89.96 111.30
N ASN CB 4 38.52 90.58 110.76
CA ASN CB 4 37.54 89.86 109.96
C ASN CB 4 38.05 89.61 108.54
N MET CB 5 37.59 88.50 107.96
CA MET CB 5 38.06 88.04 106.66
C MET CB 5 37.57 88.96 105.55
N ARG CB 6 38.32 88.98 104.44
CA ARG CB 6 37.93 89.78 103.29
C ARG CB 6 37.59 88.86 102.12
N LEU CB 7 36.58 89.26 101.34
CA LEU CB 7 35.99 88.38 100.34
C LEU CB 7 36.86 88.29 99.09
N GLN CB 8 36.92 87.08 98.51
CA GLN CB 8 37.77 86.82 97.35
C GLN CB 8 37.01 86.27 96.15
N LEU CB 9 36.02 85.41 96.32
CA LEU CB 9 35.34 84.79 95.18
C LEU CB 9 33.83 84.72 95.39
N THR CB 10 33.07 85.26 94.42
CA THR CB 10 31.61 85.20 94.41
C THR CB 10 31.14 84.47 93.16
N SER CB 11 30.19 83.54 93.32
CA SER CB 11 29.74 82.75 92.19
C SER CB 11 28.22 82.55 92.14
N GLY CB 12 27.45 83.12 93.07
CA GLY CB 12 26.02 82.88 93.09
C GLY CB 12 25.65 81.51 93.62
N THR CB 13 26.64 80.62 93.68
CA THR CB 13 26.52 79.34 94.34
C THR CB 13 27.59 79.09 95.39
N SER CB 14 28.70 79.86 95.37
CA SER CB 14 29.71 79.76 96.41
C SER CB 14 30.15 81.16 96.81
N LEU CB 15 30.72 81.23 98.01
CA LEU CB 15 31.37 82.43 98.52
C LEU CB 15 32.68 82.00 99.13
N THR CB 16 33.74 82.79 98.88
CA THR CB 16 35.09 82.41 99.29
C THR CB 16 35.77 83.65 99.88
N TRP CB 17 35.85 83.69 101.21
CA TRP CB 17 36.58 84.69 101.95
C TRP CB 17 37.96 84.16 102.32
N VAL CB 18 38.88 85.10 102.59
CA VAL CB 18 40.26 84.77 102.91
C VAL CB 18 40.76 85.72 103.99
N ASP CB 19 41.64 85.21 104.85
CA ASP CB 19 42.35 86.04 105.82
C ASP CB 19 43.34 86.93 105.09
N PRO CB 20 43.20 88.26 105.16
CA PRO CB 20 44.15 89.13 104.44
C PRO CB 20 45.59 88.94 104.87
N ASN CB 21 45.84 88.47 106.09
CA ASN CB 21 47.21 88.24 106.54
C ASN CB 21 47.74 86.91 106.01
N ASP CB 22 47.01 85.82 106.28
CA ASP CB 22 47.40 84.49 105.83
C ASP CB 22 46.42 84.04 104.75
N PHE CB 23 46.90 83.98 103.51
CA PHE CB 23 46.10 83.43 102.42
C PHE CB 23 45.84 81.94 102.56
N ARG CB 24 46.49 81.26 103.50
CA ARG CB 24 46.29 79.82 103.65
C ARG CB 24 45.01 79.46 104.39
N SER CB 25 44.35 80.43 105.03
CA SER CB 25 43.10 80.18 105.75
C SER CB 25 41.92 80.71 104.94
N THR CB 26 41.19 79.79 104.32
CA THR CB 26 40.06 80.07 103.45
C THR CB 26 38.76 79.76 104.18
N PHE CB 27 37.69 80.43 103.76
CA PHE CB 27 36.36 80.15 104.28
C PHE CB 27 35.37 80.20 103.12
N ARG CB 28 34.80 79.05 102.76
CA ARG CB 28 33.86 78.95 101.65
C ARG CB 28 32.49 78.49 102.15
N ILE CB 29 31.46 79.01 101.50
CA ILE CB 29 30.08 78.58 101.71
C ILE CB 29 29.49 78.22 100.34
N ASN CB 30 28.97 77.00 100.23
CA ASN CB 30 28.34 76.50 99.01
C ASN CB 30 26.87 76.23 99.33
N LEU CB 31 25.97 76.81 98.53
CA LEU CB 31 24.53 76.59 98.71
C LEU CB 31 23.96 76.08 97.40
N ASN CB 32 23.32 74.91 97.45
CA ASN CB 32 22.69 74.33 96.28
C ASN CB 32 21.24 74.04 96.61
N VAL CB 33 20.32 74.49 95.77
CA VAL CB 33 18.89 74.30 96.00
C VAL CB 33 18.28 73.57 94.81
N ASN CB 34 17.43 72.61 95.11
CA ASN CB 34 16.70 71.87 94.08
C ASN CB 34 15.48 71.22 94.71
N GLN CB 35 14.49 70.91 93.87
CA GLN CB 35 13.26 70.32 94.38
C GLN CB 35 13.44 68.84 94.66
N LYS CB 36 12.87 68.40 95.78
CA LYS CB 36 12.79 66.99 96.13
C LYS CB 36 11.33 66.64 96.37
N VAL CB 37 11.04 65.35 96.44
CA VAL CB 37 9.69 64.87 96.70
C VAL CB 37 9.66 64.36 98.13
N ALA CB 38 8.95 65.08 99.00
CA ALA CB 38 8.73 64.65 100.37
C ALA CB 38 7.33 64.07 100.45
N GLY CB 39 7.26 62.75 100.58
CA GLY CB 39 5.98 62.08 100.71
C GLY CB 39 5.03 62.42 99.58
N ALA CB 40 3.99 63.19 99.92
CA ALA CB 40 2.94 63.51 98.95
C ALA CB 40 3.25 64.75 98.12
N VAL CB 41 4.09 65.67 98.61
CA VAL CB 41 4.24 66.96 97.96
C VAL CB 41 5.72 67.24 97.74
N SER CB 42 6.01 68.08 96.75
CA SER CB 42 7.38 68.49 96.49
C SER CB 42 7.76 69.67 97.39
N VAL CB 43 9.02 69.67 97.81
CA VAL CB 43 9.58 70.74 98.64
C VAL CB 43 10.92 71.16 98.04
N TYR CB 44 11.47 72.26 98.56
CA TYR CB 44 12.74 72.81 98.09
C TYR CB 44 13.84 72.43 99.08
N ASN CB 45 14.70 71.49 98.68
CA ASN CB 45 15.83 71.09 99.50
C ASN CB 45 17.02 72.00 99.22
N ALA CB 46 17.72 72.42 100.28
CA ALA CB 46 18.87 73.31 100.20
C ALA CB 46 20.02 72.64 100.93
N ARG CB 47 20.97 72.11 100.17
CA ARG CB 47 22.20 71.57 100.75
C ARG CB 47 23.19 72.73 100.86
N SER CB 48 23.37 73.21 102.08
CA SER CB 48 24.42 74.15 102.40
C SER CB 48 25.64 73.36 102.86
N GLU CB 49 26.82 73.89 102.58
CA GLU CB 49 28.02 73.39 103.23
C GLU CB 49 28.97 74.56 103.47
N VAL CB 50 29.65 74.50 104.61
CA VAL CB 50 30.54 75.55 105.08
C VAL CB 50 31.89 74.91 105.36
N ILE CB 51 32.90 75.29 104.59
CA ILE CB 51 34.21 74.68 104.63
C ILE CB 51 35.22 75.74 105.04
N THR CB 52 35.92 75.50 106.16
CA THR CB 52 37.03 76.35 106.56
C THR CB 52 38.32 75.56 106.44
N ASN CB 53 39.30 76.12 105.73
CA ASN CB 53 40.56 75.48 105.41
C ASN CB 53 41.69 76.29 105.99
N ARG CB 54 42.70 75.62 106.55
CA ARG CB 54 43.86 76.33 107.07
C ARG CB 54 45.09 75.47 106.85
N ALA CB 55 46.26 76.10 107.02
CA ALA CB 55 47.54 75.42 106.87
C ALA CB 55 48.48 75.91 107.97
N PRO CB 56 48.24 75.49 109.21
CA PRO CB 56 49.14 75.85 110.30
C PRO CB 56 50.49 75.17 110.13
N LEU CB 57 51.50 75.74 110.79
CA LEU CB 57 52.85 75.24 110.69
C LEU CB 57 53.09 74.17 111.75
N VAL CB 58 53.78 73.11 111.35
CA VAL CB 58 54.12 72.01 112.24
C VAL CB 58 55.46 72.34 112.87
N VAL CB 59 55.48 72.51 114.19
CA VAL CB 59 56.68 72.97 114.90
C VAL CB 59 57.02 71.94 115.98
N ILE CB 60 58.23 71.38 115.89
CA ILE CB 60 58.81 70.55 116.94
C ILE CB 60 60.03 71.31 117.46
N GLU CB 61 59.99 71.68 118.74
CA GLU CB 61 60.89 72.71 119.25
C GLU CB 61 62.36 72.36 119.00
N GLY CB 62 62.75 71.11 119.20
CA GLY CB 62 64.11 70.71 118.97
C GLY CB 62 64.44 70.30 117.55
N CYS CB 63 63.41 70.13 116.71
CA CYS CB 63 63.55 69.45 115.44
C CYS CB 63 63.24 70.30 114.22
N THR CB 64 62.31 71.25 114.33
CA THR CB 64 61.78 71.96 113.17
C THR CB 64 62.68 73.14 112.84
N ASP CB 65 63.37 73.05 111.70
CA ASP CB 65 64.13 74.17 111.18
C ASP CB 65 63.17 75.30 110.80
N ALA CB 66 63.47 76.50 111.31
CA ALA CB 66 62.58 77.63 111.05
C ALA CB 66 62.69 78.11 109.60
N CYS CB 67 63.83 77.91 108.96
CA CYS CB 67 64.02 78.39 107.59
C CYS CB 67 63.14 77.62 106.61
N SER CB 68 63.12 76.29 106.72
CA SER CB 68 62.28 75.45 105.88
C SER CB 68 60.95 75.25 106.59
N VAL CB 69 59.91 75.92 106.11
CA VAL CB 69 58.60 75.83 106.74
C VAL CB 69 58.03 74.43 106.57
N ASN CB 70 57.38 73.93 107.61
CA ASN CB 70 56.68 72.64 107.57
C ASN CB 70 55.23 72.92 107.90
N ARG CB 71 54.36 72.78 106.91
CA ARG CB 71 52.95 73.11 107.08
C ARG CB 71 52.08 71.86 106.91
N GLU CB 72 50.89 71.95 107.50
CA GLU CB 72 49.89 70.89 107.51
C GLU CB 72 48.56 71.48 107.13
N ASN CB 73 47.84 70.81 106.22
CA ASN CB 73 46.47 71.21 105.93
C ASN CB 73 45.54 70.70 107.02
N ILE CB 74 44.67 71.58 107.52
CA ILE CB 74 43.59 71.21 108.42
C ILE CB 74 42.29 71.76 107.86
N SER CB 75 41.21 71.03 108.09
CA SER CB 75 39.93 71.40 107.49
C SER CB 75 38.77 71.07 108.41
N ILE CB 76 37.78 71.96 108.45
CA ILE CB 76 36.53 71.74 109.16
C ILE CB 76 35.38 72.04 108.19
N ARG CB 77 34.60 71.01 107.90
CA ARG CB 77 33.53 71.05 106.92
C ARG CB 77 32.20 70.80 107.62
N THR CB 78 31.14 71.43 107.15
CA THR CB 78 29.81 71.23 107.74
C THR CB 78 28.74 71.26 106.65
N THR CB 79 28.07 70.13 106.46
CA THR CB 79 27.00 69.98 105.48
C THR CB 79 25.66 69.96 106.19
N ILE CB 80 24.68 70.67 105.62
CA ILE CB 80 23.34 70.83 106.17
C ILE CB 80 22.36 70.68 105.02
N SER CB 81 21.68 69.54 104.93
CA SER CB 81 20.76 69.27 103.83
C SER CB 81 19.37 68.98 104.38
N GLY CB 82 18.42 69.84 104.03
CA GLY CB 82 17.02 69.73 104.38
C GLY CB 82 16.24 70.75 103.58
N SER CB 83 14.92 70.65 103.64
CA SER CB 83 14.09 71.56 102.87
C SER CB 83 14.03 72.94 103.52
N VAL CB 84 13.90 73.97 102.68
CA VAL CB 84 13.60 75.32 103.18
C VAL CB 84 12.20 75.36 103.76
N GLU CB 85 11.32 74.49 103.25
CA GLU CB 85 9.95 74.44 103.73
C GLU CB 85 9.90 74.10 105.22
N ASN CB 86 10.76 73.16 105.64
CA ASN CB 86 10.78 72.61 107.00
C ASN CB 86 12.00 73.10 107.78
N LYS CB 87 12.46 74.33 107.49
CA LYS CB 87 13.68 74.82 108.11
C LYS CB 87 13.55 74.92 109.62
N ALA CB 88 12.32 74.89 110.15
CA ALA CB 88 12.15 74.82 111.60
C ALA CB 88 12.80 73.57 112.16
N ALA CB 89 12.45 72.40 111.61
CA ALA CB 89 13.07 71.16 112.06
C ALA CB 89 14.53 71.07 111.61
N VAL CB 90 14.88 71.70 110.49
CA VAL CB 90 16.30 71.77 110.11
C VAL CB 90 17.12 72.42 111.21
N LEU CB 91 16.67 73.60 111.69
CA LEU CB 91 17.39 74.31 112.74
C LEU CB 91 17.32 73.60 114.08
N ALA CB 92 16.18 72.97 114.39
CA ALA CB 92 16.09 72.18 115.61
C ALA CB 92 17.09 71.03 115.60
N ALA CB 93 17.35 70.46 114.42
CA ALA CB 93 18.41 69.48 114.29
C ALA CB 93 19.79 70.11 114.40
N LEU CB 94 19.96 71.32 113.84
CA LEU CB 94 21.25 71.98 113.87
C LEU CB 94 21.70 72.26 115.30
N LEU CB 95 20.78 72.74 116.14
CA LEU CB 95 21.14 73.09 117.51
C LEU CB 95 21.63 71.86 118.27
N ASP CB 96 20.89 70.75 118.16
CA ASP CB 96 21.29 69.51 118.82
C ASP CB 96 22.63 69.02 118.29
N HIS CB 97 22.83 69.12 116.96
CA HIS CB 97 24.10 68.71 116.37
C HIS CB 97 25.26 69.53 116.91
N LEU CB 98 25.09 70.85 116.96
CA LEU CB 98 26.17 71.72 117.44
C LEU CB 98 26.50 71.44 118.89
N HIS CB 99 25.47 71.28 119.74
CA HIS CB 99 25.72 71.00 121.15
C HIS CB 99 26.41 69.66 121.36
N ASN CB 100 25.99 68.63 120.62
CA ASN CB 100 26.63 67.32 120.78
C ASN CB 100 28.06 67.35 120.26
N LEU CB 101 28.29 68.06 119.14
CA LEU CB 101 29.66 68.26 118.68
C LEU CB 101 30.50 68.93 119.75
N GLY CB 102 29.94 69.94 120.43
CA GLY CB 102 30.66 70.56 121.52
C GLY CB 102 31.00 69.58 122.64
N LEU CB 103 30.05 68.69 122.97
CA LEU CB 103 30.33 67.67 123.96
C LEU CB 103 31.51 66.79 123.54
N ALA CB 104 31.62 66.52 122.24
CA ALA CB 104 32.65 65.60 121.78
C ALA CB 104 34.00 66.25 121.47
N ARG CB 105 34.04 67.56 121.24
CA ARG CB 105 35.17 68.15 120.53
C ARG CB 105 36.48 67.96 121.28
N ASP CB 106 36.44 68.05 122.61
CA ASP CB 106 37.66 67.93 123.39
C ASP CB 106 38.27 66.55 123.22
N ASP CB 107 37.43 65.51 123.16
CA ASP CB 107 37.92 64.17 122.90
C ASP CB 107 38.37 64.01 121.46
N LEU CB 108 37.62 64.58 120.52
CA LEU CB 108 37.87 64.32 119.11
C LEU CB 108 39.17 64.96 118.64
N VAL CB 109 39.41 66.22 119.02
CA VAL CB 109 40.63 66.90 118.54
C VAL CB 109 41.88 66.28 119.12
N ALA CB 110 41.76 65.52 120.21
CA ALA CB 110 42.89 64.83 120.82
C ALA CB 110 43.05 63.40 120.33
N GLY CB 111 42.32 63.02 119.29
CA GLY CB 111 42.45 61.68 118.73
C GLY CB 111 41.82 60.58 119.54
N LEU CB 112 40.98 60.91 120.51
CA LEU CB 112 40.35 59.93 121.38
C LEU CB 112 38.90 59.71 120.96
N LEU CB 113 38.46 58.45 121.02
CA LEU CB 113 37.09 58.12 120.68
C LEU CB 113 36.16 58.53 121.81
N PRO CB 114 35.20 59.43 121.58
CA PRO CB 114 34.37 59.94 122.69
C PRO CB 114 33.42 58.91 123.24
N THR CB 115 33.96 57.93 123.97
CA THR CB 115 33.17 56.81 124.48
C THR CB 115 32.32 57.17 125.69
N THR CB 116 32.61 58.29 126.36
CA THR CB 116 31.89 58.64 127.58
C THR CB 116 30.68 59.53 127.33
N ILE CB 117 30.79 60.46 126.38
CA ILE CB 117 29.78 61.51 126.21
C ILE CB 117 28.40 60.92 125.96
N GLN CB 118 27.37 61.69 126.30
CA GLN CB 118 25.99 61.30 126.02
C GLN CB 118 25.27 62.44 125.30
N PRO CB 119 24.89 62.25 124.03
CA PRO CB 119 24.19 63.31 123.30
C PRO CB 119 22.75 63.46 123.77
N VAL CB 120 22.00 64.34 123.12
CA VAL CB 120 20.66 64.69 123.57
C VAL CB 120 19.87 65.24 122.39
N VAL CB 121 18.55 65.07 122.44
CA VAL CB 121 17.61 65.67 121.49
C VAL CB 121 16.92 66.83 122.20
N GLU CB 122 16.54 67.85 121.43
CA GLU CB 122 15.74 68.96 121.93
C GLU CB 122 16.42 69.66 123.10
N TYR CB 123 17.67 70.07 122.88
CA TYR CB 123 18.47 70.70 123.93
C TYR CB 123 17.88 72.04 124.32
N THR CB 124 17.62 72.21 125.62
CA THR CB 124 16.99 73.42 126.16
C THR CB 124 18.06 74.27 126.86
N GLY CB 125 18.34 75.44 126.30
CA GLY CB 125 19.27 76.38 126.90
C GLY CB 125 20.72 75.93 126.94
N ALA DB 1 11.62 68.52 125.06
CA ALA DB 1 11.58 67.53 126.14
C ALA DB 1 12.98 67.24 126.67
N GLN DB 2 13.98 67.43 125.79
CA GLN DB 2 15.39 67.16 126.09
C GLN DB 2 15.58 65.80 126.78
N HIS DB 3 15.05 64.76 126.12
CA HIS DB 3 15.36 63.38 126.48
C HIS DB 3 16.64 62.98 125.78
N ASN DB 4 17.70 62.73 126.54
CA ASN DB 4 19.01 62.51 125.94
C ASN DB 4 19.09 61.15 125.23
N MET DB 5 19.93 61.11 124.19
CA MET DB 5 19.97 59.96 123.29
C MET DB 5 20.54 58.73 123.99
N ARG DB 6 20.19 57.58 123.44
CA ARG DB 6 20.60 56.28 123.97
C ARG DB 6 21.64 55.68 123.04
N LEU DB 7 22.72 55.15 123.62
CA LEU DB 7 23.70 54.44 122.81
C LEU DB 7 23.07 53.23 122.13
N GLN DB 8 23.45 52.99 120.90
CA GLN DB 8 22.88 51.81 120.27
C GLN DB 8 23.92 50.89 119.66
N LEU DB 9 25.00 51.43 119.08
CA LEU DB 9 26.00 50.56 118.47
C LEU DB 9 27.41 51.14 118.54
N THR DB 10 28.36 50.30 118.94
CA THR DB 10 29.78 50.64 118.93
C THR DB 10 30.51 49.55 118.15
N SER DB 11 31.22 49.94 117.08
CA SER DB 11 31.97 48.97 116.31
C SER DB 11 33.05 49.70 115.51
N GLY DB 12 34.26 49.14 115.51
CA GLY DB 12 35.36 49.74 114.77
C GLY DB 12 35.77 51.09 115.30
N THR DB 13 35.52 52.14 114.51
CA THR DB 13 35.82 53.51 114.90
C THR DB 13 34.57 54.36 115.05
N SER DB 14 33.39 53.75 115.07
CA SER DB 14 32.13 54.48 115.04
C SER DB 14 31.36 54.31 116.34
N LEU DB 15 30.58 55.33 116.67
CA LEU DB 15 29.63 55.29 117.77
C LEU DB 15 28.29 55.76 117.22
N THR DB 16 27.21 55.08 117.62
CA THR DB 16 25.89 55.36 117.05
C THR DB 16 24.86 55.40 118.17
N TRP DB 17 24.33 56.58 118.43
CA TRP DB 17 23.26 56.85 119.37
C TRP DB 17 21.95 57.08 118.61
N VAL DB 18 20.84 56.93 119.30
CA VAL DB 18 19.51 57.06 118.71
C VAL DB 18 18.57 57.74 119.71
N ASP DB 19 17.59 58.45 119.16
CA ASP DB 19 16.52 59.02 119.97
C ASP DB 19 15.59 57.91 120.44
N PRO DB 20 15.42 57.70 121.74
CA PRO DB 20 14.53 56.63 122.21
C PRO DB 20 13.08 56.80 121.83
N ASN DB 21 12.67 57.97 121.33
CA ASN DB 21 11.28 58.14 120.96
C ASN DB 21 11.01 57.72 119.52
N ASP DB 22 11.75 58.26 118.55
CA ASP DB 22 11.71 57.69 117.21
C ASP DB 22 13.12 57.31 116.77
N PHE DB 23 13.19 56.18 116.08
CA PHE DB 23 14.40 55.58 115.55
C PHE DB 23 14.96 56.34 114.36
N ARG DB 24 14.28 57.42 113.93
CA ARG DB 24 14.63 58.13 112.71
C ARG DB 24 15.77 59.12 112.93
N SER DB 25 15.92 59.65 114.14
CA SER DB 25 16.96 60.63 114.44
C SER DB 25 18.09 59.95 115.18
N THR DB 26 19.24 59.85 114.54
CA THR DB 26 20.42 59.15 115.01
C THR DB 26 21.62 60.09 114.99
N PHE DB 27 22.68 59.64 115.66
CA PHE DB 27 23.87 60.46 115.86
C PHE DB 27 25.08 59.56 115.84
N ARG DB 28 25.99 59.78 114.89
CA ARG DB 28 27.16 58.93 114.72
C ARG DB 28 28.43 59.77 114.82
N ILE DB 29 29.47 59.16 115.37
CA ILE DB 29 30.81 59.77 115.39
C ILE DB 29 31.81 58.75 114.89
N ASN DB 30 32.57 59.10 113.86
CA ASN DB 30 33.66 58.31 113.32
C ASN DB 30 34.98 59.00 113.61
N LEU DB 31 35.99 58.21 113.96
CA LEU DB 31 37.31 58.75 114.30
C LEU DB 31 38.37 57.91 113.61
N ASN DB 32 39.19 58.55 112.79
CA ASN DB 32 40.25 57.86 112.05
C ASN DB 32 41.57 58.55 112.34
N VAL DB 33 42.41 57.92 113.16
CA VAL DB 33 43.72 58.45 113.52
C VAL DB 33 44.77 57.68 112.75
N ASN DB 34 45.71 58.40 112.14
CA ASN DB 34 46.80 57.78 111.40
C ASN DB 34 47.86 58.83 111.12
N GLN DB 35 49.05 58.38 110.72
CA GLN DB 35 50.18 59.29 110.56
C GLN DB 35 50.10 60.06 109.24
N LYS DB 36 50.33 61.36 109.34
CA LYS DB 36 50.36 62.30 108.24
C LYS DB 36 51.79 62.76 108.07
N VAL DB 37 52.17 63.07 106.83
CA VAL DB 37 53.51 63.55 106.52
C VAL DB 37 53.42 65.01 106.13
N ALA DB 38 54.03 65.89 106.93
CA ALA DB 38 53.99 67.33 106.68
C ALA DB 38 55.41 67.86 106.73
N GLY DB 39 55.99 68.10 105.55
CA GLY DB 39 57.39 68.48 105.50
C GLY DB 39 58.29 67.29 105.77
N ALA DB 40 59.29 67.50 106.61
CA ALA DB 40 60.21 66.43 106.98
C ALA DB 40 59.71 65.59 108.13
N VAL DB 41 58.70 66.06 108.86
CA VAL DB 41 58.20 65.36 110.03
C VAL DB 41 56.88 64.67 109.71
N SER DB 42 56.51 63.74 110.57
CA SER DB 42 55.21 63.08 110.53
C SER DB 42 54.51 63.29 111.85
N VAL DB 43 53.21 63.53 111.78
CA VAL DB 43 52.38 63.84 112.95
C VAL DB 43 51.11 63.02 112.87
N TYR DB 44 50.53 62.70 114.03
CA TYR DB 44 49.30 61.91 114.06
C TYR DB 44 48.11 62.82 113.72
N ASN DB 45 47.50 62.58 112.57
CA ASN DB 45 46.31 63.31 112.12
C ASN DB 45 45.07 62.52 112.53
N ALA DB 46 44.10 63.23 113.08
CA ALA DB 46 42.79 62.70 113.43
C ALA DB 46 41.76 63.27 112.48
N ARG DB 47 40.94 62.38 111.93
CA ARG DB 47 39.79 62.72 111.09
C ARG DB 47 38.54 62.36 111.90
N SER DB 48 37.92 63.36 112.50
CA SER DB 48 36.64 63.19 113.16
C SER DB 48 35.54 63.52 112.16
N GLU DB 49 34.46 62.75 112.19
CA GLU DB 49 33.25 63.17 111.48
C GLU DB 49 32.02 62.82 112.30
N VAL DB 50 31.19 63.83 112.52
CA VAL DB 50 30.02 63.76 113.38
C VAL DB 50 28.79 63.96 112.50
N ILE DB 51 27.94 62.94 112.42
CA ILE DB 51 26.83 62.89 111.47
C ILE DB 51 25.54 62.73 112.26
N THR DB 52 24.69 63.76 112.24
CA THR DB 52 23.35 63.65 112.81
C THR DB 52 22.34 63.54 111.68
N ASN DB 53 21.49 62.52 111.76
CA ASN DB 53 20.53 62.17 110.71
C ASN DB 53 19.14 62.19 111.29
N ARG DB 54 18.18 62.76 110.56
CA ARG DB 54 16.80 62.72 111.00
C ARG DB 54 15.92 62.49 109.78
N ALA DB 55 14.67 62.12 110.06
CA ALA DB 55 13.65 61.91 109.03
C ALA DB 55 12.33 62.52 109.51
N PRO DB 56 12.31 63.84 109.73
CA PRO DB 56 11.17 64.45 110.40
C PRO DB 56 9.98 64.56 109.45
N LEU DB 57 8.84 64.89 110.03
CA LEU DB 57 7.68 65.27 109.24
C LEU DB 57 7.88 66.68 108.70
N VAL DB 58 7.44 66.94 107.47
CA VAL DB 58 7.52 68.29 106.95
C VAL DB 58 6.38 69.11 107.53
N VAL DB 59 6.73 70.17 108.25
CA VAL DB 59 5.77 71.01 108.96
C VAL DB 59 5.75 72.37 108.27
N ILE DB 60 4.68 72.63 107.52
CA ILE DB 60 4.51 73.90 106.85
C ILE DB 60 4.11 74.93 107.90
N GLU DB 61 4.62 76.16 107.78
CA GLU DB 61 4.31 77.16 108.79
C GLU DB 61 2.81 77.42 108.88
N GLY DB 62 2.21 77.87 107.77
CA GLY DB 62 0.79 78.19 107.79
C GLY DB 62 -0.09 77.02 108.19
N CYS DB 63 0.34 75.80 107.86
CA CYS DB 63 -0.52 74.65 108.03
C CYS DB 63 -0.36 74.02 109.41
N THR DB 64 -1.40 73.29 109.81
CA THR DB 64 -1.38 72.51 111.04
C THR DB 64 -2.29 71.30 110.84
N ASP DB 65 -1.69 70.11 110.88
CA ASP DB 65 -2.39 68.87 110.51
C ASP DB 65 -1.66 67.70 111.15
N ALA DB 66 -2.36 66.91 111.96
CA ALA DB 66 -1.79 65.72 112.56
C ALA DB 66 -1.96 64.48 111.70
N CYS DB 67 -2.55 64.61 110.52
CA CYS DB 67 -2.86 63.47 109.67
C CYS DB 67 -1.90 63.30 108.49
N SER DB 68 -0.97 64.22 108.30
CA SER DB 68 0.01 64.08 107.23
C SER DB 68 1.21 63.28 107.73
N VAL DB 69 1.60 62.27 106.96
CA VAL DB 69 2.84 61.54 107.20
C VAL DB 69 3.89 61.92 106.16
N ASN DB 70 3.76 63.12 105.58
CA ASN DB 70 4.75 63.65 104.65
C ASN DB 70 6.09 63.78 105.35
N ARG DB 71 7.08 62.98 104.94
CA ARG DB 71 8.38 62.94 105.59
C ARG DB 71 9.49 63.15 104.57
N GLU DB 72 10.50 63.92 104.98
CA GLU DB 72 11.76 64.05 104.24
C GLU DB 72 12.91 63.66 105.16
N ASN DB 73 14.04 63.35 104.54
CA ASN DB 73 15.28 63.12 105.27
C ASN DB 73 16.05 64.42 105.39
N ILE DB 74 16.70 64.61 106.53
CA ILE DB 74 17.59 65.75 106.75
C ILE DB 74 18.86 65.24 107.42
N SER DB 75 19.97 65.91 107.13
CA SER DB 75 21.25 65.48 107.67
C SER DB 75 22.19 66.66 107.86
N ILE DB 76 22.92 66.63 108.99
CA ILE DB 76 23.96 67.61 109.28
C ILE DB 76 25.23 66.86 109.65
N ARG DB 77 26.28 67.08 108.88
CA ARG DB 77 27.56 66.41 109.07
C ARG DB 77 28.65 67.45 109.31
N THR DB 78 29.61 67.11 110.18
CA THR DB 78 30.73 68.00 110.47
C THR DB 78 32.00 67.17 110.51
N THR DB 79 32.93 67.49 109.62
CA THR DB 79 34.19 66.79 109.49
C THR DB 79 35.33 67.70 109.96
N ILE DB 80 36.27 67.12 110.70
CA ILE DB 80 37.38 67.84 111.31
C ILE DB 80 38.64 67.02 111.13
N SER DB 81 39.51 67.40 110.19
CA SER DB 81 40.74 66.68 109.90
C SER DB 81 41.92 67.56 110.26
N GLY DB 82 42.74 67.11 111.20
CA GLY DB 82 43.88 67.87 111.68
C GLY DB 82 44.70 67.06 112.66
N SER DB 83 45.96 67.43 112.78
CA SER DB 83 46.85 66.67 113.65
C SER DB 83 46.49 66.89 115.12
N VAL DB 84 46.92 65.95 115.95
CA VAL DB 84 46.75 66.11 117.39
C VAL DB 84 47.75 67.12 117.93
N GLU DB 85 48.89 67.27 117.25
CA GLU DB 85 49.92 68.20 117.72
C GLU DB 85 49.47 69.64 117.62
N ASN DB 86 48.87 70.02 116.50
CA ASN DB 86 48.32 71.36 116.33
C ASN DB 86 46.87 71.48 116.77
N LYS DB 87 46.42 70.61 117.69
CA LYS DB 87 45.02 70.67 118.10
C LYS DB 87 44.66 72.03 118.68
N ALA DB 88 45.66 72.82 119.09
CA ALA DB 88 45.40 74.20 119.47
C ALA DB 88 44.83 74.99 118.29
N ALA DB 89 45.54 74.99 117.15
CA ALA DB 89 45.06 75.69 115.98
C ALA DB 89 43.81 75.03 115.41
N VAL DB 90 43.67 73.72 115.58
CA VAL DB 90 42.45 73.03 115.18
C VAL DB 90 41.26 73.57 115.95
N LEU DB 91 41.38 73.72 117.27
CA LEU DB 91 40.29 74.22 118.09
C LEU DB 91 40.01 75.70 117.83
N ALA DB 92 41.07 76.50 117.60
CA ALA DB 92 40.85 77.89 117.22
C ALA DB 92 40.09 77.98 115.91
N ALA DB 93 40.49 77.17 114.92
CA ALA DB 93 39.76 77.10 113.66
C ALA DB 93 38.34 76.60 113.87
N LEU DB 94 38.12 75.71 114.84
CA LEU DB 94 36.78 75.23 115.11
C LEU DB 94 35.89 76.34 115.67
N LEU DB 95 36.43 77.13 116.61
CA LEU DB 95 35.67 78.25 117.15
C LEU DB 95 35.31 79.24 116.05
N ASP DB 96 36.30 79.60 115.22
CA ASP DB 96 36.02 80.54 114.13
C ASP DB 96 34.99 79.97 113.15
N HIS DB 97 35.11 78.68 112.85
CA HIS DB 97 34.17 77.99 111.97
C HIS DB 97 32.75 78.03 112.54
N LEU DB 98 32.61 77.70 113.82
CA LEU DB 98 31.29 77.68 114.45
C LEU DB 98 30.66 79.06 114.47
N HIS DB 99 31.46 80.08 114.80
CA HIS DB 99 30.92 81.44 114.84
C HIS DB 99 30.49 81.91 113.46
N ASN DB 100 31.29 81.63 112.42
CA ASN DB 100 30.91 82.05 111.08
C ASN DB 100 29.69 81.27 110.59
N LEU DB 101 29.64 79.97 110.89
CA LEU DB 101 28.46 79.18 110.59
C LEU DB 101 27.22 79.78 111.22
N GLY DB 102 27.32 80.20 112.49
CA GLY DB 102 26.20 80.87 113.12
C GLY DB 102 25.82 82.16 112.44
N LEU DB 103 26.83 82.94 111.99
CA LEU DB 103 26.53 84.14 111.22
C LEU DB 103 25.74 83.82 109.96
N ALA DB 104 25.96 82.65 109.38
CA ALA DB 104 25.33 82.35 108.10
C ALA DB 104 24.05 81.52 108.18
N ARG DB 105 23.77 80.86 109.32
CA ARG DB 105 22.79 79.78 109.30
C ARG DB 105 21.39 80.28 108.97
N ASP DB 106 21.03 81.48 109.41
CA ASP DB 106 19.69 81.96 109.17
C ASP DB 106 19.44 82.17 107.67
N ASP DB 107 20.47 82.55 106.93
CA ASP DB 107 20.38 82.61 105.47
C ASP DB 107 20.42 81.21 104.87
N LEU DB 108 21.31 80.34 105.36
CA LEU DB 108 21.54 79.06 104.69
C LEU DB 108 20.34 78.12 104.80
N VAL DB 109 19.69 78.06 105.96
CA VAL DB 109 18.54 77.17 106.09
C VAL DB 109 17.34 77.69 105.34
N ALA DB 110 17.34 78.98 104.97
CA ALA DB 110 16.25 79.58 104.21
C ALA DB 110 16.53 79.57 102.71
N GLY DB 111 17.60 78.92 102.27
CA GLY DB 111 17.93 78.86 100.86
C GLY DB 111 18.61 80.09 100.30
N LEU DB 112 18.97 81.05 101.14
CA LEU DB 112 19.60 82.28 100.71
C LEU DB 112 21.12 82.17 100.90
N LEU DB 113 21.86 82.53 99.86
CA LEU DB 113 23.32 82.56 99.99
C LEU DB 113 23.71 83.79 100.83
N PRO DB 114 24.47 83.60 101.92
CA PRO DB 114 24.71 84.71 102.84
C PRO DB 114 25.62 85.79 102.24
N THR DB 115 25.03 86.65 101.42
CA THR DB 115 25.81 87.70 100.75
C THR DB 115 26.31 88.74 101.74
N THR DB 116 25.59 88.94 102.85
CA THR DB 116 25.78 90.08 103.71
C THR DB 116 26.54 89.79 105.00
N ILE DB 117 27.06 88.58 105.16
CA ILE DB 117 27.71 88.22 106.41
C ILE DB 117 29.18 88.64 106.37
N GLN DB 118 29.79 88.74 107.55
CA GLN DB 118 31.18 89.18 107.71
C GLN DB 118 31.95 88.13 108.50
N PRO DB 119 32.58 87.18 107.83
CA PRO DB 119 33.35 86.17 108.55
C PRO DB 119 34.61 86.76 109.17
N VAL DB 120 35.00 86.19 110.32
CA VAL DB 120 36.12 86.71 111.11
C VAL DB 120 37.13 85.61 111.35
N VAL DB 121 38.29 86.02 111.87
CA VAL DB 121 39.33 85.11 112.36
C VAL DB 121 39.59 85.48 113.81
N GLU DB 122 39.82 84.47 114.66
CA GLU DB 122 40.16 84.67 116.06
C GLU DB 122 39.02 85.40 116.80
N TYR DB 123 37.85 84.76 116.83
CA TYR DB 123 36.69 85.36 117.47
C TYR DB 123 36.90 85.52 118.98
N THR DB 124 36.47 86.67 119.49
CA THR DB 124 36.60 86.99 120.91
C THR DB 124 35.34 87.71 121.43
N ALA EB 1 34.96 118.47 84.30
CA ALA EB 1 33.66 118.01 84.80
C ALA EB 1 33.84 117.08 86.00
N GLN EB 2 34.92 116.28 85.95
CA GLN EB 2 35.24 115.28 86.97
C GLN EB 2 34.05 114.38 87.29
N HIS EB 3 33.29 114.04 86.25
CA HIS EB 3 32.33 112.94 86.37
C HIS EB 3 33.10 111.63 86.49
N ASN EB 4 32.79 110.86 87.52
CA ASN EB 4 33.56 109.65 87.82
C ASN EB 4 33.01 108.45 87.05
N MET EB 5 33.91 107.49 86.77
CA MET EB 5 33.58 106.36 85.91
C MET EB 5 32.55 105.46 86.57
N ARG EB 6 31.84 104.69 85.74
CA ARG EB 6 30.81 103.80 86.24
C ARG EB 6 31.08 102.37 85.75
N LEU EB 7 30.59 101.40 86.51
CA LEU EB 7 31.05 100.02 86.40
C LEU EB 7 30.42 99.30 85.22
N GLN EB 8 31.25 98.54 84.49
CA GLN EB 8 30.80 97.81 83.31
C GLN EB 8 30.98 96.30 83.41
N LEU EB 9 32.16 95.82 83.83
CA LEU EB 9 32.47 94.39 83.83
C LEU EB 9 33.13 93.97 85.13
N THR EB 10 32.59 92.93 85.76
CA THR EB 10 33.17 92.36 86.98
C THR EB 10 33.44 90.88 86.74
N SER EB 11 34.63 90.42 87.15
CA SER EB 11 35.04 89.06 86.86
C SER EB 11 35.64 88.33 88.05
N GLY EB 12 35.72 88.96 89.22
CA GLY EB 12 36.38 88.36 90.38
C GLY EB 12 37.88 88.36 90.22
N THR EB 13 38.33 88.55 88.98
CA THR EB 13 39.73 88.78 88.65
C THR EB 13 39.95 90.05 87.84
N SER EB 14 38.92 90.56 87.17
CA SER EB 14 39.02 91.76 86.36
C SER EB 14 37.89 92.71 86.70
N LEU EB 15 38.19 94.01 86.75
CA LEU EB 15 37.19 95.04 86.89
C LEU EB 15 37.36 96.03 85.75
N THR EB 16 36.24 96.44 85.16
CA THR EB 16 36.26 97.29 83.98
C THR EB 16 35.20 98.37 84.15
N TRP EB 17 35.65 99.61 84.34
CA TRP EB 17 34.80 100.78 84.41
C TRP EB 17 34.90 101.56 83.10
N VAL EB 18 33.86 102.34 82.81
CA VAL EB 18 33.80 103.11 81.58
C VAL EB 18 33.32 104.52 81.92
N ASP EB 19 33.78 105.48 81.12
CA ASP EB 19 33.27 106.85 81.16
C ASP EB 19 31.83 106.86 80.66
N PRO EB 20 30.85 107.26 81.48
CA PRO EB 20 29.45 107.26 81.02
C PRO EB 20 29.19 108.15 79.81
N ASN EB 21 30.04 109.15 79.55
CA ASN EB 21 29.85 109.97 78.36
C ASN EB 21 30.52 109.34 77.14
N ASP EB 22 31.80 108.99 77.27
CA ASP EB 22 32.60 108.48 76.16
C ASP EB 22 32.93 107.02 76.45
N PHE EB 23 32.34 106.12 75.66
CA PHE EB 23 32.61 104.69 75.81
C PHE EB 23 34.00 104.29 75.32
N ARG EB 24 34.73 105.22 74.69
CA ARG EB 24 36.08 104.92 74.21
C ARG EB 24 37.10 104.87 75.34
N SER EB 25 36.84 105.54 76.46
CA SER EB 25 37.78 105.63 77.57
C SER EB 25 37.34 104.66 78.67
N THR EB 26 38.13 103.63 78.88
CA THR EB 26 37.85 102.57 79.85
C THR EB 26 39.02 102.44 80.82
N PHE EB 27 38.75 101.71 81.90
CA PHE EB 27 39.73 101.54 82.98
C PHE EB 27 39.53 100.14 83.56
N ARG EB 28 40.54 99.28 83.39
CA ARG EB 28 40.50 97.91 83.89
C ARG EB 28 41.58 97.71 84.94
N ILE EB 29 41.25 96.90 85.94
CA ILE EB 29 42.22 96.42 86.93
C ILE EB 29 42.14 94.89 86.92
N ASN EB 30 43.29 94.26 86.69
CA ASN EB 30 43.42 92.81 86.71
C ASN EB 30 44.35 92.42 87.85
N LEU EB 31 44.01 91.35 88.54
CA LEU EB 31 44.80 90.87 89.67
C LEU EB 31 44.95 89.37 89.56
N ASN EB 32 46.17 88.88 89.78
CA ASN EB 32 46.42 87.44 89.74
C ASN EB 32 47.37 87.08 90.87
N VAL EB 33 46.89 86.24 91.79
CA VAL EB 33 47.68 85.78 92.93
C VAL EB 33 48.01 84.31 92.71
N ASN EB 34 49.25 83.94 92.98
CA ASN EB 34 49.69 82.56 92.91
C ASN EB 34 51.02 82.42 93.64
N GLN EB 35 51.35 81.18 94.01
CA GLN EB 35 52.57 81.01 94.80
C GLN EB 35 53.81 81.12 93.94
N LYS EB 36 54.92 81.39 94.62
CA LYS EB 36 56.22 81.63 93.98
C LYS EB 36 57.29 81.13 94.92
N VAL EB 37 58.37 80.62 94.36
CA VAL EB 37 59.47 80.06 95.14
C VAL EB 37 60.62 81.05 95.10
N ALA EB 38 60.84 81.74 96.21
CA ALA EB 38 62.00 82.61 96.39
C ALA EB 38 62.99 81.85 97.25
N GLY EB 39 64.10 81.43 96.64
CA GLY EB 39 65.06 80.62 97.34
C GLY EB 39 64.44 79.31 97.81
N ALA EB 40 64.34 79.13 99.12
CA ALA EB 40 63.75 77.95 99.72
C ALA EB 40 62.41 78.25 100.39
N VAL EB 41 61.79 79.39 100.10
CA VAL EB 41 60.56 79.81 100.77
C VAL EB 41 59.52 80.14 99.70
N SER EB 42 58.31 79.59 99.87
CA SER EB 42 57.21 79.92 98.98
C SER EB 42 56.42 81.09 99.56
N VAL EB 43 56.15 82.08 98.71
CA VAL EB 43 55.38 83.25 99.08
C VAL EB 43 54.32 83.50 98.02
N TYR EB 44 53.23 84.15 98.42
CA TYR EB 44 52.14 84.47 97.52
C TYR EB 44 52.47 85.74 96.74
N ASN EB 45 52.79 85.58 95.46
CA ASN EB 45 53.04 86.71 94.57
C ASN EB 45 51.72 87.15 93.96
N ALA EB 46 51.48 88.46 94.00
CA ALA EB 46 50.36 89.10 93.32
C ALA EB 46 50.92 89.95 92.19
N ARG EB 47 50.37 89.76 90.99
CA ARG EB 47 50.63 90.61 89.85
C ARG EB 47 49.36 91.38 89.54
N SER EB 48 49.39 92.69 89.74
CA SER EB 48 48.29 93.58 89.44
C SER EB 48 48.65 94.42 88.23
N GLU EB 49 47.77 94.46 87.24
CA GLU EB 49 47.94 95.41 86.14
C GLU EB 49 46.73 96.32 86.05
N VAL EB 50 47.00 97.59 85.77
CA VAL EB 50 46.01 98.66 85.72
C VAL EB 50 46.12 99.30 84.35
N ILE EB 51 45.09 99.14 83.53
CA ILE EB 51 45.10 99.52 82.12
C ILE EB 51 44.02 100.57 81.90
N THR EB 52 44.42 101.79 81.54
CA THR EB 52 43.48 102.81 81.11
C THR EB 52 43.64 103.03 79.61
N ASN EB 53 42.53 102.94 78.88
CA ASN EB 53 42.50 102.98 77.43
C ASN EB 53 41.61 104.14 76.97
N ARG EB 54 42.05 104.86 75.95
CA ARG EB 54 41.26 105.97 75.42
C ARG EB 54 41.44 106.04 73.91
N ALA EB 55 40.55 106.80 73.28
CA ALA EB 55 40.54 106.97 71.83
C ALA EB 55 40.34 108.44 71.49
N PRO EB 56 41.40 109.24 71.57
CA PRO EB 56 41.29 110.66 71.20
C PRO EB 56 41.15 110.82 69.70
N LEU EB 57 40.63 111.99 69.32
CA LEU EB 57 40.54 112.35 67.91
C LEU EB 57 41.77 113.15 67.51
N VAL EB 58 42.25 112.93 66.29
CA VAL EB 58 43.36 113.70 65.74
C VAL EB 58 42.80 115.03 65.25
N VAL EB 59 43.12 116.10 65.96
CA VAL EB 59 42.60 117.43 65.65
C VAL EB 59 43.52 118.10 64.63
N ILE EB 60 43.01 118.29 63.41
CA ILE EB 60 43.69 119.10 62.40
C ILE EB 60 42.88 120.37 62.19
N GLU EB 61 43.53 121.52 62.39
CA GLU EB 61 42.90 122.79 62.08
C GLU EB 61 42.62 122.90 60.60
N GLY EB 62 41.48 123.50 60.27
CA GLY EB 62 41.05 123.61 58.90
C GLY EB 62 40.35 122.38 58.36
N CYS EB 63 40.32 121.30 59.11
CA CYS EB 63 39.65 120.05 58.71
C CYS EB 63 38.52 119.78 59.69
N THR EB 64 37.30 120.12 59.29
CA THR EB 64 36.13 119.70 60.04
C THR EB 64 35.96 118.20 59.90
N ASP EB 65 36.32 117.47 60.96
CA ASP EB 65 36.31 116.01 60.94
C ASP EB 65 34.89 115.51 61.19
N ALA EB 66 34.02 115.80 60.22
CA ALA EB 66 32.72 115.17 60.18
C ALA EB 66 32.89 113.67 60.17
N CYS EB 67 32.05 112.98 60.95
CA CYS EB 67 32.02 111.54 61.16
C CYS EB 67 33.10 111.10 62.14
N SER EB 68 33.99 111.99 62.57
CA SER EB 68 35.05 111.69 63.54
C SER EB 68 35.85 110.45 63.13
N VAL EB 69 36.37 110.49 61.90
CA VAL EB 69 37.06 109.33 61.35
C VAL EB 69 38.53 109.32 61.77
N ASN EB 70 39.16 110.49 61.84
CA ASN EB 70 40.55 110.58 62.27
C ASN EB 70 40.62 110.38 63.78
N ARG EB 71 40.86 109.15 64.22
CA ARG EB 71 40.84 108.82 65.63
C ARG EB 71 42.01 107.91 65.97
N GLU EB 72 42.55 108.12 67.17
CA GLU EB 72 43.77 107.48 67.65
C GLU EB 72 43.49 106.70 68.91
N ASN EB 73 44.20 105.57 69.09
CA ASN EB 73 44.17 104.83 70.34
C ASN EB 73 45.37 105.22 71.19
N ILE EB 74 45.12 105.51 72.47
CA ILE EB 74 46.18 105.76 73.44
C ILE EB 74 45.93 104.88 74.65
N SER EB 75 47.02 104.50 75.32
CA SER EB 75 46.90 103.58 76.45
C SER EB 75 48.00 103.80 77.47
N ILE EB 76 47.62 103.74 78.74
CA ILE EB 76 48.56 103.82 79.85
C ILE EB 76 48.33 102.61 80.76
N ARG EB 77 49.38 101.83 80.94
CA ARG EB 77 49.30 100.54 81.63
C ARG EB 77 50.35 100.50 82.73
N THR EB 78 50.04 99.82 83.82
CA THR EB 78 50.95 99.74 84.96
C THR EB 78 50.88 98.35 85.58
N THR EB 79 52.01 97.65 85.60
CA THR EB 79 52.11 96.30 86.15
C THR EB 79 52.93 96.33 87.42
N ILE EB 80 52.47 95.60 88.45
CA ILE EB 80 53.07 95.59 89.78
C ILE EB 80 53.04 94.13 90.21
N SER EB 81 54.20 93.47 90.16
CA SER EB 81 54.31 92.06 90.51
C SER EB 81 55.25 91.91 91.70
N GLY EB 82 54.73 91.40 92.80
CA GLY EB 82 55.52 91.24 94.02
C GLY EB 82 54.77 90.43 95.06
N SER EB 83 55.53 90.00 96.08
CA SER EB 83 54.93 89.25 97.16
C SER EB 83 53.97 90.12 97.97
N VAL EB 84 52.88 89.51 98.42
CA VAL EB 84 52.06 90.15 99.43
C VAL EB 84 52.86 90.30 100.72
N GLU EB 85 53.79 89.36 100.98
CA GLU EB 85 54.59 89.42 102.20
C GLU EB 85 55.54 90.61 102.18
N ASN EB 86 56.22 90.87 101.05
CA ASN EB 86 57.10 92.02 100.93
C ASN EB 86 56.37 93.25 100.40
N LYS EB 87 55.06 93.35 100.63
CA LYS EB 87 54.31 94.49 100.14
C LYS EB 87 54.87 95.81 100.64
N ALA EB 88 55.65 95.80 101.73
CA ALA EB 88 56.31 97.02 102.18
C ALA EB 88 57.32 97.50 101.14
N ALA EB 89 58.23 96.62 100.72
CA ALA EB 89 59.19 97.00 99.69
C ALA EB 89 58.51 97.23 98.34
N VAL EB 90 57.40 96.53 98.09
CA VAL EB 90 56.62 96.79 96.88
C VAL EB 90 56.11 98.23 96.88
N LEU EB 91 55.57 98.70 98.00
CA LEU EB 91 55.04 100.05 98.08
C LEU EB 91 56.15 101.11 98.05
N ALA EB 92 57.29 100.82 98.68
CA ALA EB 92 58.44 101.70 98.56
C ALA EB 92 58.85 101.84 97.09
N ALA EB 93 58.92 100.72 96.39
CA ALA EB 93 59.23 100.73 94.97
C ALA EB 93 58.17 101.49 94.18
N LEU EB 94 56.90 101.39 94.57
CA LEU EB 94 55.86 102.11 93.86
C LEU EB 94 56.01 103.61 94.04
N LEU EB 95 56.29 104.06 95.26
CA LEU EB 95 56.51 105.49 95.49
C LEU EB 95 57.68 106.01 94.65
N ASP EB 96 58.82 105.30 94.72
CA ASP EB 96 59.99 105.73 93.95
C ASP EB 96 59.70 105.70 92.46
N HIS EB 97 58.95 104.69 92.00
CA HIS EB 97 58.57 104.59 90.60
C HIS EB 97 57.71 105.77 90.17
N LEU EB 98 56.68 106.10 90.98
CA LEU EB 98 55.80 107.21 90.63
C LEU EB 98 56.57 108.53 90.57
N HIS EB 99 57.46 108.75 91.54
CA HIS EB 99 58.21 110.00 91.56
C HIS EB 99 59.14 110.11 90.35
N ASN EB 100 59.82 109.02 89.99
CA ASN EB 100 60.71 109.07 88.84
C ASN EB 100 59.93 109.20 87.54
N LEU EB 101 58.79 108.52 87.44
CA LEU EB 101 57.88 108.73 86.33
C LEU EB 101 57.51 110.20 86.20
N GLY EB 102 57.17 110.83 87.33
CA GLY EB 102 56.86 112.25 87.30
C GLY EB 102 58.04 113.10 86.86
N LEU EB 103 59.26 112.68 87.18
CA LEU EB 103 60.43 113.39 86.68
C LEU EB 103 60.49 113.32 85.15
N ALA EB 104 60.16 112.17 84.59
CA ALA EB 104 60.30 112.01 83.13
C ALA EB 104 59.04 112.35 82.35
N ARG EB 105 57.92 112.63 83.03
CA ARG EB 105 56.61 112.58 82.38
C ARG EB 105 56.47 113.62 81.28
N ASP EB 106 57.12 114.77 81.42
CA ASP EB 106 56.95 115.82 80.43
C ASP EB 106 57.78 115.51 79.19
N ASP EB 107 59.01 115.03 79.37
CA ASP EB 107 59.85 114.66 78.24
C ASP EB 107 59.25 113.48 77.47
N LEU EB 108 58.86 112.43 78.19
CA LEU EB 108 58.45 111.19 77.53
C LEU EB 108 57.23 111.39 76.65
N VAL EB 109 56.26 112.20 77.12
CA VAL EB 109 55.03 112.34 76.35
C VAL EB 109 55.26 113.21 75.12
N ALA EB 110 56.31 114.02 75.10
CA ALA EB 110 56.66 114.82 73.94
C ALA EB 110 57.57 114.07 72.97
N GLY EB 111 57.83 112.78 73.20
CA GLY EB 111 58.64 112.00 72.30
C GLY EB 111 60.13 112.17 72.45
N LEU EB 112 60.60 112.63 73.60
CA LEU EB 112 61.98 113.00 73.80
C LEU EB 112 62.56 112.18 74.95
N LEU EB 113 63.73 111.60 74.72
CA LEU EB 113 64.37 110.80 75.75
C LEU EB 113 64.79 111.69 76.92
N PRO EB 114 64.36 111.40 78.15
CA PRO EB 114 64.69 112.25 79.31
C PRO EB 114 66.14 112.09 79.75
N THR EB 115 67.06 112.55 78.90
CA THR EB 115 68.48 112.44 79.20
C THR EB 115 68.89 113.27 80.40
N THR EB 116 68.12 114.31 80.73
CA THR EB 116 68.52 115.26 81.76
C THR EB 116 68.14 114.83 83.18
N ILE EB 117 67.03 114.10 83.34
CA ILE EB 117 66.52 113.82 84.68
C ILE EB 117 67.51 112.94 85.46
N GLN EB 118 67.34 112.93 86.78
CA GLN EB 118 68.12 112.08 87.68
C GLN EB 118 67.18 111.40 88.65
N PRO EB 119 66.94 110.10 88.53
CA PRO EB 119 66.00 109.42 89.43
C PRO EB 119 66.59 109.27 90.83
N VAL EB 120 65.73 108.80 91.73
CA VAL EB 120 66.03 108.77 93.16
C VAL EB 120 65.54 107.46 93.75
N VAL EB 121 66.20 107.00 94.81
CA VAL EB 121 65.71 105.93 95.68
C VAL EB 121 65.25 106.57 96.98
N GLU EB 122 64.16 106.05 97.56
CA GLU EB 122 63.69 106.45 98.89
C GLU EB 122 63.27 107.92 98.91
N TYR EB 123 62.40 108.32 97.98
CA TYR EB 123 61.91 109.69 97.98
C TYR EB 123 61.21 110.02 99.30
N THR EB 124 61.44 111.24 99.78
CA THR EB 124 60.86 111.69 101.03
C THR EB 124 60.34 113.13 100.91
N ALA FB 1 -63.92 -55.90 19.56
CA ALA FB 1 -64.19 -55.58 20.96
C ALA FB 1 -65.02 -54.30 21.09
N GLN FB 2 -64.90 -53.41 20.10
CA GLN FB 2 -65.71 -52.19 20.05
C GLN FB 2 -65.48 -51.33 21.30
N HIS FB 3 -64.23 -51.29 21.77
CA HIS FB 3 -63.88 -50.42 22.89
C HIS FB 3 -63.39 -49.08 22.34
N ASN FB 4 -63.98 -48.01 22.84
CA ASN FB 4 -63.67 -46.67 22.35
C ASN FB 4 -62.36 -46.16 22.94
N MET FB 5 -61.67 -45.31 22.16
CA MET FB 5 -60.35 -44.82 22.50
C MET FB 5 -60.42 -43.84 23.68
N ARG FB 6 -59.31 -43.73 24.41
CA ARG FB 6 -59.24 -42.79 25.51
C ARG FB 6 -58.21 -41.70 25.20
N LEU FB 7 -58.52 -40.48 25.64
CA LEU FB 7 -57.77 -39.31 25.22
C LEU FB 7 -56.44 -39.19 25.95
N GLN FB 8 -55.41 -38.75 25.22
CA GLN FB 8 -54.07 -38.65 25.77
C GLN FB 8 -53.46 -37.25 25.68
N LEU FB 9 -53.68 -36.50 24.60
CA LEU FB 9 -53.02 -35.21 24.43
C LEU FB 9 -53.98 -34.17 23.87
N THR FB 10 -54.10 -33.03 24.57
CA THR FB 10 -54.90 -31.89 24.12
C THR FB 10 -54.00 -30.67 23.98
N SER FB 11 -54.15 -29.94 22.87
CA SER FB 11 -53.29 -28.79 22.60
C SER FB 11 -54.02 -27.58 22.06
N GLY FB 12 -55.33 -27.62 21.89
CA GLY FB 12 -56.06 -26.51 21.29
C GLY FB 12 -55.86 -26.41 19.79
N THR FB 13 -54.85 -27.13 19.28
CA THR FB 13 -54.65 -27.32 17.86
C THR FB 13 -54.57 -28.78 17.46
N SER FB 14 -54.33 -29.70 18.40
CA SER FB 14 -54.34 -31.11 18.11
C SER FB 14 -55.09 -31.85 19.21
N LEU FB 15 -55.54 -33.05 18.87
CA LEU FB 15 -56.12 -33.99 19.81
C LEU FB 15 -55.52 -35.35 19.51
N THR FB 16 -55.17 -36.08 20.57
CA THR FB 16 -54.46 -37.35 20.43
C THR FB 16 -55.09 -38.37 21.37
N TRP FB 17 -55.90 -39.26 20.81
CA TRP FB 17 -56.48 -40.40 21.51
C TRP FB 17 -55.63 -41.64 21.27
N VAL FB 18 -55.76 -42.62 22.17
CA VAL FB 18 -55.01 -43.85 22.11
C VAL FB 18 -55.90 -45.01 22.54
N ASP FB 19 -55.66 -46.18 21.94
CA ASP FB 19 -56.29 -47.41 22.38
C ASP FB 19 -55.75 -47.81 23.74
N PRO FB 20 -56.58 -47.89 24.78
CA PRO FB 20 -56.05 -48.26 26.11
C PRO FB 20 -55.38 -49.62 26.13
N ASN FB 21 -55.76 -50.53 25.24
CA ASN FB 21 -55.13 -51.85 25.19
C ASN FB 21 -53.79 -51.79 24.48
N ASP FB 22 -53.79 -51.28 23.24
CA ASP FB 22 -52.58 -51.17 22.43
C ASP FB 22 -52.23 -49.69 22.30
N PHE FB 23 -51.15 -49.28 22.96
CA PHE FB 23 -50.64 -47.92 22.80
C PHE FB 23 -50.08 -47.66 21.40
N ARG FB 24 -49.94 -48.68 20.56
CA ARG FB 24 -49.38 -48.48 19.23
C ARG FB 24 -50.38 -47.92 18.24
N SER FB 25 -51.67 -47.90 18.57
CA SER FB 25 -52.71 -47.36 17.68
C SER FB 25 -53.15 -46.00 18.20
N THR FB 26 -52.70 -44.95 17.52
CA THR FB 26 -52.95 -43.56 17.86
C THR FB 26 -53.99 -42.98 16.90
N PHE FB 27 -54.70 -41.96 17.37
CA PHE FB 27 -55.64 -41.22 16.53
C PHE FB 27 -55.52 -39.74 16.84
N ARG FB 28 -55.00 -38.96 15.91
CA ARG FB 28 -54.79 -37.53 16.08
C ARG FB 28 -55.64 -36.73 15.10
N ILE FB 29 -56.11 -35.58 15.56
CA ILE FB 29 -56.80 -34.60 14.73
C ILE FB 29 -56.10 -33.26 14.91
N ASN FB 30 -55.67 -32.65 13.79
CA ASN FB 30 -55.01 -31.35 13.77
C ASN FB 30 -55.91 -30.39 13.01
N LEU FB 31 -56.23 -29.25 13.62
CA LEU FB 31 -57.05 -28.23 12.97
C LEU FB 31 -56.30 -26.91 12.99
N ASN FB 32 -56.07 -26.33 11.82
CA ASN FB 32 -55.40 -25.05 11.71
C ASN FB 32 -56.28 -24.11 10.91
N VAL FB 33 -56.53 -22.92 11.44
CA VAL FB 33 -57.38 -21.94 10.78
C VAL FB 33 -56.61 -20.66 10.57
N ASN FB 34 -56.77 -20.08 9.38
CA ASN FB 34 -56.15 -18.80 9.06
C ASN FB 34 -56.89 -18.18 7.88
N GLN FB 35 -56.77 -16.86 7.75
CA GLN FB 35 -57.48 -16.16 6.69
C GLN FB 35 -56.77 -16.33 5.36
N LYS FB 36 -57.55 -16.55 4.30
CA LYS FB 36 -57.08 -16.57 2.93
C LYS FB 36 -57.88 -15.55 2.14
N VAL FB 37 -57.39 -15.24 0.94
CA VAL FB 37 -58.07 -14.31 0.05
C VAL FB 37 -58.72 -15.13 -1.06
N ALA FB 38 -60.05 -15.19 -1.05
CA ALA FB 38 -60.80 -15.84 -2.12
C ALA FB 38 -61.34 -14.75 -3.03
N GLY FB 39 -60.77 -14.64 -4.22
CA GLY FB 39 -61.22 -13.66 -5.19
C GLY FB 39 -61.25 -12.26 -4.63
N ALA FB 40 -62.46 -11.75 -4.41
CA ALA FB 40 -62.62 -10.36 -3.97
C ALA FB 40 -62.60 -10.21 -2.45
N VAL FB 41 -62.91 -11.26 -1.69
CA VAL FB 41 -63.11 -11.09 -0.25
C VAL FB 41 -62.27 -12.13 0.48
N SER FB 42 -61.93 -11.82 1.73
CA SER FB 42 -61.20 -12.75 2.58
C SER FB 42 -62.16 -13.73 3.24
N VAL FB 43 -61.71 -14.97 3.39
CA VAL FB 43 -62.46 -16.03 4.05
C VAL FB 43 -61.55 -16.73 5.04
N TYR FB 44 -62.15 -17.59 5.87
CA TYR FB 44 -61.42 -18.34 6.89
C TYR FB 44 -61.20 -19.77 6.42
N ASN FB 45 -59.97 -20.10 6.04
CA ASN FB 45 -59.61 -21.45 5.63
C ASN FB 45 -59.24 -22.28 6.84
N ALA FB 46 -59.72 -23.51 6.88
CA ALA FB 46 -59.49 -24.45 7.97
C ALA FB 46 -58.93 -25.74 7.38
N ARG FB 47 -57.63 -25.94 7.54
CA ARG FB 47 -56.99 -27.19 7.16
C ARG FB 47 -57.11 -28.14 8.35
N SER FB 48 -58.02 -29.09 8.23
CA SER FB 48 -58.11 -30.21 9.16
C SER FB 48 -57.28 -31.35 8.60
N GLU FB 49 -56.71 -32.15 9.50
CA GLU FB 49 -56.16 -33.44 9.10
C GLU FB 49 -56.39 -34.44 10.22
N VAL FB 50 -56.68 -35.66 9.82
CA VAL FB 50 -57.02 -36.75 10.72
C VAL FB 50 -56.09 -37.91 10.42
N ILE FB 51 -55.23 -38.25 11.37
CA ILE FB 51 -54.17 -39.24 11.19
C ILE FB 51 -54.42 -40.38 12.15
N THR FB 52 -54.58 -41.58 11.63
CA THR FB 52 -54.65 -42.78 12.46
C THR FB 52 -53.41 -43.64 12.19
N ASN FB 53 -52.71 -44.00 13.26
CA ASN FB 53 -51.44 -44.71 13.21
C ASN FB 53 -51.59 -46.03 13.93
N ARG FB 54 -51.00 -47.09 13.37
CA ARG FB 54 -51.03 -48.38 14.03
C ARG FB 54 -49.74 -49.12 13.75
N ALA FB 55 -49.52 -50.19 14.51
CA ALA FB 55 -48.32 -51.02 14.37
C ALA FB 55 -48.73 -52.49 14.50
N PRO FB 56 -49.41 -53.03 13.51
CA PRO FB 56 -49.77 -54.44 13.54
C PRO FB 56 -48.53 -55.31 13.42
N LEU FB 57 -48.67 -56.55 13.86
CA LEU FB 57 -47.56 -57.49 13.85
C LEU FB 57 -47.52 -58.23 12.52
N VAL FB 58 -46.31 -58.41 12.00
CA VAL FB 58 -46.09 -59.12 10.74
C VAL FB 58 -45.87 -60.59 11.09
N VAL FB 59 -46.78 -61.45 10.63
CA VAL FB 59 -46.78 -62.86 10.99
C VAL FB 59 -46.70 -63.70 9.72
N ILE FB 60 -45.66 -64.51 9.62
CA ILE FB 60 -45.54 -65.55 8.59
C ILE FB 60 -45.56 -66.88 9.30
N GLU FB 61 -46.59 -67.70 9.00
CA GLU FB 61 -46.94 -68.81 9.87
C GLU FB 61 -45.75 -69.76 10.09
N GLY FB 62 -44.99 -70.05 9.04
CA GLY FB 62 -43.85 -70.93 9.19
C GLY FB 62 -42.57 -70.25 9.60
N CYS FB 63 -42.54 -68.91 9.58
CA CYS FB 63 -41.30 -68.17 9.65
C CYS FB 63 -41.18 -67.24 10.85
N THR FB 64 -42.28 -66.68 11.34
CA THR FB 64 -42.25 -65.61 12.34
C THR FB 64 -42.15 -66.23 13.73
N ASP FB 65 -40.99 -66.04 14.36
CA ASP FB 65 -40.83 -66.42 15.76
C ASP FB 65 -41.75 -65.57 16.63
N ALA FB 66 -42.53 -66.22 17.48
CA ALA FB 66 -43.48 -65.49 18.32
C ALA FB 66 -42.78 -64.71 19.43
N CYS FB 67 -41.61 -65.18 19.87
CA CYS FB 67 -40.90 -64.52 20.96
C CYS FB 67 -40.39 -63.14 20.54
N SER FB 68 -39.76 -63.06 19.36
CA SER FB 68 -39.27 -61.81 18.83
C SER FB 68 -40.36 -61.20 17.96
N VAL FB 69 -41.02 -60.16 18.47
CA VAL FB 69 -42.12 -59.53 17.75
C VAL FB 69 -41.59 -58.84 16.51
N ASN FB 70 -42.35 -58.94 15.41
CA ASN FB 70 -42.04 -58.25 14.17
C ASN FB 70 -43.23 -57.35 13.85
N ARG FB 71 -43.03 -56.04 13.97
CA ARG FB 71 -44.12 -55.10 13.78
C ARG FB 71 -43.86 -54.20 12.57
N GLU FB 72 -44.95 -53.66 12.05
CA GLU FB 72 -44.96 -52.79 10.88
C GLU FB 72 -45.80 -51.56 11.20
N ASN FB 73 -45.29 -50.38 10.86
CA ASN FB 73 -46.11 -49.18 10.98
C ASN FB 73 -47.05 -49.08 9.78
N ILE FB 74 -48.33 -48.82 10.05
CA ILE FB 74 -49.31 -48.51 9.03
C ILE FB 74 -50.00 -47.21 9.40
N SER FB 75 -50.38 -46.44 8.38
CA SER FB 75 -50.94 -45.11 8.64
C SER FB 75 -52.00 -44.75 7.61
N ILE FB 76 -53.07 -44.10 8.08
CA ILE FB 76 -54.11 -43.55 7.22
C ILE FB 76 -54.32 -42.10 7.61
N ARG FB 77 -54.04 -41.20 6.68
CA ARG FB 77 -54.07 -39.76 6.89
C ARG FB 77 -55.13 -39.15 5.98
N THR FB 78 -55.78 -38.10 6.45
CA THR FB 78 -56.80 -37.42 5.64
C THR FB 78 -56.75 -35.92 5.89
N THR FB 79 -56.42 -35.17 4.85
CA THR FB 79 -56.34 -33.71 4.89
C THR FB 79 -57.54 -33.11 4.19
N ILE FB 80 -58.13 -32.08 4.79
CA ILE FB 80 -59.32 -31.39 4.30
C ILE FB 80 -59.09 -29.90 4.46
N SER FB 81 -58.82 -29.20 3.34
CA SER FB 81 -58.51 -27.77 3.39
C SER FB 81 -59.49 -27.02 2.51
N GLY FB 82 -60.28 -26.15 3.14
CA GLY FB 82 -61.24 -25.27 2.51
C GLY FB 82 -61.74 -24.28 3.53
N SER FB 83 -62.48 -23.28 3.06
CA SER FB 83 -62.96 -22.25 3.97
C SER FB 83 -64.14 -22.75 4.80
N VAL FB 84 -64.24 -22.22 6.03
CA VAL FB 84 -65.43 -22.45 6.85
C VAL FB 84 -66.62 -21.72 6.22
N GLU FB 85 -66.34 -20.65 5.50
CA GLU FB 85 -67.40 -19.88 4.86
C GLU FB 85 -68.17 -20.74 3.87
N ASN FB 86 -67.45 -21.57 3.12
CA ASN FB 86 -67.98 -22.38 2.01
C ASN FB 86 -68.03 -23.87 2.39
N LYS FB 87 -68.24 -24.16 3.68
CA LYS FB 87 -68.20 -25.53 4.13
C LYS FB 87 -69.26 -26.40 3.47
N ALA FB 88 -70.28 -25.77 2.87
CA ALA FB 88 -71.25 -26.54 2.08
C ALA FB 88 -70.55 -27.27 0.94
N ALA FB 89 -69.79 -26.54 0.13
CA ALA FB 89 -69.05 -27.17 -0.95
C ALA FB 89 -67.89 -28.01 -0.43
N VAL FB 90 -67.33 -27.65 0.72
CA VAL FB 90 -66.30 -28.51 1.34
C VAL FB 90 -66.88 -29.90 1.59
N LEU FB 91 -68.06 -29.97 2.24
CA LEU FB 91 -68.67 -31.26 2.54
C LEU FB 91 -69.17 -31.96 1.28
N ALA FB 92 -69.68 -31.21 0.30
CA ALA FB 92 -70.08 -31.83 -0.96
C ALA FB 92 -68.89 -32.48 -1.65
N ALA FB 93 -67.70 -31.89 -1.49
CA ALA FB 93 -66.49 -32.53 -1.99
C ALA FB 93 -66.10 -33.73 -1.12
N LEU FB 94 -66.30 -33.63 0.18
CA LEU FB 94 -65.93 -34.71 1.09
C LEU FB 94 -66.71 -35.98 0.78
N LEU FB 95 -68.02 -35.84 0.53
CA LEU FB 95 -68.84 -37.01 0.28
C LEU FB 95 -68.39 -37.75 -0.99
N ASP FB 96 -68.15 -36.99 -2.05
CA ASP FB 96 -67.68 -37.59 -3.30
C ASP FB 96 -66.31 -38.24 -3.10
N HIS FB 97 -65.43 -37.58 -2.35
CA HIS FB 97 -64.11 -38.15 -2.06
C HIS FB 97 -64.23 -39.48 -1.33
N LEU FB 98 -65.05 -39.50 -0.28
CA LEU FB 98 -65.19 -40.73 0.52
C LEU FB 98 -65.76 -41.87 -0.31
N HIS FB 99 -66.79 -41.58 -1.12
CA HIS FB 99 -67.39 -42.63 -1.95
C HIS FB 99 -66.40 -43.15 -2.99
N ASN FB 100 -65.64 -42.26 -3.62
CA ASN FB 100 -64.67 -42.72 -4.62
C ASN FB 100 -63.54 -43.51 -3.96
N LEU FB 101 -63.08 -43.06 -2.79
CA LEU FB 101 -62.13 -43.85 -2.03
C LEU FB 101 -62.67 -45.24 -1.75
N GLY FB 102 -63.94 -45.33 -1.36
CA GLY FB 102 -64.55 -46.64 -1.16
C GLY FB 102 -64.52 -47.49 -2.42
N LEU FB 103 -64.80 -46.88 -3.57
CA LEU FB 103 -64.71 -47.61 -4.83
C LEU FB 103 -63.31 -48.17 -5.05
N ALA FB 104 -62.29 -47.42 -4.63
CA ALA FB 104 -60.92 -47.83 -4.91
C ALA FB 104 -60.30 -48.75 -3.86
N ARG FB 105 -60.83 -48.77 -2.63
CA ARG FB 105 -60.05 -49.26 -1.49
C ARG FB 105 -59.68 -50.72 -1.66
N ASP FB 106 -60.58 -51.53 -2.22
CA ASP FB 106 -60.30 -52.95 -2.36
C ASP FB 106 -59.10 -53.18 -3.28
N ASP FB 107 -59.00 -52.38 -4.34
CA ASP FB 107 -57.85 -52.47 -5.23
C ASP FB 107 -56.60 -51.90 -4.56
N LEU FB 108 -56.75 -50.78 -3.84
CA LEU FB 108 -55.58 -50.07 -3.32
C LEU FB 108 -54.89 -50.84 -2.22
N VAL FB 109 -55.65 -51.40 -1.28
CA VAL FB 109 -55.03 -52.10 -0.16
C VAL FB 109 -54.34 -53.38 -0.61
N ALA FB 110 -54.68 -53.90 -1.79
CA ALA FB 110 -54.06 -55.08 -2.35
C ALA FB 110 -52.89 -54.74 -3.28
N GLY FB 111 -52.45 -53.50 -3.31
CA GLY FB 111 -51.33 -53.10 -4.13
C GLY FB 111 -51.61 -53.02 -5.62
N LEU FB 112 -52.88 -53.01 -6.01
CA LEU FB 112 -53.25 -52.97 -7.42
C LEU FB 112 -53.70 -51.57 -7.80
N LEU FB 113 -53.32 -51.14 -9.00
CA LEU FB 113 -53.71 -49.82 -9.49
C LEU FB 113 -55.17 -49.85 -9.93
N PRO FB 114 -56.06 -49.06 -9.33
CA PRO FB 114 -57.49 -49.16 -9.62
C PRO FB 114 -57.83 -48.66 -11.02
N THR FB 115 -57.47 -49.45 -12.03
CA THR FB 115 -57.63 -49.04 -13.43
C THR FB 115 -59.07 -49.17 -13.93
N THR FB 116 -59.91 -49.93 -13.23
CA THR FB 116 -61.27 -50.17 -13.70
C THR FB 116 -62.28 -49.17 -13.16
N ILE FB 117 -62.12 -48.75 -11.89
CA ILE FB 117 -63.16 -47.97 -11.21
C ILE FB 117 -63.49 -46.68 -11.97
N GLN FB 118 -64.69 -46.17 -11.75
CA GLN FB 118 -65.10 -44.89 -12.32
C GLN FB 118 -65.66 -44.01 -11.22
N PRO FB 119 -64.99 -42.91 -10.88
CA PRO FB 119 -65.50 -42.01 -9.85
C PRO FB 119 -66.70 -41.21 -10.31
N VAL FB 120 -67.19 -40.31 -9.47
CA VAL FB 120 -68.43 -39.58 -9.76
C VAL FB 120 -68.45 -38.29 -8.96
N VAL FB 121 -69.15 -37.29 -9.48
CA VAL FB 121 -69.41 -36.03 -8.79
C VAL FB 121 -70.86 -36.06 -8.33
N GLU FB 122 -71.14 -35.38 -7.21
CA GLU FB 122 -72.51 -35.18 -6.73
C GLU FB 122 -73.22 -36.52 -6.49
N TYR FB 123 -72.58 -37.39 -5.72
CA TYR FB 123 -73.11 -38.73 -5.47
C TYR FB 123 -74.41 -38.66 -4.68
N THR FB 124 -75.46 -39.28 -5.22
CA THR FB 124 -76.79 -39.25 -4.62
C THR FB 124 -77.07 -40.59 -3.96
N GLY FB 125 -77.17 -40.58 -2.63
CA GLY FB 125 -77.53 -41.78 -1.87
C GLY FB 125 -76.47 -42.87 -1.88
N ALA GB 1 -76.58 -33.91 -9.67
CA ALA GB 1 -76.75 -34.46 -11.02
C ALA GB 1 -76.11 -35.85 -11.13
N GLN GB 2 -75.11 -36.09 -10.30
CA GLN GB 2 -74.34 -37.34 -10.29
C GLN GB 2 -73.94 -37.77 -11.71
N HIS GB 3 -73.28 -36.86 -12.41
CA HIS GB 3 -72.59 -37.17 -13.66
C HIS GB 3 -71.20 -37.69 -13.32
N ASN GB 4 -70.94 -38.96 -13.59
CA ASN GB 4 -69.69 -39.57 -13.15
C ASN GB 4 -68.48 -39.05 -13.93
N MET GB 5 -67.34 -39.05 -13.26
CA MET GB 5 -66.14 -38.40 -13.79
C MET GB 5 -65.59 -39.16 -14.99
N ARG GB 6 -64.83 -38.42 -15.81
CA ARG GB 6 -64.24 -38.93 -17.03
C ARG GB 6 -62.74 -39.10 -16.82
N LEU GB 7 -62.20 -40.24 -17.25
CA LEU GB 7 -60.76 -40.43 -17.19
C LEU GB 7 -60.06 -39.40 -18.06
N GLN GB 8 -58.94 -38.90 -17.59
CA GLN GB 8 -58.25 -37.94 -18.44
C GLN GB 8 -56.78 -38.28 -18.64
N LEU GB 9 -56.09 -38.81 -17.63
CA LEU GB 9 -54.67 -39.10 -17.80
C LEU GB 9 -54.22 -40.29 -16.97
N THR GB 10 -53.47 -41.20 -17.60
CA THR GB 10 -52.83 -42.32 -16.92
C THR GB 10 -51.35 -42.29 -17.28
N SER GB 11 -50.49 -42.20 -16.26
CA SER GB 11 -49.06 -42.20 -16.51
C SER GB 11 -48.33 -42.60 -15.23
N GLY GB 12 -47.34 -43.48 -15.37
CA GLY GB 12 -46.56 -43.94 -14.23
C GLY GB 12 -47.38 -44.73 -13.23
N THR GB 13 -47.59 -44.14 -12.05
CA THR GB 13 -48.38 -44.76 -10.99
C THR GB 13 -49.65 -43.97 -10.69
N SER GB 14 -50.02 -43.01 -11.53
CA SER GB 14 -51.10 -42.09 -11.24
C SER GB 14 -52.27 -42.29 -12.20
N LEU GB 15 -53.47 -42.00 -11.71
CA LEU GB 15 -54.68 -41.94 -12.52
C LEU GB 15 -55.35 -40.61 -12.22
N THR GB 16 -55.86 -39.95 -13.27
CA THR GB 16 -56.40 -38.61 -13.13
C THR GB 16 -57.71 -38.52 -13.90
N TRP GB 17 -58.82 -38.39 -13.16
CA TRP GB 17 -60.16 -38.17 -13.67
C TRP GB 17 -60.55 -36.72 -13.46
N VAL GB 18 -61.55 -36.27 -14.24
CA VAL GB 18 -62.00 -34.89 -14.20
C VAL GB 18 -63.51 -34.86 -14.35
N ASP GB 19 -64.12 -33.83 -13.76
CA ASP GB 19 -65.55 -33.56 -13.95
C ASP GB 19 -65.77 -33.02 -15.35
N PRO GB 20 -66.58 -33.69 -16.19
CA PRO GB 20 -66.80 -33.19 -17.56
C PRO GB 20 -67.50 -31.84 -17.62
N ASN GB 21 -68.04 -31.33 -16.52
CA ASN GB 21 -68.70 -30.03 -16.57
C ASN GB 21 -67.73 -28.88 -16.33
N ASP GB 22 -67.00 -28.90 -15.21
CA ASP GB 22 -65.88 -27.99 -15.07
C ASP GB 22 -64.59 -28.76 -14.81
N PHE GB 23 -63.53 -28.26 -15.41
CA PHE GB 23 -62.18 -28.80 -15.34
C PHE GB 23 -61.52 -28.58 -13.99
N ARG GB 24 -62.22 -27.89 -13.07
CA ARG GB 24 -61.64 -27.47 -11.81
C ARG GB 24 -61.64 -28.58 -10.76
N SER GB 25 -62.58 -29.52 -10.85
CA SER GB 25 -62.70 -30.60 -9.88
C SER GB 25 -62.15 -31.87 -10.51
N THR GB 26 -61.05 -32.34 -9.96
CA THR GB 26 -60.29 -33.48 -10.46
C THR GB 26 -60.09 -34.50 -9.34
N PHE GB 27 -59.66 -35.69 -9.74
CA PHE GB 27 -59.54 -36.82 -8.82
C PHE GB 27 -58.34 -37.66 -9.25
N ARG GB 28 -57.35 -37.79 -8.37
CA ARG GB 28 -56.12 -38.50 -8.69
C ARG GB 28 -55.91 -39.62 -7.69
N ILE GB 29 -55.33 -40.72 -8.17
CA ILE GB 29 -54.90 -41.82 -7.31
C ILE GB 29 -53.47 -42.18 -7.67
N ASN GB 30 -52.58 -42.16 -6.68
CA ASN GB 30 -51.20 -42.58 -6.80
C ASN GB 30 -50.99 -43.85 -5.99
N LEU GB 31 -50.21 -44.78 -6.54
CA LEU GB 31 -49.95 -46.07 -5.91
C LEU GB 31 -48.46 -46.37 -6.00
N ASN GB 32 -47.82 -46.56 -4.86
CA ASN GB 32 -46.39 -46.84 -4.81
C ASN GB 32 -46.18 -48.12 -4.00
N VAL GB 33 -45.87 -49.21 -4.69
CA VAL GB 33 -45.63 -50.50 -4.06
C VAL GB 33 -44.14 -50.75 -4.07
N ASN GB 34 -43.60 -51.18 -2.92
CA ASN GB 34 -42.18 -51.49 -2.80
C ASN GB 34 -41.95 -52.25 -1.49
N GLN GB 35 -40.79 -52.87 -1.37
CA GLN GB 35 -40.53 -53.74 -0.22
C GLN GB 35 -40.16 -52.92 1.02
N LYS GB 36 -40.78 -53.30 2.13
CA LYS GB 36 -40.59 -52.73 3.45
C LYS GB 36 -39.90 -53.78 4.31
N VAL GB 37 -39.08 -53.33 5.25
CA VAL GB 37 -38.36 -54.21 6.16
C VAL GB 37 -38.95 -54.05 7.55
N ALA GB 38 -39.57 -55.11 8.07
CA ALA GB 38 -40.21 -55.06 9.38
C ALA GB 38 -39.69 -56.26 10.19
N GLY GB 39 -38.76 -55.99 11.10
CA GLY GB 39 -38.13 -57.07 11.83
C GLY GB 39 -37.15 -57.82 10.93
N ALA GB 40 -37.21 -59.15 11.00
CA ALA GB 40 -36.34 -59.98 10.18
C ALA GB 40 -36.90 -60.22 8.79
N VAL GB 41 -38.18 -59.95 8.56
CA VAL GB 41 -38.83 -60.22 7.29
C VAL GB 41 -39.02 -58.92 6.51
N SER GB 42 -39.27 -59.09 5.22
CA SER GB 42 -39.63 -57.99 4.34
C SER GB 42 -40.98 -58.30 3.70
N VAL GB 43 -41.82 -57.27 3.59
CA VAL GB 43 -43.18 -57.39 3.07
C VAL GB 43 -43.42 -56.27 2.07
N TYR GB 44 -44.30 -56.52 1.12
CA TYR GB 44 -44.61 -55.50 0.11
C TYR GB 44 -45.56 -54.48 0.70
N ASN GB 45 -45.06 -53.25 0.88
CA ASN GB 45 -45.85 -52.14 1.37
C ASN GB 45 -46.39 -51.33 0.20
N ALA GB 46 -47.68 -51.01 0.28
CA ALA GB 46 -48.37 -50.17 -0.70
C ALA GB 46 -48.66 -48.82 -0.04
N ARG GB 47 -48.32 -47.75 -0.76
CA ARG GB 47 -48.65 -46.38 -0.39
C ARG GB 47 -49.66 -45.88 -1.41
N SER GB 48 -50.94 -45.89 -1.02
CA SER GB 48 -51.99 -45.29 -1.82
C SER GB 48 -52.17 -43.84 -1.38
N GLU GB 49 -52.40 -42.94 -2.33
CA GLU GB 49 -52.88 -41.61 -1.96
C GLU GB 49 -53.91 -41.13 -2.98
N VAL GB 50 -55.05 -40.72 -2.45
CA VAL GB 50 -56.22 -40.36 -3.23
C VAL GB 50 -56.49 -38.88 -2.98
N ILE GB 51 -56.38 -38.07 -4.04
CA ILE GB 51 -56.40 -36.61 -3.92
C ILE GB 51 -57.55 -36.09 -4.78
N THR GB 52 -58.56 -35.52 -4.14
CA THR GB 52 -59.64 -34.83 -4.85
C THR GB 52 -59.44 -33.33 -4.68
N ASN GB 53 -59.44 -32.62 -5.81
CA ASN GB 53 -59.15 -31.20 -5.87
C ASN GB 53 -60.32 -30.47 -6.51
N ARG GB 54 -60.71 -29.33 -5.95
CA ARG GB 54 -61.77 -28.53 -6.55
C ARG GB 54 -61.39 -27.07 -6.42
N ALA GB 55 -62.08 -26.24 -7.19
CA ALA GB 55 -61.92 -24.78 -7.15
C ALA GB 55 -63.29 -24.14 -7.23
N PRO GB 56 -64.14 -24.39 -6.23
CA PRO GB 56 -65.55 -23.97 -6.33
C PRO GB 56 -65.69 -22.48 -6.12
N LEU GB 57 -66.88 -21.99 -6.42
CA LEU GB 57 -67.25 -20.63 -6.05
C LEU GB 57 -67.56 -20.60 -4.55
N VAL GB 58 -67.19 -19.52 -3.88
CA VAL GB 58 -67.53 -19.38 -2.47
C VAL GB 58 -68.98 -18.95 -2.37
N VAL GB 59 -69.79 -19.78 -1.72
CA VAL GB 59 -71.23 -19.57 -1.60
C VAL GB 59 -71.52 -19.25 -0.14
N ILE GB 60 -71.82 -17.99 0.14
CA ILE GB 60 -72.18 -17.57 1.48
C ILE GB 60 -73.61 -18.00 1.74
N GLU GB 61 -73.90 -18.46 2.97
CA GLU GB 61 -75.23 -18.96 3.26
C GLU GB 61 -76.29 -17.88 3.03
N GLY GB 62 -76.18 -16.76 3.76
CA GLY GB 62 -77.18 -15.71 3.65
C GLY GB 62 -77.30 -15.16 2.24
N CYS GB 63 -76.21 -15.16 1.48
CA CYS GB 63 -76.18 -14.49 0.19
C CYS GB 63 -76.63 -15.41 -0.94
N THR GB 64 -77.08 -14.79 -2.03
CA THR GB 64 -77.42 -15.49 -3.25
C THR GB 64 -77.18 -14.54 -4.42
N ASP GB 65 -76.22 -14.90 -5.28
CA ASP GB 65 -75.74 -14.01 -6.34
C ASP GB 65 -75.09 -14.86 -7.42
N ALA GB 66 -75.58 -14.74 -8.65
CA ALA GB 66 -74.99 -15.45 -9.78
C ALA GB 66 -73.90 -14.65 -10.46
N CYS GB 67 -73.57 -13.45 -9.96
CA CYS GB 67 -72.60 -12.57 -10.61
C CYS GB 67 -71.23 -12.57 -9.94
N SER GB 68 -71.06 -13.26 -8.81
CA SER GB 68 -69.77 -13.34 -8.17
C SER GB 68 -68.97 -14.49 -8.77
N VAL GB 69 -67.73 -14.21 -9.14
CA VAL GB 69 -66.78 -15.24 -9.53
C VAL GB 69 -65.72 -15.44 -8.42
N ASN GB 70 -66.08 -15.11 -7.18
CA ASN GB 70 -65.22 -15.33 -6.04
C ASN GB 70 -64.95 -16.82 -5.90
N ARG GB 71 -63.70 -17.25 -6.12
CA ARG GB 71 -63.35 -18.66 -6.10
C ARG GB 71 -62.19 -18.91 -5.14
N GLU GB 72 -62.26 -20.02 -4.41
CA GLU GB 72 -61.16 -20.55 -3.63
C GLU GB 72 -60.86 -21.97 -4.08
N ASN GB 73 -59.66 -22.42 -3.73
CA ASN GB 73 -59.28 -23.81 -3.94
C ASN GB 73 -59.60 -24.62 -2.69
N ILE GB 74 -60.05 -25.86 -2.89
CA ILE GB 74 -60.27 -26.79 -1.80
C ILE GB 74 -59.70 -28.15 -2.19
N SER GB 75 -59.23 -28.89 -1.20
CA SER GB 75 -58.61 -30.19 -1.48
C SER GB 75 -58.82 -31.15 -0.32
N ILE GB 76 -59.08 -32.40 -0.67
CA ILE GB 76 -59.19 -33.49 0.30
C ILE GB 76 -58.30 -34.63 -0.16
N ARG GB 77 -57.33 -34.99 0.67
CA ARG GB 77 -56.36 -36.03 0.37
C ARG GB 77 -56.44 -37.12 1.42
N THR GB 78 -56.25 -38.37 0.99
CA THR GB 78 -56.25 -39.51 1.89
C THR GB 78 -55.12 -40.44 1.52
N THR GB 79 -54.19 -40.63 2.45
CA THR GB 79 -53.01 -41.47 2.27
C THR GB 79 -53.14 -42.73 3.12
N ILE GB 80 -52.76 -43.86 2.54
CA ILE GB 80 -52.88 -45.17 3.16
C ILE GB 80 -51.61 -45.96 2.89
N SER GB 81 -50.73 -46.07 3.89
CA SER GB 81 -49.47 -46.77 3.74
C SER GB 81 -49.48 -47.99 4.65
N GLY GB 82 -49.34 -49.17 4.04
CA GLY GB 82 -49.40 -50.44 4.77
C GLY GB 82 -49.10 -51.60 3.85
N SER GB 83 -48.66 -52.69 4.44
CA SER GB 83 -48.29 -53.85 3.64
C SER GB 83 -49.53 -54.50 3.04
N VAL GB 84 -49.29 -55.26 1.97
CA VAL GB 84 -50.38 -56.05 1.37
C VAL GB 84 -50.68 -57.26 2.25
N GLU GB 85 -49.68 -57.73 3.00
CA GLU GB 85 -49.88 -58.91 3.83
C GLU GB 85 -50.85 -58.64 4.98
N ASN GB 86 -50.69 -57.52 5.67
CA ASN GB 86 -51.61 -57.12 6.72
C ASN GB 86 -52.78 -56.29 6.21
N LYS GB 87 -53.15 -56.43 4.93
CA LYS GB 87 -54.24 -55.61 4.41
C LYS GB 87 -55.53 -55.84 5.18
N ALA GB 88 -55.64 -56.94 5.92
CA ALA GB 88 -56.75 -57.12 6.85
C ALA GB 88 -56.76 -56.03 7.91
N ALA GB 89 -55.64 -55.87 8.63
CA ALA GB 89 -55.57 -54.82 9.64
C ALA GB 89 -55.57 -53.43 9.02
N VAL GB 90 -55.06 -53.31 7.79
CA VAL GB 90 -55.14 -52.04 7.07
C VAL GB 90 -56.60 -51.64 6.84
N LEU GB 91 -57.43 -52.60 6.38
CA LEU GB 91 -58.83 -52.30 6.13
C LEU GB 91 -59.61 -52.07 7.42
N ALA GB 92 -59.29 -52.83 8.48
CA ALA GB 92 -59.92 -52.57 9.77
C ALA GB 92 -59.59 -51.16 10.26
N ALA GB 93 -58.32 -50.77 10.15
CA ALA GB 93 -57.91 -49.42 10.48
C ALA GB 93 -58.60 -48.39 9.59
N LEU GB 94 -58.84 -48.74 8.32
CA LEU GB 94 -59.54 -47.82 7.42
C LEU GB 94 -60.97 -47.61 7.86
N LEU GB 95 -61.67 -48.69 8.22
CA LEU GB 95 -63.04 -48.55 8.71
C LEU GB 95 -63.09 -47.68 9.96
N ASP GB 96 -62.20 -47.96 10.93
CA ASP GB 96 -62.18 -47.17 12.15
C ASP GB 96 -61.86 -45.70 11.85
N HIS GB 97 -60.91 -45.47 10.94
CA HIS GB 97 -60.54 -44.12 10.52
C HIS GB 97 -61.72 -43.38 9.90
N LEU GB 98 -62.43 -44.04 8.97
CA LEU GB 98 -63.56 -43.41 8.31
C LEU GB 98 -64.67 -43.08 9.29
N HIS GB 99 -64.97 -44.01 10.21
CA HIS GB 99 -66.02 -43.76 11.20
C HIS GB 99 -65.65 -42.60 12.12
N ASN GB 100 -64.40 -42.55 12.58
CA ASN GB 100 -64.01 -41.46 13.47
C ASN GB 100 -63.99 -40.13 12.72
N LEU GB 101 -63.52 -40.15 11.47
CA LEU GB 101 -63.58 -38.97 10.62
C LEU GB 101 -65.01 -38.46 10.50
N GLY GB 102 -65.96 -39.38 10.29
CA GLY GB 102 -67.36 -38.97 10.24
C GLY GB 102 -67.83 -38.38 11.56
N LEU GB 103 -67.39 -38.96 12.68
CA LEU GB 103 -67.72 -38.38 13.97
C LEU GB 103 -67.22 -36.94 14.08
N ALA GB 104 -66.11 -36.62 13.43
CA ALA GB 104 -65.50 -35.30 13.61
C ALA GB 104 -65.85 -34.28 12.53
N ARG GB 105 -66.37 -34.70 11.37
CA ARG GB 105 -66.36 -33.83 10.20
C ARG GB 105 -67.21 -32.59 10.40
N ASP GB 106 -68.33 -32.72 11.11
CA ASP GB 106 -69.21 -31.56 11.26
C ASP GB 106 -68.53 -30.46 12.07
N ASP GB 107 -67.67 -30.84 13.02
CA ASP GB 107 -66.85 -29.86 13.72
C ASP GB 107 -65.71 -29.37 12.84
N LEU GB 108 -65.05 -30.28 12.12
CA LEU GB 108 -63.82 -29.90 11.43
C LEU GB 108 -64.07 -28.95 10.26
N VAL GB 109 -65.14 -29.17 9.49
CA VAL GB 109 -65.40 -28.28 8.37
C VAL GB 109 -65.89 -26.92 8.84
N ALA GB 110 -66.35 -26.83 10.08
CA ALA GB 110 -66.81 -25.57 10.66
C ALA GB 110 -65.72 -24.84 11.44
N GLY GB 111 -64.49 -25.33 11.38
CA GLY GB 111 -63.39 -24.70 12.08
C GLY GB 111 -63.30 -25.01 13.56
N LEU GB 112 -64.14 -25.90 14.07
CA LEU GB 112 -64.16 -26.25 15.48
C LEU GB 112 -63.35 -27.52 15.71
N LEU GB 113 -62.46 -27.49 16.69
CA LEU GB 113 -61.73 -28.70 17.05
C LEU GB 113 -62.68 -29.65 17.79
N PRO GB 114 -62.82 -30.89 17.34
CA PRO GB 114 -63.85 -31.77 17.91
C PRO GB 114 -63.53 -32.21 19.32
N THR GB 115 -63.81 -31.33 20.29
CA THR GB 115 -63.51 -31.62 21.69
C THR GB 115 -64.40 -32.72 22.24
N THR GB 116 -65.59 -32.89 21.69
CA THR GB 116 -66.64 -33.69 22.30
C THR GB 116 -66.84 -35.05 21.65
N ILE GB 117 -66.00 -35.43 20.70
CA ILE GB 117 -66.21 -36.69 19.98
C ILE GB 117 -65.57 -37.83 20.75
N GLN GB 118 -66.01 -39.06 20.44
CA GLN GB 118 -65.55 -40.27 21.11
C GLN GB 118 -65.04 -41.26 20.07
N PRO GB 119 -63.75 -41.23 19.75
CA PRO GB 119 -63.21 -42.19 18.78
C PRO GB 119 -63.20 -43.60 19.32
N VAL GB 120 -63.39 -44.57 18.42
CA VAL GB 120 -63.53 -45.97 18.78
C VAL GB 120 -62.51 -46.79 18.01
N VAL GB 121 -62.37 -48.06 18.43
CA VAL GB 121 -61.61 -49.08 17.71
C VAL GB 121 -62.56 -50.22 17.41
N GLU GB 122 -62.41 -50.83 16.22
CA GLU GB 122 -63.21 -51.99 15.83
C GLU GB 122 -64.71 -51.64 15.79
N TYR GB 123 -65.05 -50.70 14.92
CA TYR GB 123 -66.43 -50.26 14.81
C TYR GB 123 -67.34 -51.38 14.30
N THR GB 124 -68.51 -51.49 14.91
CA THR GB 124 -69.51 -52.51 14.55
C THR GB 124 -70.92 -51.93 14.56
N ALA HB 1 -64.38 -31.51 57.74
CA ALA HB 1 -65.19 -30.78 56.78
C ALA HB 1 -65.34 -31.58 55.48
N GLN HB 2 -64.27 -32.29 55.13
CA GLN HB 2 -64.18 -33.08 53.89
C GLN HB 2 -64.58 -32.27 52.66
N HIS HB 3 -64.20 -30.99 52.66
CA HIS HB 3 -64.23 -30.22 51.42
C HIS HB 3 -63.17 -30.76 50.47
N ASN HB 4 -63.58 -31.09 49.25
CA ASN HB 4 -62.69 -31.73 48.30
C ASN HB 4 -61.88 -30.72 47.51
N MET HB 5 -60.68 -31.14 47.08
CA MET HB 5 -59.73 -30.24 46.45
C MET HB 5 -60.26 -29.75 45.09
N ARG HB 6 -59.74 -28.60 44.65
CA ARG HB 6 -60.16 -28.03 43.38
C ARG HB 6 -58.95 -27.80 42.49
N LEU HB 7 -59.19 -27.80 41.17
CA LEU HB 7 -58.12 -27.95 40.21
C LEU HB 7 -57.36 -26.64 39.97
N GLN HB 8 -56.03 -26.75 39.90
CA GLN HB 8 -55.16 -25.59 39.73
C GLN HB 8 -54.32 -25.64 38.45
N LEU HB 9 -53.64 -26.77 38.18
CA LEU HB 9 -52.70 -26.85 37.05
C LEU HB 9 -52.92 -28.14 36.27
N THR HB 10 -53.05 -28.02 34.95
CA THR HB 10 -53.18 -29.16 34.06
C THR HB 10 -52.09 -29.08 33.00
N SER HB 11 -51.43 -30.21 32.75
CA SER HB 11 -50.29 -30.20 31.84
C SER HB 11 -50.30 -31.35 30.83
N GLY HB 12 -51.32 -32.20 30.84
CA GLY HB 12 -51.33 -33.36 29.96
C GLY HB 12 -50.38 -34.44 30.45
N THR HB 13 -49.45 -34.03 31.31
CA THR HB 13 -48.55 -34.92 32.03
C THR HB 13 -48.60 -34.73 33.54
N SER HB 14 -49.05 -33.55 34.01
CA SER HB 14 -49.13 -33.24 35.44
C SER HB 14 -50.49 -32.68 35.76
N LEU HB 15 -51.03 -33.07 36.90
CA LEU HB 15 -52.25 -32.49 37.44
C LEU HB 15 -51.97 -32.01 38.85
N THR HB 16 -52.47 -30.82 39.18
CA THR HB 16 -52.17 -30.18 40.45
C THR HB 16 -53.46 -29.58 40.99
N TRP HB 17 -53.97 -30.17 42.07
CA TRP HB 17 -55.12 -29.67 42.79
C TRP HB 17 -54.68 -29.02 44.08
N VAL HB 18 -55.50 -28.11 44.59
CA VAL HB 18 -55.19 -27.37 45.80
C VAL HB 18 -56.41 -27.35 46.70
N ASP HB 19 -56.17 -27.30 48.01
CA ASP HB 19 -57.21 -27.07 49.00
C ASP HB 19 -57.73 -25.64 48.86
N PRO HB 20 -59.02 -25.44 48.54
CA PRO HB 20 -59.53 -24.08 48.38
C PRO HB 20 -59.40 -23.20 49.62
N ASN HB 21 -59.29 -23.79 50.81
CA ASN HB 21 -59.09 -23.00 52.02
C ASN HB 21 -57.61 -22.69 52.24
N ASP HB 22 -56.77 -23.71 52.23
CA ASP HB 22 -55.35 -23.59 52.53
C ASP HB 22 -54.56 -23.88 51.26
N PHE HB 23 -53.93 -22.83 50.72
CA PHE HB 23 -53.11 -22.99 49.51
C PHE HB 23 -51.80 -23.72 49.79
N ARG HB 24 -51.48 -23.99 51.06
CA ARG HB 24 -50.24 -24.69 51.39
C ARG HB 24 -50.33 -26.19 51.10
N SER HB 25 -51.53 -26.76 51.08
CA SER HB 25 -51.74 -28.19 50.87
C SER HB 25 -52.16 -28.44 49.43
N THR HB 26 -51.29 -29.08 48.67
CA THR HB 26 -51.49 -29.36 47.26
C THR HB 26 -51.36 -30.85 47.00
N PHE HB 27 -51.80 -31.25 45.81
CA PHE HB 27 -51.81 -32.66 45.43
C PHE HB 27 -51.54 -32.75 43.93
N ARG HB 28 -50.40 -33.32 43.56
CA ARG HB 28 -50.02 -33.46 42.16
C ARG HB 28 -49.94 -34.94 41.79
N ILE HB 29 -50.33 -35.24 40.55
CA ILE HB 29 -50.13 -36.54 39.94
C ILE HB 29 -49.35 -36.33 38.64
N ASN HB 30 -48.22 -37.00 38.52
CA ASN HB 30 -47.38 -36.98 37.33
C ASN HB 30 -47.34 -38.36 36.73
N LEU HB 31 -47.40 -38.43 35.40
CA LEU HB 31 -47.40 -39.69 34.68
C LEU HB 31 -46.44 -39.59 33.50
N ASN HB 32 -45.62 -40.62 33.32
CA ASN HB 32 -44.68 -40.64 32.21
C ASN HB 32 -44.65 -42.05 31.63
N VAL HB 33 -45.06 -42.17 30.37
CA VAL HB 33 -45.07 -43.45 29.66
C VAL HB 33 -43.97 -43.42 28.60
N ASN HB 34 -43.23 -44.51 28.50
CA ASN HB 34 -42.19 -44.67 27.50
C ASN HB 34 -41.81 -46.14 27.39
N GLN HB 35 -41.20 -46.51 26.27
CA GLN HB 35 -40.90 -47.92 26.08
C GLN HB 35 -39.70 -48.35 26.91
N LYS HB 36 -39.63 -49.67 27.13
CA LYS HB 36 -38.62 -50.29 27.98
C LYS HB 36 -38.33 -51.66 27.41
N VAL HB 37 -37.08 -52.09 27.52
CA VAL HB 37 -36.64 -53.37 26.99
C VAL HB 37 -36.48 -54.33 28.16
N ALA HB 38 -37.42 -55.28 28.27
CA ALA HB 38 -37.34 -56.37 29.23
C ALA HB 38 -36.90 -57.61 28.45
N GLY HB 39 -35.66 -58.04 28.69
CA GLY HB 39 -35.11 -59.13 27.92
C GLY HB 39 -35.07 -58.80 26.45
N ALA HB 40 -35.84 -59.54 25.65
CA ALA HB 40 -35.92 -59.33 24.22
C ALA HB 40 -37.26 -58.75 23.78
N VAL HB 41 -38.04 -58.21 24.72
CA VAL HB 41 -39.38 -57.71 24.44
C VAL HB 41 -39.50 -56.28 24.92
N SER HB 42 -40.01 -55.40 24.07
CA SER HB 42 -40.26 -54.02 24.45
C SER HB 42 -41.69 -53.89 24.95
N VAL HB 43 -41.84 -53.24 26.11
CA VAL HB 43 -43.15 -53.00 26.72
C VAL HB 43 -43.22 -51.53 27.13
N TYR HB 44 -44.45 -51.03 27.20
CA TYR HB 44 -44.68 -49.64 27.60
C TYR HB 44 -44.68 -49.53 29.12
N ASN HB 45 -43.61 -48.97 29.68
CA ASN HB 45 -43.51 -48.71 31.10
C ASN HB 45 -44.12 -47.36 31.42
N ALA HB 46 -44.98 -47.33 32.42
CA ALA HB 46 -45.54 -46.11 32.99
C ALA HB 46 -44.97 -45.91 34.38
N ARG HB 47 -44.44 -44.72 34.62
CA ARG HB 47 -44.03 -44.30 35.96
C ARG HB 47 -44.98 -43.19 36.40
N SER HB 48 -45.77 -43.48 37.42
CA SER HB 48 -46.70 -42.53 38.00
C SER HB 48 -46.19 -42.14 39.38
N GLU HB 49 -46.09 -40.83 39.64
CA GLU HB 49 -45.81 -40.38 41.00
C GLU HB 49 -46.93 -39.48 41.49
N VAL HB 50 -47.28 -39.65 42.76
CA VAL HB 50 -48.39 -38.95 43.41
C VAL HB 50 -47.82 -38.25 44.62
N ILE HB 51 -47.81 -36.91 44.59
CA ILE HB 51 -47.13 -36.09 45.58
C ILE HB 51 -48.17 -35.21 46.28
N THR HB 52 -48.36 -35.42 47.58
CA THR HB 52 -49.18 -34.53 48.39
C THR HB 52 -48.26 -33.73 49.31
N ASN HB 53 -48.40 -32.40 49.28
CA ASN HB 53 -47.54 -31.48 50.00
C ASN HB 53 -48.38 -30.63 50.93
N ARG HB 54 -47.87 -30.40 52.15
CA ARG HB 54 -48.59 -29.57 53.11
C ARG HB 54 -47.59 -28.77 53.93
N ALA HB 55 -48.10 -27.76 54.62
CA ALA HB 55 -47.29 -26.87 55.44
C ALA HB 55 -47.97 -26.64 56.79
N PRO HB 56 -47.85 -27.60 57.70
CA PRO HB 56 -48.43 -27.42 59.04
C PRO HB 56 -47.67 -26.40 59.86
N LEU HB 57 -48.34 -25.88 60.87
CA LEU HB 57 -47.72 -24.97 61.82
C LEU HB 57 -47.18 -25.75 63.00
N VAL HB 58 -46.03 -25.33 63.52
CA VAL HB 58 -45.47 -25.92 64.72
C VAL HB 58 -46.19 -25.32 65.92
N VAL HB 59 -47.02 -26.11 66.58
CA VAL HB 59 -47.83 -25.65 67.69
C VAL HB 59 -47.03 -25.79 68.98
N ILE HB 60 -46.65 -24.66 69.58
CA ILE HB 60 -46.08 -24.63 70.92
C ILE HB 60 -47.08 -24.00 71.87
N GLU HB 61 -47.44 -24.74 72.92
CA GLU HB 61 -48.29 -24.21 73.96
C GLU HB 61 -47.59 -23.07 74.68
N GLY HB 62 -48.35 -22.02 75.02
CA GLY HB 62 -47.79 -20.86 75.65
C GLY HB 62 -47.21 -19.85 74.68
N CYS HB 63 -47.13 -20.18 73.39
CA CYS HB 63 -46.60 -19.30 72.36
C CYS HB 63 -47.71 -19.00 71.37
N THR HB 64 -48.34 -17.84 71.51
CA THR HB 64 -49.26 -17.36 70.49
C THR HB 64 -48.46 -17.00 69.25
N ASP HB 65 -48.53 -17.85 68.23
CA ASP HB 65 -47.74 -17.69 67.01
C ASP HB 65 -48.45 -16.69 66.09
N ALA HB 66 -48.50 -15.46 66.56
CA ALA HB 66 -48.89 -14.36 65.69
C ALA HB 66 -47.98 -14.33 64.48
N CYS HB 67 -48.57 -14.11 63.32
CA CYS HB 67 -47.96 -14.07 62.00
C CYS HB 67 -47.71 -15.47 61.46
N SER HB 68 -47.95 -16.52 62.25
CA SER HB 68 -47.78 -17.91 61.82
C SER HB 68 -46.41 -18.14 61.19
N VAL HB 69 -45.38 -17.78 61.94
CA VAL HB 69 -44.01 -17.86 61.41
C VAL HB 69 -43.43 -19.25 61.60
N ASN HB 70 -43.73 -19.91 62.72
CA ASN HB 70 -43.25 -21.26 62.97
C ASN HB 70 -44.06 -22.23 62.11
N ARG HB 71 -43.53 -22.57 60.93
CA ARG HB 71 -44.24 -23.41 59.99
C ARG HB 71 -43.30 -24.44 59.38
N GLU HB 72 -43.85 -25.63 59.14
CA GLU HB 72 -43.11 -26.81 58.71
C GLU HB 72 -43.64 -27.29 57.37
N ASN HB 73 -42.75 -27.84 56.54
CA ASN HB 73 -43.14 -28.52 55.33
C ASN HB 73 -43.20 -30.02 55.57
N ILE HB 74 -44.30 -30.65 55.15
CA ILE HB 74 -44.43 -32.11 55.19
C ILE HB 74 -44.85 -32.59 53.82
N SER HB 75 -44.44 -33.81 53.48
CA SER HB 75 -44.73 -34.33 52.15
C SER HB 75 -44.83 -35.84 52.15
N ILE HB 76 -45.82 -36.35 51.40
CA ILE HB 76 -46.03 -37.77 51.19
C ILE HB 76 -46.07 -38.04 49.69
N ARG HB 77 -45.16 -38.88 49.23
CA ARG HB 77 -44.95 -39.13 47.81
C ARG HB 77 -45.01 -40.62 47.54
N THR HB 78 -45.51 -40.99 46.36
CA THR HB 78 -45.66 -42.41 46.01
C THR HB 78 -45.34 -42.60 44.53
N THR HB 79 -44.34 -43.42 44.24
CA THR HB 79 -43.90 -43.69 42.87
C THR HB 79 -44.24 -45.14 42.51
N ILE HB 80 -44.76 -45.34 41.31
CA ILE HB 80 -45.23 -46.63 40.83
C ILE HB 80 -44.75 -46.74 39.40
N SER HB 81 -43.69 -47.54 39.18
CA SER HB 81 -43.10 -47.70 37.86
C SER HB 81 -43.22 -49.16 37.43
N GLY HB 82 -43.94 -49.39 36.34
CA GLY HB 82 -44.16 -50.75 35.85
C GLY HB 82 -44.81 -50.74 34.48
N SER HB 83 -44.78 -51.91 33.84
CA SER HB 83 -45.40 -52.05 32.53
C SER HB 83 -46.91 -51.92 32.63
N VAL HB 84 -47.49 -51.28 31.62
CA VAL HB 84 -48.94 -51.35 31.45
C VAL HB 84 -49.36 -52.78 31.18
N GLU HB 85 -48.49 -53.56 30.53
CA GLU HB 85 -48.82 -54.95 30.23
C GLU HB 85 -48.90 -55.81 31.49
N ASN HB 86 -47.94 -55.65 32.41
CA ASN HB 86 -47.98 -56.37 33.68
C ASN HB 86 -48.71 -55.60 34.77
N LYS HB 87 -49.66 -54.75 34.39
CA LYS HB 87 -50.39 -53.97 35.38
C LYS HB 87 -51.08 -54.85 36.41
N ALA HB 88 -51.32 -56.13 36.09
CA ALA HB 88 -51.86 -57.05 37.08
C ALA HB 88 -50.89 -57.23 38.25
N ALA HB 89 -49.64 -57.58 37.96
CA ALA HB 89 -48.64 -57.71 39.02
C ALA HB 89 -48.33 -56.37 39.65
N VAL HB 90 -48.43 -55.28 38.89
CA VAL HB 90 -48.27 -53.95 39.47
C VAL HB 90 -49.32 -53.70 40.54
N LEU HB 91 -50.58 -54.03 40.26
CA LEU HB 91 -51.65 -53.81 41.22
C LEU HB 91 -51.56 -54.75 42.42
N ALA HB 92 -51.14 -56.01 42.19
CA ALA HB 92 -50.88 -56.91 43.30
C ALA HB 92 -49.81 -56.32 44.21
N ALA HB 93 -48.72 -55.81 43.61
CA ALA HB 93 -47.68 -55.16 44.37
C ALA HB 93 -48.18 -53.93 45.10
N LEU HB 94 -49.11 -53.19 44.49
CA LEU HB 94 -49.65 -52.01 45.15
C LEU HB 94 -50.47 -52.38 46.38
N LEU HB 95 -51.31 -53.42 46.26
CA LEU HB 95 -52.08 -53.87 47.40
C LEU HB 95 -51.17 -54.31 48.54
N ASP HB 96 -50.18 -55.16 48.22
CA ASP HB 96 -49.28 -55.62 49.26
C ASP HB 96 -48.48 -54.47 49.87
N HIS HB 97 -48.09 -53.50 49.04
CA HIS HB 97 -47.38 -52.31 49.50
C HIS HB 97 -48.24 -51.49 50.45
N LEU HB 98 -49.50 -51.24 50.08
CA LEU HB 98 -50.38 -50.45 50.93
C LEU HB 98 -50.61 -51.14 52.28
N HIS HB 99 -50.82 -52.47 52.25
CA HIS HB 99 -51.06 -53.18 53.49
C HIS HB 99 -49.83 -53.16 54.41
N ASN HB 100 -48.64 -53.35 53.85
CA ASN HB 100 -47.45 -53.32 54.67
C ASN HB 100 -47.15 -51.92 55.18
N LEU HB 101 -47.38 -50.90 54.34
CA LEU HB 101 -47.31 -49.53 54.80
C LEU HB 101 -48.23 -49.31 55.99
N GLY HB 102 -49.47 -49.81 55.90
CA GLY HB 102 -50.39 -49.71 57.02
C GLY HB 102 -49.89 -50.42 58.26
N LEU HB 103 -49.16 -51.52 58.08
CA LEU HB 103 -48.55 -52.19 59.23
C LEU HB 103 -47.54 -51.28 59.91
N ALA HB 104 -46.75 -50.56 59.13
CA ALA HB 104 -45.69 -49.73 59.71
C ALA HB 104 -46.11 -48.30 60.01
N ARG HB 105 -47.32 -47.89 59.64
CA ARG HB 105 -47.63 -46.46 59.55
C ARG HB 105 -47.59 -45.78 60.90
N ASP HB 106 -47.92 -46.49 61.98
CA ASP HB 106 -47.95 -45.84 63.27
C ASP HB 106 -46.53 -45.67 63.82
N ASP HB 107 -45.69 -46.69 63.66
CA ASP HB 107 -44.31 -46.59 64.11
C ASP HB 107 -43.55 -45.53 63.32
N LEU HB 108 -43.65 -45.57 61.99
CA LEU HB 108 -42.81 -44.71 61.15
C LEU HB 108 -43.08 -43.24 61.40
N VAL HB 109 -44.35 -42.87 61.60
CA VAL HB 109 -44.66 -41.45 61.76
C VAL HB 109 -44.22 -40.94 63.12
N ALA HB 110 -44.05 -41.83 64.09
CA ALA HB 110 -43.53 -41.46 65.40
C ALA HB 110 -42.01 -41.47 65.48
N GLY HB 111 -41.33 -41.68 64.36
CA GLY HB 111 -39.89 -41.67 64.33
C GLY HB 111 -39.22 -42.93 64.81
N LEU HB 112 -39.92 -44.07 64.79
CA LEU HB 112 -39.44 -45.30 65.37
C LEU HB 112 -39.38 -46.38 64.30
N LEU HB 113 -38.25 -47.09 64.24
CA LEU HB 113 -38.11 -48.14 63.25
C LEU HB 113 -39.07 -49.29 63.57
N PRO HB 114 -39.93 -49.69 62.62
CA PRO HB 114 -40.91 -50.76 62.89
C PRO HB 114 -40.27 -52.15 62.93
N THR HB 115 -39.46 -52.37 63.98
CA THR HB 115 -38.77 -53.64 64.12
C THR HB 115 -39.73 -54.80 64.37
N THR HB 116 -40.93 -54.52 64.87
CA THR HB 116 -41.85 -55.57 65.30
C THR HB 116 -42.72 -56.10 64.17
N ILE HB 117 -43.07 -55.28 63.18
CA ILE HB 117 -44.05 -55.70 62.17
C ILE HB 117 -43.51 -56.86 61.34
N GLN HB 118 -44.41 -57.54 60.67
CA GLN HB 118 -44.07 -58.63 59.74
C GLN HB 118 -44.86 -58.46 58.46
N PRO HB 119 -44.23 -58.05 57.37
CA PRO HB 119 -44.95 -57.83 56.11
C PRO HB 119 -45.41 -59.14 55.48
N VAL HB 120 -46.22 -58.99 54.44
CA VAL HB 120 -46.93 -60.11 53.82
C VAL HB 120 -46.88 -59.96 52.31
N VAL HB 121 -46.91 -61.09 51.60
CA VAL HB 121 -47.17 -61.14 50.17
C VAL HB 121 -48.58 -61.68 49.96
N GLU HB 122 -49.29 -61.14 48.96
CA GLU HB 122 -50.60 -61.65 48.56
C GLU HB 122 -51.64 -61.49 49.66
N TYR HB 123 -51.77 -60.28 50.20
CA TYR HB 123 -52.78 -60.03 51.22
C TYR HB 123 -54.18 -60.36 50.68
N THR HB 124 -55.00 -60.95 51.55
CA THR HB 124 -56.34 -61.33 51.19
C THR HB 124 -57.33 -60.99 52.30
N ALA IB 1 23.42 138.60 18.74
CA ALA IB 1 24.62 139.26 18.26
C ALA IB 1 24.51 139.58 16.77
N GLN IB 2 23.72 138.80 16.03
CA GLN IB 2 23.46 139.06 14.62
C GLN IB 2 24.76 139.06 13.81
N HIS IB 3 25.67 138.16 14.17
CA HIS IB 3 26.90 137.99 13.41
C HIS IB 3 26.69 136.91 12.34
N ASN IB 4 27.00 137.25 11.10
CA ASN IB 4 26.78 136.34 9.99
C ASN IB 4 27.86 135.26 9.93
N MET IB 5 27.47 134.08 9.42
CA MET IB 5 28.33 132.92 9.38
C MET IB 5 29.45 133.10 8.36
N ARG IB 6 30.56 132.40 8.58
CA ARG IB 6 31.68 132.44 7.65
C ARG IB 6 31.87 131.07 7.01
N LEU IB 7 32.25 131.09 5.73
CA LEU IB 7 32.23 129.88 4.91
C LEU IB 7 33.43 128.99 5.21
N GLN IB 8 33.18 127.68 5.19
CA GLN IB 8 34.22 126.69 5.53
C GLN IB 8 34.48 125.66 4.43
N LEU IB 9 33.45 125.19 3.72
CA LEU IB 9 33.65 124.12 2.74
C LEU IB 9 32.84 124.37 1.46
N THR IB 10 33.53 124.36 0.32
CA THR IB 10 32.90 124.48 -0.99
C THR IB 10 33.20 123.24 -1.82
N SER IB 11 32.17 122.70 -2.48
CA SER IB 11 32.34 121.47 -3.25
C SER IB 11 31.66 121.47 -4.60
N GLY IB 12 30.99 122.55 -5.00
CA GLY IB 12 30.25 122.55 -6.25
C GLY IB 12 28.95 121.78 -6.17
N THR IB 13 28.82 120.97 -5.13
CA THR IB 13 27.57 120.30 -4.80
C THR IB 13 27.13 120.57 -3.36
N SER IB 14 28.01 121.04 -2.48
CA SER IB 14 27.64 121.42 -1.13
C SER IB 14 28.30 122.74 -0.77
N LEU IB 15 27.73 123.40 0.21
CA LEU IB 15 28.29 124.58 0.84
C LEU IB 15 28.15 124.41 2.34
N THR IB 16 29.21 124.77 3.07
CA THR IB 16 29.25 124.53 4.52
C THR IB 16 29.80 125.78 5.20
N TRP IB 17 28.90 126.56 5.79
CA TRP IB 17 29.24 127.71 6.62
C TRP IB 17 29.25 127.32 8.09
N VAL IB 18 29.95 128.11 8.90
CA VAL IB 18 30.09 127.85 10.31
C VAL IB 18 30.06 129.18 11.07
N ASP IB 19 29.51 129.13 12.28
CA ASP IB 19 29.57 130.27 13.20
C ASP IB 19 31.00 130.46 13.67
N PRO IB 20 31.64 131.60 13.39
CA PRO IB 20 33.03 131.79 13.84
C PRO IB 20 33.22 131.69 15.34
N ASN IB 21 32.18 131.97 16.12
CA ASN IB 21 32.27 131.86 17.57
C ASN IB 21 32.14 130.42 18.02
N ASP IB 22 31.04 129.77 17.63
CA ASP IB 22 30.76 128.38 17.99
C ASP IB 22 30.89 127.52 16.73
N PHE IB 23 31.95 126.71 16.67
CA PHE IB 23 32.10 125.76 15.58
C PHE IB 23 31.05 124.64 15.61
N ARG IB 24 30.25 124.55 16.68
CA ARG IB 24 29.26 123.48 16.77
C ARG IB 24 28.00 123.77 15.96
N SER IB 25 27.82 125.00 15.47
CA SER IB 25 26.64 125.36 14.68
C SER IB 25 27.05 125.47 13.22
N THR IB 26 26.67 124.47 12.43
CA THR IB 26 26.99 124.35 11.03
C THR IB 26 25.76 124.68 10.19
N PHE IB 27 26.00 125.12 8.96
CA PHE IB 27 24.91 125.35 8.00
C PHE IB 27 25.37 124.87 6.63
N ARG IB 28 24.75 123.80 6.13
CA ARG IB 28 25.11 123.20 4.85
C ARG IB 28 23.94 123.28 3.88
N ILE IB 29 24.27 123.48 2.61
CA ILE IB 29 23.32 123.40 1.51
C ILE IB 29 23.84 122.41 0.47
N ASN IB 30 23.04 121.41 0.13
CA ASN IB 30 23.37 120.41 -0.87
C ASN IB 30 22.39 120.55 -2.03
N LEU IB 31 22.91 120.68 -3.24
CA LEU IB 31 22.08 120.78 -4.43
C LEU IB 31 22.49 119.70 -5.41
N ASN IB 32 21.54 118.86 -5.80
CA ASN IB 32 21.80 117.80 -6.76
C ASN IB 32 20.79 117.93 -7.90
N VAL IB 33 21.29 117.94 -9.13
CA VAL IB 33 20.43 118.08 -10.30
C VAL IB 33 20.62 116.90 -11.23
N ASN IB 34 19.51 116.39 -11.75
CA ASN IB 34 19.55 115.30 -12.71
C ASN IB 34 18.22 115.28 -13.47
N GLN IB 35 18.25 114.68 -14.66
CA GLN IB 35 17.05 114.63 -15.49
C GLN IB 35 16.08 113.57 -15.00
N LYS IB 36 14.80 113.91 -15.01
CA LYS IB 36 13.72 112.97 -14.73
C LYS IB 36 12.76 113.01 -15.90
N VAL IB 37 11.87 112.04 -15.95
CA VAL IB 37 10.86 111.95 -16.99
C VAL IB 37 9.53 112.35 -16.38
N ALA IB 38 9.01 113.52 -16.77
CA ALA IB 38 7.70 113.97 -16.35
C ALA IB 38 6.73 113.71 -17.50
N GLY IB 39 5.87 112.72 -17.33
CA GLY IB 39 4.88 112.41 -18.34
C GLY IB 39 5.49 112.17 -19.70
N ALA IB 40 5.26 113.12 -20.61
CA ALA IB 40 5.71 112.97 -21.99
C ALA IB 40 7.12 113.48 -22.23
N VAL IB 41 7.63 114.40 -21.40
CA VAL IB 41 8.89 115.07 -21.71
C VAL IB 41 9.81 114.98 -20.50
N SER IB 42 11.11 115.07 -20.76
CA SER IB 42 12.10 115.08 -19.68
C SER IB 42 12.27 116.49 -19.14
N VAL IB 43 12.49 116.58 -17.83
CA VAL IB 43 12.71 117.85 -17.14
C VAL IB 43 13.93 117.69 -16.23
N TYR IB 44 14.40 118.81 -15.69
CA TYR IB 44 15.56 118.83 -14.80
C TYR IB 44 15.11 118.95 -13.36
N ASN IB 45 15.20 117.85 -12.61
CA ASN IB 45 14.85 117.86 -11.19
C ASN IB 45 16.06 118.28 -10.36
N ALA IB 46 15.81 119.12 -9.37
CA ALA IB 46 16.84 119.67 -8.49
C ALA IB 46 16.41 119.39 -7.05
N ARG IB 47 17.05 118.41 -6.42
CA ARG IB 47 16.84 118.14 -5.00
C ARG IB 47 17.81 119.02 -4.23
N SER IB 48 17.28 120.09 -3.65
CA SER IB 48 18.01 120.89 -2.69
C SER IB 48 17.74 120.36 -1.30
N GLU IB 49 18.71 120.48 -0.41
CA GLU IB 49 18.46 120.29 1.01
C GLU IB 49 19.34 121.26 1.79
N VAL IB 50 18.76 121.77 2.88
CA VAL IB 50 19.38 122.78 3.72
C VAL IB 50 19.37 122.25 5.14
N ILE IB 51 20.56 122.00 5.69
CA ILE IB 51 20.71 121.36 6.98
C ILE IB 51 21.43 122.33 7.91
N THR IB 52 20.79 122.68 9.02
CA THR IB 52 21.43 123.46 10.06
C THR IB 52 21.59 122.58 11.31
N ASN IB 53 22.83 122.52 11.81
CA ASN IB 53 23.21 121.65 12.91
C ASN IB 53 23.71 122.51 14.06
N ARG IB 54 23.35 122.14 15.28
CA ARG IB 54 23.84 122.87 16.45
C ARG IB 54 24.02 121.89 17.60
N ALA IB 55 24.72 122.35 18.63
CA ALA IB 55 24.99 121.56 19.82
C ALA IB 55 24.86 122.46 21.05
N PRO IB 56 23.62 122.84 21.40
CA PRO IB 56 23.42 123.64 22.59
C PRO IB 56 23.71 122.82 23.84
N LEU IB 57 23.97 123.54 24.93
CA LEU IB 57 24.32 122.90 26.19
C LEU IB 57 23.06 122.60 26.99
N VAL IB 58 23.03 121.42 27.59
CA VAL IB 58 21.90 120.99 28.43
C VAL IB 58 22.19 121.43 29.84
N VAL IB 59 21.35 122.32 30.37
CA VAL IB 59 21.58 122.94 31.67
C VAL IB 59 20.38 122.67 32.56
N ILE IB 60 20.62 122.02 33.70
CA ILE IB 60 19.64 121.86 34.77
C ILE IB 60 20.19 122.62 35.97
N GLU IB 61 19.46 123.65 36.40
CA GLU IB 61 20.03 124.67 37.28
C GLU IB 61 20.62 124.06 38.55
N GLY IB 62 19.93 123.10 39.16
CA GLY IB 62 20.45 122.48 40.35
C GLY IB 62 21.35 121.30 40.13
N CYS IB 63 21.44 120.82 38.89
CA CYS IB 63 22.04 119.52 38.61
C CYS IB 63 23.27 119.57 37.70
N THR IB 64 23.34 120.52 36.77
CA THR IB 64 24.35 120.51 35.72
C THR IB 64 25.63 121.16 36.24
N ASP IB 65 26.67 120.37 36.40
CA ASP IB 65 27.98 120.90 36.73
C ASP IB 65 28.50 121.72 35.56
N ALA IB 66 28.94 122.95 35.85
CA ALA IB 66 29.39 123.83 34.79
C ALA IB 66 30.75 123.40 34.22
N CYS IB 67 31.56 122.72 35.03
CA CYS IB 67 32.89 122.32 34.58
C CYS IB 67 32.80 121.25 33.50
N SER IB 68 31.97 120.23 33.72
CA SER IB 68 31.76 119.17 32.73
C SER IB 68 30.59 119.57 31.85
N VAL IB 69 30.88 119.98 30.62
CA VAL IB 69 29.84 120.44 29.71
C VAL IB 69 28.95 119.26 29.32
N ASN IB 70 27.65 119.52 29.22
CA ASN IB 70 26.67 118.54 28.76
C ASN IB 70 25.99 119.13 27.54
N ARG IB 71 26.28 118.57 26.37
CA ARG IB 71 25.76 119.11 25.12
C ARG IB 71 24.82 118.11 24.44
N GLU IB 72 23.95 118.66 23.60
CA GLU IB 72 22.94 117.93 22.85
C GLU IB 72 23.00 118.36 21.40
N ASN IB 73 22.98 117.39 20.49
CA ASN IB 73 22.86 117.72 19.07
C ASN IB 73 21.41 118.05 18.74
N ILE IB 74 21.19 119.16 18.04
CA ILE IB 74 19.89 119.50 17.48
C ILE IB 74 20.06 119.79 15.99
N SER IB 75 19.04 119.46 15.21
CA SER IB 75 19.16 119.59 13.76
C SER IB 75 17.84 119.98 13.14
N ILE IB 76 17.92 120.85 12.13
CA ILE IB 76 16.77 121.23 11.32
C ILE IB 76 17.15 121.07 9.85
N ARG IB 77 16.46 120.17 9.16
CA ARG IB 77 16.76 119.78 7.80
C ARG IB 77 15.56 120.13 6.93
N THR IB 78 15.82 120.52 5.68
CA THR IB 78 14.74 120.86 4.75
C THR IB 78 15.10 120.40 3.34
N THR IB 79 14.32 119.45 2.82
CA THR IB 79 14.50 118.91 1.48
C THR IB 79 13.44 119.47 0.55
N ILE IB 80 13.85 119.86 -0.67
CA ILE IB 80 12.99 120.46 -1.68
C ILE IB 80 13.34 119.81 -3.01
N SER IB 81 12.48 118.92 -3.50
CA SER IB 81 12.74 118.18 -4.73
C SER IB 81 11.61 118.43 -5.72
N GLY IB 82 11.96 119.05 -6.85
CA GLY IB 82 11.07 119.34 -7.96
C GLY IB 82 11.89 119.83 -9.13
N SER IB 83 11.25 119.94 -10.28
CA SER IB 83 11.98 120.35 -11.47
C SER IB 83 12.27 121.86 -11.46
N VAL IB 84 13.39 122.23 -12.06
CA VAL IB 84 13.67 123.64 -12.31
C VAL IB 84 12.71 124.18 -13.35
N GLU IB 85 12.22 123.30 -14.23
CA GLU IB 85 11.28 123.69 -15.27
C GLU IB 85 10.01 124.27 -14.67
N ASN IB 86 9.52 123.65 -13.59
CA ASN IB 86 8.25 123.95 -12.94
C ASN IB 86 8.46 124.64 -11.59
N LYS IB 87 9.54 125.42 -11.48
CA LYS IB 87 9.88 126.02 -10.19
C LYS IB 87 8.79 126.97 -9.71
N ALA IB 88 7.89 127.41 -10.59
CA ALA IB 88 6.75 128.18 -10.15
C ALA IB 88 5.90 127.40 -9.16
N ALA IB 89 5.50 126.18 -9.53
CA ALA IB 89 4.74 125.34 -8.61
C ALA IB 89 5.60 124.83 -7.47
N VAL IB 90 6.91 124.67 -7.69
CA VAL IB 90 7.79 124.32 -6.57
C VAL IB 90 7.71 125.38 -5.48
N LEU IB 91 7.84 126.66 -5.86
CA LEU IB 91 7.79 127.75 -4.88
C LEU IB 91 6.39 127.93 -4.30
N ALA IB 92 5.35 127.74 -5.12
CA ALA IB 92 4.00 127.81 -4.60
C ALA IB 92 3.77 126.73 -3.54
N ALA IB 93 4.41 125.58 -3.69
CA ALA IB 93 4.37 124.57 -2.64
C ALA IB 93 5.22 124.97 -1.45
N LEU IB 94 6.36 125.61 -1.69
CA LEU IB 94 7.24 126.01 -0.61
C LEU IB 94 6.56 127.00 0.33
N LEU IB 95 5.85 127.97 -0.23
CA LEU IB 95 5.20 128.98 0.61
C LEU IB 95 4.17 128.35 1.53
N ASP IB 96 3.33 127.47 0.98
CA ASP IB 96 2.32 126.78 1.77
C ASP IB 96 2.98 125.91 2.84
N HIS IB 97 4.07 125.23 2.47
CA HIS IB 97 4.78 124.39 3.44
C HIS IB 97 5.32 125.22 4.59
N LEU IB 98 5.96 126.35 4.28
CA LEU IB 98 6.54 127.19 5.32
C LEU IB 98 5.48 127.75 6.25
N HIS IB 99 4.36 128.22 5.68
CA HIS IB 99 3.29 128.76 6.51
C HIS IB 99 2.67 127.70 7.41
N ASN IB 100 2.45 126.50 6.88
CA ASN IB 100 1.87 125.45 7.70
C ASN IB 100 2.85 124.99 8.78
N LEU IB 101 4.14 124.90 8.44
CA LEU IB 101 5.15 124.64 9.45
C LEU IB 101 5.09 125.68 10.56
N GLY IB 102 4.95 126.96 10.19
CA GLY IB 102 4.80 127.99 11.19
C GLY IB 102 3.60 127.77 12.08
N LEU IB 103 2.47 127.37 11.48
CA LEU IB 103 1.29 127.05 12.29
C LEU IB 103 1.59 125.95 13.31
N ALA IB 104 2.42 124.99 12.92
CA ALA IB 104 2.65 123.84 13.80
C ALA IB 104 3.79 124.02 14.79
N ARG IB 105 4.72 124.97 14.56
CA ARG IB 105 6.02 124.90 15.21
C ARG IB 105 5.91 125.01 16.72
N ASP IB 106 4.98 125.84 17.20
CA ASP IB 106 4.85 126.03 18.64
C ASP IB 106 4.45 124.72 19.32
N ASP IB 107 3.57 123.96 18.68
CA ASP IB 107 3.19 122.65 19.20
C ASP IB 107 4.33 121.65 19.05
N LEU IB 108 5.02 121.68 17.91
CA LEU IB 108 5.99 120.63 17.61
C LEU IB 108 7.23 120.73 18.50
N VAL IB 109 7.75 121.94 18.70
CA VAL IB 109 8.98 122.07 19.50
C VAL IB 109 8.72 121.74 20.96
N ALA IB 110 7.47 121.75 21.40
CA ALA IB 110 7.11 121.39 22.77
C ALA IB 110 6.71 119.93 22.91
N GLY IB 111 6.96 119.12 21.89
CA GLY IB 111 6.66 117.70 21.96
C GLY IB 111 5.20 117.34 21.88
N LEU IB 112 4.34 118.27 21.47
CA LEU IB 112 2.91 118.03 21.40
C LEU IB 112 2.49 117.80 19.94
N LEU IB 113 1.57 116.87 19.75
CA LEU IB 113 1.07 116.57 18.41
C LEU IB 113 0.10 117.66 17.97
N PRO IB 114 0.37 118.39 16.88
CA PRO IB 114 -0.47 119.53 16.51
C PRO IB 114 -1.84 119.11 16.02
N THR IB 115 -2.70 118.67 16.95
CA THR IB 115 -4.00 118.14 16.60
C THR IB 115 -5.02 119.22 16.27
N THR IB 116 -4.77 120.48 16.65
CA THR IB 116 -5.74 121.55 16.44
C THR IB 116 -5.55 122.28 15.11
N ILE IB 117 -4.29 122.48 14.69
CA ILE IB 117 -4.01 123.38 13.58
C ILE IB 117 -4.73 122.93 12.31
N GLN IB 118 -4.96 123.87 11.40
CA GLN IB 118 -5.54 123.58 10.09
C GLN IB 118 -4.68 124.18 9.00
N PRO IB 119 -4.03 123.36 8.18
CA PRO IB 119 -3.21 123.89 7.09
C PRO IB 119 -4.04 124.48 5.96
N VAL IB 120 -3.37 124.91 4.89
CA VAL IB 120 -4.06 125.62 3.81
C VAL IB 120 -3.23 125.50 2.55
N VAL IB 121 -3.91 125.56 1.40
CA VAL IB 121 -3.28 125.63 0.08
C VAL IB 121 -3.41 127.06 -0.42
N GLU IB 122 -2.44 127.50 -1.22
CA GLU IB 122 -2.50 128.80 -1.91
C GLU IB 122 -2.67 129.94 -0.91
N TYR IB 123 -1.77 129.99 0.08
CA TYR IB 123 -1.85 131.00 1.14
C TYR IB 123 -1.61 132.40 0.57
N THR IB 124 -2.56 133.30 0.83
CA THR IB 124 -2.53 134.66 0.31
C THR IB 124 -2.12 135.62 1.44
N GLY IB 125 -0.94 136.21 1.30
CA GLY IB 125 -0.46 137.21 2.25
C GLY IB 125 -0.15 136.68 3.64
N ALA JB 1 -6.69 130.73 -4.29
CA ALA JB 1 -8.03 130.53 -3.75
C ALA JB 1 -8.00 130.42 -2.23
N GLN JB 2 -6.87 129.95 -1.70
CA GLN JB 2 -6.65 129.72 -0.28
C GLN JB 2 -7.83 128.98 0.36
N HIS JB 3 -8.16 127.83 -0.22
CA HIS JB 3 -9.06 126.87 0.38
C HIS JB 3 -8.25 125.98 1.31
N ASN JB 4 -8.51 126.08 2.62
CA ASN JB 4 -7.67 125.39 3.59
C ASN JB 4 -7.88 123.87 3.56
N MET JB 5 -6.83 123.14 3.91
CA MET JB 5 -6.80 121.70 3.75
C MET JB 5 -7.76 121.02 4.72
N ARG JB 6 -8.16 119.80 4.34
CA ARG JB 6 -9.09 119.00 5.10
C ARG JB 6 -8.35 117.84 5.76
N LEU JB 7 -8.60 117.61 7.04
CA LEU JB 7 -8.02 116.46 7.70
C LEU JB 7 -8.48 115.17 7.03
N GLN JB 8 -7.57 114.22 6.91
CA GLN JB 8 -8.02 112.97 6.31
C GLN JB 8 -7.66 111.75 7.14
N LEU JB 9 -6.51 111.73 7.80
CA LEU JB 9 -6.14 110.55 8.57
C LEU JB 9 -5.30 110.89 9.80
N THR JB 10 -5.65 110.31 10.94
CA THR JB 10 -4.87 110.39 12.16
C THR JB 10 -4.63 108.98 12.66
N SER JB 11 -3.35 108.60 12.81
CA SER JB 11 -3.03 107.27 13.32
C SER JB 11 -1.60 107.29 13.85
N GLY JB 12 -1.43 106.68 15.03
CA GLY JB 12 -0.11 106.61 15.64
C GLY JB 12 0.44 107.96 16.04
N THR JB 13 1.49 108.40 15.35
CA THR JB 13 2.11 109.69 15.59
C THR JB 13 1.97 110.64 14.39
N SER JB 14 1.12 110.30 13.42
CA SER JB 14 1.03 111.04 12.17
C SER JB 14 -0.31 111.73 12.03
N LEU JB 15 -0.29 112.85 11.30
CA LEU JB 15 -1.49 113.56 10.89
C LEU JB 15 -1.39 113.80 9.40
N THR JB 16 -2.48 113.60 8.67
CA THR JB 16 -2.47 113.67 7.22
C THR JB 16 -3.68 114.46 6.74
N TRP JB 17 -3.41 115.65 6.20
CA TRP JB 17 -4.39 116.53 5.56
C TRP JB 17 -4.23 116.46 4.05
N VAL JB 18 -5.28 116.86 3.34
CA VAL JB 18 -5.32 116.80 1.89
C VAL JB 18 -6.04 118.03 1.35
N ASP JB 19 -5.66 118.43 0.14
CA ASP JB 19 -6.36 119.48 -0.58
C ASP JB 19 -7.69 118.96 -1.07
N PRO JB 20 -8.82 119.55 -0.67
CA PRO JB 20 -10.13 119.05 -1.12
C PRO JB 20 -10.36 119.16 -2.62
N ASN JB 21 -9.50 119.88 -3.36
CA ASN JB 21 -9.71 119.99 -4.80
C ASN JB 21 -9.03 118.86 -5.56
N ASP JB 22 -7.72 118.66 -5.36
CA ASP JB 22 -7.09 117.44 -5.85
C ASP JB 22 -6.42 116.71 -4.70
N PHE JB 23 -6.51 115.40 -4.76
CA PHE JB 23 -5.99 114.45 -3.80
C PHE JB 23 -4.47 114.33 -3.89
N ARG JB 24 -3.83 115.05 -4.82
CA ARG JB 24 -2.41 114.89 -5.10
C ARG JB 24 -1.54 115.68 -4.12
N SER JB 25 -2.05 116.77 -3.57
CA SER JB 25 -1.29 117.62 -2.65
C SER JB 25 -1.75 117.33 -1.23
N THR JB 26 -0.87 116.75 -0.44
CA THR JB 26 -1.12 116.30 0.92
C THR JB 26 -0.09 116.90 1.86
N PHE JB 27 -0.39 116.79 3.16
CA PHE JB 27 0.43 117.42 4.19
C PHE JB 27 0.43 116.51 5.41
N ARG JB 28 1.60 116.04 5.81
CA ARG JB 28 1.73 115.10 6.92
C ARG JB 28 2.65 115.68 7.99
N ILE JB 29 2.34 115.38 9.24
CA ILE JB 29 3.21 115.71 10.37
C ILE JB 29 3.41 114.47 11.21
N ASN JB 30 4.66 114.09 11.43
CA ASN JB 30 5.05 112.99 12.31
C ASN JB 30 5.78 113.56 13.53
N LEU JB 31 5.50 112.99 14.70
CA LEU JB 31 6.09 113.44 15.94
C LEU JB 31 6.54 112.25 16.75
N ASN JB 32 7.84 112.19 17.06
CA ASN JB 32 8.41 111.07 17.81
C ASN JB 32 9.13 111.64 19.03
N VAL JB 33 8.53 111.49 20.20
CA VAL JB 33 9.11 111.96 21.45
C VAL JB 33 9.67 110.76 22.20
N ASN JB 34 10.89 110.89 22.71
CA ASN JB 34 11.52 109.82 23.48
C ASN JB 34 12.75 110.39 24.17
N GLN JB 35 13.27 109.64 25.15
CA GLN JB 35 14.35 110.16 25.98
C GLN JB 35 15.70 110.05 25.27
N LYS JB 36 16.46 111.13 25.33
CA LYS JB 36 17.80 111.28 24.77
C LYS JB 36 18.76 111.38 25.94
N VAL JB 37 19.98 110.89 25.74
CA VAL JB 37 21.03 110.92 26.76
C VAL JB 37 22.09 111.92 26.30
N ALA JB 38 22.26 113.00 27.06
CA ALA JB 38 23.23 114.05 26.71
C ALA JB 38 24.06 114.32 27.95
N GLY JB 39 25.29 113.78 27.96
CA GLY JB 39 26.11 113.88 29.14
C GLY JB 39 25.61 112.95 30.23
N ALA JB 40 25.54 113.47 31.45
CA ALA JB 40 25.06 112.70 32.58
C ALA JB 40 23.55 112.73 32.72
N VAL JB 41 22.87 113.65 32.03
CA VAL JB 41 21.44 113.80 32.15
C VAL JB 41 20.75 113.22 30.92
N SER JB 42 19.44 112.99 31.08
CA SER JB 42 18.56 112.59 29.98
C SER JB 42 17.45 113.61 29.86
N VAL JB 43 17.10 113.93 28.60
CA VAL JB 43 16.09 114.94 28.30
C VAL JB 43 15.16 114.39 27.23
N TYR JB 44 13.92 114.86 27.22
CA TYR JB 44 12.96 114.39 26.22
C TYR JB 44 13.21 115.08 24.89
N ASN JB 45 13.67 114.32 23.91
CA ASN JB 45 13.90 114.80 22.56
C ASN JB 45 12.67 114.54 21.71
N ALA JB 46 12.28 115.56 20.94
CA ALA JB 46 11.18 115.49 19.98
C ALA JB 46 11.77 115.54 18.59
N ARG JB 47 11.33 114.61 17.74
CA ARG JB 47 11.64 114.57 16.32
C ARG JB 47 10.35 114.88 15.57
N SER JB 48 10.22 116.12 15.12
CA SER JB 48 9.13 116.51 14.24
C SER JB 48 9.57 116.35 12.81
N GLU JB 49 8.68 115.87 11.95
CA GLU JB 49 8.93 115.97 10.52
C GLU JB 49 7.64 116.30 9.78
N VAL JB 50 7.72 117.35 8.97
CA VAL JB 50 6.58 117.93 8.27
C VAL JB 50 6.81 117.75 6.77
N ILE JB 51 5.96 116.97 6.13
CA ILE JB 51 6.15 116.54 4.75
C ILE JB 51 4.96 117.02 3.92
N THR JB 52 5.21 117.95 3.00
CA THR JB 52 4.19 118.36 2.05
C THR JB 52 4.54 117.74 0.68
N ASN JB 53 3.55 117.07 0.09
CA ASN JB 53 3.72 116.32 -1.14
C ASN JB 53 2.73 116.83 -2.19
N ARG JB 54 3.19 117.00 -3.42
CA ARG JB 54 2.30 117.40 -4.49
C ARG JB 54 2.66 116.63 -5.74
N ALA JB 55 1.74 116.64 -6.71
CA ALA JB 55 1.96 116.02 -8.01
C ALA JB 55 1.42 116.95 -9.09
N PRO JB 56 1.99 118.15 -9.20
CA PRO JB 56 1.37 119.17 -10.06
C PRO JB 56 1.63 118.88 -11.53
N LEU JB 57 0.94 119.63 -12.38
CA LEU JB 57 1.25 119.62 -13.80
C LEU JB 57 2.50 120.45 -14.03
N VAL JB 58 3.34 120.02 -14.96
CA VAL JB 58 4.52 120.82 -15.30
C VAL JB 58 4.09 121.96 -16.21
N VAL JB 59 4.32 123.18 -15.76
CA VAL JB 59 3.89 124.38 -16.44
C VAL JB 59 5.14 125.10 -16.94
N ILE JB 60 5.38 125.03 -18.24
CA ILE JB 60 6.51 125.72 -18.85
C ILE JB 60 6.17 127.19 -18.93
N GLU JB 61 7.15 128.06 -18.70
CA GLU JB 61 6.86 129.49 -18.69
C GLU JB 61 6.33 129.94 -20.06
N GLY JB 62 7.13 129.75 -21.11
CA GLY JB 62 6.71 130.21 -22.43
C GLY JB 62 5.42 129.58 -22.89
N CYS JB 63 5.14 128.35 -22.48
CA CYS JB 63 4.01 127.61 -23.02
C CYS JB 63 2.73 127.86 -22.23
N THR JB 64 1.61 127.62 -22.90
CA THR JB 64 0.30 127.69 -22.27
C THR JB 64 -0.61 126.70 -23.01
N ASP JB 65 -1.06 125.67 -22.29
CA ASP JB 65 -1.78 124.54 -22.89
C ASP JB 65 -2.60 123.85 -21.80
N ALA JB 66 -3.91 123.76 -22.00
CA ALA JB 66 -4.77 123.06 -21.06
C ALA JB 66 -4.92 121.58 -21.39
N CYS JB 67 -4.23 121.09 -22.42
CA CYS JB 67 -4.40 119.72 -22.88
C CYS JB 67 -3.26 118.79 -22.47
N SER JB 68 -2.22 119.32 -21.83
CA SER JB 68 -1.12 118.49 -21.35
C SER JB 68 -1.45 117.96 -19.97
N VAL JB 69 -1.30 116.66 -19.79
CA VAL JB 69 -1.37 116.04 -18.46
C VAL JB 69 0.03 115.63 -17.99
N ASN JB 70 1.06 116.30 -18.51
CA ASN JB 70 2.43 116.08 -18.07
C ASN JB 70 2.55 116.41 -16.59
N ARG JB 71 2.80 115.40 -15.75
CA ARG JB 71 2.85 115.58 -14.31
C ARG JB 71 4.15 115.04 -13.75
N GLU JB 72 4.71 115.76 -12.78
CA GLU JB 72 5.81 115.29 -11.96
C GLU JB 72 5.41 115.35 -10.49
N ASN JB 73 6.15 114.60 -9.68
CA ASN JB 73 6.00 114.67 -8.24
C ASN JB 73 6.97 115.70 -7.67
N ILE JB 74 6.52 116.42 -6.65
CA ILE JB 74 7.37 117.36 -5.92
C ILE JB 74 7.12 117.17 -4.43
N SER JB 75 8.16 117.41 -3.63
CA SER JB 75 8.05 117.21 -2.19
C SER JB 75 8.95 118.16 -1.44
N ILE JB 76 8.43 118.68 -0.32
CA ILE JB 76 9.20 119.51 0.59
C ILE JB 76 9.03 118.96 2.00
N ARG JB 77 10.14 118.56 2.61
CA ARG JB 77 10.16 117.97 3.93
C ARG JB 77 11.01 118.81 4.87
N THR JB 78 10.60 118.90 6.12
CA THR JB 78 11.33 119.64 7.14
C THR JB 78 11.37 118.84 8.42
N THR JB 79 12.57 118.47 8.86
CA THR JB 79 12.79 117.67 10.05
C THR JB 79 13.42 118.54 11.13
N ILE JB 80 12.95 118.37 12.37
CA ILE JB 80 13.37 119.16 13.51
C ILE JB 80 13.56 118.22 14.70
N SER JB 81 14.80 117.91 15.04
CA SER JB 81 15.10 117.00 16.14
C SER JB 81 15.84 117.77 17.22
N GLY JB 82 15.24 117.83 18.42
CA GLY JB 82 15.80 118.58 19.53
C GLY JB 82 14.97 118.37 20.78
N SER JB 83 15.61 118.58 21.93
CA SER JB 83 14.92 118.35 23.19
C SER JB 83 13.85 119.40 23.41
N VAL JB 84 12.89 119.04 24.28
CA VAL JB 84 11.87 120.00 24.69
C VAL JB 84 12.46 121.01 25.66
N GLU JB 85 13.50 120.61 26.40
CA GLU JB 85 14.10 121.50 27.39
C GLU JB 85 14.80 122.69 26.73
N ASN JB 86 15.59 122.43 25.67
CA ASN JB 86 16.23 123.50 24.92
C ASN JB 86 15.37 124.03 23.78
N LYS JB 87 14.04 123.88 23.86
CA LYS JB 87 13.20 124.34 22.76
C LYS JB 87 13.41 125.83 22.48
N ALA JB 88 13.97 126.57 23.43
CA ALA JB 88 14.37 127.96 23.16
C ALA JB 88 15.43 128.00 22.06
N ALA JB 89 16.54 127.27 22.25
CA ALA JB 89 17.58 127.24 21.22
C ALA JB 89 17.11 126.53 19.97
N VAL JB 90 16.17 125.57 20.10
CA VAL JB 90 15.58 124.93 18.93
C VAL JB 90 14.84 125.96 18.08
N LEU JB 91 14.03 126.82 18.71
CA LEU JB 91 13.28 127.84 17.98
C LEU JB 91 14.18 128.92 17.42
N ALA JB 92 15.22 129.31 18.16
CA ALA JB 92 16.19 130.26 17.62
C ALA JB 92 16.87 129.69 16.39
N ALA JB 93 17.29 128.42 16.46
CA ALA JB 93 17.85 127.74 15.31
C ALA JB 93 16.85 127.64 14.17
N LEU JB 94 15.56 127.48 14.49
CA LEU JB 94 14.54 127.41 13.45
C LEU JB 94 14.40 128.74 12.74
N LEU JB 95 14.39 129.85 13.48
CA LEU JB 95 14.32 131.16 12.86
C LEU JB 95 15.52 131.40 11.94
N ASP JB 96 16.73 131.10 12.45
CA ASP JB 96 17.93 131.28 11.63
C ASP JB 96 17.88 130.39 10.38
N HIS JB 97 17.42 129.15 10.54
CA HIS JB 97 17.28 128.22 9.43
C HIS JB 97 16.31 128.74 8.39
N LEU JB 98 15.15 129.21 8.82
CA LEU JB 98 14.15 129.71 7.89
C LEU JB 98 14.65 130.94 7.14
N HIS JB 99 15.31 131.86 7.84
CA HIS JB 99 15.83 133.06 7.18
C HIS JB 99 16.91 132.72 6.16
N ASN JB 100 17.82 131.80 6.51
CA ASN JB 100 18.86 131.43 5.57
C ASN JB 100 18.28 130.67 4.38
N LEU JB 101 17.31 129.78 4.64
CA LEU JB 101 16.60 129.12 3.55
C LEU JB 101 15.98 130.13 2.60
N GLY JB 102 15.34 131.17 3.16
CA GLY JB 102 14.80 132.22 2.31
C GLY JB 102 15.87 132.92 1.50
N LEU JB 103 17.03 133.18 2.12
CA LEU JB 103 18.14 133.76 1.37
C LEU JB 103 18.54 132.89 0.18
N ALA JB 104 18.40 131.58 0.32
CA ALA JB 104 18.89 130.68 -0.72
C ALA JB 104 17.84 130.22 -1.74
N ARG JB 105 16.54 130.36 -1.44
CA ARG JB 105 15.54 129.60 -2.18
C ARG JB 105 15.48 129.99 -3.65
N ASP JB 106 15.69 131.26 -3.96
CA ASP JB 106 15.59 131.69 -5.35
C ASP JB 106 16.67 131.05 -6.20
N ASP JB 107 17.86 130.81 -5.62
CA ASP JB 107 18.89 130.03 -6.30
C ASP JB 107 18.55 128.54 -6.31
N LEU JB 108 18.08 128.01 -5.18
CA LEU JB 108 17.94 126.55 -5.07
C LEU JB 108 16.84 126.00 -5.97
N VAL JB 109 15.70 126.70 -6.08
CA VAL JB 109 14.63 126.18 -6.93
C VAL JB 109 14.98 126.33 -8.40
N ALA JB 110 15.96 127.17 -8.73
CA ALA JB 110 16.41 127.37 -10.11
C ALA JB 110 17.59 126.49 -10.47
N GLY JB 111 17.98 125.57 -9.59
CA GLY JB 111 19.10 124.68 -9.85
C GLY JB 111 20.46 125.28 -9.63
N LEU JB 112 20.55 126.49 -9.10
CA LEU JB 112 21.82 127.17 -8.88
C LEU JB 112 22.24 127.01 -7.43
N LEU JB 113 23.48 126.61 -7.21
CA LEU JB 113 24.01 126.54 -5.85
C LEU JB 113 24.25 127.94 -5.34
N PRO JB 114 23.68 128.32 -4.18
CA PRO JB 114 23.74 129.72 -3.75
C PRO JB 114 25.14 130.14 -3.33
N THR JB 115 25.99 130.46 -4.31
CA THR JB 115 27.37 130.83 -4.03
C THR JB 115 27.45 132.19 -3.32
N THR JB 116 26.47 133.05 -3.55
CA THR JB 116 26.57 134.46 -3.19
C THR JB 116 25.79 134.84 -1.94
N ILE JB 117 25.21 133.89 -1.24
CA ILE JB 117 24.37 134.22 -0.09
C ILE JB 117 25.24 134.35 1.16
N GLN JB 118 24.70 135.03 2.18
CA GLN JB 118 25.40 135.29 3.43
C GLN JB 118 24.55 134.81 4.59
N PRO JB 119 24.76 133.56 5.03
CA PRO JB 119 24.00 133.05 6.17
C PRO JB 119 24.40 133.73 7.47
N VAL JB 120 23.43 133.86 8.36
CA VAL JB 120 23.60 134.60 9.61
C VAL JB 120 23.22 133.70 10.79
N VAL JB 121 23.56 134.18 11.99
CA VAL JB 121 23.11 133.59 13.25
C VAL JB 121 22.39 134.67 14.03
N GLU JB 122 21.30 134.30 14.72
CA GLU JB 122 20.55 135.22 15.56
C GLU JB 122 19.97 136.37 14.73
N TYR JB 123 19.10 136.01 13.78
CA TYR JB 123 18.50 137.01 12.90
C TYR JB 123 17.60 137.97 13.68
N THR JB 124 17.70 139.25 13.34
CA THR JB 124 16.92 140.31 13.98
C THR JB 124 16.42 141.33 12.95
N ALA KB 1 60.22 145.47 -6.77
CA ALA KB 1 59.08 145.55 -7.67
C ALA KB 1 57.76 145.44 -6.90
N GLN KB 2 57.79 144.63 -5.84
CA GLN KB 2 56.63 144.35 -4.99
C GLN KB 2 55.40 143.94 -5.81
N HIS KB 3 55.65 143.18 -6.87
CA HIS KB 3 54.56 142.48 -7.52
C HIS KB 3 54.04 141.38 -6.60
N ASN KB 4 52.74 141.36 -6.35
CA ASN KB 4 52.17 140.45 -5.37
C ASN KB 4 51.82 139.10 -6.00
N MET KB 5 51.85 138.06 -5.17
CA MET KB 5 51.70 136.69 -5.64
C MET KB 5 50.30 136.46 -6.19
N ARG KB 6 50.17 135.45 -7.06
CA ARG KB 6 48.89 135.12 -7.66
C ARG KB 6 48.54 133.66 -7.41
N LEU KB 7 47.25 133.36 -7.41
CA LEU KB 7 46.75 132.12 -6.84
C LEU KB 7 46.93 130.94 -7.79
N GLN KB 8 47.37 129.80 -7.23
CA GLN KB 8 47.63 128.59 -8.01
C GLN KB 8 46.78 127.40 -7.58
N LEU KB 9 46.69 127.10 -6.29
CA LEU KB 9 46.02 125.89 -5.81
C LEU KB 9 45.12 126.20 -4.62
N THR KB 10 43.86 125.77 -4.70
CA THR KB 10 42.90 125.92 -3.61
C THR KB 10 42.35 124.55 -3.24
N SER KB 11 42.30 124.26 -1.95
CA SER KB 11 41.90 122.94 -1.50
C SER KB 11 40.88 122.94 -0.37
N GLY KB 12 40.42 124.10 0.08
CA GLY KB 12 39.53 124.18 1.22
C GLY KB 12 40.26 123.91 2.52
N THR KB 13 41.44 123.31 2.40
CA THR KB 13 42.38 123.13 3.49
C THR KB 13 43.76 123.69 3.19
N SER KB 14 44.11 123.84 1.91
CA SER KB 14 45.42 124.36 1.51
C SER KB 14 45.23 125.47 0.49
N LEU KB 15 46.06 126.50 0.61
CA LEU KB 15 46.12 127.56 -0.39
C LEU KB 15 47.56 127.69 -0.84
N THR KB 16 47.76 127.84 -2.14
CA THR KB 16 49.10 127.87 -2.73
C THR KB 16 49.14 128.98 -3.77
N TRP KB 17 49.89 130.03 -3.46
CA TRP KB 17 50.14 131.13 -4.37
C TRP KB 17 51.57 131.03 -4.91
N VAL KB 18 51.78 131.62 -6.08
CA VAL KB 18 53.08 131.57 -6.75
C VAL KB 18 53.44 132.96 -7.24
N ASP KB 19 54.73 133.24 -7.29
CA ASP KB 19 55.26 134.43 -7.93
C ASP KB 19 55.04 134.35 -9.43
N PRO KB 20 54.27 135.26 -10.03
CA PRO KB 20 54.03 135.17 -11.48
C PRO KB 20 55.29 135.26 -12.34
N ASN KB 21 56.38 135.81 -11.82
CA ASN KB 21 57.63 135.84 -12.58
C ASN KB 21 58.43 134.55 -12.39
N ASP KB 22 58.66 134.17 -11.13
CA ASP KB 22 59.50 133.02 -10.78
C ASP KB 22 58.60 131.96 -10.16
N PHE KB 23 58.42 130.85 -10.89
CA PHE KB 23 57.62 129.74 -10.38
C PHE KB 23 58.32 128.97 -9.27
N ARG KB 24 59.59 129.27 -8.99
CA ARG KB 24 60.32 128.58 -7.93
C ARG KB 24 59.91 129.05 -6.54
N SER KB 25 59.38 130.27 -6.41
CA SER KB 25 59.00 130.84 -5.12
C SER KB 25 57.49 130.73 -4.95
N THR KB 26 57.08 129.91 -3.99
CA THR KB 26 55.68 129.63 -3.71
C THR KB 26 55.39 129.93 -2.25
N PHE KB 27 54.09 129.98 -1.94
CA PHE KB 27 53.62 130.32 -0.60
C PHE KB 27 52.34 129.54 -0.34
N ARG KB 28 52.39 128.62 0.62
CA ARG KB 28 51.25 127.79 0.97
C ARG KB 28 50.83 128.09 2.41
N ILE KB 29 49.51 128.04 2.63
CA ILE KB 29 48.93 128.08 3.97
C ILE KB 29 48.05 126.84 4.12
N ASN KB 30 48.33 126.04 5.14
CA ASN KB 30 47.56 124.86 5.48
C ASN KB 30 46.90 125.06 6.84
N LEU KB 31 45.66 124.62 6.96
CA LEU KB 31 44.90 124.77 8.19
C LEU KB 31 44.19 123.47 8.51
N ASN KB 32 44.26 123.04 9.76
CA ASN KB 32 43.59 121.81 10.17
C ASN KB 32 42.97 122.04 11.53
N VAL KB 33 41.63 121.94 11.60
CA VAL KB 33 40.88 122.11 12.84
C VAL KB 33 40.34 120.75 13.25
N ASN KB 34 40.45 120.44 14.55
CA ASN KB 34 39.91 119.21 15.10
C ASN KB 34 39.85 119.35 16.62
N GLN KB 35 39.03 118.50 17.24
CA GLN KB 35 38.85 118.66 18.69
C GLN KB 35 40.05 118.11 19.45
N LYS KB 36 40.18 118.57 20.69
CA LYS KB 36 41.29 118.24 21.56
C LYS KB 36 40.78 118.24 22.98
N VAL KB 37 41.34 117.36 23.80
CA VAL KB 37 40.92 117.20 25.19
C VAL KB 37 41.97 117.85 26.08
N ALA KB 38 41.65 119.01 26.63
CA ALA KB 38 42.48 119.68 27.62
C ALA KB 38 41.84 119.43 28.98
N GLY KB 39 42.50 118.60 29.79
CA GLY KB 39 41.93 118.21 31.06
C GLY KB 39 40.61 117.49 30.87
N ALA KB 40 39.53 118.09 31.34
CA ALA KB 40 38.19 117.54 31.21
C ALA KB 40 37.33 118.32 30.24
N VAL KB 41 37.92 119.17 29.40
CA VAL KB 41 37.18 120.04 28.50
C VAL KB 41 37.69 119.85 27.08
N SER KB 42 36.78 119.65 26.14
CA SER KB 42 37.14 119.54 24.73
C SER KB 42 37.07 120.93 24.09
N VAL KB 43 38.12 121.29 23.35
CA VAL KB 43 38.19 122.55 22.64
C VAL KB 43 38.66 122.29 21.22
N TYR KB 44 38.29 123.18 20.31
CA TYR KB 44 38.67 123.07 18.91
C TYR KB 44 40.08 123.63 18.71
N ASN KB 45 41.05 122.73 18.51
CA ASN KB 45 42.42 123.11 18.21
C ASN KB 45 42.57 123.29 16.71
N ALA KB 46 43.18 124.42 16.32
CA ALA KB 46 43.57 124.69 14.95
C ALA KB 46 45.08 124.68 14.87
N ARG KB 47 45.60 123.91 13.92
CA ARG KB 47 47.02 123.93 13.58
C ARG KB 47 47.14 124.54 12.19
N SER KB 48 47.75 125.72 12.12
CA SER KB 48 48.01 126.42 10.87
C SER KB 48 49.50 126.37 10.59
N GLU KB 49 49.88 125.95 9.39
CA GLU KB 49 51.27 126.09 8.97
C GLU KB 49 51.36 126.93 7.70
N VAL KB 50 52.38 127.77 7.66
CA VAL KB 50 52.60 128.74 6.60
C VAL KB 50 54.00 128.48 6.05
N ILE KB 51 54.07 128.01 4.81
CA ILE KB 51 55.31 127.53 4.19
C ILE KB 51 55.62 128.39 2.97
N THR KB 52 56.72 129.13 3.02
CA THR KB 52 57.22 129.84 1.85
C THR KB 52 58.49 129.14 1.36
N ASN KB 53 58.50 128.80 0.07
CA ASN KB 53 59.56 128.02 -0.56
C ASN KB 53 60.16 128.81 -1.70
N ARG KB 54 61.49 128.77 -1.82
CA ARG KB 54 62.17 129.48 -2.91
C ARG KB 54 63.37 128.66 -3.36
N ALA KB 55 63.89 129.03 -4.53
CA ALA KB 55 65.02 128.35 -5.15
C ALA KB 55 66.00 129.38 -5.67
N PRO KB 56 66.83 129.94 -4.80
CA PRO KB 56 67.85 130.90 -5.25
C PRO KB 56 68.97 130.21 -6.01
N LEU KB 57 69.68 131.01 -6.80
CA LEU KB 57 70.87 130.53 -7.49
C LEU KB 57 72.10 130.80 -6.66
N VAL KB 58 73.04 129.87 -6.69
CA VAL KB 58 74.33 130.04 -6.02
C VAL KB 58 75.19 130.92 -6.91
N VAL KB 59 75.43 132.16 -6.49
CA VAL KB 59 76.18 133.13 -7.27
C VAL KB 59 77.66 132.99 -6.95
N ILE KB 60 78.44 132.51 -7.92
CA ILE KB 60 79.90 132.52 -7.84
C ILE KB 60 80.44 133.54 -8.83
N GLU KB 61 81.19 134.50 -8.33
CA GLU KB 61 81.88 135.45 -9.19
C GLU KB 61 82.89 134.74 -10.07
N GLY KB 62 82.99 135.18 -11.33
CA GLY KB 62 83.87 134.54 -12.28
C GLY KB 62 83.28 133.33 -12.96
N CYS KB 63 82.10 132.87 -12.53
CA CYS KB 63 81.42 131.72 -13.11
C CYS KB 63 80.11 132.19 -13.70
N THR KB 64 80.08 132.39 -15.02
CA THR KB 64 78.82 132.63 -15.71
C THR KB 64 78.02 131.33 -15.70
N ASP KB 65 77.00 131.30 -14.85
CA ASP KB 65 76.19 130.09 -14.66
C ASP KB 65 75.14 130.00 -15.77
N ALA KB 66 75.65 129.82 -16.98
CA ALA KB 66 74.78 129.45 -18.09
C ALA KB 66 74.02 128.18 -17.73
N CYS KB 67 72.73 128.17 -18.07
CA CYS KB 67 71.76 127.12 -17.81
C CYS KB 67 71.25 127.17 -16.38
N SER KB 68 71.81 128.03 -15.53
CA SER KB 68 71.37 128.20 -14.14
C SER KB 68 71.30 126.85 -13.41
N VAL KB 69 72.42 126.13 -13.44
CA VAL KB 69 72.45 124.79 -12.87
C VAL KB 69 72.74 124.84 -11.37
N ASN KB 70 73.61 125.75 -10.93
CA ASN KB 70 73.93 125.89 -9.52
C ASN KB 70 72.76 126.58 -8.83
N ARG KB 71 71.84 125.78 -8.25
CA ARG KB 71 70.63 126.31 -7.65
C ARG KB 71 70.36 125.63 -6.33
N GLU KB 72 69.84 126.41 -5.38
CA GLU KB 72 69.64 126.01 -4.00
C GLU KB 72 68.16 126.10 -3.63
N ASN KB 73 67.70 125.21 -2.76
CA ASN KB 73 66.37 125.31 -2.17
C ASN KB 73 66.47 125.95 -0.80
N ILE KB 74 65.62 126.95 -0.55
CA ILE KB 74 65.49 127.57 0.76
C ILE KB 74 64.03 127.57 1.15
N SER KB 75 63.78 127.49 2.46
CA SER KB 75 62.40 127.40 2.94
C SER KB 75 62.24 128.02 4.32
N ILE KB 76 61.14 128.73 4.51
CA ILE KB 76 60.77 129.32 5.79
C ILE KB 76 59.35 128.87 6.12
N ARG KB 77 59.20 128.20 7.25
CA ARG KB 77 57.96 127.56 7.64
C ARG KB 77 57.58 128.00 9.05
N THR KB 78 56.27 128.10 9.30
CA THR KB 78 55.79 128.57 10.60
C THR KB 78 54.54 127.80 10.99
N THR KB 79 54.59 127.10 12.10
CA THR KB 79 53.47 126.29 12.60
C THR KB 79 52.90 126.94 13.87
N ILE KB 80 51.58 126.97 13.96
CA ILE KB 80 50.86 127.65 15.03
C ILE KB 80 49.73 126.70 15.40
N SER KB 81 49.86 125.99 16.53
CA SER KB 81 48.86 125.02 16.97
C SER KB 81 48.32 125.47 18.32
N GLY KB 82 47.01 125.73 18.36
CA GLY KB 82 46.38 126.18 19.59
C GLY KB 82 44.87 126.21 19.45
N SER KB 83 44.21 126.35 20.60
CA SER KB 83 42.76 126.41 20.61
C SER KB 83 42.27 127.70 19.96
N VAL KB 84 41.16 127.59 19.22
CA VAL KB 84 40.45 128.80 18.81
C VAL KB 84 39.93 129.54 20.03
N GLU KB 85 39.61 128.81 21.10
CA GLU KB 85 39.10 129.44 22.31
C GLU KB 85 40.16 130.29 23.00
N ASN KB 86 41.39 129.77 23.12
CA ASN KB 86 42.49 130.53 23.70
C ASN KB 86 43.27 131.32 22.65
N LYS KB 87 42.62 131.70 21.56
CA LYS KB 87 43.31 132.45 20.51
C LYS KB 87 43.92 133.74 21.04
N ALA KB 88 43.44 134.25 22.18
CA ALA KB 88 44.08 135.41 22.79
C ALA KB 88 45.51 135.10 23.22
N ALA KB 89 45.69 134.02 23.98
CA ALA KB 89 47.05 133.62 24.38
C ALA KB 89 47.86 133.14 23.19
N VAL KB 90 47.19 132.57 22.18
CA VAL KB 90 47.88 132.19 20.96
C VAL KB 90 48.50 133.43 20.30
N LEU KB 91 47.72 134.52 20.20
CA LEU KB 91 48.21 135.74 19.55
C LEU KB 91 49.27 136.43 20.39
N ALA KB 92 49.12 136.40 21.72
CA ALA KB 92 50.19 136.92 22.59
C ALA KB 92 51.48 136.15 22.34
N ALA KB 93 51.38 134.82 22.28
CA ALA KB 93 52.54 133.99 21.98
C ALA KB 93 53.10 134.29 20.60
N LEU KB 94 52.24 134.60 19.63
CA LEU KB 94 52.73 134.92 18.29
C LEU KB 94 53.51 136.22 18.29
N LEU KB 95 53.00 137.25 18.97
CA LEU KB 95 53.73 138.51 19.07
C LEU KB 95 55.09 138.32 19.71
N ASP KB 96 55.12 137.63 20.86
CA ASP KB 96 56.39 137.41 21.55
C ASP KB 96 57.34 136.57 20.69
N HIS KB 97 56.79 135.59 19.96
CA HIS KB 97 57.57 134.76 19.07
C HIS KB 97 58.20 135.59 17.95
N LEU KB 98 57.39 136.43 17.31
CA LEU KB 98 57.89 137.25 16.21
C LEU KB 98 58.98 138.20 16.69
N HIS KB 99 58.78 138.82 17.86
CA HIS KB 99 59.79 139.75 18.37
C HIS KB 99 61.09 139.04 18.71
N ASN KB 100 61.01 137.87 19.32
CA ASN KB 100 62.24 137.14 19.66
C ASN KB 100 62.93 136.62 18.41
N LEU KB 101 62.14 136.16 17.43
CA LEU KB 101 62.70 135.80 16.13
C LEU KB 101 63.45 136.98 15.54
N GLY KB 102 62.86 138.17 15.60
CA GLY KB 102 63.55 139.35 15.12
C GLY KB 102 64.82 139.65 15.87
N LEU KB 103 64.85 139.32 17.17
CA LEU KB 103 66.10 139.48 17.92
C LEU KB 103 67.18 138.56 17.37
N ALA KB 104 66.82 137.33 17.00
CA ALA KB 104 67.82 136.36 16.57
C ALA KB 104 68.06 136.36 15.06
N ARG KB 105 67.27 137.11 14.28
CA ARG KB 105 67.18 136.87 12.85
C ARG KB 105 68.49 137.12 12.12
N ASP KB 106 69.30 138.05 12.61
CA ASP KB 106 70.54 138.36 11.91
C ASP KB 106 71.59 137.31 12.19
N ASP KB 107 71.69 136.86 13.45
CA ASP KB 107 72.64 135.81 13.80
C ASP KB 107 72.29 134.50 13.12
N LEU KB 108 71.02 134.09 13.21
CA LEU KB 108 70.63 132.77 12.74
C LEU KB 108 70.88 132.59 11.24
N VAL KB 109 70.60 133.62 10.45
CA VAL KB 109 70.72 133.47 9.01
C VAL KB 109 72.19 133.45 8.59
N ALA KB 110 73.09 133.97 9.42
CA ALA KB 110 74.52 133.92 9.16
C ALA KB 110 75.18 132.64 9.69
N GLY KB 111 74.38 131.70 10.20
CA GLY KB 111 74.91 130.44 10.68
C GLY KB 111 75.52 130.48 12.07
N LEU KB 112 75.15 131.46 12.88
CA LEU KB 112 75.78 131.69 14.17
C LEU KB 112 74.74 131.60 15.27
N LEU KB 113 75.05 130.85 16.33
CA LEU KB 113 74.11 130.69 17.43
C LEU KB 113 73.95 132.04 18.15
N PRO KB 114 72.72 132.54 18.30
CA PRO KB 114 72.51 133.85 18.95
C PRO KB 114 72.69 133.78 20.46
N THR KB 115 73.94 133.56 20.88
CA THR KB 115 74.25 133.46 22.31
C THR KB 115 74.02 134.78 23.04
N THR KB 116 74.05 135.90 22.33
CA THR KB 116 74.00 137.21 22.97
C THR KB 116 72.59 137.70 23.26
N ILE KB 117 71.60 137.34 22.43
CA ILE KB 117 70.27 137.93 22.55
C ILE KB 117 69.63 137.54 23.88
N GLN KB 118 68.61 138.30 24.26
CA GLN KB 118 67.80 138.01 25.45
C GLN KB 118 66.34 138.13 25.10
N PRO KB 119 65.60 137.03 25.01
CA PRO KB 119 64.18 137.10 24.63
C PRO KB 119 63.33 137.70 25.75
N VAL KB 120 62.07 137.93 25.41
CA VAL KB 120 61.14 138.68 26.26
C VAL KB 120 59.78 138.00 26.23
N VAL KB 121 59.03 138.15 27.33
CA VAL KB 121 57.61 137.83 27.38
C VAL KB 121 56.84 139.15 27.42
N GLU KB 122 55.69 139.17 26.73
CA GLU KB 122 54.77 140.31 26.79
C GLU KB 122 55.39 141.59 26.21
N TYR KB 123 55.93 141.49 24.99
CA TYR KB 123 56.51 142.67 24.36
C TYR KB 123 55.46 143.77 24.21
N THR KB 124 55.89 145.01 24.44
CA THR KB 124 55.01 146.16 24.36
C THR KB 124 55.68 147.32 23.64
N ALA LB 1 -39.48 16.26 102.21
CA ALA LB 1 -38.86 15.56 103.31
C ALA LB 1 -38.12 16.51 104.24
N GLN LB 2 -37.68 17.66 103.71
CA GLN LB 2 -37.04 18.71 104.51
C GLN LB 2 -35.80 18.16 105.22
N HIS LB 3 -35.05 17.29 104.54
CA HIS LB 3 -33.79 16.80 105.07
C HIS LB 3 -32.65 17.69 104.59
N ASN LB 4 -31.85 18.18 105.53
CA ASN LB 4 -30.77 19.10 105.20
C ASN LB 4 -29.57 18.37 104.61
N MET LB 5 -28.84 19.08 103.75
CA MET LB 5 -27.72 18.51 103.00
C MET LB 5 -26.55 18.23 103.93
N ARG LB 6 -25.71 17.27 103.53
CA ARG LB 6 -24.51 16.94 104.29
C ARG LB 6 -23.27 17.30 103.49
N LEU LB 7 -22.24 17.78 104.18
CA LEU LB 7 -21.08 18.38 103.54
C LEU LB 7 -20.15 17.33 102.97
N GLN LB 8 -19.58 17.63 101.80
CA GLN LB 8 -18.71 16.70 101.09
C GLN LB 8 -17.32 17.23 100.80
N LEU LB 9 -17.17 18.51 100.44
CA LEU LB 9 -15.86 19.04 100.03
C LEU LB 9 -15.61 20.42 100.62
N THR LB 10 -14.48 20.58 101.32
CA THR LB 10 -14.05 21.87 101.86
C THR LB 10 -12.69 22.23 101.27
N SER LB 11 -12.54 23.49 100.84
CA SER LB 11 -11.31 23.91 100.20
C SER LB 11 -10.81 25.27 100.64
N GLY LB 12 -11.48 25.96 101.55
CA GLY LB 12 -11.08 27.30 101.94
C GLY LB 12 -11.44 28.35 100.90
N THR LB 13 -11.76 27.89 99.69
CA THR LB 13 -12.32 28.71 98.65
C THR LB 13 -13.63 28.18 98.09
N SER LB 14 -13.96 26.91 98.33
CA SER LB 14 -15.24 26.36 97.92
C SER LB 14 -15.80 25.51 99.06
N LEU LB 15 -17.11 25.32 99.01
CA LEU LB 15 -17.82 24.39 99.87
C LEU LB 15 -18.78 23.60 99.00
N THR LB 16 -18.87 22.30 99.26
CA THR LB 16 -19.65 21.40 98.40
C THR LB 16 -20.45 20.46 99.29
N TRP LB 17 -21.74 20.74 99.43
CA TRP LB 17 -22.71 19.89 100.12
C TRP LB 17 -23.44 19.02 99.10
N VAL LB 18 -23.98 17.91 99.59
CA VAL LB 18 -24.70 16.96 98.76
C VAL LB 18 -25.91 16.42 99.53
N ASP LB 19 -26.97 16.12 98.79
CA ASP LB 19 -28.12 15.42 99.34
C ASP LB 19 -27.75 13.98 99.67
N PRO LB 20 -27.81 13.57 100.94
CA PRO LB 20 -27.42 12.18 101.26
C PRO LB 20 -28.25 11.13 100.54
N ASN LB 21 -29.48 11.46 100.14
CA ASN LB 21 -30.31 10.50 99.40
C ASN LB 21 -29.92 10.46 97.93
N ASP LB 22 -29.93 11.62 97.27
CA ASP LB 22 -29.58 11.74 95.86
C ASP LB 22 -28.25 12.46 95.75
N PHE LB 23 -27.20 11.73 95.37
CA PHE LB 23 -25.91 12.35 95.10
C PHE LB 23 -25.92 13.24 93.87
N ARG LB 24 -27.00 13.24 93.07
CA ARG LB 24 -27.04 14.05 91.87
C ARG LB 24 -27.36 15.52 92.15
N SER LB 25 -27.80 15.86 93.37
CA SER LB 25 -28.13 17.24 93.72
C SER LB 25 -27.01 17.79 94.61
N THR LB 26 -26.18 18.64 94.02
CA THR LB 26 -25.02 19.26 94.65
C THR LB 26 -25.33 20.71 94.97
N PHE LB 27 -24.64 21.24 95.98
CA PHE LB 27 -24.73 22.66 96.32
C PHE LB 27 -23.34 23.17 96.66
N ARG LB 28 -22.79 24.04 95.82
CA ARG LB 28 -21.45 24.59 96.01
C ARG LB 28 -21.51 26.09 96.21
N ILE LB 29 -20.60 26.59 97.04
CA ILE LB 29 -20.38 28.02 97.24
C ILE LB 29 -18.90 28.30 97.02
N ASN LB 30 -18.59 29.23 96.11
CA ASN LB 30 -17.24 29.65 95.80
C ASN LB 30 -17.10 31.11 96.20
N LEU LB 31 -16.09 31.43 97.01
CA LEU LB 31 -15.83 32.80 97.41
C LEU LB 31 -14.40 33.15 97.06
N ASN LB 32 -14.22 34.21 96.27
CA ASN LB 32 -12.90 34.68 95.89
C ASN LB 32 -12.79 36.15 96.26
N VAL LB 33 -11.72 36.51 96.96
CA VAL LB 33 -11.52 37.88 97.40
C VAL LB 33 -10.18 38.39 96.88
N ASN LB 34 -10.18 39.62 96.37
CA ASN LB 34 -8.97 40.28 95.91
C ASN LB 34 -9.19 41.78 95.88
N GLN LB 35 -8.09 42.53 95.93
CA GLN LB 35 -8.19 43.98 95.96
C GLN LB 35 -8.48 44.53 94.57
N LYS LB 36 -9.36 45.52 94.52
CA LYS LB 36 -9.65 46.28 93.31
C LYS LB 36 -9.44 47.75 93.62
N VAL LB 37 -9.38 48.57 92.58
CA VAL LB 37 -9.21 50.00 92.71
C VAL LB 37 -10.56 50.65 92.42
N ALA LB 38 -11.20 51.21 93.45
CA ALA LB 38 -12.43 51.95 93.29
C ALA LB 38 -12.08 53.43 93.34
N GLY LB 39 -12.15 54.10 92.19
CA GLY LB 39 -11.88 55.51 92.12
C GLY LB 39 -10.53 55.87 92.72
N ALA LB 40 -10.56 56.53 93.88
CA ALA LB 40 -9.34 57.02 94.50
C ALA LB 40 -8.67 56.01 95.41
N VAL LB 41 -9.42 55.04 95.95
CA VAL LB 41 -8.87 54.17 96.99
C VAL LB 41 -9.11 52.72 96.61
N SER LB 42 -8.27 51.84 97.15
CA SER LB 42 -8.44 50.41 96.94
C SER LB 42 -9.43 49.83 97.93
N VAL LB 43 -10.21 48.86 97.46
CA VAL LB 43 -11.20 48.16 98.28
C VAL LB 43 -11.03 46.66 98.05
N TYR LB 44 -11.72 45.86 98.87
CA TYR LB 44 -11.67 44.41 98.79
C TYR LB 44 -12.92 43.88 98.10
N ASN LB 45 -12.77 43.44 96.86
CA ASN LB 45 -13.88 42.86 96.11
C ASN LB 45 -13.97 41.37 96.41
N ALA LB 46 -15.21 40.90 96.60
CA ALA LB 46 -15.50 39.50 96.93
C ALA LB 46 -16.52 38.99 95.93
N ARG LB 47 -16.06 38.19 94.98
CA ARG LB 47 -16.94 37.51 94.04
C ARG LB 47 -17.37 36.20 94.69
N SER LB 48 -18.61 36.18 95.18
CA SER LB 48 -19.25 34.96 95.62
C SER LB 48 -20.03 34.37 94.45
N GLU LB 49 -20.12 33.05 94.41
CA GLU LB 49 -21.08 32.40 93.54
C GLU LB 49 -21.63 31.16 94.23
N VAL LB 50 -22.91 30.92 94.00
CA VAL LB 50 -23.64 29.84 94.64
C VAL LB 50 -24.30 29.03 93.54
N ILE LB 51 -23.87 27.78 93.38
CA ILE LB 51 -24.28 26.92 92.29
C ILE LB 51 -25.00 25.72 92.87
N THR LB 52 -26.26 25.52 92.48
CA THR LB 52 -27.00 24.31 92.84
C THR LB 52 -27.25 23.50 91.57
N ASN LB 53 -26.86 22.23 91.62
CA ASN LB 53 -26.91 21.32 90.48
C ASN LB 53 -27.83 20.16 90.81
N ARG LB 54 -28.63 19.73 89.84
CA ARG LB 54 -29.49 18.58 90.05
C ARG LB 54 -29.63 17.82 88.74
N ALA LB 55 -30.15 16.60 88.85
CA ALA LB 55 -30.36 15.72 87.70
C ALA LB 55 -31.70 15.03 87.86
N PRO LB 56 -32.80 15.75 87.69
CA PRO LB 56 -34.12 15.12 87.77
C PRO LB 56 -34.34 14.20 86.57
N LEU LB 57 -35.27 13.28 86.75
CA LEU LB 57 -35.57 12.29 85.73
C LEU LB 57 -36.62 12.83 84.76
N VAL LB 58 -36.40 12.57 83.48
CA VAL LB 58 -37.34 13.00 82.44
C VAL LB 58 -38.34 11.87 82.24
N VAL LB 59 -39.61 12.15 82.52
CA VAL LB 59 -40.65 11.13 82.52
C VAL LB 59 -41.75 11.56 81.55
N ILE LB 60 -42.01 10.74 80.54
CA ILE LB 60 -43.16 10.87 79.65
C ILE LB 60 -44.04 9.65 79.88
N GLU LB 61 -45.26 9.88 80.37
CA GLU LB 61 -46.04 8.80 80.98
C GLU LB 61 -46.22 7.63 80.03
N GLY LB 62 -46.50 7.88 78.75
CA GLY LB 62 -46.67 6.80 77.82
C GLY LB 62 -45.40 6.30 77.17
N CYS LB 63 -44.29 7.02 77.35
CA CYS LB 63 -43.09 6.83 76.54
C CYS LB 63 -41.86 6.41 77.33
N THR LB 64 -41.71 6.84 78.58
CA THR LB 64 -40.47 6.68 79.33
C THR LB 64 -40.46 5.30 79.99
N ASP LB 65 -39.57 4.44 79.51
CA ASP LB 65 -39.33 3.16 80.16
C ASP LB 65 -38.72 3.40 81.54
N ALA LB 66 -39.31 2.78 82.56
CA ALA LB 66 -38.84 2.99 83.92
C ALA LB 66 -37.50 2.30 84.16
N CYS LB 67 -37.22 1.21 83.45
CA CYS LB 67 -35.99 0.48 83.66
C CYS LB 67 -34.77 1.28 83.23
N SER LB 68 -34.83 1.88 82.05
CA SER LB 68 -33.75 2.74 81.55
C SER LB 68 -34.03 4.17 81.97
N VAL LB 69 -33.29 4.65 82.97
CA VAL LB 69 -33.50 5.99 83.49
C VAL LB 69 -33.13 7.02 82.44
N ASN LB 70 -33.92 8.08 82.36
CA ASN LB 70 -33.65 9.21 81.48
C ASN LB 70 -33.54 10.45 82.36
N ARG LB 71 -32.33 10.99 82.49
CA ARG LB 71 -32.09 12.10 83.39
C ARG LB 71 -31.64 13.34 82.61
N GLU LB 72 -31.86 14.48 83.23
CA GLU LB 72 -31.55 15.80 82.69
C GLU LB 72 -30.80 16.60 83.73
N ASN LB 73 -29.71 17.25 83.33
CA ASN LB 73 -29.04 18.17 84.23
C ASN LB 73 -29.78 19.50 84.26
N ILE LB 74 -30.03 20.01 85.46
CA ILE LB 74 -30.57 21.36 85.66
C ILE LB 74 -29.66 22.08 86.64
N SER LB 75 -29.54 23.40 86.45
CA SER LB 75 -28.61 24.17 87.26
C SER LB 75 -29.14 25.57 87.52
N ILE LB 76 -28.90 26.05 88.75
CA ILE LB 76 -29.21 27.42 89.13
C ILE LB 76 -27.96 28.01 89.78
N ARG LB 77 -27.41 29.05 89.14
CA ARG LB 77 -26.16 29.68 89.52
C ARG LB 77 -26.44 31.12 89.90
N THR LB 78 -25.69 31.64 90.88
CA THR LB 78 -25.86 33.04 91.29
C THR LB 78 -24.51 33.64 91.65
N THR LB 79 -24.09 34.65 90.88
CA THR LB 79 -22.84 35.36 91.09
C THR LB 79 -23.12 36.73 91.71
N ILE LB 80 -22.31 37.10 92.69
CA ILE LB 80 -22.45 38.35 93.45
C ILE LB 80 -21.04 38.94 93.60
N SER LB 81 -20.74 39.99 92.83
CA SER LB 81 -19.40 40.59 92.86
C SER LB 81 -19.51 42.06 93.23
N GLY LB 82 -18.92 42.41 94.36
CA GLY LB 82 -18.85 43.77 94.87
C GLY LB 82 -17.89 43.78 96.04
N SER LB 83 -17.55 44.99 96.49
CA SER LB 83 -16.59 45.10 97.59
C SER LB 83 -17.24 44.74 98.94
N VAL LB 84 -16.42 44.19 99.84
CA VAL LB 84 -16.86 44.01 101.22
C VAL LB 84 -16.99 45.37 101.89
N GLU LB 85 -16.23 46.35 101.42
CA GLU LB 85 -16.27 47.69 101.99
C GLU LB 85 -17.67 48.28 101.85
N ASN LB 86 -18.31 48.07 100.69
CA ASN LB 86 -19.59 48.65 100.32
C ASN LB 86 -20.71 47.61 100.33
N LYS LB 87 -20.60 46.61 101.23
CA LYS LB 87 -21.56 45.53 101.24
C LYS LB 87 -22.97 46.02 101.53
N ALA LB 88 -23.12 47.23 102.07
CA ALA LB 88 -24.46 47.82 102.21
C ALA LB 88 -25.14 47.94 100.87
N ALA LB 89 -24.48 48.58 99.91
CA ALA LB 89 -25.05 48.69 98.57
C ALA LB 89 -25.06 47.36 97.84
N VAL LB 90 -24.11 46.47 98.15
CA VAL LB 90 -24.16 45.12 97.59
C VAL LB 90 -25.48 44.44 97.96
N LEU LB 91 -25.84 44.46 99.26
CA LEU LB 91 -27.07 43.83 99.71
C LEU LB 91 -28.30 44.56 99.22
N ALA LB 92 -28.24 45.90 99.16
CA ALA LB 92 -29.37 46.65 98.61
C ALA LB 92 -29.62 46.28 97.15
N ALA LB 93 -28.55 45.95 96.41
CA ALA LB 93 -28.72 45.43 95.06
C ALA LB 93 -29.24 44.00 95.08
N LEU LB 94 -28.79 43.20 96.05
CA LEU LB 94 -29.22 41.80 96.12
C LEU LB 94 -30.72 41.69 96.33
N LEU LB 95 -31.27 42.52 97.23
CA LEU LB 95 -32.69 42.44 97.53
C LEU LB 95 -33.53 42.76 96.29
N ASP LB 96 -33.17 43.82 95.59
CA ASP LB 96 -33.89 44.19 94.36
C ASP LB 96 -33.76 43.10 93.31
N HIS LB 97 -32.56 42.51 93.19
CA HIS LB 97 -32.35 41.43 92.24
C HIS LB 97 -33.24 40.23 92.55
N LEU LB 98 -33.27 39.82 93.83
CA LEU LB 98 -34.07 38.66 94.21
C LEU LB 98 -35.55 38.90 93.97
N HIS LB 99 -36.05 40.10 94.33
CA HIS LB 99 -37.47 40.39 94.12
C HIS LB 99 -37.82 40.42 92.64
N ASN LB 100 -36.97 41.02 91.81
CA ASN LB 100 -37.26 41.06 90.39
C ASN LB 100 -37.19 39.66 89.77
N LEU LB 101 -36.22 38.86 90.20
CA LEU LB 101 -36.18 37.47 89.77
C LEU LB 101 -37.47 36.76 90.13
N GLY LB 102 -37.98 37.00 91.34
CA GLY LB 102 -39.26 36.42 91.72
C GLY LB 102 -40.39 36.86 90.81
N LEU LB 103 -40.41 38.14 90.43
CA LEU LB 103 -41.41 38.61 89.48
C LEU LB 103 -41.32 37.84 88.16
N ALA LB 104 -40.11 37.50 87.74
CA ALA LB 104 -39.95 36.88 86.43
C ALA LB 104 -40.07 35.35 86.43
N ARG LB 105 -39.89 34.69 87.59
CA ARG LB 105 -39.57 33.27 87.58
C ARG LB 105 -40.67 32.43 86.95
N ASP LB 106 -41.93 32.80 87.18
CA ASP LB 106 -43.03 32.02 86.65
C ASP LB 106 -43.00 32.02 85.13
N ASP LB 107 -42.67 33.17 84.53
CA ASP LB 107 -42.53 33.25 83.08
C ASP LB 107 -41.28 32.53 82.62
N LEU LB 108 -40.18 32.67 83.34
CA LEU LB 108 -38.89 32.17 82.85
C LEU LB 108 -38.85 30.65 82.86
N VAL LB 109 -39.32 30.01 83.93
CA VAL LB 109 -39.24 28.55 84.00
C VAL LB 109 -40.15 27.89 82.98
N ALA LB 110 -41.13 28.61 82.45
CA ALA LB 110 -42.04 28.11 81.43
C ALA LB 110 -41.57 28.44 80.01
N GLY LB 111 -40.34 28.94 79.86
CA GLY LB 111 -39.80 29.23 78.55
C GLY LB 111 -40.37 30.48 77.89
N LEU LB 112 -41.06 31.33 78.63
CA LEU LB 112 -41.68 32.53 78.10
C LEU LB 112 -40.85 33.76 78.44
N LEU LB 113 -40.74 34.68 77.50
CA LEU LB 113 -40.00 35.91 77.73
C LEU LB 113 -40.82 36.85 78.59
N PRO LB 114 -40.33 37.24 79.78
CA PRO LB 114 -41.17 38.04 80.70
C PRO LB 114 -41.38 39.45 80.21
N THR LB 115 -42.22 39.60 79.18
CA THR LB 115 -42.44 40.89 78.53
C THR LB 115 -43.35 41.81 79.34
N THR LB 116 -44.11 41.28 80.28
CA THR LB 116 -45.08 42.09 81.03
C THR LB 116 -44.50 42.69 82.31
N ILE LB 117 -43.65 41.93 83.01
CA ILE LB 117 -43.23 42.31 84.37
C ILE LB 117 -42.56 43.69 84.38
N GLN LB 118 -42.60 44.34 85.53
CA GLN LB 118 -41.92 45.62 85.73
C GLN LB 118 -41.05 45.55 86.96
N PRO LB 119 -39.73 45.61 86.83
CA PRO LB 119 -38.85 45.57 88.00
C PRO LB 119 -38.89 46.87 88.79
N VAL LB 120 -38.05 46.96 89.82
CA VAL LB 120 -38.10 48.10 90.74
C VAL LB 120 -36.76 48.22 91.44
N VAL LB 121 -36.42 49.44 91.84
CA VAL LB 121 -35.26 49.74 92.67
C VAL LB 121 -35.76 50.03 94.08
N GLU LB 122 -34.94 49.71 95.08
CA GLU LB 122 -35.21 50.08 96.47
C GLU LB 122 -36.55 49.51 96.94
N TYR LB 123 -36.72 48.20 96.77
CA TYR LB 123 -37.97 47.54 97.12
C TYR LB 123 -38.22 47.59 98.62
N THR LB 124 -39.38 48.10 99.01
CA THR LB 124 -39.75 48.29 100.42
C THR LB 124 -40.75 47.21 100.82
N GLY LB 125 -40.33 46.30 101.70
CA GLY LB 125 -41.20 45.27 102.23
C GLY LB 125 -41.66 44.23 101.23
N ALA MB 1 -36.98 54.68 98.09
CA ALA MB 1 -37.97 55.43 97.31
C ALA MB 1 -38.88 54.49 96.53
N GLN MB 2 -38.35 53.32 96.20
CA GLN MB 2 -39.04 52.30 95.40
C GLN MB 2 -39.71 52.91 94.16
N HIS MB 3 -38.90 53.60 93.37
CA HIS MB 3 -39.29 54.04 92.03
C HIS MB 3 -38.97 52.90 91.06
N ASN MB 4 -40.02 52.31 90.48
CA ASN MB 4 -39.82 51.10 89.68
C ASN MB 4 -39.12 51.41 88.35
N MET MB 5 -38.39 50.42 87.86
CA MET MB 5 -37.50 50.62 86.72
C MET MB 5 -38.30 50.84 85.44
N ARG MB 6 -37.64 51.48 84.47
CA ARG MB 6 -38.23 51.82 83.19
C ARG MB 6 -37.64 50.92 82.11
N LEU MB 7 -38.48 50.37 81.26
CA LEU MB 7 -37.98 49.59 80.13
C LEU MB 7 -37.13 50.47 79.22
N GLN MB 8 -36.06 49.90 78.72
CA GLN MB 8 -35.26 50.72 77.82
C GLN MB 8 -34.95 50.04 76.50
N LEU MB 9 -34.73 48.72 76.49
CA LEU MB 9 -34.41 48.06 75.22
C LEU MB 9 -34.91 46.62 75.18
N THR MB 10 -35.55 46.26 74.07
CA THR MB 10 -35.96 44.88 73.79
C THR MB 10 -35.40 44.50 72.43
N SER MB 11 -34.60 43.44 72.38
CA SER MB 11 -34.05 42.98 71.11
C SER MB 11 -33.63 41.52 71.25
N GLY MB 12 -33.98 40.72 70.25
CA GLY MB 12 -33.61 39.31 70.26
C GLY MB 12 -34.27 38.52 71.36
N THR MB 13 -33.47 38.08 72.33
CA THR MB 13 -33.97 37.35 73.48
C THR MB 13 -33.77 38.11 74.80
N SER MB 14 -33.43 39.39 74.72
CA SER MB 14 -33.05 40.16 75.91
C SER MB 14 -34.07 41.26 76.20
N LEU MB 15 -34.17 41.59 77.48
CA LEU MB 15 -34.94 42.73 77.95
C LEU MB 15 -34.04 43.54 78.87
N THR MB 16 -34.07 44.86 78.74
CA THR MB 16 -33.16 45.72 79.48
C THR MB 16 -33.93 46.91 80.04
N TRP MB 17 -34.05 46.93 81.37
CA TRP MB 17 -34.64 48.02 82.15
C TRP MB 17 -33.53 48.81 82.82
N VAL MB 18 -33.87 50.05 83.21
CA VAL MB 18 -32.92 50.97 83.81
C VAL MB 18 -33.60 51.77 84.91
N ASP MB 19 -32.82 52.16 85.91
CA ASP MB 19 -33.29 53.06 86.95
C ASP MB 19 -33.43 54.47 86.37
N PRO MB 20 -34.62 55.07 86.39
CA PRO MB 20 -34.79 56.41 85.82
C PRO MB 20 -34.00 57.49 86.55
N ASN MB 21 -33.43 57.21 87.72
CA ASN MB 21 -32.67 58.24 88.42
C ASN MB 21 -31.20 58.24 88.00
N ASP MB 22 -30.52 57.11 88.08
CA ASP MB 22 -29.21 57.01 87.45
C ASP MB 22 -29.19 55.84 86.48
N PHE MB 23 -28.51 56.06 85.36
CA PHE MB 23 -28.34 55.12 84.26
C PHE MB 23 -27.41 53.99 84.61
N ARG MB 24 -26.83 53.99 85.81
CA ARG MB 24 -25.78 53.05 86.19
C ARG MB 24 -26.34 51.71 86.64
N SER MB 25 -27.57 51.69 87.17
CA SER MB 25 -28.18 50.47 87.67
C SER MB 25 -29.21 49.99 86.66
N THR MB 26 -28.92 48.85 86.03
CA THR MB 26 -29.70 48.28 84.96
C THR MB 26 -30.06 46.83 85.31
N PHE MB 27 -31.01 46.29 84.54
CA PHE MB 27 -31.56 44.97 84.82
C PHE MB 27 -31.88 44.30 83.49
N ARG MB 28 -31.25 43.16 83.21
CA ARG MB 28 -31.40 42.47 81.95
C ARG MB 28 -31.89 41.05 82.20
N ILE MB 29 -32.71 40.56 81.28
CA ILE MB 29 -33.15 39.16 81.27
C ILE MB 29 -32.93 38.58 79.88
N ASN MB 30 -32.17 37.49 79.79
CA ASN MB 30 -31.96 36.74 78.57
C ASN MB 30 -32.65 35.39 78.68
N LEU MB 31 -33.25 34.94 77.59
CA LEU MB 31 -33.99 33.68 77.56
C LEU MB 31 -33.62 32.93 76.29
N ASN MB 32 -33.09 31.72 76.45
CA ASN MB 32 -32.67 30.90 75.32
C ASN MB 32 -33.36 29.55 75.42
N VAL MB 33 -34.37 29.31 74.59
CA VAL MB 33 -35.11 28.07 74.58
C VAL MB 33 -34.67 27.27 73.36
N ASN MB 34 -34.38 25.98 73.57
CA ASN MB 34 -33.97 25.10 72.48
C ASN MB 34 -34.04 23.65 72.97
N GLN MB 35 -34.01 22.71 72.02
CA GLN MB 35 -34.21 21.31 72.38
C GLN MB 35 -32.96 20.69 72.96
N LYS MB 36 -33.15 19.96 74.06
CA LYS MB 36 -32.13 19.24 74.80
C LYS MB 36 -32.40 17.76 74.60
N VAL MB 37 -31.34 16.96 74.61
CA VAL MB 37 -31.46 15.51 74.45
C VAL MB 37 -31.09 14.86 75.77
N ALA MB 38 -32.06 14.19 76.39
CA ALA MB 38 -31.85 13.55 77.70
C ALA MB 38 -32.33 12.11 77.59
N GLY MB 39 -31.38 11.18 77.44
CA GLY MB 39 -31.75 9.80 77.22
C GLY MB 39 -32.25 9.61 75.79
N ALA MB 40 -33.35 8.88 75.65
CA ALA MB 40 -33.94 8.64 74.34
C ALA MB 40 -34.87 9.76 73.91
N VAL MB 41 -35.29 10.63 74.82
CA VAL MB 41 -36.24 11.68 74.51
C VAL MB 41 -35.52 13.02 74.40
N SER MB 42 -36.21 13.98 73.79
CA SER MB 42 -35.76 15.36 73.72
C SER MB 42 -36.84 16.24 74.34
N VAL MB 43 -36.39 17.25 75.08
CA VAL MB 43 -37.27 18.15 75.81
C VAL MB 43 -36.79 19.58 75.60
N TYR MB 44 -37.72 20.53 75.66
CA TYR MB 44 -37.37 21.94 75.47
C TYR MB 44 -36.72 22.48 76.74
N ASN MB 45 -35.44 22.79 76.66
CA ASN MB 45 -34.69 23.38 77.75
C ASN MB 45 -34.67 24.90 77.60
N ALA MB 46 -34.94 25.59 78.70
CA ALA MB 46 -34.88 27.03 78.80
C ALA MB 46 -33.68 27.42 79.63
N ARG MB 47 -32.88 28.36 79.12
CA ARG MB 47 -31.77 28.97 79.82
C ARG MB 47 -32.15 30.42 80.08
N SER MB 48 -32.58 30.70 81.30
CA SER MB 48 -32.82 32.06 81.75
C SER MB 48 -31.55 32.60 82.40
N GLU MB 49 -31.24 33.86 82.14
CA GLU MB 49 -30.22 34.52 82.96
C GLU MB 49 -30.63 35.96 83.22
N VAL MB 50 -30.62 36.32 84.51
CA VAL MB 50 -31.10 37.59 85.01
C VAL MB 50 -29.91 38.32 85.61
N ILE MB 51 -29.56 39.46 85.03
CA ILE MB 51 -28.32 40.18 85.34
C ILE MB 51 -28.69 41.58 85.82
N THR MB 52 -28.44 41.87 87.09
CA THR MB 52 -28.59 43.22 87.61
C THR MB 52 -27.20 43.82 87.80
N ASN MB 53 -27.00 45.01 87.25
CA ASN MB 53 -25.72 45.70 87.22
C ASN MB 53 -25.86 47.06 87.86
N ARG MB 54 -24.89 47.44 88.70
CA ARG MB 54 -24.91 48.76 89.29
C ARG MB 54 -23.48 49.28 89.31
N ALA MB 55 -23.37 50.60 89.52
CA ALA MB 55 -22.07 51.27 89.65
C ALA MB 55 -22.16 52.28 90.79
N PRO MB 56 -22.41 51.81 92.01
CA PRO MB 56 -22.72 52.72 93.11
C PRO MB 56 -21.48 53.44 93.61
N LEU MB 57 -21.70 54.44 94.44
CA LEU MB 57 -20.61 55.06 95.17
C LEU MB 57 -20.20 54.14 96.32
N VAL MB 58 -18.91 54.07 96.60
CA VAL MB 58 -18.45 53.28 97.75
C VAL MB 58 -18.71 54.09 99.02
N VAL MB 59 -19.52 53.53 99.91
CA VAL MB 59 -19.94 54.20 101.13
C VAL MB 59 -19.31 53.45 102.30
N ILE MB 60 -18.29 54.05 102.89
CA ILE MB 60 -17.64 53.47 104.06
C ILE MB 60 -18.55 53.67 105.26
N GLU MB 61 -18.62 52.69 106.15
CA GLU MB 61 -19.53 52.81 107.28
C GLU MB 61 -19.18 54.02 108.15
N GLY MB 62 -17.95 54.03 108.69
CA GLY MB 62 -17.57 55.12 109.56
C GLY MB 62 -17.65 56.49 108.91
N CYS MB 63 -17.43 56.55 107.60
CA CYS MB 63 -17.30 57.82 106.91
C CYS MB 63 -18.66 58.34 106.43
N THR MB 64 -18.71 59.65 106.23
CA THR MB 64 -19.88 60.31 105.65
C THR MB 64 -19.38 61.54 104.90
N ASP MB 65 -19.55 61.55 103.58
CA ASP MB 65 -18.96 62.57 102.71
C ASP MB 65 -19.76 62.61 101.41
N ALA MB 66 -20.30 63.78 101.08
CA ALA MB 66 -21.01 63.95 99.82
C ALA MB 66 -20.11 64.38 98.68
N CYS MB 67 -18.81 64.51 98.92
CA CYS MB 67 -17.87 65.03 97.93
C CYS MB 67 -17.03 63.94 97.26
N SER MB 68 -17.14 62.70 97.69
CA SER MB 68 -16.41 61.61 97.06
C SER MB 68 -17.22 61.07 95.89
N VAL MB 69 -16.57 60.94 94.73
CA VAL MB 69 -17.14 60.25 93.59
C VAL MB 69 -16.46 58.89 93.40
N ASN MB 70 -15.91 58.33 94.47
CA ASN MB 70 -15.31 57.00 94.46
C ASN MB 70 -16.39 55.98 94.09
N ARG MB 71 -16.26 55.36 92.92
CA ARG MB 71 -17.27 54.42 92.42
C ARG MB 71 -16.63 53.10 92.04
N GLU MB 72 -17.34 52.01 92.36
CA GLU MB 72 -17.01 50.67 91.88
C GLU MB 72 -18.21 50.10 91.15
N ASN MB 73 -17.94 49.08 90.34
CA ASN MB 73 -19.00 48.32 89.70
C ASN MB 73 -19.37 47.13 90.57
N ILE MB 74 -20.67 46.81 90.59
CA ILE MB 74 -21.16 45.62 91.27
C ILE MB 74 -22.16 44.93 90.36
N SER MB 75 -22.23 43.60 90.48
CA SER MB 75 -23.12 42.84 89.61
C SER MB 75 -23.62 41.58 90.31
N ILE MB 76 -24.90 41.28 90.10
CA ILE MB 76 -25.50 40.05 90.58
C ILE MB 76 -26.22 39.37 89.43
N ARG MB 77 -25.79 38.16 89.11
CA ARG MB 77 -26.34 37.39 88.00
C ARG MB 77 -26.92 36.07 88.52
N THR MB 78 -28.01 35.64 87.90
CA THR MB 78 -28.65 34.37 88.26
C THR MB 78 -29.04 33.64 87.00
N THR MB 79 -28.47 32.46 86.81
CA THR MB 79 -28.71 31.62 85.64
C THR MB 79 -29.51 30.39 86.04
N ILE MB 80 -30.48 30.03 85.20
CA ILE MB 80 -31.41 28.94 85.47
C ILE MB 80 -31.59 28.15 84.18
N SER MB 81 -30.95 26.98 84.08
CA SER MB 81 -31.02 26.15 82.89
C SER MB 81 -31.73 24.85 83.24
N GLY MB 82 -32.85 24.59 82.57
CA GLY MB 82 -33.67 23.42 82.85
C GLY MB 82 -34.82 23.33 81.87
N SER MB 83 -35.32 22.11 81.70
CA SER MB 83 -36.40 21.92 80.74
C SER MB 83 -37.69 22.54 81.23
N VAL MB 84 -38.59 22.81 80.29
CA VAL MB 84 -39.93 23.28 80.64
C VAL MB 84 -40.76 22.14 81.20
N GLU MB 85 -40.45 20.91 80.80
CA GLU MB 85 -41.23 19.76 81.26
C GLU MB 85 -41.03 19.51 82.75
N ASN MB 86 -39.80 19.55 83.23
CA ASN MB 86 -39.51 19.41 84.65
C ASN MB 86 -39.52 20.74 85.39
N LYS MB 87 -40.23 21.75 84.88
CA LYS MB 87 -40.22 23.05 85.55
C LYS MB 87 -40.71 22.94 86.99
N ALA MB 88 -41.42 21.86 87.34
CA ALA MB 88 -41.73 21.60 88.74
C ALA MB 88 -40.46 21.42 89.58
N ALA MB 89 -39.59 20.50 89.16
CA ALA MB 89 -38.34 20.28 89.88
C ALA MB 89 -37.41 21.48 89.73
N VAL MB 90 -37.50 22.21 88.61
CA VAL MB 90 -36.74 23.44 88.46
C VAL MB 90 -37.14 24.46 89.52
N LEU MB 91 -38.44 24.65 89.72
CA LEU MB 91 -38.91 25.62 90.72
C LEU MB 91 -38.62 25.14 92.15
N ALA MB 92 -38.73 23.84 92.41
CA ALA MB 92 -38.35 23.33 93.72
C ALA MB 92 -36.87 23.59 93.99
N ALA MB 93 -36.03 23.31 93.00
CA ALA MB 93 -34.61 23.63 93.10
C ALA MB 93 -34.38 25.12 93.26
N LEU MB 94 -35.20 25.95 92.64
CA LEU MB 94 -35.06 27.40 92.79
C LEU MB 94 -35.37 27.83 94.21
N LEU MB 95 -36.44 27.29 94.80
CA LEU MB 95 -36.76 27.63 96.18
C LEU MB 95 -35.64 27.21 97.12
N ASP MB 96 -35.14 25.98 96.96
CA ASP MB 96 -34.05 25.51 97.81
C ASP MB 96 -32.80 26.38 97.62
N HIS MB 97 -32.51 26.74 96.36
CA HIS MB 97 -31.36 27.60 96.05
C HIS MB 97 -31.50 28.96 96.72
N LEU MB 98 -32.67 29.58 96.60
CA LEU MB 98 -32.88 30.90 97.20
C LEU MB 98 -32.76 30.86 98.71
N HIS MB 99 -33.33 29.83 99.34
CA HIS MB 99 -33.25 29.73 100.80
C HIS MB 99 -31.82 29.52 101.27
N ASN MB 100 -31.06 28.66 100.57
CA ASN MB 100 -29.68 28.44 100.98
C ASN MB 100 -28.83 29.68 100.73
N LEU MB 101 -29.07 30.37 99.60
CA LEU MB 101 -28.40 31.63 99.34
C LEU MB 101 -28.66 32.62 100.46
N GLY MB 102 -29.91 32.71 100.93
CA GLY MB 102 -30.21 33.56 102.05
C GLY MB 102 -29.47 33.15 103.32
N LEU MB 103 -29.37 31.84 103.56
CA LEU MB 103 -28.58 31.36 104.69
C LEU MB 103 -27.14 31.84 104.60
N ALA MB 104 -26.61 31.98 103.39
CA ALA MB 104 -25.19 32.29 103.24
C ALA MB 104 -24.87 33.77 103.03
N ARG MB 105 -25.86 34.60 102.67
CA ARG MB 105 -25.52 35.91 102.10
C ARG MB 105 -24.80 36.81 103.09
N ASP MB 106 -25.17 36.73 104.37
CA ASP MB 106 -24.54 37.62 105.33
C ASP MB 106 -23.05 37.33 105.47
N ASP MB 107 -22.65 36.06 105.32
CA ASP MB 107 -21.23 35.73 105.25
C ASP MB 107 -20.63 36.12 103.91
N LEU MB 108 -21.34 35.85 102.82
CA LEU MB 108 -20.73 36.01 101.49
C LEU MB 108 -20.46 37.46 101.15
N VAL MB 109 -21.38 38.38 101.47
CA VAL MB 109 -21.14 39.78 101.15
C VAL MB 109 -20.08 40.39 102.05
N ALA MB 110 -19.76 39.74 103.17
CA ALA MB 110 -18.73 40.21 104.08
C ALA MB 110 -17.37 39.56 103.82
N GLY MB 111 -17.25 38.79 102.75
CA GLY MB 111 -16.00 38.14 102.41
C GLY MB 111 -15.71 36.87 103.18
N LEU MB 112 -16.64 36.40 104.00
CA LEU MB 112 -16.45 35.20 104.81
C LEU MB 112 -17.07 34.00 104.11
N LEU MB 113 -16.32 32.91 104.00
CA LEU MB 113 -16.87 31.68 103.46
C LEU MB 113 -17.81 31.06 104.48
N PRO MB 114 -19.06 30.79 104.11
CA PRO MB 114 -20.05 30.37 105.12
C PRO MB 114 -19.78 28.97 105.65
N THR MB 115 -18.85 28.87 106.59
CA THR MB 115 -18.47 27.57 107.16
C THR MB 115 -19.59 26.98 108.00
N THR MB 116 -20.44 27.82 108.58
CA THR MB 116 -21.35 27.42 109.64
C THR MB 116 -22.80 27.24 109.17
N ILE MB 117 -23.08 27.35 107.88
CA ILE MB 117 -24.45 27.28 107.41
C ILE MB 117 -24.85 25.83 107.19
N GLN MB 118 -26.16 25.59 107.14
CA GLN MB 118 -26.73 24.26 106.98
C GLN MB 118 -27.69 24.25 105.80
N PRO MB 119 -27.21 23.93 104.60
CA PRO MB 119 -28.10 23.88 103.44
C PRO MB 119 -29.07 22.72 103.52
N VAL MB 120 -30.26 22.94 102.97
CA VAL MB 120 -31.37 21.99 103.07
C VAL MB 120 -31.87 21.64 101.66
N VAL MB 121 -32.71 20.61 101.60
CA VAL MB 121 -33.46 20.24 100.41
C VAL MB 121 -34.93 20.25 100.78
N GLU MB 122 -35.78 20.72 99.85
CA GLU MB 122 -37.23 20.74 100.04
C GLU MB 122 -37.62 21.61 101.24
N TYR MB 123 -37.28 22.90 101.14
CA TYR MB 123 -37.57 23.83 102.23
C TYR MB 123 -39.07 24.00 102.45
N THR MB 124 -39.48 24.03 103.71
CA THR MB 124 -40.87 24.16 104.10
C THR MB 124 -41.02 25.10 105.31
N ALA NB 1 -6.30 2.09 129.58
CA ALA NB 1 -6.38 3.53 129.76
C ALA NB 1 -7.56 4.11 128.97
N GLN NB 2 -7.81 3.50 127.80
CA GLN NB 2 -8.84 3.93 126.86
C GLN NB 2 -8.78 5.43 126.57
N HIS NB 3 -7.55 5.94 126.47
CA HIS NB 3 -7.35 7.26 125.88
C HIS NB 3 -7.66 7.19 124.39
N ASN NB 4 -8.54 8.07 123.92
CA ASN NB 4 -9.00 8.00 122.54
C ASN NB 4 -8.08 8.77 121.59
N MET NB 5 -8.05 8.33 120.34
CA MET NB 5 -7.10 8.85 119.36
C MET NB 5 -7.40 10.30 119.03
N ARG NB 6 -6.38 11.01 118.56
CA ARG NB 6 -6.52 12.41 118.21
C ARG NB 6 -6.11 12.65 116.76
N LEU NB 7 -6.66 13.69 116.16
CA LEU NB 7 -6.64 13.84 114.71
C LEU NB 7 -5.31 14.37 114.20
N GLN NB 8 -4.83 13.78 113.10
CA GLN NB 8 -3.55 14.14 112.50
C GLN NB 8 -3.66 14.66 111.07
N LEU NB 9 -4.40 13.96 110.19
CA LEU NB 9 -4.44 14.30 108.76
C LEU NB 9 -5.87 14.26 108.25
N THR NB 10 -6.28 15.35 107.59
CA THR NB 10 -7.61 15.43 106.96
C THR NB 10 -7.42 15.75 105.48
N SER NB 11 -8.15 15.03 104.62
CA SER NB 11 -7.95 15.18 103.19
C SER NB 11 -9.25 15.30 102.40
N GLY NB 12 -10.41 15.29 103.06
CA GLY NB 12 -11.68 15.30 102.36
C GLY NB 12 -11.97 13.96 101.73
N THR NB 13 -10.93 13.14 101.59
CA THR NB 13 -11.03 11.76 101.18
C THR NB 13 -10.37 10.80 102.16
N SER NB 14 -9.42 11.27 102.98
CA SER NB 14 -8.72 10.46 103.95
C SER NB 14 -8.74 11.13 105.31
N LEU NB 15 -8.90 10.33 106.36
CA LEU NB 15 -8.78 10.80 107.72
C LEU NB 15 -7.76 9.92 108.43
N THR NB 16 -6.88 10.54 109.21
CA THR NB 16 -5.78 9.84 109.85
C THR NB 16 -5.68 10.34 111.28
N TRP NB 17 -6.02 9.48 112.23
CA TRP NB 17 -5.87 9.74 113.66
C TRP NB 17 -4.68 8.95 114.19
N VAL NB 18 -4.11 9.45 115.29
CA VAL NB 18 -2.94 8.83 115.89
C VAL NB 18 -3.15 8.74 117.41
N ASP NB 19 -2.55 7.72 118.01
CA ASP NB 19 -2.48 7.59 119.46
C ASP NB 19 -1.58 8.68 120.01
N PRO NB 20 -2.08 9.58 120.85
CA PRO NB 20 -1.24 10.66 121.38
C PRO NB 20 -0.03 10.18 122.18
N ASN NB 21 -0.06 8.96 122.71
CA ASN NB 21 1.11 8.42 123.41
C ASN NB 21 2.10 7.78 122.44
N ASP NB 22 1.61 6.86 121.62
CA ASP NB 22 2.45 6.08 120.70
C ASP NB 22 2.12 6.50 119.27
N PHE NB 23 3.07 7.17 118.62
CA PHE NB 23 2.89 7.58 117.23
C PHE NB 23 2.96 6.42 116.25
N ARG NB 24 3.31 5.22 116.73
CA ARG NB 24 3.39 4.06 115.84
C ARG NB 24 2.01 3.50 115.50
N SER NB 25 1.00 3.75 116.33
CA SER NB 25 -0.35 3.21 116.12
C SER NB 25 -1.23 4.31 115.55
N THR NB 26 -1.65 4.12 114.30
CA THR NB 26 -2.45 5.07 113.56
C THR NB 26 -3.73 4.41 113.05
N PHE NB 27 -4.66 5.24 112.62
CA PHE NB 27 -5.97 4.77 112.16
C PHE NB 27 -6.43 5.68 111.04
N ARG NB 28 -6.54 5.14 109.83
CA ARG NB 28 -6.97 5.89 108.66
C ARG NB 28 -8.28 5.34 108.14
N ILE NB 29 -9.12 6.24 107.64
CA ILE NB 29 -10.34 5.89 106.90
C ILE NB 29 -10.26 6.60 105.55
N ASN NB 30 -10.36 5.82 104.48
CA ASN NB 30 -10.37 6.33 103.12
C ASN NB 30 -11.73 5.99 102.49
N LEU NB 31 -12.26 6.94 101.73
CA LEU NB 31 -13.55 6.78 101.09
C LEU NB 31 -13.45 7.26 99.65
N ASN NB 32 -14.01 6.47 98.73
CA ASN NB 32 -14.00 6.85 97.31
C ASN NB 32 -15.35 6.50 96.71
N VAL NB 33 -16.06 7.52 96.24
CA VAL NB 33 -17.37 7.35 95.62
C VAL NB 33 -17.22 7.63 94.13
N ASN NB 34 -17.84 6.79 93.31
CA ASN NB 34 -17.85 6.98 91.86
C ASN NB 34 -18.95 6.10 91.27
N GLN NB 35 -19.36 6.43 90.05
CA GLN NB 35 -20.47 5.68 89.47
C GLN NB 35 -20.01 4.31 88.98
N LYS NB 36 -20.99 3.43 88.83
CA LYS NB 36 -20.77 2.04 88.45
C LYS NB 36 -21.98 1.58 87.65
N VAL NB 37 -21.74 0.72 86.67
CA VAL NB 37 -22.79 0.23 85.80
C VAL NB 37 -23.12 -1.20 86.22
N ALA NB 38 -24.27 -1.38 86.86
CA ALA NB 38 -24.81 -2.68 87.20
C ALA NB 38 -25.91 -2.99 86.18
N GLY NB 39 -25.64 -3.93 85.29
CA GLY NB 39 -26.56 -4.22 84.21
C GLY NB 39 -26.78 -3.01 83.34
N ALA NB 40 -28.01 -2.48 83.34
CA ALA NB 40 -28.37 -1.30 82.59
C ALA NB 40 -28.63 -0.09 83.47
N VAL NB 41 -28.20 -0.12 84.73
CA VAL NB 41 -28.48 0.95 85.68
C VAL NB 41 -27.18 1.42 86.31
N SER NB 42 -26.97 2.73 86.33
CA SER NB 42 -25.80 3.30 86.99
C SER NB 42 -26.16 3.64 88.43
N VAL NB 43 -25.28 3.23 89.36
CA VAL NB 43 -25.45 3.49 90.77
C VAL NB 43 -24.13 4.01 91.32
N TYR NB 44 -24.22 4.77 92.40
CA TYR NB 44 -23.04 5.34 93.05
C TYR NB 44 -22.43 4.30 93.99
N ASN NB 45 -21.30 3.73 93.59
CA ASN NB 45 -20.54 2.80 94.40
C ASN NB 45 -19.58 3.57 95.30
N ALA NB 46 -19.59 3.24 96.59
CA ALA NB 46 -18.64 3.75 97.55
C ALA NB 46 -17.73 2.60 97.98
N ARG NB 47 -16.43 2.81 97.92
CA ARG NB 47 -15.43 1.90 98.47
C ARG NB 47 -14.78 2.60 99.66
N SER NB 48 -15.03 2.06 100.84
CA SER NB 48 -14.44 2.56 102.08
C SER NB 48 -13.42 1.55 102.56
N GLU NB 49 -12.21 2.01 102.87
CA GLU NB 49 -11.24 1.17 103.54
C GLU NB 49 -10.81 1.79 104.86
N VAL NB 50 -10.67 0.94 105.87
CA VAL NB 50 -10.37 1.34 107.24
C VAL NB 50 -9.10 0.58 107.64
N ILE NB 51 -8.01 1.32 107.83
CA ILE NB 51 -6.68 0.75 108.04
C ILE NB 51 -6.18 1.18 109.42
N THR NB 52 -5.99 0.22 110.31
CA THR NB 52 -5.32 0.48 111.59
C THR NB 52 -3.94 -0.17 111.56
N ASN NB 53 -2.92 0.63 111.87
CA ASN NB 53 -1.52 0.23 111.77
C ASN NB 53 -0.86 0.37 113.14
N ARG NB 54 -0.03 -0.59 113.52
CA ARG NB 54 0.67 -0.53 114.78
C ARG NB 54 2.06 -1.13 114.62
N ALA NB 55 2.91 -0.86 115.61
CA ALA NB 55 4.29 -1.33 115.62
C ALA NB 55 4.63 -1.87 117.00
N PRO NB 56 4.22 -3.11 117.30
CA PRO NB 56 4.56 -3.70 118.59
C PRO NB 56 6.04 -4.08 118.65
N LEU NB 57 6.52 -4.23 119.88
CA LEU NB 57 7.88 -4.70 120.11
C LEU NB 57 7.88 -6.21 120.29
N VAL NB 58 8.91 -6.86 119.76
CA VAL NB 58 9.08 -8.30 119.95
C VAL NB 58 9.69 -8.51 121.34
N VAL NB 59 8.89 -9.05 122.25
CA VAL NB 59 9.30 -9.25 123.63
C VAL NB 59 9.98 -10.60 123.76
N ILE NB 60 11.29 -10.59 124.01
CA ILE NB 60 12.03 -11.80 124.37
C ILE NB 60 12.43 -11.70 125.83
N GLU NB 61 12.03 -12.69 126.62
CA GLU NB 61 12.45 -12.78 128.00
C GLU NB 61 13.96 -12.99 128.08
N GLY NB 62 14.60 -12.34 129.05
CA GLY NB 62 16.03 -12.41 129.19
C GLY NB 62 16.79 -11.44 128.31
N CYS NB 63 16.10 -10.73 127.42
CA CYS NB 63 16.71 -9.75 126.53
C CYS NB 63 16.12 -8.38 126.84
N THR NB 64 16.85 -7.59 127.61
CA THR NB 64 16.50 -6.18 127.80
C THR NB 64 16.72 -5.45 126.49
N ASP NB 65 15.63 -5.15 125.79
CA ASP NB 65 15.69 -4.53 124.46
C ASP NB 65 15.88 -3.02 124.61
N ALA NB 66 17.05 -2.67 125.15
CA ALA NB 66 17.48 -1.29 125.12
C ALA NB 66 17.50 -0.81 123.68
N CYS NB 67 17.01 0.41 123.48
CA CYS NB 67 16.87 1.11 122.20
C CYS NB 67 15.62 0.64 121.46
N SER NB 68 14.92 -0.38 121.95
CA SER NB 68 13.69 -0.90 121.33
C SER NB 68 13.89 -1.17 119.84
N VAL NB 69 14.91 -1.98 119.54
CA VAL NB 69 15.26 -2.24 118.15
C VAL NB 69 14.43 -3.39 117.57
N ASN NB 70 14.14 -4.41 118.38
CA ASN NB 70 13.31 -5.53 117.93
C ASN NB 70 11.86 -5.07 117.88
N ARG NB 71 11.41 -4.64 116.71
CA ARG NB 71 10.07 -4.09 116.56
C ARG NB 71 9.43 -4.62 115.29
N GLU NB 72 8.12 -4.85 115.38
CA GLU NB 72 7.32 -5.49 114.35
C GLU NB 72 6.22 -4.56 113.87
N ASN NB 73 5.87 -4.65 112.58
CA ASN NB 73 4.71 -3.96 112.04
C ASN NB 73 3.53 -4.93 111.99
N ILE NB 74 2.38 -4.48 112.49
CA ILE NB 74 1.13 -5.22 112.38
C ILE NB 74 0.07 -4.30 111.80
N SER NB 75 -0.88 -4.90 111.07
CA SER NB 75 -1.90 -4.10 110.40
C SER NB 75 -3.21 -4.85 110.25
N ILE NB 76 -4.31 -4.15 110.47
CA ILE NB 76 -5.64 -4.68 110.28
C ILE NB 76 -6.41 -3.72 109.37
N ARG NB 77 -6.87 -4.23 108.25
CA ARG NB 77 -7.46 -3.44 107.18
C ARG NB 77 -8.83 -4.02 106.82
N THR NB 78 -9.76 -3.16 106.44
CA THR NB 78 -11.12 -3.60 106.11
C THR NB 78 -11.66 -2.77 104.94
N THR NB 79 -11.97 -3.44 103.84
CA THR NB 79 -12.49 -2.80 102.64
C THR NB 79 -13.96 -3.17 102.45
N ILE NB 80 -14.78 -2.18 102.08
CA ILE NB 80 -16.22 -2.32 101.96
C ILE NB 80 -16.59 -1.57 100.70
N SER NB 81 -16.86 -2.30 99.62
CA SER NB 81 -17.20 -1.70 98.33
C SER NB 81 -18.60 -2.12 97.93
N GLY NB 82 -19.49 -1.13 97.79
CA GLY NB 82 -20.87 -1.42 97.43
C GLY NB 82 -21.63 -0.15 97.12
N SER NB 83 -22.81 -0.32 96.53
CA SER NB 83 -23.64 0.82 96.19
C SER NB 83 -24.17 1.49 97.46
N VAL NB 84 -24.25 2.82 97.40
CA VAL NB 84 -25.00 3.53 98.42
C VAL NB 84 -26.47 3.15 98.35
N GLU NB 85 -26.95 2.81 97.15
CA GLU NB 85 -28.35 2.44 97.00
C GLU NB 85 -28.66 1.10 97.67
N ASN NB 86 -27.79 0.10 97.52
CA ASN NB 86 -27.97 -1.18 98.19
C ASN NB 86 -27.27 -1.22 99.55
N LYS NB 87 -27.12 -0.08 100.20
CA LYS NB 87 -26.46 -0.05 101.50
C LYS NB 87 -27.14 -0.95 102.51
N ALA NB 88 -28.40 -1.31 102.29
CA ALA NB 88 -29.06 -2.28 103.16
C ALA NB 88 -28.38 -3.65 103.09
N ALA NB 89 -28.22 -4.17 101.87
CA ALA NB 89 -27.52 -5.45 101.71
C ALA NB 89 -26.05 -5.32 102.07
N VAL NB 90 -25.47 -4.14 101.86
CA VAL NB 90 -24.08 -3.92 102.31
C VAL NB 90 -23.98 -4.10 103.81
N LEU NB 91 -24.91 -3.51 104.57
CA LEU NB 91 -24.86 -3.61 106.03
C LEU NB 91 -25.19 -5.01 106.51
N ALA NB 92 -26.12 -5.70 105.85
CA ALA NB 92 -26.36 -7.10 106.16
C ALA NB 92 -25.09 -7.92 105.97
N ALA NB 93 -24.41 -7.70 104.85
CA ALA NB 93 -23.13 -8.36 104.59
C ALA NB 93 -22.09 -8.00 105.64
N LEU NB 94 -22.10 -6.76 106.11
CA LEU NB 94 -21.13 -6.35 107.13
C LEU NB 94 -21.38 -7.07 108.44
N LEU NB 95 -22.64 -7.17 108.86
CA LEU NB 95 -22.97 -7.90 110.08
C LEU NB 95 -22.53 -9.36 109.98
N ASP NB 96 -22.91 -10.02 108.88
CA ASP NB 96 -22.53 -11.42 108.71
C ASP NB 96 -21.02 -11.58 108.65
N HIS NB 97 -20.34 -10.64 108.01
CA HIS NB 97 -18.87 -10.64 107.93
C HIS NB 97 -18.25 -10.53 109.31
N LEU NB 98 -18.72 -9.56 110.11
CA LEU NB 98 -18.17 -9.36 111.44
C LEU NB 98 -18.37 -10.59 112.32
N HIS NB 99 -19.56 -11.19 112.24
CA HIS NB 99 -19.83 -12.37 113.07
C HIS NB 99 -18.97 -13.55 112.66
N ASN NB 100 -18.79 -13.77 111.35
CA ASN NB 100 -17.96 -14.88 110.92
C ASN NB 100 -16.48 -14.62 111.24
N LEU NB 101 -16.04 -13.38 111.08
CA LEU NB 101 -14.71 -13.00 111.53
C LEU NB 101 -14.53 -13.34 113.00
N GLY NB 102 -15.51 -12.99 113.82
CA GLY NB 102 -15.44 -13.33 115.24
C GLY NB 102 -15.39 -14.83 115.48
N LEU NB 103 -16.05 -15.61 114.62
CA LEU NB 103 -15.92 -17.06 114.73
C LEU NB 103 -14.48 -17.52 114.50
N ALA NB 104 -13.81 -16.91 113.52
CA ALA NB 104 -12.47 -17.36 113.18
C ALA NB 104 -11.35 -16.63 113.93
N ARG NB 105 -11.68 -15.60 114.71
CA ARG NB 105 -10.67 -14.63 115.15
C ARG NB 105 -9.61 -15.26 116.04
N ASP NB 106 -9.98 -16.26 116.82
CA ASP NB 106 -9.01 -16.83 117.73
C ASP NB 106 -8.05 -17.77 116.99
N ASP NB 107 -8.58 -18.57 116.06
CA ASP NB 107 -7.73 -19.45 115.27
C ASP NB 107 -6.79 -18.66 114.38
N LEU NB 108 -7.32 -17.67 113.65
CA LEU NB 108 -6.54 -16.98 112.63
C LEU NB 108 -5.34 -16.25 113.24
N VAL NB 109 -5.53 -15.63 114.41
CA VAL NB 109 -4.44 -14.84 114.98
C VAL NB 109 -3.35 -15.75 115.54
N ALA NB 110 -3.67 -17.01 115.84
CA ALA NB 110 -2.69 -17.97 116.30
C ALA NB 110 -2.00 -18.70 115.15
N GLY NB 111 -2.27 -18.31 113.91
CA GLY NB 111 -1.63 -18.93 112.76
C GLY NB 111 -2.21 -20.25 112.32
N LEU NB 112 -3.46 -20.53 112.68
CA LEU NB 112 -4.07 -21.82 112.46
C LEU NB 112 -5.32 -21.67 111.58
N LEU NB 113 -5.43 -22.49 110.55
CA LEU NB 113 -6.58 -22.41 109.66
C LEU NB 113 -7.84 -22.82 110.41
N PRO NB 114 -8.88 -21.98 110.44
CA PRO NB 114 -10.11 -22.31 111.21
C PRO NB 114 -10.95 -23.37 110.50
N THR NB 115 -10.42 -24.59 110.46
CA THR NB 115 -11.12 -25.68 109.80
C THR NB 115 -12.41 -26.07 110.51
N THR NB 116 -12.54 -25.74 111.80
CA THR NB 116 -13.66 -26.20 112.59
C THR NB 116 -14.89 -25.30 112.51
N ILE NB 117 -14.70 -23.98 112.32
CA ILE NB 117 -15.83 -23.06 112.41
C ILE NB 117 -16.83 -23.32 111.29
N GLN NB 118 -18.04 -22.80 111.48
CA GLN NB 118 -19.10 -22.86 110.48
C GLN NB 118 -19.75 -21.50 110.34
N PRO NB 119 -19.52 -20.78 109.26
CA PRO NB 119 -20.09 -19.43 109.11
C PRO NB 119 -21.59 -19.49 108.88
N VAL NB 120 -22.19 -18.29 108.90
CA VAL NB 120 -23.64 -18.14 108.90
C VAL NB 120 -24.02 -16.99 107.96
N VAL NB 121 -25.22 -17.07 107.38
CA VAL NB 121 -25.87 -15.95 106.71
C VAL NB 121 -27.01 -15.47 107.60
N GLU NB 122 -27.21 -14.16 107.64
CA GLU NB 122 -28.35 -13.55 108.33
C GLU NB 122 -28.30 -13.80 109.84
N TYR NB 123 -27.16 -13.48 110.46
CA TYR NB 123 -27.07 -13.64 111.91
C TYR NB 123 -28.12 -12.81 112.62
N THR NB 124 -28.68 -13.38 113.69
CA THR NB 124 -29.73 -12.73 114.46
C THR NB 124 -29.48 -12.92 115.96
N ALA OB 1 -61.00 24.89 -56.62
CA ALA OB 1 -61.01 23.79 -57.57
C ALA OB 1 -61.74 22.58 -57.02
N GLN OB 2 -61.78 22.45 -55.69
CA GLN OB 2 -62.53 21.38 -55.02
C GLN OB 2 -62.04 20.00 -55.48
N HIS OB 3 -60.73 19.86 -55.68
CA HIS OB 3 -60.15 18.58 -56.00
C HIS OB 3 -59.72 17.89 -54.72
N ASN OB 4 -60.16 16.65 -54.55
CA ASN OB 4 -59.88 15.90 -53.33
C ASN OB 4 -58.46 15.34 -53.33
N MET OB 5 -57.90 15.21 -52.13
CA MET OB 5 -56.51 14.79 -51.94
C MET OB 5 -56.34 13.32 -52.30
N ARG OB 6 -55.11 12.95 -52.68
CA ARG OB 6 -54.81 11.57 -52.99
C ARG OB 6 -53.81 11.03 -51.98
N LEU OB 7 -53.98 9.75 -51.64
CA LEU OB 7 -53.27 9.15 -50.51
C LEU OB 7 -51.83 8.82 -50.86
N GLN OB 8 -50.94 9.03 -49.89
CA GLN OB 8 -49.51 8.83 -50.10
C GLN OB 8 -48.87 7.83 -49.13
N LEU OB 9 -49.25 7.83 -47.86
CA LEU OB 9 -48.59 6.97 -46.88
C LEU OB 9 -49.58 6.32 -45.93
N THR OB 10 -49.53 4.99 -45.83
CA THR OB 10 -50.34 4.22 -44.88
C THR OB 10 -49.44 3.45 -43.94
N SER OB 11 -49.77 3.49 -42.64
CA SER OB 11 -48.93 2.84 -41.65
C SER OB 11 -49.69 2.07 -40.57
N GLY OB 12 -51.02 2.02 -40.63
CA GLY OB 12 -51.78 1.37 -39.58
C GLY OB 12 -51.87 2.19 -38.31
N THR OB 13 -51.00 3.19 -38.21
CA THR OB 13 -51.07 4.19 -37.16
C THR OB 13 -51.12 5.62 -37.70
N SER OB 14 -50.75 5.84 -38.96
CA SER OB 14 -50.87 7.15 -39.58
C SER OB 14 -51.44 7.00 -40.98
N LEU OB 15 -51.99 8.09 -41.47
CA LEU OB 15 -52.42 8.23 -42.86
C LEU OB 15 -51.94 9.58 -43.35
N THR OB 16 -51.45 9.60 -44.59
CA THR OB 16 -50.81 10.80 -45.14
C THR OB 16 -51.30 10.99 -46.57
N TRP OB 17 -52.23 11.92 -46.75
CA TRP OB 17 -52.72 12.35 -48.06
C TRP OB 17 -51.98 13.62 -48.49
N VAL OB 18 -51.99 13.84 -49.81
CA VAL OB 18 -51.30 14.99 -50.39
C VAL OB 18 -52.15 15.55 -51.53
N ASP OB 19 -52.07 16.86 -51.72
CA ASP OB 19 -52.66 17.52 -52.88
C ASP OB 19 -51.90 17.12 -54.13
N PRO OB 20 -52.52 16.46 -55.10
CA PRO OB 20 -51.79 16.07 -56.31
C PRO OB 20 -51.17 17.24 -57.07
N ASN OB 21 -51.74 18.44 -56.94
CA ASN OB 21 -51.19 19.61 -57.61
C ASN OB 21 -49.99 20.18 -56.84
N ASP OB 22 -50.20 20.48 -55.55
CA ASP OB 22 -49.16 21.03 -54.69
C ASP OB 22 -48.77 19.96 -53.67
N PHE OB 23 -47.58 19.40 -53.82
CA PHE OB 23 -47.05 18.47 -52.82
C PHE OB 23 -46.74 19.14 -51.49
N ARG OB 24 -46.80 20.48 -51.40
CA ARG OB 24 -46.47 21.16 -50.17
C ARG OB 24 -47.62 21.15 -49.16
N SER OB 25 -48.84 20.75 -49.57
CA SER OB 25 -49.99 20.69 -48.68
C SER OB 25 -50.28 19.23 -48.33
N THR OB 26 -49.93 18.84 -47.11
CA THR OB 26 -50.05 17.50 -46.59
C THR OB 26 -51.22 17.44 -45.62
N PHE OB 27 -51.80 16.25 -45.47
CA PHE OB 27 -52.84 16.02 -44.47
C PHE OB 27 -52.60 14.65 -43.84
N ARG OB 28 -52.24 14.64 -42.55
CA ARG OB 28 -51.94 13.41 -41.82
C ARG OB 28 -52.93 13.23 -40.68
N ILE OB 29 -53.26 11.96 -40.41
CA ILE OB 29 -54.05 11.56 -39.26
C ILE OB 29 -53.26 10.47 -38.51
N ASN OB 30 -53.02 10.69 -37.22
CA ASN OB 30 -52.33 9.75 -36.36
C ASN OB 30 -53.31 9.30 -35.29
N LEU OB 31 -53.47 7.99 -35.14
CA LEU OB 31 -54.36 7.43 -34.11
C LEU OB 31 -53.55 6.46 -33.25
N ASN OB 32 -53.53 6.70 -31.95
CA ASN OB 32 -52.83 5.83 -31.02
C ASN OB 32 -53.80 5.41 -29.93
N VAL OB 33 -53.89 4.11 -29.68
CA VAL OB 33 -54.81 3.58 -28.69
C VAL OB 33 -54.04 2.78 -27.66
N ASN OB 34 -54.39 2.98 -26.39
CA ASN OB 34 -53.79 2.23 -25.29
C ASN OB 34 -54.72 2.30 -24.08
N GLN OB 35 -54.57 1.34 -23.18
CA GLN OB 35 -55.43 1.29 -22.00
C GLN OB 35 -54.99 2.30 -20.96
N LYS OB 36 -55.96 2.96 -20.35
CA LYS OB 36 -55.73 3.84 -19.21
C LYS OB 36 -56.62 3.37 -18.07
N VAL OB 37 -56.35 3.88 -16.88
CA VAL OB 37 -57.14 3.55 -15.70
C VAL OB 37 -58.02 4.76 -15.39
N ALA OB 38 -59.32 4.62 -15.58
CA ALA OB 38 -60.28 5.66 -15.22
C ALA OB 38 -60.94 5.22 -13.92
N GLY OB 39 -60.59 5.91 -12.83
CA GLY OB 39 -61.17 5.62 -11.54
C GLY OB 39 -61.04 4.16 -11.15
N ALA OB 40 -62.16 3.45 -11.17
CA ALA OB 40 -62.19 2.06 -10.73
C ALA OB 40 -61.89 1.07 -11.83
N VAL OB 41 -62.10 1.42 -13.10
CA VAL OB 41 -62.02 0.44 -14.17
C VAL OB 41 -61.11 0.97 -15.27
N SER OB 42 -60.53 0.04 -16.04
CA SER OB 42 -59.70 0.41 -17.17
C SER OB 42 -60.56 0.66 -18.40
N VAL OB 43 -60.14 1.65 -19.20
CA VAL OB 43 -60.82 2.01 -20.44
C VAL OB 43 -59.76 2.13 -21.54
N TYR OB 44 -60.22 2.26 -22.78
CA TYR OB 44 -59.35 2.37 -23.95
C TYR OB 44 -59.29 3.82 -24.39
N ASN OB 45 -58.15 4.48 -24.13
CA ASN OB 45 -57.93 5.85 -24.55
C ASN OB 45 -57.38 5.87 -25.98
N ALA OB 46 -57.89 6.78 -26.80
CA ALA OB 46 -57.50 6.93 -28.19
C ALA OB 46 -57.12 8.39 -28.42
N ARG OB 47 -55.82 8.64 -28.51
CA ARG OB 47 -55.31 9.96 -28.86
C ARG OB 47 -55.25 10.02 -30.38
N SER OB 48 -56.21 10.72 -30.97
CA SER OB 48 -56.17 11.07 -32.37
C SER OB 48 -55.51 12.43 -32.51
N GLU OB 49 -54.81 12.63 -33.62
CA GLU OB 49 -54.40 13.97 -34.01
C GLU OB 49 -54.45 14.09 -35.52
N VAL OB 50 -54.85 15.28 -35.97
CA VAL OB 50 -55.07 15.58 -37.37
C VAL OB 50 -54.26 16.82 -37.70
N ILE OB 51 -53.25 16.65 -38.56
CA ILE OB 51 -52.29 17.70 -38.86
C ILE OB 51 -52.40 18.02 -40.34
N THR OB 52 -52.70 19.29 -40.66
CA THR OB 52 -52.67 19.76 -42.04
C THR OB 52 -51.54 20.77 -42.17
N ASN OB 53 -50.67 20.53 -43.16
CA ASN OB 53 -49.45 21.31 -43.38
C ASN OB 53 -49.53 21.94 -44.76
N ARG OB 54 -49.10 23.20 -44.88
CA ARG OB 54 -49.06 23.85 -46.17
C ARG OB 54 -47.86 24.79 -46.21
N ALA OB 55 -47.55 25.24 -47.43
CA ALA OB 55 -46.43 26.16 -47.66
C ALA OB 55 -46.87 27.20 -48.69
N PRO OB 56 -47.74 28.12 -48.30
CA PRO OB 56 -48.14 29.18 -49.22
C PRO OB 56 -46.99 30.13 -49.49
N LEU OB 57 -47.09 30.86 -50.59
CA LEU OB 57 -46.05 31.77 -51.00
C LEU OB 57 -46.26 33.14 -50.38
N VAL OB 58 -45.19 33.75 -49.91
CA VAL OB 58 -45.23 35.08 -49.32
C VAL OB 58 -45.01 36.09 -50.44
N VAL OB 59 -46.02 36.93 -50.68
CA VAL OB 59 -46.01 37.85 -51.81
C VAL OB 59 -46.20 39.26 -51.29
N ILE OB 60 -45.23 40.13 -51.56
CA ILE OB 60 -45.34 41.57 -51.34
C ILE OB 60 -45.29 42.23 -52.71
N GLU OB 61 -46.38 42.91 -53.08
CA GLU OB 61 -46.61 43.26 -54.48
C GLU OB 61 -45.45 44.05 -55.07
N GLY OB 62 -44.91 45.01 -54.31
CA GLY OB 62 -43.78 45.78 -54.81
C GLY OB 62 -42.42 45.18 -54.57
N CYS OB 63 -42.35 44.12 -53.76
CA CYS OB 63 -41.09 43.66 -53.21
C CYS OB 63 -40.72 42.24 -53.60
N THR OB 64 -41.68 41.35 -53.81
CA THR OB 64 -41.42 39.91 -53.96
C THR OB 64 -41.09 39.63 -55.42
N ASP OB 65 -39.84 39.26 -55.68
CA ASP OB 65 -39.45 38.78 -56.99
C ASP OB 65 -40.14 37.46 -57.28
N ALA OB 66 -40.79 37.39 -58.45
CA ALA OB 66 -41.53 36.19 -58.80
C ALA OB 66 -40.61 35.02 -59.13
N CYS OB 67 -39.41 35.30 -59.61
CA CYS OB 67 -38.49 34.24 -60.01
C CYS OB 67 -38.00 33.45 -58.79
N SER OB 68 -37.59 34.16 -57.73
CA SER OB 68 -37.16 33.51 -56.50
C SER OB 68 -38.37 33.38 -55.58
N VAL OB 69 -38.88 32.16 -55.46
CA VAL OB 69 -40.07 31.92 -54.65
C VAL OB 69 -39.75 32.16 -53.18
N ASN OB 70 -40.70 32.76 -52.46
CA ASN OB 70 -40.59 32.97 -51.03
C ASN OB 70 -41.77 32.27 -50.39
N ARG OB 71 -41.52 31.17 -49.68
CA ARG OB 71 -42.57 30.37 -49.10
C ARG OB 71 -42.50 30.37 -47.57
N GLU OB 72 -43.65 30.09 -46.97
CA GLU OB 72 -43.84 30.07 -45.53
C GLU OB 72 -44.56 28.78 -45.16
N ASN OB 73 -44.07 28.09 -44.13
CA ASN OB 73 -44.80 26.95 -43.60
C ASN OB 73 -45.95 27.44 -42.71
N ILE OB 74 -47.14 26.88 -42.93
CA ILE OB 74 -48.28 27.09 -42.05
C ILE OB 74 -48.83 25.72 -41.66
N SER OB 75 -49.37 25.64 -40.44
CA SER OB 75 -49.81 24.35 -39.92
C SER OB 75 -51.03 24.52 -39.03
N ILE OB 76 -51.96 23.57 -39.15
CA ILE OB 76 -53.12 23.48 -38.26
C ILE OB 76 -53.20 22.05 -37.74
N ARG OB 77 -53.06 21.91 -36.43
CA ARG OB 77 -52.99 20.63 -35.75
C ARG OB 77 -54.17 20.51 -34.79
N THR OB 78 -54.69 19.31 -34.62
CA THR OB 78 -55.81 19.08 -33.70
C THR OB 78 -55.66 17.74 -33.00
N THR OB 79 -55.48 17.78 -31.68
CA THR OB 79 -55.34 16.60 -30.85
C THR OB 79 -56.63 16.35 -30.07
N ILE OB 80 -57.05 15.09 -30.01
CA ILE OB 80 -58.29 14.67 -29.37
C ILE OB 80 -57.97 13.40 -28.58
N SER OB 81 -57.87 13.51 -27.25
CA SER OB 81 -57.51 12.39 -26.39
C SER OB 81 -58.61 12.15 -25.37
N GLY OB 82 -59.23 10.97 -25.46
CA GLY OB 82 -60.26 10.51 -24.55
C GLY OB 82 -60.52 9.05 -24.84
N SER OB 83 -61.30 8.42 -23.95
CA SER OB 83 -61.56 6.99 -24.13
C SER OB 83 -62.59 6.74 -25.24
N VAL OB 84 -62.43 5.60 -25.91
CA VAL OB 84 -63.46 5.15 -26.84
C VAL OB 84 -64.71 4.75 -26.07
N GLU OB 85 -64.53 4.34 -24.81
CA GLU OB 85 -65.66 3.94 -23.98
C GLU OB 85 -66.63 5.10 -23.79
N ASN OB 86 -66.10 6.31 -23.60
CA ASN OB 86 -66.86 7.52 -23.27
C ASN OB 86 -66.89 8.49 -24.45
N LYS OB 87 -66.88 7.94 -25.68
CA LYS OB 87 -66.80 8.80 -26.85
C LYS OB 87 -68.01 9.72 -26.97
N ALA OB 88 -69.10 9.44 -26.25
CA ALA OB 88 -70.21 10.37 -26.19
C ALA OB 88 -69.77 11.71 -25.63
N ALA OB 89 -69.14 11.71 -24.46
CA ALA OB 89 -68.64 12.94 -23.88
C ALA OB 89 -67.43 13.48 -24.65
N VAL OB 90 -66.65 12.59 -25.28
CA VAL OB 90 -65.57 13.07 -26.16
C VAL OB 90 -66.14 13.97 -27.26
N LEU OB 91 -67.19 13.49 -27.95
CA LEU OB 91 -67.79 14.26 -29.04
C LEU OB 91 -68.53 15.49 -28.52
N ALA OB 92 -69.18 15.37 -27.36
CA ALA OB 92 -69.83 16.54 -26.78
C ALA OB 92 -68.82 17.62 -26.45
N ALA OB 93 -67.60 17.23 -26.09
CA ALA OB 93 -66.52 18.21 -25.92
C ALA OB 93 -66.03 18.72 -27.27
N LEU OB 94 -65.98 17.85 -28.29
CA LEU OB 94 -65.49 18.26 -29.60
C LEU OB 94 -66.37 19.35 -30.20
N LEU OB 95 -67.70 19.20 -30.08
CA LEU OB 95 -68.60 20.17 -30.68
C LEU OB 95 -68.42 21.55 -30.05
N ASP OB 96 -68.34 21.60 -28.72
CA ASP OB 96 -68.13 22.86 -28.03
C ASP OB 96 -66.78 23.46 -28.40
N HIS OB 97 -65.75 22.62 -28.50
CA HIS OB 97 -64.42 23.09 -28.90
C HIS OB 97 -64.45 23.71 -30.29
N LEU OB 98 -65.08 23.02 -31.25
CA LEU OB 98 -65.12 23.53 -32.62
C LEU OB 98 -65.88 24.84 -32.70
N HIS OB 99 -67.03 24.94 -32.02
CA HIS OB 99 -67.80 26.18 -32.05
C HIS OB 99 -67.04 27.33 -31.42
N ASN OB 100 -66.37 27.09 -30.30
CA ASN OB 100 -65.62 28.17 -29.65
C ASN OB 100 -64.42 28.58 -30.51
N LEU OB 101 -63.74 27.61 -31.12
CA LEU OB 101 -62.69 27.93 -32.07
C LEU OB 101 -63.23 28.81 -33.18
N GLY OB 102 -64.42 28.49 -33.70
CA GLY OB 102 -65.03 29.34 -34.71
C GLY OB 102 -65.27 30.76 -34.22
N LEU OB 103 -65.73 30.89 -32.97
CA LEU OB 103 -65.89 32.22 -32.39
C LEU OB 103 -64.57 32.99 -32.38
N ALA OB 104 -63.47 32.29 -32.13
CA ALA OB 104 -62.19 32.97 -31.98
C ALA OB 104 -61.43 33.19 -33.29
N ARG OB 105 -61.73 32.43 -34.35
CA ARG OB 105 -60.78 32.28 -35.45
C ARG OB 105 -60.50 33.60 -36.14
N ASP OB 106 -61.52 34.44 -36.28
CA ASP OB 106 -61.33 35.70 -36.98
C ASP OB 106 -60.33 36.58 -36.24
N ASP OB 107 -60.39 36.58 -34.91
CA ASP OB 107 -59.42 37.31 -34.11
C ASP OB 107 -58.05 36.64 -34.15
N LEU OB 108 -58.02 35.32 -34.08
CA LEU OB 108 -56.76 34.61 -33.92
C LEU OB 108 -55.90 34.69 -35.18
N VAL OB 109 -56.50 34.48 -36.36
CA VAL OB 109 -55.71 34.49 -37.58
C VAL OB 109 -55.16 35.87 -37.90
N ALA OB 110 -55.75 36.92 -37.31
CA ALA OB 110 -55.27 38.28 -37.49
C ALA OB 110 -54.29 38.72 -36.40
N GLY OB 111 -53.81 37.78 -35.58
CA GLY OB 111 -52.84 38.10 -34.56
C GLY OB 111 -53.38 38.85 -33.37
N LEU OB 112 -54.70 38.91 -33.19
CA LEU OB 112 -55.32 39.62 -32.10
C LEU OB 112 -55.77 38.66 -31.02
N LEU OB 113 -55.60 39.06 -29.77
CA LEU OB 113 -56.02 38.23 -28.65
C LEU OB 113 -57.54 38.31 -28.49
N PRO OB 114 -58.27 37.19 -28.61
CA PRO OB 114 -59.74 37.25 -28.61
C PRO OB 114 -60.30 37.61 -27.24
N THR OB 115 -60.17 38.87 -26.86
CA THR OB 115 -60.56 39.33 -25.53
C THR OB 115 -62.07 39.53 -25.39
N THR OB 116 -62.80 39.61 -26.50
CA THR OB 116 -64.23 39.88 -26.43
C THR OB 116 -65.09 38.63 -26.39
N ILE OB 117 -64.69 37.58 -27.13
CA ILE OB 117 -65.54 36.41 -27.34
C ILE OB 117 -65.95 35.78 -26.02
N GLN OB 118 -67.08 35.07 -26.03
CA GLN OB 118 -67.54 34.30 -24.88
C GLN OB 118 -67.85 32.88 -25.30
N PRO OB 119 -67.08 31.90 -24.82
CA PRO OB 119 -67.36 30.50 -25.18
C PRO OB 119 -68.60 29.97 -24.48
N VAL OB 120 -68.88 28.67 -24.67
CA VAL OB 120 -70.12 28.09 -24.17
C VAL OB 120 -69.93 26.59 -24.04
N VAL OB 121 -70.69 25.99 -23.11
CA VAL OB 121 -70.77 24.54 -22.96
C VAL OB 121 -72.11 24.09 -23.51
N GLU OB 122 -72.15 22.86 -24.03
CA GLU OB 122 -73.40 22.23 -24.48
C GLU OB 122 -74.11 23.08 -25.53
N TYR OB 123 -73.38 23.42 -26.59
CA TYR OB 123 -73.90 24.27 -27.65
C TYR OB 123 -75.04 23.57 -28.39
N THR OB 124 -76.19 24.24 -28.47
CA THR OB 124 -77.39 23.69 -29.09
C THR OB 124 -77.59 24.34 -30.45
N GLY OB 125 -77.46 23.56 -31.51
CA GLY OB 125 -77.71 24.02 -32.86
C GLY OB 125 -76.72 25.05 -33.38
N ALA PB 1 -77.89 22.34 -21.88
CA ALA PB 1 -78.32 23.54 -21.15
C ALA PB 1 -77.78 24.81 -21.81
N GLN PB 2 -76.64 24.67 -22.49
CA GLN PB 2 -75.94 25.77 -23.14
C GLN PB 2 -75.82 26.99 -22.22
N HIS PB 3 -75.26 26.75 -21.04
CA HIS PB 3 -74.83 27.82 -20.15
C HIS PB 3 -73.41 28.24 -20.55
N ASN PB 4 -73.26 29.45 -21.05
CA ASN PB 4 -71.99 29.87 -21.62
C ASN PB 4 -70.92 30.06 -20.53
N MET PB 5 -69.66 29.84 -20.92
CA MET PB 5 -68.56 29.79 -19.98
C MET PB 5 -68.27 31.17 -19.40
N ARG PB 6 -67.65 31.16 -18.22
CA ARG PB 6 -67.31 32.35 -17.48
C ARG PB 6 -65.80 32.59 -17.56
N LEU PB 7 -65.40 33.82 -17.84
CA LEU PB 7 -63.97 34.14 -17.82
C LEU PB 7 -63.41 33.92 -16.42
N GLN PB 8 -62.20 33.39 -16.36
CA GLN PB 8 -61.64 33.21 -15.03
C GLN PB 8 -60.25 33.81 -14.89
N LEU PB 9 -59.41 33.74 -15.92
CA LEU PB 9 -58.05 34.28 -15.78
C LEU PB 9 -57.50 34.82 -17.10
N THR PB 10 -56.92 36.01 -17.04
CA THR PB 10 -56.22 36.61 -18.17
C THR PB 10 -54.82 37.00 -17.68
N SER PB 11 -53.79 36.47 -18.33
CA SER PB 11 -52.42 36.81 -17.97
C SER PB 11 -51.49 36.50 -19.13
N GLY PB 12 -50.59 37.42 -19.42
CA GLY PB 12 -49.63 37.24 -20.49
C GLY PB 12 -50.28 37.18 -21.86
N THR PB 13 -50.25 36.00 -22.48
CA THR PB 13 -50.86 35.77 -23.79
C THR PB 13 -52.02 34.79 -23.72
N SER PB 14 -52.49 34.45 -22.52
CA SER PB 14 -53.48 33.39 -22.34
C SER PB 14 -54.80 33.95 -21.84
N LEU PB 15 -55.88 33.26 -22.21
CA LEU PB 15 -57.21 33.51 -21.68
C LEU PB 15 -57.77 32.17 -21.21
N THR PB 16 -58.42 32.18 -20.05
CA THR PB 16 -58.89 30.93 -19.43
C THR PB 16 -60.31 31.13 -18.92
N TRP PB 17 -61.25 30.45 -19.57
CA TRP PB 17 -62.65 30.38 -19.19
C TRP PB 17 -62.94 29.03 -18.54
N VAL PB 18 -64.04 28.98 -17.79
CA VAL PB 18 -64.43 27.78 -17.05
C VAL PB 18 -65.95 27.63 -17.10
N ASP PB 19 -66.39 26.39 -17.04
CA ASP PB 19 -67.82 26.07 -16.90
C ASP PB 19 -68.27 26.41 -15.49
N PRO PB 20 -69.24 27.33 -15.33
CA PRO PB 20 -69.69 27.68 -13.97
C PRO PB 20 -70.33 26.54 -13.21
N ASN PB 21 -70.64 25.42 -13.85
CA ASN PB 21 -71.25 24.31 -13.12
C ASN PB 21 -70.21 23.38 -12.51
N ASP PB 22 -69.28 22.86 -13.32
CA ASP PB 22 -68.12 22.19 -12.74
C ASP PB 22 -66.85 22.84 -13.25
N PHE PB 23 -65.88 22.94 -12.35
CA PHE PB 23 -64.57 23.53 -12.56
C PHE PB 23 -63.67 22.65 -13.42
N ARG PB 24 -64.15 21.47 -13.83
CA ARG PB 24 -63.33 20.49 -14.52
C ARG PB 24 -63.19 20.78 -16.00
N SER PB 25 -64.18 21.45 -16.60
CA SER PB 25 -64.16 21.74 -18.04
C SER PB 25 -63.79 23.20 -18.23
N THR PB 26 -62.61 23.42 -18.80
CA THR PB 26 -62.01 24.73 -18.99
C THR PB 26 -61.65 24.93 -20.45
N PHE PB 27 -61.35 26.19 -20.79
CA PHE PB 27 -61.11 26.57 -22.17
C PHE PB 27 -60.05 27.65 -22.18
N ARG PB 28 -58.91 27.40 -22.83
CA ARG PB 28 -57.79 28.33 -22.86
C ARG PB 28 -57.44 28.68 -24.29
N ILE PB 29 -57.00 29.92 -24.49
CA ILE PB 29 -56.48 30.38 -25.77
C ILE PB 29 -55.15 31.08 -25.52
N ASN PB 30 -54.10 30.60 -26.19
CA ASN PB 30 -52.77 31.21 -26.17
C ASN PB 30 -52.48 31.80 -27.55
N LEU PB 31 -51.84 32.96 -27.56
CA LEU PB 31 -51.52 33.67 -28.80
C LEU PB 31 -50.11 34.17 -28.72
N ASN PB 32 -49.26 33.75 -29.66
CA ASN PB 32 -47.85 34.15 -29.69
C ASN PB 32 -47.56 34.75 -31.06
N VAL PB 33 -47.43 36.06 -31.13
CA VAL PB 33 -47.13 36.77 -32.37
C VAL PB 33 -45.67 37.18 -32.33
N ASN PB 34 -44.96 36.94 -33.43
CA ASN PB 34 -43.54 37.31 -33.53
C ASN PB 34 -43.12 37.20 -34.99
N GLN PB 35 -41.97 37.79 -35.32
CA GLN PB 35 -41.55 37.87 -36.71
C GLN PB 35 -40.93 36.55 -37.17
N LYS PB 36 -41.35 36.11 -38.36
CA LYS PB 36 -40.89 34.92 -39.05
C LYS PB 36 -40.10 35.37 -40.26
N VAL PB 37 -39.11 34.58 -40.65
CA VAL PB 37 -38.28 34.87 -41.80
C VAL PB 37 -38.59 33.84 -42.88
N ALA PB 38 -39.15 34.31 -44.00
CA ALA PB 38 -39.53 33.42 -45.10
C ALA PB 38 -38.93 33.99 -46.39
N GLY PB 39 -37.84 33.38 -46.84
CA GLY PB 39 -37.12 33.92 -47.98
C GLY PB 39 -36.36 35.17 -47.59
N ALA PB 40 -36.46 36.20 -48.43
CA ALA PB 40 -35.78 37.46 -48.17
C ALA PB 40 -36.61 38.39 -47.28
N VAL PB 41 -37.89 38.11 -47.10
CA VAL PB 41 -38.76 38.97 -46.33
C VAL PB 41 -39.04 38.36 -44.97
N SER PB 42 -39.53 39.20 -44.06
CA SER PB 42 -40.00 38.78 -42.75
C SER PB 42 -41.46 39.21 -42.59
N VAL PB 43 -42.25 38.32 -42.00
CA VAL PB 43 -43.68 38.54 -41.83
C VAL PB 43 -44.07 38.17 -40.40
N TYR PB 44 -45.12 38.80 -39.89
CA TYR PB 44 -45.57 38.53 -38.53
C TYR PB 44 -46.35 37.22 -38.50
N ASN PB 45 -45.78 36.21 -37.86
CA ASN PB 45 -46.42 34.90 -37.69
C ASN PB 45 -47.13 34.88 -36.35
N ALA PB 46 -48.37 34.39 -36.37
CA ALA PB 46 -49.19 34.17 -35.18
C ALA PB 46 -49.31 32.67 -34.94
N ARG PB 47 -49.06 32.27 -33.69
CA ARG PB 47 -49.26 30.91 -33.21
C ARG PB 47 -50.42 30.95 -32.23
N SER PB 48 -51.60 30.55 -32.70
CA SER PB 48 -52.76 30.39 -31.84
C SER PB 48 -52.80 28.95 -31.36
N GLU PB 49 -53.16 28.75 -30.10
CA GLU PB 49 -53.50 27.40 -29.66
C GLU PB 49 -54.68 27.45 -28.69
N VAL PB 50 -55.70 26.66 -29.01
CA VAL PB 50 -56.98 26.65 -28.31
C VAL PB 50 -57.13 25.28 -27.67
N ILE PB 51 -57.18 25.25 -26.34
CA ILE PB 51 -57.12 24.02 -25.56
C ILE PB 51 -58.39 23.93 -24.71
N THR PB 52 -59.25 22.95 -25.01
CA THR PB 52 -60.40 22.67 -24.17
C THR PB 52 -60.12 21.39 -23.39
N ASN PB 53 -60.30 21.47 -22.07
CA ASN PB 53 -59.97 20.40 -21.13
C ASN PB 53 -61.21 20.03 -20.35
N ARG PB 54 -61.44 18.73 -20.17
CA ARG PB 54 -62.56 18.28 -19.35
C ARG PB 54 -62.09 17.09 -18.53
N ALA PB 55 -62.89 16.77 -17.51
CA ALA PB 55 -62.65 15.60 -16.66
C ALA PB 55 -64.00 14.93 -16.39
N PRO PB 56 -64.66 14.43 -17.43
CA PRO PB 56 -66.04 13.97 -17.28
C PRO PB 56 -66.08 12.61 -16.58
N LEU PB 57 -67.30 12.23 -16.19
CA LEU PB 57 -67.52 10.87 -15.74
C LEU PB 57 -67.56 9.95 -16.94
N VAL PB 58 -67.03 8.74 -16.79
CA VAL PB 58 -67.10 7.77 -17.87
C VAL PB 58 -68.50 7.16 -17.88
N VAL PB 59 -69.20 7.33 -18.98
CA VAL PB 59 -70.58 6.90 -19.13
C VAL PB 59 -70.60 5.75 -20.14
N ILE PB 60 -70.78 4.53 -19.64
CA ILE PB 60 -70.88 3.36 -20.51
C ILE PB 60 -72.26 3.37 -21.15
N GLU PB 61 -72.33 2.98 -22.43
CA GLU PB 61 -73.61 3.04 -23.12
C GLU PB 61 -74.65 2.15 -22.43
N GLY PB 62 -74.36 0.84 -22.34
CA GLY PB 62 -75.32 -0.07 -21.74
C GLY PB 62 -75.68 0.29 -20.31
N CYS PB 63 -74.75 0.88 -19.58
CA CYS PB 63 -74.92 1.08 -18.15
C CYS PB 63 -75.60 2.42 -17.85
N THR PB 64 -76.23 2.48 -16.68
CA THR PB 64 -76.81 3.70 -16.16
C THR PB 64 -76.74 3.64 -14.63
N ASP PB 65 -75.97 4.57 -14.05
CA ASP PB 65 -75.65 4.53 -12.62
C ASP PB 65 -75.25 5.93 -12.17
N ALA PB 66 -75.96 6.48 -11.19
CA ALA PB 66 -75.61 7.78 -10.64
C ALA PB 66 -74.62 7.69 -9.48
N CYS PB 67 -74.16 6.49 -9.14
CA CYS PB 67 -73.29 6.29 -7.98
C CYS PB 67 -71.83 6.08 -8.34
N SER PB 68 -71.49 6.01 -9.62
CA SER PB 68 -70.09 5.88 -10.02
C SER PB 68 -69.47 7.27 -10.14
N VAL PB 69 -68.30 7.44 -9.52
CA VAL PB 69 -67.48 8.62 -9.70
C VAL PB 69 -66.26 8.29 -10.57
N ASN PB 70 -66.36 7.25 -11.40
CA ASN PB 70 -65.31 6.89 -12.34
C ASN PB 70 -65.09 8.05 -13.31
N ARG PB 71 -63.92 8.70 -13.23
CA ARG PB 71 -63.62 9.86 -14.04
C ARG PB 71 -62.32 9.67 -14.81
N GLU PB 72 -62.31 10.13 -16.06
CA GLU PB 72 -61.10 10.26 -16.86
C GLU PB 72 -60.94 11.70 -17.31
N ASN PB 73 -59.72 12.04 -17.71
CA ASN PB 73 -59.44 13.33 -18.31
C ASN PB 73 -59.56 13.22 -19.82
N ILE PB 74 -60.09 14.26 -20.46
CA ILE PB 74 -60.15 14.35 -21.90
C ILE PB 74 -59.71 15.74 -22.32
N SER PB 75 -59.10 15.84 -23.50
CA SER PB 75 -58.60 17.12 -23.97
C SER PB 75 -58.62 17.20 -25.49
N ILE PB 76 -59.00 18.38 -25.98
CA ILE PB 76 -58.97 18.67 -27.42
C ILE PB 76 -58.23 19.98 -27.61
N ARG PB 77 -57.14 19.92 -28.36
CA ARG PB 77 -56.27 21.07 -28.62
C ARG PB 77 -56.21 21.33 -30.12
N THR PB 78 -56.16 22.61 -30.49
CA THR PB 78 -56.04 23.00 -31.89
C THR PB 78 -55.02 24.13 -32.01
N THR PB 79 -53.95 23.87 -32.76
CA THR PB 79 -52.87 24.81 -32.96
C THR PB 79 -52.88 25.32 -34.39
N ILE PB 80 -52.66 26.62 -34.55
CA ILE PB 80 -52.72 27.29 -35.84
C ILE PB 80 -51.55 28.27 -35.93
N SER PB 81 -50.51 27.89 -36.69
CA SER PB 81 -49.32 28.72 -36.83
C SER PB 81 -49.22 29.18 -38.29
N GLY PB 82 -49.24 30.50 -38.48
CA GLY PB 82 -49.21 31.09 -39.81
C GLY PB 82 -49.15 32.59 -39.74
N SER PB 83 -48.63 33.19 -40.81
CA SER PB 83 -48.47 34.64 -40.80
C SER PB 83 -49.82 35.34 -40.87
N VAL PB 84 -49.82 36.59 -40.44
CA VAL PB 84 -51.01 37.43 -40.56
C VAL PB 84 -51.21 37.85 -42.02
N GLU PB 85 -50.10 37.93 -42.77
CA GLU PB 85 -50.19 38.38 -44.16
C GLU PB 85 -50.93 37.36 -45.02
N ASN PB 86 -50.61 36.08 -44.88
CA ASN PB 86 -51.30 35.03 -45.61
C ASN PB 86 -52.51 34.49 -44.86
N LYS PB 87 -53.11 35.29 -43.96
CA LYS PB 87 -54.24 34.78 -43.19
C LYS PB 87 -55.38 34.33 -44.10
N ALA PB 88 -55.40 34.77 -45.36
CA ALA PB 88 -56.33 34.23 -46.34
C ALA PB 88 -56.11 32.74 -46.54
N ALA PB 89 -54.87 32.35 -46.88
CA ALA PB 89 -54.57 30.93 -47.05
C ALA PB 89 -54.62 30.18 -45.74
N VAL PB 90 -54.35 30.85 -44.63
CA VAL PB 90 -54.50 30.23 -43.31
C VAL PB 90 -55.96 29.85 -43.07
N LEU PB 91 -56.89 30.76 -43.37
CA LEU PB 91 -58.31 30.48 -43.17
C LEU PB 91 -58.84 29.45 -44.16
N ALA PB 92 -58.36 29.48 -45.40
CA ALA PB 92 -58.73 28.44 -46.36
C ALA PB 92 -58.26 27.07 -45.87
N ALA PB 93 -57.01 27.00 -45.40
CA ALA PB 93 -56.50 25.78 -44.80
C ALA PB 93 -57.30 25.38 -43.56
N LEU PB 94 -57.78 26.35 -42.79
CA LEU PB 94 -58.59 26.03 -41.63
C LEU PB 94 -59.92 25.40 -42.02
N LEU PB 95 -60.58 25.97 -43.04
CA LEU PB 95 -61.83 25.38 -43.51
C LEU PB 95 -61.62 23.96 -44.01
N ASP PB 96 -60.57 23.75 -44.82
CA ASP PB 96 -60.30 22.40 -45.32
C ASP PB 96 -59.97 21.45 -44.18
N HIS PB 97 -59.20 21.92 -43.19
CA HIS PB 97 -58.86 21.12 -42.02
C HIS PB 97 -60.11 20.73 -41.23
N LEU PB 98 -61.00 21.69 -40.98
CA LEU PB 98 -62.21 21.41 -40.21
C LEU PB 98 -63.11 20.42 -40.94
N HIS PB 99 -63.26 20.59 -42.26
CA HIS PB 99 -64.11 19.68 -43.01
C HIS PB 99 -63.54 18.27 -43.03
N ASN PB 100 -62.23 18.13 -43.21
CA ASN PB 100 -61.63 16.80 -43.21
C ASN PB 100 -61.70 16.17 -41.82
N LEU PB 101 -61.45 16.97 -40.78
CA LEU PB 101 -61.63 16.50 -39.41
C LEU PB 101 -63.03 15.96 -39.20
N GLY PB 102 -64.04 16.69 -39.68
CA GLY PB 102 -65.40 16.19 -39.59
C GLY PB 102 -65.61 14.89 -40.33
N LEU PB 103 -65.00 14.76 -41.52
CA LEU PB 103 -65.06 13.50 -42.24
C LEU PB 103 -64.49 12.36 -41.41
N ALA PB 104 -63.50 12.63 -40.57
CA ALA PB 104 -62.82 11.55 -39.86
C ALA PB 104 -63.32 11.31 -38.44
N ARG PB 105 -64.05 12.25 -37.83
CA ARG PB 105 -64.22 12.22 -36.37
C ARG PB 105 -64.98 10.99 -35.90
N ASP PB 106 -65.96 10.53 -36.68
CA ASP PB 106 -66.74 9.39 -36.23
C ASP PB 106 -65.88 8.13 -36.14
N ASP PB 107 -64.88 8.01 -37.01
CA ASP PB 107 -63.91 6.93 -36.88
C ASP PB 107 -62.93 7.20 -35.75
N LEU PB 108 -62.44 8.44 -35.63
CA LEU PB 108 -61.34 8.72 -34.71
C LEU PB 108 -61.76 8.59 -33.25
N VAL PB 109 -62.97 9.06 -32.91
CA VAL PB 109 -63.38 8.96 -31.50
C VAL PB 109 -63.74 7.53 -31.14
N ALA PB 110 -63.95 6.66 -32.13
CA ALA PB 110 -64.26 5.26 -31.90
C ALA PB 110 -63.01 4.37 -31.94
N GLY PB 111 -61.82 4.96 -32.04
CA GLY PB 111 -60.60 4.21 -32.09
C GLY PB 111 -60.25 3.62 -33.43
N LEU PB 112 -61.02 3.93 -34.47
CA LEU PB 112 -60.80 3.38 -35.80
C LEU PB 112 -60.02 4.39 -36.65
N LEU PB 113 -58.96 3.92 -37.30
CA LEU PB 113 -58.23 4.79 -38.21
C LEU PB 113 -59.06 4.99 -39.48
N PRO PB 114 -59.32 6.23 -39.87
CA PRO PB 114 -60.28 6.47 -40.97
C PRO PB 114 -59.72 6.04 -42.32
N THR PB 115 -59.78 4.74 -42.61
CA THR PB 115 -59.24 4.21 -43.85
C THR PB 115 -60.06 4.65 -45.06
N THR PB 116 -61.34 4.93 -44.86
CA THR PB 116 -62.30 5.08 -45.95
C THR PB 116 -62.67 6.52 -46.27
N ILE PB 117 -62.02 7.49 -45.63
CA ILE PB 117 -62.41 8.88 -45.83
C ILE PB 117 -61.70 9.46 -47.05
N GLN PB 118 -62.23 10.55 -47.58
CA GLN PB 118 -61.70 11.20 -48.78
C GLN PB 118 -61.44 12.68 -48.48
N PRO PB 119 -60.23 13.02 -48.04
CA PRO PB 119 -59.91 14.43 -47.76
C PRO PB 119 -59.86 15.25 -49.04
N VAL PB 120 -60.25 16.52 -48.92
CA VAL PB 120 -60.38 17.42 -50.05
C VAL PB 120 -59.54 18.68 -49.81
N VAL PB 121 -59.39 19.47 -50.87
CA VAL PB 121 -58.81 20.81 -50.81
C VAL PB 121 -59.83 21.77 -51.37
N GLU PB 122 -59.93 22.96 -50.77
CA GLU PB 122 -60.84 24.01 -51.24
C GLU PB 122 -62.29 23.55 -51.19
N TYR PB 123 -62.75 23.24 -49.98
CA TYR PB 123 -64.12 22.76 -49.80
C TYR PB 123 -65.14 23.83 -50.16
N THR PB 124 -66.19 23.40 -50.87
CA THR PB 124 -67.27 24.28 -51.30
C THR PB 124 -68.64 23.62 -51.15
N ALA QB 1 -53.52 -16.84 -72.58
CA ALA QB 1 -54.47 -16.98 -71.48
C ALA QB 1 -54.89 -15.62 -70.93
N GLN QB 2 -53.93 -14.68 -70.95
CA GLN QB 2 -54.11 -13.32 -70.42
C GLN QB 2 -54.69 -13.32 -69.00
N HIS QB 3 -54.26 -14.29 -68.20
CA HIS QB 3 -54.49 -14.21 -66.76
C HIS QB 3 -53.64 -13.07 -66.20
N ASN QB 4 -54.28 -12.17 -65.48
CA ASN QB 4 -53.59 -10.96 -65.00
C ASN QB 4 -52.91 -11.22 -63.66
N MET QB 5 -51.82 -10.46 -63.42
CA MET QB 5 -50.97 -10.68 -62.26
C MET QB 5 -51.72 -10.37 -60.97
N ARG QB 6 -51.24 -10.96 -59.87
CA ARG QB 6 -51.86 -10.74 -58.57
C ARG QB 6 -50.82 -10.24 -57.57
N LEU QB 7 -51.30 -9.53 -56.55
CA LEU QB 7 -50.43 -8.69 -55.73
C LEU QB 7 -49.67 -9.50 -54.69
N GLN QB 8 -48.38 -9.19 -54.52
CA GLN QB 8 -47.52 -9.90 -53.59
C GLN QB 8 -46.91 -9.00 -52.52
N LEU QB 9 -46.35 -7.84 -52.87
CA LEU QB 9 -45.64 -6.99 -51.92
C LEU QB 9 -46.04 -5.53 -52.08
N THR QB 10 -46.42 -4.89 -50.98
CA THR QB 10 -46.74 -3.47 -50.96
C THR QB 10 -45.87 -2.77 -49.93
N SER QB 11 -45.30 -1.63 -50.32
CA SER QB 11 -44.34 -0.95 -49.47
C SER QB 11 -44.59 0.54 -49.34
N GLY QB 12 -45.62 1.10 -49.97
CA GLY QB 12 -45.85 2.53 -49.97
C GLY QB 12 -44.86 3.24 -50.87
N THR QB 13 -43.77 2.54 -51.20
CA THR QB 13 -42.81 2.97 -52.20
C THR QB 13 -42.57 1.94 -53.28
N SER QB 14 -42.86 0.66 -53.02
CA SER QB 14 -42.68 -0.41 -53.98
C SER QB 14 -43.94 -1.26 -54.07
N LEU QB 15 -44.27 -1.68 -55.28
CA LEU QB 15 -45.35 -2.62 -55.52
C LEU QB 15 -44.79 -3.79 -56.31
N THR QB 16 -45.18 -5.00 -55.92
CA THR QB 16 -44.63 -6.21 -56.52
C THR QB 16 -45.78 -7.18 -56.76
N TRP QB 17 -46.11 -7.40 -58.03
CA TRP QB 17 -47.09 -8.38 -58.44
C TRP QB 17 -46.38 -9.59 -59.04
N VAL QB 18 -47.07 -10.73 -59.00
CA VAL QB 18 -46.51 -11.99 -59.49
C VAL QB 18 -47.55 -12.69 -60.35
N ASP QB 19 -47.07 -13.45 -61.32
CA ASP QB 19 -47.90 -14.36 -62.10
C ASP QB 19 -48.38 -15.49 -61.21
N PRO QB 20 -49.69 -15.65 -61.00
CA PRO QB 20 -50.16 -16.73 -60.12
C PRO QB 20 -49.79 -18.13 -60.58
N ASN QB 21 -49.48 -18.33 -61.86
CA ASN QB 21 -49.03 -19.65 -62.32
C ASN QB 21 -47.53 -19.81 -62.13
N ASP QB 22 -46.75 -18.86 -62.64
CA ASP QB 22 -45.29 -18.94 -62.62
C ASP QB 22 -44.76 -17.87 -61.68
N PHE QB 23 -44.20 -18.29 -60.56
CA PHE QB 23 -43.61 -17.36 -59.59
C PHE QB 23 -42.31 -16.75 -60.08
N ARG QB 24 -41.77 -17.22 -61.20
CA ARG QB 24 -40.53 -16.67 -61.74
C ARG QB 24 -40.73 -15.32 -62.41
N SER QB 25 -41.94 -15.01 -62.87
CA SER QB 25 -42.23 -13.77 -63.59
C SER QB 25 -42.91 -12.80 -62.64
N THR QB 26 -42.22 -11.72 -62.30
CA THR QB 26 -42.69 -10.70 -61.38
C THR QB 26 -42.66 -9.34 -62.03
N PHE QB 27 -43.33 -8.39 -61.39
CA PHE QB 27 -43.47 -7.03 -61.92
C PHE QB 27 -43.48 -6.08 -60.74
N ARG QB 28 -42.45 -5.22 -60.64
CA ARG QB 28 -42.34 -4.25 -59.57
C ARG QB 28 -42.39 -2.84 -60.14
N ILE QB 29 -43.00 -1.94 -59.38
CA ILE QB 29 -42.97 -0.51 -59.65
C ILE QB 29 -42.44 0.17 -58.39
N ASN QB 30 -41.37 0.95 -58.56
CA ASN QB 30 -40.76 1.73 -57.48
C ASN QB 30 -40.90 3.20 -57.82
N LEU QB 31 -41.19 4.01 -56.81
CA LEU QB 31 -41.37 5.44 -57.00
C LEU QB 31 -40.65 6.17 -55.88
N ASN QB 32 -39.91 7.22 -56.24
CA ASN QB 32 -39.20 8.02 -55.26
C ASN QB 32 -39.33 9.48 -55.62
N VAL QB 33 -39.96 10.26 -54.74
CA VAL QB 33 -40.16 11.69 -54.94
C VAL QB 33 -39.27 12.42 -53.94
N ASN QB 34 -38.59 13.47 -54.43
CA ASN QB 34 -37.76 14.32 -53.59
C ASN QB 34 -37.48 15.62 -54.33
N GLN QB 35 -37.08 16.65 -53.59
CA GLN QB 35 -36.89 17.94 -54.22
C GLN QB 35 -35.58 17.98 -55.00
N LYS QB 36 -35.52 18.91 -55.95
CA LYS QB 36 -34.40 19.07 -56.86
C LYS QB 36 -34.28 20.54 -57.19
N VAL QB 37 -33.04 20.98 -57.38
CA VAL QB 37 -32.76 22.39 -57.66
C VAL QB 37 -32.43 22.52 -59.15
N ALA QB 38 -33.36 23.08 -59.91
CA ALA QB 38 -33.15 23.41 -61.30
C ALA QB 38 -32.91 24.91 -61.37
N GLY QB 39 -31.67 25.30 -61.66
CA GLY QB 39 -31.30 26.70 -61.63
C GLY QB 39 -31.52 27.29 -60.27
N ALA QB 40 -32.46 28.24 -60.17
CA ALA QB 40 -32.80 28.89 -58.90
C ALA QB 40 -34.16 28.48 -58.38
N VAL QB 41 -34.74 27.39 -58.90
CA VAL QB 41 -36.08 26.98 -58.55
C VAL QB 41 -36.06 25.52 -58.10
N SER QB 42 -36.68 25.24 -56.95
CA SER QB 42 -36.79 23.87 -56.47
C SER QB 42 -38.11 23.28 -56.97
N VAL QB 43 -38.02 22.06 -57.52
CA VAL QB 43 -39.19 21.34 -58.03
C VAL QB 43 -39.12 19.91 -57.51
N TYR QB 44 -40.29 19.29 -57.40
CA TYR QB 44 -40.38 17.91 -56.92
C TYR QB 44 -40.12 16.95 -58.07
N ASN QB 45 -38.93 16.32 -58.04
CA ASN QB 45 -38.57 15.30 -59.02
C ASN QB 45 -39.06 13.95 -58.54
N ALA QB 46 -39.72 13.22 -59.43
CA ALA QB 46 -40.11 11.85 -59.22
C ALA QB 46 -39.29 10.96 -60.15
N ARG QB 47 -38.67 9.93 -59.57
CA ARG QB 47 -38.01 8.87 -60.33
C ARG QB 47 -38.82 7.60 -60.14
N SER QB 48 -39.44 7.13 -61.22
CA SER QB 48 -40.20 5.90 -61.24
C SER QB 48 -39.43 4.86 -62.03
N GLU QB 49 -39.23 3.68 -61.46
CA GLU QB 49 -38.70 2.56 -62.23
C GLU QB 49 -39.67 1.39 -62.23
N VAL QB 50 -39.78 0.75 -63.38
CA VAL QB 50 -40.72 -0.33 -63.62
C VAL QB 50 -39.92 -1.53 -64.10
N ILE QB 51 -39.86 -2.57 -63.28
CA ILE QB 51 -38.98 -3.72 -63.49
C ILE QB 51 -39.84 -4.97 -63.66
N THR QB 52 -39.80 -5.58 -64.83
CA THR QB 52 -40.42 -6.88 -65.04
C THR QB 52 -39.32 -7.92 -65.20
N ASN QB 53 -39.42 -9.00 -64.41
CA ASN QB 53 -38.40 -10.04 -64.32
C ASN QB 53 -39.01 -11.38 -64.66
N ARG QB 54 -38.29 -12.19 -65.43
CA ARG QB 54 -38.78 -13.51 -65.80
C ARG QB 54 -37.61 -14.49 -65.85
N ALA QB 55 -37.95 -15.78 -65.87
CA ALA QB 55 -36.97 -16.86 -65.89
C ALA QB 55 -37.40 -17.90 -66.91
N PRO QB 56 -37.13 -17.65 -68.19
CA PRO QB 56 -37.46 -18.64 -69.21
C PRO QB 56 -36.52 -19.83 -69.16
N LEU QB 57 -36.98 -20.93 -69.74
CA LEU QB 57 -36.15 -22.12 -69.88
C LEU QB 57 -35.45 -22.11 -71.22
N VAL QB 58 -34.21 -22.57 -71.25
CA VAL QB 58 -33.45 -22.72 -72.48
C VAL QB 58 -33.92 -24.00 -73.16
N VAL QB 59 -34.65 -23.86 -74.26
CA VAL QB 59 -35.23 -24.99 -74.98
C VAL QB 59 -34.21 -25.50 -75.99
N ILE QB 60 -33.69 -26.71 -75.75
CA ILE QB 60 -32.87 -27.43 -76.73
C ILE QB 60 -33.66 -28.62 -77.23
N GLU QB 61 -33.86 -28.68 -78.55
CA GLU QB 61 -34.47 -29.84 -79.16
C GLU QB 61 -33.61 -31.07 -78.98
N GLY QB 62 -34.26 -32.21 -78.72
CA GLY QB 62 -33.55 -33.44 -78.45
C GLY QB 62 -33.12 -33.60 -77.01
N CYS QB 63 -33.28 -32.57 -76.19
CA CYS QB 63 -32.90 -32.62 -74.77
C CYS QB 63 -34.17 -32.44 -73.94
N THR QB 64 -34.72 -33.54 -73.45
CA THR QB 64 -35.79 -33.47 -72.47
C THR QB 64 -35.22 -32.93 -71.16
N ASP QB 65 -35.50 -31.66 -70.87
CA ASP QB 65 -34.94 -30.98 -69.71
C ASP QB 65 -35.76 -31.35 -68.46
N ALA QB 66 -35.68 -32.62 -68.11
CA ALA QB 66 -36.18 -33.06 -66.81
C ALA QB 66 -35.50 -32.25 -65.73
N CYS QB 67 -36.29 -31.84 -64.74
CA CYS QB 67 -35.92 -31.04 -63.59
C CYS QB 67 -35.84 -29.55 -63.96
N SER QB 68 -35.98 -29.19 -65.24
CA SER QB 68 -35.94 -27.81 -65.71
C SER QB 68 -34.72 -27.06 -65.17
N VAL QB 69 -33.54 -27.64 -65.42
CA VAL QB 69 -32.31 -27.09 -64.88
C VAL QB 69 -31.75 -25.99 -65.79
N ASN QB 70 -31.88 -26.16 -67.11
CA ASN QB 70 -31.41 -25.14 -68.05
C ASN QB 70 -32.39 -23.98 -68.04
N ARG QB 71 -32.10 -22.96 -67.24
CA ARG QB 71 -33.02 -21.84 -67.07
C ARG QB 71 -32.24 -20.53 -67.09
N GLU QB 72 -32.87 -19.51 -67.68
CA GLU QB 72 -32.27 -18.21 -67.93
C GLU QB 72 -33.05 -17.11 -67.23
N ASN QB 73 -32.35 -16.07 -66.78
CA ASN QB 73 -32.98 -14.87 -66.26
C ASN QB 73 -33.05 -13.81 -67.36
N ILE QB 74 -34.23 -13.22 -67.54
CA ILE QB 74 -34.41 -12.09 -68.45
C ILE QB 74 -35.10 -10.98 -67.69
N SER QB 75 -34.80 -9.73 -68.09
CA SER QB 75 -35.35 -8.58 -67.38
C SER QB 75 -35.52 -7.39 -68.29
N ILE QB 76 -36.64 -6.69 -68.11
CA ILE QB 76 -36.94 -5.45 -68.82
C ILE QB 76 -37.27 -4.38 -67.80
N ARG QB 77 -36.51 -3.30 -67.80
CA ARG QB 77 -36.56 -2.26 -66.80
C ARG QB 77 -36.72 -0.90 -67.48
N THR QB 78 -37.45 0.01 -66.83
CA THR QB 78 -37.70 1.32 -67.40
C THR QB 78 -37.68 2.37 -66.30
N THR QB 79 -36.78 3.34 -66.43
CA THR QB 79 -36.61 4.42 -65.45
C THR QB 79 -37.06 5.73 -66.06
N ILE QB 80 -37.79 6.53 -65.29
CA ILE QB 80 -38.41 7.77 -65.74
C ILE QB 80 -38.19 8.76 -64.61
N SER QB 81 -37.23 9.67 -64.78
CA SER QB 81 -36.89 10.65 -63.74
C SER QB 81 -37.16 12.05 -64.28
N GLY QB 82 -38.07 12.77 -63.64
CA GLY QB 82 -38.41 14.11 -64.07
C GLY QB 82 -39.30 14.80 -63.07
N SER QB 83 -39.44 16.11 -63.25
CA SER QB 83 -40.29 16.89 -62.37
C SER QB 83 -41.76 16.53 -62.55
N VAL QB 84 -42.49 16.51 -61.44
CA VAL QB 84 -43.94 16.47 -61.52
C VAL QB 84 -44.46 17.71 -62.22
N GLU QB 85 -43.76 18.84 -62.06
CA GLU QB 85 -44.19 20.09 -62.67
C GLU QB 85 -44.08 20.03 -64.21
N ASN QB 86 -42.97 19.51 -64.72
CA ASN QB 86 -42.79 19.35 -66.17
C ASN QB 86 -43.28 17.99 -66.66
N LYS QB 87 -44.26 17.39 -65.97
CA LYS QB 87 -44.76 16.10 -66.39
C LYS QB 87 -45.29 16.11 -67.82
N ALA QB 88 -45.63 17.29 -68.35
CA ALA QB 88 -46.02 17.39 -69.75
C ALA QB 88 -44.87 16.99 -70.67
N ALA QB 89 -43.70 17.62 -70.49
CA ALA QB 89 -42.53 17.25 -71.29
C ALA QB 89 -42.05 15.84 -70.95
N VAL QB 90 -42.25 15.40 -69.71
CA VAL QB 90 -41.93 14.01 -69.36
C VAL QB 90 -42.75 13.05 -70.21
N LEU QB 91 -44.06 13.31 -70.33
CA LEU QB 91 -44.93 12.42 -71.10
C LEU QB 91 -44.65 12.50 -72.59
N ALA QB 92 -44.34 13.70 -73.10
CA ALA QB 92 -43.91 13.82 -74.49
C ALA QB 92 -42.68 12.96 -74.74
N ALA QB 93 -41.70 13.06 -73.83
CA ALA QB 93 -40.50 12.24 -73.91
C ALA QB 93 -40.82 10.76 -73.83
N LEU QB 94 -41.81 10.39 -73.02
CA LEU QB 94 -42.17 8.98 -72.91
C LEU QB 94 -42.77 8.46 -74.21
N LEU QB 95 -43.66 9.24 -74.83
CA LEU QB 95 -44.23 8.84 -76.11
C LEU QB 95 -43.15 8.66 -77.15
N ASP QB 96 -42.26 9.65 -77.28
CA ASP QB 96 -41.20 9.57 -78.28
C ASP QB 96 -40.27 8.39 -77.98
N HIS QB 97 -40.00 8.15 -76.68
CA HIS QB 97 -39.17 7.03 -76.27
C HIS QB 97 -39.80 5.70 -76.65
N LEU QB 98 -41.09 5.53 -76.35
CA LEU QB 98 -41.78 4.29 -76.68
C LEU QB 98 -41.79 4.04 -78.18
N HIS QB 99 -42.05 5.08 -78.97
CA HIS QB 99 -42.08 4.90 -80.42
C HIS QB 99 -40.71 4.53 -80.97
N ASN QB 100 -39.66 5.17 -80.49
CA ASN QB 100 -38.33 4.85 -80.99
C ASN QB 100 -37.89 3.46 -80.52
N LEU QB 101 -38.23 3.09 -79.28
CA LEU QB 101 -38.02 1.73 -78.82
C LEU QB 101 -38.70 0.75 -79.75
N GLY QB 102 -39.95 1.03 -80.13
CA GLY QB 102 -40.64 0.16 -81.07
C GLY QB 102 -39.96 0.09 -82.43
N LEU QB 103 -39.32 1.19 -82.85
CA LEU QB 103 -38.54 1.13 -84.09
C LEU QB 103 -37.38 0.16 -83.96
N ALA QB 104 -36.72 0.14 -82.81
CA ALA QB 104 -35.54 -0.70 -82.65
C ALA QB 104 -35.83 -2.10 -82.10
N ARG QB 105 -37.07 -2.38 -81.71
CA ARG QB 105 -37.35 -3.51 -80.82
C ARG QB 105 -37.03 -4.85 -81.48
N ASP QB 106 -37.19 -4.94 -82.80
CA ASP QB 106 -36.96 -6.21 -83.45
C ASP QB 106 -35.46 -6.48 -83.62
N ASP QB 107 -34.70 -5.44 -83.99
CA ASP QB 107 -33.25 -5.58 -84.12
C ASP QB 107 -32.61 -5.88 -82.77
N LEU QB 108 -32.95 -5.09 -81.74
CA LEU QB 108 -32.26 -5.17 -80.47
C LEU QB 108 -32.41 -6.55 -79.82
N VAL QB 109 -33.60 -7.13 -79.91
CA VAL QB 109 -33.83 -8.41 -79.23
C VAL QB 109 -33.13 -9.55 -79.96
N ALA QB 110 -32.81 -9.37 -81.24
CA ALA QB 110 -32.05 -10.35 -82.01
C ALA QB 110 -30.55 -10.18 -81.88
N GLY QB 111 -30.09 -9.25 -81.04
CA GLY QB 111 -28.67 -9.04 -80.83
C GLY QB 111 -27.97 -8.22 -81.88
N LEU QB 112 -28.72 -7.41 -82.62
CA LEU QB 112 -28.19 -6.68 -83.76
C LEU QB 112 -28.37 -5.18 -83.54
N LEU QB 113 -27.30 -4.41 -83.77
CA LEU QB 113 -27.38 -2.97 -83.59
C LEU QB 113 -28.32 -2.37 -84.64
N PRO QB 114 -29.34 -1.62 -84.24
CA PRO QB 114 -30.31 -1.06 -85.21
C PRO QB 114 -29.72 0.12 -85.97
N THR QB 115 -28.75 -0.19 -86.83
CA THR QB 115 -28.09 0.85 -87.63
C THR QB 115 -29.04 1.50 -88.63
N THR QB 116 -30.12 0.82 -89.01
CA THR QB 116 -30.98 1.29 -90.08
C THR QB 116 -32.07 2.24 -89.62
N ILE QB 117 -32.55 2.11 -88.38
CA ILE QB 117 -33.71 2.89 -87.95
C ILE QB 117 -33.38 4.38 -87.91
N GLN QB 118 -34.43 5.20 -87.89
CA GLN QB 118 -34.30 6.65 -87.75
C GLN QB 118 -35.30 7.14 -86.73
N PRO QB 119 -34.87 7.54 -85.54
CA PRO QB 119 -35.80 7.98 -84.50
C PRO QB 119 -36.42 9.33 -84.84
N VAL QB 120 -37.40 9.71 -84.01
CA VAL QB 120 -38.25 10.86 -84.28
C VAL QB 120 -38.46 11.63 -82.97
N VAL QB 121 -38.68 12.94 -83.09
CA VAL QB 121 -39.19 13.77 -82.01
C VAL QB 121 -40.64 14.12 -82.34
N GLU QB 122 -41.49 14.17 -81.32
CA GLU QB 122 -42.88 14.63 -81.44
C GLU QB 122 -43.69 13.72 -82.36
N TYR QB 123 -43.67 12.42 -82.09
CA TYR QB 123 -44.47 11.49 -82.89
C TYR QB 123 -45.94 11.86 -82.82
N THR QB 124 -46.62 11.72 -83.95
CA THR QB 124 -48.03 12.06 -84.06
C THR QB 124 -48.78 11.00 -84.88
N ALA RB 1 -59.12 -43.32 -47.63
CA ALA RB 1 -59.24 -44.56 -46.88
C ALA RB 1 -60.07 -44.36 -45.62
N GLN RB 2 -60.10 -43.13 -45.09
CA GLN RB 2 -60.93 -42.79 -43.93
C GLN RB 2 -60.57 -43.66 -42.72
N HIS RB 3 -59.29 -43.94 -42.55
CA HIS RB 3 -58.83 -44.68 -41.38
C HIS RB 3 -58.43 -43.67 -40.29
N ASN RB 4 -58.99 -43.86 -39.11
CA ASN RB 4 -58.75 -42.95 -38.01
C ASN RB 4 -57.40 -43.18 -37.36
N MET RB 5 -56.83 -42.09 -36.82
CA MET RB 5 -55.48 -42.12 -36.25
C MET RB 5 -55.44 -42.91 -34.95
N ARG RB 6 -54.27 -43.44 -34.63
CA ARG RB 6 -54.09 -44.17 -33.38
C ARG RB 6 -53.14 -43.41 -32.47
N LEU RB 7 -53.41 -43.46 -31.17
CA LEU RB 7 -52.74 -42.60 -30.21
C LEU RB 7 -51.34 -43.11 -29.89
N GLN RB 8 -50.41 -42.15 -29.71
CA GLN RB 8 -49.01 -42.48 -29.47
C GLN RB 8 -48.44 -41.89 -28.18
N LEU RB 9 -48.80 -40.65 -27.82
CA LEU RB 9 -48.20 -40.01 -26.65
C LEU RB 9 -49.24 -39.26 -25.83
N THR RB 10 -49.29 -39.56 -24.53
CA THR RB 10 -50.16 -38.86 -23.58
C THR RB 10 -49.31 -38.24 -22.48
N SER RB 11 -49.61 -36.98 -22.15
CA SER RB 11 -48.81 -36.27 -21.17
C SER RB 11 -49.62 -35.44 -20.17
N GLY RB 12 -50.95 -35.45 -20.24
CA GLY RB 12 -51.75 -34.61 -19.38
C GLY RB 12 -51.73 -33.15 -19.77
N THR RB 13 -50.78 -32.79 -20.63
CA THR RB 13 -50.73 -31.49 -21.26
C THR RB 13 -50.66 -31.57 -22.78
N SER RB 14 -50.30 -32.72 -23.35
CA SER RB 14 -50.31 -32.90 -24.79
C SER RB 14 -50.91 -34.26 -25.12
N LEU RB 15 -51.38 -34.37 -26.36
CA LEU RB 15 -51.83 -35.62 -26.93
C LEU RB 15 -51.23 -35.72 -28.33
N THR RB 16 -50.75 -36.91 -28.68
CA THR RB 16 -50.03 -37.10 -29.94
C THR RB 16 -50.53 -38.38 -30.59
N TRP RB 17 -51.38 -38.23 -31.61
CA TRP RB 17 -51.85 -39.32 -32.45
C TRP RB 17 -51.01 -39.39 -33.73
N VAL RB 18 -51.02 -40.57 -34.35
CA VAL RB 18 -50.24 -40.82 -35.55
C VAL RB 18 -51.06 -41.70 -36.50
N ASP RB 19 -50.86 -41.48 -37.79
CA ASP RB 19 -51.42 -42.36 -38.82
C ASP RB 19 -50.71 -43.71 -38.77
N PRO RB 20 -51.41 -44.80 -38.48
CA PRO RB 20 -50.73 -46.11 -38.42
C PRO RB 20 -50.04 -46.50 -39.71
N ASN RB 21 -50.50 -45.99 -40.86
CA ASN RB 21 -49.84 -46.30 -42.13
C ASN RB 21 -48.60 -45.45 -42.33
N ASP RB 22 -48.74 -44.13 -42.24
CA ASP RB 22 -47.64 -43.19 -42.42
C ASP RB 22 -47.34 -42.56 -41.07
N PHE RB 23 -46.19 -42.92 -40.48
CA PHE RB 23 -45.75 -42.27 -39.26
C PHE RB 23 -45.35 -40.82 -39.46
N ARG RB 24 -45.27 -40.34 -40.70
CA ARG RB 24 -44.87 -38.95 -40.95
C ARG RB 24 -46.00 -37.96 -40.72
N SER RB 25 -47.24 -38.41 -40.57
CA SER RB 25 -48.39 -37.53 -40.34
C SER RB 25 -48.80 -37.63 -38.87
N THR RB 26 -48.45 -36.60 -38.11
CA THR RB 26 -48.69 -36.50 -36.67
C THR RB 26 -49.84 -35.53 -36.42
N PHE RB 27 -50.52 -35.72 -35.29
CA PHE RB 27 -51.56 -34.80 -34.84
C PHE RB 27 -51.44 -34.62 -33.35
N ARG RB 28 -51.05 -33.42 -32.91
CA ARG RB 28 -50.85 -33.10 -31.50
C ARG RB 28 -51.83 -32.02 -31.05
N ILE RB 29 -52.27 -32.14 -29.80
CA ILE RB 29 -53.07 -31.12 -29.13
C ILE RB 29 -52.37 -30.77 -27.81
N ASN RB 30 -52.08 -29.49 -27.61
CA ASN RB 30 -51.47 -28.98 -26.39
C ASN RB 30 -52.47 -28.05 -25.71
N LEU RB 31 -52.74 -28.29 -24.43
CA LEU RB 31 -53.65 -27.45 -23.66
C LEU RB 31 -52.93 -26.97 -22.42
N ASN RB 32 -52.85 -25.65 -22.25
CA ASN RB 32 -52.22 -25.06 -21.08
C ASN RB 32 -53.21 -24.11 -20.44
N VAL RB 33 -53.41 -24.26 -19.13
CA VAL RB 33 -54.35 -23.42 -18.40
C VAL RB 33 -53.64 -22.73 -17.26
N ASN RB 34 -53.94 -21.43 -17.10
CA ASN RB 34 -53.39 -20.65 -16.00
C ASN RB 34 -54.29 -19.42 -15.78
N GLN RB 35 -54.21 -18.87 -14.58
CA GLN RB 35 -55.06 -17.72 -14.24
C GLN RB 35 -54.49 -16.45 -14.84
N LYS RB 36 -55.39 -15.61 -15.37
CA LYS RB 36 -55.06 -14.28 -15.84
C LYS RB 36 -55.98 -13.29 -15.11
N VAL RB 37 -55.64 -12.03 -15.21
CA VAL RB 37 -56.43 -10.95 -14.61
C VAL RB 37 -57.18 -10.26 -15.73
N ALA RB 38 -58.50 -10.42 -15.77
CA ALA RB 38 -59.35 -9.72 -16.71
C ALA RB 38 -60.01 -8.58 -15.96
N GLY RB 39 -59.58 -7.36 -16.24
CA GLY RB 39 -60.17 -6.19 -15.63
C GLY RB 39 -60.16 -6.26 -14.12
N ALA RB 40 -61.34 -6.45 -13.53
CA ALA RB 40 -61.49 -6.43 -12.09
C ALA RB 40 -61.29 -7.81 -11.44
N VAL RB 41 -61.49 -8.89 -12.19
CA VAL RB 41 -61.53 -10.22 -11.58
C VAL RB 41 -60.59 -11.14 -12.34
N SER RB 42 -60.12 -12.19 -11.64
CA SER RB 42 -59.28 -13.19 -12.27
C SER RB 42 -60.14 -14.24 -12.97
N VAL RB 43 -59.65 -14.73 -14.11
CA VAL RB 43 -60.30 -15.77 -14.88
C VAL RB 43 -59.27 -16.83 -15.24
N TYR RB 44 -59.74 -17.95 -15.79
CA TYR RB 44 -58.89 -19.07 -16.18
C TYR RB 44 -58.70 -19.05 -17.69
N ASN RB 45 -57.51 -18.66 -18.13
CA ASN RB 45 -57.18 -18.67 -19.55
C ASN RB 45 -56.64 -20.03 -19.95
N ALA RB 46 -57.09 -20.51 -21.11
CA ALA RB 46 -56.72 -21.83 -21.64
C ALA RB 46 -56.20 -21.62 -23.05
N ARG RB 47 -54.88 -21.69 -23.22
CA ARG RB 47 -54.26 -21.65 -24.54
C ARG RB 47 -54.24 -23.09 -25.06
N SER RB 48 -55.14 -23.38 -25.99
CA SER RB 48 -55.09 -24.62 -26.74
C SER RB 48 -54.31 -24.37 -28.02
N GLU RB 49 -53.62 -25.40 -28.49
CA GLU RB 49 -53.10 -25.38 -29.84
C GLU RB 49 -53.17 -26.78 -30.44
N VAL RB 50 -53.48 -26.84 -31.72
CA VAL RB 50 -53.69 -28.07 -32.45
C VAL RB 50 -52.77 -28.04 -33.66
N ILE RB 51 -51.81 -28.95 -33.69
CA ILE RB 51 -50.75 -28.97 -34.69
C ILE RB 51 -50.86 -30.28 -35.46
N THR RB 52 -51.06 -30.19 -36.77
CA THR RB 52 -51.01 -31.36 -37.64
C THR RB 52 -49.79 -31.24 -38.56
N ASN RB 53 -48.97 -32.29 -38.57
CA ASN RB 53 -47.69 -32.32 -39.27
C ASN RB 53 -47.74 -33.44 -40.30
N ARG RB 54 -47.19 -33.19 -41.48
CA ARG RB 54 -47.12 -34.23 -42.50
C ARG RB 54 -45.85 -34.05 -43.30
N ALA RB 55 -45.51 -35.08 -44.08
CA ALA RB 55 -44.32 -35.08 -44.94
C ALA RB 55 -44.69 -35.72 -46.27
N PRO RB 56 -45.46 -35.03 -47.09
CA PRO RB 56 -45.78 -35.57 -48.42
C PRO RB 56 -44.55 -35.58 -49.30
N LEU RB 57 -44.61 -36.42 -50.33
CA LEU RB 57 -43.49 -36.58 -51.24
C LEU RB 57 -43.58 -35.56 -52.37
N VAL RB 58 -42.43 -34.99 -52.72
CA VAL RB 58 -42.34 -34.01 -53.81
C VAL RB 58 -42.06 -34.79 -55.08
N VAL RB 59 -42.99 -34.72 -56.04
CA VAL RB 59 -42.92 -35.52 -57.25
C VAL RB 59 -42.97 -34.59 -58.45
N ILE RB 60 -41.93 -34.63 -59.28
CA ILE RB 60 -41.91 -33.98 -60.58
C ILE RB 60 -41.82 -35.08 -61.63
N GLU RB 61 -42.85 -35.18 -62.47
CA GLU RB 61 -43.08 -36.39 -63.25
C GLU RB 61 -41.86 -36.77 -64.09
N GLY RB 62 -41.22 -35.79 -64.72
CA GLY RB 62 -40.05 -36.09 -65.52
C GLY RB 62 -38.74 -36.11 -64.77
N CYS RB 63 -38.74 -35.65 -63.51
CA CYS RB 63 -37.52 -35.32 -62.80
C CYS RB 63 -37.28 -36.15 -61.54
N THR RB 64 -38.33 -36.56 -60.84
CA THR RB 64 -38.21 -37.16 -59.50
C THR RB 64 -37.93 -38.64 -59.64
N ASP RB 65 -36.73 -39.05 -59.27
CA ASP RB 65 -36.40 -40.47 -59.19
C ASP RB 65 -37.22 -41.12 -58.08
N ALA RB 66 -37.90 -42.22 -58.42
CA ALA RB 66 -38.75 -42.87 -57.44
C ALA RB 66 -37.94 -43.59 -56.36
N CYS RB 67 -36.73 -44.02 -56.68
CA CYS RB 67 -35.91 -44.76 -55.71
C CYS RB 67 -35.48 -43.86 -54.56
N SER RB 68 -34.99 -42.66 -54.87
CA SER RB 68 -34.60 -41.70 -53.85
C SER RB 68 -35.80 -40.81 -53.55
N VAL RB 69 -36.41 -41.03 -52.38
CA VAL RB 69 -37.60 -40.28 -52.01
C VAL RB 69 -37.23 -38.82 -51.77
N ASN RB 70 -38.10 -37.91 -52.20
CA ASN RB 70 -37.95 -36.49 -51.95
C ASN RB 70 -39.19 -36.03 -51.18
N ARG RB 71 -39.02 -35.70 -49.90
CA ARG RB 71 -40.13 -35.35 -49.05
C ARG RB 71 -40.02 -33.90 -48.59
N GLU RB 72 -41.18 -33.36 -48.23
CA GLU RB 72 -41.35 -31.98 -47.78
C GLU RB 72 -42.17 -31.98 -46.51
N ASN RB 73 -41.73 -31.23 -45.50
CA ASN RB 73 -42.56 -31.04 -44.31
C ASN RB 73 -43.63 -30.00 -44.59
N ILE RB 74 -44.88 -30.31 -44.23
CA ILE RB 74 -45.97 -29.36 -44.25
C ILE RB 74 -46.64 -29.37 -42.89
N SER RB 75 -47.15 -28.22 -42.48
CA SER RB 75 -47.71 -28.09 -41.13
C SER RB 75 -48.88 -27.13 -41.11
N ILE RB 76 -49.90 -27.49 -40.32
CA ILE RB 76 -51.04 -26.62 -40.07
C ILE RB 76 -51.25 -26.55 -38.56
N ARG RB 77 -51.09 -25.35 -38.01
CA ARG RB 77 -51.12 -25.09 -36.58
C ARG RB 77 -52.30 -24.16 -36.28
N THR RB 78 -52.92 -24.34 -35.12
CA THR RB 78 -54.03 -23.48 -34.72
C THR RB 78 -53.99 -23.23 -33.22
N THR RB 79 -53.78 -21.97 -32.84
CA THR RB 79 -53.74 -21.53 -31.45
C THR RB 79 -55.03 -20.81 -31.09
N ILE RB 80 -55.56 -21.11 -29.91
CA ILE RB 80 -56.82 -20.57 -29.40
C ILE RB 80 -56.60 -20.22 -27.94
N SER RB 81 -56.48 -18.92 -27.64
CA SER RB 81 -56.19 -18.46 -26.28
C SER RB 81 -57.30 -17.51 -25.83
N GLY RB 82 -58.01 -17.92 -24.79
CA GLY RB 82 -59.07 -17.15 -24.15
C GLY RB 82 -59.47 -17.85 -22.88
N SER RB 83 -60.28 -17.16 -22.07
CA SER RB 83 -60.67 -17.75 -20.79
C SER RB 83 -61.73 -18.83 -20.98
N VAL RB 84 -61.70 -19.82 -20.08
CA VAL RB 84 -62.79 -20.79 -20.02
C VAL RB 84 -64.05 -20.12 -19.50
N GLU RB 85 -63.89 -19.06 -18.72
CA GLU RB 85 -65.02 -18.33 -18.18
C GLU RB 85 -65.89 -17.77 -19.30
N ASN RB 86 -65.25 -17.24 -20.34
CA ASN RB 86 -65.88 -16.53 -21.46
C ASN RB 86 -65.86 -17.36 -22.75
N LYS RB 87 -65.90 -18.69 -22.60
CA LYS RB 87 -65.78 -19.56 -23.76
C LYS RB 87 -66.89 -19.33 -24.77
N ALA RB 88 -67.99 -18.69 -24.37
CA ALA RB 88 -69.02 -18.30 -25.32
C ALA RB 88 -68.44 -17.38 -26.40
N ALA RB 89 -67.80 -16.29 -25.97
CA ALA RB 89 -67.17 -15.39 -26.93
C ALA RB 89 -65.94 -16.02 -27.58
N VAL RB 90 -65.26 -16.92 -26.87
CA VAL RB 90 -64.16 -17.66 -27.50
C VAL RB 90 -64.66 -18.41 -28.73
N LEU RB 91 -65.75 -19.17 -28.57
CA LEU RB 91 -66.31 -19.95 -29.69
C LEU RB 91 -66.93 -19.05 -30.76
N ALA RB 92 -67.57 -17.95 -30.34
CA ALA RB 92 -68.09 -17.00 -31.33
C ALA RB 92 -66.97 -16.42 -32.18
N ALA RB 93 -65.78 -16.25 -31.60
CA ALA RB 93 -64.62 -15.85 -32.38
C ALA RB 93 -64.11 -17.00 -33.24
N LEU RB 94 -64.17 -18.23 -32.73
CA LEU RB 94 -63.67 -19.37 -33.47
C LEU RB 94 -64.47 -19.58 -34.75
N LEU RB 95 -65.79 -19.45 -34.68
CA LEU RB 95 -66.62 -19.69 -35.86
C LEU RB 95 -66.29 -18.68 -36.97
N ASP RB 96 -66.19 -17.40 -36.60
CA ASP RB 96 -65.84 -16.37 -37.57
C ASP RB 96 -64.46 -16.61 -38.15
N HIS RB 97 -63.50 -17.01 -37.30
CA HIS RB 97 -62.15 -17.30 -37.76
C HIS RB 97 -62.15 -18.44 -38.77
N LEU RB 98 -62.85 -19.53 -38.46
CA LEU RB 98 -62.88 -20.69 -39.36
C LEU RB 98 -63.52 -20.33 -40.69
N HIS RB 99 -64.64 -19.60 -40.67
CA HIS RB 99 -65.29 -19.22 -41.92
C HIS RB 99 -64.42 -18.30 -42.76
N ASN RB 100 -63.75 -17.33 -42.14
CA ASN RB 100 -62.90 -16.43 -42.91
C ASN RB 100 -61.69 -17.17 -43.46
N LEU RB 101 -61.11 -18.08 -42.66
CA LEU RB 101 -60.06 -18.94 -43.18
C LEU RB 101 -60.53 -19.71 -44.39
N GLY RB 102 -61.75 -20.24 -44.34
CA GLY RB 102 -62.30 -20.93 -45.50
C GLY RB 102 -62.40 -20.02 -46.71
N LEU RB 103 -62.83 -18.77 -46.51
CA LEU RB 103 -62.86 -17.80 -47.61
C LEU RB 103 -61.48 -17.63 -48.22
N ALA RB 104 -60.43 -17.65 -47.40
CA ALA RB 104 -59.09 -17.36 -47.90
C ALA RB 104 -58.34 -18.58 -48.44
N ARG RB 105 -58.74 -19.81 -48.06
CA ARG RB 105 -57.81 -20.94 -48.17
C ARG RB 105 -57.43 -21.21 -49.62
N ASP RB 106 -58.37 -21.05 -50.54
CA ASP RB 106 -58.08 -21.33 -51.95
C ASP RB 106 -56.99 -20.41 -52.46
N ASP RB 107 -57.03 -19.15 -52.05
CA ASP RB 107 -55.98 -18.20 -52.43
C ASP RB 107 -54.68 -18.51 -51.70
N LEU RB 108 -54.77 -18.84 -50.42
CA LEU RB 108 -53.57 -18.96 -49.60
C LEU RB 108 -52.73 -20.18 -49.99
N VAL RB 109 -53.38 -21.33 -50.21
CA VAL RB 109 -52.61 -22.54 -50.51
C VAL RB 109 -51.95 -22.44 -51.88
N ALA RB 110 -52.42 -21.53 -52.74
CA ALA RB 110 -51.83 -21.32 -54.05
C ALA RB 110 -50.79 -20.20 -54.06
N GLY RB 111 -50.38 -19.72 -52.88
CA GLY RB 111 -49.36 -18.70 -52.79
C GLY RB 111 -49.81 -17.31 -53.18
N LEU RB 112 -51.12 -17.07 -53.29
CA LEU RB 112 -51.65 -15.78 -53.70
C LEU RB 112 -52.17 -15.03 -52.48
N LEU RB 113 -51.95 -13.72 -52.46
CA LEU RB 113 -52.42 -12.88 -51.36
C LEU RB 113 -53.90 -12.64 -51.52
N PRO RB 114 -54.74 -13.06 -50.55
CA PRO RB 114 -56.20 -12.97 -50.72
C PRO RB 114 -56.71 -11.53 -50.70
N THR RB 115 -56.44 -10.79 -51.77
CA THR RB 115 -56.77 -9.38 -51.82
C THR RB 115 -58.25 -9.11 -52.09
N THR RB 116 -58.99 -10.11 -52.57
CA THR RB 116 -60.39 -9.90 -52.93
C THR RB 116 -61.36 -10.20 -51.79
N ILE RB 117 -61.06 -11.24 -50.99
CA ILE RB 117 -62.03 -11.76 -50.02
C ILE RB 117 -62.47 -10.67 -49.04
N GLN RB 118 -63.65 -10.84 -48.47
CA GLN RB 118 -64.16 -9.94 -47.43
C GLN RB 118 -64.60 -10.76 -46.22
N PRO RB 119 -63.93 -10.64 -45.09
CA PRO RB 119 -64.33 -11.38 -43.90
C PRO RB 119 -65.59 -10.82 -43.28
N VAL RB 120 -66.01 -11.39 -42.13
CA VAL RB 120 -67.28 -11.03 -41.52
C VAL RB 120 -67.23 -11.36 -40.04
N VAL RB 121 -68.01 -10.63 -39.25
CA VAL RB 121 -68.23 -10.92 -37.83
C VAL RB 121 -69.61 -11.51 -37.69
N GLU RB 122 -69.78 -12.38 -36.68
CA GLU RB 122 -71.08 -12.94 -36.31
C GLU RB 122 -71.74 -13.66 -37.50
N TYR RB 123 -70.99 -14.60 -38.08
CA TYR RB 123 -71.46 -15.32 -39.26
C TYR RB 123 -72.67 -16.19 -38.92
N THR RB 124 -73.76 -16.01 -39.66
CA THR RB 124 -75.02 -16.70 -39.43
C THR RB 124 -75.19 -17.80 -40.47
N GLY RB 125 -75.15 -19.05 -40.04
CA GLY RB 125 -75.38 -20.19 -40.92
C GLY RB 125 -74.31 -20.41 -41.98
N ALA SB 1 -75.50 -10.22 -36.00
CA ALA SB 1 -75.80 -9.15 -36.93
C ALA SB 1 -75.16 -9.41 -38.30
N GLN SB 2 -74.05 -10.15 -38.29
CA GLN SB 2 -73.26 -10.48 -39.48
C GLN SB 2 -73.02 -9.25 -40.34
N HIS SB 3 -72.46 -8.21 -39.72
CA HIS SB 3 -71.92 -7.07 -40.43
C HIS SB 3 -70.48 -7.38 -40.82
N ASN SB 4 -70.23 -7.50 -42.12
CA ASN SB 4 -68.92 -7.97 -42.58
C ASN SB 4 -67.83 -6.94 -42.35
N MET SB 5 -66.60 -7.44 -42.16
CA MET SB 5 -65.49 -6.59 -41.73
C MET SB 5 -65.07 -5.64 -42.84
N ARG SB 6 -64.42 -4.56 -42.42
CA ARG SB 6 -63.96 -3.50 -43.31
C ARG SB 6 -62.45 -3.57 -43.43
N LEU SB 7 -61.93 -3.48 -44.65
CA LEU SB 7 -60.49 -3.43 -44.83
C LEU SB 7 -59.92 -2.20 -44.15
N GLN SB 8 -58.76 -2.36 -43.54
CA GLN SB 8 -58.20 -1.17 -42.91
C GLN SB 8 -56.75 -0.91 -43.33
N LEU SB 9 -55.94 -1.97 -43.50
CA LEU SB 9 -54.55 -1.73 -43.87
C LEU SB 9 -53.98 -2.85 -44.74
N THR SB 10 -53.28 -2.46 -45.81
CA THR SB 10 -52.54 -3.38 -46.66
C THR SB 10 -51.11 -2.87 -46.77
N SER SB 11 -50.15 -3.69 -46.38
CA SER SB 11 -48.75 -3.31 -46.48
C SER SB 11 -47.88 -4.55 -46.47
N GLY SB 12 -46.89 -4.59 -47.36
CA GLY SB 12 -45.98 -5.71 -47.43
C GLY SB 12 -46.66 -7.00 -47.85
N THR SB 13 -46.74 -7.95 -46.91
CA THR SB 13 -47.40 -9.23 -47.14
C THR SB 13 -48.64 -9.41 -46.28
N SER SB 14 -49.12 -8.35 -45.63
CA SER SB 14 -50.19 -8.45 -44.65
C SER SB 14 -51.45 -7.74 -45.14
N LEU SB 15 -52.59 -8.25 -44.67
CA LEU SB 15 -53.89 -7.62 -44.86
C LEU SB 15 -54.55 -7.54 -43.50
N THR SB 16 -55.18 -6.41 -43.20
CA THR SB 16 -55.75 -6.17 -41.87
C THR SB 16 -57.13 -5.56 -42.01
N TRP SB 17 -58.15 -6.34 -41.64
CA TRP SB 17 -59.54 -5.94 -41.57
C TRP SB 17 -59.95 -5.72 -40.12
N VAL SB 18 -61.02 -4.97 -39.94
CA VAL SB 18 -61.51 -4.61 -38.61
C VAL SB 18 -63.03 -4.62 -38.60
N ASP SB 19 -63.59 -4.93 -37.43
CA ASP SB 19 -65.02 -4.82 -37.20
C ASP SB 19 -65.42 -3.35 -37.14
N PRO SB 20 -66.31 -2.87 -38.03
CA PRO SB 20 -66.70 -1.46 -37.99
C PRO SB 20 -67.42 -1.04 -36.72
N ASN SB 21 -67.85 -1.98 -35.88
CA ASN SB 21 -68.54 -1.58 -34.66
C ASN SB 21 -67.57 -1.34 -33.51
N ASP SB 22 -66.71 -2.31 -33.18
CA ASP SB 22 -65.61 -2.01 -32.28
C ASP SB 22 -64.29 -2.36 -32.95
N PHE SB 23 -63.30 -1.53 -32.70
CA PHE SB 23 -61.95 -1.61 -33.20
C PHE SB 23 -61.15 -2.73 -32.57
N ARG SB 24 -61.74 -3.45 -31.61
CA ARG SB 24 -61.03 -4.44 -30.82
C ARG SB 24 -60.90 -5.78 -31.54
N SER SB 25 -61.82 -6.11 -32.44
CA SER SB 25 -61.81 -7.38 -33.14
C SER SB 25 -61.31 -7.13 -34.56
N THR SB 26 -60.12 -7.67 -34.85
CA THR SB 26 -59.41 -7.47 -36.10
C THR SB 26 -59.06 -8.83 -36.71
N PHE SB 27 -58.65 -8.79 -37.97
CA PHE SB 27 -58.40 -10.00 -38.75
C PHE SB 27 -57.25 -9.73 -39.69
N ARG SB 28 -56.16 -10.48 -39.55
CA ARG SB 28 -54.96 -10.27 -40.35
C ARG SB 28 -54.61 -11.55 -41.10
N ILE SB 29 -54.07 -11.38 -42.30
CA ILE SB 29 -53.52 -12.49 -43.07
C ILE SB 29 -52.13 -12.11 -43.56
N ASN SB 30 -51.15 -12.93 -43.22
CA ASN SB 30 -49.77 -12.80 -43.69
C ASN SB 30 -49.44 -13.93 -44.64
N LEU SB 31 -48.71 -13.63 -45.70
CA LEU SB 31 -48.35 -14.61 -46.72
C LEU SB 31 -46.88 -14.45 -47.07
N ASN SB 32 -46.11 -15.51 -46.88
CA ASN SB 32 -44.67 -15.49 -47.16
C ASN SB 32 -44.35 -16.63 -48.11
N VAL SB 33 -44.10 -16.29 -49.38
CA VAL SB 33 -43.76 -17.28 -50.40
C VAL SB 33 -42.26 -17.18 -50.67
N ASN SB 34 -41.60 -18.33 -50.71
CA ASN SB 34 -40.17 -18.39 -50.99
C ASN SB 34 -39.78 -19.83 -51.28
N GLN SB 35 -38.59 -20.01 -51.86
CA GLN SB 35 -38.18 -21.33 -52.31
C GLN SB 35 -37.70 -22.20 -51.16
N LYS SB 36 -38.18 -23.44 -51.13
CA LYS SB 36 -37.84 -24.47 -50.18
C LYS SB 36 -37.04 -25.54 -50.91
N VAL SB 37 -36.13 -26.19 -50.19
CA VAL SB 37 -35.29 -27.24 -50.75
C VAL SB 37 -35.73 -28.56 -50.14
N ALA SB 38 -36.26 -29.46 -50.96
CA ALA SB 38 -36.75 -30.76 -50.49
C ALA SB 38 -36.12 -31.84 -51.37
N GLY SB 39 -35.09 -32.51 -50.84
CA GLY SB 39 -34.36 -33.47 -51.64
C GLY SB 39 -33.48 -32.75 -52.65
N ALA SB 40 -33.50 -33.24 -53.89
CA ALA SB 40 -32.71 -32.63 -54.95
C ALA SB 40 -33.42 -31.48 -55.62
N VAL SB 41 -34.73 -31.32 -55.41
CA VAL SB 41 -35.50 -30.29 -56.07
C VAL SB 41 -35.80 -29.16 -55.09
N SER SB 42 -36.19 -28.02 -55.64
CA SER SB 42 -36.68 -26.88 -54.89
C SER SB 42 -38.08 -26.54 -55.37
N VAL SB 43 -38.95 -26.20 -54.41
CA VAL SB 43 -40.35 -25.91 -54.67
C VAL SB 43 -40.74 -24.64 -53.93
N TYR SB 44 -41.72 -23.92 -54.46
CA TYR SB 44 -42.17 -22.68 -53.82
C TYR SB 44 -43.06 -23.01 -52.64
N ASN SB 45 -42.57 -22.74 -51.43
CA ASN SB 45 -43.32 -22.93 -50.19
C ASN SB 45 -44.01 -21.63 -49.81
N ALA SB 46 -45.29 -21.74 -49.45
CA ALA SB 46 -46.10 -20.65 -48.96
C ALA SB 46 -46.34 -20.86 -47.47
N ARG SB 47 -46.12 -19.80 -46.69
CA ARG SB 47 -46.43 -19.75 -45.27
C ARG SB 47 -47.57 -18.75 -45.10
N SER SB 48 -48.78 -19.26 -44.97
CA SER SB 48 -49.93 -18.44 -44.64
C SER SB 48 -50.09 -18.42 -43.13
N GLU SB 49 -50.44 -17.26 -42.58
CA GLU SB 49 -50.90 -17.22 -41.20
C GLU SB 49 -52.05 -16.23 -41.05
N VAL SB 50 -53.15 -16.73 -40.47
CA VAL SB 50 -54.41 -16.01 -40.35
C VAL SB 50 -54.67 -15.81 -38.88
N ILE SB 51 -54.69 -14.55 -38.45
CA ILE SB 51 -54.74 -14.17 -37.03
C ILE SB 51 -55.98 -13.34 -36.80
N THR SB 52 -56.93 -13.88 -36.02
CA THR SB 52 -58.09 -13.11 -35.60
C THR SB 52 -57.92 -12.76 -34.12
N ASN SB 53 -58.06 -11.48 -33.81
CA ASN SB 53 -57.82 -10.93 -32.48
C ASN SB 53 -59.07 -10.23 -31.98
N ARG SB 54 -59.41 -10.44 -30.72
CA ARG SB 54 -60.55 -9.74 -30.14
C ARG SB 54 -60.19 -9.35 -28.72
N ALA SB 55 -60.98 -8.43 -28.17
CA ALA SB 55 -60.83 -7.99 -26.78
C ALA SB 55 -62.23 -7.87 -26.17
N PRO SB 56 -62.96 -8.98 -26.06
CA PRO SB 56 -64.37 -8.91 -25.69
C PRO SB 56 -64.52 -8.65 -24.20
N LEU SB 57 -65.75 -8.34 -23.82
CA LEU SB 57 -66.10 -8.30 -22.40
C LEU SB 57 -66.24 -9.73 -21.89
N VAL SB 58 -65.81 -9.98 -20.66
CA VAL SB 58 -65.99 -11.30 -20.07
C VAL SB 58 -67.45 -11.42 -19.61
N VAL SB 59 -68.16 -12.39 -20.16
CA VAL SB 59 -69.57 -12.60 -19.91
C VAL SB 59 -69.71 -13.91 -19.13
N ILE SB 60 -69.99 -13.79 -17.84
CA ILE SB 60 -70.21 -14.96 -17.00
C ILE SB 60 -71.59 -15.51 -17.32
N GLU SB 61 -71.73 -16.84 -17.34
CA GLU SB 61 -73.02 -17.42 -17.71
C GLU SB 61 -74.11 -16.98 -16.74
N GLY SB 62 -73.94 -17.30 -15.45
CA GLY SB 62 -74.97 -16.97 -14.48
C GLY SB 62 -75.26 -15.49 -14.41
N CYS SB 63 -74.27 -14.65 -14.67
CA CYS SB 63 -74.40 -13.22 -14.45
C CYS SB 63 -74.95 -12.51 -15.67
N THR SB 64 -75.54 -11.33 -15.41
CA THR SB 64 -76.00 -10.44 -16.48
C THR SB 64 -75.91 -9.02 -15.95
N ASP SB 65 -75.05 -8.22 -16.58
CA ASP SB 65 -74.71 -6.87 -16.09
C ASP SB 65 -74.17 -6.06 -17.24
N ALA SB 66 -74.80 -4.92 -17.52
CA ALA SB 66 -74.33 -4.02 -18.57
C ALA SB 66 -73.33 -3.00 -18.05
N CYS SB 67 -72.97 -3.05 -16.77
CA CYS SB 67 -72.11 -2.04 -16.15
C CYS SB 67 -70.67 -2.51 -15.95
N SER SB 68 -70.37 -3.77 -16.25
CA SER SB 68 -69.00 -4.26 -16.13
C SER SB 68 -68.25 -3.98 -17.43
N VAL SB 69 -67.06 -3.38 -17.31
CA VAL SB 69 -66.14 -3.25 -18.42
C VAL SB 69 -64.97 -4.23 -18.28
N ASN SB 70 -65.19 -5.32 -17.56
CA ASN SB 70 -64.19 -6.37 -17.42
C ASN SB 70 -63.88 -6.96 -18.79
N ARG SB 71 -62.66 -6.74 -19.28
CA ARG SB 71 -62.27 -7.19 -20.62
C ARG SB 71 -61.01 -8.02 -20.56
N GLU SB 72 -60.98 -9.07 -21.38
CA GLU SB 72 -59.78 -9.85 -21.64
C GLU SB 72 -59.50 -9.86 -23.14
N ASN SB 73 -58.26 -10.18 -23.48
CA ASN SB 73 -57.88 -10.39 -24.87
C ASN SB 73 -58.04 -11.86 -25.22
N ILE SB 74 -58.47 -12.12 -26.46
CA ILE SB 74 -58.55 -13.48 -26.99
C ILE SB 74 -58.01 -13.47 -28.40
N SER SB 75 -57.41 -14.60 -28.80
CA SER SB 75 -56.79 -14.68 -30.12
C SER SB 75 -56.84 -16.10 -30.66
N ILE SB 76 -57.13 -16.21 -31.96
CA ILE SB 76 -57.10 -17.47 -32.67
C ILE SB 76 -56.24 -17.30 -33.92
N ARG SB 77 -55.18 -18.08 -34.00
CA ARG SB 77 -54.23 -18.03 -35.10
C ARG SB 77 -54.16 -19.37 -35.80
N THR SB 78 -54.00 -19.34 -37.12
CA THR SB 78 -53.88 -20.56 -37.91
C THR SB 78 -52.76 -20.38 -38.92
N THR SB 79 -51.73 -21.22 -38.82
CA THR SB 79 -50.56 -21.18 -39.69
C THR SB 79 -50.57 -22.39 -40.62
N ILE SB 80 -50.23 -22.16 -41.88
CA ILE SB 80 -50.26 -23.18 -42.91
C ILE SB 80 -49.00 -23.03 -43.76
N SER SB 81 -48.02 -23.92 -43.56
CA SER SB 81 -46.76 -23.86 -44.30
C SER SB 81 -46.64 -25.11 -45.17
N GLY SB 82 -46.55 -24.89 -46.48
CA GLY SB 82 -46.50 -25.99 -47.44
C GLY SB 82 -46.29 -25.46 -48.84
N SER SB 83 -45.74 -26.32 -49.69
CA SER SB 83 -45.46 -25.89 -51.06
C SER SB 83 -46.73 -25.67 -51.85
N VAL SB 84 -46.61 -24.89 -52.91
CA VAL SB 84 -47.73 -24.71 -53.84
C VAL SB 84 -47.91 -25.96 -54.69
N GLU SB 85 -46.82 -26.70 -54.91
CA GLU SB 85 -46.89 -27.88 -55.76
C GLU SB 85 -47.73 -28.98 -55.13
N ASN SB 86 -47.53 -29.25 -53.84
CA ASN SB 86 -48.33 -30.22 -53.11
C ASN SB 86 -49.57 -29.60 -52.48
N LYS SB 87 -50.08 -28.49 -53.01
CA LYS SB 87 -51.23 -27.86 -52.39
C LYS SB 87 -52.42 -28.81 -52.33
N ALA SB 88 -52.42 -29.87 -53.13
CA ALA SB 88 -53.43 -30.92 -52.98
C ALA SB 88 -53.34 -31.58 -51.61
N ALA SB 89 -52.15 -32.07 -51.25
CA ALA SB 89 -51.98 -32.69 -49.93
C ALA SB 89 -52.08 -31.65 -48.82
N VAL SB 90 -51.72 -30.39 -49.11
CA VAL SB 90 -51.91 -29.33 -48.13
C VAL SB 90 -53.39 -29.15 -47.81
N LEU SB 91 -54.24 -29.11 -48.84
CA LEU SB 91 -55.68 -28.94 -48.62
C LEU SB 91 -56.31 -30.17 -47.98
N ALA SB 92 -55.85 -31.37 -48.36
CA ALA SB 92 -56.34 -32.58 -47.69
C ALA SB 92 -55.99 -32.54 -46.20
N ALA SB 93 -54.74 -32.17 -45.89
CA ALA SB 93 -54.33 -32.00 -44.51
C ALA SB 93 -55.13 -30.91 -43.81
N LEU SB 94 -55.51 -29.86 -44.55
CA LEU SB 94 -56.32 -28.81 -43.95
C LEU SB 94 -57.70 -29.31 -43.59
N LEU SB 95 -58.33 -30.08 -44.48
CA LEU SB 95 -59.64 -30.65 -44.17
C LEU SB 95 -59.56 -31.56 -42.95
N ASP SB 96 -58.57 -32.44 -42.92
CA ASP SB 96 -58.42 -33.34 -41.77
C ASP SB 96 -58.17 -32.54 -40.49
N HIS SB 97 -57.34 -31.50 -40.58
CA HIS SB 97 -57.05 -30.64 -39.43
C HIS SB 97 -58.31 -29.96 -38.92
N LEU SB 98 -59.10 -29.38 -39.83
CA LEU SB 98 -60.32 -28.69 -39.43
C LEU SB 98 -61.31 -29.64 -38.78
N HIS SB 99 -61.49 -30.83 -39.36
CA HIS SB 99 -62.42 -31.79 -38.79
C HIS SB 99 -61.98 -32.25 -37.40
N ASN SB 100 -60.69 -32.53 -37.23
CA ASN SB 100 -60.21 -32.96 -35.92
C ASN SB 100 -60.31 -31.82 -34.90
N LEU SB 101 -59.99 -30.60 -35.33
CA LEU SB 101 -60.17 -29.43 -34.47
C LEU SB 101 -61.61 -29.32 -34.01
N GLY SB 102 -62.56 -29.53 -34.93
CA GLY SB 102 -63.96 -29.51 -34.54
C GLY SB 102 -64.29 -30.61 -33.55
N LEU SB 103 -63.72 -31.80 -33.75
CA LEU SB 103 -63.91 -32.88 -32.77
C LEU SB 103 -63.44 -32.46 -31.38
N ALA SB 104 -62.41 -31.61 -31.30
CA ALA SB 104 -61.82 -31.29 -30.01
C ALA SB 104 -62.32 -29.99 -29.39
N ARG SB 105 -62.95 -29.10 -30.15
CA ARG SB 105 -63.08 -27.71 -29.70
C ARG SB 105 -63.94 -27.60 -28.44
N ASP SB 106 -64.97 -28.44 -28.33
CA ASP SB 106 -65.84 -28.31 -27.16
C ASP SB 106 -65.11 -28.64 -25.89
N ASP SB 107 -64.14 -29.56 -25.94
CA ASP SB 107 -63.26 -29.80 -24.80
C ASP SB 107 -62.23 -28.69 -24.63
N LEU SB 108 -61.64 -28.23 -25.74
CA LEU SB 108 -60.50 -27.32 -25.63
C LEU SB 108 -60.91 -25.94 -25.10
N VAL SB 109 -62.06 -25.41 -25.55
CA VAL SB 109 -62.46 -24.09 -25.06
C VAL SB 109 -62.93 -24.16 -23.60
N ALA SB 110 -63.24 -25.36 -23.11
CA ALA SB 110 -63.67 -25.55 -21.73
C ALA SB 110 -62.51 -25.92 -20.80
N GLY SB 111 -61.28 -25.88 -21.30
CA GLY SB 111 -60.12 -26.21 -20.50
C GLY SB 111 -59.86 -27.69 -20.31
N LEU SB 112 -60.61 -28.55 -20.99
CA LEU SB 112 -60.46 -29.98 -20.86
C LEU SB 112 -59.62 -30.52 -22.01
N LEU SB 113 -58.62 -31.34 -21.68
CA LEU SB 113 -57.82 -31.98 -22.72
C LEU SB 113 -58.66 -33.09 -23.36
N PRO SB 114 -58.83 -33.07 -24.69
CA PRO SB 114 -59.76 -34.01 -25.32
C PRO SB 114 -59.27 -35.45 -25.28
N THR SB 115 -59.47 -36.10 -24.14
CA THR SB 115 -58.99 -37.48 -23.97
C THR SB 115 -59.79 -38.45 -24.83
N THR SB 116 -61.04 -38.13 -25.14
CA THR SB 116 -61.99 -39.07 -25.67
C THR SB 116 -62.24 -38.92 -27.18
N ILE SB 117 -61.50 -38.06 -27.86
CA ILE SB 117 -61.77 -37.80 -29.27
C ILE SB 117 -61.02 -38.83 -30.11
N GLN SB 118 -61.47 -38.98 -31.37
CA GLN SB 118 -60.91 -39.94 -32.31
C GLN SB 118 -60.51 -39.22 -33.59
N PRO SB 119 -59.26 -38.77 -33.69
CA PRO SB 119 -58.81 -38.10 -34.91
C PRO SB 119 -58.70 -39.06 -36.08
N VAL SB 120 -58.98 -38.54 -37.28
CA VAL SB 120 -59.04 -39.35 -38.49
C VAL SB 120 -58.10 -38.77 -39.54
N VAL SB 121 -57.89 -39.54 -40.60
CA VAL SB 121 -57.19 -39.12 -41.80
C VAL SB 121 -58.14 -39.31 -42.97
N GLU SB 122 -58.12 -38.38 -43.93
CA GLU SB 122 -58.93 -38.46 -45.14
C GLU SB 122 -60.42 -38.49 -44.81
N TYR SB 123 -60.88 -37.41 -44.18
CA TYR SB 123 -62.28 -37.32 -43.78
C TYR SB 123 -63.22 -37.30 -44.98
N THR SB 124 -64.32 -38.04 -44.87
CA THR SB 124 -65.31 -38.15 -45.94
C THR SB 124 -66.74 -38.13 -45.37
N ALA TB 1 -55.78 -71.45 -12.28
CA ALA TB 1 -56.71 -70.40 -11.88
C ALA TB 1 -56.98 -69.45 -13.05
N GLN TB 2 -55.95 -69.22 -13.86
CA GLN TB 2 -55.98 -68.30 -15.01
C GLN TB 2 -56.54 -66.93 -14.62
N HIS TB 3 -56.19 -66.47 -13.43
CA HIS TB 3 -56.38 -65.07 -13.08
C HIS TB 3 -55.42 -64.22 -13.92
N ASN TB 4 -55.96 -63.23 -14.61
CA ASN TB 4 -55.15 -62.45 -15.55
C ASN TB 4 -54.47 -61.28 -14.85
N MET TB 5 -53.32 -60.88 -15.41
CA MET TB 5 -52.47 -59.88 -14.78
C MET TB 5 -53.16 -58.52 -14.74
N ARG TB 6 -52.71 -57.67 -13.81
CA ARG TB 6 -53.29 -56.34 -13.67
C ARG TB 6 -52.19 -55.28 -13.75
N LEU TB 7 -52.58 -54.08 -14.16
CA LEU TB 7 -51.62 -53.09 -14.63
C LEU TB 7 -50.93 -52.37 -13.49
N GLN TB 8 -49.61 -52.18 -13.63
CA GLN TB 8 -48.79 -51.54 -12.60
C GLN TB 8 -48.10 -50.27 -13.07
N LEU TB 9 -47.44 -50.29 -14.24
CA LEU TB 9 -46.63 -49.17 -14.70
C LEU TB 9 -46.89 -48.86 -16.16
N THR TB 10 -47.19 -47.60 -16.47
CA THR TB 10 -47.39 -47.14 -17.83
C THR TB 10 -46.43 -45.99 -18.12
N SER TB 11 -45.77 -46.04 -19.27
CA SER TB 11 -44.74 -45.06 -19.58
C SER TB 11 -44.85 -44.48 -20.98
N GLY TB 12 -45.83 -44.86 -21.77
CA GLY TB 12 -45.92 -44.43 -23.16
C GLY TB 12 -44.90 -45.12 -24.03
N THR TB 13 -43.89 -45.68 -23.39
CA THR TB 13 -42.91 -46.54 -24.01
C THR TB 13 -42.78 -47.91 -23.34
N SER TB 14 -43.19 -48.02 -22.07
CA SER TB 14 -43.12 -49.28 -21.32
C SER TB 14 -44.46 -49.56 -20.66
N LEU TB 15 -44.84 -50.82 -20.66
CA LEU TB 15 -46.01 -51.28 -19.92
C LEU TB 15 -45.57 -52.42 -19.02
N THR TB 16 -46.06 -52.40 -17.77
CA THR TB 16 -45.63 -53.36 -16.77
C THR TB 16 -46.87 -53.82 -16.01
N TRP TB 17 -47.24 -55.08 -16.21
CA TRP TB 17 -48.33 -55.74 -15.49
C TRP TB 17 -47.75 -56.69 -14.46
N VAL TB 18 -48.53 -56.97 -13.42
CA VAL TB 18 -48.09 -57.84 -12.33
C VAL TB 18 -49.21 -58.82 -12.00
N ASP TB 19 -48.81 -60.00 -11.55
CA ASP TB 19 -49.75 -60.98 -10.99
C ASP TB 19 -50.31 -60.44 -9.68
N PRO TB 20 -51.62 -60.24 -9.57
CA PRO TB 20 -52.18 -59.70 -8.32
C PRO TB 20 -51.93 -60.57 -7.10
N ASN TB 21 -51.67 -61.87 -7.28
CA ASN TB 21 -51.35 -62.73 -6.13
C ASN TB 21 -49.86 -62.67 -5.79
N ASP TB 22 -49.02 -62.90 -6.78
CA ASP TB 22 -47.57 -62.97 -6.59
C ASP TB 22 -46.93 -61.78 -7.29
N PHE TB 23 -46.39 -60.86 -6.48
CA PHE TB 23 -45.70 -59.69 -7.03
C PHE TB 23 -44.36 -60.03 -7.65
N ARG TB 24 -43.88 -61.27 -7.50
CA ARG TB 24 -42.60 -61.66 -8.09
C ARG TB 24 -42.69 -61.89 -9.59
N SER TB 25 -43.88 -62.18 -10.13
CA SER TB 25 -44.07 -62.48 -11.54
C SER TB 25 -44.65 -61.24 -12.23
N THR TB 26 -43.86 -60.64 -13.10
CA THR TB 26 -44.21 -59.42 -13.81
C THR TB 26 -44.07 -59.64 -15.32
N PHE TB 27 -44.63 -58.71 -16.07
CA PHE TB 27 -44.66 -58.80 -17.53
C PHE TB 27 -44.56 -57.38 -18.08
N ARG TB 28 -43.46 -57.09 -18.77
CA ARG TB 28 -43.23 -55.78 -19.36
C ARG TB 28 -43.17 -55.89 -20.87
N ILE TB 29 -43.68 -54.86 -21.55
CA ILE TB 29 -43.53 -54.68 -22.99
C ILE TB 29 -42.92 -53.31 -23.21
N ASN TB 30 -41.78 -53.28 -23.91
CA ASN TB 30 -41.09 -52.05 -24.27
C ASN TB 30 -41.10 -51.93 -25.78
N LEU TB 31 -41.29 -50.71 -26.27
CA LEU TB 31 -41.36 -50.44 -27.70
C LEU TB 31 -40.54 -49.20 -27.99
N ASN TB 32 -39.72 -49.26 -29.05
CA ASN TB 32 -38.91 -48.11 -29.45
C ASN TB 32 -38.92 -48.00 -30.96
N VAL TB 33 -39.46 -46.90 -31.47
CA VAL TB 33 -39.53 -46.65 -32.90
C VAL TB 33 -38.55 -45.53 -33.23
N ASN TB 34 -37.80 -45.71 -34.32
CA ASN TB 34 -36.88 -44.68 -34.80
C ASN TB 34 -36.48 -45.01 -36.23
N GLN TB 35 -35.99 -44.01 -36.96
CA GLN TB 35 -35.69 -44.24 -38.36
C GLN TB 35 -34.40 -45.04 -38.51
N LYS TB 36 -34.28 -45.65 -39.69
CA LYS TB 36 -33.17 -46.52 -40.03
C LYS TB 36 -32.91 -46.40 -41.52
N VAL TB 37 -31.64 -46.51 -41.91
CA VAL TB 37 -31.24 -46.36 -43.30
C VAL TB 37 -30.93 -47.75 -43.84
N ALA TB 38 -31.82 -48.26 -44.67
CA ALA TB 38 -31.61 -49.50 -45.40
C ALA TB 38 -31.23 -49.13 -46.83
N GLY TB 39 -29.97 -49.34 -47.18
CA GLY TB 39 -29.48 -48.91 -48.47
C GLY TB 39 -29.62 -47.41 -48.65
N ALA TB 40 -30.46 -46.99 -49.58
CA ALA TB 40 -30.71 -45.58 -49.84
C ALA TB 40 -32.11 -45.15 -49.41
N VAL TB 41 -32.79 -45.94 -48.58
CA VAL TB 41 -34.16 -45.67 -48.18
C VAL TB 41 -34.26 -45.68 -46.66
N SER TB 42 -34.87 -44.65 -46.10
CA SER TB 42 -35.11 -44.60 -44.66
C SER TB 42 -36.47 -45.20 -44.36
N VAL TB 43 -36.51 -46.08 -43.37
CA VAL TB 43 -37.74 -46.73 -42.92
C VAL TB 43 -37.80 -46.66 -41.41
N TYR TB 44 -39.02 -46.70 -40.88
CA TYR TB 44 -39.23 -46.66 -39.43
C TYR TB 44 -39.07 -48.05 -38.85
N ASN TB 45 -37.95 -48.28 -38.15
CA ASN TB 45 -37.70 -49.53 -37.45
C ASN TB 45 -38.30 -49.45 -36.06
N ALA TB 46 -39.04 -50.49 -35.69
CA ALA TB 46 -39.56 -50.69 -34.35
C ALA TB 46 -38.84 -51.87 -33.72
N ARG TB 47 -38.31 -51.66 -32.53
CA ARG TB 47 -37.76 -52.73 -31.70
C ARG TB 47 -38.68 -52.90 -30.50
N SER TB 48 -39.34 -54.05 -30.44
CA SER TB 48 -40.22 -54.39 -29.33
C SER TB 48 -39.55 -55.50 -28.53
N GLU TB 49 -39.46 -55.32 -27.21
CA GLU TB 49 -39.05 -56.42 -26.35
C GLU TB 49 -40.12 -56.72 -25.31
N VAL TB 50 -40.32 -58.01 -25.06
CA VAL TB 50 -41.36 -58.52 -24.18
C VAL TB 50 -40.66 -59.38 -23.14
N ILE TB 51 -40.69 -58.92 -21.88
CA ILE TB 51 -39.92 -59.50 -20.79
C ILE TB 51 -40.90 -59.99 -19.73
N THR TB 52 -40.94 -61.30 -19.51
CA THR TB 52 -41.67 -61.87 -18.37
C THR TB 52 -40.68 -62.38 -17.34
N ASN TB 53 -40.85 -61.95 -16.10
CA ASN TB 53 -39.93 -62.22 -15.00
C ASN TB 53 -40.67 -62.93 -13.89
N ARG TB 54 -40.04 -63.93 -13.29
CA ARG TB 54 -40.66 -64.66 -12.18
C ARG TB 54 -39.59 -65.06 -11.18
N ALA TB 55 -40.04 -65.45 -9.99
CA ALA TB 55 -39.16 -65.84 -8.89
C ALA TB 55 -39.69 -67.11 -8.24
N PRO TB 56 -39.44 -68.26 -8.85
CA PRO TB 56 -39.88 -69.53 -8.25
C PRO TB 56 -39.05 -69.88 -7.03
N LEU TB 57 -39.61 -70.74 -6.20
CA LEU TB 57 -38.90 -71.27 -5.04
C LEU TB 57 -38.22 -72.58 -5.41
N VAL TB 58 -37.03 -72.78 -4.86
CA VAL TB 58 -36.32 -74.04 -5.05
C VAL TB 58 -36.92 -75.06 -4.07
N VAL TB 59 -37.64 -76.03 -4.60
CA VAL TB 59 -38.34 -77.03 -3.80
C VAL TB 59 -37.39 -78.19 -3.53
N ILE TB 60 -36.97 -78.35 -2.27
CA ILE TB 60 -36.24 -79.54 -1.83
C ILE TB 60 -37.15 -80.34 -0.91
N GLU TB 61 -37.38 -81.60 -1.27
CA GLU TB 61 -38.11 -82.51 -0.41
C GLU TB 61 -37.36 -82.74 0.89
N GLY TB 62 -38.09 -82.81 1.99
CA GLY TB 62 -37.50 -82.95 3.30
C GLY TB 62 -37.06 -81.66 3.93
N CYS TB 63 -37.11 -80.55 3.19
CA CYS TB 63 -36.72 -79.24 3.69
C CYS TB 63 -37.94 -78.33 3.67
N THR TB 64 -38.57 -78.17 4.83
CA THR TB 64 -39.61 -77.17 4.97
C THR TB 64 -38.97 -75.79 4.91
N ASP TB 65 -39.14 -75.11 3.76
CA ASP TB 65 -38.49 -73.83 3.51
C ASP TB 65 -39.33 -72.72 4.17
N ALA TB 66 -39.35 -72.77 5.50
CA ALA TB 66 -39.86 -71.65 6.26
C ALA TB 66 -39.09 -70.39 5.89
N CYS TB 67 -39.83 -69.30 5.73
CA CYS TB 67 -39.36 -67.97 5.34
C CYS TB 67 -39.15 -67.88 3.83
N SER TB 68 -39.28 -68.99 3.10
CA SER TB 68 -39.12 -69.02 1.65
C SER TB 68 -37.82 -68.34 1.20
N VAL TB 69 -36.72 -68.81 1.77
CA VAL TB 69 -35.42 -68.19 1.50
C VAL TB 69 -34.80 -68.75 0.22
N ASN TB 70 -34.95 -70.04 -0.03
CA ASN TB 70 -34.42 -70.66 -1.24
C ASN TB 70 -35.29 -70.25 -2.42
N ARG TB 71 -34.89 -69.20 -3.12
CA ARG TB 71 -35.69 -68.65 -4.21
C ARG TB 71 -34.81 -68.30 -5.39
N GLU TB 72 -35.35 -68.52 -6.58
CA GLU TB 72 -34.65 -68.41 -7.85
C GLU TB 72 -35.31 -67.37 -8.73
N ASN TB 73 -34.50 -66.67 -9.53
CA ASN TB 73 -35.02 -65.78 -10.57
C ASN TB 73 -35.00 -66.51 -11.91
N ILE TB 74 -36.14 -66.44 -12.63
CA ILE TB 74 -36.23 -66.96 -13.98
C ILE TB 74 -36.80 -65.87 -14.88
N SER TB 75 -36.40 -65.89 -16.14
CA SER TB 75 -36.83 -64.83 -17.06
C SER TB 75 -36.91 -65.34 -18.49
N ILE TB 76 -37.95 -64.90 -19.19
CA ILE TB 76 -38.16 -65.20 -20.61
C ILE TB 76 -38.36 -63.87 -21.34
N ARG TB 77 -37.50 -63.60 -22.30
CA ARG TB 77 -37.44 -62.32 -22.99
C ARG TB 77 -37.49 -62.56 -24.49
N THR TB 78 -38.11 -61.63 -25.22
CA THR TB 78 -38.27 -61.77 -26.66
C THR TB 78 -38.13 -60.40 -27.33
N THR TB 79 -37.14 -60.27 -28.20
CA THR TB 79 -36.86 -59.03 -28.92
C THR TB 79 -37.21 -59.19 -30.39
N ILE TB 80 -37.85 -58.18 -30.96
CA ILE TB 80 -38.36 -58.20 -32.33
C ILE TB 80 -38.02 -56.83 -32.91
N SER TB 81 -37.00 -56.77 -33.75
CA SER TB 81 -36.55 -55.50 -34.33
C SER TB 81 -36.68 -55.58 -35.85
N GLY TB 82 -37.52 -54.71 -36.41
CA GLY TB 82 -37.75 -54.71 -37.84
C GLY TB 82 -38.55 -53.50 -38.27
N SER TB 83 -38.58 -53.27 -39.58
CA SER TB 83 -39.33 -52.15 -40.13
C SER TB 83 -40.84 -52.37 -39.94
N VAL TB 84 -41.54 -51.28 -39.65
CA VAL TB 84 -43.00 -51.31 -39.75
C VAL TB 84 -43.41 -51.57 -41.19
N GLU TB 85 -42.60 -51.11 -42.15
CA GLU TB 85 -42.94 -51.31 -43.56
C GLU TB 85 -42.85 -52.78 -43.96
N ASN TB 86 -41.80 -53.49 -43.53
CA ASN TB 86 -41.68 -54.92 -43.80
C ASN TB 86 -42.30 -55.77 -42.71
N LYS TB 87 -43.31 -55.25 -42.01
CA LYS TB 87 -43.94 -56.02 -40.94
C LYS TB 87 -44.49 -57.35 -41.44
N ALA TB 88 -44.72 -57.49 -42.75
CA ALA TB 88 -45.14 -58.77 -43.30
C ALA TB 88 -44.04 -59.82 -43.10
N ALA TB 89 -42.82 -59.51 -43.55
CA ALA TB 89 -41.71 -60.44 -43.35
C ALA TB 89 -41.35 -60.57 -41.88
N VAL TB 90 -41.57 -59.51 -41.10
CA VAL TB 90 -41.36 -59.61 -39.64
C VAL TB 90 -42.29 -60.66 -39.05
N LEU TB 91 -43.57 -60.64 -39.44
CA LEU TB 91 -44.53 -61.60 -38.90
C LEU TB 91 -44.28 -63.01 -39.41
N ALA TB 92 -43.86 -63.15 -40.68
CA ALA TB 92 -43.45 -64.46 -41.17
C ALA TB 92 -42.29 -65.01 -40.35
N ALA TB 93 -41.31 -64.16 -40.09
CA ALA TB 93 -40.19 -64.54 -39.24
C ALA TB 93 -40.64 -64.89 -37.82
N LEU TB 94 -41.65 -64.18 -37.30
CA LEU TB 94 -42.13 -64.49 -35.96
C LEU TB 94 -42.80 -65.85 -35.92
N LEU TB 95 -43.62 -66.17 -36.92
CA LEU TB 95 -44.26 -67.48 -36.97
C LEU TB 95 -43.21 -68.59 -37.04
N ASP TB 96 -42.25 -68.45 -37.95
CA ASP TB 96 -41.21 -69.48 -38.08
C ASP TB 96 -40.38 -69.58 -36.80
N HIS TB 97 -40.12 -68.44 -36.15
CA HIS TB 97 -39.39 -68.41 -34.90
C HIS TB 97 -40.14 -69.15 -33.80
N LEU TB 98 -41.44 -68.86 -33.66
CA LEU TB 98 -42.24 -69.51 -32.63
C LEU TB 98 -42.29 -71.02 -32.84
N HIS TB 99 -42.48 -71.45 -34.10
CA HIS TB 99 -42.56 -72.88 -34.38
C HIS TB 99 -41.24 -73.58 -34.08
N ASN TB 100 -40.11 -72.97 -34.46
CA ASN TB 100 -38.83 -73.61 -34.19
C ASN TB 100 -38.51 -73.61 -32.70
N LEU TB 101 -38.87 -72.52 -32.01
CA LEU TB 101 -38.77 -72.50 -30.55
C LEU TB 101 -39.55 -73.66 -29.96
N GLY TB 102 -40.78 -73.88 -30.44
CA GLY TB 102 -41.56 -75.00 -29.96
C GLY TB 102 -40.92 -76.34 -30.25
N LEU TB 103 -40.19 -76.44 -31.36
CA LEU TB 103 -39.44 -77.66 -31.64
C LEU TB 103 -38.37 -77.89 -30.57
N ALA TB 104 -37.70 -76.83 -30.15
CA ALA TB 104 -36.59 -76.99 -29.21
C ALA TB 104 -37.00 -76.87 -27.74
N ARG TB 105 -38.26 -76.52 -27.45
CA ARG TB 105 -38.61 -76.02 -26.13
C ARG TB 105 -38.43 -77.07 -25.04
N ASP TB 106 -38.62 -78.33 -25.36
CA ASP TB 106 -38.51 -79.36 -24.33
C ASP TB 106 -37.06 -79.66 -24.02
N ASP TB 107 -36.21 -79.73 -25.05
CA ASP TB 107 -34.79 -79.97 -24.84
C ASP TB 107 -34.15 -78.81 -24.10
N LEU TB 108 -34.40 -77.57 -24.56
CA LEU TB 108 -33.69 -76.42 -24.04
C LEU TB 108 -33.95 -76.21 -22.55
N VAL TB 109 -35.19 -76.42 -22.11
CA VAL TB 109 -35.52 -76.15 -20.72
C VAL TB 109 -34.94 -77.21 -19.80
N ALA TB 110 -34.63 -78.39 -20.34
CA ALA TB 110 -33.99 -79.45 -19.57
C ALA TB 110 -32.47 -79.35 -19.58
N GLY TB 111 -31.92 -78.29 -20.16
CA GLY TB 111 -30.48 -78.09 -20.18
C GLY TB 111 -29.73 -78.87 -21.23
N LEU TB 112 -30.41 -79.30 -22.29
CA LEU TB 112 -29.84 -80.19 -23.29
C LEU TB 112 -29.88 -79.52 -24.66
N LEU TB 113 -28.75 -79.56 -25.36
CA LEU TB 113 -28.70 -78.95 -26.69
C LEU TB 113 -29.59 -79.72 -27.65
N PRO TB 114 -30.54 -79.06 -28.32
CA PRO TB 114 -31.47 -79.78 -29.23
C PRO TB 114 -30.79 -80.18 -30.54
N THR TB 115 -29.86 -81.13 -30.43
CA THR TB 115 -29.14 -81.61 -31.60
C THR TB 115 -30.03 -82.32 -32.60
N THR TB 116 -31.18 -82.84 -32.15
CA THR TB 116 -32.02 -83.68 -32.99
C THR TB 116 -33.00 -82.89 -33.85
N ILE TB 117 -33.47 -81.74 -33.39
CA ILE TB 117 -34.56 -81.04 -34.09
C ILE TB 117 -34.08 -80.57 -35.46
N GLN TB 118 -35.05 -80.26 -36.32
CA GLN TB 118 -34.79 -79.69 -37.64
C GLN TB 118 -35.71 -78.52 -37.88
N PRO TB 119 -35.23 -77.29 -37.85
CA PRO TB 119 -36.10 -76.12 -38.03
C PRO TB 119 -36.60 -76.01 -39.47
N VAL TB 120 -37.52 -75.07 -39.65
CA VAL TB 120 -38.27 -74.93 -40.90
C VAL TB 120 -38.39 -73.45 -41.25
N VAL TB 121 -38.49 -73.16 -42.55
CA VAL TB 121 -38.91 -71.86 -43.05
C VAL TB 121 -40.32 -71.99 -43.61
N GLU TB 122 -41.14 -70.96 -43.39
CA GLU TB 122 -42.48 -70.89 -43.99
C GLU TB 122 -43.40 -72.00 -43.47
N TYR TB 123 -43.48 -72.13 -42.14
CA TYR TB 123 -44.38 -73.13 -41.58
C TYR TB 123 -45.82 -72.89 -42.02
N THR TB 124 -46.52 -73.98 -42.30
CA THR TB 124 -47.90 -73.92 -42.76
C THR TB 124 -48.76 -74.98 -42.05
N ALA UB 1 55.36 136.91 -42.15
CA ALA UB 1 55.48 136.68 -43.58
C ALA UB 1 54.11 136.55 -44.23
N GLN UB 2 53.10 136.14 -43.45
CA GLN UB 2 51.71 136.07 -43.93
C GLN UB 2 51.60 135.15 -45.16
N HIS UB 3 52.35 134.04 -45.14
CA HIS UB 3 52.24 133.04 -46.18
C HIS UB 3 51.23 131.99 -45.76
N ASN UB 4 50.26 131.73 -46.63
CA ASN UB 4 49.19 130.80 -46.32
C ASN UB 4 49.65 129.35 -46.47
N MET UB 5 49.03 128.47 -45.67
CA MET UB 5 49.42 127.07 -45.60
C MET UB 5 49.04 126.33 -46.88
N ARG UB 6 49.76 125.25 -47.16
CA ARG UB 6 49.45 124.42 -48.31
C ARG UB 6 48.99 123.05 -47.87
N LEU UB 7 48.02 122.49 -48.60
CA LEU UB 7 47.31 121.30 -48.16
C LEU UB 7 48.14 120.04 -48.37
N GLN UB 8 48.04 119.11 -47.42
CA GLN UB 8 48.83 117.88 -47.44
C GLN UB 8 47.99 116.61 -47.40
N LEU UB 9 46.90 116.55 -46.63
CA LEU UB 9 46.14 115.32 -46.49
C LEU UB 9 44.64 115.57 -46.52
N THR UB 10 43.94 114.86 -47.42
CA THR UB 10 42.48 114.92 -47.50
C THR UB 10 41.91 113.52 -47.28
N SER UB 11 40.86 113.45 -46.46
CA SER UB 11 40.28 112.15 -46.12
C SER UB 11 38.76 112.11 -46.11
N GLY UB 12 38.08 113.22 -46.43
CA GLY UB 12 36.62 113.25 -46.35
C GLY UB 12 36.11 113.34 -44.93
N THR UB 13 36.99 113.06 -43.97
CA THR UB 13 36.73 113.29 -42.56
C THR UB 13 37.79 114.15 -41.89
N SER UB 14 38.97 114.31 -42.49
CA SER UB 14 39.98 115.21 -41.97
C SER UB 14 40.59 116.01 -43.11
N LEU UB 15 41.19 117.13 -42.74
CA LEU UB 15 41.98 117.96 -43.62
C LEU UB 15 43.26 118.33 -42.89
N THR UB 16 44.38 118.28 -43.59
CA THR UB 16 45.68 118.48 -42.97
C THR UB 16 46.52 119.39 -43.86
N TRP UB 17 46.62 120.66 -43.47
CA TRP UB 17 47.48 121.63 -44.10
C TRP UB 17 48.81 121.74 -43.34
N VAL UB 18 49.83 122.24 -44.04
CA VAL UB 18 51.16 122.37 -43.47
C VAL UB 18 51.78 123.66 -43.97
N ASP UB 19 52.61 124.27 -43.12
CA ASP UB 19 53.43 125.41 -43.52
C ASP UB 19 54.51 124.95 -44.48
N PRO UB 20 54.53 125.44 -45.73
CA PRO UB 20 55.56 124.98 -46.68
C PRO UB 20 56.99 125.25 -46.21
N ASN UB 21 57.19 126.24 -45.35
CA ASN UB 21 58.53 126.53 -44.84
C ASN UB 21 58.89 125.57 -43.70
N ASP UB 22 58.05 125.52 -42.67
CA ASP UB 22 58.26 124.66 -41.51
C ASP UB 22 57.22 123.55 -41.54
N PHE UB 23 57.67 122.33 -41.83
CA PHE UB 23 56.79 121.16 -41.75
C PHE UB 23 56.36 120.84 -40.33
N ARG UB 24 56.93 121.48 -39.31
CA ARG UB 24 56.58 121.19 -37.94
C ARG UB 24 55.27 121.85 -37.49
N SER UB 25 54.73 122.79 -38.27
CA SER UB 25 53.48 123.47 -37.94
C SER UB 25 52.37 122.92 -38.84
N THR UB 26 51.52 122.09 -38.24
CA THR UB 26 50.42 121.41 -38.90
C THR UB 26 49.11 122.08 -38.51
N PHE UB 27 48.11 121.95 -39.40
CA PHE UB 27 46.75 122.43 -39.10
C PHE UB 27 45.76 121.41 -39.63
N ARG UB 28 45.06 120.73 -38.72
CA ARG UB 28 44.09 119.70 -39.09
C ARG UB 28 42.69 120.09 -38.65
N ILE UB 29 41.72 119.71 -39.46
CA ILE UB 29 40.30 119.84 -39.13
C ILE UB 29 39.64 118.47 -39.28
N ASN UB 30 38.98 117.99 -38.22
CA ASN UB 30 38.27 116.72 -38.21
C ASN UB 30 36.79 117.01 -38.02
N LEU UB 31 35.95 116.49 -38.91
CA LEU UB 31 34.50 116.67 -38.80
C LEU UB 31 33.84 115.30 -38.80
N ASN UB 32 33.07 115.02 -37.75
CA ASN UB 32 32.36 113.76 -37.64
C ASN UB 32 30.88 114.06 -37.41
N VAL UB 33 30.02 113.45 -38.21
CA VAL UB 33 28.58 113.69 -38.11
C VAL UB 33 27.87 112.37 -37.87
N ASN UB 34 26.91 112.39 -36.95
CA ASN UB 34 26.08 111.23 -36.67
C ASN UB 34 24.80 111.69 -35.99
N GLN UB 35 23.77 110.84 -36.07
CA GLN UB 35 22.48 111.21 -35.49
C GLN UB 35 22.49 111.00 -33.98
N LYS UB 36 21.89 111.96 -33.27
CA LYS UB 36 21.66 111.85 -31.84
C LYS UB 36 20.17 112.05 -31.59
N VAL UB 37 19.73 111.72 -30.38
CA VAL UB 37 18.34 111.88 -29.99
C VAL UB 37 18.27 113.09 -29.07
N ALA UB 38 17.66 114.18 -29.54
CA ALA UB 38 17.42 115.36 -28.72
C ALA UB 38 15.96 115.33 -28.30
N GLY UB 39 15.73 115.04 -27.02
CA GLY UB 39 14.39 115.02 -26.48
C GLY UB 39 13.46 114.11 -27.27
N ALA UB 40 12.53 114.71 -28.00
CA ALA UB 40 11.52 113.97 -28.72
C ALA UB 40 11.95 113.55 -30.12
N VAL UB 41 12.90 114.26 -30.74
CA VAL UB 41 13.19 114.04 -32.14
C VAL UB 41 14.69 113.84 -32.32
N SER UB 42 15.07 113.15 -33.40
CA SER UB 42 16.47 112.96 -33.73
C SER UB 42 17.00 114.15 -34.50
N VAL UB 43 18.27 114.49 -34.23
CA VAL UB 43 18.96 115.58 -34.92
C VAL UB 43 20.33 115.07 -35.36
N TYR UB 44 21.01 115.87 -36.17
CA TYR UB 44 22.34 115.54 -36.70
C TYR UB 44 23.40 116.29 -35.92
N ASN UB 45 24.13 115.58 -35.06
CA ASN UB 45 25.23 116.18 -34.31
C ASN UB 45 26.51 116.12 -35.13
N ALA UB 46 27.26 117.22 -35.10
CA ALA UB 46 28.51 117.36 -35.84
C ALA UB 46 29.59 117.79 -34.86
N ARG UB 47 30.45 116.85 -34.50
CA ARG UB 47 31.62 117.15 -33.68
C ARG UB 47 32.74 117.57 -34.62
N SER UB 48 32.99 118.86 -34.67
CA SER UB 48 34.17 119.41 -35.34
C SER UB 48 35.29 119.52 -34.32
N GLU UB 49 36.52 119.36 -34.77
CA GLU UB 49 37.67 119.76 -33.98
C GLU UB 49 38.75 120.30 -34.89
N VAL UB 50 39.44 121.33 -34.40
CA VAL UB 50 40.45 122.05 -35.14
C VAL UB 50 41.71 122.05 -34.31
N ILE UB 51 42.76 121.38 -34.81
CA ILE UB 51 43.99 121.15 -34.07
C ILE UB 51 45.13 121.83 -34.83
N THR UB 52 45.81 122.76 -34.18
CA THR UB 52 47.02 123.36 -34.73
C THR UB 52 48.20 122.92 -33.88
N ASN UB 53 49.22 122.37 -34.54
CA ASN UB 53 50.40 121.79 -33.89
C ASN UB 53 51.63 122.55 -34.36
N ARG UB 54 52.56 122.81 -33.44
CA ARG UB 54 53.80 123.46 -33.81
C ARG UB 54 54.92 122.92 -32.94
N ALA UB 55 56.16 123.21 -33.35
CA ALA UB 55 57.35 122.79 -32.63
C ALA UB 55 58.35 123.93 -32.63
N PRO UB 56 58.09 124.99 -31.87
CA PRO UB 56 59.05 126.08 -31.76
C PRO UB 56 60.30 125.64 -31.04
N LEU UB 57 61.37 126.39 -31.26
CA LEU UB 57 62.67 126.06 -30.67
C LEU UB 57 62.80 126.72 -29.31
N VAL UB 58 63.34 125.97 -28.36
CA VAL UB 58 63.56 126.45 -27.01
C VAL UB 58 64.95 127.08 -26.96
N VAL UB 59 65.02 128.38 -26.70
CA VAL UB 59 66.25 129.13 -26.78
C VAL UB 59 66.51 129.80 -25.43
N ILE UB 60 67.63 129.48 -24.80
CA ILE UB 60 68.13 130.19 -23.63
C ILE UB 60 69.44 130.85 -24.04
N GLU UB 61 69.46 132.18 -23.99
CA GLU UB 61 70.49 132.95 -24.69
C GLU UB 61 71.90 132.51 -24.29
N GLY UB 62 72.14 132.30 -23.00
CA GLY UB 62 73.45 131.87 -22.57
C GLY UB 62 73.69 130.38 -22.59
N CYS UB 63 72.64 129.59 -22.81
CA CYS UB 63 72.69 128.16 -22.55
C CYS UB 63 72.45 127.30 -23.78
N THR UB 64 71.64 127.75 -24.74
CA THR UB 64 71.17 126.90 -25.83
C THR UB 64 72.20 126.90 -26.96
N ASP UB 65 72.86 125.77 -27.16
CA ASP UB 65 73.74 125.59 -28.30
C ASP UB 65 72.92 125.63 -29.58
N ALA UB 66 73.36 126.47 -30.52
CA ALA UB 66 72.62 126.62 -31.77
C ALA UB 66 72.75 125.40 -32.67
N CYS UB 67 73.85 124.66 -32.56
CA CYS UB 67 74.07 123.51 -33.42
C CYS UB 67 73.09 122.39 -33.11
N SER UB 68 72.92 122.07 -31.82
CA SER UB 68 71.96 121.05 -31.39
C SER UB 68 70.64 121.74 -31.11
N VAL UB 69 69.67 121.55 -32.01
CA VAL UB 69 68.37 122.20 -31.87
C VAL UB 69 67.63 121.62 -30.66
N ASN UB 70 66.95 122.49 -29.93
CA ASN UB 70 66.11 122.08 -28.81
C ASN UB 70 64.70 122.56 -29.12
N ARG UB 71 63.80 121.62 -29.40
CA ARG UB 71 62.44 121.96 -29.80
C ARG UB 71 61.43 121.47 -28.77
N GLU UB 72 60.27 122.12 -28.80
CA GLU UB 72 59.16 121.85 -27.91
C GLU UB 72 57.89 121.74 -28.72
N ASN UB 73 57.08 120.72 -28.45
CA ASN UB 73 55.77 120.63 -29.07
C ASN UB 73 54.80 121.56 -28.35
N ILE UB 74 54.06 122.35 -29.12
CA ILE UB 74 52.96 123.15 -28.59
C ILE UB 74 51.72 122.86 -29.43
N SER UB 75 50.55 122.90 -28.78
CA SER UB 75 49.32 122.53 -29.46
C SER UB 75 48.14 123.36 -28.98
N ILE UB 76 47.28 123.72 -29.91
CA ILE UB 76 46.02 124.39 -29.62
C ILE UB 76 44.90 123.64 -30.33
N ARG UB 77 43.99 123.08 -29.54
CA ARG UB 77 42.91 122.23 -30.01
C ARG UB 77 41.58 122.88 -29.68
N THR UB 78 40.59 122.70 -30.54
CA THR UB 78 39.26 123.26 -30.30
C THR UB 78 38.19 122.30 -30.80
N THR UB 79 37.38 121.79 -29.86
CA THR UB 79 36.29 120.87 -30.14
C THR UB 79 34.95 121.62 -30.05
N ILE UB 80 34.06 121.36 -31.01
CA ILE UB 80 32.76 122.00 -31.12
C ILE UB 80 31.75 120.91 -31.47
N SER UB 81 30.94 120.51 -30.49
CA SER UB 81 29.97 119.43 -30.68
C SER UB 81 28.57 119.93 -30.38
N GLY UB 82 27.73 119.92 -31.41
CA GLY UB 82 26.33 120.30 -31.33
C GLY UB 82 25.67 119.91 -32.64
N SER UB 83 24.33 120.01 -32.66
CA SER UB 83 23.62 119.61 -33.87
C SER UB 83 23.72 120.66 -34.96
N VAL UB 84 23.69 120.19 -36.21
CA VAL UB 84 23.59 121.11 -37.35
C VAL UB 84 22.21 121.74 -37.36
N GLU UB 85 21.22 121.04 -36.80
CA GLU UB 85 19.85 121.54 -36.74
C GLU UB 85 19.79 122.86 -35.95
N ASN UB 86 20.54 122.92 -34.84
CA ASN UB 86 20.53 124.02 -33.89
C ASN UB 86 21.80 124.86 -33.97
N LYS UB 87 22.39 124.94 -35.17
CA LYS UB 87 23.67 125.62 -35.31
C LYS UB 87 23.58 127.09 -34.93
N ALA UB 88 22.38 127.65 -34.87
CA ALA UB 88 22.23 129.01 -34.36
C ALA UB 88 22.73 129.11 -32.93
N ALA UB 89 22.24 128.25 -32.04
CA ALA UB 89 22.71 128.24 -30.67
C ALA UB 89 24.14 127.71 -30.56
N VAL UB 90 24.54 126.82 -31.48
CA VAL UB 90 25.96 126.40 -31.50
C VAL UB 90 26.87 127.62 -31.69
N LEU UB 91 26.57 128.46 -32.69
CA LEU UB 91 27.39 129.64 -32.96
C LEU UB 91 27.25 130.69 -31.85
N ALA UB 92 26.05 130.84 -31.30
CA ALA UB 92 25.88 131.77 -30.17
C ALA UB 92 26.74 131.34 -28.99
N ALA UB 93 26.93 130.03 -28.80
CA ALA UB 93 27.85 129.55 -27.79
C ALA UB 93 29.30 129.76 -28.21
N LEU UB 94 29.60 129.60 -29.50
CA LEU UB 94 30.96 129.77 -29.98
C LEU UB 94 31.46 131.20 -29.75
N LEU UB 95 30.62 132.18 -30.02
CA LEU UB 95 31.05 133.58 -29.87
C LEU UB 95 31.40 133.88 -28.43
N ASP UB 96 30.53 133.47 -27.50
CA ASP UB 96 30.79 133.68 -26.08
C ASP UB 96 32.05 132.95 -25.64
N HIS UB 97 32.24 131.72 -26.13
CA HIS UB 97 33.44 130.95 -25.80
C HIS UB 97 34.70 131.67 -26.27
N LEU UB 98 34.69 132.14 -27.52
CA LEU UB 98 35.87 132.81 -28.07
C LEU UB 98 36.20 134.08 -27.30
N HIS UB 99 35.17 134.88 -27.00
CA HIS UB 99 35.41 136.13 -26.26
C HIS UB 99 35.94 135.85 -24.86
N ASN UB 100 35.38 134.85 -24.17
CA ASN UB 100 35.86 134.57 -22.82
C ASN UB 100 37.28 134.00 -22.86
N LEU UB 101 37.58 133.16 -23.85
CA LEU UB 101 38.94 132.70 -24.05
C LEU UB 101 39.88 133.88 -24.24
N GLY UB 102 39.46 134.87 -25.04
CA GLY UB 102 40.27 136.07 -25.19
C GLY UB 102 40.51 136.79 -23.89
N LEU UB 103 39.46 136.88 -23.05
CA LEU UB 103 39.64 137.48 -21.72
C LEU UB 103 40.69 136.74 -20.92
N ALA UB 104 40.76 135.43 -21.07
CA ALA UB 104 41.65 134.64 -20.23
C ALA UB 104 43.06 134.47 -20.79
N ARG UB 105 43.26 134.68 -22.11
CA ARG UB 105 44.44 134.12 -22.76
C ARG UB 105 45.73 134.71 -22.21
N ASP UB 106 45.72 135.99 -21.87
CA ASP UB 106 46.93 136.63 -21.38
C ASP UB 106 47.37 136.00 -20.06
N ASP UB 107 46.41 135.67 -19.20
CA ASP UB 107 46.73 134.97 -17.96
C ASP UB 107 47.14 133.53 -18.22
N LEU UB 108 46.44 132.86 -19.14
CA LEU UB 108 46.63 131.42 -19.31
C LEU UB 108 48.00 131.11 -19.93
N VAL UB 109 48.40 131.85 -20.96
CA VAL UB 109 49.67 131.55 -21.63
C VAL UB 109 50.86 131.83 -20.72
N ALA UB 110 50.66 132.64 -19.67
CA ALA UB 110 51.71 132.94 -18.71
C ALA UB 110 51.68 132.02 -17.50
N GLY UB 111 50.91 130.94 -17.55
CA GLY UB 111 50.86 129.99 -16.46
C GLY UB 111 50.11 130.44 -15.23
N LEU UB 112 49.34 131.52 -15.32
CA LEU UB 112 48.62 132.06 -14.19
C LEU UB 112 47.15 131.68 -14.26
N LEU UB 113 46.57 131.36 -13.12
CA LEU UB 113 45.15 131.00 -13.07
C LEU UB 113 44.30 132.26 -13.18
N PRO UB 114 43.45 132.38 -14.21
CA PRO UB 114 42.71 133.63 -14.43
C PRO UB 114 41.65 133.88 -13.37
N THR UB 115 42.09 134.24 -12.17
CA THR UB 115 41.18 134.41 -11.05
C THR UB 115 40.40 135.72 -11.08
N THR UB 116 40.82 136.69 -11.89
CA THR UB 116 40.17 137.99 -11.91
C THR UB 116 39.08 138.10 -12.96
N ILE UB 117 39.27 137.49 -14.13
CA ILE UB 117 38.40 137.72 -15.27
C ILE UB 117 36.94 137.38 -14.95
N GLN UB 118 36.03 137.99 -15.67
CA GLN UB 118 34.60 137.67 -15.55
C GLN UB 118 34.03 137.38 -16.92
N PRO UB 119 33.60 136.15 -17.19
CA PRO UB 119 33.01 135.82 -18.49
C PRO UB 119 31.62 136.40 -18.64
N VAL UB 120 30.96 136.09 -19.77
CA VAL UB 120 29.68 136.71 -20.09
C VAL UB 120 28.93 135.80 -21.07
N VAL UB 121 27.59 135.88 -21.03
CA VAL UB 121 26.73 135.22 -22.00
C VAL UB 121 26.19 136.28 -22.94
N GLU UB 122 25.93 135.90 -24.18
CA GLU UB 122 25.27 136.76 -25.17
C GLU UB 122 26.06 138.05 -25.38
N TYR UB 123 27.34 137.91 -25.70
CA TYR UB 123 28.23 139.05 -25.87
C TYR UB 123 27.81 139.88 -27.08
N THR UB 124 27.58 141.17 -26.85
CA THR UB 124 27.11 142.11 -27.89
C THR UB 124 28.28 142.98 -28.35
N GLY UB 125 28.70 142.79 -29.59
CA GLY UB 125 29.74 143.61 -30.19
C GLY UB 125 31.13 143.42 -29.60
N ALA VB 1 21.18 139.81 -24.20
CA ALA VB 1 21.05 140.52 -22.93
C ALA VB 1 22.42 140.86 -22.34
N GLN VB 2 23.40 140.05 -22.68
CA GLN VB 2 24.78 140.16 -22.18
C GLN VB 2 24.81 140.38 -20.67
N HIS VB 3 24.16 139.46 -19.95
CA HIS VB 3 24.30 139.34 -18.50
C HIS VB 3 25.52 138.47 -18.21
N ASN VB 4 26.55 139.06 -17.62
CA ASN VB 4 27.81 138.36 -17.46
C ASN VB 4 27.72 137.25 -16.41
N MET VB 5 28.53 136.21 -16.60
CA MET VB 5 28.42 134.99 -15.80
C MET VB 5 28.85 135.23 -14.36
N ARG VB 6 28.36 134.37 -13.48
CA ARG VB 6 28.62 134.44 -12.05
C ARG VB 6 29.56 133.32 -11.66
N LEU VB 7 30.58 133.64 -10.87
CA LEU VB 7 31.47 132.60 -10.36
C LEU VB 7 30.68 131.62 -9.50
N GLN VB 8 31.01 130.35 -9.61
CA GLN VB 8 30.29 129.41 -8.76
C GLN VB 8 31.21 128.49 -7.98
N LEU VB 9 32.32 128.06 -8.56
CA LEU VB 9 33.20 127.14 -7.83
C LEU VB 9 34.68 127.32 -8.21
N THR VB 10 35.53 127.37 -7.18
CA THR VB 10 36.98 127.39 -7.36
C THR VB 10 37.56 126.27 -6.50
N SER VB 11 38.28 125.34 -7.13
CA SER VB 11 38.90 124.27 -6.38
C SER VB 11 40.04 123.67 -7.21
N GLY VB 12 41.18 123.44 -6.56
CA GLY VB 12 42.33 122.87 -7.23
C GLY VB 12 42.90 123.77 -8.29
N THR VB 13 42.77 123.37 -9.55
CA THR VB 13 43.24 124.14 -10.69
C THR VB 13 42.10 124.62 -11.58
N SER VB 14 40.86 124.52 -11.12
CA SER VB 14 39.70 124.78 -11.96
C SER VB 14 38.93 126.01 -11.47
N LEU VB 15 38.28 126.69 -12.41
CA LEU VB 15 37.35 127.76 -12.13
C LEU VB 15 36.07 127.47 -12.89
N THR VB 16 34.93 127.68 -12.24
CA THR VB 16 33.64 127.31 -12.82
C THR VB 16 32.65 128.44 -12.61
N TRP VB 17 32.26 129.08 -13.71
CA TRP VB 17 31.23 130.12 -13.77
C TRP VB 17 29.97 129.54 -14.37
N VAL VB 18 28.84 130.22 -14.12
CA VAL VB 18 27.54 129.76 -14.57
C VAL VB 18 26.70 130.97 -15.00
N ASP VB 19 25.81 130.74 -15.95
CA ASP VB 19 24.82 131.73 -16.34
C ASP VB 19 23.78 131.88 -15.25
N PRO VB 20 23.61 133.06 -14.65
CA PRO VB 20 22.61 133.22 -13.58
C PRO VB 20 21.18 132.99 -14.03
N ASN VB 21 20.90 132.91 -15.33
CA ASN VB 21 19.53 132.69 -15.76
C ASN VB 21 19.19 131.20 -15.86
N ASP VB 22 19.97 130.42 -16.59
CA ASP VB 22 19.85 128.97 -16.49
C ASP VB 22 21.19 128.36 -16.11
N PHE VB 23 21.11 127.34 -15.27
CA PHE VB 23 22.23 126.59 -14.74
C PHE VB 23 22.86 125.67 -15.77
N ARG VB 24 22.31 125.63 -16.99
CA ARG VB 24 22.72 124.68 -18.01
C ARG VB 24 23.97 125.14 -18.76
N SER VB 25 24.21 126.44 -18.85
CA SER VB 25 25.35 126.97 -19.58
C SER VB 25 26.41 127.40 -18.57
N THR VB 26 27.53 126.70 -18.56
CA THR VB 26 28.63 126.86 -17.63
C THR VB 26 29.93 127.07 -18.38
N PHE VB 27 30.94 127.51 -17.64
CA PHE VB 27 32.22 127.89 -18.23
C PHE VB 27 33.32 127.52 -17.24
N ARG VB 28 34.23 126.65 -17.65
CA ARG VB 28 35.28 126.16 -16.78
C ARG VB 28 36.64 126.44 -17.41
N ILE VB 29 37.63 126.72 -16.55
CA ILE VB 29 39.02 126.86 -16.97
C ILE VB 29 39.88 126.02 -16.05
N ASN VB 30 40.66 125.10 -16.65
CA ASN VB 30 41.64 124.27 -15.95
C ASN VB 30 43.03 124.70 -16.37
N LEU VB 31 43.95 124.74 -15.41
CA LEU VB 31 45.34 125.15 -15.66
C LEU VB 31 46.27 124.17 -14.98
N ASN VB 32 47.15 123.55 -15.75
CA ASN VB 32 48.10 122.58 -15.22
C ASN VB 32 49.50 122.99 -15.64
N VAL VB 33 50.27 123.53 -14.69
CA VAL VB 33 51.65 123.97 -14.94
C VAL VB 33 52.59 122.94 -14.34
N ASN VB 34 53.59 122.53 -15.11
CA ASN VB 34 54.58 121.57 -14.65
C ASN VB 34 55.76 121.58 -15.62
N GLN VB 35 56.88 121.00 -15.19
CA GLN VB 35 58.11 121.08 -15.98
C GLN VB 35 58.09 120.08 -17.12
N LYS VB 36 58.48 120.55 -18.30
CA LYS VB 36 58.60 119.82 -19.54
C LYS VB 36 60.08 119.71 -19.87
N VAL VB 37 60.47 118.62 -20.52
CA VAL VB 37 61.85 118.40 -20.92
C VAL VB 37 61.93 118.50 -22.43
N ALA VB 38 62.66 119.49 -22.94
CA ALA VB 38 62.77 119.71 -24.37
C ALA VB 38 64.26 119.85 -24.70
N GLY VB 39 64.84 118.77 -25.24
CA GLY VB 39 66.27 118.77 -25.47
C GLY VB 39 67.02 118.61 -24.16
N ALA VB 40 68.07 119.42 -23.99
CA ALA VB 40 68.86 119.38 -22.77
C ALA VB 40 68.28 120.24 -21.66
N VAL VB 41 67.35 121.13 -21.98
CA VAL VB 41 66.78 122.04 -21.00
C VAL VB 41 65.39 121.59 -20.60
N SER VB 42 64.92 122.13 -19.48
CA SER VB 42 63.56 121.96 -19.02
C SER VB 42 62.91 123.33 -18.87
N VAL VB 43 61.64 123.41 -19.26
CA VAL VB 43 60.88 124.65 -19.25
C VAL VB 43 59.51 124.39 -18.65
N TYR VB 44 58.91 125.41 -18.05
CA TYR VB 44 57.60 125.26 -17.43
C TYR VB 44 56.53 125.29 -18.51
N ASN VB 45 55.87 124.15 -18.73
CA ASN VB 45 54.79 124.03 -19.67
C ASN VB 45 53.46 124.23 -18.94
N ALA VB 46 52.58 125.03 -19.54
CA ALA VB 46 51.23 125.27 -19.07
C ALA VB 46 50.25 124.59 -20.02
N ARG VB 47 49.32 123.84 -19.44
CA ARG VB 47 48.21 123.23 -20.16
C ARG VB 47 46.95 123.94 -19.69
N SER VB 48 46.46 124.87 -20.51
CA SER VB 48 45.18 125.50 -20.28
C SER VB 48 44.11 124.72 -21.02
N GLU VB 49 42.94 124.56 -20.40
CA GLU VB 49 41.78 124.09 -21.15
C GLU VB 49 40.53 124.82 -20.69
N VAL VB 50 39.82 125.39 -21.67
CA VAL VB 50 38.67 126.25 -21.45
C VAL VB 50 37.46 125.55 -22.05
N ILE VB 51 36.50 125.19 -21.21
CA ILE VB 51 35.38 124.34 -21.58
C ILE VB 51 34.08 125.11 -21.32
N THR VB 52 33.36 125.45 -22.38
CA THR VB 52 32.04 126.04 -22.25
C THR VB 52 31.00 124.98 -22.62
N ASN VB 53 30.03 124.79 -21.72
CA ASN VB 53 29.03 123.74 -21.83
C ASN VB 53 27.65 124.36 -21.81
N ARG VB 54 26.76 123.90 -22.67
CA ARG VB 54 25.39 124.38 -22.67
C ARG VB 54 24.46 123.20 -22.92
N ALA VB 55 23.18 123.43 -22.61
CA ALA VB 55 22.13 122.44 -22.86
C ALA VB 55 20.91 123.15 -23.42
N PRO VB 56 21.04 123.77 -24.58
CA PRO VB 56 19.99 124.66 -25.08
C PRO VB 56 18.81 123.86 -25.62
N LEU VB 57 17.72 124.58 -25.86
CA LEU VB 57 16.60 124.00 -26.59
C LEU VB 57 16.96 123.94 -28.07
N VAL VB 58 16.53 122.88 -28.75
CA VAL VB 58 16.76 122.80 -30.19
C VAL VB 58 15.73 123.67 -30.89
N VAL VB 59 16.22 124.66 -31.63
CA VAL VB 59 15.40 125.65 -32.30
C VAL VB 59 15.52 125.43 -33.80
N ILE VB 60 14.48 124.86 -34.39
CA ILE VB 60 14.45 124.64 -35.83
C ILE VB 60 14.18 125.96 -36.50
N GLU VB 61 14.84 126.22 -37.64
CA GLU VB 61 14.67 127.51 -38.29
C GLU VB 61 13.21 127.76 -38.68
N GLY VB 62 12.65 126.87 -39.51
CA GLY VB 62 11.28 127.07 -39.96
C GLY VB 62 10.29 127.12 -38.83
N CYS VB 63 10.55 126.41 -37.74
CA CYS VB 63 9.56 126.26 -36.69
C CYS VB 63 9.68 127.36 -35.64
N THR VB 64 8.56 127.57 -34.93
CA THR VB 64 8.51 128.49 -33.81
C THR VB 64 7.45 127.97 -32.83
N ASP VB 65 7.90 127.59 -31.63
CA ASP VB 65 7.07 126.90 -30.66
C ASP VB 65 7.66 127.09 -29.28
N ALA VB 66 6.88 127.65 -28.36
CA ALA VB 66 7.32 127.82 -26.98
C ALA VB 66 7.00 126.62 -26.10
N CYS VB 67 6.40 125.57 -26.66
CA CYS VB 67 5.94 124.42 -25.88
C CYS VB 67 6.85 123.20 -26.00
N SER VB 68 7.89 123.26 -26.83
CA SER VB 68 8.83 122.15 -26.94
C SER VB 68 9.92 122.31 -25.89
N VAL VB 69 10.17 121.25 -25.14
CA VAL VB 69 11.32 121.17 -24.25
C VAL VB 69 12.39 120.24 -24.84
N ASN VB 70 12.40 120.08 -26.16
CA ASN VB 70 13.42 119.31 -26.84
C ASN VB 70 14.79 119.94 -26.60
N ARG VB 71 15.66 119.25 -25.87
CA ARG VB 71 16.96 119.78 -25.49
C ARG VB 71 18.07 118.83 -25.90
N GLU VB 72 19.18 119.40 -26.38
CA GLU VB 72 20.43 118.67 -26.59
C GLU VB 72 21.54 119.35 -25.81
N ASN VB 73 22.61 118.61 -25.60
CA ASN VB 73 23.82 119.16 -25.01
C ASN VB 73 24.75 119.64 -26.12
N ILE VB 74 25.44 120.74 -25.87
CA ILE VB 74 26.46 121.25 -26.77
C ILE VB 74 27.67 121.67 -25.95
N SER VB 75 28.85 121.54 -26.56
CA SER VB 75 30.08 121.86 -25.83
C SER VB 75 31.15 122.36 -26.78
N ILE VB 76 31.90 123.37 -26.32
CA ILE VB 76 33.05 123.89 -27.04
C ILE VB 76 34.22 123.95 -26.08
N ARG VB 77 35.28 123.23 -26.42
CA ARG VB 77 36.47 123.13 -25.60
C ARG VB 77 37.69 123.63 -26.37
N THR VB 78 38.60 124.29 -25.68
CA THR VB 78 39.83 124.78 -26.29
C THR VB 78 41.00 124.49 -25.37
N THR VB 79 41.94 123.69 -25.85
CA THR VB 79 43.12 123.29 -25.10
C THR VB 79 44.36 123.96 -25.68
N ILE VB 80 45.24 124.43 -24.80
CA ILE VB 80 46.43 125.17 -25.17
C ILE VB 80 47.59 124.68 -24.31
N SER VB 81 48.47 123.85 -24.89
CA SER VB 81 49.61 123.29 -24.16
C SER VB 81 50.89 123.83 -24.76
N GLY VB 82 51.67 124.54 -23.93
CA GLY VB 82 52.90 125.17 -24.39
C GLY VB 82 53.63 125.80 -23.21
N SER VB 83 54.94 125.96 -23.39
CA SER VB 83 55.74 126.51 -22.30
C SER VB 83 55.43 127.98 -22.09
N VAL VB 84 55.76 128.45 -20.89
CA VAL VB 84 55.64 129.88 -20.58
C VAL VB 84 56.77 130.65 -21.27
N GLU VB 85 57.90 129.99 -21.50
CA GLU VB 85 59.04 130.67 -22.11
C GLU VB 85 58.75 131.06 -23.56
N ASN VB 86 58.18 130.14 -24.34
CA ASN VB 86 57.80 130.43 -25.71
C ASN VB 86 56.38 130.98 -25.83
N LYS VB 87 55.85 131.59 -24.77
CA LYS VB 87 54.47 132.08 -24.84
C LYS VB 87 54.29 133.08 -25.97
N ALA VB 88 55.38 133.66 -26.49
CA ALA VB 88 55.30 134.46 -27.70
C ALA VB 88 54.81 133.62 -28.89
N ALA VB 89 55.50 132.51 -29.16
CA ALA VB 89 55.07 131.64 -30.26
C ALA VB 89 53.75 130.96 -29.94
N VAL VB 90 53.46 130.72 -28.66
CA VAL VB 90 52.15 130.19 -28.27
C VAL VB 90 51.04 131.15 -28.66
N LEU VB 91 51.22 132.44 -28.36
CA LEU VB 91 50.19 133.44 -28.70
C LEU VB 91 50.10 133.67 -30.20
N ALA VB 92 51.23 133.65 -30.92
CA ALA VB 92 51.18 133.74 -32.37
C ALA VB 92 50.40 132.56 -32.97
N ALA VB 93 50.69 131.36 -32.47
CA ALA VB 93 49.94 130.18 -32.88
C ALA VB 93 48.47 130.30 -32.50
N LEU VB 94 48.17 130.94 -31.38
CA LEU VB 94 46.78 131.13 -30.98
C LEU VB 94 46.04 132.06 -31.94
N LEU VB 95 46.69 133.16 -32.34
CA LEU VB 95 46.07 134.07 -33.30
C LEU VB 95 45.81 133.36 -34.62
N ASP VB 96 46.82 132.63 -35.12
CA ASP VB 96 46.65 131.91 -36.37
C ASP VB 96 45.54 130.85 -36.26
N HIS VB 97 45.49 130.16 -35.13
CA HIS VB 97 44.46 129.15 -34.86
C HIS VB 97 43.07 129.78 -34.87
N LEU VB 98 42.91 130.91 -34.16
CA LEU VB 98 41.61 131.56 -34.09
C LEU VB 98 41.15 132.05 -35.45
N HIS VB 99 42.08 132.65 -36.22
CA HIS VB 99 41.71 133.14 -37.55
C HIS VB 99 41.31 131.99 -38.48
N ASN VB 100 42.06 130.90 -38.46
CA ASN VB 100 41.70 129.77 -39.31
C ASN VB 100 40.39 129.13 -38.87
N LEU VB 101 40.19 129.00 -37.56
CA LEU VB 101 38.92 128.54 -37.03
C LEU VB 101 37.77 129.39 -37.54
N GLY VB 102 37.94 130.71 -37.51
CA GLY VB 102 36.92 131.59 -38.06
C GLY VB 102 36.69 131.36 -39.54
N LEU VB 103 37.76 131.13 -40.30
CA LEU VB 103 37.61 130.80 -41.71
C LEU VB 103 36.76 129.55 -41.90
N ALA VB 104 36.82 128.61 -40.96
CA ALA VB 104 36.14 127.33 -41.14
C ALA VB 104 34.77 127.23 -40.47
N ARG VB 105 34.44 128.11 -39.53
CA ARG VB 105 33.33 127.81 -38.62
C ARG VB 105 32.00 127.73 -39.34
N ASP VB 106 31.80 128.55 -40.37
CA ASP VB 106 30.51 128.54 -41.05
C ASP VB 106 30.26 127.20 -41.75
N ASP VB 107 31.33 126.55 -42.24
CA ASP VB 107 31.21 125.20 -42.75
C ASP VB 107 31.07 124.18 -41.63
N LEU VB 108 31.86 124.33 -40.56
CA LEU VB 108 31.93 123.27 -39.55
C LEU VB 108 30.63 123.16 -38.75
N VAL VB 109 30.00 124.28 -38.40
CA VAL VB 109 28.76 124.18 -37.63
C VAL VB 109 27.61 123.69 -38.49
N ALA VB 110 27.75 123.75 -39.83
CA ALA VB 110 26.74 123.28 -40.75
C ALA VB 110 26.98 121.83 -41.19
N GLY VB 111 27.96 121.16 -40.60
CA GLY VB 111 28.25 119.79 -40.96
C GLY VB 111 29.07 119.61 -42.21
N LEU VB 112 29.55 120.69 -42.82
CA LEU VB 112 30.32 120.63 -44.05
C LEU VB 112 31.81 120.69 -43.73
N LEU VB 113 32.59 119.77 -44.30
CA LEU VB 113 34.03 119.84 -44.15
C LEU VB 113 34.57 120.98 -44.98
N PRO VB 114 35.32 121.91 -44.39
CA PRO VB 114 35.71 123.12 -45.12
C PRO VB 114 36.73 122.85 -46.21
N THR VB 115 36.24 122.38 -47.36
CA THR VB 115 37.13 122.03 -48.47
C THR VB 115 37.76 123.27 -49.09
N THR VB 116 37.10 124.42 -48.99
CA THR VB 116 37.43 125.59 -49.79
C THR VB 116 38.18 126.66 -49.01
N ILE VB 117 38.56 126.42 -47.76
CA ILE VB 117 39.18 127.45 -46.95
C ILE VB 117 40.68 127.47 -47.22
N GLN VB 118 41.32 128.59 -46.86
CA GLN VB 118 42.75 128.80 -47.07
C GLN VB 118 43.40 129.18 -45.75
N PRO VB 119 43.91 128.21 -45.00
CA PRO VB 119 44.57 128.53 -43.73
C PRO VB 119 45.91 129.24 -43.96
N VAL VB 120 46.25 130.12 -43.02
CA VAL VB 120 47.42 130.98 -43.14
C VAL VB 120 48.30 130.80 -41.91
N VAL VB 121 49.51 131.35 -42.00
CA VAL VB 121 50.44 131.49 -40.89
C VAL VB 121 50.77 132.96 -40.75
N GLU VB 122 50.90 133.43 -39.50
CA GLU VB 122 51.27 134.81 -39.22
C GLU VB 122 50.25 135.79 -39.79
N TYR VB 123 49.01 135.69 -39.29
CA TYR VB 123 47.94 136.55 -39.77
C TYR VB 123 48.19 138.01 -39.43
N THR VB 124 47.91 138.89 -40.39
CA THR VB 124 48.11 140.32 -40.24
C THR VB 124 46.96 141.10 -40.87
N ALA WB 1 49.58 115.60 -81.71
CA ALA WB 1 48.26 116.02 -81.26
C ALA WB 1 48.34 116.84 -79.98
N GLN WB 2 49.31 116.49 -79.13
CA GLN WB 2 49.54 117.12 -77.83
C GLN WB 2 48.25 117.20 -77.01
N HIS WB 3 47.43 116.16 -77.10
CA HIS WB 3 46.36 115.98 -76.13
C HIS WB 3 46.96 115.64 -74.78
N ASN WB 4 46.58 116.39 -73.75
CA ASN WB 4 47.20 116.25 -72.44
C ASN WB 4 46.51 115.18 -71.61
N MET WB 5 47.28 114.57 -70.70
CA MET WB 5 46.81 113.41 -69.94
C MET WB 5 45.69 113.81 -68.99
N ARG WB 6 44.88 112.81 -68.61
CA ARG WB 6 43.75 113.06 -67.72
C ARG WB 6 43.85 112.14 -66.50
N LEU WB 7 43.26 112.58 -65.39
CA LEU WB 7 43.55 112.01 -64.09
C LEU WB 7 42.82 110.71 -63.85
N GLN WB 8 43.53 109.74 -63.28
CA GLN WB 8 42.98 108.41 -63.02
C GLN WB 8 42.98 108.02 -61.54
N LEU WB 9 44.10 108.20 -60.83
CA LEU WB 9 44.24 107.73 -59.44
C LEU WB 9 44.87 108.80 -58.56
N THR WB 10 44.23 109.09 -57.44
CA THR WB 10 44.74 110.03 -56.45
C THR WB 10 44.84 109.34 -55.11
N SER WB 11 45.97 109.51 -54.43
CA SER WB 11 46.20 108.79 -53.19
C SER WB 11 46.74 109.65 -52.06
N GLY WB 12 46.91 110.96 -52.27
CA GLY WB 12 47.51 111.82 -51.27
C GLY WB 12 49.01 111.60 -51.16
N THR WB 13 49.45 110.46 -51.68
CA THR WB 13 50.86 110.15 -51.85
C THR WB 13 51.21 109.77 -53.28
N SER WB 14 50.24 109.34 -54.08
CA SER WB 14 50.47 108.95 -55.46
C SER WB 14 49.46 109.63 -56.37
N LEU WB 15 49.92 110.06 -57.54
CA LEU WB 15 49.05 110.58 -58.58
C LEU WB 15 49.32 109.80 -59.85
N THR WB 16 48.25 109.43 -60.56
CA THR WB 16 48.35 108.57 -61.73
C THR WB 16 47.43 109.14 -62.81
N TRP WB 17 48.04 109.68 -63.86
CA TRP WB 17 47.33 110.16 -65.04
C TRP WB 17 47.50 109.17 -66.17
N VAL WB 18 46.55 109.19 -67.11
CA VAL WB 18 46.56 108.28 -68.24
C VAL WB 18 46.26 109.06 -69.51
N ASP WB 19 46.82 108.57 -70.62
CA ASP WB 19 46.47 109.07 -71.95
C ASP WB 19 45.04 108.68 -72.28
N PRO WB 20 44.12 109.63 -72.49
CA PRO WB 20 42.73 109.27 -72.79
C PRO WB 20 42.55 108.43 -74.04
N ASN WB 21 43.50 108.45 -74.98
CA ASN WB 21 43.41 107.59 -76.15
C ASN WB 21 43.97 106.20 -75.88
N ASP WB 22 45.20 106.13 -75.37
CA ASP WB 22 45.92 104.89 -75.15
C ASP WB 22 46.07 104.68 -73.65
N PHE WB 23 45.36 103.68 -73.11
CA PHE WB 23 45.46 103.36 -71.69
C PHE WB 23 46.79 102.70 -71.33
N ARG WB 24 47.61 102.35 -72.31
CA ARG WB 24 48.90 101.73 -72.04
C ARG WB 24 49.94 102.72 -71.53
N SER WB 25 49.78 104.02 -71.83
CA SER WB 25 50.74 105.04 -71.45
C SER WB 25 50.21 105.80 -70.25
N THR WB 26 50.88 105.64 -69.11
CA THR WB 26 50.49 106.24 -67.85
C THR WB 26 51.65 107.06 -67.29
N PHE WB 27 51.32 107.87 -66.29
CA PHE WB 27 52.29 108.77 -65.68
C PHE WB 27 51.94 108.90 -64.20
N ARG WB 28 52.83 108.41 -63.32
CA ARG WB 28 52.63 108.46 -61.90
C ARG WB 28 53.70 109.34 -61.25
N ILE WB 29 53.30 110.05 -60.20
CA ILE WB 29 54.21 110.77 -59.33
C ILE WB 29 53.96 110.30 -57.91
N ASN WB 30 55.01 109.82 -57.25
CA ASN WB 30 54.98 109.37 -55.87
C ASN WB 30 55.87 110.27 -55.04
N LEU WB 31 55.42 110.61 -53.84
CA LEU WB 31 56.16 111.49 -52.95
C LEU WB 31 56.13 110.91 -51.55
N ASN WB 32 57.28 110.89 -50.89
CA ASN WB 32 57.37 110.38 -49.52
C ASN WB 32 58.28 111.29 -48.72
N VAL WB 33 57.73 111.93 -47.69
CA VAL WB 33 58.48 112.82 -46.81
C VAL WB 33 58.62 112.13 -45.46
N ASN WB 34 59.81 112.21 -44.90
CA ASN WB 34 60.08 111.68 -43.57
C ASN WB 34 61.40 112.26 -43.06
N GLN WB 35 61.59 112.21 -41.74
CA GLN WB 35 62.79 112.83 -41.19
C GLN WB 35 64.03 111.98 -41.43
N LYS WB 36 65.18 112.65 -41.37
CA LYS WB 36 66.47 112.05 -41.65
C LYS WB 36 67.49 112.73 -40.76
N VAL WB 37 68.50 111.97 -40.35
CA VAL WB 37 69.53 112.48 -39.45
C VAL WB 37 70.79 112.69 -40.27
N ALA WB 38 71.12 113.95 -40.55
CA ALA WB 38 72.37 114.33 -41.19
C ALA WB 38 73.29 114.86 -40.09
N GLY WB 39 74.32 114.09 -39.78
CA GLY WB 39 75.19 114.44 -38.66
C GLY WB 39 74.42 114.50 -37.37
N ALA WB 40 74.33 115.70 -36.79
CA ALA WB 40 73.61 115.92 -35.55
C ALA WB 40 72.33 116.73 -35.75
N VAL WB 41 71.85 116.85 -36.99
CA VAL WB 41 70.70 117.67 -37.31
C VAL WB 41 69.67 116.82 -38.07
N SER WB 42 68.42 116.88 -37.63
CA SER WB 42 67.35 116.20 -38.34
C SER WB 42 66.72 117.16 -39.33
N VAL WB 43 66.54 116.68 -40.57
CA VAL WB 43 65.92 117.44 -41.64
C VAL WB 43 64.88 116.57 -42.33
N TYR WB 44 63.89 117.22 -42.93
CA TYR WB 44 62.83 116.52 -43.63
C TYR WB 44 63.28 116.16 -45.05
N ASN WB 45 63.57 114.89 -45.27
CA ASN WB 45 63.93 114.38 -46.58
C ASN WB 45 62.67 114.00 -47.35
N ALA WB 46 62.58 114.47 -48.59
CA ALA WB 46 61.54 114.09 -49.52
C ALA WB 46 62.17 113.26 -50.62
N ARG WB 47 61.58 112.09 -50.88
CA ARG WB 47 61.93 111.26 -52.03
C ARG WB 47 60.74 111.28 -52.98
N SER WB 48 60.94 111.88 -54.15
CA SER WB 48 59.94 111.95 -55.20
C SER WB 48 60.38 111.03 -56.34
N GLU WB 49 59.50 110.15 -56.79
CA GLU WB 49 59.76 109.40 -58.01
C GLU WB 49 58.66 109.66 -59.03
N VAL WB 50 59.09 109.78 -60.29
CA VAL WB 50 58.23 110.13 -61.41
C VAL WB 50 58.39 109.03 -62.44
N ILE WB 51 57.33 108.25 -62.66
CA ILE WB 51 57.36 107.04 -63.47
C ILE WB 51 56.41 107.23 -64.65
N THR WB 52 56.95 107.24 -65.87
CA THR WB 52 56.12 107.21 -67.07
C THR WB 52 56.28 105.83 -67.73
N ASN WB 53 55.15 105.19 -68.00
CA ASN WB 53 55.10 103.82 -68.51
C ASN WB 53 54.35 103.80 -69.83
N ARG WB 54 54.86 103.03 -70.80
CA ARG WB 54 54.20 102.92 -72.09
C ARG WB 54 54.36 101.51 -72.61
N ALA WB 55 53.56 101.19 -73.63
CA ALA WB 55 53.54 99.86 -74.25
C ALA WB 55 53.51 100.02 -75.76
N PRO WB 56 54.66 100.29 -76.38
CA PRO WB 56 54.71 100.40 -77.84
C PRO WB 56 54.57 99.03 -78.50
N LEU WB 57 54.18 99.06 -79.78
CA LEU WB 57 54.12 97.85 -80.57
C LEU WB 57 55.43 97.66 -81.32
N VAL WB 58 55.85 96.40 -81.45
CA VAL WB 58 57.03 96.06 -82.22
C VAL WB 58 56.62 96.04 -83.70
N VAL WB 59 57.09 97.03 -84.45
CA VAL WB 59 56.72 97.20 -85.86
C VAL WB 59 57.69 96.39 -86.71
N ILE WB 60 57.20 95.32 -87.34
CA ILE WB 60 57.95 94.58 -88.34
C ILE WB 60 57.30 94.82 -89.70
N GLU WB 61 58.08 95.33 -90.64
CA GLU WB 61 57.60 95.48 -92.00
C GLU WB 61 57.31 94.12 -92.62
N GLY WB 62 56.24 94.06 -93.40
CA GLY WB 62 55.81 92.81 -93.98
C GLY WB 62 54.95 91.96 -93.09
N CYS WB 63 54.80 92.34 -91.82
CA CYS WB 63 53.99 91.61 -90.85
C CYS WB 63 52.85 92.50 -90.40
N THR WB 64 51.67 92.29 -90.98
CA THR WB 64 50.46 92.94 -90.47
C THR WB 64 50.12 92.34 -89.12
N ASP WB 65 50.41 93.09 -88.05
CA ASP WB 65 50.22 92.62 -86.69
C ASP WB 65 48.76 92.78 -86.29
N ALA WB 66 47.91 92.00 -86.97
CA ALA WB 66 46.54 91.84 -86.53
C ALA WB 66 46.54 91.34 -85.10
N CYS WB 67 45.64 91.91 -84.30
CA CYS WB 67 45.44 91.66 -82.87
C CYS WB 67 46.48 92.39 -82.02
N SER WB 68 47.47 93.04 -82.63
CA SER WB 68 48.50 93.80 -81.93
C SER WB 68 49.14 92.97 -80.81
N VAL WB 69 49.64 91.79 -81.18
CA VAL WB 69 50.18 90.87 -80.18
C VAL WB 69 51.64 91.19 -79.89
N ASN WB 70 52.42 91.59 -80.89
CA ASN WB 70 53.82 91.95 -80.69
C ASN WB 70 53.88 93.31 -80.02
N ARG WB 71 53.98 93.32 -78.70
CA ARG WB 71 53.95 94.57 -77.94
C ARG WB 71 55.01 94.54 -76.85
N GLU WB 72 55.60 95.70 -76.61
CA GLU WB 72 56.73 95.90 -75.72
C GLU WB 72 56.38 96.86 -74.60
N ASN WB 73 56.96 96.64 -73.42
CA ASN WB 73 56.86 97.59 -72.32
C ASN WB 73 58.11 98.45 -72.29
N ILE WB 74 57.92 99.77 -72.18
CA ILE WB 74 59.01 100.71 -72.00
C ILE WB 74 58.69 101.60 -70.81
N SER WB 75 59.74 102.04 -70.11
CA SER WB 75 59.53 102.84 -68.90
C SER WB 75 60.67 103.81 -68.67
N ILE WB 76 60.31 105.02 -68.25
CA ILE WB 76 61.26 106.06 -67.88
C ILE WB 76 60.91 106.54 -66.47
N ARG WB 77 61.86 106.41 -65.55
CA ARG WB 77 61.64 106.66 -64.14
C ARG WB 77 62.71 107.63 -63.63
N THR WB 78 62.33 108.47 -62.67
CA THR WB 78 63.24 109.47 -62.15
C THR WB 78 63.02 109.64 -60.65
N THR WB 79 64.06 109.37 -59.86
CA THR WB 79 64.01 109.46 -58.40
C THR WB 79 64.85 110.63 -57.93
N ILE WB 80 64.32 111.40 -56.98
CA ILE WB 80 64.93 112.62 -56.48
C ILE WB 80 64.75 112.59 -54.97
N SER WB 81 65.83 112.26 -54.24
CA SER WB 81 65.76 112.15 -52.79
C SER WB 81 66.71 113.18 -52.17
N GLY WB 82 66.14 114.09 -51.38
CA GLY WB 82 66.93 115.14 -50.76
C GLY WB 82 66.11 115.91 -49.76
N SER WB 83 66.82 116.70 -48.95
CA SER WB 83 66.15 117.53 -47.95
C SER WB 83 65.33 118.62 -48.61
N VAL WB 84 64.17 118.91 -48.02
CA VAL WB 84 63.45 120.12 -48.38
C VAL WB 84 64.29 121.34 -48.02
N GLU WB 85 65.10 121.25 -46.97
CA GLU WB 85 65.93 122.37 -46.55
C GLU WB 85 67.02 122.68 -47.57
N ASN WB 86 67.70 121.66 -48.09
CA ASN WB 86 68.70 121.86 -49.12
C ASN WB 86 68.12 121.77 -50.53
N LYS WB 87 66.83 122.10 -50.70
CA LYS WB 87 66.22 122.03 -52.01
C LYS WB 87 66.95 122.90 -53.04
N ALA WB 88 67.73 123.87 -52.59
CA ALA WB 88 68.55 124.65 -53.52
C ALA WB 88 69.58 123.77 -54.20
N ALA WB 89 70.37 123.04 -53.41
CA ALA WB 89 71.36 122.13 -53.99
C ALA WB 89 70.67 120.96 -54.70
N VAL WB 90 69.48 120.57 -54.25
CA VAL WB 90 68.72 119.55 -54.96
C VAL WB 90 68.40 120.01 -56.38
N LEU WB 91 67.93 121.26 -56.51
CA LEU WB 91 67.57 121.80 -57.82
C LEU WB 91 68.79 122.03 -58.70
N ALA WB 92 69.91 122.48 -58.10
CA ALA WB 92 71.15 122.58 -58.87
C ALA WB 92 71.55 121.21 -59.41
N ALA WB 93 71.47 120.18 -58.56
CA ALA WB 93 71.74 118.82 -58.99
C ALA WB 93 70.78 118.37 -60.08
N LEU WB 94 69.52 118.79 -60.00
CA LEU WB 94 68.55 118.39 -61.02
C LEU WB 94 68.89 119.02 -62.36
N LEU WB 95 69.24 120.30 -62.36
CA LEU WB 95 69.64 120.96 -63.61
C LEU WB 95 70.84 120.28 -64.23
N ASP WB 96 71.88 120.05 -63.43
CA ASP WB 96 73.08 119.40 -63.95
C ASP WB 96 72.77 117.97 -64.44
N HIS WB 97 71.89 117.27 -63.72
CA HIS WB 97 71.48 115.94 -64.10
C HIS WB 97 70.75 115.95 -65.44
N LEU WB 98 69.80 116.86 -65.60
CA LEU WB 98 69.05 116.94 -66.86
C LEU WB 98 69.96 117.25 -68.02
N HIS WB 99 70.90 118.19 -67.83
CA HIS WB 99 71.79 118.55 -68.93
C HIS WB 99 72.70 117.40 -69.32
N ASN WB 100 73.23 116.68 -68.33
CA ASN WB 100 74.11 115.56 -68.65
C ASN WB 100 73.33 114.40 -69.27
N LEU WB 101 72.11 114.17 -68.78
CA LEU WB 101 71.22 113.22 -69.43
C LEU WB 101 71.02 113.58 -70.89
N GLY WB 102 70.78 114.87 -71.17
CA GLY WB 102 70.64 115.30 -72.54
C GLY WB 102 71.90 115.10 -73.37
N LEU WB 103 73.07 115.19 -72.73
CA LEU WB 103 74.30 114.88 -73.43
C LEU WB 103 74.33 113.41 -73.85
N ALA WB 104 73.86 112.53 -72.98
CA ALA WB 104 73.96 111.10 -73.27
C ALA WB 104 72.72 110.53 -73.98
N ARG WB 105 71.66 111.32 -74.16
CA ARG WB 105 70.35 110.76 -74.46
C ARG WB 105 70.32 110.05 -75.80
N ASP WB 106 71.09 110.52 -76.76
CA ASP WB 106 71.04 109.91 -78.08
C ASP WB 106 71.80 108.59 -78.10
N ASP WB 107 72.97 108.55 -77.45
CA ASP WB 107 73.73 107.31 -77.38
C ASP WB 107 72.99 106.25 -76.58
N LEU WB 108 72.50 106.62 -75.40
CA LEU WB 108 71.93 105.63 -74.49
C LEU WB 108 70.72 104.93 -75.09
N VAL WB 109 69.86 105.67 -75.80
CA VAL WB 109 68.64 105.06 -76.32
C VAL WB 109 68.95 104.15 -77.50
N ALA WB 110 70.08 104.33 -78.16
CA ALA WB 110 70.52 103.46 -79.24
C ALA WB 110 71.31 102.25 -78.75
N GLY WB 111 71.42 102.07 -77.44
CA GLY WB 111 72.11 100.92 -76.88
C GLY WB 111 73.62 101.03 -76.85
N LEU WB 112 74.15 102.24 -76.87
CA LEU WB 112 75.58 102.47 -77.01
C LEU WB 112 76.08 103.26 -75.81
N LEU WB 113 77.17 102.81 -75.20
CA LEU WB 113 77.73 103.50 -74.05
C LEU WB 113 78.27 104.87 -74.47
N PRO WB 114 77.82 105.95 -73.85
CA PRO WB 114 78.27 107.31 -74.25
C PRO WB 114 79.70 107.59 -73.80
N THR WB 115 80.66 106.88 -74.40
CA THR WB 115 82.06 107.06 -74.06
C THR WB 115 82.59 108.44 -74.42
N THR WB 116 81.95 109.12 -75.37
CA THR WB 116 82.48 110.37 -75.89
C THR WB 116 82.07 111.59 -75.08
N ILE WB 117 80.89 111.58 -74.46
CA ILE WB 117 80.38 112.79 -73.82
C ILE WB 117 81.26 113.20 -72.64
N GLN WB 118 81.11 114.45 -72.23
CA GLN WB 118 81.80 115.00 -71.06
C GLN WB 118 80.81 115.76 -70.21
N PRO WB 119 80.41 115.25 -69.05
CA PRO WB 119 79.42 115.94 -68.22
C PRO WB 119 80.00 117.19 -67.58
N VAL WB 120 79.12 117.95 -66.93
CA VAL WB 120 79.43 119.27 -66.42
C VAL WB 120 78.79 119.44 -65.05
N VAL WB 121 79.41 120.27 -64.21
CA VAL WB 121 78.81 120.78 -62.98
C VAL WB 121 78.46 122.24 -63.21
N GLU WB 122 77.32 122.68 -62.66
CA GLU WB 122 76.93 124.10 -62.66
C GLU WB 122 76.69 124.61 -64.08
N TYR WB 123 75.86 123.90 -64.85
CA TYR WB 123 75.53 124.36 -66.20
C TYR WB 123 74.91 125.74 -66.16
N THR WB 124 75.28 126.57 -67.13
CA THR WB 124 74.79 127.93 -67.21
C THR WB 124 74.44 128.29 -68.66
N ALA XB 1 18.27 27.88 137.48
CA ALA XB 1 19.37 28.68 137.99
C ALA XB 1 19.09 30.16 137.83
N GLN XB 2 18.26 30.53 136.85
CA GLN XB 2 17.84 31.92 136.65
C GLN XB 2 19.05 32.84 136.42
N HIS XB 3 20.04 32.33 135.69
CA HIS XB 3 21.19 33.13 135.31
C HIS XB 3 20.92 33.78 133.96
N ASN XB 4 21.09 35.10 133.90
CA ASN XB 4 20.79 35.84 132.68
C ASN XB 4 21.91 35.70 131.66
N MET XB 5 21.53 35.77 130.38
CA MET XB 5 22.45 35.55 129.27
C MET XB 5 23.45 36.70 129.15
N ARG XB 6 24.62 36.40 128.57
CA ARG XB 6 25.63 37.43 128.34
C ARG XB 6 25.82 37.64 126.84
N LEU XB 7 26.06 38.90 126.47
CA LEU XB 7 26.02 39.31 125.08
C LEU XB 7 27.28 38.89 124.34
N GLN XB 8 27.12 38.47 123.08
CA GLN XB 8 28.23 37.98 122.26
C GLN XB 8 28.42 38.72 120.95
N LEU XB 9 27.36 39.13 120.26
CA LEU XB 9 27.51 39.75 118.95
C LEU XB 9 26.56 40.93 118.77
N THR XB 10 27.12 42.10 118.42
CA THR XB 10 26.35 43.30 118.12
C THR XB 10 26.63 43.74 116.68
N SER XB 11 25.57 44.08 115.95
CA SER XB 11 25.72 44.44 114.55
C SER XB 11 24.90 45.65 114.11
N GLY XB 12 24.14 46.27 115.00
CA GLY XB 12 23.27 47.37 114.61
C GLY XB 12 22.03 46.91 113.86
N THR XB 13 22.05 45.65 113.42
CA THR XB 13 20.88 44.98 112.86
C THR XB 13 20.58 43.67 113.55
N SER XB 14 21.53 43.09 114.29
CA SER XB 14 21.28 41.88 115.07
C SER XB 14 21.91 42.03 116.44
N LEU XB 15 21.39 41.23 117.37
CA LEU XB 15 21.97 41.06 118.70
C LEU XB 15 22.00 39.58 119.00
N THR XB 16 23.09 39.12 119.59
CA THR XB 16 23.31 37.69 119.81
C THR XB 16 23.86 37.50 121.22
N TRP XB 17 22.99 37.06 122.13
CA TRP XB 17 23.34 36.67 123.49
C TRP XB 17 23.52 35.16 123.57
N VAL XB 18 24.27 34.72 124.58
CA VAL XB 18 24.58 33.32 124.79
C VAL XB 18 24.55 33.01 126.27
N ASP XB 19 24.14 31.78 126.60
CA ASP XB 19 24.24 31.27 127.96
C ASP XB 19 25.69 31.05 128.32
N PRO XB 20 26.24 31.75 129.32
CA PRO XB 20 27.65 31.55 129.67
C PRO XB 20 28.00 30.12 130.04
N ASN XB 21 27.03 29.35 130.54
CA ASN XB 21 27.29 27.95 130.88
C ASN XB 21 27.28 27.07 129.65
N ASP XB 22 26.19 27.11 128.89
CA ASP XB 22 26.02 26.32 127.67
C ASP XB 22 26.06 27.25 126.47
N PHE XB 23 27.15 27.18 125.70
CA PHE XB 23 27.24 27.95 124.46
C PHE XB 23 26.26 27.44 123.40
N ARG XB 24 25.59 26.31 123.61
CA ARG XB 24 24.67 25.79 122.61
C ARG XB 24 23.31 26.49 122.61
N SER XB 25 23.01 27.30 123.63
CA SER XB 25 21.74 28.03 123.70
C SER XB 25 21.99 29.50 123.37
N THR XB 26 21.58 29.88 122.17
CA THR XB 26 21.77 31.22 121.62
C THR XB 26 20.43 31.96 121.65
N PHE XB 27 20.51 33.30 121.69
CA PHE XB 27 19.33 34.14 121.59
C PHE XB 27 19.66 35.33 120.72
N ARG XB 28 19.05 35.41 119.53
CA ARG XB 28 19.30 36.48 118.57
C ARG XB 28 18.03 37.28 118.33
N ILE XB 29 18.21 38.58 118.12
CA ILE XB 29 17.15 39.49 117.70
C ILE XB 29 17.63 40.22 116.44
N ASN XB 30 16.84 40.15 115.37
CA ASN XB 30 17.12 40.82 114.11
C ASN XB 30 16.02 41.84 113.87
N LEU XB 31 16.40 43.09 113.63
CA LEU XB 31 15.44 44.15 113.34
C LEU XB 31 15.81 44.80 112.01
N ASN XB 32 14.86 44.79 111.08
CA ASN XB 32 15.08 45.41 109.77
C ASN XB 32 13.96 46.40 109.52
N VAL XB 33 14.31 47.63 109.15
CA VAL XB 33 13.32 48.67 108.93
C VAL XB 33 13.49 49.21 107.51
N ASN XB 34 12.36 49.42 106.84
CA ASN XB 34 12.34 50.00 105.51
C ASN XB 34 10.95 50.55 105.22
N GLN XB 35 10.89 51.49 104.29
CA GLN XB 35 9.61 52.12 103.97
C GLN XB 35 8.76 51.22 103.09
N LYS XB 36 7.46 51.18 103.39
CA LYS XB 36 6.48 50.50 102.57
C LYS XB 36 5.40 51.51 102.22
N VAL XB 37 4.56 51.15 101.26
CA VAL XB 37 3.45 52.00 100.83
C VAL XB 37 2.18 51.38 101.39
N ALA XB 38 1.56 52.06 102.36
CA ALA XB 38 0.27 51.64 102.90
C ALA XB 38 -0.79 52.53 102.28
N GLY XB 39 -1.58 51.96 101.38
CA GLY XB 39 -2.65 52.71 100.75
C GLY XB 39 -2.18 53.99 100.11
N ALA XB 40 -2.55 55.12 100.72
CA ALA XB 40 -2.24 56.42 100.16
C ALA XB 40 -0.89 56.97 100.59
N VAL XB 41 -0.35 56.53 101.73
CA VAL XB 41 0.83 57.18 102.29
C VAL XB 41 1.87 56.10 102.60
N SER XB 42 3.14 56.53 102.63
CA SER XB 42 4.23 55.64 103.01
C SER XB 42 4.38 55.58 104.51
N VAL XB 43 4.72 54.40 105.01
CA VAL XB 43 4.96 54.17 106.43
C VAL XB 43 6.28 53.40 106.58
N TYR XB 44 6.73 53.28 107.82
CA TYR XB 44 7.98 52.58 108.14
C TYR XB 44 7.67 51.20 108.69
N ASN XB 45 7.90 50.17 107.88
CA ASN XB 45 7.71 48.79 108.31
C ASN XB 45 8.98 48.28 109.00
N ALA XB 46 8.78 47.57 110.11
CA ALA XB 46 9.87 47.03 110.92
C ALA XB 46 9.61 45.54 111.10
N ARG XB 47 10.36 44.72 110.36
CA ARG XB 47 10.31 43.27 110.54
C ARG XB 47 11.32 42.92 111.64
N SER XB 48 10.79 42.63 112.83
CA SER XB 48 11.58 42.07 113.90
C SER XB 48 11.48 40.55 113.82
N GLU XB 49 12.54 39.87 114.23
CA GLU XB 49 12.45 38.45 114.49
C GLU XB 49 13.35 38.10 115.67
N VAL XB 50 12.87 37.16 116.48
CA VAL XB 50 13.51 36.75 117.72
C VAL XB 50 13.68 35.24 117.65
N ILE XB 51 14.93 34.79 117.61
CA ILE XB 51 15.26 33.38 117.40
C ILE XB 51 16.02 32.89 118.62
N THR XB 52 15.48 31.86 119.29
CA THR XB 52 16.18 31.20 120.36
C THR XB 52 16.53 29.77 119.92
N ASN XB 53 17.80 29.43 120.04
CA ASN XB 53 18.35 28.16 119.56
C ASN XB 53 18.92 27.40 120.75
N ARG XB 54 18.71 26.09 120.78
CA ARG XB 54 19.29 25.27 121.83
C ARG XB 54 19.64 23.91 121.26
N ALA XB 55 20.42 23.16 122.03
CA ALA XB 55 20.86 21.81 121.65
C ALA XB 55 20.80 20.92 122.88
N PRO XB 56 19.60 20.57 123.33
CA PRO XB 56 19.48 19.65 124.47
C PRO XB 56 19.93 18.26 124.09
N LEU XB 57 20.27 17.48 125.11
CA LEU XB 57 20.79 16.14 124.89
C LEU XB 57 19.63 15.14 124.83
N VAL XB 58 19.73 14.20 123.90
CA VAL XB 58 18.72 13.16 123.73
C VAL XB 58 19.14 11.98 124.61
N VAL XB 59 18.31 11.65 125.59
CA VAL XB 59 18.64 10.65 126.59
C VAL XB 59 17.56 9.57 126.59
N ILE XB 60 17.95 8.34 126.32
CA ILE XB 60 17.10 7.16 126.49
C ILE XB 60 17.73 6.32 127.59
N GLU XB 61 17.00 6.15 128.69
CA GLU XB 61 17.61 5.69 129.94
C GLU XB 61 18.36 4.38 129.76
N GLY XB 62 17.78 3.43 129.04
CA GLY XB 62 18.46 2.16 128.82
C GLY XB 62 19.40 2.13 127.65
N CYS XB 63 19.39 3.16 126.80
CA CYS XB 63 20.02 3.10 125.50
C CYS XB 63 21.13 4.12 125.28
N THR XB 64 21.06 5.30 125.90
CA THR XB 64 21.96 6.41 125.58
C THR XB 64 23.23 6.27 126.40
N ASP XB 65 24.33 5.99 125.70
CA ASP XB 65 25.65 5.99 126.34
C ASP XB 65 25.99 7.41 126.76
N ALA XB 66 26.39 7.56 128.02
CA ALA XB 66 26.68 8.89 128.55
C ALA XB 66 27.99 9.44 127.98
N CYS XB 67 28.93 8.57 127.61
CA CYS XB 67 30.21 9.03 127.11
C CYS XB 67 30.06 9.71 125.75
N SER XB 68 29.32 9.09 124.83
CA SER XB 68 29.07 9.68 123.52
C SER XB 68 27.78 10.50 123.61
N VAL XB 69 27.92 11.83 123.62
CA VAL XB 69 26.77 12.71 123.74
C VAL XB 69 25.91 12.60 122.49
N ASN XB 70 24.60 12.62 122.69
CA ASN XB 70 23.63 12.64 121.60
C ASN XB 70 22.79 13.90 121.77
N ARG XB 71 22.98 14.87 120.87
CA ARG XB 71 22.30 16.15 120.99
C ARG XB 71 21.35 16.37 119.82
N GLU XB 72 20.38 17.24 120.06
CA GLU XB 72 19.34 17.60 119.12
C GLU XB 72 19.22 19.11 119.07
N ASN XB 73 19.15 19.68 117.87
CA ASN XB 73 18.87 21.10 117.75
C ASN XB 73 17.37 21.34 117.91
N ILE XB 74 17.02 22.32 118.75
CA ILE XB 74 15.65 22.80 118.88
C ILE XB 74 15.65 24.31 118.70
N SER XB 75 14.58 24.83 118.12
CA SER XB 75 14.53 26.25 117.79
C SER XB 75 13.13 26.81 117.95
N ILE XB 76 13.05 28.03 118.47
CA ILE XB 76 11.81 28.78 118.56
C ILE XB 76 12.04 30.17 117.96
N ARG XB 77 11.34 30.46 116.87
CA ARG XB 77 11.50 31.66 116.09
C ARG XB 77 10.20 32.46 116.12
N THR XB 78 10.31 33.79 116.11
CA THR XB 78 9.12 34.64 116.12
C THR XB 78 9.35 35.87 115.26
N THR XB 79 8.58 35.98 114.17
CA THR XB 79 8.65 37.11 113.25
C THR XB 79 7.46 38.03 113.47
N ILE XB 80 7.72 39.34 113.47
CA ILE XB 80 6.72 40.38 113.71
C ILE XB 80 6.97 41.48 112.69
N SER XB 81 6.11 41.57 111.67
CA SER XB 81 6.28 42.55 110.60
C SER XB 81 5.03 43.43 110.51
N GLY XB 82 5.24 44.72 110.76
CA GLY XB 82 4.21 45.75 110.66
C GLY XB 82 4.89 47.09 110.78
N SER XB 83 4.12 48.15 110.52
CA SER XB 83 4.69 49.49 110.55
C SER XB 83 4.90 49.97 111.99
N VAL XB 84 5.93 50.79 112.18
CA VAL XB 84 6.10 51.49 113.46
C VAL XB 84 5.00 52.52 113.62
N GLU XB 85 4.48 53.02 112.50
CA GLU XB 85 3.42 54.02 112.54
C GLU XB 85 2.18 53.47 113.25
N ASN XB 86 1.85 52.21 112.98
CA ASN XB 86 0.64 51.54 113.46
C ASN XB 86 0.96 50.50 114.53
N LYS XB 87 2.00 50.75 115.32
CA LYS XB 87 2.44 49.76 116.30
C LYS XB 87 1.36 49.46 117.33
N ALA XB 88 0.35 50.34 117.46
CA ALA XB 88 -0.78 50.03 118.31
C ALA XB 88 -1.48 48.75 117.86
N ALA XB 89 -1.85 48.68 116.58
CA ALA XB 89 -2.47 47.47 116.05
C ALA XB 89 -1.46 46.33 115.94
N VAL XB 90 -0.17 46.65 115.74
CA VAL XB 90 0.85 45.59 115.77
C VAL XB 90 0.82 44.87 117.12
N LEU XB 91 0.85 45.63 118.22
CA LEU XB 91 0.83 45.03 119.56
C LEU XB 91 -0.51 44.38 119.88
N ALA XB 92 -1.62 44.98 119.43
CA ALA XB 92 -2.91 44.34 119.63
C ALA XB 92 -2.97 42.99 118.93
N ALA XB 93 -2.29 42.85 117.79
CA ALA XB 93 -2.16 41.55 117.15
C ALA XB 93 -1.21 40.64 117.93
N LEU XB 94 -0.13 41.20 118.48
CA LEU XB 94 0.83 40.40 119.22
C LEU XB 94 0.21 39.74 120.43
N LEU XB 95 -0.62 40.48 121.17
CA LEU XB 95 -1.23 39.92 122.38
C LEU XB 95 -2.12 38.74 122.05
N ASP XB 96 -2.97 38.90 121.03
CA ASP XB 96 -3.84 37.81 120.60
C ASP XB 96 -3.03 36.61 120.12
N HIS XB 97 -1.96 36.88 119.37
CA HIS XB 97 -1.10 35.80 118.90
C HIS XB 97 -0.49 35.03 120.05
N LEU XB 98 0.06 35.74 121.04
CA LEU XB 98 0.71 35.09 122.17
C LEU XB 98 -0.29 34.26 122.97
N HIS XB 99 -1.48 34.80 123.22
CA HIS XB 99 -2.48 34.06 123.97
C HIS XB 99 -2.94 32.81 123.23
N ASN XB 100 -3.15 32.92 121.92
CA ASN XB 100 -3.59 31.75 121.17
C ASN XB 100 -2.48 30.71 121.08
N LEU XB 101 -1.23 31.15 120.92
CA LEU XB 101 -0.11 30.23 121.00
C LEU XB 101 -0.10 29.51 122.33
N GLY XB 102 -0.36 30.23 123.42
CA GLY XB 102 -0.45 29.58 124.72
C GLY XB 102 -1.54 28.53 124.77
N LEU XB 103 -2.70 28.84 124.17
CA LEU XB 103 -3.77 27.84 124.10
C LEU XB 103 -3.31 26.58 123.38
N ALA XB 104 -2.48 26.74 122.36
CA ALA XB 104 -2.09 25.60 121.54
C ALA XB 104 -0.86 24.84 122.05
N ARG XB 105 -0.02 25.47 122.89
CA ARG XB 105 1.35 24.97 123.05
C ARG XB 105 1.39 23.57 123.63
N ASP XB 106 0.48 23.26 124.55
CA ASP XB 106 0.49 21.94 125.17
C ASP XB 106 0.24 20.86 124.14
N ASP XB 107 -0.66 21.13 123.19
CA ASP XB 107 -0.92 20.19 122.11
C ASP XB 107 0.25 20.15 121.13
N LEU XB 108 0.82 21.32 120.81
CA LEU XB 108 1.80 21.40 119.74
C LEU XB 108 3.12 20.73 120.14
N VAL XB 109 3.60 20.98 121.35
CA VAL XB 109 4.88 20.40 121.75
C VAL XB 109 4.81 18.89 121.88
N ALA XB 110 3.60 18.34 122.01
CA ALA XB 110 3.41 16.89 122.09
C ALA XB 110 3.11 16.26 120.73
N GLY XB 111 3.29 17.01 119.65
CA GLY XB 111 3.09 16.47 118.32
C GLY XB 111 1.65 16.26 117.92
N LEU XB 112 0.69 16.84 118.66
CA LEU XB 112 -0.72 16.67 118.39
C LEU XB 112 -1.27 17.91 117.71
N LEU XB 113 -2.16 17.71 116.74
CA LEU XB 113 -2.79 18.82 116.04
C LEU XB 113 -3.86 19.45 116.92
N PRO XB 114 -3.73 20.73 117.28
CA PRO XB 114 -4.66 21.34 118.23
C PRO XB 114 -6.06 21.52 117.66
N THR XB 115 -6.79 20.40 117.51
CA THR XB 115 -8.10 20.42 116.88
C THR XB 115 -9.21 20.94 117.79
N THR XB 116 -8.97 21.00 119.10
CA THR XB 116 -10.02 21.42 120.03
C THR XB 116 -10.01 22.91 120.32
N ILE XB 117 -8.82 23.52 120.41
CA ILE XB 117 -8.70 24.88 120.92
C ILE XB 117 -9.53 25.86 120.08
N GLN XB 118 -9.91 26.97 120.69
CA GLN XB 118 -10.60 28.05 119.99
C GLN XB 118 -9.89 29.37 120.25
N PRO XB 119 -9.29 29.98 119.22
CA PRO XB 119 -8.61 31.26 119.40
C PRO XB 119 -9.59 32.41 119.59
N VAL XB 120 -9.08 33.63 119.68
CA VAL XB 120 -9.91 34.79 120.01
C VAL XB 120 -9.21 36.05 119.52
N VAL XB 121 -10.01 37.07 119.21
CA VAL XB 121 -9.52 38.40 118.87
C VAL XB 121 -9.79 39.29 120.08
N GLU XB 122 -8.93 40.30 120.27
CA GLU XB 122 -9.13 41.34 121.29
C GLU XB 122 -9.26 40.73 122.68
N TYR XB 123 -8.26 39.93 123.05
CA TYR XB 123 -8.27 39.22 124.33
C TYR XB 123 -8.18 40.21 125.48
N THR XB 124 -9.13 40.13 126.41
CA THR XB 124 -9.24 41.04 127.55
C THR XB 124 -8.77 40.32 128.81
N GLY XB 125 -7.63 40.77 129.36
CA GLY XB 125 -7.12 40.23 130.61
C GLY XB 125 -6.63 38.80 130.53
N ALA YB 1 -13.64 43.70 122.29
CA ALA YB 1 -14.91 42.97 122.25
C ALA YB 1 -14.70 41.50 122.62
N GLN YB 2 -13.50 41.00 122.37
CA GLN YB 2 -13.13 39.60 122.59
C GLN YB 2 -14.20 38.64 122.06
N HIS YB 3 -14.51 38.80 120.78
CA HIS YB 3 -15.30 37.82 120.04
C HIS YB 3 -14.35 36.76 119.49
N ASN YB 4 -14.48 35.53 119.99
CA ASN YB 4 -13.49 34.50 119.65
C ASN YB 4 -13.64 34.04 118.21
N MET YB 5 -12.51 33.61 117.64
CA MET YB 5 -12.42 33.33 116.21
C MET YB 5 -13.22 32.09 115.85
N ARG YB 6 -13.60 32.03 114.57
CA ARG YB 6 -14.41 30.95 114.02
C ARG YB 6 -13.53 30.06 113.15
N LEU YB 7 -13.64 28.75 113.32
CA LEU YB 7 -12.93 27.83 112.43
C LEU YB 7 -13.39 28.02 111.00
N GLN YB 8 -12.44 27.95 110.08
CA GLN YB 8 -12.89 28.10 108.70
C GLN YB 8 -12.39 26.98 107.79
N LEU YB 9 -11.16 26.48 108.00
CA LEU YB 9 -10.66 25.43 107.13
C LEU YB 9 -9.70 24.48 107.85
N THR YB 10 -9.92 23.18 107.64
CA THR YB 10 -9.01 22.13 108.12
C THR YB 10 -8.64 21.26 106.93
N SER YB 11 -7.34 21.15 106.65
CA SER YB 11 -6.89 20.30 105.54
C SER YB 11 -5.42 19.97 105.75
N GLY YB 12 -5.08 18.70 105.54
CA GLY YB 12 -3.71 18.24 105.69
C GLY YB 12 -3.20 18.35 107.11
N THR YB 13 -2.25 19.26 107.33
CA THR YB 13 -1.68 19.51 108.65
C THR YB 13 -1.99 20.91 109.17
N SER YB 14 -2.92 21.62 108.52
CA SER YB 14 -3.18 23.02 108.84
C SER YB 14 -4.56 23.20 109.43
N LEU YB 15 -4.68 24.23 110.26
CA LEU YB 15 -5.96 24.69 110.79
C LEU YB 15 -6.02 26.20 110.56
N THR YB 16 -7.18 26.69 110.13
CA THR YB 16 -7.32 28.09 109.74
C THR YB 16 -8.61 28.65 110.32
N TRP YB 17 -8.48 29.56 111.28
CA TRP YB 17 -9.55 30.31 111.91
C TRP YB 17 -9.55 31.73 111.37
N VAL YB 18 -10.70 32.40 111.52
CA VAL YB 18 -10.89 33.75 111.00
C VAL YB 18 -11.72 34.55 111.99
N ASP YB 19 -11.49 35.86 112.01
CA ASP YB 19 -12.32 36.79 112.77
C ASP YB 19 -13.67 36.94 112.09
N PRO YB 20 -14.78 36.60 112.76
CA PRO YB 20 -16.09 36.72 112.12
C PRO YB 20 -16.49 38.15 111.76
N ASN YB 21 -15.76 39.16 112.23
CA ASN YB 21 -16.13 40.53 111.89
C ASN YB 21 -15.46 40.99 110.58
N ASP YB 22 -14.13 40.89 110.48
CA ASP YB 22 -13.49 41.05 109.19
C ASP YB 22 -12.66 39.83 108.86
N PHE YB 23 -12.70 39.47 107.58
CA PHE YB 23 -12.02 38.33 106.99
C PHE YB 23 -10.51 38.54 106.89
N ARG YB 24 -10.03 39.73 107.28
CA ARG YB 24 -8.63 40.11 107.08
C ARG YB 24 -7.71 39.53 108.15
N SER YB 25 -8.21 39.28 109.35
CA SER YB 25 -7.41 38.77 110.44
C SER YB 25 -7.70 37.28 110.62
N THR YB 26 -6.71 36.46 110.31
CA THR YB 26 -6.79 35.01 110.31
C THR YB 26 -5.70 34.42 111.19
N PHE YB 27 -5.85 33.13 111.48
CA PHE YB 27 -4.97 32.43 112.41
C PHE YB 27 -4.79 31.01 111.93
N ARG YB 28 -3.56 30.62 111.63
CA ARG YB 28 -3.26 29.30 111.09
C ARG YB 28 -2.27 28.58 111.98
N ILE YB 29 -2.42 27.26 112.08
CA ILE YB 29 -1.46 26.41 112.76
C ILE YB 29 -1.11 25.24 111.85
N ASN YB 30 0.18 25.07 111.57
CA ASN YB 30 0.72 23.95 110.82
C ASN YB 30 1.54 23.07 111.74
N LEU YB 31 1.42 21.75 111.56
CA LEU YB 31 2.11 20.78 112.40
C LEU YB 31 2.71 19.70 111.51
N ASN YB 32 4.03 19.55 111.58
CA ASN YB 32 4.73 18.57 110.77
C ASN YB 32 5.56 17.67 111.69
N VAL YB 33 5.10 16.44 111.90
CA VAL YB 33 5.77 15.47 112.75
C VAL YB 33 6.47 14.46 111.86
N ASN YB 34 7.72 14.17 112.16
CA ASN YB 34 8.50 13.20 111.39
C ASN YB 34 9.76 12.85 112.17
N GLN YB 35 10.41 11.76 111.78
CA GLN YB 35 11.55 11.26 112.55
C GLN YB 35 12.82 12.06 112.24
N LYS YB 36 13.52 12.43 113.30
CA LYS YB 36 14.78 13.15 113.29
C LYS YB 36 15.86 12.19 113.77
N VAL YB 37 17.08 12.38 113.26
CA VAL YB 37 18.21 11.55 113.63
C VAL YB 37 19.18 12.40 114.46
N ALA YB 38 19.36 12.04 115.72
CA ALA YB 38 20.23 12.81 116.62
C ALA YB 38 21.18 11.82 117.28
N GLY YB 39 22.42 11.78 116.79
CA GLY YB 39 23.37 10.79 117.28
C GLY YB 39 23.02 9.42 116.73
N ALA YB 40 23.07 8.42 117.60
CA ALA YB 40 22.74 7.05 117.20
C ALA YB 40 21.25 6.76 117.24
N VAL YB 41 20.46 7.61 117.89
CA VAL YB 41 19.05 7.37 118.05
C VAL YB 41 18.26 8.27 117.11
N SER YB 42 16.99 7.91 116.91
CA SER YB 42 16.03 8.72 116.17
C SER YB 42 14.85 9.02 117.07
N VAL YB 43 14.36 10.25 116.99
CA VAL YB 43 13.26 10.74 117.83
C VAL YB 43 12.26 11.48 116.96
N TYR YB 44 11.01 11.48 117.38
CA TYR YB 44 9.97 12.16 116.61
C TYR YB 44 10.04 13.67 116.86
N ASN YB 45 10.43 14.41 115.83
CA ASN YB 45 10.49 15.86 115.88
C ASN YB 45 9.19 16.45 115.34
N ALA YB 46 8.66 17.43 116.07
CA ALA YB 46 7.48 18.18 115.69
C ALA YB 46 7.91 19.59 115.31
N ARG YB 47 7.44 20.05 114.16
CA ARG YB 47 7.60 21.42 113.68
C ARG YB 47 6.23 22.07 113.72
N SER YB 48 5.99 22.86 114.76
CA SER YB 48 4.78 23.68 114.84
C SER YB 48 5.09 25.05 114.25
N GLU YB 49 4.13 25.60 113.51
CA GLU YB 49 4.22 27.02 113.16
C GLU YB 49 2.84 27.66 113.22
N VAL YB 50 2.78 28.76 113.97
CA VAL YB 50 1.54 29.46 114.28
C VAL YB 50 1.63 30.84 113.66
N ILE YB 51 0.75 31.12 112.70
CA ILE YB 51 0.82 32.32 111.86
C ILE YB 51 -0.47 33.10 112.04
N THR YB 52 -0.38 34.29 112.64
CA THR YB 52 -1.50 35.20 112.72
C THR YB 52 -1.28 36.34 111.71
N ASN YB 53 -2.28 36.57 110.87
CA ASN YB 53 -2.21 37.53 109.77
C ASN YB 53 -3.32 38.54 109.92
N ARG YB 54 -3.00 39.82 109.71
CA ARG YB 54 -4.03 40.85 109.74
C ARG YB 54 -3.75 41.84 108.62
N ALA YB 55 -4.77 42.65 108.32
CA ALA YB 55 -4.66 43.72 107.33
C ALA YB 55 -5.36 44.96 107.87
N PRO YB 56 -4.88 45.50 108.98
CA PRO YB 56 -5.62 46.56 109.67
C PRO YB 56 -5.50 47.88 108.94
N LEU YB 57 -6.33 48.83 109.37
CA LEU YB 57 -6.17 50.20 108.94
C LEU YB 57 -4.99 50.83 109.68
N VAL YB 58 -4.23 51.67 108.99
CA VAL YB 58 -3.14 52.37 109.66
C VAL YB 58 -3.73 53.52 110.46
N VAL YB 59 -3.52 53.50 111.77
CA VAL YB 59 -4.08 54.47 112.70
C VAL YB 59 -2.93 55.30 113.24
N ILE YB 60 -2.82 56.54 112.77
CA ILE YB 60 -1.80 57.46 113.25
C ILE YB 60 -2.24 57.95 114.62
N GLU YB 61 -1.28 58.11 115.54
CA GLU YB 61 -1.64 58.51 116.90
C GLU YB 61 -2.33 59.88 116.90
N GLY YB 62 -1.65 60.91 116.40
CA GLY YB 62 -2.22 62.25 116.41
C GLY YB 62 -3.53 62.34 115.66
N CYS YB 63 -3.69 61.53 114.62
CA CYS YB 63 -4.83 61.68 113.72
C CYS YB 63 -6.02 60.87 114.19
N THR YB 64 -7.20 61.29 113.73
CA THR YB 64 -8.44 60.57 113.95
C THR YB 64 -9.36 60.86 112.77
N ASP YB 65 -9.68 59.81 112.01
CA ASP YB 65 -10.40 59.94 110.73
C ASP YB 65 -11.06 58.61 110.40
N ALA YB 66 -12.38 58.62 110.23
CA ALA YB 66 -13.09 57.42 109.84
C ALA YB 66 -13.20 57.26 108.33
N CYS YB 67 -12.61 58.17 107.55
CA CYS YB 67 -12.74 58.16 106.10
C CYS YB 67 -11.52 57.62 105.38
N SER YB 68 -10.44 57.29 106.09
CA SER YB 68 -9.26 56.73 105.47
C SER YB 68 -9.41 55.21 105.39
N VAL YB 69 -9.18 54.66 104.21
CA VAL YB 69 -9.07 53.21 104.04
C VAL YB 69 -7.61 52.80 103.82
N ASN YB 70 -6.67 53.61 104.31
CA ASN YB 70 -5.26 53.29 104.26
C ASN YB 70 -5.00 52.01 105.05
N ARG YB 71 -4.61 50.94 104.35
CA ARG YB 71 -4.42 49.64 104.97
C ARG YB 71 -3.03 49.10 104.65
N GLU YB 72 -2.42 48.47 105.66
CA GLU YB 72 -1.20 47.67 105.48
C GLU YB 72 -1.45 46.26 105.98
N ASN YB 73 -0.60 45.35 105.54
CA ASN YB 73 -0.60 43.99 106.05
C ASN YB 73 0.37 43.89 107.22
N ILE YB 74 -0.01 43.09 108.22
CA ILE YB 74 0.86 42.79 109.35
C ILE YB 74 0.78 41.29 109.63
N SER YB 75 1.89 40.74 110.12
CA SER YB 75 1.94 39.30 110.37
C SER YB 75 2.86 38.98 111.53
N ILE YB 76 2.44 38.03 112.36
CA ILE YB 76 3.26 37.51 113.45
C ILE YB 76 3.26 35.99 113.35
N ARG YB 77 4.45 35.42 113.19
CA ARG YB 77 4.64 33.99 113.04
C ARG YB 77 5.55 33.46 114.15
N THR YB 78 5.26 32.26 114.62
CA THR YB 78 6.05 31.61 115.65
C THR YB 78 6.27 30.15 115.28
N THR YB 79 7.52 29.78 115.09
CA THR YB 79 7.91 28.43 114.71
C THR YB 79 8.61 27.74 115.87
N ILE YB 80 8.28 26.48 116.09
CA ILE YB 80 8.78 25.69 117.20
C ILE YB 80 9.14 24.30 116.69
N SER YB 81 10.42 24.03 116.51
CA SER YB 81 10.89 22.74 115.99
C SER YB 81 11.69 22.04 117.08
N GLY YB 82 11.23 20.86 117.49
CA GLY YB 82 11.85 20.11 118.56
C GLY YB 82 11.18 18.76 118.74
N SER YB 83 11.92 17.82 119.31
CA SER YB 83 11.38 16.48 119.46
C SER YB 83 10.27 16.46 120.52
N VAL YB 84 9.44 15.42 120.42
CA VAL YB 84 8.42 15.21 121.45
C VAL YB 84 9.06 14.67 122.72
N GLU YB 85 10.19 13.97 122.58
CA GLU YB 85 10.85 13.37 123.75
C GLU YB 85 11.40 14.45 124.68
N ASN YB 86 12.08 15.45 124.13
CA ASN YB 86 12.59 16.57 124.92
C ASN YB 86 11.59 17.70 125.05
N LYS YB 87 10.29 17.43 124.93
CA LYS YB 87 9.31 18.52 125.00
C LYS YB 87 9.39 19.25 126.33
N ALA YB 88 10.02 18.65 127.35
CA ALA YB 88 10.31 19.38 128.57
C ALA YB 88 11.25 20.56 128.31
N ALA YB 89 12.41 20.28 127.69
CA ALA YB 89 13.33 21.36 127.36
C ALA YB 89 12.77 22.28 126.28
N VAL YB 90 11.92 21.76 125.40
CA VAL YB 90 11.24 22.59 124.42
C VAL YB 90 10.35 23.62 125.12
N LEU YB 91 9.56 23.19 126.11
CA LEU YB 91 8.68 24.11 126.83
C LEU YB 91 9.47 25.07 127.70
N ALA YB 92 10.56 24.62 128.32
CA ALA YB 92 11.42 25.54 129.08
C ALA YB 92 11.99 26.61 128.17
N ALA YB 93 12.47 26.20 126.99
CA ALA YB 93 12.95 27.14 126.00
C ALA YB 93 11.84 28.06 125.52
N LEU YB 94 10.61 27.56 125.45
CA LEU YB 94 9.48 28.40 125.05
C LEU YB 94 9.20 29.48 126.08
N LEU YB 95 9.21 29.10 127.37
CA LEU YB 95 9.01 30.09 128.43
C LEU YB 95 10.09 31.16 128.39
N ASP YB 96 11.35 30.74 128.28
CA ASP YB 96 12.45 31.71 128.22
C ASP YB 96 12.32 32.60 126.99
N HIS YB 97 11.95 32.02 125.85
CA HIS YB 97 11.74 32.77 124.61
C HIS YB 97 10.64 33.81 124.77
N LEU YB 98 9.50 33.41 125.34
CA LEU YB 98 8.38 34.32 125.50
C LEU YB 98 8.74 35.47 126.44
N HIS YB 99 9.42 35.16 127.55
CA HIS YB 99 9.80 36.21 128.49
C HIS YB 99 10.78 37.19 127.87
N ASN YB 100 11.77 36.69 127.13
CA ASN YB 100 12.74 37.59 126.50
C ASN YB 100 12.06 38.42 125.39
N LEU YB 101 11.18 37.79 124.61
CA LEU YB 101 10.39 38.52 123.64
C LEU YB 101 9.63 39.65 124.29
N GLY YB 102 8.99 39.38 125.43
CA GLY YB 102 8.31 40.43 126.16
C GLY YB 102 9.25 41.54 126.60
N LEU YB 103 10.45 41.16 127.06
CA LEU YB 103 11.45 42.18 127.40
C LEU YB 103 11.77 43.08 126.21
N ALA YB 104 11.70 42.54 124.99
CA ALA YB 104 12.13 43.31 123.83
C ALA YB 104 11.01 44.00 123.06
N ARG YB 105 9.74 43.60 123.26
CA ARG YB 105 8.70 43.95 122.29
C ARG YB 105 8.48 45.46 122.20
N ASP YB 106 8.59 46.17 123.33
CA ASP YB 106 8.32 47.59 123.30
C ASP YB 106 9.34 48.33 122.45
N ASP YB 107 10.58 47.84 122.41
CA ASP YB 107 11.58 48.37 121.49
C ASP YB 107 11.33 47.89 120.06
N LEU YB 108 11.00 46.61 119.89
CA LEU YB 108 10.96 46.04 118.55
C LEU YB 108 9.80 46.59 117.72
N VAL YB 109 8.62 46.77 118.32
CA VAL YB 109 7.50 47.29 117.55
C VAL YB 109 7.68 48.77 117.24
N ALA YB 110 8.57 49.46 117.96
CA ALA YB 110 8.86 50.87 117.73
C ALA YB 110 10.05 51.07 116.79
N GLY YB 111 10.58 50.01 116.20
CA GLY YB 111 11.70 50.11 115.31
C GLY YB 111 13.05 50.25 115.96
N LEU YB 112 13.12 50.13 117.28
CA LEU YB 112 14.36 50.28 118.02
C LEU YB 112 14.95 48.91 118.33
N LEU YB 113 16.24 48.73 118.04
CA LEU YB 113 16.90 47.48 118.39
C LEU YB 113 17.12 47.46 119.90
N PRO YB 114 16.65 46.42 120.61
CA PRO YB 114 16.68 46.45 122.07
C PRO YB 114 18.09 46.33 122.63
N THR YB 115 18.81 47.46 122.64
CA THR YB 115 20.20 47.47 123.11
C THR YB 115 20.28 47.23 124.62
N THR YB 116 19.23 47.59 125.35
CA THR YB 116 19.29 47.70 126.81
C THR YB 116 18.63 46.54 127.54
N ILE YB 117 18.18 45.51 126.84
CA ILE YB 117 17.45 44.43 127.50
C ILE YB 117 18.44 43.40 128.03
N GLN YB 118 17.97 42.58 128.97
CA GLN YB 118 18.79 41.56 129.63
C GLN YB 118 18.10 40.21 129.51
N PRO YB 119 18.42 39.44 128.47
CA PRO YB 119 17.81 38.12 128.32
C PRO YB 119 18.31 37.15 129.37
N VAL YB 120 17.42 36.23 129.77
CA VAL YB 120 17.69 35.29 130.86
C VAL YB 120 17.48 33.86 130.37
N VAL YB 121 17.92 32.91 131.19
CA VAL YB 121 17.65 31.49 131.02
C VAL YB 121 16.95 31.01 132.28
N GLU YB 122 15.97 30.11 132.11
CA GLU YB 122 15.26 29.51 133.24
C GLU YB 122 14.53 30.58 134.06
N TYR YB 123 13.59 31.26 133.41
CA TYR YB 123 12.84 32.33 134.08
C TYR YB 123 11.98 31.78 135.21
N THR YB 124 11.97 32.51 136.32
CA THR YB 124 11.21 32.13 137.51
C THR YB 124 10.56 33.36 138.16
N ALA ZB 1 51.74 58.38 136.77
CA ALA ZB 1 50.51 59.13 136.55
C ALA ZB 1 49.29 58.20 136.66
N GLN ZB 2 49.47 56.96 136.22
CA GLN ZB 2 48.43 55.94 136.19
C GLN ZB 2 47.15 56.45 135.53
N HIS ZB 3 47.31 57.24 134.48
CA HIS ZB 3 46.20 57.51 133.58
C HIS ZB 3 45.85 56.24 132.82
N ASN ZB 4 44.58 55.86 132.87
CA ASN ZB 4 44.16 54.58 132.29
C ASN ZB 4 43.82 54.73 130.81
N MET ZB 5 43.99 53.63 130.07
CA MET ZB 5 43.86 53.64 128.62
C MET ZB 5 42.43 53.92 128.21
N ARG ZB 6 42.27 54.41 126.97
CA ARG ZB 6 40.95 54.73 126.45
C ARG ZB 6 40.72 54.00 125.14
N LEU ZB 7 39.45 53.76 124.83
CA LEU ZB 7 39.09 52.78 123.81
C LEU ZB 7 39.22 53.34 122.40
N GLN ZB 8 39.77 52.52 121.50
CA GLN ZB 8 40.02 52.92 120.12
C GLN ZB 8 39.28 52.05 119.10
N LEU ZB 9 39.34 50.72 119.21
CA LEU ZB 9 38.79 49.82 118.20
C LEU ZB 9 38.01 48.69 118.85
N THR ZB 10 36.77 48.48 118.39
CA THR ZB 10 35.93 47.38 118.86
C THR ZB 10 35.49 46.56 117.66
N SER ZB 11 35.59 45.24 117.78
CA SER ZB 11 35.32 44.37 116.66
C SER ZB 11 34.42 43.18 117.00
N GLY ZB 12 33.96 43.04 118.23
CA GLY ZB 12 33.18 41.88 118.64
C GLY ZB 12 34.06 40.67 118.80
N THR ZB 13 35.26 40.73 118.21
CA THR ZB 13 36.31 39.75 118.40
C THR ZB 13 37.62 40.37 118.85
N SER ZB 14 37.82 41.67 118.62
CA SER ZB 14 39.04 42.37 119.01
C SER ZB 14 38.70 43.64 119.74
N LEU ZB 15 39.47 43.95 120.77
CA LEU ZB 15 39.38 45.22 121.47
C LEU ZB 15 40.75 45.86 121.48
N THR ZB 16 40.80 47.16 121.22
CA THR ZB 16 42.08 47.88 121.10
C THR ZB 16 41.94 49.19 121.83
N TRP ZB 17 42.67 49.32 122.94
CA TRP ZB 17 42.76 50.55 123.71
C TRP ZB 17 44.12 51.19 123.47
N VAL ZB 18 44.18 52.51 123.67
CA VAL ZB 18 45.39 53.27 123.43
C VAL ZB 18 45.62 54.21 124.62
N ASP ZB 19 46.90 54.49 124.88
CA ASP ZB 19 47.28 55.52 125.84
C ASP ZB 19 46.92 56.88 125.28
N PRO ZB 20 46.04 57.65 125.95
CA PRO ZB 20 45.65 58.96 125.41
C PRO ZB 20 46.80 59.94 125.24
N ASN ZB 21 47.91 59.75 125.96
CA ASN ZB 21 49.07 60.63 125.76
C ASN ZB 21 49.95 60.14 124.62
N ASP ZB 22 50.34 58.87 124.65
CA ASP ZB 22 51.27 58.28 123.70
C ASP ZB 22 50.50 57.26 122.85
N PHE ZB 23 50.30 57.59 121.57
CA PHE ZB 23 49.63 56.68 120.65
C PHE ZB 23 50.48 55.47 120.28
N ARG ZB 24 51.75 55.45 120.67
CA ARG ZB 24 52.63 54.32 120.37
C ARG ZB 24 52.34 53.10 121.24
N SER ZB 25 51.76 53.30 122.43
CA SER ZB 25 51.49 52.21 123.36
C SER ZB 25 50.02 51.83 123.29
N THR ZB 26 49.75 50.63 122.79
CA THR ZB 26 48.41 50.12 122.59
C THR ZB 26 48.25 48.79 123.32
N PHE ZB 27 46.99 48.36 123.44
CA PHE ZB 27 46.66 47.14 124.18
C PHE ZB 27 45.46 46.51 123.49
N ARG ZB 28 45.65 45.33 122.91
CA ARG ZB 28 44.60 44.60 122.21
C ARG ZB 28 44.31 43.29 122.93
N ILE ZB 29 43.04 42.91 122.92
CA ILE ZB 29 42.60 41.59 123.37
C ILE ZB 29 41.80 40.97 122.22
N ASN ZB 30 42.23 39.78 121.79
CA ASN ZB 30 41.56 39.02 120.75
C ASN ZB 30 41.05 37.73 121.35
N LEU ZB 31 39.85 37.32 120.95
CA LEU ZB 31 39.22 36.12 121.47
C LEU ZB 31 38.62 35.34 120.31
N ASN ZB 32 38.85 34.03 120.29
CA ASN ZB 32 38.29 33.18 119.24
C ASN ZB 32 37.79 31.90 119.87
N VAL ZB 33 36.49 31.65 119.76
CA VAL ZB 33 35.87 30.44 120.30
C VAL ZB 33 35.45 29.57 119.12
N ASN ZB 34 35.71 28.27 119.24
CA ASN ZB 34 35.30 27.30 118.24
C ASN ZB 34 35.38 25.91 118.83
N GLN ZB 35 34.68 24.96 118.22
CA GLN ZB 35 34.65 23.63 118.80
C GLN ZB 35 35.95 22.87 118.54
N LYS ZB 36 36.19 21.86 119.36
CA LYS ZB 36 37.41 21.07 119.34
C LYS ZB 36 37.04 19.66 119.78
N VAL ZB 37 37.74 18.68 119.20
CA VAL ZB 37 37.47 17.27 119.48
C VAL ZB 37 38.58 16.76 120.39
N ALA ZB 38 38.25 16.55 121.66
CA ALA ZB 38 39.14 15.92 122.62
C ALA ZB 38 38.67 14.49 122.78
N GLY ZB 39 39.45 13.55 122.27
CA GLY ZB 39 39.05 12.15 122.27
C GLY ZB 39 37.75 11.96 121.50
N ALA ZB 40 36.69 11.57 122.21
CA ALA ZB 40 35.37 11.37 121.61
C ALA ZB 40 34.37 12.44 122.05
N VAL ZB 41 34.83 13.56 122.60
CA VAL ZB 41 33.95 14.58 123.14
C VAL ZB 41 34.33 15.93 122.52
N SER ZB 42 33.32 16.64 122.02
CA SER ZB 42 33.54 17.99 121.49
C SER ZB 42 33.33 19.01 122.61
N VAL ZB 43 34.27 19.94 122.73
CA VAL ZB 43 34.20 21.00 123.73
C VAL ZB 43 34.53 22.32 123.04
N TYR ZB 44 34.03 23.41 123.61
CA TYR ZB 44 34.26 24.74 123.06
C TYR ZB 44 35.61 25.27 123.55
N ASN ZB 45 36.59 25.29 122.66
CA ASN ZB 45 37.91 25.85 122.96
C ASN ZB 45 37.89 27.34 122.67
N ALA ZB 46 38.38 28.12 123.62
CA ALA ZB 46 38.61 29.55 123.47
C ALA ZB 46 40.12 29.80 123.46
N ARG ZB 47 40.58 30.53 122.44
CA ARG ZB 47 41.94 31.02 122.38
C ARG ZB 47 41.89 32.53 122.54
N SER ZB 48 42.42 33.03 123.64
CA SER ZB 48 42.51 34.46 123.92
C SER ZB 48 43.96 34.88 123.82
N GLU ZB 49 44.23 35.93 123.05
CA GLU ZB 49 45.56 36.53 123.07
C GLU ZB 49 45.47 38.00 123.49
N VAL ZB 50 46.44 38.42 124.29
CA VAL ZB 50 46.50 39.74 124.89
C VAL ZB 50 47.83 40.34 124.49
N ILE ZB 51 47.79 41.38 123.66
CA ILE ZB 51 48.98 41.96 123.03
C ILE ZB 51 49.11 43.41 123.48
N THR ZB 52 50.18 43.72 124.22
CA THR ZB 52 50.51 45.10 124.54
C THR ZB 52 51.75 45.50 123.75
N ASN ZB 53 51.64 46.62 123.02
CA ASN ZB 53 52.68 47.10 122.11
C ASN ZB 53 53.11 48.49 122.52
N ARG ZB 54 54.42 48.75 122.47
CA ARG ZB 54 54.95 50.06 122.81
C ARG ZB 54 56.13 50.39 121.91
N ALA ZB 55 56.50 51.67 121.92
CA ALA ZB 55 57.60 52.17 121.09
C ALA ZB 55 58.47 53.09 121.93
N PRO ZB 56 59.35 52.54 122.75
CA PRO ZB 56 60.25 53.38 123.54
C PRO ZB 56 61.32 54.01 122.67
N LEU ZB 57 61.91 55.09 123.20
CA LEU ZB 57 63.04 55.73 122.54
C LEU ZB 57 64.34 55.18 123.08
N VAL ZB 58 65.32 55.03 122.21
CA VAL ZB 58 66.65 54.61 122.61
C VAL ZB 58 67.38 55.82 123.17
N VAL ZB 59 67.58 55.82 124.49
CA VAL ZB 59 68.19 56.95 125.18
C VAL ZB 59 69.70 56.77 125.17
N ILE ZB 60 70.41 57.64 124.44
CA ILE ZB 60 71.86 57.73 124.51
C ILE ZB 60 72.24 59.05 125.16
N GLU ZB 61 73.00 58.95 126.25
CA GLU ZB 61 73.52 60.14 126.90
C GLU ZB 61 74.49 60.87 125.97
N GLY ZB 62 74.42 62.20 125.99
CA GLY ZB 62 75.23 63.01 125.11
C GLY ZB 62 74.64 63.21 123.74
N CYS ZB 63 73.54 62.53 123.42
CA CYS ZB 63 72.86 62.65 122.13
C CYS ZB 63 71.47 63.20 122.36
N THR ZB 64 71.30 64.49 122.15
CA THR ZB 64 69.96 65.08 122.13
C THR ZB 64 69.23 64.58 120.90
N ASP ZB 65 68.30 63.64 121.10
CA ASP ZB 65 67.58 63.00 120.00
C ASP ZB 65 66.44 63.90 119.56
N ALA ZB 66 66.82 65.05 119.00
CA ALA ZB 66 65.87 65.88 118.30
C ALA ZB 66 65.22 65.06 117.19
N CYS ZB 67 63.91 65.22 117.05
CA CYS ZB 67 63.02 64.54 116.11
C CYS ZB 67 62.67 63.15 116.61
N SER ZB 68 63.26 62.67 117.70
CA SER ZB 68 62.97 61.36 118.28
C SER ZB 68 63.05 60.26 117.23
N VAL ZB 69 64.19 60.19 116.55
CA VAL ZB 69 64.35 59.24 115.45
C VAL ZB 69 64.79 57.87 115.96
N ASN ZB 70 65.66 57.85 116.98
CA ASN ZB 70 66.11 56.59 117.56
C ASN ZB 70 64.98 56.00 118.41
N ARG ZB 71 64.18 55.11 117.82
CA ARG ZB 71 63.02 54.57 118.49
C ARG ZB 71 62.93 53.07 118.24
N GLU ZB 72 62.46 52.36 119.26
CA GLU ZB 72 62.43 50.91 119.31
C GLU ZB 72 61.00 50.41 119.49
N ASN ZB 73 60.68 49.27 118.89
CA ASN ZB 73 59.42 48.58 119.16
C ASN ZB 73 59.63 47.49 120.20
N ILE ZB 74 58.75 47.48 121.20
CA ILE ZB 74 58.74 46.41 122.20
C ILE ZB 74 57.32 45.86 122.29
N SER ZB 75 57.21 44.57 122.62
CA SER ZB 75 55.90 43.93 122.66
C SER ZB 75 55.86 42.80 123.67
N ILE ZB 76 54.74 42.71 124.38
CA ILE ZB 76 54.48 41.64 125.33
C ILE ZB 76 53.13 41.03 124.98
N ARG ZB 77 53.14 39.73 124.70
CA ARG ZB 77 51.98 39.02 124.17
C ARG ZB 77 51.73 37.78 125.03
N THR ZB 78 50.45 37.43 125.19
CA THR ZB 78 50.08 36.28 126.03
C THR ZB 78 48.92 35.54 125.38
N THR ZB 79 49.13 34.27 125.06
CA THR ZB 79 48.12 33.42 124.44
C THR ZB 79 47.66 32.36 125.42
N ILE ZB 80 46.35 32.13 125.47
CA ILE ZB 80 45.72 31.23 126.43
C ILE ZB 80 44.67 30.46 125.64
N SER ZB 81 44.97 29.20 125.31
CA SER ZB 81 44.07 28.37 124.51
C SER ZB 81 43.65 27.17 125.33
N GLY ZB 82 42.34 27.05 125.57
CA GLY ZB 82 41.82 25.95 126.37
C GLY ZB 82 40.31 25.92 126.33
N SER ZB 83 39.76 24.80 126.80
CA SER ZB 83 38.32 24.65 126.85
C SER ZB 83 37.69 25.59 127.85
N VAL ZB 84 36.53 26.12 127.51
CA VAL ZB 84 35.70 26.80 128.50
C VAL ZB 84 35.28 25.81 129.58
N GLU ZB 85 35.11 24.54 129.21
CA GLU ZB 85 34.69 23.53 130.18
C GLU ZB 85 35.78 23.26 131.22
N ASN ZB 86 37.05 23.14 130.79
CA ASN ZB 86 38.16 22.95 131.72
C ASN ZB 86 38.77 24.27 132.16
N LYS ZB 87 38.00 25.35 132.17
CA LYS ZB 87 38.53 26.65 132.56
C LYS ZB 87 39.13 26.61 133.96
N ALA ZB 88 38.74 25.64 134.78
CA ALA ZB 88 39.38 25.48 136.09
C ALA ZB 88 40.86 25.16 135.95
N ALA ZB 89 41.18 24.12 135.17
CA ALA ZB 89 42.58 23.79 134.95
C ALA ZB 89 43.28 24.86 134.13
N VAL ZB 90 42.56 25.56 133.26
CA VAL ZB 90 43.13 26.69 132.54
C VAL ZB 90 43.61 27.75 133.52
N LEU ZB 91 42.76 28.09 134.50
CA LEU ZB 91 43.12 29.13 135.48
C LEU ZB 91 44.23 28.67 136.41
N ALA ZB 92 44.22 27.39 136.80
CA ALA ZB 92 45.34 26.86 137.57
C ALA ZB 92 46.65 27.01 136.80
N ALA ZB 93 46.61 26.65 135.51
CA ALA ZB 93 47.77 26.81 134.65
C ALA ZB 93 48.17 28.28 134.52
N LEU ZB 94 47.19 29.19 134.49
CA LEU ZB 94 47.52 30.60 134.39
C LEU ZB 94 48.22 31.10 135.64
N LEU ZB 95 47.73 30.70 136.82
CA LEU ZB 95 48.40 31.08 138.06
C LEU ZB 95 49.83 30.58 138.11
N ASP ZB 96 50.02 29.29 137.82
CA ASP ZB 96 51.36 28.72 137.84
C ASP ZB 96 52.25 29.39 136.79
N HIS ZB 97 51.69 29.70 135.62
CA HIS ZB 97 52.42 30.38 134.57
C HIS ZB 97 52.87 31.77 135.02
N LEU ZB 98 51.96 32.54 135.61
CA LEU ZB 98 52.30 33.89 136.06
C LEU ZB 98 53.38 33.85 137.13
N HIS ZB 99 53.28 32.91 138.07
CA HIS ZB 99 54.27 32.83 139.14
C HIS ZB 99 55.64 32.46 138.59
N ASN ZB 100 55.69 31.49 137.66
CA ASN ZB 100 56.99 31.10 137.11
C ASN ZB 100 57.56 32.21 136.22
N LEU ZB 101 56.71 32.89 135.47
CA LEU ZB 101 57.14 34.08 134.74
C LEU ZB 101 57.76 35.08 135.69
N GLY ZB 102 57.12 35.33 136.83
CA GLY ZB 102 57.69 36.23 137.82
C GLY ZB 102 59.01 35.75 138.36
N LEU ZB 103 59.20 34.44 138.45
CA LEU ZB 103 60.51 33.92 138.86
C LEU ZB 103 61.58 34.28 137.83
N ALA ZB 104 61.24 34.20 136.54
CA ALA ZB 104 62.24 34.44 135.51
C ALA ZB 104 62.32 35.89 135.03
N ARG ZB 105 61.41 36.77 135.50
CA ARG ZB 105 61.18 38.03 134.82
C ARG ZB 105 62.39 38.95 134.85
N ASP ZB 106 63.20 38.87 135.92
CA ASP ZB 106 64.33 39.78 136.01
C ASP ZB 106 65.48 39.30 135.12
N ASP ZB 107 65.72 37.99 135.08
CA ASP ZB 107 66.77 37.45 134.22
C ASP ZB 107 66.42 37.65 132.74
N LEU ZB 108 65.19 37.30 132.36
CA LEU ZB 108 64.82 37.28 130.94
C LEU ZB 108 64.91 38.66 130.32
N VAL ZB 109 64.50 39.70 131.05
CA VAL ZB 109 64.48 41.03 130.47
C VAL ZB 109 65.89 41.59 130.34
N ALA ZB 110 66.85 41.07 131.11
CA ALA ZB 110 68.24 41.47 131.01
C ALA ZB 110 69.02 40.66 129.98
N GLY ZB 111 68.34 39.79 129.22
CA GLY ZB 111 68.98 39.02 128.18
C GLY ZB 111 69.73 37.79 128.66
N LEU ZB 112 69.39 37.28 129.83
CA LEU ZB 112 70.14 36.21 130.47
C LEU ZB 112 69.22 35.02 130.70
N LEU ZB 113 69.69 33.83 130.32
CA LEU ZB 113 68.88 32.62 130.50
C LEU ZB 113 68.72 32.33 131.99
N PRO ZB 114 67.49 32.20 132.50
CA PRO ZB 114 67.28 31.97 133.94
C PRO ZB 114 67.62 30.54 134.35
N THR ZB 115 68.92 30.23 134.30
CA THR ZB 115 69.39 28.89 134.65
C THR ZB 115 69.16 28.56 136.12
N THR ZB 116 69.05 29.58 136.97
CA THR ZB 116 69.01 29.37 138.41
C THR ZB 116 67.62 29.09 138.95
N ILE ZB 117 66.57 29.64 138.33
CA ILE ZB 117 65.22 29.55 138.91
C ILE ZB 117 64.74 28.10 138.93
N GLN ZB 118 63.73 27.86 139.75
CA GLN ZB 118 63.07 26.54 139.83
C GLN ZB 118 61.57 26.74 139.80
N PRO ZB 119 60.88 26.40 138.72
CA PRO ZB 119 59.44 26.62 138.64
C PRO ZB 119 58.68 25.64 139.53
N VAL ZB 120 57.37 25.90 139.63
CA VAL ZB 120 56.51 25.22 140.59
C VAL ZB 120 55.19 24.87 139.91
N VAL ZB 121 54.55 23.80 140.37
CA VAL ZB 121 53.17 23.48 140.07
C VAL ZB 121 52.33 23.76 141.31
N GLU ZB 122 51.11 24.28 141.12
CA GLU ZB 122 50.14 24.47 142.19
C GLU ZB 122 50.64 25.47 143.24
N TYR ZB 123 51.05 26.65 142.77
CA TYR ZB 123 51.49 27.68 143.71
C TYR ZB 123 50.37 28.04 144.69
N THR ZB 124 50.76 28.26 145.94
CA THR ZB 124 49.82 28.57 147.00
C THR ZB 124 50.35 29.70 147.89
N ALA AC 1 44.25 -99.85 -90.47
CA ALA AC 1 45.47 -100.62 -90.24
C ALA AC 1 45.21 -101.76 -89.24
N GLN AC 2 44.23 -101.58 -88.37
CA GLN AC 2 43.83 -102.64 -87.42
C GLN AC 2 45.01 -103.05 -86.53
N HIS AC 3 45.81 -102.08 -86.13
CA HIS AC 3 46.90 -102.33 -85.20
C HIS AC 3 46.40 -102.07 -83.77
N ASN AC 4 46.59 -103.06 -82.91
CA ASN AC 4 46.10 -102.98 -81.54
C ASN AC 4 47.00 -102.10 -80.67
N MET AC 5 46.38 -101.47 -79.68
CA MET AC 5 47.06 -100.51 -78.82
C MET AC 5 48.05 -101.20 -77.90
N ARG AC 6 49.07 -100.45 -77.47
CA ARG AC 6 50.06 -100.98 -76.54
C ARG AC 6 49.96 -100.25 -75.20
N LEU AC 7 50.16 -100.99 -74.13
CA LEU AC 7 49.88 -100.50 -72.79
C LEU AC 7 50.96 -99.55 -72.28
N GLN AC 8 50.54 -98.50 -71.58
CA GLN AC 8 51.45 -97.46 -71.09
C GLN AC 8 51.42 -97.26 -69.58
N LEU AC 9 50.25 -97.32 -68.94
CA LEU AC 9 50.17 -97.03 -67.50
C LEU AC 9 49.25 -98.01 -66.78
N THR AC 10 49.77 -98.64 -65.72
CA THR AC 10 49.01 -99.53 -64.85
C THR AC 10 49.01 -99.00 -63.43
N SER AC 11 47.84 -98.99 -62.79
CA SER AC 11 47.75 -98.43 -61.45
C SER AC 11 46.90 -99.25 -60.49
N GLY AC 12 46.34 -100.39 -60.90
CA GLY AC 12 45.46 -101.15 -60.05
C GLY AC 12 44.08 -100.54 -59.91
N THR AC 13 43.97 -99.27 -60.31
CA THR AC 13 42.69 -98.59 -60.44
C THR AC 13 42.48 -97.99 -61.82
N SER AC 14 43.53 -97.82 -62.63
CA SER AC 14 43.39 -97.36 -64.00
C SER AC 14 44.28 -98.19 -64.90
N LEU AC 15 43.93 -98.17 -66.18
CA LEU AC 15 44.73 -98.73 -67.25
C LEU AC 15 44.77 -97.73 -68.38
N THR AC 16 45.94 -97.55 -68.98
CA THR AC 16 46.15 -96.51 -69.99
C THR AC 16 46.95 -97.10 -71.14
N TRP AC 17 46.25 -97.42 -72.23
CA TRP AC 17 46.85 -97.86 -73.48
C TRP AC 17 46.99 -96.67 -74.44
N VAL AC 18 47.90 -96.82 -75.40
CA VAL AC 18 48.18 -95.78 -76.36
C VAL AC 18 48.43 -96.41 -77.73
N ASP AC 19 48.05 -95.69 -78.78
CA ASP AC 19 48.39 -96.08 -80.15
C ASP AC 19 49.88 -95.89 -80.37
N PRO AC 20 50.64 -96.96 -80.66
CA PRO AC 20 52.08 -96.79 -80.86
C PRO AC 20 52.44 -95.83 -81.98
N ASN AC 21 51.56 -95.64 -82.97
CA ASN AC 21 51.83 -94.70 -84.04
C ASN AC 21 51.54 -93.27 -83.61
N ASP AC 22 50.32 -93.02 -83.13
CA ASP AC 22 49.90 -91.69 -82.68
C ASP AC 22 49.74 -91.73 -81.17
N PHE AC 23 50.65 -91.06 -80.46
CA PHE AC 23 50.52 -90.92 -79.02
C PHE AC 23 49.34 -90.04 -78.61
N ARG AC 24 48.68 -89.38 -79.56
CA ARG AC 24 47.57 -88.50 -79.21
C ARG AC 24 46.27 -89.26 -78.96
N SER AC 25 46.20 -90.54 -79.31
CA SER AC 25 44.99 -91.35 -79.10
C SER AC 25 45.23 -92.29 -77.92
N THR AC 26 44.61 -91.95 -76.79
CA THR AC 26 44.73 -92.66 -75.53
C THR AC 26 43.46 -93.46 -75.27
N PHE AC 27 43.59 -94.53 -74.49
CA PHE AC 27 42.45 -95.32 -74.06
C PHE AC 27 42.64 -95.71 -72.60
N ARG AC 28 41.83 -95.15 -71.70
CA ARG AC 28 41.92 -95.40 -70.27
C ARG AC 28 40.66 -96.09 -69.77
N ILE AC 29 40.85 -96.98 -68.78
CA ILE AC 29 39.76 -97.60 -68.05
C ILE AC 29 40.02 -97.38 -66.56
N ASN AC 30 39.04 -96.80 -65.87
CA ASN AC 30 39.09 -96.56 -64.43
C ASN AC 30 38.00 -97.39 -63.77
N LEU AC 31 38.37 -98.18 -62.78
CA LEU AC 31 37.42 -99.00 -62.03
C LEU AC 31 37.54 -98.67 -60.56
N ASN AC 32 36.44 -98.26 -59.94
CA ASN AC 32 36.41 -97.95 -58.52
C ASN AC 32 35.30 -98.76 -57.87
N VAL AC 33 35.63 -99.47 -56.79
CA VAL AC 33 34.66 -100.31 -56.11
C VAL AC 33 34.57 -99.88 -54.66
N ASN AC 34 33.33 -99.81 -54.15
CA ASN AC 34 33.08 -99.50 -52.75
C ASN AC 34 31.69 -99.98 -52.39
N GLN AC 35 31.47 -100.18 -51.09
CA GLN AC 35 30.18 -100.68 -50.62
C GLN AC 35 29.15 -99.57 -50.59
N LYS AC 36 27.94 -99.91 -51.02
CA LYS AC 36 26.78 -99.03 -50.92
C LYS AC 36 25.69 -99.79 -50.17
N VAL AC 37 24.67 -99.06 -49.75
CA VAL AC 37 23.54 -99.64 -49.05
C VAL AC 37 22.37 -99.67 -50.02
N ALA AC 38 21.98 -100.86 -50.46
CA ALA AC 38 20.81 -101.04 -51.30
C ALA AC 38 19.68 -101.54 -50.42
N GLY AC 39 18.71 -100.67 -50.15
CA GLY AC 39 17.56 -101.05 -49.36
C GLY AC 39 17.95 -101.63 -48.02
N ALA AC 40 17.75 -102.93 -47.86
CA ALA AC 40 17.99 -103.60 -46.59
C ALA AC 40 19.42 -104.09 -46.42
N VAL AC 41 20.15 -104.34 -47.51
CA VAL AC 41 21.44 -105.00 -47.40
C VAL AC 41 22.49 -104.18 -48.15
N SER AC 42 23.75 -104.36 -47.76
CA SER AC 42 24.85 -103.70 -48.44
C SER AC 42 25.30 -104.53 -49.65
N VAL AC 43 25.69 -103.83 -50.71
CA VAL AC 43 26.19 -104.44 -51.93
C VAL AC 43 27.46 -103.72 -52.34
N TYR AC 44 28.15 -104.29 -53.33
CA TYR AC 44 29.41 -103.74 -53.83
C TYR AC 44 29.16 -103.01 -55.14
N ASN AC 45 29.20 -101.68 -55.11
CA ASN AC 45 29.04 -100.87 -56.30
C ASN AC 45 30.39 -100.68 -56.98
N ALA AC 46 30.39 -100.79 -58.31
CA ALA AC 46 31.59 -100.68 -59.13
C ALA AC 46 31.32 -99.64 -60.21
N ARG AC 47 31.89 -98.44 -60.03
CA ARG AC 47 31.83 -97.40 -61.05
C ARG AC 47 33.00 -97.63 -61.98
N SER AC 48 32.71 -98.17 -63.16
CA SER AC 48 33.67 -98.23 -64.25
C SER AC 48 33.49 -97.00 -65.11
N GLU AC 49 34.59 -96.55 -65.71
CA GLU AC 49 34.50 -95.58 -66.79
C GLU AC 49 35.59 -95.87 -67.80
N VAL AC 50 35.24 -95.66 -69.07
CA VAL AC 50 36.10 -95.97 -70.21
C VAL AC 50 36.19 -94.71 -71.04
N ILE AC 51 37.39 -94.14 -71.12
CA ILE AC 51 37.62 -92.85 -71.76
C ILE AC 51 38.57 -93.06 -72.92
N THR AC 52 38.14 -92.72 -74.13
CA THR AC 52 39.02 -92.72 -75.29
C THR AC 52 39.22 -91.28 -75.76
N ASN AC 53 40.48 -90.89 -75.90
CA ASN AC 53 40.88 -89.52 -76.21
C ASN AC 53 41.63 -89.53 -77.53
N ARG AC 54 41.38 -88.53 -78.38
CA ARG AC 54 42.13 -88.42 -79.63
C ARG AC 54 42.30 -86.95 -79.95
N ALA AC 55 43.20 -86.68 -80.91
CA ALA AC 55 43.49 -85.33 -81.37
C ALA AC 55 43.64 -85.35 -82.89
N PRO AC 56 42.54 -85.52 -83.61
CA PRO AC 56 42.60 -85.47 -85.06
C PRO AC 56 42.94 -84.07 -85.54
N LEU AC 57 43.43 -84.01 -86.77
CA LEU AC 57 43.84 -82.73 -87.35
C LEU AC 57 42.66 -82.08 -88.06
N VAL AC 58 42.55 -80.77 -87.88
CA VAL AC 58 41.49 -79.99 -88.51
C VAL AC 58 42.02 -79.51 -89.86
N VAL AC 59 41.38 -79.95 -90.94
CA VAL AC 59 41.87 -79.69 -92.29
C VAL AC 59 40.75 -78.99 -93.08
N ILE AC 60 41.05 -77.79 -93.57
CA ILE AC 60 40.20 -77.08 -94.52
C ILE AC 60 40.99 -76.97 -95.81
N GLU AC 61 40.48 -77.59 -96.87
CA GLU AC 61 41.31 -77.87 -98.05
C GLU AC 61 41.97 -76.61 -98.62
N GLY AC 62 41.22 -75.51 -98.69
CA GLY AC 62 41.79 -74.28 -99.20
C GLY AC 62 42.49 -73.42 -98.18
N CYS AC 63 42.35 -73.75 -96.90
CA CYS AC 63 42.72 -72.84 -95.82
C CYS AC 63 43.81 -73.35 -94.89
N THR AC 64 43.90 -74.66 -94.67
CA THR AC 64 44.75 -75.23 -93.63
C THR AC 64 46.16 -75.41 -94.18
N ASP AC 65 47.09 -74.61 -93.66
CA ASP AC 65 48.50 -74.80 -93.99
C ASP AC 65 48.98 -76.14 -93.41
N ALA AC 66 49.62 -76.94 -94.27
CA ALA AC 66 50.06 -78.26 -93.83
C ALA AC 66 51.25 -78.17 -92.88
N CYS AC 67 52.06 -77.12 -92.99
CA CYS AC 67 53.24 -77.00 -92.14
C CYS AC 67 52.87 -76.76 -90.69
N SER AC 68 51.93 -75.85 -90.43
CA SER AC 68 51.45 -75.58 -89.09
C SER AC 68 50.24 -76.47 -88.83
N VAL AC 69 50.43 -77.50 -88.02
CA VAL AC 69 49.36 -78.45 -87.74
C VAL AC 69 48.27 -77.77 -86.93
N ASN AC 70 47.02 -78.08 -87.25
CA ASN AC 70 45.85 -77.60 -86.50
C ASN AC 70 45.12 -78.83 -85.98
N ARG AC 71 45.16 -79.04 -84.68
CA ARG AC 71 44.58 -80.23 -84.07
C ARG AC 71 43.43 -79.85 -83.15
N GLU AC 72 42.55 -80.83 -82.95
CA GLU AC 72 41.35 -80.72 -82.12
C GLU AC 72 41.29 -81.90 -81.18
N ASN AC 73 41.02 -81.66 -79.91
CA ASN AC 73 40.76 -82.76 -78.99
C ASN AC 73 39.34 -83.27 -79.17
N ILE AC 74 39.19 -84.59 -79.29
CA ILE AC 74 37.89 -85.25 -79.27
C ILE AC 74 37.92 -86.35 -78.21
N SER AC 75 36.76 -86.57 -77.59
CA SER AC 75 36.72 -87.52 -76.48
C SER AC 75 35.39 -88.26 -76.45
N ILE AC 76 35.46 -89.56 -76.13
CA ILE AC 76 34.29 -90.38 -75.90
C ILE AC 76 34.45 -91.10 -74.57
N ARG AC 77 33.57 -90.80 -73.64
CA ARG AC 77 33.62 -91.26 -72.26
C ARG AC 77 32.38 -92.11 -71.99
N THR AC 78 32.53 -93.14 -71.16
CA THR AC 78 31.40 -94.00 -70.80
C THR AC 78 31.51 -94.44 -69.36
N THR AC 79 30.55 -94.00 -68.53
CA THR AC 79 30.47 -94.35 -67.12
C THR AC 79 29.39 -95.38 -66.89
N ILE AC 80 29.69 -96.38 -66.06
CA ILE AC 80 28.81 -97.50 -65.76
C ILE AC 80 28.89 -97.74 -64.26
N SER AC 81 27.85 -97.34 -63.52
CA SER AC 81 27.84 -97.46 -62.06
C SER AC 81 26.64 -98.28 -61.62
N GLY AC 82 26.93 -99.43 -61.01
CA GLY AC 82 25.95 -100.34 -60.45
C GLY AC 82 26.68 -101.38 -59.64
N SER AC 83 25.92 -102.18 -58.89
CA SER AC 83 26.55 -103.18 -58.03
C SER AC 83 27.04 -104.38 -58.85
N VAL AC 84 28.12 -104.99 -58.36
CA VAL AC 84 28.57 -106.27 -58.92
C VAL AC 84 27.56 -107.35 -58.56
N GLU AC 85 26.84 -107.17 -57.45
CA GLU AC 85 25.85 -108.15 -57.02
C GLU AC 85 24.75 -108.31 -58.07
N ASN AC 86 24.33 -107.19 -58.67
CA ASN AC 86 23.21 -107.12 -59.60
C ASN AC 86 23.69 -106.87 -61.04
N LYS AC 87 24.88 -107.39 -61.37
CA LYS AC 87 25.46 -107.12 -62.68
C LYS AC 87 24.59 -107.65 -63.81
N ALA AC 88 23.65 -108.56 -63.51
CA ALA AC 88 22.69 -108.98 -64.52
C ALA AC 88 21.89 -107.79 -65.04
N ALA AC 89 21.26 -107.05 -64.12
CA ALA AC 89 20.51 -105.86 -64.51
C ALA AC 89 21.44 -104.74 -64.98
N VAL AC 90 22.67 -104.68 -64.47
CA VAL AC 90 23.64 -103.71 -65.00
C VAL AC 90 23.85 -103.94 -66.50
N LEU AC 91 24.10 -105.19 -66.90
CA LEU AC 91 24.34 -105.51 -68.31
C LEU AC 91 23.06 -105.37 -69.14
N ALA AC 92 21.91 -105.75 -68.56
CA ALA AC 92 20.65 -105.54 -69.28
C ALA AC 92 20.41 -104.07 -69.56
N ALA AC 93 20.85 -103.18 -68.66
CA ALA AC 93 20.81 -101.76 -68.93
C ALA AC 93 21.85 -101.35 -69.96
N LEU AC 94 23.04 -101.97 -69.91
CA LEU AC 94 24.10 -101.62 -70.84
C LEU AC 94 23.69 -101.90 -72.28
N LEU AC 95 23.05 -103.04 -72.53
CA LEU AC 95 22.67 -103.40 -73.89
C LEU AC 95 21.69 -102.40 -74.47
N ASP AC 96 20.67 -102.05 -73.67
CA ASP AC 96 19.68 -101.07 -74.12
C ASP AC 96 20.34 -99.71 -74.35
N HIS AC 97 21.26 -99.32 -73.47
CA HIS AC 97 21.96 -98.05 -73.63
C HIS AC 97 22.76 -98.04 -74.93
N LEU AC 98 23.52 -99.10 -75.20
CA LEU AC 98 24.34 -99.15 -76.40
C LEU AC 98 23.49 -99.11 -77.66
N HIS AC 99 22.39 -99.87 -77.68
CA HIS AC 99 21.53 -99.86 -78.86
C HIS AC 99 20.88 -98.50 -79.08
N ASN AC 100 20.42 -97.85 -78.02
CA ASN AC 100 19.81 -96.53 -78.19
C ASN AC 100 20.84 -95.50 -78.62
N LEU AC 101 22.05 -95.57 -78.05
CA LEU AC 101 23.13 -94.71 -78.52
C LEU AC 101 23.37 -94.92 -80.01
N GLY AC 102 23.36 -96.18 -80.46
CA GLY AC 102 23.49 -96.45 -81.89
C GLY AC 102 22.39 -95.80 -82.70
N LEU AC 103 21.15 -95.87 -82.20
CA LEU AC 103 20.06 -95.18 -82.89
C LEU AC 103 20.33 -93.69 -83.02
N ALA AC 104 20.95 -93.09 -82.01
CA ALA AC 104 21.12 -91.65 -82.01
C ALA AC 104 22.40 -91.17 -82.70
N ARG AC 105 23.41 -92.03 -82.88
CA ARG AC 105 24.77 -91.54 -83.12
C ARG AC 105 24.86 -90.74 -84.42
N ASP AC 106 24.14 -91.18 -85.45
CA ASP AC 106 24.22 -90.49 -86.73
C ASP AC 106 23.73 -89.06 -86.61
N ASP AC 107 22.67 -88.85 -85.83
CA ASP AC 107 22.17 -87.50 -85.58
C ASP AC 107 23.14 -86.73 -84.68
N LEU AC 108 23.66 -87.39 -83.64
CA LEU AC 108 24.44 -86.68 -82.63
C LEU AC 108 25.77 -86.18 -83.17
N VAL AC 109 26.49 -87.03 -83.91
CA VAL AC 109 27.80 -86.62 -84.40
C VAL AC 109 27.70 -85.50 -85.43
N ALA AC 110 26.52 -85.31 -86.02
CA ALA AC 110 26.30 -84.24 -86.98
C ALA AC 110 25.72 -82.98 -86.34
N GLY AC 111 25.71 -82.90 -85.01
CA GLY AC 111 25.23 -81.72 -84.33
C GLY AC 111 23.73 -81.54 -84.33
N LEU AC 112 22.97 -82.57 -84.69
CA LEU AC 112 21.51 -82.49 -84.76
C LEU AC 112 20.89 -83.16 -83.55
N LEU AC 113 19.82 -82.56 -83.03
CA LEU AC 113 19.12 -83.12 -81.89
C LEU AC 113 18.27 -84.30 -82.33
N PRO AC 114 18.51 -85.51 -81.82
CA PRO AC 114 17.80 -86.69 -82.33
C PRO AC 114 16.32 -86.70 -81.96
N THR AC 115 15.54 -85.84 -82.61
CA THR AC 115 14.14 -85.67 -82.28
C THR AC 115 13.25 -86.78 -82.82
N THR AC 116 13.73 -87.56 -83.78
CA THR AC 116 12.90 -88.59 -84.40
C THR AC 116 13.02 -89.95 -83.73
N ILE AC 117 14.22 -90.31 -83.27
CA ILE AC 117 14.50 -91.68 -82.82
C ILE AC 117 13.56 -92.08 -81.69
N GLN AC 118 13.35 -93.38 -81.54
CA GLN AC 118 12.57 -93.94 -80.44
C GLN AC 118 13.37 -95.03 -79.75
N PRO AC 119 13.78 -94.82 -78.49
CA PRO AC 119 14.53 -95.85 -77.77
C PRO AC 119 13.65 -97.02 -77.36
N VAL AC 120 14.22 -97.96 -76.62
CA VAL AC 120 13.52 -99.19 -76.29
C VAL AC 120 14.15 -99.81 -75.04
N VAL AC 121 13.34 -100.56 -74.28
CA VAL AC 121 13.81 -101.35 -73.15
C VAL AC 121 13.82 -102.81 -73.59
N GLU AC 122 14.72 -103.60 -73.02
CA GLU AC 122 14.77 -105.05 -73.21
C GLU AC 122 14.89 -105.41 -74.70
N TYR AC 123 15.90 -104.83 -75.34
CA TYR AC 123 16.11 -105.03 -76.77
C TYR AC 123 16.47 -106.48 -77.08
N THR AC 124 15.70 -107.10 -77.98
CA THR AC 124 15.87 -108.51 -78.33
C THR AC 124 16.55 -108.61 -79.70
N GLY AC 125 17.77 -109.12 -79.70
CA GLY AC 125 18.50 -109.35 -80.94
C GLY AC 125 18.91 -108.10 -81.69
N ALA BC 1 10.63 -108.18 -73.18
CA ALA BC 1 9.35 -107.76 -73.75
C ALA BC 1 9.56 -106.78 -74.90
N GLN BC 2 10.67 -106.05 -74.85
CA GLN BC 2 11.04 -105.01 -75.82
C GLN BC 2 9.85 -104.10 -76.14
N HIS BC 3 9.29 -103.52 -75.07
CA HIS BC 3 8.34 -102.42 -75.18
C HIS BC 3 9.13 -101.12 -75.27
N ASN BC 4 9.06 -100.46 -76.42
CA ASN BC 4 9.91 -99.30 -76.64
C ASN BC 4 9.48 -98.09 -75.80
N MET BC 5 10.46 -97.25 -75.47
CA MET BC 5 10.25 -96.17 -74.51
C MET BC 5 9.34 -95.09 -75.09
N ARG BC 6 8.72 -94.34 -74.17
CA ARG BC 6 7.78 -93.29 -74.50
C ARG BC 6 8.45 -91.94 -74.23
N LEU BC 7 8.32 -91.01 -75.17
CA LEU BC 7 8.81 -89.66 -74.95
C LEU BC 7 8.09 -89.03 -73.76
N GLN BC 8 8.83 -88.29 -72.96
CA GLN BC 8 8.14 -87.65 -71.85
C GLN BC 8 8.42 -86.16 -71.75
N LEU BC 9 9.64 -85.71 -72.05
CA LEU BC 9 9.92 -84.29 -71.94
C LEU BC 9 10.97 -83.81 -72.95
N THR BC 10 10.67 -82.69 -73.60
CA THR BC 10 11.61 -82.02 -74.48
C THR BC 10 11.71 -80.56 -74.03
N SER BC 11 12.92 -80.12 -73.70
CA SER BC 11 13.12 -78.73 -73.29
C SER BC 11 14.59 -78.36 -73.47
N GLY BC 12 14.84 -77.18 -74.04
CA GLY BC 12 16.18 -76.72 -74.23
C GLY BC 12 16.97 -77.56 -75.22
N THR BC 13 17.97 -78.27 -74.71
CA THR BC 13 18.80 -79.16 -75.52
C THR BC 13 18.64 -80.62 -75.13
N SER BC 14 17.63 -80.95 -74.32
CA SER BC 14 17.50 -82.29 -73.75
C SER BC 14 16.25 -82.98 -74.28
N LEU BC 15 16.35 -84.30 -74.33
CA LEU BC 15 15.22 -85.18 -74.63
C LEU BC 15 15.17 -86.24 -73.55
N THR BC 16 13.96 -86.55 -73.07
CA THR BC 16 13.80 -87.45 -71.93
C THR BC 16 12.66 -88.43 -72.22
N TRP BC 17 13.03 -89.70 -72.40
CA TRP BC 17 12.12 -90.82 -72.58
C TRP BC 17 12.06 -91.63 -71.30
N VAL BC 18 10.99 -92.42 -71.17
CA VAL BC 18 10.76 -93.22 -69.97
C VAL BC 18 10.16 -94.56 -70.37
N ASP BC 19 10.45 -95.58 -69.56
CA ASP BC 19 9.82 -96.89 -69.71
C ASP BC 19 8.36 -96.80 -69.26
N PRO BC 20 7.40 -97.09 -70.13
CA PRO BC 20 5.99 -97.01 -69.73
C PRO BC 20 5.59 -97.99 -68.64
N ASN BC 21 6.43 -98.97 -68.30
CA ASN BC 21 6.06 -99.90 -67.24
C ASN BC 21 6.48 -99.40 -65.86
N ASP BC 22 7.75 -99.07 -65.67
CA ASP BC 22 8.12 -98.34 -64.47
C ASP BC 22 8.84 -97.05 -64.85
N PHE BC 23 8.54 -96.02 -64.06
CA PHE BC 23 9.06 -94.67 -64.19
C PHE BC 23 10.51 -94.56 -63.78
N ARG BC 24 11.11 -95.66 -63.31
CA ARG BC 24 12.45 -95.63 -62.74
C ARG BC 24 13.55 -95.67 -63.80
N SER BC 25 13.27 -96.24 -64.97
CA SER BC 25 14.25 -96.38 -66.04
C SER BC 25 13.95 -95.33 -67.11
N THR BC 26 14.84 -94.36 -67.23
CA THR BC 26 14.70 -93.21 -68.12
C THR BC 26 15.91 -93.10 -69.02
N PHE BC 27 15.78 -92.26 -70.05
CA PHE BC 27 16.79 -92.14 -71.09
C PHE BC 27 16.81 -90.68 -71.55
N ARG BC 28 17.96 -90.03 -71.39
CA ARG BC 28 18.09 -88.61 -71.72
C ARG BC 28 19.21 -88.43 -72.72
N ILE BC 29 19.03 -87.46 -73.62
CA ILE BC 29 20.07 -87.03 -74.55
C ILE BC 29 20.20 -85.52 -74.49
N ASN BC 30 21.40 -85.03 -74.21
CA ASN BC 30 21.74 -83.61 -74.22
C ASN BC 30 22.68 -83.34 -75.38
N LEU BC 31 22.48 -82.20 -76.04
CA LEU BC 31 23.29 -81.82 -77.20
C LEU BC 31 23.67 -80.35 -77.07
N ASN BC 32 24.97 -80.07 -77.05
CA ASN BC 32 25.46 -78.71 -76.91
C ASN BC 32 26.41 -78.43 -78.07
N VAL BC 33 25.95 -77.64 -79.04
CA VAL BC 33 26.74 -77.27 -80.20
C VAL BC 33 27.21 -75.83 -80.02
N ASN BC 34 28.50 -75.60 -80.26
CA ASN BC 34 29.07 -74.25 -80.15
C ASN BC 34 30.44 -74.25 -80.81
N GLN BC 35 30.97 -73.06 -81.07
CA GLN BC 35 32.22 -72.95 -81.82
C GLN BC 35 33.42 -73.22 -80.94
N LYS BC 36 34.34 -74.03 -81.46
CA LYS BC 36 35.59 -74.42 -80.85
C LYS BC 36 36.71 -73.78 -81.66
N VAL BC 37 37.81 -73.44 -80.98
CA VAL BC 37 38.97 -72.84 -81.63
C VAL BC 37 40.09 -73.85 -81.63
N ALA BC 38 40.51 -74.30 -82.82
CA ALA BC 38 41.57 -75.30 -82.95
C ALA BC 38 42.59 -74.76 -83.94
N GLY BC 39 43.72 -74.26 -83.42
CA GLY BC 39 44.69 -73.62 -84.27
C GLY BC 39 44.21 -72.26 -84.71
N ALA BC 40 44.37 -71.97 -86.01
CA ALA BC 40 43.93 -70.70 -86.55
C ALA BC 40 42.47 -70.71 -86.95
N VAL BC 41 41.85 -71.88 -87.06
CA VAL BC 41 40.47 -72.00 -87.52
C VAL BC 41 39.56 -72.28 -86.33
N SER BC 42 38.26 -72.06 -86.56
CA SER BC 42 37.22 -72.40 -85.62
C SER BC 42 36.24 -73.35 -86.31
N VAL BC 43 35.78 -74.35 -85.56
CA VAL BC 43 34.90 -75.40 -86.07
C VAL BC 43 33.78 -75.62 -85.07
N TYR BC 44 32.62 -76.05 -85.56
CA TYR BC 44 31.48 -76.29 -84.68
C TYR BC 44 31.66 -77.62 -83.96
N ASN BC 45 31.87 -77.55 -82.65
CA ASN BC 45 32.00 -78.73 -81.80
C ASN BC 45 30.64 -79.07 -81.20
N ALA BC 46 30.30 -80.35 -81.25
CA ALA BC 46 29.10 -80.90 -80.65
C ALA BC 46 29.50 -81.74 -79.43
N ARG BC 47 28.81 -81.49 -78.32
CA ARG BC 47 28.95 -82.27 -77.09
C ARG BC 47 27.63 -83.02 -76.91
N SER BC 48 27.62 -84.29 -77.28
CA SER BC 48 26.48 -85.17 -77.01
C SER BC 48 26.72 -85.86 -75.67
N GLU BC 49 25.66 -86.02 -74.88
CA GLU BC 49 25.74 -86.92 -73.74
C GLU BC 49 24.43 -87.66 -73.58
N VAL BC 50 24.54 -88.99 -73.51
CA VAL BC 50 23.42 -89.91 -73.49
C VAL BC 50 23.44 -90.63 -72.16
N ILE BC 51 22.40 -90.42 -71.36
CA ILE BC 51 22.36 -90.86 -69.97
C ILE BC 51 21.15 -91.78 -69.80
N THR BC 52 21.40 -93.07 -69.54
CA THR BC 52 20.34 -94.01 -69.20
C THR BC 52 20.42 -94.28 -67.70
N ASN BC 53 19.29 -94.13 -67.02
CA ASN BC 53 19.18 -94.22 -65.57
C ASN BC 53 18.15 -95.29 -65.22
N ARG BC 54 18.47 -96.13 -64.24
CA ARG BC 54 17.51 -97.12 -63.78
C ARG BC 54 17.60 -97.21 -62.26
N ALA BC 55 16.58 -97.82 -61.68
CA ALA BC 55 16.53 -98.07 -60.23
C ALA BC 55 15.99 -99.47 -60.00
N PRO BC 56 16.70 -100.50 -60.47
CA PRO BC 56 16.16 -101.85 -60.48
C PRO BC 56 16.18 -102.45 -59.09
N LEU BC 57 15.49 -103.58 -58.96
CA LEU BC 57 15.60 -104.39 -57.76
C LEU BC 57 16.93 -105.15 -57.81
N VAL BC 58 17.57 -105.30 -56.66
CA VAL BC 58 18.80 -106.10 -56.62
C VAL BC 58 18.42 -107.58 -56.63
N VAL BC 59 18.88 -108.29 -57.64
CA VAL BC 59 18.55 -109.70 -57.86
C VAL BC 59 19.81 -110.50 -57.63
N ILE BC 60 19.87 -111.20 -56.50
CA ILE BC 60 20.99 -112.06 -56.19
C ILE BC 60 20.86 -113.33 -57.02
N GLU BC 61 21.98 -113.85 -57.53
CA GLU BC 61 21.90 -115.03 -58.39
C GLU BC 61 21.27 -116.21 -57.66
N GLY BC 62 21.89 -116.64 -56.55
CA GLY BC 62 21.38 -117.79 -55.83
C GLY BC 62 19.95 -117.61 -55.35
N CYS BC 63 19.57 -116.38 -55.04
CA CYS BC 63 18.28 -116.14 -54.40
C CYS BC 63 17.16 -115.94 -55.41
N THR BC 64 15.94 -116.19 -54.94
CA THR BC 64 14.74 -115.93 -55.73
C THR BC 64 13.62 -115.59 -54.75
N ASP BC 65 13.12 -114.35 -54.82
CA ASP BC 65 12.17 -113.82 -53.84
C ASP BC 65 11.41 -112.66 -54.48
N ALA BC 66 10.09 -112.77 -54.51
CA ALA BC 66 9.27 -111.68 -55.03
C ALA BC 66 8.86 -110.68 -53.95
N CYS BC 67 9.33 -110.86 -52.71
CA CYS BC 67 8.92 -110.01 -51.60
C CYS BC 67 9.96 -108.98 -51.19
N SER BC 68 11.14 -109.00 -51.80
CA SER BC 68 12.15 -108.00 -51.50
C SER BC 68 11.93 -106.77 -52.38
N VAL BC 69 11.91 -105.60 -51.76
CA VAL BC 69 11.93 -104.33 -52.48
C VAL BC 69 13.30 -103.67 -52.37
N ASN BC 70 14.34 -104.46 -52.14
CA ASN BC 70 15.71 -103.97 -52.10
C ASN BC 70 16.07 -103.37 -53.46
N ARG BC 71 16.27 -102.05 -53.51
CA ARG BC 71 16.53 -101.36 -54.76
C ARG BC 71 17.81 -100.52 -54.66
N GLU BC 72 18.58 -100.52 -55.75
CA GLU BC 72 19.71 -99.63 -55.93
C GLU BC 72 19.51 -98.83 -57.21
N ASN BC 73 20.23 -97.72 -57.30
CA ASN BC 73 20.27 -96.93 -58.52
C ASN BC 73 21.44 -97.41 -59.38
N ILE BC 74 21.24 -97.40 -60.70
CA ILE BC 74 22.30 -97.71 -61.65
C ILE BC 74 22.22 -96.70 -62.79
N SER BC 75 23.38 -96.38 -63.37
CA SER BC 75 23.42 -95.38 -64.43
C SER BC 75 24.55 -95.67 -65.40
N ILE BC 76 24.25 -95.46 -66.69
CA ILE BC 76 25.24 -95.57 -67.75
C ILE BC 76 25.18 -94.31 -68.59
N ARG BC 77 26.29 -93.59 -68.65
CA ARG BC 77 26.39 -92.33 -69.37
C ARG BC 77 27.47 -92.44 -70.44
N THR BC 78 27.23 -91.79 -71.58
CA THR BC 78 28.20 -91.77 -72.68
C THR BC 78 28.28 -90.36 -73.24
N THR BC 79 29.46 -89.76 -73.15
CA THR BC 79 29.71 -88.41 -73.62
C THR BC 79 30.59 -88.45 -74.86
N ILE BC 80 30.27 -87.61 -75.83
CA ILE BC 80 30.94 -87.57 -77.13
C ILE BC 80 31.14 -86.11 -77.51
N SER BC 81 32.36 -85.60 -77.37
CA SER BC 81 32.67 -84.21 -77.68
C SER BC 81 33.64 -84.17 -78.85
N GLY BC 82 33.21 -83.54 -79.95
CA GLY BC 82 34.00 -83.48 -81.16
C GLY BC 82 33.32 -82.61 -82.20
N SER BC 83 34.13 -82.08 -83.12
CA SER BC 83 33.57 -81.19 -84.13
C SER BC 83 32.71 -81.95 -85.11
N VAL BC 84 31.83 -81.20 -85.78
CA VAL BC 84 31.01 -81.78 -86.84
C VAL BC 84 31.87 -82.02 -88.08
N GLU BC 85 32.92 -81.21 -88.25
CA GLU BC 85 33.77 -81.32 -89.43
C GLU BC 85 34.54 -82.65 -89.45
N ASN BC 86 35.13 -83.02 -88.32
CA ASN BC 86 35.83 -84.30 -88.19
C ASN BC 86 34.92 -85.42 -87.74
N LYS BC 87 33.61 -85.32 -87.98
CA LYS BC 87 32.70 -86.37 -87.52
C LYS BC 87 33.07 -87.73 -88.10
N ALA BC 88 33.86 -87.76 -89.18
CA ALA BC 88 34.41 -89.02 -89.66
C ALA BC 88 35.32 -89.66 -88.61
N ALA BC 89 36.31 -88.91 -88.13
CA ALA BC 89 37.21 -89.43 -87.11
C ALA BC 89 36.49 -89.62 -85.78
N VAL BC 90 35.45 -88.81 -85.52
CA VAL BC 90 34.63 -89.00 -84.32
C VAL BC 90 33.94 -90.36 -84.37
N LEU BC 91 33.34 -90.71 -85.52
CA LEU BC 91 32.66 -91.99 -85.65
C LEU BC 91 33.63 -93.16 -85.64
N ALA BC 92 34.81 -93.00 -86.27
CA ALA BC 92 35.82 -94.05 -86.19
C ALA BC 92 36.24 -94.28 -84.74
N ALA BC 93 36.48 -93.19 -84.02
CA ALA BC 93 36.79 -93.28 -82.59
C ALA BC 93 35.64 -93.91 -81.81
N LEU BC 94 34.40 -93.64 -82.22
CA LEU BC 94 33.26 -94.24 -81.55
C LEU BC 94 33.22 -95.75 -81.75
N LEU BC 95 33.47 -96.20 -82.98
CA LEU BC 95 33.50 -97.64 -83.24
C LEU BC 95 34.60 -98.31 -82.41
N ASP BC 96 35.80 -97.72 -82.42
CA ASP BC 96 36.90 -98.30 -81.64
C ASP BC 96 36.57 -98.30 -80.15
N HIS BC 97 35.96 -97.23 -79.66
CA HIS BC 97 35.55 -97.13 -78.27
C HIS BC 97 34.54 -98.21 -77.91
N LEU BC 98 33.52 -98.38 -78.74
CA LEU BC 98 32.48 -99.37 -78.46
C LEU BC 98 33.06 -100.79 -78.46
N HIS BC 99 33.93 -101.09 -79.43
CA HIS BC 99 34.53 -102.43 -79.48
C HIS BC 99 35.41 -102.70 -78.26
N ASN BC 100 36.21 -101.71 -77.86
CA ASN BC 100 37.06 -101.92 -76.69
C ASN BC 100 36.24 -102.03 -75.41
N LEU BC 101 35.19 -101.20 -75.30
CA LEU BC 101 34.25 -101.32 -74.19
C LEU BC 101 33.67 -102.71 -74.12
N GLY BC 102 33.27 -103.27 -75.27
CA GLY BC 102 32.77 -104.64 -75.29
C GLY BC 102 33.82 -105.63 -74.84
N LEU BC 103 35.07 -105.43 -75.27
CA LEU BC 103 36.16 -106.30 -74.78
C LEU BC 103 36.27 -106.27 -73.27
N ALA BC 104 35.95 -105.13 -72.65
CA ALA BC 104 36.17 -104.99 -71.22
C ALA BC 104 34.95 -105.24 -70.35
N ARG BC 105 33.74 -105.24 -70.91
CA ARG BC 105 32.54 -105.10 -70.07
C ARG BC 105 32.36 -106.27 -69.12
N ASP BC 106 32.71 -107.48 -69.57
CA ASP BC 106 32.49 -108.64 -68.71
C ASP BC 106 33.36 -108.57 -67.46
N ASP BC 107 34.56 -107.99 -67.57
CA ASP BC 107 35.37 -107.71 -66.38
C ASP BC 107 34.83 -106.54 -65.59
N LEU BC 108 34.42 -105.46 -66.27
CA LEU BC 108 34.10 -104.22 -65.57
C LEU BC 108 32.83 -104.35 -64.74
N VAL BC 109 31.80 -105.02 -65.26
CA VAL BC 109 30.57 -105.14 -64.49
C VAL BC 109 30.74 -106.12 -63.33
N ALA BC 110 31.78 -106.95 -63.36
CA ALA BC 110 32.07 -107.89 -62.28
C ALA BC 110 33.06 -107.33 -61.27
N GLY BC 111 33.42 -106.06 -61.38
CA GLY BC 111 34.36 -105.44 -60.46
C GLY BC 111 35.81 -105.75 -60.72
N LEU BC 112 36.13 -106.42 -61.82
CA LEU BC 112 37.50 -106.78 -62.14
C LEU BC 112 38.08 -105.79 -63.14
N LEU BC 113 39.27 -105.29 -62.84
CA LEU BC 113 39.95 -104.41 -63.80
C LEU BC 113 40.46 -105.24 -64.97
N PRO BC 114 40.10 -104.90 -66.21
CA PRO BC 114 40.42 -105.78 -67.33
C PRO BC 114 41.90 -105.81 -67.65
N THR BC 115 42.65 -106.61 -66.89
CA THR BC 115 44.10 -106.68 -67.07
C THR BC 115 44.46 -107.36 -68.38
N THR BC 116 43.59 -108.24 -68.88
CA THR BC 116 43.94 -109.18 -69.95
C THR BC 116 43.39 -108.78 -71.31
N ILE BC 117 42.77 -107.62 -71.45
CA ILE BC 117 42.15 -107.25 -72.71
C ILE BC 117 43.19 -106.60 -73.63
N GLN BC 118 42.87 -106.57 -74.92
CA GLN BC 118 43.76 -106.03 -75.95
C GLN BC 118 43.01 -104.99 -76.76
N PRO BC 119 43.08 -103.72 -76.37
CA PRO BC 119 42.41 -102.66 -77.13
C PRO BC 119 43.07 -102.44 -78.49
N VAL BC 120 42.25 -102.07 -79.47
CA VAL BC 120 42.68 -101.93 -80.85
C VAL BC 120 42.33 -100.53 -81.35
N VAL BC 121 42.88 -100.20 -82.52
CA VAL BC 121 42.53 -99.01 -83.28
C VAL BC 121 42.07 -99.47 -84.66
N GLU BC 122 41.04 -98.80 -85.20
CA GLU BC 122 40.54 -99.09 -86.54
C GLU BC 122 40.03 -100.54 -86.64
N TYR BC 123 39.01 -100.83 -85.84
CA TYR BC 123 38.45 -102.18 -85.81
C TYR BC 123 37.80 -102.54 -87.14
N THR BC 124 38.03 -103.77 -87.58
CA THR BC 124 37.50 -104.28 -88.84
C THR BC 124 37.03 -105.74 -88.69
N ALA CC 1 78.08 -118.78 -67.03
CA ALA CC 1 76.85 -119.42 -66.57
C ALA CC 1 75.65 -118.93 -67.38
N GLN CC 2 75.70 -117.66 -67.75
CA GLN CC 2 74.63 -116.97 -68.50
C GLN CC 2 73.26 -117.18 -67.84
N HIS CC 3 73.25 -117.17 -66.50
CA HIS CC 3 72.00 -117.02 -65.78
C HIS CC 3 71.46 -115.61 -65.99
N ASN CC 4 70.20 -115.51 -66.43
CA ASN CC 4 69.64 -114.23 -66.81
C ASN CC 4 69.02 -113.52 -65.60
N MET CC 5 69.01 -112.18 -65.67
CA MET CC 5 68.60 -111.36 -64.54
C MET CC 5 67.13 -111.55 -64.23
N ARG CC 6 66.75 -111.24 -62.99
CA ARG CC 6 65.37 -111.38 -62.56
C ARG CC 6 64.85 -110.06 -62.00
N LEU CC 7 63.54 -109.88 -62.07
CA LEU CC 7 62.95 -108.55 -61.92
C LEU CC 7 62.83 -108.14 -60.45
N GLN CC 8 63.17 -106.88 -60.17
CA GLN CC 8 63.15 -106.35 -58.81
C GLN CC 8 62.20 -105.17 -58.63
N LEU CC 9 62.24 -104.17 -59.52
CA LEU CC 9 61.47 -102.93 -59.34
C LEU CC 9 60.78 -102.53 -60.64
N THR CC 10 59.47 -102.29 -60.57
CA THR CC 10 58.70 -101.81 -61.71
C THR CC 10 58.00 -100.51 -61.32
N SER CC 11 58.07 -99.52 -62.21
CA SER CC 11 57.55 -98.20 -61.88
C SER CC 11 56.70 -97.59 -62.99
N GLY CC 12 56.48 -98.29 -64.10
CA GLY CC 12 55.75 -97.71 -65.23
C GLY CC 12 56.60 -96.70 -65.97
N THR CC 13 57.66 -96.24 -65.32
CA THR CC 13 58.69 -95.42 -65.91
C THR CC 13 60.09 -95.98 -65.73
N SER CC 14 60.30 -96.84 -64.72
CA SER CC 14 61.60 -97.45 -64.46
C SER CC 14 61.44 -98.95 -64.29
N LEU CC 15 62.41 -99.68 -64.82
CA LEU CC 15 62.50 -101.12 -64.61
C LEU CC 15 63.88 -101.43 -64.06
N THR CC 16 63.93 -102.31 -63.06
CA THR CC 16 65.17 -102.61 -62.35
C THR CC 16 65.23 -104.12 -62.15
N TRP CC 17 66.16 -104.76 -62.85
CA TRP CC 17 66.45 -106.18 -62.70
C TRP CC 17 67.76 -106.34 -61.93
N VAL CC 18 67.91 -107.50 -61.30
CA VAL CC 18 69.08 -107.79 -60.49
C VAL CC 18 69.58 -109.20 -60.82
N ASP CC 19 70.88 -109.39 -60.69
CA ASP CC 19 71.49 -110.72 -60.76
C ASP CC 19 71.06 -111.53 -59.55
N PRO CC 20 70.36 -112.66 -59.72
CA PRO CC 20 69.93 -113.44 -58.57
C PRO CC 20 71.06 -113.96 -57.69
N ASN CC 21 72.29 -114.06 -58.21
CA ASN CC 21 73.41 -114.47 -57.38
C ASN CC 21 74.04 -113.28 -56.67
N ASP CC 22 74.38 -112.23 -57.41
CA ASP CC 22 75.08 -111.07 -56.88
C ASP CC 22 74.13 -109.88 -56.94
N PHE CC 23 73.69 -109.41 -55.77
CA PHE CC 23 72.82 -108.25 -55.69
C PHE CC 23 73.54 -106.94 -56.01
N ARG CC 24 74.86 -106.97 -56.16
CA ARG CC 24 75.62 -105.76 -56.49
C ARG CC 24 75.46 -105.35 -57.95
N SER CC 25 75.12 -106.28 -58.84
CA SER CC 25 75.01 -106.00 -60.27
C SER CC 25 73.53 -105.88 -60.63
N THR CC 26 73.13 -104.68 -61.01
CA THR CC 26 71.76 -104.35 -61.34
C THR CC 26 71.69 -103.73 -62.73
N PHE CC 27 70.47 -103.66 -63.26
CA PHE CC 27 70.24 -103.17 -64.61
C PHE CC 27 68.90 -102.44 -64.61
N ARG CC 28 68.93 -101.13 -64.85
CA ARG CC 28 67.74 -100.30 -64.88
C ARG CC 28 67.55 -99.72 -66.27
N ILE CC 29 66.29 -99.60 -66.67
CA ILE CC 29 65.89 -98.88 -67.87
C ILE CC 29 64.87 -97.83 -67.45
N ASN CC 30 65.15 -96.56 -67.78
CA ASN CC 30 64.27 -95.44 -67.51
C ASN CC 30 63.83 -94.84 -68.84
N LEU CC 31 62.56 -94.47 -68.92
CA LEU CC 31 62.00 -93.90 -70.14
C LEU CC 31 61.16 -92.69 -69.77
N ASN CC 32 61.33 -91.61 -70.53
CA ASN CC 32 60.55 -90.40 -70.29
C ASN CC 32 60.13 -89.81 -71.63
N VAL CC 33 58.83 -89.75 -71.87
CA VAL CC 33 58.27 -89.20 -73.09
C VAL CC 33 57.60 -87.87 -72.76
N ASN CC 34 57.83 -86.86 -73.60
CA ASN CC 34 57.20 -85.56 -73.45
C ASN CC 34 57.35 -84.80 -74.76
N GLN CC 35 56.50 -83.78 -74.94
CA GLN CC 35 56.54 -83.07 -76.21
C GLN CC 35 57.73 -82.13 -76.28
N LYS CC 36 58.08 -81.78 -77.52
CA LYS CC 36 59.24 -80.95 -77.83
C LYS CC 36 58.91 -80.14 -79.06
N VAL CC 37 59.45 -78.92 -79.11
CA VAL CC 37 59.18 -78.00 -80.21
C VAL CC 37 60.43 -77.97 -81.09
N ALA CC 38 60.35 -78.59 -82.25
CA ALA CC 38 61.39 -78.53 -83.27
C ALA CC 38 60.90 -77.56 -84.34
N GLY CC 39 61.53 -76.39 -84.40
CA GLY CC 39 61.08 -75.34 -85.29
C GLY CC 39 59.65 -74.93 -84.98
N ALA CC 40 58.75 -75.20 -85.91
CA ALA CC 40 57.33 -74.88 -85.74
C ALA CC 40 56.47 -76.12 -85.57
N VAL CC 41 57.07 -77.26 -85.26
CA VAL CC 41 56.35 -78.54 -85.17
C VAL CC 41 56.65 -79.18 -83.83
N SER CC 42 55.60 -79.61 -83.14
CA SER CC 42 55.76 -80.33 -81.88
C SER CC 42 55.80 -81.83 -82.17
N VAL CC 43 56.79 -82.51 -81.58
CA VAL CC 43 56.96 -83.95 -81.72
C VAL CC 43 57.19 -84.54 -80.34
N TYR CC 44 56.84 -85.81 -80.19
CA TYR CC 44 57.02 -86.52 -78.93
C TYR CC 44 58.46 -87.03 -78.82
N ASN CC 45 59.25 -86.38 -77.97
CA ASN CC 45 60.61 -86.81 -77.69
C ASN CC 45 60.60 -87.83 -76.57
N ALA CC 46 61.30 -88.93 -76.78
CA ALA CC 46 61.55 -89.94 -75.77
C ALA CC 46 63.02 -89.92 -75.41
N ARG CC 47 63.31 -89.83 -74.11
CA ARG CC 47 64.66 -89.98 -73.58
C ARG CC 47 64.69 -91.29 -72.79
N SER CC 48 65.45 -92.26 -73.29
CA SER CC 48 65.63 -93.54 -72.64
C SER CC 48 67.06 -93.60 -72.10
N GLU CC 49 67.22 -93.95 -70.84
CA GLU CC 49 68.55 -94.25 -70.31
C GLU CC 49 68.59 -95.67 -69.76
N VAL CC 50 69.71 -96.33 -70.01
CA VAL CC 50 69.92 -97.72 -69.67
C VAL CC 50 71.19 -97.78 -68.82
N ILE CC 51 71.04 -98.12 -67.54
CA ILE CC 51 72.09 -98.04 -66.54
C ILE CC 51 72.36 -99.43 -66.01
N THR CC 52 73.56 -99.96 -66.25
CA THR CC 52 74.00 -101.20 -65.62
C THR CC 52 75.08 -100.86 -64.60
N ASN CC 53 74.88 -101.35 -63.36
CA ASN CC 53 75.73 -101.03 -62.22
C ASN CC 53 76.29 -102.32 -61.64
N ARG CC 54 77.58 -102.29 -61.28
CA ARG CC 54 78.19 -103.47 -60.68
C ARG CC 54 79.20 -103.02 -59.62
N ALA CC 55 79.61 -103.98 -58.80
CA ALA CC 55 80.55 -103.74 -57.71
C ALA CC 55 81.60 -104.85 -57.68
N PRO CC 56 82.60 -104.77 -58.55
CA PRO CC 56 83.67 -105.76 -58.55
C PRO CC 56 84.58 -105.60 -57.34
N LEU CC 57 85.30 -106.67 -57.02
CA LEU CC 57 86.29 -106.64 -55.97
C LEU CC 57 87.65 -106.32 -56.56
N VAL CC 58 88.44 -105.54 -55.82
CA VAL CC 58 89.82 -105.24 -56.23
C VAL CC 58 90.68 -106.44 -55.84
N VAL CC 59 91.14 -107.18 -56.84
CA VAL CC 59 91.91 -108.40 -56.63
C VAL CC 59 93.39 -108.03 -56.53
N ILE CC 60 93.96 -108.18 -55.33
CA ILE CC 60 95.41 -108.08 -55.13
C ILE CC 60 95.94 -109.46 -54.80
N GLU CC 61 96.89 -109.92 -55.62
CA GLU CC 61 97.60 -111.16 -55.34
C GLU CC 61 98.37 -111.05 -54.04
N GLY CC 62 98.37 -112.13 -53.26
CA GLY CC 62 99.03 -112.14 -51.97
C GLY CC 62 98.18 -111.59 -50.85
N CYS CC 63 97.02 -111.01 -51.16
CA CYS CC 63 96.11 -110.44 -50.16
C CYS CC 63 94.81 -111.23 -50.20
N THR CC 64 94.65 -112.15 -49.27
CA THR CC 64 93.36 -112.81 -49.08
C THR CC 64 92.39 -111.79 -48.51
N ASP CC 65 91.48 -111.31 -49.35
CA ASP CC 65 90.53 -110.25 -48.97
C ASP CC 65 89.36 -110.87 -48.24
N ALA CC 66 89.68 -111.40 -47.05
CA ALA CC 66 88.63 -111.79 -46.12
C ALA CC 66 87.75 -110.58 -45.84
N CYS CC 67 86.44 -110.82 -45.80
CA CYS CC 67 85.37 -109.86 -45.59
C CYS CC 67 85.05 -109.09 -46.87
N SER CC 68 85.83 -109.27 -47.95
CA SER CC 68 85.62 -108.61 -49.22
C SER CC 68 85.45 -107.10 -49.06
N VAL CC 69 86.43 -106.48 -48.41
CA VAL CC 69 86.35 -105.06 -48.10
C VAL CC 69 86.83 -104.21 -49.28
N ASN CC 70 87.87 -104.66 -49.98
CA ASN CC 70 88.37 -103.93 -51.14
C ASN CC 70 87.41 -104.13 -52.30
N ARG CC 71 86.48 -103.20 -52.48
CA ARG CC 71 85.44 -103.33 -53.50
C ARG CC 71 85.25 -102.00 -54.22
N GLU CC 72 84.98 -102.10 -55.51
CA GLU CC 72 84.89 -100.98 -56.43
C GLU CC 72 83.51 -100.91 -57.06
N ASN CC 73 83.04 -99.69 -57.33
CA ASN CC 73 81.83 -99.48 -58.11
C ASN CC 73 82.19 -99.20 -59.56
N ILE CC 74 81.52 -99.91 -60.48
CA ILE CC 74 81.66 -99.64 -61.91
C ILE CC 74 80.27 -99.48 -62.50
N SER CC 75 80.18 -98.66 -63.55
CA SER CC 75 78.88 -98.36 -64.14
C SER CC 75 79.00 -98.07 -65.63
N ILE CC 76 78.03 -98.59 -66.39
CA ILE CC 76 77.92 -98.33 -67.82
C ILE CC 76 76.50 -97.83 -68.09
N ARG CC 77 76.40 -96.63 -68.64
CA ARG CC 77 75.15 -95.93 -68.82
C ARG CC 77 75.02 -95.49 -70.28
N THR CC 78 73.78 -95.48 -70.78
CA THR CC 78 73.53 -95.12 -72.18
C THR CC 78 72.25 -94.32 -72.29
N THR CC 79 72.35 -93.09 -72.78
CA THR CC 79 71.20 -92.20 -72.93
C THR CC 79 70.90 -92.00 -74.41
N ILE CC 80 69.62 -92.04 -74.76
CA ILE CC 80 69.14 -91.98 -76.14
C ILE CC 80 67.94 -91.05 -76.11
N SER CC 81 68.12 -89.82 -76.58
CA SER CC 81 67.05 -88.81 -76.57
C SER CC 81 66.75 -88.40 -78.00
N GLY CC 82 65.51 -88.66 -78.44
CA GLY CC 82 65.12 -88.32 -79.80
C GLY CC 82 63.63 -88.49 -79.99
N SER CC 83 63.14 -87.96 -81.10
CA SER CC 83 61.72 -88.07 -81.42
C SER CC 83 61.35 -89.52 -81.72
N VAL CC 84 60.15 -89.90 -81.29
CA VAL CC 84 59.57 -91.15 -81.76
C VAL CC 84 59.33 -91.06 -83.27
N GLU CC 85 59.05 -89.86 -83.77
CA GLU CC 85 58.78 -89.68 -85.19
C GLU CC 85 60.04 -89.92 -86.02
N ASN CC 86 61.19 -89.38 -85.61
CA ASN CC 86 62.45 -89.62 -86.30
C ASN CC 86 63.19 -90.84 -85.75
N LYS CC 87 62.47 -91.81 -85.21
CA LYS CC 87 63.12 -92.99 -84.67
C LYS CC 87 63.97 -93.71 -85.71
N ALA CC 88 63.72 -93.48 -87.00
CA ALA CC 88 64.58 -94.03 -88.03
C ALA CC 88 66.00 -93.47 -87.92
N ALA CC 89 66.13 -92.14 -87.90
CA ALA CC 89 67.45 -91.54 -87.74
C ALA CC 89 68.02 -91.80 -86.36
N VAL CC 90 67.15 -91.96 -85.35
CA VAL CC 90 67.63 -92.34 -84.02
C VAL CC 90 68.32 -93.70 -84.08
N LEU CC 91 67.70 -94.67 -84.76
CA LEU CC 91 68.27 -96.01 -84.85
C LEU CC 91 69.53 -96.04 -85.72
N ALA CC 92 69.55 -95.25 -86.80
CA ALA CC 92 70.78 -95.12 -87.58
C ALA CC 92 71.91 -94.59 -86.71
N ALA CC 93 71.61 -93.55 -85.92
CA ALA CC 93 72.59 -93.01 -84.99
C ALA CC 93 73.00 -94.03 -83.95
N LEU CC 94 72.08 -94.89 -83.51
CA LEU CC 94 72.44 -95.90 -82.53
C LEU CC 94 73.39 -96.93 -83.12
N LEU CC 95 73.12 -97.38 -84.35
CA LEU CC 95 74.03 -98.32 -84.99
C LEU CC 95 75.42 -97.72 -85.15
N ASP CC 96 75.49 -96.50 -85.67
CA ASP CC 96 76.80 -95.86 -85.87
C ASP CC 96 77.50 -95.65 -84.52
N HIS CC 97 76.72 -95.30 -83.49
CA HIS CC 97 77.27 -95.12 -82.15
C HIS CC 97 77.84 -96.41 -81.60
N LEU CC 98 77.09 -97.51 -81.72
CA LEU CC 98 77.57 -98.79 -81.21
C LEU CC 98 78.83 -99.24 -81.94
N HIS CC 99 78.88 -99.05 -83.26
CA HIS CC 99 80.06 -99.47 -84.01
C HIS CC 99 81.29 -98.65 -83.63
N ASN CC 100 81.11 -97.34 -83.47
CA ASN CC 100 82.26 -96.50 -83.11
C ASN CC 100 82.69 -96.77 -81.67
N LEU CC 101 81.74 -97.00 -80.77
CA LEU CC 101 82.06 -97.46 -79.43
C LEU CC 101 82.91 -98.72 -79.49
N GLY CC 102 82.50 -99.68 -80.31
CA GLY CC 102 83.27 -100.90 -80.46
C GLY CC 102 84.67 -100.65 -81.01
N LEU CC 103 84.82 -99.62 -81.85
CA LEU CC 103 86.16 -99.25 -82.31
C LEU CC 103 87.02 -98.78 -81.14
N ALA CC 104 86.44 -98.02 -80.22
CA ALA CC 104 87.23 -97.45 -79.14
C ALA CC 104 87.26 -98.32 -77.89
N ARG CC 105 86.51 -99.41 -77.84
CA ARG CC 105 86.19 -100.06 -76.56
C ARG CC 105 87.42 -100.62 -75.88
N ASP CC 106 88.41 -101.07 -76.65
CA ASP CC 106 89.58 -101.67 -76.03
C ASP CC 106 90.50 -100.61 -75.46
N ASP CC 107 90.69 -99.51 -76.19
CA ASP CC 107 91.53 -98.41 -75.70
C ASP CC 107 90.91 -97.76 -74.47
N LEU CC 108 89.61 -97.43 -74.55
CA LEU CC 108 88.99 -96.64 -73.50
C LEU CC 108 89.01 -97.37 -72.16
N VAL CC 109 88.78 -98.68 -72.16
CA VAL CC 109 88.69 -99.39 -70.90
C VAL CC 109 90.08 -99.56 -70.26
N ALA CC 110 91.14 -99.46 -71.07
CA ALA CC 110 92.50 -99.51 -70.56
C ALA CC 110 93.03 -98.14 -70.14
N GLY CC 111 92.19 -97.11 -70.16
CA GLY CC 111 92.59 -95.78 -69.73
C GLY CC 111 93.37 -94.98 -70.74
N LEU CC 112 93.24 -95.32 -72.03
CA LEU CC 112 94.07 -94.73 -73.07
C LEU CC 112 93.16 -94.05 -74.09
N LEU CC 113 93.50 -92.82 -74.46
CA LEU CC 113 92.70 -92.09 -75.43
C LEU CC 113 92.83 -92.75 -76.80
N PRO CC 114 91.72 -93.12 -77.44
CA PRO CC 114 91.77 -93.82 -78.74
C PRO CC 114 92.14 -92.88 -79.88
N THR CC 115 93.39 -92.40 -79.86
CA THR CC 115 93.86 -91.47 -80.88
C THR CC 115 93.92 -92.12 -82.26
N THR CC 116 94.01 -93.45 -82.33
CA THR CC 116 94.23 -94.13 -83.60
C THR CC 116 92.96 -94.43 -84.37
N ILE CC 117 91.83 -94.66 -83.69
CA ILE CC 117 90.62 -95.12 -84.37
C ILE CC 117 90.11 -94.05 -85.33
N GLN CC 118 89.26 -94.49 -86.25
CA GLN CC 118 88.58 -93.59 -87.19
C GLN CC 118 87.11 -93.96 -87.26
N PRO CC 119 86.22 -93.14 -86.71
CA PRO CC 119 84.79 -93.48 -86.70
C PRO CC 119 84.19 -93.35 -88.10
N VAL CC 120 82.93 -93.79 -88.19
CA VAL CC 120 82.25 -93.95 -89.47
C VAL CC 120 80.81 -93.46 -89.32
N VAL CC 121 80.23 -92.98 -90.42
CA VAL CC 121 78.80 -92.75 -90.55
C VAL CC 121 78.24 -93.82 -91.47
N GLU CC 122 77.03 -94.30 -91.16
CA GLU CC 122 76.29 -95.22 -92.02
C GLU CC 122 77.02 -96.56 -92.16
N TYR CC 123 77.38 -97.18 -91.03
CA TYR CC 123 78.02 -98.49 -91.08
C TYR CC 123 77.13 -99.50 -91.79
N THR CC 124 77.76 -100.36 -92.58
CA THR CC 124 77.05 -101.36 -93.35
C THR CC 124 77.79 -102.71 -93.30
N ALA DC 1 30.97 -119.30 70.44
CA ALA DC 1 32.09 -119.40 71.38
C ALA DC 1 31.71 -118.80 72.74
N GLN DC 2 30.77 -117.85 72.74
CA GLN DC 2 30.26 -117.27 73.98
C GLN DC 2 31.40 -116.63 74.80
N HIS DC 3 32.33 -115.99 74.10
CA HIS DC 3 33.40 -115.25 74.76
C HIS DC 3 32.97 -113.79 74.92
N ASN DC 4 33.05 -113.29 76.14
CA ASN DC 4 32.60 -111.94 76.45
C ASN DC 4 33.62 -110.90 76.00
N MET DC 5 33.12 -109.71 75.65
CA MET DC 5 33.93 -108.65 75.10
C MET DC 5 34.85 -108.05 76.16
N ARG DC 6 35.97 -107.47 75.70
CA ARG DC 6 36.90 -106.83 76.62
C ARG DC 6 36.93 -105.32 76.34
N LEU DC 7 37.06 -104.54 77.41
CA LEU DC 7 36.86 -103.10 77.33
C LEU DC 7 38.07 -102.40 76.72
N GLN DC 8 37.80 -101.37 75.92
CA GLN DC 8 38.85 -100.64 75.20
C GLN DC 8 38.87 -99.15 75.50
N LEU DC 9 37.72 -98.48 75.63
CA LEU DC 9 37.71 -97.03 75.80
C LEU DC 9 36.69 -96.59 76.85
N THR DC 10 37.15 -95.82 77.85
CA THR DC 10 36.29 -95.23 78.87
C THR DC 10 36.42 -93.72 78.82
N SER DC 11 35.27 -93.03 78.89
CA SER DC 11 35.26 -91.58 78.78
C SER DC 11 34.34 -90.87 79.76
N GLY DC 12 33.64 -91.60 80.63
CA GLY DC 12 32.68 -90.97 81.53
C GLY DC 12 31.41 -90.56 80.83
N THR DC 13 31.44 -90.53 79.50
CA THR DC 13 30.26 -90.37 78.67
C THR DC 13 30.09 -91.47 77.64
N SER DC 14 31.14 -92.24 77.35
CA SER DC 14 31.02 -93.39 76.45
C SER DC 14 31.78 -94.57 77.05
N LEU DC 15 31.41 -95.74 76.59
CA LEU DC 15 32.12 -96.98 76.87
C LEU DC 15 32.25 -97.74 75.56
N THR DC 16 33.43 -98.33 75.34
CA THR DC 16 33.73 -98.96 74.06
C THR DC 16 34.43 -100.30 74.35
N TRP DC 17 33.67 -101.38 74.21
CA TRP DC 17 34.18 -102.75 74.29
C TRP DC 17 34.45 -103.29 72.89
N VAL DC 18 35.31 -104.29 72.82
CA VAL DC 18 35.70 -104.91 71.56
C VAL DC 18 35.84 -106.41 71.76
N ASP DC 19 35.52 -107.15 70.70
CA ASP DC 19 35.78 -108.59 70.66
C ASP DC 19 37.29 -108.84 70.59
N PRO DC 20 37.89 -109.50 71.58
CA PRO DC 20 39.34 -109.73 71.52
C PRO DC 20 39.79 -110.51 70.30
N ASN DC 21 38.92 -111.32 69.71
CA ASN DC 21 39.28 -112.07 68.51
C ASN DC 21 39.19 -111.19 67.27
N ASP DC 22 38.03 -110.58 67.05
CA ASP DC 22 37.78 -109.72 65.90
C ASP DC 22 37.65 -108.28 66.40
N PHE DC 23 38.66 -107.46 66.10
CA PHE DC 23 38.59 -106.03 66.41
C PHE DC 23 37.53 -105.30 65.58
N ARG DC 24 36.94 -105.94 64.57
CA ARG DC 24 35.96 -105.27 63.73
C ARG DC 24 34.58 -105.19 64.38
N SER DC 25 34.34 -105.92 65.48
CA SER DC 25 33.04 -105.90 66.17
C SER DC 25 33.18 -105.09 67.45
N THR DC 26 32.64 -103.88 67.43
CA THR DC 26 32.70 -102.92 68.50
C THR DC 26 31.34 -102.85 69.19
N PHE DC 27 31.36 -102.46 70.47
CA PHE DC 27 30.12 -102.22 71.22
C PHE DC 27 30.31 -100.97 72.08
N ARG DC 28 29.58 -99.90 71.75
CA ARG DC 28 29.68 -98.64 72.45
C ARG DC 28 28.36 -98.28 73.12
N ILE DC 29 28.45 -97.65 74.29
CA ILE DC 29 27.31 -97.08 74.98
C ILE DC 29 27.62 -95.62 75.28
N ASN DC 30 26.74 -94.72 74.84
CA ASN DC 30 26.85 -93.28 75.07
C ASN DC 30 25.68 -92.86 75.95
N LEU DC 31 25.98 -92.18 77.06
CA LEU DC 31 24.94 -91.67 77.95
C LEU DC 31 25.14 -90.18 78.14
N ASN DC 32 24.11 -89.40 77.82
CA ASN DC 32 24.16 -87.96 77.98
C ASN DC 32 22.97 -87.53 78.83
N VAL DC 33 23.23 -86.76 79.87
CA VAL DC 33 22.17 -86.30 80.77
C VAL DC 33 22.16 -84.79 80.82
N ASN DC 34 20.96 -84.21 80.77
CA ASN DC 34 20.79 -82.77 80.89
C ASN DC 34 19.35 -82.49 81.31
N GLN DC 35 19.14 -81.31 81.89
CA GLN DC 35 17.81 -80.95 82.36
C GLN DC 35 16.93 -80.50 81.22
N LYS DC 36 15.67 -80.94 81.24
CA LYS DC 36 14.64 -80.50 80.33
C LYS DC 36 13.48 -79.96 81.15
N VAL DC 37 12.56 -79.27 80.48
CA VAL DC 37 11.38 -78.72 81.13
C VAL DC 37 10.20 -79.59 80.71
N ALA DC 38 9.65 -80.35 81.65
CA ALA DC 38 8.44 -81.13 81.41
C ALA DC 38 7.28 -80.38 82.04
N GLY DC 39 6.44 -79.79 81.20
CA GLY DC 39 5.27 -79.09 81.68
C GLY DC 39 5.62 -78.02 82.70
N ALA DC 40 5.25 -78.28 83.95
CA ALA DC 40 5.43 -77.29 85.01
C ALA DC 40 6.79 -77.38 85.68
N VAL DC 41 7.46 -78.53 85.65
CA VAL DC 41 8.66 -78.71 86.46
C VAL DC 41 9.78 -79.24 85.57
N SER DC 42 11.02 -79.00 86.00
CA SER DC 42 12.18 -79.51 85.30
C SER DC 42 12.50 -80.93 85.74
N VAL DC 43 12.94 -81.74 84.77
CA VAL DC 43 13.33 -83.12 85.02
C VAL DC 43 14.69 -83.36 84.36
N TYR DC 44 15.27 -84.52 84.66
CA TYR DC 44 16.59 -84.90 84.13
C TYR DC 44 16.40 -85.91 82.99
N ASN DC 45 16.61 -85.45 81.75
CA ASN DC 45 16.52 -86.31 80.59
C ASN DC 45 17.88 -86.99 80.35
N ALA DC 46 17.83 -88.28 80.04
CA ALA DC 46 19.02 -89.09 79.81
C ALA DC 46 18.86 -89.77 78.44
N ARG DC 47 19.56 -89.27 77.44
CA ARG DC 47 19.61 -89.90 76.13
C ARG DC 47 20.74 -90.93 76.18
N SER DC 48 20.34 -92.19 76.28
CA SER DC 48 21.26 -93.31 76.10
C SER DC 48 21.23 -93.72 74.65
N GLU DC 49 22.37 -94.21 74.15
CA GLU DC 49 22.37 -94.93 72.88
C GLU DC 49 23.40 -96.04 72.95
N VAL DC 50 23.05 -97.16 72.32
CA VAL DC 50 23.83 -98.38 72.35
C VAL DC 50 24.07 -98.78 70.90
N ILE DC 51 25.33 -98.76 70.48
CA ILE DC 51 25.71 -98.96 69.08
C ILE DC 51 26.60 -100.19 69.03
N THR DC 52 26.18 -101.21 68.27
CA THR DC 52 27.03 -102.36 67.99
C THR DC 52 27.39 -102.36 66.52
N ASN DC 53 28.69 -102.45 66.24
CA ASN DC 53 29.25 -102.35 64.90
C ASN DC 53 29.98 -103.63 64.57
N ARG DC 54 29.84 -104.12 63.33
CA ARG DC 54 30.56 -105.30 62.91
C ARG DC 54 30.92 -105.17 61.44
N ALA DC 55 31.81 -106.04 60.99
CA ALA DC 55 32.27 -106.08 59.61
C ALA DC 55 32.39 -107.52 59.16
N PRO DC 56 31.25 -108.19 58.96
CA PRO DC 56 31.29 -109.56 58.46
C PRO DC 56 31.79 -109.60 57.02
N LEU DC 57 32.25 -110.77 56.61
CA LEU DC 57 32.81 -110.95 55.29
C LEU DC 57 31.71 -111.34 54.31
N VAL DC 58 31.76 -110.75 53.13
CA VAL DC 58 30.80 -111.04 52.06
C VAL DC 58 31.35 -112.19 51.24
N VAL DC 59 30.65 -113.31 51.24
CA VAL DC 59 31.13 -114.54 50.62
C VAL DC 59 30.10 -115.00 49.59
N ILE DC 60 30.54 -115.11 48.33
CA ILE DC 60 29.76 -115.73 47.26
C ILE DC 60 30.54 -116.96 46.83
N GLU DC 61 29.93 -118.14 47.02
CA GLU DC 61 30.69 -119.39 47.01
C GLU DC 61 31.48 -119.57 45.72
N GLY DC 62 30.88 -119.25 44.57
CA GLY DC 62 31.60 -119.38 43.32
C GLY DC 62 32.42 -118.19 42.91
N CYS DC 63 32.26 -117.06 43.62
CA CYS DC 63 32.76 -115.78 43.15
C CYS DC 63 33.80 -115.13 44.05
N THR DC 64 33.73 -115.34 45.36
CA THR DC 64 34.53 -114.59 46.33
C THR DC 64 35.90 -115.25 46.48
N ASP DC 65 36.93 -114.57 46.00
CA ASP DC 65 38.29 -115.02 46.23
C ASP DC 65 38.61 -114.93 47.73
N ALA DC 66 39.12 -116.02 48.29
CA ALA DC 66 39.40 -116.05 49.72
C ALA DC 66 40.61 -115.20 50.08
N CYS DC 67 41.55 -115.03 49.14
CA CYS DC 67 42.76 -114.27 49.43
C CYS DC 67 42.45 -112.78 49.64
N SER DC 68 41.65 -112.21 48.74
CA SER DC 68 41.23 -110.81 48.87
C SER DC 68 39.92 -110.77 49.65
N VAL DC 69 40.00 -110.34 50.91
CA VAL DC 69 38.82 -110.31 51.76
C VAL DC 69 37.84 -109.26 51.25
N ASN DC 70 36.56 -109.58 51.31
CA ASN DC 70 35.48 -108.65 50.96
C ASN DC 70 34.61 -108.50 52.19
N ARG DC 71 34.65 -107.33 52.82
CA ARG DC 71 33.93 -107.10 54.06
C ARG DC 71 32.86 -106.02 53.87
N GLU DC 72 31.88 -106.09 54.76
CA GLU DC 72 30.72 -105.20 54.77
C GLU DC 72 30.52 -104.68 56.19
N ASN DC 73 30.31 -103.38 56.33
CA ASN DC 73 29.94 -102.84 57.63
C ASN DC 73 28.46 -103.08 57.90
N ILE DC 74 28.14 -103.59 59.09
CA ILE DC 74 26.77 -103.72 59.56
C ILE DC 74 26.69 -103.06 60.93
N SER DC 75 25.53 -102.46 61.22
CA SER DC 75 25.38 -101.71 62.46
C SER DC 75 23.97 -101.83 63.01
N ILE DC 76 23.89 -101.94 64.34
CA ILE DC 76 22.62 -101.92 65.06
C ILE DC 76 22.72 -100.88 66.18
N ARG DC 77 21.90 -99.85 66.09
CA ARG DC 77 21.93 -98.70 66.98
C ARG DC 77 20.60 -98.62 67.72
N THR DC 78 20.63 -98.18 68.97
CA THR DC 78 19.42 -98.04 69.77
C THR DC 78 19.50 -96.81 70.66
N THR DC 79 18.62 -95.84 70.40
CA THR DC 79 18.53 -94.61 71.16
C THR DC 79 17.33 -94.64 72.09
N ILE DC 80 17.52 -94.20 73.33
CA ILE DC 80 16.50 -94.21 74.38
C ILE DC 80 16.59 -92.86 75.09
N SER DC 81 15.63 -91.97 74.83
CA SER DC 81 15.64 -90.62 75.40
C SER DC 81 14.35 -90.39 76.19
N GLY DC 82 14.51 -90.19 77.50
CA GLY DC 82 13.43 -89.90 78.42
C GLY DC 82 14.04 -89.49 79.74
N SER DC 83 13.20 -88.99 80.65
CA SER DC 83 13.71 -88.53 81.92
C SER DC 83 14.03 -89.71 82.86
N VAL DC 84 15.04 -89.51 83.71
CA VAL DC 84 15.30 -90.46 84.78
C VAL DC 84 14.17 -90.40 85.80
N GLU DC 85 13.51 -89.26 85.90
CA GLU DC 85 12.42 -89.09 86.84
C GLU DC 85 11.29 -90.06 86.54
N ASN DC 86 10.99 -90.26 85.24
CA ASN DC 86 9.87 -91.05 84.75
C ASN DC 86 10.34 -92.36 84.12
N LYS DC 87 11.45 -92.91 84.63
CA LYS DC 87 12.03 -94.10 84.03
C LYS DC 87 11.07 -95.28 84.06
N ALA DC 88 10.04 -95.23 84.91
CA ALA DC 88 9.02 -96.26 84.87
C ALA DC 88 8.35 -96.32 83.50
N ALA DC 89 7.85 -95.18 83.02
CA ALA DC 89 7.24 -95.14 81.69
C ALA DC 89 8.30 -95.29 80.60
N VAL DC 90 9.53 -94.85 80.85
CA VAL DC 90 10.61 -95.11 79.88
C VAL DC 90 10.75 -96.62 79.64
N LEU DC 91 10.84 -97.41 80.72
CA LEU DC 91 10.99 -98.86 80.58
C LEU DC 91 9.73 -99.52 80.05
N ALA DC 92 8.56 -99.02 80.44
CA ALA DC 92 7.32 -99.57 79.89
C ALA DC 92 7.26 -99.35 78.38
N ALA DC 93 7.84 -98.24 77.89
CA ALA DC 93 7.97 -98.05 76.45
C ALA DC 93 9.03 -98.96 75.87
N LEU DC 94 10.13 -99.18 76.60
CA LEU DC 94 11.20 -100.03 76.09
C LEU DC 94 10.73 -101.45 75.84
N LEU DC 95 9.94 -102.00 76.78
CA LEU DC 95 9.50 -103.38 76.63
C LEU DC 95 8.63 -103.55 75.39
N ASP DC 96 7.68 -102.63 75.19
CA ASP DC 96 6.82 -102.68 74.02
C ASP DC 96 7.64 -102.52 72.74
N HIS DC 97 8.62 -101.61 72.76
CA HIS DC 97 9.48 -101.41 71.61
C HIS DC 97 10.24 -102.68 71.26
N LEU DC 98 10.85 -103.31 72.26
CA LEU DC 98 11.63 -104.52 72.02
C LEU DC 98 10.77 -105.65 71.48
N HIS DC 99 9.57 -105.84 72.06
CA HIS DC 99 8.69 -106.90 71.59
C HIS DC 99 8.22 -106.65 70.16
N ASN DC 100 7.87 -105.41 69.83
CA ASN DC 100 7.43 -105.12 68.48
C ASN DC 100 8.58 -105.26 67.47
N LEU DC 101 9.78 -104.82 67.86
CA LEU DC 101 10.95 -105.07 67.03
C LEU DC 101 11.13 -106.56 66.78
N GLY DC 102 10.95 -107.37 67.81
CA GLY DC 102 11.02 -108.81 67.62
C GLY DC 102 9.98 -109.32 66.63
N LEU DC 103 8.77 -108.79 66.70
CA LEU DC 103 7.74 -109.16 65.73
C LEU DC 103 8.20 -108.83 64.31
N ALA DC 104 8.92 -107.73 64.15
CA ALA DC 104 9.27 -107.28 62.80
C ALA DC 104 10.58 -107.87 62.27
N ARG DC 105 11.47 -108.37 63.15
CA ARG DC 105 12.87 -108.53 62.76
C ARG DC 105 13.03 -109.51 61.62
N ASP DC 106 12.24 -110.58 61.60
CA ASP DC 106 12.38 -111.59 60.56
C ASP DC 106 12.08 -110.99 59.20
N ASP DC 107 11.08 -110.11 59.13
CA ASP DC 107 10.77 -109.42 57.88
C ASP DC 107 11.83 -108.38 57.55
N LEU DC 108 12.30 -107.65 58.57
CA LEU DC 108 13.17 -106.50 58.31
C LEU DC 108 14.54 -106.94 57.82
N VAL DC 109 15.13 -107.97 58.45
CA VAL DC 109 16.48 -108.38 58.06
C VAL DC 109 16.50 -108.99 56.68
N ALA DC 110 15.34 -109.42 56.17
CA ALA DC 110 15.23 -109.99 54.82
C ALA DC 110 14.84 -108.94 53.79
N GLY DC 111 14.86 -107.66 54.14
CA GLY DC 111 14.56 -106.61 53.20
C GLY DC 111 13.09 -106.46 52.85
N LEU DC 112 12.20 -107.08 53.61
CA LEU DC 112 10.76 -107.03 53.35
C LEU DC 112 10.09 -106.05 54.30
N LEU DC 113 9.11 -105.31 53.77
CA LEU DC 113 8.37 -104.36 54.59
C LEU DC 113 7.37 -105.11 55.45
N PRO DC 114 7.46 -105.01 56.79
CA PRO DC 114 6.60 -105.82 57.66
C PRO DC 114 5.14 -105.38 57.62
N THR DC 115 4.46 -105.68 56.50
CA THR DC 115 3.10 -105.23 56.29
C THR DC 115 2.06 -106.03 57.07
N THR DC 116 2.42 -107.22 57.55
CA THR DC 116 1.45 -108.08 58.22
C THR DC 116 1.41 -107.87 59.73
N ILE DC 117 2.57 -107.64 60.36
CA ILE DC 117 2.68 -107.66 61.82
C ILE DC 117 1.72 -106.65 62.46
N GLN DC 118 1.35 -106.91 63.70
CA GLN DC 118 0.54 -105.98 64.49
C GLN DC 118 1.20 -105.72 65.83
N PRO DC 119 1.66 -104.49 66.07
CA PRO DC 119 2.29 -104.19 67.36
C PRO DC 119 1.27 -104.10 68.49
N VAL DC 120 1.74 -103.73 69.68
CA VAL DC 120 0.89 -103.76 70.87
C VAL DC 120 1.47 -102.82 71.91
N VAL DC 121 0.59 -102.28 72.77
CA VAL DC 121 0.98 -101.49 73.93
C VAL DC 121 0.79 -102.36 75.15
N GLU DC 122 1.60 -102.12 76.19
CA GLU DC 122 1.46 -102.76 77.50
C GLU DC 122 1.50 -104.29 77.37
N TYR DC 123 2.57 -104.79 76.74
CA TYR DC 123 2.71 -106.22 76.50
C TYR DC 123 2.87 -106.98 77.81
N THR DC 124 2.02 -107.98 78.01
CA THR DC 124 1.99 -108.77 79.24
C THR DC 124 2.62 -110.13 78.97
N GLY DC 125 3.78 -110.38 79.60
CA GLY DC 125 4.44 -111.68 79.50
C GLY DC 125 4.99 -112.02 78.13
N ALA EC 1 -3.04 -103.47 79.99
CA ALA EC 1 -4.27 -103.79 79.26
C ALA EC 1 -3.96 -104.59 78.00
N GLN EC 2 -2.77 -104.39 77.45
CA GLN EC 2 -2.29 -105.00 76.21
C GLN EC 2 -3.36 -104.93 75.11
N HIS EC 3 -3.82 -103.71 74.84
CA HIS EC 3 -4.62 -103.41 73.67
C HIS EC 3 -3.68 -103.14 72.51
N ASN EC 4 -3.68 -104.01 71.50
CA ASN EC 4 -2.70 -103.91 70.43
C ASN EC 4 -2.96 -102.72 69.52
N MET EC 5 -1.87 -102.19 68.95
CA MET EC 5 -1.92 -100.93 68.22
C MET EC 5 -2.69 -101.07 66.91
N ARG EC 6 -3.19 -99.94 66.43
CA ARG EC 6 -3.99 -99.86 65.23
C ARG EC 6 -3.16 -99.22 64.13
N LEU EC 7 -3.20 -99.81 62.93
CA LEU EC 7 -2.52 -99.20 61.79
C LEU EC 7 -3.12 -97.84 61.49
N GLN EC 8 -2.28 -96.89 61.14
CA GLN EC 8 -2.87 -95.60 60.82
C GLN EC 8 -2.40 -95.05 59.48
N LEU EC 9 -1.15 -95.27 59.10
CA LEU EC 9 -0.67 -94.73 57.83
C LEU EC 9 0.39 -95.61 57.18
N THR EC 10 0.23 -95.86 55.88
CA THR EC 10 1.24 -96.54 55.07
C THR EC 10 1.53 -95.66 53.85
N SER EC 11 2.80 -95.28 53.67
CA SER EC 11 3.17 -94.47 52.53
C SER EC 11 4.67 -94.61 52.29
N GLY EC 12 5.05 -94.79 51.03
CA GLY EC 12 6.45 -94.91 50.68
C GLY EC 12 7.10 -96.16 51.25
N THR EC 13 8.01 -95.97 52.19
CA THR EC 13 8.70 -97.07 52.86
C THR EC 13 8.37 -97.14 54.34
N SER EC 14 7.35 -96.41 54.80
CA SER EC 14 7.06 -96.28 56.22
C SER EC 14 5.72 -96.94 56.57
N LEU EC 15 5.64 -97.41 57.81
CA LEU EC 15 4.40 -97.90 58.40
C LEU EC 15 4.24 -97.20 59.74
N THR EC 16 3.02 -96.76 60.05
CA THR EC 16 2.77 -95.96 61.25
C THR EC 16 1.51 -96.47 61.95
N TRP EC 17 1.71 -97.07 63.12
CA TRP EC 17 0.66 -97.54 64.01
C TRP EC 17 0.52 -96.57 65.18
N VAL EC 18 -0.63 -96.63 65.85
CA VAL EC 18 -0.93 -95.73 66.95
C VAL EC 18 -1.71 -96.49 68.02
N ASP EC 19 -1.54 -96.07 69.27
CA ASP EC 19 -2.33 -96.58 70.38
C ASP EC 19 -3.75 -96.04 70.28
N PRO EC 20 -4.76 -96.90 70.16
CA PRO EC 20 -6.15 -96.41 70.05
C PRO EC 20 -6.64 -95.64 71.27
N ASN EC 21 -5.92 -95.68 72.39
CA ASN EC 21 -6.39 -94.96 73.57
C ASN EC 21 -5.88 -93.52 73.59
N ASP EC 22 -4.57 -93.31 73.49
CA ASP EC 22 -4.08 -91.96 73.23
C ASP EC 22 -3.22 -91.96 71.98
N PHE EC 23 -3.36 -90.87 71.22
CA PHE EC 23 -2.69 -90.61 69.97
C PHE EC 23 -1.22 -90.27 70.16
N ARG EC 24 -0.75 -90.22 71.42
CA ARG EC 24 0.60 -89.76 71.73
C ARG EC 24 1.65 -90.84 71.54
N SER EC 25 1.28 -92.11 71.68
CA SER EC 25 2.22 -93.22 71.57
C SER EC 25 2.01 -93.87 70.21
N THR EC 26 3.02 -93.75 69.35
CA THR EC 26 3.01 -94.22 67.98
C THR EC 26 4.20 -95.12 67.73
N PHE EC 27 4.15 -95.82 66.60
CA PHE EC 27 5.16 -96.82 66.26
C PHE EC 27 5.36 -96.80 64.76
N ARG EC 28 6.58 -96.51 64.31
CA ARG EC 28 6.88 -96.39 62.90
C ARG EC 28 7.99 -97.36 62.52
N ILE EC 29 7.91 -97.89 61.30
CA ILE EC 29 8.98 -98.70 60.73
C ILE EC 29 9.29 -98.18 59.34
N ASN EC 30 10.56 -97.82 59.11
CA ASN EC 30 11.08 -97.41 57.81
C ASN EC 30 12.03 -98.48 57.28
N LEU EC 31 11.95 -98.74 55.98
CA LEU EC 31 12.78 -99.76 55.34
C LEU EC 31 13.34 -99.21 54.05
N ASN EC 32 14.66 -99.18 53.94
CA ASN EC 32 15.34 -98.66 52.76
C ASN EC 32 16.28 -99.72 52.22
N VAL EC 33 15.91 -100.36 51.12
CA VAL EC 33 16.72 -101.40 50.50
C VAL EC 33 17.36 -100.80 49.26
N ASN EC 34 18.67 -101.04 49.10
CA ASN EC 34 19.40 -100.55 47.94
C ASN EC 34 20.76 -101.25 47.88
N GLN EC 35 21.43 -101.16 46.73
CA GLN EC 35 22.65 -101.91 46.53
C GLN EC 35 23.84 -101.24 47.20
N LYS EC 36 24.63 -102.04 47.90
CA LYS EC 36 25.84 -101.67 48.61
C LYS EC 36 27.01 -102.29 47.88
N VAL EC 37 28.15 -101.62 47.90
CA VAL EC 37 29.37 -102.11 47.26
C VAL EC 37 30.36 -102.50 48.34
N ALA EC 38 30.68 -103.79 48.42
CA ALA EC 38 31.60 -104.30 49.45
C ALA EC 38 32.67 -105.13 48.74
N GLY EC 39 33.85 -104.54 48.57
CA GLY EC 39 34.89 -105.21 47.80
C GLY EC 39 34.57 -105.17 46.32
N ALA EC 40 34.74 -106.31 45.66
CA ALA EC 40 34.45 -106.41 44.24
C ALA EC 40 32.98 -106.70 43.95
N VAL EC 41 32.23 -107.13 44.95
CA VAL EC 41 30.84 -107.52 44.76
C VAL EC 41 29.92 -106.42 45.29
N SER EC 42 28.66 -106.50 44.86
CA SER EC 42 27.59 -105.65 45.38
C SER EC 42 26.49 -106.53 45.93
N VAL EC 43 25.93 -106.11 47.06
CA VAL EC 43 24.90 -106.87 47.78
C VAL EC 43 23.79 -105.92 48.18
N TYR EC 44 22.57 -106.45 48.30
CA TYR EC 44 21.44 -105.63 48.67
C TYR EC 44 21.47 -105.38 50.18
N ASN EC 45 21.70 -104.11 50.56
CA ASN EC 45 21.71 -103.69 51.95
C ASN EC 45 20.32 -103.15 52.31
N ALA EC 46 19.82 -103.58 53.46
CA ALA EC 46 18.57 -103.10 54.04
C ALA EC 46 18.89 -102.25 55.25
N ARG EC 47 18.28 -101.07 55.30
CA ARG EC 47 18.33 -100.16 56.44
C ARG EC 47 16.94 -100.15 57.05
N SER EC 48 16.75 -100.89 58.14
CA SER EC 48 15.53 -100.84 58.92
C SER EC 48 15.70 -99.80 60.01
N GLU EC 49 14.65 -99.04 60.30
CA GLU EC 49 14.64 -98.25 61.52
C GLU EC 49 13.24 -98.25 62.12
N VAL EC 50 13.19 -98.61 63.40
CA VAL EC 50 11.96 -98.81 64.15
C VAL EC 50 11.92 -97.77 65.25
N ILE EC 51 10.93 -96.88 65.20
CA ILE EC 51 10.86 -95.70 66.05
C ILE EC 51 9.56 -95.76 66.84
N THR EC 52 9.65 -95.93 68.16
CA THR EC 52 8.49 -95.83 69.02
C THR EC 52 8.56 -94.51 69.78
N ASN EC 53 7.46 -93.75 69.71
CA ASN EC 53 7.38 -92.40 70.26
C ASN EC 53 6.24 -92.34 71.26
N ARG EC 54 6.46 -91.69 72.39
CA ARG EC 54 5.40 -91.50 73.36
C ARG EC 54 5.51 -90.10 73.94
N ALA EC 55 4.44 -89.67 74.59
CA ALA EC 55 4.38 -88.39 75.28
C ALA EC 55 3.68 -88.58 76.62
N PRO EC 56 4.24 -89.39 77.51
CA PRO EC 56 3.52 -89.79 78.71
C PRO EC 56 3.50 -88.66 79.73
N LEU EC 57 2.68 -88.86 80.75
CA LEU EC 57 2.72 -87.98 81.92
C LEU EC 57 3.93 -88.35 82.76
N VAL EC 58 4.58 -87.35 83.35
CA VAL EC 58 5.69 -87.64 84.24
C VAL EC 58 5.13 -88.08 85.59
N VAL EC 59 5.47 -89.30 86.00
CA VAL EC 59 4.96 -89.92 87.20
C VAL EC 59 6.11 -90.04 88.19
N ILE EC 60 6.11 -89.18 89.20
CA ILE EC 60 7.12 -89.23 90.24
C ILE EC 60 6.81 -90.41 91.15
N GLU EC 61 7.84 -91.12 91.61
CA GLU EC 61 7.59 -92.30 92.43
C GLU EC 61 6.84 -91.94 93.71
N GLY EC 62 7.42 -91.07 94.53
CA GLY EC 62 6.78 -90.71 95.79
C GLY EC 62 5.41 -90.12 95.62
N CYS EC 63 5.18 -89.42 94.51
CA CYS EC 63 3.96 -88.65 94.35
C CYS EC 63 2.85 -89.48 93.70
N THR EC 64 1.62 -89.04 93.94
CA THR EC 64 0.44 -89.63 93.31
C THR EC 64 -0.61 -88.52 93.18
N ASP EC 65 -0.95 -88.18 91.94
CA ASP EC 65 -1.80 -87.02 91.64
C ASP EC 65 -2.41 -87.20 90.27
N ALA EC 66 -3.75 -87.19 90.20
CA ALA EC 66 -4.43 -87.28 88.92
C ALA EC 66 -4.68 -85.93 88.29
N CYS EC 67 -4.21 -84.84 88.90
CA CYS EC 67 -4.49 -83.50 88.41
C CYS EC 67 -3.32 -82.84 87.69
N SER EC 68 -2.16 -83.50 87.64
CA SER EC 68 -1.02 -82.97 86.92
C SER EC 68 -1.11 -83.41 85.45
N VAL EC 69 -0.96 -82.44 84.54
CA VAL EC 69 -0.80 -82.73 83.12
C VAL EC 69 0.66 -82.50 82.70
N ASN EC 70 1.58 -82.59 83.63
CA ASN EC 70 3.00 -82.50 83.34
C ASN EC 70 3.41 -83.61 82.39
N ARG EC 71 3.77 -83.26 81.16
CA ARG EC 71 4.09 -84.24 80.12
C ARG EC 71 5.46 -83.96 79.52
N GLU EC 72 6.21 -85.04 79.26
CA GLU EC 72 7.43 -85.00 78.48
C GLU EC 72 7.31 -85.95 77.30
N ASN EC 73 8.16 -85.73 76.31
CA ASN EC 73 8.28 -86.64 75.18
C ASN EC 73 9.37 -87.68 75.48
N ILE EC 74 9.13 -88.91 75.05
CA ILE EC 74 10.12 -89.97 75.14
C ILE EC 74 10.14 -90.73 73.82
N SER EC 75 11.32 -91.25 73.48
CA SER EC 75 11.47 -91.94 72.20
C SER EC 75 12.52 -93.03 72.28
N ILE EC 76 12.24 -94.16 71.64
CA ILE EC 76 13.18 -95.26 71.52
C ILE EC 76 13.25 -95.66 70.06
N ARG EC 77 14.45 -95.56 69.48
CA ARG EC 77 14.69 -95.85 68.08
C ARG EC 77 15.72 -96.96 67.96
N THR EC 78 15.54 -97.82 66.97
CA THR EC 78 16.48 -98.91 66.71
C THR EC 78 16.72 -99.01 65.20
N THR EC 79 17.97 -98.81 64.81
CA THR EC 79 18.38 -98.84 63.41
C THR EC 79 19.23 -100.08 63.15
N ILE EC 80 18.99 -100.73 62.01
CA ILE EC 80 19.63 -101.98 61.64
C ILE EC 80 20.00 -101.91 60.17
N SER EC 81 21.28 -101.68 59.87
CA SER EC 81 21.76 -101.56 58.49
C SER EC 81 22.71 -102.71 58.20
N GLY EC 82 22.33 -103.52 57.21
CA GLY EC 82 23.11 -104.71 56.85
C GLY EC 82 22.52 -105.38 55.62
N SER EC 83 23.36 -106.13 54.93
CA SER EC 83 22.90 -106.77 53.70
C SER EC 83 21.92 -107.89 54.00
N VAL EC 84 21.13 -108.23 53.00
CA VAL EC 84 20.23 -109.38 53.10
C VAL EC 84 21.02 -110.67 53.01
N GLU EC 85 22.16 -110.64 52.33
CA GLU EC 85 22.95 -111.85 52.16
C GLU EC 85 23.55 -112.33 53.48
N ASN EC 86 24.12 -111.41 54.27
CA ASN EC 86 24.64 -111.74 55.58
C ASN EC 86 23.61 -111.61 56.68
N LYS EC 87 22.32 -111.71 56.36
CA LYS EC 87 21.30 -111.55 57.40
C LYS EC 87 21.48 -112.56 58.53
N ALA EC 88 22.23 -113.63 58.30
CA ALA EC 88 22.61 -114.52 59.40
C ALA EC 88 23.46 -113.79 60.43
N ALA EC 89 24.55 -113.16 59.99
CA ALA EC 89 25.39 -112.41 60.91
C ALA EC 89 24.67 -111.17 61.43
N VAL EC 90 23.77 -110.60 60.63
CA VAL EC 90 22.95 -109.48 61.10
C VAL EC 90 22.09 -109.90 62.28
N LEU EC 91 21.43 -111.06 62.18
CA LEU EC 91 20.58 -111.54 63.27
C LEU EC 91 21.39 -111.97 64.48
N ALA EC 92 22.57 -112.58 64.27
CA ALA EC 92 23.44 -112.90 65.40
C ALA EC 92 23.87 -111.63 66.13
N ALA EC 93 24.26 -110.61 65.35
CA ALA EC 93 24.58 -109.31 65.94
C ALA EC 93 23.38 -108.70 66.64
N LEU EC 94 22.18 -108.92 66.11
CA LEU EC 94 20.99 -108.40 66.77
C LEU EC 94 20.75 -109.07 68.12
N LEU EC 95 20.91 -110.40 68.18
CA LEU EC 95 20.75 -111.09 69.45
C LEU EC 95 21.77 -110.59 70.48
N ASP EC 96 23.04 -110.49 70.06
CA ASP EC 96 24.07 -110.00 70.98
C ASP EC 96 23.78 -108.57 71.42
N HIS EC 97 23.33 -107.72 70.48
CA HIS EC 97 22.96 -106.35 70.79
C HIS EC 97 21.83 -106.28 71.81
N LEU EC 98 20.77 -107.07 71.59
CA LEU EC 98 19.63 -107.05 72.50
C LEU EC 98 20.02 -107.53 73.88
N HIS EC 99 20.82 -108.59 73.97
CA HIS EC 99 21.24 -109.10 75.27
C HIS EC 99 22.11 -108.09 76.02
N ASN EC 100 23.05 -107.45 75.32
CA ASN EC 100 23.89 -106.46 75.98
C ASN EC 100 23.08 -105.23 76.39
N LEU EC 101 22.15 -104.80 75.53
CA LEU EC 101 21.23 -103.73 75.89
C LEU EC 101 20.48 -104.06 77.16
N GLY EC 102 19.98 -105.30 77.27
CA GLY EC 102 19.32 -105.71 78.49
C GLY EC 102 20.24 -105.68 79.69
N LEU EC 103 21.50 -106.08 79.51
CA LEU EC 103 22.47 -105.98 80.60
C LEU EC 103 22.63 -104.53 81.07
N ALA EC 104 22.47 -103.57 80.16
CA ALA EC 104 22.75 -102.18 80.51
C ALA EC 104 21.51 -101.36 80.89
N ARG EC 105 20.30 -101.81 80.57
CA ARG EC 105 19.15 -100.90 80.56
C ARG EC 105 18.84 -100.37 81.96
N ASP EC 106 19.03 -101.19 82.99
CA ASP EC 106 18.68 -100.72 84.33
C ASP EC 106 19.57 -99.57 84.77
N ASP EC 107 20.83 -99.56 84.32
CA ASP EC 107 21.70 -98.41 84.53
C ASP EC 107 21.33 -97.25 83.61
N LEU EC 108 21.06 -97.54 82.34
CA LEU EC 108 20.91 -96.47 81.36
C LEU EC 108 19.64 -95.64 81.60
N VAL EC 109 18.52 -96.28 81.94
CA VAL EC 109 17.30 -95.51 82.18
C VAL EC 109 17.38 -94.72 83.47
N ALA EC 110 18.30 -95.08 84.36
CA ALA EC 110 18.50 -94.38 85.63
C ALA EC 110 19.57 -93.30 85.54
N GLY EC 111 20.09 -93.03 84.35
CA GLY EC 111 21.12 -92.02 84.17
C GLY EC 111 22.52 -92.45 84.54
N LEU EC 112 22.72 -93.73 84.86
CA LEU EC 112 24.03 -94.23 85.26
C LEU EC 112 24.71 -94.90 84.06
N LEU EC 113 25.96 -94.54 83.82
CA LEU EC 113 26.73 -95.20 82.76
C LEU EC 113 27.09 -96.60 83.24
N PRO EC 114 26.75 -97.65 82.47
CA PRO EC 114 26.92 -99.01 82.98
C PRO EC 114 28.39 -99.42 83.07
N THR EC 115 29.05 -98.99 84.15
CA THR EC 115 30.47 -99.28 84.33
C THR EC 115 30.72 -100.76 84.60
N THR EC 116 29.73 -101.45 85.16
CA THR EC 116 29.94 -102.77 85.74
C THR EC 116 29.41 -103.92 84.87
N ILE EC 117 28.94 -103.64 83.66
CA ILE EC 117 28.34 -104.68 82.84
C ILE EC 117 29.43 -105.41 82.05
N GLN EC 118 29.09 -106.61 81.58
CA GLN EC 118 30.02 -107.46 80.84
C GLN EC 118 29.39 -107.85 79.51
N PRO EC 119 29.64 -107.09 78.45
CA PRO EC 119 29.09 -107.44 77.14
C PRO EC 119 29.74 -108.68 76.57
N VAL EC 120 28.95 -109.46 75.82
CA VAL EC 120 29.36 -110.75 75.29
C VAL EC 120 29.18 -110.76 73.78
N VAL EC 121 29.75 -111.80 73.16
CA VAL EC 121 29.53 -112.12 71.75
C VAL EC 121 28.99 -113.54 71.69
N GLU EC 122 28.04 -113.79 70.77
CA GLU EC 122 27.47 -115.11 70.56
C GLU EC 122 26.78 -115.63 71.83
N TYR EC 123 25.75 -114.89 72.25
CA TYR EC 123 25.02 -115.26 73.46
C TYR EC 123 24.30 -116.60 73.30
N THR EC 124 24.37 -117.42 74.34
CA THR EC 124 23.75 -118.74 74.36
C THR EC 124 23.10 -119.02 75.72
N ALA FC 1 62.63 -105.14 99.59
CA ALA FC 1 61.34 -104.82 100.19
C ALA FC 1 60.19 -105.36 99.34
N GLN FC 2 60.39 -105.32 98.02
CA GLN FC 2 59.40 -105.75 97.03
C GLN FC 2 58.03 -105.10 97.27
N HIS FC 3 58.05 -103.84 97.69
CA HIS FC 3 56.85 -103.02 97.63
C HIS FC 3 56.49 -102.75 96.18
N ASN FC 4 55.25 -103.06 95.81
CA ASN FC 4 54.85 -102.98 94.41
C ASN FC 4 54.35 -101.58 94.06
N MET FC 5 54.51 -101.22 92.78
CA MET FC 5 54.24 -99.86 92.32
C MET FC 5 52.75 -99.54 92.43
N ARG FC 6 52.45 -98.24 92.50
CA ARG FC 6 51.07 -97.79 92.61
C ARG FC 6 50.74 -96.81 91.49
N LEU FC 7 49.45 -96.74 91.14
CA LEU FC 7 49.04 -96.15 89.88
C LEU FC 7 49.01 -94.62 89.95
N GLN FC 8 49.51 -93.98 88.89
CA GLN FC 8 49.59 -92.52 88.82
C GLN FC 8 48.81 -91.93 87.66
N LEU FC 9 48.95 -92.45 86.44
CA LEU FC 9 48.34 -91.85 85.24
C LEU FC 9 47.69 -92.91 84.38
N THR FC 10 46.42 -92.69 84.02
CA THR FC 10 45.69 -93.56 83.12
C THR FC 10 45.17 -92.75 81.94
N SER FC 11 45.34 -93.28 80.73
CA SER FC 11 45.01 -92.53 79.54
C SER FC 11 44.21 -93.33 78.51
N GLY FC 12 43.88 -94.58 78.78
CA GLY FC 12 43.21 -95.43 77.81
C GLY FC 12 44.17 -95.87 76.71
N THR FC 13 45.29 -95.17 76.61
CA THR FC 13 46.40 -95.54 75.76
C THR FC 13 47.72 -95.62 76.51
N SER FC 14 47.84 -94.96 77.66
CA SER FC 14 49.06 -94.97 78.46
C SER FC 14 48.71 -95.29 79.92
N LEU FC 15 49.57 -96.07 80.55
CA LEU FC 15 49.48 -96.33 81.97
C LEU FC 15 50.82 -95.99 82.60
N THR FC 16 50.78 -95.32 83.75
CA THR FC 16 51.99 -94.83 84.40
C THR FC 16 51.87 -95.11 85.89
N TRP FC 17 52.69 -96.04 86.38
CA TRP FC 17 52.80 -96.35 87.79
C TRP FC 17 54.09 -95.77 88.34
N VAL FC 18 54.11 -95.54 89.65
CA VAL FC 18 55.26 -94.93 90.31
C VAL FC 18 55.55 -95.72 91.59
N ASP FC 19 56.82 -95.74 91.96
CA ASP FC 19 57.26 -96.26 93.25
C ASP FC 19 56.77 -95.34 94.36
N PRO FC 20 55.93 -95.82 95.29
CA PRO FC 20 55.42 -94.93 96.34
C PRO FC 20 56.50 -94.34 97.23
N ASN FC 21 57.68 -94.95 97.30
CA ASN FC 21 58.77 -94.36 98.08
C ASN FC 21 59.56 -93.33 97.26
N ASP FC 22 60.01 -93.74 96.08
CA ASP FC 22 60.86 -92.91 95.23
C ASP FC 22 60.07 -92.53 93.98
N PHE FC 23 59.72 -91.25 93.87
CA PHE FC 23 59.01 -90.76 92.70
C PHE FC 23 59.88 -90.69 91.45
N ARG FC 24 61.19 -90.93 91.58
CA ARG FC 24 62.08 -90.91 90.42
C ARG FC 24 61.94 -92.15 89.55
N SER FC 25 61.47 -93.27 90.11
CA SER FC 25 61.36 -94.54 89.39
C SER FC 25 59.91 -94.74 88.98
N THR FC 26 59.66 -94.70 87.68
CA THR FC 26 58.32 -94.82 87.11
C THR FC 26 58.30 -95.94 86.08
N PHE FC 27 57.09 -96.33 85.70
CA PHE FC 27 56.89 -97.45 84.79
C PHE FC 27 55.66 -97.14 83.94
N ARG FC 28 55.86 -96.96 82.64
CA ARG FC 28 54.77 -96.64 81.71
C ARG FC 28 54.63 -97.78 80.70
N ILE FC 29 53.39 -98.04 80.32
CA ILE FC 29 53.05 -98.93 79.21
C ILE FC 29 52.18 -98.14 78.23
N ASN FC 30 52.62 -98.06 76.98
CA ASN FC 30 51.89 -97.41 75.91
C ASN FC 30 51.51 -98.45 74.87
N LEU FC 31 50.30 -98.33 74.34
CA LEU FC 31 49.79 -99.27 73.36
C LEU FC 31 49.11 -98.49 72.24
N ASN FC 32 49.40 -98.87 71.00
CA ASN FC 32 48.78 -98.22 69.85
C ASN FC 32 48.42 -99.28 68.82
N VAL FC 33 47.13 -99.40 68.54
CA VAL FC 33 46.62 -100.36 67.56
C VAL FC 33 46.13 -99.58 66.35
N ASN FC 34 46.47 -100.08 65.16
CA ASN FC 34 46.01 -99.49 63.91
C ASN FC 34 46.23 -100.49 62.79
N GLN FC 35 45.51 -100.30 61.68
CA GLN FC 35 45.61 -101.28 60.61
C GLN FC 35 46.92 -101.12 59.84
N LYS FC 36 47.28 -102.21 59.15
CA LYS FC 36 48.52 -102.31 58.41
C LYS FC 36 48.27 -103.21 57.21
N VAL FC 37 48.96 -102.90 56.11
CA VAL FC 37 48.79 -103.64 54.87
C VAL FC 37 50.01 -104.54 54.70
N ALA FC 38 49.83 -105.84 54.90
CA ALA FC 38 50.84 -106.84 54.64
C ALA FC 38 50.45 -107.52 53.32
N GLY FC 39 51.23 -107.24 52.28
CA GLY FC 39 50.89 -107.74 50.96
C GLY FC 39 49.55 -107.22 50.50
N ALA FC 40 48.58 -108.12 50.35
CA ALA FC 40 47.22 -107.78 49.94
C ALA FC 40 46.22 -107.95 51.08
N VAL FC 41 46.68 -108.06 52.32
CA VAL FC 41 45.80 -108.33 53.46
C VAL FC 41 46.04 -107.28 54.53
N SER FC 42 44.97 -106.69 55.04
CA SER FC 42 45.06 -105.74 56.13
C SER FC 42 44.90 -106.49 57.45
N VAL FC 43 45.81 -106.21 58.40
CA VAL FC 43 45.79 -106.80 59.72
C VAL FC 43 45.98 -105.69 60.74
N TYR FC 44 45.47 -105.93 61.96
CA TYR FC 44 45.59 -104.97 63.04
C TYR FC 44 46.95 -105.12 63.72
N ASN FC 45 47.84 -104.16 63.47
CA ASN FC 45 49.14 -104.11 64.12
C ASN FC 45 49.02 -103.36 65.43
N ALA FC 46 49.57 -103.95 66.49
CA ALA FC 46 49.71 -103.33 67.79
C ALA FC 46 51.19 -103.07 68.05
N ARG FC 47 51.51 -101.84 68.41
CA ARG FC 47 52.84 -101.46 68.87
C ARG FC 47 52.73 -101.13 70.36
N SER FC 48 53.34 -101.95 71.19
CA SER FC 48 53.37 -101.75 72.64
C SER FC 48 54.79 -101.36 73.02
N GLU FC 49 54.93 -100.26 73.77
CA GLU FC 49 56.22 -99.95 74.37
C GLU FC 49 56.10 -99.87 75.89
N VAL FC 50 57.12 -100.39 76.56
CA VAL FC 50 57.17 -100.51 78.01
C VAL FC 50 58.43 -99.81 78.47
N ILE FC 51 58.25 -98.70 79.18
CA ILE FC 51 59.35 -97.79 79.54
C ILE FC 51 59.45 -97.73 81.06
N THR FC 52 60.57 -98.21 81.62
CA THR FC 52 60.85 -98.03 83.03
C THR FC 52 61.99 -97.02 83.17
N ASN FC 53 61.76 -95.99 83.99
CA ASN FC 53 62.66 -94.86 84.16
C ASN FC 53 63.07 -94.75 85.62
N ARG FC 54 64.36 -94.47 85.87
CA ARG FC 54 64.84 -94.32 87.23
C ARG FC 54 65.91 -93.23 87.26
N ALA FC 55 66.22 -92.79 88.47
CA ALA FC 55 67.20 -91.73 88.71
C ALA FC 55 68.10 -92.12 89.87
N PRO FC 56 69.09 -92.98 89.61
CA PRO FC 56 70.03 -93.35 90.68
C PRO FC 56 70.97 -92.21 91.02
N LEU FC 57 71.55 -92.29 92.20
CA LEU FC 57 72.57 -91.35 92.63
C LEU FC 57 73.95 -91.90 92.29
N VAL FC 58 74.84 -91.01 91.88
CA VAL FC 58 76.23 -91.37 91.64
C VAL FC 58 76.94 -91.43 92.98
N VAL FC 59 77.28 -92.64 93.42
CA VAL FC 59 77.90 -92.88 94.72
C VAL FC 59 79.41 -92.75 94.56
N ILE FC 60 79.98 -91.70 95.16
CA ILE FC 60 81.43 -91.57 95.28
C ILE FC 60 81.81 -91.73 96.75
N GLU FC 61 82.67 -92.71 97.03
CA GLU FC 61 83.21 -92.87 98.38
C GLU FC 61 84.03 -91.65 98.77
N GLY FC 62 83.91 -91.26 100.04
CA GLY FC 62 84.58 -90.08 100.53
C GLY FC 62 83.84 -88.79 100.27
N CYS FC 63 82.76 -88.83 99.50
CA CYS FC 63 81.95 -87.65 99.18
C CYS FC 63 80.56 -87.85 99.75
N THR FC 64 80.30 -87.25 100.91
CA THR FC 64 78.94 -87.20 101.45
C THR FC 64 78.12 -86.28 100.56
N ASP FC 65 77.26 -86.87 99.72
CA ASP FC 65 76.47 -86.12 98.74
C ASP FC 65 75.25 -85.54 99.43
N ALA FC 66 75.51 -84.61 100.34
CA ALA FC 66 74.46 -83.79 100.89
C ALA FC 66 73.73 -83.08 99.74
N CYS FC 67 72.41 -83.05 99.83
CA CYS FC 67 71.48 -82.48 98.88
C CYS FC 67 71.23 -83.43 97.71
N SER FC 68 71.96 -84.54 97.62
CA SER FC 68 71.80 -85.54 96.56
C SER FC 68 71.82 -84.90 95.18
N VAL FC 69 72.89 -84.15 94.92
CA VAL FC 69 73.00 -83.41 93.66
C VAL FC 69 73.55 -84.28 92.54
N ASN FC 70 74.52 -85.15 92.86
CA ASN FC 70 75.08 -86.05 91.87
C ASN FC 70 74.08 -87.16 91.57
N ARG FC 71 73.27 -86.98 90.52
CA ARG FC 71 72.21 -87.91 90.22
C ARG FC 71 72.16 -88.17 88.71
N GLU FC 72 71.84 -89.41 88.36
CA GLU FC 72 71.89 -89.93 87.00
C GLU FC 72 70.51 -90.41 86.58
N ASN FC 73 70.19 -90.26 85.29
CA ASN FC 73 69.00 -90.85 84.71
C ASN FC 73 69.36 -92.16 84.02
N ILE FC 74 68.60 -93.21 84.31
CA ILE FC 74 68.73 -94.49 83.62
C ILE FC 74 67.36 -94.92 83.12
N SER FC 75 67.36 -95.65 82.01
CA SER FC 75 66.08 -96.03 81.39
C SER FC 75 66.20 -97.36 80.64
N ILE FC 76 65.17 -98.18 80.79
CA ILE FC 76 65.05 -99.45 80.08
C ILE FC 76 63.71 -99.46 79.36
N ARG FC 77 63.75 -99.60 78.04
CA ARG FC 77 62.59 -99.47 77.18
C ARG FC 77 62.48 -100.71 76.29
N THR FC 78 61.26 -101.10 75.97
CA THR FC 78 61.02 -102.30 75.16
C THR FC 78 59.84 -102.07 74.24
N THR FC 79 60.08 -102.16 72.93
CA THR FC 79 59.06 -101.95 71.90
C THR FC 79 58.75 -103.27 71.22
N ILE FC 80 57.47 -103.54 70.99
CA ILE FC 80 56.97 -104.79 70.44
C ILE FC 80 55.90 -104.40 69.44
N SER FC 81 56.23 -104.47 68.16
CA SER FC 81 55.29 -104.08 67.09
C SER FC 81 55.02 -105.28 66.21
N GLY FC 82 53.75 -105.69 66.17
CA GLY FC 82 53.36 -106.86 65.38
C GLY FC 82 51.87 -107.00 65.31
N SER FC 83 51.42 -107.86 64.39
CA SER FC 83 50.00 -108.11 64.24
C SER FC 83 49.43 -108.82 65.46
N VAL FC 84 48.20 -108.45 65.83
CA VAL FC 84 47.46 -109.27 66.78
C VAL FC 84 47.21 -110.65 66.18
N GLU FC 85 47.05 -110.72 64.86
CA GLU FC 85 46.80 -112.01 64.22
C GLU FC 85 47.99 -112.95 64.31
N ASN FC 86 49.21 -112.45 64.08
CA ASN FC 86 50.41 -113.26 64.22
C ASN FC 86 51.01 -113.18 65.62
N LYS FC 87 50.18 -112.92 66.63
CA LYS FC 87 50.68 -112.82 67.99
C LYS FC 87 51.41 -114.08 68.42
N ALA FC 88 51.16 -115.22 67.76
CA ALA FC 88 51.93 -116.42 68.05
C ALA FC 88 53.40 -116.23 67.73
N ALA FC 89 53.71 -115.80 66.49
CA ALA FC 89 55.10 -115.53 66.13
C ALA FC 89 55.66 -114.34 66.88
N VAL FC 90 54.80 -113.38 67.25
CA VAL FC 90 55.25 -112.28 68.09
C VAL FC 90 55.76 -112.80 69.43
N LEU FC 91 55.01 -113.71 70.06
CA LEU FC 91 55.41 -114.25 71.36
C LEU FC 91 56.63 -115.17 71.25
N ALA FC 92 56.72 -115.94 70.17
CA ALA FC 92 57.94 -116.72 69.92
C ALA FC 92 59.15 -115.80 69.83
N ALA FC 93 59.00 -114.70 69.07
CA ALA FC 93 60.06 -113.71 68.97
C ALA FC 93 60.37 -113.08 70.32
N LEU FC 94 59.35 -112.87 71.16
CA LEU FC 94 59.60 -112.28 72.47
C LEU FC 94 60.40 -113.22 73.35
N LEU FC 95 60.05 -114.50 73.35
CA LEU FC 95 60.81 -115.48 74.14
C LEU FC 95 62.26 -115.52 73.68
N ASP FC 96 62.49 -115.64 72.36
CA ASP FC 96 63.86 -115.70 71.86
C ASP FC 96 64.61 -114.40 72.16
N HIS FC 97 63.91 -113.27 72.08
CA HIS FC 97 64.50 -111.97 72.39
C HIS FC 97 64.92 -111.90 73.86
N LEU FC 98 64.03 -112.31 74.77
CA LEU FC 98 64.35 -112.26 76.19
C LEU FC 98 65.53 -113.16 76.51
N HIS FC 99 65.57 -114.37 75.93
CA HIS FC 99 66.67 -115.28 76.22
C HIS FC 99 68.00 -114.74 75.70
N ASN FC 100 68.00 -114.16 74.50
CA ASN FC 100 69.25 -113.63 73.97
C ASN FC 100 69.69 -112.38 74.74
N LEU FC 101 68.72 -111.54 75.12
CA LEU FC 101 69.02 -110.43 76.02
C LEU FC 101 69.69 -110.93 77.28
N GLY FC 102 69.14 -112.00 77.87
CA GLY FC 102 69.76 -112.57 79.05
C GLY FC 102 71.16 -113.08 78.80
N LEU FC 103 71.42 -113.58 77.59
CA LEU FC 103 72.78 -113.98 77.25
C LEU FC 103 73.72 -112.77 77.28
N ALA FC 104 73.27 -111.63 76.79
CA ALA FC 104 74.15 -110.47 76.69
C ALA FC 104 74.10 -109.56 77.90
N ARG FC 105 73.20 -109.81 78.87
CA ARG FC 105 72.84 -108.79 79.84
C ARG FC 105 74.01 -108.40 80.74
N ASP FC 106 74.91 -109.32 81.02
CA ASP FC 106 76.01 -109.00 81.92
C ASP FC 106 77.07 -108.18 81.21
N ASP FC 107 77.38 -108.55 79.96
CA ASP FC 107 78.36 -107.78 79.18
C ASP FC 107 77.86 -106.38 78.89
N LEU FC 108 76.62 -106.27 78.40
CA LEU FC 108 76.12 -104.99 77.93
C LEU FC 108 76.07 -103.94 79.04
N VAL FC 109 75.69 -104.34 80.25
CA VAL FC 109 75.54 -103.36 81.31
C VAL FC 109 76.90 -102.90 81.83
N ALA FC 110 77.95 -103.69 81.60
CA ALA FC 110 79.31 -103.32 81.96
C ALA FC 110 80.02 -102.51 80.88
N GLY FC 111 79.30 -102.16 79.80
CA GLY FC 111 79.88 -101.36 78.74
C GLY FC 111 80.74 -102.13 77.75
N LEU FC 112 80.54 -103.43 77.64
CA LEU FC 112 81.40 -104.29 76.84
C LEU FC 112 80.58 -104.99 75.77
N LEU FC 113 81.06 -104.96 74.54
CA LEU FC 113 80.34 -105.61 73.45
C LEU FC 113 80.34 -107.12 73.65
N PRO FC 114 79.18 -107.77 73.68
CA PRO FC 114 79.12 -109.23 73.91
C PRO FC 114 79.58 -110.04 72.71
N THR FC 115 80.87 -109.95 72.40
CA THR FC 115 81.44 -110.66 71.27
C THR FC 115 81.39 -112.17 71.43
N THR FC 116 81.31 -112.66 72.67
CA THR FC 116 81.42 -114.08 72.94
C THR FC 116 80.10 -114.83 72.83
N ILE FC 117 78.96 -114.18 73.13
CA ILE FC 117 77.70 -114.90 73.21
C ILE FC 117 77.29 -115.45 71.84
N GLN FC 118 76.37 -116.41 71.85
CA GLN FC 118 75.80 -116.97 70.63
C GLN FC 118 74.30 -117.06 70.79
N PRO FC 119 73.53 -116.22 70.11
CA PRO FC 119 72.07 -116.24 70.26
C PRO FC 119 71.45 -117.47 69.62
N VAL FC 120 70.15 -117.63 69.87
CA VAL FC 120 69.42 -118.85 69.53
C VAL FC 120 68.06 -118.46 68.95
N VAL FC 121 67.53 -119.32 68.08
CA VAL FC 121 66.13 -119.27 67.65
C VAL FC 121 65.42 -120.45 68.31
N GLU FC 122 64.16 -120.24 68.72
CA GLU FC 122 63.29 -121.30 69.24
C GLU FC 122 63.84 -121.90 70.53
N TYR FC 123 64.15 -121.04 71.51
CA TYR FC 123 64.62 -121.54 72.79
C TYR FC 123 63.59 -122.47 73.42
N THR FC 124 64.08 -123.54 74.05
CA THR FC 124 63.24 -124.53 74.67
C THR FC 124 63.80 -124.95 76.04
N ALA GC 1 70.22 -0.25 -136.22
CA ALA GC 1 70.28 -1.68 -136.43
C ALA GC 1 68.90 -2.28 -136.68
N GLN GC 2 67.86 -1.62 -136.17
CA GLN GC 2 66.48 -2.03 -136.42
C GLN GC 2 66.24 -3.47 -135.94
N HIS GC 3 66.84 -3.82 -134.82
CA HIS GC 3 66.60 -5.13 -134.20
C HIS GC 3 65.46 -5.00 -133.19
N ASN GC 4 64.46 -5.87 -133.33
CA ASN GC 4 63.28 -5.80 -132.48
C ASN GC 4 63.55 -6.41 -131.10
N MET GC 5 62.84 -5.89 -130.10
CA MET GC 5 63.05 -6.26 -128.71
C MET GC 5 62.56 -7.69 -128.45
N ARG GC 6 63.13 -8.33 -127.45
CA ARG GC 6 62.71 -9.68 -127.06
C ARG GC 6 62.08 -9.64 -125.68
N LEU GC 7 61.06 -10.46 -125.49
CA LEU GC 7 60.20 -10.38 -124.32
C LEU GC 7 60.86 -11.01 -123.09
N GLN GC 8 60.65 -10.38 -121.93
CA GLN GC 8 61.28 -10.82 -120.68
C GLN GC 8 60.29 -11.14 -119.58
N LEU GC 9 59.21 -10.36 -119.41
CA LEU GC 9 58.30 -10.58 -118.29
C LEU GC 9 56.84 -10.46 -118.71
N THR GC 10 56.05 -11.48 -118.41
CA THR GC 10 54.61 -11.49 -118.66
C THR GC 10 53.87 -11.67 -117.34
N SER GC 11 52.82 -10.86 -117.14
CA SER GC 11 52.09 -10.92 -115.88
C SER GC 11 50.58 -10.85 -116.02
N GLY GC 12 50.04 -10.78 -117.24
CA GLY GC 12 48.61 -10.63 -117.41
C GLY GC 12 48.11 -9.22 -117.11
N THR GC 13 48.96 -8.44 -116.44
CA THR GC 13 48.74 -7.01 -116.26
C THR GC 13 49.90 -6.16 -116.74
N SER GC 14 51.09 -6.74 -116.94
CA SER GC 14 52.22 -6.02 -117.50
C SER GC 14 52.90 -6.88 -118.55
N LEU GC 15 53.65 -6.22 -119.41
CA LEU GC 15 54.53 -6.84 -120.37
C LEU GC 15 55.85 -6.08 -120.35
N THR GC 16 56.96 -6.82 -120.39
CA THR GC 16 58.28 -6.23 -120.23
C THR GC 16 59.21 -6.84 -121.27
N TRP GC 17 59.48 -6.08 -122.33
CA TRP GC 17 60.45 -6.43 -123.36
C TRP GC 17 61.78 -5.73 -123.06
N VAL GC 18 62.85 -6.29 -123.62
CA VAL GC 18 64.20 -5.78 -123.42
C VAL GC 18 64.98 -5.89 -124.72
N ASP GC 19 65.88 -4.94 -124.92
CA ASP GC 19 66.84 -5.00 -126.03
C ASP GC 19 67.84 -6.11 -125.77
N PRO GC 20 67.91 -7.14 -126.62
CA PRO GC 20 68.86 -8.24 -126.36
C PRO GC 20 70.32 -7.78 -126.29
N ASN GC 21 70.66 -6.66 -126.95
CA ASN GC 21 72.02 -6.16 -126.89
C ASN GC 21 72.26 -5.38 -125.60
N ASP GC 22 71.44 -4.38 -125.33
CA ASP GC 22 71.55 -3.56 -124.13
C ASP GC 22 70.38 -3.87 -123.21
N PHE GC 23 70.66 -4.54 -122.09
CA PHE GC 23 69.64 -4.79 -121.09
C PHE GC 23 69.19 -3.51 -120.38
N ARG GC 24 69.85 -2.38 -120.61
CA ARG GC 24 69.48 -1.13 -119.94
C ARG GC 24 68.27 -0.46 -120.58
N SER GC 25 67.84 -0.88 -121.78
CA SER GC 25 66.70 -0.30 -122.45
C SER GC 25 65.51 -1.26 -122.35
N THR GC 26 64.56 -0.91 -121.48
CA THR GC 26 63.38 -1.69 -121.17
C THR GC 26 62.16 -1.06 -121.84
N PHE GC 27 61.15 -1.88 -122.11
CA PHE GC 27 59.89 -1.40 -122.63
C PHE GC 27 58.76 -2.16 -121.94
N ARG GC 28 57.98 -1.48 -121.11
CA ARG GC 28 56.89 -2.09 -120.36
C ARG GC 28 55.56 -1.48 -120.77
N ILE GC 29 54.52 -2.33 -120.76
CA ILE GC 29 53.14 -1.90 -120.95
C ILE GC 29 52.32 -2.44 -119.78
N ASN GC 30 51.61 -1.55 -119.08
CA ASN GC 30 50.75 -1.90 -117.97
C ASN GC 30 49.31 -1.55 -118.35
N LEU GC 31 48.41 -2.52 -118.23
CA LEU GC 31 47.00 -2.29 -118.54
C LEU GC 31 46.17 -2.68 -117.33
N ASN GC 32 45.38 -1.73 -116.82
CA ASN GC 32 44.51 -1.99 -115.68
C ASN GC 32 43.10 -1.60 -116.07
N VAL GC 33 42.15 -2.50 -115.85
CA VAL GC 33 40.76 -2.27 -116.20
C VAL GC 33 39.88 -2.41 -114.97
N ASN GC 34 38.94 -1.49 -114.82
CA ASN GC 34 37.98 -1.54 -113.73
C ASN GC 34 36.77 -0.68 -114.10
N GLN GC 35 35.64 -0.96 -113.45
CA GLN GC 35 34.42 -0.25 -113.76
C GLN GC 35 34.41 1.13 -113.10
N LYS GC 36 33.94 2.12 -113.84
CA LYS GC 36 33.71 3.46 -113.34
C LYS GC 36 32.26 3.82 -113.62
N VAL GC 37 31.80 4.89 -112.98
CA VAL GC 37 30.45 5.39 -113.18
C VAL GC 37 30.53 6.64 -114.04
N ALA GC 38 30.06 6.56 -115.28
CA ALA GC 38 29.98 7.71 -116.17
C ALA GC 38 28.53 8.17 -116.17
N GLY GC 39 28.28 9.31 -115.53
CA GLY GC 39 26.95 9.87 -115.51
C GLY GC 39 25.91 8.90 -115.01
N ALA GC 40 25.06 8.42 -115.91
CA ALA GC 40 23.95 7.55 -115.54
C ALA GC 40 24.32 6.08 -115.54
N VAL GC 41 25.34 5.66 -116.29
CA VAL GC 41 25.59 4.25 -116.48
C VAL GC 41 27.05 3.95 -116.17
N SER GC 42 27.32 2.69 -115.82
CA SER GC 42 28.69 2.26 -115.57
C SER GC 42 29.36 1.85 -116.87
N VAL GC 43 30.66 2.15 -116.97
CA VAL GC 43 31.48 1.81 -118.12
C VAL GC 43 32.77 1.16 -117.62
N TYR GC 44 33.54 0.61 -118.55
CA TYR GC 44 34.81 -0.05 -118.24
C TYR GC 44 35.97 0.87 -118.59
N ASN GC 45 36.61 1.42 -117.56
CA ASN GC 45 37.78 2.27 -117.76
C ASN GC 45 39.03 1.42 -117.81
N ALA GC 46 39.91 1.75 -118.75
CA ALA GC 46 41.17 1.02 -118.98
C ALA GC 46 42.31 2.03 -118.94
N ARG GC 47 43.05 2.05 -117.84
CA ARG GC 47 44.25 2.86 -117.73
C ARG GC 47 45.40 2.04 -118.28
N SER GC 48 45.82 2.38 -119.50
CA SER GC 48 47.04 1.86 -120.07
C SER GC 48 48.18 2.81 -119.74
N GLU GC 49 49.37 2.26 -119.59
CA GLU GC 49 50.58 3.09 -119.58
C GLU GC 49 51.70 2.33 -120.25
N VAL GC 50 52.52 3.09 -120.98
CA VAL GC 50 53.61 2.55 -121.77
C VAL GC 50 54.87 3.28 -121.36
N ILE GC 51 55.81 2.56 -120.77
CA ILE GC 51 57.02 3.13 -120.19
C ILE GC 51 58.22 2.56 -120.92
N THR GC 52 59.02 3.43 -121.52
CA THR GC 52 60.29 3.03 -122.11
C THR GC 52 61.43 3.65 -121.30
N ASN GC 53 62.36 2.81 -120.86
CA ASN GC 53 63.46 3.18 -119.99
C ASN GC 53 64.77 2.91 -120.69
N ARG GC 54 65.73 3.82 -120.54
CA ARG GC 54 67.05 3.60 -121.13
C ARG GC 54 68.10 4.21 -120.21
N ALA GC 55 69.35 3.85 -120.48
CA ALA GC 55 70.49 4.35 -119.71
C ALA GC 55 71.64 4.66 -120.68
N PRO GC 56 71.51 5.72 -121.46
CA PRO GC 56 72.60 6.11 -122.35
C PRO GC 56 73.80 6.60 -121.55
N LEU GC 57 74.95 6.57 -122.21
CA LEU GC 57 76.19 6.97 -121.56
C LEU GC 57 76.41 8.46 -121.74
N VAL GC 58 76.87 9.11 -120.67
CA VAL GC 58 77.17 10.54 -120.69
C VAL GC 58 78.63 10.69 -121.10
N VAL GC 59 78.85 11.34 -122.24
CA VAL GC 59 80.19 11.44 -122.82
C VAL GC 59 80.53 12.91 -123.02
N ILE GC 60 81.60 13.36 -122.38
CA ILE GC 60 82.21 14.66 -122.62
C ILE GC 60 83.58 14.42 -123.21
N GLU GC 61 83.77 14.87 -124.46
CA GLU GC 61 84.89 14.39 -125.27
C GLU GC 61 86.23 14.57 -124.58
N GLY GC 62 86.45 15.72 -123.94
CA GLY GC 62 87.70 15.94 -123.26
C GLY GC 62 87.76 15.45 -121.83
N CYS GC 63 86.61 15.04 -121.28
CA CYS GC 63 86.48 14.84 -119.85
C CYS GC 63 86.12 13.42 -119.44
N THR GC 64 85.36 12.69 -120.25
CA THR GC 64 84.78 11.41 -119.84
C THR GC 64 85.80 10.30 -120.09
N ASP GC 65 86.30 9.72 -118.99
CA ASP GC 65 87.14 8.55 -119.07
C ASP GC 65 86.32 7.38 -119.61
N ALA GC 66 86.86 6.71 -120.65
CA ALA GC 66 86.13 5.62 -121.27
C ALA GC 66 86.09 4.38 -120.38
N CYS GC 67 87.10 4.21 -119.52
CA CYS GC 67 87.16 3.02 -118.67
C CYS GC 67 86.04 3.03 -117.63
N SER GC 68 85.85 4.16 -116.96
CA SER GC 68 84.78 4.30 -115.97
C SER GC 68 83.55 4.84 -116.69
N VAL GC 69 82.56 3.97 -116.90
CA VAL GC 69 81.35 4.37 -117.62
C VAL GC 69 80.57 5.36 -116.79
N ASN GC 70 80.00 6.36 -117.46
CA ASN GC 70 79.13 7.36 -116.83
C ASN GC 70 77.79 7.27 -117.54
N ARG GC 71 76.77 6.75 -116.85
CA ARG GC 71 75.47 6.54 -117.45
C ARG GC 71 74.41 7.42 -116.78
N GLU GC 72 73.34 7.65 -117.54
CA GLU GC 72 72.21 8.47 -117.14
C GLU GC 72 70.92 7.71 -117.44
N ASN GC 73 70.01 7.70 -116.49
CA ASN GC 73 68.68 7.14 -116.75
C ASN GC 73 67.84 8.16 -117.51
N ILE GC 74 67.20 7.71 -118.59
CA ILE GC 74 66.22 8.52 -119.31
C ILE GC 74 64.94 7.68 -119.44
N SER GC 75 63.80 8.38 -119.42
CA SER GC 75 62.52 7.67 -119.42
C SER GC 75 61.47 8.45 -120.19
N ILE GC 76 60.64 7.70 -120.93
CA ILE GC 76 59.48 8.25 -121.61
C ILE GC 76 58.27 7.41 -121.27
N ARG GC 77 57.30 8.03 -120.59
CA ARG GC 77 56.13 7.37 -120.06
C ARG GC 77 54.89 7.95 -120.73
N THR GC 78 53.87 7.11 -120.94
CA THR GC 78 52.62 7.58 -121.55
C THR GC 78 51.44 6.87 -120.92
N THR GC 79 50.59 7.64 -120.25
CA THR GC 79 49.38 7.14 -119.60
C THR GC 79 48.16 7.52 -120.43
N ILE GC 80 47.23 6.57 -120.59
CA ILE GC 80 46.02 6.72 -121.38
C ILE GC 80 44.87 6.12 -120.58
N SER GC 81 44.02 6.96 -119.99
CA SER GC 81 42.92 6.50 -119.13
C SER GC 81 41.60 7.00 -119.69
N GLY GC 82 40.76 6.06 -120.10
CA GLY GC 82 39.41 6.31 -120.60
C GLY GC 82 38.70 4.99 -120.72
N SER GC 83 37.39 5.05 -120.97
CA SER GC 83 36.61 3.83 -121.05
C SER GC 83 36.84 3.10 -122.37
N VAL GC 84 36.75 1.77 -122.32
CA VAL GC 84 36.74 0.98 -123.55
C VAL GC 84 35.45 1.24 -124.31
N GLU GC 85 34.39 1.60 -123.59
CA GLU GC 85 33.11 1.87 -124.21
C GLU GC 85 33.22 3.03 -125.20
N ASN GC 86 33.97 4.06 -124.83
CA ASN GC 86 34.10 5.31 -125.58
C ASN GC 86 35.48 5.43 -126.25
N LYS GC 87 36.07 4.28 -126.62
CA LYS GC 87 37.42 4.29 -127.15
C LYS GC 87 37.52 5.12 -128.43
N ALA GC 88 36.40 5.40 -129.09
CA ALA GC 88 36.41 6.31 -130.23
C ALA GC 88 36.95 7.68 -129.82
N ALA GC 89 36.36 8.28 -128.78
CA ALA GC 89 36.85 9.57 -128.30
C ALA GC 89 38.19 9.43 -127.60
N VAL GC 90 38.48 8.26 -127.00
CA VAL GC 90 39.81 8.05 -126.45
C VAL GC 90 40.87 8.20 -127.54
N LEU GC 91 40.67 7.52 -128.69
CA LEU GC 91 41.63 7.60 -129.79
C LEU GC 91 41.64 8.97 -130.44
N ALA GC 92 40.47 9.61 -130.57
CA ALA GC 92 40.44 10.96 -131.10
C ALA GC 92 41.24 11.92 -130.23
N ALA GC 93 41.26 11.68 -128.91
CA ALA GC 93 42.13 12.45 -128.03
C ALA GC 93 43.59 12.06 -128.19
N LEU GC 94 43.85 10.76 -128.42
CA LEU GC 94 45.22 10.29 -128.57
C LEU GC 94 45.90 10.92 -129.77
N LEU GC 95 45.19 11.01 -130.89
CA LEU GC 95 45.79 11.56 -132.10
C LEU GC 95 46.19 13.01 -131.91
N ASP GC 96 45.29 13.80 -131.33
CA ASP GC 96 45.58 15.21 -131.06
C ASP GC 96 46.74 15.33 -130.08
N HIS GC 97 46.78 14.48 -129.05
CA HIS GC 97 47.87 14.50 -128.09
C HIS GC 97 49.20 14.22 -128.76
N LEU GC 98 49.25 13.18 -129.59
CA LEU GC 98 50.49 12.81 -130.25
C LEU GC 98 50.98 13.90 -131.18
N HIS GC 99 50.07 14.49 -131.96
CA HIS GC 99 50.46 15.57 -132.87
C HIS GC 99 50.97 16.79 -132.13
N ASN GC 100 50.30 17.16 -131.03
CA ASN GC 100 50.75 18.33 -130.28
C ASN GC 100 52.09 18.06 -129.59
N LEU GC 101 52.26 16.84 -129.07
CA LEU GC 101 53.57 16.45 -128.54
C LEU GC 101 54.64 16.58 -129.61
N GLY GC 102 54.34 16.15 -130.84
CA GLY GC 102 55.29 16.33 -131.92
C GLY GC 102 55.63 17.79 -132.17
N LEU GC 103 54.61 18.66 -132.12
CA LEU GC 103 54.88 20.09 -132.26
C LEU GC 103 55.84 20.58 -131.18
N ALA GC 104 55.74 20.03 -129.97
CA ALA GC 104 56.54 20.54 -128.87
C ALA GC 104 57.91 19.88 -128.72
N ARG GC 105 58.12 18.69 -129.29
CA ARG GC 105 59.21 17.84 -128.83
C ARG GC 105 60.57 18.49 -129.06
N ASP GC 106 60.72 19.21 -130.18
CA ASP GC 106 62.01 19.82 -130.48
C ASP GC 106 62.37 20.84 -129.42
N ASP GC 107 61.39 21.60 -128.96
CA ASP GC 107 61.63 22.56 -127.88
C ASP GC 107 61.85 21.84 -126.55
N LEU GC 108 61.07 20.80 -126.28
CA LEU GC 108 61.08 20.18 -124.96
C LEU GC 108 62.38 19.43 -124.69
N VAL GC 109 62.86 18.66 -125.68
CA VAL GC 109 64.08 17.88 -125.44
C VAL GC 109 65.30 18.77 -125.30
N ALA GC 110 65.22 20.02 -125.75
CA ALA GC 110 66.31 20.97 -125.61
C ALA GC 110 66.18 21.84 -124.37
N GLY GC 111 65.27 21.50 -123.46
CA GLY GC 111 65.11 22.25 -122.23
C GLY GC 111 64.45 23.60 -122.36
N LEU GC 112 63.81 23.88 -123.50
CA LEU GC 112 63.17 25.15 -123.75
C LEU GC 112 61.67 25.03 -123.57
N LEU GC 113 61.05 26.06 -123.00
CA LEU GC 113 59.61 26.07 -122.80
C LEU GC 113 58.92 26.38 -124.12
N PRO GC 114 58.08 25.48 -124.65
CA PRO GC 114 57.50 25.68 -125.98
C PRO GC 114 56.50 26.82 -126.01
N THR GC 115 56.98 28.06 -125.93
CA THR GC 115 56.11 29.22 -125.85
C THR GC 115 55.51 29.62 -127.18
N THR GC 116 56.05 29.14 -128.30
CA THR GC 116 55.57 29.55 -129.61
C THR GC 116 54.48 28.64 -130.17
N ILE GC 117 54.58 27.33 -129.93
CA ILE GC 117 53.74 26.35 -130.61
C ILE GC 117 52.26 26.63 -130.34
N GLN GC 118 51.42 26.17 -131.26
CA GLN GC 118 49.97 26.26 -131.09
C GLN GC 118 49.34 24.89 -131.32
N PRO GC 119 48.77 24.29 -130.29
CA PRO GC 119 48.12 22.97 -130.46
C PRO GC 119 46.81 23.07 -131.21
N VAL GC 120 46.11 21.94 -131.34
CA VAL GC 120 44.91 21.89 -132.17
C VAL GC 120 44.05 20.72 -131.71
N VAL GC 121 42.74 20.84 -131.93
CA VAL GC 121 41.78 19.76 -131.71
C VAL GC 121 41.39 19.22 -133.07
N GLU GC 122 41.05 17.93 -133.12
CA GLU GC 122 40.50 17.28 -134.32
C GLU GC 122 41.45 17.45 -135.52
N TYR GC 123 42.70 17.04 -135.33
CA TYR GC 123 43.72 17.19 -136.36
C TYR GC 123 43.39 16.31 -137.56
N THR GC 124 43.35 16.94 -138.75
CA THR GC 124 42.99 16.26 -139.99
C THR GC 124 44.25 16.03 -140.82
N GLY GC 125 44.62 14.77 -140.99
CA GLY GC 125 45.77 14.41 -141.83
C GLY GC 125 47.12 14.85 -141.30
N ALA HC 1 36.85 19.34 -137.38
CA ALA HC 1 36.81 20.78 -137.67
C ALA HC 1 38.21 21.38 -137.64
N GLN HC 2 39.09 20.75 -136.86
CA GLN HC 2 40.47 21.21 -136.65
C GLN HC 2 40.55 22.71 -136.38
N HIS HC 3 39.80 23.13 -135.38
CA HIS HC 3 39.93 24.46 -134.80
C HIS HC 3 41.03 24.41 -133.74
N ASN HC 4 42.14 25.11 -134.00
CA ASN HC 4 43.30 24.98 -133.12
C ASN HC 4 43.08 25.65 -131.77
N MET HC 5 43.74 25.11 -130.75
CA MET HC 5 43.49 25.50 -129.37
C MET HC 5 43.96 26.92 -129.10
N ARG HC 6 43.37 27.51 -128.07
CA ARG HC 6 43.65 28.87 -127.66
C ARG HC 6 44.45 28.85 -126.36
N LEU HC 7 45.51 29.66 -126.30
CA LEU HC 7 46.26 29.78 -125.06
C LEU HC 7 45.36 30.34 -123.96
N GLN HC 8 45.53 29.82 -122.76
CA GLN HC 8 44.71 30.37 -121.71
C GLN HC 8 45.51 30.78 -120.47
N LEU HC 9 46.56 30.05 -120.12
CA LEU HC 9 47.32 30.42 -118.92
C LEU HC 9 48.79 30.06 -119.03
N THR HC 10 49.66 31.00 -118.68
CA THR HC 10 51.10 30.77 -118.57
C THR HC 10 51.54 31.21 -117.18
N SER HC 11 52.14 30.29 -116.42
CA SER HC 11 52.63 30.64 -115.08
C SER HC 11 53.67 29.62 -114.66
N GLY HC 12 54.77 30.11 -114.10
CA GLY HC 12 55.84 29.23 -113.64
C GLY HC 12 56.52 28.47 -114.76
N THR HC 13 56.31 27.16 -114.78
CA THR HC 13 56.87 26.30 -115.81
C THR HC 13 55.79 25.65 -116.68
N SER HC 14 54.55 26.12 -116.58
CA SER HC 14 53.42 25.46 -117.23
C SER HC 14 52.82 26.34 -118.32
N LEU HC 15 52.26 25.69 -119.33
CA LEU HC 15 51.48 26.33 -120.36
C LEU HC 15 50.16 25.59 -120.47
N THR HC 16 49.06 26.32 -120.61
CA THR HC 16 47.73 25.72 -120.58
C THR HC 16 46.88 26.31 -121.69
N TRP HC 17 46.58 25.48 -122.70
CA TRP HC 17 45.70 25.79 -123.81
C TRP HC 17 44.35 25.10 -123.60
N VAL HC 18 43.33 25.60 -124.30
CA VAL HC 18 41.97 25.10 -124.16
C VAL HC 18 41.29 25.11 -125.53
N ASP HC 19 40.37 24.18 -125.71
CA ASP HC 19 39.51 24.15 -126.89
C ASP HC 19 38.50 25.28 -126.80
N PRO HC 20 38.49 26.23 -127.75
CA PRO HC 20 37.53 27.34 -127.69
C PRO HC 20 36.07 26.91 -127.79
N ASN HC 21 35.77 25.66 -128.14
CA ASN HC 21 34.39 25.24 -128.23
C ASN HC 21 33.86 24.72 -126.89
N ASP HC 22 34.53 23.74 -126.29
CA ASP HC 22 34.22 23.41 -124.91
C ASP HC 22 35.48 23.50 -124.06
N PHE HC 23 35.28 23.99 -122.85
CA PHE HC 23 36.30 24.22 -121.84
C PHE HC 23 36.80 22.92 -121.22
N ARG HC 24 36.23 21.77 -121.64
CA ARG HC 24 36.52 20.49 -121.01
C ARG HC 24 37.81 19.86 -121.52
N SER HC 25 38.21 20.17 -122.75
CA SER HC 25 39.41 19.59 -123.34
C SER HC 25 40.51 20.63 -123.31
N THR HC 26 41.54 20.36 -122.51
CA THR HC 26 42.66 21.25 -122.25
C THR HC 26 43.97 20.54 -122.54
N PHE HC 27 45.03 21.33 -122.59
CA PHE HC 27 46.35 20.82 -122.99
C PHE HC 27 47.40 21.60 -122.20
N ARG HC 28 48.19 20.89 -121.39
CA ARG HC 28 49.18 21.51 -120.54
C ARG HC 28 50.56 20.95 -120.85
N ILE HC 29 51.57 21.79 -120.72
CA ILE HC 29 52.97 21.37 -120.82
C ILE HC 29 53.72 21.94 -119.64
N ASN HC 30 54.38 21.06 -118.87
CA ASN HC 30 55.25 21.42 -117.76
C ASN HC 30 56.69 21.08 -118.13
N LEU HC 31 57.61 21.96 -117.75
CA LEU HC 31 59.02 21.78 -118.06
C LEU HC 31 59.84 22.09 -116.82
N ASN HC 32 60.63 21.12 -116.37
CA ASN HC 32 61.46 21.28 -115.17
C ASN HC 32 62.89 20.95 -115.53
N VAL HC 33 63.73 21.97 -115.66
CA VAL HC 33 65.14 21.80 -115.99
C VAL HC 33 65.96 22.01 -114.72
N ASN HC 34 66.89 21.11 -114.46
CA ASN HC 34 67.76 21.19 -113.29
C ASN HC 34 68.92 20.23 -113.46
N GLN HC 35 69.97 20.41 -112.65
CA GLN HC 35 71.19 19.61 -112.83
C GLN HC 35 71.03 18.22 -112.24
N LYS HC 36 71.47 17.23 -113.01
CA LYS HC 36 71.48 15.82 -112.69
C LYS HC 36 72.93 15.40 -112.52
N VAL HC 37 73.17 14.43 -111.64
CA VAL HC 37 74.52 13.92 -111.40
C VAL HC 37 74.59 12.50 -111.95
N ALA HC 38 75.42 12.30 -112.96
CA ALA HC 38 75.56 10.99 -113.61
C ALA HC 38 77.04 10.65 -113.66
N GLY HC 39 77.48 9.78 -112.74
CA GLY HC 39 78.90 9.50 -112.65
C GLY HC 39 79.64 10.65 -112.00
N ALA HC 40 80.78 11.01 -112.58
CA ALA HC 40 81.57 12.13 -112.07
C ALA HC 40 81.10 13.46 -112.61
N VAL HC 41 80.30 13.48 -113.66
CA VAL HC 41 79.86 14.73 -114.28
C VAL HC 41 78.43 15.03 -113.89
N SER HC 42 78.04 16.28 -114.11
CA SER HC 42 76.67 16.75 -113.95
C SER HC 42 76.20 17.33 -115.28
N VAL HC 43 74.94 17.05 -115.63
CA VAL HC 43 74.35 17.47 -116.89
C VAL HC 43 72.96 18.03 -116.61
N TYR HC 44 72.52 18.94 -117.47
CA TYR HC 44 71.20 19.55 -117.28
C TYR HC 44 70.12 18.58 -117.78
N ASN HC 45 69.32 18.06 -116.84
CA ASN HC 45 68.22 17.17 -117.14
C ASN HC 45 66.94 17.99 -117.26
N ALA HC 46 66.17 17.71 -118.31
CA ALA HC 46 64.86 18.29 -118.55
C ALA HC 46 63.80 17.24 -118.32
N ARG HC 47 62.78 17.60 -117.54
CA ARG HC 47 61.60 16.78 -117.31
C ARG HC 47 60.44 17.50 -117.99
N SER HC 48 60.06 17.04 -119.18
CA SER HC 48 58.87 17.51 -119.85
C SER HC 48 57.71 16.62 -119.46
N GLU HC 49 56.53 17.22 -119.26
CA GLU HC 49 55.32 16.41 -119.19
C GLU HC 49 54.18 17.13 -119.89
N VAL HC 50 53.53 16.41 -120.80
CA VAL HC 50 52.50 16.93 -121.68
C VAL HC 50 51.21 16.20 -121.35
N ILE HC 51 50.22 16.95 -120.86
CA ILE HC 51 48.99 16.39 -120.31
C ILE HC 51 47.81 16.93 -121.10
N THR HC 52 47.13 16.06 -121.85
CA THR HC 52 45.89 16.44 -122.51
C THR HC 52 44.72 15.82 -121.75
N ASN HC 53 43.74 16.65 -121.40
CA ASN HC 53 42.61 16.28 -120.56
C ASN HC 53 41.32 16.56 -121.31
N ARG HC 54 40.37 15.62 -121.25
CA ARG HC 54 39.08 15.86 -121.85
C ARG HC 54 38.01 15.30 -120.94
N ALA HC 55 36.77 15.71 -121.19
CA ALA HC 55 35.60 15.22 -120.47
C ALA HC 55 34.48 14.97 -121.46
N PRO HC 56 34.68 14.05 -122.40
CA PRO HC 56 33.73 13.90 -123.51
C PRO HC 56 32.46 13.21 -123.06
N LEU HC 57 31.47 13.24 -123.94
CA LEU HC 57 30.28 12.42 -123.74
C LEU HC 57 30.62 10.98 -124.10
N VAL HC 58 30.06 10.03 -123.37
CA VAL HC 58 30.26 8.63 -123.71
C VAL HC 58 29.34 8.28 -124.88
N VAL HC 59 29.95 7.86 -125.98
CA VAL HC 59 29.24 7.57 -127.22
C VAL HC 59 29.32 6.07 -127.45
N ILE HC 60 28.21 5.38 -127.23
CA ILE HC 60 28.13 3.95 -127.47
C ILE HC 60 28.04 3.73 -128.97
N GLU HC 61 28.70 2.69 -129.48
CA GLU HC 61 28.70 2.47 -130.93
C GLU HC 61 27.28 2.26 -131.45
N GLY HC 62 26.61 1.22 -130.94
CA GLY HC 62 25.27 0.92 -131.43
C GLY HC 62 24.30 2.06 -131.25
N CYS HC 63 24.47 2.86 -130.21
CA CYS HC 63 23.49 3.87 -129.84
C CYS HC 63 23.74 5.20 -130.55
N THR HC 64 22.68 5.98 -130.65
CA THR HC 64 22.75 7.34 -131.18
C THR HC 64 21.65 8.16 -130.50
N ASP HC 65 22.06 9.15 -129.72
CA ASP HC 65 21.15 9.91 -128.86
C ASP HC 65 21.77 11.26 -128.54
N ALA HC 66 21.08 12.34 -128.87
CA ALA HC 66 21.56 13.68 -128.56
C ALA HC 66 21.08 14.16 -127.20
N CYS HC 67 20.35 13.33 -126.45
CA CYS HC 67 19.77 13.74 -125.17
C CYS HC 67 20.51 13.21 -123.96
N SER HC 68 21.54 12.39 -124.14
CA SER HC 68 22.33 11.90 -123.03
C SER HC 68 23.43 12.89 -122.72
N VAL HC 69 23.57 13.26 -121.45
CA VAL HC 69 24.71 14.03 -120.97
C VAL HC 69 25.65 13.13 -120.15
N ASN HC 70 25.62 11.83 -120.41
CA ASN HC 70 26.53 10.89 -119.77
C ASN HC 70 27.97 11.26 -120.14
N ARG HC 71 28.75 11.69 -119.15
CA ARG HC 71 30.12 12.16 -119.39
C ARG HC 71 31.09 11.43 -118.48
N GLU HC 72 32.25 11.09 -119.04
CA GLU HC 72 33.39 10.60 -118.29
C GLU HC 72 34.60 11.49 -118.55
N ASN HC 73 35.56 11.42 -117.65
CA ASN HC 73 36.84 12.09 -117.84
C ASN HC 73 37.82 11.14 -118.54
N ILE HC 74 38.64 11.69 -119.42
CA ILE HC 74 39.71 10.94 -120.06
C ILE HC 74 40.97 11.79 -120.05
N SER HC 75 42.12 11.12 -119.98
CA SER HC 75 43.38 11.84 -119.91
C SER HC 75 44.51 11.04 -120.56
N ILE HC 76 45.37 11.76 -121.28
CA ILE HC 76 46.57 11.18 -121.86
C ILE HC 76 47.75 12.05 -121.48
N ARG HC 77 48.71 11.46 -120.77
CA ARG HC 77 49.89 12.15 -120.29
C ARG HC 77 51.15 11.50 -120.86
N THR HC 78 52.15 12.32 -121.16
CA THR HC 78 53.43 11.83 -121.67
C THR HC 78 54.55 12.56 -120.97
N THR HC 79 55.39 11.82 -120.26
CA THR HC 79 56.51 12.36 -119.51
C THR HC 79 57.82 11.95 -120.17
N ILE HC 80 58.76 12.88 -120.23
CA ILE HC 80 60.03 12.71 -120.91
C ILE HC 80 61.13 13.31 -120.04
N SER HC 81 61.89 12.47 -119.34
CA SER HC 81 62.95 12.93 -118.45
C SER HC 81 64.29 12.46 -119.00
N GLY HC 82 65.16 13.43 -119.32
CA GLY HC 82 66.45 13.14 -119.92
C GLY HC 82 67.27 14.40 -120.06
N SER HC 83 68.58 14.23 -120.11
CA SER HC 83 69.46 15.39 -120.19
C SER HC 83 69.35 16.07 -121.55
N VAL HC 84 69.74 17.34 -121.58
CA VAL HC 84 69.80 18.06 -122.85
C VAL HC 84 71.01 17.59 -123.66
N GLU HC 85 72.04 17.12 -122.97
CA GLU HC 85 73.25 16.69 -123.67
C GLU HC 85 73.01 15.46 -124.52
N ASN HC 86 72.32 14.45 -123.97
CA ASN HC 86 71.97 13.25 -124.71
C ASN HC 86 70.63 13.39 -125.42
N LYS HC 87 70.18 14.61 -125.74
CA LYS HC 87 68.88 14.75 -126.38
C LYS HC 87 68.81 13.99 -127.70
N ALA HC 88 69.96 13.63 -128.28
CA ALA HC 88 69.97 12.73 -129.43
C ALA HC 88 69.37 11.37 -129.06
N ALA HC 89 69.91 10.73 -128.02
CA ALA HC 89 69.37 9.45 -127.59
C ALA HC 89 67.98 9.59 -127.00
N VAL HC 90 67.67 10.76 -126.41
CA VAL HC 90 66.31 11.02 -125.94
C VAL HC 90 65.33 10.99 -127.10
N LEU HC 91 65.67 11.67 -128.21
CA LEU HC 91 64.77 11.71 -129.37
C LEU HC 91 64.70 10.35 -130.06
N ALA HC 92 65.81 9.62 -130.12
CA ALA HC 92 65.76 8.26 -130.67
C ALA HC 92 64.83 7.37 -129.85
N ALA HC 93 64.97 7.46 -128.52
CA ALA HC 93 64.07 6.75 -127.63
C ALA HC 93 62.63 7.22 -127.79
N LEU HC 94 62.43 8.50 -128.08
CA LEU HC 94 61.07 8.99 -128.30
C LEU HC 94 60.45 8.40 -129.56
N LEU HC 95 61.23 8.35 -130.64
CA LEU HC 95 60.73 7.73 -131.87
C LEU HC 95 60.37 6.26 -131.65
N ASP HC 96 61.26 5.52 -131.00
CA ASP HC 96 60.98 4.11 -130.73
C ASP HC 96 59.76 3.96 -129.83
N HIS HC 97 59.64 4.82 -128.82
CA HIS HC 97 58.49 4.81 -127.92
C HIS HC 97 57.19 5.07 -128.68
N LEU HC 98 57.18 6.09 -129.53
CA LEU HC 98 55.98 6.43 -130.28
C LEU HC 98 55.58 5.31 -131.22
N HIS HC 99 56.55 4.71 -131.91
CA HIS HC 99 56.23 3.62 -132.83
C HIS HC 99 55.68 2.40 -132.09
N ASN HC 100 56.29 2.05 -130.96
CA ASN HC 100 55.79 0.90 -130.20
C ASN HC 100 54.41 1.19 -129.62
N LEU HC 101 54.20 2.41 -129.11
CA LEU HC 101 52.89 2.83 -128.66
C LEU HC 101 51.85 2.66 -129.76
N GLY HC 102 52.20 3.08 -130.98
CA GLY HC 102 51.29 2.89 -132.09
C GLY HC 102 51.02 1.42 -132.37
N LEU HC 103 52.05 0.57 -132.26
CA LEU HC 103 51.83 -0.87 -132.41
C LEU HC 103 50.83 -1.38 -131.38
N ALA HC 104 50.78 -0.78 -130.20
CA ALA HC 104 49.94 -1.32 -129.13
C ALA HC 104 48.59 -0.66 -128.98
N ARG HC 105 48.37 0.53 -129.55
CA ARG HC 105 47.24 1.37 -129.12
C ARG HC 105 45.91 0.71 -129.43
N ASP HC 106 45.80 0.00 -130.54
CA ASP HC 106 44.52 -0.59 -130.90
C ASP HC 106 44.10 -1.65 -129.89
N ASP HC 107 45.07 -2.36 -129.31
CA ASP HC 107 44.77 -3.27 -128.20
C ASP HC 107 44.51 -2.51 -126.90
N LEU HC 108 45.33 -1.48 -126.62
CA LEU HC 108 45.27 -0.84 -125.30
C LEU HC 108 43.97 -0.07 -125.09
N VAL HC 109 43.50 0.65 -126.11
CA VAL HC 109 42.26 1.41 -125.93
C VAL HC 109 41.05 0.48 -125.88
N ALA HC 110 41.19 -0.76 -126.32
CA ALA HC 110 40.11 -1.74 -126.28
C ALA HC 110 40.16 -2.62 -125.04
N GLY HC 111 41.05 -2.32 -124.09
CA GLY HC 111 41.17 -3.09 -122.88
C GLY HC 111 41.95 -4.37 -123.00
N LEU HC 112 42.56 -4.64 -124.15
CA LEU HC 112 43.30 -5.87 -124.39
C LEU HC 112 44.79 -5.61 -124.18
N LEU HC 113 45.43 -6.47 -123.41
CA LEU HC 113 46.88 -6.38 -123.24
C LEU HC 113 47.56 -6.84 -124.53
N PRO HC 114 48.43 -6.02 -125.13
CA PRO HC 114 48.96 -6.37 -126.46
C PRO HC 114 49.91 -7.54 -126.41
N THR HC 115 49.36 -8.76 -126.38
CA THR HC 115 50.19 -9.96 -126.29
C THR HC 115 50.97 -10.20 -127.58
N THR HC 116 50.46 -9.73 -128.71
CA THR HC 116 50.92 -10.13 -130.02
C THR HC 116 51.81 -9.10 -130.71
N ILE HC 117 52.16 -8.01 -130.04
CA ILE HC 117 52.92 -6.95 -130.70
C ILE HC 117 54.41 -7.27 -130.61
N GLN HC 118 55.18 -6.62 -131.49
CA GLN HC 118 56.63 -6.82 -131.58
C GLN HC 118 57.34 -5.48 -131.45
N PRO HC 119 57.73 -5.08 -130.25
CA PRO HC 119 58.44 -3.81 -130.07
C PRO HC 119 59.84 -3.89 -130.66
N VAL HC 120 60.30 -2.74 -131.17
CA VAL HC 120 61.58 -2.64 -131.87
C VAL HC 120 62.44 -1.57 -131.22
N VAL HC 121 63.71 -1.55 -131.62
CA VAL HC 121 64.66 -0.49 -131.29
C VAL HC 121 65.18 0.08 -132.60
N GLU HC 122 65.37 1.41 -132.64
CA GLU HC 122 65.93 2.09 -133.81
C GLU HC 122 65.03 1.90 -135.04
N TYR HC 123 63.79 2.39 -134.92
CA TYR HC 123 62.83 2.25 -136.01
C TYR HC 123 63.28 3.01 -137.25
N THR HC 124 63.10 2.38 -138.41
CA THR HC 124 63.48 2.96 -139.70
C THR HC 124 62.42 2.66 -140.77
N ALA IC 1 61.42 -44.12 -129.11
CA ALA IC 1 60.17 -43.51 -129.52
C ALA IC 1 60.37 -42.04 -129.90
N GLN IC 2 61.29 -41.39 -129.19
CA GLN IC 2 61.60 -39.96 -129.35
C GLN IC 2 60.34 -39.09 -129.32
N HIS IC 3 59.40 -39.46 -128.45
CA HIS IC 3 58.32 -38.55 -128.11
C HIS IC 3 58.90 -37.39 -127.30
N ASN IC 4 58.62 -36.17 -127.73
CA ASN IC 4 59.23 -35.00 -127.12
C ASN IC 4 58.41 -34.50 -125.93
N MET IC 5 59.11 -33.87 -124.98
CA MET IC 5 58.50 -33.48 -123.71
C MET IC 5 57.44 -32.41 -123.92
N ARG IC 6 56.51 -32.30 -122.97
CA ARG IC 6 55.45 -31.33 -123.04
C ARG IC 6 55.44 -30.46 -121.79
N LEU IC 7 54.92 -29.24 -121.94
CA LEU IC 7 55.15 -28.19 -120.96
C LEU IC 7 54.26 -28.33 -119.74
N GLN IC 8 54.85 -28.12 -118.56
CA GLN IC 8 54.14 -28.25 -117.28
C GLN IC 8 54.10 -26.97 -116.46
N LEU IC 9 55.25 -26.30 -116.28
CA LEU IC 9 55.33 -25.13 -115.39
C LEU IC 9 56.10 -24.00 -116.05
N THR IC 10 55.50 -22.80 -116.06
CA THR IC 10 56.16 -21.60 -116.57
C THR IC 10 56.17 -20.54 -115.48
N SER IC 11 57.32 -19.89 -115.31
CA SER IC 11 57.48 -18.95 -114.21
C SER IC 11 58.13 -17.64 -114.62
N GLY IC 12 58.46 -17.45 -115.90
CA GLY IC 12 59.17 -16.25 -116.33
C GLY IC 12 60.63 -16.29 -115.90
N THR IC 13 60.92 -17.17 -114.94
CA THR IC 13 62.27 -17.49 -114.53
C THR IC 13 62.58 -18.98 -114.58
N SER IC 14 61.55 -19.84 -114.54
CA SER IC 14 61.71 -21.27 -114.58
C SER IC 14 60.79 -21.87 -115.62
N LEU IC 15 61.29 -22.87 -116.32
CA LEU IC 15 60.49 -23.67 -117.24
C LEU IC 15 60.63 -25.12 -116.87
N THR IC 16 59.52 -25.85 -116.87
CA THR IC 16 59.50 -27.24 -116.42
C THR IC 16 58.65 -28.04 -117.40
N TRP IC 17 59.30 -28.91 -118.16
CA TRP IC 17 58.65 -29.84 -119.07
C TRP IC 17 58.68 -31.24 -118.46
N VAL IC 18 57.74 -32.07 -118.88
CA VAL IC 18 57.62 -33.42 -118.37
C VAL IC 18 57.42 -34.39 -119.54
N ASP IC 19 57.89 -35.61 -119.36
CA ASP IC 19 57.59 -36.70 -120.29
C ASP IC 19 56.12 -37.06 -120.19
N PRO IC 20 55.34 -36.94 -121.27
CA PRO IC 20 53.90 -37.26 -121.18
C PRO IC 20 53.62 -38.70 -120.79
N ASN IC 21 54.55 -39.63 -120.99
CA ASN IC 21 54.33 -41.01 -120.55
C ASN IC 21 54.73 -41.20 -119.09
N ASP IC 22 55.93 -40.80 -118.74
CA ASP IC 22 56.49 -41.00 -117.40
C ASP IC 22 56.63 -39.64 -116.72
N PHE IC 23 55.82 -39.41 -115.70
CA PHE IC 23 55.88 -38.16 -114.94
C PHE IC 23 57.11 -38.09 -114.04
N ARG IC 24 57.88 -39.17 -113.93
CA ARG IC 24 59.09 -39.17 -113.10
C ARG IC 24 60.25 -38.43 -113.76
N SER IC 25 60.24 -38.32 -115.09
CA SER IC 25 61.34 -37.68 -115.83
C SER IC 25 60.91 -36.27 -116.23
N THR IC 26 61.57 -35.28 -115.65
CA THR IC 26 61.27 -33.87 -115.87
C THR IC 26 62.52 -33.14 -116.33
N PHE IC 27 62.31 -31.93 -116.82
CA PHE IC 27 63.39 -31.12 -117.37
C PHE IC 27 63.08 -29.66 -117.07
N ARG IC 28 63.90 -29.03 -116.24
CA ARG IC 28 63.72 -27.63 -115.86
C ARG IC 28 64.90 -26.81 -116.36
N ILE IC 29 64.61 -25.57 -116.75
CA ILE IC 29 65.61 -24.56 -117.06
C ILE IC 29 65.31 -23.34 -116.20
N ASN IC 30 66.31 -22.92 -115.41
CA ASN IC 30 66.22 -21.75 -114.56
C ASN IC 30 67.24 -20.73 -115.05
N LEU IC 31 66.84 -19.46 -115.05
CA LEU IC 31 67.70 -18.38 -115.52
C LEU IC 31 67.61 -17.22 -114.54
N ASN IC 32 68.76 -16.66 -114.18
CA ASN IC 32 68.78 -15.52 -113.26
C ASN IC 32 69.81 -14.52 -113.76
N VAL IC 33 69.35 -13.32 -114.11
CA VAL IC 33 70.21 -12.24 -114.59
C VAL IC 33 70.28 -11.17 -113.52
N ASN IC 34 71.49 -10.67 -113.26
CA ASN IC 34 71.70 -9.59 -112.31
C ASN IC 34 73.08 -8.99 -112.56
N GLN IC 35 73.27 -7.76 -112.07
CA GLN IC 35 74.55 -7.11 -112.34
C GLN IC 35 75.66 -7.66 -111.47
N LYS IC 36 76.89 -7.44 -111.94
CA LYS IC 36 78.09 -7.96 -111.33
C LYS IC 36 79.21 -6.96 -111.57
N VAL IC 37 80.11 -6.84 -110.60
CA VAL IC 37 81.21 -5.89 -110.67
C VAL IC 37 82.48 -6.67 -110.99
N ALA IC 38 82.96 -6.55 -112.22
CA ALA IC 38 84.24 -7.10 -112.64
C ALA IC 38 85.22 -5.94 -112.68
N GLY IC 39 86.16 -5.93 -111.74
CA GLY IC 39 87.07 -4.81 -111.62
C GLY IC 39 86.34 -3.51 -111.36
N ALA IC 40 86.40 -2.59 -112.33
CA ALA IC 40 85.72 -1.31 -112.24
C ALA IC 40 84.56 -1.20 -113.21
N VAL IC 41 84.08 -2.32 -113.75
CA VAL IC 41 83.03 -2.31 -114.77
C VAL IC 41 81.91 -3.24 -114.34
N SER IC 42 80.68 -2.75 -114.40
CA SER IC 42 79.52 -3.57 -114.10
C SER IC 42 79.01 -4.20 -115.38
N VAL IC 43 78.75 -5.51 -115.34
CA VAL IC 43 78.24 -6.26 -116.47
C VAL IC 43 77.09 -7.14 -115.98
N TYR IC 44 76.18 -7.46 -116.89
CA TYR IC 44 75.03 -8.29 -116.58
C TYR IC 44 75.43 -9.77 -116.63
N ASN IC 45 75.54 -10.39 -115.46
CA ASN IC 45 75.83 -11.81 -115.35
C ASN IC 45 74.52 -12.59 -115.38
N ALA IC 46 74.48 -13.62 -116.21
CA ALA IC 46 73.39 -14.57 -116.27
C ALA IC 46 73.90 -15.91 -115.75
N ARG IC 47 73.16 -16.48 -114.81
CA ARG IC 47 73.40 -17.85 -114.34
C ARG IC 47 72.21 -18.68 -114.79
N SER IC 48 72.48 -19.62 -115.70
CA SER IC 48 71.48 -20.55 -116.20
C SER IC 48 71.79 -21.94 -115.65
N GLU IC 49 70.80 -22.59 -115.05
CA GLU IC 49 70.95 -24.00 -114.70
C GLU IC 49 69.89 -24.84 -115.39
N VAL IC 50 70.31 -26.02 -115.85
CA VAL IC 50 69.50 -26.94 -116.63
C VAL IC 50 69.51 -28.26 -115.89
N ILE IC 51 68.36 -28.65 -115.35
CA ILE IC 51 68.23 -29.80 -114.46
C ILE IC 51 67.29 -30.81 -115.10
N THR IC 52 67.82 -31.99 -115.44
CA THR IC 52 66.98 -33.10 -115.87
C THR IC 52 66.97 -34.16 -114.77
N ASN IC 53 65.75 -34.56 -114.38
CA ASN IC 53 65.53 -35.47 -113.24
C ASN IC 53 64.77 -36.69 -113.72
N ARG IC 54 65.16 -37.87 -113.25
CA ARG IC 54 64.49 -39.10 -113.63
C ARG IC 54 64.46 -40.05 -112.43
N ALA IC 55 63.62 -41.07 -112.55
CA ALA IC 55 63.43 -42.07 -111.49
C ALA IC 55 63.41 -43.46 -112.11
N PRO IC 56 64.57 -44.01 -112.42
CA PRO IC 56 64.62 -45.37 -112.97
C PRO IC 56 64.31 -46.40 -111.91
N LEU IC 57 63.92 -47.59 -112.37
CA LEU IC 57 63.69 -48.72 -111.49
C LEU IC 57 64.96 -49.56 -111.39
N VAL IC 58 65.21 -50.07 -110.19
CA VAL IC 58 66.34 -50.98 -109.98
C VAL IC 58 65.91 -52.37 -110.46
N VAL IC 59 66.49 -52.80 -111.58
CA VAL IC 59 66.14 -54.07 -112.21
C VAL IC 59 66.99 -55.17 -111.61
N ILE IC 60 66.36 -56.07 -110.85
CA ILE IC 60 67.00 -57.30 -110.38
C ILE IC 60 66.37 -58.47 -111.10
N GLU IC 61 67.20 -59.25 -111.79
CA GLU IC 61 66.74 -60.48 -112.41
C GLU IC 61 66.26 -61.47 -111.35
N GLY IC 62 65.19 -62.18 -111.66
CA GLY IC 62 64.60 -63.10 -110.72
C GLY IC 62 63.65 -62.46 -109.74
N CYS IC 63 63.56 -61.13 -109.72
CA CYS IC 63 62.67 -60.40 -108.81
C CYS IC 63 61.66 -59.65 -109.66
N THR IC 64 60.45 -60.20 -109.78
CA THR IC 64 59.35 -59.46 -110.37
C THR IC 64 58.95 -58.34 -109.42
N ASP IC 65 59.34 -57.11 -109.77
CA ASP IC 65 59.10 -55.95 -108.92
C ASP IC 65 57.68 -55.45 -109.11
N ALA IC 66 56.74 -56.30 -108.69
CA ALA IC 66 55.36 -55.86 -108.56
C ALA IC 66 55.30 -54.65 -107.65
N CYS IC 67 54.50 -53.67 -108.04
CA CYS IC 67 54.28 -52.39 -107.38
C CYS IC 67 55.41 -51.41 -107.69
N SER IC 68 56.47 -51.84 -108.37
CA SER IC 68 57.60 -50.99 -108.74
C SER IC 68 58.14 -50.20 -107.55
N VAL IC 69 58.47 -50.95 -106.49
CA VAL IC 69 58.91 -50.31 -105.26
C VAL IC 69 60.40 -50.00 -105.28
N ASN IC 70 61.21 -50.87 -105.88
CA ASN IC 70 62.65 -50.64 -105.99
C ASN IC 70 62.89 -49.59 -107.07
N ARG IC 71 63.00 -48.33 -106.65
CA ARG IC 71 63.13 -47.22 -107.59
C ARG IC 71 64.19 -46.25 -107.11
N GLU IC 72 64.92 -45.68 -108.06
CA GLU IC 72 66.08 -44.84 -107.84
C GLU IC 72 65.87 -43.46 -108.43
N ASN IC 73 66.42 -42.44 -107.78
CA ASN IC 73 66.45 -41.09 -108.35
C ASN IC 73 67.81 -40.85 -109.01
N ILE IC 74 67.78 -40.34 -110.25
CA ILE IC 74 68.99 -39.93 -110.95
C ILE IC 74 68.79 -38.51 -111.45
N SER IC 75 69.89 -37.77 -111.54
CA SER IC 75 69.79 -36.36 -111.93
C SER IC 75 71.06 -35.90 -112.64
N ILE IC 76 70.85 -35.10 -113.69
CA ILE IC 76 71.94 -34.47 -114.44
C ILE IC 76 71.65 -32.97 -114.51
N ARG IC 77 72.59 -32.19 -113.98
CA ARG IC 77 72.42 -30.76 -113.80
C ARG IC 77 73.60 -30.03 -114.44
N THR IC 78 73.34 -28.84 -114.97
CA THR IC 78 74.38 -28.06 -115.65
C THR IC 78 74.20 -26.58 -115.36
N THR IC 79 75.20 -25.97 -114.74
CA THR IC 79 75.17 -24.56 -114.38
C THR IC 79 76.16 -23.78 -115.25
N ILE IC 80 75.74 -22.62 -115.72
CA ILE IC 80 76.51 -21.80 -116.65
C ILE IC 80 76.34 -20.37 -116.17
N SER IC 81 77.36 -19.83 -115.52
CA SER IC 81 77.31 -18.47 -114.96
C SER IC 81 78.37 -17.62 -115.63
N GLY IC 82 77.94 -16.56 -116.31
CA GLY IC 82 78.86 -15.69 -117.02
C GLY IC 82 78.15 -14.45 -117.53
N SER IC 83 78.96 -13.48 -117.94
CA SER IC 83 78.42 -12.25 -118.49
C SER IC 83 77.73 -12.50 -119.82
N VAL IC 84 76.62 -11.79 -120.04
CA VAL IC 84 76.06 -11.73 -121.38
C VAL IC 84 77.04 -11.05 -122.32
N GLU IC 85 77.85 -10.12 -121.81
CA GLU IC 85 78.82 -9.41 -122.64
C GLU IC 85 79.93 -10.33 -123.13
N ASN IC 86 80.47 -11.18 -122.24
CA ASN IC 86 81.48 -12.16 -122.64
C ASN IC 86 80.88 -13.49 -123.06
N LYS IC 87 79.65 -13.48 -123.57
CA LYS IC 87 79.01 -14.72 -123.99
C LYS IC 87 79.83 -15.47 -125.04
N ALA IC 88 80.73 -14.77 -125.73
CA ALA IC 88 81.64 -15.46 -126.65
C ALA IC 88 82.55 -16.43 -125.91
N ALA IC 89 83.25 -15.94 -124.88
CA ALA IC 89 84.10 -16.82 -124.09
C ALA IC 89 83.28 -17.83 -123.29
N VAL IC 90 82.04 -17.46 -122.91
CA VAL IC 90 81.16 -18.41 -122.26
C VAL IC 90 80.88 -19.60 -123.19
N LEU IC 91 80.58 -19.32 -124.47
CA LEU IC 91 80.27 -20.38 -125.41
C LEU IC 91 81.51 -21.20 -125.77
N ALA IC 92 82.67 -20.55 -125.88
CA ALA IC 92 83.91 -21.30 -126.05
C ALA IC 92 84.13 -22.27 -124.89
N ALA IC 93 83.93 -21.77 -123.67
CA ALA IC 93 84.03 -22.61 -122.49
C ALA IC 93 83.00 -23.73 -122.51
N LEU IC 94 81.80 -23.47 -123.03
CA LEU IC 94 80.78 -24.52 -123.08
C LEU IC 94 81.19 -25.61 -124.06
N LEU IC 95 81.71 -25.23 -125.23
CA LEU IC 95 82.15 -26.24 -126.18
C LEU IC 95 83.27 -27.11 -125.59
N ASP IC 96 84.28 -26.46 -125.00
CA ASP IC 96 85.38 -27.21 -124.42
C ASP IC 96 84.88 -28.09 -123.27
N HIS IC 97 83.94 -27.58 -122.48
CA HIS IC 97 83.35 -28.34 -121.39
C HIS IC 97 82.61 -29.57 -121.89
N LEU IC 98 81.78 -29.40 -122.92
CA LEU IC 98 81.04 -30.53 -123.47
C LEU IC 98 81.97 -31.59 -124.03
N HIS IC 99 83.02 -31.17 -124.74
CA HIS IC 99 83.95 -32.13 -125.33
C HIS IC 99 84.70 -32.90 -124.24
N ASN IC 100 85.15 -32.21 -123.20
CA ASN IC 100 85.87 -32.90 -122.14
C ASN IC 100 84.94 -33.81 -121.33
N LEU IC 101 83.71 -33.36 -121.10
CA LEU IC 101 82.69 -34.23 -120.51
C LEU IC 101 82.53 -35.50 -121.34
N GLY IC 102 82.46 -35.35 -122.66
CA GLY IC 102 82.36 -36.52 -123.52
C GLY IC 102 83.57 -37.42 -123.43
N LEU IC 103 84.75 -36.84 -123.19
CA LEU IC 103 85.93 -37.67 -122.96
C LEU IC 103 85.77 -38.52 -121.71
N ALA IC 104 85.21 -37.94 -120.65
CA ALA IC 104 85.10 -38.66 -119.39
C ALA IC 104 83.81 -39.45 -119.21
N ARG IC 105 82.85 -39.32 -120.14
CA ARG IC 105 81.48 -39.72 -119.86
C ARG IC 105 81.34 -41.21 -119.62
N ASP IC 106 82.17 -42.02 -120.27
CA ASP IC 106 82.02 -43.45 -120.11
C ASP IC 106 82.61 -43.92 -118.78
N ASP IC 107 83.76 -43.37 -118.40
CA ASP IC 107 84.37 -43.71 -117.12
C ASP IC 107 83.51 -43.26 -115.95
N LEU IC 108 83.07 -41.99 -115.99
CA LEU IC 108 82.39 -41.40 -114.85
C LEU IC 108 81.10 -42.14 -114.51
N VAL IC 109 80.34 -42.54 -115.53
CA VAL IC 109 79.05 -43.16 -115.27
C VAL IC 109 79.22 -44.58 -114.74
N ALA IC 110 80.37 -45.20 -114.99
CA ALA IC 110 80.69 -46.52 -114.45
C ALA IC 110 81.32 -46.46 -113.06
N GLY IC 111 81.41 -45.28 -112.46
CA GLY IC 111 81.96 -45.14 -111.13
C GLY IC 111 83.47 -45.14 -111.04
N LEU IC 112 84.15 -44.82 -112.14
CA LEU IC 112 85.60 -44.94 -112.22
C LEU IC 112 86.20 -43.58 -112.54
N LEU IC 113 87.23 -43.20 -111.79
CA LEU IC 113 87.88 -41.92 -112.02
C LEU IC 113 88.58 -41.92 -113.38
N PRO IC 114 88.29 -40.98 -114.27
CA PRO IC 114 88.90 -40.97 -115.61
C PRO IC 114 90.36 -40.52 -115.57
N THR IC 115 91.21 -41.36 -114.98
CA THR IC 115 92.63 -41.04 -114.87
C THR IC 115 93.32 -40.99 -116.23
N THR IC 116 92.77 -41.65 -117.23
CA THR IC 116 93.44 -41.78 -118.51
C THR IC 116 93.20 -40.61 -119.47
N ILE IC 117 92.03 -39.97 -119.40
CA ILE IC 117 91.68 -38.97 -120.41
C ILE IC 117 92.62 -37.77 -120.33
N GLN IC 118 92.64 -36.98 -121.39
CA GLN IC 118 93.40 -35.74 -121.45
C GLN IC 118 92.52 -34.64 -122.03
N PRO IC 119 92.08 -33.68 -121.23
CA PRO IC 119 91.19 -32.63 -121.74
C PRO IC 119 91.94 -31.66 -122.64
N VAL IC 120 91.14 -30.78 -123.27
CA VAL IC 120 91.63 -29.91 -124.32
C VAL IC 120 91.04 -28.51 -124.13
N VAL IC 121 91.77 -27.48 -124.58
CA VAL IC 121 91.25 -26.13 -124.74
C VAL IC 121 91.09 -25.89 -126.24
N GLU IC 122 90.02 -25.17 -126.61
CA GLU IC 122 89.80 -24.72 -127.99
C GLU IC 122 89.61 -25.90 -128.95
N TYR IC 123 88.70 -26.81 -128.61
CA TYR IC 123 88.42 -27.93 -129.51
C TYR IC 123 87.97 -27.44 -130.87
N THR IC 124 88.43 -28.13 -131.91
CA THR IC 124 88.12 -27.77 -133.27
C THR IC 124 87.80 -29.02 -134.11
N ALA JC 1 67.81 -133.16 -35.06
CA ALA JC 1 67.70 -133.80 -33.75
C ALA JC 1 66.25 -134.14 -33.43
N GLN JC 2 65.30 -133.40 -34.00
CA GLN JC 2 63.87 -133.68 -33.83
C GLN JC 2 63.47 -133.66 -32.35
N HIS JC 3 64.05 -132.73 -31.60
CA HIS JC 3 63.68 -132.55 -30.20
C HIS JC 3 62.58 -131.48 -30.12
N ASN JC 4 61.48 -131.83 -29.46
CA ASN JC 4 60.34 -130.93 -29.38
C ASN JC 4 60.56 -129.83 -28.34
N MET JC 5 59.94 -128.68 -28.59
CA MET JC 5 60.13 -127.49 -27.78
C MET JC 5 59.48 -127.66 -26.40
N ARG JC 6 60.00 -126.93 -25.42
CA ARG JC 6 59.43 -126.96 -24.08
C ARG JC 6 58.83 -125.60 -23.75
N LEU JC 7 57.71 -125.62 -23.02
CA LEU JC 7 56.90 -124.43 -22.81
C LEU JC 7 57.51 -123.50 -21.77
N GLN JC 8 57.40 -122.20 -22.02
CA GLN JC 8 57.99 -121.19 -21.14
C GLN JC 8 57.00 -120.17 -20.60
N LEU JC 9 56.02 -119.72 -21.40
CA LEU JC 9 55.11 -118.67 -20.94
C LEU JC 9 53.67 -118.96 -21.34
N THR JC 10 52.76 -118.94 -20.36
CA THR JC 10 51.33 -119.10 -20.58
C THR JC 10 50.61 -117.86 -20.08
N SER JC 11 49.66 -117.36 -20.88
CA SER JC 11 48.95 -116.13 -20.52
C SER JC 11 47.45 -116.16 -20.78
N GLY JC 12 46.91 -117.27 -21.29
CA GLY JC 12 45.50 -117.31 -21.64
C GLY JC 12 45.19 -116.57 -22.92
N THR JC 13 46.13 -115.74 -23.37
CA THR JC 13 46.08 -115.10 -24.67
C THR JC 13 47.33 -115.36 -25.51
N SER JC 14 48.43 -115.79 -24.89
CA SER JC 14 49.62 -116.17 -25.64
C SER JC 14 50.19 -117.46 -25.07
N LEU JC 15 50.98 -118.12 -25.90
CA LEU JC 15 51.77 -119.28 -25.52
C LEU JC 15 53.16 -119.10 -26.08
N THR JC 16 54.17 -119.42 -25.28
CA THR JC 16 55.56 -119.16 -25.64
C THR JC 16 56.40 -120.39 -25.30
N TRP JC 17 56.73 -121.17 -26.32
CA TRP JC 17 57.64 -122.31 -26.22
C TRP JC 17 59.05 -121.89 -26.64
N VAL JC 18 60.03 -122.66 -26.17
CA VAL JC 18 61.43 -122.38 -26.45
C VAL JC 18 62.17 -123.69 -26.67
N ASP JC 19 63.17 -123.64 -27.54
CA ASP JC 19 64.09 -124.77 -27.73
C ASP JC 19 64.96 -124.91 -26.50
N PRO JC 20 64.89 -126.04 -25.78
CA PRO JC 20 65.72 -126.19 -24.57
C PRO JC 20 67.21 -126.06 -24.83
N ASN JC 21 67.67 -126.36 -26.05
CA ASN JC 21 69.08 -126.23 -26.37
C ASN JC 21 69.44 -124.79 -26.66
N ASP JC 22 68.74 -124.17 -27.61
CA ASP JC 22 68.98 -122.78 -28.00
C ASP JC 22 67.79 -121.94 -27.53
N PHE JC 23 68.02 -121.10 -26.52
CA PHE JC 23 67.00 -120.16 -26.08
C PHE JC 23 66.71 -119.07 -27.11
N ARG JC 24 67.50 -118.97 -28.18
CA ARG JC 24 67.28 -117.93 -29.18
C ARG JC 24 66.16 -118.26 -30.16
N SER JC 25 65.66 -119.50 -30.16
CA SER JC 25 64.57 -119.91 -31.06
C SER JC 25 63.29 -120.03 -30.24
N THR JC 26 62.41 -119.06 -30.39
CA THR JC 26 61.14 -118.94 -29.68
C THR JC 26 60.00 -119.30 -30.62
N PHE JC 27 58.90 -119.76 -30.04
CA PHE JC 27 57.68 -120.03 -30.79
C PHE JC 27 56.49 -119.55 -29.97
N ARG JC 28 55.81 -118.50 -30.44
CA ARG JC 28 54.67 -117.92 -29.74
C ARG JC 28 53.41 -118.05 -30.59
N ILE JC 29 52.29 -118.24 -29.89
CA ILE JC 29 50.96 -118.22 -30.50
C ILE JC 29 50.11 -117.23 -29.70
N ASN JC 30 49.52 -116.25 -30.41
CA ASN JC 30 48.64 -115.25 -29.82
C ASN JC 30 47.25 -115.43 -30.42
N LEU JC 31 46.24 -115.56 -29.57
CA LEU JC 31 44.86 -115.70 -30.02
C LEU JC 31 44.03 -114.63 -29.36
N ASN JC 32 43.36 -113.81 -30.19
CA ASN JC 32 42.49 -112.76 -29.68
C ASN JC 32 41.12 -112.93 -30.31
N VAL JC 33 40.07 -112.95 -29.49
CA VAL JC 33 38.71 -113.13 -29.98
C VAL JC 33 37.86 -111.96 -29.54
N ASN JC 34 37.03 -111.47 -30.46
CA ASN JC 34 36.10 -110.40 -30.18
C ASN JC 34 34.99 -110.42 -31.23
N GLN JC 35 33.85 -109.84 -30.87
CA GLN JC 35 32.71 -109.83 -31.78
C GLN JC 35 32.88 -108.79 -32.87
N LYS JC 36 32.52 -109.15 -34.09
CA LYS JC 36 32.46 -108.24 -35.22
C LYS JC 36 31.06 -108.32 -35.80
N VAL JC 37 30.73 -107.36 -36.66
CA VAL JC 37 29.44 -107.32 -37.33
C VAL JC 37 29.66 -107.75 -38.77
N ALA JC 38 29.15 -108.92 -39.14
CA ALA JC 38 29.19 -109.40 -40.51
C ALA JC 38 27.80 -109.19 -41.10
N GLY JC 39 27.71 -108.21 -42.00
CA GLY JC 39 26.45 -107.94 -42.67
C GLY JC 39 25.32 -107.71 -41.69
N ALA JC 40 24.40 -108.66 -41.63
CA ALA JC 40 23.20 -108.52 -40.81
C ALA JC 40 23.39 -109.00 -39.38
N VAL JC 41 24.34 -109.90 -39.11
CA VAL JC 41 24.42 -110.54 -37.80
C VAL JC 41 25.85 -110.41 -37.28
N SER JC 42 25.97 -110.48 -35.95
CA SER JC 42 27.28 -110.46 -35.32
C SER JC 42 27.88 -111.86 -35.27
N VAL JC 43 29.20 -111.92 -35.45
CA VAL JC 43 29.95 -113.17 -35.40
C VAL JC 43 31.16 -112.97 -34.51
N TYR JC 44 31.84 -114.07 -34.19
CA TYR JC 44 33.02 -114.04 -33.33
C TYR JC 44 34.29 -114.16 -34.18
N ASN JC 45 35.01 -113.05 -34.32
CA ASN JC 45 36.26 -113.04 -35.06
C ASN JC 45 37.41 -113.42 -34.14
N ALA JC 46 38.31 -114.26 -34.65
CA ALA JC 46 39.45 -114.77 -33.91
C ALA JC 46 40.71 -114.49 -34.73
N ARG JC 47 41.46 -113.48 -34.32
CA ARG JC 47 42.76 -113.19 -34.93
C ARG JC 47 43.79 -114.03 -34.20
N SER JC 48 44.23 -115.10 -34.86
CA SER JC 48 45.37 -115.88 -34.41
C SER JC 48 46.61 -115.33 -35.09
N GLU JC 49 47.74 -115.42 -34.40
CA GLU JC 49 49.03 -115.22 -35.05
C GLU JC 49 50.05 -116.16 -34.43
N VAL JC 50 50.93 -116.67 -35.28
CA VAL JC 50 51.94 -117.65 -34.91
C VAL JC 50 53.28 -117.10 -35.34
N ILE JC 51 54.14 -116.82 -34.36
CA ILE JC 51 55.41 -116.15 -34.60
C ILE JC 51 56.52 -117.09 -34.16
N THR JC 52 57.41 -117.44 -35.09
CA THR JC 52 58.62 -118.19 -34.76
C THR JC 52 59.84 -117.29 -34.97
N ASN JC 53 60.67 -117.19 -33.94
CA ASN JC 53 61.82 -116.30 -33.90
C ASN JC 53 63.08 -117.13 -33.73
N ARG JC 54 64.14 -116.76 -34.44
CA ARG JC 54 65.42 -117.46 -34.28
C ARG JC 54 66.54 -116.45 -34.46
N ALA JC 55 67.75 -116.89 -34.07
CA ALA JC 55 68.95 -116.07 -34.18
C ALA JC 55 70.10 -116.95 -34.65
N PRO JC 56 70.09 -117.36 -35.92
CA PRO JC 56 71.20 -118.16 -36.44
C PRO JC 56 72.46 -117.31 -36.54
N LEU JC 57 73.59 -118.01 -36.58
CA LEU JC 57 74.88 -117.34 -36.63
C LEU JC 57 75.28 -117.06 -38.07
N VAL JC 58 75.82 -115.87 -38.29
CA VAL JC 58 76.28 -115.46 -39.61
C VAL JC 58 77.75 -115.88 -39.74
N VAL JC 59 78.02 -116.77 -40.68
CA VAL JC 59 79.34 -117.38 -40.82
C VAL JC 59 79.86 -117.12 -42.23
N ILE JC 60 80.99 -116.44 -42.34
CA ILE JC 60 81.74 -116.29 -43.59
C ILE JC 60 83.06 -117.01 -43.40
N GLU JC 61 83.28 -118.06 -44.20
CA GLU JC 61 84.31 -119.05 -43.87
C GLU JC 61 85.69 -118.41 -43.68
N GLY JC 62 86.04 -117.46 -44.55
CA GLY JC 62 87.33 -116.81 -44.41
C GLY JC 62 87.35 -115.62 -43.50
N CYS JC 63 86.18 -115.15 -43.06
CA CYS JC 63 86.05 -113.85 -42.43
C CYS JC 63 85.54 -113.87 -40.99
N THR JC 64 84.69 -114.83 -40.64
CA THR JC 64 83.97 -114.82 -39.37
C THR JC 64 84.85 -115.43 -38.29
N ASP JC 65 85.29 -114.61 -37.35
CA ASP JC 65 85.99 -115.10 -36.17
C ASP JC 65 85.02 -115.93 -35.33
N ALA JC 66 85.46 -117.15 -34.98
CA ALA JC 66 84.58 -118.03 -34.21
C ALA JC 66 84.43 -117.57 -32.77
N CYS JC 67 85.42 -116.87 -32.23
CA CYS JC 67 85.35 -116.44 -30.83
C CYS JC 67 84.28 -115.38 -30.62
N SER JC 68 84.23 -114.38 -31.50
CA SER JC 68 83.20 -113.34 -31.44
C SER JC 68 82.03 -113.79 -32.31
N VAL JC 69 80.94 -114.20 -31.66
CA VAL JC 69 79.77 -114.69 -32.39
C VAL JC 69 79.13 -113.55 -33.16
N ASN JC 70 78.67 -113.84 -34.36
CA ASN JC 70 77.93 -112.89 -35.19
C ASN JC 70 76.57 -113.52 -35.47
N ARG JC 71 75.52 -112.97 -34.89
CA ARG JC 71 74.19 -113.53 -35.01
C ARG JC 71 73.25 -112.57 -35.73
N GLU JC 72 72.20 -113.15 -36.31
CA GLU JC 72 71.19 -112.46 -37.08
C GLU JC 72 69.82 -112.90 -36.60
N ASN JC 73 68.92 -111.95 -36.37
CA ASN JC 73 67.54 -112.30 -36.08
C ASN JC 73 66.81 -112.65 -37.37
N ILE JC 74 66.10 -113.78 -37.35
CA ILE JC 74 65.20 -114.16 -38.43
C ILE JC 74 63.84 -114.48 -37.83
N SER JC 75 62.78 -114.18 -38.60
CA SER JC 75 61.43 -114.32 -38.06
C SER JC 75 60.45 -114.75 -39.14
N ILE JC 76 59.54 -115.64 -38.76
CA ILE JC 76 58.44 -116.05 -39.63
C ILE JC 76 57.14 -115.91 -38.84
N ARG JC 77 56.27 -115.04 -39.31
CA ARG JC 77 55.03 -114.66 -38.65
C ARG JC 77 53.86 -115.05 -39.54
N THR JC 78 52.75 -115.45 -38.92
CA THR JC 78 51.56 -115.82 -39.69
C THR JC 78 50.30 -115.38 -38.95
N THR JC 79 49.56 -114.45 -39.55
CA THR JC 79 48.31 -113.93 -39.01
C THR JC 79 47.13 -114.52 -39.76
N ILE JC 80 46.09 -114.91 -39.00
CA ILE JC 80 44.89 -115.55 -39.53
C ILE JC 80 43.71 -114.92 -38.82
N SER JC 81 42.97 -114.05 -39.53
CA SER JC 81 41.85 -113.33 -38.93
C SER JC 81 40.57 -113.62 -39.73
N GLY JC 82 39.62 -114.25 -39.06
CA GLY JC 82 38.31 -114.57 -39.59
C GLY JC 82 37.43 -115.05 -38.45
N SER JC 83 36.14 -115.20 -38.73
CA SER JC 83 35.22 -115.61 -37.69
C SER JC 83 35.35 -117.10 -37.39
N VAL JC 84 35.09 -117.47 -36.13
CA VAL JC 84 34.96 -118.87 -35.77
C VAL JC 84 33.70 -119.44 -36.39
N GLU JC 85 32.70 -118.59 -36.61
CA GLU JC 85 31.44 -119.02 -37.20
C GLU JC 85 31.68 -119.62 -38.59
N ASN JC 86 32.55 -118.99 -39.38
CA ASN JC 86 32.82 -119.32 -40.77
C ASN JC 86 34.19 -119.98 -40.94
N LYS JC 87 34.62 -120.73 -39.93
CA LYS JC 87 35.96 -121.31 -39.96
C LYS JC 87 36.13 -122.27 -41.12
N ALA JC 88 35.03 -122.75 -41.73
CA ALA JC 88 35.14 -123.55 -42.94
C ALA JC 88 35.84 -122.76 -44.04
N ALA JC 89 35.34 -121.56 -44.34
CA ALA JC 89 35.98 -120.73 -45.35
C ALA JC 89 37.32 -120.18 -44.86
N VAL JC 90 37.47 -119.99 -43.55
CA VAL JC 90 38.79 -119.61 -43.02
C VAL JC 90 39.84 -120.66 -43.39
N LEU JC 91 39.54 -121.94 -43.15
CA LEU JC 91 40.48 -123.02 -43.45
C LEU JC 91 40.64 -123.22 -44.95
N ALA JC 92 39.55 -123.06 -45.71
CA ALA JC 92 39.66 -123.16 -47.17
C ALA JC 92 40.59 -122.07 -47.72
N ALA JC 93 40.61 -120.90 -47.08
CA ALA JC 93 41.58 -119.87 -47.43
C ALA JC 93 42.98 -120.24 -46.95
N LEU JC 94 43.07 -120.86 -45.78
CA LEU JC 94 44.38 -121.22 -45.24
C LEU JC 94 45.10 -122.21 -46.14
N LEU JC 95 44.38 -123.21 -46.65
CA LEU JC 95 45.03 -124.22 -47.48
C LEU JC 95 45.59 -123.61 -48.75
N ASP JC 96 44.81 -122.76 -49.42
CA ASP JC 96 45.27 -122.08 -50.62
C ASP JC 96 46.45 -121.18 -50.31
N HIS JC 97 46.41 -120.47 -49.18
CA HIS JC 97 47.51 -119.61 -48.78
C HIS JC 97 48.79 -120.41 -48.58
N LEU JC 98 48.70 -121.53 -47.85
CA LEU JC 98 49.89 -122.35 -47.58
C LEU JC 98 50.48 -122.91 -48.86
N HIS JC 99 49.62 -123.42 -49.76
CA HIS JC 99 50.12 -123.97 -51.02
C HIS JC 99 50.79 -122.91 -51.88
N ASN JC 100 50.19 -121.72 -51.96
CA ASN JC 100 50.79 -120.67 -52.77
C ASN JC 100 52.09 -120.18 -52.15
N LEU JC 101 52.13 -120.07 -50.82
CA LEU JC 101 53.39 -119.76 -50.15
C LEU JC 101 54.45 -120.79 -50.50
N GLY JC 102 54.08 -122.07 -50.50
CA GLY JC 102 55.03 -123.10 -50.92
C GLY JC 102 55.52 -122.90 -52.34
N LEU JC 103 54.62 -122.53 -53.26
CA LEU JC 103 55.05 -122.22 -54.62
C LEU JC 103 56.09 -121.11 -54.64
N ALA JC 104 55.94 -120.13 -53.75
CA ALA JC 104 56.81 -118.96 -53.80
C ALA JC 104 58.10 -119.10 -52.99
N ARG JC 105 58.16 -120.03 -52.03
CA ARG JC 105 59.16 -119.93 -50.96
C ARG JC 105 60.57 -120.02 -51.50
N ASP JC 106 60.79 -120.86 -52.51
CA ASP JC 106 62.13 -121.03 -53.05
C ASP JC 106 62.64 -119.73 -53.65
N ASP JC 107 61.76 -118.99 -54.33
CA ASP JC 107 62.13 -117.68 -54.86
C ASP JC 107 62.29 -116.66 -53.75
N LEU JC 108 61.39 -116.69 -52.76
CA LEU JC 108 61.36 -115.62 -51.76
C LEU JC 108 62.58 -115.68 -50.83
N VAL JC 109 62.94 -116.87 -50.36
CA VAL JC 109 64.06 -116.96 -49.42
C VAL JC 109 65.38 -116.62 -50.09
N ALA JC 110 65.44 -116.65 -51.42
CA ALA JC 110 66.63 -116.29 -52.16
C ALA JC 110 66.64 -114.83 -52.60
N GLY JC 111 65.71 -114.02 -52.08
CA GLY JC 111 65.67 -112.62 -52.42
C GLY JC 111 65.15 -112.29 -53.80
N LEU JC 112 64.54 -113.24 -54.49
CA LEU JC 112 64.05 -113.05 -55.85
C LEU JC 112 62.54 -112.83 -55.84
N LEU JC 113 62.07 -111.94 -56.68
CA LEU JC 113 60.64 -111.67 -56.79
C LEU JC 113 59.97 -112.78 -57.57
N PRO JC 114 59.02 -113.52 -56.98
CA PRO JC 114 58.44 -114.69 -57.65
C PRO JC 114 57.56 -114.31 -58.83
N THR JC 115 58.21 -113.88 -59.93
CA THR JC 115 57.48 -113.38 -61.09
C THR JC 115 56.90 -114.50 -61.95
N THR JC 116 57.36 -115.73 -61.79
CA THR JC 116 56.90 -116.83 -62.65
C THR JC 116 55.70 -117.57 -62.07
N ILE JC 117 55.66 -117.77 -60.74
CA ILE JC 117 54.68 -118.66 -60.13
C ILE JC 117 53.26 -118.24 -60.46
N GLN JC 118 52.35 -119.20 -60.41
CA GLN JC 118 50.92 -118.94 -60.60
C GLN JC 118 50.13 -119.54 -59.45
N PRO JC 119 49.51 -118.71 -58.60
CA PRO JC 119 48.72 -119.25 -57.49
C PRO JC 119 47.41 -119.87 -57.95
N VAL JC 120 46.58 -120.29 -57.01
CA VAL JC 120 45.37 -121.04 -57.34
C VAL JC 120 44.39 -120.92 -56.18
N VAL JC 121 43.10 -121.01 -56.50
CA VAL JC 121 42.02 -121.08 -55.52
C VAL JC 121 41.53 -122.52 -55.48
N GLU JC 122 41.05 -122.95 -54.31
CA GLU JC 122 40.41 -124.26 -54.15
C GLU JC 122 41.34 -125.40 -54.57
N TYR JC 123 42.53 -125.41 -53.99
CA TYR JC 123 43.54 -126.40 -54.34
C TYR JC 123 43.10 -127.80 -53.94
N THR JC 124 43.10 -128.72 -54.90
CA THR JC 124 42.64 -130.09 -54.69
C THR JC 124 43.85 -131.02 -54.61
N GLY JC 125 44.07 -131.59 -53.42
CA GLY JC 125 45.14 -132.56 -53.23
C GLY JC 125 46.54 -132.00 -53.34
N ALA KC 1 36.96 -126.32 -57.44
CA ALA KC 1 37.08 -126.14 -58.88
C ALA KC 1 38.55 -126.01 -59.29
N GLN KC 2 39.36 -125.51 -58.36
CA GLN KC 2 40.79 -125.26 -58.57
C GLN KC 2 41.05 -124.54 -59.89
N HIS KC 3 40.38 -123.40 -60.07
CA HIS KC 3 40.67 -122.45 -61.13
C HIS KC 3 41.78 -121.53 -60.63
N ASN KC 4 42.96 -121.62 -61.25
CA ASN KC 4 44.11 -120.89 -60.73
C ASN KC 4 44.00 -119.38 -60.96
N MET KC 5 44.62 -118.63 -60.06
CA MET KC 5 44.44 -117.19 -60.02
C MET KC 5 45.08 -116.51 -61.22
N ARG KC 6 44.59 -115.31 -61.52
CA ARG KC 6 45.03 -114.52 -62.65
C ARG KC 6 45.85 -113.34 -62.14
N LEU KC 7 47.00 -113.09 -62.76
CA LEU KC 7 47.78 -111.92 -62.41
C LEU KC 7 46.98 -110.65 -62.69
N GLN KC 8 47.10 -109.68 -61.79
CA GLN KC 8 46.37 -108.46 -62.07
C GLN KC 8 47.24 -107.21 -62.00
N LEU KC 9 48.20 -107.16 -61.08
CA LEU KC 9 49.03 -105.95 -60.97
C LEU KC 9 50.44 -106.26 -60.51
N THR KC 10 51.42 -105.67 -61.20
CA THR KC 10 52.83 -105.72 -60.79
C THR KC 10 53.34 -104.29 -60.72
N SER KC 11 53.84 -103.88 -59.56
CA SER KC 11 54.40 -102.54 -59.41
C SER KC 11 55.33 -102.52 -58.21
N GLY KC 12 56.49 -101.89 -58.38
CA GLY KC 12 57.44 -101.78 -57.30
C GLY KC 12 58.01 -103.11 -56.86
N THR KC 13 57.66 -103.53 -55.65
CA THR KC 13 58.09 -104.81 -55.09
C THR KC 13 56.93 -105.77 -54.88
N SER KC 14 55.74 -105.47 -55.42
CA SER KC 14 54.54 -106.23 -55.12
C SER KC 14 54.03 -106.95 -56.36
N LEU KC 15 53.37 -108.07 -56.11
CA LEU KC 15 52.65 -108.82 -57.13
C LEU KC 15 51.25 -109.08 -56.59
N THR KC 16 50.24 -108.92 -57.45
CA THR KC 16 48.84 -109.01 -57.01
C THR KC 16 48.06 -109.83 -58.02
N TRP KC 17 47.63 -111.03 -57.59
CA TRP KC 17 46.77 -111.94 -58.32
C TRP KC 17 45.37 -111.88 -57.74
N VAL KC 18 44.40 -112.32 -58.54
CA VAL KC 18 42.99 -112.27 -58.16
C VAL KC 18 42.29 -113.53 -58.67
N ASP KC 19 41.25 -113.95 -57.95
CA ASP KC 19 40.38 -115.01 -58.39
C ASP KC 19 39.51 -114.53 -59.54
N PRO KC 20 39.59 -115.14 -60.72
CA PRO KC 20 38.77 -114.68 -61.85
C PRO KC 20 37.27 -114.82 -61.63
N ASN KC 21 36.82 -115.53 -60.60
CA ASN KC 21 35.39 -115.66 -60.39
C ASN KC 21 34.83 -114.53 -59.53
N ASP KC 22 35.40 -114.29 -58.34
CA ASP KC 22 35.07 -113.07 -57.62
C ASP KC 22 36.36 -112.31 -57.32
N PHE KC 23 36.24 -111.00 -57.42
CA PHE KC 23 37.30 -110.02 -57.20
C PHE KC 23 37.66 -109.86 -55.73
N ARG KC 24 36.95 -110.58 -54.85
CA ARG KC 24 37.09 -110.41 -53.40
C ARG KC 24 38.28 -111.15 -52.83
N SER KC 25 38.70 -112.25 -53.47
CA SER KC 25 39.80 -113.06 -52.98
C SER KC 25 41.03 -112.77 -53.84
N THR KC 26 42.03 -112.15 -53.22
CA THR KC 26 43.24 -111.69 -53.86
C THR KC 26 44.47 -112.25 -53.14
N PHE KC 27 45.62 -112.13 -53.79
CA PHE KC 27 46.85 -112.73 -53.30
C PHE KC 27 48.00 -111.80 -53.66
N ARG KC 28 48.71 -111.30 -52.67
CA ARG KC 28 49.80 -110.34 -52.88
C ARG KC 28 51.09 -110.89 -52.30
N ILE KC 29 52.19 -110.57 -52.95
CA ILE KC 29 53.54 -110.88 -52.43
C ILE KC 29 54.38 -109.61 -52.51
N ASN KC 30 54.94 -109.20 -51.38
CA ASN KC 30 55.87 -108.08 -51.28
C ASN KC 30 57.24 -108.61 -50.92
N LEU KC 31 58.27 -108.04 -51.54
CA LEU KC 31 59.65 -108.46 -51.32
C LEU KC 31 60.52 -107.23 -51.14
N ASN KC 32 61.20 -107.15 -49.99
CA ASN KC 32 62.06 -106.01 -49.68
C ASN KC 32 63.45 -106.54 -49.32
N VAL KC 33 64.39 -106.39 -50.24
CA VAL KC 33 65.76 -106.83 -50.03
C VAL KC 33 66.62 -105.61 -49.75
N ASN KC 34 67.46 -105.70 -48.72
CA ASN KC 34 68.35 -104.60 -48.34
C ASN KC 34 69.38 -105.14 -47.35
N GLN KC 35 70.46 -104.36 -47.16
CA GLN KC 35 71.57 -104.85 -46.35
C GLN KC 35 71.27 -104.71 -44.86
N LYS KC 36 71.56 -105.77 -44.12
CA LYS KC 36 71.42 -105.90 -42.69
C LYS KC 36 72.81 -105.96 -42.09
N VAL KC 37 72.96 -105.45 -40.87
CA VAL KC 37 74.23 -105.44 -40.17
C VAL KC 37 74.13 -106.41 -39.00
N ALA KC 38 74.91 -107.48 -39.04
CA ALA KC 38 74.89 -108.50 -37.98
C ALA KC 38 76.32 -108.74 -37.53
N GLY KC 39 76.66 -108.17 -36.37
CA GLY KC 39 78.03 -108.25 -35.92
C GLY KC 39 78.92 -107.31 -36.73
N ALA KC 40 80.09 -107.82 -37.13
CA ALA KC 40 81.01 -107.04 -37.94
C ALA KC 40 80.71 -107.10 -39.42
N VAL KC 41 79.87 -108.04 -39.86
CA VAL KC 41 79.58 -108.23 -41.26
C VAL KC 41 78.20 -107.68 -41.59
N SER KC 42 77.95 -107.49 -42.88
CA SER KC 42 76.65 -107.12 -43.40
C SER KC 42 76.23 -108.17 -44.43
N VAL KC 43 74.94 -108.51 -44.40
CA VAL KC 43 74.37 -109.55 -45.25
C VAL KC 43 73.08 -109.03 -45.84
N TYR KC 44 72.72 -109.53 -47.03
CA TYR KC 44 71.49 -109.09 -47.68
C TYR KC 44 70.30 -109.80 -47.03
N ASN KC 45 69.46 -109.03 -46.33
CA ASN KC 45 68.25 -109.54 -45.71
C ASN KC 45 67.08 -109.32 -46.65
N ALA KC 46 66.26 -110.36 -46.79
CA ALA KC 46 65.02 -110.33 -47.57
C ALA KC 46 63.85 -110.38 -46.60
N ARG KC 47 62.90 -109.48 -46.80
CA ARG KC 47 61.62 -109.44 -46.09
C ARG KC 47 60.54 -109.80 -47.11
N SER KC 48 60.09 -111.05 -47.08
CA SER KC 48 58.95 -111.47 -47.87
C SER KC 48 57.70 -111.33 -47.02
N GLU KC 49 56.62 -110.88 -47.65
CA GLU KC 49 55.32 -110.99 -47.00
C GLU KC 49 54.25 -111.36 -48.01
N VAL KC 50 53.51 -112.42 -47.69
CA VAL KC 50 52.53 -113.04 -48.57
C VAL KC 50 51.17 -112.88 -47.92
N ILE KC 51 50.28 -112.13 -48.57
CA ILE KC 51 49.02 -111.71 -47.99
C ILE KC 51 47.89 -112.23 -48.88
N THR KC 52 47.09 -113.17 -48.37
CA THR KC 52 45.89 -113.61 -49.06
C THR KC 52 44.67 -113.01 -48.36
N ASN KC 53 43.81 -112.37 -49.14
CA ASN KC 53 42.66 -111.63 -48.64
C ASN KC 53 41.40 -112.18 -49.28
N ARG KC 54 40.34 -112.35 -48.48
CA ARG KC 54 39.07 -112.79 -49.02
C ARG KC 54 37.96 -112.02 -48.32
N ALA KC 55 36.78 -112.07 -48.93
CA ALA KC 55 35.57 -111.46 -48.36
C ALA KC 55 34.41 -112.42 -48.55
N PRO KC 56 34.48 -113.61 -47.96
CA PRO KC 56 33.51 -114.66 -48.26
C PRO KC 56 32.17 -114.37 -47.60
N LEU KC 57 31.17 -115.15 -48.02
CA LEU KC 57 29.90 -115.16 -47.32
C LEU KC 57 30.05 -115.97 -46.03
N VAL KC 58 29.40 -115.52 -44.96
CA VAL KC 58 29.43 -116.29 -43.72
C VAL KC 58 28.45 -117.46 -43.86
N VAL KC 59 28.98 -118.68 -43.74
CA VAL KC 59 28.22 -119.91 -43.93
C VAL KC 59 28.12 -120.59 -42.59
N ILE KC 60 26.94 -120.53 -41.97
CA ILE KC 60 26.69 -121.20 -40.71
C ILE KC 60 26.54 -122.69 -40.99
N GLU KC 61 27.07 -123.53 -40.09
CA GLU KC 61 27.01 -124.96 -40.35
C GLU KC 61 25.56 -125.45 -40.46
N GLY KC 62 24.78 -125.25 -39.39
CA GLY KC 62 23.41 -125.73 -39.41
C GLY KC 62 22.58 -125.15 -40.53
N CYS KC 63 22.88 -123.93 -40.93
CA CYS KC 63 22.02 -123.21 -41.88
C CYS KC 63 22.42 -123.49 -43.32
N THR KC 64 21.45 -123.28 -44.20
CA THR KC 64 21.68 -123.37 -45.64
C THR KC 64 20.69 -122.41 -46.33
N ASP KC 65 21.23 -121.38 -46.98
CA ASP KC 65 20.43 -120.28 -47.51
C ASP KC 65 21.22 -119.60 -48.62
N ALA KC 66 20.64 -119.54 -49.82
CA ALA KC 66 21.29 -118.85 -50.93
C ALA KC 66 20.90 -117.38 -51.00
N CYS KC 67 20.09 -116.88 -50.07
CA CYS KC 67 19.59 -115.52 -50.11
C CYS KC 67 20.29 -114.57 -49.15
N SER KC 68 21.20 -115.06 -48.33
CA SER KC 68 21.95 -114.19 -47.43
C SER KC 68 23.17 -113.66 -48.15
N VAL KC 69 23.37 -112.34 -48.09
CA VAL KC 69 24.61 -111.71 -48.55
C VAL KC 69 25.46 -111.26 -47.34
N ASN KC 70 25.27 -111.90 -46.20
CA ASN KC 70 26.07 -111.65 -45.02
C ASN KC 70 27.53 -111.96 -45.33
N ARG KC 71 28.38 -110.94 -45.35
CA ARG KC 71 29.78 -111.10 -45.71
C ARG KC 71 30.69 -110.51 -44.62
N GLU KC 72 31.79 -111.21 -44.36
CA GLU KC 72 32.89 -110.71 -43.55
C GLU KC 72 34.17 -110.74 -44.35
N ASN KC 73 35.15 -109.98 -43.89
CA ASN KC 73 36.49 -110.03 -44.44
C ASN KC 73 37.33 -111.03 -43.66
N ILE KC 74 38.20 -111.74 -44.38
CA ILE KC 74 39.15 -112.65 -43.75
C ILE KC 74 40.50 -112.45 -44.42
N SER KC 75 41.57 -112.65 -43.65
CA SER KC 75 42.91 -112.43 -44.17
C SER KC 75 43.93 -113.34 -43.50
N ILE KC 76 44.84 -113.86 -44.31
CA ILE KC 76 45.96 -114.67 -43.83
C ILE KC 76 47.25 -114.09 -44.40
N ARG KC 77 48.14 -113.67 -43.52
CA ARG KC 77 49.41 -113.05 -43.90
C ARG KC 77 50.56 -113.87 -43.33
N THR KC 78 51.64 -113.94 -44.09
CA THR KC 78 52.85 -114.66 -43.65
C THR KC 78 54.07 -113.83 -44.01
N THR KC 79 54.82 -113.43 -42.99
CA THR KC 79 56.01 -112.61 -43.14
C THR KC 79 57.25 -113.45 -42.82
N ILE KC 80 58.29 -113.26 -43.63
CA ILE KC 80 59.52 -114.04 -43.54
C ILE KC 80 60.70 -113.09 -43.72
N SER KC 81 61.38 -112.73 -42.63
CA SER KC 81 62.49 -111.80 -42.68
C SER KC 81 63.76 -112.54 -42.27
N GLY KC 82 64.72 -112.58 -43.18
CA GLY KC 82 65.97 -113.31 -42.95
C GLY KC 82 66.93 -113.10 -44.12
N SER KC 83 68.21 -113.28 -43.83
CA SER KC 83 69.22 -113.05 -44.86
C SER KC 83 69.15 -114.13 -45.93
N VAL KC 84 69.69 -113.78 -47.09
CA VAL KC 84 69.82 -114.76 -48.17
C VAL KC 84 70.94 -115.74 -47.86
N GLU KC 85 71.93 -115.30 -47.09
CA GLU KC 85 73.07 -116.16 -46.78
C GLU KC 85 72.66 -117.34 -45.90
N ASN KC 86 71.87 -117.08 -44.86
CA ASN KC 86 71.36 -118.14 -44.00
C ASN KC 86 70.03 -118.71 -44.48
N LYS KC 87 69.73 -118.59 -45.78
CA LYS KC 87 68.45 -119.10 -46.26
C LYS KC 87 68.26 -120.57 -45.96
N ALA KC 88 69.35 -121.30 -45.69
CA ALA KC 88 69.22 -122.67 -45.19
C ALA KC 88 68.48 -122.70 -43.86
N ALA KC 89 68.96 -121.94 -42.87
CA ALA KC 89 68.28 -121.91 -41.58
C ALA KC 89 66.92 -121.22 -41.69
N VAL KC 90 66.77 -120.29 -42.62
CA VAL KC 90 65.45 -119.69 -42.87
C VAL KC 90 64.45 -120.74 -43.31
N LEU KC 91 64.85 -121.60 -44.27
CA LEU KC 91 63.94 -122.64 -44.76
C LEU KC 91 63.70 -123.72 -43.71
N ALA KC 92 64.71 -124.07 -42.91
CA ALA KC 92 64.49 -125.01 -41.82
C ALA KC 92 63.48 -124.44 -40.82
N ALA KC 93 63.65 -123.16 -40.46
CA ALA KC 93 62.70 -122.48 -39.61
C ALA KC 93 61.32 -122.42 -40.25
N LEU KC 94 61.26 -122.28 -41.58
CA LEU KC 94 59.97 -122.26 -42.26
C LEU KC 94 59.26 -123.60 -42.15
N LEU KC 95 60.00 -124.70 -42.36
CA LEU KC 95 59.41 -126.03 -42.22
C LEU KC 95 58.88 -126.24 -40.81
N ASP KC 96 59.70 -125.91 -39.81
CA ASP KC 96 59.27 -126.08 -38.42
C ASP KC 96 58.04 -125.20 -38.12
N HIS KC 97 58.04 -123.97 -38.63
CA HIS KC 97 56.92 -123.05 -38.46
C HIS KC 97 55.64 -123.61 -39.07
N LEU KC 98 55.73 -124.11 -40.31
CA LEU KC 98 54.57 -124.65 -40.99
C LEU KC 98 54.02 -125.87 -40.27
N HIS KC 99 54.91 -126.77 -39.82
CA HIS KC 99 54.44 -127.95 -39.12
C HIS KC 99 53.77 -127.60 -37.80
N ASN KC 100 54.35 -126.67 -37.04
CA ASN KC 100 53.73 -126.28 -35.78
C ASN KC 100 52.41 -125.55 -36.01
N LEU KC 101 52.36 -124.69 -37.03
CA LEU KC 101 51.11 -124.05 -37.42
C LEU KC 101 50.04 -125.09 -37.72
N GLY KC 102 50.40 -126.14 -38.46
CA GLY KC 102 49.46 -127.22 -38.72
C GLY KC 102 49.01 -127.90 -37.45
N LEU KC 103 49.94 -128.12 -36.51
CA LEU KC 103 49.55 -128.70 -35.22
C LEU KC 103 48.52 -127.83 -34.52
N ALA KC 104 48.57 -126.52 -34.71
CA ALA KC 104 47.70 -125.63 -33.96
C ALA KC 104 46.42 -125.19 -34.69
N ARG KC 105 46.34 -125.36 -36.01
CA ARG KC 105 45.32 -124.63 -36.78
C ARG KC 105 43.91 -125.05 -36.39
N ASP KC 106 43.70 -126.32 -36.08
CA ASP KC 106 42.35 -126.77 -35.77
C ASP KC 106 41.83 -126.11 -34.51
N ASP KC 107 42.72 -125.83 -33.55
CA ASP KC 107 42.35 -125.05 -32.38
C ASP KC 107 42.21 -123.57 -32.71
N LEU KC 108 43.13 -123.03 -33.51
CA LEU KC 108 43.18 -121.58 -33.70
C LEU KC 108 41.99 -121.07 -34.50
N VAL KC 109 41.58 -121.79 -35.55
CA VAL KC 109 40.45 -121.31 -36.34
C VAL KC 109 39.13 -121.48 -35.58
N ALA KC 110 39.11 -122.30 -34.53
CA ALA KC 110 37.93 -122.50 -33.71
C ALA KC 110 37.91 -121.59 -32.48
N GLY KC 111 38.84 -120.66 -32.38
CA GLY KC 111 38.90 -119.74 -31.25
C GLY KC 111 39.51 -120.31 -30.00
N LEU KC 112 40.06 -121.51 -30.05
CA LEU KC 112 40.65 -122.16 -28.88
C LEU KC 112 42.17 -121.96 -28.90
N LEU KC 113 42.72 -121.53 -27.77
CA LEU KC 113 44.17 -121.43 -27.67
C LEU KC 113 44.76 -122.83 -27.55
N PRO KC 114 45.70 -123.20 -28.42
CA PRO KC 114 46.17 -124.59 -28.46
C PRO KC 114 46.99 -124.97 -27.24
N THR KC 115 46.29 -125.29 -26.14
CA THR KC 115 46.97 -125.62 -24.90
C THR KC 115 47.70 -126.96 -24.99
N THR KC 116 47.22 -127.85 -25.85
CA THR KC 116 47.61 -129.26 -25.82
C THR KC 116 48.60 -129.64 -26.92
N ILE KC 117 49.09 -128.68 -27.70
CA ILE KC 117 49.95 -129.02 -28.83
C ILE KC 117 51.40 -129.13 -28.35
N GLN KC 118 52.23 -129.79 -29.15
CA GLN KC 118 53.63 -130.03 -28.83
C GLN KC 118 54.50 -129.53 -29.99
N PRO KC 119 54.95 -128.29 -29.94
CA PRO KC 119 55.81 -127.77 -31.00
C PRO KC 119 57.19 -128.41 -30.98
N VAL KC 120 57.77 -128.57 -32.16
CA VAL KC 120 59.03 -129.28 -32.35
C VAL KC 120 60.03 -128.38 -33.06
N VAL KC 121 61.29 -128.83 -33.07
CA VAL KC 121 62.35 -128.24 -33.87
C VAL KC 121 62.91 -129.33 -34.77
N GLU KC 122 63.26 -128.97 -36.01
CA GLU KC 122 63.86 -129.89 -36.96
C GLU KC 122 62.93 -131.07 -37.26
N TYR KC 123 61.76 -130.74 -37.82
CA TYR KC 123 60.77 -131.77 -38.13
C TYR KC 123 61.27 -132.74 -39.20
N THR KC 124 61.00 -134.02 -38.99
CA THR KC 124 61.42 -135.08 -39.89
C THR KC 124 60.31 -136.14 -40.05
N ALA LC 1 54.05 -139.52 7.64
CA ALA LC 1 52.86 -139.63 6.80
C ALA LC 1 53.22 -139.55 5.31
N GLN LC 2 54.23 -138.73 5.02
CA GLN LC 2 54.71 -138.46 3.66
C GLN LC 2 53.56 -138.08 2.72
N HIS LC 3 52.60 -137.33 3.24
CA HIS LC 3 51.64 -136.66 2.37
C HIS LC 3 52.37 -135.56 1.59
N ASN LC 4 52.23 -135.59 0.27
CA ASN LC 4 52.98 -134.67 -0.57
C ASN LC 4 52.25 -133.34 -0.76
N MET LC 5 53.03 -132.29 -0.98
CA MET LC 5 52.50 -130.92 -1.02
C MET LC 5 51.58 -130.73 -2.20
N ARG LC 6 50.69 -129.74 -2.09
CA ARG LC 6 49.74 -129.45 -3.16
C ARG LC 6 49.86 -128.00 -3.58
N LEU LC 7 49.47 -127.72 -4.83
CA LEU LC 7 49.85 -126.49 -5.49
C LEU LC 7 48.97 -125.32 -5.07
N GLN LC 8 49.62 -124.17 -4.83
CA GLN LC 8 48.91 -122.96 -4.38
C GLN LC 8 49.05 -121.78 -5.34
N LEU LC 9 50.27 -121.46 -5.80
CA LEU LC 9 50.51 -120.26 -6.61
C LEU LC 9 51.39 -120.58 -7.80
N THR LC 10 50.95 -120.19 -9.00
CA THR LC 10 51.72 -120.34 -10.22
C THR LC 10 51.88 -118.97 -10.88
N SER LC 11 53.10 -118.67 -11.31
CA SER LC 11 53.40 -117.35 -11.84
C SER LC 11 54.18 -117.36 -13.15
N GLY LC 12 54.52 -118.53 -13.69
CA GLY LC 12 55.35 -118.61 -14.87
C GLY LC 12 56.80 -118.30 -14.55
N THR LC 13 57.01 -117.68 -13.40
CA THR LC 13 58.32 -117.46 -12.82
C THR LC 13 58.44 -117.99 -11.39
N SER LC 14 57.32 -118.15 -10.69
CA SER LC 14 57.31 -118.65 -9.31
C SER LC 14 56.30 -119.77 -9.18
N LEU LC 15 56.67 -120.79 -8.40
CA LEU LC 15 55.75 -121.86 -8.03
C LEU LC 15 55.74 -121.96 -6.52
N THR LC 16 54.55 -122.13 -5.95
CA THR LC 16 54.38 -122.13 -4.51
C THR LC 16 53.43 -123.25 -4.14
N TRP LC 17 53.95 -124.28 -3.49
CA TRP LC 17 53.17 -125.39 -2.97
C TRP LC 17 53.06 -125.26 -1.46
N VAL LC 18 52.01 -125.86 -0.90
CA VAL LC 18 51.74 -125.79 0.53
C VAL LC 18 51.40 -127.19 1.04
N ASP LC 19 51.73 -127.43 2.30
CA ASP LC 19 51.30 -128.62 3.01
C ASP LC 19 49.79 -128.56 3.23
N PRO LC 20 49.01 -129.50 2.69
CA PRO LC 20 47.55 -129.43 2.87
C PRO LC 20 47.09 -129.50 4.32
N ASN LC 21 47.92 -130.03 5.23
CA ASN LC 21 47.54 -130.03 6.64
C ASN LC 21 47.93 -128.73 7.33
N ASP LC 22 49.20 -128.33 7.19
CA ASP LC 22 49.75 -127.16 7.86
C ASP LC 22 50.06 -126.10 6.81
N PHE LC 23 49.30 -125.01 6.82
CA PHE LC 23 49.52 -123.91 5.89
C PHE LC 23 50.78 -123.10 6.23
N ARG LC 24 51.41 -123.37 7.37
CA ARG LC 24 52.62 -122.66 7.75
C ARG LC 24 53.85 -123.12 6.97
N SER LC 25 53.83 -124.34 6.44
CA SER LC 25 54.98 -124.91 5.73
C SER LC 25 54.71 -124.83 4.23
N THR LC 26 55.49 -124.01 3.54
CA THR LC 26 55.36 -123.76 2.12
C THR LC 26 56.69 -124.04 1.42
N PHE LC 27 56.61 -124.11 0.10
CA PHE LC 27 57.76 -124.45 -0.73
C PHE LC 27 57.63 -123.70 -2.05
N ARG LC 28 58.54 -122.75 -2.29
CA ARG LC 28 58.53 -121.95 -3.51
C ARG LC 28 59.79 -122.24 -4.32
N ILE LC 29 59.63 -122.21 -5.64
CA ILE LC 29 60.75 -122.25 -6.59
C ILE LC 29 60.61 -121.03 -7.49
N ASN LC 30 61.66 -120.21 -7.54
CA ASN LC 30 61.73 -119.04 -8.39
C ASN LC 30 62.86 -119.24 -9.41
N LEU LC 31 62.61 -118.83 -10.64
CA LEU LC 31 63.58 -118.98 -11.72
C LEU LC 31 63.64 -117.69 -12.51
N ASN LC 32 64.86 -117.24 -12.81
CA ASN LC 32 65.04 -116.02 -13.59
C ASN LC 32 66.17 -116.24 -14.58
N VAL LC 33 65.85 -116.17 -15.87
CA VAL LC 33 66.82 -116.34 -16.94
C VAL LC 33 67.03 -114.98 -17.61
N ASN LC 34 68.30 -114.67 -17.88
CA ASN LC 34 68.65 -113.44 -18.57
C ASN LC 34 70.08 -113.56 -19.08
N GLN LC 35 70.44 -112.73 -20.06
CA GLN LC 35 71.77 -112.86 -20.62
C GLN LC 35 72.83 -112.27 -19.71
N LYS LC 36 74.06 -112.72 -19.94
CA LYS LC 36 75.21 -112.35 -19.13
C LYS LC 36 76.43 -112.34 -20.03
N VAL LC 37 77.36 -111.43 -19.74
CA VAL LC 37 78.57 -111.27 -20.55
C VAL LC 37 79.73 -111.88 -19.78
N ALA LC 38 80.19 -113.04 -20.22
CA ALA LC 38 81.39 -113.67 -19.69
C ALA LC 38 82.51 -113.42 -20.71
N GLY LC 39 83.46 -112.57 -20.32
CA GLY LC 39 84.49 -112.16 -21.24
C GLY LC 39 83.91 -111.48 -22.46
N ALA LC 40 84.08 -112.11 -23.62
CA ALA LC 40 83.56 -111.59 -24.88
C ALA LC 40 82.39 -112.41 -25.41
N VAL LC 41 81.77 -113.25 -24.58
CA VAL LC 41 80.72 -114.15 -25.01
C VAL LC 41 79.50 -113.96 -24.12
N SER LC 42 78.33 -113.80 -24.74
CA SER LC 42 77.08 -113.71 -23.98
C SER LC 42 76.48 -115.10 -23.85
N VAL LC 43 76.07 -115.44 -22.63
CA VAL LC 43 75.45 -116.72 -22.32
C VAL LC 43 74.22 -116.46 -21.47
N TYR LC 44 73.26 -117.39 -21.55
CA TYR LC 44 72.02 -117.27 -20.78
C TYR LC 44 72.24 -117.80 -19.37
N ASN LC 45 72.32 -116.89 -18.41
CA ASN LC 45 72.42 -117.24 -17.00
C ASN LC 45 71.04 -117.45 -16.42
N ALA LC 46 70.86 -118.56 -15.71
CA ALA LC 46 69.66 -118.84 -14.94
C ALA LC 46 70.03 -118.79 -13.46
N ARG LC 47 69.25 -118.02 -12.70
CA ARG LC 47 69.33 -118.02 -11.24
C ARG LC 47 68.04 -118.64 -10.72
N SER LC 48 68.17 -119.81 -10.09
CA SER LC 48 67.07 -120.51 -9.47
C SER LC 48 67.23 -120.43 -7.96
N GLU LC 49 66.17 -120.03 -7.26
CA GLU LC 49 66.17 -120.13 -5.81
C GLU LC 49 64.99 -120.99 -5.35
N VAL LC 50 65.27 -121.81 -4.34
CA VAL LC 50 64.33 -122.79 -3.80
C VAL LC 50 64.21 -122.50 -2.32
N ILE LC 51 63.02 -122.05 -1.90
CA ILE LC 51 62.78 -121.55 -0.55
C ILE LC 51 61.72 -122.43 0.11
N THR LC 52 62.09 -123.13 1.17
CA THR LC 52 61.13 -123.84 1.99
C THR LC 52 61.00 -123.12 3.34
N ASN LC 53 59.77 -122.80 3.71
CA ASN LC 53 59.45 -122.01 4.89
C ASN LC 53 58.56 -122.80 5.82
N ARG LC 54 58.82 -122.73 7.13
CA ARG LC 54 57.99 -123.43 8.09
C ARG LC 54 57.87 -122.59 9.36
N ALA LC 55 56.91 -122.97 10.20
CA ALA LC 55 56.63 -122.26 11.45
C ALA LC 55 56.43 -123.28 12.57
N PRO LC 56 57.52 -123.82 13.11
CA PRO LC 56 57.40 -124.76 14.23
C PRO LC 56 56.98 -124.05 15.51
N LEU LC 57 56.44 -124.84 16.44
CA LEU LC 57 56.11 -124.33 17.75
C LEU LC 57 57.27 -124.57 18.71
N VAL LC 58 57.49 -123.62 19.60
CA VAL LC 58 58.50 -123.76 20.64
C VAL LC 58 57.90 -124.62 21.76
N VAL LC 59 58.40 -125.85 21.87
CA VAL LC 59 57.89 -126.82 22.84
C VAL LC 59 58.63 -126.63 24.15
N ILE LC 60 57.90 -126.15 25.17
CA ILE LC 60 58.40 -126.13 26.55
C ILE LC 60 57.63 -127.14 27.37
N GLU LC 61 58.35 -128.08 27.97
CA GLU LC 61 57.73 -129.03 28.89
C GLU LC 61 57.17 -128.30 30.10
N GLY LC 62 56.01 -128.76 30.56
CA GLY LC 62 55.33 -128.12 31.66
C GLY LC 62 54.48 -126.93 31.27
N CYS LC 63 54.55 -126.49 30.02
CA CYS LC 63 53.78 -125.37 29.51
C CYS LC 63 52.83 -125.87 28.42
N THR LC 64 51.57 -126.09 28.78
CA THR LC 64 50.55 -126.37 27.79
C THR LC 64 50.31 -125.10 26.98
N ASP LC 65 50.83 -125.06 25.75
CA ASP LC 65 50.76 -123.88 24.90
C ASP LC 65 49.39 -123.84 24.22
N ALA LC 66 48.37 -123.64 25.06
CA ALA LC 66 47.06 -123.31 24.53
C ALA LC 66 47.15 -122.06 23.67
N CYS LC 67 46.46 -122.09 22.54
CA CYS LC 67 46.40 -121.05 21.52
C CYS LC 67 47.64 -121.10 20.61
N SER LC 68 48.63 -121.95 20.92
CA SER LC 68 49.84 -122.10 20.11
C SER LC 68 50.49 -120.75 19.80
N VAL LC 69 50.77 -119.99 20.87
CA VAL LC 69 51.30 -118.65 20.71
C VAL LC 69 52.82 -118.66 20.56
N ASN LC 70 53.49 -119.55 21.28
CA ASN LC 70 54.95 -119.67 21.18
C ASN LC 70 55.30 -120.37 19.87
N ARG LC 71 55.57 -119.58 18.83
CA ARG LC 71 55.80 -120.15 17.51
C ARG LC 71 56.98 -119.44 16.85
N GLU LC 72 57.75 -120.21 16.10
CA GLU LC 72 59.01 -119.79 15.49
C GLU LC 72 58.95 -119.93 13.99
N ASN LC 73 59.63 -119.03 13.27
CA ASN LC 73 59.81 -119.15 11.84
C ASN LC 73 61.17 -119.77 11.55
N ILE LC 74 61.18 -120.79 10.68
CA ILE LC 74 62.41 -121.39 10.20
C ILE LC 74 62.37 -121.42 8.67
N SER LC 75 63.55 -121.33 8.06
CA SER LC 75 63.61 -121.27 6.60
C SER LC 75 64.90 -121.88 6.07
N ILE LC 76 64.77 -122.61 4.97
CA ILE LC 76 65.91 -123.19 4.26
C ILE LC 76 65.81 -122.77 2.79
N ARG LC 77 66.83 -122.07 2.31
CA ARG LC 77 66.84 -121.46 1.00
C ARG LC 77 68.09 -121.90 0.24
N THR LC 78 67.96 -122.02 -1.07
CA THR LC 78 69.07 -122.49 -1.91
C THR LC 78 69.07 -121.74 -3.24
N THR LC 79 70.15 -121.02 -3.52
CA THR LC 79 70.29 -120.23 -4.74
C THR LC 79 71.35 -120.87 -5.63
N ILE LC 80 71.05 -120.94 -6.93
CA ILE LC 80 71.89 -121.61 -7.91
C ILE LC 80 71.90 -120.70 -9.13
N SER LC 81 73.00 -119.97 -9.33
CA SER LC 81 73.12 -119.02 -10.43
C SER LC 81 74.26 -119.45 -11.33
N GLY LC 82 73.94 -119.74 -12.59
CA GLY LC 82 74.94 -120.19 -13.54
C GLY LC 82 74.38 -120.26 -14.94
N SER LC 83 75.29 -120.39 -15.91
CA SER LC 83 74.89 -120.50 -17.30
C SER LC 83 74.15 -121.81 -17.56
N VAL LC 84 73.13 -121.74 -18.41
CA VAL LC 84 72.55 -122.95 -18.95
C VAL LC 84 73.59 -123.70 -19.78
N GLU LC 85 74.51 -122.96 -20.41
CA GLU LC 85 75.52 -123.59 -21.23
C GLU LC 85 76.52 -124.40 -20.40
N ASN LC 86 76.97 -123.86 -19.27
CA ASN LC 86 77.85 -124.58 -18.37
C ASN LC 86 77.09 -125.36 -17.31
N LYS LC 87 75.86 -125.77 -17.61
CA LYS LC 87 75.07 -126.52 -16.63
C LYS LC 87 75.78 -127.78 -16.17
N ALA LC 88 76.74 -128.29 -16.95
CA ALA LC 88 77.54 -129.42 -16.50
C ALA LC 88 78.34 -129.07 -15.25
N ALA LC 89 79.12 -127.98 -15.31
CA ALA LC 89 79.87 -127.55 -14.14
C ALA LC 89 78.96 -127.06 -13.03
N VAL LC 90 77.79 -126.52 -13.40
CA VAL LC 90 76.80 -126.15 -12.38
C VAL LC 90 76.37 -127.38 -11.58
N LEU LC 91 76.08 -128.49 -12.28
CA LEU LC 91 75.62 -129.70 -11.60
C LEU LC 91 76.75 -130.36 -10.81
N ALA LC 92 77.98 -130.32 -11.33
CA ALA LC 92 79.12 -130.80 -10.56
C ALA LC 92 79.24 -130.00 -9.26
N ALA LC 93 79.13 -128.68 -9.36
CA ALA LC 93 79.15 -127.83 -8.18
C ALA LC 93 77.99 -128.13 -7.24
N LEU LC 94 76.83 -128.48 -7.78
CA LEU LC 94 75.70 -128.80 -6.92
C LEU LC 94 75.95 -130.08 -6.15
N LEU LC 95 76.48 -131.10 -6.82
CA LEU LC 95 76.79 -132.36 -6.12
C LEU LC 95 77.81 -132.12 -5.00
N ASP LC 96 78.90 -131.42 -5.32
CA ASP LC 96 79.92 -131.16 -4.31
C ASP LC 96 79.35 -130.30 -3.17
N HIS LC 97 78.47 -129.35 -3.51
CA HIS LC 97 77.83 -128.51 -2.51
C HIS LC 97 76.95 -129.34 -1.58
N LEU LC 98 76.12 -130.22 -2.15
CA LEU LC 98 75.23 -131.04 -1.34
C LEU LC 98 76.03 -131.95 -0.42
N HIS LC 99 77.09 -132.56 -0.93
CA HIS LC 99 77.89 -133.46 -0.10
C HIS LC 99 78.57 -132.72 1.04
N ASN LC 100 79.11 -131.53 0.77
CA ASN LC 100 79.78 -130.78 1.83
C ASN LC 100 78.76 -130.25 2.84
N LEU LC 101 77.59 -129.82 2.36
CA LEU LC 101 76.50 -129.48 3.26
C LEU LC 101 76.18 -130.64 4.18
N GLY LC 102 76.08 -131.84 3.61
CA GLY LC 102 75.84 -133.01 4.43
C GLY LC 102 76.94 -133.27 5.44
N LEU LC 103 78.18 -132.94 5.10
CA LEU LC 103 79.26 -133.05 6.08
C LEU LC 103 79.03 -132.11 7.25
N ALA LC 104 78.55 -130.90 6.98
CA ALA LC 104 78.40 -129.91 8.06
C ALA LC 104 77.02 -129.92 8.71
N ARG LC 105 76.07 -130.71 8.19
CA ARG LC 105 74.66 -130.49 8.51
C ARG LC 105 74.35 -130.71 9.98
N ASP LC 106 75.06 -131.62 10.63
CA ASP LC 106 74.75 -131.91 12.02
C ASP LC 106 75.31 -130.84 12.93
N ASP LC 107 76.53 -130.36 12.65
CA ASP LC 107 77.12 -129.29 13.46
C ASP LC 107 76.33 -128.00 13.29
N LEU LC 108 76.04 -127.61 12.04
CA LEU LC 108 75.46 -126.30 11.78
C LEU LC 108 74.10 -126.14 12.43
N VAL LC 109 73.28 -127.19 12.42
CA VAL LC 109 71.93 -127.06 12.94
C VAL LC 109 71.94 -127.01 14.47
N ALA LC 110 73.01 -127.49 15.10
CA ALA LC 110 73.18 -127.41 16.55
C ALA LC 110 73.84 -126.12 17.00
N GLY LC 111 74.09 -125.18 16.07
CA GLY LC 111 74.68 -123.91 16.42
C GLY LC 111 76.18 -123.91 16.61
N LEU LC 112 76.87 -124.89 16.04
CA LEU LC 112 78.28 -125.09 16.27
C LEU LC 112 79.04 -125.01 14.95
N LEU LC 113 80.12 -124.24 14.94
CA LEU LC 113 80.91 -124.08 13.72
C LEU LC 113 81.59 -125.41 13.38
N PRO LC 114 81.38 -125.95 12.17
CA PRO LC 114 81.97 -127.26 11.82
C PRO LC 114 83.47 -127.16 11.55
N THR LC 115 84.22 -126.91 12.62
CA THR LC 115 85.67 -126.78 12.51
C THR LC 115 86.34 -128.09 12.10
N THR LC 116 85.69 -129.23 12.35
CA THR LC 116 86.32 -130.52 12.14
C THR LC 116 86.20 -131.05 10.72
N ILE LC 117 85.12 -130.72 10.01
CA ILE LC 117 84.87 -131.34 8.71
C ILE LC 117 85.94 -130.94 7.70
N GLN LC 118 86.03 -131.72 6.63
CA GLN LC 118 86.93 -131.43 5.51
C GLN LC 118 86.19 -131.59 4.21
N PRO LC 119 85.86 -130.51 3.51
CA PRO LC 119 85.10 -130.61 2.26
C PRO LC 119 85.93 -131.22 1.15
N VAL LC 120 85.25 -131.49 0.03
CA VAL LC 120 85.81 -132.25 -1.08
C VAL LC 120 85.38 -131.60 -2.39
N VAL LC 121 86.22 -131.75 -3.42
CA VAL LC 121 85.85 -131.46 -4.81
C VAL LC 121 85.70 -132.79 -5.52
N GLU LC 122 84.72 -132.87 -6.43
CA GLU LC 122 84.53 -134.02 -7.31
C GLU LC 122 84.18 -135.28 -6.52
N TYR LC 123 83.17 -135.19 -5.65
CA TYR LC 123 82.75 -136.38 -4.91
C TYR LC 123 82.33 -137.50 -5.85
N THR LC 124 82.69 -138.72 -5.48
CA THR LC 124 82.39 -139.89 -6.28
C THR LC 124 81.91 -141.05 -5.40
#